data_5WJZ
#
_entry.id   5WJZ
#
_entity_poly.entity_id   1
_entity_poly.type   'polypeptide(L)'
_entity_poly.pdbx_seq_one_letter_code
;MRINHNIAALNTLNRLSSNNSASQKNMEKLSSGLRINRAGDDAAGLAISEKMRGQIRGLEMASKNSQDGISLIQTAEGAL
TETHAILQRVRELVVQAGNTGTQDKATDLQSIQDGISALTDEIDGISNRTEFNGKKLLDGTYKVDTATPANQKNLVFQIG
ANATQQISVNIEDMGADALGIKEADGSIAALHSVNDLDVTKFADNAADCADIGFDAQLKVVDEAINQVSSQRAKLGAVQN
RLEHTINNLSASGENLTAAESRIRDVDMAKEMSEFTKNNILSQASQAMLAQANQQPQNVLQLLR
;
_entity_poly.pdbx_strand_id   A,B,C,D,E,F,G,H,I,J,K,L,M,N,O,P,Q,R,S,T,U,V,W,X,Y,Z,a,b,c,d,e,f,g,h,i,j,k,l,m,n,o,p,q,r,s,t
#
# COMPACT_ATOMS: atom_id res chain seq x y z
N ILE A 3 -29.39 -43.82 -60.90
CA ILE A 3 -28.73 -44.62 -59.82
C ILE A 3 -28.89 -44.00 -58.45
N ASN A 4 -30.07 -43.40 -58.23
CA ASN A 4 -30.31 -42.60 -57.03
C ASN A 4 -29.99 -43.38 -55.76
N HIS A 5 -30.41 -44.64 -55.70
CA HIS A 5 -30.23 -45.45 -54.51
C HIS A 5 -28.78 -45.83 -54.25
N ASN A 6 -27.86 -45.52 -55.14
CA ASN A 6 -26.46 -45.86 -54.97
C ASN A 6 -25.58 -44.67 -54.59
N ILE A 7 -26.12 -43.44 -54.59
CA ILE A 7 -25.33 -42.24 -54.35
C ILE A 7 -25.60 -41.78 -52.93
N ALA A 8 -24.53 -41.65 -52.17
CA ALA A 8 -24.59 -41.06 -50.86
C ALA A 8 -23.37 -40.20 -50.57
N ALA A 9 -22.53 -39.95 -51.57
CA ALA A 9 -21.26 -39.27 -51.38
C ALA A 9 -20.46 -39.99 -50.30
N LEU A 10 -20.32 -41.29 -50.46
CA LEU A 10 -19.76 -42.11 -49.40
C LEU A 10 -18.32 -41.70 -49.06
N ASN A 11 -17.61 -41.08 -50.01
CA ASN A 11 -16.32 -40.52 -49.65
C ASN A 11 -16.50 -39.39 -48.67
N THR A 12 -17.55 -38.59 -48.84
CA THR A 12 -17.85 -37.58 -47.85
C THR A 12 -18.13 -38.23 -46.51
N LEU A 13 -18.83 -39.37 -46.52
CA LEU A 13 -19.17 -40.04 -45.28
C LEU A 13 -17.91 -40.53 -44.59
N ASN A 14 -16.97 -41.04 -45.38
CA ASN A 14 -15.70 -41.48 -44.84
C ASN A 14 -14.93 -40.30 -44.25
N ARG A 15 -14.95 -39.17 -44.94
CA ARG A 15 -14.35 -37.97 -44.37
C ARG A 15 -15.05 -37.59 -43.09
N LEU A 16 -16.35 -37.86 -43.01
CA LEU A 16 -17.08 -37.49 -41.82
C LEU A 16 -16.59 -38.28 -40.62
N SER A 17 -16.53 -39.60 -40.78
CA SER A 17 -16.01 -40.44 -39.71
C SER A 17 -14.62 -40.00 -39.30
N SER A 18 -13.78 -39.74 -40.29
CA SER A 18 -12.41 -39.28 -40.03
C SER A 18 -12.42 -38.00 -39.21
N ASN A 19 -13.22 -37.02 -39.63
CA ASN A 19 -13.22 -35.71 -38.99
C ASN A 19 -13.75 -35.80 -37.58
N ASN A 20 -14.77 -36.63 -37.35
CA ASN A 20 -15.32 -36.76 -36.02
C ASN A 20 -14.27 -37.36 -35.08
N SER A 21 -13.59 -38.40 -35.55
CA SER A 21 -12.53 -38.95 -34.71
C SER A 21 -11.41 -37.94 -34.51
N ALA A 22 -11.12 -37.13 -35.54
CA ALA A 22 -10.05 -36.16 -35.44
C ALA A 22 -10.34 -35.14 -34.35
N SER A 23 -11.49 -34.48 -34.44
CA SER A 23 -11.87 -33.51 -33.42
C SER A 23 -11.93 -34.15 -32.05
N GLN A 24 -12.41 -35.39 -31.99
CA GLN A 24 -12.43 -36.14 -30.73
C GLN A 24 -11.04 -36.22 -30.12
N LYS A 25 -10.06 -36.62 -30.94
CA LYS A 25 -8.70 -36.75 -30.46
C LYS A 25 -8.17 -35.42 -29.96
N ASN A 26 -8.45 -34.35 -30.72
CA ASN A 26 -8.06 -33.03 -30.29
C ASN A 26 -8.58 -32.73 -28.89
N MET A 27 -9.88 -32.95 -28.66
CA MET A 27 -10.44 -32.72 -27.33
C MET A 27 -9.71 -33.50 -26.27
N GLU A 28 -9.60 -34.80 -26.50
CA GLU A 28 -9.03 -35.72 -25.52
C GLU A 28 -7.67 -35.25 -25.08
N LYS A 29 -6.87 -34.77 -26.03
CA LYS A 29 -5.58 -34.23 -25.68
C LYS A 29 -5.74 -32.90 -24.96
N LEU A 30 -6.65 -32.05 -25.44
CA LEU A 30 -6.89 -30.75 -24.82
C LEU A 30 -7.40 -30.92 -23.40
N SER A 31 -8.41 -31.76 -23.23
CA SER A 31 -9.01 -31.97 -21.92
C SER A 31 -7.99 -32.54 -20.95
N SER A 32 -7.27 -33.56 -21.37
CA SER A 32 -6.30 -34.20 -20.51
C SER A 32 -5.01 -33.39 -20.40
N GLY A 33 -4.77 -32.48 -21.33
CA GLY A 33 -3.51 -31.78 -21.35
C GLY A 33 -2.37 -32.68 -21.74
N LEU A 34 -2.65 -33.70 -22.56
CA LEU A 34 -1.71 -34.74 -22.90
C LEU A 34 -1.56 -34.77 -24.41
N ARG A 35 -0.36 -34.46 -24.89
CA ARG A 35 -0.07 -34.78 -26.28
C ARG A 35 0.18 -36.26 -26.44
N ILE A 36 0.67 -36.90 -25.37
CA ILE A 36 0.85 -38.33 -25.39
C ILE A 36 -0.48 -39.01 -25.64
N ASN A 37 -0.41 -40.21 -26.19
CA ASN A 37 -1.60 -41.02 -26.40
C ASN A 37 -1.83 -41.91 -25.20
N ARG A 38 -3.09 -42.26 -24.99
CA ARG A 38 -3.38 -43.39 -24.13
C ARG A 38 -2.93 -44.67 -24.81
N ALA A 39 -3.16 -44.77 -26.11
CA ALA A 39 -2.74 -45.91 -26.92
C ALA A 39 -1.23 -45.92 -27.07
N GLY A 40 -0.71 -47.10 -27.39
CA GLY A 40 0.71 -47.32 -27.59
C GLY A 40 1.31 -46.62 -28.79
N ASP A 41 0.53 -45.86 -29.53
CA ASP A 41 1.07 -45.06 -30.62
C ASP A 41 2.15 -44.13 -30.10
N ASP A 42 3.38 -44.36 -30.56
CA ASP A 42 4.60 -43.78 -29.97
C ASP A 42 4.83 -44.32 -28.55
N ALA A 43 4.75 -45.64 -28.43
CA ALA A 43 5.09 -46.29 -27.15
C ALA A 43 6.53 -46.03 -26.75
N ALA A 44 7.39 -45.67 -27.70
CA ALA A 44 8.73 -45.21 -27.33
C ALA A 44 8.64 -44.01 -26.42
N GLY A 45 8.11 -42.90 -26.94
CA GLY A 45 8.00 -41.69 -26.13
C GLY A 45 7.20 -41.91 -24.86
N LEU A 46 6.16 -42.75 -24.94
CA LEU A 46 5.37 -43.05 -23.76
C LEU A 46 6.24 -43.70 -22.71
N ALA A 47 6.83 -44.86 -23.05
CA ALA A 47 7.65 -45.61 -22.11
C ALA A 47 8.77 -44.75 -21.55
N ILE A 48 9.28 -43.83 -22.37
CA ILE A 48 10.25 -42.88 -21.84
C ILE A 48 9.60 -42.07 -20.73
N SER A 49 8.50 -41.39 -21.03
CA SER A 49 7.89 -40.50 -20.03
C SER A 49 7.45 -41.27 -18.80
N GLU A 50 7.09 -42.53 -18.98
CA GLU A 50 6.83 -43.42 -17.87
C GLU A 50 8.06 -43.53 -17.00
N LYS A 51 9.20 -43.82 -17.62
CA LYS A 51 10.44 -43.93 -16.88
C LYS A 51 10.82 -42.59 -16.25
N MET A 52 10.58 -41.51 -16.99
CA MET A 52 10.82 -40.17 -16.47
C MET A 52 10.06 -39.98 -15.18
N ARG A 53 8.75 -40.17 -15.22
CA ARG A 53 7.91 -39.97 -14.04
C ARG A 53 8.32 -40.86 -12.90
N GLY A 54 8.72 -42.09 -13.22
CA GLY A 54 9.27 -42.95 -12.19
C GLY A 54 10.44 -42.29 -11.50
N GLN A 55 11.35 -41.71 -12.29
CA GLN A 55 12.47 -41.03 -11.69
C GLN A 55 12.06 -39.72 -11.02
N ILE A 56 11.16 -38.94 -11.64
CA ILE A 56 10.68 -37.69 -11.05
C ILE A 56 10.17 -37.95 -9.65
N ARG A 57 9.18 -38.82 -9.56
CA ARG A 57 8.57 -39.17 -8.29
C ARG A 57 9.63 -39.68 -7.33
N GLY A 58 10.57 -40.46 -7.85
CA GLY A 58 11.66 -40.92 -7.02
C GLY A 58 12.55 -39.78 -6.53
N LEU A 59 12.62 -38.69 -7.30
CA LEU A 59 13.40 -37.53 -6.89
C LEU A 59 12.65 -36.71 -5.86
N GLU A 60 11.32 -36.69 -5.97
CA GLU A 60 10.53 -36.03 -4.96
C GLU A 60 10.68 -36.74 -3.62
N MET A 61 10.56 -38.06 -3.64
CA MET A 61 10.80 -38.83 -2.42
C MET A 61 12.27 -38.81 -2.03
N ALA A 62 13.16 -38.56 -2.99
CA ALA A 62 14.57 -38.42 -2.68
C ALA A 62 14.81 -37.14 -1.89
N SER A 63 14.22 -36.05 -2.35
CA SER A 63 14.32 -34.79 -1.62
C SER A 63 13.74 -34.96 -0.23
N LYS A 64 12.58 -35.61 -0.15
CA LYS A 64 12.00 -35.94 1.14
C LYS A 64 12.99 -36.67 2.03
N ASN A 65 13.56 -37.76 1.51
CA ASN A 65 14.47 -38.58 2.32
C ASN A 65 15.69 -37.79 2.75
N SER A 66 16.19 -36.92 1.87
CA SER A 66 17.39 -36.18 2.19
C SER A 66 17.11 -35.11 3.22
N GLN A 67 15.97 -34.45 3.11
CA GLN A 67 15.56 -33.49 4.13
C GLN A 67 15.42 -34.19 5.47
N ASP A 68 14.87 -35.40 5.44
CA ASP A 68 14.76 -36.19 6.65
C ASP A 68 16.15 -36.52 7.20
N GLY A 69 17.08 -36.86 6.30
CA GLY A 69 18.48 -36.96 6.67
C GLY A 69 18.94 -35.75 7.43
N ILE A 70 18.65 -34.57 6.89
CA ILE A 70 19.07 -33.32 7.51
C ILE A 70 18.47 -33.18 8.89
N SER A 71 17.21 -33.57 9.03
CA SER A 71 16.56 -33.45 10.33
C SER A 71 17.28 -34.29 11.35
N LEU A 72 17.62 -35.52 10.97
CA LEU A 72 18.42 -36.38 11.84
C LEU A 72 19.74 -35.70 12.19
N ILE A 73 20.42 -35.20 11.16
CA ILE A 73 21.72 -34.58 11.34
C ILE A 73 21.63 -33.48 12.36
N GLN A 74 20.78 -32.49 12.11
CA GLN A 74 20.70 -31.31 12.95
C GLN A 74 20.26 -31.67 14.37
N THR A 75 19.45 -32.70 14.51
CA THR A 75 19.14 -33.19 15.85
C THR A 75 20.41 -33.58 16.58
N ALA A 76 21.14 -34.53 16.00
CA ALA A 76 22.37 -35.00 16.64
C ALA A 76 23.37 -33.87 16.79
N GLU A 77 23.42 -32.99 15.79
CA GLU A 77 24.31 -31.84 15.77
C GLU A 77 24.09 -30.96 16.99
N GLY A 78 22.87 -30.50 17.18
CA GLY A 78 22.60 -29.63 18.32
C GLY A 78 22.88 -30.34 19.63
N ALA A 79 22.57 -31.64 19.67
CA ALA A 79 22.86 -32.40 20.87
C ALA A 79 24.35 -32.43 21.16
N LEU A 80 25.17 -32.63 20.13
CA LEU A 80 26.61 -32.67 20.31
C LEU A 80 27.17 -31.30 20.62
N THR A 81 26.53 -30.25 20.12
CA THR A 81 26.92 -28.90 20.50
C THR A 81 26.72 -28.70 21.99
N GLU A 82 25.59 -29.14 22.51
CA GLU A 82 25.36 -29.02 23.94
C GLU A 82 26.35 -29.87 24.72
N THR A 83 26.59 -31.10 24.25
CA THR A 83 27.59 -31.96 24.86
C THR A 83 28.90 -31.23 24.95
N HIS A 84 29.28 -30.63 23.85
CA HIS A 84 30.54 -29.90 23.79
C HIS A 84 30.57 -28.78 24.81
N ALA A 85 29.50 -28.01 24.90
CA ALA A 85 29.42 -26.93 25.86
C ALA A 85 29.63 -27.47 27.28
N ILE A 86 29.01 -28.61 27.57
CA ILE A 86 29.28 -29.26 28.85
C ILE A 86 30.75 -29.51 29.00
N LEU A 87 31.37 -30.10 27.98
CA LEU A 87 32.78 -30.46 28.07
C LEU A 87 33.65 -29.24 28.31
N GLN A 88 33.24 -28.08 27.80
CA GLN A 88 33.93 -26.86 28.17
C GLN A 88 33.83 -26.64 29.67
N ARG A 89 32.61 -26.79 30.20
CA ARG A 89 32.47 -26.65 31.65
C ARG A 89 33.30 -27.68 32.38
N VAL A 90 33.37 -28.88 31.82
CA VAL A 90 34.15 -29.93 32.46
C VAL A 90 35.58 -29.49 32.58
N ARG A 91 36.16 -29.00 31.48
CA ARG A 91 37.57 -28.60 31.54
C ARG A 91 37.77 -27.45 32.52
N GLU A 92 36.79 -26.55 32.61
CA GLU A 92 36.85 -25.55 33.68
C GLU A 92 37.01 -26.25 35.02
N LEU A 93 36.21 -27.30 35.21
CA LEU A 93 36.26 -28.04 36.46
C LEU A 93 37.49 -28.92 36.55
N VAL A 94 38.16 -29.20 35.43
CA VAL A 94 39.42 -29.91 35.48
C VAL A 94 40.51 -28.98 35.99
N VAL A 95 40.53 -27.76 35.45
CA VAL A 95 41.55 -26.82 35.85
C VAL A 95 41.35 -26.44 37.31
N GLN A 96 40.10 -26.28 37.73
CA GLN A 96 39.85 -26.16 39.16
C GLN A 96 40.23 -27.45 39.88
N ALA A 97 40.00 -28.59 39.22
CA ALA A 97 40.38 -29.89 39.75
C ALA A 97 41.83 -30.21 39.51
N GLY A 98 42.60 -29.18 39.18
CA GLY A 98 43.95 -29.13 39.64
C GLY A 98 44.08 -28.85 41.12
N ASN A 99 42.96 -28.82 41.86
CA ASN A 99 42.95 -28.73 43.32
C ASN A 99 43.35 -27.31 43.74
N THR A 100 43.34 -26.40 42.77
CA THR A 100 44.12 -25.18 42.85
C THR A 100 45.49 -25.53 43.42
N GLY A 101 46.10 -26.53 42.79
CA GLY A 101 47.35 -27.03 43.31
C GLY A 101 47.15 -28.02 44.44
N THR A 102 47.26 -27.52 45.66
CA THR A 102 46.86 -28.26 46.86
C THR A 102 45.84 -27.49 47.69
N GLN A 103 45.47 -26.28 47.26
CA GLN A 103 44.71 -25.39 48.13
C GLN A 103 43.32 -25.92 48.41
N ASP A 104 42.67 -26.50 47.41
CA ASP A 104 41.38 -27.10 47.68
C ASP A 104 41.61 -28.33 48.56
N LYS A 105 40.61 -28.66 49.36
CA LYS A 105 40.68 -29.84 50.21
C LYS A 105 39.91 -30.98 49.58
N ALA A 106 39.93 -32.13 50.25
CA ALA A 106 39.26 -33.30 49.71
C ALA A 106 37.77 -33.07 49.53
N THR A 107 37.14 -32.37 50.48
CA THR A 107 35.73 -32.04 50.34
C THR A 107 35.49 -31.13 49.15
N ASP A 108 36.40 -30.19 48.93
CA ASP A 108 36.25 -29.30 47.78
C ASP A 108 36.29 -30.10 46.49
N LEU A 109 37.25 -31.02 46.38
CA LEU A 109 37.31 -31.90 45.23
C LEU A 109 36.07 -32.76 45.11
N GLN A 110 35.46 -33.11 46.25
CA GLN A 110 34.22 -33.88 46.20
C GLN A 110 33.05 -33.02 45.75
N SER A 111 33.02 -31.76 46.16
CA SER A 111 32.01 -30.85 45.67
C SER A 111 32.11 -30.71 44.17
N ILE A 112 33.34 -30.49 43.69
CA ILE A 112 33.58 -30.43 42.25
C ILE A 112 33.13 -31.74 41.60
N GLN A 113 33.53 -32.85 42.19
CA GLN A 113 33.24 -34.16 41.60
C GLN A 113 31.75 -34.42 41.57
N ASP A 114 31.03 -33.94 42.58
CA ASP A 114 29.57 -34.00 42.53
C ASP A 114 29.06 -33.24 41.33
N GLY A 115 29.59 -32.04 41.11
CA GLY A 115 29.21 -31.29 39.93
C GLY A 115 29.55 -32.03 38.64
N ILE A 116 30.71 -32.68 38.59
CA ILE A 116 31.13 -33.32 37.36
C ILE A 116 30.30 -34.56 37.11
N SER A 117 30.06 -35.36 38.14
CA SER A 117 29.25 -36.55 37.96
C SER A 117 27.84 -36.17 37.56
N ALA A 118 27.38 -35.04 38.07
CA ALA A 118 26.13 -34.46 37.59
C ALA A 118 26.22 -34.15 36.10
N LEU A 119 27.34 -33.57 35.68
CA LEU A 119 27.52 -33.28 34.26
C LEU A 119 27.59 -34.56 33.44
N THR A 120 28.25 -35.59 33.96
CA THR A 120 28.25 -36.88 33.31
C THR A 120 26.84 -37.35 33.10
N ASP A 121 26.03 -37.29 34.14
CA ASP A 121 24.65 -37.73 34.04
C ASP A 121 23.90 -36.93 32.99
N GLU A 122 24.30 -35.68 32.80
CA GLU A 122 23.70 -34.89 31.73
C GLU A 122 24.19 -35.31 30.36
N ILE A 123 25.50 -35.61 30.23
CA ILE A 123 26.02 -36.06 28.96
C ILE A 123 25.36 -37.38 28.57
N ASP A 124 25.34 -38.31 29.52
CA ASP A 124 24.62 -39.56 29.32
C ASP A 124 23.16 -39.30 28.98
N GLY A 125 22.59 -38.27 29.60
CA GLY A 125 21.22 -37.91 29.26
C GLY A 125 21.10 -37.45 27.82
N ILE A 126 22.06 -36.67 27.36
CA ILE A 126 22.09 -36.29 25.95
C ILE A 126 22.13 -37.53 25.09
N SER A 127 23.14 -38.36 25.32
CA SER A 127 23.37 -39.49 24.44
C SER A 127 22.30 -40.55 24.55
N ASN A 128 21.48 -40.51 25.61
CA ASN A 128 20.42 -41.47 25.84
C ASN A 128 19.03 -40.84 25.78
N ARG A 129 18.93 -39.60 25.30
CA ARG A 129 17.65 -38.95 25.04
C ARG A 129 17.57 -38.49 23.59
N THR A 130 18.72 -38.25 22.98
CA THR A 130 18.71 -37.84 21.59
C THR A 130 18.27 -39.02 20.73
N GLU A 131 16.97 -39.06 20.46
CA GLU A 131 16.36 -40.07 19.60
C GLU A 131 15.82 -39.40 18.34
N PHE A 132 15.82 -40.16 17.25
CA PHE A 132 15.02 -39.82 16.07
C PHE A 132 14.17 -41.01 15.73
N ASN A 133 12.86 -40.85 15.88
CA ASN A 133 11.93 -41.92 15.61
C ASN A 133 12.28 -43.13 16.46
N GLY A 134 12.62 -42.84 17.72
CA GLY A 134 13.04 -43.83 18.66
C GLY A 134 14.49 -44.23 18.55
N LYS A 135 15.09 -44.05 17.39
CA LYS A 135 16.47 -44.43 17.18
C LYS A 135 17.36 -43.51 17.99
N LYS A 136 17.98 -44.05 19.02
CA LYS A 136 18.83 -43.25 19.88
C LYS A 136 20.04 -42.84 19.06
N LEU A 137 19.94 -41.63 18.50
CA LEU A 137 20.90 -41.15 17.52
C LEU A 137 22.30 -40.98 18.09
N LEU A 138 22.40 -40.80 19.41
CA LEU A 138 23.68 -40.75 20.08
C LEU A 138 23.89 -41.98 20.95
N ASP A 139 23.32 -43.10 20.53
CA ASP A 139 23.73 -44.38 21.06
C ASP A 139 25.15 -44.62 20.60
N GLY A 140 26.10 -44.51 21.52
CA GLY A 140 27.49 -44.70 21.16
C GLY A 140 27.79 -46.08 20.62
N THR A 141 26.91 -47.05 20.86
CA THR A 141 27.03 -48.39 20.32
C THR A 141 26.17 -48.60 19.08
N TYR A 142 25.63 -47.52 18.49
CA TYR A 142 24.83 -47.66 17.30
C TYR A 142 25.65 -48.26 16.17
N LYS A 143 26.66 -47.53 15.71
CA LYS A 143 27.53 -47.95 14.61
C LYS A 143 28.98 -47.91 15.03
N VAL A 144 29.31 -48.64 16.08
CA VAL A 144 30.72 -48.96 16.30
C VAL A 144 31.11 -49.95 15.21
N ASP A 145 31.96 -49.50 14.28
CA ASP A 145 32.42 -50.32 13.16
C ASP A 145 32.94 -51.67 13.63
N THR A 146 33.78 -51.65 14.66
CA THR A 146 34.24 -52.83 15.40
C THR A 146 35.25 -53.68 14.62
N ALA A 147 35.42 -53.43 13.32
CA ALA A 147 35.92 -54.42 12.38
C ALA A 147 34.99 -55.65 12.34
N THR A 148 33.69 -55.43 12.56
CA THR A 148 32.69 -56.49 12.49
C THR A 148 31.51 -55.96 11.71
N PRO A 149 31.41 -56.28 10.41
CA PRO A 149 30.23 -55.86 9.64
C PRO A 149 28.91 -56.29 10.25
N ALA A 150 28.89 -57.45 10.89
CA ALA A 150 27.65 -57.98 11.45
C ALA A 150 27.05 -57.06 12.50
N ASN A 151 27.90 -56.29 13.19
CA ASN A 151 27.46 -55.40 14.27
C ASN A 151 27.81 -53.97 13.90
N GLN A 152 26.98 -53.35 13.05
CA GLN A 152 27.18 -51.94 12.70
C GLN A 152 25.92 -51.08 12.63
N LYS A 153 24.75 -51.62 12.26
CA LYS A 153 23.56 -50.78 12.07
C LYS A 153 23.85 -49.59 11.16
N ASN A 154 24.53 -49.84 10.03
CA ASN A 154 25.01 -48.77 9.16
C ASN A 154 23.93 -47.72 8.88
N LEU A 155 24.21 -46.47 9.22
CA LEU A 155 23.21 -45.41 9.08
C LEU A 155 23.10 -45.06 7.61
N VAL A 156 22.45 -45.96 6.88
CA VAL A 156 22.26 -45.81 5.45
C VAL A 156 21.22 -44.74 5.20
N PHE A 157 21.42 -43.93 4.13
CA PHE A 157 20.39 -43.02 3.59
C PHE A 157 20.27 -43.28 2.09
N GLN A 158 19.22 -44.02 1.69
CA GLN A 158 18.85 -44.16 0.28
C GLN A 158 18.22 -42.86 -0.15
N ILE A 159 18.89 -42.17 -1.08
CA ILE A 159 18.39 -40.92 -1.63
C ILE A 159 18.09 -41.06 -3.11
N GLY A 160 19.03 -41.57 -3.89
CA GLY A 160 18.86 -41.54 -5.33
C GLY A 160 17.69 -42.39 -5.78
N ALA A 161 16.96 -41.87 -6.77
CA ALA A 161 15.84 -42.61 -7.33
C ALA A 161 16.29 -43.91 -7.96
N ASN A 162 17.57 -44.02 -8.31
CA ASN A 162 18.15 -45.23 -8.85
C ASN A 162 18.69 -46.10 -7.72
N ALA A 163 18.77 -47.40 -8.01
CA ALA A 163 19.19 -48.36 -7.01
C ALA A 163 20.63 -48.16 -6.57
N THR A 164 20.91 -48.52 -5.31
CA THR A 164 22.21 -48.47 -4.65
C THR A 164 22.65 -47.06 -4.31
N GLN A 165 21.90 -46.03 -4.69
CA GLN A 165 22.33 -44.67 -4.48
C GLN A 165 22.15 -44.29 -3.01
N GLN A 166 23.03 -44.80 -2.16
CA GLN A 166 22.88 -44.71 -0.72
C GLN A 166 24.06 -44.00 -0.10
N ILE A 167 23.79 -43.42 1.06
CA ILE A 167 24.82 -42.74 1.85
C ILE A 167 25.05 -43.52 3.14
N SER A 168 26.31 -43.75 3.46
CA SER A 168 26.71 -44.51 4.65
C SER A 168 27.24 -43.54 5.70
N VAL A 169 26.60 -43.51 6.87
CA VAL A 169 26.94 -42.59 7.95
C VAL A 169 27.25 -43.39 9.20
N ASN A 170 28.04 -42.79 10.09
CA ASN A 170 28.49 -43.44 11.31
C ASN A 170 28.17 -42.62 12.56
N ILE A 171 27.52 -43.29 13.51
CA ILE A 171 27.29 -42.80 14.87
C ILE A 171 28.20 -43.61 15.78
N GLU A 172 28.99 -42.94 16.64
CA GLU A 172 29.67 -43.67 17.71
C GLU A 172 29.81 -42.94 19.04
N ASP A 173 29.25 -41.74 19.19
CA ASP A 173 29.53 -40.96 20.38
C ASP A 173 28.52 -41.25 21.49
N MET A 174 28.95 -41.01 22.72
CA MET A 174 28.12 -41.14 23.92
C MET A 174 28.95 -40.65 25.09
N GLY A 175 28.31 -40.60 26.26
CA GLY A 175 29.00 -40.13 27.46
C GLY A 175 30.20 -40.97 27.83
N ALA A 176 30.11 -42.29 27.64
CA ALA A 176 31.23 -43.16 27.94
C ALA A 176 32.29 -43.15 26.85
N ASP A 177 32.10 -42.37 25.78
CA ASP A 177 33.03 -42.33 24.65
C ASP A 177 33.88 -41.06 24.74
N ALA A 178 35.07 -41.18 25.36
CA ALA A 178 35.89 -39.99 25.60
C ALA A 178 37.28 -39.99 24.98
N LEU A 179 38.21 -40.79 25.51
CA LEU A 179 39.49 -41.01 24.83
C LEU A 179 39.40 -42.39 24.21
N GLY A 180 39.02 -42.41 22.94
CA GLY A 180 38.93 -43.65 22.21
C GLY A 180 40.32 -44.10 21.82
N ILE A 181 41.10 -44.58 22.78
CA ILE A 181 42.42 -45.12 22.47
C ILE A 181 42.29 -46.17 21.36
N LYS A 182 41.41 -47.14 21.58
CA LYS A 182 40.91 -48.08 20.59
C LYS A 182 39.43 -48.33 20.87
N GLU A 183 39.17 -48.51 22.16
CA GLU A 183 37.89 -48.63 22.81
C GLU A 183 38.05 -47.94 24.17
N ALA A 184 37.12 -48.17 25.08
CA ALA A 184 37.31 -47.69 26.44
C ALA A 184 38.45 -48.46 27.09
N ASP A 185 39.45 -47.73 27.60
CA ASP A 185 40.57 -48.39 28.23
C ASP A 185 40.15 -48.99 29.57
N GLY A 186 39.69 -48.13 30.47
CA GLY A 186 39.29 -48.56 31.79
C GLY A 186 38.94 -47.37 32.65
N SER A 187 39.53 -47.31 33.86
CA SER A 187 39.36 -46.14 34.71
C SER A 187 39.80 -44.88 33.99
N ILE A 188 40.81 -45.01 33.13
CA ILE A 188 41.24 -43.93 32.29
C ILE A 188 40.60 -44.08 30.91
N ALA A 189 40.68 -43.02 30.12
CA ALA A 189 40.36 -42.95 28.71
C ALA A 189 38.88 -42.98 28.37
N ALA A 190 38.04 -43.54 29.23
CA ALA A 190 36.60 -43.42 29.12
C ALA A 190 35.95 -43.05 30.43
N LEU A 191 36.30 -43.76 31.50
CA LEU A 191 35.58 -43.64 32.75
C LEU A 191 35.98 -42.40 33.53
N HIS A 192 37.01 -41.68 33.13
CA HIS A 192 37.12 -40.34 33.68
C HIS A 192 35.97 -39.48 33.20
N SER A 193 35.48 -39.74 31.99
CA SER A 193 34.29 -39.05 31.53
C SER A 193 33.08 -39.53 32.29
N VAL A 194 33.05 -40.81 32.64
CA VAL A 194 31.92 -41.37 33.36
C VAL A 194 32.11 -41.18 34.86
N ASN A 195 33.16 -41.78 35.41
CA ASN A 195 33.32 -41.84 36.85
C ASN A 195 34.05 -40.63 37.44
N ASP A 196 34.80 -39.88 36.64
CA ASP A 196 35.47 -38.68 37.13
C ASP A 196 36.51 -38.98 38.23
N LEU A 197 37.65 -39.52 37.83
CA LEU A 197 38.71 -39.93 38.75
C LEU A 197 39.14 -38.90 39.79
N ASP A 198 38.84 -37.60 39.60
CA ASP A 198 39.29 -36.56 40.53
C ASP A 198 38.36 -36.55 41.74
N VAL A 199 38.67 -37.41 42.72
CA VAL A 199 37.87 -37.52 43.93
C VAL A 199 38.70 -37.09 45.15
N THR A 200 39.60 -37.97 45.54
CA THR A 200 40.69 -37.71 46.46
C THR A 200 41.98 -38.33 45.98
N LYS A 201 41.89 -39.33 45.09
CA LYS A 201 43.06 -39.85 44.39
C LYS A 201 43.87 -38.73 43.76
N PHE A 202 43.18 -37.67 43.30
CA PHE A 202 43.92 -36.54 42.75
C PHE A 202 44.77 -35.88 43.80
N ALA A 203 44.21 -35.65 44.99
CA ALA A 203 44.99 -34.99 46.03
C ALA A 203 46.19 -35.83 46.43
N ASP A 204 46.07 -37.15 46.31
CA ASP A 204 47.20 -38.04 46.57
C ASP A 204 48.32 -37.80 45.56
N ASN A 205 47.98 -37.83 44.27
CA ASN A 205 48.95 -37.65 43.17
C ASN A 205 48.39 -36.62 42.21
N ALA A 206 48.63 -35.36 42.50
CA ALA A 206 48.17 -34.31 41.61
C ALA A 206 48.86 -34.34 40.26
N ALA A 207 50.12 -34.80 40.21
CA ALA A 207 50.86 -34.96 38.97
C ALA A 207 51.63 -36.28 38.85
N ASP A 208 52.00 -36.83 40.00
CA ASP A 208 53.04 -37.83 40.17
C ASP A 208 52.97 -39.10 39.33
N CYS A 209 51.79 -39.49 38.81
CA CYS A 209 51.66 -40.80 38.18
C CYS A 209 50.90 -40.80 36.85
N ALA A 210 50.46 -39.64 36.37
CA ALA A 210 49.72 -39.45 35.11
C ALA A 210 48.33 -40.04 35.11
N ASP A 211 48.14 -41.21 35.73
CA ASP A 211 46.87 -41.91 35.81
C ASP A 211 45.84 -41.06 36.54
N ILE A 212 46.24 -40.47 37.66
CA ILE A 212 45.52 -39.36 38.25
C ILE A 212 46.34 -38.08 38.24
N GLY A 213 47.57 -38.08 37.78
CA GLY A 213 48.37 -36.88 37.90
C GLY A 213 47.97 -35.72 37.00
N PHE A 214 46.67 -35.39 36.91
CA PHE A 214 46.07 -34.28 36.15
C PHE A 214 46.21 -34.38 34.64
N ASP A 215 47.30 -34.99 34.20
CA ASP A 215 47.64 -35.21 32.82
C ASP A 215 46.62 -36.09 32.13
N ALA A 216 46.47 -37.33 32.61
CA ALA A 216 45.59 -38.26 31.94
C ALA A 216 44.17 -37.72 31.89
N GLN A 217 43.71 -37.12 32.99
CA GLN A 217 42.34 -36.63 33.05
C GLN A 217 42.12 -35.56 32.01
N LEU A 218 43.03 -34.58 31.98
CA LEU A 218 42.88 -33.53 30.98
C LEU A 218 42.96 -34.09 29.58
N LYS A 219 43.75 -35.15 29.39
CA LYS A 219 43.82 -35.78 28.09
C LYS A 219 42.51 -36.49 27.74
N VAL A 220 41.85 -37.08 28.74
CA VAL A 220 40.54 -37.68 28.47
C VAL A 220 39.59 -36.61 27.99
N VAL A 221 39.57 -35.48 28.69
CA VAL A 221 38.65 -34.42 28.32
C VAL A 221 38.99 -33.90 26.93
N ASP A 222 40.28 -33.67 26.70
CA ASP A 222 40.70 -33.13 25.41
C ASP A 222 40.34 -34.06 24.27
N GLU A 223 40.56 -35.35 24.46
CA GLU A 223 40.24 -36.27 23.39
C GLU A 223 38.75 -36.45 23.25
N ALA A 224 38.02 -36.49 24.37
CA ALA A 224 36.56 -36.52 24.31
C ALA A 224 36.04 -35.39 23.44
N ILE A 225 36.56 -34.20 23.69
CA ILE A 225 36.20 -33.05 22.87
C ILE A 225 36.60 -33.29 21.42
N ASN A 226 37.80 -33.82 21.20
CA ASN A 226 38.27 -34.04 19.85
C ASN A 226 37.40 -35.04 19.12
N GLN A 227 36.87 -36.02 19.84
CA GLN A 227 35.97 -37.00 19.27
C GLN A 227 34.62 -36.38 18.96
N VAL A 228 34.17 -35.46 19.81
CA VAL A 228 32.98 -34.69 19.47
C VAL A 228 33.23 -33.87 18.23
N SER A 229 34.40 -33.23 18.17
CA SER A 229 34.76 -32.39 17.02
C SER A 229 34.73 -33.19 15.74
N SER A 230 35.33 -34.37 15.75
CA SER A 230 35.38 -35.18 14.55
C SER A 230 34.03 -35.81 14.25
N GLN A 231 33.27 -36.14 15.28
CA GLN A 231 31.93 -36.66 15.06
C GLN A 231 31.06 -35.60 14.39
N ARG A 232 31.13 -34.38 14.90
CA ARG A 232 30.42 -33.27 14.28
C ARG A 232 31.00 -32.94 12.92
N ALA A 233 32.28 -33.25 12.71
CA ALA A 233 32.90 -33.02 11.42
C ALA A 233 32.32 -33.93 10.37
N LYS A 234 32.24 -35.22 10.69
CA LYS A 234 31.57 -36.16 9.81
C LYS A 234 30.13 -35.75 9.59
N LEU A 235 29.47 -35.42 10.69
CA LEU A 235 28.05 -35.07 10.67
C LEU A 235 27.80 -33.90 9.73
N GLY A 236 28.62 -32.86 9.84
CA GLY A 236 28.45 -31.70 8.99
C GLY A 236 28.92 -31.94 7.58
N ALA A 237 29.88 -32.84 7.41
CA ALA A 237 30.25 -33.25 6.07
C ALA A 237 29.04 -33.80 5.35
N VAL A 238 28.31 -34.69 6.01
CA VAL A 238 27.10 -35.25 5.41
C VAL A 238 26.05 -34.16 5.24
N GLN A 239 26.01 -33.21 6.18
CA GLN A 239 25.08 -32.09 6.02
C GLN A 239 25.33 -31.39 4.69
N ASN A 240 26.59 -31.07 4.42
CA ASN A 240 26.93 -30.41 3.18
C ASN A 240 26.57 -31.29 2.00
N ARG A 241 26.82 -32.59 2.13
CA ARG A 241 26.46 -33.52 1.06
C ARG A 241 25.00 -33.41 0.73
N LEU A 242 24.16 -33.41 1.75
CA LEU A 242 22.73 -33.39 1.48
C LEU A 242 22.29 -32.03 0.98
N GLU A 243 23.00 -30.98 1.37
CA GLU A 243 22.74 -29.68 0.76
C GLU A 243 22.92 -29.75 -0.75
N HIS A 244 24.10 -30.21 -1.18
CA HIS A 244 24.39 -30.24 -2.60
C HIS A 244 23.56 -31.29 -3.31
N THR A 245 23.26 -32.38 -2.61
CA THR A 245 22.34 -33.36 -3.13
C THR A 245 21.02 -32.71 -3.47
N ILE A 246 20.41 -32.03 -2.50
CA ILE A 246 19.11 -31.42 -2.72
C ILE A 246 19.18 -30.42 -3.84
N ASN A 247 20.26 -29.66 -3.93
CA ASN A 247 20.38 -28.72 -5.03
C ASN A 247 20.37 -29.46 -6.36
N ASN A 248 21.05 -30.60 -6.41
CA ASN A 248 21.00 -31.42 -7.60
C ASN A 248 19.61 -31.99 -7.84
N LEU A 249 18.97 -32.47 -6.78
CA LEU A 249 17.65 -33.08 -6.91
C LEU A 249 16.65 -32.06 -7.41
N SER A 250 16.82 -30.82 -6.98
CA SER A 250 15.93 -29.74 -7.39
C SER A 250 16.14 -29.40 -8.84
N ALA A 251 17.40 -29.13 -9.22
CA ALA A 251 17.69 -28.75 -10.60
C ALA A 251 17.37 -29.89 -11.55
N SER A 252 17.86 -31.08 -11.23
CA SER A 252 17.65 -32.26 -12.05
C SER A 252 16.18 -32.60 -12.13
N GLY A 253 15.49 -32.49 -11.00
CA GLY A 253 14.07 -32.74 -11.00
C GLY A 253 13.33 -31.79 -11.93
N GLU A 254 13.69 -30.51 -11.85
CA GLU A 254 13.10 -29.53 -12.76
C GLU A 254 13.34 -29.91 -14.20
N ASN A 255 14.61 -30.11 -14.57
CA ASN A 255 14.95 -30.46 -15.95
C ASN A 255 14.22 -31.72 -16.38
N LEU A 256 13.96 -32.62 -15.44
CA LEU A 256 13.31 -33.88 -15.75
C LEU A 256 11.83 -33.69 -15.99
N THR A 257 11.17 -32.90 -15.15
CA THR A 257 9.76 -32.60 -15.39
C THR A 257 9.60 -31.82 -16.68
N ALA A 258 10.59 -31.02 -17.02
CA ALA A 258 10.57 -30.35 -18.31
C ALA A 258 10.72 -31.34 -19.44
N ALA A 259 11.59 -32.34 -19.25
CA ALA A 259 11.76 -33.38 -20.27
C ALA A 259 10.44 -34.10 -20.51
N GLU A 260 9.80 -34.54 -19.43
CA GLU A 260 8.48 -35.13 -19.53
C GLU A 260 7.54 -34.19 -20.25
N SER A 261 7.55 -32.93 -19.84
CA SER A 261 6.66 -31.95 -20.42
C SER A 261 6.86 -31.85 -21.92
N ARG A 262 8.10 -32.02 -22.38
CA ARG A 262 8.35 -32.06 -23.80
C ARG A 262 7.71 -33.27 -24.42
N ILE A 263 7.76 -34.42 -23.74
CA ILE A 263 7.06 -35.58 -24.27
C ILE A 263 5.57 -35.32 -24.33
N ARG A 264 5.00 -34.83 -23.24
CA ARG A 264 3.58 -34.53 -23.17
C ARG A 264 3.25 -33.11 -23.60
N ASP A 265 4.19 -32.41 -24.24
CA ASP A 265 3.97 -31.04 -24.69
C ASP A 265 2.71 -30.94 -25.54
N VAL A 266 1.68 -30.31 -25.01
CA VAL A 266 0.52 -29.93 -25.79
C VAL A 266 0.76 -28.51 -26.28
N ASP A 267 0.83 -28.34 -27.59
CA ASP A 267 0.69 -27.01 -28.17
C ASP A 267 -0.79 -26.71 -28.14
N MET A 268 -1.22 -26.20 -26.98
CA MET A 268 -2.65 -26.00 -26.74
C MET A 268 -3.26 -25.09 -27.79
N ALA A 269 -2.49 -24.12 -28.28
CA ALA A 269 -2.99 -23.27 -29.35
C ALA A 269 -3.18 -24.07 -30.63
N LYS A 270 -2.18 -24.89 -30.98
CA LYS A 270 -2.32 -25.76 -32.14
C LYS A 270 -3.56 -26.64 -32.00
N GLU A 271 -3.72 -27.24 -30.83
CA GLU A 271 -4.74 -28.27 -30.69
C GLU A 271 -6.13 -27.66 -30.64
N MET A 272 -6.26 -26.46 -30.08
CA MET A 272 -7.53 -25.74 -30.21
C MET A 272 -7.80 -25.38 -31.66
N SER A 273 -6.75 -24.95 -32.37
CA SER A 273 -6.91 -24.59 -33.77
C SER A 273 -7.34 -25.79 -34.60
N GLU A 274 -6.62 -26.90 -34.44
CA GLU A 274 -6.92 -28.11 -35.18
C GLU A 274 -8.30 -28.62 -34.80
N PHE A 275 -8.64 -28.50 -33.52
CA PHE A 275 -9.98 -28.84 -33.07
C PHE A 275 -11.02 -28.08 -33.85
N THR A 276 -10.86 -26.76 -33.88
CA THR A 276 -11.73 -25.88 -34.64
C THR A 276 -11.88 -26.35 -36.06
N LYS A 277 -10.74 -26.58 -36.72
CA LYS A 277 -10.75 -27.02 -38.10
C LYS A 277 -11.56 -28.29 -38.26
N ASN A 278 -11.32 -29.26 -37.40
CA ASN A 278 -12.00 -30.54 -37.56
C ASN A 278 -13.50 -30.41 -37.33
N ASN A 279 -13.91 -29.49 -36.46
CA ASN A 279 -15.34 -29.20 -36.36
C ASN A 279 -15.88 -28.70 -37.68
N ILE A 280 -15.22 -27.68 -38.21
CA ILE A 280 -15.61 -27.08 -39.49
C ILE A 280 -15.74 -28.17 -40.53
N LEU A 281 -14.72 -29.02 -40.62
CA LEU A 281 -14.66 -30.03 -41.67
C LEU A 281 -15.77 -31.05 -41.51
N SER A 282 -16.04 -31.46 -40.27
CA SER A 282 -17.14 -32.37 -40.03
C SER A 282 -18.45 -31.76 -40.51
N GLN A 283 -18.71 -30.51 -40.09
CA GLN A 283 -19.96 -29.87 -40.43
C GLN A 283 -20.13 -29.71 -41.93
N ALA A 284 -19.06 -29.28 -42.59
CA ALA A 284 -19.08 -29.13 -44.04
C ALA A 284 -19.40 -30.45 -44.71
N SER A 285 -18.72 -31.50 -44.29
CA SER A 285 -18.93 -32.81 -44.90
C SER A 285 -20.37 -33.27 -44.71
N GLN A 286 -20.95 -32.99 -43.55
CA GLN A 286 -22.33 -33.39 -43.33
C GLN A 286 -23.28 -32.60 -44.22
N ALA A 287 -23.02 -31.31 -44.39
CA ALA A 287 -23.80 -30.53 -45.34
C ALA A 287 -23.76 -31.15 -46.72
N MET A 288 -22.58 -31.60 -47.11
CA MET A 288 -22.47 -32.25 -48.41
C MET A 288 -23.21 -33.58 -48.42
N LEU A 289 -23.27 -34.28 -47.30
CA LEU A 289 -24.04 -35.53 -47.28
C LEU A 289 -25.52 -35.24 -47.46
N ALA A 290 -25.99 -34.15 -46.85
CA ALA A 290 -27.35 -33.72 -47.10
C ALA A 290 -27.56 -33.50 -48.59
N GLN A 291 -26.63 -32.77 -49.22
CA GLN A 291 -26.75 -32.50 -50.65
C GLN A 291 -26.73 -33.79 -51.46
N ALA A 292 -25.93 -34.76 -51.04
CA ALA A 292 -25.92 -36.06 -51.69
C ALA A 292 -27.28 -36.72 -51.59
N ASN A 293 -28.00 -36.45 -50.51
CA ASN A 293 -29.36 -36.94 -50.40
C ASN A 293 -30.37 -36.06 -51.14
N GLN A 294 -30.00 -34.82 -51.45
CA GLN A 294 -30.93 -33.93 -52.15
C GLN A 294 -30.95 -34.19 -53.64
N GLN A 295 -29.77 -34.34 -54.24
CA GLN A 295 -29.68 -34.57 -55.68
C GLN A 295 -30.57 -35.69 -56.19
N PRO A 296 -30.54 -36.91 -55.64
CA PRO A 296 -31.42 -37.94 -56.18
C PRO A 296 -32.90 -37.66 -56.01
N GLN A 297 -33.29 -36.75 -55.11
CA GLN A 297 -34.69 -36.36 -55.02
C GLN A 297 -35.08 -35.50 -56.19
N ASN A 298 -34.21 -34.53 -56.51
CA ASN A 298 -34.37 -33.76 -57.73
C ASN A 298 -34.49 -34.69 -58.91
N VAL A 299 -33.64 -35.72 -58.95
CA VAL A 299 -33.72 -36.72 -60.01
C VAL A 299 -35.09 -37.38 -60.01
N LEU A 300 -35.58 -37.76 -58.82
CA LEU A 300 -36.85 -38.44 -58.73
C LEU A 300 -37.95 -37.63 -59.39
N GLN A 301 -38.06 -36.36 -59.01
CA GLN A 301 -39.08 -35.52 -59.63
C GLN A 301 -38.86 -35.40 -61.12
N LEU A 302 -37.63 -35.07 -61.51
CA LEU A 302 -37.33 -34.75 -62.89
C LEU A 302 -37.56 -35.92 -63.81
N LEU A 303 -37.37 -37.15 -63.31
CA LEU A 303 -37.59 -38.37 -64.06
C LEU A 303 -38.85 -39.09 -63.62
N ARG A 304 -39.84 -38.36 -63.14
CA ARG A 304 -41.12 -38.93 -62.84
C ARG A 304 -42.04 -38.80 -64.05
N ILE B 3 -26.89 -17.77 -69.14
CA ILE B 3 -25.43 -18.07 -68.97
C ILE B 3 -25.09 -18.43 -67.52
N ASN B 4 -26.01 -19.13 -66.87
CA ASN B 4 -25.90 -19.40 -65.44
C ASN B 4 -24.57 -20.02 -65.07
N HIS B 5 -24.11 -20.99 -65.86
CA HIS B 5 -22.88 -21.71 -65.57
C HIS B 5 -21.62 -20.86 -65.74
N ASN B 6 -21.74 -19.64 -66.24
CA ASN B 6 -20.58 -18.78 -66.46
C ASN B 6 -20.47 -17.66 -65.43
N ILE B 7 -21.46 -17.48 -64.56
CA ILE B 7 -21.48 -16.37 -63.61
C ILE B 7 -21.08 -16.90 -62.25
N ALA B 8 -20.04 -16.30 -61.70
CA ALA B 8 -19.65 -16.55 -60.32
C ALA B 8 -19.20 -15.30 -59.62
N ALA B 9 -19.38 -14.13 -60.24
CA ALA B 9 -18.83 -12.88 -59.72
C ALA B 9 -17.35 -13.02 -59.48
N LEU B 10 -16.65 -13.50 -60.52
CA LEU B 10 -15.26 -13.86 -60.34
C LEU B 10 -14.40 -12.68 -59.92
N ASN B 11 -14.82 -11.45 -60.24
CA ASN B 11 -14.12 -10.30 -59.69
C ASN B 11 -14.28 -10.26 -58.18
N THR B 12 -15.46 -10.64 -57.69
CA THR B 12 -15.63 -10.75 -56.25
C THR B 12 -14.68 -11.81 -55.71
N LEU B 13 -14.52 -12.91 -56.43
CA LEU B 13 -13.65 -13.97 -55.97
C LEU B 13 -12.21 -13.50 -55.91
N ASN B 14 -11.81 -12.72 -56.90
CA ASN B 14 -10.48 -12.15 -56.91
C ASN B 14 -10.29 -11.21 -55.73
N ARG B 15 -11.32 -10.39 -55.45
CA ARG B 15 -11.27 -9.55 -54.25
C ARG B 15 -11.17 -10.41 -53.02
N LEU B 16 -11.77 -11.59 -53.06
CA LEU B 16 -11.74 -12.43 -51.88
C LEU B 16 -10.34 -12.90 -51.59
N SER B 17 -9.68 -13.44 -52.61
CA SER B 17 -8.31 -13.87 -52.46
C SER B 17 -7.44 -12.72 -51.96
N SER B 18 -7.63 -11.54 -52.56
CA SER B 18 -6.87 -10.37 -52.15
C SER B 18 -7.11 -10.05 -50.68
N ASN B 19 -8.37 -10.03 -50.26
CA ASN B 19 -8.70 -9.63 -48.90
C ASN B 19 -8.17 -10.64 -47.89
N ASN B 20 -8.24 -11.93 -48.22
CA ASN B 20 -7.73 -12.94 -47.32
C ASN B 20 -6.23 -12.78 -47.12
N SER B 21 -5.51 -12.58 -48.21
CA SER B 21 -4.08 -12.34 -48.07
C SER B 21 -3.82 -11.05 -47.31
N ALA B 22 -4.65 -10.04 -47.52
CA ALA B 22 -4.47 -8.75 -46.86
C ALA B 22 -4.56 -8.90 -45.35
N SER B 23 -5.68 -9.45 -44.87
CA SER B 23 -5.86 -9.65 -43.44
C SER B 23 -4.77 -10.55 -42.89
N GLN B 24 -4.36 -11.56 -43.67
CA GLN B 24 -3.26 -12.42 -43.25
C GLN B 24 -2.01 -11.61 -42.98
N LYS B 25 -1.66 -10.72 -43.92
CA LYS B 25 -0.46 -9.91 -43.76
C LYS B 25 -0.57 -9.04 -42.52
N ASN B 26 -1.74 -8.45 -42.32
CA ASN B 26 -1.98 -7.65 -41.12
C ASN B 26 -1.65 -8.46 -39.88
N MET B 27 -2.20 -9.67 -39.76
CA MET B 27 -1.92 -10.51 -38.60
C MET B 27 -0.44 -10.73 -38.43
N GLU B 28 0.19 -11.20 -39.49
CA GLU B 28 1.59 -11.58 -39.45
C GLU B 28 2.44 -10.45 -38.91
N LYS B 29 2.14 -9.23 -39.33
CA LYS B 29 2.85 -8.09 -38.79
C LYS B 29 2.45 -7.84 -37.34
N LEU B 30 1.14 -7.95 -37.05
CA LEU B 30 0.65 -7.74 -35.70
C LEU B 30 1.25 -8.77 -34.74
N SER B 31 1.16 -10.03 -35.12
CA SER B 31 1.65 -11.11 -34.28
C SER B 31 3.14 -10.97 -34.03
N SER B 32 3.90 -10.74 -35.09
CA SER B 32 5.34 -10.63 -34.96
C SER B 32 5.76 -9.28 -34.44
N GLY B 33 4.89 -8.28 -34.51
CA GLY B 33 5.29 -6.94 -34.12
C GLY B 33 6.26 -6.35 -35.12
N LEU B 34 6.17 -6.75 -36.37
CA LEU B 34 7.12 -6.39 -37.42
C LEU B 34 6.37 -5.71 -38.54
N ARG B 35 6.65 -4.43 -38.76
CA ARG B 35 6.22 -3.82 -40.00
C ARG B 35 7.08 -4.31 -41.15
N ILE B 36 8.34 -4.65 -40.85
CA ILE B 36 9.20 -5.20 -41.86
C ILE B 36 8.60 -6.48 -42.41
N ASN B 37 8.98 -6.79 -43.64
CA ASN B 37 8.55 -8.03 -44.26
C ASN B 37 9.57 -9.12 -43.99
N ARG B 38 9.10 -10.35 -43.97
CA ARG B 38 10.01 -11.47 -44.12
C ARG B 38 10.60 -11.48 -45.52
N ALA B 39 9.76 -11.20 -46.51
CA ALA B 39 10.18 -11.13 -47.89
C ALA B 39 11.03 -9.89 -48.13
N GLY B 40 11.81 -9.94 -49.21
CA GLY B 40 12.70 -8.87 -49.61
C GLY B 40 12.01 -7.59 -50.05
N ASP B 41 10.69 -7.54 -49.99
CA ASP B 41 9.97 -6.30 -50.29
C ASP B 41 10.46 -5.21 -49.34
N ASP B 42 11.07 -4.18 -49.92
CA ASP B 42 11.85 -3.18 -49.18
C ASP B 42 13.09 -3.80 -48.55
N ALA B 43 13.83 -4.57 -49.36
CA ALA B 43 15.10 -5.11 -48.91
C ALA B 43 16.09 -4.02 -48.54
N ALA B 44 15.90 -2.79 -49.05
CA ALA B 44 16.69 -1.67 -48.57
C ALA B 44 16.51 -1.49 -47.08
N GLY B 45 15.29 -1.17 -46.64
CA GLY B 45 15.03 -0.98 -45.23
C GLY B 45 15.37 -2.20 -44.40
N LEU B 46 15.13 -3.39 -44.96
CA LEU B 46 15.49 -4.61 -44.24
C LEU B 46 16.97 -4.65 -44.01
N ALA B 47 17.76 -4.64 -45.08
CA ALA B 47 19.21 -4.73 -44.98
C ALA B 47 19.76 -3.65 -44.06
N ILE B 48 19.13 -2.48 -44.05
CA ILE B 48 19.52 -1.47 -43.08
C ILE B 48 19.31 -2.01 -41.69
N SER B 49 18.09 -2.41 -41.36
CA SER B 49 17.80 -2.83 -39.99
C SER B 49 18.65 -4.03 -39.59
N GLU B 50 18.99 -4.86 -40.56
CA GLU B 50 19.95 -5.92 -40.34
C GLU B 50 21.28 -5.35 -39.87
N LYS B 51 21.78 -4.37 -40.61
CA LYS B 51 23.03 -3.73 -40.23
C LYS B 51 22.90 -3.03 -38.90
N MET B 52 21.75 -2.41 -38.66
CA MET B 52 21.47 -1.76 -37.39
C MET B 52 21.65 -2.76 -36.27
N ARG B 53 20.90 -3.86 -36.33
CA ARG B 53 20.94 -4.87 -35.28
C ARG B 53 22.34 -5.43 -35.10
N GLY B 54 23.07 -5.59 -36.20
CA GLY B 54 24.45 -5.99 -36.08
C GLY B 54 25.22 -5.01 -35.21
N GLN B 55 25.02 -3.71 -35.46
CA GLN B 55 25.70 -2.73 -34.64
C GLN B 55 25.12 -2.67 -33.23
N ILE B 56 23.79 -2.76 -33.07
CA ILE B 56 23.16 -2.74 -31.75
C ILE B 56 23.77 -3.81 -30.88
N ARG B 57 23.67 -5.05 -31.35
CA ARG B 57 24.21 -6.18 -30.61
C ARG B 57 25.69 -5.98 -30.35
N GLY B 58 26.41 -5.43 -31.33
CA GLY B 58 27.81 -5.12 -31.12
C GLY B 58 28.01 -4.05 -30.05
N LEU B 59 27.04 -3.18 -29.87
CA LEU B 59 27.13 -2.15 -28.83
C LEU B 59 26.81 -2.72 -27.48
N GLU B 60 25.92 -3.71 -27.43
CA GLU B 60 25.64 -4.40 -26.19
C GLU B 60 26.89 -5.14 -25.72
N MET B 61 27.52 -5.89 -26.63
CA MET B 61 28.77 -6.54 -26.28
C MET B 61 29.90 -5.54 -26.11
N ALA B 62 29.76 -4.35 -26.70
CA ALA B 62 30.74 -3.29 -26.47
C ALA B 62 30.66 -2.79 -25.04
N SER B 63 29.43 -2.53 -24.58
CA SER B 63 29.23 -2.13 -23.21
C SER B 63 29.76 -3.19 -22.27
N LYS B 64 29.44 -4.45 -22.58
CA LYS B 64 29.98 -5.56 -21.82
C LYS B 64 31.51 -5.49 -21.76
N ASN B 65 32.15 -5.38 -22.92
CA ASN B 65 33.62 -5.39 -22.96
C ASN B 65 34.20 -4.21 -22.20
N SER B 66 33.54 -3.05 -22.27
CA SER B 66 34.07 -1.87 -21.61
C SER B 66 33.91 -1.97 -20.12
N GLN B 67 32.78 -2.49 -19.66
CA GLN B 67 32.59 -2.73 -18.24
C GLN B 67 33.64 -3.71 -17.74
N ASP B 68 33.94 -4.71 -18.55
CA ASP B 68 35.00 -5.66 -18.20
C ASP B 68 36.34 -4.95 -18.13
N GLY B 69 36.58 -4.05 -19.08
CA GLY B 69 37.72 -3.14 -18.99
C GLY B 69 37.79 -2.47 -17.64
N ILE B 70 36.66 -1.92 -17.20
CA ILE B 70 36.61 -1.22 -15.93
C ILE B 70 36.95 -2.15 -14.79
N SER B 71 36.45 -3.38 -14.86
CA SER B 71 36.73 -4.33 -13.79
C SER B 71 38.22 -4.58 -13.67
N LEU B 72 38.87 -4.77 -14.81
CA LEU B 72 40.32 -4.90 -14.83
C LEU B 72 40.97 -3.68 -14.22
N ILE B 73 40.53 -2.49 -14.67
CA ILE B 73 41.12 -1.25 -14.21
C ILE B 73 41.06 -1.17 -12.70
N GLN B 74 39.85 -1.25 -12.15
CA GLN B 74 39.66 -1.05 -10.72
C GLN B 74 40.38 -2.11 -9.90
N THR B 75 40.51 -3.32 -10.46
CA THR B 75 41.35 -4.32 -9.81
C THR B 75 42.76 -3.79 -9.63
N ALA B 76 43.40 -3.47 -10.76
CA ALA B 76 44.78 -2.99 -10.71
C ALA B 76 44.88 -1.71 -9.90
N GLU B 77 43.86 -0.87 -10.02
CA GLU B 77 43.78 0.41 -9.31
C GLU B 77 43.87 0.20 -7.82
N GLY B 78 42.98 -0.61 -7.26
CA GLY B 78 43.00 -0.83 -5.83
C GLY B 78 44.29 -1.46 -5.38
N ALA B 79 44.83 -2.35 -6.21
CA ALA B 79 46.10 -2.97 -5.89
C ALA B 79 47.21 -1.93 -5.82
N LEU B 80 47.23 -0.99 -6.76
CA LEU B 80 48.25 0.05 -6.76
C LEU B 80 48.04 1.03 -5.64
N THR B 81 46.79 1.24 -5.23
CA THR B 81 46.52 2.06 -4.06
C THR B 81 47.14 1.43 -2.83
N GLU B 82 46.98 0.12 -2.68
CA GLU B 82 47.59 -0.54 -1.53
C GLU B 82 49.11 -0.49 -1.63
N THR B 83 49.64 -0.73 -2.83
CA THR B 83 51.08 -0.60 -3.05
C THR B 83 51.55 0.74 -2.58
N HIS B 84 50.83 1.77 -2.99
CA HIS B 84 51.18 3.12 -2.62
C HIS B 84 51.19 3.31 -1.12
N ALA B 85 50.16 2.82 -0.46
CA ALA B 85 50.09 2.92 0.99
C ALA B 85 51.31 2.27 1.63
N ILE B 86 51.71 1.11 1.11
CA ILE B 86 52.95 0.50 1.57
C ILE B 86 54.09 1.47 1.40
N LEU B 87 54.20 2.06 0.20
CA LEU B 87 55.32 2.95 -0.08
C LEU B 87 55.35 4.14 0.88
N GLN B 88 54.19 4.59 1.32
CA GLN B 88 54.16 5.58 2.39
C GLN B 88 54.83 5.02 3.64
N ARG B 89 54.47 3.80 4.00
CA ARG B 89 55.13 3.20 5.16
C ARG B 89 56.62 3.06 4.92
N VAL B 90 56.99 2.73 3.69
CA VAL B 90 58.40 2.58 3.37
C VAL B 90 59.11 3.88 3.66
N ARG B 91 58.59 5.00 3.15
CA ARG B 91 59.28 6.26 3.37
C ARG B 91 59.33 6.61 4.85
N GLU B 92 58.30 6.25 5.62
CA GLU B 92 58.42 6.37 7.06
C GLU B 92 59.66 5.63 7.53
N LEU B 93 59.84 4.43 7.02
CA LEU B 93 60.97 3.62 7.42
C LEU B 93 62.26 4.11 6.78
N VAL B 94 62.19 4.93 5.73
CA VAL B 94 63.39 5.54 5.19
C VAL B 94 63.84 6.66 6.11
N VAL B 95 62.90 7.48 6.56
CA VAL B 95 63.25 8.58 7.43
C VAL B 95 63.75 8.05 8.76
N GLN B 96 63.14 6.98 9.25
CA GLN B 96 63.74 6.30 10.39
C GLN B 96 65.07 5.69 10.00
N ALA B 97 65.17 5.20 8.76
CA ALA B 97 66.41 4.65 8.23
C ALA B 97 67.34 5.72 7.72
N GLY B 98 67.08 6.94 8.13
CA GLY B 98 68.16 7.86 8.41
C GLY B 98 68.92 7.53 9.66
N ASN B 99 68.64 6.37 10.30
CA ASN B 99 69.42 5.85 11.42
C ASN B 99 69.14 6.70 12.67
N THR B 100 68.09 7.52 12.59
CA THR B 100 67.97 8.69 13.43
C THR B 100 69.33 9.36 13.50
N GLY B 101 69.89 9.60 12.31
CA GLY B 101 71.23 10.11 12.25
C GLY B 101 72.28 9.05 12.40
N THR B 102 72.78 8.91 13.63
CA THR B 102 73.61 7.77 14.03
C THR B 102 73.03 7.03 15.23
N GLN B 103 71.91 7.49 15.76
CA GLN B 103 71.46 7.00 17.06
C GLN B 103 71.03 5.56 17.01
N ASP B 104 70.38 5.15 15.93
CA ASP B 104 70.05 3.74 15.80
C ASP B 104 71.36 2.98 15.59
N LYS B 105 71.38 1.73 16.01
CA LYS B 105 72.55 0.87 15.82
C LYS B 105 72.31 -0.05 14.63
N ALA B 106 73.32 -0.86 14.33
CA ALA B 106 73.23 -1.76 13.18
C ALA B 106 72.08 -2.73 13.31
N THR B 107 71.86 -3.25 14.52
CA THR B 107 70.72 -4.14 14.76
C THR B 107 69.41 -3.40 14.55
N ASP B 108 69.33 -2.15 14.96
CA ASP B 108 68.11 -1.39 14.74
C ASP B 108 67.83 -1.24 13.26
N LEU B 109 68.86 -0.91 12.48
CA LEU B 109 68.71 -0.85 11.04
C LEU B 109 68.33 -2.20 10.45
N GLN B 110 68.78 -3.28 11.09
CA GLN B 110 68.41 -4.60 10.60
C GLN B 110 66.97 -4.93 10.95
N SER B 111 66.51 -4.48 12.12
CA SER B 111 65.11 -4.64 12.47
C SER B 111 64.23 -3.91 11.47
N ILE B 112 64.60 -2.67 11.18
CA ILE B 112 63.90 -1.89 10.15
C ILE B 112 63.95 -2.64 8.84
N GLN B 113 65.14 -3.09 8.45
CA GLN B 113 65.32 -3.73 7.16
C GLN B 113 64.52 -5.02 7.07
N ASP B 114 64.38 -5.73 8.18
CA ASP B 114 63.49 -6.88 8.21
C ASP B 114 62.08 -6.45 7.89
N GLY B 115 61.65 -5.36 8.53
CA GLY B 115 60.33 -4.83 8.21
C GLY B 115 60.20 -4.43 6.75
N ILE B 116 61.25 -3.82 6.18
CA ILE B 116 61.15 -3.34 4.82
C ILE B 116 61.15 -4.49 3.84
N SER B 117 62.03 -5.47 4.06
CA SER B 117 62.06 -6.62 3.17
C SER B 117 60.75 -7.38 3.24
N ALA B 118 60.14 -7.39 4.43
CA ALA B 118 58.79 -7.88 4.57
C ALA B 118 57.83 -7.09 3.70
N LEU B 119 57.96 -5.76 3.70
CA LEU B 119 57.11 -4.94 2.86
C LEU B 119 57.37 -5.19 1.38
N THR B 120 58.63 -5.38 1.01
CA THR B 120 58.96 -5.76 -0.36
C THR B 120 58.21 -7.02 -0.73
N ASP B 121 58.28 -8.02 0.14
CA ASP B 121 57.60 -9.27 -0.15
C ASP B 121 56.10 -9.06 -0.31
N GLU B 122 55.56 -8.06 0.39
CA GLU B 122 54.15 -7.74 0.21
C GLU B 122 53.91 -7.01 -1.11
N ILE B 123 54.80 -6.11 -1.50
CA ILE B 123 54.64 -5.42 -2.78
C ILE B 123 54.73 -6.43 -3.91
N ASP B 124 55.75 -7.28 -3.86
CA ASP B 124 55.86 -8.37 -4.81
C ASP B 124 54.64 -9.25 -4.77
N GLY B 125 54.07 -9.44 -3.58
CA GLY B 125 52.84 -10.19 -3.48
C GLY B 125 51.69 -9.51 -4.19
N ILE B 126 51.60 -8.19 -4.07
CA ILE B 126 50.61 -7.44 -4.83
C ILE B 126 50.81 -7.69 -6.30
N SER B 127 52.02 -7.39 -6.78
CA SER B 127 52.27 -7.43 -8.21
C SER B 127 52.23 -8.84 -8.78
N ASN B 128 52.31 -9.86 -7.92
CA ASN B 128 52.29 -11.25 -8.34
C ASN B 128 51.06 -12.00 -7.85
N ARG B 129 50.06 -11.27 -7.34
CA ARG B 129 48.77 -11.86 -6.99
C ARG B 129 47.64 -11.14 -7.71
N THR B 130 47.87 -9.89 -8.08
CA THR B 130 46.86 -9.15 -8.81
C THR B 130 46.73 -9.75 -10.19
N GLU B 131 45.80 -10.68 -10.33
CA GLU B 131 45.46 -11.31 -11.60
C GLU B 131 44.05 -10.93 -12.02
N PHE B 132 43.83 -10.87 -13.33
CA PHE B 132 42.49 -10.88 -13.88
C PHE B 132 42.39 -12.00 -14.89
N ASN B 133 41.59 -13.00 -14.57
CA ASN B 133 41.42 -14.14 -15.44
C ASN B 133 42.78 -14.79 -15.67
N GLY B 134 43.55 -14.87 -14.59
CA GLY B 134 44.88 -15.40 -14.62
C GLY B 134 45.94 -14.42 -15.08
N LYS B 135 45.55 -13.40 -15.83
CA LYS B 135 46.49 -12.43 -16.34
C LYS B 135 47.01 -11.60 -15.20
N LYS B 136 48.28 -11.79 -14.87
CA LYS B 136 48.87 -11.06 -13.76
C LYS B 136 48.92 -9.60 -14.16
N LEU B 137 47.89 -8.86 -13.73
CA LEU B 137 47.68 -7.49 -14.18
C LEU B 137 48.78 -6.55 -13.75
N LEU B 138 49.49 -6.89 -12.68
CA LEU B 138 50.65 -6.12 -12.24
C LEU B 138 51.93 -6.90 -12.48
N ASP B 139 51.93 -7.73 -13.51
CA ASP B 139 53.18 -8.25 -14.04
C ASP B 139 53.93 -7.07 -14.63
N GLY B 140 54.99 -6.63 -13.96
CA GLY B 140 55.75 -5.50 -14.46
C GLY B 140 56.37 -5.73 -15.82
N THR B 141 56.48 -6.99 -16.23
CA THR B 141 56.96 -7.35 -17.56
C THR B 141 55.84 -7.65 -18.53
N TYR B 142 54.59 -7.31 -18.18
CA TYR B 142 53.48 -7.55 -19.09
C TYR B 142 53.66 -6.76 -20.38
N LYS B 143 53.65 -5.43 -20.28
CA LYS B 143 53.78 -4.54 -21.44
C LYS B 143 54.90 -3.54 -21.20
N VAL B 144 56.10 -4.05 -20.97
CA VAL B 144 57.27 -3.20 -21.14
C VAL B 144 57.42 -2.95 -22.63
N ASP B 145 57.17 -1.71 -23.05
CA ASP B 145 57.25 -1.33 -24.46
C ASP B 145 58.57 -1.76 -25.09
N THR B 146 59.68 -1.49 -24.39
CA THR B 146 61.01 -2.00 -24.70
C THR B 146 61.66 -1.33 -25.91
N ALA B 147 60.88 -0.56 -26.69
CA ALA B 147 61.19 -0.31 -28.09
C ALA B 147 61.24 -1.61 -28.90
N THR B 148 60.45 -2.60 -28.49
CA THR B 148 60.37 -3.88 -29.20
C THR B 148 58.89 -4.24 -29.31
N PRO B 149 58.26 -3.98 -30.47
CA PRO B 149 56.87 -4.40 -30.65
C PRO B 149 56.63 -5.87 -30.41
N ALA B 150 57.60 -6.71 -30.74
CA ALA B 150 57.44 -8.15 -30.60
C ALA B 150 57.17 -8.56 -29.17
N ASN B 151 57.68 -7.80 -28.20
CA ASN B 151 57.54 -8.12 -26.79
C ASN B 151 56.78 -7.00 -26.10
N GLN B 152 55.44 -7.02 -26.22
CA GLN B 152 54.61 -6.03 -25.52
C GLN B 152 53.33 -6.57 -24.90
N LYS B 153 52.69 -7.60 -25.45
CA LYS B 153 51.38 -8.05 -24.93
C LYS B 153 50.41 -6.89 -24.78
N ASN B 154 50.31 -6.04 -25.81
CA ASN B 154 49.53 -4.80 -25.76
C ASN B 154 48.14 -5.03 -25.16
N LEU B 155 47.84 -4.32 -24.08
CA LEU B 155 46.58 -4.53 -23.38
C LEU B 155 45.48 -3.87 -24.21
N VAL B 156 45.14 -4.55 -25.30
CA VAL B 156 44.12 -4.06 -26.23
C VAL B 156 42.76 -4.25 -25.58
N PHE B 157 41.85 -3.29 -25.81
CA PHE B 157 40.41 -3.43 -25.51
C PHE B 157 39.62 -3.08 -26.77
N GLN B 158 39.14 -4.10 -27.48
CA GLN B 158 38.16 -3.91 -28.58
C GLN B 158 36.83 -3.60 -27.96
N ILE B 159 36.35 -2.39 -28.19
CA ILE B 159 35.06 -1.95 -27.71
C ILE B 159 34.10 -1.69 -28.85
N GLY B 160 34.50 -0.90 -29.84
CA GLY B 160 33.56 -0.46 -30.84
C GLY B 160 33.04 -1.62 -31.67
N ALA B 161 31.74 -1.55 -31.97
CA ALA B 161 31.12 -2.57 -32.81
C ALA B 161 31.75 -2.61 -34.20
N ASN B 162 32.39 -1.53 -34.61
CA ASN B 162 33.10 -1.46 -35.87
C ASN B 162 34.54 -1.90 -35.70
N ALA B 163 35.13 -2.36 -36.79
CA ALA B 163 36.48 -2.91 -36.75
C ALA B 163 37.52 -1.84 -36.41
N THR B 164 38.60 -2.29 -35.77
CA THR B 164 39.75 -1.51 -35.36
C THR B 164 39.47 -0.60 -34.18
N GLN B 165 38.23 -0.53 -33.69
CA GLN B 165 37.88 0.39 -32.61
C GLN B 165 38.40 -0.13 -31.29
N GLN B 166 39.72 -0.04 -31.10
CA GLN B 166 40.39 -0.66 -29.98
C GLN B 166 41.11 0.37 -29.13
N ILE B 167 41.28 0.01 -27.86
CA ILE B 167 42.00 0.83 -26.90
C ILE B 167 43.31 0.12 -26.53
N SER B 168 44.41 0.88 -26.54
CA SER B 168 45.74 0.36 -26.22
C SER B 168 46.15 0.84 -24.83
N VAL B 169 46.40 -0.10 -23.93
CA VAL B 169 46.73 0.21 -22.54
C VAL B 169 48.07 -0.43 -22.20
N ASN B 170 48.74 0.15 -21.20
CA ASN B 170 50.06 -0.30 -20.80
C ASN B 170 50.14 -0.63 -19.31
N ILE B 171 50.64 -1.84 -19.03
CA ILE B 171 51.00 -2.30 -17.70
C ILE B 171 52.53 -2.34 -17.65
N GLU B 172 53.15 -1.73 -16.62
CA GLU B 172 54.58 -1.96 -16.42
C GLU B 172 55.02 -2.01 -14.95
N ASP B 173 54.13 -1.91 -13.98
CA ASP B 173 54.56 -1.77 -12.59
C ASP B 173 54.72 -3.13 -11.93
N MET B 174 55.56 -3.15 -10.90
CA MET B 174 55.81 -4.33 -10.07
C MET B 174 56.73 -3.89 -8.93
N GLY B 175 56.97 -4.81 -8.00
CA GLY B 175 57.82 -4.52 -6.87
C GLY B 175 59.23 -4.14 -7.26
N ALA B 176 59.77 -4.78 -8.30
CA ALA B 176 61.11 -4.45 -8.77
C ALA B 176 61.15 -3.19 -9.63
N ASP B 177 60.00 -2.54 -9.84
CA ASP B 177 59.90 -1.37 -10.71
C ASP B 177 59.80 -0.11 -9.83
N ALA B 178 60.95 0.53 -9.55
CA ALA B 178 60.97 1.66 -8.61
C ALA B 178 61.47 2.98 -9.17
N LEU B 179 62.77 3.11 -9.40
CA LEU B 179 63.30 4.27 -10.15
C LEU B 179 63.63 3.75 -11.53
N GLY B 180 62.69 3.94 -12.43
CA GLY B 180 62.89 3.55 -13.80
C GLY B 180 63.76 4.56 -14.49
N ILE B 181 65.05 4.55 -14.19
CA ILE B 181 65.98 5.44 -14.88
C ILE B 181 65.83 5.25 -16.39
N LYS B 182 65.94 4.01 -16.84
CA LYS B 182 65.56 3.53 -18.16
C LYS B 182 64.95 2.15 -18.02
N GLU B 183 65.62 1.37 -17.19
CA GLU B 183 65.26 0.05 -16.71
C GLU B 183 65.76 -0.01 -15.27
N ALA B 184 65.83 -1.20 -14.70
CA ALA B 184 66.46 -1.34 -13.40
C ALA B 184 67.95 -1.07 -13.53
N ASP B 185 68.47 -0.13 -12.73
CA ASP B 185 69.90 0.17 -12.82
C ASP B 185 70.70 -0.97 -12.23
N GLY B 186 70.48 -1.26 -10.95
CA GLY B 186 71.21 -2.29 -10.26
C GLY B 186 70.86 -2.30 -8.79
N SER B 187 71.87 -2.29 -7.93
CA SER B 187 71.62 -2.18 -6.50
C SER B 187 70.81 -0.93 -6.19
N ILE B 188 71.02 0.12 -6.96
CA ILE B 188 70.22 1.31 -6.87
C ILE B 188 69.12 1.27 -7.91
N ALA B 189 68.15 2.16 -7.77
CA ALA B 189 67.10 2.50 -8.72
C ALA B 189 66.00 1.45 -8.89
N ALA B 190 66.29 0.19 -8.58
CA ALA B 190 65.25 -0.83 -8.49
C ALA B 190 65.41 -1.67 -7.22
N LEU B 191 66.61 -2.16 -6.97
CA LEU B 191 66.82 -3.14 -5.92
C LEU B 191 66.84 -2.53 -4.54
N HIS B 192 66.87 -1.20 -4.40
CA HIS B 192 66.54 -0.69 -3.09
C HIS B 192 65.08 -0.97 -2.78
N SER B 193 64.22 -1.00 -3.79
CA SER B 193 62.85 -1.42 -3.56
C SER B 193 62.79 -2.90 -3.25
N VAL B 194 63.67 -3.69 -3.88
CA VAL B 194 63.67 -5.13 -3.65
C VAL B 194 64.54 -5.46 -2.45
N ASN B 195 65.83 -5.14 -2.54
CA ASN B 195 66.79 -5.61 -1.55
C ASN B 195 66.93 -4.68 -0.35
N ASP B 196 66.54 -3.41 -0.48
CA ASP B 196 66.59 -2.48 0.66
C ASP B 196 68.01 -2.25 1.17
N LEU B 197 68.79 -1.47 0.43
CA LEU B 197 70.19 -1.20 0.73
C LEU B 197 70.49 -0.75 2.17
N ASP B 198 69.52 -0.28 2.94
CA ASP B 198 69.76 0.22 4.30
C ASP B 198 69.87 -0.96 5.25
N VAL B 199 71.08 -1.53 5.34
CA VAL B 199 71.33 -2.67 6.21
C VAL B 199 72.30 -2.28 7.32
N THR B 200 73.57 -2.16 6.93
CA THR B 200 74.63 -1.54 7.70
C THR B 200 75.48 -0.65 6.83
N LYS B 201 75.47 -0.86 5.51
CA LYS B 201 76.07 0.06 4.56
C LYS B 201 75.60 1.48 4.81
N PHE B 202 74.36 1.64 5.25
CA PHE B 202 73.89 2.99 5.57
C PHE B 202 74.66 3.58 6.74
N ALA B 203 74.87 2.79 7.79
CA ALA B 203 75.59 3.31 8.94
C ALA B 203 77.02 3.70 8.56
N ASP B 204 77.59 3.00 7.58
CA ASP B 204 78.91 3.35 7.09
C ASP B 204 78.90 4.72 6.43
N ASN B 205 77.96 4.95 5.50
CA ASN B 205 77.85 6.21 4.76
C ASN B 205 76.40 6.65 4.81
N ALA B 206 76.03 7.36 5.88
CA ALA B 206 74.67 7.85 5.98
C ALA B 206 74.36 8.90 4.93
N ALA B 207 75.35 9.66 4.48
CA ALA B 207 75.19 10.65 3.41
C ALA B 207 76.31 10.64 2.38
N ASP B 208 77.49 10.22 2.81
CA ASP B 208 78.77 10.48 2.17
C ASP B 208 78.92 10.12 0.69
N CYS B 209 78.10 9.22 0.13
CA CYS B 209 78.37 8.72 -1.21
C CYS B 209 77.15 8.63 -2.12
N ALA B 210 75.97 9.04 -1.65
CA ALA B 210 74.70 9.05 -2.37
C ALA B 210 74.14 7.67 -2.67
N ASP B 211 75.00 6.70 -3.02
CA ASP B 211 74.63 5.34 -3.34
C ASP B 211 73.96 4.66 -2.16
N ILE B 212 74.53 4.84 -0.98
CA ILE B 212 73.82 4.59 0.27
C ILE B 212 73.64 5.86 1.10
N GLY B 213 74.14 7.01 0.65
CA GLY B 213 74.06 8.17 1.51
C GLY B 213 72.67 8.78 1.68
N PHE B 214 71.65 7.96 1.94
CA PHE B 214 70.24 8.33 2.20
C PHE B 214 69.51 8.97 1.01
N ASP B 215 70.27 9.70 0.21
CA ASP B 215 69.81 10.39 -0.97
C ASP B 215 69.26 9.43 -1.99
N ALA B 216 70.11 8.52 -2.48
CA ALA B 216 69.67 7.62 -3.55
C ALA B 216 68.47 6.81 -3.11
N GLN B 217 68.49 6.32 -1.88
CA GLN B 217 67.41 5.46 -1.39
C GLN B 217 66.11 6.22 -1.39
N LEU B 218 66.13 7.41 -0.82
CA LEU B 218 64.91 8.21 -0.79
C LEU B 218 64.46 8.54 -2.21
N LYS B 219 65.41 8.70 -3.12
CA LYS B 219 65.04 8.94 -4.51
C LYS B 219 64.41 7.72 -5.16
N VAL B 220 64.89 6.53 -4.79
CA VAL B 220 64.25 5.32 -5.30
C VAL B 220 62.81 5.26 -4.84
N VAL B 221 62.59 5.55 -3.56
CA VAL B 221 61.24 5.49 -3.04
C VAL B 221 60.38 6.55 -3.70
N ASP B 222 60.91 7.76 -3.82
CA ASP B 222 60.16 8.85 -4.40
C ASP B 222 59.78 8.54 -5.84
N GLU B 223 60.72 8.02 -6.61
CA GLU B 223 60.40 7.73 -8.00
C GLU B 223 59.49 6.53 -8.10
N ALA B 224 59.70 5.51 -7.26
CA ALA B 224 58.78 4.38 -7.22
C ALA B 224 57.36 4.86 -7.04
N ILE B 225 57.17 5.76 -6.08
CA ILE B 225 55.87 6.36 -5.87
C ILE B 225 55.42 7.11 -7.11
N ASN B 226 56.33 7.88 -7.71
CA ASN B 226 55.95 8.66 -8.88
C ASN B 226 55.54 7.76 -10.04
N GLN B 227 56.15 6.59 -10.14
CA GLN B 227 55.80 5.63 -11.16
C GLN B 227 54.45 5.01 -10.87
N VAL B 228 54.15 4.77 -9.58
CA VAL B 228 52.81 4.35 -9.22
C VAL B 228 51.81 5.44 -9.58
N SER B 229 52.15 6.68 -9.26
CA SER B 229 51.29 7.82 -9.54
C SER B 229 50.95 7.90 -11.02
N SER B 230 51.98 7.78 -11.86
CA SER B 230 51.76 7.88 -13.29
C SER B 230 51.08 6.64 -13.84
N GLN B 231 51.37 5.48 -13.26
CA GLN B 231 50.69 4.26 -13.68
C GLN B 231 49.20 4.37 -13.38
N ARG B 232 48.88 4.82 -12.18
CA ARG B 232 47.50 5.06 -11.81
C ARG B 232 46.91 6.20 -12.62
N ALA B 233 47.74 7.13 -13.06
CA ALA B 233 47.27 8.23 -13.89
C ALA B 233 46.80 7.73 -15.25
N LYS B 234 47.62 6.90 -15.88
CA LYS B 234 47.20 6.26 -17.12
C LYS B 234 45.96 5.43 -16.89
N LEU B 235 46.00 4.64 -15.82
CA LEU B 235 44.93 3.72 -15.49
C LEU B 235 43.60 4.45 -15.35
N GLY B 236 43.62 5.57 -14.61
CA GLY B 236 42.41 6.33 -14.42
C GLY B 236 42.02 7.13 -15.64
N ALA B 237 43.01 7.49 -16.46
CA ALA B 237 42.68 8.11 -17.74
C ALA B 237 41.82 7.17 -18.55
N VAL B 238 42.23 5.90 -18.62
CA VAL B 238 41.44 4.92 -19.34
C VAL B 238 40.11 4.70 -18.65
N GLN B 239 40.10 4.76 -17.32
CA GLN B 239 38.83 4.65 -16.61
C GLN B 239 37.85 5.72 -17.09
N ASN B 240 38.32 6.96 -17.17
CA ASN B 240 37.45 8.02 -17.64
C ASN B 240 37.03 7.78 -19.07
N ARG B 241 37.96 7.28 -19.89
CA ARG B 241 37.62 6.94 -21.27
C ARG B 241 36.47 5.99 -21.34
N LEU B 242 36.52 4.94 -20.54
CA LEU B 242 35.48 3.93 -20.61
C LEU B 242 34.19 4.45 -20.00
N GLU B 243 34.28 5.38 -19.06
CA GLU B 243 33.07 6.05 -18.58
C GLU B 243 32.37 6.74 -19.74
N HIS B 244 33.10 7.60 -20.45
CA HIS B 244 32.48 8.36 -21.53
C HIS B 244 32.13 7.47 -22.70
N THR B 245 32.92 6.42 -22.91
CA THR B 245 32.59 5.43 -23.90
C THR B 245 31.22 4.85 -23.60
N ILE B 246 31.04 4.34 -22.39
CA ILE B 246 29.77 3.70 -22.03
C ILE B 246 28.64 4.67 -22.17
N ASN B 247 28.85 5.93 -21.78
CA ASN B 247 27.79 6.90 -21.94
C ASN B 247 27.43 7.05 -23.41
N ASN B 248 28.43 7.05 -24.29
CA ASN B 248 28.16 7.06 -25.72
C ASN B 248 27.46 5.79 -26.16
N LEU B 249 27.94 4.64 -25.69
CA LEU B 249 27.37 3.36 -26.09
C LEU B 249 25.91 3.27 -25.69
N SER B 250 25.59 3.85 -24.54
CA SER B 250 24.23 3.84 -24.03
C SER B 250 23.34 4.75 -24.87
N ALA B 251 23.76 6.00 -25.05
CA ALA B 251 22.96 6.94 -25.81
C ALA B 251 22.83 6.51 -27.26
N SER B 252 23.96 6.18 -27.87
CA SER B 252 24.00 5.75 -29.26
C SER B 252 23.22 4.47 -29.45
N GLY B 253 23.38 3.54 -28.50
CA GLY B 253 22.63 2.31 -28.57
C GLY B 253 21.13 2.56 -28.53
N GLU B 254 20.70 3.44 -27.63
CA GLU B 254 19.30 3.81 -27.57
C GLU B 254 18.83 4.37 -28.90
N ASN B 255 19.51 5.40 -29.40
CA ASN B 255 19.12 6.03 -30.66
C ASN B 255 19.09 5.01 -31.77
N LEU B 256 19.96 4.01 -31.69
CA LEU B 256 20.06 3.01 -32.74
C LEU B 256 18.89 2.03 -32.68
N THR B 257 18.53 1.57 -31.48
CA THR B 257 17.37 0.71 -31.35
C THR B 257 16.11 1.47 -31.73
N ALA B 258 16.09 2.77 -31.50
CA ALA B 258 14.99 3.59 -31.97
C ALA B 258 14.98 3.64 -33.48
N ALA B 259 16.16 3.76 -34.10
CA ALA B 259 16.24 3.77 -35.55
C ALA B 259 15.68 2.49 -36.13
N GLU B 260 16.13 1.35 -35.60
CA GLU B 260 15.57 0.07 -35.98
C GLU B 260 14.07 0.08 -35.80
N SER B 261 13.63 0.54 -34.64
CA SER B 261 12.21 0.55 -34.31
C SER B 261 11.44 1.35 -35.35
N ARG B 262 12.04 2.41 -35.88
CA ARG B 262 11.39 3.13 -36.96
C ARG B 262 11.30 2.27 -38.20
N ILE B 263 12.34 1.48 -38.48
CA ILE B 263 12.23 0.57 -39.63
C ILE B 263 11.12 -0.44 -39.38
N ARG B 264 11.13 -1.07 -38.21
CA ARG B 264 10.12 -2.06 -37.85
C ARG B 264 8.92 -1.44 -37.15
N ASP B 265 8.75 -0.12 -37.22
CA ASP B 265 7.63 0.55 -36.58
C ASP B 265 6.32 -0.06 -37.04
N VAL B 266 5.63 -0.76 -36.15
CA VAL B 266 4.26 -1.16 -36.38
C VAL B 266 3.36 -0.10 -35.77
N ASP B 267 2.56 0.53 -36.60
CA ASP B 267 1.44 1.32 -36.11
C ASP B 267 0.38 0.29 -35.77
N MET B 268 0.49 -0.24 -34.55
CA MET B 268 -0.36 -1.34 -34.13
C MET B 268 -1.83 -0.96 -34.23
N ALA B 269 -2.15 0.30 -33.97
CA ALA B 269 -3.53 0.72 -34.13
C ALA B 269 -3.95 0.68 -35.58
N LYS B 270 -3.10 1.20 -36.47
CA LYS B 270 -3.36 1.10 -37.90
C LYS B 270 -3.58 -0.34 -38.31
N GLU B 271 -2.69 -1.22 -37.87
CA GLU B 271 -2.68 -2.57 -38.39
C GLU B 271 -3.85 -3.38 -37.84
N MET B 272 -4.27 -3.10 -36.60
CA MET B 272 -5.51 -3.69 -36.11
C MET B 272 -6.70 -3.16 -36.90
N SER B 273 -6.69 -1.86 -37.19
CA SER B 273 -7.78 -1.27 -37.95
C SER B 273 -7.87 -1.87 -39.34
N GLU B 274 -6.74 -1.91 -40.04
CA GLU B 274 -6.70 -2.47 -41.38
C GLU B 274 -7.05 -3.93 -41.35
N PHE B 275 -6.60 -4.64 -40.32
CA PHE B 275 -7.00 -6.03 -40.13
C PHE B 275 -8.50 -6.16 -40.10
N THR B 276 -9.13 -5.38 -39.23
CA THR B 276 -10.57 -5.33 -39.11
C THR B 276 -11.22 -5.13 -40.46
N LYS B 277 -10.77 -4.10 -41.17
CA LYS B 277 -11.33 -3.79 -42.47
C LYS B 277 -11.24 -4.97 -43.39
N ASN B 278 -10.07 -5.60 -43.46
CA ASN B 278 -9.91 -6.69 -44.41
C ASN B 278 -10.77 -7.89 -44.04
N ASN B 279 -11.03 -8.11 -42.75
CA ASN B 279 -12.02 -9.11 -42.36
C ASN B 279 -13.37 -8.78 -42.94
N ILE B 280 -13.81 -7.56 -42.67
CA ILE B 280 -15.10 -7.08 -43.16
C ILE B 280 -15.20 -7.30 -44.66
N LEU B 281 -14.16 -6.90 -45.38
CA LEU B 281 -14.17 -6.94 -46.83
C LEU B 281 -14.21 -8.37 -47.34
N SER B 282 -13.46 -9.25 -46.70
CA SER B 282 -13.52 -10.66 -47.07
C SER B 282 -14.93 -11.20 -46.90
N GLN B 283 -15.52 -10.95 -45.73
CA GLN B 283 -16.84 -11.48 -45.44
C GLN B 283 -17.88 -10.96 -46.41
N ALA B 284 -17.83 -9.65 -46.68
CA ALA B 284 -18.75 -9.04 -47.61
C ALA B 284 -18.63 -9.67 -48.98
N SER B 285 -17.39 -9.82 -49.45
CA SER B 285 -17.19 -10.39 -50.77
C SER B 285 -17.72 -11.81 -50.83
N GLN B 286 -17.55 -12.58 -49.76
CA GLN B 286 -18.08 -13.95 -49.78
C GLN B 286 -19.60 -13.94 -49.82
N ALA B 287 -20.23 -13.04 -49.08
CA ALA B 287 -21.68 -12.91 -49.16
C ALA B 287 -22.10 -12.65 -50.59
N MET B 288 -21.35 -11.78 -51.28
CA MET B 288 -21.68 -11.53 -52.66
C MET B 288 -21.43 -12.75 -53.54
N LEU B 289 -20.44 -13.58 -53.20
CA LEU B 289 -20.24 -14.80 -53.97
C LEU B 289 -21.41 -15.74 -53.80
N ALA B 290 -21.94 -15.82 -52.59
CA ALA B 290 -23.17 -16.57 -52.38
C ALA B 290 -24.26 -16.03 -53.29
N GLN B 291 -24.45 -14.71 -53.30
CA GLN B 291 -25.47 -14.12 -54.14
C GLN B 291 -25.24 -14.43 -55.62
N ALA B 292 -23.98 -14.44 -56.04
CA ALA B 292 -23.64 -14.82 -57.40
C ALA B 292 -24.07 -16.24 -57.68
N ASN B 293 -24.05 -17.09 -56.66
CA ASN B 293 -24.56 -18.44 -56.83
C ASN B 293 -26.08 -18.51 -56.68
N GLN B 294 -26.71 -17.49 -56.09
CA GLN B 294 -28.15 -17.51 -55.90
C GLN B 294 -28.87 -17.08 -57.17
N GLN B 295 -28.41 -16.00 -57.80
CA GLN B 295 -29.06 -15.48 -59.00
C GLN B 295 -29.30 -16.53 -60.07
N PRO B 296 -28.32 -17.31 -60.51
CA PRO B 296 -28.61 -18.30 -61.55
C PRO B 296 -29.57 -19.40 -61.12
N GLN B 297 -29.79 -19.59 -59.83
CA GLN B 297 -30.83 -20.54 -59.39
C GLN B 297 -32.20 -19.95 -59.62
N ASN B 298 -32.36 -18.69 -59.24
CA ASN B 298 -33.57 -17.96 -59.58
C ASN B 298 -33.82 -18.05 -61.08
N VAL B 299 -32.77 -17.88 -61.87
CA VAL B 299 -32.87 -18.04 -63.32
C VAL B 299 -33.37 -19.42 -63.67
N LEU B 300 -32.80 -20.44 -63.03
CA LEU B 300 -33.17 -21.81 -63.34
C LEU B 300 -34.66 -22.01 -63.19
N GLN B 301 -35.20 -21.62 -62.03
CA GLN B 301 -36.64 -21.78 -61.82
C GLN B 301 -37.41 -20.96 -62.83
N LEU B 302 -37.04 -19.69 -62.98
CA LEU B 302 -37.83 -18.76 -63.78
C LEU B 302 -37.86 -19.16 -65.25
N LEU B 303 -36.80 -19.80 -65.73
CA LEU B 303 -36.72 -20.29 -67.10
C LEU B 303 -36.85 -21.80 -67.19
N ARG B 304 -37.59 -22.39 -66.26
CA ARG B 304 -37.91 -23.79 -66.34
C ARG B 304 -39.23 -23.97 -67.06
N ILE C 3 -51.87 -49.60 -46.31
CA ILE C 3 -52.16 -49.62 -44.83
C ILE C 3 -51.89 -48.28 -44.18
N ASN C 4 -52.15 -47.21 -44.92
CA ASN C 4 -51.77 -45.86 -44.49
C ASN C 4 -52.27 -45.54 -43.09
N HIS C 5 -53.52 -45.89 -42.81
CA HIS C 5 -54.13 -45.57 -41.51
C HIS C 5 -53.54 -46.35 -40.36
N ASN C 6 -52.66 -47.31 -40.60
CA ASN C 6 -52.07 -48.12 -39.54
C ASN C 6 -50.64 -47.74 -39.23
N ILE C 7 -50.01 -46.85 -40.00
CA ILE C 7 -48.60 -46.52 -39.86
C ILE C 7 -48.51 -45.18 -39.15
N ALA C 8 -47.80 -45.18 -38.03
CA ALA C 8 -47.47 -43.94 -37.35
C ALA C 8 -46.06 -43.98 -36.78
N ALA C 9 -45.27 -45.00 -37.13
CA ALA C 9 -43.97 -45.22 -36.51
C ALA C 9 -44.11 -45.26 -35.00
N LEU C 10 -45.03 -46.08 -34.53
CA LEU C 10 -45.40 -46.06 -33.13
C LEU C 10 -44.22 -46.40 -32.23
N ASN C 11 -43.22 -47.12 -32.74
CA ASN C 11 -42.01 -47.30 -31.96
C ASN C 11 -41.30 -45.97 -31.79
N THR C 12 -41.33 -45.14 -32.83
CA THR C 12 -40.79 -43.79 -32.66
C THR C 12 -41.58 -43.04 -31.61
N LEU C 13 -42.89 -43.23 -31.58
CA LEU C 13 -43.71 -42.53 -30.61
C LEU C 13 -43.36 -42.97 -29.20
N ASN C 14 -43.13 -44.27 -29.04
CA ASN C 14 -42.72 -44.80 -27.76
C ASN C 14 -41.37 -44.23 -27.35
N ARG C 15 -40.44 -44.14 -28.29
CA ARG C 15 -39.18 -43.47 -28.00
C ARG C 15 -39.42 -42.04 -27.63
N LEU C 16 -40.44 -41.43 -28.19
CA LEU C 16 -40.68 -40.04 -27.89
C LEU C 16 -41.08 -39.87 -26.45
N SER C 17 -42.06 -40.64 -26.01
CA SER C 17 -42.48 -40.61 -24.62
C SER C 17 -41.30 -40.86 -23.70
N SER C 18 -40.50 -41.87 -24.04
CA SER C 18 -39.32 -42.18 -23.25
C SER C 18 -38.37 -41.00 -23.15
N ASN C 19 -38.09 -40.38 -24.29
CA ASN C 19 -37.11 -39.29 -24.34
C ASN C 19 -37.61 -38.08 -23.57
N ASN C 20 -38.90 -37.79 -23.68
CA ASN C 20 -39.44 -36.65 -22.96
C ASN C 20 -39.33 -36.86 -21.47
N SER C 21 -39.68 -38.06 -21.00
CA SER C 21 -39.51 -38.32 -19.58
C SER C 21 -38.05 -38.29 -19.20
N ALA C 22 -37.17 -38.75 -20.08
CA ALA C 22 -35.74 -38.78 -19.78
C ALA C 22 -35.20 -37.38 -19.54
N SER C 23 -35.40 -36.49 -20.52
CA SER C 23 -34.94 -35.11 -20.38
C SER C 23 -35.59 -34.45 -19.17
N GLN C 24 -36.87 -34.77 -18.92
CA GLN C 24 -37.55 -34.26 -17.73
C GLN C 24 -36.79 -34.63 -16.46
N LYS C 25 -36.44 -35.92 -16.34
CA LYS C 25 -35.72 -36.39 -15.17
C LYS C 25 -34.40 -35.67 -15.02
N ASN C 26 -33.69 -35.52 -16.14
CA ASN C 26 -32.44 -34.78 -16.12
C ASN C 26 -32.63 -33.40 -15.53
N MET C 27 -33.63 -32.66 -16.00
CA MET C 27 -33.90 -31.32 -15.46
C MET C 27 -34.14 -31.37 -13.97
N GLU C 28 -35.07 -32.23 -13.57
CA GLU C 28 -35.49 -32.31 -12.19
C GLU C 28 -34.31 -32.51 -11.26
N LYS C 29 -33.38 -33.36 -11.68
CA LYS C 29 -32.18 -33.54 -10.90
C LYS C 29 -31.28 -32.31 -10.98
N LEU C 30 -31.16 -31.73 -12.18
CA LEU C 30 -30.35 -30.54 -12.37
C LEU C 30 -30.89 -29.38 -11.56
N SER C 31 -32.18 -29.13 -11.70
CA SER C 31 -32.81 -28.02 -11.01
C SER C 31 -32.70 -28.17 -9.51
N SER C 32 -33.01 -29.35 -9.01
CA SER C 32 -32.97 -29.59 -7.58
C SER C 32 -31.56 -29.82 -7.08
N GLY C 33 -30.63 -30.15 -7.97
CA GLY C 33 -29.29 -30.49 -7.52
C GLY C 33 -29.26 -31.81 -6.80
N LEU C 34 -30.17 -32.70 -7.17
CA LEU C 34 -30.38 -33.98 -6.48
C LEU C 34 -30.19 -35.10 -7.47
N ARG C 35 -29.17 -35.92 -7.27
CA ARG C 35 -29.14 -37.18 -7.97
C ARG C 35 -30.13 -38.14 -7.37
N ILE C 36 -30.41 -37.99 -6.08
CA ILE C 36 -31.41 -38.81 -5.44
C ILE C 36 -32.76 -38.60 -6.11
N ASN C 37 -33.60 -39.61 -6.00
CA ASN C 37 -34.95 -39.51 -6.53
C ASN C 37 -35.88 -39.00 -5.45
N ARG C 38 -36.95 -38.35 -5.88
CA ARG C 38 -38.08 -38.16 -4.98
C ARG C 38 -38.75 -39.50 -4.72
N ALA C 39 -38.86 -40.32 -5.76
CA ALA C 39 -39.44 -41.65 -5.66
C ALA C 39 -38.50 -42.57 -4.91
N GLY C 40 -39.08 -43.65 -4.40
CA GLY C 40 -38.35 -44.66 -3.63
C GLY C 40 -37.35 -45.46 -4.42
N ASP C 41 -37.18 -45.18 -5.71
CA ASP C 41 -36.14 -45.82 -6.49
C ASP C 41 -34.79 -45.59 -5.85
N ASP C 42 -34.16 -46.67 -5.40
CA ASP C 42 -33.01 -46.64 -4.49
C ASP C 42 -33.40 -46.06 -3.14
N ALA C 43 -34.49 -46.58 -2.58
CA ALA C 43 -34.87 -46.20 -1.21
C ALA C 43 -33.80 -46.58 -0.20
N ALA C 44 -32.92 -47.52 -0.53
CA ALA C 44 -31.75 -47.76 0.31
C ALA C 44 -30.93 -46.50 0.47
N GLY C 45 -30.36 -46.02 -0.64
CA GLY C 45 -29.55 -44.81 -0.59
C GLY C 45 -30.31 -43.62 -0.05
N LEU C 46 -31.59 -43.53 -0.37
CA LEU C 46 -32.40 -42.44 0.16
C LEU C 46 -32.45 -42.52 1.67
N ALA C 47 -32.97 -43.62 2.20
CA ALA C 47 -33.12 -43.79 3.63
C ALA C 47 -31.79 -43.58 4.36
N ILE C 48 -30.69 -43.97 3.70
CA ILE C 48 -29.39 -43.66 4.27
C ILE C 48 -29.24 -42.15 4.39
N SER C 49 -29.37 -41.43 3.28
CA SER C 49 -29.13 -39.99 3.30
C SER C 49 -30.09 -39.29 4.25
N GLU C 50 -31.29 -39.84 4.39
CA GLU C 50 -32.22 -39.36 5.40
C GLU C 50 -31.61 -39.49 6.78
N LYS C 51 -31.09 -40.67 7.09
CA LYS C 51 -30.44 -40.88 8.37
C LYS C 51 -29.21 -40.01 8.53
N MET C 52 -28.47 -39.84 7.43
CA MET C 52 -27.32 -38.96 7.43
C MET C 52 -27.73 -37.58 7.86
N ARG C 53 -28.69 -36.98 7.15
CA ARG C 53 -29.13 -35.63 7.44
C ARG C 53 -29.66 -35.51 8.86
N GLY C 54 -30.34 -36.54 9.33
CA GLY C 54 -30.75 -36.55 10.72
C GLY C 54 -29.56 -36.39 11.63
N GLN C 55 -28.48 -37.13 11.36
CA GLN C 55 -27.29 -37.00 12.17
C GLN C 55 -26.58 -35.67 11.91
N ILE C 56 -26.49 -35.22 10.65
CA ILE C 56 -25.85 -33.95 10.32
C ILE C 56 -26.47 -32.84 11.14
N ARG C 57 -27.78 -32.68 10.98
CA ARG C 57 -28.51 -31.65 11.68
C ARG C 57 -28.34 -31.80 13.18
N GLY C 58 -28.32 -33.06 13.64
CA GLY C 58 -28.06 -33.30 15.05
C GLY C 58 -26.66 -32.89 15.47
N LEU C 59 -25.71 -32.92 14.53
CA LEU C 59 -24.35 -32.48 14.82
C LEU C 59 -24.25 -30.97 14.81
N GLU C 60 -25.04 -30.32 13.98
CA GLU C 60 -25.11 -28.87 14.00
C GLU C 60 -25.64 -28.39 15.33
N MET C 61 -26.75 -28.98 15.77
CA MET C 61 -27.29 -28.65 17.08
C MET C 61 -26.40 -29.17 18.19
N ALA C 62 -25.58 -30.19 17.90
CA ALA C 62 -24.61 -30.66 18.89
C ALA C 62 -23.54 -29.62 19.11
N SER C 63 -23.00 -29.09 18.01
CA SER C 63 -22.03 -28.02 18.10
C SER C 63 -22.61 -26.85 18.84
N LYS C 64 -23.84 -26.48 18.50
CA LYS C 64 -24.55 -25.44 19.23
C LYS C 64 -24.58 -25.73 20.71
N ASN C 65 -25.04 -26.93 21.09
CA ASN C 65 -25.17 -27.26 22.50
C ASN C 65 -23.83 -27.24 23.21
N SER C 66 -22.78 -27.68 22.53
CA SER C 66 -21.47 -27.74 23.16
C SER C 66 -20.89 -26.35 23.34
N GLN C 67 -21.07 -25.49 22.34
CA GLN C 67 -20.65 -24.10 22.48
C GLN C 67 -21.39 -23.45 23.64
N ASP C 68 -22.66 -23.77 23.78
CA ASP C 68 -23.44 -23.27 24.89
C ASP C 68 -22.87 -23.79 26.21
N GLY C 69 -22.50 -25.08 26.22
CA GLY C 69 -21.74 -25.63 27.33
C GLY C 69 -20.55 -24.76 27.67
N ILE C 70 -19.78 -24.40 26.66
CA ILE C 70 -18.58 -23.59 26.86
C ILE C 70 -18.95 -22.25 27.47
N SER C 71 -20.04 -21.67 27.00
CA SER C 71 -20.45 -20.37 27.52
C SER C 71 -20.74 -20.47 29.01
N LEU C 72 -21.46 -21.50 29.40
CA LEU C 72 -21.69 -21.76 30.81
C LEU C 72 -20.37 -21.91 31.56
N ILE C 73 -19.48 -22.72 31.00
CA ILE C 73 -18.21 -23.01 31.64
C ILE C 73 -17.47 -21.71 31.90
N GLN C 74 -17.22 -20.94 30.85
CA GLN C 74 -16.40 -19.75 30.98
C GLN C 74 -17.05 -18.71 31.88
N THR C 75 -18.38 -18.68 31.92
CA THR C 75 -19.05 -17.84 32.90
C THR C 75 -18.61 -18.22 34.30
N ALA C 76 -18.86 -19.47 34.67
CA ALA C 76 -18.52 -19.93 36.01
C ALA C 76 -17.02 -19.81 36.25
N GLU C 77 -16.23 -20.08 35.22
CA GLU C 77 -14.79 -20.01 35.28
C GLU C 77 -14.31 -18.63 35.69
N GLY C 78 -14.73 -17.61 34.95
CA GLY C 78 -14.31 -16.26 35.29
C GLY C 78 -14.78 -15.87 36.66
N ALA C 79 -15.99 -16.30 37.03
CA ALA C 79 -16.49 -16.01 38.36
C ALA C 79 -15.61 -16.62 39.43
N LEU C 80 -15.19 -17.88 39.23
CA LEU C 80 -14.33 -18.55 40.19
C LEU C 80 -12.93 -17.96 40.21
N THR C 81 -12.48 -17.44 39.07
CA THR C 81 -11.21 -16.74 39.04
C THR C 81 -11.29 -15.51 39.93
N GLU C 82 -12.38 -14.75 39.84
CA GLU C 82 -12.52 -13.60 40.70
C GLU C 82 -12.64 -14.00 42.16
N THR C 83 -13.41 -15.06 42.42
CA THR C 83 -13.51 -15.60 43.78
C THR C 83 -12.13 -15.88 44.31
N HIS C 84 -11.33 -16.55 43.50
CA HIS C 84 -10.00 -16.91 43.88
C HIS C 84 -9.16 -15.68 44.22
N ALA C 85 -9.25 -14.66 43.36
CA ALA C 85 -8.51 -13.43 43.61
C ALA C 85 -8.90 -12.83 44.95
N ILE C 86 -10.20 -12.87 45.26
CA ILE C 86 -10.64 -12.44 46.58
C ILE C 86 -9.93 -13.26 47.63
N LEU C 87 -9.94 -14.58 47.47
CA LEU C 87 -9.35 -15.45 48.49
C LEU C 87 -7.87 -15.16 48.69
N GLN C 88 -7.18 -14.73 47.64
CA GLN C 88 -5.82 -14.23 47.82
C GLN C 88 -5.83 -13.04 48.76
N ARG C 89 -6.74 -12.09 48.52
CA ARG C 89 -6.82 -10.96 49.43
C ARG C 89 -7.16 -11.42 50.83
N VAL C 90 -8.02 -12.42 50.93
CA VAL C 90 -8.41 -12.92 52.24
C VAL C 90 -7.17 -13.39 52.97
N ARG C 91 -6.35 -14.22 52.32
CA ARG C 91 -5.17 -14.73 53.02
C ARG C 91 -4.22 -13.61 53.38
N GLU C 92 -4.13 -12.57 52.55
CA GLU C 92 -3.40 -11.39 52.98
C GLU C 92 -3.95 -10.89 54.30
N LEU C 93 -5.26 -10.85 54.40
CA LEU C 93 -5.90 -10.38 55.61
C LEU C 93 -5.84 -11.42 56.72
N VAL C 94 -5.55 -12.67 56.39
CA VAL C 94 -5.33 -13.67 57.44
C VAL C 94 -3.97 -13.45 58.05
N VAL C 95 -2.97 -13.24 57.22
CA VAL C 95 -1.62 -13.04 57.72
C VAL C 95 -1.56 -11.75 58.51
N GLN C 96 -2.26 -10.71 58.05
CA GLN C 96 -2.41 -9.54 58.90
C GLN C 96 -3.23 -9.89 60.12
N ALA C 97 -4.22 -10.77 59.96
CA ALA C 97 -5.04 -11.24 61.07
C ALA C 97 -4.37 -12.35 61.84
N GLY C 98 -3.07 -12.49 61.65
CA GLY C 98 -2.21 -12.87 62.73
C GLY C 98 -2.03 -11.79 63.76
N ASN C 99 -2.76 -10.66 63.66
CA ASN C 99 -2.79 -9.61 64.67
C ASN C 99 -1.46 -8.85 64.65
N THR C 100 -0.69 -9.06 63.59
CA THR C 100 0.75 -8.82 63.63
C THR C 100 1.27 -9.34 64.96
N GLY C 101 0.92 -10.59 65.23
CA GLY C 101 1.25 -11.15 66.52
C GLY C 101 0.28 -10.76 67.60
N THR C 102 0.66 -9.73 68.36
CA THR C 102 -0.26 -9.05 69.28
C THR C 102 -0.35 -7.56 69.01
N GLN C 103 0.39 -7.06 68.02
CA GLN C 103 0.55 -5.62 67.87
C GLN C 103 -0.74 -4.94 67.47
N ASP C 104 -1.52 -5.57 66.61
CA ASP C 104 -2.82 -4.99 66.31
C ASP C 104 -3.69 -5.11 67.55
N LYS C 105 -4.62 -4.18 67.69
CA LYS C 105 -5.56 -4.21 68.80
C LYS C 105 -6.90 -4.79 68.33
N ALA C 106 -7.84 -4.90 69.27
CA ALA C 106 -9.12 -5.50 68.95
C ALA C 106 -9.85 -4.70 67.88
N THR C 107 -9.77 -3.37 67.94
CA THR C 107 -10.37 -2.55 66.90
C THR C 107 -9.72 -2.78 65.56
N ASP C 108 -8.40 -2.96 65.55
CA ASP C 108 -7.73 -3.23 64.29
C ASP C 108 -8.23 -4.53 63.69
N LEU C 109 -8.34 -5.57 64.51
CA LEU C 109 -8.90 -6.83 64.05
C LEU C 109 -10.34 -6.66 63.60
N GLN C 110 -11.08 -5.73 64.19
CA GLN C 110 -12.44 -5.47 63.76
C GLN C 110 -12.46 -4.73 62.43
N SER C 111 -11.52 -3.82 62.23
CA SER C 111 -11.40 -3.16 60.94
C SER C 111 -11.12 -4.18 59.86
N ILE C 112 -10.17 -5.06 60.12
CA ILE C 112 -9.86 -6.15 59.20
C ILE C 112 -11.11 -6.99 58.98
N GLN C 113 -11.78 -7.36 60.06
CA GLN C 113 -12.93 -8.24 59.97
C GLN C 113 -14.06 -7.58 59.20
N ASP C 114 -14.21 -6.27 59.32
CA ASP C 114 -15.15 -5.55 58.49
C ASP C 114 -14.79 -5.73 57.03
N GLY C 115 -13.51 -5.57 56.72
CA GLY C 115 -13.07 -5.82 55.36
C GLY C 115 -13.34 -7.24 54.90
N ILE C 116 -13.13 -8.21 55.79
CA ILE C 116 -13.28 -9.60 55.38
C ILE C 116 -14.74 -9.94 55.20
N SER C 117 -15.60 -9.51 56.12
CA SER C 117 -17.02 -9.76 55.99
C SER C 117 -17.57 -9.10 54.74
N ALA C 118 -17.01 -7.94 54.41
CA ALA C 118 -17.28 -7.31 53.13
C ALA C 118 -16.89 -8.23 51.99
N LEU C 119 -15.70 -8.84 52.08
CA LEU C 119 -15.26 -9.78 51.05
C LEU C 119 -16.16 -10.99 50.99
N THR C 120 -16.59 -11.50 52.14
CA THR C 120 -17.55 -12.58 52.19
C THR C 120 -18.78 -12.20 51.39
N ASP C 121 -19.31 -11.02 51.66
CA ASP C 121 -20.50 -10.56 50.97
C ASP C 121 -20.26 -10.49 49.48
N GLU C 122 -19.02 -10.22 49.07
CA GLU C 122 -18.71 -10.23 47.65
C GLU C 122 -18.62 -11.65 47.11
N ILE C 123 -18.05 -12.58 47.87
CA ILE C 123 -17.98 -13.96 47.42
C ILE C 123 -19.38 -14.52 47.28
N ASP C 124 -20.20 -14.31 48.31
CA ASP C 124 -21.60 -14.68 48.25
C ASP C 124 -22.27 -14.00 47.07
N GLY C 125 -21.89 -12.76 46.79
CA GLY C 125 -22.43 -12.08 45.62
C GLY C 125 -22.04 -12.77 44.34
N ILE C 126 -20.78 -13.24 44.24
CA ILE C 126 -20.38 -14.02 43.08
C ILE C 126 -21.27 -15.24 42.97
N SER C 127 -21.29 -16.04 44.03
CA SER C 127 -21.97 -17.32 43.98
C SER C 127 -23.47 -17.19 43.85
N ASN C 128 -24.02 -16.00 44.13
CA ASN C 128 -25.46 -15.75 44.06
C ASN C 128 -25.82 -14.73 42.98
N ARG C 129 -24.87 -14.40 42.10
CA ARG C 129 -25.15 -13.57 40.93
C ARG C 129 -24.73 -14.29 39.65
N THR C 130 -23.79 -15.22 39.77
CA THR C 130 -23.37 -15.96 38.61
C THR C 130 -24.50 -16.88 38.19
N GLU C 131 -25.32 -16.40 37.26
CA GLU C 131 -26.42 -17.16 36.68
C GLU C 131 -26.15 -17.40 35.20
N PHE C 132 -26.66 -18.52 34.71
CA PHE C 132 -26.80 -18.73 33.27
C PHE C 132 -28.24 -19.09 32.99
N ASN C 133 -28.92 -18.21 32.29
CA ASN C 133 -30.33 -18.42 31.97
C ASN C 133 -31.10 -18.61 33.26
N GLY C 134 -30.77 -17.80 34.25
CA GLY C 134 -31.35 -17.86 35.57
C GLY C 134 -30.76 -18.91 36.47
N LYS C 135 -30.15 -19.94 35.90
CA LYS C 135 -29.58 -21.02 36.68
C LYS C 135 -28.36 -20.48 37.42
N LYS C 136 -28.48 -20.37 38.73
CA LYS C 136 -27.40 -19.86 39.53
C LYS C 136 -26.26 -20.86 39.45
N LEU C 137 -25.33 -20.60 38.54
CA LEU C 137 -24.29 -21.56 38.19
C LEU C 137 -23.34 -21.83 39.34
N LEU C 138 -23.23 -20.90 40.27
CA LEU C 138 -22.45 -21.08 41.48
C LEU C 138 -23.33 -21.21 42.70
N ASP C 139 -24.54 -21.74 42.49
CA ASP C 139 -25.32 -22.23 43.60
C ASP C 139 -24.60 -23.43 44.19
N GLY C 140 -23.98 -23.25 45.36
CA GLY C 140 -23.25 -24.34 45.97
C GLY C 140 -24.10 -25.55 46.27
N THR C 141 -25.42 -25.39 46.33
CA THR C 141 -26.35 -26.49 46.51
C THR C 141 -26.95 -26.96 45.20
N TYR C 142 -26.41 -26.55 44.06
CA TYR C 142 -26.93 -27.02 42.78
C TYR C 142 -26.80 -28.52 42.66
N LYS C 143 -25.56 -29.02 42.64
CA LYS C 143 -25.28 -30.45 42.49
C LYS C 143 -24.38 -30.91 43.62
N VAL C 144 -24.82 -30.74 44.84
CA VAL C 144 -24.22 -31.50 45.93
C VAL C 144 -24.67 -32.95 45.74
N ASP C 145 -23.71 -33.82 45.38
CA ASP C 145 -24.00 -35.24 45.15
C ASP C 145 -24.75 -35.86 46.31
N THR C 146 -24.30 -35.59 47.53
CA THR C 146 -24.98 -35.92 48.79
C THR C 146 -24.97 -37.40 49.13
N ALA C 147 -24.56 -38.26 48.18
CA ALA C 147 -24.98 -39.66 48.17
C ALA C 147 -26.50 -39.79 48.08
N THR C 148 -27.14 -38.83 47.42
CA THR C 148 -28.59 -38.87 47.21
C THR C 148 -28.86 -38.51 45.76
N PRO C 149 -29.07 -39.50 44.89
CA PRO C 149 -29.42 -39.19 43.49
C PRO C 149 -30.62 -38.27 43.34
N ALA C 150 -31.59 -38.40 44.24
CA ALA C 150 -32.81 -37.60 44.15
C ALA C 150 -32.53 -36.11 44.21
N ASN C 151 -31.46 -35.71 44.90
CA ASN C 151 -31.12 -34.31 45.08
C ASN C 151 -29.75 -34.04 44.46
N GLN C 152 -29.72 -33.87 43.13
CA GLN C 152 -28.47 -33.53 42.45
C GLN C 152 -28.59 -32.48 41.35
N LYS C 153 -29.70 -32.37 40.62
CA LYS C 153 -29.77 -31.45 39.49
C LYS C 153 -28.59 -31.63 38.53
N ASN C 154 -28.28 -32.90 38.19
CA ASN C 154 -27.08 -33.23 37.41
C ASN C 154 -26.93 -32.33 36.20
N LEU C 155 -25.79 -31.63 36.13
CA LEU C 155 -25.57 -30.67 35.05
C LEU C 155 -25.26 -31.45 33.78
N VAL C 156 -26.32 -32.05 33.22
CA VAL C 156 -26.21 -32.85 32.02
C VAL C 156 -25.99 -31.93 30.83
N PHE C 157 -25.16 -32.37 29.86
CA PHE C 157 -25.05 -31.75 28.53
C PHE C 157 -25.23 -32.84 27.47
N GLN C 158 -26.42 -32.91 26.88
CA GLN C 158 -26.66 -33.74 25.69
C GLN C 158 -26.00 -33.06 24.52
N ILE C 159 -24.98 -33.71 23.96
CA ILE C 159 -24.28 -33.22 22.81
C ILE C 159 -24.47 -34.14 21.60
N GLY C 160 -24.23 -35.43 21.77
CA GLY C 160 -24.20 -36.31 20.62
C GLY C 160 -25.56 -36.40 19.96
N ALA C 161 -25.54 -36.44 18.62
CA ALA C 161 -26.77 -36.59 17.86
C ALA C 161 -27.46 -37.91 18.17
N ASN C 162 -26.72 -38.88 18.69
CA ASN C 162 -27.27 -40.16 19.10
C ASN C 162 -27.69 -40.11 20.55
N ALA C 163 -28.63 -40.98 20.90
CA ALA C 163 -29.20 -40.99 22.23
C ALA C 163 -28.18 -41.36 23.29
N THR C 164 -28.38 -40.83 24.50
CA THR C 164 -27.58 -41.06 25.71
C THR C 164 -26.23 -40.36 25.66
N GLN C 165 -25.87 -39.72 24.56
CA GLN C 165 -24.55 -39.12 24.43
C GLN C 165 -24.48 -37.84 25.24
N GLN C 166 -24.41 -37.98 26.56
CA GLN C 166 -24.52 -36.87 27.48
C GLN C 166 -23.28 -36.74 28.34
N ILE C 167 -23.07 -35.51 28.79
CA ILE C 167 -21.97 -35.18 29.69
C ILE C 167 -22.53 -34.81 31.05
N SER C 168 -21.95 -35.37 32.10
CA SER C 168 -22.38 -35.15 33.49
C SER C 168 -21.37 -34.23 34.17
N VAL C 169 -21.83 -33.07 34.64
CA VAL C 169 -20.98 -32.07 35.26
C VAL C 169 -21.51 -31.76 36.65
N ASN C 170 -20.60 -31.29 37.52
CA ASN C 170 -20.93 -31.00 38.91
C ASN C 170 -20.58 -29.58 39.31
N ILE C 171 -21.57 -28.90 39.90
CA ILE C 171 -21.44 -27.61 40.55
C ILE C 171 -21.56 -27.88 42.05
N GLU C 172 -20.62 -27.38 42.87
CA GLU C 172 -20.83 -27.38 44.31
C GLU C 172 -20.28 -26.17 45.07
N ASP C 173 -19.70 -25.19 44.40
CA ASP C 173 -18.99 -24.13 45.12
C ASP C 173 -19.94 -22.97 45.45
N MET C 174 -19.57 -22.24 46.50
CA MET C 174 -20.28 -21.05 46.95
C MET C 174 -19.46 -20.44 48.08
N GLY C 175 -19.89 -19.27 48.53
CA GLY C 175 -19.20 -18.58 49.62
C GLY C 175 -19.14 -19.39 50.89
N ALA C 176 -20.21 -20.11 51.21
CA ALA C 176 -20.22 -20.95 52.41
C ALA C 176 -19.47 -22.27 52.22
N ASP C 177 -18.90 -22.51 51.04
CA ASP C 177 -18.21 -23.75 50.73
C ASP C 177 -16.70 -23.53 50.80
N ALA C 178 -16.09 -23.81 51.96
CA ALA C 178 -14.68 -23.49 52.16
C ALA C 178 -13.77 -24.67 52.49
N LEU C 179 -13.85 -25.20 53.71
CA LEU C 179 -13.17 -26.46 54.04
C LEU C 179 -14.27 -27.51 54.08
N GLY C 180 -14.43 -28.19 52.95
CA GLY C 180 -15.40 -29.25 52.86
C GLY C 180 -14.86 -30.48 53.53
N ILE C 181 -14.82 -30.48 54.86
CA ILE C 181 -14.41 -31.68 55.59
C ILE C 181 -15.22 -32.87 55.12
N LYS C 182 -16.54 -32.73 55.16
CA LYS C 182 -17.52 -33.60 54.52
C LYS C 182 -18.65 -32.74 53.98
N GLU C 183 -19.04 -31.80 54.83
CA GLU C 183 -19.99 -30.72 54.62
C GLU C 183 -19.44 -29.55 55.42
N ALA C 184 -20.26 -28.54 55.64
CA ALA C 184 -19.86 -27.47 56.55
C ALA C 184 -19.80 -28.01 57.97
N ASP C 185 -18.66 -27.84 58.62
CA ASP C 185 -18.52 -28.33 59.98
C ASP C 185 -19.35 -27.48 60.93
N GLY C 186 -19.02 -26.19 61.00
CA GLY C 186 -19.71 -25.28 61.89
C GLY C 186 -19.05 -23.92 61.86
N SER C 187 -18.74 -23.38 63.03
CA SER C 187 -18.00 -22.13 63.10
C SER C 187 -16.68 -22.26 62.35
N ILE C 188 -16.09 -23.44 62.35
CA ILE C 188 -14.92 -23.73 61.57
C ILE C 188 -15.34 -24.38 60.27
N ALA C 189 -14.40 -24.46 59.34
CA ALA C 189 -14.44 -25.22 58.10
C ALA C 189 -15.36 -24.68 57.01
N ALA C 190 -16.38 -23.91 57.38
CA ALA C 190 -17.17 -23.16 56.43
C ALA C 190 -17.38 -21.72 56.87
N LEU C 191 -17.79 -21.53 58.12
CA LEU C 191 -18.23 -20.22 58.57
C LEU C 191 -17.08 -19.29 58.87
N HIS C 192 -15.84 -19.77 58.89
CA HIS C 192 -14.78 -18.78 58.84
C HIS C 192 -14.79 -18.07 57.50
N SER C 193 -15.19 -18.78 56.45
CA SER C 193 -15.36 -18.11 55.17
C SER C 193 -16.55 -17.17 55.22
N VAL C 194 -17.59 -17.55 55.95
CA VAL C 194 -18.78 -16.72 56.04
C VAL C 194 -18.62 -15.70 57.16
N ASN C 195 -18.47 -16.18 58.39
CA ASN C 195 -18.54 -15.30 59.55
C ASN C 195 -17.19 -14.70 59.93
N ASP C 196 -16.08 -15.30 59.48
CA ASP C 196 -14.76 -14.72 59.77
C ASP C 196 -14.43 -14.67 61.25
N LEU C 197 -14.11 -15.83 61.83
CA LEU C 197 -13.84 -15.96 63.27
C LEU C 197 -12.84 -14.98 63.86
N ASP C 198 -12.00 -14.31 63.06
CA ASP C 198 -10.98 -13.39 63.59
C ASP C 198 -11.63 -12.07 63.92
N VAL C 199 -12.19 -11.99 65.14
CA VAL C 199 -12.85 -10.77 65.60
C VAL C 199 -12.10 -10.18 66.78
N THR C 200 -12.26 -10.83 67.94
CA THR C 200 -11.43 -10.65 69.12
C THR C 200 -11.08 -11.99 69.74
N LYS C 201 -11.85 -13.04 69.44
CA LYS C 201 -11.49 -14.39 69.80
C LYS C 201 -10.07 -14.72 69.36
N PHE C 202 -9.63 -14.14 68.24
CA PHE C 202 -8.25 -14.36 67.82
C PHE C 202 -7.28 -13.77 68.83
N ALA C 203 -7.53 -12.54 69.27
CA ALA C 203 -6.62 -11.92 70.22
C ALA C 203 -6.55 -12.72 71.51
N ASP C 204 -7.65 -13.38 71.87
CA ASP C 204 -7.66 -14.24 73.05
C ASP C 204 -6.71 -15.42 72.86
N ASN C 205 -6.85 -16.13 71.73
CA ASN C 205 -6.03 -17.32 71.44
C ASN C 205 -5.50 -17.18 70.02
N ALA C 206 -4.38 -16.48 69.88
CA ALA C 206 -3.79 -16.33 68.57
C ALA C 206 -3.28 -17.65 68.00
N ALA C 207 -2.86 -18.58 68.86
CA ALA C 207 -2.44 -19.92 68.44
C ALA C 207 -2.98 -21.05 69.31
N ASP C 208 -3.26 -20.73 70.57
CA ASP C 208 -3.41 -21.67 71.67
C ASP C 208 -4.39 -22.83 71.51
N CYS C 209 -5.38 -22.75 70.60
CA CYS C 209 -6.43 -23.75 70.58
C CYS C 209 -6.81 -24.24 69.19
N ALA C 210 -6.16 -23.78 68.14
CA ALA C 210 -6.36 -24.15 66.74
C ALA C 210 -7.70 -23.68 66.16
N ASP C 211 -8.77 -23.74 66.95
CA ASP C 211 -10.11 -23.33 66.56
C ASP C 211 -10.14 -21.87 66.16
N ILE C 212 -9.51 -21.03 66.99
CA ILE C 212 -9.13 -19.69 66.56
C ILE C 212 -7.62 -19.49 66.53
N GLY C 213 -6.83 -20.50 66.90
CA GLY C 213 -5.40 -20.24 66.98
C GLY C 213 -4.68 -20.08 65.65
N PHE C 214 -5.22 -19.28 64.73
CA PHE C 214 -4.67 -18.93 63.40
C PHE C 214 -4.56 -20.09 62.42
N ASP C 215 -4.32 -21.28 62.97
CA ASP C 215 -4.17 -22.52 62.25
C ASP C 215 -5.44 -22.87 61.51
N ALA C 216 -6.54 -23.06 62.24
CA ALA C 216 -7.78 -23.51 61.61
C ALA C 216 -8.22 -22.52 60.56
N GLN C 217 -8.12 -21.23 60.86
CA GLN C 217 -8.59 -20.21 59.93
C GLN C 217 -7.82 -20.28 58.64
N LEU C 218 -6.49 -20.31 58.75
CA LEU C 218 -5.68 -20.39 57.55
C LEU C 218 -5.97 -21.67 56.80
N LYS C 219 -6.30 -22.74 57.52
CA LYS C 219 -6.66 -23.99 56.85
C LYS C 219 -7.99 -23.87 56.14
N VAL C 220 -8.94 -23.12 56.70
CA VAL C 220 -10.20 -22.90 56.00
C VAL C 220 -9.92 -22.18 54.69
N VAL C 221 -9.10 -21.15 54.75
CA VAL C 221 -8.81 -20.38 53.55
C VAL C 221 -8.10 -21.26 52.54
N ASP C 222 -7.10 -22.01 53.01
CA ASP C 222 -6.32 -22.85 52.12
C ASP C 222 -7.19 -23.88 51.43
N GLU C 223 -8.07 -24.51 52.21
CA GLU C 223 -8.92 -25.53 51.60
C GLU C 223 -9.97 -24.91 50.72
N ALA C 224 -10.53 -23.76 51.12
CA ALA C 224 -11.46 -23.04 50.26
C ALA C 224 -10.84 -22.80 48.90
N ILE C 225 -9.60 -22.32 48.91
CA ILE C 225 -8.87 -22.14 47.68
C ILE C 225 -8.71 -23.46 46.95
N ASN C 226 -8.36 -24.51 47.68
CA ASN C 226 -8.13 -25.80 47.04
C ASN C 226 -9.41 -26.33 46.41
N GLN C 227 -10.55 -26.02 47.02
CA GLN C 227 -11.83 -26.42 46.47
C GLN C 227 -12.16 -25.60 45.23
N VAL C 228 -11.79 -24.32 45.22
CA VAL C 228 -11.90 -23.54 44.00
C VAL C 228 -11.00 -24.12 42.93
N SER C 229 -9.79 -24.48 43.30
CA SER C 229 -8.82 -25.04 42.36
C SER C 229 -9.37 -26.30 41.71
N SER C 230 -9.93 -27.18 42.53
CA SER C 230 -10.44 -28.44 42.01
C SER C 230 -11.75 -28.23 41.25
N GLN C 231 -12.55 -27.27 41.69
CA GLN C 231 -13.77 -26.95 40.97
C GLN C 231 -13.43 -26.44 39.57
N ARG C 232 -12.47 -25.52 39.51
CA ARG C 232 -12.00 -25.02 38.24
C ARG C 232 -11.28 -26.10 37.46
N ALA C 233 -10.70 -27.08 38.15
CA ALA C 233 -10.05 -28.19 37.48
C ALA C 233 -11.05 -29.05 36.75
N LYS C 234 -12.13 -29.41 37.42
CA LYS C 234 -13.22 -30.12 36.76
C LYS C 234 -13.77 -29.30 35.62
N LEU C 235 -14.01 -28.02 35.91
CA LEU C 235 -14.61 -27.11 34.96
C LEU C 235 -13.80 -27.04 33.68
N GLY C 236 -12.48 -26.89 33.84
CA GLY C 236 -11.60 -26.82 32.67
C GLY C 236 -11.40 -28.15 32.02
N ALA C 237 -11.51 -29.23 32.78
CA ALA C 237 -11.49 -30.55 32.19
C ALA C 237 -12.62 -30.66 31.18
N VAL C 238 -13.81 -30.26 31.59
CA VAL C 238 -14.96 -30.28 30.69
C VAL C 238 -14.75 -29.31 29.55
N GLN C 239 -14.11 -28.17 29.82
CA GLN C 239 -13.80 -27.25 28.74
C GLN C 239 -12.98 -27.94 27.66
N ASN C 240 -11.94 -28.64 28.06
CA ASN C 240 -11.12 -29.35 27.10
C ASN C 240 -11.94 -30.40 26.38
N ARG C 241 -12.81 -31.09 27.12
CA ARG C 241 -13.68 -32.07 26.50
C ARG C 241 -14.49 -31.47 25.38
N LEU C 242 -15.09 -30.32 25.63
CA LEU C 242 -15.93 -29.73 24.62
C LEU C 242 -15.11 -29.16 23.48
N GLU C 243 -13.87 -28.76 23.76
CA GLU C 243 -12.97 -28.40 22.67
C GLU C 243 -12.81 -29.57 21.71
N HIS C 244 -12.41 -30.72 22.25
CA HIS C 244 -12.15 -31.88 21.39
C HIS C 244 -13.43 -32.42 20.81
N THR C 245 -14.52 -32.31 21.56
CA THR C 245 -15.83 -32.66 21.05
C THR C 245 -16.11 -31.87 19.80
N ILE C 246 -16.02 -30.54 19.89
CA ILE C 246 -16.33 -29.68 18.75
C ILE C 246 -15.43 -30.01 17.58
N ASN C 247 -14.15 -30.27 17.85
CA ASN C 247 -13.27 -30.61 16.76
C ASN C 247 -13.75 -31.89 16.07
N ASN C 248 -14.22 -32.86 16.87
CA ASN C 248 -14.81 -34.06 16.29
C ASN C 248 -16.09 -33.74 15.54
N LEU C 249 -16.95 -32.92 16.13
CA LEU C 249 -18.22 -32.59 15.52
C LEU C 249 -18.02 -31.89 14.19
N SER C 250 -16.98 -31.08 14.12
CA SER C 250 -16.66 -30.36 12.90
C SER C 250 -16.14 -31.30 11.83
N ALA C 251 -15.14 -32.11 12.18
CA ALA C 251 -14.56 -33.02 11.19
C ALA C 251 -15.58 -34.06 10.76
N SER C 252 -16.22 -34.69 11.74
CA SER C 252 -17.21 -35.72 11.48
C SER C 252 -18.38 -35.14 10.72
N GLY C 253 -18.82 -33.95 11.09
CA GLY C 253 -19.89 -33.30 10.37
C GLY C 253 -19.54 -33.08 8.93
N GLU C 254 -18.33 -32.59 8.68
CA GLU C 254 -17.86 -32.42 7.32
C GLU C 254 -17.90 -33.73 6.55
N ASN C 255 -17.24 -34.75 7.09
CA ASN C 255 -17.20 -36.05 6.42
C ASN C 255 -18.61 -36.58 6.17
N LEU C 256 -19.54 -36.24 7.06
CA LEU C 256 -20.89 -36.72 6.94
C LEU C 256 -21.66 -36.00 5.85
N THR C 257 -21.51 -34.67 5.78
CA THR C 257 -22.14 -33.94 4.68
C THR C 257 -21.54 -34.34 3.36
N ALA C 258 -20.26 -34.71 3.36
CA ALA C 258 -19.66 -35.26 2.17
C ALA C 258 -20.26 -36.61 1.82
N ALA C 259 -20.52 -37.44 2.83
CA ALA C 259 -21.15 -38.74 2.60
C ALA C 259 -22.52 -38.55 1.95
N GLU C 260 -23.33 -37.67 2.54
CA GLU C 260 -24.61 -37.33 1.93
C GLU C 260 -24.40 -36.86 0.50
N SER C 261 -23.45 -35.96 0.33
CA SER C 261 -23.19 -35.39 -0.99
C SER C 261 -22.88 -36.49 -1.99
N ARG C 262 -22.20 -37.55 -1.55
CA ARG C 262 -21.97 -38.68 -2.41
C ARG C 262 -23.29 -39.36 -2.77
N ILE C 263 -24.19 -39.47 -1.80
CA ILE C 263 -25.49 -40.04 -2.13
C ILE C 263 -26.20 -39.15 -3.13
N ARG C 264 -26.26 -37.85 -2.85
CA ARG C 264 -26.91 -36.89 -3.74
C ARG C 264 -25.97 -36.30 -4.78
N ASP C 265 -24.80 -36.92 -4.99
CA ASP C 265 -23.83 -36.43 -5.96
C ASP C 265 -24.48 -36.29 -7.32
N VAL C 266 -24.66 -35.06 -7.77
CA VAL C 266 -25.02 -34.80 -9.16
C VAL C 266 -23.74 -34.55 -9.93
N ASP C 267 -23.47 -35.41 -10.90
CA ASP C 267 -22.47 -35.09 -11.91
C ASP C 267 -23.15 -34.10 -12.85
N MET C 268 -23.11 -32.83 -12.45
CA MET C 268 -23.84 -31.80 -13.17
C MET C 268 -23.44 -31.76 -14.63
N ALA C 269 -22.18 -32.02 -14.92
CA ALA C 269 -21.74 -32.06 -16.31
C ALA C 269 -22.39 -33.23 -17.03
N LYS C 270 -22.39 -34.42 -16.41
CA LYS C 270 -23.08 -35.56 -16.98
C LYS C 270 -24.54 -35.23 -17.25
N GLU C 271 -25.19 -34.64 -16.27
CA GLU C 271 -26.63 -34.49 -16.34
C GLU C 271 -27.03 -33.42 -17.34
N MET C 272 -26.21 -32.38 -17.48
CA MET C 272 -26.43 -31.44 -18.57
C MET C 272 -26.21 -32.11 -19.91
N SER C 273 -25.17 -32.94 -20.00
CA SER C 273 -24.89 -33.64 -21.25
C SER C 273 -26.03 -34.58 -21.62
N GLU C 274 -26.45 -35.39 -20.67
CA GLU C 274 -27.54 -36.33 -20.91
C GLU C 274 -28.82 -35.59 -21.21
N PHE C 275 -29.03 -34.46 -20.53
CA PHE C 275 -30.16 -33.61 -20.85
C PHE C 275 -30.15 -33.21 -22.31
N THR C 276 -29.02 -32.66 -22.74
CA THR C 276 -28.82 -32.27 -24.12
C THR C 276 -29.19 -33.42 -25.06
N LYS C 277 -28.61 -34.58 -24.80
CA LYS C 277 -28.85 -35.74 -25.63
C LYS C 277 -30.33 -36.04 -25.72
N ASN C 278 -31.00 -36.06 -24.58
CA ASN C 278 -32.41 -36.42 -24.60
C ASN C 278 -33.27 -35.40 -25.34
N ASN C 279 -32.86 -34.13 -25.31
CA ASN C 279 -33.53 -33.15 -26.16
C ASN C 279 -33.38 -33.52 -27.61
N ILE C 280 -32.13 -33.74 -28.01
CA ILE C 280 -31.81 -34.12 -29.38
C ILE C 280 -32.66 -35.30 -29.81
N LEU C 281 -32.70 -36.31 -28.95
CA LEU C 281 -33.37 -37.56 -29.29
C LEU C 281 -34.86 -37.36 -29.41
N SER C 282 -35.44 -36.57 -28.51
CA SER C 282 -36.86 -36.26 -28.61
C SER C 282 -37.15 -35.59 -29.94
N GLN C 283 -36.37 -34.55 -30.27
CA GLN C 283 -36.63 -33.79 -31.48
C GLN C 283 -36.50 -34.65 -32.72
N ALA C 284 -35.45 -35.47 -32.75
CA ALA C 284 -35.23 -36.38 -33.87
C ALA C 284 -36.41 -37.31 -34.04
N SER C 285 -36.84 -37.90 -32.94
CA SER C 285 -37.96 -38.85 -33.00
C SER C 285 -39.21 -38.16 -33.50
N GLN C 286 -39.45 -36.92 -33.09
CA GLN C 286 -40.63 -36.23 -33.58
C GLN C 286 -40.54 -35.94 -35.06
N ALA C 287 -39.35 -35.57 -35.54
CA ALA C 287 -39.17 -35.40 -36.98
C ALA C 287 -39.52 -36.69 -37.71
N MET C 288 -39.11 -37.81 -37.15
CA MET C 288 -39.46 -39.07 -37.77
C MET C 288 -40.95 -39.34 -37.69
N LEU C 289 -41.62 -38.89 -36.63
CA LEU C 289 -43.07 -39.07 -36.58
C LEU C 289 -43.75 -38.26 -37.66
N ALA C 290 -43.25 -37.05 -37.91
CA ALA C 290 -43.73 -36.29 -39.05
C ALA C 290 -43.57 -37.09 -40.32
N GLN C 291 -42.39 -37.64 -40.53
CA GLN C 291 -42.14 -38.44 -41.74
C GLN C 291 -43.08 -39.63 -41.82
N ALA C 292 -43.37 -40.26 -40.68
CA ALA C 292 -44.33 -41.34 -40.65
C ALA C 292 -45.70 -40.87 -41.09
N ASN C 293 -46.01 -39.61 -40.83
CA ASN C 293 -47.25 -39.05 -41.33
C ASN C 293 -47.13 -38.58 -42.78
N GLN C 294 -45.91 -38.38 -43.29
CA GLN C 294 -45.74 -37.91 -44.66
C GLN C 294 -45.85 -39.07 -45.65
N GLN C 295 -45.19 -40.18 -45.35
CA GLN C 295 -45.20 -41.33 -46.26
C GLN C 295 -46.60 -41.75 -46.71
N PRO C 296 -47.57 -41.99 -45.83
CA PRO C 296 -48.89 -42.40 -46.31
C PRO C 296 -49.61 -41.34 -47.13
N GLN C 297 -49.20 -40.07 -47.07
CA GLN C 297 -49.78 -39.07 -47.95
C GLN C 297 -49.25 -39.24 -49.36
N ASN C 298 -47.94 -39.45 -49.46
CA ASN C 298 -47.34 -39.81 -50.73
C ASN C 298 -48.06 -41.02 -51.30
N VAL C 299 -48.33 -42.01 -50.45
CA VAL C 299 -49.09 -43.18 -50.87
C VAL C 299 -50.45 -42.77 -51.39
N LEU C 300 -51.12 -41.87 -50.67
CA LEU C 300 -52.46 -41.47 -51.07
C LEU C 300 -52.47 -40.94 -52.49
N GLN C 301 -51.57 -39.99 -52.77
CA GLN C 301 -51.51 -39.45 -54.12
C GLN C 301 -51.15 -40.53 -55.12
N LEU C 302 -50.12 -41.30 -54.82
CA LEU C 302 -49.57 -42.24 -55.78
C LEU C 302 -50.57 -43.34 -56.12
N LEU C 303 -51.44 -43.69 -55.18
CA LEU C 303 -52.48 -44.69 -55.39
C LEU C 303 -53.85 -44.06 -55.51
N ARG C 304 -53.93 -42.84 -56.01
CA ARG C 304 -55.19 -42.23 -56.30
C ARG C 304 -55.57 -42.51 -57.74
N ILE D 3 -44.04 0.14 -57.44
CA ILE D 3 -42.87 1.07 -57.62
C ILE D 3 -41.65 0.60 -56.85
N ASN D 4 -41.46 -0.71 -56.79
CA ASN D 4 -40.44 -1.31 -55.94
C ASN D 4 -39.07 -0.72 -56.20
N HIS D 5 -38.71 -0.54 -57.47
CA HIS D 5 -37.40 -0.04 -57.83
C HIS D 5 -37.17 1.43 -57.47
N ASN D 6 -38.18 2.13 -57.00
CA ASN D 6 -38.06 3.53 -56.64
C ASN D 6 -37.99 3.78 -55.14
N ILE D 7 -38.20 2.75 -54.31
CA ILE D 7 -38.28 2.92 -52.86
C ILE D 7 -36.98 2.45 -52.26
N ALA D 8 -36.33 3.33 -51.52
CA ALA D 8 -35.16 2.98 -50.74
C ALA D 8 -35.16 3.69 -49.40
N ALA D 9 -36.25 4.35 -49.03
CA ALA D 9 -36.29 5.19 -47.85
C ALA D 9 -35.16 6.20 -47.88
N LEU D 10 -35.06 6.91 -48.99
CA LEU D 10 -33.91 7.74 -49.23
C LEU D 10 -33.77 8.83 -48.17
N ASN D 11 -34.87 9.22 -47.53
CA ASN D 11 -34.73 10.13 -46.40
C ASN D 11 -34.00 9.44 -45.27
N THR D 12 -34.24 8.14 -45.08
CA THR D 12 -33.46 7.40 -44.10
C THR D 12 -32.00 7.41 -44.50
N LEU D 13 -31.72 7.28 -45.80
CA LEU D 13 -30.34 7.26 -46.26
C LEU D 13 -29.67 8.59 -45.99
N ASN D 14 -30.40 9.67 -46.21
CA ASN D 14 -29.89 10.99 -45.91
C ASN D 14 -29.62 11.14 -44.42
N ARG D 15 -30.52 10.64 -43.58
CA ARG D 15 -30.25 10.63 -42.16
C ARG D 15 -29.03 9.80 -41.85
N LEU D 16 -28.80 8.77 -42.65
CA LEU D 16 -27.66 7.93 -42.38
C LEU D 16 -26.36 8.68 -42.59
N SER D 17 -26.25 9.31 -43.75
CA SER D 17 -25.08 10.13 -44.02
C SER D 17 -24.87 11.17 -42.93
N SER D 18 -25.96 11.83 -42.55
CA SER D 18 -25.90 12.84 -41.51
C SER D 18 -25.37 12.26 -40.21
N ASN D 19 -25.92 11.11 -39.81
CA ASN D 19 -25.57 10.52 -38.52
C ASN D 19 -24.12 10.05 -38.52
N ASN D 20 -23.66 9.50 -39.64
CA ASN D 20 -22.28 9.05 -39.70
C ASN D 20 -21.33 10.21 -39.56
N SER D 21 -21.61 11.31 -40.27
CA SER D 21 -20.77 12.48 -40.11
C SER D 21 -20.87 13.02 -38.69
N ALA D 22 -22.05 12.95 -38.09
CA ALA D 22 -22.24 13.47 -36.74
C ALA D 22 -21.37 12.74 -35.74
N SER D 23 -21.50 11.41 -35.70
CA SER D 23 -20.68 10.62 -34.78
C SER D 23 -19.20 10.82 -35.08
N GLN D 24 -18.85 10.94 -36.36
CA GLN D 24 -17.47 11.22 -36.74
C GLN D 24 -16.97 12.49 -36.07
N LYS D 25 -17.76 13.56 -36.17
CA LYS D 25 -17.37 14.83 -35.58
C LYS D 25 -17.19 14.70 -34.09
N ASN D 26 -18.13 14.00 -33.45
CA ASN D 26 -18.01 13.75 -32.02
C ASN D 26 -16.67 13.12 -31.69
N MET D 27 -16.30 12.05 -32.40
CA MET D 27 -15.00 11.40 -32.16
C MET D 27 -13.86 12.39 -32.29
N GLU D 28 -13.84 13.06 -33.43
CA GLU D 28 -12.74 13.95 -33.76
C GLU D 28 -12.51 14.96 -32.65
N LYS D 29 -13.59 15.48 -32.10
CA LYS D 29 -13.45 16.39 -30.98
C LYS D 29 -13.01 15.64 -29.73
N LEU D 30 -13.59 14.46 -29.50
CA LEU D 30 -13.24 13.66 -28.33
C LEU D 30 -11.78 13.25 -28.40
N SER D 31 -11.36 12.71 -29.53
CA SER D 31 -10.00 12.24 -29.69
C SER D 31 -9.01 13.36 -29.53
N SER D 32 -9.27 14.49 -30.20
CA SER D 32 -8.36 15.61 -30.13
C SER D 32 -8.52 16.41 -28.85
N GLY D 33 -9.64 16.23 -28.16
CA GLY D 33 -9.89 17.06 -26.99
C GLY D 33 -10.18 18.50 -27.37
N LEU D 34 -10.74 18.70 -28.56
CA LEU D 34 -10.93 20.03 -29.13
C LEU D 34 -12.41 20.20 -29.41
N ARG D 35 -13.04 21.15 -28.72
CA ARG D 35 -14.35 21.59 -29.18
C ARG D 35 -14.21 22.47 -30.40
N ILE D 36 -13.09 23.16 -30.51
CA ILE D 36 -12.83 23.96 -31.69
C ILE D 36 -12.82 23.08 -32.91
N ASN D 37 -13.12 23.69 -34.04
CA ASN D 37 -13.07 22.99 -35.32
C ASN D 37 -11.69 23.15 -35.93
N ARG D 38 -11.32 22.16 -36.75
CA ARG D 38 -10.23 22.39 -37.68
C ARG D 38 -10.66 23.38 -38.74
N ALA D 39 -11.90 23.25 -39.20
CA ALA D 39 -12.47 24.14 -40.19
C ALA D 39 -12.74 25.50 -39.58
N GLY D 40 -12.85 26.51 -40.45
CA GLY D 40 -13.11 27.88 -40.06
C GLY D 40 -14.46 28.14 -39.45
N ASP D 41 -15.29 27.11 -39.28
CA ASP D 41 -16.56 27.28 -38.60
C ASP D 41 -16.31 27.82 -37.20
N ASP D 42 -16.82 29.03 -36.95
CA ASP D 42 -16.45 29.85 -35.80
C ASP D 42 -14.97 30.26 -35.86
N ALA D 43 -14.57 30.78 -37.02
CA ALA D 43 -13.23 31.33 -37.15
C ALA D 43 -13.00 32.50 -36.21
N ALA D 44 -14.07 33.14 -35.73
CA ALA D 44 -13.91 34.12 -34.67
C ALA D 44 -13.25 33.50 -33.45
N GLY D 45 -13.95 32.54 -32.83
CA GLY D 45 -13.39 31.89 -31.65
C GLY D 45 -12.06 31.23 -31.92
N LEU D 46 -11.89 30.68 -33.11
CA LEU D 46 -10.60 30.08 -33.47
C LEU D 46 -9.51 31.12 -33.43
N ALA D 47 -9.65 32.16 -34.25
CA ALA D 47 -8.64 33.20 -34.34
C ALA D 47 -8.36 33.82 -32.98
N ILE D 48 -9.38 33.89 -32.13
CA ILE D 48 -9.13 34.32 -30.77
C ILE D 48 -8.17 33.36 -30.10
N SER D 49 -8.52 32.07 -30.05
CA SER D 49 -7.69 31.11 -29.33
C SER D 49 -6.29 31.03 -29.92
N GLU D 50 -6.19 31.27 -31.22
CA GLU D 50 -4.89 31.40 -31.87
C GLU D 50 -4.11 32.54 -31.23
N LYS D 51 -4.75 33.70 -31.13
CA LYS D 51 -4.10 34.84 -30.51
C LYS D 51 -3.79 34.57 -29.04
N MET D 52 -4.71 33.89 -28.37
CA MET D 52 -4.50 33.50 -26.99
C MET D 52 -3.23 32.72 -26.87
N ARG D 53 -3.12 31.61 -27.62
CA ARG D 53 -1.95 30.75 -27.54
C ARG D 53 -0.68 31.49 -27.90
N GLY D 54 -0.78 32.40 -28.86
CA GLY D 54 0.36 33.25 -29.15
C GLY D 54 0.81 33.99 -27.91
N GLN D 55 -0.15 34.57 -27.18
CA GLN D 55 0.21 35.26 -25.96
C GLN D 55 0.62 34.29 -24.85
N ILE D 56 -0.06 33.15 -24.71
CA ILE D 56 0.29 32.16 -23.70
C ILE D 56 1.74 31.77 -23.83
N ARG D 57 2.09 31.27 -25.02
CA ARG D 57 3.44 30.85 -25.30
C ARG D 57 4.41 32.01 -25.09
N GLY D 58 3.99 33.21 -25.47
CA GLY D 58 4.81 34.37 -25.20
C GLY D 58 4.98 34.65 -23.72
N LEU D 59 4.00 34.24 -22.91
CA LEU D 59 4.11 34.43 -21.46
C LEU D 59 5.00 33.36 -20.85
N GLU D 60 4.99 32.16 -21.43
CA GLU D 60 5.91 31.13 -20.98
C GLU D 60 7.34 31.56 -21.24
N MET D 61 7.61 32.04 -22.45
CA MET D 61 8.93 32.56 -22.75
C MET D 61 9.20 33.86 -22.01
N ALA D 62 8.13 34.57 -21.62
CA ALA D 62 8.31 35.77 -20.80
C ALA D 62 8.80 35.39 -19.42
N SER D 63 8.17 34.40 -18.82
CA SER D 63 8.61 33.90 -17.53
C SER D 63 10.04 33.44 -17.61
N LYS D 64 10.35 32.69 -18.67
CA LYS D 64 11.72 32.27 -18.93
C LYS D 64 12.66 33.47 -18.94
N ASN D 65 12.34 34.48 -19.75
CA ASN D 65 13.23 35.63 -19.89
C ASN D 65 13.38 36.37 -18.58
N SER D 66 12.31 36.45 -17.80
CA SER D 66 12.37 37.19 -16.55
C SER D 66 13.19 36.44 -15.52
N GLN D 67 13.03 35.12 -15.46
CA GLN D 67 13.86 34.31 -14.59
C GLN D 67 15.32 34.46 -14.96
N ASP D 68 15.59 34.50 -16.26
CA ASP D 68 16.94 34.73 -16.74
C ASP D 68 17.43 36.10 -16.30
N GLY D 69 16.55 37.10 -16.39
CA GLY D 69 16.84 38.41 -15.78
C GLY D 69 17.29 38.26 -14.35
N ILE D 70 16.54 37.49 -13.57
CA ILE D 70 16.86 37.30 -12.17
C ILE D 70 18.22 36.66 -12.01
N SER D 71 18.53 35.70 -12.86
CA SER D 71 19.81 35.04 -12.76
C SER D 71 20.95 36.03 -12.96
N LEU D 72 20.81 36.89 -13.97
CA LEU D 72 21.77 37.96 -14.17
C LEU D 72 21.87 38.84 -12.92
N ILE D 73 20.71 39.24 -12.41
CA ILE D 73 20.65 40.14 -11.26
C ILE D 73 21.43 39.54 -10.12
N GLN D 74 21.04 38.35 -9.69
CA GLN D 74 21.63 37.74 -8.51
C GLN D 74 23.12 37.47 -8.70
N THR D 75 23.54 37.20 -9.93
CA THR D 75 24.96 37.11 -10.20
C THR D 75 25.65 38.40 -9.83
N ALA D 76 25.23 39.49 -10.46
CA ALA D 76 25.85 40.78 -10.20
C ALA D 76 25.69 41.18 -8.74
N GLU D 77 24.54 40.84 -8.17
CA GLU D 77 24.21 41.14 -6.78
C GLU D 77 25.24 40.54 -5.85
N GLY D 78 25.43 39.22 -5.94
CA GLY D 78 26.37 38.57 -5.05
C GLY D 78 27.77 39.10 -5.26
N ALA D 79 28.11 39.40 -6.51
CA ALA D 79 29.42 39.97 -6.79
C ALA D 79 29.59 41.32 -6.10
N LEU D 80 28.56 42.16 -6.14
CA LEU D 80 28.64 43.47 -5.50
C LEU D 80 28.61 43.35 -4.00
N THR D 81 27.96 42.32 -3.47
CA THR D 81 28.01 42.06 -2.05
C THR D 81 29.44 41.77 -1.62
N GLU D 82 30.14 40.93 -2.40
CA GLU D 82 31.52 40.64 -2.07
C GLU D 82 32.39 41.88 -2.22
N THR D 83 32.16 42.66 -3.29
CA THR D 83 32.86 43.92 -3.48
C THR D 83 32.71 44.77 -2.24
N HIS D 84 31.47 44.87 -1.78
CA HIS D 84 31.16 45.67 -0.62
C HIS D 84 31.93 45.18 0.60
N ALA D 85 31.93 43.88 0.81
CA ALA D 85 32.66 43.32 1.94
C ALA D 85 34.13 43.70 1.88
N ILE D 86 34.70 43.65 0.67
CA ILE D 86 36.06 44.13 0.49
C ILE D 86 36.15 45.57 0.95
N LEU D 87 35.23 46.41 0.49
CA LEU D 87 35.29 47.83 0.81
C LEU D 87 35.20 48.07 2.31
N GLN D 88 34.50 47.21 3.03
CA GLN D 88 34.56 47.26 4.48
C GLN D 88 35.98 47.03 4.95
N ARG D 89 36.63 46.00 4.41
CA ARG D 89 38.02 45.78 4.79
C ARG D 89 38.87 46.97 4.41
N VAL D 90 38.59 47.57 3.26
CA VAL D 90 39.35 48.72 2.83
C VAL D 90 39.27 49.80 3.87
N ARG D 91 38.05 50.14 4.31
CA ARG D 91 37.93 51.21 5.29
C ARG D 91 38.62 50.85 6.59
N GLU D 92 38.61 49.58 6.97
CA GLU D 92 39.44 49.17 8.10
C GLU D 92 40.88 49.59 7.85
N LEU D 93 41.34 49.34 6.63
CA LEU D 93 42.70 49.68 6.28
C LEU D 93 42.88 51.17 6.06
N VAL D 94 41.79 51.92 5.87
CA VAL D 94 41.90 53.37 5.81
C VAL D 94 42.11 53.91 7.21
N VAL D 95 41.34 53.40 8.16
CA VAL D 95 41.46 53.89 9.52
C VAL D 95 42.82 53.51 10.10
N GLN D 96 43.30 52.31 9.77
CA GLN D 96 44.68 52.00 10.07
C GLN D 96 45.61 52.89 9.26
N ALA D 97 45.23 53.21 8.03
CA ALA D 97 45.99 54.11 7.18
C ALA D 97 45.71 55.56 7.48
N GLY D 98 45.12 55.81 8.64
CA GLY D 98 45.45 56.98 9.38
C GLY D 98 46.82 56.94 10.01
N ASN D 99 47.63 55.90 9.70
CA ASN D 99 49.03 55.81 10.10
C ASN D 99 49.12 55.53 11.60
N THR D 100 47.98 55.15 12.18
CA THR D 100 47.76 55.30 13.61
C THR D 100 48.28 56.67 14.02
N GLY D 101 47.82 57.68 13.28
CA GLY D 101 48.34 59.00 13.49
C GLY D 101 49.66 59.24 12.79
N THR D 102 50.74 59.09 13.55
CA THR D 102 52.09 59.03 12.99
C THR D 102 52.82 57.75 13.39
N GLN D 103 52.18 56.89 14.20
CA GLN D 103 52.91 55.80 14.83
C GLN D 103 53.39 54.78 13.82
N ASP D 104 52.58 54.49 12.81
CA ASP D 104 53.06 53.60 11.78
C ASP D 104 54.16 54.32 11.00
N LYS D 105 55.09 53.56 10.45
CA LYS D 105 56.16 54.11 9.64
C LYS D 105 55.83 53.94 8.16
N ALA D 106 56.72 54.44 7.32
CA ALA D 106 56.49 54.38 5.88
C ALA D 106 56.37 52.95 5.39
N THR D 107 57.21 52.06 5.93
CA THR D 107 57.11 50.65 5.57
C THR D 107 55.79 50.06 6.01
N ASP D 108 55.31 50.46 7.18
CA ASP D 108 54.01 49.96 7.64
C ASP D 108 52.91 50.38 6.68
N LEU D 109 52.93 51.65 6.28
CA LEU D 109 51.98 52.12 5.28
C LEU D 109 52.13 51.39 3.96
N GLN D 110 53.35 50.97 3.64
CA GLN D 110 53.56 50.21 2.41
C GLN D 110 53.04 48.79 2.55
N SER D 111 53.18 48.20 3.73
CA SER D 111 52.60 46.90 3.98
C SER D 111 51.09 46.96 3.82
N ILE D 112 50.48 47.97 4.43
CA ILE D 112 49.06 48.21 4.27
C ILE D 112 48.73 48.39 2.80
N GLN D 113 49.49 49.23 2.13
CA GLN D 113 49.21 49.55 0.74
C GLN D 113 49.35 48.34 -0.15
N ASP D 114 50.28 47.46 0.18
CA ASP D 114 50.37 46.18 -0.52
C ASP D 114 49.08 45.42 -0.35
N GLY D 115 48.57 45.37 0.88
CA GLY D 115 47.29 44.73 1.11
C GLY D 115 46.16 45.39 0.34
N ILE D 116 46.17 46.72 0.27
CA ILE D 116 45.06 47.40 -0.38
C ILE D 116 45.14 47.21 -1.88
N SER D 117 46.32 47.33 -2.46
CA SER D 117 46.46 47.14 -3.90
C SER D 117 46.10 45.71 -4.26
N ALA D 118 46.40 44.78 -3.36
CA ALA D 118 45.91 43.42 -3.51
C ALA D 118 44.38 43.40 -3.53
N LEU D 119 43.75 44.16 -2.62
CA LEU D 119 42.30 44.22 -2.61
C LEU D 119 41.76 44.86 -3.86
N THR D 120 42.43 45.90 -4.36
CA THR D 120 42.06 46.50 -5.62
C THR D 120 42.06 45.45 -6.71
N ASP D 121 43.13 44.67 -6.78
CA ASP D 121 43.23 43.63 -7.78
C ASP D 121 42.09 42.63 -7.64
N GLU D 122 41.62 42.44 -6.42
CA GLU D 122 40.45 41.56 -6.23
C GLU D 122 39.17 42.24 -6.68
N ILE D 123 39.02 43.53 -6.40
CA ILE D 123 37.82 44.24 -6.84
C ILE D 123 37.76 44.24 -8.36
N ASP D 124 38.88 44.60 -8.97
CA ASP D 124 39.00 44.53 -10.42
C ASP D 124 38.72 43.11 -10.90
N GLY D 125 39.15 42.12 -10.13
CA GLY D 125 38.85 40.75 -10.49
C GLY D 125 37.37 40.47 -10.45
N ILE D 126 36.68 41.00 -9.44
CA ILE D 126 35.22 40.88 -9.42
C ILE D 126 34.64 41.49 -10.66
N SER D 127 34.95 42.76 -10.90
CA SER D 127 34.31 43.50 -11.97
C SER D 127 34.73 43.00 -13.35
N ASN D 128 35.81 42.22 -13.43
CA ASN D 128 36.32 41.68 -14.70
C ASN D 128 36.22 40.16 -14.76
N ARG D 129 35.51 39.54 -13.82
CA ARG D 129 35.23 38.10 -13.88
C ARG D 129 33.73 37.86 -13.83
N THR D 130 32.99 38.80 -13.25
CA THR D 130 31.55 38.65 -13.20
C THR D 130 30.99 38.80 -14.60
N GLU D 131 30.83 37.66 -15.27
CA GLU D 131 30.25 37.58 -16.59
C GLU D 131 28.93 36.83 -16.53
N PHE D 132 28.01 37.19 -17.43
CA PHE D 132 26.86 36.35 -17.74
C PHE D 132 26.83 36.12 -19.23
N ASN D 133 27.04 34.88 -19.62
CA ASN D 133 27.07 34.52 -21.03
C ASN D 133 28.12 35.35 -21.73
N GLY D 134 29.26 35.50 -21.06
CA GLY D 134 30.36 36.30 -21.54
C GLY D 134 30.23 37.77 -21.27
N LYS D 135 29.01 38.26 -21.11
CA LYS D 135 28.78 39.67 -20.88
C LYS D 135 29.32 40.04 -19.51
N LYS D 136 30.38 40.81 -19.49
CA LYS D 136 30.99 41.20 -18.23
C LYS D 136 30.00 42.10 -17.52
N LEU D 137 29.22 41.51 -16.63
CA LEU D 137 28.10 42.18 -16.02
C LEU D 137 28.52 43.33 -15.13
N LEU D 138 29.74 43.31 -14.64
CA LEU D 138 30.31 44.42 -13.89
C LEU D 138 31.38 45.14 -14.67
N ASP D 139 31.25 45.13 -16.00
CA ASP D 139 32.00 46.05 -16.82
C ASP D 139 31.49 47.45 -16.51
N GLY D 140 32.30 48.23 -15.80
CA GLY D 140 31.88 49.57 -15.44
C GLY D 140 31.61 50.46 -16.63
N THR D 141 32.12 50.10 -17.80
CA THR D 141 31.85 50.81 -19.04
C THR D 141 30.75 50.16 -19.86
N TYR D 142 30.00 49.21 -19.29
CA TYR D 142 28.92 48.58 -20.03
C TYR D 142 27.87 49.61 -20.44
N LYS D 143 27.20 50.21 -19.44
CA LYS D 143 26.15 51.19 -19.69
C LYS D 143 26.45 52.47 -18.91
N VAL D 144 27.59 53.07 -19.19
CA VAL D 144 27.76 54.47 -18.80
C VAL D 144 26.87 55.28 -19.73
N ASP D 145 25.81 55.86 -19.16
CA ASP D 145 24.85 56.66 -19.92
C ASP D 145 25.54 57.72 -20.77
N THR D 146 26.49 58.44 -20.16
CA THR D 146 27.41 59.36 -20.83
C THR D 146 26.75 60.65 -21.30
N ALA D 147 25.42 60.72 -21.28
CA ALA D 147 24.67 61.64 -22.15
C ALA D 147 24.95 61.35 -23.62
N THR D 148 25.22 60.08 -23.95
CA THR D 148 25.45 59.66 -25.34
C THR D 148 24.66 58.38 -25.56
N PRO D 149 23.48 58.47 -26.17
CA PRO D 149 22.73 57.23 -26.49
C PRO D 149 23.51 56.23 -27.29
N ALA D 150 24.37 56.72 -28.19
CA ALA D 150 25.12 55.83 -29.07
C ALA D 150 26.00 54.85 -28.29
N ASN D 151 26.45 55.26 -27.10
CA ASN D 151 27.35 54.44 -26.29
C ASN D 151 26.67 54.14 -24.97
N GLN D 152 25.78 53.13 -24.96
CA GLN D 152 25.14 52.70 -23.72
C GLN D 152 24.98 51.18 -23.56
N LYS D 153 24.83 50.39 -24.61
CA LYS D 153 24.56 48.96 -24.44
C LYS D 153 23.41 48.71 -23.47
N ASN D 154 22.30 49.45 -23.63
CA ASN D 154 21.19 49.43 -22.68
C ASN D 154 20.79 48.00 -22.31
N LEU D 155 20.84 47.69 -21.01
CA LEU D 155 20.57 46.33 -20.56
C LEU D 155 19.06 46.11 -20.62
N VAL D 156 18.58 45.94 -21.86
CA VAL D 156 17.17 45.74 -22.12
C VAL D 156 16.78 44.34 -21.68
N PHE D 157 15.57 44.18 -21.13
CA PHE D 157 14.93 42.87 -20.90
C PHE D 157 13.53 42.92 -21.51
N GLN D 158 13.37 42.32 -22.70
CA GLN D 158 12.05 42.07 -23.29
C GLN D 158 11.40 40.94 -22.52
N ILE D 159 10.32 41.25 -21.84
CA ILE D 159 9.56 40.28 -21.09
C ILE D 159 8.17 40.10 -21.67
N GLY D 160 7.43 41.18 -21.86
CA GLY D 160 6.04 41.05 -22.22
C GLY D 160 5.87 40.39 -23.58
N ALA D 161 4.84 39.53 -23.66
CA ALA D 161 4.53 38.87 -24.93
C ALA D 161 4.16 39.87 -25.99
N ASN D 162 3.74 41.07 -25.61
CA ASN D 162 3.41 42.14 -26.52
C ASN D 162 4.65 42.99 -26.80
N ALA D 163 4.64 43.64 -27.96
CA ALA D 163 5.78 44.41 -28.40
C ALA D 163 6.05 45.61 -27.50
N THR D 164 7.33 45.99 -27.42
CA THR D 164 7.87 47.12 -26.66
C THR D 164 7.87 46.88 -25.16
N GLN D 165 7.35 45.75 -24.68
CA GLN D 165 7.25 45.53 -23.25
C GLN D 165 8.61 45.16 -22.69
N GLN D 166 9.48 46.16 -22.57
CA GLN D 166 10.88 45.95 -22.23
C GLN D 166 11.25 46.69 -20.96
N ILE D 167 12.28 46.16 -20.31
CA ILE D 167 12.84 46.75 -19.11
C ILE D 167 14.23 47.27 -19.41
N SER D 168 14.50 48.50 -18.98
CA SER D 168 15.79 49.17 -19.21
C SER D 168 16.57 49.20 -17.90
N VAL D 169 17.76 48.58 -17.91
CA VAL D 169 18.60 48.46 -16.71
C VAL D 169 19.96 49.05 -17.00
N ASN D 170 20.64 49.47 -15.94
CA ASN D 170 21.93 50.13 -16.04
C ASN D 170 23.00 49.45 -15.20
N ILE D 171 24.12 49.15 -15.86
CA ILE D 171 25.36 48.69 -15.24
C ILE D 171 26.35 49.84 -15.35
N GLU D 172 26.99 50.23 -14.23
CA GLU D 172 28.14 51.15 -14.33
C GLU D 172 29.27 50.90 -13.34
N ASP D 173 29.21 49.89 -12.51
CA ASP D 173 30.19 49.76 -11.44
C ASP D 173 31.41 48.95 -11.90
N MET D 174 32.53 49.20 -11.23
CA MET D 174 33.79 48.49 -11.45
C MET D 174 34.77 48.99 -10.41
N GLY D 175 35.95 48.36 -10.38
CA GLY D 175 36.97 48.75 -9.41
C GLY D 175 37.41 50.18 -9.55
N ALA D 176 37.50 50.68 -10.77
CA ALA D 176 37.88 52.07 -10.98
C ALA D 176 36.73 53.04 -10.74
N ASP D 177 35.55 52.57 -10.37
CA ASP D 177 34.37 53.39 -10.18
C ASP D 177 34.14 53.60 -8.68
N ALA D 178 34.67 54.70 -8.12
CA ALA D 178 34.60 54.90 -6.68
C ALA D 178 33.88 56.16 -6.21
N LEU D 179 34.50 57.33 -6.37
CA LEU D 179 33.78 58.59 -6.16
C LEU D 179 33.47 59.14 -7.54
N GLY D 180 32.27 58.84 -8.00
CA GLY D 180 31.82 59.33 -9.28
C GLY D 180 31.42 60.77 -9.15
N ILE D 181 32.40 61.67 -9.02
CA ILE D 181 32.09 63.09 -8.98
C ILE D 181 31.25 63.46 -10.19
N LYS D 182 31.72 63.11 -11.38
CA LYS D 182 30.99 63.10 -12.63
C LYS D 182 31.43 61.88 -13.44
N GLU D 183 32.74 61.70 -13.42
CA GLU D 183 33.51 60.59 -13.96
C GLU D 183 34.66 60.40 -12.98
N ALA D 184 35.69 59.64 -13.39
CA ALA D 184 36.89 59.57 -12.58
C ALA D 184 37.59 60.92 -12.62
N ASP D 185 37.86 61.47 -11.44
CA ASP D 185 38.53 62.76 -11.38
C ASP D 185 39.99 62.61 -11.80
N GLY D 186 40.74 61.81 -11.06
CA GLY D 186 42.15 61.61 -11.32
C GLY D 186 42.76 60.75 -10.24
N SER D 187 43.88 61.21 -9.67
CA SER D 187 44.48 60.51 -8.55
C SER D 187 43.49 60.38 -7.41
N ILE D 188 42.60 61.35 -7.26
CA ILE D 188 41.51 61.28 -6.31
C ILE D 188 40.26 60.80 -7.03
N ALA D 189 39.27 60.43 -6.24
CA ALA D 189 37.90 60.14 -6.63
C ALA D 189 37.68 58.84 -7.37
N ALA D 190 38.71 58.32 -8.04
CA ALA D 190 38.68 56.98 -8.59
C ALA D 190 39.93 56.19 -8.26
N LEU D 191 41.09 56.81 -8.50
CA LEU D 191 42.35 56.07 -8.44
C LEU D 191 42.83 55.86 -7.01
N HIS D 192 42.20 56.48 -6.02
CA HIS D 192 42.47 55.97 -4.69
C HIS D 192 41.90 54.56 -4.55
N SER D 193 40.80 54.28 -5.24
CA SER D 193 40.31 52.91 -5.26
C SER D 193 41.25 52.02 -6.04
N VAL D 194 41.85 52.56 -7.10
CA VAL D 194 42.75 51.77 -7.93
C VAL D 194 44.16 51.82 -7.35
N ASN D 195 44.74 53.02 -7.29
CA ASN D 195 46.15 53.15 -6.96
C ASN D 195 46.42 53.25 -5.46
N ASP D 196 45.43 53.62 -4.66
CA ASP D 196 45.61 53.68 -3.21
C ASP D 196 46.66 54.70 -2.78
N LEU D 197 46.30 55.98 -2.83
CA LEU D 197 47.21 57.09 -2.53
C LEU D 197 47.97 56.99 -1.20
N ASP D 198 47.55 56.16 -0.26
CA ASP D 198 48.21 56.07 1.05
C ASP D 198 49.45 55.21 0.93
N VAL D 199 50.55 55.84 0.52
CA VAL D 199 51.82 55.14 0.34
C VAL D 199 52.85 55.67 1.33
N THR D 200 53.36 56.86 1.06
CA THR D 200 54.12 57.70 1.96
C THR D 200 53.66 59.14 1.87
N LYS D 201 53.01 59.53 0.78
CA LYS D 201 52.36 60.81 0.67
C LYS D 201 51.45 61.06 1.87
N PHE D 202 50.83 60.00 2.39
CA PHE D 202 50.01 60.16 3.57
C PHE D 202 50.84 60.61 4.76
N ALA D 203 51.99 59.97 4.98
CA ALA D 203 52.81 60.36 6.12
C ALA D 203 53.27 61.80 5.99
N ASP D 204 53.44 62.28 4.77
CA ASP D 204 53.79 63.68 4.55
C ASP D 204 52.68 64.60 5.02
N ASN D 205 51.44 64.34 4.57
CA ASN D 205 50.27 65.15 4.90
C ASN D 205 49.15 64.22 5.35
N ALA D 206 49.16 63.86 6.63
CA ALA D 206 48.11 63.00 7.14
C ALA D 206 46.75 63.68 7.12
N ALA D 207 46.70 65.01 7.26
CA ALA D 207 45.45 65.77 7.17
C ALA D 207 45.57 67.04 6.33
N ASP D 208 46.77 67.59 6.27
CA ASP D 208 47.06 68.97 5.89
C ASP D 208 46.51 69.49 4.55
N CYS D 209 46.16 68.61 3.59
CA CYS D 209 45.83 69.10 2.26
C CYS D 209 44.60 68.45 1.63
N ALA D 210 43.92 67.54 2.34
CA ALA D 210 42.71 66.83 1.92
C ALA D 210 42.94 65.84 0.78
N ASP D 211 43.79 66.17 -0.18
CA ASP D 211 44.12 65.34 -1.32
C ASP D 211 44.73 64.03 -0.88
N ILE D 212 45.67 64.11 0.06
CA ILE D 212 46.08 62.95 0.85
C ILE D 212 45.74 63.11 2.32
N GLY D 213 45.19 64.24 2.74
CA GLY D 213 45.00 64.41 4.18
C GLY D 213 43.93 63.56 4.82
N PHE D 214 43.87 62.25 4.52
CA PHE D 214 42.94 61.25 5.06
C PHE D 214 41.47 61.44 4.69
N ASP D 215 41.09 62.71 4.55
CA ASP D 215 39.76 63.14 4.20
C ASP D 215 39.35 62.63 2.85
N ALA D 216 40.09 63.04 1.80
CA ALA D 216 39.69 62.67 0.46
C ALA D 216 39.64 61.16 0.30
N GLN D 217 40.62 60.47 0.86
CA GLN D 217 40.69 59.02 0.70
C GLN D 217 39.46 58.37 1.31
N LEU D 218 39.16 58.74 2.55
CA LEU D 218 37.99 58.17 3.20
C LEU D 218 36.73 58.53 2.43
N LYS D 219 36.71 59.70 1.81
CA LYS D 219 35.56 60.07 1.01
C LYS D 219 35.46 59.23 -0.26
N VAL D 220 36.61 58.87 -0.86
CA VAL D 220 36.57 57.98 -2.01
C VAL D 220 35.96 56.66 -1.59
N VAL D 221 36.41 56.13 -0.46
CA VAL D 221 35.89 54.84 -0.02
C VAL D 221 34.41 54.95 0.28
N ASP D 222 34.02 56.00 0.99
CA ASP D 222 32.63 56.17 1.38
C ASP D 222 31.75 56.28 0.15
N GLU D 223 32.18 57.06 -0.84
CA GLU D 223 31.34 57.20 -2.02
C GLU D 223 31.36 55.94 -2.85
N ALA D 224 32.51 55.28 -2.96
CA ALA D 224 32.58 53.99 -3.65
C ALA D 224 31.54 53.05 -3.08
N ILE D 225 31.49 52.97 -1.75
CA ILE D 225 30.48 52.17 -1.08
C ILE D 225 29.09 52.67 -1.44
N ASN D 226 28.90 53.98 -1.42
CA ASN D 226 27.58 54.53 -1.70
C ASN D 226 27.13 54.21 -3.12
N GLN D 227 28.09 54.16 -4.04
CA GLN D 227 27.80 53.81 -5.42
C GLN D 227 27.48 52.32 -5.54
N VAL D 228 28.14 51.49 -4.75
CA VAL D 228 27.75 50.08 -4.67
C VAL D 228 26.35 49.98 -4.11
N SER D 229 26.07 50.74 -3.06
CA SER D 229 24.76 50.73 -2.42
C SER D 229 23.67 51.08 -3.40
N SER D 230 23.88 52.13 -4.17
CA SER D 230 22.87 52.57 -5.12
C SER D 230 22.80 51.64 -6.33
N GLN D 231 23.94 51.08 -6.73
CA GLN D 231 23.93 50.11 -7.81
C GLN D 231 23.12 48.90 -7.41
N ARG D 232 23.36 48.40 -6.20
CA ARG D 232 22.59 47.29 -5.68
C ARG D 232 21.15 47.70 -5.44
N ALA D 233 20.92 48.98 -5.18
CA ALA D 233 19.55 49.47 -4.99
C ALA D 233 18.76 49.38 -6.28
N LYS D 234 19.34 49.86 -7.37
CA LYS D 234 18.73 49.70 -8.68
C LYS D 234 18.54 48.24 -8.99
N LEU D 235 19.60 47.46 -8.75
CA LEU D 235 19.62 46.06 -9.07
C LEU D 235 18.48 45.33 -8.37
N GLY D 236 18.32 45.59 -7.08
CA GLY D 236 17.25 44.95 -6.32
C GLY D 236 15.90 45.51 -6.63
N ALA D 237 15.84 46.77 -7.05
CA ALA D 237 14.58 47.32 -7.52
C ALA D 237 14.09 46.49 -8.70
N VAL D 238 14.98 46.22 -9.65
CA VAL D 238 14.60 45.40 -10.79
C VAL D 238 14.29 43.98 -10.34
N GLN D 239 15.01 43.49 -9.33
CA GLN D 239 14.69 42.18 -8.79
C GLN D 239 13.24 42.11 -8.35
N ASN D 240 12.82 43.11 -7.59
CA ASN D 240 11.43 43.15 -7.13
C ASN D 240 10.48 43.25 -8.31
N ARG D 241 10.87 44.04 -9.31
CA ARG D 241 10.05 44.16 -10.51
C ARG D 241 9.81 42.81 -11.14
N LEU D 242 10.86 42.03 -11.28
CA LEU D 242 10.71 40.75 -11.94
C LEU D 242 9.97 39.77 -11.06
N GLU D 243 10.08 39.93 -9.74
CA GLU D 243 9.24 39.13 -8.85
C GLU D 243 7.77 39.37 -9.16
N HIS D 244 7.36 40.63 -9.14
CA HIS D 244 5.95 40.94 -9.35
C HIS D 244 5.54 40.68 -10.79
N THR D 245 6.47 40.87 -11.71
CA THR D 245 6.23 40.50 -13.10
C THR D 245 5.87 39.04 -13.18
N ILE D 246 6.73 38.16 -12.64
CA ILE D 246 6.49 36.73 -12.72
C ILE D 246 5.17 36.37 -12.06
N ASN D 247 4.87 37.01 -10.94
CA ASN D 247 3.59 36.72 -10.31
C ASN D 247 2.43 37.07 -11.25
N ASN D 248 2.57 38.19 -11.96
CA ASN D 248 1.57 38.55 -12.96
C ASN D 248 1.57 37.54 -14.11
N LEU D 249 2.75 37.17 -14.58
CA LEU D 249 2.85 36.26 -15.72
C LEU D 249 2.23 34.92 -15.38
N SER D 250 2.38 34.51 -14.13
CA SER D 250 1.83 33.25 -13.67
C SER D 250 0.32 33.32 -13.59
N ALA D 251 -0.20 34.33 -12.89
CA ALA D 251 -1.64 34.46 -12.73
C ALA D 251 -2.32 34.70 -14.08
N SER D 252 -1.79 35.66 -14.82
CA SER D 252 -2.34 36.01 -16.13
C SER D 252 -2.23 34.85 -17.08
N GLY D 253 -1.10 34.16 -17.05
CA GLY D 253 -0.94 32.99 -17.89
C GLY D 253 -1.98 31.94 -17.58
N GLU D 254 -2.20 31.68 -16.30
CA GLU D 254 -3.23 30.75 -15.89
C GLU D 254 -4.59 31.16 -16.43
N ASN D 255 -5.00 32.40 -16.14
CA ASN D 255 -6.30 32.89 -16.59
C ASN D 255 -6.41 32.79 -18.10
N LEU D 256 -5.29 32.95 -18.79
CA LEU D 256 -5.28 32.93 -20.24
C LEU D 256 -5.45 31.53 -20.78
N THR D 257 -4.74 30.56 -20.20
CA THR D 257 -4.92 29.18 -20.61
C THR D 257 -6.32 28.71 -20.28
N ALA D 258 -6.90 29.26 -19.21
CA ALA D 258 -8.30 28.97 -18.92
C ALA D 258 -9.20 29.58 -19.97
N ALA D 259 -8.88 30.79 -20.42
CA ALA D 259 -9.67 31.42 -21.48
C ALA D 259 -9.67 30.57 -22.74
N GLU D 260 -8.46 30.17 -23.16
CA GLU D 260 -8.34 29.25 -24.28
C GLU D 260 -9.17 28.01 -24.02
N SER D 261 -9.03 27.45 -22.83
CA SER D 261 -9.73 26.23 -22.49
C SER D 261 -11.23 26.40 -22.64
N ARG D 262 -11.73 27.59 -22.34
CA ARG D 262 -13.13 27.87 -22.58
C ARG D 262 -13.44 27.85 -24.06
N ILE D 263 -12.54 28.38 -24.89
CA ILE D 263 -12.77 28.29 -26.33
C ILE D 263 -12.77 26.84 -26.76
N ARG D 264 -11.75 26.08 -26.35
CA ARG D 264 -11.64 24.68 -26.68
C ARG D 264 -12.33 23.77 -25.68
N ASP D 265 -13.17 24.30 -24.80
CA ASP D 265 -13.88 23.51 -23.80
C ASP D 265 -14.62 22.37 -24.46
N VAL D 266 -14.16 21.15 -24.24
CA VAL D 266 -14.92 19.96 -24.58
C VAL D 266 -15.70 19.54 -23.36
N ASP D 267 -17.03 19.56 -23.46
CA ASP D 267 -17.86 18.88 -22.49
C ASP D 267 -17.77 17.41 -22.86
N MET D 268 -16.71 16.77 -22.35
CA MET D 268 -16.41 15.39 -22.74
C MET D 268 -17.58 14.47 -22.46
N ALA D 269 -18.31 14.74 -21.37
CA ALA D 269 -19.48 13.94 -21.09
C ALA D 269 -20.56 14.16 -22.14
N LYS D 270 -20.81 15.42 -22.49
CA LYS D 270 -21.74 15.71 -23.58
C LYS D 270 -21.34 14.99 -24.85
N GLU D 271 -20.06 15.09 -25.19
CA GLU D 271 -19.63 14.62 -26.50
C GLU D 271 -19.60 13.11 -26.57
N MET D 272 -19.30 12.43 -25.46
CA MET D 272 -19.48 10.99 -25.41
C MET D 272 -20.95 10.63 -25.53
N SER D 273 -21.81 11.38 -24.85
CA SER D 273 -23.23 11.12 -24.92
C SER D 273 -23.77 11.30 -26.34
N GLU D 274 -23.44 12.43 -26.95
CA GLU D 274 -23.88 12.70 -28.29
C GLU D 274 -23.29 11.69 -29.27
N PHE D 275 -22.05 11.29 -29.02
CA PHE D 275 -21.45 10.24 -29.81
C PHE D 275 -22.29 8.98 -29.78
N THR D 276 -22.60 8.55 -28.56
CA THR D 276 -23.44 7.39 -28.34
C THR D 276 -24.73 7.51 -29.13
N LYS D 277 -25.41 8.63 -28.98
CA LYS D 277 -26.67 8.85 -29.66
C LYS D 277 -26.50 8.70 -31.16
N ASN D 278 -25.48 9.33 -31.72
CA ASN D 278 -25.32 9.28 -33.16
C ASN D 278 -25.00 7.88 -33.65
N ASN D 279 -24.32 7.07 -32.85
CA ASN D 279 -24.16 5.66 -33.19
C ASN D 279 -25.52 4.99 -33.27
N ILE D 280 -26.30 5.15 -32.21
CA ILE D 280 -27.64 4.57 -32.14
C ILE D 280 -28.43 4.96 -33.38
N LEU D 281 -28.41 6.24 -33.69
CA LEU D 281 -29.23 6.77 -34.77
C LEU D 281 -28.78 6.23 -36.12
N SER D 282 -27.47 6.14 -36.31
CA SER D 282 -26.96 5.54 -37.55
C SER D 282 -27.45 4.12 -37.68
N GLN D 283 -27.27 3.33 -36.63
CA GLN D 283 -27.65 1.91 -36.69
C GLN D 283 -29.13 1.74 -36.94
N ALA D 284 -29.95 2.52 -36.25
CA ALA D 284 -31.39 2.47 -36.44
C ALA D 284 -31.76 2.78 -37.88
N SER D 285 -31.18 3.85 -38.41
CA SER D 285 -31.49 4.25 -39.77
C SER D 285 -31.09 3.16 -40.76
N GLN D 286 -29.97 2.50 -40.52
CA GLN D 286 -29.58 1.42 -41.43
C GLN D 286 -30.53 0.24 -41.35
N ALA D 287 -30.99 -0.08 -40.14
CA ALA D 287 -32.01 -1.12 -40.02
C ALA D 287 -33.23 -0.77 -40.83
N MET D 288 -33.62 0.50 -40.80
CA MET D 288 -34.75 0.91 -41.59
C MET D 288 -34.44 0.85 -43.08
N LEU D 289 -33.19 1.08 -43.48
CA LEU D 289 -32.85 0.94 -44.90
C LEU D 289 -32.97 -0.51 -45.34
N ALA D 290 -32.57 -1.43 -44.47
CA ALA D 290 -32.81 -2.83 -44.73
C ALA D 290 -34.29 -3.08 -44.95
N GLN D 291 -35.11 -2.57 -44.05
CA GLN D 291 -36.56 -2.75 -44.18
C GLN D 291 -37.08 -2.16 -45.47
N ALA D 292 -36.54 -1.00 -45.88
CA ALA D 292 -36.91 -0.41 -47.15
C ALA D 292 -36.56 -1.33 -48.30
N ASN D 293 -35.52 -2.12 -48.14
CA ASN D 293 -35.20 -3.13 -49.15
C ASN D 293 -36.03 -4.40 -48.97
N GLN D 294 -36.63 -4.62 -47.80
CA GLN D 294 -37.41 -5.83 -47.58
C GLN D 294 -38.81 -5.70 -48.15
N GLN D 295 -39.46 -4.56 -47.88
CA GLN D 295 -40.82 -4.34 -48.36
C GLN D 295 -41.03 -4.63 -49.84
N PRO D 296 -40.24 -4.09 -50.77
CA PRO D 296 -40.49 -4.39 -52.18
C PRO D 296 -40.26 -5.85 -52.54
N GLN D 297 -39.54 -6.62 -51.73
CA GLN D 297 -39.42 -8.05 -51.98
C GLN D 297 -40.72 -8.76 -51.65
N ASN D 298 -41.29 -8.41 -50.50
CA ASN D 298 -42.63 -8.85 -50.15
C ASN D 298 -43.58 -8.53 -51.29
N VAL D 299 -43.48 -7.31 -51.82
CA VAL D 299 -44.29 -6.91 -52.95
C VAL D 299 -44.04 -7.84 -54.13
N LEU D 300 -42.78 -8.14 -54.41
CA LEU D 300 -42.46 -8.99 -55.55
C LEU D 300 -43.18 -10.30 -55.46
N GLN D 301 -43.07 -10.98 -54.31
CA GLN D 301 -43.75 -12.26 -54.17
C GLN D 301 -45.26 -12.07 -54.29
N LEU D 302 -45.80 -11.10 -53.55
CA LEU D 302 -47.23 -10.96 -53.43
C LEU D 302 -47.88 -10.61 -54.77
N LEU D 303 -47.15 -9.91 -55.64
CA LEU D 303 -47.62 -9.56 -56.97
C LEU D 303 -46.94 -10.37 -58.05
N ARG D 304 -46.55 -11.59 -57.73
CA ARG D 304 -46.05 -12.49 -58.73
C ARG D 304 -47.18 -13.34 -59.29
N ILE E 3 -71.40 -30.36 -46.33
CA ILE E 3 -71.71 -29.20 -45.43
C ILE E 3 -70.53 -28.25 -45.31
N ASN E 4 -69.80 -28.08 -46.42
CA ASN E 4 -68.56 -27.33 -46.41
C ASN E 4 -68.71 -25.94 -45.81
N HIS E 5 -69.79 -25.25 -46.18
CA HIS E 5 -70.01 -23.89 -45.71
C HIS E 5 -70.34 -23.78 -44.23
N ASN E 6 -70.52 -24.90 -43.55
CA ASN E 6 -70.86 -24.88 -42.13
C ASN E 6 -69.69 -25.25 -41.22
N ILE E 7 -68.56 -25.69 -41.78
CA ILE E 7 -67.43 -26.18 -40.98
C ILE E 7 -66.39 -25.09 -40.94
N ALA E 8 -66.03 -24.70 -39.73
CA ALA E 8 -64.90 -23.81 -39.53
C ALA E 8 -64.10 -24.19 -38.29
N ALA E 9 -64.38 -25.34 -37.70
CA ALA E 9 -63.79 -25.74 -36.43
C ALA E 9 -64.01 -24.63 -35.39
N LEU E 10 -65.27 -24.24 -35.27
CA LEU E 10 -65.57 -23.06 -34.47
C LEU E 10 -65.17 -23.24 -33.01
N ASN E 11 -65.09 -24.49 -32.54
CA ASN E 11 -64.53 -24.69 -31.21
C ASN E 11 -63.07 -24.30 -31.18
N THR E 12 -62.35 -24.58 -32.27
CA THR E 12 -60.98 -24.11 -32.37
C THR E 12 -60.96 -22.59 -32.34
N LEU E 13 -61.92 -21.95 -33.00
CA LEU E 13 -61.96 -20.51 -33.04
C LEU E 13 -62.20 -19.94 -31.65
N ASN E 14 -63.07 -20.60 -30.90
CA ASN E 14 -63.33 -20.20 -29.53
C ASN E 14 -62.08 -20.35 -28.68
N ARG E 15 -61.35 -21.47 -28.88
CA ARG E 15 -60.08 -21.62 -28.20
C ARG E 15 -59.13 -20.53 -28.61
N LEU E 16 -59.24 -20.07 -29.84
CA LEU E 16 -58.32 -19.05 -30.30
C LEU E 16 -58.55 -17.76 -29.55
N SER E 17 -59.80 -17.32 -29.51
CA SER E 17 -60.13 -16.12 -28.75
C SER E 17 -59.65 -16.25 -27.31
N SER E 18 -59.92 -17.41 -26.70
CA SER E 18 -59.50 -17.65 -25.33
C SER E 18 -58.00 -17.51 -25.18
N ASN E 19 -57.24 -18.14 -26.08
CA ASN E 19 -55.79 -18.17 -25.97
C ASN E 19 -55.21 -16.77 -26.17
N ASN E 20 -55.77 -16.02 -27.10
CA ASN E 20 -55.28 -14.67 -27.34
C ASN E 20 -55.48 -13.81 -26.11
N SER E 21 -56.66 -13.88 -25.51
CA SER E 21 -56.87 -13.14 -24.28
C SER E 21 -55.96 -13.64 -23.18
N ALA E 22 -55.72 -14.94 -23.14
CA ALA E 22 -54.87 -15.52 -22.09
C ALA E 22 -53.47 -14.96 -22.16
N SER E 23 -52.83 -15.09 -23.32
CA SER E 23 -51.47 -14.56 -23.48
C SER E 23 -51.46 -13.06 -23.23
N GLN E 24 -52.51 -12.36 -23.66
CA GLN E 24 -52.62 -10.93 -23.39
C GLN E 24 -52.53 -10.66 -21.90
N LYS E 25 -53.32 -11.39 -21.12
CA LYS E 25 -53.34 -11.19 -19.67
C LYS E 25 -51.97 -11.45 -19.09
N ASN E 26 -51.31 -12.52 -19.55
CA ASN E 26 -49.97 -12.82 -19.11
C ASN E 26 -49.06 -11.63 -19.31
N MET E 27 -49.06 -11.06 -20.53
CA MET E 27 -48.22 -9.89 -20.79
C MET E 27 -48.52 -8.76 -19.83
N GLU E 28 -49.79 -8.41 -19.73
CA GLU E 28 -50.22 -7.27 -18.95
C GLU E 28 -49.71 -7.38 -17.53
N LYS E 29 -49.77 -8.58 -16.97
CA LYS E 29 -49.22 -8.77 -15.64
C LYS E 29 -47.70 -8.70 -15.67
N LEU E 30 -47.08 -9.32 -16.70
CA LEU E 30 -45.64 -9.30 -16.82
C LEU E 30 -45.12 -7.89 -17.01
N SER E 31 -45.72 -7.15 -17.94
CA SER E 31 -45.30 -5.80 -18.23
C SER E 31 -45.45 -4.90 -17.01
N SER E 32 -46.60 -4.98 -16.37
CA SER E 32 -46.87 -4.14 -15.22
C SER E 32 -46.21 -4.66 -13.96
N GLY E 33 -45.82 -5.93 -13.95
CA GLY E 33 -45.29 -6.51 -12.73
C GLY E 33 -46.36 -6.69 -11.69
N LEU E 34 -47.60 -6.89 -12.13
CA LEU E 34 -48.76 -6.92 -11.25
C LEU E 34 -49.45 -8.25 -11.43
N ARG E 35 -49.48 -9.06 -10.38
CA ARG E 35 -50.39 -10.20 -10.39
C ARG E 35 -51.81 -9.72 -10.15
N ILE E 36 -51.95 -8.60 -9.42
CA ILE E 36 -53.26 -8.03 -9.22
C ILE E 36 -53.88 -7.67 -10.56
N ASN E 37 -55.19 -7.63 -10.58
CA ASN E 37 -55.92 -7.22 -11.76
C ASN E 37 -56.17 -5.73 -11.71
N ARG E 38 -56.30 -5.13 -12.88
CA ARG E 38 -56.93 -3.82 -12.95
C ARG E 38 -58.40 -3.93 -12.62
N ALA E 39 -59.03 -4.99 -13.13
CA ALA E 39 -60.43 -5.26 -12.87
C ALA E 39 -60.63 -5.70 -11.43
N GLY E 40 -61.87 -5.57 -10.97
CA GLY E 40 -62.26 -5.93 -9.62
C GLY E 40 -62.22 -7.41 -9.31
N ASP E 41 -61.79 -8.24 -10.26
CA ASP E 41 -61.60 -9.66 -9.98
C ASP E 41 -60.61 -9.82 -8.82
N ASP E 42 -61.11 -10.39 -7.72
CA ASP E 42 -60.42 -10.37 -6.43
C ASP E 42 -60.31 -8.95 -5.89
N ALA E 43 -61.44 -8.23 -5.90
CA ALA E 43 -61.48 -6.91 -5.28
C ALA E 43 -61.18 -6.97 -3.79
N ALA E 44 -61.34 -8.14 -3.16
CA ALA E 44 -60.88 -8.30 -1.79
C ALA E 44 -59.40 -8.01 -1.70
N GLY E 45 -58.58 -8.84 -2.36
CA GLY E 45 -57.14 -8.65 -2.32
C GLY E 45 -56.72 -7.29 -2.82
N LEU E 46 -57.43 -6.77 -3.83
CA LEU E 46 -57.12 -5.45 -4.34
C LEU E 46 -57.31 -4.42 -3.25
N ALA E 47 -58.54 -4.32 -2.73
CA ALA E 47 -58.86 -3.34 -1.70
C ALA E 47 -57.94 -3.47 -0.50
N ILE E 48 -57.51 -4.69 -0.20
CA ILE E 48 -56.49 -4.84 0.83
C ILE E 48 -55.24 -4.10 0.43
N SER E 49 -54.67 -4.44 -0.74
CA SER E 49 -53.40 -3.83 -1.13
C SER E 49 -53.52 -2.33 -1.27
N GLU E 50 -54.70 -1.86 -1.63
CA GLU E 50 -54.98 -0.44 -1.61
C GLU E 50 -54.79 0.12 -0.22
N LYS E 51 -55.42 -0.53 0.76
CA LYS E 51 -55.28 -0.09 2.13
C LYS E 51 -53.84 -0.22 2.60
N MET E 52 -53.17 -1.29 2.18
CA MET E 52 -51.77 -1.49 2.50
C MET E 52 -50.98 -0.28 2.04
N ARG E 53 -51.05 0.04 0.75
CA ARG E 53 -50.30 1.15 0.19
C ARG E 53 -50.64 2.45 0.86
N GLY E 54 -51.90 2.63 1.20
CA GLY E 54 -52.26 3.80 1.99
C GLY E 54 -51.45 3.87 3.27
N GLN E 55 -51.36 2.73 3.96
CA GLN E 55 -50.56 2.72 5.19
C GLN E 55 -49.07 2.80 4.90
N ILE E 56 -48.58 2.11 3.85
CA ILE E 56 -47.16 2.18 3.49
C ILE E 56 -46.74 3.61 3.29
N ARG E 57 -47.41 4.28 2.37
CA ARG E 57 -47.12 5.67 2.07
C ARG E 57 -47.24 6.52 3.31
N GLY E 58 -48.23 6.22 4.15
CA GLY E 58 -48.36 6.92 5.41
C GLY E 58 -47.20 6.66 6.35
N LEU E 59 -46.56 5.49 6.22
CA LEU E 59 -45.40 5.17 7.04
C LEU E 59 -44.16 5.86 6.51
N GLU E 60 -44.09 6.03 5.20
CA GLU E 60 -42.99 6.79 4.62
C GLU E 60 -43.05 8.23 5.10
N MET E 61 -44.24 8.83 5.00
CA MET E 61 -44.42 10.19 5.51
C MET E 61 -44.34 10.21 7.04
N ALA E 62 -44.60 9.08 7.68
CA ALA E 62 -44.45 9.00 9.12
C ALA E 62 -42.97 9.08 9.50
N SER E 63 -42.16 8.30 8.80
CA SER E 63 -40.72 8.37 9.02
C SER E 63 -40.22 9.76 8.77
N LYS E 64 -40.67 10.37 7.67
CA LYS E 64 -40.36 11.76 7.39
C LYS E 64 -40.71 12.65 8.57
N ASN E 65 -41.95 12.57 9.04
CA ASN E 65 -42.40 13.45 10.12
C ASN E 65 -41.60 13.22 11.39
N SER E 66 -41.24 11.98 11.66
CA SER E 66 -40.52 11.67 12.89
C SER E 66 -39.09 12.16 12.82
N GLN E 67 -38.46 12.00 11.66
CA GLN E 67 -37.13 12.55 11.46
C GLN E 67 -37.16 14.06 11.63
N ASP E 68 -38.21 14.68 11.12
CA ASP E 68 -38.38 16.12 11.30
C ASP E 68 -38.53 16.45 12.78
N GLY E 69 -39.31 15.63 13.49
CA GLY E 69 -39.35 15.71 14.95
C GLY E 69 -37.95 15.73 15.54
N ILE E 70 -37.12 14.80 15.10
CA ILE E 70 -35.77 14.70 15.61
C ILE E 70 -34.99 15.96 15.33
N SER E 71 -35.18 16.52 14.14
CA SER E 71 -34.46 17.73 13.79
C SER E 71 -34.82 18.86 14.74
N LEU E 72 -36.10 19.01 15.01
CA LEU E 72 -36.55 19.97 16.01
C LEU E 72 -35.90 19.70 17.34
N ILE E 73 -35.94 18.44 17.76
CA ILE E 73 -35.42 18.06 19.07
C ILE E 73 -33.97 18.48 19.19
N GLN E 74 -33.14 17.99 18.27
CA GLN E 74 -31.70 18.23 18.36
C GLN E 74 -31.37 19.70 18.25
N THR E 75 -32.18 20.46 17.50
CA THR E 75 -32.01 21.90 17.50
C THR E 75 -32.13 22.45 18.92
N ALA E 76 -33.29 22.21 19.53
CA ALA E 76 -33.53 22.73 20.87
C ALA E 76 -32.53 22.14 21.86
N GLU E 77 -32.18 20.88 21.65
CA GLU E 77 -31.23 20.18 22.50
C GLU E 77 -29.89 20.89 22.53
N GLY E 78 -29.30 21.11 21.36
CA GLY E 78 -28.01 21.77 21.33
C GLY E 78 -28.08 23.17 21.91
N ALA E 79 -29.21 23.85 21.65
CA ALA E 79 -29.39 25.17 22.21
C ALA E 79 -29.40 25.13 23.73
N LEU E 80 -30.10 24.15 24.30
CA LEU E 80 -30.16 24.02 25.75
C LEU E 80 -28.83 23.57 26.33
N THR E 81 -28.06 22.81 25.57
CA THR E 81 -26.72 22.46 26.00
C THR E 81 -25.88 23.71 26.13
N GLU E 82 -25.96 24.60 25.15
CA GLU E 82 -25.21 25.83 25.24
C GLU E 82 -25.70 26.69 26.40
N THR E 83 -27.03 26.78 26.55
CA THR E 83 -27.61 27.49 27.68
C THR E 83 -27.01 26.98 28.96
N HIS E 84 -26.98 25.66 29.09
CA HIS E 84 -26.46 25.03 30.27
C HIS E 84 -25.01 25.41 30.51
N ALA E 85 -24.19 25.36 29.46
CA ALA E 85 -22.80 25.76 29.58
C ALA E 85 -22.68 27.18 30.10
N ILE E 86 -23.53 28.07 29.59
CA ILE E 86 -23.57 29.42 30.13
C ILE E 86 -23.84 29.36 31.62
N LEU E 87 -24.87 28.60 32.01
CA LEU E 87 -25.26 28.55 33.41
C LEU E 87 -24.13 28.04 34.28
N GLN E 88 -23.29 27.17 33.75
CA GLN E 88 -22.06 26.80 34.48
C GLN E 88 -21.21 28.03 34.69
N ARG E 89 -21.02 28.82 33.63
CA ARG E 89 -20.25 30.04 33.80
C ARG E 89 -20.92 30.97 34.79
N VAL E 90 -22.25 31.01 34.76
CA VAL E 90 -22.97 31.86 35.69
C VAL E 90 -22.62 31.48 37.11
N ARG E 91 -22.70 30.18 37.43
CA ARG E 91 -22.43 29.77 38.80
C ARG E 91 -20.98 30.06 39.18
N GLU E 92 -20.06 29.95 38.22
CA GLU E 92 -18.71 30.43 38.50
C GLU E 92 -18.76 31.87 38.95
N LEU E 93 -19.55 32.67 38.24
CA LEU E 93 -19.67 34.07 38.58
C LEU E 93 -20.53 34.30 39.82
N VAL E 94 -21.31 33.30 40.23
CA VAL E 94 -22.02 33.41 41.50
C VAL E 94 -21.05 33.21 42.64
N VAL E 95 -20.20 32.20 42.51
CA VAL E 95 -19.25 31.92 43.59
C VAL E 95 -18.25 33.06 43.69
N GLN E 96 -17.84 33.63 42.56
CA GLN E 96 -17.09 34.87 42.63
C GLN E 96 -17.96 35.98 43.19
N ALA E 97 -19.24 35.96 42.85
CA ALA E 97 -20.21 36.94 43.36
C ALA E 97 -20.72 36.56 44.73
N GLY E 98 -20.00 35.66 45.38
CA GLY E 98 -19.86 35.76 46.81
C GLY E 98 -18.96 36.90 47.24
N ASN E 99 -18.52 37.76 46.31
CA ASN E 99 -17.80 39.00 46.62
C ASN E 99 -16.38 38.65 47.06
N THR E 100 -15.99 37.40 46.83
CA THR E 100 -14.91 36.77 47.59
C THR E 100 -15.08 37.14 49.05
N GLY E 101 -16.30 36.91 49.53
CA GLY E 101 -16.63 37.34 50.87
C GLY E 101 -17.01 38.79 50.95
N THR E 102 -16.03 39.61 51.31
CA THR E 102 -16.13 41.06 51.19
C THR E 102 -15.01 41.66 50.36
N GLN E 103 -14.08 40.83 49.87
CA GLN E 103 -12.85 41.35 49.31
C GLN E 103 -13.09 42.11 48.02
N ASP E 104 -14.00 41.63 47.18
CA ASP E 104 -14.33 42.39 46.00
C ASP E 104 -15.05 43.66 46.45
N LYS E 105 -14.93 44.71 45.66
CA LYS E 105 -15.61 45.96 45.95
C LYS E 105 -16.85 46.08 45.07
N ALA E 106 -17.58 47.17 45.26
CA ALA E 106 -18.83 47.37 44.52
C ALA E 106 -18.58 47.40 43.02
N THR E 107 -17.50 48.05 42.60
CA THR E 107 -17.15 48.08 41.18
C THR E 107 -16.83 46.69 40.68
N ASP E 108 -16.16 45.88 41.49
CA ASP E 108 -15.86 44.52 41.07
C ASP E 108 -17.14 43.74 40.85
N LEU E 109 -18.08 43.86 41.78
CA LEU E 109 -19.39 43.22 41.61
C LEU E 109 -20.11 43.76 40.39
N GLN E 110 -19.87 45.03 40.05
CA GLN E 110 -20.50 45.58 38.85
C GLN E 110 -19.84 45.05 37.59
N SER E 111 -18.53 44.85 37.63
CA SER E 111 -17.83 44.24 36.51
C SER E 111 -18.38 42.84 36.27
N ILE E 112 -18.49 42.07 37.36
CA ILE E 112 -19.09 40.75 37.28
C ILE E 112 -20.50 40.86 36.73
N GLN E 113 -21.28 41.77 37.29
CA GLN E 113 -22.68 41.89 36.90
C GLN E 113 -22.82 42.30 35.43
N ASP E 114 -21.88 43.11 34.94
CA ASP E 114 -21.85 43.39 33.52
C ASP E 114 -21.66 42.11 32.74
N GLY E 115 -20.72 41.29 33.17
CA GLY E 115 -20.54 40.00 32.54
C GLY E 115 -21.78 39.14 32.61
N ILE E 116 -22.48 39.14 33.74
CA ILE E 116 -23.63 38.26 33.89
C ILE E 116 -24.79 38.77 33.06
N SER E 117 -25.04 40.07 33.08
CA SER E 117 -26.11 40.61 32.27
C SER E 117 -25.84 40.38 30.80
N ALA E 118 -24.57 40.42 30.43
CA ALA E 118 -24.15 40.00 29.10
C ALA E 118 -24.55 38.54 28.85
N LEU E 119 -24.30 37.68 29.83
CA LEU E 119 -24.68 36.28 29.70
C LEU E 119 -26.18 36.12 29.61
N THR E 120 -26.92 36.90 30.40
CA THR E 120 -28.37 36.91 30.29
C THR E 120 -28.78 37.21 28.88
N ASP E 121 -28.20 38.26 28.32
CA ASP E 121 -28.53 38.65 26.95
C ASP E 121 -28.23 37.53 25.98
N GLU E 122 -27.21 36.73 26.29
CA GLU E 122 -26.93 35.58 25.45
C GLU E 122 -27.94 34.46 25.66
N ILE E 123 -28.36 34.22 26.89
CA ILE E 123 -29.37 33.20 27.13
C ILE E 123 -30.66 33.58 26.46
N ASP E 124 -31.08 34.83 26.64
CA ASP E 124 -32.24 35.35 25.94
C ASP E 124 -32.03 35.24 24.45
N GLY E 125 -30.81 35.44 23.98
CA GLY E 125 -30.52 35.27 22.57
C GLY E 125 -30.74 33.84 22.12
N ILE E 126 -30.31 32.88 22.94
CA ILE E 126 -30.59 31.48 22.65
C ILE E 126 -32.08 31.28 22.53
N SER E 127 -32.80 31.64 23.59
CA SER E 127 -34.22 31.32 23.66
C SER E 127 -35.04 32.12 22.65
N ASN E 128 -34.48 33.19 22.09
CA ASN E 128 -35.15 34.03 21.12
C ASN E 128 -34.51 33.98 19.74
N ARG E 129 -33.60 33.03 19.51
CA ARG E 129 -33.04 32.79 18.19
C ARG E 129 -33.24 31.34 17.78
N THR E 130 -33.39 30.46 18.76
CA THR E 130 -33.63 29.06 18.44
C THR E 130 -35.02 28.93 17.86
N GLU E 131 -35.09 28.98 16.53
CA GLU E 131 -36.31 28.80 15.77
C GLU E 131 -36.23 27.52 14.96
N PHE E 132 -37.38 26.90 14.73
CA PHE E 132 -37.53 25.89 13.69
C PHE E 132 -38.68 26.29 12.80
N ASN E 133 -38.38 26.62 11.57
CA ASN E 133 -39.38 27.05 10.62
C ASN E 133 -40.11 28.26 11.18
N GLY E 134 -39.34 29.15 11.78
CA GLY E 134 -39.85 30.33 12.42
C GLY E 134 -40.36 30.12 13.81
N LYS E 135 -40.74 28.90 14.15
CA LYS E 135 -41.29 28.60 15.45
C LYS E 135 -40.18 28.72 16.48
N LYS E 136 -40.26 29.73 17.32
CA LYS E 136 -39.24 29.95 18.32
C LYS E 136 -39.31 28.79 19.30
N LEU E 137 -38.47 27.79 19.06
CA LEU E 137 -38.55 26.53 19.77
C LEU E 137 -38.24 26.67 21.26
N LEU E 138 -37.51 27.72 21.63
CA LEU E 138 -37.27 28.02 23.04
C LEU E 138 -38.01 29.27 23.46
N ASP E 139 -39.15 29.52 22.83
CA ASP E 139 -40.10 30.47 23.37
C ASP E 139 -40.63 29.88 24.67
N GLY E 140 -40.19 30.45 25.80
CA GLY E 140 -40.63 29.93 27.07
C GLY E 140 -42.13 30.00 27.29
N THR E 141 -42.82 30.84 26.50
CA THR E 141 -44.27 30.92 26.53
C THR E 141 -44.93 30.11 25.42
N TYR E 142 -44.18 29.23 24.75
CA TYR E 142 -44.77 28.42 23.70
C TYR E 142 -45.86 27.52 24.27
N LYS E 143 -45.48 26.60 25.15
CA LYS E 143 -46.41 25.65 25.76
C LYS E 143 -46.29 25.69 27.28
N VAL E 144 -46.52 26.87 27.84
CA VAL E 144 -46.83 26.92 29.27
C VAL E 144 -48.22 26.32 29.44
N ASP E 145 -48.28 25.13 30.05
CA ASP E 145 -49.55 24.42 30.27
C ASP E 145 -50.59 25.32 30.92
N THR E 146 -50.18 26.05 31.96
CA THR E 146 -50.96 27.11 32.60
C THR E 146 -52.14 26.61 33.43
N ALA E 147 -52.48 25.33 33.32
CA ALA E 147 -53.82 24.85 33.61
C ALA E 147 -54.87 25.54 32.73
N THR E 148 -54.48 25.90 31.51
CA THR E 148 -55.38 26.52 30.55
C THR E 148 -55.15 25.85 29.20
N PRO E 149 -56.01 24.88 28.82
CA PRO E 149 -55.88 24.27 27.50
C PRO E 149 -55.89 25.25 26.36
N ALA E 150 -56.65 26.34 26.50
CA ALA E 150 -56.78 27.31 25.43
C ALA E 150 -55.45 27.94 25.06
N ASN E 151 -54.53 28.03 26.00
CA ASN E 151 -53.23 28.66 25.79
C ASN E 151 -52.14 27.63 26.03
N GLN E 152 -51.89 26.78 25.01
CA GLN E 152 -50.79 25.82 25.10
C GLN E 152 -49.97 25.63 23.83
N LYS E 153 -50.52 25.80 22.63
CA LYS E 153 -49.76 25.50 21.40
C LYS E 153 -49.11 24.12 21.46
N ASN E 154 -49.88 23.11 21.88
CA ASN E 154 -49.33 21.76 22.13
C ASN E 154 -48.44 21.28 21.00
N LEU E 155 -47.19 20.97 21.32
CA LEU E 155 -46.22 20.59 20.29
C LEU E 155 -46.55 19.16 19.85
N VAL E 156 -47.63 19.06 19.08
CA VAL E 156 -48.11 17.78 18.58
C VAL E 156 -47.17 17.30 17.48
N PHE E 157 -46.93 15.98 17.42
CA PHE E 157 -46.27 15.31 16.29
C PHE E 157 -47.16 14.15 15.84
N GLN E 158 -47.91 14.34 14.75
CA GLN E 158 -48.61 13.24 14.08
C GLN E 158 -47.59 12.42 13.34
N ILE E 159 -47.43 11.18 13.78
CA ILE E 159 -46.53 10.25 13.14
C ILE E 159 -47.27 9.08 12.52
N GLY E 160 -48.14 8.42 13.28
CA GLY E 160 -48.73 7.19 12.80
C GLY E 160 -49.59 7.42 11.58
N ALA E 161 -49.51 6.47 10.64
CA ALA E 161 -50.33 6.54 9.45
C ALA E 161 -51.81 6.48 9.79
N ASN E 162 -52.16 5.96 10.95
CA ASN E 162 -53.52 5.90 11.43
C ASN E 162 -53.85 7.15 12.23
N ALA E 163 -55.14 7.47 12.28
CA ALA E 163 -55.60 8.69 12.92
C ALA E 163 -55.33 8.68 14.42
N THR E 164 -55.13 9.87 14.97
CA THR E 164 -54.91 10.16 16.39
C THR E 164 -53.52 9.74 16.86
N GLN E 165 -52.71 9.11 16.02
CA GLN E 165 -51.42 8.61 16.45
C GLN E 165 -50.43 9.75 16.59
N GLN E 166 -50.59 10.54 17.64
CA GLN E 166 -49.86 11.78 17.80
C GLN E 166 -49.05 11.78 19.08
N ILE E 167 -47.99 12.58 19.06
CA ILE E 167 -47.12 12.77 20.21
C ILE E 167 -47.27 14.18 20.73
N SER E 168 -47.43 14.31 22.05
CA SER E 168 -47.63 15.60 22.71
C SER E 168 -46.34 15.98 23.43
N VAL E 169 -45.75 17.12 23.06
CA VAL E 169 -44.48 17.58 23.61
C VAL E 169 -44.67 18.96 24.20
N ASN E 170 -43.80 19.30 25.16
CA ASN E 170 -43.89 20.57 25.87
C ASN E 170 -42.59 21.36 25.82
N ILE E 171 -42.72 22.62 25.41
CA ILE E 171 -41.67 23.64 25.46
C ILE E 171 -42.06 24.60 26.57
N GLU E 172 -41.15 24.89 27.51
CA GLU E 172 -41.39 26.01 28.43
C GLU E 172 -40.16 26.82 28.83
N ASP E 173 -38.97 26.53 28.31
CA ASP E 173 -37.77 27.17 28.81
C ASP E 173 -37.47 28.47 28.07
N MET E 174 -36.75 29.36 28.76
CA MET E 174 -36.29 30.63 28.22
C MET E 174 -35.39 31.26 29.27
N GLY E 175 -34.78 32.38 28.89
CA GLY E 175 -33.90 33.09 29.81
C GLY E 175 -34.59 33.54 31.09
N ALA E 176 -35.83 33.97 30.98
CA ALA E 176 -36.57 34.39 32.17
C ALA E 176 -37.12 33.21 32.97
N ASP E 177 -36.87 31.97 32.54
CA ASP E 177 -37.40 30.77 33.18
C ASP E 177 -36.29 30.12 34.00
N ALA E 178 -36.21 30.46 35.31
CA ALA E 178 -35.10 29.99 36.14
C ALA E 178 -35.48 29.15 37.35
N LEU E 179 -36.03 29.77 38.39
CA LEU E 179 -36.64 29.02 39.50
C LEU E 179 -38.13 29.11 39.31
N GLY E 180 -38.67 28.10 38.67
CA GLY E 180 -40.09 28.03 38.45
C GLY E 180 -40.77 27.60 39.72
N ILE E 181 -40.85 28.49 40.71
CA ILE E 181 -41.57 28.19 41.94
C ILE E 181 -42.98 27.71 41.59
N LYS E 182 -43.69 28.50 40.81
CA LYS E 182 -44.93 28.17 40.12
C LYS E 182 -44.91 28.83 38.75
N GLU E 183 -44.48 30.08 38.79
CA GLU E 183 -44.22 30.98 37.68
C GLU E 183 -43.03 31.81 38.12
N ALA E 184 -42.76 32.90 37.41
CA ALA E 184 -41.75 33.83 37.89
C ALA E 184 -42.24 34.50 39.15
N ASP E 185 -41.44 34.42 40.21
CA ASP E 185 -41.84 35.04 41.48
C ASP E 185 -41.76 36.55 41.36
N GLY E 186 -40.57 37.06 41.10
CA GLY E 186 -40.34 38.48 41.00
C GLY E 186 -38.87 38.78 40.83
N SER E 187 -38.33 39.68 41.65
CA SER E 187 -36.90 39.94 41.64
C SER E 187 -36.12 38.66 41.89
N ILE E 188 -36.69 37.76 42.69
CA ILE E 188 -36.11 36.45 42.90
C ILE E 188 -36.81 35.47 41.97
N ALA E 189 -36.20 34.29 41.87
CA ALA E 189 -36.74 33.08 41.24
C ALA E 189 -36.81 33.10 39.72
N ALA E 190 -36.86 34.28 39.11
CA ALA E 190 -36.70 34.42 37.67
C ALA E 190 -35.74 35.54 37.31
N LEU E 191 -35.94 36.71 37.91
CA LEU E 191 -35.23 37.90 37.49
C LEU E 191 -33.81 37.95 38.01
N HIS E 192 -33.41 37.07 38.91
CA HIS E 192 -31.98 36.94 39.10
C HIS E 192 -31.34 36.37 37.85
N SER E 193 -32.06 35.52 37.12
CA SER E 193 -31.54 35.06 35.85
C SER E 193 -31.55 36.20 34.84
N VAL E 194 -32.55 37.08 34.93
CA VAL E 194 -32.64 38.18 33.98
C VAL E 194 -31.83 39.37 34.49
N ASN E 195 -32.21 39.88 35.65
CA ASN E 195 -31.65 41.15 36.12
C ASN E 195 -30.36 40.98 36.94
N ASP E 196 -30.10 39.79 37.47
CA ASP E 196 -28.86 39.55 38.21
C ASP E 196 -28.72 40.42 39.46
N LEU E 197 -29.47 40.08 40.51
CA LEU E 197 -29.53 40.85 41.75
C LEU E 197 -28.17 41.21 42.37
N ASP E 198 -27.07 40.54 42.01
CA ASP E 198 -25.77 40.79 42.62
C ASP E 198 -25.15 42.03 41.98
N VAL E 199 -25.52 43.19 42.51
CA VAL E 199 -25.02 44.47 42.00
C VAL E 199 -24.17 45.17 43.06
N THR E 200 -24.86 45.72 44.05
CA THR E 200 -24.31 46.18 45.31
C THR E 200 -25.17 45.76 46.48
N LYS E 201 -26.45 45.45 46.22
CA LYS E 201 -27.31 44.84 47.22
C LYS E 201 -26.65 43.62 47.84
N PHE E 202 -25.85 42.90 47.05
CA PHE E 202 -25.13 41.76 47.62
C PHE E 202 -24.14 42.21 48.68
N ALA E 203 -23.36 43.26 48.38
CA ALA E 203 -22.39 43.72 49.35
C ALA E 203 -23.06 44.19 50.63
N ASP E 204 -24.29 44.70 50.52
CA ASP E 204 -25.04 45.08 51.70
C ASP E 204 -25.36 43.87 52.56
N ASN E 205 -25.93 42.81 51.95
CA ASN E 205 -26.32 41.59 52.66
C ASN E 205 -25.78 40.41 51.86
N ALA E 206 -24.53 40.05 52.15
CA ALA E 206 -23.94 38.90 51.47
C ALA E 206 -24.61 37.59 51.86
N ALA E 207 -25.16 37.50 53.08
CA ALA E 207 -25.90 36.33 53.54
C ALA E 207 -27.19 36.66 54.28
N ASP E 208 -27.19 37.83 54.92
CA ASP E 208 -28.11 38.21 55.99
C ASP E 208 -29.61 38.05 55.77
N CYS E 209 -30.09 38.00 54.52
CA CYS E 209 -31.54 38.07 54.28
C CYS E 209 -32.05 37.07 53.26
N ALA E 210 -31.20 36.23 52.69
CA ALA E 210 -31.52 35.20 51.70
C ALA E 210 -31.94 35.74 50.35
N ASP E 211 -32.70 36.84 50.32
CA ASP E 211 -33.19 37.49 49.10
C ASP E 211 -32.05 37.96 48.24
N ILE E 212 -31.06 38.58 48.88
CA ILE E 212 -29.74 38.75 48.27
C ILE E 212 -28.66 38.02 49.04
N GLY E 213 -28.97 37.35 50.15
CA GLY E 213 -27.89 36.77 50.92
C GLY E 213 -27.21 35.55 50.30
N PHE E 214 -26.86 35.58 49.01
CA PHE E 214 -26.15 34.56 48.24
C PHE E 214 -26.92 33.25 48.04
N ASP E 215 -27.73 32.92 49.03
CA ASP E 215 -28.56 31.75 49.07
C ASP E 215 -29.57 31.74 47.93
N ALA E 216 -30.46 32.74 47.93
CA ALA E 216 -31.53 32.75 46.93
C ALA E 216 -30.95 32.76 45.52
N GLN E 217 -29.90 33.54 45.31
CA GLN E 217 -29.33 33.67 43.97
C GLN E 217 -28.81 32.32 43.50
N LEU E 218 -28.01 31.67 44.35
CA LEU E 218 -27.49 30.38 43.98
C LEU E 218 -28.62 29.38 43.76
N LYS E 219 -29.71 29.53 44.51
CA LYS E 219 -30.85 28.66 44.30
C LYS E 219 -31.54 28.94 42.98
N VAL E 220 -31.58 30.20 42.56
CA VAL E 220 -32.14 30.50 41.24
C VAL E 220 -31.32 29.81 40.18
N VAL E 221 -30.00 29.93 40.29
CA VAL E 221 -29.14 29.32 39.28
C VAL E 221 -29.31 27.81 39.31
N ASP E 222 -29.30 27.23 40.50
CA ASP E 222 -29.41 25.78 40.62
C ASP E 222 -30.71 25.28 40.04
N GLU E 223 -31.81 25.97 40.33
CA GLU E 223 -33.08 25.51 39.81
C GLU E 223 -33.18 25.78 38.32
N ALA E 224 -32.67 26.92 37.85
CA ALA E 224 -32.61 27.19 36.42
C ALA E 224 -31.94 26.04 35.70
N ILE E 225 -30.80 25.60 36.23
CA ILE E 225 -30.11 24.45 35.68
C ILE E 225 -30.99 23.23 35.75
N ASN E 226 -31.65 23.02 36.89
CA ASN E 226 -32.47 21.83 37.06
C ASN E 226 -33.63 21.82 36.07
N GLN E 227 -34.15 22.99 35.74
CA GLN E 227 -35.21 23.11 34.76
C GLN E 227 -34.68 22.86 33.37
N VAL E 228 -33.45 23.27 33.08
CA VAL E 228 -32.83 22.89 31.83
C VAL E 228 -32.65 21.38 31.78
N SER E 229 -32.19 20.80 32.90
CA SER E 229 -31.97 19.37 32.98
C SER E 229 -33.24 18.60 32.69
N SER E 230 -34.34 19.01 33.30
CA SER E 230 -35.59 18.32 33.11
C SER E 230 -36.19 18.61 31.74
N GLN E 231 -35.97 19.81 31.23
CA GLN E 231 -36.43 20.12 29.88
C GLN E 231 -35.71 19.24 28.87
N ARG E 232 -34.41 19.13 29.02
CA ARG E 232 -33.63 18.25 28.17
C ARG E 232 -33.97 16.80 28.44
N ALA E 233 -34.42 16.49 29.65
CA ALA E 233 -34.83 15.13 29.97
C ALA E 233 -36.08 14.74 29.19
N LYS E 234 -37.08 15.61 29.21
CA LYS E 234 -38.26 15.40 28.38
C LYS E 234 -37.87 15.31 26.92
N LEU E 235 -37.05 16.27 26.50
CA LEU E 235 -36.63 16.38 25.12
C LEU E 235 -35.98 15.10 24.63
N GLY E 236 -35.06 14.57 25.43
CA GLY E 236 -34.38 13.35 25.06
C GLY E 236 -35.25 12.13 25.21
N ALA E 237 -36.21 12.19 26.13
CA ALA E 237 -37.19 11.11 26.21
C ALA E 237 -37.90 10.98 24.88
N VAL E 238 -38.35 12.10 24.34
CA VAL E 238 -39.02 12.07 23.04
C VAL E 238 -38.04 11.67 21.96
N GLN E 239 -36.78 12.07 22.09
CA GLN E 239 -35.78 11.62 21.13
C GLN E 239 -35.74 10.10 21.07
N ASN E 240 -35.67 9.47 22.24
CA ASN E 240 -35.65 8.01 22.27
C ASN E 240 -36.93 7.45 21.69
N ARG E 241 -38.06 8.08 21.99
CA ARG E 241 -39.33 7.65 21.43
C ARG E 241 -39.27 7.61 19.93
N LEU E 242 -38.76 8.67 19.32
CA LEU E 242 -38.75 8.72 17.87
C LEU E 242 -37.71 7.77 17.31
N GLU E 243 -36.65 7.49 18.06
CA GLU E 243 -35.74 6.44 17.64
C GLU E 243 -36.47 5.12 17.50
N HIS E 244 -37.16 4.71 18.56
CA HIS E 244 -37.83 3.42 18.53
C HIS E 244 -39.02 3.44 17.60
N THR E 245 -39.66 4.59 17.48
CA THR E 245 -40.71 4.77 16.49
C THR E 245 -40.18 4.46 15.11
N ILE E 246 -39.09 5.12 14.72
CA ILE E 246 -38.54 4.93 13.39
C ILE E 246 -38.14 3.48 13.18
N ASN E 247 -37.57 2.86 14.20
CA ASN E 247 -37.22 1.47 14.05
C ASN E 247 -38.47 0.63 13.77
N ASN E 248 -39.57 0.94 14.45
CA ASN E 248 -40.82 0.27 14.16
C ASN E 248 -41.33 0.61 12.77
N LEU E 249 -41.25 1.88 12.38
CA LEU E 249 -41.74 2.31 11.08
C LEU E 249 -40.97 1.62 9.97
N SER E 250 -39.69 1.41 10.20
CA SER E 250 -38.84 0.77 9.22
C SER E 250 -39.18 -0.70 9.10
N ALA E 251 -39.20 -1.41 10.23
CA ALA E 251 -39.48 -2.84 10.21
C ALA E 251 -40.90 -3.10 9.73
N SER E 252 -41.86 -2.39 10.31
CA SER E 252 -43.26 -2.53 9.95
C SER E 252 -43.49 -2.15 8.50
N GLY E 253 -42.85 -1.07 8.07
CA GLY E 253 -42.96 -0.67 6.68
C GLY E 253 -42.46 -1.74 5.75
N GLU E 254 -41.31 -2.32 6.08
CA GLU E 254 -40.78 -3.43 5.28
C GLU E 254 -41.77 -4.57 5.21
N ASN E 255 -42.21 -5.06 6.38
CA ASN E 255 -43.15 -6.18 6.41
C ASN E 255 -44.40 -5.85 5.63
N LEU E 256 -44.79 -4.58 5.61
CA LEU E 256 -46.00 -4.17 4.94
C LEU E 256 -45.82 -4.15 3.43
N THR E 257 -44.70 -3.63 2.95
CA THR E 257 -44.43 -3.69 1.53
C THR E 257 -44.28 -5.11 1.07
N ALA E 258 -43.78 -5.98 1.94
CA ALA E 258 -43.75 -7.39 1.63
C ALA E 258 -45.15 -7.96 1.55
N ALA E 259 -46.03 -7.54 2.46
CA ALA E 259 -47.41 -8.00 2.42
C ALA E 259 -48.07 -7.62 1.11
N GLU E 260 -47.94 -6.35 0.73
CA GLU E 260 -48.41 -5.90 -0.56
C GLU E 260 -47.81 -6.77 -1.67
N SER E 261 -46.50 -6.96 -1.60
CA SER E 261 -45.81 -7.72 -2.62
C SER E 261 -46.39 -9.12 -2.74
N ARG E 262 -46.84 -9.69 -1.62
CA ARG E 262 -47.52 -10.97 -1.70
C ARG E 262 -48.84 -10.84 -2.43
N ILE E 263 -49.55 -9.74 -2.20
CA ILE E 263 -50.79 -9.55 -2.97
C ILE E 263 -50.46 -9.42 -4.45
N ARG E 264 -49.50 -8.56 -4.78
CA ARG E 264 -49.09 -8.34 -6.16
C ARG E 264 -47.97 -9.28 -6.60
N ASP E 265 -47.71 -10.34 -5.84
CA ASP E 265 -46.66 -11.29 -6.19
C ASP E 265 -46.85 -11.81 -7.60
N VAL E 266 -45.97 -11.42 -8.51
CA VAL E 266 -45.89 -12.05 -9.82
C VAL E 266 -44.84 -13.13 -9.74
N ASP E 267 -45.27 -14.37 -9.96
CA ASP E 267 -44.33 -15.44 -10.24
C ASP E 267 -43.92 -15.24 -11.69
N MET E 268 -42.92 -14.38 -11.87
CA MET E 268 -42.53 -13.96 -13.21
C MET E 268 -42.13 -15.15 -14.05
N ALA E 269 -41.53 -16.16 -13.43
CA ALA E 269 -41.20 -17.37 -14.18
C ALA E 269 -42.46 -18.10 -14.62
N LYS E 270 -43.42 -18.25 -13.71
CA LYS E 270 -44.71 -18.83 -14.08
C LYS E 270 -45.33 -18.07 -15.22
N GLU E 271 -45.36 -16.75 -15.12
CA GLU E 271 -46.13 -15.96 -16.06
C GLU E 271 -45.46 -15.90 -17.42
N MET E 272 -44.13 -15.93 -17.46
CA MET E 272 -43.45 -16.10 -18.74
C MET E 272 -43.75 -17.46 -19.32
N SER E 273 -43.75 -18.49 -18.47
CA SER E 273 -44.02 -19.84 -18.94
C SER E 273 -45.43 -19.94 -19.51
N GLU E 274 -46.41 -19.46 -18.74
CA GLU E 274 -47.79 -19.50 -19.17
C GLU E 274 -47.98 -18.66 -20.41
N PHE E 275 -47.29 -17.53 -20.48
CA PHE E 275 -47.29 -16.71 -21.68
C PHE E 275 -46.87 -17.52 -22.88
N THR E 276 -45.72 -18.16 -22.76
CA THR E 276 -45.19 -19.03 -23.81
C THR E 276 -46.23 -20.03 -24.24
N LYS E 277 -46.80 -20.74 -23.27
CA LYS E 277 -47.79 -21.75 -23.57
C LYS E 277 -48.94 -21.16 -24.37
N ASN E 278 -49.46 -20.03 -23.92
CA ASN E 278 -50.62 -19.47 -24.59
C ASN E 278 -50.30 -19.01 -26.00
N ASN E 279 -49.06 -18.58 -26.24
CA ASN E 279 -48.63 -18.32 -27.62
C ASN E 279 -48.73 -19.58 -28.44
N ILE E 280 -48.10 -20.64 -27.93
CA ILE E 280 -48.10 -21.93 -28.61
C ILE E 280 -49.51 -22.34 -28.94
N LEU E 281 -50.39 -22.25 -27.95
CA LEU E 281 -51.75 -22.72 -28.09
C LEU E 281 -52.52 -21.90 -29.11
N SER E 282 -52.33 -20.58 -29.09
CA SER E 282 -52.95 -19.74 -30.10
C SER E 282 -52.51 -20.16 -31.49
N GLN E 283 -51.20 -20.30 -31.68
CA GLN E 283 -50.67 -20.62 -33.01
C GLN E 283 -51.17 -21.97 -33.49
N ALA E 284 -51.16 -22.96 -32.60
CA ALA E 284 -51.65 -24.28 -32.94
C ALA E 284 -53.10 -24.21 -33.38
N SER E 285 -53.92 -23.52 -32.59
CA SER E 285 -55.34 -23.44 -32.90
C SER E 285 -55.56 -22.77 -34.25
N GLN E 286 -54.76 -21.75 -34.57
CA GLN E 286 -54.91 -21.10 -35.87
C GLN E 286 -54.53 -22.03 -37.00
N ALA E 287 -53.46 -22.82 -36.81
CA ALA E 287 -53.11 -23.82 -37.81
C ALA E 287 -54.28 -24.76 -38.04
N MET E 288 -54.94 -25.15 -36.96
CA MET E 288 -56.10 -26.01 -37.13
C MET E 288 -57.24 -25.28 -37.82
N LEU E 289 -57.38 -23.98 -37.62
CA LEU E 289 -58.43 -23.24 -38.34
C LEU E 289 -58.14 -23.23 -39.82
N ALA E 290 -56.86 -23.08 -40.18
CA ALA E 290 -56.48 -23.21 -41.58
C ALA E 290 -56.92 -24.57 -42.09
N GLN E 291 -56.59 -25.63 -41.36
CA GLN E 291 -56.98 -26.97 -41.79
C GLN E 291 -58.49 -27.12 -41.92
N ALA E 292 -59.24 -26.48 -41.02
CA ALA E 292 -60.68 -26.47 -41.12
C ALA E 292 -61.13 -25.81 -42.40
N ASN E 293 -60.36 -24.85 -42.88
CA ASN E 293 -60.66 -24.24 -44.17
C ASN E 293 -60.11 -25.07 -45.34
N GLN E 294 -59.16 -25.98 -45.08
CA GLN E 294 -58.60 -26.79 -46.16
C GLN E 294 -59.49 -27.96 -46.49
N GLN E 295 -59.97 -28.67 -45.47
CA GLN E 295 -60.81 -29.84 -45.69
C GLN E 295 -61.97 -29.61 -46.65
N PRO E 296 -62.82 -28.60 -46.47
CA PRO E 296 -63.93 -28.43 -47.42
C PRO E 296 -63.49 -28.09 -48.84
N GLN E 297 -62.25 -27.64 -49.04
CA GLN E 297 -61.75 -27.44 -50.40
C GLN E 297 -61.46 -28.77 -51.05
N ASN E 298 -60.79 -29.65 -50.30
CA ASN E 298 -60.62 -31.02 -50.73
C ASN E 298 -61.98 -31.61 -51.09
N VAL E 299 -62.97 -31.37 -50.25
CA VAL E 299 -64.33 -31.82 -50.54
C VAL E 299 -64.82 -31.25 -51.85
N LEU E 300 -64.59 -29.96 -52.06
CA LEU E 300 -65.07 -29.31 -53.27
C LEU E 300 -64.55 -30.02 -54.50
N GLN E 301 -63.24 -30.24 -54.56
CA GLN E 301 -62.68 -30.92 -55.71
C GLN E 301 -63.24 -32.33 -55.82
N LEU E 302 -63.21 -33.06 -54.72
CA LEU E 302 -63.54 -34.48 -54.73
C LEU E 302 -64.98 -34.71 -55.13
N LEU E 303 -65.87 -33.77 -54.80
CA LEU E 303 -67.28 -33.84 -55.16
C LEU E 303 -67.64 -32.88 -56.27
N ARG E 304 -66.69 -32.58 -57.15
CA ARG E 304 -66.98 -31.81 -58.31
C ARG E 304 -67.32 -32.73 -59.47
N ILE F 3 -57.62 -8.97 -35.43
CA ILE F 3 -57.51 -7.54 -35.00
C ILE F 3 -56.05 -7.11 -34.86
N ASN F 4 -55.20 -7.64 -35.73
CA ASN F 4 -53.75 -7.46 -35.60
C ASN F 4 -53.36 -5.99 -35.48
N HIS F 5 -53.98 -5.14 -36.30
CA HIS F 5 -53.64 -3.72 -36.32
C HIS F 5 -54.07 -2.97 -35.07
N ASN F 6 -54.81 -3.60 -34.16
CA ASN F 6 -55.27 -2.95 -32.96
C ASN F 6 -54.51 -3.36 -31.71
N ILE F 7 -53.62 -4.34 -31.80
CA ILE F 7 -52.93 -4.87 -30.63
C ILE F 7 -51.52 -4.33 -30.62
N ALA F 8 -51.18 -3.68 -29.52
CA ALA F 8 -49.82 -3.24 -29.28
C ALA F 8 -49.43 -3.41 -27.82
N ALA F 9 -50.26 -4.07 -27.02
CA ALA F 9 -50.05 -4.16 -25.59
C ALA F 9 -49.91 -2.76 -25.00
N LEU F 10 -50.87 -1.91 -25.33
CA LEU F 10 -50.73 -0.49 -25.00
C LEU F 10 -50.63 -0.26 -23.51
N ASN F 11 -51.15 -1.18 -22.70
CA ASN F 11 -50.92 -1.07 -21.26
C ASN F 11 -49.44 -1.26 -20.96
N THR F 12 -48.79 -2.17 -21.70
CA THR F 12 -47.34 -2.30 -21.56
C THR F 12 -46.67 -1.00 -21.95
N LEU F 13 -47.18 -0.34 -23.00
CA LEU F 13 -46.57 0.89 -23.45
C LEU F 13 -46.71 1.97 -22.39
N ASN F 14 -47.87 2.00 -21.76
CA ASN F 14 -48.09 2.95 -20.67
C ASN F 14 -47.15 2.67 -19.51
N ARG F 15 -46.96 1.39 -19.19
CA ARG F 15 -45.98 1.03 -18.17
C ARG F 15 -44.61 1.47 -18.61
N LEU F 16 -44.35 1.45 -19.91
CA LEU F 16 -43.04 1.82 -20.38
C LEU F 16 -42.77 3.28 -20.10
N SER F 17 -43.70 4.13 -20.52
CA SER F 17 -43.56 5.55 -20.25
C SER F 17 -43.38 5.81 -18.76
N SER F 18 -44.19 5.13 -17.95
CA SER F 18 -44.09 5.28 -16.50
C SER F 18 -42.71 4.90 -16.00
N ASN F 19 -42.20 3.75 -16.45
CA ASN F 19 -40.93 3.24 -15.95
C ASN F 19 -39.78 4.13 -16.39
N ASN F 20 -39.84 4.65 -17.60
CA ASN F 20 -38.78 5.54 -18.07
C ASN F 20 -38.74 6.80 -17.23
N SER F 21 -39.90 7.38 -16.97
CA SER F 21 -39.91 8.55 -16.11
C SER F 21 -39.46 8.19 -14.70
N ALA F 22 -39.81 7.00 -14.24
CA ALA F 22 -39.44 6.59 -12.89
C ALA F 22 -37.94 6.53 -12.73
N SER F 23 -37.28 5.76 -13.59
CA SER F 23 -35.83 5.66 -13.54
C SER F 23 -35.18 7.02 -13.72
N GLN F 24 -35.76 7.86 -14.60
CA GLN F 24 -35.27 9.21 -14.78
C GLN F 24 -35.26 9.97 -13.46
N LYS F 25 -36.39 9.92 -12.74
CA LYS F 25 -36.49 10.62 -11.47
C LYS F 25 -35.46 10.12 -10.49
N ASN F 26 -35.29 8.79 -10.45
CA ASN F 26 -34.27 8.21 -9.59
C ASN F 26 -32.91 8.82 -9.87
N MET F 27 -32.52 8.86 -11.15
CA MET F 27 -31.22 9.46 -11.50
C MET F 27 -31.12 10.88 -11.02
N GLU F 28 -32.11 11.68 -11.37
CA GLU F 28 -32.10 13.10 -11.08
C GLU F 28 -31.87 13.35 -9.61
N LYS F 29 -32.50 12.55 -8.77
CA LYS F 29 -32.26 12.67 -7.35
C LYS F 29 -30.87 12.16 -6.98
N LEU F 30 -30.47 11.04 -7.59
CA LEU F 30 -29.15 10.47 -7.33
C LEU F 30 -28.05 11.43 -7.75
N SER F 31 -28.16 11.93 -8.98
CA SER F 31 -27.16 12.83 -9.52
C SER F 31 -27.05 14.09 -8.69
N SER F 32 -28.20 14.69 -8.39
CA SER F 32 -28.21 15.93 -7.64
C SER F 32 -28.00 15.70 -6.16
N GLY F 33 -28.21 14.48 -5.68
CA GLY F 33 -28.14 14.24 -4.26
C GLY F 33 -29.30 14.86 -3.53
N LEU F 34 -30.44 14.99 -4.21
CA LEU F 34 -31.61 15.70 -3.70
C LEU F 34 -32.78 14.75 -3.68
N ARG F 35 -33.28 14.45 -2.48
CA ARG F 35 -34.58 13.81 -2.42
C ARG F 35 -35.67 14.83 -2.71
N ILE F 36 -35.40 16.10 -2.39
CA ILE F 36 -36.34 17.15 -2.72
C ILE F 36 -36.57 17.18 -4.21
N ASN F 37 -37.73 17.69 -4.60
CA ASN F 37 -38.06 17.88 -5.99
C ASN F 37 -37.64 19.27 -6.43
N ARG F 38 -37.34 19.39 -7.72
CA ARG F 38 -37.32 20.71 -8.32
C ARG F 38 -38.72 21.28 -8.38
N ALA F 39 -39.69 20.42 -8.72
CA ALA F 39 -41.09 20.80 -8.77
C ALA F 39 -41.63 21.01 -7.38
N GLY F 40 -42.74 21.75 -7.32
CA GLY F 40 -43.41 22.08 -6.08
C GLY F 40 -44.05 20.91 -5.36
N ASP F 41 -43.92 19.70 -5.88
CA ASP F 41 -44.39 18.52 -5.18
C ASP F 41 -43.73 18.45 -3.81
N ASP F 42 -44.56 18.56 -2.76
CA ASP F 42 -44.10 18.80 -1.39
C ASP F 42 -43.45 20.17 -1.27
N ALA F 43 -44.14 21.19 -1.78
CA ALA F 43 -43.68 22.56 -1.60
C ALA F 43 -43.63 22.95 -0.12
N ALA F 44 -44.36 22.25 0.75
CA ALA F 44 -44.18 22.45 2.18
C ALA F 44 -42.75 22.18 2.57
N GLY F 45 -42.30 20.93 2.42
CA GLY F 45 -40.94 20.58 2.78
C GLY F 45 -39.91 21.40 2.05
N LEU F 46 -40.19 21.73 0.78
CA LEU F 46 -39.27 22.56 0.02
C LEU F 46 -39.13 23.91 0.69
N ALA F 47 -40.25 24.64 0.81
CA ALA F 47 -40.24 25.97 1.39
C ALA F 47 -39.61 25.97 2.77
N ILE F 48 -39.80 24.89 3.51
CA ILE F 48 -39.10 24.76 4.78
C ILE F 48 -37.61 24.79 4.53
N SER F 49 -37.10 23.86 3.71
CA SER F 49 -35.66 23.76 3.52
C SER F 49 -35.09 25.04 2.93
N GLU F 50 -35.89 25.74 2.14
CA GLU F 50 -35.53 27.06 1.68
C GLU F 50 -35.28 27.98 2.86
N LYS F 51 -36.24 28.02 3.77
CA LYS F 51 -36.11 28.84 4.96
C LYS F 51 -34.95 28.39 5.82
N MET F 52 -34.75 27.07 5.90
CA MET F 52 -33.62 26.51 6.62
C MET F 52 -32.34 27.08 6.08
N ARG F 53 -32.11 26.90 4.78
CA ARG F 53 -30.89 27.37 4.14
C ARG F 53 -30.70 28.86 4.30
N GLY F 54 -31.80 29.61 4.24
CA GLY F 54 -31.71 31.02 4.53
C GLY F 54 -31.11 31.26 5.90
N GLN F 55 -31.60 30.51 6.89
CA GLN F 55 -31.06 30.66 8.23
C GLN F 55 -29.65 30.08 8.34
N ILE F 56 -29.39 28.92 7.71
CA ILE F 56 -28.04 28.31 7.73
C ILE F 56 -27.02 29.32 7.26
N ARG F 57 -27.22 29.80 6.04
CA ARG F 57 -26.31 30.77 5.45
C ARG F 57 -26.20 32.00 6.32
N GLY F 58 -27.33 32.41 6.91
CA GLY F 58 -27.29 33.52 7.84
C GLY F 58 -26.49 33.22 9.09
N LEU F 59 -26.42 31.94 9.47
CA LEU F 59 -25.63 31.56 10.63
C LEU F 59 -24.15 31.48 10.28
N GLU F 60 -23.85 31.12 9.04
CA GLU F 60 -22.47 31.16 8.59
C GLU F 60 -21.95 32.59 8.60
N MET F 61 -22.74 33.50 8.02
CA MET F 61 -22.36 34.90 8.06
C MET F 61 -22.48 35.47 9.48
N ALA F 62 -23.29 34.83 10.33
CA ALA F 62 -23.36 35.23 11.72
C ALA F 62 -22.07 34.90 12.44
N SER F 63 -21.58 33.69 12.23
CA SER F 63 -20.30 33.30 12.80
C SER F 63 -19.22 34.22 12.31
N LYS F 64 -19.22 34.49 11.00
CA LYS F 64 -18.31 35.46 10.43
C LYS F 64 -18.37 36.79 11.17
N ASN F 65 -19.58 37.35 11.30
CA ASN F 65 -19.72 38.66 11.92
C ASN F 65 -19.27 38.64 13.37
N SER F 66 -19.52 37.54 14.07
CA SER F 66 -19.18 37.47 15.48
C SER F 66 -17.67 37.34 15.65
N GLN F 67 -17.04 36.55 14.80
CA GLN F 67 -15.59 36.46 14.82
C GLN F 67 -14.97 37.81 14.54
N ASP F 68 -15.58 38.55 13.61
CA ASP F 68 -15.13 39.90 13.33
C ASP F 68 -15.30 40.79 14.55
N GLY F 69 -16.44 40.63 15.24
CA GLY F 69 -16.62 41.25 16.55
C GLY F 69 -15.45 40.98 17.46
N ILE F 70 -15.06 39.72 17.54
CA ILE F 70 -13.95 39.33 18.40
C ILE F 70 -12.68 40.03 17.99
N SER F 71 -12.45 40.12 16.68
CA SER F 71 -11.23 40.77 16.20
C SER F 71 -11.18 42.21 16.67
N LEU F 72 -12.30 42.91 16.53
CA LEU F 72 -12.40 44.26 17.06
C LEU F 72 -12.10 44.29 18.54
N ILE F 73 -12.76 43.39 19.28
CA ILE F 73 -12.61 43.34 20.72
C ILE F 73 -11.15 43.21 21.10
N GLN F 74 -10.50 42.16 20.61
CA GLN F 74 -9.13 41.87 21.01
C GLN F 74 -8.17 42.97 20.58
N THR F 75 -8.47 43.63 19.47
CA THR F 75 -7.69 44.80 19.10
C THR F 75 -7.75 45.83 20.23
N ALA F 76 -8.96 46.29 20.53
CA ALA F 76 -9.11 47.31 21.56
C ALA F 76 -8.60 46.81 22.91
N GLU F 77 -8.81 45.52 23.17
CA GLU F 77 -8.38 44.88 24.40
C GLU F 77 -6.88 45.02 24.59
N GLY F 78 -6.11 44.56 23.61
CA GLY F 78 -4.66 44.64 23.73
C GLY F 78 -4.20 46.07 23.85
N ALA F 79 -4.87 46.97 23.12
CA ALA F 79 -4.52 48.37 23.21
C ALA F 79 -4.74 48.90 24.62
N LEU F 80 -5.86 48.53 25.25
CA LEU F 80 -6.15 48.98 26.60
C LEU F 80 -5.24 48.32 27.61
N THR F 81 -4.80 47.10 27.34
CA THR F 81 -3.81 46.47 28.19
C THR F 81 -2.52 47.28 28.18
N GLU F 82 -2.08 47.71 27.00
CA GLU F 82 -0.88 48.53 26.94
C GLU F 82 -1.10 49.87 27.62
N THR F 83 -2.26 50.48 27.39
CA THR F 83 -2.61 51.72 28.07
C THR F 83 -2.46 51.53 29.56
N HIS F 84 -3.03 50.45 30.05
CA HIS F 84 -2.97 50.15 31.47
C HIS F 84 -1.55 50.04 31.96
N ALA F 85 -0.71 49.31 31.22
CA ALA F 85 0.69 49.17 31.59
C ALA F 85 1.35 50.54 31.71
N ILE F 86 1.04 51.42 30.76
CA ILE F 86 1.53 52.79 30.87
C ILE F 86 1.07 53.39 32.18
N LEU F 87 -0.22 53.26 32.48
CA LEU F 87 -0.77 53.88 33.68
C LEU F 87 -0.09 53.35 34.93
N GLN F 88 0.35 52.09 34.91
CA GLN F 88 1.19 51.61 36.01
C GLN F 88 2.46 52.42 36.08
N ARG F 89 3.11 52.63 34.94
CA ARG F 89 4.30 53.46 34.96
C ARG F 89 3.98 54.86 35.43
N VAL F 90 2.82 55.37 35.03
CA VAL F 90 2.43 56.71 35.45
C VAL F 90 2.40 56.77 36.96
N ARG F 91 1.72 55.82 37.60
CA ARG F 91 1.61 55.87 39.06
C ARG F 91 2.98 55.73 39.70
N GLU F 92 3.87 54.94 39.10
CA GLU F 92 5.26 54.97 39.58
C GLU F 92 5.78 56.39 39.58
N LEU F 93 5.51 57.10 38.49
CA LEU F 93 5.97 58.46 38.37
C LEU F 93 5.16 59.42 39.22
N VAL F 94 3.97 59.00 39.67
CA VAL F 94 3.22 59.83 40.63
C VAL F 94 3.86 59.72 41.99
N VAL F 95 4.19 58.50 42.38
CA VAL F 95 4.79 58.31 43.70
C VAL F 95 6.16 58.95 43.75
N GLN F 96 6.91 58.87 42.65
CA GLN F 96 8.11 59.69 42.57
C GLN F 96 7.75 61.16 42.53
N ALA F 97 6.64 61.49 41.88
CA ALA F 97 6.13 62.86 41.82
C ALA F 97 5.36 63.23 43.05
N GLY F 98 5.53 62.44 44.10
CA GLY F 98 5.52 63.00 45.42
C GLY F 98 6.75 63.80 45.75
N ASN F 99 7.64 64.04 44.76
CA ASN F 99 8.78 64.95 44.89
C ASN F 99 9.84 64.29 45.77
N THR F 100 9.68 62.99 46.01
CA THR F 100 10.27 62.34 47.17
C THR F 100 10.09 63.26 48.37
N GLY F 101 8.84 63.69 48.56
CA GLY F 101 8.58 64.66 49.58
C GLY F 101 8.86 66.08 49.14
N THR F 102 10.05 66.55 49.50
CA THR F 102 10.60 67.79 48.96
C THR F 102 11.97 67.57 48.32
N GLN F 103 12.49 66.35 48.36
CA GLN F 103 13.89 66.14 48.02
C GLN F 103 14.16 66.39 46.55
N ASP F 104 13.25 66.02 45.67
CA ASP F 104 13.43 66.35 44.28
C ASP F 104 13.28 67.86 44.14
N LYS F 105 13.95 68.43 43.15
CA LYS F 105 13.86 69.85 42.87
C LYS F 105 12.91 70.08 41.70
N ALA F 106 12.70 71.35 41.38
CA ALA F 106 11.77 71.70 40.31
C ALA F 106 12.20 71.08 38.98
N THR F 107 13.49 71.09 38.69
CA THR F 107 14.00 70.46 37.48
C THR F 107 13.73 68.97 37.48
N ASP F 108 13.89 68.34 38.64
CA ASP F 108 13.61 66.91 38.73
C ASP F 108 12.16 66.63 38.40
N LEU F 109 11.25 67.42 38.98
CA LEU F 109 9.84 67.29 38.65
C LEU F 109 9.58 67.57 37.17
N GLN F 110 10.38 68.43 36.57
CA GLN F 110 10.21 68.70 35.14
C GLN F 110 10.73 67.54 34.30
N SER F 111 11.81 66.90 34.75
CA SER F 111 12.29 65.71 34.08
C SER F 111 11.22 64.63 34.11
N ILE F 112 10.66 64.41 35.30
CA ILE F 112 9.56 63.47 35.44
C ILE F 112 8.41 63.87 34.54
N GLN F 113 8.05 65.15 34.57
CA GLN F 113 6.90 65.62 33.81
C GLN F 113 7.14 65.48 32.31
N ASP F 114 8.38 65.65 31.87
CA ASP F 114 8.71 65.36 30.49
C ASP F 114 8.42 63.91 30.18
N GLY F 115 8.85 63.01 31.07
CA GLY F 115 8.53 61.61 30.90
C GLY F 115 7.04 61.36 30.87
N ILE F 116 6.28 62.03 31.73
CA ILE F 116 4.85 61.76 31.81
C ILE F 116 4.14 62.31 30.59
N SER F 117 4.48 63.52 30.17
CA SER F 117 3.85 64.08 28.98
C SER F 117 4.19 63.24 27.77
N ALA F 118 5.38 62.67 27.76
CA ALA F 118 5.73 61.68 26.77
C ALA F 118 4.79 60.48 26.85
N LEU F 119 4.51 60.02 28.06
CA LEU F 119 3.59 58.90 28.23
C LEU F 119 2.18 59.29 27.79
N THR F 120 1.75 60.51 28.11
CA THR F 120 0.48 61.00 27.61
C THR F 120 0.42 60.90 26.11
N ASP F 121 1.47 61.38 25.45
CA ASP F 121 1.51 61.33 24.00
C ASP F 121 1.42 59.90 23.50
N GLU F 122 1.93 58.96 24.29
CA GLU F 122 1.79 57.56 23.91
C GLU F 122 0.38 57.05 24.15
N ILE F 123 -0.26 57.46 25.25
CA ILE F 123 -1.63 57.04 25.49
C ILE F 123 -2.53 57.60 24.41
N ASP F 124 -2.39 58.88 24.12
CA ASP F 124 -3.10 59.49 23.01
C ASP F 124 -2.78 58.78 21.72
N GLY F 125 -1.54 58.33 21.56
CA GLY F 125 -1.19 57.55 20.39
C GLY F 125 -1.94 56.25 20.33
N ILE F 126 -2.09 55.57 21.47
CA ILE F 126 -2.90 54.37 21.52
C ILE F 126 -4.32 54.70 21.07
N SER F 127 -4.93 55.66 21.75
CA SER F 127 -6.34 55.93 21.52
C SER F 127 -6.59 56.54 20.15
N ASN F 128 -5.56 57.04 19.48
CA ASN F 128 -5.68 57.66 18.17
C ASN F 128 -4.95 56.86 17.09
N ARG F 129 -4.53 55.64 17.38
CA ARG F 129 -3.96 54.73 16.38
C ARG F 129 -4.73 53.42 16.36
N THR F 130 -5.37 53.08 17.48
CA THR F 130 -6.15 51.86 17.51
C THR F 130 -7.37 52.04 16.63
N GLU F 131 -7.24 51.61 15.38
CA GLU F 131 -8.32 51.63 14.41
C GLU F 131 -8.70 50.21 14.04
N PHE F 132 -9.97 50.02 13.71
CA PHE F 132 -10.41 48.83 12.99
C PHE F 132 -11.15 49.27 11.75
N ASN F 133 -10.58 48.98 10.60
CA ASN F 133 -11.18 49.37 9.34
C ASN F 133 -11.37 50.87 9.31
N GLY F 134 -10.37 51.57 9.82
CA GLY F 134 -10.39 53.01 9.94
C GLY F 134 -11.11 53.52 11.16
N LYS F 135 -12.03 52.74 11.70
CA LYS F 135 -12.80 53.16 12.84
C LYS F 135 -11.89 53.24 14.05
N LYS F 136 -11.63 54.45 14.51
CA LYS F 136 -10.74 54.63 15.65
C LYS F 136 -11.43 54.03 16.86
N LEU F 137 -11.09 52.78 17.15
CA LEU F 137 -11.81 51.99 18.15
C LEU F 137 -11.65 52.54 19.55
N LEU F 138 -10.60 53.30 19.80
CA LEU F 138 -10.41 53.99 21.07
C LEU F 138 -10.59 55.49 20.90
N ASP F 139 -11.42 55.89 19.95
CA ASP F 139 -11.92 57.25 19.93
C ASP F 139 -12.81 57.42 21.15
N GLY F 140 -12.31 58.15 22.14
CA GLY F 140 -13.09 58.34 23.35
C GLY F 140 -14.41 59.03 23.13
N THR F 141 -14.57 59.71 21.99
CA THR F 141 -15.84 60.33 21.60
C THR F 141 -16.64 59.46 20.63
N TYR F 142 -16.26 58.20 20.47
CA TYR F 142 -17.02 57.33 19.57
C TYR F 142 -18.45 57.17 20.06
N LYS F 143 -18.63 56.57 21.24
CA LYS F 143 -19.94 56.31 21.81
C LYS F 143 -20.00 56.87 23.23
N VAL F 144 -19.77 58.17 23.36
CA VAL F 144 -20.19 58.84 24.57
C VAL F 144 -21.72 58.90 24.53
N ASP F 145 -22.37 58.13 25.41
CA ASP F 145 -23.83 58.07 25.48
C ASP F 145 -24.45 59.46 25.54
N THR F 146 -23.90 60.32 26.41
CA THR F 146 -24.21 61.75 26.48
C THR F 146 -25.58 62.06 27.08
N ALA F 147 -26.43 61.04 27.24
CA ALA F 147 -27.88 61.23 27.30
C ALA F 147 -28.40 61.88 26.01
N THR F 148 -27.74 61.60 24.88
CA THR F 148 -28.16 62.11 23.58
C THR F 148 -28.08 60.95 22.59
N PRO F 149 -29.21 60.30 22.29
CA PRO F 149 -29.20 59.23 21.28
C PRO F 149 -28.64 59.67 19.94
N ALA F 150 -28.87 60.92 19.57
CA ALA F 150 -28.43 61.40 18.27
C ALA F 150 -26.92 61.32 18.11
N ASN F 151 -26.18 61.40 19.20
CA ASN F 151 -24.72 61.40 19.17
C ASN F 151 -24.21 60.20 19.97
N GLN F 152 -24.23 59.01 19.34
CA GLN F 152 -23.69 57.82 19.99
C GLN F 152 -22.87 56.89 19.09
N LYS F 153 -23.14 56.79 17.79
CA LYS F 153 -22.45 55.81 16.94
C LYS F 153 -22.47 54.41 17.56
N ASN F 154 -23.65 53.97 18.03
CA ASN F 154 -23.79 52.73 18.79
C ASN F 154 -23.06 51.57 18.11
N LEU F 155 -22.12 50.96 18.83
CA LEU F 155 -21.29 49.91 18.25
C LEU F 155 -22.16 48.64 18.17
N VAL F 156 -23.06 48.67 17.19
CA VAL F 156 -23.98 47.56 16.96
C VAL F 156 -23.21 46.41 16.35
N PHE F 157 -23.57 45.17 16.73
CA PHE F 157 -23.13 43.94 16.05
C PHE F 157 -24.38 43.10 15.73
N GLN F 158 -24.83 43.14 14.47
CA GLN F 158 -25.85 42.22 13.97
C GLN F 158 -25.21 40.87 13.79
N ILE F 159 -25.66 39.91 14.60
CA ILE F 159 -25.18 38.54 14.51
C ILE F 159 -26.26 37.59 14.07
N GLY F 160 -27.42 37.62 14.72
CA GLY F 160 -28.43 36.61 14.48
C GLY F 160 -28.95 36.68 13.05
N ALA F 161 -29.16 35.49 12.48
CA ALA F 161 -29.73 35.41 11.14
C ALA F 161 -31.11 36.02 11.07
N ASN F 162 -31.79 36.13 12.21
CA ASN F 162 -33.09 36.76 12.31
C ASN F 162 -32.94 38.25 12.59
N ALA F 163 -33.96 39.00 12.21
CA ALA F 163 -33.91 40.45 12.33
C ALA F 163 -33.87 40.89 13.79
N THR F 164 -33.24 42.05 14.01
CA THR F 164 -33.09 42.73 15.29
C THR F 164 -32.09 42.03 16.22
N GLN F 165 -31.54 40.89 15.84
CA GLN F 165 -30.66 40.15 16.72
C GLN F 165 -29.29 40.81 16.78
N GLN F 166 -29.22 41.94 17.48
CA GLN F 166 -28.06 42.80 17.48
C GLN F 166 -27.50 42.96 18.88
N ILE F 167 -26.21 43.25 18.91
CA ILE F 167 -25.49 43.52 20.15
C ILE F 167 -25.08 44.98 20.19
N SER F 168 -25.32 45.63 21.33
CA SER F 168 -25.02 47.04 21.53
C SER F 168 -23.80 47.16 22.43
N VAL F 169 -22.73 47.79 21.92
CA VAL F 169 -21.46 47.92 22.63
C VAL F 169 -21.10 49.38 22.73
N ASN F 170 -20.30 49.72 23.75
CA ASN F 170 -19.92 51.09 24.02
C ASN F 170 -18.40 51.27 24.10
N ILE F 171 -17.92 52.24 23.33
CA ILE F 171 -16.55 52.75 23.37
C ILE F 171 -16.62 54.13 24.01
N GLU F 172 -15.79 54.40 25.04
CA GLU F 172 -15.64 55.77 25.51
C GLU F 172 -14.24 56.16 25.97
N ASP F 173 -13.25 55.29 25.88
CA ASP F 173 -11.95 55.58 26.50
C ASP F 173 -11.03 56.31 25.53
N MET F 174 -10.08 57.05 26.10
CA MET F 174 -9.05 57.77 25.37
C MET F 174 -8.11 58.38 26.40
N GLY F 175 -7.03 58.97 25.90
CA GLY F 175 -6.05 59.59 26.78
C GLY F 175 -6.62 60.69 27.64
N ALA F 176 -7.54 61.48 27.09
CA ALA F 176 -8.16 62.54 27.86
C ALA F 176 -9.26 62.03 28.79
N ASP F 177 -9.53 60.73 28.82
CA ASP F 177 -10.60 60.14 29.60
C ASP F 177 -10.00 59.48 30.84
N ALA F 178 -9.94 60.22 31.97
CA ALA F 178 -9.26 59.71 33.16
C ALA F 178 -10.11 59.58 34.41
N LEU F 179 -10.47 60.70 35.05
CA LEU F 179 -11.46 60.68 36.12
C LEU F 179 -12.74 61.23 35.52
N GLY F 180 -13.58 60.33 35.08
CA GLY F 180 -14.85 60.71 34.52
C GLY F 180 -15.81 61.05 35.63
N ILE F 181 -15.61 62.22 36.26
CA ILE F 181 -16.54 62.67 37.29
C ILE F 181 -17.95 62.65 36.73
N LYS F 182 -18.15 63.31 35.60
CA LYS F 182 -19.31 63.21 34.73
C LYS F 182 -18.84 63.27 33.28
N GLU F 183 -17.92 64.20 33.06
CA GLU F 183 -17.15 64.45 31.87
C GLU F 183 -15.78 64.90 32.36
N ALA F 184 -14.98 65.47 31.46
CA ALA F 184 -13.72 66.07 31.91
C ALA F 184 -14.03 67.29 32.76
N ASP F 185 -13.48 67.32 33.98
CA ASP F 185 -13.73 68.46 34.85
C ASP F 185 -12.98 69.68 34.34
N GLY F 186 -11.67 69.58 34.27
CA GLY F 186 -10.84 70.67 33.84
C GLY F 186 -9.37 70.33 33.99
N SER F 187 -8.61 71.21 34.63
CA SER F 187 -7.22 70.90 34.94
C SER F 187 -7.11 69.62 35.74
N ILE F 188 -8.10 69.34 36.57
CA ILE F 188 -8.19 68.10 37.29
C ILE F 188 -9.12 67.17 36.53
N ALA F 189 -9.09 65.90 36.93
CA ALA F 189 -10.01 64.84 36.54
C ALA F 189 -9.87 64.31 35.13
N ALA F 190 -9.33 65.12 34.22
CA ALA F 190 -8.95 64.65 32.89
C ALA F 190 -7.56 65.11 32.50
N LEU F 191 -7.31 66.42 32.67
CA LEU F 191 -6.09 67.01 32.13
C LEU F 191 -4.87 66.73 32.97
N HIS F 192 -5.02 66.16 34.16
CA HIS F 192 -3.82 65.61 34.76
C HIS F 192 -3.33 64.42 33.94
N SER F 193 -4.26 63.68 33.32
CA SER F 193 -3.84 62.64 32.41
C SER F 193 -3.23 63.24 31.15
N VAL F 194 -3.74 64.38 30.72
CA VAL F 194 -3.23 65.02 29.51
C VAL F 194 -2.06 65.92 29.87
N ASN F 195 -2.31 66.94 30.69
CA ASN F 195 -1.32 67.99 30.90
C ASN F 195 -0.35 67.66 32.05
N ASP F 196 -0.71 66.76 32.95
CA ASP F 196 0.20 66.36 34.03
C ASP F 196 0.56 67.52 34.97
N LEU F 197 -0.39 67.89 35.83
CA LEU F 197 -0.25 69.02 36.74
C LEU F 197 1.03 69.06 37.58
N ASP F 198 1.76 67.96 37.73
CA ASP F 198 2.96 67.92 38.57
C ASP F 198 4.13 68.52 37.79
N VAL F 199 4.24 69.85 37.85
CA VAL F 199 5.31 70.56 37.16
C VAL F 199 6.23 71.24 38.16
N THR F 200 5.73 72.33 38.73
CA THR F 200 6.27 72.98 39.91
C THR F 200 5.17 73.37 40.87
N LYS F 201 3.93 73.48 40.38
CA LYS F 201 2.77 73.64 41.25
C LYS F 201 2.75 72.58 42.34
N PHE F 202 3.25 71.38 42.03
CA PHE F 202 3.33 70.36 43.07
C PHE F 202 4.27 70.77 44.17
N ALA F 203 5.45 71.27 43.81
CA ALA F 203 6.41 71.67 44.83
C ALA F 203 5.85 72.78 45.71
N ASP F 204 5.00 73.63 45.13
CA ASP F 204 4.35 74.66 45.92
C ASP F 204 3.42 74.06 46.97
N ASN F 205 2.54 73.14 46.55
CA ASN F 205 1.57 72.50 47.44
C ASN F 205 1.63 71.00 47.20
N ALA F 206 2.55 70.34 47.88
CA ALA F 206 2.66 68.90 47.75
C ALA F 206 1.44 68.17 48.29
N ALA F 207 0.77 68.73 49.30
CA ALA F 207 -0.46 68.17 49.85
C ALA F 207 -1.56 69.22 50.11
N ASP F 208 -1.13 70.44 50.35
CA ASP F 208 -1.91 71.49 51.00
C ASP F 208 -3.30 71.83 50.43
N CYS F 209 -3.59 71.50 49.16
CA CYS F 209 -4.82 71.99 48.54
C CYS F 209 -5.59 70.96 47.74
N ALA F 210 -5.13 69.71 47.68
CA ALA F 210 -5.73 68.59 46.97
C ALA F 210 -5.70 68.71 45.46
N ASP F 211 -5.91 69.92 44.92
CA ASP F 211 -5.91 70.20 43.50
C ASP F 211 -4.58 69.86 42.88
N ILE F 212 -3.50 70.27 43.54
CA ILE F 212 -2.18 69.72 43.29
C ILE F 212 -1.62 68.96 44.49
N GLY F 213 -2.33 68.92 45.62
CA GLY F 213 -1.72 68.31 46.79
C GLY F 213 -1.57 66.80 46.74
N PHE F 214 -1.08 66.23 45.63
CA PHE F 214 -0.80 64.80 45.40
C PHE F 214 -2.02 63.89 45.38
N ASP F 215 -3.02 64.28 46.17
CA ASP F 215 -4.27 63.58 46.32
C ASP F 215 -5.03 63.53 45.00
N ALA F 216 -5.38 64.70 44.48
CA ALA F 216 -6.21 64.74 43.28
C ALA F 216 -5.52 64.02 42.13
N GLN F 217 -4.22 64.22 41.99
CA GLN F 217 -3.49 63.63 40.88
C GLN F 217 -3.55 62.11 40.96
N LEU F 218 -3.23 61.59 42.15
CA LEU F 218 -3.28 60.15 42.31
C LEU F 218 -4.69 59.63 42.09
N LYS F 219 -5.70 60.43 42.44
CA LYS F 219 -7.07 60.03 42.20
C LYS F 219 -7.39 60.02 40.71
N VAL F 220 -6.83 60.97 39.96
CA VAL F 220 -7.03 60.95 38.50
C VAL F 220 -6.46 59.66 37.94
N VAL F 221 -5.26 59.32 38.37
CA VAL F 221 -4.63 58.12 37.84
C VAL F 221 -5.43 56.90 38.24
N ASP F 222 -5.83 56.84 39.51
CA ASP F 222 -6.57 55.68 40.00
C ASP F 222 -7.88 55.52 39.25
N GLU F 223 -8.59 56.62 39.04
CA GLU F 223 -9.86 56.50 38.34
C GLU F 223 -9.65 56.20 36.87
N ALA F 224 -8.64 56.83 36.26
CA ALA F 224 -8.29 56.51 34.88
C ALA F 224 -8.12 55.01 34.72
N ILE F 225 -7.35 54.43 35.64
CA ILE F 225 -7.16 52.98 35.64
C ILE F 225 -8.49 52.29 35.82
N ASN F 226 -9.31 52.77 36.74
CA ASN F 226 -10.58 52.12 37.02
C ASN F 226 -11.49 52.17 35.80
N GLN F 227 -11.40 53.23 35.03
CA GLN F 227 -12.18 53.36 33.81
C GLN F 227 -11.64 52.44 32.74
N VAL F 228 -10.33 52.24 32.69
CA VAL F 228 -9.78 51.22 31.81
C VAL F 228 -10.28 49.85 32.25
N SER F 229 -10.26 49.60 33.55
CA SER F 229 -10.69 48.33 34.10
C SER F 229 -12.13 48.03 33.70
N SER F 230 -13.01 49.01 33.85
CA SER F 230 -14.40 48.81 33.54
C SER F 230 -14.63 48.76 32.04
N GLN F 231 -13.85 49.53 31.28
CA GLN F 231 -13.96 49.46 29.83
C GLN F 231 -13.58 48.08 29.34
N ARG F 232 -12.48 47.55 29.86
CA ARG F 232 -12.06 46.20 29.53
C ARG F 232 -13.03 45.18 30.09
N ALA F 233 -13.72 45.54 31.18
CA ALA F 233 -14.72 44.64 31.75
C ALA F 233 -15.90 44.47 30.81
N LYS F 234 -16.42 45.59 30.32
CA LYS F 234 -17.46 45.53 29.30
C LYS F 234 -16.97 44.78 28.09
N LEU F 235 -15.77 45.14 27.65
CA LEU F 235 -15.17 44.59 26.44
C LEU F 235 -15.09 43.07 26.54
N GLY F 236 -14.60 42.57 27.66
CA GLY F 236 -14.47 41.14 27.85
C GLY F 236 -15.80 40.47 28.11
N ALA F 237 -16.74 41.21 28.68
CA ALA F 237 -18.10 40.68 28.80
C ALA F 237 -18.62 40.34 27.43
N VAL F 238 -18.47 41.27 26.49
CA VAL F 238 -18.92 41.01 25.12
C VAL F 238 -18.09 39.91 24.50
N GLN F 239 -16.80 39.84 24.84
CA GLN F 239 -15.99 38.72 24.35
C GLN F 239 -16.60 37.40 24.74
N ASN F 240 -16.96 37.27 26.01
CA ASN F 240 -17.58 36.02 26.46
C ASN F 240 -18.89 35.80 25.74
N ARG F 241 -19.66 36.86 25.53
CA ARG F 241 -20.92 36.74 24.81
C ARG F 241 -20.70 36.14 23.45
N LEU F 242 -19.70 36.63 22.73
CA LEU F 242 -19.49 36.14 21.38
C LEU F 242 -18.91 34.74 21.39
N GLU F 243 -18.18 34.39 22.46
CA GLU F 243 -17.77 33.00 22.61
C GLU F 243 -18.98 32.09 22.66
N HIS F 244 -19.90 32.37 23.58
CA HIS F 244 -21.07 31.51 23.73
C HIS F 244 -21.99 31.62 22.55
N THR F 245 -22.05 32.80 21.93
CA THR F 245 -22.79 32.96 20.70
C THR F 245 -22.28 31.99 19.66
N ILE F 246 -20.97 32.03 19.40
CA ILE F 246 -20.40 31.16 18.37
C ILE F 246 -20.65 29.72 18.70
N ASN F 247 -20.54 29.35 19.96
CA ASN F 247 -20.82 27.96 20.31
C ASN F 247 -22.25 27.60 19.96
N ASN F 248 -23.18 28.52 20.21
CA ASN F 248 -24.56 28.31 19.79
C ASN F 248 -24.68 28.27 18.28
N LEU F 249 -24.01 29.18 17.59
CA LEU F 249 -24.11 29.25 16.13
C LEU F 249 -23.58 27.98 15.51
N SER F 250 -22.55 27.41 16.12
CA SER F 250 -21.96 26.18 15.63
C SER F 250 -22.89 25.01 15.85
N ALA F 251 -23.36 24.84 17.08
CA ALA F 251 -24.23 23.71 17.39
C ALA F 251 -25.54 23.82 16.64
N SER F 252 -26.16 24.99 16.72
CA SER F 252 -27.43 25.24 16.06
C SER F 252 -27.29 25.13 14.56
N GLY F 253 -26.19 25.66 14.02
CA GLY F 253 -25.95 25.53 12.61
C GLY F 253 -25.84 24.09 12.18
N GLU F 254 -25.11 23.29 12.95
CA GLU F 254 -25.03 21.86 12.69
C GLU F 254 -26.40 21.22 12.67
N ASN F 255 -27.15 21.39 13.76
CA ASN F 255 -28.47 20.79 13.86
C ASN F 255 -29.36 21.24 12.72
N LEU F 256 -29.13 22.47 12.24
CA LEU F 256 -29.96 23.01 11.17
C LEU F 256 -29.61 22.41 9.83
N THR F 257 -28.32 22.26 9.54
CA THR F 257 -27.92 21.59 8.31
C THR F 257 -28.35 20.15 8.33
N ALA F 258 -28.40 19.55 9.52
CA ALA F 258 -28.93 18.21 9.64
C ALA F 258 -30.43 18.20 9.35
N ALA F 259 -31.14 19.22 9.84
CA ALA F 259 -32.58 19.32 9.56
C ALA F 259 -32.83 19.41 8.07
N GLU F 260 -32.11 20.30 7.40
CA GLU F 260 -32.18 20.38 5.96
C GLU F 260 -31.89 19.03 5.34
N SER F 261 -30.81 18.40 5.80
CA SER F 261 -30.39 17.11 5.27
C SER F 261 -31.50 16.09 5.39
N ARG F 262 -32.28 16.18 6.46
CA ARG F 262 -33.44 15.31 6.58
C ARG F 262 -34.47 15.63 5.52
N ILE F 263 -34.66 16.92 5.22
CA ILE F 263 -35.58 17.24 4.13
C ILE F 263 -35.04 16.69 2.82
N ARG F 264 -33.77 16.96 2.53
CA ARG F 264 -33.15 16.49 1.31
C ARG F 264 -32.50 15.12 1.46
N ASP F 265 -32.83 14.38 2.53
CA ASP F 265 -32.26 13.05 2.76
C ASP F 265 -32.48 12.16 1.56
N VAL F 266 -31.41 11.84 0.84
CA VAL F 266 -31.45 10.80 -0.16
C VAL F 266 -31.00 9.52 0.50
N ASP F 267 -31.89 8.53 0.53
CA ASP F 267 -31.48 7.17 0.82
C ASP F 267 -30.85 6.66 -0.45
N MET F 268 -29.57 6.97 -0.61
CA MET F 268 -28.86 6.69 -1.86
C MET F 268 -28.92 5.20 -2.18
N ALA F 269 -28.91 4.35 -1.17
CA ALA F 269 -29.05 2.93 -1.43
C ALA F 269 -30.43 2.60 -1.97
N LYS F 270 -31.46 3.17 -1.34
CA LYS F 270 -32.81 3.00 -1.86
C LYS F 270 -32.90 3.45 -3.29
N GLU F 271 -32.36 4.63 -3.57
CA GLU F 271 -32.59 5.24 -4.87
C GLU F 271 -31.80 4.55 -5.96
N MET F 272 -30.62 4.03 -5.63
CA MET F 272 -29.92 3.16 -6.59
C MET F 272 -30.71 1.88 -6.82
N SER F 273 -31.27 1.32 -5.74
CA SER F 273 -32.04 0.09 -5.86
C SER F 273 -33.27 0.31 -6.72
N GLU F 274 -34.03 1.36 -6.42
CA GLU F 274 -35.22 1.67 -7.18
C GLU F 274 -34.87 2.01 -8.62
N PHE F 275 -33.75 2.69 -8.81
CA PHE F 275 -33.25 2.96 -10.15
C PHE F 275 -33.08 1.66 -10.91
N THR F 276 -32.34 0.74 -10.31
CA THR F 276 -32.12 -0.58 -10.89
C THR F 276 -33.43 -1.22 -11.29
N LYS F 277 -34.36 -1.25 -10.35
CA LYS F 277 -35.66 -1.86 -10.60
C LYS F 277 -36.33 -1.24 -11.80
N ASN F 278 -36.35 0.10 -11.86
CA ASN F 278 -37.06 0.75 -12.94
C ASN F 278 -36.39 0.50 -14.28
N ASN F 279 -35.06 0.33 -14.30
CA ASN F 279 -34.41 -0.12 -15.52
C ASN F 279 -34.94 -1.46 -15.95
N ILE F 280 -34.90 -2.41 -15.01
CA ILE F 280 -35.38 -3.77 -15.27
C ILE F 280 -36.78 -3.72 -15.83
N LEU F 281 -37.65 -2.95 -15.19
CA LEU F 281 -39.05 -2.91 -15.54
C LEU F 281 -39.24 -2.30 -16.92
N SER F 282 -38.50 -1.25 -17.22
CA SER F 282 -38.56 -0.67 -18.56
C SER F 282 -38.18 -1.71 -19.60
N GLN F 283 -37.05 -2.36 -19.39
CA GLN F 283 -36.55 -3.32 -20.38
C GLN F 283 -37.53 -4.47 -20.58
N ALA F 284 -38.06 -4.99 -19.48
CA ALA F 284 -39.03 -6.06 -19.54
C ALA F 284 -40.25 -5.65 -20.34
N SER F 285 -40.77 -4.46 -20.04
CA SER F 285 -41.96 -3.99 -20.73
C SER F 285 -41.69 -3.84 -22.22
N GLN F 286 -40.50 -3.37 -22.59
CA GLN F 286 -40.19 -3.24 -24.01
C GLN F 286 -40.12 -4.59 -24.69
N ALA F 287 -39.53 -5.58 -24.01
CA ALA F 287 -39.53 -6.93 -24.54
C ALA F 287 -40.95 -7.39 -24.81
N MET F 288 -41.85 -7.09 -23.89
CA MET F 288 -43.23 -7.46 -24.10
C MET F 288 -43.85 -6.68 -25.25
N LEU F 289 -43.42 -5.43 -25.47
CA LEU F 289 -43.95 -4.70 -26.61
C LEU F 289 -43.50 -5.32 -27.92
N ALA F 290 -42.25 -5.80 -27.94
CA ALA F 290 -41.81 -6.57 -29.09
C ALA F 290 -42.71 -7.75 -29.30
N GLN F 291 -42.98 -8.51 -28.23
CA GLN F 291 -43.85 -9.68 -28.35
C GLN F 291 -45.24 -9.29 -28.85
N ALA F 292 -45.75 -8.15 -28.39
CA ALA F 292 -47.02 -7.65 -28.87
C ALA F 292 -46.97 -7.39 -30.36
N ASN F 293 -45.80 -7.03 -30.86
CA ASN F 293 -45.65 -6.89 -32.30
C ASN F 293 -45.38 -8.22 -33.00
N GLN F 294 -44.95 -9.24 -32.25
CA GLN F 294 -44.67 -10.54 -32.86
C GLN F 294 -45.93 -11.34 -33.08
N GLN F 295 -46.80 -11.40 -32.07
CA GLN F 295 -48.03 -12.17 -32.16
C GLN F 295 -48.84 -11.89 -33.42
N PRO F 296 -49.18 -10.66 -33.77
CA PRO F 296 -49.98 -10.46 -34.98
C PRO F 296 -49.26 -10.85 -36.27
N GLN F 297 -47.94 -10.99 -36.25
CA GLN F 297 -47.24 -11.50 -37.43
C GLN F 297 -47.48 -13.00 -37.57
N ASN F 298 -47.36 -13.70 -36.45
CA ASN F 298 -47.76 -15.11 -36.43
C ASN F 298 -49.16 -15.24 -36.95
N VAL F 299 -50.06 -14.36 -36.50
CA VAL F 299 -51.43 -14.36 -37.00
C VAL F 299 -51.45 -14.18 -38.50
N LEU F 300 -50.66 -13.23 -39.00
CA LEU F 300 -50.65 -12.95 -40.43
C LEU F 300 -50.35 -14.20 -41.22
N GLN F 301 -49.26 -14.88 -40.87
CA GLN F 301 -48.92 -16.10 -41.58
C GLN F 301 -50.02 -17.14 -41.43
N LEU F 302 -50.45 -17.37 -40.20
CA LEU F 302 -51.36 -18.46 -39.91
C LEU F 302 -52.70 -18.28 -40.59
N LEU F 303 -53.12 -17.03 -40.79
CA LEU F 303 -54.36 -16.71 -41.47
C LEU F 303 -54.12 -16.17 -42.87
N ARG F 304 -53.05 -16.59 -43.50
CA ARG F 304 -52.81 -16.24 -44.88
C ARG F 304 -53.38 -17.33 -45.78
N ILE G 3 -68.49 -10.43 -64.95
CA ILE G 3 -67.84 -9.08 -64.91
C ILE G 3 -66.37 -9.17 -64.53
N ASN G 4 -65.71 -10.23 -64.98
CA ASN G 4 -64.35 -10.53 -64.54
C ASN G 4 -63.41 -9.35 -64.74
N HIS G 5 -63.50 -8.69 -65.89
CA HIS G 5 -62.62 -7.58 -66.20
C HIS G 5 -62.85 -6.33 -65.36
N ASN G 6 -63.89 -6.31 -64.53
CA ASN G 6 -64.19 -5.15 -63.71
C ASN G 6 -63.82 -5.34 -62.24
N ILE G 7 -63.41 -6.53 -61.83
CA ILE G 7 -63.16 -6.84 -60.43
C ILE G 7 -61.66 -6.85 -60.21
N ALA G 8 -61.21 -6.02 -59.28
CA ALA G 8 -59.83 -6.04 -58.84
C ALA G 8 -59.73 -5.81 -57.33
N ALA G 9 -60.85 -5.81 -56.61
CA ALA G 9 -60.88 -5.45 -55.21
C ALA G 9 -60.24 -4.10 -55.01
N LEU G 10 -60.71 -3.14 -55.79
CA LEU G 10 -60.05 -1.84 -55.85
C LEU G 10 -60.04 -1.15 -54.49
N ASN G 11 -60.99 -1.48 -53.61
CA ASN G 11 -60.91 -0.97 -52.25
C ASN G 11 -59.69 -1.55 -51.56
N THR G 12 -59.40 -2.82 -51.83
CA THR G 12 -58.16 -3.39 -51.30
C THR G 12 -56.97 -2.64 -51.85
N LEU G 13 -57.02 -2.26 -53.13
CA LEU G 13 -55.91 -1.55 -53.73
C LEU G 13 -55.71 -0.20 -53.07
N ASN G 14 -56.83 0.46 -52.78
CA ASN G 14 -56.77 1.74 -52.09
C ASN G 14 -56.18 1.57 -50.69
N ARG G 15 -56.58 0.51 -50.00
CA ARG G 15 -55.96 0.21 -48.71
C ARG G 15 -54.48 -0.05 -48.89
N LEU G 16 -54.11 -0.61 -50.04
CA LEU G 16 -52.72 -0.91 -50.24
C LEU G 16 -51.91 0.35 -50.32
N SER G 17 -52.34 1.28 -51.16
CA SER G 17 -51.66 2.56 -51.27
C SER G 17 -51.57 3.23 -49.91
N SER G 18 -52.68 3.22 -49.18
CA SER G 18 -52.71 3.82 -47.84
C SER G 18 -51.68 3.17 -46.93
N ASN G 19 -51.65 1.84 -46.91
CA ASN G 19 -50.77 1.12 -46.00
C ASN G 19 -49.32 1.36 -46.34
N ASN G 20 -49.00 1.40 -47.64
CA ASN G 20 -47.62 1.63 -48.03
C ASN G 20 -47.15 3.01 -47.60
N SER G 21 -48.00 4.01 -47.81
CA SER G 21 -47.63 5.34 -47.33
C SER G 21 -47.54 5.36 -45.81
N ALA G 22 -48.41 4.60 -45.13
CA ALA G 22 -48.42 4.60 -43.68
C ALA G 22 -47.10 4.06 -43.14
N SER G 23 -46.72 2.86 -43.56
CA SER G 23 -45.46 2.28 -43.12
C SER G 23 -44.29 3.18 -43.50
N GLN G 24 -44.36 3.79 -44.69
CA GLN G 24 -43.34 4.75 -45.10
C GLN G 24 -43.18 5.86 -44.07
N LYS G 25 -44.30 6.46 -43.68
CA LYS G 25 -44.25 7.55 -42.72
C LYS G 25 -43.65 7.09 -41.41
N ASN G 26 -44.05 5.89 -40.97
CA ASN G 26 -43.49 5.33 -39.76
C ASN G 26 -41.97 5.28 -39.85
N MET G 27 -41.44 4.74 -40.95
CA MET G 27 -39.98 4.68 -41.11
C MET G 27 -39.36 6.05 -41.02
N GLU G 28 -39.89 6.97 -41.82
CA GLU G 28 -39.32 8.29 -41.94
C GLU G 28 -39.18 8.95 -40.58
N LYS G 29 -40.20 8.77 -39.74
CA LYS G 29 -40.11 9.28 -38.39
C LYS G 29 -39.11 8.48 -37.57
N LEU G 30 -39.13 7.15 -37.72
CA LEU G 30 -38.21 6.29 -36.99
C LEU G 30 -36.77 6.59 -37.38
N SER G 31 -36.51 6.63 -38.67
CA SER G 31 -35.16 6.87 -39.17
C SER G 31 -34.65 8.22 -38.73
N SER G 32 -35.47 9.25 -38.89
CA SER G 32 -35.06 10.59 -38.53
C SER G 32 -35.15 10.84 -37.03
N GLY G 33 -35.90 10.02 -36.31
CA GLY G 33 -36.12 10.29 -34.92
C GLY G 33 -36.99 11.49 -34.69
N LEU G 34 -37.89 11.76 -35.65
CA LEU G 34 -38.70 12.97 -35.66
C LEU G 34 -40.16 12.56 -35.67
N ARG G 35 -40.88 12.89 -34.61
CA ARG G 35 -42.32 12.82 -34.70
C ARG G 35 -42.85 13.98 -35.52
N ILE G 36 -42.12 15.10 -35.51
CA ILE G 36 -42.50 16.24 -36.32
C ILE G 36 -42.51 15.82 -37.79
N ASN G 37 -43.29 16.53 -38.57
CA ASN G 37 -43.34 16.32 -40.00
C ASN G 37 -42.33 17.23 -40.68
N ARG G 38 -41.86 16.77 -41.84
CA ARG G 38 -41.21 17.71 -42.75
C ARG G 38 -42.25 18.67 -43.32
N ALA G 39 -43.42 18.15 -43.64
CA ALA G 39 -44.52 18.94 -44.15
C ALA G 39 -45.10 19.81 -43.05
N GLY G 40 -45.80 20.87 -43.46
CA GLY G 40 -46.42 21.82 -42.57
C GLY G 40 -47.56 21.28 -41.75
N ASP G 41 -47.88 20.00 -41.86
CA ASP G 41 -48.89 19.39 -41.01
C ASP G 41 -48.49 19.57 -39.56
N ASP G 42 -49.32 20.31 -38.82
CA ASP G 42 -48.98 20.85 -37.50
C ASP G 42 -47.84 21.86 -37.59
N ALA G 43 -47.98 22.81 -38.51
CA ALA G 43 -47.02 23.90 -38.60
C ALA G 43 -46.98 24.74 -37.33
N ALA G 44 -48.05 24.68 -36.52
CA ALA G 44 -47.98 25.29 -35.20
C ALA G 44 -46.84 24.69 -34.40
N GLY G 45 -46.94 23.40 -34.09
CA GLY G 45 -45.90 22.73 -33.31
C GLY G 45 -44.54 22.83 -33.96
N LEU G 46 -44.50 22.78 -35.29
CA LEU G 46 -43.24 22.92 -35.99
C LEU G 46 -42.63 24.27 -35.71
N ALA G 47 -43.35 25.34 -36.07
CA ALA G 47 -42.86 26.71 -35.89
C ALA G 47 -42.47 26.97 -34.45
N ILE G 48 -43.18 26.34 -33.51
CA ILE G 48 -42.76 26.43 -32.13
C ILE G 48 -41.36 25.84 -31.99
N SER G 49 -41.20 24.57 -32.37
CA SER G 49 -39.91 23.91 -32.18
C SER G 49 -38.79 24.61 -32.92
N GLU G 50 -39.13 25.23 -34.03
CA GLU G 50 -38.20 26.09 -34.74
C GLU G 50 -37.75 27.22 -33.84
N LYS G 51 -38.71 27.90 -33.24
CA LYS G 51 -38.39 28.99 -32.32
C LYS G 51 -37.63 28.49 -31.11
N MET G 52 -38.01 27.30 -30.63
CA MET G 52 -37.32 26.67 -29.52
C MET G 52 -35.86 26.53 -29.86
N ARG G 53 -35.57 25.84 -30.97
CA ARG G 53 -34.18 25.59 -31.37
C ARG G 53 -33.42 26.87 -31.57
N GLY G 54 -34.09 27.89 -32.12
CA GLY G 54 -33.46 29.19 -32.21
C GLY G 54 -33.01 29.66 -30.85
N GLN G 55 -33.87 29.53 -29.85
CA GLN G 55 -33.48 29.94 -28.52
C GLN G 55 -32.47 28.98 -27.91
N ILE G 56 -32.62 27.66 -28.10
CA ILE G 56 -31.67 26.68 -27.59
C ILE G 56 -30.27 27.03 -28.04
N ARG G 57 -30.10 27.07 -29.34
CA ARG G 57 -28.81 27.39 -29.94
C ARG G 57 -28.32 28.74 -29.43
N GLY G 58 -29.24 29.69 -29.29
CA GLY G 58 -28.85 30.96 -28.72
C GLY G 58 -28.41 30.85 -27.27
N LEU G 59 -28.91 29.86 -26.55
CA LEU G 59 -28.50 29.65 -25.16
C LEU G 59 -27.16 28.95 -25.10
N GLU G 60 -26.88 28.09 -26.08
CA GLU G 60 -25.57 27.47 -26.17
C GLU G 60 -24.52 28.54 -26.41
N MET G 61 -24.77 29.41 -27.39
CA MET G 61 -23.86 30.52 -27.64
C MET G 61 -23.91 31.53 -26.51
N ALA G 62 -25.01 31.57 -25.76
CA ALA G 62 -25.07 32.43 -24.58
C ALA G 62 -24.13 31.94 -23.51
N SER G 63 -24.17 30.63 -23.24
CA SER G 63 -23.25 30.04 -22.28
C SER G 63 -21.83 30.30 -22.72
N LYS G 64 -21.55 30.08 -24.01
CA LYS G 64 -20.26 30.40 -24.57
C LYS G 64 -19.85 31.84 -24.27
N ASN G 65 -20.72 32.79 -24.60
CA ASN G 65 -20.39 34.20 -24.41
C ASN G 65 -20.17 34.53 -22.95
N SER G 66 -20.95 33.91 -22.07
CA SER G 66 -20.83 34.22 -20.65
C SER G 66 -19.56 33.64 -20.08
N GLN G 67 -19.20 32.42 -20.49
CA GLN G 67 -17.93 31.85 -20.08
C GLN G 67 -16.78 32.72 -20.56
N ASP G 68 -16.91 33.24 -21.78
CA ASP G 68 -15.91 34.15 -22.30
C ASP G 68 -15.85 35.42 -21.45
N GLY G 69 -17.03 35.92 -21.05
CA GLY G 69 -17.09 36.98 -20.05
C GLY G 69 -16.26 36.65 -18.84
N ILE G 70 -16.44 35.44 -18.31
CA ILE G 70 -15.71 35.02 -17.13
C ILE G 70 -14.22 35.03 -17.39
N SER G 71 -13.81 34.58 -18.56
CA SER G 71 -12.40 34.55 -18.88
C SER G 71 -11.80 35.94 -18.84
N LEU G 72 -12.52 36.90 -19.43
CA LEU G 72 -12.11 38.30 -19.34
C LEU G 72 -12.00 38.73 -17.89
N ILE G 73 -13.06 38.43 -17.12
CA ILE G 73 -13.12 38.85 -15.73
C ILE G 73 -11.90 38.35 -14.99
N GLN G 74 -11.70 37.04 -14.98
CA GLN G 74 -10.63 36.44 -14.19
C GLN G 74 -9.27 36.91 -14.65
N THR G 75 -9.12 37.21 -15.94
CA THR G 75 -7.89 37.83 -16.40
C THR G 75 -7.64 39.13 -15.66
N ALA G 76 -8.59 40.06 -15.79
CA ALA G 76 -8.43 41.36 -15.15
C ALA G 76 -8.34 41.21 -13.65
N GLU G 77 -9.09 40.26 -13.10
CA GLU G 77 -9.12 39.98 -11.67
C GLU G 77 -7.74 39.65 -11.15
N GLY G 78 -7.11 38.63 -11.74
CA GLY G 78 -5.78 38.24 -11.29
C GLY G 78 -4.79 39.35 -11.46
N ALA G 79 -4.93 40.12 -12.54
CA ALA G 79 -4.05 41.25 -12.75
C ALA G 79 -4.20 42.28 -11.65
N LEU G 80 -5.44 42.57 -11.24
CA LEU G 80 -5.68 43.54 -10.19
C LEU G 80 -5.26 43.00 -8.83
N THR G 81 -5.32 41.69 -8.65
CA THR G 81 -4.79 41.09 -7.44
C THR G 81 -3.31 41.33 -7.34
N GLU G 82 -2.59 41.15 -8.45
CA GLU G 82 -1.16 41.41 -8.43
C GLU G 82 -0.88 42.89 -8.22
N THR G 83 -1.65 43.75 -8.88
CA THR G 83 -1.54 45.18 -8.68
C THR G 83 -1.66 45.49 -7.20
N HIS G 84 -2.68 44.92 -6.59
CA HIS G 84 -2.93 45.13 -5.18
C HIS G 84 -1.75 44.71 -4.34
N ALA G 85 -1.21 43.52 -4.62
CA ALA G 85 -0.05 43.05 -3.89
C ALA G 85 1.10 44.04 -3.98
N ILE G 86 1.30 44.59 -5.19
CA ILE G 86 2.29 45.64 -5.34
C ILE G 86 1.96 46.78 -4.40
N LEU G 87 0.72 47.23 -4.41
CA LEU G 87 0.34 48.37 -3.59
C LEU G 87 0.57 48.11 -2.11
N GLN G 88 0.45 46.86 -1.68
CA GLN G 88 0.87 46.53 -0.32
C GLN G 88 2.35 46.81 -0.15
N ARG G 89 3.16 46.37 -1.12
CA ARG G 89 4.58 46.69 -1.02
C ARG G 89 4.81 48.17 -1.04
N VAL G 90 4.03 48.89 -1.84
CA VAL G 90 4.17 50.34 -1.91
C VAL G 90 3.98 50.93 -0.54
N ARG G 91 2.89 50.55 0.15
CA ARG G 91 2.65 51.15 1.45
C ARG G 91 3.74 50.78 2.43
N GLU G 92 4.30 49.57 2.32
CA GLU G 92 5.50 49.27 3.11
C GLU G 92 6.56 50.31 2.85
N LEU G 93 6.74 50.65 1.57
CA LEU G 93 7.74 51.63 1.21
C LEU G 93 7.29 53.04 1.53
N VAL G 94 5.99 53.26 1.77
CA VAL G 94 5.54 54.56 2.24
C VAL G 94 5.90 54.72 3.69
N VAL G 95 5.65 53.69 4.48
CA VAL G 95 5.95 53.78 5.90
C VAL G 95 7.45 53.87 6.11
N GLN G 96 8.23 53.15 5.31
CA GLN G 96 9.66 53.40 5.31
C GLN G 96 9.94 54.80 4.78
N ALA G 97 9.16 55.25 3.81
CA ALA G 97 9.28 56.59 3.26
C ALA G 97 8.58 57.63 4.11
N GLY G 98 8.28 57.25 5.34
CA GLY G 98 8.33 58.20 6.42
C GLY G 98 9.75 58.57 6.81
N ASN G 99 10.77 58.13 6.04
CA ASN G 99 12.15 58.55 6.20
C ASN G 99 12.73 57.93 7.46
N THR G 100 12.01 56.93 8.00
CA THR G 100 12.13 56.57 9.40
C THR G 100 12.21 57.85 10.23
N GLY G 101 11.24 58.72 9.96
CA GLY G 101 11.27 60.02 10.58
C GLY G 101 12.17 60.99 9.86
N THR G 102 13.40 61.12 10.37
CA THR G 102 14.47 61.80 9.67
C THR G 102 15.70 60.92 9.48
N GLN G 103 15.65 59.68 9.98
CA GLN G 103 16.87 58.88 10.07
C GLN G 103 17.40 58.50 8.71
N ASP G 104 16.53 58.19 7.76
CA ASP G 104 17.01 57.93 6.42
C ASP G 104 17.51 59.25 5.84
N LYS G 105 18.47 59.15 4.94
CA LYS G 105 19.01 60.33 4.26
C LYS G 105 18.39 60.46 2.88
N ALA G 106 18.77 61.51 2.17
CA ALA G 106 18.19 61.77 0.86
C ALA G 106 18.49 60.62 -0.11
N THR G 107 19.70 60.08 -0.04
CA THR G 107 20.04 58.93 -0.88
C THR G 107 19.19 57.73 -0.53
N ASP G 108 18.93 57.53 0.76
CA ASP G 108 18.08 56.41 1.15
C ASP G 108 16.69 56.56 0.56
N LEU G 109 16.13 57.77 0.66
CA LEU G 109 14.84 58.04 0.03
C LEU G 109 14.90 57.85 -1.47
N GLN G 110 16.05 58.12 -2.08
CA GLN G 110 16.19 57.91 -3.51
C GLN G 110 16.28 56.42 -3.84
N SER G 111 16.93 55.65 -2.98
CA SER G 111 16.96 54.21 -3.17
C SER G 111 15.55 53.66 -3.11
N ILE G 112 14.80 54.08 -2.09
CA ILE G 112 13.40 53.70 -1.97
C ILE G 112 12.64 54.13 -3.22
N GLN G 113 12.84 55.38 -3.63
CA GLN G 113 12.10 55.93 -4.76
C GLN G 113 12.43 55.20 -6.04
N ASP G 114 13.68 54.76 -6.17
CA ASP G 114 14.04 53.90 -7.30
C ASP G 114 13.20 52.64 -7.26
N GLY G 115 13.11 52.03 -6.09
CA GLY G 115 12.26 50.86 -5.96
C GLY G 115 10.81 51.15 -6.28
N ILE G 116 10.30 52.30 -5.86
CA ILE G 116 8.90 52.59 -6.07
C ILE G 116 8.62 52.89 -7.52
N SER G 117 9.48 53.68 -8.16
CA SER G 117 9.30 53.97 -9.57
C SER G 117 9.40 52.70 -10.39
N ALA G 118 10.24 51.78 -9.94
CA ALA G 118 10.27 50.44 -10.52
C ALA G 118 8.91 49.77 -10.35
N LEU G 119 8.32 49.89 -9.16
CA LEU G 119 7.01 49.31 -8.94
C LEU G 119 5.95 49.97 -9.79
N THR G 120 6.03 51.29 -9.95
CA THR G 120 5.15 52.01 -10.85
C THR G 120 5.24 51.40 -12.23
N ASP G 121 6.46 51.23 -12.73
CA ASP G 121 6.66 50.66 -14.04
C ASP G 121 6.04 49.28 -14.13
N GLU G 122 6.02 48.56 -13.02
CA GLU G 122 5.36 47.25 -13.03
C GLU G 122 3.85 47.39 -13.03
N ILE G 123 3.31 48.35 -12.27
CA ILE G 123 1.87 48.56 -12.27
C ILE G 123 1.41 48.98 -13.67
N ASP G 124 2.12 49.95 -14.24
CA ASP G 124 1.86 50.35 -15.62
C ASP G 124 2.00 49.15 -16.55
N GLY G 125 2.96 48.27 -16.26
CA GLY G 125 3.10 47.07 -17.05
C GLY G 125 1.89 46.17 -16.94
N ILE G 126 1.34 46.04 -15.73
CA ILE G 126 0.10 45.30 -15.57
C ILE G 126 -0.99 45.92 -16.42
N SER G 127 -1.23 47.21 -16.21
CA SER G 127 -2.36 47.86 -16.84
C SER G 127 -2.17 48.01 -18.34
N ASN G 128 -0.94 47.84 -18.84
CA ASN G 128 -0.64 47.96 -20.27
C ASN G 128 -0.18 46.63 -20.87
N ARG G 129 -0.34 45.53 -20.15
CA ARG G 129 -0.08 44.19 -20.70
C ARG G 129 -1.31 43.32 -20.55
N THR G 130 -2.17 43.63 -19.59
CA THR G 130 -3.37 42.87 -19.41
C THR G 130 -4.30 43.14 -20.59
N GLU G 131 -4.21 42.29 -21.60
CA GLU G 131 -5.05 42.35 -22.77
C GLU G 131 -5.94 41.11 -22.83
N PHE G 132 -7.13 41.27 -23.41
CA PHE G 132 -7.93 40.14 -23.86
C PHE G 132 -8.27 40.35 -25.32
N ASN G 133 -7.73 39.50 -26.17
CA ASN G 133 -7.94 39.60 -27.59
C ASN G 133 -7.50 40.96 -28.06
N GLY G 134 -6.35 41.40 -27.53
CA GLY G 134 -5.80 42.69 -27.82
C GLY G 134 -6.39 43.82 -27.01
N LYS G 135 -7.61 43.65 -26.53
CA LYS G 135 -8.27 44.69 -25.77
C LYS G 135 -7.56 44.86 -24.44
N LYS G 136 -6.88 45.98 -24.27
CA LYS G 136 -6.15 46.23 -23.05
C LYS G 136 -7.17 46.37 -21.93
N LEU G 137 -7.41 45.26 -21.23
CA LEU G 137 -8.50 45.17 -20.27
C LEU G 137 -8.31 46.09 -19.09
N LEU G 138 -7.08 46.47 -18.80
CA LEU G 138 -6.78 47.45 -17.76
C LEU G 138 -6.29 48.76 -18.36
N ASP G 139 -6.76 49.06 -19.56
CA ASP G 139 -6.65 50.42 -20.08
C ASP G 139 -7.53 51.29 -19.22
N GLY G 140 -6.90 52.11 -18.37
CA GLY G 140 -7.67 52.96 -17.49
C GLY G 140 -8.56 53.95 -18.23
N THR G 141 -8.28 54.20 -19.51
CA THR G 141 -9.11 55.04 -20.35
C THR G 141 -10.07 54.23 -21.22
N TYR G 142 -10.24 52.94 -20.94
CA TYR G 142 -11.18 52.14 -21.72
C TYR G 142 -12.60 52.67 -21.58
N LYS G 143 -13.14 52.62 -20.37
CA LYS G 143 -14.51 53.07 -20.09
C LYS G 143 -14.51 54.07 -18.95
N VAL G 144 -13.78 55.16 -19.12
CA VAL G 144 -14.03 56.31 -18.27
C VAL G 144 -15.37 56.89 -18.72
N ASP G 145 -16.38 56.77 -17.85
CA ASP G 145 -17.73 57.25 -18.14
C ASP G 145 -17.73 58.69 -18.61
N THR G 146 -16.98 59.54 -17.91
CA THR G 146 -16.67 60.92 -18.30
C THR G 146 -17.86 61.88 -18.18
N ALA G 147 -19.07 61.35 -17.97
CA ALA G 147 -20.30 62.04 -18.33
C ALA G 147 -20.34 62.34 -19.83
N THR G 148 -19.72 61.47 -20.64
CA THR G 148 -19.74 61.60 -22.09
C THR G 148 -20.03 60.22 -22.67
N PRO G 149 -21.28 59.95 -23.06
CA PRO G 149 -21.58 58.67 -23.71
C PRO G 149 -20.73 58.38 -24.92
N ALA G 150 -20.38 59.42 -25.68
CA ALA G 150 -19.62 59.23 -26.90
C ALA G 150 -18.28 58.56 -26.65
N ASN G 151 -17.70 58.77 -25.47
CA ASN G 151 -16.39 58.24 -25.13
C ASN G 151 -16.53 57.30 -23.94
N GLN G 152 -16.95 56.05 -24.20
CA GLN G 152 -17.04 55.06 -23.14
C GLN G 152 -16.58 53.65 -23.52
N LYS G 153 -16.71 53.20 -24.77
CA LYS G 153 -16.38 51.81 -25.10
C LYS G 153 -17.06 50.83 -24.15
N ASN G 154 -18.35 51.02 -23.90
CA ASN G 154 -19.08 50.24 -22.88
C ASN G 154 -18.82 48.76 -23.02
N LEU G 155 -18.31 48.14 -21.94
CA LEU G 155 -17.95 46.73 -22.00
C LEU G 155 -19.22 45.90 -21.94
N VAL G 156 -19.92 45.91 -23.09
CA VAL G 156 -21.17 45.20 -23.22
C VAL G 156 -20.89 43.71 -23.30
N PHE G 157 -21.76 42.88 -22.69
CA PHE G 157 -21.80 41.42 -22.88
C PHE G 157 -23.22 41.02 -23.25
N GLN G 158 -23.46 40.78 -24.55
CA GLN G 158 -24.70 40.16 -25.02
C GLN G 158 -24.67 38.69 -24.65
N ILE G 159 -25.56 38.30 -23.77
CA ILE G 159 -25.68 36.92 -23.34
C ILE G 159 -27.02 36.32 -23.77
N GLY G 160 -28.12 36.98 -23.46
CA GLY G 160 -29.41 36.37 -23.67
C GLY G 160 -29.68 36.11 -25.14
N ALA G 161 -30.30 34.95 -25.40
CA ALA G 161 -30.67 34.61 -26.77
C ALA G 161 -31.66 35.61 -27.34
N ASN G 162 -32.37 36.34 -26.49
CA ASN G 162 -33.30 37.38 -26.90
C ASN G 162 -32.58 38.71 -26.99
N ALA G 163 -33.13 39.59 -27.82
CA ALA G 163 -32.51 40.88 -28.09
C ALA G 163 -32.46 41.76 -26.85
N THR G 164 -31.44 42.62 -26.79
CA THR G 164 -31.18 43.60 -25.75
C THR G 164 -30.69 42.98 -24.46
N GLN G 165 -30.62 41.66 -24.36
CA GLN G 165 -30.24 41.01 -23.11
C GLN G 165 -28.75 41.13 -22.90
N GLN G 166 -28.30 42.32 -22.53
CA GLN G 166 -26.88 42.66 -22.47
C GLN G 166 -26.48 43.10 -21.08
N ILE G 167 -25.20 42.91 -20.80
CA ILE G 167 -24.60 43.32 -19.55
C ILE G 167 -23.63 44.46 -19.81
N SER G 168 -23.72 45.51 -18.99
CA SER G 168 -22.88 46.69 -19.11
C SER G 168 -21.84 46.69 -17.99
N VAL G 169 -20.56 46.68 -18.37
CA VAL G 169 -19.45 46.59 -17.43
C VAL G 169 -18.53 47.78 -17.64
N ASN G 170 -17.80 48.14 -16.59
CA ASN G 170 -16.91 49.30 -16.61
C ASN G 170 -15.48 48.94 -16.22
N ILE G 171 -14.55 49.35 -17.06
CA ILE G 171 -13.11 49.33 -16.83
C ILE G 171 -12.68 50.77 -16.61
N GLU G 172 -11.95 51.07 -15.53
CA GLU G 172 -11.30 52.38 -15.43
C GLU G 172 -9.93 52.39 -14.75
N ASP G 173 -9.39 51.25 -14.34
CA ASP G 173 -8.18 51.27 -13.53
C ASP G 173 -6.92 51.24 -14.40
N MET G 174 -5.84 51.75 -13.84
CA MET G 174 -4.52 51.76 -14.46
C MET G 174 -3.54 52.31 -13.43
N GLY G 175 -2.25 52.27 -13.79
CA GLY G 175 -1.22 52.77 -12.88
C GLY G 175 -1.39 54.23 -12.53
N ALA G 176 -1.82 55.06 -13.48
CA ALA G 176 -2.05 56.46 -13.21
C ALA G 176 -3.36 56.73 -12.49
N ASP G 177 -4.14 55.69 -12.18
CA ASP G 177 -5.45 55.83 -11.55
C ASP G 177 -5.33 55.49 -10.07
N ALA G 178 -5.11 56.50 -9.21
CA ALA G 178 -4.85 56.24 -7.80
C ALA G 178 -5.84 56.86 -6.81
N LEU G 179 -5.77 58.18 -6.62
CA LEU G 179 -6.80 58.89 -5.86
C LEU G 179 -7.65 59.61 -6.89
N GLY G 180 -8.73 58.96 -7.27
CA GLY G 180 -9.65 59.54 -8.22
C GLY G 180 -10.50 60.57 -7.52
N ILE G 181 -9.92 61.73 -7.19
CA ILE G 181 -10.71 62.80 -6.59
C ILE G 181 -11.92 63.09 -7.46
N LYS G 182 -11.68 63.33 -8.75
CA LYS G 182 -12.66 63.36 -9.81
C LYS G 182 -12.04 62.73 -11.06
N GLU G 183 -10.79 63.14 -11.28
CA GLU G 183 -9.86 62.68 -12.27
C GLU G 183 -8.49 62.75 -11.60
N ALA G 184 -7.42 62.66 -12.38
CA ALA G 184 -6.10 62.90 -11.81
C ALA G 184 -5.97 64.36 -11.43
N ASP G 185 -5.62 64.62 -10.17
CA ASP G 185 -5.48 66.00 -9.73
C ASP G 185 -4.25 66.62 -10.35
N GLY G 186 -3.08 66.04 -10.05
CA GLY G 186 -1.82 66.56 -10.54
C GLY G 186 -0.67 65.79 -9.94
N SER G 187 0.31 66.52 -9.39
CA SER G 187 1.40 65.86 -8.68
C SER G 187 0.86 64.99 -7.56
N ILE G 188 -0.24 65.39 -6.96
CA ILE G 188 -0.93 64.60 -5.97
C ILE G 188 -2.05 63.84 -6.65
N ALA G 189 -2.60 62.87 -5.94
CA ALA G 189 -3.82 62.13 -6.23
C ALA G 189 -3.73 61.13 -7.37
N ALA G 190 -2.81 61.33 -8.31
CA ALA G 190 -2.49 60.33 -9.31
C ALA G 190 -1.00 60.11 -9.45
N LEU G 191 -0.26 61.21 -9.58
CA LEU G 191 1.15 61.10 -9.95
C LEU G 191 2.04 60.72 -8.79
N HIS G 192 1.52 60.71 -7.56
CA HIS G 192 2.30 60.01 -6.56
C HIS G 192 2.34 58.52 -6.87
N SER G 193 1.28 57.99 -7.47
CA SER G 193 1.34 56.62 -7.94
C SER G 193 2.29 56.49 -9.10
N VAL G 194 2.35 57.50 -9.95
CA VAL G 194 3.22 57.46 -11.12
C VAL G 194 4.61 57.96 -10.75
N ASN G 195 4.71 59.21 -10.32
CA ASN G 195 6.02 59.85 -10.15
C ASN G 195 6.61 59.63 -8.76
N ASP G 196 5.80 59.28 -7.75
CA ASP G 196 6.33 59.00 -6.42
C ASP G 196 7.01 60.21 -5.77
N LEU G 197 6.21 61.17 -5.31
CA LEU G 197 6.69 62.42 -4.74
C LEU G 197 7.75 62.29 -3.65
N ASP G 198 7.94 61.13 -3.03
CA ASP G 198 8.90 60.97 -1.94
C ASP G 198 10.30 60.81 -2.52
N VAL G 199 10.94 61.94 -2.81
CA VAL G 199 12.28 61.95 -3.38
C VAL G 199 13.27 62.56 -2.40
N THR G 200 13.21 63.89 -2.29
CA THR G 200 13.82 64.67 -1.24
C THR G 200 12.87 65.74 -0.73
N LYS G 201 11.85 66.09 -1.52
CA LYS G 201 10.77 66.94 -1.06
C LYS G 201 10.18 66.41 0.24
N PHE G 202 10.17 65.09 0.41
CA PHE G 202 9.69 64.53 1.67
C PHE G 202 10.58 64.95 2.82
N ALA G 203 11.89 64.84 2.65
CA ALA G 203 12.80 65.20 3.73
C ALA G 203 12.66 66.67 4.10
N ASP G 204 12.30 67.51 3.11
CA ASP G 204 12.04 68.91 3.39
C ASP G 204 10.83 69.08 4.31
N ASN G 205 9.71 68.45 3.94
CA ASN G 205 8.45 68.54 4.70
C ASN G 205 7.92 67.12 4.90
N ALA G 206 8.40 66.48 5.95
CA ALA G 206 7.91 65.13 6.24
C ALA G 206 6.45 65.12 6.64
N ALA G 207 5.96 66.19 7.26
CA ALA G 207 4.54 66.34 7.62
C ALA G 207 3.95 67.71 7.29
N ASP G 208 4.81 68.72 7.28
CA ASP G 208 4.46 70.12 7.41
C ASP G 208 3.42 70.70 6.44
N CYS G 209 3.18 70.09 5.27
CA CYS G 209 2.35 70.73 4.27
C CYS G 209 1.32 69.81 3.60
N ALA G 210 1.23 68.55 4.01
CA ALA G 210 0.30 67.53 3.51
C ALA G 210 0.57 67.10 2.07
N ASP G 211 0.95 68.04 1.19
CA ASP G 211 1.24 67.79 -0.21
C ASP G 211 2.38 66.81 -0.35
N ILE G 212 3.44 67.02 0.42
CA ILE G 212 4.43 65.98 0.66
C ILE G 212 4.48 65.55 2.13
N GLY G 213 3.68 66.16 3.00
CA GLY G 213 3.84 65.82 4.41
C GLY G 213 3.35 64.44 4.82
N PHE G 214 3.69 63.38 4.07
CA PHE G 214 3.39 61.97 4.31
C PHE G 214 1.91 61.60 4.23
N ASP G 215 1.07 62.55 4.61
CA ASP G 215 -0.37 62.45 4.62
C ASP G 215 -0.91 62.21 3.23
N ALA G 216 -0.68 63.17 2.33
CA ALA G 216 -1.26 63.08 1.00
C ALA G 216 -0.80 61.81 0.31
N GLN G 217 0.49 61.48 0.44
CA GLN G 217 1.03 60.31 -0.25
C GLN G 217 0.34 59.05 0.23
N LEU G 218 0.26 58.89 1.55
CA LEU G 218 -0.40 57.72 2.08
C LEU G 218 -1.86 57.68 1.67
N LYS G 219 -2.47 58.86 1.53
CA LYS G 219 -3.85 58.90 1.06
C LYS G 219 -3.97 58.50 -0.39
N VAL G 220 -2.98 58.85 -1.22
CA VAL G 220 -2.98 58.40 -2.61
C VAL G 220 -2.94 56.89 -2.64
N VAL G 221 -2.04 56.31 -1.85
CA VAL G 221 -1.91 54.87 -1.85
C VAL G 221 -3.19 54.22 -1.35
N ASP G 222 -3.73 54.75 -0.26
CA ASP G 222 -4.93 54.19 0.33
C ASP G 222 -6.09 54.24 -0.64
N GLU G 223 -6.25 55.37 -1.32
CA GLU G 223 -7.36 55.46 -2.26
C GLU G 223 -7.11 54.63 -3.49
N ALA G 224 -5.87 54.59 -3.97
CA ALA G 224 -5.52 53.72 -5.09
C ALA G 224 -5.95 52.30 -4.78
N ILE G 225 -5.61 51.84 -3.58
CA ILE G 225 -6.05 50.53 -3.13
C ILE G 225 -7.55 50.45 -3.11
N ASN G 226 -8.21 51.48 -2.58
CA ASN G 226 -9.65 51.46 -2.47
C ASN G 226 -10.32 51.40 -3.85
N GLN G 227 -9.69 52.02 -4.83
CA GLN G 227 -10.19 51.98 -6.20
C GLN G 227 -9.97 50.61 -6.81
N VAL G 228 -8.84 49.96 -6.47
CA VAL G 228 -8.67 48.58 -6.87
C VAL G 228 -9.73 47.71 -6.21
N SER G 229 -9.98 47.94 -4.93
CA SER G 229 -10.97 47.17 -4.19
C SER G 229 -12.33 47.28 -4.83
N SER G 230 -12.74 48.49 -5.18
CA SER G 230 -14.06 48.70 -5.76
C SER G 230 -14.09 48.22 -7.21
N GLN G 231 -12.99 48.34 -7.92
CA GLN G 231 -12.92 47.82 -9.27
C GLN G 231 -13.09 46.31 -9.26
N ARG G 232 -12.38 45.65 -8.35
CA ARG G 232 -12.52 44.22 -8.19
C ARG G 232 -13.88 43.87 -7.64
N ALA G 233 -14.50 44.80 -6.90
CA ALA G 233 -15.84 44.56 -6.37
C ALA G 233 -16.85 44.51 -7.49
N LYS G 234 -16.80 45.49 -8.40
CA LYS G 234 -17.65 45.45 -9.58
C LYS G 234 -17.35 44.20 -10.38
N LEU G 235 -16.08 43.94 -10.59
CA LEU G 235 -15.62 42.82 -11.40
C LEU G 235 -16.18 41.51 -10.88
N GLY G 236 -16.08 41.30 -9.57
CA GLY G 236 -16.59 40.08 -8.97
C GLY G 236 -18.09 40.06 -8.89
N ALA G 237 -18.71 41.23 -8.79
CA ALA G 237 -20.16 41.28 -8.88
C ALA G 237 -20.60 40.69 -10.20
N VAL G 238 -19.98 41.11 -11.29
CA VAL G 238 -20.32 40.57 -12.59
C VAL G 238 -19.95 39.10 -12.67
N GLN G 239 -18.87 38.71 -12.01
CA GLN G 239 -18.53 37.30 -11.95
C GLN G 239 -19.68 36.48 -11.39
N ASN G 240 -20.22 36.94 -10.27
CA ASN G 240 -21.34 36.24 -9.66
C ASN G 240 -22.53 36.25 -10.59
N ARG G 241 -22.76 37.38 -11.27
CA ARG G 241 -23.84 37.46 -12.23
C ARG G 241 -23.73 36.37 -13.27
N LEU G 242 -22.55 36.21 -13.83
CA LEU G 242 -22.39 35.23 -14.88
C LEU G 242 -22.45 33.82 -14.34
N GLU G 243 -22.07 33.63 -13.09
CA GLU G 243 -22.28 32.33 -12.46
C GLU G 243 -23.76 31.98 -12.47
N HIS G 244 -24.59 32.88 -11.93
CA HIS G 244 -26.01 32.60 -11.84
C HIS G 244 -26.67 32.60 -13.21
N THR G 245 -26.15 33.43 -14.10
CA THR G 245 -26.60 33.39 -15.49
C THR G 245 -26.40 32.02 -16.06
N ILE G 246 -25.19 31.48 -15.98
CA ILE G 246 -24.89 30.18 -16.56
C ILE G 246 -25.76 29.12 -15.93
N ASN G 247 -25.97 29.21 -14.61
CA ASN G 247 -26.84 28.23 -13.98
C ASN G 247 -28.24 28.30 -14.57
N ASN G 248 -28.72 29.50 -14.82
CA ASN G 248 -30.01 29.66 -15.51
C ASN G 248 -29.95 29.13 -16.93
N LEU G 249 -28.88 29.46 -17.65
CA LEU G 249 -28.76 29.04 -19.04
C LEU G 249 -28.73 27.53 -19.14
N SER G 250 -28.12 26.89 -18.16
CA SER G 250 -28.03 25.44 -18.13
C SER G 250 -29.39 24.83 -17.84
N ALA G 251 -30.03 25.27 -16.77
CA ALA G 251 -31.32 24.71 -16.39
C ALA G 251 -32.37 24.99 -17.46
N SER G 252 -32.45 26.26 -17.86
CA SER G 252 -33.41 26.70 -18.86
C SER G 252 -33.14 26.02 -20.18
N GLY G 253 -31.87 25.90 -20.55
CA GLY G 253 -31.52 25.22 -21.77
C GLY G 253 -31.99 23.78 -21.75
N GLU G 254 -31.75 23.10 -20.62
CA GLU G 254 -32.22 21.73 -20.48
C GLU G 254 -33.72 21.65 -20.65
N ASN G 255 -34.46 22.44 -19.87
CA ASN G 255 -35.92 22.42 -19.94
C ASN G 255 -36.39 22.72 -21.36
N LEU G 256 -35.63 23.54 -22.08
CA LEU G 256 -36.02 23.94 -23.42
C LEU G 256 -35.78 22.82 -24.42
N THR G 257 -34.64 22.14 -24.32
CA THR G 257 -34.41 20.99 -25.18
C THR G 257 -35.41 19.89 -24.89
N ALA G 258 -35.83 19.80 -23.63
CA ALA G 258 -36.89 18.86 -23.28
C ALA G 258 -38.20 19.29 -23.92
N ALA G 259 -38.48 20.59 -23.92
CA ALA G 259 -39.70 21.09 -24.57
C ALA G 259 -39.72 20.72 -26.04
N GLU G 260 -38.61 21.02 -26.73
CA GLU G 260 -38.47 20.60 -28.12
C GLU G 260 -38.68 19.11 -28.24
N SER G 261 -38.03 18.35 -27.36
CA SER G 261 -38.12 16.90 -27.41
C SER G 261 -39.56 16.45 -27.30
N ARG G 262 -40.36 17.17 -26.53
CA ARG G 262 -41.78 16.86 -26.46
C ARG G 262 -42.44 17.13 -27.79
N ILE G 263 -42.05 18.20 -28.47
CA ILE G 263 -42.61 18.44 -29.80
C ILE G 263 -42.19 17.31 -30.74
N ARG G 264 -40.90 17.00 -30.76
CA ARG G 264 -40.38 15.93 -31.61
C ARG G 264 -40.39 14.57 -30.93
N ASP G 265 -41.11 14.43 -29.82
CA ASP G 265 -41.17 13.15 -29.10
C ASP G 265 -41.60 12.04 -30.03
N VAL G 266 -40.68 11.14 -30.34
CA VAL G 266 -41.02 9.89 -31.01
C VAL G 266 -41.23 8.84 -29.93
N ASP G 267 -42.45 8.31 -29.85
CA ASP G 267 -42.68 7.08 -29.10
C ASP G 267 -42.16 5.98 -29.99
N MET G 268 -40.85 5.74 -29.89
CA MET G 268 -40.18 4.82 -30.80
C MET G 268 -40.81 3.44 -30.72
N ALA G 269 -41.27 3.04 -29.54
CA ALA G 269 -41.95 1.77 -29.43
C ALA G 269 -43.27 1.78 -30.18
N LYS G 270 -44.05 2.85 -30.02
CA LYS G 270 -45.27 3.00 -30.79
C LYS G 270 -44.99 2.93 -32.28
N GLU G 271 -43.98 3.65 -32.71
CA GLU G 271 -43.77 3.82 -34.15
C GLU G 271 -43.21 2.56 -34.77
N MET G 272 -42.41 1.80 -34.02
CA MET G 272 -42.02 0.47 -34.50
C MET G 272 -43.23 -0.44 -34.56
N SER G 273 -44.09 -0.36 -33.55
CA SER G 273 -45.28 -1.20 -33.53
C SER G 273 -46.19 -0.88 -34.71
N GLU G 274 -46.48 0.40 -34.89
CA GLU G 274 -47.34 0.84 -35.98
C GLU G 274 -46.71 0.50 -37.32
N PHE G 275 -45.39 0.63 -37.39
CA PHE G 275 -44.67 0.22 -38.59
C PHE G 275 -44.96 -1.24 -38.91
N THR G 276 -44.74 -2.09 -37.91
CA THR G 276 -45.02 -3.50 -38.03
C THR G 276 -46.42 -3.74 -38.57
N LYS G 277 -47.40 -3.11 -37.91
CA LYS G 277 -48.79 -3.28 -38.30
C LYS G 277 -48.97 -2.92 -39.76
N ASN G 278 -48.44 -1.78 -40.17
CA ASN G 278 -48.67 -1.34 -41.54
C ASN G 278 -48.01 -2.26 -42.55
N ASN G 279 -46.89 -2.88 -42.19
CA ASN G 279 -46.32 -3.93 -43.04
C ASN G 279 -47.31 -5.05 -43.20
N ILE G 280 -47.78 -5.57 -42.07
CA ILE G 280 -48.74 -6.67 -42.05
C ILE G 280 -49.91 -6.33 -42.95
N LEU G 281 -50.46 -5.14 -42.77
CA LEU G 281 -51.67 -4.73 -43.46
C LEU G 281 -51.42 -4.62 -44.96
N SER G 282 -50.27 -4.07 -45.34
CA SER G 282 -49.94 -4.00 -46.76
C SER G 282 -49.89 -5.40 -47.34
N GLN G 283 -49.17 -6.30 -46.69
CA GLN G 283 -48.99 -7.65 -47.21
C GLN G 283 -50.32 -8.38 -47.33
N ALA G 284 -51.15 -8.25 -46.30
CA ALA G 284 -52.47 -8.88 -46.32
C ALA G 284 -53.28 -8.36 -47.48
N SER G 285 -53.31 -7.04 -47.65
CA SER G 285 -54.09 -6.45 -48.72
C SER G 285 -53.61 -6.94 -50.07
N GLN G 286 -52.30 -7.08 -50.24
CA GLN G 286 -51.80 -7.57 -51.53
C GLN G 286 -52.20 -9.02 -51.76
N ALA G 287 -52.16 -9.84 -50.71
CA ALA G 287 -52.66 -11.20 -50.86
C ALA G 287 -54.10 -11.20 -51.33
N MET G 288 -54.89 -10.30 -50.78
CA MET G 288 -56.27 -10.21 -51.22
C MET G 288 -56.36 -9.72 -52.65
N LEU G 289 -55.44 -8.86 -53.09
CA LEU G 289 -55.47 -8.43 -54.49
C LEU G 289 -55.16 -9.59 -55.41
N ALA G 290 -54.23 -10.45 -55.00
CA ALA G 290 -54.00 -11.68 -55.73
C ALA G 290 -55.29 -12.47 -55.84
N GLN G 291 -55.98 -12.66 -54.71
CA GLN G 291 -57.23 -13.40 -54.72
C GLN G 291 -58.26 -12.75 -55.63
N ALA G 292 -58.30 -11.42 -55.65
CA ALA G 292 -59.19 -10.71 -56.55
C ALA G 292 -58.86 -11.02 -58.00
N ASN G 293 -57.59 -11.29 -58.27
CA ASN G 293 -57.22 -11.73 -59.60
C ASN G 293 -57.43 -13.22 -59.82
N GLN G 294 -57.57 -14.01 -58.74
CA GLN G 294 -57.77 -15.44 -58.89
C GLN G 294 -59.22 -15.77 -59.18
N GLN G 295 -60.14 -15.16 -58.44
CA GLN G 295 -61.56 -15.43 -58.63
C GLN G 295 -62.03 -15.35 -60.08
N PRO G 296 -61.79 -14.27 -60.83
CA PRO G 296 -62.27 -14.25 -62.22
C PRO G 296 -61.62 -15.29 -63.12
N GLN G 297 -60.49 -15.87 -62.73
CA GLN G 297 -59.93 -16.97 -63.51
C GLN G 297 -60.74 -18.23 -63.29
N ASN G 298 -61.07 -18.50 -62.04
CA ASN G 298 -62.00 -19.57 -61.73
C ASN G 298 -63.27 -19.38 -62.53
N VAL G 299 -63.77 -18.15 -62.58
CA VAL G 299 -64.94 -17.83 -63.38
C VAL G 299 -64.70 -18.19 -64.83
N LEU G 300 -63.54 -17.82 -65.35
CA LEU G 300 -63.24 -18.08 -66.76
C LEU G 300 -63.38 -19.55 -67.08
N GLN G 301 -62.73 -20.40 -66.29
CA GLN G 301 -62.83 -21.83 -66.53
C GLN G 301 -64.27 -22.29 -66.39
N LEU G 302 -64.91 -21.91 -65.28
CA LEU G 302 -66.21 -22.44 -64.94
C LEU G 302 -67.27 -22.04 -65.97
N LEU G 303 -67.11 -20.89 -66.60
CA LEU G 303 -68.01 -20.41 -67.63
C LEU G 303 -67.40 -20.50 -69.02
N ARG G 304 -66.52 -21.47 -69.22
CA ARG G 304 -66.00 -21.74 -70.54
C ARG G 304 -66.86 -22.79 -71.22
N ILE H 3 -48.59 -32.56 -24.74
CA ILE H 3 -49.03 -31.92 -23.46
C ILE H 3 -48.29 -30.63 -23.17
N ASN H 4 -47.97 -29.89 -24.23
CA ASN H 4 -47.09 -28.72 -24.11
C ASN H 4 -47.58 -27.75 -23.05
N HIS H 5 -48.88 -27.49 -23.01
CA HIS H 5 -49.44 -26.52 -22.09
C HIS H 5 -49.41 -26.97 -20.63
N ASN H 6 -49.01 -28.21 -20.35
CA ASN H 6 -48.96 -28.72 -19.00
C ASN H 6 -47.55 -28.81 -18.43
N ILE H 7 -46.51 -28.56 -19.23
CA ILE H 7 -45.13 -28.74 -18.80
C ILE H 7 -44.55 -27.37 -18.51
N ALA H 8 -44.06 -27.21 -17.30
CA ALA H 8 -43.31 -26.02 -16.92
C ALA H 8 -42.14 -26.37 -16.01
N ALA H 9 -41.84 -27.65 -15.83
CA ALA H 9 -40.85 -28.09 -14.86
C ALA H 9 -41.18 -27.51 -13.50
N LEU H 10 -42.42 -27.71 -13.08
CA LEU H 10 -42.91 -27.04 -11.89
C LEU H 10 -42.11 -27.43 -10.65
N ASN H 11 -41.48 -28.60 -10.65
CA ASN H 11 -40.57 -28.91 -9.56
C ASN H 11 -39.39 -27.98 -9.58
N THR H 12 -38.92 -27.62 -10.79
CA THR H 12 -37.87 -26.62 -10.87
C THR H 12 -38.38 -25.30 -10.32
N LEU H 13 -39.63 -24.96 -10.59
CA LEU H 13 -40.19 -23.71 -10.11
C LEU H 13 -40.24 -23.70 -8.59
N ASN H 14 -40.62 -24.83 -8.02
CA ASN H 14 -40.64 -24.97 -6.58
C ASN H 14 -39.25 -24.82 -6.00
N ARG H 15 -38.25 -25.42 -6.65
CA ARG H 15 -36.87 -25.21 -6.24
C ARG H 15 -36.50 -23.76 -6.35
N LEU H 16 -37.09 -23.08 -7.33
CA LEU H 16 -36.74 -21.69 -7.50
C LEU H 16 -37.20 -20.87 -6.33
N SER H 17 -38.47 -21.01 -5.97
CA SER H 17 -39.00 -20.32 -4.82
C SER H 17 -38.16 -20.62 -3.58
N SER H 18 -37.85 -21.90 -3.40
CA SER H 18 -37.03 -22.31 -2.26
C SER H 18 -35.68 -21.61 -2.25
N ASN H 19 -35.01 -21.61 -3.40
CA ASN H 19 -33.67 -21.05 -3.49
C ASN H 19 -33.68 -19.55 -3.26
N ASN H 20 -34.70 -18.87 -3.78
CA ASN H 20 -34.77 -17.42 -3.59
C ASN H 20 -34.95 -17.10 -2.13
N SER H 21 -35.84 -17.81 -1.46
CA SER H 21 -35.98 -17.59 -0.02
C SER H 21 -34.71 -17.95 0.71
N ALA H 22 -34.02 -18.99 0.26
CA ALA H 22 -32.80 -19.43 0.93
C ALA H 22 -31.74 -18.34 0.89
N SER H 23 -31.40 -17.87 -0.31
CA SER H 23 -30.41 -16.81 -0.45
C SER H 23 -30.87 -15.57 0.31
N GLN H 24 -32.16 -15.28 0.28
CA GLN H 24 -32.69 -14.15 1.06
C GLN H 24 -32.34 -14.29 2.53
N LYS H 25 -32.60 -15.47 3.10
CA LYS H 25 -32.32 -15.69 4.50
C LYS H 25 -30.84 -15.51 4.79
N ASN H 26 -30.00 -16.05 3.90
CA ASN H 26 -28.57 -15.88 4.05
C ASN H 26 -28.22 -14.40 4.16
N MET H 27 -28.72 -13.58 3.24
CA MET H 27 -28.45 -12.14 3.30
C MET H 27 -28.86 -11.55 4.61
N GLU H 28 -30.11 -11.79 4.98
CA GLU H 28 -30.70 -11.20 6.16
C GLU H 28 -29.85 -11.46 7.38
N LYS H 29 -29.34 -12.68 7.49
CA LYS H 29 -28.44 -12.98 8.58
C LYS H 29 -27.10 -12.28 8.39
N LEU H 30 -26.59 -12.28 7.16
CA LEU H 30 -25.32 -11.64 6.86
C LEU H 30 -25.39 -10.15 7.13
N SER H 31 -26.42 -9.50 6.59
CA SER H 31 -26.59 -8.07 6.75
C SER H 31 -26.75 -7.69 8.21
N SER H 32 -27.60 -8.41 8.92
CA SER H 32 -27.84 -8.10 10.31
C SER H 32 -26.75 -8.62 11.21
N GLY H 33 -25.95 -9.56 10.73
CA GLY H 33 -24.96 -10.18 11.59
C GLY H 33 -25.61 -11.06 12.63
N LEU H 34 -26.76 -11.63 12.32
CA LEU H 34 -27.58 -12.38 13.25
C LEU H 34 -27.78 -13.78 12.70
N ARG H 35 -27.25 -14.78 13.40
CA ARG H 35 -27.68 -16.13 13.11
C ARG H 35 -29.06 -16.37 13.68
N ILE H 36 -29.40 -15.66 14.76
CA ILE H 36 -30.73 -15.76 15.30
C ILE H 36 -31.75 -15.33 14.27
N ASN H 37 -32.96 -15.84 14.42
CA ASN H 37 -34.06 -15.47 13.56
C ASN H 37 -34.79 -14.29 14.16
N ARG H 38 -35.41 -13.50 13.29
CA ARG H 38 -36.45 -12.60 13.77
C ARG H 38 -37.67 -13.39 14.20
N ALA H 39 -37.99 -14.44 13.45
CA ALA H 39 -39.10 -15.32 13.76
C ALA H 39 -38.76 -16.18 14.97
N GLY H 40 -39.80 -16.71 15.59
CA GLY H 40 -39.69 -17.55 16.76
C GLY H 40 -39.05 -18.89 16.54
N ASP H 41 -38.61 -19.19 15.32
CA ASP H 41 -37.88 -20.41 15.06
C ASP H 41 -36.64 -20.47 15.95
N ASP H 42 -36.61 -21.46 16.84
CA ASP H 42 -35.68 -21.52 17.96
C ASP H 42 -35.94 -20.38 18.95
N ALA H 43 -37.21 -20.23 19.32
CA ALA H 43 -37.55 -19.26 20.37
C ALA H 43 -36.89 -19.60 21.69
N ALA H 44 -36.47 -20.85 21.89
CA ALA H 44 -35.65 -21.17 23.05
C ALA H 44 -34.38 -20.33 23.05
N GLY H 45 -33.53 -20.54 22.05
CA GLY H 45 -32.29 -19.79 21.97
C GLY H 45 -32.52 -18.29 21.93
N LEU H 46 -33.58 -17.86 21.26
CA LEU H 46 -33.90 -16.44 21.23
C LEU H 46 -34.16 -15.92 22.62
N ALA H 47 -35.16 -16.48 23.29
CA ALA H 47 -35.55 -16.05 24.61
C ALA H 47 -34.36 -16.10 25.57
N ILE H 48 -33.47 -17.07 25.38
CA ILE H 48 -32.25 -17.06 26.16
C ILE H 48 -31.48 -15.79 25.89
N SER H 49 -31.14 -15.54 24.62
CA SER H 49 -30.30 -14.38 24.30
C SER H 49 -30.97 -13.08 24.71
N GLU H 50 -32.29 -13.06 24.68
CA GLU H 50 -33.04 -11.95 25.23
C GLU H 50 -32.72 -11.77 26.70
N LYS H 51 -32.81 -12.85 27.46
CA LYS H 51 -32.49 -12.79 28.87
C LYS H 51 -31.02 -12.44 29.09
N MET H 52 -30.16 -12.97 28.24
CA MET H 52 -28.74 -12.65 28.29
C MET H 52 -28.57 -11.15 28.19
N ARG H 53 -29.08 -10.55 27.11
CA ARG H 53 -28.92 -9.12 26.88
C ARG H 53 -29.51 -8.31 28.01
N GLY H 54 -30.63 -8.77 28.55
CA GLY H 54 -31.18 -8.13 29.73
C GLY H 54 -30.15 -8.08 30.84
N GLN H 55 -29.49 -9.21 31.08
CA GLN H 55 -28.46 -9.23 32.11
C GLN H 55 -27.21 -8.46 31.69
N ILE H 56 -26.79 -8.57 30.43
CA ILE H 56 -25.62 -7.83 29.93
C ILE H 56 -25.80 -6.35 30.21
N ARG H 57 -26.87 -5.79 29.66
CA ARG H 57 -27.16 -4.39 29.83
C ARG H 57 -27.26 -4.04 31.30
N GLY H 58 -27.85 -4.94 32.09
CA GLY H 58 -27.89 -4.73 33.52
C GLY H 58 -26.52 -4.73 34.15
N LEU H 59 -25.57 -5.45 33.55
CA LEU H 59 -24.20 -5.47 34.07
C LEU H 59 -23.45 -4.22 33.66
N GLU H 60 -23.77 -3.67 32.49
CA GLU H 60 -23.20 -2.41 32.08
C GLU H 60 -23.64 -1.31 33.04
N MET H 61 -24.95 -1.24 33.31
CA MET H 61 -25.45 -0.28 34.28
C MET H 61 -25.01 -0.64 35.69
N ALA H 62 -24.69 -1.92 35.92
CA ALA H 62 -24.15 -2.32 37.22
C ALA H 62 -22.76 -1.74 37.41
N SER H 63 -21.93 -1.88 36.40
CA SER H 63 -20.60 -1.30 36.44
C SER H 63 -20.70 0.20 36.63
N LYS H 64 -21.60 0.83 35.89
CA LYS H 64 -21.87 2.24 36.08
C LYS H 64 -22.21 2.56 37.52
N ASN H 65 -23.18 1.85 38.09
CA ASN H 65 -23.62 2.13 39.44
C ASN H 65 -22.50 1.91 40.45
N SER H 66 -21.68 0.91 40.23
CA SER H 66 -20.61 0.60 41.17
C SER H 66 -19.51 1.64 41.10
N GLN H 67 -19.17 2.08 39.89
CA GLN H 67 -18.21 3.16 39.74
C GLN H 67 -18.73 4.41 40.42
N ASP H 68 -20.02 4.66 40.30
CA ASP H 68 -20.63 5.78 40.98
C ASP H 68 -20.53 5.61 42.49
N GLY H 69 -20.75 4.37 42.97
CA GLY H 69 -20.45 4.03 44.35
C GLY H 69 -19.06 4.47 44.74
N ILE H 70 -18.08 4.12 43.91
CA ILE H 70 -16.70 4.46 44.19
C ILE H 70 -16.51 5.95 44.26
N SER H 71 -17.18 6.69 43.36
CA SER H 71 -17.04 8.14 43.37
C SER H 71 -17.52 8.71 44.70
N LEU H 72 -18.67 8.23 45.16
CA LEU H 72 -19.16 8.62 46.47
C LEU H 72 -18.13 8.29 47.55
N ILE H 73 -17.63 7.05 47.51
CA ILE H 73 -16.70 6.58 48.52
C ILE H 73 -15.51 7.52 48.59
N GLN H 74 -14.81 7.69 47.47
CA GLN H 74 -13.58 8.46 47.46
C GLN H 74 -13.83 9.91 47.83
N THR H 75 -15.00 10.44 47.51
CA THR H 75 -15.35 11.77 47.99
C THR H 75 -15.31 11.80 49.51
N ALA H 76 -16.12 10.95 50.14
CA ALA H 76 -16.18 10.94 51.59
C ALA H 76 -14.82 10.57 52.18
N GLU H 77 -14.11 9.68 51.51
CA GLU H 77 -12.80 9.22 51.93
C GLU H 77 -11.83 10.39 52.06
N GLY H 78 -11.66 11.14 50.97
CA GLY H 78 -10.74 12.26 51.01
C GLY H 78 -11.16 13.29 52.04
N ALA H 79 -12.46 13.48 52.17
CA ALA H 79 -12.96 14.41 53.18
C ALA H 79 -12.57 13.95 54.58
N LEU H 80 -12.71 12.65 54.86
CA LEU H 80 -12.37 12.12 56.17
C LEU H 80 -10.87 12.12 56.39
N THR H 81 -10.10 11.98 55.31
CA THR H 81 -8.65 12.11 55.42
C THR H 81 -8.30 13.51 55.88
N GLU H 82 -8.93 14.52 55.28
CA GLU H 82 -8.66 15.88 55.72
C GLU H 82 -9.12 16.11 57.14
N THR H 83 -10.31 15.60 57.48
CA THR H 83 -10.80 15.66 58.85
C THR H 83 -9.75 15.12 59.80
N HIS H 84 -9.23 13.95 59.45
CA HIS H 84 -8.24 13.29 60.26
C HIS H 84 -7.01 14.17 60.44
N ALA H 85 -6.53 14.74 59.35
CA ALA H 85 -5.38 15.62 59.42
C ALA H 85 -5.63 16.77 60.39
N ILE H 86 -6.84 17.33 60.33
CA ILE H 86 -7.22 18.35 61.31
C ILE H 86 -7.07 17.77 62.70
N LEU H 87 -7.62 16.59 62.93
CA LEU H 87 -7.61 16.00 64.26
C LEU H 87 -6.19 15.78 64.76
N GLN H 88 -5.25 15.52 63.85
CA GLN H 88 -3.85 15.51 64.25
C GLN H 88 -3.45 16.88 64.77
N ARG H 89 -3.82 17.92 64.04
CA ARG H 89 -3.51 19.27 64.53
C ARG H 89 -4.19 19.51 65.87
N VAL H 90 -5.41 19.01 66.02
CA VAL H 90 -6.14 19.20 67.26
C VAL H 90 -5.33 18.62 68.40
N ARG H 91 -4.87 17.37 68.25
CA ARG H 91 -4.13 16.76 69.35
C ARG H 91 -2.85 17.51 69.62
N GLU H 92 -2.21 18.06 68.59
CA GLU H 92 -1.09 18.95 68.84
C GLU H 92 -1.53 20.06 69.77
N LEU H 93 -2.70 20.62 69.50
CA LEU H 93 -3.21 21.69 70.31
C LEU H 93 -3.75 21.20 71.64
N VAL H 94 -4.00 19.89 71.78
CA VAL H 94 -4.36 19.35 73.07
C VAL H 94 -3.14 19.27 73.95
N VAL H 95 -2.04 18.77 73.38
CA VAL H 95 -0.82 18.64 74.15
C VAL H 95 -0.29 20.01 74.53
N GLN H 96 -0.40 20.98 73.62
CA GLN H 96 -0.14 22.36 74.03
C GLN H 96 -1.18 22.81 75.04
N ALA H 97 -2.43 22.35 74.88
CA ALA H 97 -3.50 22.66 75.81
C ALA H 97 -3.49 21.74 77.02
N GLY H 98 -2.35 21.09 77.23
CA GLY H 98 -1.90 20.84 78.57
C GLY H 98 -1.39 22.08 79.26
N ASN H 99 -1.53 23.27 78.64
CA ASN H 99 -1.23 24.56 79.27
C ASN H 99 0.28 24.72 79.39
N THR H 100 1.01 23.86 78.68
CA THR H 100 2.39 23.56 79.03
C THR H 100 2.47 23.41 80.54
N GLY H 101 1.58 22.57 81.06
CA GLY H 101 1.47 22.44 82.49
C GLY H 101 0.64 23.53 83.12
N THR H 102 1.33 24.56 83.63
CA THR H 102 0.70 25.80 84.04
C THR H 102 1.30 27.02 83.33
N GLN H 103 2.30 26.81 82.48
CA GLN H 103 3.08 27.92 81.97
C GLN H 103 2.28 28.83 81.08
N ASP H 104 1.42 28.27 80.25
CA ASP H 104 0.55 29.12 79.46
C ASP H 104 -0.43 29.79 80.40
N LYS H 105 -0.89 30.98 80.03
CA LYS H 105 -1.87 31.71 80.80
C LYS H 105 -3.25 31.53 80.18
N ALA H 106 -4.25 32.12 80.83
CA ALA H 106 -5.62 31.97 80.37
C ALA H 106 -5.79 32.51 78.95
N THR H 107 -5.15 33.64 78.65
CA THR H 107 -5.21 34.20 77.31
C THR H 107 -4.55 33.26 76.31
N ASP H 108 -3.46 32.62 76.70
CA ASP H 108 -2.81 31.67 75.80
C ASP H 108 -3.75 30.52 75.48
N LEU H 109 -4.40 29.99 76.51
CA LEU H 109 -5.40 28.94 76.28
C LEU H 109 -6.55 29.45 75.43
N GLN H 110 -6.87 30.74 75.52
CA GLN H 110 -7.93 31.28 74.68
C GLN H 110 -7.45 31.44 73.25
N SER H 111 -6.19 31.80 73.05
CA SER H 111 -5.64 31.85 71.71
C SER H 111 -5.70 30.47 71.07
N ILE H 112 -5.25 29.46 71.82
CA ILE H 112 -5.36 28.08 71.36
C ILE H 112 -6.80 27.74 71.06
N GLN H 113 -7.69 28.07 71.99
CA GLN H 113 -9.10 27.71 71.85
C GLN H 113 -9.72 28.39 70.65
N ASP H 114 -9.29 29.61 70.36
CA ASP H 114 -9.72 30.28 69.13
C ASP H 114 -9.30 29.45 67.93
N GLY H 115 -8.04 29.00 67.94
CA GLY H 115 -7.60 28.13 66.88
C GLY H 115 -8.39 26.85 66.79
N ILE H 116 -8.74 26.26 67.93
CA ILE H 116 -9.42 24.98 67.90
C ILE H 116 -10.86 25.15 67.44
N SER H 117 -11.54 26.18 67.94
CA SER H 117 -12.90 26.43 67.52
C SER H 117 -12.95 26.74 66.03
N ALA H 118 -11.90 27.40 65.55
CA ALA H 118 -11.72 27.57 64.12
C ALA H 118 -11.62 26.22 63.43
N LEU H 119 -10.85 25.30 64.01
CA LEU H 119 -10.73 23.96 63.44
C LEU H 119 -12.05 23.23 63.49
N THR H 120 -12.80 23.38 64.58
CA THR H 120 -14.13 22.82 64.67
C THR H 120 -14.97 23.30 63.51
N ASP H 121 -14.95 24.60 63.28
CA ASP H 121 -15.74 25.17 62.19
C ASP H 121 -15.30 24.59 60.86
N GLU H 122 -14.03 24.23 60.74
CA GLU H 122 -13.58 23.57 59.52
C GLU H 122 -14.05 22.13 59.45
N ILE H 123 -14.04 21.42 60.56
CA ILE H 123 -14.53 20.04 60.56
C ILE H 123 -16.00 20.03 60.22
N ASP H 124 -16.77 20.88 60.88
CA ASP H 124 -18.17 21.06 60.56
C ASP H 124 -18.33 21.44 59.10
N GLY H 125 -17.41 22.26 58.59
CA GLY H 125 -17.44 22.61 57.18
C GLY H 125 -17.24 21.40 56.30
N ILE H 126 -16.32 20.52 56.68
CA ILE H 126 -16.15 19.27 55.94
C ILE H 126 -17.46 18.50 55.94
N SER H 127 -17.96 18.22 57.14
CA SER H 127 -19.11 17.35 57.27
C SER H 127 -20.38 17.98 56.72
N ASN H 128 -20.39 19.30 56.50
CA ASN H 128 -21.54 20.01 55.97
C ASN H 128 -21.30 20.61 54.59
N ARG H 129 -20.19 20.22 53.94
CA ARG H 129 -19.93 20.60 52.55
C ARG H 129 -19.71 19.37 51.69
N THR H 130 -19.29 18.27 52.31
CA THR H 130 -19.10 17.05 51.56
C THR H 130 -20.46 16.52 51.14
N GLU H 131 -20.86 16.90 49.93
CA GLU H 131 -22.10 16.44 49.32
C GLU H 131 -21.78 15.58 48.10
N PHE H 132 -22.66 14.63 47.82
CA PHE H 132 -22.70 13.98 46.51
C PHE H 132 -24.10 14.09 45.97
N ASN H 133 -24.25 14.84 44.90
CA ASN H 133 -25.55 15.05 44.30
C ASN H 133 -26.48 15.65 45.33
N GLY H 134 -25.95 16.59 46.10
CA GLY H 134 -26.67 17.23 47.17
C GLY H 134 -26.70 16.45 48.46
N LYS H 135 -26.55 15.14 48.38
CA LYS H 135 -26.59 14.29 49.57
C LYS H 135 -25.39 14.58 50.41
N LYS H 136 -25.60 15.20 51.57
CA LYS H 136 -24.49 15.54 52.44
C LYS H 136 -23.91 14.24 52.96
N LEU H 137 -22.86 13.79 52.29
CA LEU H 137 -22.31 12.45 52.53
C LEU H 137 -21.72 12.31 53.91
N LEU H 138 -21.34 13.40 54.53
CA LEU H 138 -20.87 13.39 55.91
C LEU H 138 -21.86 14.06 56.83
N ASP H 139 -23.15 13.97 56.47
CA ASP H 139 -24.20 14.25 57.42
C ASP H 139 -24.13 13.17 58.49
N GLY H 140 -23.66 13.53 59.68
CA GLY H 140 -23.55 12.55 60.74
C GLY H 140 -24.88 11.94 61.15
N THR H 141 -25.99 12.59 60.79
CA THR H 141 -27.32 12.06 61.02
C THR H 141 -27.90 11.39 59.80
N TYR H 142 -27.09 11.12 58.77
CA TYR H 142 -27.60 10.45 57.59
C TYR H 142 -28.14 9.06 57.94
N LYS H 143 -27.24 8.18 58.39
CA LYS H 143 -27.60 6.80 58.73
C LYS H 143 -27.13 6.48 60.14
N VAL H 144 -27.61 7.25 61.11
CA VAL H 144 -27.53 6.78 62.48
C VAL H 144 -28.54 5.64 62.61
N ASP H 145 -28.02 4.41 62.77
CA ASP H 145 -28.86 3.22 62.87
C ASP H 145 -29.96 3.39 63.92
N THR H 146 -29.58 3.90 65.09
CA THR H 146 -30.49 4.34 66.16
C THR H 146 -31.17 3.19 66.90
N ALA H 147 -31.06 1.97 66.38
CA ALA H 147 -32.03 0.91 66.65
C ALA H 147 -33.44 1.32 66.20
N THR H 148 -33.52 2.12 65.15
CA THR H 148 -34.80 2.55 64.58
C THR H 148 -34.69 2.43 63.07
N PRO H 149 -35.21 1.34 62.49
CA PRO H 149 -35.22 1.21 61.02
C PRO H 149 -35.87 2.38 60.31
N ALA H 150 -36.89 2.97 60.91
CA ALA H 150 -37.62 4.05 60.27
C ALA H 150 -36.74 5.24 59.99
N ASN H 151 -35.69 5.45 60.79
CA ASN H 151 -34.80 6.59 60.65
C ASN H 151 -33.39 6.09 60.37
N GLN H 152 -33.12 5.74 59.11
CA GLN H 152 -31.78 5.33 58.71
C GLN H 152 -31.29 5.86 57.37
N LYS H 153 -32.14 6.09 56.37
CA LYS H 153 -31.66 6.48 55.04
C LYS H 153 -30.57 5.54 54.54
N ASN H 154 -30.80 4.22 54.67
CA ASN H 154 -29.79 3.22 54.36
C ASN H 154 -29.10 3.47 53.03
N LEU H 155 -27.76 3.63 53.07
CA LEU H 155 -27.02 3.98 51.85
C LEU H 155 -26.93 2.72 51.00
N VAL H 156 -28.06 2.40 50.37
CA VAL H 156 -28.16 1.23 49.52
C VAL H 156 -27.43 1.50 48.22
N PHE H 157 -26.76 0.47 47.67
CA PHE H 157 -26.22 0.46 46.30
C PHE H 157 -26.72 -0.80 45.59
N GLN H 158 -27.74 -0.64 44.74
CA GLN H 158 -28.16 -1.69 43.82
C GLN H 158 -27.13 -1.79 42.71
N ILE H 159 -26.45 -2.92 42.67
CA ILE H 159 -25.46 -3.19 41.65
C ILE H 159 -25.88 -4.34 40.75
N GLY H 160 -26.24 -5.47 41.33
CA GLY H 160 -26.46 -6.65 40.53
C GLY H 160 -27.63 -6.49 39.58
N ALA H 161 -27.46 -7.02 38.37
CA ALA H 161 -28.52 -6.98 37.38
C ALA H 161 -29.76 -7.73 37.86
N ASN H 162 -29.59 -8.65 38.80
CA ASN H 162 -30.67 -9.39 39.39
C ASN H 162 -31.21 -8.65 40.60
N ALA H 163 -32.48 -8.93 40.93
CA ALA H 163 -33.16 -8.23 42.00
C ALA H 163 -32.53 -8.54 43.36
N THR H 164 -32.63 -7.56 44.27
CA THR H 164 -32.18 -7.60 45.66
C THR H 164 -30.66 -7.53 45.78
N GLN H 165 -29.92 -7.52 44.67
CA GLN H 165 -28.47 -7.53 44.75
C GLN H 165 -27.95 -6.17 45.14
N GLN H 166 -28.11 -5.83 46.42
CA GLN H 166 -27.84 -4.49 46.92
C GLN H 166 -26.78 -4.51 48.00
N ILE H 167 -26.12 -3.37 48.13
CA ILE H 167 -25.11 -3.17 49.16
C ILE H 167 -25.62 -2.14 50.16
N SER H 168 -25.47 -2.46 51.44
CA SER H 168 -25.92 -1.60 52.54
C SER H 168 -24.72 -0.93 53.19
N VAL H 169 -24.68 0.40 53.16
CA VAL H 169 -23.56 1.17 53.67
C VAL H 169 -24.07 2.14 54.73
N ASN H 170 -23.17 2.54 55.64
CA ASN H 170 -23.51 3.41 56.75
C ASN H 170 -22.62 4.65 56.81
N ILE H 171 -23.28 5.80 56.90
CA ILE H 171 -22.69 7.10 57.17
C ILE H 171 -23.10 7.48 58.59
N GLU H 172 -22.14 7.86 59.45
CA GLU H 172 -22.52 8.48 60.73
C GLU H 172 -21.59 9.58 61.23
N ASP H 173 -20.56 9.95 60.49
CA ASP H 173 -19.56 10.87 61.04
C ASP H 173 -19.95 12.33 60.77
N MET H 174 -19.43 13.21 61.62
CA MET H 174 -19.60 14.65 61.51
C MET H 174 -18.75 15.29 62.61
N GLY H 175 -18.68 16.62 62.57
CA GLY H 175 -17.90 17.33 63.56
C GLY H 175 -18.36 17.11 64.98
N ALA H 176 -19.66 17.00 65.20
CA ALA H 176 -20.18 16.72 66.53
C ALA H 176 -20.06 15.25 66.93
N ASP H 177 -19.51 14.41 66.07
CA ASP H 177 -19.40 12.97 66.32
C ASP H 177 -17.96 12.64 66.72
N ALA H 178 -17.69 12.61 68.03
CA ALA H 178 -16.31 12.43 68.50
C ALA H 178 -16.06 11.21 69.38
N LEU H 179 -16.52 11.24 70.64
CA LEU H 179 -16.51 10.04 71.48
C LEU H 179 -17.94 9.55 71.52
N GLY H 180 -18.23 8.61 70.63
CA GLY H 180 -19.55 8.03 70.58
C GLY H 180 -19.69 7.03 71.69
N ILE H 181 -19.83 7.50 72.93
CA ILE H 181 -20.06 6.60 74.05
C ILE H 181 -21.25 5.71 73.73
N LYS H 182 -22.36 6.31 73.38
CA LYS H 182 -23.54 5.70 72.78
C LYS H 182 -24.10 6.65 71.73
N GLU H 183 -24.15 7.91 72.15
CA GLU H 183 -24.50 9.09 71.40
C GLU H 183 -23.61 10.20 71.95
N ALA H 184 -23.93 11.45 71.64
CA ALA H 184 -23.22 12.55 72.28
C ALA H 184 -23.58 12.58 73.76
N ASP H 185 -22.56 12.55 74.62
CA ASP H 185 -22.83 12.58 76.05
C ASP H 185 -23.31 13.95 76.46
N GLY H 186 -22.47 14.96 76.25
CA GLY H 186 -22.79 16.33 76.64
C GLY H 186 -21.61 17.24 76.39
N SER H 187 -21.25 18.02 77.41
CA SER H 187 -20.04 18.83 77.31
C SER H 187 -18.83 17.98 77.00
N ILE H 188 -18.82 16.75 77.50
CA ILE H 188 -17.81 15.79 77.17
C ILE H 188 -18.30 14.89 76.05
N ALA H 189 -17.38 14.15 75.46
CA ALA H 189 -17.59 13.05 74.53
C ALA H 189 -18.04 13.45 73.13
N ALA H 190 -18.66 14.62 72.98
CA ALA H 190 -18.92 15.20 71.67
C ALA H 190 -18.53 16.66 71.61
N LEU H 191 -18.98 17.44 72.61
CA LEU H 191 -18.86 18.89 72.53
C LEU H 191 -17.47 19.38 72.85
N HIS H 192 -16.57 18.52 73.34
CA HIS H 192 -15.19 18.96 73.30
C HIS H 192 -14.72 19.07 71.86
N SER H 193 -15.26 18.23 70.98
CA SER H 193 -14.96 18.39 69.57
C SER H 193 -15.62 19.65 69.03
N VAL H 194 -16.80 19.98 69.53
CA VAL H 194 -17.51 21.14 69.06
C VAL H 194 -17.07 22.38 69.85
N ASN H 195 -17.29 22.36 71.16
CA ASN H 195 -17.11 23.56 71.97
C ASN H 195 -15.69 23.72 72.50
N ASP H 196 -14.91 22.64 72.55
CA ASP H 196 -13.51 22.75 73.01
C ASP H 196 -13.38 23.23 74.45
N LEU H 197 -13.68 22.35 75.39
CA LEU H 197 -13.68 22.65 76.83
C LEU H 197 -12.42 23.34 77.36
N ASP H 198 -11.29 23.32 76.66
CA ASP H 198 -10.05 23.92 77.16
C ASP H 198 -10.09 25.41 76.92
N VAL H 199 -10.71 26.14 77.87
CA VAL H 199 -10.83 27.59 77.78
C VAL H 199 -10.05 28.24 78.90
N THR H 200 -10.61 28.18 80.10
CA THR H 200 -9.95 28.46 81.36
C THR H 200 -10.29 27.43 82.40
N LYS H 201 -11.40 26.70 82.22
CA LYS H 201 -11.72 25.54 83.03
C LYS H 201 -10.54 24.58 83.10
N PHE H 202 -9.75 24.49 82.01
CA PHE H 202 -8.57 23.66 82.06
C PHE H 202 -7.56 24.18 83.08
N ALA H 203 -7.31 25.48 83.08
CA ALA H 203 -6.34 26.03 84.02
C ALA H 203 -6.80 25.80 85.45
N ASP H 204 -8.11 25.77 85.68
CA ASP H 204 -8.63 25.46 87.01
C ASP H 204 -8.28 24.05 87.41
N ASN H 205 -8.56 23.07 86.54
CA ASN H 205 -8.31 21.65 86.82
C ASN H 205 -7.60 21.06 85.61
N ALA H 206 -6.29 21.19 85.59
CA ALA H 206 -5.53 20.62 84.49
C ALA H 206 -5.58 19.09 84.48
N ALA H 207 -5.72 18.46 85.65
CA ALA H 207 -5.87 17.00 85.75
C ALA H 207 -6.96 16.56 86.73
N ASP H 208 -7.22 17.40 87.72
CA ASP H 208 -7.90 17.05 88.96
C ASP H 208 -9.26 16.36 88.88
N CYS H 209 -9.99 16.46 87.76
CA CYS H 209 -11.37 15.99 87.75
C CYS H 209 -11.75 15.19 86.50
N ALA H 210 -10.83 14.96 85.58
CA ALA H 210 -11.00 14.20 84.33
C ALA H 210 -11.92 14.87 83.32
N ASP H 211 -12.99 15.51 83.77
CA ASP H 211 -13.96 16.20 82.94
C ASP H 211 -13.31 17.31 82.16
N ILE H 212 -12.49 18.10 82.84
CA ILE H 212 -11.51 18.96 82.18
C ILE H 212 -10.07 18.56 82.50
N GLY H 213 -9.85 17.55 83.33
CA GLY H 213 -8.47 17.28 83.71
C GLY H 213 -7.59 16.67 82.64
N PHE H 214 -7.61 17.20 81.41
CA PHE H 214 -6.80 16.81 80.24
C PHE H 214 -7.09 15.42 79.69
N ASP H 215 -7.46 14.52 80.60
CA ASP H 215 -7.79 13.14 80.32
C ASP H 215 -8.97 13.03 79.40
N ALA H 216 -10.12 13.53 79.84
CA ALA H 216 -11.35 13.37 79.06
C ALA H 216 -11.18 14.00 77.69
N GLN H 217 -10.56 15.17 77.63
CA GLN H 217 -10.43 15.87 76.35
C GLN H 217 -9.60 15.06 75.39
N LEU H 218 -8.45 14.59 75.85
CA LEU H 218 -7.61 13.78 74.99
C LEU H 218 -8.33 12.51 74.58
N LYS H 219 -9.19 11.98 75.46
CA LYS H 219 -9.97 10.81 75.10
C LYS H 219 -11.01 11.12 74.05
N VAL H 220 -11.60 12.33 74.11
CA VAL H 220 -12.54 12.71 73.06
C VAL H 220 -11.82 12.75 71.73
N VAL H 221 -10.65 13.36 71.71
CA VAL H 221 -9.91 13.46 70.46
C VAL H 221 -9.52 12.07 69.98
N ASP H 222 -9.01 11.24 70.88
CA ASP H 222 -8.57 9.91 70.50
C ASP H 222 -9.71 9.10 69.94
N GLU H 223 -10.88 9.16 70.59
CA GLU H 223 -12.00 8.37 70.10
C GLU H 223 -12.55 8.98 68.82
N ALA H 224 -12.60 10.30 68.73
CA ALA H 224 -13.01 10.94 67.48
C ALA H 224 -12.19 10.42 66.33
N ILE H 225 -10.88 10.37 66.53
CA ILE H 225 -9.98 9.80 65.53
C ILE H 225 -10.33 8.36 65.28
N ASN H 226 -10.56 7.60 66.35
CA ASN H 226 -10.85 6.18 66.18
C ASN H 226 -12.13 5.96 65.41
N GLN H 227 -13.09 6.87 65.58
CA GLN H 227 -14.34 6.79 64.84
C GLN H 227 -14.13 7.16 63.39
N VAL H 228 -13.24 8.11 63.12
CA VAL H 228 -12.85 8.37 61.74
C VAL H 228 -12.16 7.15 61.15
N SER H 229 -11.28 6.54 61.93
CA SER H 229 -10.55 5.35 61.48
C SER H 229 -11.50 4.24 61.09
N SER H 230 -12.48 3.99 61.94
CA SER H 230 -13.42 2.91 61.67
C SER H 230 -14.40 3.29 60.58
N GLN H 231 -14.76 4.57 60.49
CA GLN H 231 -15.62 5.01 59.41
C GLN H 231 -14.91 4.83 58.08
N ARG H 232 -13.65 5.23 58.01
CA ARG H 232 -12.86 5.02 56.82
C ARG H 232 -12.60 3.54 56.60
N ALA H 233 -12.59 2.75 57.67
CA ALA H 233 -12.40 1.31 57.55
C ALA H 233 -13.58 0.68 56.84
N LYS H 234 -14.79 1.01 57.28
CA LYS H 234 -15.99 0.56 56.58
C LYS H 234 -15.98 1.05 55.15
N LEU H 235 -15.67 2.33 54.99
CA LEU H 235 -15.69 2.97 53.70
C LEU H 235 -14.76 2.27 52.71
N GLY H 236 -13.55 1.97 53.17
CA GLY H 236 -12.60 1.29 52.31
C GLY H 236 -12.91 -0.17 52.14
N ALA H 237 -13.57 -0.77 53.12
CA ALA H 237 -14.05 -2.12 52.94
C ALA H 237 -14.99 -2.18 51.74
N VAL H 238 -15.93 -1.24 51.70
CA VAL H 238 -16.85 -1.19 50.57
C VAL H 238 -16.09 -0.84 49.29
N GLN H 239 -15.06 0.00 49.39
CA GLN H 239 -14.24 0.27 48.22
C GLN H 239 -13.69 -1.01 47.64
N ASN H 240 -13.12 -1.85 48.49
CA ASN H 240 -12.57 -3.11 48.02
C ASN H 240 -13.67 -3.97 47.43
N ARG H 241 -14.84 -3.96 48.08
CA ARG H 241 -15.97 -4.72 47.55
C ARG H 241 -16.29 -4.33 46.13
N LEU H 242 -16.35 -3.03 45.88
CA LEU H 242 -16.72 -2.58 44.56
C LEU H 242 -15.59 -2.82 43.56
N GLU H 243 -14.36 -2.83 44.04
CA GLU H 243 -13.26 -3.25 43.17
C GLU H 243 -13.50 -4.67 42.67
N HIS H 244 -13.70 -5.59 43.59
CA HIS H 244 -13.87 -6.99 43.20
C HIS H 244 -15.18 -7.21 42.48
N THR H 245 -16.20 -6.44 42.85
CA THR H 245 -17.46 -6.45 42.13
C THR H 245 -17.21 -6.12 40.67
N ILE H 246 -16.56 -4.99 40.41
CA ILE H 246 -16.32 -4.57 39.03
C ILE H 246 -15.51 -5.60 38.28
N ASN H 247 -14.53 -6.19 38.95
CA ASN H 247 -13.75 -7.21 38.27
C ASN H 247 -14.65 -8.38 37.88
N ASN H 248 -15.59 -8.74 38.76
CA ASN H 248 -16.57 -9.76 38.41
C ASN H 248 -17.48 -9.30 37.29
N LEU H 249 -17.95 -8.07 37.37
CA LEU H 249 -18.88 -7.54 36.37
C LEU H 249 -18.22 -7.51 35.01
N SER H 250 -16.93 -7.22 34.99
CA SER H 250 -16.18 -7.17 33.75
C SER H 250 -16.00 -8.56 33.16
N ALA H 251 -15.50 -9.49 33.98
CA ALA H 251 -15.26 -10.84 33.48
C ALA H 251 -16.56 -11.52 33.11
N SER H 252 -17.54 -11.46 34.02
CA SER H 252 -18.84 -12.07 33.81
C SER H 252 -19.54 -11.44 32.62
N GLY H 253 -19.45 -10.12 32.53
CA GLY H 253 -20.04 -9.44 31.39
C GLY H 253 -19.44 -9.91 30.09
N GLU H 254 -18.12 -10.03 30.04
CA GLU H 254 -17.45 -10.55 28.86
C GLU H 254 -17.97 -11.94 28.52
N ASN H 255 -17.90 -12.85 29.49
CA ASN H 255 -18.34 -14.23 29.24
C ASN H 255 -19.79 -14.25 28.78
N LEU H 256 -20.58 -13.30 29.26
CA LEU H 256 -21.99 -13.26 28.93
C LEU H 256 -22.21 -12.76 27.51
N THR H 257 -21.50 -11.71 27.11
CA THR H 257 -21.60 -11.26 25.73
C THR H 257 -21.08 -12.32 24.78
N ALA H 258 -20.10 -13.10 25.23
CA ALA H 258 -19.65 -14.22 24.44
C ALA H 258 -20.73 -15.28 24.35
N ALA H 259 -21.45 -15.53 25.44
CA ALA H 259 -22.55 -16.48 25.42
C ALA H 259 -23.61 -16.07 24.41
N GLU H 260 -24.02 -14.81 24.49
CA GLU H 260 -24.94 -14.26 23.50
C GLU H 260 -24.37 -14.47 22.10
N SER H 261 -23.11 -14.11 21.93
CA SER H 261 -22.47 -14.21 20.63
C SER H 261 -22.54 -15.63 20.10
N ARG H 262 -22.46 -16.61 20.99
CA ARG H 262 -22.63 -17.98 20.57
C ARG H 262 -24.05 -18.22 20.09
N ILE H 263 -25.03 -17.62 20.77
CA ILE H 263 -26.40 -17.76 20.28
C ILE H 263 -26.53 -17.10 18.92
N ARG H 264 -26.04 -15.86 18.79
CA ARG H 264 -26.10 -15.14 17.53
C ARG H 264 -24.87 -15.36 16.66
N ASP H 265 -24.07 -16.39 16.95
CA ASP H 265 -22.87 -16.69 16.18
C ASP H 265 -23.22 -16.83 14.71
N VAL H 266 -22.79 -15.89 13.89
CA VAL H 266 -22.83 -16.04 12.44
C VAL H 266 -21.48 -16.57 12.01
N ASP H 267 -21.48 -17.77 11.42
CA ASP H 267 -20.33 -18.23 10.67
C ASP H 267 -20.40 -17.49 9.36
N MET H 268 -19.85 -16.28 9.36
CA MET H 268 -19.97 -15.38 8.22
C MET H 268 -19.41 -16.03 6.96
N ALA H 269 -18.36 -16.83 7.11
CA ALA H 269 -17.82 -17.53 5.96
C ALA H 269 -18.82 -18.57 5.44
N LYS H 270 -19.41 -19.35 6.36
CA LYS H 270 -20.45 -20.28 5.98
C LYS H 270 -21.57 -19.57 5.25
N GLU H 271 -22.02 -18.46 5.82
CA GLU H 271 -23.24 -17.84 5.31
C GLU H 271 -23.00 -17.14 3.98
N MET H 272 -21.80 -16.60 3.78
CA MET H 272 -21.44 -16.12 2.45
C MET H 272 -21.38 -17.27 1.46
N SER H 273 -20.80 -18.39 1.89
CA SER H 273 -20.69 -19.55 1.02
C SER H 273 -22.07 -20.06 0.63
N GLU H 274 -22.94 -20.26 1.63
CA GLU H 274 -24.27 -20.75 1.38
C GLU H 274 -25.05 -19.76 0.55
N PHE H 275 -24.83 -18.47 0.80
CA PHE H 275 -25.44 -17.44 -0.03
C PHE H 275 -25.07 -17.64 -1.49
N THR H 276 -23.77 -17.74 -1.74
CA THR H 276 -23.25 -18.00 -3.07
C THR H 276 -23.95 -19.20 -3.71
N LYS H 277 -23.98 -20.30 -2.98
CA LYS H 277 -24.60 -21.51 -3.48
C LYS H 277 -26.03 -21.25 -3.88
N ASN H 278 -26.78 -20.61 -3.00
CA ASN H 278 -28.20 -20.41 -3.28
C ASN H 278 -28.41 -19.49 -4.48
N ASN H 279 -27.52 -18.54 -4.71
CA ASN H 279 -27.57 -17.77 -5.95
C ASN H 279 -27.42 -18.68 -7.14
N ILE H 280 -26.35 -19.48 -7.11
CA ILE H 280 -26.06 -20.42 -8.19
C ILE H 280 -27.29 -21.27 -8.47
N LEU H 281 -27.86 -21.82 -7.41
CA LEU H 281 -28.96 -22.76 -7.54
C LEU H 281 -30.20 -22.08 -8.11
N SER H 282 -30.48 -20.87 -7.66
CA SER H 282 -31.59 -20.12 -8.23
C SER H 282 -31.39 -19.92 -9.72
N GLN H 283 -30.21 -19.45 -10.10
CA GLN H 283 -29.95 -19.15 -11.51
C GLN H 283 -30.05 -20.39 -12.36
N ALA H 284 -29.48 -21.49 -11.88
CA ALA H 284 -29.54 -22.76 -12.60
C ALA H 284 -30.98 -23.18 -12.81
N SER H 285 -31.76 -23.13 -11.73
CA SER H 285 -33.14 -23.56 -11.83
C SER H 285 -33.91 -22.70 -12.81
N GLN H 286 -33.63 -21.40 -12.85
CA GLN H 286 -34.32 -20.55 -13.81
C GLN H 286 -33.93 -20.88 -15.24
N ALA H 287 -32.65 -21.18 -15.46
CA ALA H 287 -32.23 -21.63 -16.79
C ALA H 287 -33.02 -22.86 -17.19
N MET H 288 -33.21 -23.77 -16.25
CA MET H 288 -33.99 -24.96 -16.56
C MET H 288 -35.45 -24.61 -16.80
N LEU H 289 -35.98 -23.58 -16.14
CA LEU H 289 -37.36 -23.19 -16.42
C LEU H 289 -37.48 -22.64 -17.83
N ALA H 290 -36.48 -21.89 -18.27
CA ALA H 290 -36.43 -21.48 -19.66
C ALA H 290 -36.48 -22.69 -20.56
N GLN H 291 -35.63 -23.68 -20.29
CA GLN H 291 -35.62 -24.88 -21.10
C GLN H 291 -36.96 -25.59 -21.10
N ALA H 292 -37.64 -25.60 -19.94
CA ALA H 292 -38.97 -26.17 -19.86
C ALA H 292 -39.93 -25.43 -20.76
N ASN H 293 -39.69 -24.14 -20.97
CA ASN H 293 -40.49 -23.39 -21.93
C ASN H 293 -40.00 -23.57 -23.35
N GLN H 294 -38.77 -24.03 -23.55
CA GLN H 294 -38.24 -24.20 -24.90
C GLN H 294 -38.72 -25.50 -25.52
N GLN H 295 -38.64 -26.59 -24.76
CA GLN H 295 -39.04 -27.90 -25.27
C GLN H 295 -40.41 -27.91 -25.94
N PRO H 296 -41.50 -27.45 -25.31
CA PRO H 296 -42.79 -27.49 -26.00
C PRO H 296 -42.87 -26.63 -27.25
N GLN H 297 -41.96 -25.67 -27.43
CA GLN H 297 -41.92 -24.93 -28.68
C GLN H 297 -41.36 -25.78 -29.80
N ASN H 298 -40.26 -26.48 -29.48
CA ASN H 298 -39.73 -27.47 -30.39
C ASN H 298 -40.83 -28.45 -30.77
N VAL H 299 -41.61 -28.88 -29.77
CA VAL H 299 -42.74 -29.76 -30.03
C VAL H 299 -43.71 -29.11 -30.99
N LEU H 300 -44.02 -27.83 -30.75
CA LEU H 300 -44.98 -27.14 -31.61
C LEU H 300 -44.57 -27.20 -33.06
N GLN H 301 -43.33 -26.83 -33.35
CA GLN H 301 -42.86 -26.89 -34.73
C GLN H 301 -42.90 -28.30 -35.25
N LEU H 302 -42.34 -29.24 -34.48
CA LEU H 302 -42.15 -30.59 -34.95
C LEU H 302 -43.48 -31.29 -35.22
N LEU H 303 -44.52 -30.93 -34.48
CA LEU H 303 -45.86 -31.48 -34.67
C LEU H 303 -46.79 -30.49 -35.32
N ARG H 304 -46.27 -29.60 -36.15
CA ARG H 304 -47.09 -28.72 -36.93
C ARG H 304 -47.37 -29.35 -38.29
N ILE I 3 -49.77 -14.97 -84.46
CA ILE I 3 -48.31 -14.64 -84.58
C ILE I 3 -47.50 -15.21 -83.44
N ASN I 4 -47.88 -16.39 -82.98
CA ASN I 4 -47.31 -16.97 -81.78
C ASN I 4 -45.79 -17.03 -81.82
N HIS I 5 -45.24 -17.43 -82.97
CA HIS I 5 -43.81 -17.59 -83.12
C HIS I 5 -43.04 -16.28 -83.12
N ASN I 6 -43.72 -15.14 -83.12
CA ASN I 6 -43.07 -13.85 -83.14
C ASN I 6 -43.09 -13.13 -81.80
N ILE I 7 -43.81 -13.65 -80.80
CA ILE I 7 -43.98 -12.98 -79.53
C ILE I 7 -43.07 -13.64 -78.51
N ALA I 8 -42.23 -12.83 -77.91
CA ALA I 8 -41.41 -13.28 -76.78
C ALA I 8 -41.28 -12.20 -75.74
N ALA I 9 -42.04 -11.10 -75.85
CA ALA I 9 -41.87 -9.94 -74.98
C ALA I 9 -40.42 -9.49 -75.00
N LEU I 10 -39.91 -9.30 -76.21
CA LEU I 10 -38.49 -9.06 -76.36
C LEU I 10 -38.04 -7.79 -75.65
N ASN I 11 -38.95 -6.83 -75.42
CA ASN I 11 -38.61 -5.70 -74.59
C ASN I 11 -38.35 -6.16 -73.17
N THR I 12 -39.14 -7.13 -72.71
CA THR I 12 -38.86 -7.71 -71.39
C THR I 12 -37.49 -8.36 -71.41
N LEU I 13 -37.13 -9.01 -72.51
CA LEU I 13 -35.84 -9.69 -72.58
C LEU I 13 -34.72 -8.67 -72.53
N ASN I 14 -34.91 -7.55 -73.19
CA ASN I 14 -33.93 -6.48 -73.16
C ASN I 14 -33.80 -5.92 -71.75
N ARG I 15 -34.93 -5.75 -71.07
CA ARG I 15 -34.87 -5.35 -69.65
C ARG I 15 -34.15 -6.40 -68.85
N LEU I 16 -34.26 -7.66 -69.24
CA LEU I 16 -33.62 -8.69 -68.48
C LEU I 16 -32.12 -8.56 -68.56
N SER I 17 -31.61 -8.46 -69.77
CA SER I 17 -30.18 -8.26 -69.97
C SER I 17 -29.70 -7.05 -69.18
N SER I 18 -30.45 -5.95 -69.29
CA SER I 18 -30.11 -4.74 -68.57
C SER I 18 -30.03 -4.98 -67.07
N ASN I 19 -31.05 -5.63 -66.52
CA ASN I 19 -31.13 -5.83 -65.08
C ASN I 19 -30.02 -6.74 -64.58
N ASN I 20 -29.70 -7.77 -65.36
CA ASN I 20 -28.62 -8.67 -64.95
C ASN I 20 -27.31 -7.94 -64.90
N SER I 21 -27.02 -7.15 -65.93
CA SER I 21 -25.80 -6.37 -65.88
C SER I 21 -25.83 -5.36 -64.74
N ALA I 22 -27.01 -4.80 -64.46
CA ALA I 22 -27.13 -3.80 -63.40
C ALA I 22 -26.76 -4.40 -62.05
N SER I 23 -27.43 -5.49 -61.67
CA SER I 23 -27.14 -6.14 -60.41
C SER I 23 -25.69 -6.60 -60.37
N GLN I 24 -25.17 -7.06 -61.51
CA GLN I 24 -23.75 -7.43 -61.58
C GLN I 24 -22.87 -6.27 -61.19
N LYS I 25 -23.12 -5.10 -61.77
CA LYS I 25 -22.31 -3.93 -61.47
C LYS I 25 -22.39 -3.59 -59.99
N ASN I 26 -23.60 -3.65 -59.44
CA ASN I 26 -23.79 -3.40 -58.02
C ASN I 26 -22.87 -4.30 -57.21
N MET I 27 -22.89 -5.61 -57.48
CA MET I 27 -22.02 -6.54 -56.76
C MET I 27 -20.57 -6.13 -56.86
N GLU I 28 -20.12 -5.94 -58.09
CA GLU I 28 -18.72 -5.68 -58.37
C GLU I 28 -18.24 -4.50 -57.56
N LYS I 29 -19.06 -3.47 -57.47
CA LYS I 29 -18.70 -2.33 -56.63
C LYS I 29 -18.77 -2.70 -55.15
N LEU I 30 -19.81 -3.45 -54.77
CA LEU I 30 -19.96 -3.87 -53.38
C LEU I 30 -18.80 -4.76 -52.95
N SER I 31 -18.51 -5.77 -53.76
CA SER I 31 -17.46 -6.72 -53.44
C SER I 31 -16.12 -6.02 -53.35
N SER I 32 -15.81 -5.19 -54.33
CA SER I 32 -14.54 -4.51 -54.36
C SER I 32 -14.51 -3.31 -53.42
N GLY I 33 -15.67 -2.82 -53.01
CA GLY I 33 -15.69 -1.61 -52.22
C GLY I 33 -15.32 -0.40 -53.03
N LEU I 34 -15.59 -0.44 -54.33
CA LEU I 34 -15.15 0.58 -55.27
C LEU I 34 -16.37 1.15 -55.95
N ARG I 35 -16.64 2.44 -55.73
CA ARG I 35 -17.59 3.12 -56.60
C ARG I 35 -16.94 3.41 -57.94
N ILE I 36 -15.62 3.58 -57.94
CA ILE I 36 -14.91 3.77 -59.19
C ILE I 36 -15.13 2.57 -60.09
N ASN I 37 -15.01 2.80 -61.38
CA ASN I 37 -15.10 1.75 -62.37
C ASN I 37 -13.72 1.18 -62.63
N ARG I 38 -13.68 -0.09 -63.02
CA ARG I 38 -12.49 -0.60 -63.68
C ARG I 38 -12.34 0.04 -65.05
N ALA I 39 -13.45 0.19 -65.75
CA ALA I 39 -13.48 0.83 -67.05
C ALA I 39 -13.23 2.33 -66.92
N GLY I 40 -12.82 2.92 -68.03
CA GLY I 40 -12.53 4.34 -68.11
C GLY I 40 -13.72 5.26 -67.96
N ASP I 41 -14.91 4.72 -67.72
CA ASP I 41 -16.07 5.55 -67.46
C ASP I 41 -15.78 6.42 -66.24
N ASP I 42 -15.77 7.73 -66.47
CA ASP I 42 -15.24 8.72 -65.52
C ASP I 42 -13.74 8.54 -65.33
N ALA I 43 -13.02 8.44 -66.44
CA ALA I 43 -11.57 8.41 -66.38
C ALA I 43 -10.98 9.67 -65.76
N ALA I 44 -11.74 10.77 -65.76
CA ALA I 44 -11.32 11.94 -65.00
C ALA I 44 -11.14 11.58 -63.54
N GLY I 45 -12.23 11.21 -62.87
CA GLY I 45 -12.16 10.87 -61.46
C GLY I 45 -11.18 9.73 -61.19
N LEU I 46 -11.11 8.77 -62.12
CA LEU I 46 -10.17 7.68 -61.95
C LEU I 46 -8.75 8.22 -61.93
N ALA I 47 -8.34 8.88 -63.02
CA ALA I 47 -6.99 9.41 -63.13
C ALA I 47 -6.65 10.31 -61.96
N ILE I 48 -7.64 11.03 -61.44
CA ILE I 48 -7.40 11.80 -60.23
C ILE I 48 -7.02 10.85 -59.12
N SER I 49 -7.88 9.87 -58.81
CA SER I 49 -7.61 9.00 -57.66
C SER I 49 -6.31 8.23 -57.84
N GLU I 50 -5.96 7.95 -59.08
CA GLU I 50 -4.66 7.39 -59.39
C GLU I 50 -3.56 8.32 -58.92
N LYS I 51 -3.66 9.59 -59.30
CA LYS I 51 -2.68 10.58 -58.87
C LYS I 51 -2.70 10.75 -57.36
N MET I 52 -3.90 10.71 -56.77
CA MET I 52 -4.03 10.78 -55.34
C MET I 52 -3.22 9.69 -54.69
N ARG I 53 -3.49 8.44 -55.06
CA ARG I 53 -2.81 7.30 -54.47
C ARG I 53 -1.32 7.37 -54.68
N GLY I 54 -0.89 7.86 -55.84
CA GLY I 54 0.52 8.10 -56.06
C GLY I 54 1.08 9.01 -54.99
N GLN I 55 0.36 10.10 -54.72
CA GLN I 55 0.82 11.02 -53.68
C GLN I 55 0.66 10.42 -52.29
N ILE I 56 -0.45 9.72 -52.01
CA ILE I 56 -0.67 9.08 -50.70
C ILE I 56 0.50 8.18 -50.37
N ARG I 57 0.74 7.22 -51.25
CA ARG I 57 1.83 6.28 -51.05
C ARG I 57 3.15 7.01 -50.93
N GLY I 58 3.33 8.08 -51.71
CA GLY I 58 4.51 8.89 -51.57
C GLY I 58 4.60 9.59 -50.23
N LEU I 59 3.45 9.87 -49.61
CA LEU I 59 3.44 10.49 -48.30
C LEU I 59 3.72 9.47 -47.21
N GLU I 60 3.29 8.23 -47.42
CA GLU I 60 3.64 7.16 -46.51
C GLU I 60 5.14 6.95 -46.49
N MET I 61 5.73 6.84 -47.69
CA MET I 61 7.19 6.73 -47.77
C MET I 61 7.86 8.03 -47.37
N ALA I 62 7.15 9.15 -47.46
CA ALA I 62 7.69 10.41 -46.99
C ALA I 62 7.82 10.41 -45.48
N SER I 63 6.76 9.97 -44.80
CA SER I 63 6.80 9.83 -43.37
C SER I 63 7.91 8.89 -42.96
N LYS I 64 8.00 7.76 -43.66
CA LYS I 64 9.10 6.84 -43.44
C LYS I 64 10.45 7.53 -43.55
N ASN I 65 10.68 8.24 -44.66
CA ASN I 65 11.97 8.88 -44.88
C ASN I 65 12.26 9.93 -43.82
N SER I 66 11.23 10.65 -43.38
CA SER I 66 11.44 11.71 -42.40
C SER I 66 11.74 11.13 -41.04
N GLN I 67 11.04 10.06 -40.66
CA GLN I 67 11.35 9.37 -39.43
C GLN I 67 12.77 8.85 -39.45
N ASP I 68 13.18 8.35 -40.61
CA ASP I 68 14.56 7.91 -40.77
C ASP I 68 15.52 9.08 -40.60
N GLY I 69 15.15 10.22 -41.18
CA GLY I 69 15.87 11.47 -40.91
C GLY I 69 16.05 11.69 -39.43
N ILE I 70 14.95 11.55 -38.68
CA ILE I 70 14.98 11.76 -37.25
C ILE I 70 15.93 10.79 -36.58
N SER I 71 15.93 9.54 -37.04
CA SER I 71 16.81 8.54 -36.44
C SER I 71 18.25 8.96 -36.60
N LEU I 72 18.60 9.39 -37.80
CA LEU I 72 19.94 9.92 -38.05
C LEU I 72 20.24 11.07 -37.12
N ILE I 73 19.29 12.02 -37.04
CA ILE I 73 19.47 13.22 -36.23
C ILE I 73 19.80 12.83 -34.80
N GLN I 74 18.90 12.07 -34.17
CA GLN I 74 19.04 11.75 -32.76
C GLN I 74 20.29 10.93 -32.50
N THR I 75 20.69 10.11 -33.46
CA THR I 75 21.98 9.44 -33.34
C THR I 75 23.10 10.45 -33.15
N ALA I 76 23.24 11.33 -34.15
CA ALA I 76 24.31 12.32 -34.10
C ALA I 76 24.14 13.23 -32.89
N GLU I 77 22.90 13.54 -32.57
CA GLU I 77 22.55 14.40 -31.44
C GLU I 77 23.11 13.85 -30.15
N GLY I 78 22.75 12.60 -29.82
CA GLY I 78 23.23 12.01 -28.58
C GLY I 78 24.74 11.92 -28.58
N ALA I 79 25.32 11.62 -29.74
CA ALA I 79 26.77 11.56 -29.82
C ALA I 79 27.40 12.91 -29.50
N LEU I 80 26.82 13.99 -30.04
CA LEU I 80 27.35 15.31 -29.78
C LEU I 80 27.10 15.74 -28.35
N THR I 81 26.02 15.27 -27.75
CA THR I 81 25.79 15.52 -26.34
C THR I 81 26.90 14.91 -25.51
N GLU I 82 27.28 13.67 -25.83
CA GLU I 82 28.37 13.05 -25.09
C GLU I 82 29.68 13.77 -25.36
N THR I 83 29.92 14.14 -26.62
CA THR I 83 31.10 14.94 -26.96
C THR I 83 31.16 16.16 -26.07
N HIS I 84 30.03 16.84 -26.00
CA HIS I 84 29.95 18.05 -25.21
C HIS I 84 30.28 17.79 -23.75
N ALA I 85 29.72 16.72 -23.19
CA ALA I 85 30.01 16.37 -21.80
C ALA I 85 31.50 16.17 -21.61
N ILE I 86 32.15 15.50 -22.57
CA ILE I 86 33.59 15.39 -22.52
C ILE I 86 34.21 16.77 -22.47
N LEU I 87 33.78 17.65 -23.36
CA LEU I 87 34.38 18.97 -23.43
C LEU I 87 34.23 19.74 -22.13
N GLN I 88 33.14 19.49 -21.40
CA GLN I 88 33.04 20.03 -20.05
C GLN I 88 34.17 19.49 -19.19
N ARG I 89 34.40 18.17 -19.25
CA ARG I 89 35.51 17.63 -18.50
C ARG I 89 36.82 18.23 -18.95
N VAL I 90 36.95 18.45 -20.25
CA VAL I 90 38.17 19.03 -20.78
C VAL I 90 38.42 20.37 -20.12
N ARG I 91 37.40 21.24 -20.11
CA ARG I 91 37.61 22.55 -19.53
C ARG I 91 37.94 22.46 -18.05
N GLU I 92 37.35 21.49 -17.35
CA GLU I 92 37.79 21.24 -15.99
C GLU I 92 39.29 21.00 -15.97
N LEU I 93 39.75 20.19 -16.91
CA LEU I 93 41.17 19.89 -16.98
C LEU I 93 41.97 21.05 -17.55
N VAL I 94 41.32 22.01 -18.21
CA VAL I 94 42.02 23.22 -18.63
C VAL I 94 42.28 24.10 -17.43
N VAL I 95 41.25 24.27 -16.60
CA VAL I 95 41.39 25.12 -15.43
C VAL I 95 42.39 24.51 -14.47
N GLN I 96 42.36 23.19 -14.33
CA GLN I 96 43.45 22.55 -13.60
C GLN I 96 44.76 22.71 -14.36
N ALA I 97 44.70 22.69 -15.69
CA ALA I 97 45.86 22.91 -16.54
C ALA I 97 46.16 24.37 -16.73
N GLY I 98 45.59 25.19 -15.86
CA GLY I 98 46.29 26.37 -15.41
C GLY I 98 47.42 26.05 -14.47
N ASN I 99 47.77 24.77 -14.27
CA ASN I 99 48.95 24.34 -13.52
C ASN I 99 48.73 24.59 -12.03
N THR I 100 47.47 24.86 -11.67
CA THR I 100 47.16 25.57 -10.44
C THR I 100 48.14 26.72 -10.30
N GLY I 101 48.24 27.50 -11.38
CA GLY I 101 49.23 28.54 -11.41
C GLY I 101 50.60 28.04 -11.81
N THR I 102 51.41 27.79 -10.78
CA THR I 102 52.68 27.07 -10.94
C THR I 102 52.76 25.85 -10.04
N GLN I 103 51.73 25.60 -9.23
CA GLN I 103 51.86 24.62 -8.16
C GLN I 103 51.99 23.21 -8.70
N ASP I 104 51.27 22.89 -9.75
CA ASP I 104 51.46 21.58 -10.36
C ASP I 104 52.85 21.56 -10.99
N LYS I 105 53.43 20.37 -11.07
CA LYS I 105 54.73 20.21 -11.70
C LYS I 105 54.54 19.65 -13.10
N ALA I 106 55.66 19.48 -13.80
CA ALA I 106 55.60 19.01 -15.18
C ALA I 106 54.96 17.63 -15.27
N THR I 107 55.28 16.75 -14.32
CA THR I 107 54.65 15.43 -14.29
C THR I 107 53.16 15.54 -14.05
N ASP I 108 52.75 16.47 -13.21
CA ASP I 108 51.32 16.65 -12.97
C ASP I 108 50.62 17.07 -14.25
N LEU I 109 51.21 18.02 -14.97
CA LEU I 109 50.67 18.42 -16.26
C LEU I 109 50.67 17.26 -17.25
N GLN I 110 51.64 16.35 -17.12
CA GLN I 110 51.66 15.20 -18.01
C GLN I 110 50.58 14.19 -17.62
N SER I 111 50.32 14.05 -16.32
CA SER I 111 49.23 13.20 -15.88
C SER I 111 47.91 13.73 -16.43
N ILE I 112 47.70 15.04 -16.29
CA ILE I 112 46.53 15.68 -16.86
C ILE I 112 46.49 15.45 -18.36
N GLN I 113 47.61 15.68 -19.02
CA GLN I 113 47.67 15.58 -20.48
C GLN I 113 47.40 14.16 -20.93
N ASP I 114 47.84 13.17 -20.15
CA ASP I 114 47.47 11.79 -20.43
C ASP I 114 45.96 11.64 -20.39
N GLY I 115 45.35 12.19 -19.35
CA GLY I 115 43.90 12.17 -19.29
C GLY I 115 43.25 12.87 -20.47
N ILE I 116 43.81 14.00 -20.90
CA ILE I 116 43.17 14.76 -21.96
C ILE I 116 43.34 14.05 -23.29
N SER I 117 44.53 13.54 -23.56
CA SER I 117 44.75 12.81 -24.80
C SER I 117 43.88 11.57 -24.85
N ALA I 118 43.66 10.97 -23.69
CA ALA I 118 42.67 9.92 -23.57
C ALA I 118 41.29 10.42 -23.97
N LEU I 119 40.92 11.62 -23.49
CA LEU I 119 39.64 12.20 -23.86
C LEU I 119 39.57 12.50 -25.34
N THR I 120 40.66 13.00 -25.91
CA THR I 120 40.74 13.20 -27.35
C THR I 120 40.42 11.90 -28.06
N ASP I 121 41.08 10.83 -27.65
CA ASP I 121 40.86 9.54 -28.28
C ASP I 121 39.40 9.13 -28.17
N GLU I 122 38.74 9.54 -27.09
CA GLU I 122 37.32 9.26 -26.96
C GLU I 122 36.49 10.14 -27.88
N ILE I 123 36.85 11.42 -28.02
CA ILE I 123 36.11 12.29 -28.92
C ILE I 123 36.25 11.79 -30.34
N ASP I 124 37.49 11.49 -30.74
CA ASP I 124 37.74 10.89 -32.04
C ASP I 124 36.97 9.59 -32.16
N GLY I 125 36.86 8.83 -31.07
CA GLY I 125 36.06 7.62 -31.10
C GLY I 125 34.61 7.92 -31.36
N ILE I 126 34.08 8.97 -30.75
CA ILE I 126 32.71 9.38 -31.05
C ILE I 126 32.59 9.68 -32.53
N SER I 127 33.42 10.60 -33.01
CA SER I 127 33.28 11.08 -34.37
C SER I 127 33.61 10.03 -35.40
N ASN I 128 34.29 8.95 -35.00
CA ASN I 128 34.67 7.86 -35.90
C ASN I 128 33.97 6.55 -35.57
N ARG I 129 32.94 6.58 -34.71
CA ARG I 129 32.11 5.43 -34.44
C ARG I 129 30.65 5.75 -34.70
N THR I 130 30.30 7.03 -34.61
CA THR I 130 28.93 7.42 -34.89
C THR I 130 28.66 7.24 -36.36
N GLU I 131 28.13 6.09 -36.71
CA GLU I 131 27.73 5.76 -38.07
C GLU I 131 26.21 5.60 -38.14
N PHE I 132 25.65 5.92 -39.30
CA PHE I 132 24.31 5.48 -39.65
C PHE I 132 24.36 4.77 -40.98
N ASN I 133 24.09 3.48 -40.95
CA ASN I 133 24.14 2.67 -42.15
C ASN I 133 25.53 2.77 -42.78
N GLY I 134 26.53 2.74 -41.90
CA GLY I 134 27.90 2.87 -42.29
C GLY I 134 28.37 4.30 -42.47
N LYS I 135 27.44 5.20 -42.76
CA LYS I 135 27.79 6.59 -42.99
C LYS I 135 28.26 7.20 -41.69
N LYS I 136 29.55 7.49 -41.61
CA LYS I 136 30.10 8.07 -40.40
C LYS I 136 29.50 9.46 -40.23
N LEU I 137 28.44 9.52 -39.43
CA LEU I 137 27.63 10.72 -39.33
C LEU I 137 28.37 11.88 -38.71
N LEU I 138 29.41 11.60 -37.94
CA LEU I 138 30.28 12.63 -37.40
C LEU I 138 31.65 12.60 -38.07
N ASP I 139 31.68 12.17 -39.32
CA ASP I 139 32.84 12.43 -40.16
C ASP I 139 32.92 13.93 -40.36
N GLY I 140 33.89 14.57 -39.71
CA GLY I 140 34.01 16.01 -39.85
C GLY I 140 34.29 16.47 -41.27
N THR I 141 34.74 15.55 -42.13
CA THR I 141 34.94 15.84 -43.55
C THR I 141 33.78 15.37 -44.41
N TYR I 142 32.65 15.02 -43.80
CA TYR I 142 31.51 14.59 -44.59
C TYR I 142 31.03 15.71 -45.51
N LYS I 143 30.56 16.80 -44.92
CA LYS I 143 30.04 17.95 -45.68
C LYS I 143 30.75 19.22 -45.23
N VAL I 144 32.06 19.25 -45.36
CA VAL I 144 32.74 20.52 -45.34
C VAL I 144 32.39 21.23 -46.65
N ASP I 145 31.60 22.30 -46.55
CA ASP I 145 31.16 23.07 -47.72
C ASP I 145 32.33 23.44 -48.62
N THR I 146 33.41 23.96 -48.01
CA THR I 146 34.69 24.20 -48.65
C THR I 146 34.70 25.39 -49.61
N ALA I 147 33.52 25.92 -49.93
CA ALA I 147 33.33 26.67 -51.18
C ALA I 147 33.64 25.81 -52.40
N THR I 148 33.40 24.51 -52.30
CA THR I 148 33.61 23.58 -53.41
C THR I 148 32.39 22.66 -53.46
N PRO I 149 31.43 22.94 -54.36
CA PRO I 149 30.29 22.02 -54.50
C PRO I 149 30.68 20.59 -54.79
N ALA I 150 31.77 20.39 -55.53
CA ALA I 150 32.18 19.05 -55.91
C ALA I 150 32.47 18.18 -54.70
N ASN I 151 32.91 18.77 -53.59
CA ASN I 151 33.28 18.04 -52.39
C ASN I 151 32.38 18.48 -51.25
N GLN I 152 31.15 17.91 -51.21
CA GLN I 152 30.24 18.19 -50.09
C GLN I 152 29.46 17.00 -49.56
N LYS I 153 29.12 15.99 -50.36
CA LYS I 153 28.27 14.90 -49.89
C LYS I 153 27.00 15.42 -49.21
N ASN I 154 26.34 16.40 -49.83
CA ASN I 154 25.20 17.10 -49.22
C ASN I 154 24.20 16.14 -48.59
N LEU I 155 23.97 16.30 -47.29
CA LEU I 155 23.10 15.37 -46.56
C LEU I 155 21.66 15.70 -46.95
N VAL I 156 21.31 15.28 -48.16
CA VAL I 156 19.98 15.51 -48.71
C VAL I 156 19.00 14.58 -48.01
N PHE I 157 17.78 15.07 -47.77
CA PHE I 157 16.63 14.23 -47.36
C PHE I 157 15.46 14.55 -48.30
N GLN I 158 15.21 13.67 -49.27
CA GLN I 158 13.99 13.70 -50.09
C GLN I 158 12.85 13.22 -49.23
N ILE I 159 11.91 14.11 -48.94
CA ILE I 159 10.73 13.79 -48.18
C ILE I 159 9.47 13.92 -49.01
N GLY I 160 9.28 15.05 -49.68
CA GLY I 160 8.01 15.30 -50.33
C GLY I 160 7.76 14.32 -51.44
N ALA I 161 6.48 13.90 -51.54
CA ALA I 161 6.08 13.00 -52.61
C ALA I 161 6.30 13.62 -53.98
N ASN I 162 6.36 14.94 -54.04
CA ASN I 162 6.63 15.67 -55.27
C ASN I 162 8.12 15.88 -55.45
N ALA I 163 8.53 16.04 -56.70
CA ALA I 163 9.94 16.16 -57.04
C ALA I 163 10.56 17.41 -56.45
N THR I 164 11.86 17.33 -56.17
CA THR I 164 12.72 18.38 -55.64
C THR I 164 12.44 18.70 -54.18
N GLN I 165 11.45 18.07 -53.55
CA GLN I 165 11.09 18.41 -52.19
C GLN I 165 12.09 17.81 -51.22
N GLN I 166 13.28 18.41 -51.17
CA GLN I 166 14.40 17.86 -50.45
C GLN I 166 14.89 18.81 -49.38
N ILE I 167 15.52 18.22 -48.37
CA ILE I 167 16.13 18.96 -47.27
C ILE I 167 17.64 18.82 -47.35
N SER I 168 18.34 19.94 -47.21
CA SER I 168 19.80 20.00 -47.29
C SER I 168 20.36 20.19 -45.87
N VAL I 169 21.17 19.24 -45.42
CA VAL I 169 21.72 19.25 -44.07
C VAL I 169 23.24 19.19 -44.16
N ASN I 170 23.90 19.70 -43.11
CA ASN I 170 25.35 19.78 -43.06
C ASN I 170 25.94 19.10 -41.83
N ILE I 171 26.90 18.22 -42.08
CA ILE I 171 27.75 17.60 -41.07
C ILE I 171 29.14 18.22 -41.23
N GLU I 172 29.74 18.72 -40.13
CA GLU I 172 31.16 19.08 -40.20
C GLU I 172 31.96 18.82 -38.92
N ASP I 173 31.38 18.25 -37.89
CA ASP I 173 32.09 18.16 -36.61
C ASP I 173 32.90 16.87 -36.52
N MET I 174 33.94 16.93 -35.68
CA MET I 174 34.80 15.80 -35.38
C MET I 174 35.77 16.25 -34.29
N GLY I 175 36.57 15.30 -33.80
CA GLY I 175 37.53 15.61 -32.76
C GLY I 175 38.54 16.66 -33.15
N ALA I 176 38.98 16.63 -34.41
CA ALA I 176 39.93 17.64 -34.89
C ALA I 176 39.26 18.96 -35.22
N ASP I 177 37.95 19.09 -35.04
CA ASP I 177 37.20 20.29 -35.38
C ASP I 177 36.89 21.07 -34.11
N ALA I 178 37.76 22.04 -33.76
CA ALA I 178 37.61 22.74 -32.48
C ALA I 178 37.42 24.26 -32.57
N LEU I 179 38.48 25.01 -32.90
CA LEU I 179 38.32 26.42 -33.22
C LEU I 179 38.44 26.52 -34.72
N GLY I 180 37.29 26.53 -35.37
CA GLY I 180 37.24 26.66 -36.80
C GLY I 180 37.47 28.10 -37.17
N ILE I 181 38.71 28.59 -37.05
CA ILE I 181 39.02 29.94 -37.48
C ILE I 181 38.56 30.13 -38.92
N LYS I 182 38.98 29.25 -39.80
CA LYS I 182 38.47 29.05 -41.15
C LYS I 182 38.47 27.56 -41.45
N GLU I 183 39.57 26.95 -41.06
CA GLU I 183 39.87 25.53 -41.06
C GLU I 183 40.71 25.30 -39.82
N ALA I 184 41.37 24.14 -39.74
CA ALA I 184 42.33 23.93 -38.67
C ALA I 184 43.53 24.85 -38.88
N ASP I 185 43.86 25.64 -37.87
CA ASP I 185 44.98 26.55 -38.00
C ASP I 185 46.28 25.76 -37.99
N GLY I 186 46.53 25.06 -36.89
CA GLY I 186 47.75 24.30 -36.73
C GLY I 186 47.83 23.72 -35.33
N SER I 187 48.95 23.92 -34.66
CA SER I 187 49.08 23.50 -33.27
C SER I 187 47.98 24.12 -32.42
N ILE I 188 47.56 25.34 -32.77
CA ILE I 188 46.44 25.99 -32.15
C ILE I 188 45.21 25.76 -32.99
N ALA I 189 44.06 26.06 -32.41
CA ALA I 189 42.74 26.16 -33.03
C ALA I 189 42.10 24.84 -33.43
N ALA I 190 42.89 23.80 -33.65
CA ALA I 190 42.37 22.45 -33.81
C ALA I 190 43.14 21.45 -32.97
N LEU I 191 44.47 21.49 -33.07
CA LEU I 191 45.29 20.44 -32.49
C LEU I 191 45.46 20.58 -30.99
N HIS I 192 45.04 21.68 -30.39
CA HIS I 192 44.90 21.61 -28.94
C HIS I 192 43.79 20.64 -28.58
N SER I 193 42.77 20.53 -29.42
CA SER I 193 41.76 19.51 -29.19
C SER I 193 42.33 18.12 -29.44
N VAL I 194 43.24 18.01 -30.41
CA VAL I 194 43.82 16.73 -30.74
C VAL I 194 45.04 16.49 -29.87
N ASN I 195 46.06 17.34 -30.00
CA ASN I 195 47.34 17.07 -29.38
C ASN I 195 47.45 17.59 -27.94
N ASP I 196 46.59 18.54 -27.54
CA ASP I 196 46.61 19.04 -26.16
C ASP I 196 47.93 19.70 -25.78
N LEU I 197 48.13 20.92 -26.27
CA LEU I 197 49.38 21.68 -26.06
C LEU I 197 49.86 21.79 -24.62
N ASP I 198 49.02 21.54 -23.61
CA ASP I 198 49.42 21.69 -22.20
C ASP I 198 50.20 20.45 -21.78
N VAL I 199 51.50 20.48 -22.05
CA VAL I 199 52.39 19.36 -21.70
C VAL I 199 53.41 19.81 -20.67
N THR I 200 54.39 20.57 -21.14
CA THR I 200 55.31 21.34 -20.33
C THR I 200 55.51 22.73 -20.91
N LYS I 201 55.22 22.91 -22.19
CA LYS I 201 55.17 24.23 -22.81
C LYS I 201 54.30 25.17 -22.00
N PHE I 202 53.24 24.64 -21.38
CA PHE I 202 52.43 25.49 -20.52
C PHE I 202 53.21 26.00 -19.33
N ALA I 203 53.97 25.12 -18.67
CA ALA I 203 54.72 25.57 -17.52
C ALA I 203 55.76 26.61 -17.91
N ASP I 204 56.26 26.55 -19.13
CA ASP I 204 57.18 27.56 -19.62
C ASP I 204 56.49 28.91 -19.72
N ASN I 205 55.32 28.97 -20.38
CA ASN I 205 54.56 30.20 -20.58
C ASN I 205 53.11 29.93 -20.19
N ALA I 206 52.83 30.08 -18.91
CA ALA I 206 51.46 29.87 -18.46
C ALA I 206 50.51 30.93 -19.00
N ALA I 207 51.00 32.15 -19.25
CA ALA I 207 50.20 33.22 -19.85
C ALA I 207 50.93 33.99 -20.95
N ASP I 208 52.26 34.03 -20.86
CA ASP I 208 53.13 34.99 -21.51
C ASP I 208 53.00 35.16 -23.03
N CYS I 209 52.45 34.19 -23.77
CA CYS I 209 52.51 34.26 -25.23
C CYS I 209 51.22 33.91 -25.94
N ALA I 210 50.15 33.62 -25.21
CA ALA I 210 48.81 33.27 -25.71
C ALA I 210 48.74 31.94 -26.43
N ASP I 211 49.77 31.59 -27.21
CA ASP I 211 49.85 30.34 -27.96
C ASP I 211 49.81 29.15 -27.05
N ILE I 212 50.58 29.21 -25.96
CA ILE I 212 50.36 28.34 -24.81
C ILE I 212 49.96 29.11 -23.56
N GLY I 213 49.87 30.43 -23.61
CA GLY I 213 49.60 31.15 -22.38
C GLY I 213 48.19 31.01 -21.82
N PHE I 214 47.63 29.80 -21.76
CA PHE I 214 46.32 29.43 -21.22
C PHE I 214 45.12 29.99 -21.97
N ASP I 215 45.32 31.18 -22.55
CA ASP I 215 44.34 31.90 -23.32
C ASP I 215 43.92 31.12 -24.54
N ALA I 216 44.88 30.86 -25.44
CA ALA I 216 44.53 30.20 -26.70
C ALA I 216 43.89 28.86 -26.44
N GLN I 217 44.41 28.10 -25.49
CA GLN I 217 43.89 26.76 -25.23
C GLN I 217 42.44 26.84 -24.79
N LEU I 218 42.18 27.71 -23.81
CA LEU I 218 40.81 27.85 -23.35
C LEU I 218 39.92 28.34 -24.47
N LYS I 219 40.46 29.14 -25.37
CA LYS I 219 39.67 29.59 -26.52
C LYS I 219 39.39 28.45 -27.49
N VAL I 220 40.34 27.53 -27.65
CA VAL I 220 40.08 26.37 -28.48
C VAL I 220 38.94 25.57 -27.90
N VAL I 221 38.98 25.35 -26.59
CA VAL I 221 37.93 24.57 -25.96
C VAL I 221 36.60 25.29 -26.08
N ASP I 222 36.61 26.59 -25.81
CA ASP I 222 35.38 27.36 -25.85
C ASP I 222 34.76 27.33 -27.24
N GLU I 223 35.59 27.51 -28.26
CA GLU I 223 35.05 27.52 -29.60
C GLU I 223 34.65 26.12 -30.02
N ALA I 224 35.42 25.10 -29.66
CA ALA I 224 35.04 23.73 -29.93
C ALA I 224 33.64 23.47 -29.40
N ILE I 225 33.40 23.88 -28.16
CA ILE I 225 32.07 23.78 -27.58
C ILE I 225 31.07 24.56 -28.40
N ASN I 226 31.44 25.79 -28.78
CA ASN I 226 30.50 26.63 -29.52
C ASN I 226 30.15 26.01 -30.86
N GLN I 227 31.10 25.30 -31.47
CA GLN I 227 30.86 24.63 -32.72
C GLN I 227 29.97 23.41 -32.50
N VAL I 228 30.13 22.72 -31.38
CA VAL I 228 29.19 21.67 -31.03
C VAL I 228 27.81 22.26 -30.83
N SER I 229 27.75 23.39 -30.13
CA SER I 229 26.48 24.06 -29.86
C SER I 229 25.76 24.40 -31.15
N SER I 230 26.49 24.98 -32.09
CA SER I 230 25.87 25.38 -33.34
C SER I 230 25.58 24.18 -34.23
N GLN I 231 26.41 23.15 -34.16
CA GLN I 231 26.13 21.94 -34.91
C GLN I 231 24.85 21.30 -34.41
N ARG I 232 24.72 21.20 -33.10
CA ARG I 232 23.50 20.70 -32.50
C ARG I 232 22.34 21.64 -32.74
N ALA I 233 22.63 22.93 -32.92
CA ALA I 233 21.58 23.90 -33.21
C ALA I 233 20.99 23.64 -34.59
N LYS I 234 21.85 23.48 -35.58
CA LYS I 234 21.38 23.10 -36.91
C LYS I 234 20.64 21.78 -36.84
N LEU I 235 21.25 20.82 -36.16
CA LEU I 235 20.72 19.48 -36.06
C LEU I 235 19.31 19.49 -35.49
N GLY I 236 19.10 20.23 -34.41
CA GLY I 236 17.80 20.31 -33.79
C GLY I 236 16.84 21.17 -34.58
N ALA I 237 17.37 22.14 -35.32
CA ALA I 237 16.51 22.88 -36.23
C ALA I 237 15.86 21.93 -37.21
N VAL I 238 16.68 21.06 -37.80
CA VAL I 238 16.13 20.07 -38.74
C VAL I 238 15.22 19.11 -38.01
N GLN I 239 15.54 18.78 -36.76
CA GLN I 239 14.64 17.94 -35.98
C GLN I 239 13.26 18.56 -35.92
N ASN I 240 13.19 19.84 -35.58
CA ASN I 240 11.90 20.51 -35.52
C ASN I 240 11.24 20.51 -36.88
N ARG I 241 12.03 20.74 -37.93
CA ARG I 241 11.48 20.69 -39.29
C ARG I 241 10.79 19.39 -39.56
N LEU I 242 11.43 18.29 -39.21
CA LEU I 242 10.84 17.00 -39.53
C LEU I 242 9.67 16.71 -38.61
N GLU I 243 9.67 17.27 -37.40
CA GLU I 243 8.48 17.18 -36.57
C GLU I 243 7.28 17.80 -37.29
N HIS I 244 7.43 19.04 -37.72
CA HIS I 244 6.31 19.74 -38.36
C HIS I 244 6.01 19.15 -39.72
N THR I 245 7.04 18.67 -40.40
CA THR I 245 6.84 17.94 -41.64
C THR I 245 5.92 16.77 -41.41
N ILE I 246 6.27 15.91 -40.46
CA ILE I 246 5.47 14.72 -40.20
C ILE I 246 4.05 15.10 -39.83
N ASN I 247 3.89 16.15 -39.04
CA ASN I 247 2.56 16.56 -38.69
C ASN I 247 1.78 16.95 -39.94
N ASN I 248 2.44 17.62 -40.88
CA ASN I 248 1.81 17.93 -42.16
C ASN I 248 1.55 16.67 -42.95
N LEU I 249 2.51 15.75 -43.00
CA LEU I 249 2.36 14.53 -43.77
C LEU I 249 1.20 13.71 -43.25
N SER I 250 1.02 13.73 -41.93
CA SER I 250 -0.06 12.99 -41.30
C SER I 250 -1.40 13.61 -41.63
N ALA I 251 -1.54 14.91 -41.39
CA ALA I 251 -2.81 15.58 -41.64
C ALA I 251 -3.15 15.57 -43.12
N SER I 252 -2.18 15.96 -43.95
CA SER I 252 -2.37 16.00 -45.38
C SER I 252 -2.64 14.62 -45.93
N GLY I 253 -1.91 13.63 -45.43
CA GLY I 253 -2.14 12.27 -45.85
C GLY I 253 -3.55 11.83 -45.54
N GLU I 254 -4.02 12.13 -44.33
CA GLU I 254 -5.39 11.83 -43.96
C GLU I 254 -6.38 12.47 -44.92
N ASN I 255 -6.27 13.79 -45.09
CA ASN I 255 -7.18 14.51 -45.96
C ASN I 255 -7.14 13.95 -47.36
N LEU I 256 -5.97 13.44 -47.76
CA LEU I 256 -5.80 12.93 -49.12
C LEU I 256 -6.47 11.57 -49.27
N THR I 257 -6.30 10.68 -48.29
CA THR I 257 -6.99 9.40 -48.34
C THR I 257 -8.48 9.60 -48.26
N ALA I 258 -8.90 10.65 -47.56
CA ALA I 258 -10.32 11.00 -47.56
C ALA I 258 -10.76 11.47 -48.93
N ALA I 259 -9.92 12.26 -49.60
CA ALA I 259 -10.23 12.71 -50.95
C ALA I 259 -10.42 11.54 -51.89
N GLU I 260 -9.46 10.61 -51.87
CA GLU I 260 -9.59 9.39 -52.63
C GLU I 260 -10.89 8.68 -52.26
N SER I 261 -11.14 8.56 -50.97
CA SER I 261 -12.32 7.86 -50.49
C SER I 261 -13.57 8.49 -51.06
N ARG I 262 -13.57 9.81 -51.23
CA ARG I 262 -14.70 10.46 -51.88
C ARG I 262 -14.79 10.03 -53.33
N ILE I 263 -13.66 9.88 -54.00
CA ILE I 263 -13.74 9.38 -55.38
C ILE I 263 -14.28 7.96 -55.38
N ARG I 264 -13.72 7.10 -54.55
CA ARG I 264 -14.17 5.72 -54.45
C ARG I 264 -15.28 5.53 -53.44
N ASP I 265 -15.93 6.60 -52.99
CA ASP I 265 -17.01 6.51 -52.01
C ASP I 265 -18.08 5.54 -52.49
N VAL I 266 -18.19 4.40 -51.84
CA VAL I 266 -19.33 3.51 -52.04
C VAL I 266 -20.36 3.86 -50.97
N ASP I 267 -21.52 4.29 -51.41
CA ASP I 267 -22.69 4.33 -50.52
C ASP I 267 -23.17 2.90 -50.45
N MET I 268 -22.54 2.15 -49.54
CA MET I 268 -22.79 0.71 -49.46
C MET I 268 -24.26 0.42 -49.22
N ALA I 269 -24.94 1.29 -48.48
CA ALA I 269 -26.37 1.10 -48.30
C ALA I 269 -27.12 1.30 -49.60
N LYS I 270 -26.78 2.36 -50.34
CA LYS I 270 -27.37 2.56 -51.66
C LYS I 270 -27.14 1.35 -52.53
N GLU I 271 -25.91 0.87 -52.56
CA GLU I 271 -25.55 -0.14 -53.53
C GLU I 271 -26.15 -1.49 -53.19
N MET I 272 -26.29 -1.79 -51.90
CA MET I 272 -27.04 -2.97 -51.50
C MET I 272 -28.51 -2.82 -51.89
N SER I 273 -29.05 -1.62 -51.68
CA SER I 273 -30.45 -1.37 -52.02
C SER I 273 -30.67 -1.53 -53.52
N GLU I 274 -29.84 -0.88 -54.31
CA GLU I 274 -29.96 -0.95 -55.76
C GLU I 274 -29.73 -2.37 -56.23
N PHE I 275 -28.81 -3.07 -55.59
CA PHE I 275 -28.60 -4.48 -55.88
C PHE I 275 -29.88 -5.26 -55.72
N THR I 276 -30.49 -5.10 -54.54
CA THR I 276 -31.76 -5.73 -54.23
C THR I 276 -32.78 -5.46 -55.33
N LYS I 277 -32.93 -4.18 -55.66
CA LYS I 277 -33.90 -3.79 -56.67
C LYS I 277 -33.63 -4.51 -57.97
N ASN I 278 -32.37 -4.52 -58.40
CA ASN I 278 -32.08 -5.11 -59.70
C ASN I 278 -32.32 -6.62 -59.70
N ASN I 279 -32.13 -7.28 -58.55
CA ASN I 279 -32.53 -8.68 -58.45
C ASN I 279 -34.02 -8.81 -58.69
N ILE I 280 -34.79 -8.03 -57.94
CA ILE I 280 -36.24 -8.05 -58.06
C ILE I 280 -36.65 -7.86 -59.50
N LEU I 281 -36.05 -6.86 -60.14
CA LEU I 281 -36.45 -6.49 -61.49
C LEU I 281 -36.09 -7.59 -62.48
N SER I 282 -34.93 -8.19 -62.32
CA SER I 282 -34.56 -9.32 -63.17
C SER I 282 -35.58 -10.44 -63.04
N GLN I 283 -35.88 -10.81 -61.79
CA GLN I 283 -36.80 -11.93 -61.55
C GLN I 283 -38.17 -11.65 -62.13
N ALA I 284 -38.67 -10.44 -61.90
CA ALA I 284 -39.97 -10.05 -62.41
C ALA I 284 -39.99 -10.15 -63.93
N SER I 285 -38.96 -9.61 -64.56
CA SER I 285 -38.92 -9.63 -66.02
C SER I 285 -38.89 -11.06 -66.53
N GLN I 286 -38.17 -11.95 -65.85
CA GLN I 286 -38.16 -13.34 -66.31
C GLN I 286 -39.51 -14.00 -66.15
N ALA I 287 -40.21 -13.71 -65.06
CA ALA I 287 -41.58 -14.19 -64.91
C ALA I 287 -42.43 -13.75 -66.08
N MET I 288 -42.26 -12.50 -66.48
CA MET I 288 -43.02 -12.02 -67.63
C MET I 288 -42.57 -12.71 -68.91
N LEU I 289 -41.30 -13.09 -69.03
CA LEU I 289 -40.89 -13.82 -70.22
C LEU I 289 -41.54 -15.19 -70.26
N ALA I 290 -41.66 -15.82 -69.11
CA ALA I 290 -42.43 -17.06 -69.04
C ALA I 290 -43.83 -16.83 -69.54
N GLN I 291 -44.48 -15.78 -69.04
CA GLN I 291 -45.84 -15.47 -69.48
C GLN I 291 -45.92 -15.22 -70.97
N ALA I 292 -44.90 -14.56 -71.53
CA ALA I 292 -44.82 -14.35 -72.96
C ALA I 292 -44.76 -15.68 -73.69
N ASN I 293 -44.16 -16.68 -73.06
CA ASN I 293 -44.17 -18.01 -73.65
C ASN I 293 -45.46 -18.77 -73.35
N GLN I 294 -46.23 -18.34 -72.35
CA GLN I 294 -47.47 -19.04 -72.01
C GLN I 294 -48.61 -18.62 -72.92
N GLN I 295 -48.75 -17.33 -73.16
CA GLN I 295 -49.84 -16.82 -74.01
C GLN I 295 -49.96 -17.52 -75.34
N PRO I 296 -48.91 -17.64 -76.16
CA PRO I 296 -49.09 -18.31 -77.46
C PRO I 296 -49.43 -19.79 -77.34
N GLN I 297 -49.21 -20.43 -76.18
CA GLN I 297 -49.67 -21.80 -76.01
C GLN I 297 -51.17 -21.84 -75.83
N ASN I 298 -51.67 -20.93 -75.00
CA ASN I 298 -53.11 -20.73 -74.89
C ASN I 298 -53.70 -20.51 -76.28
N VAL I 299 -53.03 -19.68 -77.07
CA VAL I 299 -53.46 -19.45 -78.44
C VAL I 299 -53.49 -20.74 -79.22
N LEU I 300 -52.44 -21.54 -79.08
CA LEU I 300 -52.35 -22.80 -79.82
C LEU I 300 -53.56 -23.66 -79.57
N GLN I 301 -53.88 -23.88 -78.29
CA GLN I 301 -55.05 -24.69 -77.98
C GLN I 301 -56.31 -24.05 -78.51
N LEU I 302 -56.48 -22.77 -78.23
CA LEU I 302 -57.73 -22.09 -78.53
C LEU I 302 -58.00 -22.03 -80.02
N LEU I 303 -56.95 -21.98 -80.83
CA LEU I 303 -57.07 -21.97 -82.28
C LEU I 303 -56.67 -23.30 -82.90
N ARG I 304 -56.85 -24.39 -82.18
CA ARG I 304 -56.65 -25.70 -82.72
C ARG I 304 -57.95 -26.23 -83.30
N ILE J 3 -24.20 -41.20 -33.85
CA ILE J 3 -24.09 -41.75 -32.44
C ILE J 3 -24.14 -40.64 -31.40
N ASN J 4 -24.96 -39.61 -31.68
CA ASN J 4 -24.97 -38.41 -30.86
C ASN J 4 -25.18 -38.71 -29.39
N HIS J 5 -26.12 -39.62 -29.09
CA HIS J 5 -26.45 -39.94 -27.71
C HIS J 5 -25.36 -40.70 -26.97
N ASN J 6 -24.29 -41.09 -27.65
CA ASN J 6 -23.21 -41.83 -27.02
C ASN J 6 -21.96 -41.00 -26.76
N ILE J 7 -21.91 -39.76 -27.26
CA ILE J 7 -20.71 -38.93 -27.17
C ILE J 7 -20.92 -37.91 -26.07
N ALA J 8 -20.01 -37.92 -25.11
CA ALA J 8 -19.97 -36.91 -24.08
C ALA J 8 -18.54 -36.51 -23.74
N ALA J 9 -17.56 -36.98 -24.50
CA ALA J 9 -16.16 -36.79 -24.18
C ALA J 9 -15.90 -37.29 -22.77
N LEU J 10 -16.31 -38.52 -22.52
CA LEU J 10 -16.30 -39.04 -21.16
C LEU J 10 -14.89 -39.08 -20.58
N ASN J 11 -13.87 -39.16 -21.44
CA ASN J 11 -12.52 -39.04 -20.92
C ASN J 11 -12.29 -37.63 -20.38
N THR J 12 -12.87 -36.63 -21.05
CA THR J 12 -12.83 -35.28 -20.50
C THR J 12 -13.53 -35.24 -19.15
N LEU J 13 -14.64 -35.96 -19.04
CA LEU J 13 -15.38 -35.96 -17.79
C LEU J 13 -14.56 -36.59 -16.68
N ASN J 14 -13.86 -37.65 -17.01
CA ASN J 14 -12.97 -38.30 -16.05
C ASN J 14 -11.86 -37.36 -15.63
N ARG J 15 -11.29 -36.63 -16.60
CA ARG J 15 -10.31 -35.61 -16.25
C ARG J 15 -10.93 -34.56 -15.36
N LEU J 16 -12.21 -34.31 -15.55
CA LEU J 16 -12.84 -33.28 -14.76
C LEU J 16 -12.90 -33.69 -13.31
N SER J 17 -13.40 -34.89 -13.07
CA SER J 17 -13.45 -35.41 -11.71
C SER J 17 -12.06 -35.38 -11.08
N SER J 18 -11.07 -35.83 -11.85
CA SER J 18 -9.69 -35.84 -11.36
C SER J 18 -9.23 -34.45 -10.98
N ASN J 19 -9.48 -33.48 -11.86
CA ASN J 19 -8.98 -32.12 -11.63
C ASN J 19 -9.67 -31.49 -10.44
N ASN J 20 -10.96 -31.74 -10.28
CA ASN J 20 -11.68 -31.17 -9.15
C ASN J 20 -11.13 -31.70 -7.85
N SER J 21 -10.91 -33.02 -7.78
CA SER J 21 -10.31 -33.57 -6.59
C SER J 21 -8.89 -33.03 -6.40
N ALA J 22 -8.17 -32.83 -7.48
CA ALA J 22 -6.79 -32.36 -7.39
C ALA J 22 -6.74 -30.97 -6.75
N SER J 23 -7.48 -30.02 -7.33
CA SER J 23 -7.51 -28.68 -6.77
C SER J 23 -8.02 -28.70 -5.33
N GLN J 24 -9.00 -29.57 -5.05
CA GLN J 24 -9.49 -29.73 -3.69
C GLN J 24 -8.36 -30.09 -2.74
N LYS J 25 -7.57 -31.08 -3.12
CA LYS J 25 -6.47 -31.52 -2.27
C LYS J 25 -5.48 -30.39 -2.05
N ASN J 26 -5.17 -29.66 -3.13
CA ASN J 26 -4.29 -28.50 -3.00
C ASN J 26 -4.81 -27.55 -1.93
N MET J 27 -6.09 -27.19 -2.00
CA MET J 27 -6.66 -26.28 -0.99
C MET J 27 -6.48 -26.84 0.40
N GLU J 28 -6.92 -28.07 0.58
CA GLU J 28 -6.93 -28.69 1.89
C GLU J 28 -5.56 -28.63 2.53
N LYS J 29 -4.54 -28.88 1.73
CA LYS J 29 -3.19 -28.74 2.25
C LYS J 29 -2.83 -27.28 2.49
N LEU J 30 -3.23 -26.41 1.57
CA LEU J 30 -2.95 -24.98 1.71
C LEU J 30 -3.65 -24.41 2.92
N SER J 31 -4.94 -24.70 3.05
CA SER J 31 -5.73 -24.18 4.15
C SER J 31 -5.19 -24.67 5.49
N SER J 32 -4.93 -25.96 5.58
CA SER J 32 -4.45 -26.55 6.81
C SER J 32 -2.97 -26.29 7.03
N GLY J 33 -2.24 -25.95 5.98
CA GLY J 33 -0.82 -25.81 6.10
C GLY J 33 -0.13 -27.15 6.30
N LEU J 34 -0.74 -28.21 5.76
CA LEU J 34 -0.30 -29.58 5.99
C LEU J 34 0.01 -30.21 4.64
N ARG J 35 1.27 -30.56 4.44
CA ARG J 35 1.57 -31.45 3.32
C ARG J 35 1.16 -32.87 3.67
N ILE J 36 1.18 -33.19 4.95
CA ILE J 36 0.73 -34.50 5.39
C ILE J 36 -0.73 -34.67 5.00
N ASN J 37 -1.12 -35.93 4.85
CA ASN J 37 -2.50 -36.27 4.57
C ASN J 37 -3.24 -36.50 5.86
N ARG J 38 -4.54 -36.26 5.82
CA ARG J 38 -5.41 -36.82 6.86
C ARG J 38 -5.48 -38.33 6.72
N ALA J 39 -5.55 -38.79 5.47
CA ALA J 39 -5.58 -40.21 5.17
C ALA J 39 -4.22 -40.84 5.43
N GLY J 40 -4.23 -42.16 5.61
CA GLY J 40 -3.03 -42.93 5.87
C GLY J 40 -2.05 -43.00 4.73
N ASP J 41 -2.31 -42.34 3.61
CA ASP J 41 -1.35 -42.26 2.54
C ASP J 41 -0.05 -41.66 3.05
N ASP J 42 1.01 -42.47 3.02
CA ASP J 42 2.27 -42.21 3.72
C ASP J 42 2.06 -42.23 5.24
N ALA J 43 1.41 -43.29 5.71
CA ALA J 43 1.26 -43.49 7.15
C ALA J 43 2.61 -43.65 7.83
N ALA J 44 3.66 -44.01 7.08
CA ALA J 44 5.00 -43.98 7.64
C ALA J 44 5.34 -42.58 8.13
N GLY J 45 5.40 -41.63 7.20
CA GLY J 45 5.74 -40.26 7.57
C GLY J 45 4.77 -39.68 8.58
N LEU J 46 3.49 -40.05 8.47
CA LEU J 46 2.51 -39.58 9.43
C LEU J 46 2.86 -40.08 10.82
N ALA J 47 2.93 -41.40 10.99
CA ALA J 47 3.21 -41.99 12.28
C ALA J 47 4.51 -41.46 12.86
N ILE J 48 5.48 -41.17 11.99
CA ILE J 48 6.68 -40.51 12.46
C ILE J 48 6.32 -39.18 13.08
N SER J 49 5.68 -38.30 12.31
CA SER J 49 5.39 -36.96 12.83
C SER J 49 4.51 -37.00 14.06
N GLU J 50 3.67 -38.01 14.15
CA GLU J 50 2.91 -38.26 15.35
C GLU J 50 3.85 -38.48 16.53
N LYS J 51 4.81 -39.38 16.34
CA LYS J 51 5.79 -39.65 17.38
C LYS J 51 6.63 -38.43 17.68
N MET J 52 6.97 -37.67 16.63
CA MET J 52 7.71 -36.43 16.79
C MET J 52 6.95 -35.51 17.73
N ARG J 53 5.71 -35.21 17.39
CA ARG J 53 4.90 -34.29 18.19
C ARG J 53 4.73 -34.80 19.61
N GLY J 54 4.60 -36.11 19.77
CA GLY J 54 4.58 -36.66 21.11
C GLY J 54 5.83 -36.27 21.86
N GLN J 55 6.99 -36.40 21.22
CA GLN J 55 8.22 -36.01 21.87
C GLN J 55 8.34 -34.49 22.01
N ILE J 56 7.94 -33.73 20.98
CA ILE J 56 7.99 -32.26 21.04
C ILE J 56 7.24 -31.77 22.27
N ARG J 57 5.97 -32.12 22.33
CA ARG J 57 5.12 -31.74 23.44
C ARG J 57 5.71 -32.21 24.76
N GLY J 58 6.28 -33.42 24.74
CA GLY J 58 6.96 -33.90 25.93
C GLY J 58 8.18 -33.07 26.30
N LEU J 59 8.81 -32.44 25.30
CA LEU J 59 9.96 -31.58 25.56
C LEU J 59 9.52 -30.23 26.07
N GLU J 60 8.36 -29.77 25.62
CA GLU J 60 7.82 -28.54 26.15
C GLU J 60 7.48 -28.71 27.61
N MET J 61 6.80 -29.80 27.95
CA MET J 61 6.53 -30.09 29.35
C MET J 61 7.79 -30.48 30.09
N ALA J 62 8.81 -30.94 29.38
CA ALA J 62 10.10 -31.22 30.00
C ALA J 62 10.77 -29.93 30.43
N SER J 63 10.77 -28.95 29.54
CA SER J 63 11.32 -27.64 29.88
C SER J 63 10.56 -27.06 31.05
N LYS J 64 9.24 -27.16 31.00
CA LYS J 64 8.41 -26.76 32.13
C LYS J 64 8.86 -27.43 33.42
N ASN J 65 8.97 -28.75 33.41
CA ASN J 65 9.31 -29.48 34.62
C ASN J 65 10.70 -29.10 35.12
N SER J 66 11.63 -28.86 34.20
CA SER J 66 12.99 -28.54 34.60
C SER J 66 13.07 -27.15 35.18
N GLN J 67 12.35 -26.20 34.58
CA GLN J 67 12.27 -24.87 35.15
C GLN J 67 11.68 -24.91 36.54
N ASP J 68 10.67 -25.76 36.71
CA ASP J 68 10.08 -25.95 38.02
C ASP J 68 11.10 -26.53 38.98
N GLY J 69 11.89 -27.50 38.51
CA GLY J 69 13.05 -27.96 39.25
C GLY J 69 13.90 -26.81 39.72
N ILE J 70 14.22 -25.90 38.81
CA ILE J 70 15.06 -24.76 39.14
C ILE J 70 14.41 -23.92 40.21
N SER J 71 13.10 -23.73 40.12
CA SER J 71 12.41 -22.91 41.11
C SER J 71 12.57 -23.52 42.49
N LEU J 72 12.38 -24.83 42.58
CA LEU J 72 12.61 -25.53 43.82
C LEU J 72 14.04 -25.31 44.30
N ILE J 73 14.98 -25.50 43.40
CA ILE J 73 16.40 -25.40 43.74
C ILE J 73 16.67 -24.03 44.34
N GLN J 74 16.37 -22.98 43.60
CA GLN J 74 16.72 -21.63 44.04
C GLN J 74 16.00 -21.24 45.31
N THR J 75 14.80 -21.78 45.52
CA THR J 75 14.14 -21.60 46.81
C THR J 75 15.03 -22.13 47.93
N ALA J 76 15.33 -23.42 47.86
CA ALA J 76 16.14 -24.04 48.91
C ALA J 76 17.51 -23.38 48.99
N GLU J 77 18.04 -23.01 47.84
CA GLU J 77 19.34 -22.37 47.74
C GLU J 77 19.39 -21.09 48.55
N GLY J 78 18.47 -20.18 48.27
CA GLY J 78 18.46 -18.92 49.00
C GLY J 78 18.25 -19.14 50.48
N ALA J 79 17.40 -20.12 50.81
CA ALA J 79 17.18 -20.43 52.21
C ALA J 79 18.46 -20.90 52.88
N LEU J 80 19.22 -21.75 52.21
CA LEU J 80 20.48 -22.24 52.76
C LEU J 80 21.53 -21.16 52.81
N THR J 81 21.48 -20.21 51.88
CA THR J 81 22.36 -19.07 51.95
C THR J 81 22.09 -18.27 53.22
N GLU J 82 20.82 -18.05 53.52
CA GLU J 82 20.50 -17.33 54.74
C GLU J 82 20.91 -18.13 55.97
N THR J 83 20.64 -19.45 55.95
CA THR J 83 21.08 -20.32 57.03
C THR J 83 22.56 -20.14 57.25
N HIS J 84 23.31 -20.17 56.16
CA HIS J 84 24.74 -20.04 56.24
C HIS J 84 25.14 -18.71 56.87
N ALA J 85 24.51 -17.63 56.44
CA ALA J 85 24.78 -16.32 57.01
C ALA J 85 24.56 -16.34 58.52
N ILE J 86 23.48 -16.98 58.95
CA ILE J 86 23.27 -17.15 60.38
C ILE J 86 24.45 -17.86 60.98
N LEU J 87 24.88 -18.97 60.38
CA LEU J 87 25.97 -19.75 60.93
C LEU J 87 27.25 -18.95 61.04
N GLN J 88 27.45 -18.00 60.14
CA GLN J 88 28.55 -17.06 60.32
C GLN J 88 28.36 -16.28 61.60
N ARG J 89 27.15 -15.77 61.81
CA ARG J 89 26.90 -15.06 63.08
C ARG J 89 27.11 -15.98 64.26
N VAL J 90 26.71 -17.24 64.11
CA VAL J 90 26.87 -18.19 65.20
C VAL J 90 28.33 -18.28 65.56
N ARG J 91 29.20 -18.49 64.56
CA ARG J 91 30.62 -18.63 64.89
C ARG J 91 31.18 -17.36 65.51
N GLU J 92 30.69 -16.20 65.08
CA GLU J 92 31.04 -14.98 65.81
C GLU J 92 30.71 -15.14 67.27
N LEU J 93 29.52 -15.68 67.54
CA LEU J 93 29.09 -15.87 68.91
C LEU J 93 29.79 -17.04 69.57
N VAL J 94 30.40 -17.93 68.79
CA VAL J 94 31.21 -18.98 69.38
C VAL J 94 32.51 -18.40 69.87
N VAL J 95 33.13 -17.57 69.04
CA VAL J 95 34.40 -16.98 69.41
C VAL J 95 34.21 -16.04 70.60
N GLN J 96 33.11 -15.30 70.61
CA GLN J 96 32.76 -14.59 71.82
C GLN J 96 32.45 -15.56 72.95
N ALA J 97 31.84 -16.70 72.60
CA ALA J 97 31.53 -17.74 73.57
C ALA J 97 32.72 -18.63 73.82
N GLY J 98 33.90 -18.16 73.43
CA GLY J 98 35.07 -18.45 74.20
C GLY J 98 35.12 -17.70 75.52
N ASN J 99 34.04 -16.99 75.90
CA ASN J 99 33.89 -16.38 77.21
C ASN J 99 34.82 -15.16 77.30
N THR J 100 35.32 -14.74 76.14
CA THR J 100 36.54 -13.94 76.09
C THR J 100 37.54 -14.53 77.08
N GLY J 101 37.73 -15.84 76.94
CA GLY J 101 38.55 -16.54 77.90
C GLY J 101 37.81 -16.90 79.16
N THR J 102 37.97 -16.05 80.17
CA THR J 102 37.15 -16.10 81.38
C THR J 102 36.46 -14.76 81.65
N GLN J 103 36.71 -13.75 80.82
CA GLN J 103 36.31 -12.39 81.16
C GLN J 103 34.81 -12.23 81.19
N ASP J 104 34.10 -12.86 80.27
CA ASP J 104 32.66 -12.81 80.34
C ASP J 104 32.23 -13.62 81.56
N LYS J 105 31.09 -13.24 82.13
CA LYS J 105 30.53 -13.96 83.27
C LYS J 105 29.43 -14.88 82.80
N ALA J 106 28.85 -15.62 83.75
CA ALA J 106 27.81 -16.58 83.41
C ALA J 106 26.61 -15.91 82.76
N THR J 107 26.23 -14.73 83.29
CA THR J 107 25.14 -13.98 82.69
C THR J 107 25.47 -13.55 81.28
N ASP J 108 26.72 -13.16 81.05
CA ASP J 108 27.11 -12.77 79.70
C ASP J 108 26.97 -13.94 78.74
N LEU J 109 27.43 -15.12 79.16
CA LEU J 109 27.24 -16.33 78.36
C LEU J 109 25.78 -16.64 78.16
N GLN J 110 24.94 -16.29 79.14
CA GLN J 110 23.50 -16.53 78.99
C GLN J 110 22.89 -15.53 78.02
N SER J 111 23.37 -14.29 78.03
CA SER J 111 22.92 -13.31 77.05
C SER J 111 23.26 -13.79 75.66
N ILE J 112 24.51 -14.23 75.48
CA ILE J 112 24.93 -14.80 74.21
C ILE J 112 24.03 -15.98 73.85
N GLN J 113 23.85 -16.87 74.82
CA GLN J 113 23.09 -18.10 74.57
C GLN J 113 21.64 -17.79 74.22
N ASP J 114 21.09 -16.74 74.82
CA ASP J 114 19.77 -16.28 74.41
C ASP J 114 19.79 -15.89 72.94
N GLY J 115 20.81 -15.14 72.55
CA GLY J 115 20.95 -14.80 71.15
C GLY J 115 21.10 -16.02 70.26
N ILE J 116 21.85 -17.02 70.71
CA ILE J 116 22.09 -18.18 69.86
C ILE J 116 20.85 -19.03 69.76
N SER J 117 20.16 -19.25 70.87
CA SER J 117 18.93 -20.03 70.83
C SER J 117 17.89 -19.33 69.98
N ALA J 118 17.92 -18.01 70.00
CA ALA J 118 17.11 -17.23 69.07
C ALA J 118 17.51 -17.56 67.63
N LEU J 119 18.82 -17.61 67.37
CA LEU J 119 19.28 -17.96 66.03
C LEU J 119 18.89 -19.38 65.66
N THR J 120 18.97 -20.31 66.61
CA THR J 120 18.48 -21.66 66.38
C THR J 120 17.05 -21.62 65.93
N ASP J 121 16.22 -20.89 66.66
CA ASP J 121 14.81 -20.80 66.33
C ASP J 121 14.63 -20.23 64.93
N GLU J 122 15.55 -19.37 64.50
CA GLU J 122 15.49 -18.87 63.14
C GLU J 122 15.92 -19.92 62.13
N ILE J 123 16.96 -20.69 62.44
CA ILE J 123 17.39 -21.74 61.53
C ILE J 123 16.29 -22.77 61.38
N ASP J 124 15.73 -23.20 62.51
CA ASP J 124 14.58 -24.09 62.49
C ASP J 124 13.44 -23.45 61.71
N GLY J 125 13.29 -22.14 61.84
CA GLY J 125 12.27 -21.46 61.06
C GLY J 125 12.54 -21.55 59.57
N ILE J 126 13.80 -21.40 59.17
CA ILE J 126 14.16 -21.60 57.78
C ILE J 126 13.76 -23.00 57.35
N SER J 127 14.28 -24.00 58.06
CA SER J 127 14.11 -25.37 57.64
C SER J 127 12.67 -25.84 57.76
N ASN J 128 11.83 -25.12 58.50
CA ASN J 128 10.43 -25.46 58.70
C ASN J 128 9.48 -24.44 58.10
N ARG J 129 9.99 -23.52 57.27
CA ARG J 129 9.16 -22.59 56.51
C ARG J 129 9.46 -22.70 55.02
N THR J 130 10.67 -23.15 54.69
CA THR J 130 11.02 -23.31 53.30
C THR J 130 10.22 -24.47 52.72
N GLU J 131 9.07 -24.13 52.14
CA GLU J 131 8.21 -25.08 51.47
C GLU J 131 8.17 -24.79 49.98
N PHE J 132 7.98 -25.82 49.18
CA PHE J 132 7.55 -25.68 47.79
C PHE J 132 6.31 -26.51 47.59
N ASN J 133 5.20 -25.83 47.34
CA ASN J 133 3.94 -26.51 47.14
C ASN J 133 3.63 -27.36 48.35
N GLY J 134 3.89 -26.77 49.52
CA GLY J 134 3.71 -27.43 50.79
C GLY J 134 4.85 -28.34 51.19
N LYS J 135 5.62 -28.83 50.23
CA LYS J 135 6.70 -29.74 50.51
C LYS J 135 7.80 -28.98 51.23
N LYS J 136 7.97 -29.29 52.50
CA LYS J 136 8.98 -28.60 53.29
C LYS J 136 10.34 -28.99 52.73
N LEU J 137 10.86 -28.13 51.85
CA LEU J 137 12.04 -28.44 51.07
C LEU J 137 13.28 -28.60 51.93
N LEU J 138 13.29 -27.99 53.11
CA LEU J 138 14.37 -28.16 54.07
C LEU J 138 13.92 -28.97 55.26
N ASP J 139 12.97 -29.87 55.04
CA ASP J 139 12.71 -30.93 56.00
C ASP J 139 13.93 -31.82 56.02
N GLY J 140 14.71 -31.74 57.10
CA GLY J 140 15.91 -32.54 57.19
C GLY J 140 15.65 -34.02 57.16
N THR J 141 14.41 -34.44 57.43
CA THR J 141 14.01 -35.83 57.33
C THR J 141 13.30 -36.15 56.02
N TYR J 142 13.36 -35.25 55.03
CA TYR J 142 12.73 -35.52 53.75
C TYR J 142 13.35 -36.74 53.10
N LYS J 143 14.63 -36.66 52.75
CA LYS J 143 15.35 -37.75 52.08
C LYS J 143 16.62 -38.08 52.85
N VAL J 144 16.46 -38.45 54.10
CA VAL J 144 17.54 -39.15 54.78
C VAL J 144 17.60 -40.55 54.16
N ASP J 145 18.68 -40.81 53.40
CA ASP J 145 18.86 -42.09 52.72
C ASP J 145 18.68 -43.26 53.67
N THR J 146 19.30 -43.18 54.85
CA THR J 146 19.11 -44.08 55.98
C THR J 146 19.74 -45.46 55.78
N ALA J 147 20.17 -45.78 54.55
CA ALA J 147 20.29 -47.16 54.10
C ALA J 147 18.94 -47.88 54.16
N THR J 148 17.85 -47.14 53.95
CA THR J 148 16.50 -47.71 53.92
C THR J 148 15.78 -47.11 52.74
N PRO J 149 15.71 -47.83 51.61
CA PRO J 149 14.94 -47.32 50.47
C PRO J 149 13.50 -46.97 50.79
N ALA J 150 12.89 -47.73 51.71
CA ALA J 150 11.48 -47.52 52.04
C ALA J 150 11.23 -46.13 52.58
N ASN J 151 12.22 -45.53 53.23
CA ASN J 151 12.09 -44.22 53.86
C ASN J 151 13.07 -43.25 53.20
N GLN J 152 12.70 -42.73 52.03
CA GLN J 152 13.54 -41.72 51.36
C GLN J 152 12.79 -40.56 50.72
N LYS J 153 11.57 -40.72 50.22
CA LYS J 153 10.89 -39.65 49.49
C LYS J 153 11.78 -39.07 48.39
N ASN J 154 12.42 -39.94 47.60
CA ASN J 154 13.43 -39.52 46.62
C ASN J 154 12.95 -38.34 45.78
N LEU J 155 13.71 -37.24 45.81
CA LEU J 155 13.29 -36.03 45.12
C LEU J 155 13.54 -36.24 43.63
N VAL J 156 12.65 -37.03 43.03
CA VAL J 156 12.73 -37.37 41.63
C VAL J 156 12.30 -36.15 40.82
N PHE J 157 12.96 -35.93 39.66
CA PHE J 157 12.51 -34.98 38.63
C PHE J 157 12.47 -35.72 37.30
N GLN J 158 11.27 -36.11 36.85
CA GLN J 158 11.05 -36.60 35.49
C GLN J 158 11.10 -35.42 34.56
N ILE J 159 12.11 -35.42 33.69
CA ILE J 159 12.28 -34.37 32.70
C ILE J 159 12.13 -34.92 31.29
N GLY J 160 12.85 -35.99 30.96
CA GLY J 160 12.89 -36.44 29.59
C GLY J 160 11.53 -36.90 29.09
N ALA J 161 11.23 -36.55 27.85
CA ALA J 161 9.99 -36.99 27.24
C ALA J 161 9.90 -38.50 27.16
N ASN J 162 11.04 -39.18 27.19
CA ASN J 162 11.10 -40.63 27.19
C ASN J 162 11.07 -41.16 28.62
N ALA J 163 10.61 -42.40 28.75
CA ALA J 163 10.43 -43.00 30.07
C ALA J 163 11.75 -43.20 30.79
N THR J 164 11.69 -43.15 32.12
CA THR J 164 12.78 -43.34 33.06
C THR J 164 13.75 -42.17 33.09
N GLN J 165 13.57 -41.16 32.26
CA GLN J 165 14.52 -40.06 32.18
C GLN J 165 14.34 -39.13 33.38
N GLN J 166 14.80 -39.59 34.54
CA GLN J 166 14.52 -38.92 35.79
C GLN J 166 15.81 -38.52 36.49
N ILE J 167 15.69 -37.49 37.31
CA ILE J 167 16.78 -37.00 38.12
C ILE J 167 16.49 -37.28 39.59
N SER J 168 17.48 -37.82 40.30
CA SER J 168 17.35 -38.17 41.72
C SER J 168 18.12 -37.15 42.55
N VAL J 169 17.42 -36.46 43.45
CA VAL J 169 17.99 -35.40 44.27
C VAL J 169 17.76 -35.73 45.73
N ASN J 170 18.62 -35.19 46.59
CA ASN J 170 18.57 -35.45 48.03
C ASN J 170 18.49 -34.18 48.85
N ILE J 171 17.50 -34.15 49.75
CA ILE J 171 17.34 -33.15 50.80
C ILE J 171 17.69 -33.85 52.11
N GLU J 172 18.58 -33.25 52.93
CA GLU J 172 18.74 -33.73 54.30
C GLU J 172 19.00 -32.66 55.35
N ASP J 173 19.03 -31.38 55.00
CA ASP J 173 19.46 -30.37 55.96
C ASP J 173 18.29 -29.85 56.79
N MET J 174 18.63 -29.34 57.97
CA MET J 174 17.68 -28.72 58.90
C MET J 174 18.50 -28.16 60.06
N GLY J 175 17.80 -27.45 60.94
CA GLY J 175 18.47 -26.86 62.10
C GLY J 175 19.11 -27.88 63.01
N ALA J 176 18.48 -29.04 63.17
CA ALA J 176 19.07 -30.09 64.00
C ALA J 176 20.16 -30.87 63.27
N ASP J 177 20.47 -30.53 62.01
CA ASP J 177 21.45 -31.24 61.20
C ASP J 177 22.75 -30.44 61.16
N ALA J 178 23.69 -30.75 62.08
CA ALA J 178 24.90 -29.94 62.19
C ALA J 178 26.22 -30.68 61.98
N LEU J 179 26.64 -31.51 62.95
CA LEU J 179 27.77 -32.41 62.72
C LEU J 179 27.16 -33.79 62.52
N GLY J 180 26.98 -34.14 61.26
CA GLY J 180 26.45 -35.43 60.91
C GLY J 180 27.54 -36.47 61.04
N ILE J 181 27.90 -36.82 62.28
CA ILE J 181 28.87 -37.87 62.49
C ILE J 181 28.44 -39.12 61.74
N LYS J 182 27.22 -39.55 61.98
CA LYS J 182 26.48 -40.54 61.20
C LYS J 182 25.02 -40.11 61.13
N GLU J 183 24.55 -39.69 62.30
CA GLU J 183 23.27 -39.09 62.60
C GLU J 183 23.54 -38.06 63.69
N ALA J 184 22.51 -37.58 64.35
CA ALA J 184 22.72 -36.74 65.52
C ALA J 184 23.32 -37.57 66.63
N ASP J 185 24.46 -37.13 67.16
CA ASP J 185 25.10 -37.87 68.24
C ASP J 185 24.29 -37.73 69.52
N GLY J 186 24.14 -36.50 69.99
CA GLY J 186 23.43 -36.23 71.22
C GLY J 186 23.54 -34.78 71.58
N SER J 187 23.93 -34.49 72.83
CA SER J 187 24.18 -33.11 73.24
C SER J 187 25.22 -32.47 72.34
N ILE J 188 26.17 -33.25 71.85
CA ILE J 188 27.13 -32.80 70.88
C ILE J 188 26.66 -33.21 69.49
N ALA J 189 27.29 -32.62 68.49
CA ALA J 189 27.22 -32.96 67.08
C ALA J 189 25.92 -32.57 66.38
N ALA J 190 24.82 -32.43 67.11
CA ALA J 190 23.61 -31.85 66.58
C ALA J 190 23.03 -30.80 67.51
N LEU J 191 22.90 -31.15 68.79
CA LEU J 191 22.15 -30.31 69.72
C LEU J 191 22.94 -29.12 70.20
N HIS J 192 24.23 -29.02 69.89
CA HIS J 192 24.83 -27.72 70.06
C HIS J 192 24.25 -26.74 69.07
N SER J 193 23.86 -27.23 67.88
CA SER J 193 23.15 -26.37 66.95
C SER J 193 21.76 -26.06 67.47
N VAL J 194 21.14 -27.02 68.15
CA VAL J 194 19.79 -26.81 68.66
C VAL J 194 19.86 -26.17 70.04
N ASN J 195 20.48 -26.86 71.00
CA ASN J 195 20.40 -26.44 72.39
C ASN J 195 21.50 -25.46 72.78
N ASP J 196 22.61 -25.40 72.03
CA ASP J 196 23.67 -24.43 72.33
C ASP J 196 24.32 -24.65 73.70
N LEU J 197 25.16 -25.68 73.79
CA LEU J 197 25.80 -26.09 75.04
C LEU J 197 26.51 -24.97 75.82
N ASP J 198 26.84 -23.83 75.20
CA ASP J 198 27.56 -22.76 75.88
C ASP J 198 26.60 -21.95 76.74
N VAL J 199 26.37 -22.45 77.97
CA VAL J 199 25.46 -21.80 78.90
C VAL J 199 26.24 -21.30 80.12
N THR J 200 26.60 -22.24 80.98
CA THR J 200 27.58 -22.07 82.04
C THR J 200 28.52 -23.25 82.11
N LYS J 201 28.12 -24.40 81.55
CA LYS J 201 29.02 -25.53 81.37
C LYS J 201 30.30 -25.10 80.69
N PHE J 202 30.21 -24.11 79.78
CA PHE J 202 31.42 -23.63 79.15
C PHE J 202 32.34 -22.98 80.17
N ALA J 203 31.80 -22.14 81.04
CA ALA J 203 32.64 -21.47 82.02
C ALA J 203 33.31 -22.50 82.95
N ASP J 204 32.64 -23.62 83.18
CA ASP J 204 33.24 -24.69 83.98
C ASP J 204 34.46 -25.27 83.27
N ASN J 205 34.31 -25.64 81.99
CA ASN J 205 35.38 -26.25 81.20
C ASN J 205 35.45 -25.52 79.86
N ALA J 206 36.18 -24.42 79.84
CA ALA J 206 36.33 -23.68 78.60
C ALA J 206 37.10 -24.46 77.56
N ALA J 207 38.03 -25.33 77.97
CA ALA J 207 38.78 -26.20 77.07
C ALA J 207 38.90 -27.64 77.54
N ASP J 208 38.85 -27.83 78.86
CA ASP J 208 39.33 -29.01 79.57
C ASP J 208 38.81 -30.38 79.14
N CYS J 209 37.66 -30.47 78.45
CA CYS J 209 37.05 -31.78 78.20
C CYS J 209 36.53 -31.99 76.79
N ALA J 210 36.70 -31.02 75.90
CA ALA J 210 36.29 -31.04 74.48
C ALA J 210 34.78 -31.04 74.27
N ASP J 211 34.03 -31.74 75.12
CA ASP J 211 32.58 -31.83 75.06
C ASP J 211 31.94 -30.47 75.22
N ILE J 212 32.42 -29.71 76.19
CA ILE J 212 32.19 -28.27 76.23
C ILE J 212 33.47 -27.47 76.08
N GLY J 213 34.64 -28.11 75.98
CA GLY J 213 35.86 -27.31 75.97
C GLY J 213 36.11 -26.51 74.70
N PHE J 214 35.11 -25.79 74.18
CA PHE J 214 35.15 -24.90 73.00
C PHE J 214 35.42 -25.60 71.67
N ASP J 215 36.18 -26.68 71.74
CA ASP J 215 36.57 -27.50 70.62
C ASP J 215 35.36 -28.13 69.96
N ALA J 216 34.62 -28.95 70.71
CA ALA J 216 33.51 -29.67 70.12
C ALA J 216 32.49 -28.72 69.55
N GLN J 217 32.21 -27.63 70.27
CA GLN J 217 31.19 -26.69 69.82
C GLN J 217 31.58 -26.08 68.50
N LEU J 218 32.82 -25.59 68.44
CA LEU J 218 33.28 -25.00 67.19
C LEU J 218 33.28 -26.03 66.07
N LYS J 219 33.54 -27.28 66.41
CA LYS J 219 33.49 -28.33 65.40
C LYS J 219 32.07 -28.58 64.93
N VAL J 220 31.09 -28.48 65.84
CA VAL J 220 29.70 -28.62 65.42
C VAL J 220 29.37 -27.53 64.42
N VAL J 221 29.77 -26.31 64.74
CA VAL J 221 29.45 -25.19 63.85
C VAL J 221 30.15 -25.39 62.52
N ASP J 222 31.43 -25.74 62.57
CA ASP J 222 32.21 -25.91 61.35
C ASP J 222 31.61 -26.99 60.47
N GLU J 223 31.23 -28.11 61.07
CA GLU J 223 30.67 -29.17 60.26
C GLU J 223 29.28 -28.83 59.78
N ALA J 224 28.48 -28.18 60.63
CA ALA J 224 27.17 -27.70 60.19
C ALA J 224 27.31 -26.87 58.94
N ILE J 225 28.26 -25.95 58.96
CA ILE J 225 28.54 -25.14 57.79
C ILE J 225 28.97 -26.02 56.63
N ASN J 226 29.84 -27.00 56.90
CA ASN J 226 30.34 -27.85 55.84
C ASN J 226 29.21 -28.67 55.21
N GLN J 227 28.22 -29.03 56.02
CA GLN J 227 27.06 -29.76 55.53
C GLN J 227 26.17 -28.85 54.71
N VAL J 228 26.06 -27.58 55.11
CA VAL J 228 25.38 -26.61 54.26
C VAL J 228 26.12 -26.46 52.95
N SER J 229 27.44 -26.36 53.02
CA SER J 229 28.27 -26.20 51.84
C SER J 229 28.06 -27.34 50.87
N SER J 230 28.07 -28.57 51.37
CA SER J 230 27.91 -29.72 50.51
C SER J 230 26.48 -29.88 50.05
N GLN J 231 25.52 -29.50 50.89
CA GLN J 231 24.13 -29.53 50.48
C GLN J 231 23.90 -28.56 49.33
N ARG J 232 24.43 -27.35 49.46
CA ARG J 232 24.36 -26.38 48.40
C ARG J 232 25.19 -26.81 47.21
N ALA J 233 26.23 -27.61 47.44
CA ALA J 233 27.04 -28.11 46.35
C ALA J 233 26.25 -29.07 45.49
N LYS J 234 25.58 -30.02 46.12
CA LYS J 234 24.69 -30.91 45.40
C LYS J 234 23.62 -30.11 44.69
N LEU J 235 23.02 -29.18 45.44
CA LEU J 235 21.92 -28.38 44.95
C LEU J 235 22.31 -27.63 43.69
N GLY J 236 23.48 -26.99 43.71
CA GLY J 236 23.95 -26.26 42.55
C GLY J 236 24.44 -27.16 41.45
N ALA J 237 24.92 -28.34 41.81
CA ALA J 237 25.24 -29.32 40.78
C ALA J 237 24.01 -29.60 39.95
N VAL J 238 22.89 -29.87 40.62
CA VAL J 238 21.64 -30.11 39.90
C VAL J 238 21.20 -28.87 39.16
N GLN J 239 21.46 -27.69 39.74
CA GLN J 239 21.14 -26.46 39.02
C GLN J 239 21.84 -26.43 37.67
N ASN J 240 23.14 -26.73 37.68
CA ASN J 240 23.88 -26.74 36.43
C ASN J 240 23.32 -27.80 35.49
N ARG J 241 22.96 -28.95 36.04
CA ARG J 241 22.37 -30.01 35.24
C ARG J 241 21.15 -29.50 34.50
N LEU J 242 20.27 -28.82 35.22
CA LEU J 242 19.04 -28.38 34.58
C LEU J 242 19.30 -27.24 33.62
N GLU J 243 20.35 -26.46 33.86
CA GLU J 243 20.75 -25.47 32.87
C GLU J 243 21.08 -26.16 31.55
N HIS J 244 21.98 -27.14 31.60
CA HIS J 244 22.41 -27.80 30.38
C HIS J 244 21.29 -28.65 29.80
N THR J 245 20.47 -29.20 30.67
CA THR J 245 19.27 -29.91 30.22
C THR J 245 18.43 -29.00 29.37
N ILE J 246 18.07 -27.84 29.92
CA ILE J 246 17.19 -26.92 29.20
C ILE J 246 17.83 -26.50 27.89
N ASN J 247 19.14 -26.28 27.89
CA ASN J 247 19.78 -25.91 26.64
C ASN J 247 19.62 -27.03 25.62
N ASN J 248 19.75 -28.28 26.08
CA ASN J 248 19.49 -29.41 25.20
C ASN J 248 18.03 -29.47 24.77
N LEU J 249 17.12 -29.26 25.72
CA LEU J 249 15.70 -29.34 25.41
C LEU J 249 15.31 -28.29 24.40
N SER J 250 15.94 -27.13 24.49
CA SER J 250 15.67 -26.04 23.57
C SER J 250 16.19 -26.36 22.19
N ALA J 251 17.47 -26.73 22.10
CA ALA J 251 18.07 -27.01 20.80
C ALA J 251 17.42 -28.23 20.16
N SER J 252 17.29 -29.31 20.93
CA SER J 252 16.69 -30.54 20.44
C SER J 252 15.25 -30.32 20.08
N GLY J 253 14.53 -29.56 20.91
CA GLY J 253 13.16 -29.25 20.59
C GLY J 253 13.03 -28.51 19.29
N GLU J 254 13.90 -27.52 19.08
CA GLU J 254 13.91 -26.80 17.81
C GLU J 254 14.14 -27.75 16.65
N ASN J 255 15.22 -28.52 16.71
CA ASN J 255 15.55 -29.44 15.63
C ASN J 255 14.40 -30.41 15.38
N LEU J 256 13.67 -30.74 16.44
CA LEU J 256 12.59 -31.70 16.33
C LEU J 256 11.37 -31.09 15.67
N THR J 257 11.02 -29.86 16.04
CA THR J 257 9.92 -29.17 15.36
C THR J 257 10.27 -28.92 13.91
N ALA J 258 11.56 -28.72 13.63
CA ALA J 258 12.00 -28.62 12.25
C ALA J 258 11.83 -29.94 11.53
N ALA J 259 12.15 -31.05 12.22
CA ALA J 259 11.96 -32.36 11.62
C ALA J 259 10.51 -32.60 11.24
N GLU J 260 9.62 -32.33 12.20
CA GLU J 260 8.20 -32.40 11.92
C GLU J 260 7.86 -31.52 10.74
N SER J 261 8.36 -30.29 10.76
CA SER J 261 8.07 -29.33 9.71
C SER J 261 8.48 -29.88 8.36
N ARG J 262 9.58 -30.65 8.32
CA ARG J 262 9.95 -31.29 7.08
C ARG J 262 8.93 -32.33 6.68
N ILE J 263 8.39 -33.07 7.65
CA ILE J 263 7.33 -34.01 7.30
C ILE J 263 6.12 -33.26 6.77
N ARG J 264 5.68 -32.23 7.49
CA ARG J 264 4.54 -31.42 7.09
C ARG J 264 4.92 -30.25 6.20
N ASP J 265 6.14 -30.24 5.66
CA ASP J 265 6.60 -29.15 4.80
C ASP J 265 5.62 -28.92 3.66
N VAL J 266 4.91 -27.81 3.70
CA VAL J 266 4.14 -27.35 2.56
C VAL J 266 5.03 -26.39 1.77
N ASP J 267 5.33 -26.75 0.53
CA ASP J 267 5.86 -25.79 -0.42
C ASP J 267 4.67 -24.97 -0.86
N MET J 268 4.36 -23.95 -0.06
CA MET J 268 3.15 -23.17 -0.27
C MET J 268 3.13 -22.56 -1.66
N ALA J 269 4.29 -22.19 -2.18
CA ALA J 269 4.35 -21.68 -3.54
C ALA J 269 3.99 -22.76 -4.54
N LYS J 270 4.57 -23.95 -4.37
CA LYS J 270 4.21 -25.08 -5.22
C LYS J 270 2.72 -25.32 -5.17
N GLU J 271 2.16 -25.35 -3.98
CA GLU J 271 0.79 -25.80 -3.83
C GLU J 271 -0.20 -24.76 -4.32
N MET J 272 0.14 -23.47 -4.19
CA MET J 272 -0.67 -22.45 -4.84
C MET J 272 -0.56 -22.58 -6.35
N SER J 273 0.64 -22.85 -6.85
CA SER J 273 0.83 -23.00 -8.29
C SER J 273 0.04 -24.19 -8.83
N GLU J 274 0.18 -25.33 -8.18
CA GLU J 274 -0.54 -26.53 -8.58
C GLU J 274 -2.03 -26.33 -8.46
N PHE J 275 -2.44 -25.61 -7.41
CA PHE J 275 -3.84 -25.26 -7.26
C PHE J 275 -4.34 -24.51 -8.47
N THR J 276 -3.62 -23.45 -8.83
CA THR J 276 -3.92 -22.66 -10.01
C THR J 276 -4.08 -23.54 -11.23
N LYS J 277 -3.08 -24.39 -11.46
CA LYS J 277 -3.11 -25.27 -12.61
C LYS J 277 -4.37 -26.11 -12.62
N ASN J 278 -4.68 -26.72 -11.48
CA ASN J 278 -5.82 -27.63 -11.45
C ASN J 278 -7.13 -26.88 -11.68
N ASN J 279 -7.21 -25.62 -11.25
CA ASN J 279 -8.37 -24.80 -11.62
C ASN J 279 -8.47 -24.67 -13.11
N ILE J 280 -7.37 -24.24 -13.72
CA ILE J 280 -7.30 -24.06 -15.16
C ILE J 280 -7.76 -25.32 -15.87
N LEU J 281 -7.21 -26.45 -15.43
CA LEU J 281 -7.46 -27.71 -16.09
C LEU J 281 -8.92 -28.13 -15.95
N SER J 282 -9.48 -27.93 -14.76
CA SER J 282 -10.90 -28.21 -14.57
C SER J 282 -11.73 -27.39 -15.54
N GLN J 283 -11.48 -26.08 -15.57
CA GLN J 283 -12.28 -25.19 -16.41
C GLN J 283 -12.16 -25.55 -17.88
N ALA J 284 -10.95 -25.83 -18.32
CA ALA J 284 -10.72 -26.22 -19.71
C ALA J 284 -11.49 -27.47 -20.04
N SER J 285 -11.39 -28.47 -19.18
CA SER J 285 -12.07 -29.72 -19.43
C SER J 285 -13.58 -29.52 -19.50
N GLN J 286 -14.13 -28.65 -18.66
CA GLN J 286 -15.56 -28.40 -18.72
C GLN J 286 -15.95 -27.71 -20.02
N ALA J 287 -15.13 -26.77 -20.47
CA ALA J 287 -15.38 -26.16 -21.77
C ALA J 287 -15.44 -27.21 -22.85
N MET J 288 -14.53 -28.17 -22.78
CA MET J 288 -14.56 -29.24 -23.75
C MET J 288 -15.79 -30.12 -23.59
N LEU J 289 -16.29 -30.29 -22.37
CA LEU J 289 -17.52 -31.06 -22.20
C LEU J 289 -18.70 -30.34 -22.84
N ALA J 290 -18.72 -29.02 -22.71
CA ALA J 290 -19.71 -28.25 -23.44
C ALA J 290 -19.61 -28.53 -24.92
N GLN J 291 -18.40 -28.46 -25.46
CA GLN J 291 -18.19 -28.73 -26.89
C GLN J 291 -18.65 -30.13 -27.27
N ALA J 292 -18.40 -31.09 -26.39
CA ALA J 292 -18.87 -32.46 -26.62
C ALA J 292 -20.39 -32.48 -26.70
N ASN J 293 -21.04 -31.59 -25.97
CA ASN J 293 -22.49 -31.48 -26.10
C ASN J 293 -22.91 -30.63 -27.30
N GLN J 294 -22.01 -29.81 -27.84
CA GLN J 294 -22.36 -28.96 -28.98
C GLN J 294 -22.31 -29.74 -30.29
N GLN J 295 -21.25 -30.52 -30.48
CA GLN J 295 -21.08 -31.27 -31.72
C GLN J 295 -22.31 -32.09 -32.12
N PRO J 296 -22.87 -32.94 -31.26
CA PRO J 296 -24.04 -33.71 -31.69
C PRO J 296 -25.27 -32.87 -32.00
N GLN J 297 -25.33 -31.61 -31.55
CA GLN J 297 -26.42 -30.73 -31.94
C GLN J 297 -26.24 -30.28 -33.37
N ASN J 298 -25.01 -29.89 -33.71
CA ASN J 298 -24.66 -29.62 -35.09
C ASN J 298 -25.03 -30.81 -35.94
N VAL J 299 -24.71 -32.01 -35.46
CA VAL J 299 -25.10 -33.23 -36.17
C VAL J 299 -26.60 -33.29 -36.35
N LEU J 300 -27.34 -33.00 -35.29
CA LEU J 300 -28.79 -33.08 -35.36
C LEU J 300 -29.33 -32.23 -36.48
N GLN J 301 -28.92 -30.97 -36.52
CA GLN J 301 -29.40 -30.10 -37.59
C GLN J 301 -28.95 -30.63 -38.95
N LEU J 302 -27.67 -30.94 -39.07
CA LEU J 302 -27.09 -31.27 -40.35
C LEU J 302 -27.69 -32.54 -40.93
N LEU J 303 -28.11 -33.47 -40.07
CA LEU J 303 -28.76 -34.72 -40.48
C LEU J 303 -30.24 -34.70 -40.21
N ARG J 304 -30.86 -33.54 -40.24
CA ARG J 304 -32.29 -33.46 -40.15
C ARG J 304 -32.90 -33.46 -41.54
N ILE K 3 -40.28 -40.65 -86.16
CA ILE K 3 -39.10 -41.35 -85.54
C ILE K 3 -39.12 -41.28 -84.02
N ASN K 4 -40.33 -41.34 -83.45
CA ASN K 4 -40.51 -41.11 -82.02
C ASN K 4 -39.61 -41.98 -81.18
N HIS K 5 -39.51 -43.26 -81.53
CA HIS K 5 -38.72 -44.22 -80.76
C HIS K 5 -37.22 -43.98 -80.83
N ASN K 6 -36.76 -43.06 -81.66
CA ASN K 6 -35.34 -42.79 -81.81
C ASN K 6 -34.89 -41.51 -81.12
N ILE K 7 -35.82 -40.69 -80.61
CA ILE K 7 -35.49 -39.39 -80.04
C ILE K 7 -35.52 -39.51 -78.53
N ALA K 8 -34.40 -39.15 -77.92
CA ALA K 8 -34.33 -39.04 -76.48
C ALA K 8 -33.48 -37.86 -76.05
N ALA K 9 -33.08 -37.00 -76.99
CA ALA K 9 -32.15 -35.92 -76.71
C ALA K 9 -30.89 -36.49 -76.09
N LEU K 10 -30.33 -37.49 -76.74
CA LEU K 10 -29.25 -38.25 -76.13
C LEU K 10 -28.03 -37.38 -75.84
N ASN K 11 -27.88 -36.27 -76.57
CA ASN K 11 -26.83 -35.33 -76.20
C ASN K 11 -27.13 -34.70 -74.85
N THR K 12 -28.42 -34.44 -74.59
CA THR K 12 -28.79 -33.99 -73.26
C THR K 12 -28.45 -35.05 -72.22
N LEU K 13 -28.66 -36.32 -72.57
CA LEU K 13 -28.37 -37.39 -71.64
C LEU K 13 -26.89 -37.46 -71.34
N ASN K 14 -26.08 -37.27 -72.38
CA ASN K 14 -24.65 -37.24 -72.19
C ASN K 14 -24.23 -36.07 -71.31
N ARG K 15 -24.85 -34.91 -71.53
CA ARG K 15 -24.61 -33.78 -70.63
C ARG K 15 -25.02 -34.12 -69.23
N LEU K 16 -26.06 -34.95 -69.10
CA LEU K 16 -26.52 -35.29 -67.77
C LEU K 16 -25.47 -36.08 -67.03
N SER K 17 -24.99 -37.14 -67.66
CA SER K 17 -23.93 -37.94 -67.06
C SER K 17 -22.74 -37.07 -66.68
N SER K 18 -22.35 -36.19 -67.61
CA SER K 18 -21.24 -35.29 -67.36
C SER K 18 -21.49 -34.42 -66.14
N ASN K 19 -22.68 -33.82 -66.07
CA ASN K 19 -22.98 -32.88 -65.00
C ASN K 19 -23.04 -33.59 -63.66
N ASN K 20 -23.59 -34.80 -63.63
CA ASN K 20 -23.67 -35.54 -62.38
C ASN K 20 -22.27 -35.85 -61.87
N SER K 21 -21.41 -36.32 -62.76
CA SER K 21 -20.04 -36.56 -62.32
C SER K 21 -19.36 -35.27 -61.91
N ALA K 22 -19.67 -34.17 -62.59
CA ALA K 22 -19.04 -32.89 -62.28
C ALA K 22 -19.38 -32.45 -60.86
N SER K 23 -20.68 -32.36 -60.56
CA SER K 23 -21.09 -31.98 -59.22
C SER K 23 -20.55 -32.95 -58.18
N GLN K 24 -20.51 -34.24 -58.52
CA GLN K 24 -19.92 -35.24 -57.64
C GLN K 24 -18.49 -34.87 -57.28
N LYS K 25 -17.69 -34.56 -58.31
CA LYS K 25 -16.29 -34.22 -58.08
C LYS K 25 -16.18 -32.99 -57.20
N ASN K 26 -17.02 -31.99 -57.47
CA ASN K 26 -17.04 -30.80 -56.62
C ASN K 26 -17.24 -31.17 -55.17
N MET K 27 -18.25 -32.00 -54.88
CA MET K 27 -18.49 -32.42 -53.49
C MET K 27 -17.27 -33.07 -52.90
N GLU K 28 -16.75 -34.06 -53.60
CA GLU K 28 -15.66 -34.87 -53.10
C GLU K 28 -14.49 -34.00 -52.70
N LYS K 29 -14.21 -32.99 -53.51
CA LYS K 29 -13.16 -32.06 -53.13
C LYS K 29 -13.60 -31.19 -51.96
N LEU K 30 -14.85 -30.73 -51.98
CA LEU K 30 -15.37 -29.90 -50.90
C LEU K 30 -15.39 -30.67 -49.59
N SER K 31 -15.94 -31.87 -49.62
CA SER K 31 -16.05 -32.69 -48.41
C SER K 31 -14.67 -33.00 -47.85
N SER K 32 -13.76 -33.43 -48.71
CA SER K 32 -12.43 -33.80 -48.27
C SER K 32 -11.55 -32.59 -48.04
N GLY K 33 -11.92 -31.44 -48.58
CA GLY K 33 -11.06 -30.29 -48.50
C GLY K 33 -9.81 -30.46 -49.33
N LEU K 34 -9.91 -31.22 -50.42
CA LEU K 34 -8.77 -31.60 -51.25
C LEU K 34 -9.04 -31.13 -52.67
N ARG K 35 -8.21 -30.20 -53.14
CA ARG K 35 -8.21 -29.95 -54.57
C ARG K 35 -7.49 -31.07 -55.29
N ILE K 36 -6.53 -31.71 -54.60
CA ILE K 36 -5.85 -32.84 -55.18
C ILE K 36 -6.86 -33.94 -55.49
N ASN K 37 -6.50 -34.77 -56.45
CA ASN K 37 -7.32 -35.92 -56.80
C ASN K 37 -6.88 -37.13 -55.99
N ARG K 38 -7.83 -38.03 -55.76
CA ARG K 38 -7.44 -39.37 -55.36
C ARG K 38 -6.75 -40.08 -56.51
N ALA K 39 -7.27 -39.88 -57.71
CA ALA K 39 -6.69 -40.45 -58.93
C ALA K 39 -5.38 -39.76 -59.25
N GLY K 40 -4.57 -40.45 -60.06
CA GLY K 40 -3.28 -39.96 -60.49
C GLY K 40 -3.31 -38.78 -61.42
N ASP K 41 -4.49 -38.24 -61.73
CA ASP K 41 -4.58 -37.02 -62.51
C ASP K 41 -3.81 -35.91 -61.81
N ASP K 42 -2.76 -35.43 -62.47
CA ASP K 42 -1.74 -34.58 -61.87
C ASP K 42 -0.95 -35.34 -60.79
N ALA K 43 -0.50 -36.54 -61.15
CA ALA K 43 0.36 -37.30 -60.26
C ALA K 43 1.67 -36.57 -59.97
N ALA K 44 2.05 -35.62 -60.83
CA ALA K 44 3.18 -34.75 -60.49
C ALA K 44 2.90 -34.02 -59.18
N GLY K 45 1.89 -33.16 -59.19
CA GLY K 45 1.56 -32.40 -57.99
C GLY K 45 1.26 -33.30 -56.80
N LEU K 46 0.62 -34.43 -57.06
CA LEU K 46 0.34 -35.38 -55.97
C LEU K 46 1.64 -35.85 -55.36
N ALA K 47 2.49 -36.49 -56.17
CA ALA K 47 3.75 -37.04 -55.68
C ALA K 47 4.58 -35.98 -54.99
N ILE K 48 4.49 -34.73 -55.47
CA ILE K 48 5.14 -33.65 -54.75
C ILE K 48 4.57 -33.56 -53.35
N SER K 49 3.25 -33.36 -53.24
CA SER K 49 2.65 -33.16 -51.92
C SER K 49 2.87 -34.36 -51.01
N GLU K 50 2.95 -35.53 -51.60
CA GLU K 50 3.35 -36.72 -50.87
C GLU K 50 4.72 -36.53 -50.25
N LYS K 51 5.68 -36.11 -51.08
CA LYS K 51 7.02 -35.86 -50.60
C LYS K 51 7.04 -34.74 -49.57
N MET K 52 6.22 -33.71 -49.81
CA MET K 52 6.09 -32.60 -48.88
C MET K 52 5.69 -33.14 -47.52
N ARG K 53 4.57 -33.85 -47.46
CA ARG K 53 4.07 -34.39 -46.20
C ARG K 53 5.07 -35.29 -45.54
N GLY K 54 5.79 -36.08 -46.33
CA GLY K 54 6.87 -36.87 -45.76
C GLY K 54 7.86 -35.98 -45.03
N GLN K 55 8.24 -34.87 -45.66
CA GLN K 55 9.16 -33.96 -45.00
C GLN K 55 8.49 -33.22 -43.85
N ILE K 56 7.23 -32.77 -44.02
CA ILE K 56 6.50 -32.08 -42.95
C ILE K 56 6.51 -32.92 -41.69
N ARG K 57 5.97 -34.12 -41.81
CA ARG K 57 5.90 -35.04 -40.70
C ARG K 57 7.28 -35.30 -40.13
N GLY K 58 8.27 -35.40 -41.02
CA GLY K 58 9.64 -35.55 -40.55
C GLY K 58 10.15 -34.33 -39.80
N LEU K 59 9.60 -33.15 -40.11
CA LEU K 59 9.98 -31.93 -39.40
C LEU K 59 9.29 -31.85 -38.06
N GLU K 60 8.07 -32.38 -37.98
CA GLU K 60 7.38 -32.45 -36.70
C GLU K 60 8.15 -33.36 -35.76
N MET K 61 8.52 -34.55 -36.24
CA MET K 61 9.33 -35.44 -35.43
C MET K 61 10.73 -34.89 -35.26
N ALA K 62 11.19 -34.02 -36.16
CA ALA K 62 12.47 -33.37 -35.99
C ALA K 62 12.43 -32.41 -34.83
N SER K 63 11.38 -31.60 -34.78
CA SER K 63 11.20 -30.69 -33.65
C SER K 63 11.12 -31.47 -32.37
N LYS K 64 10.35 -32.55 -32.38
CA LYS K 64 10.29 -33.45 -31.24
C LYS K 64 11.68 -33.90 -30.82
N ASN K 65 12.46 -34.44 -31.77
CA ASN K 65 13.77 -34.98 -31.43
C ASN K 65 14.69 -33.89 -30.90
N SER K 66 14.58 -32.68 -31.46
CA SER K 66 15.47 -31.60 -31.04
C SER K 66 15.11 -31.10 -29.65
N GLN K 67 13.81 -31.01 -29.37
CA GLN K 67 13.37 -30.66 -28.03
C GLN K 67 13.85 -31.69 -27.04
N ASP K 68 13.80 -32.96 -27.44
CA ASP K 68 14.32 -34.02 -26.61
C ASP K 68 15.82 -33.86 -26.39
N GLY K 69 16.53 -33.49 -27.46
CA GLY K 69 17.92 -33.07 -27.33
C GLY K 69 18.09 -32.05 -26.24
N ILE K 70 17.25 -31.02 -26.27
CA ILE K 70 17.34 -29.94 -25.30
C ILE K 70 17.13 -30.48 -23.90
N SER K 71 16.18 -31.39 -23.75
CA SER K 71 15.90 -31.94 -22.43
C SER K 71 17.13 -32.64 -21.87
N LEU K 72 17.78 -33.43 -22.72
CA LEU K 72 19.03 -34.06 -22.34
C LEU K 72 20.05 -33.01 -21.93
N ILE K 73 20.19 -31.99 -22.78
CA ILE K 73 21.18 -30.95 -22.55
C ILE K 73 20.97 -30.34 -21.19
N GLN K 74 19.78 -29.79 -20.96
CA GLN K 74 19.52 -29.05 -19.73
C GLN K 74 19.64 -29.94 -18.51
N THR K 75 19.32 -31.23 -18.66
CA THR K 75 19.58 -32.16 -17.57
C THR K 75 21.06 -32.13 -17.20
N ALA K 76 21.90 -32.48 -18.17
CA ALA K 76 23.34 -32.53 -17.91
C ALA K 76 23.85 -31.16 -17.48
N GLU K 77 23.30 -30.11 -18.08
CA GLU K 77 23.67 -28.74 -17.79
C GLU K 77 23.49 -28.42 -16.32
N GLY K 78 22.28 -28.62 -15.81
CA GLY K 78 22.02 -28.32 -14.42
C GLY K 78 22.88 -29.16 -13.50
N ALA K 79 23.09 -30.42 -13.90
CA ALA K 79 23.94 -31.29 -13.11
C ALA K 79 25.36 -30.75 -13.04
N LEU K 80 25.89 -30.27 -14.17
CA LEU K 80 27.24 -29.72 -14.20
C LEU K 80 27.32 -28.40 -13.48
N THR K 81 26.23 -27.64 -13.47
CA THR K 81 26.18 -26.42 -12.67
C THR K 81 26.34 -26.75 -11.21
N GLU K 82 25.62 -27.78 -10.74
CA GLU K 82 25.76 -28.18 -9.35
C GLU K 82 27.16 -28.70 -9.07
N THR K 83 27.69 -29.51 -9.99
CA THR K 83 29.06 -29.99 -9.86
C THR K 83 29.99 -28.82 -9.67
N HIS K 84 29.82 -27.82 -10.51
CA HIS K 84 30.65 -26.64 -10.46
C HIS K 84 30.55 -25.95 -9.11
N ALA K 85 29.33 -25.79 -8.62
CA ALA K 85 29.13 -25.17 -7.31
C ALA K 85 29.89 -25.94 -6.24
N ILE K 86 29.84 -27.26 -6.31
CA ILE K 86 30.64 -28.07 -5.40
C ILE K 86 32.10 -27.69 -5.55
N LEU K 87 32.59 -27.63 -6.78
CA LEU K 87 34.00 -27.35 -7.00
C LEU K 87 34.40 -26.00 -6.44
N GLN K 88 33.48 -25.04 -6.44
CA GLN K 88 33.74 -23.80 -5.73
C GLN K 88 33.96 -24.08 -4.25
N ARG K 89 33.08 -24.89 -3.66
CA ARG K 89 33.29 -25.24 -2.26
C ARG K 89 34.60 -25.97 -2.08
N VAL K 90 34.96 -26.82 -3.04
CA VAL K 90 36.20 -27.55 -2.93
C VAL K 90 37.35 -26.57 -2.84
N ARG K 91 37.40 -25.59 -3.74
CA ARG K 91 38.52 -24.66 -3.71
C ARG K 91 38.54 -23.86 -2.42
N GLU K 92 37.35 -23.54 -1.87
CA GLU K 92 37.34 -22.96 -0.53
C GLU K 92 38.09 -23.88 0.43
N LEU K 93 37.81 -25.17 0.32
CA LEU K 93 38.46 -26.14 1.19
C LEU K 93 39.91 -26.38 0.79
N VAL K 94 40.30 -26.01 -0.43
CA VAL K 94 41.71 -26.09 -0.80
C VAL K 94 42.46 -24.96 -0.12
N VAL K 95 41.90 -23.77 -0.18
CA VAL K 95 42.57 -22.62 0.41
C VAL K 95 42.64 -22.79 1.93
N GLN K 96 41.58 -23.33 2.53
CA GLN K 96 41.70 -23.73 3.92
C GLN K 96 42.70 -24.87 4.05
N ALA K 97 42.73 -25.77 3.06
CA ALA K 97 43.69 -26.86 3.02
C ALA K 97 45.03 -26.44 2.51
N GLY K 98 45.26 -25.13 2.48
CA GLY K 98 46.57 -24.62 2.75
C GLY K 98 46.97 -24.74 4.21
N ASN K 99 46.16 -25.42 5.05
CA ASN K 99 46.50 -25.75 6.42
C ASN K 99 46.45 -24.49 7.28
N THR K 100 45.86 -23.44 6.72
CA THR K 100 46.13 -22.08 7.15
C THR K 100 47.63 -21.94 7.38
N GLY K 101 48.37 -22.35 6.35
CA GLY K 101 49.81 -22.39 6.49
C GLY K 101 50.29 -23.65 7.19
N THR K 102 50.53 -23.52 8.49
CA THR K 102 50.76 -24.65 9.37
C THR K 102 49.80 -24.68 10.54
N GLN K 103 48.91 -23.68 10.64
CA GLN K 103 48.14 -23.50 11.86
C GLN K 103 47.16 -24.64 12.10
N ASP K 104 46.54 -25.14 11.04
CA ASP K 104 45.68 -26.28 11.22
C ASP K 104 46.56 -27.48 11.56
N LYS K 105 46.01 -28.42 12.30
CA LYS K 105 46.73 -29.65 12.65
C LYS K 105 46.28 -30.78 11.74
N ALA K 106 46.90 -31.94 11.94
CA ALA K 106 46.59 -33.08 11.09
C ALA K 106 45.13 -33.48 11.19
N THR K 107 44.56 -33.43 12.40
CA THR K 107 43.15 -33.72 12.57
C THR K 107 42.29 -32.71 11.84
N ASP K 108 42.69 -31.44 11.87
CA ASP K 108 41.93 -30.43 11.16
C ASP K 108 41.92 -30.72 9.67
N LEU K 109 43.08 -31.06 9.11
CA LEU K 109 43.14 -31.46 7.71
C LEU K 109 42.32 -32.70 7.45
N GLN K 110 42.20 -33.59 8.44
CA GLN K 110 41.37 -34.77 8.26
C GLN K 110 39.90 -34.42 8.31
N SER K 111 39.52 -33.47 9.16
CA SER K 111 38.15 -32.99 9.17
C SER K 111 37.79 -32.40 7.82
N ILE K 112 38.67 -31.55 7.31
CA ILE K 112 38.49 -30.99 5.97
C ILE K 112 38.39 -32.11 4.96
N GLN K 113 39.32 -33.07 5.02
CA GLN K 113 39.37 -34.14 4.05
C GLN K 113 38.13 -35.01 4.11
N ASP K 114 37.58 -35.19 5.30
CA ASP K 114 36.29 -35.86 5.42
C ASP K 114 35.24 -35.10 4.65
N GLY K 115 35.21 -33.78 4.83
CA GLY K 115 34.29 -32.97 4.06
C GLY K 115 34.52 -33.09 2.56
N ILE K 116 35.78 -33.12 2.13
CA ILE K 116 36.05 -33.14 0.71
C ILE K 116 35.70 -34.49 0.12
N SER K 117 36.07 -35.57 0.81
CA SER K 117 35.72 -36.89 0.30
C SER K 117 34.22 -37.07 0.26
N ALA K 118 33.52 -36.45 1.21
CA ALA K 118 32.08 -36.35 1.13
C ALA K 118 31.65 -35.63 -0.15
N LEU K 119 32.32 -34.52 -0.46
CA LEU K 119 32.00 -33.80 -1.69
C LEU K 119 32.30 -34.63 -2.91
N THR K 120 33.41 -35.37 -2.90
CA THR K 120 33.72 -36.30 -3.97
C THR K 120 32.57 -37.25 -4.18
N ASP K 121 32.11 -37.84 -3.08
CA ASP K 121 31.00 -38.79 -3.17
C ASP K 121 29.77 -38.13 -3.75
N GLU K 122 29.61 -36.83 -3.51
CA GLU K 122 28.49 -36.12 -4.12
C GLU K 122 28.73 -35.88 -5.61
N ILE K 123 29.96 -35.54 -5.99
CA ILE K 123 30.25 -35.32 -7.41
C ILE K 123 30.06 -36.63 -8.16
N ASP K 124 30.62 -37.71 -7.63
CA ASP K 124 30.39 -39.03 -8.19
C ASP K 124 28.91 -39.35 -8.22
N GLY K 125 28.18 -38.89 -7.20
CA GLY K 125 26.74 -39.09 -7.21
C GLY K 125 26.08 -38.34 -8.35
N ILE K 126 26.53 -37.11 -8.61
CA ILE K 126 26.03 -36.38 -9.77
C ILE K 126 26.29 -37.19 -11.02
N SER K 127 27.57 -37.52 -11.25
CA SER K 127 27.95 -38.13 -12.50
C SER K 127 27.41 -39.55 -12.65
N ASN K 128 26.95 -40.16 -11.56
CA ASN K 128 26.41 -41.51 -11.57
C ASN K 128 24.93 -41.55 -11.22
N ARG K 129 24.26 -40.40 -11.20
CA ARG K 129 22.81 -40.33 -11.04
C ARG K 129 22.17 -39.57 -12.19
N THR K 130 22.95 -38.69 -12.82
CA THR K 130 22.42 -37.95 -13.94
C THR K 130 22.23 -38.91 -15.10
N GLU K 131 21.02 -39.43 -15.22
CA GLU K 131 20.62 -40.30 -16.30
C GLU K 131 19.56 -39.63 -17.15
N PHE K 132 19.54 -39.96 -18.43
CA PHE K 132 18.39 -39.68 -19.30
C PHE K 132 17.97 -40.98 -19.94
N ASN K 133 16.79 -41.45 -19.57
CA ASN K 133 16.28 -42.69 -20.11
C ASN K 133 17.26 -43.81 -19.81
N GLY K 134 17.79 -43.77 -18.59
CA GLY K 134 18.78 -44.71 -18.13
C GLY K 134 20.19 -44.39 -18.56
N LYS K 135 20.35 -43.64 -19.63
CA LYS K 135 21.66 -43.30 -20.15
C LYS K 135 22.34 -42.36 -19.17
N LYS K 136 23.36 -42.86 -18.50
CA LYS K 136 24.06 -42.04 -17.52
C LYS K 136 24.76 -40.92 -18.27
N LEU K 137 24.09 -39.77 -18.33
CA LEU K 137 24.51 -38.67 -19.18
C LEU K 137 25.84 -38.09 -18.76
N LEU K 138 26.22 -38.26 -17.50
CA LEU K 138 27.51 -37.84 -17.02
C LEU K 138 28.39 -39.04 -16.70
N ASP K 139 28.17 -40.13 -17.42
CA ASP K 139 29.15 -41.21 -17.46
C ASP K 139 30.39 -40.66 -18.15
N GLY K 140 31.44 -40.41 -17.38
CA GLY K 140 32.65 -39.87 -17.96
C GLY K 140 33.28 -40.77 -18.99
N THR K 141 32.91 -42.05 -19.02
CA THR K 141 33.36 -42.98 -20.03
C THR K 141 32.34 -43.18 -21.14
N TYR K 142 31.32 -42.34 -21.21
CA TYR K 142 30.33 -42.47 -22.27
C TYR K 142 30.97 -42.30 -23.64
N LYS K 143 31.50 -41.10 -23.92
CA LYS K 143 32.12 -40.78 -25.19
C LYS K 143 33.52 -40.23 -24.97
N VAL K 144 34.36 -41.01 -24.31
CA VAL K 144 35.79 -40.73 -24.40
C VAL K 144 36.21 -41.10 -25.82
N ASP K 145 36.56 -40.07 -26.62
CA ASP K 145 36.96 -40.27 -28.01
C ASP K 145 38.05 -41.32 -28.14
N THR K 146 39.07 -41.24 -27.29
CA THR K 146 40.11 -42.25 -27.10
C THR K 146 41.11 -42.32 -28.25
N ALA K 147 40.82 -41.66 -29.38
CA ALA K 147 41.38 -42.04 -30.67
C ALA K 147 40.99 -43.46 -31.04
N THR K 148 39.81 -43.91 -30.60
CA THR K 148 39.29 -45.23 -30.94
C THR K 148 37.83 -45.06 -31.31
N PRO K 149 37.51 -45.02 -32.61
CA PRO K 149 36.10 -44.96 -33.01
C PRO K 149 35.25 -46.07 -32.45
N ALA K 150 35.82 -47.26 -32.28
CA ALA K 150 35.05 -48.40 -31.81
C ALA K 150 34.47 -48.16 -30.43
N ASN K 151 35.12 -47.34 -29.61
CA ASN K 151 34.70 -47.08 -28.24
C ASN K 151 34.39 -45.60 -28.09
N GLN K 152 33.19 -45.19 -28.55
CA GLN K 152 32.76 -43.80 -28.37
C GLN K 152 31.31 -43.60 -27.97
N LYS K 153 30.37 -44.46 -28.36
CA LYS K 153 28.94 -44.21 -28.08
C LYS K 153 28.53 -42.81 -28.51
N ASN K 154 28.92 -42.39 -29.73
CA ASN K 154 28.72 -41.03 -30.20
C ASN K 154 27.30 -40.52 -29.94
N LEU K 155 27.19 -39.43 -29.19
CA LEU K 155 25.87 -38.92 -28.81
C LEU K 155 25.25 -38.25 -30.03
N VAL K 156 24.81 -39.10 -30.95
CA VAL K 156 24.21 -38.65 -32.19
C VAL K 156 22.82 -38.10 -31.90
N PHE K 157 22.41 -37.04 -32.60
CA PHE K 157 21.02 -36.55 -32.64
C PHE K 157 20.61 -36.41 -34.10
N GLN K 158 19.84 -37.37 -34.62
CA GLN K 158 19.18 -37.25 -35.91
C GLN K 158 18.02 -36.29 -35.76
N ILE K 159 18.12 -35.16 -36.43
CA ILE K 159 17.08 -34.15 -36.43
C ILE K 159 16.46 -33.99 -37.80
N GLY K 160 17.27 -33.78 -38.83
CA GLY K 160 16.73 -33.43 -40.12
C GLY K 160 15.88 -34.53 -40.70
N ALA K 161 14.78 -34.13 -41.33
CA ALA K 161 13.90 -35.09 -41.98
C ALA K 161 14.62 -35.84 -43.10
N ASN K 162 15.69 -35.26 -43.62
CA ASN K 162 16.51 -35.90 -44.63
C ASN K 162 17.62 -36.73 -43.98
N ALA K 163 18.08 -37.72 -44.73
CA ALA K 163 19.07 -38.65 -44.21
C ALA K 163 20.40 -37.96 -43.92
N THR K 164 21.12 -38.50 -42.93
CA THR K 164 22.44 -38.09 -42.47
C THR K 164 22.41 -36.78 -41.69
N GLN K 165 21.26 -36.12 -41.57
CA GLN K 165 21.20 -34.83 -40.92
C GLN K 165 21.29 -35.01 -39.41
N GLN K 166 22.49 -35.31 -38.92
CA GLN K 166 22.70 -35.69 -37.54
C GLN K 166 23.67 -34.76 -36.86
N ILE K 167 23.52 -34.69 -35.54
CA ILE K 167 24.40 -33.90 -34.68
C ILE K 167 25.22 -34.83 -33.83
N SER K 168 26.53 -34.57 -33.77
CA SER K 168 27.48 -35.37 -33.00
C SER K 168 27.88 -34.61 -31.74
N VAL K 169 27.61 -35.19 -30.57
CA VAL K 169 27.87 -34.56 -29.28
C VAL K 169 28.77 -35.47 -28.46
N ASN K 170 29.49 -34.86 -27.51
CA ASN K 170 30.45 -35.57 -26.69
C ASN K 170 30.20 -35.36 -25.20
N ILE K 171 30.12 -36.48 -24.48
CA ILE K 171 30.10 -36.55 -23.03
C ILE K 171 31.45 -37.11 -22.60
N GLU K 172 32.13 -36.44 -21.65
CA GLU K 172 33.30 -37.06 -21.03
C GLU K 172 33.50 -36.75 -19.55
N ASP K 173 32.62 -36.01 -18.90
CA ASP K 173 32.90 -35.56 -17.55
C ASP K 173 32.40 -36.56 -16.51
N MET K 174 33.01 -36.52 -15.34
CA MET K 174 32.66 -37.33 -14.18
C MET K 174 33.53 -36.89 -13.01
N GLY K 175 33.24 -37.44 -11.85
CA GLY K 175 34.00 -37.09 -10.66
C GLY K 175 35.48 -37.39 -10.77
N ALA K 176 35.83 -38.50 -11.42
CA ALA K 176 37.22 -38.85 -11.61
C ALA K 176 37.89 -38.06 -12.74
N ASP K 177 37.15 -37.18 -13.42
CA ASP K 177 37.65 -36.42 -14.55
C ASP K 177 37.98 -35.00 -14.11
N ALA K 178 39.24 -34.74 -13.73
CA ALA K 178 39.60 -33.45 -13.17
C ALA K 178 40.68 -32.66 -13.92
N LEU K 179 41.94 -33.09 -13.84
CA LEU K 179 42.98 -32.53 -14.71
C LEU K 179 43.24 -33.57 -15.78
N GLY K 180 42.57 -33.39 -16.91
CA GLY K 180 42.75 -34.29 -18.02
C GLY K 180 44.04 -33.95 -18.72
N ILE K 181 45.18 -34.31 -18.11
CA ILE K 181 46.46 -34.10 -18.77
C ILE K 181 46.43 -34.74 -20.15
N LYS K 182 46.07 -36.01 -20.20
CA LYS K 182 45.70 -36.76 -21.39
C LYS K 182 44.54 -37.69 -21.04
N GLU K 183 44.72 -38.32 -19.89
CA GLU K 183 43.80 -39.17 -19.16
C GLU K 183 44.06 -38.89 -17.69
N ALA K 184 43.56 -39.75 -16.82
CA ALA K 184 43.91 -39.64 -15.41
C ALA K 184 45.38 -39.98 -15.24
N ASP K 185 46.13 -39.07 -14.63
CA ASP K 185 47.56 -39.32 -14.43
C ASP K 185 47.75 -40.40 -13.37
N GLY K 186 47.27 -40.13 -12.16
CA GLY K 186 47.42 -41.04 -11.05
C GLY K 186 46.92 -40.41 -9.77
N SER K 187 47.73 -40.45 -8.72
CA SER K 187 47.37 -39.76 -7.48
C SER K 187 47.12 -38.29 -7.73
N ILE K 188 47.83 -37.72 -8.70
CA ILE K 188 47.59 -36.36 -9.13
C ILE K 188 46.70 -36.39 -10.37
N ALA K 189 46.19 -35.23 -10.72
CA ALA K 189 45.50 -34.90 -11.96
C ALA K 189 44.10 -35.47 -12.10
N ALA K 190 43.79 -36.57 -11.41
CA ALA K 190 42.43 -37.06 -11.29
C ALA K 190 42.06 -37.39 -9.86
N LEU K 191 42.92 -38.16 -9.18
CA LEU K 191 42.57 -38.71 -7.89
C LEU K 191 42.67 -37.71 -6.76
N HIS K 192 43.23 -36.53 -7.00
CA HIS K 192 42.98 -35.50 -6.01
C HIS K 192 41.51 -35.12 -5.99
N SER K 193 40.85 -35.21 -7.15
CA SER K 193 39.41 -35.01 -7.16
C SER K 193 38.71 -36.16 -6.49
N VAL K 194 39.25 -37.37 -6.64
CA VAL K 194 38.64 -38.55 -6.03
C VAL K 194 39.13 -38.73 -4.61
N ASN K 195 40.44 -38.92 -4.46
CA ASN K 195 40.99 -39.33 -3.17
C ASN K 195 41.35 -38.15 -2.27
N ASP K 196 41.54 -36.95 -2.83
CA ASP K 196 41.83 -35.77 -2.02
C ASP K 196 43.14 -35.88 -1.24
N LEU K 197 44.27 -35.74 -1.95
CA LEU K 197 45.60 -35.89 -1.39
C LEU K 197 45.89 -35.10 -0.10
N ASP K 198 45.10 -34.09 0.23
CA ASP K 198 45.36 -33.26 1.42
C ASP K 198 44.85 -33.99 2.66
N VAL K 199 45.70 -34.87 3.20
CA VAL K 199 45.35 -35.65 4.38
C VAL K 199 46.26 -35.27 5.55
N THR K 200 47.49 -35.75 5.48
CA THR K 200 48.61 -35.31 6.29
C THR K 200 49.86 -35.13 5.45
N LYS K 201 49.91 -35.78 4.27
CA LYS K 201 50.96 -35.52 3.30
C LYS K 201 51.09 -34.03 3.03
N PHE K 202 49.98 -33.30 3.07
CA PHE K 202 50.08 -31.85 2.90
C PHE K 202 50.87 -31.22 4.01
N ALA K 203 50.60 -31.60 5.25
CA ALA K 203 51.33 -30.99 6.36
C ALA K 203 52.83 -31.30 6.26
N ASP K 204 53.17 -32.45 5.69
CA ASP K 204 54.57 -32.78 5.46
C ASP K 204 55.21 -31.81 4.47
N ASN K 205 54.57 -31.60 3.31
CA ASN K 205 55.08 -30.74 2.25
C ASN K 205 53.94 -29.82 1.81
N ALA K 206 53.78 -28.72 2.52
CA ALA K 206 52.74 -27.77 2.14
C ALA K 206 53.01 -27.11 0.80
N ALA K 207 54.29 -26.95 0.42
CA ALA K 207 54.68 -26.41 -0.88
C ALA K 207 55.82 -27.18 -1.56
N ASP K 208 56.66 -27.80 -0.74
CA ASP K 208 57.99 -28.26 -1.09
C ASP K 208 58.17 -29.13 -2.32
N CYS K 209 57.12 -29.82 -2.80
CA CYS K 209 57.32 -30.83 -3.85
C CYS K 209 56.29 -30.79 -4.97
N ALA K 210 55.34 -29.86 -4.94
CA ALA K 210 54.28 -29.65 -5.94
C ALA K 210 53.25 -30.77 -5.98
N ASP K 211 53.67 -32.02 -5.83
CA ASP K 211 52.81 -33.19 -5.84
C ASP K 211 51.79 -33.13 -4.73
N ILE K 212 52.23 -32.76 -3.54
CA ILE K 212 51.33 -32.30 -2.48
C ILE K 212 51.59 -30.84 -2.12
N GLY K 213 52.58 -30.17 -2.71
CA GLY K 213 52.88 -28.83 -2.25
C GLY K 213 51.85 -27.76 -2.60
N PHE K 214 50.55 -28.01 -2.41
CA PHE K 214 49.41 -27.12 -2.62
C PHE K 214 49.16 -26.71 -4.06
N ASP K 215 50.24 -26.64 -4.83
CA ASP K 215 50.26 -26.29 -6.23
C ASP K 215 49.49 -27.29 -7.06
N ALA K 216 49.93 -28.54 -7.05
CA ALA K 216 49.31 -29.54 -7.90
C ALA K 216 47.83 -29.68 -7.57
N GLN K 217 47.50 -29.68 -6.28
CA GLN K 217 46.11 -29.87 -5.87
C GLN K 217 45.24 -28.75 -6.42
N LEU K 218 45.68 -27.51 -6.20
CA LEU K 218 44.91 -26.39 -6.70
C LEU K 218 44.82 -26.45 -8.22
N LYS K 219 45.85 -26.96 -8.87
CA LYS K 219 45.79 -27.10 -10.32
C LYS K 219 44.80 -28.18 -10.74
N VAL K 220 44.68 -29.25 -9.96
CA VAL K 220 43.68 -30.26 -10.26
C VAL K 220 42.30 -29.63 -10.19
N VAL K 221 42.06 -28.86 -9.12
CA VAL K 221 40.76 -28.25 -8.97
C VAL K 221 40.49 -27.27 -10.09
N ASP K 222 41.50 -26.44 -10.39
CA ASP K 222 41.33 -25.43 -11.42
C ASP K 222 41.04 -26.06 -12.76
N GLU K 223 41.76 -27.12 -13.10
CA GLU K 223 41.54 -27.75 -14.38
C GLU K 223 40.23 -28.51 -14.39
N ALA K 224 39.88 -29.17 -13.28
CA ALA K 224 38.58 -29.82 -13.17
C ALA K 224 37.48 -28.84 -13.49
N ILE K 225 37.57 -27.66 -12.88
CA ILE K 225 36.62 -26.60 -13.18
C ILE K 225 36.68 -26.23 -14.65
N ASN K 226 37.87 -26.10 -15.19
CA ASN K 226 38.02 -25.69 -16.58
C ASN K 226 37.41 -26.72 -17.52
N GLN K 227 37.49 -27.99 -17.13
CA GLN K 227 36.90 -29.06 -17.92
C GLN K 227 35.38 -29.03 -17.81
N VAL K 228 34.87 -28.67 -16.62
CA VAL K 228 33.44 -28.45 -16.51
C VAL K 228 33.03 -27.28 -17.39
N SER K 229 33.82 -26.21 -17.35
CA SER K 229 33.53 -25.01 -18.13
C SER K 229 33.45 -25.34 -19.61
N SER K 230 34.42 -26.10 -20.11
CA SER K 230 34.44 -26.44 -21.52
C SER K 230 33.39 -27.47 -21.86
N GLN K 231 33.10 -28.38 -20.93
CA GLN K 231 32.03 -29.34 -21.16
C GLN K 231 30.71 -28.62 -21.29
N ARG K 232 30.45 -27.69 -20.37
CA ARG K 232 29.25 -26.88 -20.45
C ARG K 232 29.29 -25.96 -21.66
N ALA K 233 30.49 -25.60 -22.12
CA ALA K 233 30.61 -24.76 -23.30
C ALA K 233 30.14 -25.51 -24.53
N LYS K 234 30.63 -26.74 -24.70
CA LYS K 234 30.14 -27.58 -25.78
C LYS K 234 28.64 -27.79 -25.64
N LEU K 235 28.22 -28.12 -24.42
CA LEU K 235 26.83 -28.42 -24.14
C LEU K 235 25.93 -27.27 -24.54
N GLY K 236 26.31 -26.06 -24.16
CA GLY K 236 25.51 -24.89 -24.49
C GLY K 236 25.64 -24.50 -25.94
N ALA K 237 26.78 -24.81 -26.55
CA ALA K 237 26.90 -24.60 -27.99
C ALA K 237 25.82 -25.40 -28.69
N VAL K 238 25.68 -26.67 -28.33
CA VAL K 238 24.65 -27.50 -28.93
C VAL K 238 23.27 -26.99 -28.56
N GLN K 239 23.13 -26.46 -27.34
CA GLN K 239 21.86 -25.86 -26.96
C GLN K 239 21.47 -24.77 -27.95
N ASN K 240 22.42 -23.88 -28.24
CA ASN K 240 22.13 -22.81 -29.19
C ASN K 240 21.82 -23.38 -30.56
N ARG K 241 22.56 -24.43 -30.95
CA ARG K 241 22.28 -25.07 -32.22
C ARG K 241 20.85 -25.52 -32.31
N LEU K 242 20.37 -26.18 -31.27
CA LEU K 242 19.03 -26.71 -31.33
C LEU K 242 18.00 -25.60 -31.24
N GLU K 243 18.35 -24.49 -30.57
CA GLU K 243 17.48 -23.32 -30.62
C GLU K 243 17.27 -22.88 -32.06
N HIS K 244 18.38 -22.63 -32.77
CA HIS K 244 18.27 -22.14 -34.13
C HIS K 244 17.72 -23.19 -35.08
N THR K 245 18.03 -24.45 -34.78
CA THR K 245 17.44 -25.55 -35.52
C THR K 245 15.93 -25.47 -35.43
N ILE K 246 15.40 -25.41 -34.20
CA ILE K 246 13.95 -25.41 -34.02
C ILE K 246 13.35 -24.20 -34.69
N ASN K 247 14.01 -23.06 -34.62
CA ASN K 247 13.48 -21.90 -35.31
C ASN K 247 13.38 -22.15 -36.80
N ASN K 248 14.40 -22.81 -37.36
CA ASN K 248 14.34 -23.21 -38.76
C ASN K 248 13.24 -24.23 -39.01
N LEU K 249 13.13 -25.22 -38.13
CA LEU K 249 12.13 -26.27 -38.31
C LEU K 249 10.74 -25.70 -38.27
N SER K 250 10.55 -24.69 -37.43
CA SER K 250 9.26 -24.04 -37.31
C SER K 250 8.94 -23.23 -38.55
N ALA K 251 9.85 -22.36 -38.95
CA ALA K 251 9.61 -21.52 -40.12
C ALA K 251 9.50 -22.36 -41.38
N SER K 252 10.45 -23.25 -41.58
CA SER K 252 10.47 -24.13 -42.74
C SER K 252 9.27 -25.03 -42.76
N GLY K 253 8.91 -25.56 -41.59
CA GLY K 253 7.73 -26.39 -41.51
C GLY K 253 6.48 -25.64 -41.92
N GLU K 254 6.35 -24.40 -41.42
CA GLU K 254 5.23 -23.57 -41.82
C GLU K 254 5.20 -23.38 -43.33
N ASN K 255 6.30 -22.90 -43.89
CA ASN K 255 6.37 -22.66 -45.33
C ASN K 255 6.05 -23.93 -46.11
N LEU K 256 6.41 -25.07 -45.54
CA LEU K 256 6.21 -26.34 -46.22
C LEU K 256 4.74 -26.76 -46.18
N THR K 257 4.10 -26.61 -45.03
CA THR K 257 2.67 -26.91 -44.97
C THR K 257 1.90 -25.94 -45.84
N ALA K 258 2.40 -24.72 -45.99
CA ALA K 258 1.78 -23.80 -46.92
C ALA K 258 1.98 -24.26 -48.35
N ALA K 259 3.18 -24.79 -48.66
CA ALA K 259 3.43 -25.32 -49.99
C ALA K 259 2.46 -26.44 -50.33
N GLU K 260 2.34 -27.39 -49.41
CA GLU K 260 1.35 -28.45 -49.55
C GLU K 260 -0.03 -27.85 -49.75
N SER K 261 -0.37 -26.89 -48.91
CA SER K 261 -1.68 -26.27 -48.97
C SER K 261 -1.93 -25.67 -50.35
N ARG K 262 -0.89 -25.15 -50.98
CA ARG K 262 -1.03 -24.67 -52.34
C ARG K 262 -1.32 -25.82 -53.28
N ILE K 263 -0.68 -26.96 -53.08
CA ILE K 263 -1.01 -28.11 -53.91
C ILE K 263 -2.46 -28.51 -53.68
N ARG K 264 -2.85 -28.66 -52.42
CA ARG K 264 -4.21 -29.04 -52.07
C ARG K 264 -5.14 -27.85 -51.90
N ASP K 265 -4.73 -26.66 -52.36
CA ASP K 265 -5.55 -25.46 -52.24
C ASP K 265 -6.93 -25.68 -52.83
N VAL K 266 -7.94 -25.74 -51.97
CA VAL K 266 -9.32 -25.70 -52.42
C VAL K 266 -9.76 -24.25 -52.36
N ASP K 267 -10.11 -23.70 -53.52
CA ASP K 267 -10.87 -22.45 -53.56
C ASP K 267 -12.29 -22.85 -53.23
N MET K 268 -12.56 -22.93 -51.92
CA MET K 268 -13.84 -23.44 -51.45
C MET K 268 -14.99 -22.63 -52.00
N ALA K 269 -14.79 -21.33 -52.19
CA ALA K 269 -15.84 -20.53 -52.80
C ALA K 269 -16.05 -20.93 -54.24
N LYS K 270 -14.96 -21.09 -55.00
CA LYS K 270 -15.07 -21.58 -56.36
C LYS K 270 -15.81 -22.89 -56.41
N GLU K 271 -15.42 -23.81 -55.54
CA GLU K 271 -15.92 -25.17 -55.65
C GLU K 271 -17.37 -25.28 -55.21
N MET K 272 -17.78 -24.46 -54.24
CA MET K 272 -19.21 -24.37 -53.94
C MET K 272 -19.96 -23.77 -55.11
N SER K 273 -19.38 -22.74 -55.74
CA SER K 273 -20.03 -22.11 -56.87
C SER K 273 -20.19 -23.09 -58.03
N GLU K 274 -19.10 -23.76 -58.38
CA GLU K 274 -19.12 -24.72 -59.46
C GLU K 274 -20.07 -25.87 -59.13
N PHE K 275 -20.08 -26.28 -57.86
CA PHE K 275 -21.02 -27.28 -57.41
C PHE K 275 -22.44 -26.86 -57.72
N THR K 276 -22.79 -25.65 -57.28
CA THR K 276 -24.09 -25.06 -57.54
C THR K 276 -24.42 -25.13 -59.02
N LYS K 277 -23.50 -24.64 -59.84
CA LYS K 277 -23.72 -24.63 -61.28
C LYS K 277 -24.03 -26.02 -61.79
N ASN K 278 -23.22 -27.00 -61.39
CA ASN K 278 -23.40 -28.34 -61.92
C ASN K 278 -24.72 -28.94 -61.48
N ASN K 279 -25.21 -28.58 -60.28
CA ASN K 279 -26.55 -28.98 -59.90
C ASN K 279 -27.56 -28.42 -60.87
N ILE K 280 -27.49 -27.11 -61.07
CA ILE K 280 -28.39 -26.41 -61.98
C ILE K 280 -28.40 -27.09 -63.33
N LEU K 281 -27.21 -27.35 -63.84
CA LEU K 281 -27.06 -27.89 -65.18
C LEU K 281 -27.62 -29.30 -65.27
N SER K 282 -27.39 -30.11 -64.25
CA SER K 282 -27.98 -31.45 -64.24
C SER K 282 -29.49 -31.35 -64.28
N GLN K 283 -30.07 -30.51 -63.41
CA GLN K 283 -31.51 -30.42 -63.32
C GLN K 283 -32.12 -29.93 -64.63
N ALA K 284 -31.50 -28.91 -65.22
CA ALA K 284 -31.96 -28.38 -66.49
C ALA K 284 -31.94 -29.45 -67.55
N SER K 285 -30.84 -30.18 -67.64
CA SER K 285 -30.71 -31.21 -68.66
C SER K 285 -31.78 -32.29 -68.47
N GLN K 286 -32.08 -32.64 -67.22
CA GLN K 286 -33.12 -33.64 -66.99
C GLN K 286 -34.49 -33.12 -67.41
N ALA K 287 -34.77 -31.85 -67.13
CA ALA K 287 -36.02 -31.26 -67.60
C ALA K 287 -36.11 -31.38 -69.12
N MET K 288 -35.00 -31.14 -69.80
CA MET K 288 -35.01 -31.28 -71.24
C MET K 288 -35.18 -32.73 -71.66
N LEU K 289 -34.68 -33.69 -70.86
CA LEU K 289 -34.90 -35.09 -71.21
C LEU K 289 -36.37 -35.44 -71.09
N ALA K 290 -37.03 -34.89 -70.06
CA ALA K 290 -38.47 -35.04 -69.98
C ALA K 290 -39.13 -34.52 -71.24
N GLN K 291 -38.75 -33.31 -71.66
CA GLN K 291 -39.33 -32.73 -72.86
C GLN K 291 -39.07 -33.60 -74.09
N ALA K 292 -37.87 -34.19 -74.16
CA ALA K 292 -37.56 -35.12 -75.24
C ALA K 292 -38.50 -36.30 -75.21
N ASN K 293 -38.96 -36.68 -74.04
CA ASN K 293 -39.97 -37.74 -73.95
C ASN K 293 -41.37 -37.21 -74.18
N GLN K 294 -41.59 -35.89 -74.06
CA GLN K 294 -42.93 -35.34 -74.25
C GLN K 294 -43.25 -35.16 -75.73
N GLN K 295 -42.31 -34.60 -76.48
CA GLN K 295 -42.52 -34.35 -77.90
C GLN K 295 -43.05 -35.55 -78.67
N PRO K 296 -42.43 -36.72 -78.62
CA PRO K 296 -42.98 -37.85 -79.39
C PRO K 296 -44.35 -38.31 -78.94
N GLN K 297 -44.79 -37.94 -77.73
CA GLN K 297 -46.17 -38.25 -77.33
C GLN K 297 -47.14 -37.34 -78.04
N ASN K 298 -46.80 -36.06 -78.09
CA ASN K 298 -47.55 -35.12 -78.90
C ASN K 298 -47.63 -35.64 -80.32
N VAL K 299 -46.51 -36.13 -80.84
CA VAL K 299 -46.50 -36.73 -82.17
C VAL K 299 -47.47 -37.88 -82.25
N LEU K 300 -47.46 -38.74 -81.23
CA LEU K 300 -48.32 -39.92 -81.25
C LEU K 300 -49.77 -39.52 -81.41
N GLN K 301 -50.23 -38.58 -80.59
CA GLN K 301 -51.62 -38.14 -80.71
C GLN K 301 -51.86 -37.51 -82.07
N LEU K 302 -50.99 -36.59 -82.46
CA LEU K 302 -51.21 -35.79 -83.65
C LEU K 302 -51.22 -36.64 -84.91
N LEU K 303 -50.48 -37.74 -84.92
CA LEU K 303 -50.44 -38.67 -86.03
C LEU K 303 -51.18 -39.96 -85.74
N ARG K 304 -52.19 -39.89 -84.90
CA ARG K 304 -53.04 -41.03 -84.67
C ARG K 304 -54.23 -40.98 -85.63
N ILE L 3 -9.62 -22.90 -48.13
CA ILE L 3 -8.46 -23.62 -47.49
C ILE L 3 -8.49 -23.52 -45.98
N ASN L 4 -9.71 -23.55 -45.42
CA ASN L 4 -9.90 -23.28 -44.00
C ASN L 4 -9.02 -24.17 -43.12
N HIS L 5 -8.95 -25.45 -43.45
CA HIS L 5 -8.19 -26.41 -42.66
C HIS L 5 -6.69 -26.21 -42.72
N ASN L 6 -6.19 -25.31 -43.56
CA ASN L 6 -4.77 -25.07 -43.69
C ASN L 6 -4.30 -23.79 -43.03
N ILE L 7 -5.21 -22.95 -42.53
CA ILE L 7 -4.86 -21.64 -41.99
C ILE L 7 -4.91 -21.73 -40.49
N ALA L 8 -3.79 -21.40 -39.87
CA ALA L 8 -3.72 -21.25 -38.42
C ALA L 8 -2.86 -20.08 -38.01
N ALA L 9 -2.44 -19.24 -38.96
CA ALA L 9 -1.47 -18.19 -38.69
C ALA L 9 -0.24 -18.77 -38.03
N LEU L 10 0.30 -19.80 -38.67
CA LEU L 10 1.36 -20.56 -38.03
C LEU L 10 2.59 -19.71 -37.75
N ASN L 11 2.79 -18.62 -38.50
CA ASN L 11 3.85 -17.70 -38.14
C ASN L 11 3.54 -17.05 -36.80
N THR L 12 2.26 -16.76 -36.55
CA THR L 12 1.89 -16.26 -35.24
C THR L 12 2.19 -17.31 -34.18
N LEU L 13 1.95 -18.58 -34.50
CA LEU L 13 2.21 -19.64 -33.54
C LEU L 13 3.68 -19.74 -33.23
N ASN L 14 4.51 -19.58 -34.26
CA ASN L 14 5.94 -19.58 -34.07
C ASN L 14 6.37 -18.41 -33.21
N ARG L 15 5.79 -17.23 -33.44
CA ARG L 15 6.05 -16.10 -32.57
C ARG L 15 5.60 -16.42 -31.17
N LEU L 16 4.55 -17.21 -31.03
CA LEU L 16 4.07 -17.51 -29.70
C LEU L 16 5.08 -18.32 -28.93
N SER L 17 5.55 -19.40 -29.53
CA SER L 17 6.59 -20.21 -28.91
C SER L 17 7.78 -19.36 -28.54
N SER L 18 8.20 -18.51 -29.48
CA SER L 18 9.34 -17.62 -29.23
C SER L 18 9.09 -16.73 -28.03
N ASN L 19 7.92 -16.10 -27.98
CA ASN L 19 7.63 -15.14 -26.93
C ASN L 19 7.54 -15.82 -25.57
N ASN L 20 6.96 -17.02 -25.54
CA ASN L 20 6.86 -17.73 -24.27
C ASN L 20 8.24 -18.07 -23.75
N SER L 21 9.11 -18.56 -24.62
CA SER L 21 10.46 -18.83 -24.17
C SER L 21 11.16 -17.54 -23.77
N ALA L 22 10.89 -16.45 -24.47
CA ALA L 22 11.53 -15.18 -24.17
C ALA L 22 11.19 -14.71 -22.76
N SER L 23 9.90 -14.60 -22.47
CA SER L 23 9.47 -14.18 -21.14
C SER L 23 9.98 -15.14 -20.09
N GLN L 24 10.00 -16.44 -20.41
CA GLN L 24 10.57 -17.43 -19.49
C GLN L 24 11.99 -17.08 -19.14
N LYS L 25 12.81 -16.81 -20.15
CA LYS L 25 14.21 -16.49 -19.92
C LYS L 25 14.34 -15.25 -19.06
N ASN L 26 13.53 -14.24 -19.35
CA ASN L 26 13.52 -13.03 -18.54
C ASN L 26 13.30 -13.38 -17.07
N MET L 27 12.27 -14.18 -16.77
CA MET L 27 12.01 -14.57 -15.39
C MET L 27 13.21 -15.24 -14.77
N GLU L 28 13.71 -16.26 -15.45
CA GLU L 28 14.78 -17.08 -14.93
C GLU L 28 15.96 -16.23 -14.52
N LYS L 29 16.28 -15.23 -15.34
CA LYS L 29 17.34 -14.32 -14.97
C LYS L 29 16.91 -13.42 -13.82
N LEU L 30 15.67 -12.93 -13.87
CA LEU L 30 15.15 -12.07 -12.81
C LEU L 30 15.12 -12.81 -11.48
N SER L 31 14.53 -14.01 -11.50
CA SER L 31 14.40 -14.79 -10.28
C SER L 31 15.75 -15.13 -9.70
N SER L 32 16.66 -15.60 -10.54
CA SER L 32 17.98 -15.98 -10.08
C SER L 32 18.89 -14.80 -9.86
N GLY L 33 18.55 -13.65 -10.43
CA GLY L 33 19.44 -12.51 -10.35
C GLY L 33 20.68 -12.72 -11.17
N LEU L 34 20.58 -13.49 -12.24
CA LEU L 34 21.71 -13.92 -13.05
C LEU L 34 21.48 -13.47 -14.47
N ARG L 35 22.33 -12.57 -14.97
CA ARG L 35 22.34 -12.35 -16.40
C ARG L 35 23.05 -13.49 -17.09
N ILE L 36 23.99 -14.13 -16.39
CA ILE L 36 24.65 -15.30 -16.93
C ILE L 36 23.62 -16.37 -17.24
N ASN L 37 23.97 -17.23 -18.18
CA ASN L 37 23.13 -18.36 -18.51
C ASN L 37 23.54 -19.56 -17.68
N ARG L 38 22.58 -20.45 -17.44
CA ARG L 38 22.93 -21.79 -17.02
C ARG L 38 23.62 -22.53 -18.14
N ALA L 39 23.11 -22.35 -19.36
CA ALA L 39 23.69 -22.95 -20.55
C ALA L 39 25.02 -22.29 -20.89
N GLY L 40 25.82 -23.01 -21.67
CA GLY L 40 27.13 -22.57 -22.10
C GLY L 40 27.12 -21.38 -23.04
N ASP L 41 25.97 -20.83 -23.37
CA ASP L 41 25.90 -19.63 -24.17
C ASP L 41 26.69 -18.52 -23.48
N ASP L 42 27.76 -18.07 -24.14
CA ASP L 42 28.80 -17.23 -23.54
C ASP L 42 29.54 -17.99 -22.45
N ALA L 43 29.98 -19.21 -22.79
CA ALA L 43 30.82 -19.97 -21.87
C ALA L 43 32.14 -19.26 -21.58
N ALA L 44 32.55 -18.33 -22.44
CA ALA L 44 33.69 -17.48 -22.12
C ALA L 44 33.42 -16.73 -20.82
N GLY L 45 32.42 -15.84 -20.85
CA GLY L 45 32.10 -15.06 -19.68
C GLY L 45 31.77 -15.92 -18.47
N LEU L 46 31.10 -17.05 -18.72
CA LEU L 46 30.79 -17.97 -17.62
C LEU L 46 32.07 -18.47 -16.98
N ALA L 47 32.92 -19.14 -17.77
CA ALA L 47 34.16 -19.71 -17.26
C ALA L 47 35.01 -18.65 -16.58
N ILE L 48 34.95 -17.41 -17.07
CA ILE L 48 35.62 -16.33 -16.36
C ILE L 48 35.03 -16.20 -14.98
N SER L 49 33.72 -15.98 -14.88
CA SER L 49 33.11 -15.73 -13.58
C SER L 49 33.29 -16.91 -12.64
N GLU L 50 33.36 -18.12 -13.21
CA GLU L 50 33.73 -19.29 -12.45
C GLU L 50 35.09 -19.12 -11.83
N LYS L 51 36.06 -18.73 -12.65
CA LYS L 51 37.41 -18.50 -12.16
C LYS L 51 37.44 -17.36 -11.16
N MET L 52 36.65 -16.32 -11.43
CA MET L 52 36.53 -15.20 -10.51
C MET L 52 36.11 -15.70 -9.15
N ARG L 53 34.97 -16.40 -9.09
CA ARG L 53 34.44 -16.89 -7.83
C ARG L 53 35.42 -17.81 -7.14
N GLY L 54 36.13 -18.62 -7.91
CA GLY L 54 37.18 -19.42 -7.32
C GLY L 54 38.18 -18.55 -6.58
N GLN L 55 38.59 -17.46 -7.23
CA GLN L 55 39.52 -16.55 -6.57
C GLN L 55 38.86 -15.77 -5.44
N ILE L 56 37.62 -15.31 -5.63
CA ILE L 56 36.89 -14.57 -4.58
C ILE L 56 36.87 -15.39 -3.32
N ARG L 57 36.31 -16.59 -3.42
CA ARG L 57 36.21 -17.49 -2.28
C ARG L 57 37.58 -17.76 -1.71
N GLY L 58 38.57 -17.90 -2.57
CA GLY L 58 39.93 -18.07 -2.09
C GLY L 58 40.45 -16.85 -1.35
N LEU L 59 39.94 -15.67 -1.70
CA LEU L 59 40.34 -14.45 -1.01
C LEU L 59 39.62 -14.33 0.33
N GLU L 60 38.40 -14.82 0.40
CA GLU L 60 37.70 -14.86 1.67
C GLU L 60 38.43 -15.77 2.65
N MET L 61 38.77 -16.97 2.19
CA MET L 61 39.57 -17.87 3.02
C MET L 61 40.99 -17.35 3.20
N ALA L 62 41.46 -16.50 2.28
CA ALA L 62 42.76 -15.88 2.45
C ALA L 62 42.73 -14.89 3.60
N SER L 63 41.70 -14.05 3.63
CA SER L 63 41.52 -13.13 4.73
C SER L 63 41.41 -13.88 6.03
N LYS L 64 40.62 -14.95 6.02
CA LYS L 64 40.53 -15.82 7.18
C LYS L 64 41.90 -16.30 7.63
N ASN L 65 42.68 -16.87 6.69
CA ASN L 65 43.98 -17.42 7.05
C ASN L 65 44.92 -16.35 7.57
N SER L 66 44.84 -15.15 7.00
CA SER L 66 45.74 -14.08 7.41
C SER L 66 45.38 -13.56 8.79
N GLN L 67 44.09 -13.42 9.05
CA GLN L 67 43.63 -13.05 10.38
C GLN L 67 44.09 -14.07 11.39
N ASP L 68 44.01 -15.34 11.01
CA ASP L 68 44.50 -16.40 11.88
C ASP L 68 46.00 -16.27 12.11
N GLY L 69 46.73 -15.93 11.03
CA GLY L 69 48.12 -15.54 11.17
C GLY L 69 48.31 -14.50 12.24
N ILE L 70 47.49 -13.46 12.18
CA ILE L 70 47.59 -12.37 13.14
C ILE L 70 47.35 -12.87 14.55
N SER L 71 46.37 -13.76 14.70
CA SER L 71 46.08 -14.28 16.02
C SER L 71 47.28 -15.00 16.60
N LEU L 72 47.92 -15.82 15.79
CA LEU L 72 49.16 -16.47 16.19
C LEU L 72 50.20 -15.43 16.58
N ILE L 73 50.37 -14.43 15.72
CA ILE L 73 51.39 -13.41 15.94
C ILE L 73 51.18 -12.76 17.29
N GLN L 74 49.99 -12.19 17.51
CA GLN L 74 49.73 -11.43 18.71
C GLN L 74 49.81 -12.30 19.96
N THR L 75 49.47 -13.58 19.83
CA THR L 75 49.69 -14.49 20.93
C THR L 75 51.17 -14.50 21.32
N ALA L 76 52.01 -14.87 20.36
CA ALA L 76 53.45 -14.94 20.63
C ALA L 76 53.99 -13.59 21.05
N GLU L 77 53.47 -12.54 20.42
CA GLU L 77 53.87 -11.16 20.69
C GLU L 77 53.68 -10.82 22.16
N GLY L 78 52.46 -10.98 22.66
CA GLY L 78 52.19 -10.65 24.05
C GLY L 78 53.02 -11.50 24.98
N ALA L 79 53.21 -12.76 24.61
CA ALA L 79 54.03 -13.64 25.42
C ALA L 79 55.47 -13.12 25.50
N LEU L 80 56.01 -12.68 24.37
CA LEU L 80 57.38 -12.17 24.34
C LEU L 80 57.48 -10.83 25.04
N THR L 81 56.40 -10.05 25.02
CA THR L 81 56.38 -8.82 25.79
C THR L 81 56.50 -9.13 27.27
N GLU L 82 55.77 -10.12 27.74
CA GLU L 82 55.88 -10.49 29.15
C GLU L 82 57.27 -11.05 29.45
N THR L 83 57.79 -11.89 28.55
CA THR L 83 59.15 -12.39 28.70
C THR L 83 60.11 -11.24 28.89
N HIS L 84 59.96 -10.25 28.01
CA HIS L 84 60.82 -9.09 28.06
C HIS L 84 60.71 -8.37 29.39
N ALA L 85 59.50 -8.17 29.87
CA ALA L 85 59.30 -7.53 31.16
C ALA L 85 60.02 -8.29 32.26
N ILE L 86 59.95 -9.63 32.21
CA ILE L 86 60.72 -10.42 33.15
C ILE L 86 62.19 -10.08 33.01
N LEU L 87 62.70 -10.05 31.77
CA LEU L 87 64.11 -9.82 31.57
C LEU L 87 64.54 -8.46 32.11
N GLN L 88 63.64 -7.48 32.09
CA GLN L 88 63.92 -6.23 32.78
C GLN L 88 64.11 -6.49 34.27
N ARG L 89 63.21 -7.26 34.86
CA ARG L 89 63.40 -7.60 36.26
C ARG L 89 64.70 -8.35 36.48
N VAL L 90 65.04 -9.23 35.54
CA VAL L 90 66.26 -9.98 35.66
C VAL L 90 67.44 -9.02 35.75
N ARG L 91 67.52 -8.06 34.83
CA ARG L 91 68.66 -7.16 34.86
C ARG L 91 68.67 -6.33 36.13
N GLU L 92 67.50 -5.98 36.67
CA GLU L 92 67.48 -5.39 38.00
C GLU L 92 68.20 -6.30 38.97
N LEU L 93 67.90 -7.58 38.89
CA LEU L 93 68.51 -8.54 39.78
C LEU L 93 69.95 -8.83 39.40
N VAL L 94 70.37 -8.49 38.19
CA VAL L 94 71.78 -8.60 37.83
C VAL L 94 72.55 -7.48 38.49
N VAL L 95 72.02 -6.27 38.42
CA VAL L 95 72.71 -5.14 39.00
C VAL L 95 72.75 -5.28 40.51
N GLN L 96 71.67 -5.79 41.11
CA GLN L 96 71.77 -6.17 42.51
C GLN L 96 72.75 -7.33 42.67
N ALA L 97 72.77 -8.23 41.69
CA ALA L 97 73.71 -9.35 41.69
C ALA L 97 75.07 -8.97 41.17
N GLY L 98 75.31 -7.67 41.13
CA GLY L 98 76.64 -7.18 41.41
C GLY L 98 77.02 -7.29 42.87
N ASN L 99 76.19 -7.93 43.71
CA ASN L 99 76.51 -8.25 45.10
C ASN L 99 76.47 -6.96 45.93
N THR L 100 75.91 -5.91 45.34
CA THR L 100 76.21 -4.55 45.76
C THR L 100 77.71 -4.45 45.99
N GLY L 101 78.46 -4.88 44.98
CA GLY L 101 79.88 -4.96 45.14
C GLY L 101 80.34 -6.20 45.86
N THR L 102 80.56 -6.06 47.16
CA THR L 102 80.76 -7.18 48.07
C THR L 102 79.78 -7.17 49.23
N GLN L 103 78.91 -6.16 49.30
CA GLN L 103 78.13 -5.93 50.51
C GLN L 103 77.13 -7.04 50.76
N ASP L 104 76.51 -7.54 49.71
CA ASP L 104 75.62 -8.67 49.89
C ASP L 104 76.48 -9.87 50.26
N LYS L 105 75.89 -10.80 51.02
CA LYS L 105 76.58 -12.02 51.39
C LYS L 105 76.13 -13.17 50.49
N ALA L 106 76.72 -14.34 50.71
CA ALA L 106 76.39 -15.50 49.88
C ALA L 106 74.92 -15.85 49.98
N THR L 107 74.34 -15.78 51.18
CA THR L 107 72.92 -16.03 51.34
C THR L 107 72.09 -15.01 50.59
N ASP L 108 72.52 -13.75 50.59
CA ASP L 108 71.78 -12.74 49.86
C ASP L 108 71.78 -13.06 48.38
N LEU L 109 72.94 -13.43 47.83
CA LEU L 109 73.02 -13.86 46.45
C LEU L 109 72.16 -15.08 46.19
N GLN L 110 72.02 -15.95 47.20
CA GLN L 110 71.16 -17.12 47.03
C GLN L 110 69.70 -16.73 47.07
N SER L 111 69.34 -15.76 47.89
CA SER L 111 67.98 -15.25 47.88
C SER L 111 67.63 -14.68 46.52
N ILE L 112 68.54 -13.85 45.99
CA ILE L 112 68.39 -13.32 44.65
C ILE L 112 68.27 -14.45 43.65
N GLN L 113 69.18 -15.42 43.75
CA GLN L 113 69.22 -16.51 42.79
C GLN L 113 67.96 -17.35 42.86
N ASP L 114 67.38 -17.50 44.04
CA ASP L 114 66.09 -18.15 44.16
C ASP L 114 65.06 -17.37 43.37
N GLY L 115 65.06 -16.05 43.53
CA GLY L 115 64.17 -15.23 42.73
C GLY L 115 64.41 -15.38 41.24
N ILE L 116 65.67 -15.46 40.83
CA ILE L 116 65.96 -15.51 39.40
C ILE L 116 65.59 -16.86 38.83
N SER L 117 65.92 -17.93 39.54
CA SER L 117 65.55 -19.25 39.06
C SER L 117 64.05 -19.41 38.99
N ALA L 118 63.36 -18.75 39.92
CA ALA L 118 61.92 -18.62 39.83
C ALA L 118 61.51 -17.92 38.55
N LEU L 119 62.20 -16.83 38.21
CA LEU L 119 61.91 -16.12 36.97
C LEU L 119 62.21 -16.98 35.76
N THR L 120 63.30 -17.73 35.80
CA THR L 120 63.60 -18.69 34.74
C THR L 120 62.43 -19.62 34.55
N ASP L 121 61.95 -20.19 35.65
CA ASP L 121 60.83 -21.11 35.56
C ASP L 121 59.61 -20.44 34.96
N GLU L 122 59.48 -19.13 35.17
CA GLU L 122 58.39 -18.41 34.53
C GLU L 122 58.65 -18.19 33.05
N ILE L 123 59.88 -17.88 32.67
CA ILE L 123 60.20 -17.71 31.26
C ILE L 123 59.98 -19.02 30.53
N ASP L 124 60.52 -20.10 31.08
CA ASP L 124 60.26 -21.43 30.54
C ASP L 124 58.78 -21.71 30.51
N GLY L 125 58.04 -21.23 31.51
CA GLY L 125 56.60 -21.39 31.49
C GLY L 125 55.97 -20.65 30.33
N ILE L 126 56.45 -19.44 30.05
CA ILE L 126 55.98 -18.72 28.87
C ILE L 126 56.24 -19.55 27.63
N SER L 127 57.50 -19.91 27.43
CA SER L 127 57.89 -20.55 26.20
C SER L 127 57.32 -21.96 26.06
N ASN L 128 56.84 -22.54 27.16
CA ASN L 128 56.26 -23.88 27.16
C ASN L 128 54.77 -23.89 27.50
N ARG L 129 54.13 -22.72 27.49
CA ARG L 129 52.68 -22.62 27.64
C ARG L 129 52.09 -21.85 26.47
N THR L 130 52.88 -21.01 25.83
CA THR L 130 52.38 -20.27 24.68
C THR L 130 52.19 -21.24 23.54
N GLU L 131 50.96 -21.75 23.43
CA GLU L 131 50.55 -22.64 22.36
C GLU L 131 49.51 -21.94 21.48
N PHE L 132 49.50 -22.30 20.20
CA PHE L 132 48.37 -22.02 19.33
C PHE L 132 47.92 -23.32 18.70
N ASN L 133 46.73 -23.75 19.05
CA ASN L 133 46.20 -24.99 18.54
C ASN L 133 47.15 -26.13 18.87
N GLY L 134 47.67 -26.09 20.09
CA GLY L 134 48.63 -27.03 20.57
C GLY L 134 50.06 -26.75 20.15
N LYS L 135 50.25 -26.02 19.07
CA LYS L 135 51.57 -25.72 18.58
C LYS L 135 52.25 -24.78 19.53
N LYS L 136 53.26 -25.28 20.23
CA LYS L 136 53.96 -24.46 21.20
C LYS L 136 54.70 -23.38 20.43
N LEU L 137 54.05 -22.21 20.36
CA LEU L 137 54.52 -21.14 19.48
C LEU L 137 55.85 -20.57 19.91
N LEU L 138 56.20 -20.73 21.18
CA LEU L 138 57.51 -20.34 21.68
C LEU L 138 58.35 -21.55 22.01
N ASP L 139 58.12 -22.64 21.30
CA ASP L 139 59.07 -23.74 21.30
C ASP L 139 60.32 -23.23 20.62
N GLY L 140 61.38 -22.99 21.40
CA GLY L 140 62.60 -22.49 20.82
C GLY L 140 63.23 -23.41 19.80
N THR L 141 62.83 -24.69 19.80
CA THR L 141 63.27 -25.66 18.81
C THR L 141 62.25 -25.85 17.69
N TYR L 142 61.24 -24.98 17.60
CA TYR L 142 60.27 -25.12 16.52
C TYR L 142 60.94 -24.98 15.16
N LYS L 143 61.49 -23.79 14.88
CA LYS L 143 62.13 -23.51 13.59
C LYS L 143 63.54 -22.98 13.83
N VAL L 144 64.37 -23.77 14.50
CA VAL L 144 65.79 -23.53 14.42
C VAL L 144 66.23 -23.93 13.01
N ASP L 145 66.60 -22.93 12.20
CA ASP L 145 67.01 -23.15 10.82
C ASP L 145 68.07 -24.24 10.72
N THR L 146 69.09 -24.15 11.58
CA THR L 146 70.10 -25.19 11.79
C THR L 146 71.12 -25.30 10.66
N ALA L 147 70.85 -24.65 9.53
CA ALA L 147 71.42 -25.06 8.23
C ALA L 147 71.00 -26.48 7.88
N THR L 148 69.81 -26.90 8.33
CA THR L 148 69.26 -28.22 8.01
C THR L 148 67.81 -28.03 7.62
N PRO L 149 67.50 -28.00 6.31
CA PRO L 149 66.10 -27.92 5.89
C PRO L 149 65.21 -29.00 6.47
N ALA L 150 65.76 -30.19 6.66
CA ALA L 150 64.97 -31.31 7.14
C ALA L 150 64.37 -31.03 8.51
N ASN L 151 65.03 -30.21 9.32
CA ASN L 151 64.60 -29.92 10.68
C ASN L 151 64.32 -28.42 10.80
N GLN L 152 63.13 -28.00 10.33
CA GLN L 152 62.74 -26.60 10.47
C GLN L 152 61.28 -26.36 10.85
N LYS L 153 60.33 -27.21 10.47
CA LYS L 153 58.91 -26.93 10.73
C LYS L 153 58.53 -25.52 10.27
N ASN L 154 58.94 -25.14 9.06
CA ASN L 154 58.78 -23.78 8.56
C ASN L 154 57.37 -23.25 8.79
N LEU L 155 57.27 -22.13 9.52
CA LEU L 155 55.97 -21.58 9.88
C LEU L 155 55.37 -20.92 8.63
N VAL L 156 54.91 -21.78 7.73
CA VAL L 156 54.33 -21.33 6.47
C VAL L 156 52.96 -20.75 6.75
N PHE L 157 52.58 -19.69 6.03
CA PHE L 157 51.21 -19.18 5.96
C PHE L 157 50.81 -19.05 4.49
N GLN L 158 50.03 -20.01 3.99
CA GLN L 158 49.38 -19.91 2.67
C GLN L 158 48.24 -18.91 2.80
N ILE L 159 48.38 -17.79 2.11
CA ILE L 159 47.35 -16.77 2.09
C ILE L 159 46.75 -16.61 0.71
N GLY L 160 47.57 -16.45 -0.32
CA GLY L 160 47.05 -16.10 -1.63
C GLY L 160 46.19 -17.19 -2.19
N ALA L 161 45.10 -16.78 -2.84
CA ALA L 161 44.21 -17.73 -3.49
C ALA L 161 44.92 -18.51 -4.58
N ASN L 162 46.02 -17.97 -5.11
CA ASN L 162 46.84 -18.63 -6.10
C ASN L 162 47.91 -19.47 -5.43
N ALA L 163 48.37 -20.49 -6.15
CA ALA L 163 49.33 -21.43 -5.60
C ALA L 163 50.68 -20.77 -5.30
N THR L 164 51.36 -21.32 -4.30
CA THR L 164 52.69 -20.92 -3.82
C THR L 164 52.68 -19.60 -3.08
N GLN L 165 51.55 -18.91 -2.98
CA GLN L 165 51.50 -17.61 -2.34
C GLN L 165 51.57 -17.76 -0.84
N GLN L 166 52.76 -18.08 -0.33
CA GLN L 166 52.95 -18.45 1.06
C GLN L 166 53.93 -17.52 1.73
N ILE L 167 53.78 -17.42 3.05
CA ILE L 167 54.66 -16.64 3.90
C ILE L 167 55.46 -17.56 4.79
N SER L 168 56.77 -17.33 4.86
CA SER L 168 57.69 -18.14 5.64
C SER L 168 58.10 -17.37 6.90
N VAL L 169 57.80 -17.93 8.07
CA VAL L 169 58.05 -17.28 9.35
C VAL L 169 58.93 -18.19 10.20
N ASN L 170 59.66 -17.58 11.14
CA ASN L 170 60.59 -18.29 12.00
C ASN L 170 60.33 -18.06 13.47
N ILE L 171 60.22 -19.17 14.20
CA ILE L 171 60.17 -19.21 15.67
C ILE L 171 61.52 -19.78 16.12
N GLU L 172 62.21 -19.11 17.06
CA GLU L 172 63.34 -19.75 17.71
C GLU L 172 63.55 -19.42 19.19
N ASP L 173 62.67 -18.65 19.81
CA ASP L 173 62.95 -18.18 21.16
C ASP L 173 62.40 -19.15 22.20
N MET L 174 63.02 -19.11 23.39
CA MET L 174 62.62 -19.89 24.55
C MET L 174 63.49 -19.43 25.72
N GLY L 175 63.19 -19.96 26.89
CA GLY L 175 63.94 -19.60 28.08
C GLY L 175 65.41 -19.95 27.99
N ALA L 176 65.74 -21.07 27.36
CA ALA L 176 67.14 -21.45 27.19
C ALA L 176 67.82 -20.70 26.05
N ASP L 177 67.11 -19.81 25.36
CA ASP L 177 67.64 -19.08 24.21
C ASP L 177 68.00 -17.66 24.64
N ALA L 178 69.26 -17.43 25.02
CA ALA L 178 69.65 -16.12 25.57
C ALA L 178 70.74 -15.38 24.81
N LEU L 179 71.99 -15.83 24.91
CA LEU L 179 73.06 -15.31 24.04
C LEU L 179 73.31 -16.38 23.00
N GLY L 180 72.65 -16.20 21.87
CA GLY L 180 72.83 -17.13 20.77
C GLY L 180 74.13 -16.83 20.08
N ILE L 181 75.24 -17.20 20.70
CA ILE L 181 76.55 -17.04 20.06
C ILE L 181 76.51 -17.69 18.68
N LYS L 182 76.12 -18.95 18.65
CA LYS L 182 75.75 -19.71 17.47
C LYS L 182 74.58 -20.62 17.83
N GLU L 183 74.73 -21.23 19.00
CA GLU L 183 73.78 -22.04 19.71
C GLU L 183 74.03 -21.76 21.19
N ALA L 184 73.50 -22.58 22.07
CA ALA L 184 73.84 -22.46 23.47
C ALA L 184 75.31 -22.82 23.68
N ASP L 185 76.07 -21.92 24.28
CA ASP L 185 77.48 -22.20 24.50
C ASP L 185 77.64 -23.26 25.58
N GLY L 186 77.15 -22.95 26.77
CA GLY L 186 77.28 -23.84 27.91
C GLY L 186 76.76 -23.19 29.16
N SER L 187 77.57 -23.23 30.23
CA SER L 187 77.21 -22.51 31.44
C SER L 187 77.00 -21.04 31.16
N ILE L 188 77.72 -20.50 30.20
CA ILE L 188 77.53 -19.15 29.73
C ILE L 188 76.66 -19.18 28.50
N ALA L 189 76.17 -18.00 28.12
CA ALA L 189 75.50 -17.69 26.87
C ALA L 189 74.09 -18.24 26.71
N ALA L 190 73.74 -19.31 27.43
CA ALA L 190 72.37 -19.77 27.54
C ALA L 190 71.98 -20.07 28.98
N LEU L 191 72.82 -20.84 29.66
CA LEU L 191 72.44 -21.37 30.97
C LEU L 191 72.55 -20.34 32.08
N HIS L 192 73.14 -19.18 31.83
CA HIS L 192 72.90 -18.13 32.80
C HIS L 192 71.44 -17.72 32.79
N SER L 193 70.80 -17.81 31.63
CA SER L 193 69.36 -17.58 31.60
C SER L 193 68.63 -18.72 32.28
N VAL L 194 69.14 -19.93 32.17
CA VAL L 194 68.50 -21.08 32.77
C VAL L 194 68.98 -21.25 34.21
N ASN L 195 70.28 -21.47 34.38
CA ASN L 195 70.79 -21.86 35.69
C ASN L 195 71.18 -20.67 36.56
N ASP L 196 71.40 -19.49 35.98
CA ASP L 196 71.71 -18.30 36.78
C ASP L 196 73.01 -18.44 37.57
N LEU L 197 74.14 -18.32 36.87
CA LEU L 197 75.47 -18.50 37.45
C LEU L 197 75.75 -17.69 38.72
N ASP L 198 74.99 -16.65 39.04
CA ASP L 198 75.25 -15.81 40.21
C ASP L 198 74.71 -16.51 41.46
N VAL L 199 75.54 -17.40 42.02
CA VAL L 199 75.17 -18.15 43.22
C VAL L 199 76.07 -17.77 44.38
N THR L 200 77.29 -18.28 44.33
CA THR L 200 78.41 -17.84 45.14
C THR L 200 79.67 -17.71 44.32
N LYS L 201 79.72 -18.37 43.16
CA LYS L 201 80.78 -18.16 42.19
C LYS L 201 80.95 -16.68 41.89
N PHE L 202 79.86 -15.92 41.91
CA PHE L 202 79.98 -14.48 41.72
C PHE L 202 80.79 -13.84 42.82
N ALA L 203 80.50 -14.19 44.08
CA ALA L 203 81.23 -13.60 45.17
C ALA L 203 82.71 -13.93 45.09
N ASP L 204 83.04 -15.09 44.54
CA ASP L 204 84.43 -15.45 44.34
C ASP L 204 85.10 -14.52 43.34
N ASN L 205 84.47 -14.32 42.17
CA ASN L 205 85.02 -13.48 41.11
C ASN L 205 83.91 -12.55 40.64
N ALA L 206 83.76 -11.42 41.33
CA ALA L 206 82.75 -10.47 40.92
C ALA L 206 83.05 -9.84 39.57
N ALA L 207 84.33 -9.71 39.20
CA ALA L 207 84.74 -9.21 37.90
C ALA L 207 85.87 -10.01 37.25
N ASP L 208 86.69 -10.64 38.08
CA ASP L 208 88.02 -11.12 37.75
C ASP L 208 88.18 -12.03 36.53
N CYS L 209 87.13 -12.71 36.05
CA CYS L 209 87.31 -13.73 35.03
C CYS L 209 86.30 -13.68 33.90
N ALA L 210 85.37 -12.73 33.90
CA ALA L 210 84.33 -12.53 32.89
C ALA L 210 83.27 -13.62 32.85
N ASP L 211 83.67 -14.88 33.04
CA ASP L 211 82.78 -16.04 33.03
C ASP L 211 81.74 -15.93 34.13
N ILE L 212 82.18 -15.55 35.32
CA ILE L 212 81.28 -15.04 36.35
C ILE L 212 81.57 -13.59 36.70
N GLY L 213 82.58 -12.96 36.10
CA GLY L 213 82.90 -11.61 36.55
C GLY L 213 81.90 -10.53 36.16
N PHE L 214 80.60 -10.75 36.36
CA PHE L 214 79.48 -9.83 36.11
C PHE L 214 79.26 -9.45 34.65
N ASP L 215 80.34 -9.40 33.91
CA ASP L 215 80.39 -9.08 32.50
C ASP L 215 79.60 -10.08 31.68
N ALA L 216 80.02 -11.34 31.71
CA ALA L 216 79.37 -12.34 30.86
C ALA L 216 77.90 -12.44 31.19
N GLN L 217 77.55 -12.41 32.47
CA GLN L 217 76.15 -12.57 32.87
C GLN L 217 75.32 -11.44 32.30
N LEU L 218 75.78 -10.21 32.50
CA LEU L 218 75.04 -9.09 31.97
C LEU L 218 74.95 -9.16 30.45
N LYS L 219 75.99 -9.70 29.82
CA LYS L 219 75.94 -9.87 28.37
C LYS L 219 74.92 -10.93 27.97
N VAL L 220 74.78 -11.99 28.76
CA VAL L 220 73.76 -12.98 28.47
C VAL L 220 72.39 -12.32 28.52
N VAL L 221 72.16 -11.54 29.55
CA VAL L 221 70.86 -10.89 29.69
C VAL L 221 70.64 -9.92 28.55
N ASP L 222 71.66 -9.12 28.25
CA ASP L 222 71.53 -8.12 27.20
C ASP L 222 71.24 -8.77 25.86
N GLU L 223 71.94 -9.85 25.55
CA GLU L 223 71.71 -10.50 24.27
C GLU L 223 70.39 -11.23 24.27
N ALA L 224 70.03 -11.86 25.39
CA ALA L 224 68.70 -12.49 25.50
C ALA L 224 67.63 -11.48 25.15
N ILE L 225 67.74 -10.29 25.73
CA ILE L 225 66.80 -9.22 25.41
C ILE L 225 66.89 -8.88 23.93
N ASN L 226 68.10 -8.78 23.39
CA ASN L 226 68.26 -8.41 22.01
C ASN L 226 67.64 -9.44 21.08
N GLN L 227 67.69 -10.71 21.48
CA GLN L 227 67.08 -11.77 20.72
C GLN L 227 65.57 -11.71 20.81
N VAL L 228 65.05 -11.32 21.97
CA VAL L 228 63.62 -11.07 22.08
C VAL L 228 63.24 -9.89 21.17
N SER L 229 64.06 -8.85 21.20
CA SER L 229 63.81 -7.67 20.40
C SER L 229 63.73 -8.01 18.92
N SER L 230 64.69 -8.80 18.45
CA SER L 230 64.72 -9.16 17.05
C SER L 230 63.65 -10.18 16.71
N GLN L 231 63.34 -11.06 17.64
CA GLN L 231 62.25 -12.00 17.41
C GLN L 231 60.93 -11.26 17.27
N ARG L 232 60.69 -10.31 18.16
CA ARG L 232 59.52 -9.47 18.07
C ARG L 232 59.59 -8.57 16.84
N ALA L 233 60.79 -8.25 16.40
CA ALA L 233 60.95 -7.44 15.20
C ALA L 233 60.48 -8.19 13.96
N LYS L 234 60.93 -9.43 13.83
CA LYS L 234 60.44 -10.29 12.76
C LYS L 234 58.94 -10.46 12.88
N LEU L 235 58.50 -10.76 14.09
CA LEU L 235 57.11 -11.03 14.37
C LEU L 235 56.23 -9.87 13.94
N GLY L 236 56.63 -8.65 14.31
CA GLY L 236 55.87 -7.48 13.95
C GLY L 236 56.01 -7.11 12.49
N ALA L 237 57.15 -7.45 11.90
CA ALA L 237 57.29 -7.29 10.46
C ALA L 237 56.20 -8.07 9.76
N VAL L 238 56.03 -9.33 10.15
CA VAL L 238 54.99 -10.15 9.54
C VAL L 238 53.62 -9.60 9.90
N GLN L 239 53.47 -9.04 11.10
CA GLN L 239 52.21 -8.41 11.45
C GLN L 239 51.86 -7.33 10.44
N ASN L 240 52.82 -6.46 10.15
CA ASN L 240 52.57 -5.41 9.18
C ASN L 240 52.27 -5.99 7.82
N ARG L 241 52.98 -7.05 7.46
CA ARG L 241 52.71 -7.72 6.18
C ARG L 241 51.27 -8.15 6.09
N LEU L 242 50.76 -8.77 7.14
CA LEU L 242 49.40 -9.27 7.08
C LEU L 242 48.41 -8.14 7.14
N GLU L 243 48.77 -7.03 7.78
CA GLU L 243 47.94 -5.85 7.70
C GLU L 243 47.75 -5.42 6.25
N HIS L 244 48.86 -5.21 5.55
CA HIS L 244 48.77 -4.73 4.18
C HIS L 244 48.22 -5.80 3.26
N THR L 245 48.49 -7.05 3.57
CA THR L 245 47.89 -8.16 2.85
C THR L 245 46.39 -8.05 2.92
N ILE L 246 45.84 -7.96 4.14
CA ILE L 246 44.39 -7.91 4.31
C ILE L 246 43.82 -6.71 3.60
N ASN L 247 44.51 -5.58 3.66
CA ASN L 247 44.00 -4.41 2.96
C ASN L 247 43.93 -4.70 1.47
N ASN L 248 44.93 -5.39 0.92
CA ASN L 248 44.87 -5.80 -0.47
C ASN L 248 43.76 -6.81 -0.70
N LEU L 249 43.62 -7.79 0.18
CA LEU L 249 42.61 -8.81 0.02
C LEU L 249 41.21 -8.21 0.03
N SER L 250 41.04 -7.17 0.85
CA SER L 250 39.77 -6.50 0.95
C SER L 250 39.46 -5.71 -0.32
N ALA L 251 40.41 -4.87 -0.73
CA ALA L 251 40.19 -4.04 -1.91
C ALA L 251 40.07 -4.90 -3.16
N SER L 252 41.02 -5.81 -3.32
CA SER L 252 41.03 -6.70 -4.47
C SER L 252 39.81 -7.59 -4.49
N GLY L 253 39.42 -8.09 -3.31
CA GLY L 253 38.23 -8.90 -3.23
C GLY L 253 37.00 -8.12 -3.66
N GLU L 254 36.89 -6.88 -3.19
CA GLU L 254 35.80 -6.02 -3.62
C GLU L 254 35.78 -5.86 -5.13
N ASN L 255 36.90 -5.42 -5.70
CA ASN L 255 36.98 -5.20 -7.13
C ASN L 255 36.65 -6.47 -7.89
N LEU L 256 36.98 -7.62 -7.29
CA LEU L 256 36.76 -8.89 -7.95
C LEU L 256 35.28 -9.28 -7.93
N THR L 257 34.62 -9.10 -6.79
CA THR L 257 33.19 -9.36 -6.74
C THR L 257 32.44 -8.39 -7.64
N ALA L 258 32.97 -7.19 -7.79
CA ALA L 258 32.40 -6.26 -8.75
C ALA L 258 32.61 -6.77 -10.17
N ALA L 259 33.78 -7.32 -10.46
CA ALA L 259 34.04 -7.88 -11.78
C ALA L 259 33.05 -8.99 -12.10
N GLU L 260 32.90 -9.92 -11.16
CA GLU L 260 31.89 -10.96 -11.31
C GLU L 260 30.53 -10.33 -11.54
N SER L 261 30.19 -9.35 -10.71
CA SER L 261 28.89 -8.70 -10.80
C SER L 261 28.67 -8.12 -12.19
N ARG L 262 29.74 -7.63 -12.81
CA ARG L 262 29.62 -7.18 -14.19
C ARG L 262 29.31 -8.33 -15.11
N ILE L 263 29.93 -9.49 -14.87
CA ILE L 263 29.58 -10.65 -15.70
C ILE L 263 28.12 -11.02 -15.48
N ARG L 264 27.71 -11.13 -14.22
CA ARG L 264 26.33 -11.47 -13.87
C ARG L 264 25.44 -10.25 -13.73
N ASP L 265 25.88 -9.09 -14.21
CA ASP L 265 25.08 -7.86 -14.11
C ASP L 265 23.71 -8.07 -14.71
N VAL L 266 22.69 -8.10 -13.88
CA VAL L 266 21.31 -8.03 -14.34
C VAL L 266 20.90 -6.57 -14.31
N ASP L 267 20.57 -6.03 -15.48
CA ASP L 267 19.84 -4.77 -15.54
C ASP L 267 18.41 -5.13 -15.23
N MET L 268 18.12 -5.18 -13.91
CA MET L 268 16.83 -5.66 -13.45
C MET L 268 15.70 -4.84 -14.03
N ALA L 269 15.93 -3.54 -14.23
CA ALA L 269 14.91 -2.73 -14.87
C ALA L 269 14.69 -3.15 -16.32
N LYS L 270 15.79 -3.35 -17.05
CA LYS L 270 15.69 -3.86 -18.42
C LYS L 270 14.93 -5.16 -18.44
N GLU L 271 15.28 -6.07 -17.56
CA GLU L 271 14.76 -7.42 -17.64
C GLU L 271 13.30 -7.49 -17.22
N MET L 272 12.89 -6.65 -16.27
CA MET L 272 11.47 -6.51 -15.98
C MET L 272 10.74 -5.92 -17.18
N SER L 273 11.34 -4.92 -17.81
CA SER L 273 10.72 -4.29 -18.97
C SER L 273 10.57 -5.28 -20.11
N GLU L 274 11.63 -5.99 -20.44
CA GLU L 274 11.60 -6.97 -21.50
C GLU L 274 10.64 -8.08 -21.16
N PHE L 275 10.61 -8.47 -19.88
CA PHE L 275 9.63 -9.44 -19.43
C PHE L 275 8.22 -8.99 -19.76
N THR L 276 7.90 -7.78 -19.34
CA THR L 276 6.61 -7.16 -19.62
C THR L 276 6.29 -7.26 -21.10
N LYS L 277 7.23 -6.80 -21.93
CA LYS L 277 7.03 -6.80 -23.36
C LYS L 277 6.71 -8.20 -23.85
N ASN L 278 7.48 -9.18 -23.42
CA ASN L 278 7.27 -10.53 -23.94
C ASN L 278 5.93 -11.10 -23.50
N ASN L 279 5.45 -10.71 -22.32
CA ASN L 279 4.08 -11.07 -21.94
C ASN L 279 3.09 -10.51 -22.93
N ILE L 280 3.20 -9.19 -23.15
CA ILE L 280 2.32 -8.50 -24.08
C ILE L 280 2.32 -9.21 -25.42
N LEU L 281 3.52 -9.50 -25.92
CA LEU L 281 3.66 -10.06 -27.24
C LEU L 281 3.06 -11.46 -27.32
N SER L 282 3.27 -12.27 -26.28
CA SER L 282 2.66 -13.58 -26.24
C SER L 282 1.14 -13.45 -26.32
N GLN L 283 0.58 -12.60 -25.46
CA GLN L 283 -0.87 -12.46 -25.39
C GLN L 283 -1.45 -11.98 -26.71
N ALA L 284 -0.80 -11.00 -27.31
CA ALA L 284 -1.24 -10.47 -28.59
C ALA L 284 -1.24 -11.57 -29.64
N SER L 285 -0.15 -12.31 -29.71
CA SER L 285 -0.03 -13.37 -30.71
C SER L 285 -1.11 -14.41 -30.51
N GLN L 286 -1.44 -14.74 -29.25
CA GLN L 286 -2.50 -15.71 -29.03
C GLN L 286 -3.86 -15.18 -29.47
N ALA L 287 -4.12 -13.89 -29.21
CA ALA L 287 -5.34 -13.29 -29.71
C ALA L 287 -5.42 -13.44 -31.21
N MET L 288 -4.30 -13.23 -31.88
CA MET L 288 -4.30 -13.40 -33.33
C MET L 288 -4.49 -14.85 -33.71
N LEU L 289 -4.02 -15.79 -32.91
CA LEU L 289 -4.27 -17.20 -33.23
C LEU L 289 -5.75 -17.52 -33.11
N ALA L 290 -6.41 -16.94 -32.12
CA ALA L 290 -7.86 -17.05 -32.04
C ALA L 290 -8.48 -16.54 -33.31
N GLN L 291 -8.08 -15.34 -33.75
CA GLN L 291 -8.62 -14.77 -34.97
C GLN L 291 -8.37 -15.66 -36.18
N ALA L 292 -7.20 -16.29 -36.23
CA ALA L 292 -6.89 -17.24 -37.28
C ALA L 292 -7.86 -18.40 -37.26
N ASN L 293 -8.34 -18.76 -36.07
CA ASN L 293 -9.36 -19.78 -35.98
C ASN L 293 -10.76 -19.23 -36.23
N GLN L 294 -10.95 -17.91 -36.14
CA GLN L 294 -12.27 -17.33 -36.35
C GLN L 294 -12.57 -17.17 -37.83
N GLN L 295 -11.61 -16.64 -38.59
CA GLN L 295 -11.81 -16.41 -40.02
C GLN L 295 -12.35 -17.61 -40.76
N PRO L 296 -11.76 -18.81 -40.69
CA PRO L 296 -12.32 -19.92 -41.45
C PRO L 296 -13.71 -20.35 -41.00
N GLN L 297 -14.16 -19.95 -39.81
CA GLN L 297 -15.53 -20.23 -39.42
C GLN L 297 -16.49 -19.31 -40.15
N ASN L 298 -16.12 -18.03 -40.21
CA ASN L 298 -16.84 -17.09 -41.06
C ASN L 298 -16.92 -17.63 -42.47
N VAL L 299 -15.80 -18.16 -42.97
CA VAL L 299 -15.79 -18.78 -44.29
C VAL L 299 -16.79 -19.92 -44.35
N LEU L 300 -16.80 -20.76 -43.32
CA LEU L 300 -17.69 -21.92 -43.32
C LEU L 300 -19.13 -21.49 -43.52
N GLN L 301 -19.58 -20.53 -42.71
CA GLN L 301 -20.95 -20.06 -42.86
C GLN L 301 -21.17 -19.45 -44.24
N LEU L 302 -20.27 -18.55 -44.62
CA LEU L 302 -20.47 -17.77 -45.83
C LEU L 302 -20.48 -18.64 -47.08
N LEU L 303 -19.76 -19.75 -47.06
CA LEU L 303 -19.72 -20.70 -48.16
C LEU L 303 -20.50 -21.97 -47.85
N ARG L 304 -21.52 -21.86 -47.03
CA ARG L 304 -22.41 -22.98 -46.78
C ARG L 304 -23.57 -22.92 -47.75
N ILE M 3 -54.31 -59.51 -72.04
CA ILE M 3 -54.17 -60.07 -70.65
C ILE M 3 -54.25 -58.99 -69.59
N ASN M 4 -55.08 -57.97 -69.83
CA ASN M 4 -55.11 -56.77 -69.00
C ASN M 4 -55.31 -57.11 -67.53
N HIS M 5 -56.21 -58.04 -67.24
CA HIS M 5 -56.53 -58.40 -65.87
C HIS M 5 -55.41 -59.14 -65.15
N ASN M 6 -54.34 -59.51 -65.84
CA ASN M 6 -53.23 -60.24 -65.24
C ASN M 6 -52.01 -59.38 -64.98
N ILE M 7 -51.98 -58.13 -65.45
CA ILE M 7 -50.81 -57.27 -65.37
C ILE M 7 -51.02 -56.29 -64.24
N ALA M 8 -50.10 -56.29 -63.29
CA ALA M 8 -50.08 -55.28 -62.24
C ALA M 8 -48.65 -54.88 -61.91
N ALA M 9 -47.67 -55.30 -62.71
CA ALA M 9 -46.27 -55.09 -62.38
C ALA M 9 -45.97 -55.61 -60.99
N LEU M 10 -46.37 -56.85 -60.75
CA LEU M 10 -46.32 -57.39 -59.40
C LEU M 10 -44.92 -57.41 -58.84
N ASN M 11 -43.90 -57.46 -59.70
CA ASN M 11 -42.54 -57.31 -59.20
C ASN M 11 -42.35 -55.91 -58.64
N THR M 12 -42.95 -54.92 -59.29
CA THR M 12 -42.92 -53.57 -58.71
C THR M 12 -43.61 -53.57 -57.36
N LEU M 13 -44.72 -54.31 -57.23
CA LEU M 13 -45.44 -54.35 -55.98
C LEU M 13 -44.59 -54.99 -54.89
N ASN M 14 -43.87 -56.03 -55.25
CA ASN M 14 -42.97 -56.67 -54.32
C ASN M 14 -41.87 -55.72 -53.89
N ARG M 15 -41.32 -54.96 -54.85
CA ARG M 15 -40.35 -53.92 -54.49
C ARG M 15 -40.99 -52.91 -53.58
N LEU M 16 -42.29 -52.67 -53.76
CA LEU M 16 -42.93 -51.67 -52.94
C LEU M 16 -42.96 -52.11 -51.50
N SER M 17 -43.44 -53.33 -51.26
CA SER M 17 -43.45 -53.87 -49.91
C SER M 17 -42.05 -53.82 -49.30
N SER M 18 -41.07 -54.24 -50.09
CA SER M 18 -39.69 -54.23 -49.62
C SER M 18 -39.25 -52.82 -49.22
N ASN M 19 -39.53 -51.85 -50.08
CA ASN M 19 -39.06 -50.49 -49.84
C ASN M 19 -39.75 -49.88 -48.62
N ASN M 20 -41.03 -50.17 -48.46
CA ASN M 20 -41.74 -49.63 -47.30
C ASN M 20 -41.17 -50.19 -46.02
N SER M 21 -40.92 -51.49 -45.99
CA SER M 21 -40.30 -52.04 -44.81
C SER M 21 -38.90 -51.48 -44.61
N ALA M 22 -38.18 -51.25 -45.70
CA ALA M 22 -36.82 -50.74 -45.62
C ALA M 22 -36.79 -49.37 -44.95
N SER M 23 -37.55 -48.43 -45.50
CA SER M 23 -37.60 -47.10 -44.92
C SER M 23 -38.10 -47.15 -43.48
N GLN M 24 -39.06 -48.05 -43.21
CA GLN M 24 -39.53 -48.24 -41.84
C GLN M 24 -38.38 -48.59 -40.91
N LYS M 25 -37.57 -49.56 -41.31
CA LYS M 25 -36.45 -50.00 -40.48
C LYS M 25 -35.49 -48.85 -40.25
N ASN M 26 -35.21 -48.09 -41.32
CA ASN M 26 -34.36 -46.92 -41.19
C ASN M 26 -34.88 -46.00 -40.10
N MET M 27 -36.17 -45.66 -40.14
CA MET M 27 -36.75 -44.79 -39.12
C MET M 27 -36.55 -45.36 -37.74
N GLU M 28 -36.95 -46.60 -37.57
CA GLU M 28 -36.94 -47.25 -36.27
C GLU M 28 -35.56 -47.16 -35.65
N LYS M 29 -34.53 -47.37 -36.46
CA LYS M 29 -33.18 -47.23 -35.95
C LYS M 29 -32.86 -45.76 -35.68
N LEU M 30 -33.27 -44.88 -36.59
CA LEU M 30 -33.03 -43.45 -36.43
C LEU M 30 -33.73 -42.92 -35.19
N SER M 31 -35.01 -43.23 -35.06
CA SER M 31 -35.80 -42.75 -33.94
C SER M 31 -35.25 -43.26 -32.62
N SER M 32 -34.96 -44.54 -32.56
CA SER M 32 -34.45 -45.13 -31.34
C SER M 32 -32.98 -44.86 -31.13
N GLY M 33 -32.27 -44.48 -32.19
CA GLY M 33 -30.84 -44.32 -32.07
C GLY M 33 -30.13 -45.64 -31.90
N LEU M 34 -30.71 -46.70 -32.45
CA LEU M 34 -30.25 -48.07 -32.26
C LEU M 34 -29.94 -48.67 -33.61
N ARG M 35 -28.67 -48.98 -33.85
CA ARG M 35 -28.36 -49.84 -34.98
C ARG M 35 -28.74 -51.27 -34.65
N ILE M 36 -28.69 -51.62 -33.37
CA ILE M 36 -29.12 -52.94 -32.96
C ILE M 36 -30.58 -53.15 -33.34
N ASN M 37 -30.93 -54.41 -33.50
CA ASN M 37 -32.31 -54.78 -33.77
C ASN M 37 -33.04 -55.04 -32.48
N ARG M 38 -34.35 -54.83 -32.50
CA ARG M 38 -35.18 -55.42 -31.47
C ARG M 38 -35.22 -56.93 -31.63
N ALA M 39 -35.30 -57.38 -32.87
CA ALA M 39 -35.31 -58.79 -33.20
C ALA M 39 -33.93 -59.39 -32.97
N GLY M 40 -33.91 -60.72 -32.82
CA GLY M 40 -32.69 -61.46 -32.58
C GLY M 40 -31.71 -61.49 -33.73
N ASP M 41 -32.00 -60.82 -34.83
CA ASP M 41 -31.05 -60.70 -35.92
C ASP M 41 -29.76 -60.09 -35.41
N ASP M 42 -28.68 -60.88 -35.48
CA ASP M 42 -27.43 -60.59 -34.77
C ASP M 42 -27.62 -60.65 -33.26
N ALA M 43 -28.25 -61.73 -32.80
CA ALA M 43 -28.37 -61.95 -31.36
C ALA M 43 -27.01 -62.10 -30.69
N ALA M 44 -25.96 -62.43 -31.46
CA ALA M 44 -24.62 -62.38 -30.91
C ALA M 44 -24.30 -60.98 -30.40
N GLY M 45 -24.27 -60.00 -31.32
CA GLY M 45 -23.97 -58.64 -30.93
C GLY M 45 -24.94 -58.11 -29.90
N LEU M 46 -26.20 -58.49 -30.00
CA LEU M 46 -27.18 -58.06 -29.02
C LEU M 46 -26.80 -58.57 -27.65
N ALA M 47 -26.72 -59.90 -27.50
CA ALA M 47 -26.39 -60.51 -26.21
C ALA M 47 -25.10 -59.96 -25.64
N ILE M 48 -24.16 -59.63 -26.52
CA ILE M 48 -22.96 -58.96 -26.05
C ILE M 48 -23.34 -57.64 -25.40
N SER M 49 -24.01 -56.76 -26.15
CA SER M 49 -24.32 -55.43 -25.62
C SER M 49 -25.18 -55.52 -24.37
N GLU M 50 -26.01 -56.55 -24.30
CA GLU M 50 -26.74 -56.83 -23.08
C GLU M 50 -25.79 -57.06 -21.93
N LYS M 51 -24.81 -57.93 -22.14
CA LYS M 51 -23.82 -58.20 -21.11
C LYS M 51 -23.00 -56.96 -20.80
N MET M 52 -22.69 -56.18 -21.84
CA MET M 52 -21.98 -54.92 -21.67
C MET M 52 -22.74 -54.05 -20.70
N ARG M 53 -24.00 -53.76 -21.02
CA ARG M 53 -24.82 -52.87 -20.19
C ARG M 53 -24.95 -53.40 -18.79
N GLY M 54 -25.06 -54.72 -18.64
CA GLY M 54 -25.05 -55.30 -17.32
C GLY M 54 -23.80 -54.89 -16.57
N GLN M 55 -22.65 -54.98 -17.23
CA GLN M 55 -21.41 -54.58 -16.58
C GLN M 55 -21.33 -53.07 -16.42
N ILE M 56 -21.75 -52.29 -17.42
CA ILE M 56 -21.74 -50.82 -17.33
C ILE M 56 -22.48 -50.38 -16.09
N ARG M 57 -23.75 -50.76 -16.02
CA ARG M 57 -24.59 -50.40 -14.90
C ARG M 57 -23.98 -50.89 -13.61
N GLY M 58 -23.38 -52.08 -13.64
CA GLY M 58 -22.68 -52.56 -12.46
C GLY M 58 -21.47 -51.72 -12.11
N LEU M 59 -20.87 -51.06 -13.10
CA LEU M 59 -19.73 -50.19 -12.84
C LEU M 59 -20.20 -48.85 -12.30
N GLU M 60 -21.36 -48.40 -12.73
CA GLU M 60 -21.95 -47.19 -12.17
C GLU M 60 -22.24 -47.40 -10.70
N MET M 61 -22.91 -48.51 -10.37
CA MET M 61 -23.16 -48.84 -8.98
C MET M 61 -21.87 -49.21 -8.26
N ALA M 62 -20.85 -49.64 -9.00
CA ALA M 62 -19.55 -49.90 -8.39
C ALA M 62 -18.91 -48.60 -7.94
N SER M 63 -18.93 -47.60 -8.82
CA SER M 63 -18.42 -46.29 -8.46
C SER M 63 -19.17 -45.75 -7.28
N LYS M 64 -20.50 -45.88 -7.31
CA LYS M 64 -21.31 -45.50 -6.17
C LYS M 64 -20.83 -46.18 -4.89
N ASN M 65 -20.70 -47.51 -4.92
CA ASN M 65 -20.33 -48.25 -3.73
C ASN M 65 -18.95 -47.85 -3.24
N SER M 66 -18.03 -47.58 -4.17
CA SER M 66 -16.68 -47.24 -3.77
C SER M 66 -16.61 -45.86 -3.17
N GLN M 67 -17.36 -44.92 -3.74
CA GLN M 67 -17.45 -43.59 -3.15
C GLN M 67 -18.05 -43.67 -1.76
N ASP M 68 -19.03 -44.54 -1.59
CA ASP M 68 -19.60 -44.77 -0.28
C ASP M 68 -18.56 -45.34 0.67
N GLY M 69 -17.75 -46.28 0.15
CA GLY M 69 -16.58 -46.74 0.88
C GLY M 69 -15.74 -45.57 1.37
N ILE M 70 -15.45 -44.64 0.47
CA ILE M 70 -14.63 -43.49 0.81
C ILE M 70 -15.29 -42.68 1.91
N SER M 71 -16.61 -42.51 1.83
CA SER M 71 -17.30 -41.74 2.83
C SER M 71 -17.13 -42.36 4.21
N LEU M 72 -17.29 -43.68 4.28
CA LEU M 72 -17.01 -44.40 5.51
C LEU M 72 -15.59 -44.15 5.98
N ILE M 73 -14.64 -44.31 5.06
CA ILE M 73 -13.24 -44.18 5.38
C ILE M 73 -12.98 -42.82 6.01
N GLN M 74 -13.32 -41.76 5.29
CA GLN M 74 -13.00 -40.42 5.74
C GLN M 74 -13.71 -40.07 7.04
N THR M 75 -14.89 -40.63 7.25
CA THR M 75 -15.54 -40.49 8.55
C THR M 75 -14.64 -41.01 9.64
N ALA M 76 -14.30 -42.30 9.56
CA ALA M 76 -13.47 -42.92 10.58
C ALA M 76 -12.12 -42.24 10.66
N GLU M 77 -11.59 -41.83 9.51
CA GLU M 77 -10.31 -41.15 9.40
C GLU M 77 -10.28 -39.90 10.25
N GLY M 78 -11.23 -38.99 9.99
CA GLY M 78 -11.25 -37.75 10.74
C GLY M 78 -11.45 -38.00 12.21
N ALA M 79 -12.27 -39.00 12.54
CA ALA M 79 -12.48 -39.34 13.94
C ALA M 79 -11.17 -39.80 14.59
N LEU M 80 -10.39 -40.62 13.89
CA LEU M 80 -9.13 -41.10 14.42
C LEU M 80 -8.10 -39.99 14.48
N THR M 81 -8.18 -39.04 13.56
CA THR M 81 -7.32 -37.87 13.64
C THR M 81 -7.60 -37.10 14.92
N GLU M 82 -8.86 -36.91 15.25
CA GLU M 82 -9.19 -36.22 16.49
C GLU M 82 -8.75 -37.04 17.69
N THR M 83 -8.99 -38.35 17.65
CA THR M 83 -8.53 -39.23 18.70
C THR M 83 -7.04 -39.03 18.93
N HIS M 84 -6.31 -39.02 17.83
CA HIS M 84 -4.88 -38.86 17.88
C HIS M 84 -4.50 -37.54 18.54
N ALA M 85 -5.16 -36.47 18.13
CA ALA M 85 -4.90 -35.16 18.73
C ALA M 85 -5.10 -35.20 20.24
N ILE M 86 -6.18 -35.88 20.67
CA ILE M 86 -6.37 -36.08 22.09
C ILE M 86 -5.15 -36.77 22.67
N LEU M 87 -4.71 -37.86 22.05
CA LEU M 87 -3.60 -38.63 22.58
C LEU M 87 -2.34 -37.80 22.69
N GLN M 88 -2.17 -36.83 21.80
CA GLN M 88 -1.09 -35.87 21.98
C GLN M 88 -1.27 -35.12 23.29
N ARG M 89 -2.50 -34.64 23.52
CA ARG M 89 -2.74 -33.96 24.79
C ARG M 89 -2.51 -34.89 25.96
N VAL M 90 -2.89 -36.15 25.79
CA VAL M 90 -2.69 -37.12 26.85
C VAL M 90 -1.22 -37.18 27.20
N ARG M 91 -0.36 -37.36 26.20
CA ARG M 91 1.06 -37.47 26.51
C ARG M 91 1.60 -36.21 27.14
N GLU M 92 1.08 -35.04 26.74
CA GLU M 92 1.41 -33.83 27.48
C GLU M 92 1.10 -34.03 28.94
N LEU M 93 -0.07 -34.59 29.22
CA LEU M 93 -0.48 -34.81 30.58
C LEU M 93 0.24 -35.98 31.21
N VAL M 94 0.87 -36.85 30.42
CA VAL M 94 1.71 -37.90 30.98
C VAL M 94 3.01 -37.29 31.47
N VAL M 95 3.60 -36.43 30.65
CA VAL M 95 4.86 -35.83 31.02
C VAL M 95 4.66 -34.91 32.21
N GLN M 96 3.54 -34.19 32.26
CA GLN M 96 3.20 -33.50 33.48
C GLN M 96 2.91 -34.51 34.59
N ALA M 97 2.32 -35.65 34.24
CA ALA M 97 2.05 -36.72 35.19
C ALA M 97 3.26 -37.59 35.41
N GLY M 98 4.42 -37.08 35.02
CA GLY M 98 5.61 -37.36 35.78
C GLY M 98 5.66 -36.64 37.10
N ASN M 99 4.57 -35.96 37.50
CA ASN M 99 4.42 -35.37 38.83
C ASN M 99 5.31 -34.12 38.93
N THR M 100 5.81 -33.67 37.77
CA THR M 100 7.01 -32.85 37.72
C THR M 100 8.02 -33.45 38.69
N GLY M 101 8.24 -34.75 38.53
CA GLY M 101 9.08 -35.44 39.46
C GLY M 101 8.36 -35.84 40.73
N THR M 102 8.52 -35.01 41.76
CA THR M 102 7.71 -35.09 42.97
C THR M 102 7.00 -33.77 43.27
N GLN M 103 7.22 -32.75 42.46
CA GLN M 103 6.79 -31.41 42.83
C GLN M 103 5.29 -31.27 42.88
N ASP M 104 4.59 -31.91 41.95
CA ASP M 104 3.15 -31.89 42.04
C ASP M 104 2.74 -32.72 43.25
N LYS M 105 1.61 -32.38 43.84
CA LYS M 105 1.07 -33.13 44.97
C LYS M 105 -0.02 -34.07 44.48
N ALA M 106 -0.57 -34.83 45.43
CA ALA M 106 -1.59 -35.81 45.08
C ALA M 106 -2.81 -35.15 44.47
N THR M 107 -3.22 -34.00 45.01
CA THR M 107 -4.33 -33.26 44.44
C THR M 107 -4.02 -32.79 43.03
N ASP M 108 -2.78 -32.37 42.79
CA ASP M 108 -2.42 -31.96 41.45
C ASP M 108 -2.54 -33.11 40.47
N LEU M 109 -2.04 -34.28 40.87
CA LEU M 109 -2.21 -35.47 40.05
C LEU M 109 -3.67 -35.82 39.86
N GLN M 110 -4.51 -35.52 40.85
CA GLN M 110 -5.94 -35.78 40.70
C GLN M 110 -6.59 -34.77 39.77
N SER M 111 -6.13 -33.53 39.80
CA SER M 111 -6.61 -32.54 38.84
C SER M 111 -6.27 -32.98 37.43
N ILE M 112 -5.03 -33.39 37.23
CA ILE M 112 -4.61 -33.94 35.95
C ILE M 112 -5.48 -35.13 35.59
N GLN M 113 -5.65 -36.05 36.53
CA GLN M 113 -6.38 -37.27 36.26
C GLN M 113 -7.83 -36.99 35.94
N ASP M 114 -8.41 -35.97 36.56
CA ASP M 114 -9.73 -35.52 36.17
C ASP M 114 -9.73 -35.11 34.71
N GLY M 115 -8.74 -34.32 34.33
CA GLY M 115 -8.62 -33.96 32.92
C GLY M 115 -8.46 -35.16 32.02
N ILE M 116 -7.68 -36.15 32.44
CA ILE M 116 -7.42 -37.29 31.58
C ILE M 116 -8.64 -38.17 31.47
N SER M 117 -9.32 -38.42 32.59
CA SER M 117 -10.52 -39.23 32.54
C SER M 117 -11.59 -38.55 31.71
N ALA M 118 -11.60 -37.22 31.76
CA ALA M 118 -12.42 -36.44 30.85
C ALA M 118 -12.03 -36.73 29.40
N LEU M 119 -10.73 -36.76 29.12
CA LEU M 119 -10.28 -37.07 27.77
C LEU M 119 -10.64 -38.49 27.38
N THR M 120 -10.53 -39.43 28.30
CA THR M 120 -10.98 -40.79 28.06
C THR M 120 -12.43 -40.78 27.63
N ASP M 121 -13.26 -40.08 28.39
CA ASP M 121 -14.68 -40.01 28.06
C ASP M 121 -14.89 -39.42 26.68
N GLU M 122 -13.99 -38.53 26.25
CA GLU M 122 -14.08 -38.01 24.90
C GLU M 122 -13.63 -39.02 23.87
N ILE M 123 -12.57 -39.79 24.17
CA ILE M 123 -12.13 -40.82 23.22
C ILE M 123 -13.21 -41.86 23.07
N ASP M 124 -13.75 -42.33 24.19
CA ASP M 124 -14.88 -43.24 24.17
C ASP M 124 -16.04 -42.62 23.43
N GLY M 125 -16.22 -41.31 23.57
CA GLY M 125 -17.26 -40.63 22.81
C GLY M 125 -17.01 -40.70 21.33
N ILE M 126 -15.75 -40.51 20.92
CA ILE M 126 -15.40 -40.68 19.50
C ILE M 126 -15.78 -42.08 19.06
N SER M 127 -15.24 -43.07 19.75
CA SER M 127 -15.38 -44.45 19.31
C SER M 127 -16.80 -44.95 19.43
N ASN M 128 -17.65 -44.26 20.20
CA ASN M 128 -19.04 -44.64 20.40
C ASN M 128 -20.02 -43.62 19.82
N ARG M 129 -19.54 -42.67 19.02
CA ARG M 129 -20.40 -41.76 18.28
C ARG M 129 -20.10 -41.83 16.79
N THR M 130 -18.90 -42.24 16.44
CA THR M 130 -18.56 -42.37 15.04
C THR M 130 -19.34 -43.53 14.45
N GLU M 131 -20.49 -43.22 13.88
CA GLU M 131 -21.35 -44.18 13.20
C GLU M 131 -21.41 -43.85 11.72
N PHE M 132 -21.59 -44.88 10.90
CA PHE M 132 -22.03 -44.72 9.53
C PHE M 132 -23.26 -45.58 9.32
N ASN M 133 -24.38 -44.92 9.08
CA ASN M 133 -25.63 -45.63 8.89
C ASN M 133 -25.91 -46.49 10.10
N GLY M 134 -25.64 -45.92 11.27
CA GLY M 134 -25.79 -46.60 12.53
C GLY M 134 -24.63 -47.50 12.91
N LYS M 135 -23.87 -47.96 11.92
CA LYS M 135 -22.76 -48.84 12.17
C LYS M 135 -21.68 -48.08 12.90
N LYS M 136 -21.47 -48.40 14.17
CA LYS M 136 -20.48 -47.72 14.96
C LYS M 136 -19.12 -48.06 14.37
N LEU M 137 -18.63 -47.17 13.51
CA LEU M 137 -17.44 -47.45 12.71
C LEU M 137 -16.19 -47.58 13.55
N LEU M 138 -16.19 -47.00 14.74
CA LEU M 138 -15.09 -47.17 15.68
C LEU M 138 -15.51 -48.00 16.87
N ASP M 139 -16.45 -48.92 16.64
CA ASP M 139 -16.67 -50.00 17.58
C ASP M 139 -15.43 -50.86 17.58
N GLY M 140 -14.64 -50.78 18.65
CA GLY M 140 -13.43 -51.56 18.71
C GLY M 140 -13.66 -53.06 18.66
N THR M 141 -14.88 -53.50 18.93
CA THR M 141 -15.26 -54.90 18.81
C THR M 141 -15.97 -55.20 17.51
N TYR M 142 -15.94 -54.29 16.54
CA TYR M 142 -16.58 -54.55 15.26
C TYR M 142 -15.94 -55.75 14.57
N LYS M 143 -14.67 -55.63 14.21
CA LYS M 143 -13.93 -56.69 13.52
C LYS M 143 -12.65 -57.01 14.27
N VAL M 144 -12.79 -57.40 15.52
CA VAL M 144 -11.68 -58.10 16.17
C VAL M 144 -11.60 -59.48 15.52
N ASP M 145 -10.53 -59.70 14.75
CA ASP M 145 -10.32 -60.97 14.04
C ASP M 145 -10.46 -62.16 14.98
N THR M 146 -9.82 -62.08 16.14
CA THR M 146 -9.98 -63.01 17.27
C THR M 146 -9.34 -64.37 17.03
N ALA M 147 -8.92 -64.66 15.80
CA ALA M 147 -8.77 -66.03 15.31
C ALA M 147 -10.10 -66.78 15.37
N THR M 148 -11.20 -66.06 15.20
CA THR M 148 -12.54 -66.66 15.17
C THR M 148 -13.30 -66.06 14.01
N PRO M 149 -13.36 -66.75 12.87
CA PRO M 149 -14.16 -66.24 11.74
C PRO M 149 -15.60 -65.93 12.08
N ALA M 150 -16.18 -66.71 12.99
CA ALA M 150 -17.58 -66.54 13.34
C ALA M 150 -17.86 -65.17 13.92
N ASN M 151 -16.87 -64.55 14.57
CA ASN M 151 -17.03 -63.26 15.21
C ASN M 151 -16.08 -62.26 14.57
N GLN M 152 -16.46 -61.72 13.40
CA GLN M 152 -15.66 -60.69 12.75
C GLN M 152 -16.44 -59.54 12.13
N LYS M 153 -17.67 -59.72 11.64
CA LYS M 153 -18.37 -58.64 10.94
C LYS M 153 -17.51 -58.03 9.84
N ASN M 154 -16.86 -58.87 9.03
CA ASN M 154 -15.87 -58.41 8.04
C ASN M 154 -16.39 -57.23 7.23
N LEU M 155 -15.65 -56.11 7.29
CA LEU M 155 -16.10 -54.90 6.61
C LEU M 155 -15.86 -55.07 5.12
N VAL M 156 -16.74 -55.88 4.52
CA VAL M 156 -16.68 -56.19 3.10
C VAL M 156 -17.13 -54.97 2.32
N PHE M 157 -16.49 -54.71 1.16
CA PHE M 157 -16.97 -53.75 0.15
C PHE M 157 -17.02 -54.46 -1.20
N GLN M 158 -18.21 -54.87 -1.63
CA GLN M 158 -18.44 -55.35 -3.01
C GLN M 158 -18.41 -54.15 -3.92
N ILE M 159 -17.41 -54.10 -4.79
CA ILE M 159 -17.27 -53.05 -5.77
C ILE M 159 -17.43 -53.58 -7.19
N GLY M 160 -16.69 -54.62 -7.54
CA GLY M 160 -16.65 -55.03 -8.93
C GLY M 160 -18.01 -55.53 -9.40
N ALA M 161 -18.34 -55.16 -10.65
CA ALA M 161 -19.57 -55.62 -11.25
C ALA M 161 -19.63 -57.13 -11.37
N ASN M 162 -18.48 -57.78 -11.34
CA ASN M 162 -18.39 -59.23 -11.37
C ASN M 162 -18.40 -59.79 -9.95
N ALA M 163 -18.82 -61.04 -9.84
CA ALA M 163 -18.98 -61.67 -8.54
C ALA M 163 -17.64 -61.84 -7.83
N THR M 164 -17.69 -61.82 -6.50
CA THR M 164 -16.58 -62.01 -5.56
C THR M 164 -15.64 -60.82 -5.52
N GLN M 165 -15.85 -59.79 -6.34
CA GLN M 165 -14.92 -58.67 -6.41
C GLN M 165 -15.11 -57.77 -5.20
N GLN M 166 -14.64 -58.24 -4.04
CA GLN M 166 -14.90 -57.59 -2.77
C GLN M 166 -13.62 -57.18 -2.09
N ILE M 167 -13.76 -56.18 -1.24
CA ILE M 167 -12.66 -55.67 -0.43
C ILE M 167 -12.93 -55.98 1.03
N SER M 168 -11.92 -56.51 1.72
CA SER M 168 -12.02 -56.89 3.13
C SER M 168 -11.27 -55.87 3.98
N VAL M 169 -11.99 -55.21 4.88
CA VAL M 169 -11.43 -54.15 5.72
C VAL M 169 -11.63 -54.52 7.18
N ASN M 170 -10.77 -53.96 8.04
CA ASN M 170 -10.79 -54.25 9.47
C ASN M 170 -10.90 -53.00 10.32
N ILE M 171 -11.87 -53.01 11.23
CA ILE M 171 -12.05 -52.04 12.30
C ILE M 171 -11.67 -52.74 13.59
N GLU M 172 -10.79 -52.14 14.42
CA GLU M 172 -10.60 -52.64 15.78
C GLU M 172 -10.34 -51.58 16.84
N ASP M 173 -10.36 -50.30 16.52
CA ASP M 173 -9.93 -49.30 17.49
C ASP M 173 -11.11 -48.82 18.33
N MET M 174 -10.77 -48.32 19.53
CA MET M 174 -11.72 -47.73 20.46
C MET M 174 -10.91 -47.18 21.63
N GLY M 175 -11.60 -46.49 22.54
CA GLY M 175 -10.95 -45.92 23.69
C GLY M 175 -10.26 -46.95 24.57
N ALA M 176 -10.86 -48.12 24.72
CA ALA M 176 -10.25 -49.17 25.52
C ALA M 176 -9.15 -49.91 24.77
N ASP M 177 -8.86 -49.54 23.53
CA ASP M 177 -7.88 -50.22 22.69
C ASP M 177 -6.59 -49.39 22.65
N ALA M 178 -5.64 -49.69 23.55
CA ALA M 178 -4.44 -48.86 23.67
C ALA M 178 -3.11 -49.57 23.43
N LEU M 179 -2.66 -50.40 24.37
CA LEU M 179 -1.52 -51.28 24.13
C LEU M 179 -2.09 -52.66 23.90
N GLY M 180 -2.28 -52.99 22.64
CA GLY M 180 -2.79 -54.29 22.28
C GLY M 180 -1.68 -55.30 22.38
N ILE M 181 -1.29 -55.66 23.60
CA ILE M 181 -0.29 -56.71 23.78
C ILE M 181 -0.70 -57.95 23.01
N LYS M 182 -1.92 -58.42 23.25
CA LYS M 182 -2.64 -59.40 22.47
C LYS M 182 -4.11 -59.00 22.43
N GLU M 183 -4.58 -58.61 23.61
CA GLU M 183 -5.87 -58.04 23.93
C GLU M 183 -5.60 -57.04 25.04
N ALA M 184 -6.65 -56.58 25.71
CA ALA M 184 -6.43 -55.75 26.90
C ALA M 184 -5.80 -56.59 27.99
N ASP M 185 -4.67 -56.13 28.51
CA ASP M 185 -4.01 -56.89 29.57
C ASP M 185 -4.80 -56.78 30.85
N GLY M 186 -4.97 -55.57 31.36
CA GLY M 186 -5.67 -55.33 32.60
C GLY M 186 -5.60 -53.89 32.99
N SER M 187 -5.20 -53.62 34.24
CA SER M 187 -4.98 -52.24 34.66
C SER M 187 -3.96 -51.55 33.76
N ILE M 188 -2.99 -52.32 33.25
CA ILE M 188 -2.06 -51.82 32.28
C ILE M 188 -2.53 -52.21 30.89
N ALA M 189 -1.92 -51.60 29.89
CA ALA M 189 -2.01 -51.91 28.48
C ALA M 189 -3.32 -51.54 27.79
N ALA M 190 -4.41 -51.43 28.54
CA ALA M 190 -5.65 -50.87 28.03
C ALA M 190 -6.24 -49.85 28.99
N LEU M 191 -6.34 -50.23 30.27
CA LEU M 191 -7.10 -49.42 31.22
C LEU M 191 -6.34 -48.22 31.71
N HIS M 192 -5.04 -48.09 31.39
CA HIS M 192 -4.46 -46.77 31.57
C HIS M 192 -5.09 -45.80 30.60
N SER M 193 -5.47 -46.27 29.42
CA SER M 193 -6.22 -45.41 28.51
C SER M 193 -7.61 -45.14 29.05
N VAL M 194 -8.20 -46.12 29.71
CA VAL M 194 -9.54 -45.96 30.25
C VAL M 194 -9.48 -45.33 31.64
N ASN M 195 -8.84 -46.03 32.58
CA ASN M 195 -8.90 -45.63 33.98
C ASN M 195 -7.82 -44.64 34.38
N ASP M 196 -6.73 -44.54 33.61
CA ASP M 196 -5.68 -43.56 33.91
C ASP M 196 -5.02 -43.79 35.26
N LEU M 197 -4.15 -44.80 35.33
CA LEU M 197 -3.48 -45.21 36.57
C LEU M 197 -2.79 -44.10 37.36
N ASP M 198 -2.50 -42.94 36.76
CA ASP M 198 -1.78 -41.86 37.46
C ASP M 198 -2.76 -41.09 38.34
N VAL M 199 -2.97 -41.62 39.55
CA VAL M 199 -3.87 -40.99 40.51
C VAL M 199 -3.11 -40.51 41.73
N THR M 200 -2.71 -41.45 42.57
CA THR M 200 -1.72 -41.28 43.62
C THR M 200 -0.76 -42.44 43.66
N LYS M 201 -1.13 -43.58 43.09
CA LYS M 201 -0.22 -44.69 42.87
C LYS M 201 1.04 -44.22 42.18
N PHE M 202 0.93 -43.23 41.31
CA PHE M 202 2.13 -42.70 40.67
C PHE M 202 3.04 -42.05 41.69
N ALA M 203 2.49 -41.23 42.58
CA ALA M 203 3.33 -40.57 43.57
C ALA M 203 4.02 -41.60 44.46
N ASP M 204 3.38 -42.74 44.68
CA ASP M 204 4.01 -43.80 45.45
C ASP M 204 5.24 -44.35 44.73
N ASN M 205 5.08 -44.70 43.44
CA ASN M 205 6.16 -45.27 42.63
C ASN M 205 6.20 -44.52 41.31
N ALA M 206 6.91 -43.40 41.30
CA ALA M 206 7.03 -42.63 40.07
C ALA M 206 7.81 -43.38 39.00
N ALA M 207 8.76 -44.24 39.39
CA ALA M 207 9.51 -45.08 38.46
C ALA M 207 9.67 -46.53 38.92
N ASP M 208 9.64 -46.73 40.23
CA ASP M 208 10.15 -47.91 40.91
C ASP M 208 9.65 -49.29 40.46
N CYS M 209 8.50 -49.39 39.78
CA CYS M 209 7.92 -50.71 39.53
C CYS M 209 7.39 -50.90 38.10
N ALA M 210 7.52 -49.91 37.23
CA ALA M 210 7.10 -49.93 35.82
C ALA M 210 5.59 -49.95 35.63
N ASP M 211 4.86 -50.68 36.47
CA ASP M 211 3.42 -50.81 36.42
C ASP M 211 2.74 -49.46 36.60
N ILE M 212 3.22 -48.70 37.59
CA ILE M 212 2.96 -47.27 37.65
C ILE M 212 4.23 -46.44 37.51
N GLY M 213 5.40 -47.06 37.38
CA GLY M 213 6.60 -46.24 37.37
C GLY M 213 6.83 -45.41 36.12
N PHE M 214 5.80 -44.70 35.62
CA PHE M 214 5.82 -43.79 34.47
C PHE M 214 6.08 -44.46 33.12
N ASP M 215 6.87 -45.52 33.16
CA ASP M 215 7.26 -46.31 32.02
C ASP M 215 6.06 -46.95 31.36
N ALA M 216 5.35 -47.81 32.11
CA ALA M 216 4.24 -48.54 31.50
C ALA M 216 3.20 -47.60 30.96
N GLN M 217 2.91 -46.53 31.71
CA GLN M 217 1.86 -45.61 31.28
C GLN M 217 2.23 -44.96 29.97
N LEU M 218 3.45 -44.45 29.90
CA LEU M 218 3.89 -43.82 28.66
C LEU M 218 3.90 -44.83 27.53
N LYS M 219 4.19 -46.09 27.84
CA LYS M 219 4.14 -47.12 26.81
C LYS M 219 2.73 -47.40 26.36
N VAL M 220 1.76 -47.33 27.27
CA VAL M 220 0.37 -47.49 26.86
C VAL M 220 -0.01 -46.39 25.90
N VAL M 221 0.37 -45.16 26.22
CA VAL M 221 0.02 -44.05 25.37
C VAL M 221 0.72 -44.20 24.02
N ASP M 222 1.99 -44.53 24.05
CA ASP M 222 2.77 -44.65 22.82
C ASP M 222 2.18 -45.73 21.92
N GLU M 223 1.84 -46.87 22.51
CA GLU M 223 1.29 -47.93 21.69
C GLU M 223 -0.11 -47.61 21.23
N ALA M 224 -0.92 -46.99 22.10
CA ALA M 224 -2.24 -46.53 21.68
C ALA M 224 -2.14 -45.67 20.45
N ILE M 225 -1.21 -44.73 20.47
CA ILE M 225 -0.95 -43.91 19.31
C ILE M 225 -0.52 -44.76 18.13
N ASN M 226 0.38 -45.71 18.38
CA ASN M 226 0.87 -46.54 17.29
C ASN M 226 -0.24 -47.36 16.66
N GLN M 227 -1.20 -47.77 17.48
CA GLN M 227 -2.35 -48.52 16.99
C GLN M 227 -3.27 -47.61 16.20
N VAL M 228 -3.40 -46.35 16.61
CA VAL M 228 -4.13 -45.39 15.79
C VAL M 228 -3.39 -45.19 14.48
N SER M 229 -2.07 -45.06 14.54
CA SER M 229 -1.26 -44.86 13.34
C SER M 229 -1.47 -46.00 12.35
N SER M 230 -1.41 -47.22 12.84
CA SER M 230 -1.56 -48.38 11.97
C SER M 230 -2.99 -48.55 11.51
N GLN M 231 -3.96 -48.21 12.37
CA GLN M 231 -5.35 -48.25 11.97
C GLN M 231 -5.60 -47.27 10.84
N ARG M 232 -5.10 -46.06 11.00
CA ARG M 232 -5.20 -45.06 9.94
C ARG M 232 -4.38 -45.46 8.74
N ALA M 233 -3.32 -46.24 8.95
CA ALA M 233 -2.50 -46.71 7.84
C ALA M 233 -3.28 -47.67 6.97
N LYS M 234 -3.93 -48.64 7.59
CA LYS M 234 -4.82 -49.54 6.86
C LYS M 234 -5.92 -48.75 6.18
N LEU M 235 -6.52 -47.85 6.95
CA LEU M 235 -7.64 -47.05 6.48
C LEU M 235 -7.27 -46.28 5.22
N GLY M 236 -6.12 -45.62 5.26
CA GLY M 236 -5.68 -44.85 4.11
C GLY M 236 -5.18 -45.72 2.99
N ALA M 237 -4.68 -46.91 3.31
CA ALA M 237 -4.34 -47.85 2.27
C ALA M 237 -5.58 -48.16 1.44
N VAL M 238 -6.69 -48.45 2.12
CA VAL M 238 -7.93 -48.71 1.41
C VAL M 238 -8.41 -47.47 0.70
N GLN M 239 -8.18 -46.30 1.29
CA GLN M 239 -8.52 -45.06 0.60
C GLN M 239 -7.84 -44.99 -0.75
N ASN M 240 -6.54 -45.26 -0.77
CA ASN M 240 -5.81 -45.23 -2.02
C ASN M 240 -6.35 -46.28 -2.97
N ARG M 241 -6.67 -47.46 -2.44
CA ARG M 241 -7.25 -48.50 -3.26
C ARG M 241 -8.50 -48.03 -3.97
N LEU M 242 -9.38 -47.37 -3.24
CA LEU M 242 -10.62 -46.94 -3.84
C LEU M 242 -10.40 -45.78 -4.79
N GLU M 243 -9.37 -44.98 -4.54
CA GLU M 243 -8.99 -43.97 -5.52
C GLU M 243 -8.67 -44.63 -6.85
N HIS M 244 -7.75 -45.58 -6.84
CA HIS M 244 -7.32 -46.22 -8.08
C HIS M 244 -8.42 -47.09 -8.65
N THR M 245 -9.23 -47.68 -7.79
CA THR M 245 -10.41 -48.40 -8.23
C THR M 245 -11.28 -47.48 -9.06
N ILE M 246 -11.66 -46.34 -8.49
CA ILE M 246 -12.56 -45.43 -9.18
C ILE M 246 -11.95 -44.98 -10.49
N ASN M 247 -10.64 -44.72 -10.50
CA ASN M 247 -10.02 -44.32 -11.75
C ASN M 247 -10.16 -45.43 -12.79
N ASN M 248 -10.01 -46.69 -12.35
CA ASN M 248 -10.26 -47.81 -13.25
C ASN M 248 -11.72 -47.88 -13.66
N LEU M 249 -12.63 -47.72 -12.71
CA LEU M 249 -14.05 -47.82 -13.00
C LEU M 249 -14.47 -46.75 -13.98
N SER M 250 -13.86 -45.59 -13.88
CA SER M 250 -14.16 -44.48 -14.78
C SER M 250 -13.65 -44.76 -16.18
N ALA M 251 -12.36 -45.11 -16.29
CA ALA M 251 -11.78 -45.37 -17.60
C ALA M 251 -12.41 -46.58 -18.26
N SER M 252 -12.50 -47.67 -17.50
CA SER M 252 -13.08 -48.91 -18.00
C SER M 252 -14.54 -48.71 -18.34
N GLY M 253 -15.26 -47.99 -17.50
CA GLY M 253 -16.65 -47.70 -17.79
C GLY M 253 -16.80 -46.94 -19.09
N GLU M 254 -15.96 -45.93 -19.28
CA GLU M 254 -15.97 -45.18 -20.54
C GLU M 254 -15.73 -46.10 -21.73
N ASN M 255 -14.63 -46.85 -21.68
CA ASN M 255 -14.30 -47.75 -22.78
C ASN M 255 -15.42 -48.74 -23.03
N LEU M 256 -16.14 -49.11 -21.97
CA LEU M 256 -17.21 -50.09 -22.08
C LEU M 256 -18.45 -49.48 -22.73
N THR M 257 -18.81 -48.27 -22.33
CA THR M 257 -19.94 -47.60 -22.99
C THR M 257 -19.60 -47.31 -24.44
N ALA M 258 -18.33 -47.09 -24.72
CA ALA M 258 -17.91 -46.95 -26.11
C ALA M 258 -18.04 -48.26 -26.84
N ALA M 259 -17.70 -49.37 -26.19
CA ALA M 259 -17.86 -50.68 -26.81
C ALA M 259 -19.32 -50.93 -27.16
N GLU M 260 -20.20 -50.71 -26.20
CA GLU M 260 -21.63 -50.80 -26.46
C GLU M 260 -22.00 -49.90 -27.64
N SER M 261 -21.52 -48.67 -27.58
CA SER M 261 -21.85 -47.71 -28.62
C SER M 261 -21.44 -48.21 -29.99
N ARG M 262 -20.33 -48.95 -30.05
CA ARG M 262 -19.94 -49.58 -31.30
C ARG M 262 -20.96 -50.63 -31.71
N ILE M 263 -21.46 -51.39 -30.75
CA ILE M 263 -22.51 -52.35 -31.10
C ILE M 263 -23.74 -51.61 -31.61
N ARG M 264 -24.19 -50.61 -30.85
CA ARG M 264 -25.36 -49.83 -31.24
C ARG M 264 -25.01 -48.62 -32.10
N ASP M 265 -23.79 -48.58 -32.67
CA ASP M 265 -23.37 -47.46 -33.50
C ASP M 265 -24.36 -47.23 -34.63
N VAL M 266 -25.10 -46.13 -34.56
CA VAL M 266 -25.89 -45.68 -35.70
C VAL M 266 -25.04 -44.69 -36.48
N ASP M 267 -24.74 -45.03 -37.72
CA ASP M 267 -24.24 -44.03 -38.66
C ASP M 267 -25.45 -43.24 -39.08
N MET M 268 -25.77 -42.23 -38.26
CA MET M 268 -27.00 -41.47 -38.44
C MET M 268 -27.05 -40.85 -39.82
N ALA M 269 -25.89 -40.43 -40.34
CA ALA M 269 -25.86 -39.90 -41.69
C ALA M 269 -26.22 -40.97 -42.71
N LYS M 270 -25.61 -42.16 -42.57
CA LYS M 270 -25.96 -43.28 -43.43
C LYS M 270 -27.44 -43.55 -43.38
N GLU M 271 -27.98 -43.62 -42.18
CA GLU M 271 -29.35 -44.09 -42.01
C GLU M 271 -30.36 -43.06 -42.48
N MET M 272 -30.05 -41.77 -42.33
CA MET M 272 -30.88 -40.75 -42.96
C MET M 272 -30.80 -40.86 -44.47
N SER M 273 -29.59 -41.09 -44.98
CA SER M 273 -29.41 -41.21 -46.43
C SER M 273 -30.19 -42.40 -46.97
N GLU M 274 -30.01 -43.55 -46.35
CA GLU M 274 -30.70 -44.76 -46.78
C GLU M 274 -32.20 -44.59 -46.63
N PHE M 275 -32.61 -43.91 -45.55
CA PHE M 275 -34.03 -43.59 -45.39
C PHE M 275 -34.55 -42.83 -46.59
N THR M 276 -33.85 -41.75 -46.92
CA THR M 276 -34.18 -40.95 -48.08
C THR M 276 -34.34 -41.80 -49.33
N LYS M 277 -33.33 -42.63 -49.58
CA LYS M 277 -33.34 -43.48 -50.75
C LYS M 277 -34.57 -44.36 -50.76
N ASN M 278 -34.88 -44.99 -49.63
CA ASN M 278 -35.99 -45.92 -49.60
C ASN M 278 -37.32 -45.20 -49.81
N ASN M 279 -37.43 -43.95 -49.35
CA ASN M 279 -38.60 -43.16 -49.70
C ASN M 279 -38.72 -43.00 -51.19
N ILE M 280 -37.63 -42.54 -51.80
CA ILE M 280 -37.58 -42.32 -53.24
C ILE M 280 -38.02 -43.59 -53.96
N LEU M 281 -37.45 -44.71 -53.54
CA LEU M 281 -37.69 -45.97 -54.22
C LEU M 281 -39.12 -46.43 -54.07
N SER M 282 -39.69 -46.25 -52.88
CA SER M 282 -41.09 -46.57 -52.69
C SER M 282 -41.95 -45.74 -53.62
N GLN M 283 -41.73 -44.43 -53.64
CA GLN M 283 -42.56 -43.54 -54.45
C GLN M 283 -42.46 -43.88 -55.93
N ALA M 284 -41.23 -44.11 -56.39
CA ALA M 284 -41.01 -44.47 -57.78
C ALA M 284 -41.76 -45.74 -58.14
N SER M 285 -41.63 -46.75 -57.28
CA SER M 285 -42.29 -48.02 -57.55
C SER M 285 -43.79 -47.85 -57.60
N GLN M 286 -44.35 -47.00 -56.74
CA GLN M 286 -45.80 -46.78 -56.78
C GLN M 286 -46.21 -46.08 -58.06
N ALA M 287 -45.41 -45.10 -58.51
CA ALA M 287 -45.69 -44.48 -59.80
C ALA M 287 -45.74 -45.52 -60.89
N MET M 288 -44.80 -46.46 -60.85
CA MET M 288 -44.82 -47.52 -61.84
C MET M 288 -46.03 -48.42 -61.68
N LEU M 289 -46.52 -48.62 -60.45
CA LEU M 289 -47.73 -49.43 -60.29
C LEU M 289 -48.92 -48.72 -60.90
N ALA M 290 -48.98 -47.40 -60.75
CA ALA M 290 -50.00 -46.64 -61.46
C ALA M 290 -49.90 -46.89 -62.95
N GLN M 291 -48.69 -46.79 -63.50
CA GLN M 291 -48.50 -47.02 -64.93
C GLN M 291 -48.94 -48.42 -65.32
N ALA M 292 -48.65 -49.41 -64.47
CA ALA M 292 -49.10 -50.77 -64.72
C ALA M 292 -50.61 -50.83 -64.78
N ASN M 293 -51.29 -49.96 -64.04
CA ASN M 293 -52.73 -49.88 -64.15
C ASN M 293 -53.18 -49.01 -65.32
N GLN M 294 -52.30 -48.18 -65.86
CA GLN M 294 -52.68 -47.32 -66.98
C GLN M 294 -52.63 -48.06 -68.30
N GLN M 295 -51.55 -48.82 -68.52
CA GLN M 295 -51.39 -49.55 -69.77
C GLN M 295 -52.60 -50.38 -70.17
N PRO M 296 -53.14 -51.27 -69.32
CA PRO M 296 -54.29 -52.05 -69.76
C PRO M 296 -55.54 -51.22 -70.04
N GLN M 297 -55.62 -49.98 -69.56
CA GLN M 297 -56.74 -49.12 -69.93
C GLN M 297 -56.59 -48.64 -71.36
N ASN M 298 -55.36 -48.22 -71.69
CA ASN M 298 -55.03 -47.92 -73.07
C ASN M 298 -55.39 -49.11 -73.95
N VAL M 299 -55.05 -50.30 -73.50
CA VAL M 299 -55.41 -51.52 -74.22
C VAL M 299 -56.91 -51.61 -74.39
N LEU M 300 -57.64 -51.34 -73.30
CA LEU M 300 -59.10 -51.47 -73.36
C LEU M 300 -59.66 -50.60 -74.46
N GLN M 301 -59.29 -49.33 -74.49
CA GLN M 301 -59.79 -48.46 -75.54
C GLN M 301 -59.35 -48.94 -76.91
N LEU M 302 -58.06 -49.23 -77.04
CA LEU M 302 -57.48 -49.53 -78.34
C LEU M 302 -58.07 -50.81 -78.94
N LEU M 303 -58.46 -51.76 -78.09
CA LEU M 303 -59.08 -53.00 -78.52
C LEU M 303 -60.56 -53.03 -78.22
N ARG M 304 -61.21 -51.88 -78.23
CA ARG M 304 -62.64 -51.82 -78.11
C ARG M 304 -63.27 -51.81 -79.50
N ILE N 3 -18.57 3.00 -46.99
CA ILE N 3 -17.10 3.30 -47.11
C ILE N 3 -16.31 2.73 -45.94
N ASN N 4 -16.72 1.57 -45.46
CA ASN N 4 -16.18 1.00 -44.24
C ASN N 4 -14.66 0.90 -44.28
N HIS N 5 -14.11 0.46 -45.41
CA HIS N 5 -12.67 0.28 -45.54
C HIS N 5 -11.88 1.57 -45.56
N ASN N 6 -12.54 2.72 -45.58
CA ASN N 6 -11.85 4.01 -45.62
C ASN N 6 -11.87 4.74 -44.29
N ILE N 7 -12.61 4.26 -43.30
CA ILE N 7 -12.79 4.95 -42.03
C ILE N 7 -11.91 4.29 -40.99
N ALA N 8 -11.04 5.09 -40.39
CA ALA N 8 -10.25 4.65 -39.26
C ALA N 8 -10.11 5.75 -38.22
N ALA N 9 -10.83 6.85 -38.36
CA ALA N 9 -10.66 8.02 -37.52
C ALA N 9 -9.21 8.44 -37.53
N LEU N 10 -8.67 8.61 -38.73
CA LEU N 10 -7.24 8.81 -38.88
C LEU N 10 -6.78 10.09 -38.18
N ASN N 11 -7.67 11.06 -37.98
CA ASN N 11 -7.29 12.20 -37.17
C ASN N 11 -7.08 11.76 -35.73
N THR N 12 -7.89 10.81 -35.26
CA THR N 12 -7.63 10.25 -33.94
C THR N 12 -6.27 9.57 -33.93
N LEU N 13 -5.93 8.89 -35.00
CA LEU N 13 -4.64 8.19 -35.06
C LEU N 13 -3.50 9.18 -35.00
N ASN N 14 -3.67 10.30 -35.70
CA ASN N 14 -2.66 11.35 -35.67
C ASN N 14 -2.53 11.93 -34.26
N ARG N 15 -3.66 12.13 -33.59
CA ARG N 15 -3.62 12.55 -32.20
C ARG N 15 -2.92 11.51 -31.36
N LEU N 16 -3.06 10.24 -31.74
CA LEU N 16 -2.45 9.21 -30.95
C LEU N 16 -0.94 9.30 -31.01
N SER N 17 -0.42 9.38 -32.23
CA SER N 17 1.02 9.54 -32.40
C SER N 17 1.52 10.75 -31.63
N SER N 18 0.79 11.87 -31.77
CA SER N 18 1.15 13.09 -31.07
C SER N 18 1.21 12.87 -29.56
N ASN N 19 0.17 12.24 -29.02
CA ASN N 19 0.08 12.08 -27.57
C ASN N 19 1.16 11.15 -27.05
N ASN N 20 1.46 10.10 -27.81
CA ASN N 20 2.50 9.18 -27.36
C ASN N 20 3.84 9.89 -27.31
N SER N 21 4.15 10.66 -28.35
CA SER N 21 5.39 11.42 -28.30
C SER N 21 5.37 12.43 -27.18
N ALA N 22 4.21 13.03 -26.92
CA ALA N 22 4.10 14.04 -25.88
C ALA N 22 4.43 13.47 -24.52
N SER N 23 3.74 12.40 -24.14
CA SER N 23 4.00 11.76 -22.86
C SER N 23 5.44 11.28 -22.79
N GLN N 24 5.97 10.78 -23.92
CA GLN N 24 7.37 10.37 -23.97
C GLN N 24 8.28 11.53 -23.58
N LYS N 25 8.06 12.69 -24.19
CA LYS N 25 8.89 13.85 -23.90
C LYS N 25 8.80 14.23 -22.44
N ASN N 26 7.58 14.20 -21.90
CA ASN N 26 7.39 14.47 -20.48
C ASN N 26 8.28 13.57 -19.64
N MET N 27 8.23 12.26 -19.90
CA MET N 27 9.08 11.32 -19.14
C MET N 27 10.53 11.70 -19.23
N GLU N 28 10.99 11.85 -20.47
CA GLU N 28 12.40 12.08 -20.73
C GLU N 28 12.91 13.26 -19.93
N LYS N 29 12.11 14.31 -19.87
CA LYS N 29 12.49 15.45 -19.05
C LYS N 29 12.39 15.11 -17.57
N LEU N 30 11.34 14.39 -17.18
CA LEU N 30 11.16 14.01 -15.78
C LEU N 30 12.29 13.10 -15.33
N SER N 31 12.56 12.06 -16.11
CA SER N 31 13.60 11.11 -15.77
C SER N 31 14.95 11.77 -15.68
N SER N 32 15.29 12.57 -16.68
CA SER N 32 16.58 13.23 -16.69
C SER N 32 16.62 14.44 -15.78
N GLY N 33 15.47 14.97 -15.39
CA GLY N 33 15.46 16.19 -14.63
C GLY N 33 15.87 17.38 -15.45
N LEU N 34 15.61 17.33 -16.75
CA LEU N 34 16.08 18.32 -17.71
C LEU N 34 14.88 18.91 -18.42
N ARG N 35 14.65 20.20 -18.21
CA ARG N 35 13.72 20.89 -19.10
C ARG N 35 14.38 21.14 -20.44
N ILE N 36 15.70 21.27 -20.44
CA ILE N 36 16.43 21.43 -21.68
C ILE N 36 16.20 20.22 -22.56
N ASN N 37 16.34 20.44 -23.85
CA ASN N 37 16.24 19.36 -24.81
C ASN N 37 17.61 18.76 -25.06
N ARG N 38 17.61 17.48 -25.43
CA ARG N 38 18.80 16.93 -26.06
C ARG N 38 18.98 17.55 -27.44
N ALA N 39 17.88 17.71 -28.16
CA ALA N 39 17.87 18.32 -29.47
C ALA N 39 18.16 19.81 -29.37
N GLY N 40 18.60 20.38 -30.47
CA GLY N 40 18.92 21.79 -30.57
C GLY N 40 17.75 22.74 -30.45
N ASP N 41 16.55 22.22 -30.23
CA ASP N 41 15.40 23.08 -29.98
C ASP N 41 15.68 23.97 -28.78
N ASP N 42 15.73 25.28 -29.03
CA ASP N 42 16.27 26.28 -28.10
C ASP N 42 17.77 26.06 -27.87
N ALA N 43 18.50 25.93 -28.98
CA ALA N 43 19.95 25.87 -28.91
C ALA N 43 20.55 27.13 -28.31
N ALA N 44 19.82 28.24 -28.33
CA ALA N 44 20.26 29.42 -27.59
C ALA N 44 20.41 29.09 -26.11
N GLY N 45 19.30 28.75 -25.46
CA GLY N 45 19.37 28.42 -24.04
C GLY N 45 20.30 27.27 -23.74
N LEU N 46 20.37 26.30 -24.64
CA LEU N 46 21.29 25.19 -24.45
C LEU N 46 22.71 25.70 -24.42
N ALA N 47 23.15 26.33 -25.51
CA ALA N 47 24.51 26.82 -25.62
C ALA N 47 24.86 27.74 -24.47
N ILE N 48 23.88 28.49 -23.98
CA ILE N 48 24.12 29.28 -22.78
C ILE N 48 24.47 28.34 -21.63
N SER N 49 23.59 27.39 -21.32
CA SER N 49 23.82 26.52 -20.16
C SER N 49 25.11 25.73 -20.31
N GLU N 50 25.47 25.42 -21.55
CA GLU N 50 26.76 24.83 -21.83
C GLU N 50 27.87 25.74 -21.37
N LYS N 51 27.80 27.01 -21.76
CA LYS N 51 28.80 27.97 -21.35
C LYS N 51 28.77 28.17 -19.84
N MET N 52 27.57 28.16 -19.27
CA MET N 52 27.41 28.27 -17.83
C MET N 52 28.20 27.17 -17.15
N ARG N 53 27.90 25.92 -17.51
CA ARG N 53 28.56 24.78 -16.88
C ARG N 53 30.06 24.82 -17.09
N GLY N 54 30.50 25.27 -18.25
CA GLY N 54 31.92 25.48 -18.45
C GLY N 54 32.48 26.41 -17.40
N GLN N 55 31.79 27.52 -17.14
CA GLN N 55 32.25 28.43 -16.12
C GLN N 55 32.06 27.85 -14.72
N ILE N 56 30.93 27.19 -14.44
CA ILE N 56 30.69 26.58 -13.14
C ILE N 56 31.84 25.67 -12.77
N ARG N 57 32.07 24.69 -13.62
CA ARG N 57 33.14 23.72 -13.41
C ARG N 57 34.47 24.44 -13.28
N GLY N 58 34.67 25.47 -14.08
CA GLY N 58 35.87 26.27 -13.94
C GLY N 58 35.96 26.99 -12.62
N LEU N 59 34.81 27.29 -12.01
CA LEU N 59 34.80 27.95 -10.70
C LEU N 59 35.05 26.93 -9.59
N GLU N 60 34.61 25.70 -9.80
CA GLU N 60 34.91 24.65 -8.85
C GLU N 60 36.41 24.40 -8.82
N MET N 61 37.01 24.26 -10.00
CA MET N 61 38.46 24.11 -10.07
C MET N 61 39.16 25.40 -9.69
N ALA N 62 38.48 26.54 -9.82
CA ALA N 62 39.05 27.80 -9.35
C ALA N 62 39.16 27.82 -7.85
N SER N 63 38.08 27.41 -7.17
CA SER N 63 38.10 27.30 -5.73
C SER N 63 39.19 26.35 -5.29
N LYS N 64 39.26 25.21 -5.97
CA LYS N 64 40.34 24.25 -5.73
C LYS N 64 41.70 24.92 -5.83
N ASN N 65 41.96 25.60 -6.95
CA ASN N 65 43.27 26.21 -7.17
C ASN N 65 43.57 27.28 -6.13
N SER N 66 42.55 28.02 -5.72
CA SER N 66 42.77 29.09 -4.75
C SER N 66 43.04 28.53 -3.37
N GLN N 67 42.32 27.48 -2.99
CA GLN N 67 42.60 26.81 -1.74
C GLN N 67 44.01 26.27 -1.73
N ASP N 68 44.43 25.73 -2.88
CA ASP N 68 45.80 25.25 -3.02
C ASP N 68 46.78 26.41 -2.87
N GLY N 69 46.44 27.55 -3.47
CA GLY N 69 47.18 28.78 -3.20
C GLY N 69 47.34 29.03 -1.72
N ILE N 70 46.25 28.92 -0.99
CA ILE N 70 46.26 29.16 0.45
C ILE N 70 47.18 28.18 1.14
N SER N 71 47.16 26.93 0.71
CA SER N 71 48.00 25.93 1.32
C SER N 71 49.46 26.29 1.17
N LEU N 72 49.83 26.71 -0.04
CA LEU N 72 51.18 27.20 -0.27
C LEU N 72 51.50 28.37 0.65
N ILE N 73 50.57 29.33 0.70
CA ILE N 73 50.77 30.54 1.49
C ILE N 73 51.07 30.16 2.92
N GLN N 74 50.15 29.44 3.55
CA GLN N 74 50.27 29.14 4.97
C GLN N 74 51.49 28.30 5.26
N THR N 75 51.90 27.46 4.32
CA THR N 75 53.16 26.76 4.48
C THR N 75 54.30 27.75 4.64
N ALA N 76 54.48 28.61 3.63
CA ALA N 76 55.56 29.58 3.68
C ALA N 76 55.40 30.51 4.86
N GLU N 77 54.16 30.86 5.17
CA GLU N 77 53.83 31.74 6.28
C GLU N 77 54.36 31.20 7.60
N GLY N 78 53.97 29.97 7.93
CA GLY N 78 54.42 29.39 9.19
C GLY N 78 55.93 29.26 9.21
N ALA N 79 56.51 28.93 8.07
CA ALA N 79 57.96 28.84 8.00
C ALA N 79 58.62 30.17 8.30
N LEU N 80 58.07 31.25 7.75
CA LEU N 80 58.62 32.58 7.98
C LEU N 80 58.37 33.05 9.40
N THR N 81 57.28 32.60 10.00
CA THR N 81 57.03 32.88 11.40
C THR N 81 58.12 32.25 12.25
N GLU N 82 58.48 31.02 11.96
CA GLU N 82 59.54 30.37 12.71
C GLU N 82 60.87 31.06 12.45
N THR N 83 61.14 31.41 11.20
CA THR N 83 62.34 32.17 10.85
C THR N 83 62.41 33.41 11.71
N HIS N 84 61.30 34.12 11.77
CA HIS N 84 61.23 35.34 12.53
C HIS N 84 61.55 35.10 14.00
N ALA N 85 60.95 34.06 14.57
CA ALA N 85 61.22 33.72 15.96
C ALA N 85 62.71 33.49 16.18
N ILE N 86 63.35 32.80 15.23
CA ILE N 86 64.79 32.65 15.30
C ILE N 86 65.44 34.02 15.33
N LEU N 87 65.04 34.89 14.43
CA LEU N 87 65.67 36.20 14.34
C LEU N 87 65.51 37.00 15.62
N GLN N 88 64.42 36.78 16.35
CA GLN N 88 64.31 37.34 17.69
C GLN N 88 65.42 36.80 18.57
N ARG N 89 65.61 35.48 18.53
CA ARG N 89 66.71 34.92 19.31
C ARG N 89 68.05 35.48 18.85
N VAL N 90 68.19 35.68 17.55
CA VAL N 90 69.43 36.22 17.04
C VAL N 90 69.70 37.56 17.67
N ARG N 91 68.70 38.46 17.65
CA ARG N 91 68.94 39.78 18.21
C ARG N 91 69.24 39.70 19.70
N GLU N 92 68.62 38.76 20.41
CA GLU N 92 69.05 38.52 21.79
C GLU N 92 70.54 38.25 21.82
N LEU N 93 71.00 37.43 20.89
CA LEU N 93 72.40 37.09 20.84
C LEU N 93 73.24 38.21 20.25
N VAL N 94 72.62 39.18 19.58
CA VAL N 94 73.35 40.37 19.14
C VAL N 94 73.60 41.26 20.33
N VAL N 95 72.58 41.47 21.15
CA VAL N 95 72.72 42.34 22.30
C VAL N 95 73.69 41.72 23.29
N GLN N 96 73.64 40.40 23.46
CA GLN N 96 74.71 39.75 24.20
C GLN N 96 76.02 39.88 23.45
N ALA N 97 75.97 39.82 22.13
CA ALA N 97 77.15 40.00 21.28
C ALA N 97 77.49 41.46 21.08
N GLY N 98 76.93 42.31 21.93
CA GLY N 98 77.65 43.47 22.36
C GLY N 98 78.77 43.15 23.31
N ASN N 99 79.07 41.87 23.54
CA ASN N 99 80.25 41.42 24.30
C ASN N 99 80.01 41.71 25.79
N THR N 100 78.75 42.00 26.13
CA THR N 100 78.45 42.74 27.34
C THR N 100 79.46 43.87 27.47
N GLY N 101 79.57 44.64 26.38
CA GLY N 101 80.59 45.65 26.34
C GLY N 101 81.95 45.12 25.98
N THR N 102 82.76 44.87 27.02
CA THR N 102 84.01 44.12 26.88
C THR N 102 84.05 42.91 27.80
N GLN N 103 83.01 42.71 28.61
CA GLN N 103 83.11 41.74 29.70
C GLN N 103 83.21 40.32 29.19
N ASP N 104 82.49 39.99 28.13
CA ASP N 104 82.67 38.67 27.55
C ASP N 104 84.06 38.61 26.93
N LYS N 105 84.62 37.41 26.89
CA LYS N 105 85.92 37.20 26.26
C LYS N 105 85.73 36.62 24.87
N ALA N 106 86.85 36.42 24.18
CA ALA N 106 86.80 35.92 22.81
C ALA N 106 86.13 34.56 22.74
N THR N 107 86.42 33.69 23.71
CA THR N 107 85.76 32.38 23.76
C THR N 107 84.27 32.53 23.97
N ASP N 108 83.86 33.48 24.80
CA ASP N 108 82.45 33.69 25.02
C ASP N 108 81.77 34.11 23.72
N LEU N 109 82.38 35.04 23.00
CA LEU N 109 81.86 35.42 21.70
C LEU N 109 81.85 34.25 20.73
N GLN N 110 82.79 33.33 20.87
CA GLN N 110 82.80 32.15 20.02
C GLN N 110 81.70 31.18 20.40
N SER N 111 81.42 31.05 21.70
CA SER N 111 80.30 30.25 22.14
C SER N 111 79.01 30.79 21.57
N ILE N 112 78.83 32.10 21.69
CA ILE N 112 77.68 32.77 21.10
C ILE N 112 77.65 32.50 19.60
N GLN N 113 78.78 32.69 18.94
CA GLN N 113 78.84 32.56 17.50
C GLN N 113 78.55 31.15 17.06
N ASP N 114 78.96 30.17 17.86
CA ASP N 114 78.57 28.80 17.60
C ASP N 114 77.05 28.67 17.63
N GLY N 115 76.44 29.26 18.65
CA GLY N 115 74.99 29.27 18.70
C GLY N 115 74.37 29.96 17.50
N ILE N 116 74.95 31.07 17.06
CA ILE N 116 74.35 31.83 15.97
C ILE N 116 74.52 31.09 14.66
N SER N 117 75.70 30.54 14.41
CA SER N 117 75.92 29.79 13.18
C SER N 117 75.02 28.57 13.15
N ALA N 118 74.77 28.00 14.32
CA ALA N 118 73.76 26.96 14.44
C ALA N 118 72.39 27.49 14.02
N LEU N 119 72.05 28.70 14.48
CA LEU N 119 70.78 29.30 14.09
C LEU N 119 70.74 29.59 12.60
N THR N 120 71.84 30.05 12.03
CA THR N 120 71.94 30.22 10.59
C THR N 120 71.60 28.92 9.90
N ASP N 121 72.23 27.84 10.34
CA ASP N 121 71.99 26.54 9.73
C ASP N 121 70.52 26.17 9.84
N GLU N 122 69.86 26.62 10.90
CA GLU N 122 68.42 26.36 11.01
C GLU N 122 67.63 27.24 10.06
N ILE N 123 68.02 28.52 9.91
CA ILE N 123 67.31 29.39 8.99
C ILE N 123 67.45 28.86 7.57
N ASP N 124 68.69 28.52 7.19
CA ASP N 124 68.94 27.89 5.91
C ASP N 124 68.14 26.60 5.80
N GLY N 125 67.99 25.88 6.91
CA GLY N 125 67.18 24.69 6.88
C GLY N 125 65.73 25.00 6.60
N ILE N 126 65.21 26.08 7.20
CA ILE N 126 63.86 26.52 6.87
C ILE N 126 63.77 26.80 5.39
N SER N 127 64.62 27.68 4.90
CA SER N 127 64.51 28.15 3.53
C SER N 127 64.83 27.06 2.52
N ASN N 128 65.48 25.97 2.94
CA ASN N 128 65.84 24.87 2.07
C ASN N 128 65.11 23.58 2.41
N ARG N 129 64.09 23.65 3.26
CA ARG N 129 63.21 22.50 3.54
C ARG N 129 61.76 22.86 3.26
N THR N 130 61.44 24.15 3.32
CA THR N 130 60.09 24.57 3.03
C THR N 130 59.83 24.37 1.55
N GLU N 131 59.27 23.21 1.22
CA GLU N 131 58.88 22.88 -0.14
C GLU N 131 57.37 22.74 -0.22
N PHE N 132 56.82 23.05 -1.40
CA PHE N 132 55.47 22.64 -1.75
C PHE N 132 55.53 21.91 -3.07
N ASN N 133 55.23 20.62 -3.02
CA ASN N 133 55.26 19.79 -4.20
C ASN N 133 56.66 19.86 -4.81
N GLY N 134 57.66 19.81 -3.93
CA GLY N 134 59.04 19.91 -4.30
C GLY N 134 59.53 21.33 -4.51
N LYS N 135 58.63 22.25 -4.82
CA LYS N 135 59.01 23.61 -5.07
C LYS N 135 59.48 24.25 -3.78
N LYS N 136 60.77 24.52 -3.69
CA LYS N 136 61.33 25.09 -2.48
C LYS N 136 60.75 26.50 -2.35
N LEU N 137 59.68 26.59 -1.56
CA LEU N 137 58.89 27.82 -1.48
C LEU N 137 59.67 28.97 -0.88
N LEU N 138 60.69 28.68 -0.10
CA LEU N 138 61.57 29.71 0.43
C LEU N 138 62.95 29.63 -0.21
N ASP N 139 62.99 29.18 -1.46
CA ASP N 139 64.16 29.40 -2.28
C ASP N 139 64.27 30.89 -2.52
N GLY N 140 65.25 31.52 -1.87
CA GLY N 140 65.41 32.95 -2.03
C GLY N 140 65.70 33.38 -3.45
N THR N 141 66.15 32.45 -4.30
CA THR N 141 66.38 32.70 -5.71
C THR N 141 65.20 32.24 -6.57
N TYR N 142 64.06 31.92 -5.98
CA TYR N 142 62.91 31.50 -6.77
C TYR N 142 62.47 32.61 -7.71
N LYS N 143 62.02 33.73 -7.15
CA LYS N 143 61.53 34.87 -7.93
C LYS N 143 62.26 36.14 -7.50
N VAL N 144 63.58 36.13 -7.62
CA VAL N 144 64.29 37.41 -7.61
C VAL N 144 63.97 38.09 -8.94
N ASP N 145 63.20 39.18 -8.86
CA ASP N 145 62.79 39.93 -10.05
C ASP N 145 63.97 40.27 -10.94
N THR N 146 65.05 40.76 -10.33
CA THR N 146 66.36 40.97 -10.96
C THR N 146 66.40 42.14 -11.94
N ALA N 147 65.23 42.70 -12.29
CA ALA N 147 65.07 43.43 -13.55
C ALA N 147 65.37 42.54 -14.75
N THR N 148 65.11 41.24 -14.63
CA THR N 148 65.30 40.28 -15.72
C THR N 148 64.07 39.40 -15.78
N PRO N 149 63.13 39.68 -16.68
CA PRO N 149 61.96 38.79 -16.82
C PRO N 149 62.32 37.34 -17.07
N ALA N 150 63.41 37.11 -17.80
CA ALA N 150 63.80 35.76 -18.16
C ALA N 150 64.07 34.89 -16.93
N ASN N 151 64.50 35.50 -15.84
CA ASN N 151 64.85 34.78 -14.62
C ASN N 151 63.94 35.25 -13.49
N GLN N 152 62.71 34.72 -13.44
CA GLN N 152 61.79 35.03 -12.35
C GLN N 152 60.98 33.87 -11.81
N LYS N 153 60.62 32.85 -12.60
CA LYS N 153 59.74 31.79 -12.11
C LYS N 153 58.48 32.36 -11.44
N ASN N 154 57.84 33.33 -12.10
CA ASN N 154 56.72 34.07 -11.51
C ASN N 154 55.69 33.14 -10.87
N LEU N 155 55.45 33.34 -9.58
CA LEU N 155 54.55 32.44 -8.85
C LEU N 155 53.12 32.78 -9.25
N VAL N 156 52.78 32.35 -10.47
CA VAL N 156 51.46 32.60 -11.02
C VAL N 156 50.45 31.70 -10.33
N PHE N 157 49.23 32.22 -10.10
CA PHE N 157 48.07 31.42 -9.70
C PHE N 157 46.91 31.74 -10.65
N GLN N 158 46.65 30.85 -11.61
CA GLN N 158 45.45 30.91 -12.43
C GLN N 158 44.29 30.45 -11.58
N ILE N 159 43.37 31.38 -11.33
CA ILE N 159 42.17 31.09 -10.56
C ILE N 159 40.92 31.23 -11.41
N GLY N 160 40.76 32.36 -12.10
CA GLY N 160 39.51 32.62 -12.77
C GLY N 160 39.23 31.62 -13.87
N ALA N 161 37.97 31.23 -13.98
CA ALA N 161 37.55 30.32 -15.04
C ALA N 161 37.79 30.92 -16.41
N ASN N 162 37.88 32.23 -16.49
CA ASN N 162 38.17 32.93 -17.73
C ASN N 162 39.68 33.10 -17.90
N ALA N 163 40.09 33.24 -19.15
CA ALA N 163 41.51 33.32 -19.48
C ALA N 163 42.16 34.57 -18.91
N THR N 164 43.45 34.46 -18.59
CA THR N 164 44.33 35.50 -18.08
C THR N 164 44.04 35.85 -16.63
N GLN N 165 43.03 35.26 -16.01
CA GLN N 165 42.66 35.63 -14.65
C GLN N 165 43.64 35.03 -13.67
N GLN N 166 44.84 35.61 -13.61
CA GLN N 166 45.95 35.04 -12.86
C GLN N 166 46.45 36.00 -11.81
N ILE N 167 47.05 35.41 -10.78
CA ILE N 167 47.66 36.16 -9.70
C ILE N 167 49.17 35.98 -9.75
N SER N 168 49.90 37.09 -9.63
CA SER N 168 51.36 37.11 -9.68
C SER N 168 51.91 37.32 -8.27
N VAL N 169 52.69 36.36 -7.80
CA VAL N 169 53.24 36.38 -6.43
C VAL N 169 54.75 36.30 -6.51
N ASN N 170 55.40 36.80 -5.46
CA ASN N 170 56.86 36.85 -5.40
C ASN N 170 57.41 36.19 -4.15
N ILE N 171 58.36 35.27 -4.37
CA ILE N 171 59.19 34.66 -3.34
C ILE N 171 60.59 35.25 -3.50
N GLU N 172 61.20 35.75 -2.41
CA GLU N 172 62.62 36.08 -2.46
C GLU N 172 63.41 35.82 -1.18
N ASP N 173 62.80 35.28 -0.13
CA ASP N 173 63.49 35.20 1.15
C ASP N 173 64.28 33.90 1.27
N MET N 174 65.31 33.95 2.12
CA MET N 174 66.14 32.80 2.45
C MET N 174 67.11 33.25 3.54
N GLY N 175 67.87 32.30 4.06
CA GLY N 175 68.84 32.61 5.11
C GLY N 175 69.88 33.62 4.71
N ALA N 176 70.33 33.57 3.45
CA ALA N 176 71.30 34.54 2.97
C ALA N 176 70.67 35.88 2.61
N ASP N 177 69.36 36.04 2.77
CA ASP N 177 68.64 37.25 2.40
C ASP N 177 68.34 38.06 3.66
N ALA N 178 69.22 39.01 4.00
CA ALA N 178 69.07 39.74 5.26
C ALA N 178 68.92 41.25 5.14
N LEU N 179 69.99 41.97 4.81
CA LEU N 179 69.88 43.39 4.47
C LEU N 179 70.01 43.46 2.96
N GLY N 180 68.86 43.48 2.30
CA GLY N 180 68.83 43.59 0.87
C GLY N 180 69.09 45.02 0.47
N ILE N 181 70.34 45.47 0.60
CA ILE N 181 70.68 46.82 0.14
C ILE N 181 70.24 47.00 -1.30
N LYS N 182 70.66 46.08 -2.16
CA LYS N 182 70.17 45.88 -3.51
C LYS N 182 70.12 44.38 -3.79
N GLU N 183 71.21 43.74 -3.37
CA GLU N 183 71.47 42.32 -3.35
C GLU N 183 72.30 42.09 -2.09
N ALA N 184 72.94 40.93 -1.98
CA ALA N 184 73.88 40.71 -0.90
C ALA N 184 75.09 41.60 -1.12
N ASP N 185 75.43 42.41 -0.12
CA ASP N 185 76.58 43.29 -0.25
C ASP N 185 77.87 42.48 -0.21
N GLY N 186 78.09 41.78 0.91
CA GLY N 186 79.29 41.01 1.10
C GLY N 186 79.33 40.44 2.50
N SER N 187 80.46 40.64 3.19
CA SER N 187 80.55 40.24 4.58
C SER N 187 79.46 40.90 5.40
N ILE N 188 79.08 42.12 5.03
CA ILE N 188 77.97 42.80 5.63
C ILE N 188 76.73 42.59 4.77
N ALA N 189 75.58 42.92 5.34
CA ALA N 189 74.28 43.04 4.70
C ALA N 189 73.61 41.72 4.32
N ALA N 190 74.38 40.66 4.13
CA ALA N 190 73.85 39.32 3.99
C ALA N 190 74.58 38.32 4.85
N LEU N 191 75.91 38.33 4.77
CA LEU N 191 76.70 37.27 5.37
C LEU N 191 76.85 37.42 6.87
N HIS N 192 76.45 38.55 7.45
CA HIS N 192 76.30 38.51 8.89
C HIS N 192 75.16 37.57 9.26
N SER N 193 74.15 37.47 8.42
CA SER N 193 73.12 36.47 8.65
C SER N 193 73.66 35.08 8.43
N VAL N 194 74.56 34.93 7.47
CA VAL N 194 75.13 33.62 7.16
C VAL N 194 76.33 33.36 8.06
N ASN N 195 77.36 34.20 7.93
CA ASN N 195 78.65 33.91 8.57
C ASN N 195 78.74 34.46 10.00
N ASP N 196 77.91 35.43 10.36
CA ASP N 196 77.92 35.95 11.73
C ASP N 196 79.24 36.59 12.13
N LEU N 197 79.49 37.80 11.62
CA LEU N 197 80.74 38.53 11.82
C LEU N 197 81.22 38.66 13.27
N ASP N 198 80.35 38.45 14.27
CA ASP N 198 80.74 38.62 15.68
C ASP N 198 81.50 37.38 16.14
N VAL N 199 82.80 37.36 15.87
CA VAL N 199 83.66 36.23 16.25
C VAL N 199 84.67 36.67 17.29
N THR N 200 85.69 37.40 16.83
CA THR N 200 86.61 38.18 17.63
C THR N 200 86.85 39.54 17.02
N LYS N 201 86.57 39.71 15.73
CA LYS N 201 86.56 41.01 15.08
C LYS N 201 85.70 41.99 15.87
N PHE N 202 84.63 41.50 16.50
CA PHE N 202 83.82 42.38 17.33
C PHE N 202 84.60 42.89 18.51
N ALA N 203 85.33 42.01 19.19
CA ALA N 203 86.09 42.46 20.36
C ALA N 203 87.14 43.48 19.96
N ASP N 204 87.66 43.37 18.73
CA ASP N 204 88.61 44.36 18.24
C ASP N 204 87.95 45.73 18.12
N ASN N 205 86.79 45.79 17.45
CA ASN N 205 86.06 47.04 17.21
C ASN N 205 84.60 46.81 17.59
N ALA N 206 84.30 46.98 18.86
CA ALA N 206 82.92 46.82 19.30
C ALA N 206 82.00 47.88 18.73
N ALA N 207 82.52 49.09 18.47
CA ALA N 207 81.76 50.16 17.83
C ALA N 207 82.51 50.89 16.73
N ASP N 208 83.83 50.90 16.84
CA ASP N 208 84.73 51.84 16.18
C ASP N 208 84.63 51.99 14.65
N CYS N 209 84.07 51.03 13.93
CA CYS N 209 84.14 51.06 12.47
C CYS N 209 82.85 50.73 11.75
N ALA N 210 81.76 50.47 12.47
CA ALA N 210 80.42 50.14 11.96
C ALA N 210 80.33 48.80 11.26
N ASP N 211 81.36 48.41 10.50
CA ASP N 211 81.43 47.16 9.78
C ASP N 211 81.35 45.98 10.72
N ILE N 212 82.11 46.04 11.81
CA ILE N 212 81.86 45.20 12.96
C ILE N 212 81.46 46.00 14.19
N GLY N 213 81.40 47.32 14.12
CA GLY N 213 81.13 48.06 15.34
C GLY N 213 79.71 47.97 15.89
N PHE N 214 79.13 46.77 15.96
CA PHE N 214 77.80 46.44 16.50
C PHE N 214 76.63 47.01 15.71
N ASP N 215 76.85 48.18 15.12
CA ASP N 215 75.90 48.91 14.33
C ASP N 215 75.48 48.12 13.11
N ALA N 216 76.44 47.81 12.23
CA ALA N 216 76.09 47.15 10.98
C ALA N 216 75.41 45.82 11.26
N GLN N 217 75.92 45.08 12.23
CA GLN N 217 75.36 43.75 12.51
C GLN N 217 73.92 43.87 12.93
N LEU N 218 73.65 44.75 13.89
CA LEU N 218 72.28 44.94 14.33
C LEU N 218 71.41 45.43 13.19
N LYS N 219 71.98 46.20 12.28
CA LYS N 219 71.21 46.65 11.13
C LYS N 219 70.92 45.49 10.17
N VAL N 220 71.85 44.55 10.04
CA VAL N 220 71.58 43.38 9.21
C VAL N 220 70.41 42.62 9.80
N VAL N 221 70.44 42.42 11.12
CA VAL N 221 69.36 41.67 11.75
C VAL N 221 68.05 42.41 11.60
N ASP N 222 68.08 43.71 11.86
CA ASP N 222 66.87 44.51 11.79
C ASP N 222 66.27 44.48 10.40
N GLU N 223 67.11 44.62 9.38
CA GLU N 223 66.58 44.61 8.03
C GLU N 223 66.15 43.23 7.62
N ALA N 224 66.90 42.20 8.02
CA ALA N 224 66.49 40.82 7.77
C ALA N 224 65.08 40.60 8.29
N ILE N 225 64.84 41.05 9.52
CA ILE N 225 63.51 40.98 10.08
C ILE N 225 62.53 41.78 9.25
N ASN N 226 62.93 42.98 8.84
CA ASN N 226 62.03 43.83 8.08
C ASN N 226 61.67 43.19 6.73
N GLN N 227 62.61 42.46 6.16
CA GLN N 227 62.36 41.75 4.92
C GLN N 227 61.45 40.57 5.13
N VAL N 228 61.58 39.90 6.28
CA VAL N 228 60.62 38.87 6.64
C VAL N 228 59.24 39.50 6.82
N SER N 229 59.20 40.64 7.49
CA SER N 229 57.94 41.34 7.74
C SER N 229 57.25 41.68 6.44
N SER N 230 57.99 42.22 5.49
CA SER N 230 57.39 42.62 4.22
C SER N 230 57.09 41.41 3.35
N GLN N 231 57.90 40.36 3.45
CA GLN N 231 57.61 39.14 2.72
C GLN N 231 56.31 38.53 3.22
N ARG N 232 56.15 38.47 4.54
CA ARG N 232 54.92 37.99 5.13
C ARG N 232 53.78 38.96 4.85
N ALA N 233 54.10 40.24 4.66
CA ALA N 233 53.08 41.22 4.34
C ALA N 233 52.49 40.96 2.97
N LYS N 234 53.36 40.76 1.97
CA LYS N 234 52.90 40.36 0.65
C LYS N 234 52.13 39.07 0.73
N LEU N 235 52.71 38.11 1.44
CA LEU N 235 52.15 36.78 1.56
C LEU N 235 50.73 36.83 2.11
N GLY N 236 50.54 37.60 3.17
CA GLY N 236 49.23 37.71 3.77
C GLY N 236 48.30 38.57 2.97
N ALA N 237 48.85 39.53 2.22
CA ALA N 237 48.03 40.27 1.28
C ALA N 237 47.37 39.32 0.31
N VAL N 238 48.16 38.41 -0.26
CA VAL N 238 47.61 37.42 -1.17
C VAL N 238 46.66 36.48 -0.44
N GLN N 239 46.96 36.18 0.81
CA GLN N 239 46.04 35.37 1.60
C GLN N 239 44.66 36.01 1.63
N ASN N 240 44.62 37.30 1.94
CA ASN N 240 43.35 38.00 1.99
C ASN N 240 42.70 38.00 0.62
N ARG N 241 43.51 38.18 -0.43
CA ARG N 241 42.98 38.13 -1.78
C ARG N 241 42.25 36.83 -2.04
N LEU N 242 42.87 35.73 -1.68
CA LEU N 242 42.26 34.45 -1.96
C LEU N 242 41.07 34.20 -1.07
N GLU N 243 41.07 34.78 0.13
CA GLU N 243 39.86 34.74 0.95
C GLU N 243 38.69 35.36 0.20
N HIS N 244 38.87 36.60 -0.24
CA HIS N 244 37.78 37.30 -0.90
C HIS N 244 37.48 36.70 -2.26
N THR N 245 38.50 36.18 -2.92
CA THR N 245 38.30 35.44 -4.15
C THR N 245 37.35 34.29 -3.90
N ILE N 246 37.67 33.44 -2.93
CA ILE N 246 36.84 32.27 -2.67
C ILE N 246 35.43 32.69 -2.31
N ASN N 247 35.29 33.75 -1.54
CA ASN N 247 33.95 34.20 -1.22
C ASN N 247 33.20 34.58 -2.49
N ASN N 248 33.88 35.24 -3.42
CA ASN N 248 33.28 35.52 -4.71
C ASN N 248 32.98 34.25 -5.49
N LEU N 249 33.94 33.32 -5.51
CA LEU N 249 33.76 32.09 -6.26
C LEU N 249 32.59 31.30 -5.74
N SER N 250 32.39 31.35 -4.43
CA SER N 250 31.29 30.65 -3.79
C SER N 250 29.96 31.29 -4.15
N ALA N 251 29.86 32.60 -3.93
CA ALA N 251 28.60 33.29 -4.20
C ALA N 251 28.27 33.26 -5.69
N SER N 252 29.26 33.61 -6.52
CA SER N 252 29.09 33.63 -7.96
C SER N 252 28.80 32.24 -8.47
N GLY N 253 29.50 31.25 -7.94
CA GLY N 253 29.24 29.89 -8.35
C GLY N 253 27.81 29.47 -8.05
N GLU N 254 27.34 29.81 -6.85
CA GLU N 254 25.96 29.54 -6.49
C GLU N 254 25.00 30.19 -7.46
N ASN N 255 25.14 31.51 -7.65
CA ASN N 255 24.25 32.23 -8.55
C ASN N 255 24.30 31.64 -9.96
N LEU N 256 25.46 31.11 -10.33
CA LEU N 256 25.63 30.56 -11.67
C LEU N 256 24.94 29.21 -11.80
N THR N 257 25.08 28.35 -10.80
CA THR N 257 24.36 27.08 -10.84
C THR N 257 22.86 27.31 -10.78
N ALA N 258 22.46 28.38 -10.11
CA ALA N 258 21.05 28.76 -10.13
C ALA N 258 20.64 29.22 -11.51
N ALA N 259 21.50 29.98 -12.18
CA ALA N 259 21.21 30.42 -13.54
C ALA N 259 21.01 29.22 -14.46
N GLU N 260 21.95 28.29 -14.42
CA GLU N 260 21.80 27.04 -15.16
C GLU N 260 20.48 26.37 -14.80
N SER N 261 20.23 26.28 -13.50
CA SER N 261 19.03 25.61 -13.02
C SER N 261 17.79 26.26 -13.61
N ARG N 262 17.82 27.57 -13.81
CA ARG N 262 16.72 28.24 -14.48
C ARG N 262 16.63 27.79 -15.92
N ILE N 263 17.76 27.61 -16.59
CA ILE N 263 17.69 27.09 -17.95
C ILE N 263 17.12 25.68 -17.94
N ARG N 264 17.64 24.82 -17.08
CA ARG N 264 17.17 23.44 -16.96
C ARG N 264 16.04 23.28 -15.96
N ASP N 265 15.41 24.39 -15.53
CA ASP N 265 14.31 24.33 -14.57
C ASP N 265 13.23 23.39 -15.05
N VAL N 266 13.09 22.25 -14.38
CA VAL N 266 11.93 21.40 -14.56
C VAL N 266 10.90 21.77 -13.52
N ASP N 267 9.75 22.23 -13.98
CA ASP N 267 8.58 22.31 -13.11
C ASP N 267 8.07 20.89 -13.01
N MET N 268 8.67 20.14 -12.08
CA MET N 268 8.39 18.72 -11.97
C MET N 268 6.90 18.46 -11.76
N ALA N 269 6.24 19.35 -11.03
CA ALA N 269 4.81 19.20 -10.85
C ALA N 269 4.08 19.39 -12.17
N LYS N 270 4.45 20.44 -12.93
CA LYS N 270 3.88 20.62 -14.25
C LYS N 270 4.08 19.39 -15.11
N GLU N 271 5.30 18.88 -15.12
CA GLU N 271 5.65 17.85 -16.08
C GLU N 271 5.02 16.51 -15.70
N MET N 272 4.86 16.25 -14.41
CA MET N 272 4.07 15.09 -14.00
C MET N 272 2.62 15.27 -14.41
N SER N 273 2.10 16.48 -14.23
CA SER N 273 0.71 16.75 -14.58
C SER N 273 0.49 16.57 -16.08
N GLU N 274 1.35 17.20 -16.88
CA GLU N 274 1.25 17.09 -18.32
C GLU N 274 1.45 15.67 -18.77
N PHE N 275 2.36 14.95 -18.10
CA PHE N 275 2.53 13.54 -18.37
C PHE N 275 1.23 12.79 -18.21
N THR N 276 0.62 12.97 -17.04
CA THR N 276 -0.67 12.38 -16.74
C THR N 276 -1.67 12.66 -17.84
N LYS N 277 -1.80 13.92 -18.20
CA LYS N 277 -2.74 14.32 -19.23
C LYS N 277 -2.47 13.58 -20.52
N ASN N 278 -1.22 13.54 -20.94
CA ASN N 278 -0.92 12.91 -22.22
C ASN N 278 -1.19 11.41 -22.19
N ASN N 279 -1.03 10.77 -21.04
CA ASN N 279 -1.46 9.38 -20.90
C ASN N 279 -2.94 9.28 -21.16
N ILE N 280 -3.71 10.08 -20.44
CA ILE N 280 -5.16 10.10 -20.56
C ILE N 280 -5.55 10.27 -22.03
N LEU N 281 -4.93 11.24 -22.68
CA LEU N 281 -5.30 11.60 -24.03
C LEU N 281 -4.96 10.48 -25.00
N SER N 282 -3.80 9.85 -24.81
CA SER N 282 -3.46 8.70 -25.64
C SER N 282 -4.50 7.61 -25.49
N GLN N 283 -4.83 7.25 -24.25
CA GLN N 283 -5.76 6.16 -24.00
C GLN N 283 -7.13 6.46 -24.59
N ALA N 284 -7.60 7.69 -24.39
CA ALA N 284 -8.89 8.10 -24.93
C ALA N 284 -8.90 7.96 -26.44
N SER N 285 -7.85 8.48 -27.08
CA SER N 285 -7.79 8.43 -28.53
C SER N 285 -7.79 6.99 -29.03
N GLN N 286 -7.10 6.09 -28.32
CA GLN N 286 -7.11 4.70 -28.75
C GLN N 286 -8.48 4.08 -28.60
N ALA N 287 -9.18 4.40 -27.51
CA ALA N 287 -10.56 3.94 -27.38
C ALA N 287 -11.39 4.38 -28.55
N MET N 288 -11.19 5.63 -28.98
CA MET N 288 -11.92 6.10 -30.13
C MET N 288 -11.48 5.37 -31.40
N LEU N 289 -10.22 4.97 -31.50
CA LEU N 289 -9.81 4.21 -32.68
C LEU N 289 -10.48 2.85 -32.71
N ALA N 290 -10.64 2.24 -31.54
CA ALA N 290 -11.43 1.02 -31.45
C ALA N 290 -12.82 1.28 -31.98
N GLN N 291 -13.46 2.35 -31.50
CA GLN N 291 -14.81 2.67 -31.96
C GLN N 291 -14.86 2.90 -33.46
N ALA N 292 -13.82 3.53 -34.01
CA ALA N 292 -13.72 3.71 -35.46
C ALA N 292 -13.68 2.38 -36.16
N ASN N 293 -13.11 1.37 -35.51
CA ASN N 293 -13.14 0.03 -36.07
C ASN N 293 -14.45 -0.69 -35.77
N GLN N 294 -15.23 -0.23 -34.79
CA GLN N 294 -16.48 -0.90 -34.45
C GLN N 294 -17.60 -0.48 -35.38
N GLN N 295 -17.71 0.82 -35.64
CA GLN N 295 -18.78 1.33 -36.50
C GLN N 295 -18.90 0.61 -37.84
N PRO N 296 -17.85 0.45 -38.64
CA PRO N 296 -18.03 -0.24 -39.92
C PRO N 296 -18.41 -1.70 -39.78
N GLN N 297 -18.21 -2.32 -38.62
CA GLN N 297 -18.70 -3.68 -38.41
C GLN N 297 -20.20 -3.68 -38.25
N ASN N 298 -20.70 -2.75 -37.45
CA ASN N 298 -22.13 -2.53 -37.36
C ASN N 298 -22.70 -2.31 -38.75
N VAL N 299 -22.00 -1.51 -39.55
CA VAL N 299 -22.41 -1.29 -40.93
C VAL N 299 -22.45 -2.60 -41.69
N LEU N 300 -21.43 -3.42 -41.52
CA LEU N 300 -21.36 -4.68 -42.25
C LEU N 300 -22.59 -5.52 -41.98
N GLN N 301 -22.92 -5.72 -40.71
CA GLN N 301 -24.12 -6.49 -40.39
C GLN N 301 -25.36 -5.83 -40.96
N LEU N 302 -25.51 -4.54 -40.70
CA LEU N 302 -26.74 -3.84 -41.02
C LEU N 302 -27.00 -3.80 -42.52
N LEU N 303 -25.94 -3.80 -43.31
CA LEU N 303 -26.04 -3.81 -44.77
C LEU N 303 -25.65 -5.15 -45.36
N ARG N 304 -25.87 -6.22 -44.61
CA ARG N 304 -25.69 -7.55 -45.14
C ARG N 304 -27.01 -8.06 -45.71
N ILE O 3 -78.78 -51.55 -62.53
CA ILE O 3 -79.24 -50.95 -61.24
C ILE O 3 -78.50 -49.64 -60.93
N ASN O 4 -78.22 -48.88 -61.98
CA ASN O 4 -77.37 -47.70 -61.85
C ASN O 4 -77.85 -46.75 -60.77
N HIS O 5 -79.16 -46.52 -60.72
CA HIS O 5 -79.74 -45.58 -59.76
C HIS O 5 -79.68 -46.05 -58.32
N ASN O 6 -79.25 -47.29 -58.07
CA ASN O 6 -79.17 -47.82 -56.72
C ASN O 6 -77.75 -47.89 -56.17
N ILE O 7 -76.74 -47.61 -56.97
CA ILE O 7 -75.34 -47.76 -56.57
C ILE O 7 -74.79 -46.39 -56.26
N ALA O 8 -74.30 -46.24 -55.05
CA ALA O 8 -73.56 -45.05 -54.67
C ALA O 8 -72.38 -45.37 -53.77
N ALA O 9 -72.05 -46.65 -53.61
CA ALA O 9 -71.04 -47.09 -52.66
C ALA O 9 -71.37 -46.54 -51.28
N LEU O 10 -72.60 -46.78 -50.85
CA LEU O 10 -73.09 -46.14 -49.64
C LEU O 10 -72.27 -46.53 -48.42
N ASN O 11 -71.62 -47.69 -48.45
CA ASN O 11 -70.69 -48.00 -47.37
C ASN O 11 -69.52 -47.03 -47.39
N THR O 12 -69.07 -46.65 -48.59
CA THR O 12 -68.05 -45.62 -48.67
C THR O 12 -68.57 -44.32 -48.09
N LEU O 13 -69.84 -44.02 -48.35
CA LEU O 13 -70.42 -42.78 -47.84
C LEU O 13 -70.46 -42.81 -46.32
N ASN O 14 -70.80 -43.95 -45.77
CA ASN O 14 -70.82 -44.10 -44.32
C ASN O 14 -69.41 -43.94 -43.75
N ARG O 15 -68.41 -44.51 -44.44
CA ARG O 15 -67.04 -44.28 -44.02
C ARG O 15 -66.70 -42.82 -44.12
N LEU O 16 -67.30 -42.13 -45.07
CA LEU O 16 -66.98 -40.72 -45.23
C LEU O 16 -67.45 -39.93 -44.03
N SER O 17 -68.71 -40.12 -43.68
CA SER O 17 -69.24 -39.45 -42.50
C SER O 17 -68.39 -39.76 -41.28
N SER O 18 -68.04 -41.04 -41.11
CA SER O 18 -67.21 -41.45 -39.99
C SER O 18 -65.88 -40.71 -40.00
N ASN O 19 -65.22 -40.68 -41.14
CA ASN O 19 -63.89 -40.10 -41.23
C ASN O 19 -63.93 -38.60 -40.99
N ASN O 20 -64.97 -37.93 -41.48
CA ASN O 20 -65.07 -36.50 -41.27
C ASN O 20 -65.23 -36.20 -39.79
N SER O 21 -66.11 -36.95 -39.12
CA SER O 21 -66.24 -36.74 -37.69
C SER O 21 -64.94 -37.09 -36.97
N ALA O 22 -64.24 -38.11 -37.45
CA ALA O 22 -63.00 -38.53 -36.80
C ALA O 22 -61.96 -37.42 -36.83
N SER O 23 -61.66 -36.93 -38.03
CA SER O 23 -60.70 -35.84 -38.16
C SER O 23 -61.16 -34.62 -37.37
N GLN O 24 -62.46 -34.35 -37.38
CA GLN O 24 -63.01 -33.26 -36.58
C GLN O 24 -62.64 -33.41 -35.12
N LYS O 25 -62.87 -34.60 -34.57
CA LYS O 25 -62.57 -34.85 -33.16
C LYS O 25 -61.10 -34.64 -32.89
N ASN O 26 -60.25 -35.15 -33.80
CA ASN O 26 -58.81 -34.94 -33.66
C ASN O 26 -58.49 -33.46 -33.53
N MET O 27 -59.03 -32.63 -34.43
CA MET O 27 -58.78 -31.19 -34.35
C MET O 27 -59.20 -30.63 -33.02
N GLU O 28 -60.44 -30.91 -32.64
CA GLU O 28 -61.02 -30.35 -31.45
C GLU O 28 -60.16 -30.62 -30.24
N LYS O 29 -59.62 -31.83 -30.16
CA LYS O 29 -58.70 -32.13 -29.08
C LYS O 29 -57.39 -31.40 -29.27
N LEU O 30 -56.89 -31.36 -30.51
CA LEU O 30 -55.63 -30.69 -30.81
C LEU O 30 -55.73 -29.20 -30.51
N SER O 31 -56.79 -28.57 -31.03
CA SER O 31 -56.98 -27.15 -30.85
C SER O 31 -57.12 -26.80 -29.38
N SER O 32 -57.95 -27.54 -28.68
CA SER O 32 -58.19 -27.27 -27.28
C SER O 32 -57.07 -27.77 -26.39
N GLY O 33 -56.26 -28.70 -26.89
CA GLY O 33 -55.25 -29.30 -26.06
C GLY O 33 -55.86 -30.22 -25.03
N LEU O 34 -57.01 -30.81 -25.35
CA LEU O 34 -57.80 -31.59 -24.40
C LEU O 34 -57.99 -32.98 -24.98
N ARG O 35 -57.43 -33.98 -24.30
CA ARG O 35 -57.83 -35.34 -24.62
C ARG O 35 -59.20 -35.62 -24.04
N ILE O 36 -59.54 -34.93 -22.94
CA ILE O 36 -60.87 -35.07 -22.38
C ILE O 36 -61.91 -34.65 -23.41
N ASN O 37 -63.10 -35.19 -23.25
CA ASN O 37 -64.21 -34.82 -24.09
C ASN O 37 -64.97 -33.67 -23.46
N ARG O 38 -65.62 -32.87 -24.31
CA ARG O 38 -66.67 -32.01 -23.81
C ARG O 38 -67.85 -32.84 -23.37
N ALA O 39 -68.18 -33.87 -24.14
CA ALA O 39 -69.25 -34.79 -23.83
C ALA O 39 -68.88 -35.66 -22.65
N GLY O 40 -69.91 -36.21 -22.02
CA GLY O 40 -69.76 -37.09 -20.86
C GLY O 40 -69.10 -38.41 -21.12
N ASP O 41 -68.67 -38.67 -22.35
CA ASP O 41 -67.91 -39.88 -22.64
C ASP O 41 -66.66 -39.92 -21.76
N ASP O 42 -66.60 -40.92 -20.89
CA ASP O 42 -65.66 -40.98 -19.79
C ASP O 42 -65.93 -39.87 -18.77
N ALA O 43 -67.20 -39.74 -18.38
CA ALA O 43 -67.56 -38.81 -17.32
C ALA O 43 -66.87 -39.15 -16.00
N ALA O 44 -66.42 -40.39 -15.83
CA ALA O 44 -65.58 -40.72 -14.68
C ALA O 44 -64.34 -39.85 -14.69
N GLY O 45 -63.48 -40.02 -15.70
CA GLY O 45 -62.26 -39.25 -15.77
C GLY O 45 -62.52 -37.76 -15.78
N LEU O 46 -63.60 -37.34 -16.44
CA LEU O 46 -63.95 -35.92 -16.45
C LEU O 46 -64.21 -35.44 -15.04
N ALA O 47 -65.20 -36.03 -14.38
CA ALA O 47 -65.58 -35.62 -13.02
C ALA O 47 -64.39 -35.66 -12.09
N ILE O 48 -63.47 -36.61 -12.31
CA ILE O 48 -62.24 -36.60 -11.54
C ILE O 48 -61.50 -35.30 -11.80
N SER O 49 -61.18 -35.01 -13.07
CA SER O 49 -60.36 -33.84 -13.37
C SER O 49 -61.06 -32.56 -12.93
N GLU O 50 -62.38 -32.57 -12.94
CA GLU O 50 -63.15 -31.48 -12.38
C GLU O 50 -62.81 -31.32 -10.90
N LYS O 51 -62.88 -32.42 -10.16
CA LYS O 51 -62.54 -32.39 -8.75
C LYS O 51 -61.09 -31.99 -8.54
N MET O 52 -60.21 -32.50 -9.41
CA MET O 52 -58.80 -32.14 -9.36
C MET O 52 -58.66 -30.64 -9.44
N ARG O 53 -59.19 -30.04 -10.50
CA ARG O 53 -59.07 -28.60 -10.71
C ARG O 53 -59.67 -27.82 -9.56
N GLY O 54 -60.77 -28.32 -9.02
CA GLY O 54 -61.31 -27.69 -7.82
C GLY O 54 -60.28 -27.64 -6.72
N GLN O 55 -59.59 -28.77 -6.51
CA GLN O 55 -58.55 -28.78 -5.48
C GLN O 55 -57.33 -27.97 -5.91
N ILE O 56 -56.91 -28.06 -7.18
CA ILE O 56 -55.77 -27.29 -7.68
C ILE O 56 -55.97 -25.82 -7.37
N ARG O 57 -57.06 -25.27 -7.90
CA ARG O 57 -57.38 -23.88 -7.70
C ARG O 57 -57.48 -23.56 -6.22
N GLY O 58 -58.03 -24.48 -5.45
CA GLY O 58 -58.07 -24.30 -4.01
C GLY O 58 -56.68 -24.28 -3.38
N LEU O 59 -55.72 -24.97 -4.01
CA LEU O 59 -54.35 -24.97 -3.51
C LEU O 59 -53.63 -23.70 -3.91
N GLU O 60 -53.99 -23.14 -5.06
CA GLU O 60 -53.44 -21.85 -5.45
C GLU O 60 -53.89 -20.78 -4.47
N MET O 61 -55.20 -20.75 -4.19
CA MET O 61 -55.71 -19.81 -3.20
C MET O 61 -55.24 -20.19 -1.80
N ALA O 62 -54.90 -21.46 -1.58
CA ALA O 62 -54.34 -21.87 -0.31
C ALA O 62 -52.96 -21.28 -0.11
N SER O 63 -52.13 -21.37 -1.15
CA SER O 63 -50.82 -20.76 -1.10
C SER O 63 -50.95 -19.27 -0.88
N LYS O 64 -51.86 -18.64 -1.61
CA LYS O 64 -52.17 -17.24 -1.40
C LYS O 64 -52.49 -16.96 0.06
N ASN O 65 -53.45 -17.71 0.62
CA ASN O 65 -53.88 -17.45 1.99
C ASN O 65 -52.75 -17.66 2.98
N SER O 66 -51.89 -18.65 2.73
CA SER O 66 -50.81 -18.95 3.65
C SER O 66 -49.74 -17.88 3.60
N GLN O 67 -49.43 -17.43 2.39
CA GLN O 67 -48.50 -16.31 2.24
C GLN O 67 -49.02 -15.09 2.96
N ASP O 68 -50.33 -14.86 2.85
CA ASP O 68 -50.95 -13.77 3.57
C ASP O 68 -50.82 -13.96 5.07
N GLY O 69 -51.02 -15.20 5.52
CA GLY O 69 -50.69 -15.56 6.89
C GLY O 69 -49.31 -15.10 7.28
N ILE O 70 -48.34 -15.42 6.42
CA ILE O 70 -46.96 -15.06 6.69
C ILE O 70 -46.80 -13.56 6.80
N SER O 71 -47.49 -12.83 5.93
CA SER O 71 -47.39 -11.38 5.96
C SER O 71 -47.86 -10.84 7.30
N LEU O 72 -48.99 -11.35 7.77
CA LEU O 72 -49.48 -10.99 9.09
C LEU O 72 -48.45 -11.32 10.15
N ILE O 73 -47.92 -12.54 10.08
CA ILE O 73 -46.95 -13.01 11.07
C ILE O 73 -45.79 -12.05 11.15
N GLN O 74 -45.12 -11.84 10.02
CA GLN O 74 -43.90 -11.05 10.02
C GLN O 74 -44.16 -9.61 10.41
N THR O 75 -45.35 -9.10 10.10
CA THR O 75 -45.74 -7.79 10.62
C THR O 75 -45.67 -7.78 12.14
N ALA O 76 -46.46 -8.66 12.75
CA ALA O 76 -46.50 -8.70 14.22
C ALA O 76 -45.12 -9.04 14.78
N GLU O 77 -44.41 -9.91 14.09
CA GLU O 77 -43.07 -10.35 14.48
C GLU O 77 -42.14 -9.17 14.62
N GLY O 78 -42.00 -8.39 13.55
CA GLY O 78 -41.10 -7.25 13.59
C GLY O 78 -41.52 -6.26 14.65
N ALA O 79 -42.84 -6.09 14.80
CA ALA O 79 -43.34 -5.19 15.83
C ALA O 79 -42.93 -5.67 17.22
N LEU O 80 -43.03 -6.97 17.47
CA LEU O 80 -42.66 -7.52 18.77
C LEU O 80 -41.17 -7.48 18.98
N THR O 81 -40.40 -7.59 17.90
CA THR O 81 -38.96 -7.43 17.99
C THR O 81 -38.62 -6.03 18.47
N GLU O 82 -39.29 -5.03 17.90
CA GLU O 82 -39.03 -3.66 18.35
C GLU O 82 -39.50 -3.47 19.79
N THR O 83 -40.66 -4.02 20.13
CA THR O 83 -41.14 -3.98 21.50
C THR O 83 -40.08 -4.53 22.42
N HIS O 84 -39.54 -5.68 22.05
CA HIS O 84 -38.52 -6.32 22.84
C HIS O 84 -37.31 -5.43 23.02
N ALA O 85 -36.85 -4.82 21.93
CA ALA O 85 -35.71 -3.91 22.01
C ALA O 85 -35.99 -2.79 23.00
N ILE O 86 -37.21 -2.25 22.97
CA ILE O 86 -37.59 -1.27 23.97
C ILE O 86 -37.42 -1.87 25.35
N LEU O 87 -37.95 -3.07 25.56
CA LEU O 87 -37.91 -3.68 26.88
C LEU O 87 -36.48 -3.87 27.36
N GLN O 88 -35.54 -4.10 26.45
CA GLN O 88 -34.13 -4.08 26.83
C GLN O 88 -33.77 -2.72 27.36
N ARG O 89 -34.16 -1.66 26.65
CA ARG O 89 -33.88 -0.33 27.17
C ARG O 89 -34.55 -0.12 28.51
N VAL O 90 -35.75 -0.65 28.67
CA VAL O 90 -36.47 -0.49 29.92
C VAL O 90 -35.63 -1.08 31.04
N ARG O 91 -35.15 -2.31 30.87
CA ARG O 91 -34.39 -2.93 31.94
C ARG O 91 -33.11 -2.16 32.22
N GLU O 92 -32.50 -1.58 31.18
CA GLU O 92 -31.40 -0.66 31.45
C GLU O 92 -31.85 0.43 32.40
N LEU O 93 -33.04 0.96 32.14
CA LEU O 93 -33.57 2.01 32.98
C LEU O 93 -34.07 1.48 34.31
N VAL O 94 -34.30 0.17 34.42
CA VAL O 94 -34.64 -0.41 35.73
C VAL O 94 -33.40 -0.47 36.58
N VAL O 95 -32.31 -0.94 35.99
CA VAL O 95 -31.06 -1.06 36.75
C VAL O 95 -30.57 0.31 37.14
N GLN O 96 -30.70 1.29 36.25
CA GLN O 96 -30.47 2.67 36.69
C GLN O 96 -31.51 3.08 37.72
N ALA O 97 -32.74 2.60 37.56
CA ALA O 97 -33.82 2.86 38.51
C ALA O 97 -33.77 1.94 39.70
N GLY O 98 -32.63 1.30 39.88
CA GLY O 98 -32.16 1.04 41.21
C GLY O 98 -31.65 2.28 41.91
N ASN O 99 -31.83 3.48 41.33
CA ASN O 99 -31.55 4.76 41.97
C ASN O 99 -30.05 4.96 42.08
N THR O 100 -29.29 4.12 41.35
CA THR O 100 -27.90 3.84 41.68
C THR O 100 -27.81 3.67 43.19
N GLY O 101 -28.68 2.80 43.70
CA GLY O 101 -28.77 2.65 45.13
C GLY O 101 -29.62 3.70 45.79
N THR O 102 -28.94 4.73 46.29
CA THR O 102 -29.60 5.96 46.74
C THR O 102 -29.04 7.19 46.05
N GLN O 103 -28.04 7.02 45.18
CA GLN O 103 -27.28 8.16 44.70
C GLN O 103 -28.12 9.07 43.82
N ASP O 104 -28.98 8.50 42.99
CA ASP O 104 -29.86 9.35 42.22
C ASP O 104 -30.85 9.99 43.20
N LYS O 105 -31.34 11.17 42.84
CA LYS O 105 -32.33 11.86 43.64
C LYS O 105 -33.71 11.66 43.04
N ALA O 106 -34.71 12.22 43.70
CA ALA O 106 -36.09 12.06 43.25
C ALA O 106 -36.28 12.62 41.85
N THR O 107 -35.67 13.77 41.56
CA THR O 107 -35.74 14.34 40.22
C THR O 107 -35.09 13.44 39.21
N ASP O 108 -33.97 12.82 39.57
CA ASP O 108 -33.33 11.90 38.65
C ASP O 108 -34.23 10.73 38.32
N LEU O 109 -34.87 10.16 39.34
CA LEU O 109 -35.84 9.10 39.10
C LEU O 109 -37.01 9.59 38.27
N GLN O 110 -37.36 10.87 38.39
CA GLN O 110 -38.44 11.41 37.58
C GLN O 110 -37.99 11.61 36.14
N SER O 111 -36.74 11.99 35.94
CA SER O 111 -36.20 12.08 34.59
C SER O 111 -36.24 10.72 33.93
N ILE O 112 -35.76 9.71 34.66
CA ILE O 112 -35.83 8.34 34.17
C ILE O 112 -37.27 7.96 33.89
N GLN O 113 -38.16 8.26 34.82
CA GLN O 113 -39.56 7.86 34.69
C GLN O 113 -40.22 8.56 33.51
N ASP O 114 -39.81 9.80 33.24
CA ASP O 114 -40.27 10.47 32.02
C ASP O 114 -39.84 9.67 30.81
N GLY O 115 -38.58 9.25 30.79
CA GLY O 115 -38.12 8.40 29.71
C GLY O 115 -38.89 7.11 29.61
N ILE O 116 -39.21 6.50 30.75
CA ILE O 116 -39.88 5.19 30.70
C ILE O 116 -41.32 5.36 30.26
N SER O 117 -42.01 6.36 30.79
CA SER O 117 -43.39 6.58 30.37
C SER O 117 -43.45 6.92 28.90
N ALA O 118 -42.42 7.61 28.42
CA ALA O 118 -42.26 7.81 26.99
C ALA O 118 -42.14 6.47 26.27
N LEU O 119 -41.34 5.55 26.83
CA LEU O 119 -41.20 4.23 26.23
C LEU O 119 -42.51 3.47 26.28
N THR O 120 -43.24 3.58 27.38
CA THR O 120 -44.57 2.98 27.47
C THR O 120 -45.42 3.48 26.33
N ASP O 121 -45.45 4.79 26.13
CA ASP O 121 -46.25 5.36 25.06
C ASP O 121 -45.82 4.81 23.71
N GLU O 122 -44.53 4.47 23.57
CA GLU O 122 -44.09 3.86 22.34
C GLU O 122 -44.52 2.40 22.25
N ILE O 123 -44.48 1.66 23.35
CA ILE O 123 -44.94 0.28 23.32
C ILE O 123 -46.43 0.23 23.00
N ASP O 124 -47.20 1.06 23.69
CA ASP O 124 -48.62 1.21 23.37
C ASP O 124 -48.79 1.62 21.93
N GLY O 125 -47.89 2.47 21.43
CA GLY O 125 -47.95 2.84 20.03
C GLY O 125 -47.73 1.66 19.12
N ILE O 126 -46.78 0.78 19.46
CA ILE O 126 -46.60 -0.45 18.71
C ILE O 126 -47.89 -1.24 18.72
N SER O 127 -48.37 -1.55 19.91
CA SER O 127 -49.51 -2.45 20.03
C SER O 127 -50.80 -1.84 19.50
N ASN O 128 -50.84 -0.52 19.30
CA ASN O 128 -52.01 0.18 18.81
C ASN O 128 -51.78 0.80 17.44
N ARG O 129 -50.69 0.45 16.76
CA ARG O 129 -50.45 0.87 15.38
C ARG O 129 -50.21 -0.35 14.50
N THR O 130 -49.76 -1.44 15.10
CA THR O 130 -49.56 -2.65 14.32
C THR O 130 -50.91 -3.20 13.90
N GLU O 131 -51.33 -2.81 12.70
CA GLU O 131 -52.56 -3.29 12.10
C GLU O 131 -52.24 -4.12 10.87
N PHE O 132 -53.09 -5.09 10.58
CA PHE O 132 -53.13 -5.71 9.26
C PHE O 132 -54.55 -5.63 8.74
N ASN O 133 -54.72 -4.86 7.68
CA ASN O 133 -56.03 -4.66 7.09
C ASN O 133 -56.98 -4.11 8.14
N GLY O 134 -56.45 -3.17 8.92
CA GLY O 134 -57.17 -2.56 10.01
C GLY O 134 -57.17 -3.37 11.28
N LYS O 135 -56.98 -4.67 11.19
CA LYS O 135 -57.00 -5.53 12.36
C LYS O 135 -55.79 -5.24 13.20
N LYS O 136 -56.01 -4.63 14.35
CA LYS O 136 -54.91 -4.29 15.24
C LYS O 136 -54.29 -5.59 15.72
N LEU O 137 -53.23 -6.01 15.03
CA LEU O 137 -52.66 -7.33 15.23
C LEU O 137 -52.04 -7.50 16.61
N LEU O 138 -51.67 -6.39 17.25
CA LEU O 138 -51.18 -6.42 18.62
C LEU O 138 -52.20 -5.79 19.57
N ASP O 139 -53.47 -5.90 19.22
CA ASP O 139 -54.52 -5.66 20.19
C ASP O 139 -54.43 -6.76 21.23
N GLY O 140 -53.95 -6.41 22.43
CA GLY O 140 -53.81 -7.40 23.47
C GLY O 140 -55.11 -8.04 23.88
N THR O 141 -56.24 -7.42 23.55
CA THR O 141 -57.57 -7.98 23.79
C THR O 141 -58.15 -8.64 22.54
N TYR O 142 -57.34 -8.88 21.52
CA TYR O 142 -57.85 -9.54 20.32
C TYR O 142 -58.34 -10.94 20.65
N LYS O 143 -57.42 -11.82 21.07
CA LYS O 143 -57.75 -13.21 21.40
C LYS O 143 -57.25 -13.53 22.80
N VAL O 144 -57.74 -12.79 23.78
CA VAL O 144 -57.64 -13.30 25.15
C VAL O 144 -58.62 -14.46 25.26
N ASP O 145 -58.09 -15.67 25.40
CA ASP O 145 -58.89 -16.89 25.49
C ASP O 145 -59.98 -16.76 26.55
N THR O 146 -59.60 -16.25 27.73
CA THR O 146 -60.51 -15.86 28.81
C THR O 146 -61.16 -17.03 29.53
N ALA O 147 -61.03 -18.25 28.99
CA ALA O 147 -61.97 -19.33 29.26
C ALA O 147 -63.39 -18.94 28.83
N THR O 148 -63.51 -18.12 27.79
CA THR O 148 -64.79 -17.71 27.25
C THR O 148 -64.70 -17.81 25.74
N PRO O 149 -65.21 -18.90 25.14
CA PRO O 149 -65.22 -18.99 23.67
C PRO O 149 -65.90 -17.83 22.98
N ALA O 150 -66.94 -17.28 23.61
CA ALA O 150 -67.70 -16.20 22.99
C ALA O 150 -66.84 -14.98 22.72
N ASN O 151 -65.79 -14.77 23.51
CA ASN O 151 -64.92 -13.60 23.39
C ASN O 151 -63.50 -14.07 23.09
N GLN O 152 -63.24 -14.40 21.81
CA GLN O 152 -61.89 -14.78 21.40
C GLN O 152 -61.43 -14.22 20.06
N LYS O 153 -62.30 -13.97 19.08
CA LYS O 153 -61.84 -13.55 17.75
C LYS O 153 -60.74 -14.46 17.21
N ASN O 154 -60.94 -15.78 17.31
CA ASN O 154 -59.90 -16.76 16.99
C ASN O 154 -59.24 -16.47 15.66
N LEU O 155 -57.91 -16.28 15.68
CA LEU O 155 -57.19 -15.90 14.47
C LEU O 155 -57.08 -17.14 13.58
N VAL O 156 -58.21 -17.47 12.96
CA VAL O 156 -58.30 -18.63 12.09
C VAL O 156 -57.58 -18.32 10.80
N PHE O 157 -56.90 -19.33 10.22
CA PHE O 157 -56.37 -19.29 8.85
C PHE O 157 -56.85 -20.55 8.12
N GLN O 158 -57.89 -20.40 7.28
CA GLN O 158 -58.30 -21.46 6.35
C GLN O 158 -57.28 -21.50 5.22
N ILE O 159 -56.56 -22.62 5.16
CA ILE O 159 -55.58 -22.85 4.11
C ILE O 159 -55.98 -23.99 3.21
N GLY O 160 -56.32 -25.15 3.77
CA GLY O 160 -56.52 -26.32 2.95
C GLY O 160 -57.70 -26.16 2.03
N ALA O 161 -57.53 -26.66 0.79
CA ALA O 161 -58.60 -26.63 -0.18
C ALA O 161 -59.81 -27.42 0.29
N ASN O 162 -59.62 -28.34 1.22
CA ASN O 162 -60.69 -29.12 1.81
C ASN O 162 -61.23 -28.42 3.05
N ALA O 163 -62.48 -28.72 3.37
CA ALA O 163 -63.16 -28.06 4.47
C ALA O 163 -62.52 -28.38 5.82
N THR O 164 -62.63 -27.43 6.73
CA THR O 164 -62.16 -27.47 8.11
C THR O 164 -60.64 -27.37 8.22
N GLN O 165 -59.91 -27.32 7.12
CA GLN O 165 -58.47 -27.32 7.17
C GLN O 165 -57.96 -25.93 7.59
N GLN O 166 -58.11 -25.63 8.87
CA GLN O 166 -57.88 -24.30 9.39
C GLN O 166 -56.81 -24.31 10.46
N ILE O 167 -56.16 -23.16 10.61
CA ILE O 167 -55.15 -22.95 11.63
C ILE O 167 -55.67 -21.95 12.65
N SER O 168 -55.50 -22.28 13.93
CA SER O 168 -55.96 -21.46 15.04
C SER O 168 -54.76 -20.78 15.68
N VAL O 169 -54.76 -19.45 15.69
CA VAL O 169 -53.65 -18.66 16.21
C VAL O 169 -54.16 -17.72 17.29
N ASN O 170 -53.26 -17.32 18.19
CA ASN O 170 -53.61 -16.47 19.31
C ASN O 170 -52.75 -15.22 19.40
N ILE O 171 -53.44 -14.08 19.49
CA ILE O 171 -52.86 -12.77 19.79
C ILE O 171 -53.28 -12.43 21.22
N GLU O 172 -52.31 -12.04 22.08
CA GLU O 172 -52.69 -11.46 23.37
C GLU O 172 -51.78 -10.35 23.88
N ASP O 173 -50.76 -9.93 23.14
CA ASP O 173 -49.79 -9.01 23.70
C ASP O 173 -50.20 -7.55 23.46
N MET O 174 -49.69 -6.67 24.32
CA MET O 174 -49.89 -5.24 24.24
C MET O 174 -49.04 -4.60 25.33
N GLY O 175 -49.00 -3.27 25.32
CA GLY O 175 -48.23 -2.54 26.32
C GLY O 175 -48.66 -2.82 27.73
N ALA O 176 -49.96 -2.96 27.96
CA ALA O 176 -50.46 -3.26 29.29
C ALA O 176 -50.31 -4.73 29.67
N ASP O 177 -49.74 -5.56 28.79
CA ASP O 177 -49.61 -7.00 29.00
C ASP O 177 -48.16 -7.31 29.38
N ALA O 178 -47.87 -7.35 30.70
CA ALA O 178 -46.48 -7.51 31.15
C ALA O 178 -46.19 -8.73 32.01
N LEU O 179 -46.64 -8.74 33.27
CA LEU O 179 -46.59 -9.95 34.08
C LEU O 179 -48.02 -10.47 34.13
N GLY O 180 -48.30 -11.39 33.23
CA GLY O 180 -49.60 -12.01 33.18
C GLY O 180 -49.71 -13.04 34.27
N ILE O 181 -49.84 -12.58 35.52
CA ILE O 181 -50.04 -13.51 36.64
C ILE O 181 -51.22 -14.42 36.31
N LYS O 182 -52.35 -13.83 35.98
CA LYS O 182 -53.52 -14.46 35.38
C LYS O 182 -54.11 -13.50 34.36
N GLU O 183 -54.18 -12.25 34.80
CA GLU O 183 -54.56 -11.07 34.07
C GLU O 183 -53.69 -9.96 34.64
N ALA O 184 -54.03 -8.71 34.35
CA ALA O 184 -53.35 -7.60 35.00
C ALA O 184 -53.69 -7.60 36.48
N ASP O 185 -52.67 -7.63 37.33
CA ASP O 185 -52.91 -7.63 38.77
C ASP O 185 -53.43 -6.27 39.21
N GLY O 186 -52.61 -5.24 39.00
CA GLY O 186 -52.96 -3.90 39.41
C GLY O 186 -51.80 -2.96 39.18
N SER O 187 -51.44 -2.18 40.21
CA SER O 187 -50.26 -1.34 40.11
C SER O 187 -49.03 -2.16 39.78
N ILE O 188 -48.99 -3.40 40.24
CA ILE O 188 -47.95 -4.34 39.89
C ILE O 188 -48.45 -5.21 38.76
N ALA O 189 -47.51 -5.94 38.15
CA ALA O 189 -47.72 -7.02 37.20
C ALA O 189 -48.18 -6.60 35.81
N ALA O 190 -48.83 -5.44 35.69
CA ALA O 190 -49.12 -4.85 34.39
C ALA O 190 -48.77 -3.38 34.35
N LEU O 191 -49.22 -2.63 35.36
CA LEU O 191 -49.12 -1.18 35.32
C LEU O 191 -47.74 -0.66 35.64
N HIS O 192 -46.83 -1.50 36.10
CA HIS O 192 -45.45 -1.04 36.06
C HIS O 192 -45.00 -0.89 34.62
N SER O 193 -45.53 -1.74 33.72
CA SER O 193 -45.24 -1.53 32.31
C SER O 193 -45.94 -0.29 31.80
N VAL O 194 -47.11 0.01 32.32
CA VAL O 194 -47.87 1.17 31.88
C VAL O 194 -47.43 2.39 32.68
N ASN O 195 -47.65 2.35 33.99
CA ASN O 195 -47.49 3.55 34.81
C ASN O 195 -46.07 3.72 35.34
N ASP O 196 -45.26 2.66 35.37
CA ASP O 196 -43.86 2.79 35.80
C ASP O 196 -43.73 3.25 37.26
N LEU O 197 -43.98 2.34 38.19
CA LEU O 197 -43.98 2.62 39.62
C LEU O 197 -42.74 3.34 40.16
N ASP O 198 -41.61 3.35 39.45
CA ASP O 198 -40.38 3.96 39.94
C ASP O 198 -40.45 5.46 39.73
N VAL O 199 -41.07 6.16 40.69
CA VAL O 199 -41.23 7.60 40.63
C VAL O 199 -40.44 8.26 41.76
N THR O 200 -41.00 8.16 42.97
CA THR O 200 -40.33 8.43 44.22
C THR O 200 -40.65 7.38 45.25
N LYS O 201 -41.73 6.62 45.06
CA LYS O 201 -42.01 5.44 45.86
C LYS O 201 -40.81 4.52 45.90
N PHE O 202 -40.04 4.46 44.81
CA PHE O 202 -38.83 3.65 44.83
C PHE O 202 -37.84 4.17 45.83
N ALA O 203 -37.61 5.48 45.85
CA ALA O 203 -36.65 6.03 46.79
C ALA O 203 -37.08 5.77 48.23
N ASP O 204 -38.38 5.71 48.47
CA ASP O 204 -38.87 5.37 49.80
C ASP O 204 -38.50 3.95 50.18
N ASN O 205 -38.77 2.98 49.30
CA ASN O 205 -38.49 1.56 49.55
C ASN O 205 -37.78 1.01 48.32
N ALA O 206 -36.46 1.17 48.29
CA ALA O 206 -35.70 0.63 47.17
C ALA O 206 -35.72 -0.89 47.13
N ALA O 207 -35.84 -1.55 48.28
CA ALA O 207 -35.95 -3.01 48.37
C ALA O 207 -37.02 -3.48 49.35
N ASP O 208 -37.29 -2.67 50.36
CA ASP O 208 -37.96 -3.06 51.60
C ASP O 208 -39.29 -3.77 51.52
N CYS O 209 -40.05 -3.67 50.41
CA CYS O 209 -41.42 -4.18 50.40
C CYS O 209 -41.79 -4.96 49.15
N ALA O 210 -40.88 -5.15 48.21
CA ALA O 210 -41.04 -5.89 46.96
C ALA O 210 -41.98 -5.23 45.96
N ASP O 211 -43.07 -4.62 46.44
CA ASP O 211 -44.07 -3.93 45.62
C ASP O 211 -43.44 -2.79 44.86
N ILE O 212 -42.62 -2.00 45.54
CA ILE O 212 -41.67 -1.11 44.89
C ILE O 212 -40.23 -1.48 45.18
N GLY O 213 -39.97 -2.51 46.00
CA GLY O 213 -38.58 -2.76 46.36
C GLY O 213 -37.70 -3.33 45.26
N PHE O 214 -37.75 -2.77 44.04
CA PHE O 214 -36.94 -3.13 42.86
C PHE O 214 -37.20 -4.51 42.30
N ASP O 215 -37.55 -5.44 43.19
CA ASP O 215 -37.85 -6.81 42.89
C ASP O 215 -39.05 -6.94 41.97
N ALA O 216 -40.20 -6.47 42.45
CA ALA O 216 -41.42 -6.64 41.67
C ALA O 216 -41.29 -5.99 40.30
N GLN O 217 -40.70 -4.79 40.26
CA GLN O 217 -40.59 -4.07 39.00
C GLN O 217 -39.76 -4.85 38.01
N LEU O 218 -38.59 -5.30 38.46
CA LEU O 218 -37.74 -6.08 37.57
C LEU O 218 -38.45 -7.36 37.14
N LYS O 219 -39.27 -7.91 38.03
CA LYS O 219 -40.02 -9.10 37.65
C LYS O 219 -41.10 -8.79 36.62
N VAL O 220 -41.71 -7.61 36.71
CA VAL O 220 -42.67 -7.22 35.67
C VAL O 220 -41.97 -7.15 34.33
N VAL O 221 -40.80 -6.51 34.31
CA VAL O 221 -40.08 -6.38 33.06
C VAL O 221 -39.67 -7.74 32.55
N ASP O 222 -39.14 -8.58 33.43
CA ASP O 222 -38.67 -9.89 33.02
C ASP O 222 -39.80 -10.72 32.46
N GLU O 223 -40.95 -10.69 33.12
CA GLU O 223 -42.06 -11.49 32.63
C GLU O 223 -42.64 -10.88 31.37
N ALA O 224 -42.73 -9.56 31.30
CA ALA O 224 -43.16 -8.90 30.07
C ALA O 224 -42.33 -9.39 28.90
N ILE O 225 -41.02 -9.41 29.09
CA ILE O 225 -40.13 -9.94 28.07
C ILE O 225 -40.45 -11.39 27.80
N ASN O 226 -40.66 -12.17 28.84
CA ASN O 226 -40.91 -13.59 28.67
C ASN O 226 -42.20 -13.82 27.90
N GLN O 227 -43.17 -12.95 28.09
CA GLN O 227 -44.43 -13.05 27.37
C GLN O 227 -44.24 -12.64 25.92
N VAL O 228 -43.36 -11.66 25.66
CA VAL O 228 -43.00 -11.36 24.28
C VAL O 228 -42.30 -12.56 23.66
N SER O 229 -41.39 -13.17 24.41
CA SER O 229 -40.64 -14.32 23.94
C SER O 229 -41.58 -15.45 23.54
N SER O 230 -42.55 -15.75 24.40
CA SER O 230 -43.47 -16.84 24.12
C SER O 230 -44.46 -16.46 23.05
N GLN O 231 -44.85 -15.19 22.99
CA GLN O 231 -45.73 -14.75 21.91
C GLN O 231 -45.04 -14.90 20.58
N ARG O 232 -43.79 -14.46 20.50
CA ARG O 232 -43.00 -14.64 19.30
C ARG O 232 -42.71 -16.11 19.05
N ALA O 233 -42.67 -16.91 20.12
CA ALA O 233 -42.45 -18.34 19.96
C ALA O 233 -43.62 -19.00 19.25
N LYS O 234 -44.84 -18.70 19.72
CA LYS O 234 -46.03 -19.16 19.02
C LYS O 234 -46.04 -18.64 17.59
N LEU O 235 -45.77 -17.35 17.46
CA LEU O 235 -45.82 -16.68 16.18
C LEU O 235 -44.88 -17.36 15.17
N GLY O 236 -43.66 -17.64 15.60
CA GLY O 236 -42.70 -18.28 14.73
C GLY O 236 -42.99 -19.75 14.52
N ALA O 237 -43.62 -20.38 15.51
CA ALA O 237 -44.08 -21.74 15.31
C ALA O 237 -45.02 -21.78 14.12
N VAL O 238 -45.99 -20.87 14.10
CA VAL O 238 -46.92 -20.82 12.97
C VAL O 238 -46.18 -20.44 11.71
N GLN O 239 -45.17 -19.58 11.82
CA GLN O 239 -44.37 -19.26 10.64
C GLN O 239 -43.80 -20.51 10.03
N ASN O 240 -43.19 -21.36 10.86
CA ASN O 240 -42.64 -22.60 10.35
C ASN O 240 -43.72 -23.48 9.76
N ARG O 241 -44.88 -23.51 10.42
CA ARG O 241 -46.00 -24.28 9.89
C ARG O 241 -46.33 -23.86 8.49
N LEU O 242 -46.43 -22.56 8.27
CA LEU O 242 -46.83 -22.10 6.94
C LEU O 242 -45.70 -22.30 5.94
N GLU O 243 -44.46 -22.29 6.40
CA GLU O 243 -43.37 -22.67 5.51
C GLU O 243 -43.58 -24.07 4.99
N HIS O 244 -43.75 -25.03 5.90
CA HIS O 244 -43.90 -26.42 5.48
C HIS O 244 -45.21 -26.66 4.78
N THR O 245 -46.24 -25.92 5.17
CA THR O 245 -47.50 -25.94 4.46
C THR O 245 -47.28 -25.59 3.00
N ILE O 246 -46.65 -24.43 2.76
CA ILE O 246 -46.45 -23.98 1.39
C ILE O 246 -45.63 -24.98 0.62
N ASN O 247 -44.62 -25.56 1.25
CA ASN O 247 -43.83 -26.56 0.56
C ASN O 247 -44.71 -27.74 0.14
N ASN O 248 -45.63 -28.14 1.03
CA ASN O 248 -46.58 -29.17 0.67
C ASN O 248 -47.52 -28.71 -0.43
N LEU O 249 -48.02 -27.48 -0.32
CA LEU O 249 -48.97 -26.97 -1.30
C LEU O 249 -48.33 -26.90 -2.68
N SER O 250 -47.04 -26.58 -2.70
CA SER O 250 -46.31 -26.49 -3.95
C SER O 250 -46.11 -27.86 -4.56
N ALA O 251 -45.57 -28.80 -3.77
CA ALA O 251 -45.30 -30.13 -4.28
C ALA O 251 -46.60 -30.84 -4.65
N SER O 252 -47.56 -30.81 -3.73
CA SER O 252 -48.85 -31.44 -3.94
C SER O 252 -49.58 -30.81 -5.10
N GLY O 253 -49.52 -29.48 -5.18
CA GLY O 253 -50.14 -28.79 -6.30
C GLY O 253 -49.54 -29.24 -7.61
N GLU O 254 -48.22 -29.32 -7.67
CA GLU O 254 -47.55 -29.81 -8.87
C GLU O 254 -48.04 -31.20 -9.24
N ASN O 255 -47.94 -32.14 -8.30
CA ASN O 255 -48.36 -33.51 -8.55
C ASN O 255 -49.80 -33.56 -9.00
N LEU O 256 -50.61 -32.63 -8.49
CA LEU O 256 -52.03 -32.61 -8.81
C LEU O 256 -52.28 -32.10 -10.22
N THR O 257 -51.60 -31.03 -10.61
CA THR O 257 -51.72 -30.55 -11.98
C THR O 257 -51.19 -31.58 -12.95
N ALA O 258 -50.19 -32.35 -12.52
CA ALA O 258 -49.72 -33.45 -13.34
C ALA O 258 -50.79 -34.53 -13.44
N ALA O 259 -51.48 -34.81 -12.34
CA ALA O 259 -52.56 -35.80 -12.37
C ALA O 259 -53.63 -35.38 -13.36
N GLU O 260 -54.08 -34.14 -13.26
CA GLU O 260 -55.01 -33.59 -14.23
C GLU O 260 -54.46 -33.75 -15.63
N SER O 261 -53.20 -33.38 -15.81
CA SER O 261 -52.58 -33.43 -17.12
C SER O 261 -52.62 -34.84 -17.67
N ARG O 262 -52.51 -35.84 -16.80
CA ARG O 262 -52.67 -37.21 -17.25
C ARG O 262 -54.08 -37.47 -17.71
N ILE O 263 -55.07 -36.91 -17.01
CA ILE O 263 -56.44 -37.06 -17.49
C ILE O 263 -56.59 -36.39 -18.85
N ARG O 264 -56.14 -35.14 -18.95
CA ARG O 264 -56.22 -34.39 -20.19
C ARG O 264 -55.00 -34.57 -21.08
N ASP O 265 -54.17 -35.59 -20.82
CA ASP O 265 -52.98 -35.85 -21.62
C ASP O 265 -53.33 -35.97 -23.08
N VAL O 266 -52.94 -35.00 -23.89
CA VAL O 266 -52.99 -35.12 -25.33
C VAL O 266 -51.63 -35.62 -25.79
N ASP O 267 -51.61 -36.81 -26.39
CA ASP O 267 -50.46 -37.23 -27.17
C ASP O 267 -50.56 -36.47 -28.47
N MET O 268 -50.04 -35.25 -28.45
CA MET O 268 -50.20 -34.34 -29.58
C MET O 268 -49.63 -34.95 -30.84
N ALA O 269 -48.56 -35.73 -30.72
CA ALA O 269 -48.03 -36.40 -31.89
C ALA O 269 -49.00 -37.45 -32.41
N LYS O 270 -49.56 -38.25 -31.51
CA LYS O 270 -50.59 -39.21 -31.90
C LYS O 270 -51.73 -38.50 -32.60
N GLU O 271 -52.20 -37.42 -32.01
CA GLU O 271 -53.43 -36.82 -32.49
C GLU O 271 -53.22 -36.09 -33.81
N MET O 272 -52.03 -35.52 -34.02
CA MET O 272 -51.70 -35.00 -35.35
C MET O 272 -51.62 -36.13 -36.35
N SER O 273 -51.03 -37.25 -35.94
CA SER O 273 -50.91 -38.39 -36.83
C SER O 273 -52.28 -38.93 -37.22
N GLU O 274 -53.11 -39.16 -36.22
CA GLU O 274 -54.45 -39.67 -36.46
C GLU O 274 -55.26 -38.68 -37.27
N PHE O 275 -55.07 -37.40 -37.00
CA PHE O 275 -55.69 -36.37 -37.81
C PHE O 275 -55.34 -36.53 -39.27
N THR O 276 -54.05 -36.61 -39.53
CA THR O 276 -53.54 -36.84 -40.87
C THR O 276 -54.22 -38.02 -41.52
N LYS O 277 -54.21 -39.14 -40.81
CA LYS O 277 -54.80 -40.36 -41.33
C LYS O 277 -56.26 -40.13 -41.71
N ASN O 278 -57.02 -39.51 -40.82
CA ASN O 278 -58.43 -39.35 -41.08
C ASN O 278 -58.69 -38.41 -42.26
N ASN O 279 -57.81 -37.43 -42.47
CA ASN O 279 -57.89 -36.64 -43.70
C ASN O 279 -57.73 -37.53 -44.91
N ILE O 280 -56.64 -38.30 -44.91
CA ILE O 280 -56.35 -39.22 -46.01
C ILE O 280 -57.56 -40.09 -46.28
N LEU O 281 -58.11 -40.67 -45.24
CA LEU O 281 -59.18 -41.63 -45.37
C LEU O 281 -60.44 -40.97 -45.90
N SER O 282 -60.74 -39.77 -45.43
CA SER O 282 -61.87 -39.04 -45.97
C SER O 282 -61.70 -38.81 -47.47
N GLN O 283 -60.54 -38.30 -47.85
CA GLN O 283 -60.29 -37.97 -49.26
C GLN O 283 -60.39 -39.20 -50.13
N ALA O 284 -59.78 -40.29 -49.69
CA ALA O 284 -59.82 -41.54 -50.42
C ALA O 284 -61.25 -42.01 -50.61
N SER O 285 -62.03 -41.98 -49.54
CA SER O 285 -63.40 -42.44 -49.62
C SER O 285 -64.20 -41.58 -50.59
N GLN O 286 -63.95 -40.28 -50.60
CA GLN O 286 -64.67 -39.42 -51.54
C GLN O 286 -64.29 -39.74 -52.98
N ALA O 287 -63.00 -39.99 -53.22
CA ALA O 287 -62.59 -40.41 -54.55
C ALA O 287 -63.35 -41.65 -54.97
N MET O 288 -63.51 -42.59 -54.04
CA MET O 288 -64.27 -43.77 -54.37
C MET O 288 -65.74 -43.46 -54.60
N LEU O 289 -66.28 -42.46 -53.91
CA LEU O 289 -67.68 -42.08 -54.17
C LEU O 289 -67.83 -41.52 -55.57
N ALA O 290 -66.83 -40.73 -56.00
CA ALA O 290 -66.82 -40.30 -57.38
C ALA O 290 -66.85 -41.49 -58.31
N GLN O 291 -65.97 -42.47 -58.06
CA GLN O 291 -65.95 -43.67 -58.90
C GLN O 291 -67.27 -44.40 -58.88
N ALA O 292 -67.93 -44.44 -57.74
CA ALA O 292 -69.26 -45.04 -57.63
C ALA O 292 -70.24 -44.30 -58.52
N ASN O 293 -70.03 -43.01 -58.70
CA ASN O 293 -70.85 -42.26 -59.64
C ASN O 293 -70.38 -42.41 -61.08
N GLN O 294 -69.13 -42.83 -61.30
CA GLN O 294 -68.62 -42.98 -62.66
C GLN O 294 -69.07 -44.27 -63.29
N GLN O 295 -68.97 -45.38 -62.55
CA GLN O 295 -69.35 -46.69 -63.08
C GLN O 295 -70.72 -46.71 -63.73
N PRO O 296 -71.81 -46.27 -63.09
CA PRO O 296 -73.11 -46.34 -63.76
C PRO O 296 -73.22 -45.45 -65.00
N GLN O 297 -72.33 -44.47 -65.17
CA GLN O 297 -72.32 -43.71 -66.42
C GLN O 297 -71.75 -44.53 -67.54
N ASN O 298 -70.64 -45.20 -67.25
CA ASN O 298 -70.10 -46.18 -68.18
C ASN O 298 -71.18 -47.17 -68.56
N VAL O 299 -71.93 -47.63 -67.57
CA VAL O 299 -73.06 -48.54 -67.83
C VAL O 299 -74.05 -47.88 -68.78
N LEU O 300 -74.38 -46.62 -68.52
CA LEU O 300 -75.37 -45.94 -69.33
C LEU O 300 -74.97 -45.96 -70.80
N GLN O 301 -73.73 -45.56 -71.09
CA GLN O 301 -73.29 -45.58 -72.48
C GLN O 301 -73.31 -47.00 -73.02
N LEU O 302 -72.72 -47.92 -72.28
CA LEU O 302 -72.50 -49.27 -72.78
C LEU O 302 -73.81 -49.99 -73.04
N LEU O 303 -74.85 -49.66 -72.28
CA LEU O 303 -76.18 -50.24 -72.47
C LEU O 303 -77.15 -49.26 -73.09
N ARG O 304 -76.65 -48.34 -73.91
CA ARG O 304 -77.50 -47.47 -74.67
C ARG O 304 -77.77 -48.08 -76.03
N ILE P 3 -37.38 8.28 -27.75
CA ILE P 3 -36.71 9.62 -27.74
C ILE P 3 -35.24 9.51 -27.34
N ASN P 4 -34.60 8.42 -27.77
CA ASN P 4 -33.26 8.10 -27.31
C ASN P 4 -32.28 9.26 -27.51
N HIS P 5 -32.36 9.90 -28.67
CA HIS P 5 -31.43 10.98 -29.00
C HIS P 5 -31.65 12.25 -28.18
N ASN P 6 -32.70 12.31 -27.37
CA ASN P 6 -32.98 13.49 -26.56
C ASN P 6 -32.63 13.32 -25.09
N ILE P 7 -32.26 12.12 -24.66
CA ILE P 7 -32.01 11.83 -23.24
C ILE P 7 -30.52 11.80 -23.02
N ALA P 8 -30.08 12.64 -22.09
CA ALA P 8 -28.70 12.60 -21.64
C ALA P 8 -28.61 12.85 -20.14
N ALA P 9 -29.73 12.87 -19.43
CA ALA P 9 -29.77 13.26 -18.03
C ALA P 9 -29.10 14.61 -17.86
N LEU P 10 -29.55 15.57 -18.65
CA LEU P 10 -28.85 16.85 -18.71
C LEU P 10 -28.84 17.56 -17.37
N ASN P 11 -29.81 17.27 -16.51
CA ASN P 11 -29.73 17.80 -15.15
C ASN P 11 -28.53 17.20 -14.43
N THR P 12 -28.25 15.92 -14.68
CA THR P 12 -27.04 15.34 -14.12
C THR P 12 -25.83 16.06 -14.67
N LEU P 13 -25.86 16.41 -15.96
CA LEU P 13 -24.73 17.09 -16.57
C LEU P 13 -24.51 18.45 -15.93
N ASN P 14 -25.62 19.14 -15.66
CA ASN P 14 -25.54 20.43 -14.99
C ASN P 14 -24.97 20.27 -13.59
N ARG P 15 -25.40 19.22 -12.88
CA ARG P 15 -24.79 18.93 -11.58
C ARG P 15 -23.33 18.64 -11.74
N LEU P 16 -22.95 18.06 -12.87
CA LEU P 16 -21.56 17.72 -13.06
C LEU P 16 -20.72 18.97 -13.14
N SER P 17 -21.13 19.88 -14.01
CA SER P 17 -20.42 21.15 -14.13
C SER P 17 -20.33 21.84 -12.78
N SER P 18 -21.45 21.87 -12.06
CA SER P 18 -21.48 22.49 -10.74
C SER P 18 -20.47 21.83 -9.81
N ASN P 19 -20.46 20.51 -9.76
CA ASN P 19 -19.61 19.79 -8.82
C ASN P 19 -18.14 19.98 -9.16
N ASN P 20 -17.82 19.99 -10.45
CA ASN P 20 -16.43 20.19 -10.84
C ASN P 20 -15.94 21.56 -10.42
N SER P 21 -16.76 22.58 -10.66
CA SER P 21 -16.37 23.91 -10.20
C SER P 21 -16.29 23.95 -8.68
N ALA P 22 -17.19 23.24 -8.01
CA ALA P 22 -17.21 23.25 -6.55
C ALA P 22 -15.91 22.70 -5.97
N SER P 23 -15.55 21.48 -6.39
CA SER P 23 -14.31 20.88 -5.92
C SER P 23 -13.12 21.74 -6.30
N GLN P 24 -13.17 22.35 -7.49
CA GLN P 24 -12.11 23.26 -7.91
C GLN P 24 -11.94 24.39 -6.91
N LYS P 25 -13.05 25.02 -6.53
CA LYS P 25 -13.00 26.13 -5.59
C LYS P 25 -12.42 25.67 -4.27
N ASN P 26 -12.85 24.50 -3.81
CA ASN P 26 -12.30 23.94 -2.58
C ASN P 26 -10.79 23.87 -2.65
N MET P 27 -10.26 23.29 -3.74
CA MET P 27 -8.80 23.20 -3.89
C MET P 27 -8.15 24.55 -3.81
N GLU P 28 -8.64 25.47 -4.63
CA GLU P 28 -8.05 26.78 -4.76
C GLU P 28 -7.92 27.45 -3.42
N LYS P 29 -8.94 27.31 -2.59
CA LYS P 29 -8.85 27.85 -1.24
C LYS P 29 -7.89 27.04 -0.40
N LEU P 30 -7.93 25.71 -0.53
CA LEU P 30 -7.03 24.84 0.23
C LEU P 30 -5.59 25.10 -0.15
N SER P 31 -5.31 25.11 -1.45
CA SER P 31 -3.96 25.32 -1.93
C SER P 31 -3.41 26.67 -1.50
N SER P 32 -4.21 27.71 -1.69
CA SER P 32 -3.78 29.04 -1.36
C SER P 32 -3.88 29.32 0.13
N GLY P 33 -4.66 28.53 0.86
CA GLY P 33 -4.88 28.82 2.26
C GLY P 33 -5.73 30.05 2.44
N LEU P 34 -6.61 30.32 1.47
CA LEU P 34 -7.39 31.54 1.43
C LEU P 34 -8.86 31.16 1.41
N ARG P 35 -9.59 31.54 2.46
CA ARG P 35 -11.04 31.49 2.35
C ARG P 35 -11.53 32.66 1.51
N ILE P 36 -10.77 33.76 1.51
CA ILE P 36 -11.12 34.88 0.67
C ILE P 36 -11.12 34.44 -0.78
N ASN P 37 -11.88 35.16 -1.59
CA ASN P 37 -11.91 34.92 -3.02
C ASN P 37 -10.89 35.79 -3.70
N ARG P 38 -10.40 35.31 -4.84
CA ARG P 38 -9.74 36.22 -5.77
C ARG P 38 -10.74 37.19 -6.35
N ALA P 39 -11.93 36.68 -6.68
CA ALA P 39 -13.00 37.50 -7.21
C ALA P 39 -13.56 38.41 -6.14
N GLY P 40 -14.24 39.46 -6.59
CA GLY P 40 -14.85 40.45 -5.71
C GLY P 40 -16.01 39.94 -4.89
N ASP P 41 -16.36 38.66 -4.99
CA ASP P 41 -17.39 38.09 -4.14
C ASP P 41 -17.00 38.29 -2.68
N ASP P 42 -17.82 39.07 -1.96
CA ASP P 42 -17.49 39.62 -0.65
C ASP P 42 -16.33 40.60 -0.74
N ALA P 43 -16.43 41.53 -1.69
CA ALA P 43 -15.45 42.60 -1.79
C ALA P 43 -15.41 43.45 -0.53
N ALA P 44 -16.47 43.44 0.28
CA ALA P 44 -16.41 44.08 1.58
C ALA P 44 -15.30 43.46 2.41
N GLY P 45 -15.43 42.18 2.74
CA GLY P 45 -14.41 41.51 3.54
C GLY P 45 -13.04 41.57 2.90
N LEU P 46 -12.99 41.48 1.57
CA LEU P 46 -11.71 41.58 0.88
C LEU P 46 -11.09 42.94 1.15
N ALA P 47 -11.78 44.01 0.76
CA ALA P 47 -11.26 45.36 0.92
C ALA P 47 -10.87 45.64 2.35
N ILE P 48 -11.61 45.05 3.29
CA ILE P 48 -11.20 45.16 4.69
C ILE P 48 -9.82 44.54 4.84
N SER P 49 -9.67 43.26 4.48
CA SER P 49 -8.40 42.58 4.72
C SER P 49 -7.27 43.24 3.97
N GLU P 50 -7.58 43.85 2.83
CA GLU P 50 -6.63 44.67 2.13
C GLU P 50 -6.15 45.81 3.02
N LYS P 51 -7.11 46.53 3.60
CA LYS P 51 -6.78 47.62 4.49
C LYS P 51 -6.04 47.12 5.72
N MET P 52 -6.45 45.96 6.22
CA MET P 52 -5.78 45.33 7.35
C MET P 52 -4.32 45.14 7.02
N ARG P 53 -4.03 44.43 5.93
CA ARG P 53 -2.66 44.15 5.55
C ARG P 53 -1.87 45.41 5.33
N GLY P 54 -2.50 46.43 4.76
CA GLY P 54 -1.85 47.71 4.66
C GLY P 54 -1.39 48.20 6.01
N GLN P 55 -2.28 48.10 7.00
CA GLN P 55 -1.88 48.52 8.34
C GLN P 55 -0.89 47.55 8.97
N ILE P 56 -1.09 46.24 8.80
CA ILE P 56 -0.16 45.24 9.34
C ILE P 56 1.25 45.55 8.90
N ARG P 57 1.44 45.57 7.59
CA ARG P 57 2.74 45.85 7.01
C ARG P 57 3.26 47.20 7.49
N GLY P 58 2.37 48.17 7.62
CA GLY P 58 2.76 49.45 8.17
C GLY P 58 3.19 49.36 9.62
N LEU P 59 2.66 48.38 10.35
CA LEU P 59 3.05 48.18 11.75
C LEU P 59 4.38 47.46 11.83
N GLU P 60 4.64 46.58 10.88
CA GLU P 60 5.95 45.94 10.82
C GLU P 60 7.02 46.98 10.56
N MET P 61 6.79 47.83 9.56
CA MET P 61 7.74 48.91 9.30
C MET P 61 7.70 49.95 10.42
N ALA P 62 6.60 50.02 11.16
CA ALA P 62 6.53 50.91 12.32
C ALA P 62 7.45 50.42 13.41
N SER P 63 7.38 49.12 13.69
CA SER P 63 8.28 48.52 14.67
C SER P 63 9.72 48.74 14.24
N LYS P 64 9.99 48.49 12.97
CA LYS P 64 11.30 48.78 12.41
C LYS P 64 11.73 50.21 12.70
N ASN P 65 10.88 51.18 12.34
CA ASN P 65 11.25 52.57 12.50
C ASN P 65 11.46 52.93 13.96
N SER P 66 10.66 52.34 14.85
CA SER P 66 10.77 52.66 16.26
C SER P 66 12.03 52.07 16.86
N GLN P 67 12.36 50.85 16.47
CA GLN P 67 13.61 50.25 16.90
C GLN P 67 14.79 51.08 16.41
N ASP P 68 14.68 51.59 15.19
CA ASP P 68 15.71 52.47 14.67
C ASP P 68 15.78 53.75 15.49
N GLY P 69 14.61 54.29 15.87
CA GLY P 69 14.56 55.36 16.85
C GLY P 69 15.38 55.03 18.07
N ILE P 70 15.17 53.84 18.62
CA ILE P 70 15.87 53.43 19.82
C ILE P 70 17.36 53.40 19.58
N SER P 71 17.77 52.92 18.41
CA SER P 71 19.19 52.85 18.12
C SER P 71 19.81 54.24 18.15
N LEU P 72 19.14 55.19 17.53
CA LEU P 72 19.57 56.58 17.60
C LEU P 72 19.66 57.04 19.04
N ILE P 73 18.59 56.78 19.80
CA ILE P 73 18.53 57.22 21.18
C ILE P 73 19.73 56.71 21.95
N GLN P 74 19.90 55.39 21.98
CA GLN P 74 20.95 54.80 22.79
C GLN P 74 22.34 55.23 22.34
N THR P 75 22.49 55.49 21.05
CA THR P 75 23.74 56.08 20.58
C THR P 75 24.01 57.38 21.31
N ALA P 76 23.09 58.33 21.14
CA ALA P 76 23.27 59.64 21.77
C ALA P 76 23.34 59.52 23.28
N GLU P 77 22.56 58.59 23.83
CA GLU P 77 22.51 58.34 25.26
C GLU P 77 23.88 57.99 25.80
N GLY P 78 24.50 56.94 25.23
CA GLY P 78 25.80 56.53 25.71
C GLY P 78 26.82 57.63 25.54
N ALA P 79 26.71 58.37 24.43
CA ALA P 79 27.62 59.48 24.21
C ALA P 79 27.48 60.53 25.30
N LEU P 80 26.24 60.86 25.68
CA LEU P 80 26.01 61.85 26.72
C LEU P 80 26.40 61.33 28.08
N THR P 81 26.31 60.01 28.29
CA THR P 81 26.81 59.42 29.52
C THR P 81 28.31 59.64 29.63
N GLU P 82 29.03 59.41 28.54
CA GLU P 82 30.46 59.65 28.57
C GLU P 82 30.78 61.13 28.76
N THR P 83 30.03 61.99 28.06
CA THR P 83 30.17 63.43 28.25
C THR P 83 30.04 63.76 29.71
N HIS P 84 29.00 63.23 30.32
CA HIS P 84 28.74 63.48 31.72
C HIS P 84 29.90 63.04 32.59
N ALA P 85 30.42 61.84 32.34
CA ALA P 85 31.57 61.35 33.09
C ALA P 85 32.74 62.32 32.98
N ILE P 86 32.96 62.84 31.78
CA ILE P 86 33.98 63.87 31.62
C ILE P 86 33.67 65.02 32.54
N LEU P 87 32.42 65.50 32.51
CA LEU P 87 32.06 66.67 33.29
C LEU P 87 32.28 66.43 34.78
N GLN P 88 32.13 65.19 35.24
CA GLN P 88 32.52 64.87 36.61
C GLN P 88 34.00 65.13 36.78
N ARG P 89 34.82 64.65 35.84
CA ARG P 89 36.24 64.93 35.94
C ARG P 89 36.50 66.42 35.90
N VAL P 90 35.75 67.14 35.08
CA VAL P 90 35.92 68.57 34.98
C VAL P 90 35.73 69.19 36.34
N ARG P 91 34.63 68.86 37.02
CA ARG P 91 34.38 69.48 38.31
C ARG P 91 35.46 69.11 39.32
N GLU P 92 35.99 67.87 39.23
CA GLU P 92 37.17 67.57 40.03
C GLU P 92 38.26 68.59 39.76
N LEU P 93 38.46 68.90 38.49
CA LEU P 93 39.48 69.85 38.11
C LEU P 93 39.06 71.28 38.42
N VAL P 94 37.76 71.53 38.63
CA VAL P 94 37.34 72.85 39.07
C VAL P 94 37.69 73.03 40.53
N VAL P 95 37.40 72.01 41.33
CA VAL P 95 37.69 72.12 42.76
C VAL P 95 39.19 72.19 42.98
N GLN P 96 39.96 71.43 42.20
CA GLN P 96 41.41 71.66 42.21
C GLN P 96 41.72 73.03 41.67
N ALA P 97 40.96 73.49 40.67
CA ALA P 97 41.11 74.81 40.10
C ALA P 97 40.43 75.87 40.92
N GLY P 98 40.10 75.53 42.15
CA GLY P 98 40.16 76.49 43.22
C GLY P 98 41.58 76.84 43.61
N ASN P 99 42.60 76.36 42.87
CA ASN P 99 44.00 76.76 43.04
C ASN P 99 44.55 76.14 44.32
N THR P 100 43.80 75.18 44.87
CA THR P 100 43.91 74.83 46.27
C THR P 100 44.00 76.13 47.07
N GLY P 101 43.05 77.02 46.79
CA GLY P 101 43.11 78.32 47.39
C GLY P 101 44.03 79.26 46.66
N THR P 102 45.25 79.37 47.17
CA THR P 102 46.35 80.02 46.47
C THR P 102 47.55 79.11 46.30
N GLN P 103 47.48 77.88 46.83
CA GLN P 103 48.68 77.06 46.95
C GLN P 103 49.22 76.64 45.59
N ASP P 104 48.35 76.34 44.65
CA ASP P 104 48.83 76.04 43.32
C ASP P 104 49.36 77.34 42.72
N LYS P 105 50.34 77.20 41.83
CA LYS P 105 50.91 78.36 41.15
C LYS P 105 50.30 78.47 39.75
N ALA P 106 50.71 79.51 39.04
CA ALA P 106 50.17 79.76 37.70
C ALA P 106 50.44 78.59 36.77
N THR P 107 51.64 78.01 36.85
CA THR P 107 51.97 76.85 36.03
C THR P 107 51.08 75.67 36.41
N ASP P 108 50.80 75.50 37.68
CA ASP P 108 49.92 74.41 38.09
C ASP P 108 48.55 74.58 37.48
N LEU P 109 48.01 75.80 37.55
CA LEU P 109 46.73 76.08 36.91
C LEU P 109 46.80 75.87 35.41
N GLN P 110 47.97 76.10 34.81
CA GLN P 110 48.12 75.86 33.38
C GLN P 110 48.18 74.37 33.07
N SER P 111 48.80 73.60 33.95
CA SER P 111 48.80 72.15 33.79
C SER P 111 47.38 71.63 33.85
N ILE P 112 46.63 72.09 34.85
CA ILE P 112 45.21 71.74 34.96
C ILE P 112 44.49 72.17 33.70
N GLN P 113 44.71 73.41 33.28
CA GLN P 113 43.99 73.95 32.14
C GLN P 113 44.33 73.19 30.86
N ASP P 114 45.56 72.72 30.75
CA ASP P 114 45.91 71.83 29.64
C ASP P 114 45.06 70.60 29.68
N GLY P 115 44.94 70.00 30.87
CA GLY P 115 44.06 68.86 31.02
C GLY P 115 42.62 69.18 30.68
N ILE P 116 42.14 70.35 31.07
CA ILE P 116 40.73 70.66 30.84
C ILE P 116 40.48 70.94 29.38
N SER P 117 41.38 71.69 28.74
CA SER P 117 41.20 71.97 27.31
C SER P 117 41.28 70.68 26.52
N ALA P 118 42.11 69.76 26.99
CA ALA P 118 42.11 68.41 26.45
C ALA P 118 40.73 67.76 26.60
N LEU P 119 40.13 67.91 27.79
CA LEU P 119 38.80 67.36 28.01
C LEU P 119 37.77 68.05 27.12
N THR P 120 37.88 69.36 26.96
CA THR P 120 37.03 70.08 26.02
C THR P 120 37.12 69.44 24.66
N ASP P 121 38.34 69.23 24.19
CA ASP P 121 38.54 68.64 22.88
C ASP P 121 37.90 67.27 22.79
N GLU P 122 37.85 66.56 23.93
CA GLU P 122 37.16 65.28 23.94
C GLU P 122 35.65 65.45 23.92
N ILE P 123 35.12 66.43 24.65
CA ILE P 123 33.69 66.67 24.62
C ILE P 123 33.26 67.07 23.22
N ASP P 124 33.98 68.02 22.64
CA ASP P 124 33.74 68.40 21.25
C ASP P 124 33.88 67.19 20.35
N GLY P 125 34.81 66.29 20.67
CA GLY P 125 34.94 65.07 19.89
C GLY P 125 33.70 64.20 20.00
N ILE P 126 33.14 64.10 21.21
CA ILE P 126 31.88 63.39 21.38
C ILE P 126 30.83 64.02 20.50
N SER P 127 30.61 65.31 20.69
CA SER P 127 29.50 65.98 20.03
C SER P 127 29.70 66.09 18.53
N ASN P 128 30.92 65.89 18.04
CA ASN P 128 31.26 65.98 16.63
C ASN P 128 31.69 64.64 16.05
N ARG P 129 31.50 63.54 16.78
CA ARG P 129 31.73 62.20 16.27
C ARG P 129 30.48 61.35 16.42
N THR P 130 29.63 61.70 17.36
CA THR P 130 28.40 60.96 17.53
C THR P 130 27.50 61.23 16.35
N GLU P 131 27.57 60.36 15.35
CA GLU P 131 26.75 60.41 14.16
C GLU P 131 25.83 59.20 14.12
N PHE P 132 24.65 59.38 13.53
CA PHE P 132 23.84 58.26 13.09
C PHE P 132 23.52 58.45 11.63
N ASN P 133 24.05 57.57 10.80
CA ASN P 133 23.84 57.65 9.37
C ASN P 133 24.32 59.00 8.87
N GLY P 134 25.46 59.42 9.41
CA GLY P 134 26.06 60.69 9.10
C GLY P 134 25.48 61.85 9.89
N LYS P 135 24.26 61.72 10.37
CA LYS P 135 23.61 62.79 11.10
C LYS P 135 24.30 62.96 12.43
N LYS P 136 25.01 64.06 12.58
CA LYS P 136 25.73 64.31 13.82
C LYS P 136 24.71 64.50 14.92
N LEU P 137 24.44 63.41 15.63
CA LEU P 137 23.33 63.36 16.58
C LEU P 137 23.53 64.31 17.76
N LEU P 138 24.77 64.66 18.05
CA LEU P 138 25.08 65.65 19.07
C LEU P 138 25.60 66.93 18.45
N ASP P 139 25.15 67.23 17.24
CA ASP P 139 25.29 68.56 16.70
C ASP P 139 24.42 69.48 17.54
N GLY P 140 25.06 70.30 18.37
CA GLY P 140 24.30 71.19 19.23
C GLY P 140 23.45 72.18 18.47
N THR P 141 23.73 72.40 17.20
CA THR P 141 22.93 73.24 16.32
C THR P 141 21.96 72.44 15.46
N TYR P 142 21.77 71.16 15.76
CA TYR P 142 20.82 70.36 14.99
C TYR P 142 19.41 70.93 15.10
N LYS P 143 18.85 70.90 16.30
CA LYS P 143 17.49 71.39 16.56
C LYS P 143 17.51 72.41 17.69
N VAL P 144 18.27 73.49 17.50
CA VAL P 144 18.03 74.66 18.32
C VAL P 144 16.70 75.25 17.86
N ASP P 145 15.68 75.17 18.71
CA ASP P 145 14.34 75.67 18.40
C ASP P 145 14.38 77.11 17.90
N THR P 146 15.14 77.96 18.60
CA THR P 146 15.48 79.32 18.19
C THR P 146 14.31 80.30 18.28
N ALA P 147 13.09 79.80 18.49
CA ALA P 147 11.88 80.52 18.10
C ALA P 147 11.86 80.79 16.59
N THR P 148 12.46 79.90 15.81
CA THR P 148 12.47 80.00 14.36
C THR P 148 12.16 78.62 13.80
N PRO P 149 10.90 78.37 13.40
CA PRO P 149 10.58 77.08 12.78
C PRO P 149 11.43 76.75 11.57
N ALA P 150 11.83 77.76 10.81
CA ALA P 150 12.58 77.53 9.59
C ALA P 150 13.92 76.85 9.87
N ASN P 151 14.48 77.06 11.05
CA ASN P 151 15.78 76.52 11.41
C ASN P 151 15.62 75.59 12.62
N GLN P 152 15.15 74.35 12.37
CA GLN P 152 15.04 73.38 13.45
C GLN P 152 15.47 71.96 13.10
N LYS P 153 15.34 71.49 11.86
CA LYS P 153 15.65 70.08 11.54
C LYS P 153 14.94 69.12 12.51
N ASN P 154 13.65 69.36 12.74
CA ASN P 154 12.89 68.62 13.76
C ASN P 154 13.12 67.12 13.66
N LEU P 155 13.60 66.51 14.75
CA LEU P 155 13.95 65.09 14.73
C LEU P 155 12.64 64.30 14.78
N VAL P 156 11.96 64.29 13.64
CA VAL P 156 10.70 63.60 13.49
C VAL P 156 10.95 62.11 13.46
N PHE P 157 10.05 61.32 14.06
CA PHE P 157 9.98 59.86 13.90
C PHE P 157 8.55 59.48 13.51
N GLN P 158 8.32 59.21 12.22
CA GLN P 158 7.07 58.61 11.75
C GLN P 158 7.08 57.15 12.13
N ILE P 159 6.16 56.80 13.03
CA ILE P 159 6.01 55.43 13.46
C ILE P 159 4.68 54.85 13.04
N GLY P 160 3.57 55.54 13.32
CA GLY P 160 2.27 54.95 13.11
C GLY P 160 2.01 54.68 11.65
N ALA P 161 1.37 53.53 11.39
CA ALA P 161 1.01 53.17 10.03
C ALA P 161 0.05 54.17 9.43
N ASN P 162 -0.65 54.93 10.26
CA ASN P 162 -1.55 55.98 9.83
C ASN P 162 -0.81 57.30 9.71
N ALA P 163 -1.34 58.19 8.87
CA ALA P 163 -0.68 59.45 8.59
C ALA P 163 -0.63 60.36 9.81
N THR P 164 0.40 61.19 9.86
CA THR P 164 0.68 62.19 10.89
C THR P 164 1.15 61.57 12.19
N GLN P 165 1.19 60.26 12.32
CA GLN P 165 1.54 59.62 13.58
C GLN P 165 3.04 59.71 13.81
N GLN P 166 3.50 60.90 14.16
CA GLN P 166 4.92 61.21 14.23
C GLN P 166 5.32 61.66 15.61
N ILE P 167 6.59 61.45 15.92
CA ILE P 167 7.19 61.86 17.17
C ILE P 167 8.19 62.98 16.91
N SER P 168 8.11 64.04 17.70
CA SER P 168 8.97 65.22 17.56
C SER P 168 10.00 65.20 18.69
N VAL P 169 11.28 65.16 18.33
CA VAL P 169 12.38 65.07 19.28
C VAL P 169 13.34 66.23 19.06
N ASN P 170 14.07 66.60 20.11
CA ASN P 170 14.98 67.73 20.08
C ASN P 170 16.40 67.35 20.50
N ILE P 171 17.34 67.73 19.65
CA ILE P 171 18.78 67.68 19.91
C ILE P 171 19.23 69.12 20.09
N GLU P 172 19.96 69.42 21.18
CA GLU P 172 20.64 70.72 21.27
C GLU P 172 22.00 70.71 21.96
N ASP P 173 22.52 69.57 22.39
CA ASP P 173 23.72 69.57 23.21
C ASP P 173 24.98 69.50 22.36
N MET P 174 26.07 70.00 22.93
CA MET P 174 27.40 69.97 22.33
C MET P 174 28.38 70.51 23.36
N GLY P 175 29.66 70.44 23.01
CA GLY P 175 30.69 70.93 23.92
C GLY P 175 30.56 72.41 24.24
N ALA P 176 30.15 73.21 23.27
CA ALA P 176 29.96 74.64 23.52
C ALA P 176 28.64 74.95 24.22
N ASP P 177 27.83 73.93 24.54
CA ASP P 177 26.52 74.11 25.15
C ASP P 177 26.62 73.78 26.64
N ALA P 178 26.85 74.81 27.48
CA ALA P 178 27.09 74.56 28.90
C ALA P 178 26.11 75.23 29.87
N LEU P 179 26.21 76.55 30.04
CA LEU P 179 25.18 77.29 30.77
C LEU P 179 24.35 78.01 29.72
N GLY P 180 23.26 77.38 29.34
CA GLY P 180 22.37 77.97 28.37
C GLY P 180 21.53 79.02 29.05
N ILE P 181 22.13 80.18 29.35
CA ILE P 181 21.37 81.28 29.93
C ILE P 181 20.17 81.57 29.04
N LYS P 182 20.43 81.79 27.76
CA LYS P 182 19.46 81.82 26.67
C LYS P 182 20.08 81.16 25.46
N GLU P 183 21.33 81.54 25.24
CA GLU P 183 22.28 81.03 24.27
C GLU P 183 23.64 81.09 24.95
N ALA P 184 24.71 80.96 24.18
CA ALA P 184 26.03 81.18 24.76
C ALA P 184 26.18 82.65 25.11
N ASP P 185 26.52 82.92 26.37
CA ASP P 185 26.69 84.30 26.80
C ASP P 185 27.96 84.89 26.17
N GLY P 186 29.09 84.29 26.49
CA GLY P 186 30.37 84.77 26.01
C GLY P 186 31.50 83.99 26.64
N SER P 187 32.49 84.70 27.18
CA SER P 187 33.56 84.04 27.92
C SER P 187 33.00 83.20 29.05
N ILE P 188 31.89 83.63 29.62
CA ILE P 188 31.17 82.87 30.62
C ILE P 188 30.03 82.13 29.94
N ALA P 189 29.47 81.18 30.67
CA ALA P 189 28.22 80.47 30.38
C ALA P 189 28.31 79.45 29.25
N ALA P 190 29.25 79.61 28.32
CA ALA P 190 29.55 78.57 27.35
C ALA P 190 31.04 78.33 27.22
N LEU P 191 31.81 79.40 27.07
CA LEU P 191 33.22 79.27 26.74
C LEU P 191 34.08 78.89 27.92
N HIS P 192 33.55 78.90 29.13
CA HIS P 192 34.30 78.21 30.16
C HIS P 192 34.32 76.71 29.87
N SER P 193 33.25 76.19 29.26
CA SER P 193 33.29 74.81 28.82
C SER P 193 34.25 74.64 27.66
N VAL P 194 34.35 75.65 26.80
CA VAL P 194 35.23 75.56 25.65
C VAL P 194 36.62 76.02 26.02
N ASN P 195 36.74 77.29 26.43
CA ASN P 195 38.05 77.90 26.60
C ASN P 195 38.63 77.70 28.00
N ASP P 196 37.80 77.38 29.00
CA ASP P 196 38.31 77.11 30.34
C ASP P 196 39.01 78.32 30.97
N LEU P 197 38.23 79.30 31.41
CA LEU P 197 38.72 80.55 31.97
C LEU P 197 39.78 80.42 33.07
N ASP P 198 39.94 79.27 33.72
CA ASP P 198 40.88 79.10 34.82
C ASP P 198 42.29 78.90 34.25
N VAL P 199 42.95 80.02 33.96
CA VAL P 199 44.30 79.98 33.39
C VAL P 199 45.29 80.60 34.38
N THR P 200 45.25 81.93 34.46
CA THR P 200 45.87 82.72 35.51
C THR P 200 44.94 83.80 35.99
N LYS P 201 43.94 84.17 35.18
CA LYS P 201 42.87 85.05 35.62
C LYS P 201 42.26 84.56 36.92
N PHE P 202 42.21 83.24 37.11
CA PHE P 202 41.71 82.72 38.37
C PHE P 202 42.60 83.13 39.53
N ALA P 203 43.91 82.99 39.36
CA ALA P 203 44.81 83.35 40.46
C ALA P 203 44.69 84.84 40.79
N ASP P 204 44.36 85.66 39.80
CA ASP P 204 44.14 87.08 40.05
C ASP P 204 42.92 87.28 40.94
N ASN P 205 41.79 86.66 40.58
CA ASN P 205 40.53 86.80 41.33
C ASN P 205 39.96 85.40 41.54
N ALA P 206 40.42 84.75 42.61
CA ALA P 206 39.91 83.43 42.92
C ALA P 206 38.43 83.46 43.30
N ALA P 207 37.95 84.55 43.89
CA ALA P 207 36.54 84.74 44.23
C ALA P 207 35.98 86.11 43.87
N ASP P 208 36.86 87.10 43.87
CA ASP P 208 36.54 88.52 43.96
C ASP P 208 35.53 89.10 42.98
N CYS P 209 35.28 88.47 41.82
CA CYS P 209 34.47 89.11 40.78
C CYS P 209 33.45 88.21 40.13
N ALA P 210 33.32 86.96 40.55
CA ALA P 210 32.38 85.95 40.06
C ALA P 210 32.64 85.49 38.64
N ASP P 211 33.05 86.40 37.75
CA ASP P 211 33.35 86.11 36.35
C ASP P 211 34.47 85.11 36.23
N ILE P 212 35.53 85.31 37.01
CA ILE P 212 36.50 84.26 37.29
C ILE P 212 36.52 83.85 38.75
N GLY P 213 35.73 84.49 39.62
CA GLY P 213 35.86 84.18 41.03
C GLY P 213 35.34 82.82 41.46
N PHE P 214 35.67 81.74 40.73
CA PHE P 214 35.33 80.33 41.00
C PHE P 214 33.85 79.99 40.91
N ASP P 215 33.02 80.98 41.26
CA ASP P 215 31.58 80.90 41.26
C ASP P 215 31.05 80.65 39.86
N ALA P 216 31.31 81.59 38.95
CA ALA P 216 30.73 81.48 37.61
C ALA P 216 31.17 80.19 36.95
N GLN P 217 32.45 79.83 37.11
CA GLN P 217 32.98 78.65 36.44
C GLN P 217 32.26 77.41 36.93
N LEU P 218 32.16 77.28 38.25
CA LEU P 218 31.47 76.12 38.80
C LEU P 218 30.01 76.12 38.37
N LYS P 219 29.43 77.30 38.20
CA LYS P 219 28.06 77.36 37.72
C LYS P 219 27.95 76.94 36.26
N VAL P 220 28.96 77.26 35.45
CA VAL P 220 28.94 76.78 34.07
C VAL P 220 28.97 75.27 34.06
N VAL P 221 29.84 74.69 34.88
CA VAL P 221 29.94 73.23 34.90
C VAL P 221 28.64 72.64 35.41
N ASP P 222 28.10 73.19 36.48
CA ASP P 222 26.88 72.66 37.06
C ASP P 222 25.74 72.72 36.07
N GLU P 223 25.60 73.84 35.37
CA GLU P 223 24.51 73.95 34.43
C GLU P 223 24.76 73.09 33.22
N ALA P 224 26.00 73.02 32.74
CA ALA P 224 26.34 72.11 31.65
C ALA P 224 25.87 70.70 31.97
N ILE P 225 26.18 70.26 33.19
CA ILE P 225 25.73 68.97 33.64
C ILE P 225 24.21 68.92 33.65
N ASN P 226 23.58 69.97 34.16
CA ASN P 226 22.13 69.98 34.26
C ASN P 226 21.49 69.92 32.88
N GLN P 227 22.13 70.50 31.88
CA GLN P 227 21.65 70.46 30.52
C GLN P 227 21.85 69.07 29.93
N VAL P 228 22.94 68.40 30.29
CA VAL P 228 23.10 67.00 29.92
C VAL P 228 22.00 66.17 30.58
N SER P 229 21.75 66.43 31.85
CA SER P 229 20.74 65.71 32.60
C SER P 229 19.38 65.83 31.94
N SER P 230 19.00 67.04 31.57
CA SER P 230 17.71 67.26 30.96
C SER P 230 17.68 66.76 29.53
N GLN P 231 18.79 66.85 28.83
CA GLN P 231 18.85 66.30 27.48
C GLN P 231 18.65 64.79 27.52
N ARG P 232 19.35 64.13 28.44
CA ARG P 232 19.16 62.71 28.64
C ARG P 232 17.79 62.40 29.18
N ALA P 233 17.19 63.36 29.90
CA ALA P 233 15.84 63.17 30.41
C ALA P 233 14.83 63.10 29.28
N LYS P 234 14.92 64.07 28.37
CA LYS P 234 14.09 64.03 27.17
C LYS P 234 14.35 62.76 26.39
N LEU P 235 15.64 62.46 26.21
CA LEU P 235 16.07 61.33 25.41
C LEU P 235 15.48 60.03 25.96
N GLY P 236 15.55 59.85 27.27
CA GLY P 236 15.01 58.65 27.87
C GLY P 236 13.51 58.65 27.95
N ALA P 237 12.92 59.84 28.02
CA ALA P 237 11.47 59.92 27.91
C ALA P 237 11.02 59.32 26.60
N VAL P 238 11.68 59.72 25.52
CA VAL P 238 11.34 59.15 24.21
C VAL P 238 11.67 57.68 24.17
N GLN P 239 12.75 57.27 24.85
CA GLN P 239 13.06 55.85 24.92
C GLN P 239 11.88 55.08 25.50
N ASN P 240 11.34 55.56 26.61
CA ASN P 240 10.19 54.90 27.21
C ASN P 240 9.01 54.92 26.26
N ARG P 241 8.81 56.03 25.57
CA ARG P 241 7.74 56.12 24.59
C ARG P 241 7.84 55.02 23.58
N LEU P 242 9.03 54.82 23.03
CA LEU P 242 9.17 53.82 21.99
C LEU P 242 9.09 52.43 22.56
N GLU P 243 9.45 52.24 23.83
CA GLU P 243 9.20 50.96 24.47
C GLU P 243 7.71 50.65 24.45
N HIS P 244 6.90 51.57 24.96
CA HIS P 244 5.46 51.32 25.04
C HIS P 244 4.83 51.30 23.67
N THR P 245 5.37 52.11 22.76
CA THR P 245 4.94 52.06 21.38
C THR P 245 5.10 50.66 20.83
N ILE P 246 6.32 50.12 20.93
CA ILE P 246 6.58 48.80 20.39
C ILE P 246 5.68 47.77 21.03
N ASN P 247 5.46 47.88 22.32
CA ASN P 247 4.57 46.92 22.97
C ASN P 247 3.17 47.02 22.36
N ASN P 248 2.72 48.23 22.08
CA ASN P 248 1.45 48.40 21.39
C ASN P 248 1.51 47.85 19.97
N LEU P 249 2.59 48.14 19.25
CA LEU P 249 2.71 47.70 17.87
C LEU P 249 2.71 46.18 17.80
N SER P 250 3.30 45.55 18.80
CA SER P 250 3.36 44.10 18.85
C SER P 250 1.99 43.52 19.13
N ALA P 251 1.35 43.99 20.19
CA ALA P 251 0.04 43.46 20.57
C ALA P 251 -1.00 43.77 19.50
N SER P 252 -1.04 45.02 19.07
CA SER P 252 -1.99 45.46 18.05
C SER P 252 -1.72 44.75 16.74
N GLY P 253 -0.44 44.60 16.39
CA GLY P 253 -0.11 43.89 15.18
C GLY P 253 -0.59 42.46 15.23
N GLU P 254 -0.38 41.79 16.36
CA GLU P 254 -0.89 40.44 16.54
C GLU P 254 -2.40 40.39 16.34
N ASN P 255 -3.12 41.21 17.10
CA ASN P 255 -4.58 41.22 17.01
C ASN P 255 -5.02 41.51 15.59
N LEU P 256 -4.24 42.30 14.86
CA LEU P 256 -4.60 42.68 13.51
C LEU P 256 -4.38 41.53 12.54
N THR P 257 -3.26 40.83 12.65
CA THR P 257 -3.05 39.66 11.81
C THR P 257 -4.06 38.58 12.13
N ALA P 258 -4.51 38.53 13.37
CA ALA P 258 -5.59 37.62 13.73
C ALA P 258 -6.88 38.06 13.07
N ALA P 259 -7.14 39.37 13.04
CA ALA P 259 -8.34 39.88 12.36
C ALA P 259 -8.35 39.49 10.90
N GLU P 260 -7.23 39.75 10.22
CA GLU P 260 -7.07 39.31 8.85
C GLU P 260 -7.32 37.82 8.75
N SER P 261 -6.70 37.06 9.64
CA SER P 261 -6.82 35.61 9.62
C SER P 261 -8.26 35.19 9.72
N ARG P 262 -9.06 35.94 10.48
CA ARG P 262 -10.49 35.66 10.53
C ARG P 262 -11.13 35.93 9.18
N ILE P 263 -10.71 36.99 8.49
CA ILE P 263 -11.25 37.21 7.15
C ILE P 263 -10.85 36.06 6.24
N ARG P 264 -9.56 35.71 6.23
CA ARG P 264 -9.05 34.63 5.41
C ARG P 264 -9.10 33.28 6.12
N ASP P 265 -9.83 33.16 7.22
CA ASP P 265 -9.93 31.90 7.95
C ASP P 265 -10.37 30.78 7.05
N VAL P 266 -9.47 29.85 6.76
CA VAL P 266 -9.83 28.60 6.12
C VAL P 266 -10.07 27.58 7.21
N ASP P 267 -11.30 27.08 7.29
CA ASP P 267 -11.57 25.87 8.05
C ASP P 267 -11.06 24.74 7.18
N MET P 268 -9.76 24.47 7.30
CA MET P 268 -9.11 23.52 6.42
C MET P 268 -9.76 22.15 6.51
N ALA P 269 -10.25 21.79 7.70
CA ALA P 269 -10.96 20.53 7.82
C ALA P 269 -12.26 20.56 7.05
N LYS P 270 -13.03 21.65 7.19
CA LYS P 270 -14.24 21.81 6.41
C LYS P 270 -13.93 21.70 4.93
N GLU P 271 -12.91 22.41 4.48
CA GLU P 271 -12.68 22.53 3.05
C GLU P 271 -12.14 21.25 2.45
N MET P 272 -11.36 20.49 3.22
CA MET P 272 -11.00 19.15 2.77
C MET P 272 -12.23 18.26 2.71
N SER P 273 -13.10 18.38 3.71
CA SER P 273 -14.31 17.57 3.74
C SER P 273 -15.20 17.89 2.55
N GLU P 274 -15.46 19.17 2.33
CA GLU P 274 -16.29 19.60 1.23
C GLU P 274 -15.66 19.23 -0.09
N PHE P 275 -14.33 19.34 -0.17
CA PHE P 275 -13.61 18.88 -1.34
C PHE P 275 -13.92 17.43 -1.64
N THR P 276 -13.74 16.59 -0.63
CA THR P 276 -14.05 15.18 -0.72
C THR P 276 -15.44 14.96 -1.26
N LYS P 277 -16.41 15.62 -0.63
CA LYS P 277 -17.80 15.47 -1.03
C LYS P 277 -17.97 15.82 -2.51
N ASN P 278 -17.41 16.94 -2.93
CA ASN P 278 -17.62 17.36 -4.31
C ASN P 278 -16.96 16.41 -5.29
N ASN P 279 -15.85 15.76 -4.91
CA ASN P 279 -15.31 14.70 -5.73
C ASN P 279 -16.32 13.58 -5.89
N ILE P 280 -16.81 13.10 -4.75
CA ILE P 280 -17.79 12.03 -4.73
C ILE P 280 -18.95 12.37 -5.63
N LEU P 281 -19.47 13.58 -5.49
CA LEU P 281 -20.66 13.99 -6.20
C LEU P 281 -20.40 14.08 -7.69
N SER P 282 -19.24 14.60 -8.08
CA SER P 282 -18.88 14.63 -9.48
C SER P 282 -18.86 13.22 -10.05
N GLN P 283 -18.16 12.32 -9.36
CA GLN P 283 -18.02 10.95 -9.86
C GLN P 283 -19.36 10.26 -9.99
N ALA P 284 -20.19 10.42 -8.98
CA ALA P 284 -21.52 9.82 -8.99
C ALA P 284 -22.32 10.33 -10.17
N SER P 285 -22.31 11.65 -10.36
CA SER P 285 -23.08 12.23 -11.45
C SER P 285 -22.59 11.72 -12.79
N GLN P 286 -21.28 11.54 -12.94
CA GLN P 286 -20.76 11.02 -14.21
C GLN P 286 -21.20 9.58 -14.43
N ALA P 287 -21.19 8.77 -13.37
CA ALA P 287 -21.71 7.42 -13.49
C ALA P 287 -23.15 7.45 -13.97
N MET P 288 -23.94 8.37 -13.45
CA MET P 288 -25.30 8.48 -13.91
C MET P 288 -25.37 8.95 -15.35
N LEU P 289 -24.42 9.78 -15.80
CA LEU P 289 -24.43 10.19 -17.20
C LEU P 289 -24.13 9.00 -18.09
N ALA P 290 -23.23 8.13 -17.66
CA ALA P 290 -23.03 6.89 -18.38
C ALA P 290 -24.32 6.12 -18.47
N GLN P 291 -25.02 5.98 -17.35
CA GLN P 291 -26.29 5.25 -17.37
C GLN P 291 -27.30 5.91 -18.29
N ALA P 292 -27.32 7.24 -18.33
CA ALA P 292 -28.18 7.96 -19.26
C ALA P 292 -27.83 7.61 -20.69
N ASN P 293 -26.56 7.30 -20.95
CA ASN P 293 -26.19 6.84 -22.27
C ASN P 293 -26.44 5.35 -22.46
N GLN P 294 -26.60 4.59 -21.37
CA GLN P 294 -26.84 3.15 -21.50
C GLN P 294 -28.28 2.85 -21.80
N GLN P 295 -29.21 3.50 -21.09
CA GLN P 295 -30.64 3.25 -21.28
C GLN P 295 -31.08 3.31 -22.73
N PRO P 296 -30.80 4.37 -23.50
CA PRO P 296 -31.27 4.38 -24.89
C PRO P 296 -30.65 3.31 -25.77
N GLN P 297 -29.52 2.71 -25.36
CA GLN P 297 -28.98 1.59 -26.12
C GLN P 297 -29.82 0.35 -25.89
N ASN P 298 -30.17 0.11 -24.63
CA ASN P 298 -31.13 -0.94 -24.31
C ASN P 298 -32.39 -0.73 -25.12
N VAL P 299 -32.85 0.51 -25.21
CA VAL P 299 -34.01 0.83 -26.03
C VAL P 299 -33.76 0.44 -27.47
N LEU P 300 -32.58 0.78 -27.99
CA LEU P 300 -32.28 0.49 -29.38
C LEU P 300 -32.45 -0.98 -29.68
N GLN P 301 -31.82 -1.83 -28.86
CA GLN P 301 -31.97 -3.26 -29.08
C GLN P 301 -33.41 -3.69 -28.95
N LEU P 302 -34.04 -3.27 -27.86
CA LEU P 302 -35.37 -3.78 -27.52
C LEU P 302 -36.40 -3.37 -28.56
N LEU P 303 -36.21 -2.22 -29.22
CA LEU P 303 -37.10 -1.75 -30.27
C LEU P 303 -36.48 -1.89 -31.64
N ARG P 304 -35.61 -2.87 -31.82
CA ARG P 304 -35.08 -3.17 -33.13
C ARG P 304 -35.95 -4.22 -33.79
N ILE Q 3 -88.44 -27.98 -72.71
CA ILE Q 3 -88.34 -26.55 -72.26
C ILE Q 3 -86.90 -26.10 -72.12
N ASN Q 4 -86.04 -26.59 -73.02
CA ASN Q 4 -84.60 -26.38 -72.90
C ASN Q 4 -84.25 -24.91 -72.76
N HIS Q 5 -84.88 -24.06 -73.55
CA HIS Q 5 -84.57 -22.63 -73.55
C HIS Q 5 -85.01 -21.91 -72.29
N ASN Q 6 -85.72 -22.57 -71.39
CA ASN Q 6 -86.19 -21.96 -70.16
C ASN Q 6 -85.40 -22.37 -68.92
N ILE Q 7 -84.50 -23.33 -69.03
CA ILE Q 7 -83.78 -23.87 -67.89
C ILE Q 7 -82.39 -23.29 -67.88
N ALA Q 8 -82.05 -22.64 -66.77
CA ALA Q 8 -80.69 -22.20 -66.54
C ALA Q 8 -80.28 -22.38 -65.09
N ALA Q 9 -81.08 -23.07 -64.29
CA ALA Q 9 -80.87 -23.17 -62.85
C ALA Q 9 -80.75 -21.79 -62.25
N LEU Q 10 -81.72 -20.95 -62.56
CA LEU Q 10 -81.62 -19.54 -62.22
C LEU Q 10 -81.51 -19.34 -60.71
N ASN Q 11 -82.00 -20.27 -59.90
CA ASN Q 11 -81.75 -20.18 -58.47
C ASN Q 11 -80.26 -20.35 -58.20
N THR Q 12 -79.61 -21.23 -58.96
CA THR Q 12 -78.16 -21.34 -58.83
C THR Q 12 -77.51 -20.01 -59.21
N LEU Q 13 -78.04 -19.35 -60.24
CA LEU Q 13 -77.47 -18.09 -60.68
C LEU Q 13 -77.62 -17.03 -59.59
N ASN Q 14 -78.77 -17.03 -58.95
CA ASN Q 14 -79.00 -16.12 -57.84
C ASN Q 14 -78.04 -16.40 -56.69
N ARG Q 15 -77.83 -17.68 -56.39
CA ARG Q 15 -76.82 -18.04 -55.40
C ARG Q 15 -75.46 -17.56 -55.84
N LEU Q 16 -75.23 -17.55 -57.15
CA LEU Q 16 -73.93 -17.15 -57.62
C LEU Q 16 -73.68 -15.68 -57.32
N SER Q 17 -74.63 -14.84 -57.72
CA SER Q 17 -74.53 -13.42 -57.42
C SER Q 17 -74.33 -13.20 -55.93
N SER Q 18 -75.12 -13.90 -55.12
CA SER Q 18 -75.01 -13.78 -53.68
C SER Q 18 -73.61 -14.14 -53.20
N ASN Q 19 -73.09 -15.26 -53.68
CA ASN Q 19 -71.81 -15.75 -53.20
C ASN Q 19 -70.68 -14.82 -53.62
N ASN Q 20 -70.76 -14.28 -54.84
CA ASN Q 20 -69.72 -13.37 -55.29
C ASN Q 20 -69.70 -12.12 -54.43
N SER Q 21 -70.87 -11.57 -54.16
CA SER Q 21 -70.90 -10.41 -53.27
C SER Q 21 -70.42 -10.78 -51.88
N ALA Q 22 -70.75 -11.99 -51.42
CA ALA Q 22 -70.36 -12.42 -50.08
C ALA Q 22 -68.84 -12.46 -49.94
N SER Q 23 -68.17 -13.19 -50.83
CA SER Q 23 -66.72 -13.27 -50.79
C SER Q 23 -66.11 -11.89 -50.95
N GLN Q 24 -66.71 -11.05 -51.81
CA GLN Q 24 -66.25 -9.68 -51.97
C GLN Q 24 -66.25 -8.95 -50.64
N LYS Q 25 -67.37 -9.03 -49.91
CA LYS Q 25 -67.47 -8.35 -48.62
C LYS Q 25 -66.41 -8.86 -47.67
N ASN Q 26 -66.22 -10.18 -47.65
CA ASN Q 26 -65.18 -10.76 -46.81
C ASN Q 26 -63.84 -10.11 -47.10
N MET Q 27 -63.46 -10.04 -48.38
CA MET Q 27 -62.18 -9.40 -48.74
C MET Q 27 -62.10 -7.99 -48.22
N GLU Q 28 -63.12 -7.21 -48.56
CA GLU Q 28 -63.14 -5.80 -48.24
C GLU Q 28 -62.88 -5.56 -46.77
N LYS Q 29 -63.50 -6.39 -45.94
CA LYS Q 29 -63.25 -6.30 -44.51
C LYS Q 29 -61.85 -6.78 -44.18
N LEU Q 30 -61.42 -7.88 -44.80
CA LEU Q 30 -60.08 -8.42 -44.56
C LEU Q 30 -59.02 -7.43 -44.99
N SER Q 31 -59.14 -6.91 -46.21
CA SER Q 31 -58.17 -5.98 -46.73
C SER Q 31 -58.09 -4.73 -45.89
N SER Q 32 -59.24 -4.16 -45.57
CA SER Q 32 -59.26 -2.94 -44.79
C SER Q 32 -59.03 -3.19 -43.32
N GLY Q 33 -59.21 -4.42 -42.86
CA GLY Q 33 -59.13 -4.69 -41.44
C GLY Q 33 -60.30 -4.10 -40.69
N LEU Q 34 -61.44 -3.99 -41.35
CA LEU Q 34 -62.61 -3.31 -40.82
C LEU Q 34 -63.77 -4.29 -40.81
N ARG Q 35 -64.25 -4.62 -39.61
CA ARG Q 35 -65.54 -5.28 -39.54
C ARG Q 35 -66.65 -4.29 -39.80
N ILE Q 36 -66.41 -3.02 -39.47
CA ILE Q 36 -67.38 -1.98 -39.76
C ILE Q 36 -67.62 -1.92 -41.26
N ASN Q 37 -68.79 -1.43 -41.61
CA ASN Q 37 -69.13 -1.24 -43.00
C ASN Q 37 -68.75 0.17 -43.42
N ARG Q 38 -68.47 0.32 -44.72
CA ARG Q 38 -68.49 1.66 -45.29
C ARG Q 38 -69.90 2.19 -45.33
N ALA Q 39 -70.85 1.32 -45.67
CA ALA Q 39 -72.26 1.66 -45.71
C ALA Q 39 -72.79 1.85 -44.31
N GLY Q 40 -73.91 2.57 -44.22
CA GLY Q 40 -74.58 2.85 -42.96
C GLY Q 40 -75.18 1.67 -42.26
N ASP Q 41 -75.03 0.46 -42.80
CA ASP Q 41 -75.48 -0.74 -42.11
C ASP Q 41 -74.80 -0.83 -40.76
N ASP Q 42 -75.62 -0.75 -39.70
CA ASP Q 42 -75.16 -0.52 -38.33
C ASP Q 42 -74.53 0.86 -38.18
N ALA Q 43 -75.25 1.87 -38.67
CA ALA Q 43 -74.81 3.25 -38.47
C ALA Q 43 -74.75 3.61 -37.00
N ALA Q 44 -75.46 2.88 -36.14
CA ALA Q 44 -75.28 3.06 -34.70
C ALA Q 44 -73.82 2.81 -34.32
N GLY Q 45 -73.35 1.57 -34.51
CA GLY Q 45 -71.99 1.24 -34.16
C GLY Q 45 -70.98 2.11 -34.89
N LEU Q 46 -71.27 2.45 -36.14
CA LEU Q 46 -70.38 3.33 -36.90
C LEU Q 46 -70.27 4.67 -36.21
N ALA Q 47 -71.40 5.37 -36.06
CA ALA Q 47 -71.41 6.69 -35.46
C ALA Q 47 -70.77 6.68 -34.08
N ILE Q 48 -70.93 5.57 -33.36
CA ILE Q 48 -70.21 5.44 -32.10
C ILE Q 48 -68.72 5.50 -32.36
N SER Q 49 -68.21 4.60 -33.21
CA SER Q 49 -66.76 4.53 -33.43
C SER Q 49 -66.23 5.83 -33.99
N GLU Q 50 -67.05 6.53 -34.75
CA GLU Q 50 -66.72 7.88 -35.20
C GLU Q 50 -66.50 8.78 -34.01
N LYS Q 51 -67.44 8.78 -33.07
CA LYS Q 51 -67.31 9.58 -31.88
C LYS Q 51 -66.12 9.13 -31.05
N MET Q 52 -65.90 7.82 -30.99
CA MET Q 52 -64.76 7.28 -30.29
C MET Q 52 -63.49 7.89 -30.84
N ARG Q 53 -63.27 7.73 -32.15
CA ARG Q 53 -62.06 8.23 -32.78
C ARG Q 53 -61.91 9.72 -32.59
N GLY Q 54 -63.02 10.45 -32.64
CA GLY Q 54 -62.96 11.86 -32.32
C GLY Q 54 -62.36 12.08 -30.95
N GLN Q 55 -62.82 11.31 -29.97
CA GLN Q 55 -62.26 11.44 -28.63
C GLN Q 55 -60.85 10.90 -28.55
N ILE Q 56 -60.56 9.76 -29.20
CA ILE Q 56 -59.21 9.18 -29.20
C ILE Q 56 -58.21 10.22 -29.67
N ARG Q 57 -58.42 10.71 -30.88
CA ARG Q 57 -57.55 11.71 -31.47
C ARG Q 57 -57.46 12.93 -30.57
N GLY Q 58 -58.59 13.30 -29.97
CA GLY Q 58 -58.57 14.40 -29.02
C GLY Q 58 -57.75 14.09 -27.79
N LEU Q 59 -57.64 12.80 -27.42
CA LEU Q 59 -56.82 12.42 -26.27
C LEU Q 59 -55.36 12.39 -26.64
N GLU Q 60 -55.05 12.05 -27.89
CA GLU Q 60 -53.68 12.12 -28.36
C GLU Q 60 -53.20 13.56 -28.33
N MET Q 61 -54.00 14.47 -28.88
CA MET Q 61 -53.67 15.88 -28.81
C MET Q 61 -53.77 16.41 -27.40
N ALA Q 62 -54.56 15.75 -26.55
CA ALA Q 62 -54.63 16.13 -25.14
C ALA Q 62 -53.32 15.81 -24.45
N SER Q 63 -52.81 14.61 -24.68
CA SER Q 63 -51.51 14.24 -24.13
C SER Q 63 -50.45 15.19 -24.62
N LYS Q 64 -50.48 15.48 -25.91
CA LYS Q 64 -49.59 16.49 -26.48
C LYS Q 64 -49.67 17.80 -25.72
N ASN Q 65 -50.89 18.33 -25.57
CA ASN Q 65 -51.06 19.63 -24.92
C ASN Q 65 -50.59 19.59 -23.48
N SER Q 66 -50.82 18.47 -22.79
CA SER Q 66 -50.45 18.39 -21.39
C SER Q 66 -48.95 18.29 -21.24
N GLN Q 67 -48.30 17.52 -22.11
CA GLN Q 67 -46.85 17.46 -22.10
C GLN Q 67 -46.27 18.84 -22.36
N ASP Q 68 -46.89 19.57 -23.27
CA ASP Q 68 -46.48 20.94 -23.55
C ASP Q 68 -46.66 21.80 -22.30
N GLY Q 69 -47.79 21.61 -21.60
CA GLY Q 69 -47.97 22.21 -20.28
C GLY Q 69 -46.78 21.94 -19.40
N ILE Q 70 -46.35 20.69 -19.34
CA ILE Q 70 -45.24 20.31 -18.48
C ILE Q 70 -43.98 21.04 -18.91
N SER Q 71 -43.77 21.16 -20.21
CA SER Q 71 -42.58 21.84 -20.69
C SER Q 71 -42.55 23.27 -20.20
N LEU Q 72 -43.69 23.95 -20.31
CA LEU Q 72 -43.81 25.29 -19.77
C LEU Q 72 -43.50 25.30 -18.27
N ILE Q 73 -44.12 24.37 -17.55
CA ILE Q 73 -43.96 24.30 -16.10
C ILE Q 73 -42.49 24.20 -15.76
N GLN Q 74 -41.83 23.18 -16.27
CA GLN Q 74 -40.45 22.90 -15.89
C GLN Q 74 -39.53 24.03 -16.31
N THR Q 75 -39.84 24.70 -17.40
CA THR Q 75 -39.09 25.91 -17.76
C THR Q 75 -39.16 26.92 -16.63
N ALA Q 76 -40.37 27.33 -16.28
CA ALA Q 76 -40.54 28.34 -15.23
C ALA Q 76 -40.00 27.81 -13.91
N GLU Q 77 -40.18 26.53 -13.66
CA GLU Q 77 -39.72 25.88 -12.45
C GLU Q 77 -38.22 26.04 -12.27
N GLY Q 78 -37.45 25.61 -13.27
CA GLY Q 78 -36.01 25.72 -13.16
C GLY Q 78 -35.57 27.17 -13.03
N ALA Q 79 -36.27 28.06 -13.73
CA ALA Q 79 -35.95 29.47 -13.61
C ALA Q 79 -36.17 29.97 -12.19
N LEU Q 80 -37.27 29.56 -11.57
CA LEU Q 80 -37.57 29.98 -10.21
C LEU Q 80 -36.62 29.33 -9.21
N THR Q 81 -36.15 28.12 -9.51
CA THR Q 81 -35.14 27.50 -8.68
C THR Q 81 -33.88 28.33 -8.69
N GLU Q 82 -33.46 28.79 -9.86
CA GLU Q 82 -32.28 29.64 -9.92
C GLU Q 82 -32.52 30.96 -9.23
N THR Q 83 -33.69 31.55 -9.43
CA THR Q 83 -34.07 32.77 -8.72
C THR Q 83 -33.90 32.57 -7.23
N HIS Q 84 -34.43 31.45 -6.75
CA HIS Q 84 -34.36 31.13 -5.35
C HIS Q 84 -32.93 31.04 -4.87
N ALA Q 85 -32.09 30.35 -5.64
CA ALA Q 85 -30.68 30.24 -5.28
C ALA Q 85 -30.04 31.62 -5.15
N ILE Q 86 -30.38 32.50 -6.08
CA ILE Q 86 -29.92 33.88 -5.95
C ILE Q 86 -30.38 34.44 -4.63
N LEU Q 87 -31.66 34.29 -4.31
CA LEU Q 87 -32.20 34.87 -3.09
C LEU Q 87 -31.51 34.33 -1.85
N GLN Q 88 -31.04 33.09 -1.90
CA GLN Q 88 -30.18 32.60 -0.83
C GLN Q 88 -28.92 33.45 -0.75
N ARG Q 89 -28.29 33.69 -1.90
CA ARG Q 89 -27.11 34.55 -1.88
C ARG Q 89 -27.46 35.93 -1.37
N VAL Q 90 -28.64 36.42 -1.75
CA VAL Q 90 -29.04 37.74 -1.30
C VAL Q 90 -29.07 37.77 0.20
N ARG Q 91 -29.72 36.79 0.83
CA ARG Q 91 -29.81 36.83 2.29
C ARG Q 91 -28.44 36.70 2.92
N GLU Q 92 -27.52 35.94 2.30
CA GLU Q 92 -26.14 35.99 2.77
C GLU Q 92 -25.65 37.42 2.78
N LEU Q 93 -25.95 38.14 1.71
CA LEU Q 93 -25.52 39.51 1.61
C LEU Q 93 -26.34 40.43 2.48
N VAL Q 94 -27.51 40.00 2.94
CA VAL Q 94 -28.28 40.78 3.91
C VAL Q 94 -27.62 40.66 5.27
N VAL Q 95 -27.25 39.44 5.64
CA VAL Q 95 -26.64 39.24 6.94
C VAL Q 95 -25.28 39.93 6.99
N GLN Q 96 -24.54 39.87 5.89
CA GLN Q 96 -23.36 40.71 5.80
C GLN Q 96 -23.75 42.17 5.79
N ALA Q 97 -24.88 42.50 5.16
CA ALA Q 97 -25.41 43.86 5.13
C ALA Q 97 -26.18 44.18 6.37
N GLY Q 98 -25.98 43.38 7.42
CA GLY Q 98 -25.99 43.92 8.74
C GLY Q 98 -24.76 44.74 9.07
N ASN Q 99 -23.90 45.02 8.07
CA ASN Q 99 -22.78 45.94 8.20
C ASN Q 99 -21.70 45.30 9.07
N THR Q 100 -21.83 43.99 9.28
CA THR Q 100 -21.22 43.34 10.43
C THR Q 100 -21.39 44.23 11.65
N GLY Q 101 -22.65 44.62 11.85
CA GLY Q 101 -22.93 45.57 12.89
C GLY Q 101 -22.68 47.00 12.47
N THR Q 102 -21.49 47.50 12.83
CA THR Q 102 -20.97 48.75 12.31
C THR Q 102 -19.61 48.59 11.66
N GLN Q 103 -19.06 47.37 11.67
CA GLN Q 103 -17.66 47.19 11.31
C GLN Q 103 -17.41 47.48 9.84
N ASP Q 104 -18.33 47.09 8.97
CA ASP Q 104 -18.16 47.47 7.58
C ASP Q 104 -18.35 48.97 7.46
N LYS Q 105 -17.69 49.56 6.48
CA LYS Q 105 -17.83 50.99 6.23
C LYS Q 105 -18.81 51.22 5.07
N ALA Q 106 -19.04 52.49 4.76
CA ALA Q 106 -19.99 52.83 3.71
C ALA Q 106 -19.56 52.26 2.37
N THR Q 107 -18.27 52.30 2.08
CA THR Q 107 -17.77 51.70 0.83
C THR Q 107 -18.00 50.20 0.83
N ASP Q 108 -17.82 49.55 1.97
CA ASP Q 108 -18.05 48.12 2.03
C ASP Q 108 -19.51 47.81 1.72
N LEU Q 109 -20.43 48.58 2.32
CA LEU Q 109 -21.84 48.42 2.00
C LEU Q 109 -22.12 48.71 0.54
N GLN Q 110 -21.34 49.62 -0.07
CA GLN Q 110 -21.53 49.90 -1.48
C GLN Q 110 -20.99 48.77 -2.35
N SER Q 111 -19.90 48.15 -1.93
CA SER Q 111 -19.40 46.98 -2.63
C SER Q 111 -20.44 45.87 -2.60
N ILE Q 112 -21.00 45.62 -1.41
CA ILE Q 112 -22.07 44.65 -1.26
C ILE Q 112 -23.23 45.05 -2.17
N GLN Q 113 -23.63 46.31 -2.10
CA GLN Q 113 -24.79 46.77 -2.85
C GLN Q 113 -24.56 46.66 -4.34
N ASP Q 114 -23.33 46.87 -4.78
CA ASP Q 114 -23.00 46.60 -6.17
C ASP Q 114 -23.27 45.16 -6.51
N GLY Q 115 -22.81 44.26 -5.64
CA GLY Q 115 -23.11 42.85 -5.84
C GLY Q 115 -24.60 42.56 -5.85
N ILE Q 116 -25.36 43.22 -4.98
CA ILE Q 116 -26.78 42.91 -4.88
C ILE Q 116 -27.52 43.45 -6.08
N SER Q 117 -27.21 44.68 -6.49
CA SER Q 117 -27.86 45.25 -7.66
C SER Q 117 -27.51 44.44 -8.89
N ALA Q 118 -26.31 43.89 -8.93
CA ALA Q 118 -25.95 42.93 -9.95
C ALA Q 118 -26.87 41.71 -9.87
N LEU Q 119 -27.12 41.21 -8.66
CA LEU Q 119 -28.03 40.08 -8.50
C LEU Q 119 -29.44 40.44 -8.91
N THR Q 120 -29.89 41.65 -8.59
CA THR Q 120 -31.18 42.13 -9.04
C THR Q 120 -31.24 42.04 -10.55
N ASP Q 121 -30.22 42.56 -11.22
CA ASP Q 121 -30.19 42.54 -12.66
C ASP Q 121 -30.26 41.12 -13.18
N GLU Q 122 -29.71 40.17 -12.43
CA GLU Q 122 -29.83 38.77 -12.83
C GLU Q 122 -31.23 38.23 -12.59
N ILE Q 123 -31.86 38.61 -11.47
CA ILE Q 123 -33.22 38.15 -11.22
C ILE Q 123 -34.15 38.71 -12.29
N ASP Q 124 -34.04 40.00 -12.55
CA ASP Q 124 -34.78 40.62 -13.64
C ASP Q 124 -34.46 39.93 -14.95
N GLY Q 125 -33.20 39.51 -15.13
CA GLY Q 125 -32.85 38.77 -16.32
C GLY Q 125 -33.58 37.44 -16.39
N ILE Q 126 -33.69 36.75 -15.26
CA ILE Q 126 -34.48 35.52 -15.23
C ILE Q 126 -35.90 35.83 -15.65
N SER Q 127 -36.54 36.76 -14.95
CA SER Q 127 -37.94 37.01 -15.16
C SER Q 127 -38.23 37.64 -16.51
N ASN Q 128 -37.21 38.17 -17.19
CA ASN Q 128 -37.36 38.80 -18.49
C ASN Q 128 -36.64 38.05 -19.59
N ARG Q 129 -36.17 36.83 -19.32
CA ARG Q 129 -35.61 35.96 -20.35
C ARG Q 129 -36.35 34.63 -20.38
N THR Q 130 -36.96 34.26 -19.27
CA THR Q 130 -37.71 33.02 -19.24
C THR Q 130 -38.96 33.19 -20.10
N GLU Q 131 -38.83 32.79 -21.36
CA GLU Q 131 -39.91 32.80 -22.31
C GLU Q 131 -40.27 31.37 -22.71
N PHE Q 132 -41.54 31.16 -23.04
CA PHE Q 132 -41.96 29.97 -23.77
C PHE Q 132 -42.74 30.42 -24.99
N ASN Q 133 -42.16 30.15 -26.16
CA ASN Q 133 -42.78 30.56 -27.40
C ASN Q 133 -43.00 32.06 -27.39
N GLY Q 134 -42.01 32.77 -26.89
CA GLY Q 134 -42.05 34.20 -26.75
C GLY Q 134 -42.78 34.69 -25.51
N LYS Q 135 -43.68 33.87 -24.97
CA LYS Q 135 -44.45 34.26 -23.81
C LYS Q 135 -43.52 34.33 -22.61
N LYS Q 136 -43.28 35.54 -22.13
CA LYS Q 136 -42.38 35.72 -21.00
C LYS Q 136 -43.06 35.08 -19.80
N LEU Q 137 -42.67 33.83 -19.53
CA LEU Q 137 -43.36 33.02 -18.54
C LEU Q 137 -43.21 33.55 -17.13
N LEU Q 138 -42.17 34.33 -16.88
CA LEU Q 138 -41.99 34.99 -15.60
C LEU Q 138 -42.19 36.49 -15.73
N ASP Q 139 -43.04 36.89 -16.67
CA ASP Q 139 -43.57 38.24 -16.66
C ASP Q 139 -44.45 38.36 -15.43
N GLY Q 140 -43.96 39.09 -14.43
CA GLY Q 140 -44.72 39.24 -13.21
C GLY Q 140 -46.07 39.91 -13.41
N THR Q 141 -46.27 40.60 -14.54
CA THR Q 141 -47.54 41.20 -14.90
C THR Q 141 -48.33 40.33 -15.87
N TYR Q 142 -47.93 39.08 -16.08
CA TYR Q 142 -48.68 38.21 -16.97
C TYR Q 142 -50.11 38.01 -16.48
N LYS Q 143 -50.25 37.38 -15.31
CA LYS Q 143 -51.56 37.10 -14.72
C LYS Q 143 -51.62 37.62 -13.30
N VAL Q 144 -51.41 38.93 -13.15
CA VAL Q 144 -51.83 39.57 -11.91
C VAL Q 144 -53.36 39.60 -11.93
N ASP Q 145 -53.98 38.81 -11.05
CA ASP Q 145 -55.44 38.71 -10.98
C ASP Q 145 -56.09 40.08 -10.88
N THR Q 146 -55.55 40.93 -10.01
CA THR Q 146 -55.88 42.36 -9.90
C THR Q 146 -57.26 42.62 -9.29
N ALA Q 147 -58.08 41.58 -9.14
CA ALA Q 147 -59.54 41.75 -9.08
C ALA Q 147 -60.08 42.41 -10.34
N THR Q 148 -59.43 42.16 -11.48
CA THR Q 148 -59.88 42.68 -12.77
C THR Q 148 -59.79 41.54 -13.78
N PRO Q 149 -60.90 40.87 -14.07
CA PRO Q 149 -60.88 39.83 -15.11
C PRO Q 149 -60.34 40.29 -16.44
N ALA Q 150 -60.61 41.54 -16.79
CA ALA Q 150 -60.19 42.06 -18.09
C ALA Q 150 -58.68 42.01 -18.27
N ASN Q 151 -57.93 42.10 -17.17
CA ASN Q 151 -56.46 42.13 -17.22
C ASN Q 151 -55.93 40.92 -16.46
N GLN Q 152 -55.93 39.74 -17.10
CA GLN Q 152 -55.35 38.55 -16.48
C GLN Q 152 -54.53 37.66 -17.41
N LYS Q 153 -54.81 37.57 -18.70
CA LYS Q 153 -54.10 36.63 -19.57
C LYS Q 153 -54.09 35.21 -18.97
N ASN Q 154 -55.25 34.75 -18.50
CA ASN Q 154 -55.35 33.48 -17.76
C ASN Q 154 -54.60 32.35 -18.47
N LEU Q 155 -53.64 31.75 -17.77
CA LEU Q 155 -52.81 30.72 -18.38
C LEU Q 155 -53.64 29.44 -18.48
N VAL Q 156 -54.56 29.46 -19.45
CA VAL Q 156 -55.45 28.35 -19.68
C VAL Q 156 -54.67 27.21 -20.32
N PHE Q 157 -54.99 25.96 -19.96
CA PHE Q 157 -54.54 24.76 -20.68
C PHE Q 157 -55.77 23.90 -20.99
N GLN Q 158 -56.24 23.95 -22.24
CA GLN Q 158 -57.24 23.02 -22.74
C GLN Q 158 -56.57 21.68 -22.95
N ILE Q 159 -56.99 20.69 -22.17
CA ILE Q 159 -56.48 19.34 -22.27
C ILE Q 159 -57.56 18.38 -22.72
N GLY Q 160 -58.71 18.37 -22.06
CA GLY Q 160 -59.69 17.34 -22.31
C GLY Q 160 -60.23 17.42 -23.72
N ALA Q 161 -60.43 16.24 -24.32
CA ALA Q 161 -61.01 16.17 -25.66
C ALA Q 161 -62.40 16.76 -25.69
N ASN Q 162 -63.07 16.82 -24.55
CA ASN Q 162 -64.38 17.43 -24.43
C ASN Q 162 -64.26 18.92 -24.12
N ALA Q 163 -65.30 19.66 -24.48
CA ALA Q 163 -65.29 21.10 -24.33
C ALA Q 163 -65.23 21.52 -22.88
N THR Q 164 -64.62 22.69 -22.63
CA THR Q 164 -64.47 23.35 -21.34
C THR Q 164 -63.45 22.66 -20.44
N GLN Q 165 -62.88 21.54 -20.84
CA GLN Q 165 -61.98 20.79 -19.98
C GLN Q 165 -60.63 21.49 -19.93
N GLN Q 166 -60.58 22.60 -19.20
CA GLN Q 166 -59.42 23.49 -19.20
C GLN Q 166 -58.85 23.63 -17.81
N ILE Q 167 -57.57 23.96 -17.78
CA ILE Q 167 -56.84 24.21 -16.55
C ILE Q 167 -56.46 25.67 -16.49
N SER Q 168 -56.71 26.31 -15.34
CA SER Q 168 -56.43 27.72 -15.12
C SER Q 168 -55.20 27.86 -14.23
N VAL Q 169 -54.15 28.51 -14.73
CA VAL Q 169 -52.89 28.66 -14.03
C VAL Q 169 -52.55 30.14 -13.91
N ASN Q 170 -51.75 30.46 -12.90
CA ASN Q 170 -51.39 31.84 -12.60
C ASN Q 170 -49.88 32.04 -12.54
N ILE Q 171 -49.43 33.05 -13.29
CA ILE Q 171 -48.07 33.58 -13.26
C ILE Q 171 -48.17 34.95 -12.59
N GLU Q 172 -47.32 35.21 -11.57
CA GLU Q 172 -47.20 36.58 -11.07
C GLU Q 172 -45.80 36.99 -10.61
N ASP Q 173 -44.79 36.14 -10.73
CA ASP Q 173 -43.51 36.46 -10.13
C ASP Q 173 -42.61 37.22 -11.09
N MET Q 174 -41.68 37.98 -10.52
CA MET Q 174 -40.66 38.72 -11.26
C MET Q 174 -39.73 39.34 -10.22
N GLY Q 175 -38.66 39.97 -10.72
CA GLY Q 175 -37.68 40.59 -9.84
C GLY Q 175 -38.27 41.66 -8.95
N ALA Q 176 -39.20 42.44 -9.48
CA ALA Q 176 -39.85 43.47 -8.68
C ALA Q 176 -40.92 42.93 -7.75
N ASP Q 177 -41.16 41.61 -7.76
CA ASP Q 177 -42.21 40.99 -6.96
C ASP Q 177 -41.58 40.32 -5.74
N ALA Q 178 -41.53 41.04 -4.60
CA ALA Q 178 -40.83 40.52 -3.43
C ALA Q 178 -41.67 40.35 -2.17
N LEU Q 179 -42.03 41.45 -1.50
CA LEU Q 179 -43.02 41.40 -0.42
C LEU Q 179 -44.31 41.94 -1.00
N GLY Q 180 -45.14 41.01 -1.45
CA GLY Q 180 -46.43 41.38 -2.00
C GLY Q 180 -47.37 41.68 -0.87
N ILE Q 181 -47.20 42.84 -0.21
CA ILE Q 181 -48.13 43.25 0.83
C ILE Q 181 -49.54 43.22 0.28
N LYS Q 182 -49.76 43.89 -0.84
CA LYS Q 182 -50.93 43.78 -1.69
C LYS Q 182 -50.48 43.87 -3.14
N GLU Q 183 -49.59 44.83 -3.35
CA GLU Q 183 -48.84 45.12 -4.55
C GLU Q 183 -47.46 45.59 -4.08
N ALA Q 184 -46.68 46.19 -4.95
CA ALA Q 184 -45.44 46.81 -4.51
C ALA Q 184 -45.76 48.01 -3.64
N ASP Q 185 -45.21 48.02 -2.43
CA ASP Q 185 -45.47 49.14 -1.54
C ASP Q 185 -44.76 50.39 -2.03
N GLY Q 186 -43.44 50.32 -2.11
CA GLY Q 186 -42.63 51.44 -2.53
C GLY Q 186 -41.16 51.12 -2.41
N SER Q 187 -40.41 52.01 -1.75
CA SER Q 187 -39.01 51.72 -1.47
C SER Q 187 -38.86 50.43 -0.70
N ILE Q 188 -39.84 50.12 0.15
CA ILE Q 188 -39.90 48.86 0.84
C ILE Q 188 -40.81 47.92 0.08
N ALA Q 189 -40.75 46.65 0.45
CA ALA Q 189 -41.65 45.57 0.07
C ALA Q 189 -41.51 45.08 -1.38
N ALA Q 190 -41.01 45.91 -2.28
CA ALA Q 190 -40.62 45.47 -3.60
C ALA Q 190 -39.25 45.98 -4.00
N LEU Q 191 -39.02 47.28 -3.82
CA LEU Q 191 -37.83 47.90 -4.36
C LEU Q 191 -36.59 47.64 -3.53
N HIS Q 192 -36.72 47.05 -2.35
CA HIS Q 192 -35.50 46.51 -1.78
C HIS Q 192 -35.00 45.34 -2.62
N SER Q 193 -35.91 44.60 -3.25
CA SER Q 193 -35.48 43.58 -4.19
C SER Q 193 -34.89 44.22 -5.43
N VAL Q 194 -35.44 45.36 -5.84
CA VAL Q 194 -34.96 46.03 -7.04
C VAL Q 194 -33.80 46.95 -6.69
N ASN Q 195 -34.06 47.94 -5.84
CA ASN Q 195 -33.08 49.01 -5.61
C ASN Q 195 -32.10 48.69 -4.49
N ASP Q 196 -32.43 47.75 -3.59
CA ASP Q 196 -31.49 47.36 -2.54
C ASP Q 196 -31.16 48.51 -1.59
N LEU Q 197 -32.10 48.84 -0.70
CA LEU Q 197 -31.99 49.96 0.23
C LEU Q 197 -30.69 50.02 1.06
N ASP Q 198 -29.94 48.92 1.18
CA ASP Q 198 -28.73 48.90 2.01
C ASP Q 198 -27.58 49.54 1.23
N VAL Q 199 -27.50 50.86 1.31
CA VAL Q 199 -26.46 51.62 0.61
C VAL Q 199 -25.55 52.30 1.62
N THR Q 200 -26.05 53.37 2.22
CA THR Q 200 -25.51 54.01 3.40
C THR Q 200 -26.62 54.36 4.37
N LYS Q 201 -27.85 54.44 3.91
CA LYS Q 201 -29.02 54.56 4.78
C LYS Q 201 -29.00 53.49 5.85
N PHE Q 202 -28.48 52.31 5.53
CA PHE Q 202 -28.37 51.27 6.54
C PHE Q 202 -27.41 51.68 7.64
N ALA Q 203 -26.25 52.21 7.28
CA ALA Q 203 -25.29 52.61 8.30
C ALA Q 203 -25.86 53.70 9.20
N ASP Q 204 -26.75 54.54 8.64
CA ASP Q 204 -27.42 55.55 9.45
C ASP Q 204 -28.31 54.91 10.50
N ASN Q 205 -29.17 53.97 10.07
CA ASN Q 205 -30.13 53.29 10.96
C ASN Q 205 -30.03 51.80 10.69
N ALA Q 206 -29.09 51.15 11.36
CA ALA Q 206 -28.95 49.71 11.19
C ALA Q 206 -30.15 48.95 11.74
N ALA Q 207 -30.82 49.48 12.76
CA ALA Q 207 -32.04 48.88 13.32
C ALA Q 207 -33.15 49.89 13.61
N ASP Q 208 -32.76 51.13 13.87
CA ASP Q 208 -33.55 52.15 14.54
C ASP Q 208 -34.94 52.46 13.99
N CYS Q 209 -35.25 52.15 12.72
CA CYS Q 209 -36.49 52.63 12.13
C CYS Q 209 -37.25 51.59 11.31
N ALA Q 210 -36.75 50.35 11.23
CA ALA Q 210 -37.35 49.23 10.51
C ALA Q 210 -37.34 49.37 9.00
N ASP Q 211 -37.57 50.59 8.48
CA ASP Q 211 -37.59 50.90 7.06
C ASP Q 211 -36.26 50.61 6.43
N ILE Q 212 -35.19 51.03 7.08
CA ILE Q 212 -33.85 50.50 6.81
C ILE Q 212 -33.27 49.74 7.99
N GLY Q 213 -33.97 49.66 9.12
CA GLY Q 213 -33.33 49.04 10.27
C GLY Q 213 -33.15 47.54 10.21
N PHE Q 214 -32.65 47.00 9.08
CA PHE Q 214 -32.35 45.59 8.81
C PHE Q 214 -33.55 44.65 8.79
N ASP Q 215 -34.55 44.99 9.60
CA ASP Q 215 -35.79 44.28 9.74
C ASP Q 215 -36.56 44.23 8.45
N ALA Q 216 -36.94 45.40 7.94
CA ALA Q 216 -37.77 45.44 6.75
C ALA Q 216 -37.09 44.76 5.59
N GLN Q 217 -35.79 44.99 5.44
CA GLN Q 217 -35.05 44.43 4.30
C GLN Q 217 -35.09 42.92 4.36
N LEU Q 218 -34.75 42.38 5.52
CA LEU Q 218 -34.76 40.93 5.67
C LEU Q 218 -36.16 40.39 5.46
N LYS Q 219 -37.18 41.16 5.83
CA LYS Q 219 -38.54 40.74 5.59
C LYS Q 219 -38.89 40.75 4.11
N VAL Q 220 -38.35 41.71 3.36
CA VAL Q 220 -38.57 41.72 1.92
C VAL Q 220 -37.98 40.46 1.33
N VAL Q 221 -36.76 40.13 1.74
CA VAL Q 221 -36.11 38.95 1.18
C VAL Q 221 -36.89 37.70 1.57
N ASP Q 222 -37.27 37.61 2.83
CA ASP Q 222 -37.98 36.44 3.32
C ASP Q 222 -39.29 36.25 2.59
N GLU Q 223 -40.03 37.35 2.39
CA GLU Q 223 -41.31 37.21 1.71
C GLU Q 223 -41.10 36.95 0.23
N ALA Q 224 -40.11 37.61 -0.38
CA ALA Q 224 -39.78 37.31 -1.77
C ALA Q 224 -39.57 35.83 -1.96
N ILE Q 225 -38.77 35.24 -1.06
CA ILE Q 225 -38.56 33.81 -1.09
C ILE Q 225 -39.87 33.07 -0.90
N ASN Q 226 -40.69 33.52 0.04
CA ASN Q 226 -41.94 32.84 0.32
C ASN Q 226 -42.87 32.89 -0.89
N GLN Q 227 -42.81 33.98 -1.64
CA GLN Q 227 -43.60 34.11 -2.85
C GLN Q 227 -43.06 33.21 -3.95
N VAL Q 228 -41.74 33.04 -4.01
CA VAL Q 228 -41.18 32.05 -4.92
C VAL Q 228 -41.64 30.66 -4.50
N SER Q 229 -41.60 30.40 -3.20
CA SER Q 229 -42.01 29.10 -2.68
C SER Q 229 -43.43 28.77 -3.06
N SER Q 230 -44.33 29.73 -2.88
CA SER Q 230 -45.73 29.50 -3.18
C SER Q 230 -45.98 29.48 -4.68
N GLN Q 231 -45.22 30.28 -5.44
CA GLN Q 231 -45.34 30.23 -6.88
C GLN Q 231 -44.93 28.87 -7.40
N ARG Q 232 -43.81 28.36 -6.90
CA ARG Q 232 -43.37 27.03 -7.26
C ARG Q 232 -44.32 25.98 -6.71
N ALA Q 233 -45.00 26.30 -5.61
CA ALA Q 233 -45.97 25.37 -5.05
C ALA Q 233 -47.16 25.19 -5.97
N LYS Q 234 -47.71 26.30 -6.45
CA LYS Q 234 -48.76 26.25 -7.45
C LYS Q 234 -48.26 25.52 -8.68
N LEU Q 235 -47.07 25.92 -9.12
CA LEU Q 235 -46.48 25.40 -10.34
C LEU Q 235 -46.36 23.88 -10.27
N GLY Q 236 -45.85 23.37 -9.16
CA GLY Q 236 -45.70 21.94 -9.00
C GLY Q 236 -47.01 21.25 -8.74
N ALA Q 237 -47.96 21.95 -8.15
CA ALA Q 237 -49.29 21.39 -8.03
C ALA Q 237 -49.83 21.05 -9.40
N VAL Q 238 -49.71 22.00 -10.33
CA VAL Q 238 -50.16 21.76 -11.69
C VAL Q 238 -49.32 20.68 -12.34
N GLN Q 239 -48.03 20.63 -12.02
CA GLN Q 239 -47.20 19.56 -12.53
C GLN Q 239 -47.79 18.21 -12.16
N ASN Q 240 -48.13 18.04 -10.89
CA ASN Q 240 -48.71 16.79 -10.45
C ASN Q 240 -50.03 16.53 -11.16
N ARG Q 241 -50.82 17.59 -11.34
CA ARG Q 241 -52.08 17.46 -12.06
C ARG Q 241 -51.86 16.87 -13.43
N LEU Q 242 -50.89 17.41 -14.16
CA LEU Q 242 -50.67 16.94 -15.51
C LEU Q 242 -50.07 15.56 -15.52
N GLU Q 243 -49.32 15.21 -14.48
CA GLU Q 243 -48.87 13.83 -14.35
C GLU Q 243 -50.07 12.89 -14.31
N HIS Q 244 -50.98 13.14 -13.39
CA HIS Q 244 -52.12 12.25 -13.22
C HIS Q 244 -53.07 12.36 -14.41
N THR Q 245 -53.16 13.54 -14.99
CA THR Q 245 -53.91 13.72 -16.22
C THR Q 245 -53.39 12.78 -17.28
N ILE Q 246 -52.09 12.83 -17.55
CA ILE Q 246 -51.50 12.01 -18.60
C ILE Q 246 -51.72 10.54 -18.30
N ASN Q 247 -51.59 10.16 -17.04
CA ASN Q 247 -51.83 8.76 -16.70
C ASN Q 247 -53.27 8.38 -17.05
N ASN Q 248 -54.21 9.28 -16.78
CA ASN Q 248 -55.59 9.04 -17.19
C ASN Q 248 -55.73 9.02 -18.69
N LEU Q 249 -55.09 9.97 -19.38
CA LEU Q 249 -55.20 10.05 -20.83
C LEU Q 249 -54.65 8.81 -21.48
N SER Q 250 -53.61 8.25 -20.89
CA SER Q 250 -52.98 7.04 -21.41
C SER Q 250 -53.89 5.85 -21.20
N ALA Q 251 -54.34 5.64 -19.96
CA ALA Q 251 -55.18 4.49 -19.67
C ALA Q 251 -56.52 4.58 -20.40
N SER Q 252 -57.16 5.74 -20.30
CA SER Q 252 -58.44 5.97 -20.94
C SER Q 252 -58.30 5.89 -22.44
N GLY Q 253 -57.23 6.45 -22.98
CA GLY Q 253 -57.00 6.36 -24.41
C GLY Q 253 -56.87 4.91 -24.85
N GLU Q 254 -56.11 4.13 -24.10
CA GLU Q 254 -56.00 2.71 -24.40
C GLU Q 254 -57.35 2.04 -24.41
N ASN Q 255 -58.09 2.17 -23.31
CA ASN Q 255 -59.41 1.54 -23.20
C ASN Q 255 -60.31 1.99 -24.34
N LEU Q 256 -60.12 3.23 -24.79
CA LEU Q 256 -60.97 3.78 -25.83
C LEU Q 256 -60.61 3.20 -27.19
N THR Q 257 -59.32 3.09 -27.50
CA THR Q 257 -58.93 2.46 -28.75
C THR Q 257 -59.33 0.99 -28.75
N ALA Q 258 -59.35 0.38 -27.57
CA ALA Q 258 -59.86 -0.98 -27.47
C ALA Q 258 -61.35 -1.01 -27.74
N ALA Q 259 -62.08 -0.02 -27.23
CA ALA Q 259 -63.51 0.06 -27.49
C ALA Q 259 -63.79 0.16 -28.98
N GLU Q 260 -63.10 1.09 -29.64
CA GLU Q 260 -63.19 1.19 -31.09
C GLU Q 260 -62.87 -0.15 -31.72
N SER Q 261 -61.77 -0.76 -31.28
CA SER Q 261 -61.33 -2.02 -31.84
C SER Q 261 -62.43 -3.07 -31.73
N ARG Q 262 -63.20 -3.03 -30.65
CA ARG Q 262 -64.34 -3.92 -30.53
C ARG Q 262 -65.38 -3.60 -31.57
N ILE Q 263 -65.61 -2.32 -31.85
CA ILE Q 263 -66.53 -1.99 -32.92
C ILE Q 263 -66.00 -2.50 -34.25
N ARG Q 264 -64.74 -2.21 -34.55
CA ARG Q 264 -64.11 -2.65 -35.78
C ARG Q 264 -63.44 -4.00 -35.67
N ASP Q 265 -63.74 -4.76 -34.61
CA ASP Q 265 -63.14 -6.08 -34.40
C ASP Q 265 -63.36 -6.95 -35.62
N VAL Q 266 -62.29 -7.23 -36.35
CA VAL Q 266 -62.32 -8.27 -37.38
C VAL Q 266 -61.84 -9.56 -36.74
N ASP Q 267 -62.70 -10.56 -36.72
CA ASP Q 267 -62.26 -11.92 -36.44
C ASP Q 267 -61.63 -12.39 -37.75
N MET Q 268 -60.35 -12.05 -37.90
CA MET Q 268 -59.66 -12.29 -39.16
C MET Q 268 -59.69 -13.77 -39.52
N ALA Q 269 -59.65 -14.64 -38.52
CA ALA Q 269 -59.76 -16.05 -38.80
C ALA Q 269 -61.14 -16.40 -39.33
N LYS Q 270 -62.19 -15.87 -38.68
CA LYS Q 270 -63.53 -16.06 -39.18
C LYS Q 270 -63.65 -15.59 -40.62
N GLU Q 271 -63.13 -14.39 -40.88
CA GLU Q 271 -63.39 -13.76 -42.17
C GLU Q 271 -62.59 -14.42 -43.28
N MET Q 272 -61.39 -14.93 -42.97
CA MET Q 272 -60.69 -15.76 -43.94
C MET Q 272 -61.46 -17.04 -44.20
N SER Q 273 -61.99 -17.65 -43.11
CA SER Q 273 -62.74 -18.88 -43.26
C SER Q 273 -63.98 -18.67 -44.11
N GLU Q 274 -64.75 -17.65 -43.77
CA GLU Q 274 -65.96 -17.34 -44.51
C GLU Q 274 -65.64 -16.98 -45.94
N PHE Q 275 -64.53 -16.26 -46.13
CA PHE Q 275 -64.06 -15.97 -47.47
C PHE Q 275 -63.87 -17.25 -48.27
N THR Q 276 -63.10 -18.16 -47.69
CA THR Q 276 -62.86 -19.47 -48.28
C THR Q 276 -64.16 -20.13 -48.68
N LYS Q 277 -65.09 -20.20 -47.74
CA LYS Q 277 -66.37 -20.83 -47.99
C LYS Q 277 -67.06 -20.20 -49.17
N ASN Q 278 -67.11 -18.87 -49.20
CA ASN Q 278 -67.84 -18.21 -50.26
C ASN Q 278 -67.18 -18.42 -51.62
N ASN Q 279 -65.86 -18.57 -51.66
CA ASN Q 279 -65.20 -18.98 -52.89
C ASN Q 279 -65.71 -20.32 -53.33
N ILE Q 280 -65.65 -21.28 -52.42
CA ILE Q 280 -66.09 -22.64 -52.69
C ILE Q 280 -67.50 -22.62 -53.25
N LEU Q 281 -68.37 -21.88 -52.57
CA LEU Q 281 -69.79 -21.87 -52.92
C LEU Q 281 -70.01 -21.25 -54.28
N SER Q 282 -69.29 -20.16 -54.57
CA SER Q 282 -69.39 -19.57 -55.90
C SER Q 282 -68.99 -20.57 -56.96
N GLN Q 283 -67.84 -21.21 -56.78
CA GLN Q 283 -67.33 -22.14 -57.77
C GLN Q 283 -68.29 -23.30 -57.99
N ALA Q 284 -68.79 -23.85 -56.89
CA ALA Q 284 -69.74 -24.95 -56.97
C ALA Q 284 -70.97 -24.54 -57.75
N SER Q 285 -71.52 -23.37 -57.42
CA SER Q 285 -72.72 -22.91 -58.09
C SER Q 285 -72.47 -22.73 -59.58
N GLN Q 286 -71.30 -22.24 -59.95
CA GLN Q 286 -71.01 -22.07 -61.37
C GLN Q 286 -70.91 -23.41 -62.07
N ALA Q 287 -70.29 -24.40 -61.41
CA ALA Q 287 -70.27 -25.75 -61.99
C ALA Q 287 -71.69 -26.23 -62.24
N MET Q 288 -72.58 -25.96 -61.30
CA MET Q 288 -73.95 -26.36 -61.51
C MET Q 288 -74.60 -25.57 -62.63
N LEU Q 289 -74.20 -24.31 -62.84
CA LEU Q 289 -74.77 -23.56 -63.96
C LEU Q 289 -74.31 -24.16 -65.28
N ALA Q 290 -73.06 -24.61 -65.33
CA ALA Q 290 -72.60 -25.35 -66.49
C ALA Q 290 -73.49 -26.56 -66.72
N GLN Q 291 -73.73 -27.34 -65.66
CA GLN Q 291 -74.58 -28.52 -65.79
C GLN Q 291 -75.98 -28.15 -66.26
N ALA Q 292 -76.50 -27.03 -65.78
CA ALA Q 292 -77.80 -26.54 -66.24
C ALA Q 292 -77.77 -26.26 -67.73
N ASN Q 293 -76.62 -25.86 -68.24
CA ASN Q 293 -76.48 -25.70 -69.67
C ASN Q 293 -76.19 -27.01 -70.38
N GLN Q 294 -75.73 -28.04 -69.66
CA GLN Q 294 -75.43 -29.32 -70.30
C GLN Q 294 -76.68 -30.15 -70.52
N GLN Q 295 -77.52 -30.22 -69.50
CA GLN Q 295 -78.75 -31.02 -69.59
C GLN Q 295 -79.58 -30.76 -70.84
N PRO Q 296 -79.95 -29.51 -71.17
CA PRO Q 296 -80.76 -29.32 -72.37
C PRO Q 296 -80.04 -29.67 -73.67
N GLN Q 297 -78.72 -29.78 -73.67
CA GLN Q 297 -78.03 -30.25 -74.86
C GLN Q 297 -78.23 -31.75 -75.03
N ASN Q 298 -78.09 -32.48 -73.93
CA ASN Q 298 -78.45 -33.88 -73.92
C ASN Q 298 -79.87 -34.05 -74.43
N VAL Q 299 -80.77 -33.19 -73.96
CA VAL Q 299 -82.14 -33.21 -74.44
C VAL Q 299 -82.18 -33.00 -75.94
N LEU Q 300 -81.42 -32.03 -76.42
CA LEU Q 300 -81.44 -31.72 -77.86
C LEU Q 300 -81.11 -32.95 -78.67
N GLN Q 301 -80.01 -33.61 -78.34
CA GLN Q 301 -79.64 -34.82 -79.08
C GLN Q 301 -80.72 -35.87 -78.93
N LEU Q 302 -81.13 -36.14 -77.70
CA LEU Q 302 -82.01 -37.26 -77.41
C LEU Q 302 -83.37 -37.09 -78.09
N LEU Q 303 -83.82 -35.85 -78.26
CA LEU Q 303 -85.08 -35.55 -78.93
C LEU Q 303 -84.87 -34.97 -80.31
N ARG Q 304 -83.78 -35.35 -80.96
CA ARG Q 304 -83.57 -34.98 -82.35
C ARG Q 304 -84.13 -36.06 -83.26
N ILE R 3 -40.92 -11.25 -8.83
CA ILE R 3 -41.20 -10.06 -7.95
C ILE R 3 -40.01 -9.13 -7.85
N ASN R 4 -39.27 -9.00 -8.94
CA ASN R 4 -38.00 -8.28 -8.93
C ASN R 4 -38.13 -6.88 -8.36
N HIS R 5 -39.19 -6.17 -8.75
CA HIS R 5 -39.39 -4.79 -8.32
C HIS R 5 -39.73 -4.66 -6.84
N ASN R 6 -39.95 -5.76 -6.13
CA ASN R 6 -40.30 -5.71 -4.72
C ASN R 6 -39.15 -6.09 -3.80
N ILE R 7 -38.02 -6.56 -4.33
CA ILE R 7 -36.92 -7.06 -3.52
C ILE R 7 -35.84 -6.00 -3.48
N ALA R 8 -35.48 -5.59 -2.28
CA ALA R 8 -34.35 -4.71 -2.07
C ALA R 8 -33.57 -5.09 -0.82
N ALA R 9 -33.88 -6.24 -0.21
CA ALA R 9 -33.30 -6.61 1.07
C ALA R 9 -33.52 -5.50 2.08
N LEU R 10 -34.77 -5.07 2.19
CA LEU R 10 -35.06 -3.87 2.97
C LEU R 10 -34.67 -4.03 4.43
N ASN R 11 -34.62 -5.26 4.93
CA ASN R 11 -34.08 -5.46 6.27
C ASN R 11 -32.61 -5.10 6.29
N THR R 12 -31.89 -5.43 5.22
CA THR R 12 -30.51 -4.98 5.13
C THR R 12 -30.45 -3.46 5.12
N LEU R 13 -31.40 -2.82 4.45
CA LEU R 13 -31.41 -1.36 4.39
C LEU R 13 -31.64 -0.78 5.77
N ASN R 14 -32.53 -1.40 6.51
CA ASN R 14 -32.80 -0.97 7.87
C ASN R 14 -31.57 -1.14 8.74
N ARG R 15 -30.86 -2.26 8.58
CA ARG R 15 -29.59 -2.43 9.27
C ARG R 15 -28.61 -1.37 8.85
N LEU R 16 -28.71 -0.93 7.60
CA LEU R 16 -27.77 0.07 7.14
C LEU R 16 -27.97 1.37 7.86
N SER R 17 -29.21 1.84 7.89
CA SER R 17 -29.53 3.05 8.62
C SER R 17 -29.07 2.95 10.07
N SER R 18 -29.36 1.80 10.70
CA SER R 18 -28.96 1.57 12.07
C SER R 18 -27.45 1.68 12.24
N ASN R 19 -26.71 1.01 11.35
CA ASN R 19 -25.26 0.96 11.48
C ASN R 19 -24.65 2.33 11.26
N ASN R 20 -25.19 3.10 10.31
CA ASN R 20 -24.65 4.43 10.06
C ASN R 20 -24.85 5.31 11.27
N SER R 21 -26.05 5.27 11.86
CA SER R 21 -26.25 6.05 13.07
C SER R 21 -25.36 5.54 14.19
N ALA R 22 -25.14 4.23 14.26
CA ALA R 22 -24.32 3.65 15.32
C ALA R 22 -22.90 4.19 15.26
N SER R 23 -22.25 4.02 14.11
CA SER R 23 -20.89 4.52 13.95
C SER R 23 -20.83 6.02 14.18
N GLN R 24 -21.87 6.74 13.71
CA GLN R 24 -21.95 8.18 13.97
C GLN R 24 -21.87 8.48 15.46
N LYS R 25 -22.69 7.77 16.25
CA LYS R 25 -22.71 8.00 17.69
C LYS R 25 -21.35 7.71 18.29
N ASN R 26 -20.73 6.62 17.85
CA ASN R 26 -19.39 6.30 18.31
C ASN R 26 -18.45 7.47 18.09
N MET R 27 -18.43 8.02 16.88
CA MET R 27 -17.57 9.18 16.59
C MET R 27 -17.85 10.32 17.54
N GLU R 28 -19.11 10.69 17.61
CA GLU R 28 -19.52 11.85 18.36
C GLU R 28 -19.03 11.77 19.80
N LYS R 29 -19.12 10.58 20.37
CA LYS R 29 -18.59 10.39 21.71
C LYS R 29 -17.07 10.43 21.69
N LEU R 30 -16.45 9.79 20.70
CA LEU R 30 -15.00 9.77 20.58
C LEU R 30 -14.46 11.17 20.38
N SER R 31 -15.03 11.90 19.43
CA SER R 31 -14.58 13.24 19.12
C SER R 31 -14.73 14.16 20.31
N SER R 32 -15.89 14.12 20.94
CA SER R 32 -16.14 14.99 22.08
C SER R 32 -15.51 14.47 23.35
N GLY R 33 -15.14 13.19 23.38
CA GLY R 33 -14.64 12.63 24.62
C GLY R 33 -15.73 12.49 25.66
N LEU R 34 -16.96 12.31 25.21
CA LEU R 34 -18.14 12.32 26.07
C LEU R 34 -18.86 11.00 25.91
N ARG R 35 -18.92 10.20 26.98
CA ARG R 35 -19.85 9.10 26.98
C ARG R 35 -21.25 9.60 27.19
N ILE R 36 -21.38 10.73 27.89
CA ILE R 36 -22.68 11.34 28.08
C ILE R 36 -23.27 11.69 26.73
N ASN R 37 -24.59 11.75 26.69
CA ASN R 37 -25.30 12.16 25.49
C ASN R 37 -25.52 13.66 25.53
N ARG R 38 -25.62 14.24 24.33
CA ARG R 38 -26.21 15.56 24.24
C ARG R 38 -27.70 15.48 24.55
N ALA R 39 -28.34 14.44 24.05
CA ALA R 39 -29.75 14.20 24.30
C ALA R 39 -29.98 13.79 25.74
N GLY R 40 -31.22 13.95 26.19
CA GLY R 40 -31.63 13.63 27.55
C GLY R 40 -31.62 12.15 27.89
N ASP R 41 -31.20 11.29 26.96
CA ASP R 41 -31.04 9.88 27.26
C ASP R 41 -30.07 9.71 28.42
N ASP R 42 -30.59 9.18 29.53
CA ASP R 42 -29.92 9.20 30.83
C ASP R 42 -29.78 10.63 31.36
N ALA R 43 -30.90 11.37 31.31
CA ALA R 43 -30.91 12.70 31.91
C ALA R 43 -30.63 12.66 33.40
N ALA R 44 -30.83 11.51 34.05
CA ALA R 44 -30.38 11.37 35.43
C ALA R 44 -28.88 11.63 35.53
N GLY R 45 -28.09 10.76 34.89
CA GLY R 45 -26.65 10.92 34.94
C GLY R 45 -26.20 12.26 34.42
N LEU R 46 -26.87 12.77 33.40
CA LEU R 46 -26.53 14.09 32.88
C LEU R 46 -26.71 15.15 33.95
N ALA R 47 -27.94 15.27 34.44
CA ALA R 47 -28.26 16.28 35.46
C ALA R 47 -27.34 16.17 36.66
N ILE R 48 -26.94 14.93 36.99
CA ILE R 48 -25.95 14.77 38.04
C ILE R 48 -24.67 15.48 37.63
N SER R 49 -24.10 15.11 36.49
CA SER R 49 -22.82 15.67 36.09
C SER R 49 -22.90 17.18 35.93
N GLU R 50 -24.06 17.67 35.54
CA GLU R 50 -24.31 19.09 35.53
C GLU R 50 -24.13 19.67 36.91
N LYS R 51 -24.78 19.06 37.89
CA LYS R 51 -24.64 19.51 39.27
C LYS R 51 -23.21 19.37 39.76
N MET R 52 -22.56 18.27 39.35
CA MET R 52 -21.17 18.05 39.69
C MET R 52 -20.35 19.23 39.22
N ARG R 53 -20.40 19.53 37.92
CA ARG R 53 -19.62 20.61 37.35
C ARG R 53 -19.93 21.93 38.01
N GLY R 54 -21.20 22.15 38.33
CA GLY R 54 -21.55 23.34 39.09
C GLY R 54 -20.75 23.42 40.37
N GLN R 55 -20.68 22.29 41.09
CA GLN R 55 -19.90 22.29 42.32
C GLN R 55 -18.41 22.33 42.04
N ILE R 56 -17.91 21.61 41.02
CA ILE R 56 -16.49 21.64 40.67
C ILE R 56 -16.03 23.06 40.46
N ARG R 57 -16.68 23.73 39.52
CA ARG R 57 -16.36 25.09 39.19
C ARG R 57 -16.48 25.97 40.42
N GLY R 58 -17.49 25.71 41.25
CA GLY R 58 -17.61 26.43 42.50
C GLY R 58 -16.47 26.17 43.45
N LEU R 59 -15.86 24.98 43.35
CA LEU R 59 -14.71 24.65 44.19
C LEU R 59 -13.45 25.30 43.66
N GLU R 60 -13.36 25.45 42.35
CA GLU R 60 -12.24 26.18 41.77
C GLU R 60 -12.28 27.63 42.21
N MET R 61 -13.44 28.25 42.10
CA MET R 61 -13.59 29.62 42.58
C MET R 61 -13.53 29.67 44.10
N ALA R 62 -13.84 28.55 44.77
CA ALA R 62 -13.69 28.49 46.22
C ALA R 62 -12.22 28.55 46.60
N SER R 63 -11.41 27.75 45.93
CA SER R 63 -9.98 27.78 46.16
C SER R 63 -9.45 29.17 45.89
N LYS R 64 -9.88 29.75 44.78
CA LYS R 64 -9.52 31.13 44.48
C LYS R 64 -9.87 32.06 45.64
N ASN R 65 -11.11 32.02 46.10
CA ASN R 65 -11.56 32.92 47.15
C ASN R 65 -10.78 32.69 48.43
N SER R 66 -10.45 31.44 48.74
CA SER R 66 -9.75 31.15 49.98
C SER R 66 -8.31 31.60 49.91
N GLN R 67 -7.67 31.41 48.77
CA GLN R 67 -6.33 31.94 48.57
C GLN R 67 -6.33 33.44 48.71
N ASP R 68 -7.35 34.08 48.18
CA ASP R 68 -7.50 35.51 48.33
C ASP R 68 -7.66 35.88 49.80
N GLY R 69 -8.46 35.09 50.52
CA GLY R 69 -8.51 35.19 51.97
C GLY R 69 -7.12 35.20 52.58
N ILE R 70 -6.31 34.25 52.17
CA ILE R 70 -4.96 34.12 52.71
C ILE R 70 -4.16 35.36 52.40
N SER R 71 -4.31 35.90 51.20
CA SER R 71 -3.57 37.09 50.83
C SER R 71 -3.91 38.24 51.76
N LEU R 72 -5.20 38.42 52.02
CA LEU R 72 -5.63 39.41 52.98
C LEU R 72 -5.00 39.16 54.33
N ILE R 73 -5.08 37.90 54.79
CA ILE R 73 -4.58 37.53 56.09
C ILE R 73 -3.11 37.92 56.22
N GLN R 74 -2.29 37.41 55.32
CA GLN R 74 -0.85 37.61 55.42
C GLN R 74 -0.48 39.08 55.29
N THR R 75 -1.26 39.83 54.53
CA THR R 75 -1.06 41.27 54.50
C THR R 75 -1.19 41.84 55.90
N ALA R 76 -2.36 41.66 56.51
CA ALA R 76 -2.60 42.20 57.83
C ALA R 76 -1.62 41.61 58.84
N GLU R 77 -1.29 40.33 58.67
CA GLU R 77 -0.37 39.62 59.53
C GLU R 77 0.98 40.31 59.57
N GLY R 78 1.60 40.49 58.41
CA GLY R 78 2.90 41.13 58.37
C GLY R 78 2.84 42.53 58.92
N ALA R 79 1.74 43.23 58.65
CA ALA R 79 1.59 44.57 59.18
C ALA R 79 1.56 44.56 60.70
N LEU R 80 0.83 43.60 61.29
CA LEU R 80 0.74 43.50 62.73
C LEU R 80 2.06 43.03 63.34
N THR R 81 2.81 42.23 62.59
CA THR R 81 4.14 41.86 63.04
C THR R 81 5.01 43.09 63.16
N GLU R 82 4.97 43.97 62.17
CA GLU R 82 5.75 45.20 62.24
C GLU R 82 5.25 46.09 63.37
N THR R 83 3.93 46.20 63.51
CA THR R 83 3.35 46.94 64.62
C THR R 83 3.92 46.45 65.93
N HIS R 84 3.93 45.13 66.07
CA HIS R 84 4.42 44.51 67.27
C HIS R 84 5.88 44.86 67.53
N ALA R 85 6.69 44.78 66.47
CA ALA R 85 8.10 45.14 66.60
C ALA R 85 8.25 46.57 67.10
N ILE R 86 7.42 47.48 66.57
CA ILE R 86 7.41 48.83 67.08
C ILE R 86 7.11 48.80 68.57
N LEU R 87 6.07 48.08 68.97
CA LEU R 87 5.67 48.06 70.36
C LEU R 87 6.78 47.54 71.26
N GLN R 88 7.61 46.64 70.75
CA GLN R 88 8.81 46.26 71.49
C GLN R 88 9.69 47.48 71.69
N ARG R 89 9.91 48.23 70.62
CA ARG R 89 10.71 49.45 70.78
C ARG R 89 10.05 50.40 71.75
N VAL R 90 8.72 50.47 71.71
CA VAL R 90 8.01 51.36 72.61
C VAL R 90 8.33 50.98 74.04
N ARG R 91 8.21 49.70 74.38
CA ARG R 91 8.47 49.31 75.76
C ARG R 91 9.90 49.58 76.14
N GLU R 92 10.84 49.43 75.21
CA GLU R 92 12.20 49.88 75.48
C GLU R 92 12.17 51.33 75.91
N LEU R 93 11.41 52.14 75.19
CA LEU R 93 11.31 53.55 75.50
C LEU R 93 10.45 53.81 76.72
N VAL R 94 9.65 52.84 77.15
CA VAL R 94 8.92 52.99 78.40
C VAL R 94 9.87 52.79 79.55
N VAL R 95 10.71 51.76 79.46
CA VAL R 95 11.64 51.48 80.53
C VAL R 95 12.65 52.60 80.64
N GLN R 96 13.09 53.13 79.50
CA GLN R 96 13.87 54.36 79.56
C GLN R 96 13.02 55.50 80.08
N ALA R 97 11.73 55.51 79.73
CA ALA R 97 10.79 56.50 80.22
C ALA R 97 10.26 56.17 81.59
N GLY R 98 10.95 55.26 82.27
CA GLY R 98 11.09 55.38 83.69
C GLY R 98 12.00 56.50 84.12
N ASN R 99 12.46 57.34 83.17
CA ASN R 99 13.21 58.57 83.47
C ASN R 99 14.62 58.20 83.94
N THR R 100 14.99 56.93 83.72
CA THR R 100 16.03 56.30 84.50
C THR R 100 15.85 56.71 85.95
N GLY R 101 14.62 56.50 86.43
CA GLY R 101 14.30 56.96 87.75
C GLY R 101 13.95 58.42 87.80
N THR R 102 14.95 59.23 88.16
CA THR R 102 14.88 60.68 88.03
C THR R 102 16.03 61.23 87.20
N GLN R 103 16.94 60.39 86.73
CA GLN R 103 18.18 60.86 86.17
C GLN R 103 17.97 61.60 84.87
N ASP R 104 17.06 61.14 84.03
CA ASP R 104 16.76 61.89 82.83
C ASP R 104 16.06 63.18 83.24
N LYS R 105 16.22 64.21 82.43
CA LYS R 105 15.55 65.48 82.69
C LYS R 105 14.33 65.60 81.80
N ALA R 106 13.61 66.71 81.96
CA ALA R 106 12.38 66.92 81.21
C ALA R 106 12.64 66.92 79.71
N THR R 107 13.74 67.54 79.29
CA THR R 107 14.11 67.54 77.87
C THR R 107 14.40 66.14 77.40
N ASP R 108 15.05 65.32 78.23
CA ASP R 108 15.33 63.95 77.85
C ASP R 108 14.04 63.19 77.62
N LEU R 109 13.09 63.35 78.54
CA LEU R 109 11.77 62.74 78.37
C LEU R 109 11.08 63.28 77.13
N GLN R 110 11.34 64.52 76.76
CA GLN R 110 10.73 65.07 75.55
C GLN R 110 11.40 64.52 74.32
N SER R 111 12.71 64.29 74.37
CA SER R 111 13.39 63.63 73.27
C SER R 111 12.82 62.24 73.06
N ILE R 112 12.68 61.49 74.14
CA ILE R 112 12.06 60.18 74.09
C ILE R 112 10.65 60.31 73.52
N GLN R 113 9.88 61.25 74.04
CA GLN R 113 8.49 61.40 73.64
C GLN R 113 8.38 61.78 72.18
N ASP R 114 9.34 62.56 71.67
CA ASP R 114 9.39 62.82 70.24
C ASP R 114 9.56 61.53 69.49
N GLY R 115 10.48 60.69 69.96
CA GLY R 115 10.63 59.38 69.34
C GLY R 115 9.38 58.54 69.41
N ILE R 116 8.67 58.59 70.54
CA ILE R 116 7.50 57.74 70.69
C ILE R 116 6.36 58.25 69.83
N SER R 117 6.13 59.56 69.83
CA SER R 117 5.08 60.11 69.00
C SER R 117 5.36 59.85 67.53
N ALA R 118 6.64 59.85 67.18
CA ALA R 118 7.06 59.40 65.86
C ALA R 118 6.64 57.95 65.64
N LEU R 119 6.86 57.10 66.63
CA LEU R 119 6.45 55.70 66.52
C LEU R 119 4.95 55.58 66.43
N THR R 120 4.21 56.38 67.19
CA THR R 120 2.76 56.42 67.07
C THR R 120 2.38 56.71 65.63
N ASP R 121 2.99 57.74 65.06
CA ASP R 121 2.67 58.11 63.69
C ASP R 121 2.97 56.97 62.75
N GLU R 122 3.96 56.15 63.08
CA GLU R 122 4.23 54.97 62.26
C GLU R 122 3.19 53.89 62.48
N ILE R 123 2.75 53.68 63.71
CA ILE R 123 1.72 52.67 63.96
C ILE R 123 0.44 53.08 63.26
N ASP R 124 0.04 54.34 63.42
CA ASP R 124 -1.09 54.87 62.70
C ASP R 124 -0.88 54.73 61.21
N GLY R 125 0.36 54.90 60.75
CA GLY R 125 0.65 54.70 59.35
C GLY R 125 0.42 53.26 58.93
N ILE R 126 0.81 52.32 59.77
CA ILE R 126 0.51 50.91 59.50
C ILE R 126 -0.99 50.74 59.37
N SER R 127 -1.71 51.13 60.41
CA SER R 127 -3.13 50.84 60.47
C SER R 127 -3.92 51.64 59.44
N ASN R 128 -3.32 52.69 58.86
CA ASN R 128 -3.98 53.53 57.87
C ASN R 128 -3.32 53.44 56.50
N ARG R 129 -2.43 52.47 56.30
CA ARG R 129 -1.87 52.19 54.99
C ARG R 129 -2.10 50.74 54.60
N THR R 130 -2.28 49.88 55.59
CA THR R 130 -2.54 48.49 55.30
C THR R 130 -3.93 48.37 54.70
N GLU R 131 -3.97 48.39 53.37
CA GLU R 131 -5.20 48.23 52.60
C GLU R 131 -5.14 46.93 51.81
N PHE R 132 -6.31 46.33 51.59
CA PHE R 132 -6.46 45.31 50.56
C PHE R 132 -7.60 45.73 49.65
N ASN R 133 -7.27 46.02 48.42
CA ASN R 133 -8.25 46.45 47.45
C ASN R 133 -8.97 47.69 47.97
N GLY R 134 -8.17 48.58 48.57
CA GLY R 134 -8.66 49.79 49.18
C GLY R 134 -9.19 49.60 50.59
N LYS R 135 -9.61 48.40 50.93
CA LYS R 135 -10.17 48.13 52.24
C LYS R 135 -9.07 48.24 53.27
N LYS R 136 -9.14 49.28 54.09
CA LYS R 136 -8.12 49.49 55.10
C LYS R 136 -8.23 48.35 56.10
N LEU R 137 -7.40 47.33 55.89
CA LEU R 137 -7.52 46.08 56.63
C LEU R 137 -7.23 46.25 58.10
N LEU R 138 -6.49 47.27 58.47
CA LEU R 138 -6.24 47.60 59.86
C LEU R 138 -6.96 48.87 60.26
N ASP R 139 -8.10 49.13 59.62
CA ASP R 139 -9.04 50.12 60.13
C ASP R 139 -9.58 49.56 61.44
N GLY R 140 -9.15 50.14 62.55
CA GLY R 140 -9.61 49.65 63.84
C GLY R 140 -11.11 49.76 64.04
N THR R 141 -11.77 50.59 63.23
CA THR R 141 -13.23 50.71 63.23
C THR R 141 -13.88 49.90 62.14
N TYR R 142 -13.14 48.99 61.49
CA TYR R 142 -13.75 48.17 60.45
C TYR R 142 -14.86 47.31 61.02
N LYS R 143 -14.51 46.39 61.93
CA LYS R 143 -15.47 45.47 62.54
C LYS R 143 -15.37 45.54 64.06
N VAL R 144 -15.58 46.73 64.60
CA VAL R 144 -15.89 46.81 66.01
C VAL R 144 -17.30 46.24 66.18
N ASP R 145 -17.40 45.07 66.82
CA ASP R 145 -18.68 44.40 67.03
C ASP R 145 -19.70 45.33 67.66
N THR R 146 -19.30 46.06 68.69
CA THR R 146 -20.05 47.15 69.30
C THR R 146 -21.24 46.69 70.13
N ALA R 147 -21.62 45.42 70.03
CA ALA R 147 -22.98 44.97 70.32
C ALA R 147 -23.99 45.66 69.41
N THR R 148 -23.59 46.01 68.20
CA THR R 148 -24.46 46.62 67.20
C THR R 148 -24.25 45.92 65.88
N PRO R 149 -25.11 44.97 65.52
CA PRO R 149 -24.98 44.33 64.20
C PRO R 149 -24.96 45.29 63.04
N ALA R 150 -25.70 46.39 63.15
CA ALA R 150 -25.80 47.35 62.06
C ALA R 150 -24.45 47.94 61.70
N ASN R 151 -23.53 48.03 62.66
CA ASN R 151 -22.23 48.64 62.44
C ASN R 151 -21.15 47.58 62.70
N GLN R 152 -20.90 46.72 61.71
CA GLN R 152 -19.84 45.73 61.83
C GLN R 152 -19.01 45.50 60.57
N LYS R 153 -19.54 45.66 59.35
CA LYS R 153 -18.77 45.32 58.15
C LYS R 153 -18.16 43.93 58.24
N ASN R 154 -18.94 42.94 58.67
CA ASN R 154 -18.43 41.59 58.94
C ASN R 154 -17.54 41.08 57.83
N LEU R 155 -16.30 40.74 58.17
CA LEU R 155 -15.34 40.32 57.16
C LEU R 155 -15.69 38.89 56.75
N VAL R 156 -16.76 38.79 55.95
CA VAL R 156 -17.26 37.52 55.47
C VAL R 156 -16.31 37.00 54.40
N PHE R 157 -16.10 35.67 54.36
CA PHE R 157 -15.45 34.97 53.24
C PHE R 157 -16.36 33.82 52.81
N GLN R 158 -17.10 34.01 51.72
CA GLN R 158 -17.82 32.92 51.06
C GLN R 158 -16.80 32.05 50.34
N ILE R 159 -16.68 30.82 50.80
CA ILE R 159 -15.78 29.86 50.19
C ILE R 159 -16.55 28.69 49.58
N GLY R 160 -17.44 28.07 50.34
CA GLY R 160 -18.05 26.85 49.88
C GLY R 160 -18.90 27.07 48.65
N ALA R 161 -18.83 26.10 47.72
CA ALA R 161 -19.64 26.17 46.52
C ALA R 161 -21.12 26.15 46.84
N ASN R 162 -21.49 25.65 48.01
CA ASN R 162 -22.85 25.63 48.48
C ASN R 162 -23.17 26.91 49.25
N ALA R 163 -24.45 27.25 49.28
CA ALA R 163 -24.88 28.49 49.89
C ALA R 163 -24.63 28.50 51.40
N THR R 164 -24.41 29.70 51.94
CA THR R 164 -24.19 30.02 53.35
C THR R 164 -22.83 29.57 53.84
N GLN R 165 -22.02 28.90 53.02
CA GLN R 165 -20.74 28.39 53.47
C GLN R 165 -19.73 29.51 53.59
N GLN R 166 -19.89 30.32 54.63
CA GLN R 166 -19.13 31.56 54.79
C GLN R 166 -18.34 31.55 56.08
N ILE R 167 -17.26 32.33 56.05
CA ILE R 167 -16.40 32.51 57.20
C ILE R 167 -16.53 33.94 57.70
N SER R 168 -16.70 34.10 59.02
CA SER R 168 -16.87 35.40 59.66
C SER R 168 -15.58 35.76 60.39
N VAL R 169 -14.97 36.88 60.00
CA VAL R 169 -13.69 37.32 60.55
C VAL R 169 -13.85 38.73 61.11
N ASN R 170 -12.99 39.07 62.07
CA ASN R 170 -13.05 40.35 62.76
C ASN R 170 -11.74 41.11 62.71
N ILE R 171 -11.83 42.36 62.28
CA ILE R 171 -10.76 43.35 62.32
C ILE R 171 -11.15 44.35 63.42
N GLU R 172 -10.24 44.64 64.36
CA GLU R 172 -10.46 45.78 65.26
C GLU R 172 -9.22 46.56 65.65
N ASP R 173 -8.04 46.24 65.14
CA ASP R 173 -6.83 46.86 65.66
C ASP R 173 -6.50 48.14 64.89
N MET R 174 -5.76 49.02 65.57
CA MET R 174 -5.26 50.28 65.01
C MET R 174 -4.37 50.91 66.07
N GLY R 175 -3.72 52.02 65.68
CA GLY R 175 -2.84 52.71 66.59
C GLY R 175 -3.52 53.20 67.85
N ALA R 176 -4.77 53.65 67.72
CA ALA R 176 -5.51 54.10 68.89
C ALA R 176 -6.09 52.96 69.71
N ASP R 177 -5.87 51.71 69.30
CA ASP R 177 -6.43 50.53 69.97
C ASP R 177 -5.34 49.88 70.82
N ALA R 178 -5.27 50.23 72.10
CA ALA R 178 -4.17 49.75 72.95
C ALA R 178 -4.59 48.95 74.18
N LEU R 179 -5.14 49.60 75.21
CA LEU R 179 -5.76 48.88 76.32
C LEU R 179 -7.25 49.00 76.11
N GLY R 180 -7.81 47.98 75.48
CA GLY R 180 -9.24 47.94 75.25
C GLY R 180 -9.94 47.54 76.53
N ILE R 181 -10.00 48.46 77.50
CA ILE R 181 -10.74 48.18 78.72
C ILE R 181 -12.16 47.73 78.36
N LYS R 182 -12.84 48.53 77.57
CA LYS R 182 -14.08 48.22 76.88
C LYS R 182 -14.04 48.85 75.49
N GLU R 183 -13.59 50.10 75.50
CA GLU R 183 -13.28 50.96 74.38
C GLU R 183 -12.08 51.78 74.82
N ALA R 184 -11.78 52.85 74.10
CA ALA R 184 -10.76 53.77 74.56
C ALA R 184 -11.24 54.48 75.83
N ASP R 185 -10.46 54.39 76.90
CA ASP R 185 -10.86 55.04 78.13
C ASP R 185 -10.74 56.55 77.99
N GLY R 186 -9.53 57.03 77.74
CA GLY R 186 -9.27 58.45 77.62
C GLY R 186 -7.80 58.70 77.46
N SER R 187 -7.26 59.61 78.27
CA SER R 187 -5.81 59.83 78.27
C SER R 187 -5.07 58.55 78.55
N ILE R 188 -5.65 57.67 79.35
CA ILE R 188 -5.12 56.35 79.60
C ILE R 188 -5.82 55.37 78.69
N ALA R 189 -5.25 54.18 78.60
CA ALA R 189 -5.79 52.97 77.99
C ALA R 189 -5.85 52.96 76.47
N ALA R 190 -5.88 54.13 75.84
CA ALA R 190 -5.69 54.24 74.39
C ALA R 190 -4.70 55.33 74.03
N LEU R 191 -4.89 56.53 74.61
CA LEU R 191 -4.14 57.69 74.16
C LEU R 191 -2.72 57.72 74.69
N HIS R 192 -2.36 56.84 75.63
CA HIS R 192 -0.93 56.69 75.83
C HIS R 192 -0.29 56.08 74.60
N SER R 193 -1.02 55.23 73.89
CA SER R 193 -0.51 54.75 72.62
C SER R 193 -0.48 55.86 71.58
N VAL R 194 -1.45 56.76 71.64
CA VAL R 194 -1.52 57.85 70.68
C VAL R 194 -0.68 59.03 71.18
N ASN R 195 -1.06 59.57 72.34
CA ASN R 195 -0.48 60.84 72.78
C ASN R 195 0.80 60.65 73.61
N ASP R 196 1.01 59.46 74.18
CA ASP R 196 2.25 59.22 74.93
C ASP R 196 2.40 60.10 76.16
N LEU R 197 1.63 59.80 77.20
CA LEU R 197 1.59 60.59 78.44
C LEU R 197 2.94 60.92 79.07
N ASP R 198 4.02 60.22 78.74
CA ASP R 198 5.33 60.47 79.35
C ASP R 198 5.97 61.68 78.70
N VAL R 199 5.62 62.86 79.20
CA VAL R 199 6.16 64.12 78.68
C VAL R 199 7.00 64.81 79.73
N THR R 200 6.32 65.40 80.71
CA THR R 200 6.87 65.87 81.97
C THR R 200 5.99 65.49 83.12
N LYS R 201 4.71 65.20 82.87
CA LYS R 201 3.82 64.63 83.86
C LYS R 201 4.45 63.41 84.51
N PHE R 202 5.25 62.64 83.75
CA PHE R 202 5.93 61.51 84.34
C PHE R 202 6.92 61.96 85.39
N ALA R 203 7.72 62.98 85.09
CA ALA R 203 8.70 63.44 86.07
C ALA R 203 8.02 63.94 87.33
N ASP R 204 6.81 64.48 87.19
CA ASP R 204 6.05 64.90 88.36
C ASP R 204 5.70 63.70 89.25
N ASN R 205 5.11 62.65 88.64
CA ASN R 205 4.69 61.45 89.36
C ASN R 205 5.21 60.24 88.61
N ALA R 206 6.45 59.87 88.90
CA ALA R 206 7.02 58.69 88.25
C ALA R 206 6.31 57.41 88.66
N ALA R 207 5.76 57.35 89.87
CA ALA R 207 4.98 56.20 90.34
C ALA R 207 3.70 56.58 91.07
N ASP R 208 3.70 57.76 91.68
CA ASP R 208 2.79 58.16 92.74
C ASP R 208 1.29 58.04 92.50
N CYS R 209 0.82 57.98 91.24
CA CYS R 209 -0.62 58.07 91.00
C CYS R 209 -1.16 57.07 89.98
N ALA R 210 -0.31 56.19 89.44
CA ALA R 210 -0.64 55.16 88.46
C ALA R 210 -1.04 55.69 87.09
N ASP R 211 -1.78 56.80 87.04
CA ASP R 211 -2.23 57.43 85.82
C ASP R 211 -1.08 57.86 84.96
N ILE R 212 -0.08 58.48 85.58
CA ILE R 212 1.25 58.61 84.99
C ILE R 212 2.32 57.86 85.78
N GLY R 213 1.97 57.23 86.90
CA GLY R 213 3.03 56.63 87.69
C GLY R 213 3.69 55.39 87.11
N PHE R 214 4.06 55.40 85.82
CA PHE R 214 4.74 54.34 85.07
C PHE R 214 3.95 53.05 84.88
N ASP R 215 3.12 52.76 85.87
CA ASP R 215 2.26 51.60 85.92
C ASP R 215 1.27 51.60 84.78
N ALA R 216 0.41 52.61 84.74
CA ALA R 216 -0.66 52.63 83.74
C ALA R 216 -0.07 52.60 82.35
N GLN R 217 1.00 53.36 82.12
CA GLN R 217 1.59 53.44 80.79
C GLN R 217 2.09 52.08 80.35
N LEU R 218 2.86 51.43 81.22
CA LEU R 218 3.36 50.11 80.87
C LEU R 218 2.22 49.14 80.67
N LYS R 219 1.12 49.32 81.40
CA LYS R 219 -0.04 48.48 81.19
C LYS R 219 -0.71 48.74 79.85
N VAL R 220 -0.72 50.00 79.40
CA VAL R 220 -1.26 50.30 78.09
C VAL R 220 -0.44 49.57 77.05
N VAL R 221 0.88 49.65 77.16
CA VAL R 221 1.74 49.01 76.18
C VAL R 221 1.54 47.51 76.23
N ASP R 222 1.52 46.94 77.43
CA ASP R 222 1.38 45.50 77.58
C ASP R 222 0.07 45.02 76.99
N GLU R 223 -1.01 45.73 77.25
CA GLU R 223 -2.29 45.30 76.72
C GLU R 223 -2.37 45.54 75.24
N ALA R 224 -1.83 46.66 74.76
CA ALA R 224 -1.75 46.90 73.31
C ALA R 224 -1.10 45.72 72.63
N ILE R 225 0.02 45.28 73.17
CA ILE R 225 0.70 44.10 72.65
C ILE R 225 -0.21 42.89 72.74
N ASN R 226 -0.88 42.73 73.87
CA ASN R 226 -1.73 41.55 74.05
C ASN R 226 -2.88 41.56 73.05
N GLN R 227 -3.36 42.74 72.70
CA GLN R 227 -4.42 42.86 71.71
C GLN R 227 -3.88 42.56 70.31
N VAL R 228 -2.64 42.95 70.04
CA VAL R 228 -2.01 42.52 68.80
C VAL R 228 -1.86 41.02 68.79
N SER R 229 -1.42 40.45 69.91
CA SER R 229 -1.24 39.01 70.03
C SER R 229 -2.52 38.26 69.73
N SER R 230 -3.62 38.72 70.32
CA SER R 230 -4.89 38.05 70.13
C SER R 230 -5.46 38.33 68.75
N GLN R 231 -5.22 39.51 68.22
CA GLN R 231 -5.65 39.81 66.86
C GLN R 231 -4.95 38.90 65.87
N ARG R 232 -3.64 38.76 66.04
CA ARG R 232 -2.87 37.85 65.22
C ARG R 232 -3.25 36.41 65.50
N ALA R 233 -3.72 36.13 66.71
CA ALA R 233 -4.16 34.79 67.05
C ALA R 233 -5.40 34.41 66.27
N LYS R 234 -6.39 35.30 66.25
CA LYS R 234 -7.57 35.09 65.42
C LYS R 234 -7.17 34.98 63.97
N LEU R 235 -6.32 35.90 63.54
CA LEU R 235 -5.89 35.99 62.16
C LEU R 235 -5.26 34.69 61.70
N GLY R 236 -4.35 34.15 62.53
CA GLY R 236 -3.69 32.90 62.18
C GLY R 236 -4.59 31.71 62.35
N ALA R 237 -5.57 31.80 63.25
CA ALA R 237 -6.56 30.75 63.34
C ALA R 237 -7.26 30.61 62.00
N VAL R 238 -7.69 31.74 61.44
CA VAL R 238 -8.34 31.70 60.14
C VAL R 238 -7.36 31.26 59.07
N GLN R 239 -6.09 31.62 59.21
CA GLN R 239 -5.10 31.14 58.26
C GLN R 239 -5.09 29.63 58.23
N ASN R 240 -5.05 29.01 59.41
CA ASN R 240 -5.05 27.55 59.48
C ASN R 240 -6.34 27.01 58.89
N ARG R 241 -7.45 27.68 59.17
CA ARG R 241 -8.73 27.25 58.61
C ARG R 241 -8.66 27.19 57.09
N LEU R 242 -8.12 28.22 56.48
CA LEU R 242 -8.09 28.25 55.04
C LEU R 242 -7.07 27.27 54.49
N GLU R 243 -6.03 26.99 55.26
CA GLU R 243 -5.12 25.90 54.87
C GLU R 243 -5.89 24.59 54.74
N HIS R 244 -6.60 24.22 55.80
CA HIS R 244 -7.30 22.94 55.80
C HIS R 244 -8.48 22.97 54.84
N THR R 245 -9.09 24.13 54.69
CA THR R 245 -10.12 24.32 53.69
C THR R 245 -9.58 23.97 52.33
N ILE R 246 -8.48 24.60 51.93
CA ILE R 246 -7.92 24.37 50.61
C ILE R 246 -7.55 22.92 50.43
N ASN R 247 -7.01 22.31 51.47
CA ASN R 247 -6.68 20.89 51.35
C ASN R 247 -7.93 20.08 51.07
N ASN R 248 -9.04 20.43 51.74
CA ASN R 248 -10.31 19.79 51.44
C ASN R 248 -10.79 20.11 50.04
N LEU R 249 -10.69 21.37 49.63
CA LEU R 249 -11.16 21.79 48.32
C LEU R 249 -10.39 21.07 47.23
N SER R 250 -9.11 20.84 47.48
CA SER R 250 -8.26 20.14 46.52
C SER R 250 -8.64 18.69 46.42
N ALA R 251 -8.69 18.00 47.57
CA ALA R 251 -9.00 16.57 47.56
C ALA R 251 -10.42 16.33 47.07
N SER R 252 -11.37 17.08 47.62
CA SER R 252 -12.77 16.95 47.25
C SER R 252 -12.97 17.32 45.80
N GLY R 253 -12.30 18.38 45.35
CA GLY R 253 -12.40 18.75 43.96
C GLY R 253 -11.91 17.65 43.06
N GLU R 254 -10.77 17.05 43.40
CA GLU R 254 -10.26 15.93 42.64
C GLU R 254 -11.28 14.80 42.57
N ASN R 255 -11.73 14.35 43.74
CA ASN R 255 -12.69 13.24 43.79
C ASN R 255 -13.94 13.58 42.99
N LEU R 256 -14.28 14.87 42.94
CA LEU R 256 -15.49 15.30 42.25
C LEU R 256 -15.29 15.28 40.74
N THR R 257 -14.15 15.77 40.27
CA THR R 257 -13.87 15.69 38.84
C THR R 257 -13.75 14.24 38.41
N ALA R 258 -13.28 13.39 39.30
CA ALA R 258 -13.26 11.96 39.01
C ALA R 258 -14.68 11.42 38.94
N ALA R 259 -15.56 11.87 39.82
CA ALA R 259 -16.96 11.45 39.78
C ALA R 259 -17.59 11.82 38.45
N GLU R 260 -17.42 13.08 38.06
CA GLU R 260 -17.88 13.51 36.75
C GLU R 260 -17.29 12.62 35.66
N SER R 261 -15.98 12.40 35.76
CA SER R 261 -15.30 11.60 34.75
C SER R 261 -15.91 10.22 34.64
N ARG R 262 -16.38 9.68 35.77
CA ARG R 262 -17.08 8.41 35.72
C ARG R 262 -18.39 8.56 34.96
N ILE R 263 -19.09 9.67 35.16
CA ILE R 263 -20.30 9.87 34.38
C ILE R 263 -19.95 9.98 32.90
N ARG R 264 -18.98 10.81 32.57
CA ARG R 264 -18.55 10.99 31.18
C ARG R 264 -17.45 10.03 30.77
N ASP R 265 -17.22 8.97 31.55
CA ASP R 265 -16.18 7.99 31.24
C ASP R 265 -16.37 7.45 29.83
N VAL R 266 -15.47 7.80 28.93
CA VAL R 266 -15.40 7.16 27.63
C VAL R 266 -14.37 6.04 27.74
N ASP R 267 -14.82 4.82 27.53
CA ASP R 267 -13.90 3.72 27.28
C ASP R 267 -13.48 3.88 25.84
N MET R 268 -12.46 4.73 25.65
CA MET R 268 -12.04 5.11 24.30
C MET R 268 -11.66 3.89 23.48
N ALA R 269 -11.09 2.88 24.13
CA ALA R 269 -10.77 1.66 23.41
C ALA R 269 -12.05 0.95 22.97
N LYS R 270 -13.03 0.84 23.87
CA LYS R 270 -14.32 0.27 23.50
C LYS R 270 -14.92 1.02 22.33
N GLU R 271 -14.90 2.35 22.42
CA GLU R 271 -15.66 3.14 21.46
C GLU R 271 -14.97 3.15 20.10
N MET R 272 -13.64 3.10 20.08
CA MET R 272 -12.94 2.90 18.81
C MET R 272 -13.27 1.52 18.25
N SER R 273 -13.30 0.52 19.11
CA SER R 273 -13.60 -0.83 18.67
C SER R 273 -15.01 -0.92 18.09
N GLU R 274 -15.98 -0.41 18.83
CA GLU R 274 -17.35 -0.42 18.38
C GLU R 274 -17.51 0.41 17.12
N PHE R 275 -16.79 1.52 17.06
CA PHE R 275 -16.78 2.31 15.83
C PHE R 275 -16.35 1.47 14.64
N THR R 276 -15.22 0.81 14.80
CA THR R 276 -14.69 -0.09 13.78
C THR R 276 -15.76 -1.08 13.34
N LYS R 277 -16.36 -1.75 14.31
CA LYS R 277 -17.37 -2.75 14.03
C LYS R 277 -18.49 -2.15 13.21
N ASN R 278 -18.99 -0.99 13.63
CA ASN R 278 -20.13 -0.41 12.94
C ASN R 278 -19.78 0.00 11.51
N ASN R 279 -18.53 0.41 11.28
CA ASN R 279 -18.09 0.62 9.91
C ASN R 279 -18.20 -0.64 9.10
N ILE R 280 -17.60 -1.70 9.64
CA ILE R 280 -17.61 -3.01 8.99
C ILE R 280 -19.04 -3.39 8.65
N LEU R 281 -19.92 -3.26 9.63
CA LEU R 281 -21.30 -3.71 9.48
C LEU R 281 -22.04 -2.90 8.44
N SER R 282 -21.81 -1.58 8.43
CA SER R 282 -22.41 -0.75 7.41
C SER R 282 -21.97 -1.20 6.02
N GLN R 283 -20.65 -1.36 5.85
CA GLN R 283 -20.12 -1.72 4.54
C GLN R 283 -20.64 -3.06 4.08
N ALA R 284 -20.67 -4.03 4.98
CA ALA R 284 -21.18 -5.35 4.66
C ALA R 284 -22.62 -5.28 4.21
N SER R 285 -23.44 -4.54 4.98
CA SER R 285 -24.85 -4.44 4.64
C SER R 285 -25.03 -3.78 3.28
N GLN R 286 -24.21 -2.79 2.96
CA GLN R 286 -24.34 -2.17 1.65
C GLN R 286 -23.96 -3.13 0.54
N ALA R 287 -22.91 -3.92 0.75
CA ALA R 287 -22.58 -4.96 -0.23
C ALA R 287 -23.76 -5.87 -0.46
N MET R 288 -24.45 -6.23 0.62
CA MET R 288 -25.62 -7.07 0.45
C MET R 288 -26.74 -6.33 -0.26
N LEU R 289 -26.84 -5.01 -0.09
CA LEU R 289 -27.87 -4.27 -0.83
C LEU R 289 -27.57 -4.28 -2.30
N ALA R 290 -26.28 -4.17 -2.66
CA ALA R 290 -25.90 -4.35 -4.04
C ALA R 290 -26.35 -5.70 -4.55
N GLN R 291 -26.06 -6.75 -3.78
CA GLN R 291 -26.47 -8.09 -4.19
C GLN R 291 -27.98 -8.20 -4.34
N ALA R 292 -28.73 -7.54 -3.45
CA ALA R 292 -30.18 -7.50 -3.57
C ALA R 292 -30.59 -6.85 -4.88
N ASN R 293 -29.80 -5.92 -5.36
CA ASN R 293 -30.06 -5.33 -6.67
C ASN R 293 -29.52 -6.19 -7.80
N GLN R 294 -28.60 -7.11 -7.52
CA GLN R 294 -28.04 -7.95 -8.58
C GLN R 294 -28.95 -9.11 -8.91
N GLN R 295 -29.46 -9.79 -7.88
CA GLN R 295 -30.33 -10.94 -8.08
C GLN R 295 -31.47 -10.70 -9.07
N PRO R 296 -32.30 -9.68 -8.91
CA PRO R 296 -33.39 -9.49 -9.88
C PRO R 296 -32.92 -9.19 -11.29
N GLN R 297 -31.68 -8.77 -11.49
CA GLN R 297 -31.16 -8.61 -12.85
C GLN R 297 -30.90 -9.96 -13.48
N ASN R 298 -30.26 -10.84 -12.70
CA ASN R 298 -30.12 -12.21 -13.10
C ASN R 298 -31.47 -12.79 -13.47
N VAL R 299 -32.47 -12.51 -12.64
CA VAL R 299 -33.83 -12.94 -12.94
C VAL R 299 -34.30 -12.38 -14.27
N LEU R 300 -34.04 -11.09 -14.49
CA LEU R 300 -34.50 -10.45 -15.72
C LEU R 300 -33.97 -11.20 -16.94
N GLN R 301 -32.66 -11.44 -16.98
CA GLN R 301 -32.11 -12.16 -18.11
C GLN R 301 -32.70 -13.56 -18.19
N LEU R 302 -32.69 -14.28 -17.07
CA LEU R 302 -33.06 -15.69 -17.08
C LEU R 302 -34.51 -15.89 -17.48
N LEU R 303 -35.37 -14.93 -17.18
CA LEU R 303 -36.78 -14.98 -17.56
C LEU R 303 -37.11 -14.03 -18.69
N ARG R 304 -36.15 -13.77 -19.56
CA ARG R 304 -36.40 -13.00 -20.74
C ARG R 304 -36.76 -13.93 -21.89
N ILE S 3 -75.28 -18.20 -94.69
CA ILE S 3 -74.13 -17.24 -94.87
C ILE S 3 -72.90 -17.69 -94.12
N ASN S 4 -72.69 -19.01 -94.09
CA ASN S 4 -71.64 -19.60 -93.26
C ASN S 4 -70.28 -18.96 -93.52
N HIS S 5 -69.95 -18.76 -94.79
CA HIS S 5 -68.65 -18.22 -95.17
C HIS S 5 -68.45 -16.76 -94.78
N ASN S 6 -69.47 -16.09 -94.27
CA ASN S 6 -69.37 -14.69 -93.90
C ASN S 6 -69.30 -14.47 -92.40
N ILE S 7 -69.47 -15.50 -91.58
CA ILE S 7 -69.54 -15.37 -90.13
C ILE S 7 -68.22 -15.83 -89.56
N ALA S 8 -67.59 -14.94 -88.81
CA ALA S 8 -66.40 -15.28 -88.04
C ALA S 8 -66.40 -14.60 -86.68
N ALA S 9 -67.50 -13.96 -86.30
CA ALA S 9 -67.55 -13.15 -85.09
C ALA S 9 -66.44 -12.12 -85.12
N LEU S 10 -66.37 -11.39 -86.23
CA LEU S 10 -65.23 -10.52 -86.45
C LEU S 10 -65.10 -9.45 -85.39
N ASN S 11 -66.20 -9.09 -84.72
CA ASN S 11 -66.08 -8.20 -83.58
C ASN S 11 -65.32 -8.89 -82.46
N THR S 12 -65.54 -10.19 -82.30
CA THR S 12 -64.73 -10.94 -81.34
C THR S 12 -63.27 -10.90 -81.76
N LEU S 13 -63.00 -10.99 -83.06
CA LEU S 13 -61.63 -10.98 -83.53
C LEU S 13 -60.98 -9.64 -83.25
N ASN S 14 -61.74 -8.57 -83.44
CA ASN S 14 -61.26 -7.24 -83.13
C ASN S 14 -60.96 -7.11 -81.64
N ARG S 15 -61.85 -7.66 -80.80
CA ARG S 15 -61.57 -7.69 -79.38
C ARG S 15 -60.33 -8.49 -79.10
N LEU S 16 -60.07 -9.50 -79.91
CA LEU S 16 -58.92 -10.32 -79.67
C LEU S 16 -57.64 -9.54 -79.88
N SER S 17 -57.55 -8.88 -81.02
CA SER S 17 -56.41 -8.03 -81.31
C SER S 17 -56.21 -7.02 -80.20
N SER S 18 -57.31 -6.38 -79.80
CA SER S 18 -57.25 -5.38 -78.73
C SER S 18 -56.70 -5.99 -77.45
N ASN S 19 -57.22 -7.14 -77.06
CA ASN S 19 -56.84 -7.76 -75.79
C ASN S 19 -55.38 -8.19 -75.81
N ASN S 20 -54.92 -8.71 -76.95
CA ASN S 20 -53.53 -9.13 -77.03
C ASN S 20 -52.61 -7.95 -76.88
N SER S 21 -52.92 -6.85 -77.57
CA SER S 21 -52.11 -5.66 -77.39
C SER S 21 -52.20 -5.15 -75.96
N ALA S 22 -53.38 -5.26 -75.35
CA ALA S 22 -53.56 -4.76 -74.00
C ALA S 22 -52.66 -5.49 -73.01
N SER S 23 -52.76 -6.82 -72.98
CA SER S 23 -51.92 -7.61 -72.10
C SER S 23 -50.45 -7.37 -72.41
N GLN S 24 -50.11 -7.22 -73.70
CA GLN S 24 -48.74 -6.91 -74.08
C GLN S 24 -48.27 -5.63 -73.40
N LYS S 25 -49.08 -4.59 -73.47
CA LYS S 25 -48.71 -3.31 -72.86
C LYS S 25 -48.51 -3.47 -71.38
N ASN S 26 -49.42 -4.21 -70.73
CA ASN S 26 -49.29 -4.48 -69.31
C ASN S 26 -47.93 -5.08 -69.00
N MET S 27 -47.54 -6.13 -69.74
CA MET S 27 -46.24 -6.74 -69.52
C MET S 27 -45.12 -5.74 -69.64
N GLU S 28 -45.12 -5.04 -70.77
CA GLU S 28 -44.04 -4.12 -71.10
C GLU S 28 -43.82 -3.14 -69.98
N LYS S 29 -44.91 -2.64 -69.41
CA LYS S 29 -44.77 -1.75 -68.27
C LYS S 29 -44.31 -2.51 -67.04
N LEU S 30 -44.86 -3.71 -66.82
CA LEU S 30 -44.47 -4.53 -65.68
C LEU S 30 -43.00 -4.91 -65.75
N SER S 31 -42.59 -5.42 -66.91
CA SER S 31 -41.22 -5.85 -67.09
C SER S 31 -40.25 -4.70 -66.92
N SER S 32 -40.54 -3.58 -67.56
CA SER S 32 -39.66 -2.43 -67.49
C SER S 32 -39.83 -1.66 -66.20
N GLY S 33 -40.93 -1.86 -65.49
CA GLY S 33 -41.18 -1.07 -64.31
C GLY S 33 -41.50 0.35 -64.66
N LEU S 34 -42.08 0.58 -65.83
CA LEU S 34 -42.32 1.90 -66.38
C LEU S 34 -43.80 2.06 -66.65
N ARG S 35 -44.45 2.97 -65.94
CA ARG S 35 -45.77 3.39 -66.37
C ARG S 35 -45.66 4.30 -67.58
N ILE S 36 -44.54 5.01 -67.68
CA ILE S 36 -44.32 5.85 -68.85
C ILE S 36 -44.31 4.97 -70.10
N ASN S 37 -44.64 5.60 -71.21
CA ASN S 37 -44.59 4.93 -72.49
C ASN S 37 -43.23 5.13 -73.12
N ARG S 38 -42.83 4.17 -73.95
CA ARG S 38 -41.76 4.43 -74.90
C ARG S 38 -42.22 5.43 -75.94
N ALA S 39 -43.46 5.28 -76.40
CA ALA S 39 -44.06 6.17 -77.35
C ALA S 39 -44.35 7.52 -76.71
N GLY S 40 -44.50 8.53 -77.57
CA GLY S 40 -44.77 9.89 -77.15
C GLY S 40 -46.14 10.12 -76.53
N ASP S 41 -46.93 9.07 -76.36
CA ASP S 41 -48.20 9.20 -75.67
C ASP S 41 -47.95 9.72 -74.25
N ASP S 42 -48.47 10.92 -73.99
CA ASP S 42 -48.11 11.72 -72.81
C ASP S 42 -46.65 12.16 -72.89
N ALA S 43 -46.27 12.71 -74.05
CA ALA S 43 -44.94 13.29 -74.18
C ALA S 43 -44.73 14.45 -73.22
N ALA S 44 -45.80 15.06 -72.71
CA ALA S 44 -45.65 16.03 -71.64
C ALA S 44 -44.96 15.40 -70.44
N GLY S 45 -45.63 14.41 -69.83
CA GLY S 45 -45.06 13.75 -68.67
C GLY S 45 -43.71 13.12 -68.96
N LEU S 46 -43.54 12.59 -70.17
CA LEU S 46 -42.24 12.03 -70.54
C LEU S 46 -41.17 13.10 -70.50
N ALA S 47 -41.35 14.15 -71.31
CA ALA S 47 -40.36 15.22 -71.39
C ALA S 47 -40.08 15.81 -70.02
N ILE S 48 -41.09 15.86 -69.16
CA ILE S 48 -40.84 16.27 -67.78
C ILE S 48 -39.85 15.31 -67.15
N SER S 49 -40.17 14.01 -67.11
CA SER S 49 -39.31 13.05 -66.42
C SER S 49 -37.91 13.02 -67.03
N GLU S 50 -37.83 13.28 -68.33
CA GLU S 50 -36.55 13.46 -68.97
C GLU S 50 -35.79 14.59 -68.33
N LYS S 51 -36.44 15.74 -68.20
CA LYS S 51 -35.81 16.89 -67.57
C LYS S 51 -35.49 16.60 -66.12
N MET S 52 -36.39 15.88 -65.44
CA MET S 52 -36.16 15.48 -64.07
C MET S 52 -34.85 14.71 -63.98
N ARG S 53 -34.74 13.63 -64.74
CA ARG S 53 -33.55 12.79 -64.70
C ARG S 53 -32.31 13.57 -65.06
N GLY S 54 -32.42 14.49 -66.00
CA GLY S 54 -31.31 15.36 -66.28
C GLY S 54 -30.85 16.09 -65.04
N GLN S 55 -31.83 16.64 -64.29
CA GLN S 55 -31.47 17.31 -63.05
C GLN S 55 -31.02 16.34 -61.97
N ILE S 56 -31.68 15.19 -61.84
CA ILE S 56 -31.30 14.17 -60.84
C ILE S 56 -29.84 13.82 -61.02
N ARG S 57 -29.50 13.35 -62.21
CA ARG S 57 -28.14 12.97 -62.51
C ARG S 57 -27.20 14.14 -62.29
N GLY S 58 -27.64 15.34 -62.64
CA GLY S 58 -26.84 16.52 -62.37
C GLY S 58 -26.66 16.77 -60.88
N LEU S 59 -27.62 16.33 -60.06
CA LEU S 59 -27.51 16.48 -58.62
C LEU S 59 -26.59 15.43 -58.04
N GLU S 60 -26.57 14.25 -58.63
CA GLU S 60 -25.63 13.23 -58.22
C GLU S 60 -24.21 13.70 -58.48
N MET S 61 -23.97 14.19 -59.69
CA MET S 61 -22.66 14.75 -59.99
C MET S 61 -22.42 16.05 -59.22
N ALA S 62 -23.48 16.73 -58.81
CA ALA S 62 -23.32 17.91 -57.97
C ALA S 62 -22.81 17.53 -56.61
N SER S 63 -23.42 16.51 -56.02
CA SER S 63 -22.95 16.00 -54.74
C SER S 63 -21.51 15.56 -54.85
N LYS S 64 -21.20 14.83 -55.92
CA LYS S 64 -19.82 14.46 -56.20
C LYS S 64 -18.91 15.67 -56.21
N ASN S 65 -19.26 16.68 -57.00
CA ASN S 65 -18.40 17.86 -57.13
C ASN S 65 -18.25 18.58 -55.80
N SER S 66 -19.30 18.62 -55.00
CA SER S 66 -19.24 19.34 -53.74
C SER S 66 -18.40 18.59 -52.73
N GLN S 67 -18.54 17.28 -52.70
CA GLN S 67 -17.68 16.47 -51.85
C GLN S 67 -16.23 16.65 -52.24
N ASP S 68 -15.98 16.73 -53.55
CA ASP S 68 -14.63 16.99 -54.02
C ASP S 68 -14.16 18.36 -53.56
N GLY S 69 -15.06 19.35 -53.63
CA GLY S 69 -14.81 20.64 -53.00
C GLY S 69 -14.33 20.49 -51.57
N ILE S 70 -15.06 19.68 -50.80
CA ILE S 70 -14.73 19.48 -49.41
C ILE S 70 -13.35 18.87 -49.27
N SER S 71 -13.02 17.92 -50.15
CA SER S 71 -11.71 17.29 -50.08
C SER S 71 -10.61 18.32 -50.26
N LEU S 72 -10.78 19.18 -51.25
CA LEU S 72 -9.85 20.28 -51.44
C LEU S 72 -9.76 21.14 -50.19
N ILE S 73 -10.92 21.51 -49.66
CA ILE S 73 -10.99 22.38 -48.50
C ILE S 73 -10.18 21.78 -47.36
N GLN S 74 -10.53 20.58 -46.95
CA GLN S 74 -9.92 19.96 -45.79
C GLN S 74 -8.43 19.73 -46.00
N THR S 75 -8.02 19.48 -47.24
CA THR S 75 -6.60 19.42 -47.53
C THR S 75 -5.92 20.73 -47.13
N ALA S 76 -6.38 21.82 -47.75
CA ALA S 76 -5.78 23.12 -47.47
C ALA S 76 -5.94 23.49 -46.00
N GLU S 77 -7.08 23.12 -45.43
CA GLU S 77 -7.39 23.39 -44.04
C GLU S 77 -6.35 22.79 -43.12
N GLY S 78 -6.13 21.48 -43.23
CA GLY S 78 -5.15 20.83 -42.37
C GLY S 78 -3.77 21.39 -42.58
N ALA S 79 -3.46 21.72 -43.83
CA ALA S 79 -2.16 22.33 -44.11
C ALA S 79 -2.01 23.66 -43.40
N LEU S 80 -3.07 24.48 -43.42
CA LEU S 80 -3.02 25.78 -42.76
C LEU S 80 -3.01 25.63 -41.25
N THR S 81 -3.63 24.58 -40.75
CA THR S 81 -3.56 24.31 -39.32
C THR S 81 -2.12 24.03 -38.92
N GLU S 82 -1.43 23.23 -39.72
CA GLU S 82 -0.02 22.96 -39.41
C GLU S 82 0.81 24.22 -39.54
N THR S 83 0.56 25.01 -40.60
CA THR S 83 1.22 26.29 -40.76
C THR S 83 1.07 27.11 -39.51
N HIS S 84 -0.17 27.18 -39.05
CA HIS S 84 -0.48 27.95 -37.86
C HIS S 84 0.30 27.47 -36.66
N ALA S 85 0.34 26.15 -36.46
CA ALA S 85 1.10 25.58 -35.36
C ALA S 85 2.56 26.00 -35.44
N ILE S 86 3.12 25.99 -36.64
CA ILE S 86 4.47 26.51 -36.82
C ILE S 86 4.53 27.94 -36.34
N LEU S 87 3.58 28.77 -36.79
CA LEU S 87 3.61 30.18 -36.45
C LEU S 87 3.54 30.39 -34.93
N GLN S 88 2.86 29.50 -34.22
CA GLN S 88 2.94 29.53 -32.77
C GLN S 88 4.37 29.32 -32.31
N ARG S 89 5.03 28.31 -32.88
CA ARG S 89 6.43 28.12 -32.53
C ARG S 89 7.26 29.33 -32.89
N VAL S 90 6.95 29.95 -34.03
CA VAL S 90 7.68 31.12 -34.45
C VAL S 90 7.59 32.18 -33.38
N ARG S 91 6.37 32.48 -32.92
CA ARG S 91 6.23 33.53 -31.93
C ARG S 91 6.95 33.18 -30.64
N GLU S 92 6.97 31.89 -30.27
CA GLU S 92 7.82 31.48 -29.17
C GLU S 92 9.24 31.94 -29.43
N LEU S 93 9.70 31.71 -30.65
CA LEU S 93 11.06 32.09 -31.01
C LEU S 93 11.19 33.59 -31.21
N VAL S 94 10.08 34.31 -31.37
CA VAL S 94 10.16 35.76 -31.40
C VAL S 94 10.37 36.29 -30.00
N VAL S 95 9.63 35.76 -29.05
CA VAL S 95 9.75 36.22 -27.68
C VAL S 95 11.12 35.85 -27.14
N GLN S 96 11.62 34.67 -27.49
CA GLN S 96 13.02 34.39 -27.20
C GLN S 96 13.92 35.32 -28.00
N ALA S 97 13.52 35.64 -29.22
CA ALA S 97 14.26 36.58 -30.07
C ALA S 97 13.94 38.01 -29.74
N GLY S 98 13.35 38.22 -28.57
CA GLY S 98 13.68 39.40 -27.81
C GLY S 98 15.05 39.37 -27.20
N ASN S 99 15.88 38.35 -27.53
CA ASN S 99 17.29 38.30 -27.15
C ASN S 99 17.40 37.99 -25.66
N THR S 100 16.27 37.57 -25.07
CA THR S 100 16.06 37.70 -23.64
C THR S 100 16.55 39.07 -23.21
N GLY S 101 16.07 40.08 -23.92
CA GLY S 101 16.57 41.41 -23.70
C GLY S 101 17.86 41.69 -24.40
N THR S 102 18.95 41.54 -23.66
CA THR S 102 20.30 41.52 -24.23
C THR S 102 21.06 40.26 -23.85
N GLN S 103 20.45 39.37 -23.08
CA GLN S 103 21.20 38.28 -22.47
C GLN S 103 21.70 37.29 -23.49
N ASP S 104 20.90 37.00 -24.50
CA ASP S 104 21.38 36.13 -25.56
C ASP S 104 22.45 36.90 -26.32
N LYS S 105 23.39 36.16 -26.90
CA LYS S 105 24.45 36.76 -27.71
C LYS S 105 24.10 36.60 -29.19
N ALA S 106 24.97 37.14 -30.03
CA ALA S 106 24.73 37.10 -31.47
C ALA S 106 24.63 35.67 -31.98
N THR S 107 25.49 34.79 -31.47
CA THR S 107 25.43 33.38 -31.85
C THR S 107 24.13 32.76 -31.41
N ASP S 108 23.63 33.13 -30.23
CA ASP S 108 22.36 32.59 -29.77
C ASP S 108 21.25 33.00 -30.70
N LEU S 109 21.23 34.28 -31.09
CA LEU S 109 20.25 34.76 -32.06
C LEU S 109 20.41 34.05 -33.40
N GLN S 110 21.64 33.66 -33.74
CA GLN S 110 21.85 32.93 -34.99
C GLN S 110 21.36 31.50 -34.86
N SER S 111 21.53 30.89 -33.69
CA SER S 111 20.98 29.56 -33.46
C SER S 111 19.47 29.60 -33.61
N ILE S 112 18.84 30.58 -32.97
CA ILE S 112 17.40 30.79 -33.11
C ILE S 112 17.06 30.99 -34.57
N GLN S 113 17.80 31.87 -35.24
CA GLN S 113 17.49 32.21 -36.62
C GLN S 113 17.66 31.02 -37.54
N ASP S 114 18.61 30.14 -37.24
CA ASP S 114 18.72 28.88 -37.96
C ASP S 114 17.43 28.09 -37.78
N GLY S 115 16.96 28.00 -36.55
CA GLY S 115 15.69 27.33 -36.32
C GLY S 115 14.54 27.98 -37.06
N ILE S 116 14.52 29.31 -37.11
CA ILE S 116 13.38 29.97 -37.74
C ILE S 116 13.44 29.82 -39.25
N SER S 117 14.62 29.98 -39.83
CA SER S 117 14.75 29.81 -41.27
C SER S 117 14.41 28.38 -41.66
N ALA S 118 14.74 27.45 -40.78
CA ALA S 118 14.28 26.08 -40.94
C ALA S 118 12.76 26.02 -40.94
N LEU S 119 12.12 26.75 -40.02
CA LEU S 119 10.67 26.79 -39.99
C LEU S 119 10.10 27.43 -41.24
N THR S 120 10.74 28.50 -41.71
CA THR S 120 10.35 29.11 -42.97
C THR S 120 10.35 28.08 -44.06
N ASP S 121 11.44 27.32 -44.16
CA ASP S 121 11.55 26.30 -45.19
C ASP S 121 10.43 25.27 -45.05
N GLU S 122 9.97 25.04 -43.82
CA GLU S 122 8.85 24.15 -43.64
C GLU S 122 7.54 24.80 -44.06
N ILE S 123 7.35 26.09 -43.76
CA ILE S 123 6.14 26.77 -44.18
C ILE S 123 6.07 26.80 -45.69
N ASP S 124 7.17 27.20 -46.32
CA ASP S 124 7.27 27.15 -47.77
C ASP S 124 7.03 25.75 -48.26
N GLY S 125 7.49 24.74 -47.51
CA GLY S 125 7.22 23.38 -47.89
C GLY S 125 5.74 23.06 -47.85
N ILE S 126 5.05 23.56 -46.82
CA ILE S 126 3.59 23.41 -46.78
C ILE S 126 2.98 24.02 -48.02
N SER S 127 3.27 25.30 -48.23
CA SER S 127 2.61 26.05 -49.28
C SER S 127 3.01 25.58 -50.68
N ASN S 128 4.11 24.84 -50.78
CA ASN S 128 4.61 24.32 -52.05
C ASN S 128 4.56 22.81 -52.15
N ARG S 129 3.86 22.14 -51.22
CA ARG S 129 3.60 20.72 -51.29
C ARG S 129 2.12 20.43 -51.23
N THR S 130 1.36 21.35 -50.63
CA THR S 130 -0.07 21.16 -50.56
C THR S 130 -0.65 21.32 -51.96
N GLU S 131 -0.79 20.19 -52.64
CA GLU S 131 -1.39 20.12 -53.97
C GLU S 131 -2.70 19.35 -53.91
N PHE S 132 -3.63 19.70 -54.78
CA PHE S 132 -4.76 18.84 -55.09
C PHE S 132 -4.80 18.63 -56.59
N ASN S 133 -4.56 17.40 -57.01
CA ASN S 133 -4.55 17.07 -58.42
C ASN S 133 -3.52 17.94 -59.13
N GLY S 134 -2.37 18.10 -58.46
CA GLY S 134 -1.31 18.93 -58.94
C GLY S 134 -1.45 20.40 -58.64
N LYS S 135 -2.69 20.86 -58.46
CA LYS S 135 -2.95 22.25 -58.20
C LYS S 135 -2.41 22.61 -56.84
N LYS S 136 -1.36 23.40 -56.81
CA LYS S 136 -0.75 23.79 -55.55
C LYS S 136 -1.74 24.66 -54.81
N LEU S 137 -2.49 24.03 -53.92
CA LEU S 137 -3.63 24.68 -53.28
C LEU S 137 -3.22 25.82 -52.38
N LEU S 138 -1.99 25.81 -51.91
CA LEU S 138 -1.45 26.92 -51.14
C LEU S 138 -0.40 27.68 -51.93
N ASP S 139 -0.55 27.68 -53.25
CA ASP S 139 0.17 28.63 -54.06
C ASP S 139 -0.36 30.01 -53.71
N GLY S 140 0.44 30.80 -53.00
CA GLY S 140 -0.01 32.12 -52.61
C GLY S 140 -0.31 33.03 -53.78
N THR S 141 0.20 32.70 -54.97
CA THR S 141 -0.10 33.43 -56.20
C THR S 141 -1.19 32.76 -57.01
N TYR S 142 -1.91 31.79 -56.45
CA TYR S 142 -2.99 31.15 -57.19
C TYR S 142 -4.06 32.16 -57.57
N LYS S 143 -4.73 32.73 -56.56
CA LYS S 143 -5.81 33.70 -56.78
C LYS S 143 -5.53 34.97 -55.98
N VAL S 144 -4.41 35.60 -56.25
CA VAL S 144 -4.26 36.98 -55.85
C VAL S 144 -5.17 37.80 -56.76
N ASP S 145 -6.25 38.36 -56.17
CA ASP S 145 -7.23 39.14 -56.91
C ASP S 145 -6.57 40.23 -57.73
N THR S 146 -5.63 40.95 -57.12
CA THR S 146 -4.74 41.90 -57.79
C THR S 146 -5.43 43.19 -58.23
N ALA S 147 -6.76 43.24 -58.20
CA ALA S 147 -7.54 44.15 -59.03
C ALA S 147 -7.28 43.89 -60.52
N THR S 148 -6.98 42.64 -60.88
CA THR S 148 -6.76 42.25 -62.26
C THR S 148 -7.51 40.95 -62.50
N PRO S 149 -8.71 41.03 -63.09
CA PRO S 149 -9.43 39.78 -63.43
C PRO S 149 -8.64 38.81 -64.27
N ALA S 150 -7.79 39.32 -65.16
CA ALA S 150 -7.04 38.47 -66.06
C ALA S 150 -6.14 37.51 -65.30
N ASN S 151 -5.68 37.89 -64.12
CA ASN S 151 -4.75 37.09 -63.33
C ASN S 151 -5.41 36.74 -62.00
N GLN S 152 -6.28 35.71 -62.02
CA GLN S 152 -6.90 35.25 -60.78
C GLN S 152 -7.02 33.74 -60.63
N LYS S 153 -7.17 32.95 -61.70
CA LYS S 153 -7.41 31.51 -61.56
C LYS S 153 -8.54 31.22 -60.58
N ASN S 154 -9.66 31.94 -60.71
CA ASN S 154 -10.77 31.88 -59.75
C ASN S 154 -11.13 30.44 -59.40
N LEU S 155 -11.06 30.11 -58.11
CA LEU S 155 -11.30 28.73 -57.67
C LEU S 155 -12.81 28.49 -57.73
N VAL S 156 -13.29 28.33 -58.96
CA VAL S 156 -14.70 28.09 -59.21
C VAL S 156 -15.05 26.69 -58.79
N PHE S 157 -16.25 26.49 -58.23
CA PHE S 157 -16.86 25.16 -58.02
C PHE S 157 -18.27 25.19 -58.62
N GLN S 158 -18.43 24.60 -59.81
CA GLN S 158 -19.75 24.34 -60.40
C GLN S 158 -20.36 23.18 -59.64
N ILE S 159 -21.44 23.46 -58.94
CA ILE S 159 -22.18 22.45 -58.20
C ILE S 159 -23.57 22.25 -58.77
N GLY S 160 -24.33 23.32 -58.94
CA GLY S 160 -25.73 23.17 -59.29
C GLY S 160 -25.90 22.53 -60.64
N ALA S 161 -26.90 21.65 -60.74
CA ALA S 161 -27.21 21.00 -62.00
C ALA S 161 -27.62 22.01 -63.06
N ASN S 162 -28.06 23.19 -62.64
CA ASN S 162 -28.42 24.27 -63.53
C ASN S 162 -27.20 25.15 -63.81
N ALA S 163 -27.24 25.83 -64.96
CA ALA S 163 -26.12 26.63 -65.40
C ALA S 163 -25.86 27.82 -64.47
N THR S 164 -24.60 28.22 -64.40
CA THR S 164 -24.07 29.35 -63.64
C THR S 164 -24.05 29.08 -62.14
N GLN S 165 -24.55 27.95 -61.67
CA GLN S 165 -24.62 27.69 -60.24
C GLN S 165 -23.25 27.34 -59.70
N GLN S 166 -22.39 28.35 -59.57
CA GLN S 166 -21.00 28.17 -59.25
C GLN S 166 -20.62 28.90 -57.99
N ILE S 167 -19.57 28.38 -57.35
CA ILE S 167 -19.02 28.96 -56.14
C ILE S 167 -17.64 29.51 -56.44
N SER S 168 -17.38 30.75 -56.00
CA SER S 168 -16.13 31.44 -56.23
C SER S 168 -15.32 31.47 -54.92
N VAL S 169 -14.13 30.87 -54.95
CA VAL S 169 -13.27 30.74 -53.78
C VAL S 169 -11.93 31.37 -54.07
N ASN S 170 -11.24 31.80 -53.00
CA ASN S 170 -9.96 32.48 -53.11
C ASN S 170 -8.87 31.82 -52.29
N ILE S 171 -7.76 31.54 -52.96
CA ILE S 171 -6.50 31.10 -52.37
C ILE S 171 -5.54 32.27 -52.46
N GLU S 172 -4.89 32.67 -51.34
CA GLU S 172 -3.78 33.60 -51.45
C GLU S 172 -2.62 33.37 -50.47
N ASP S 173 -2.64 32.33 -49.65
CA ASP S 173 -1.64 32.21 -48.60
C ASP S 173 -0.42 31.43 -49.09
N MET S 174 0.70 31.70 -48.42
CA MET S 174 1.97 31.03 -48.68
C MET S 174 2.96 31.52 -47.62
N GLY S 175 4.14 30.92 -47.61
CA GLY S 175 5.16 31.30 -46.66
C GLY S 175 5.58 32.75 -46.77
N ALA S 176 5.65 33.28 -47.99
CA ALA S 176 5.99 34.67 -48.17
C ALA S 176 4.83 35.63 -47.91
N ASP S 177 3.66 35.11 -47.53
CA ASP S 177 2.46 35.91 -47.32
C ASP S 177 2.25 36.08 -45.81
N ALA S 178 2.75 37.19 -45.24
CA ALA S 178 2.70 37.36 -43.79
C ALA S 178 1.96 38.60 -43.29
N LEU S 179 2.54 39.79 -43.45
CA LEU S 179 1.80 41.03 -43.20
C LEU S 179 1.46 41.59 -44.57
N GLY S 180 0.27 41.28 -45.02
CA GLY S 180 -0.21 41.77 -46.28
C GLY S 180 -0.64 43.21 -46.12
N ILE S 181 0.33 44.12 -45.99
CA ILE S 181 -0.01 45.54 -45.93
C ILE S 181 -0.88 45.91 -47.12
N LYS S 182 -0.41 45.59 -48.31
CA LYS S 182 -1.15 45.58 -49.56
C LYS S 182 -0.69 44.39 -50.39
N GLU S 183 0.63 44.23 -50.40
CA GLU S 183 1.41 43.15 -50.95
C GLU S 183 2.58 42.97 -50.00
N ALA S 184 3.60 42.24 -50.43
CA ALA S 184 4.83 42.18 -49.65
C ALA S 184 5.50 43.55 -49.65
N ASP S 185 5.78 44.08 -48.47
CA ASP S 185 6.41 45.39 -48.40
C ASP S 185 7.87 45.27 -48.83
N GLY S 186 8.63 44.47 -48.12
CA GLY S 186 10.04 44.30 -48.39
C GLY S 186 10.69 43.45 -47.33
N SER S 187 11.81 43.92 -46.78
CA SER S 187 12.43 43.22 -45.66
C SER S 187 11.46 43.04 -44.51
N ILE S 188 10.55 43.99 -44.35
CA ILE S 188 9.48 43.88 -43.39
C ILE S 188 8.23 43.39 -44.09
N ALA S 189 7.25 42.98 -43.30
CA ALA S 189 5.88 42.67 -43.68
C ALA S 189 5.68 41.38 -44.45
N ALA S 190 6.71 40.89 -45.14
CA ALA S 190 6.70 39.56 -45.72
C ALA S 190 7.99 38.80 -45.41
N LEU S 191 9.12 39.44 -45.65
CA LEU S 191 10.40 38.73 -45.60
C LEU S 191 10.89 38.50 -44.20
N HIS S 192 10.27 39.09 -43.18
CA HIS S 192 10.56 38.56 -41.86
C HIS S 192 10.03 37.15 -41.75
N SER S 193 8.93 36.85 -42.43
CA SER S 193 8.47 35.47 -42.46
C SER S 193 9.41 34.61 -43.28
N VAL S 194 9.99 35.18 -44.33
CA VAL S 194 10.90 34.43 -45.18
C VAL S 194 12.32 34.51 -44.62
N ASN S 195 12.87 35.72 -44.54
CA ASN S 195 14.29 35.87 -44.23
C ASN S 195 14.57 35.95 -42.73
N ASP S 196 13.57 36.29 -41.91
CA ASP S 196 13.77 36.32 -40.46
C ASP S 196 14.80 37.35 -40.02
N LEU S 197 14.42 38.62 -40.05
CA LEU S 197 15.29 39.75 -39.74
C LEU S 197 16.08 39.65 -38.43
N ASP S 198 15.68 38.79 -37.48
CA ASP S 198 16.36 38.69 -36.18
C ASP S 198 17.62 37.86 -36.34
N VAL S 199 18.70 38.52 -36.74
CA VAL S 199 19.99 37.85 -36.94
C VAL S 199 21.01 38.38 -35.95
N THR S 200 21.49 39.59 -36.23
CA THR S 200 22.24 40.43 -35.30
C THR S 200 21.76 41.86 -35.36
N LYS S 201 21.08 42.26 -36.44
CA LYS S 201 20.40 43.53 -36.52
C LYS S 201 19.49 43.73 -35.32
N PHE S 202 18.91 42.64 -34.81
CA PHE S 202 18.10 42.78 -33.61
C PHE S 202 18.93 43.23 -32.42
N ALA S 203 20.09 42.61 -32.23
CA ALA S 203 20.92 42.98 -31.10
C ALA S 203 21.35 44.44 -31.19
N ASP S 204 21.50 44.94 -32.42
CA ASP S 204 21.82 46.36 -32.61
C ASP S 204 20.68 47.25 -32.12
N ASN S 205 19.44 46.96 -32.55
CA ASN S 205 18.27 47.75 -32.19
C ASN S 205 17.18 46.78 -31.75
N ALA S 206 17.21 46.41 -30.48
CA ALA S 206 16.19 45.52 -29.97
C ALA S 206 14.80 46.15 -29.96
N ALA S 207 14.73 47.48 -29.81
CA ALA S 207 13.46 48.22 -29.86
C ALA S 207 13.55 49.51 -30.68
N ASP S 208 14.74 50.09 -30.75
CA ASP S 208 14.99 51.47 -31.11
C ASP S 208 14.41 52.00 -32.43
N CYS S 209 14.07 51.14 -33.40
CA CYS S 209 13.72 51.64 -34.73
C CYS S 209 12.50 50.97 -35.35
N ALA S 210 11.84 50.05 -34.65
CA ALA S 210 10.65 49.32 -35.07
C ALA S 210 10.88 48.35 -36.22
N ASP S 211 11.71 48.72 -37.19
CA ASP S 211 12.05 47.91 -38.36
C ASP S 211 12.69 46.60 -37.94
N ILE S 212 13.64 46.69 -37.02
CA ILE S 212 14.08 45.52 -36.25
C ILE S 212 13.76 45.65 -34.77
N GLY S 213 13.19 46.76 -34.31
CA GLY S 213 13.01 46.91 -32.88
C GLY S 213 11.95 46.01 -32.24
N PHE S 214 11.92 44.72 -32.56
CA PHE S 214 11.03 43.68 -32.03
C PHE S 214 9.55 43.86 -32.38
N ASP S 215 9.14 45.11 -32.50
CA ASP S 215 7.80 45.52 -32.82
C ASP S 215 7.39 45.03 -34.18
N ALA S 216 8.10 45.46 -35.22
CA ALA S 216 7.70 45.11 -36.58
C ALA S 216 7.67 43.61 -36.76
N GLN S 217 8.67 42.92 -36.22
CA GLN S 217 8.76 41.48 -36.41
C GLN S 217 7.57 40.79 -35.80
N LEU S 218 7.27 41.14 -34.54
CA LEU S 218 6.12 40.54 -33.90
C LEU S 218 4.84 40.87 -34.65
N LYS S 219 4.79 42.06 -35.24
CA LYS S 219 3.62 42.42 -36.03
C LYS S 219 3.53 41.60 -37.31
N VAL S 220 4.68 41.27 -37.92
CA VAL S 220 4.65 40.40 -39.09
C VAL S 220 4.07 39.06 -38.70
N VAL S 221 4.54 38.51 -37.58
CA VAL S 221 4.06 37.21 -37.16
C VAL S 221 2.58 37.28 -36.83
N ASP S 222 2.18 38.31 -36.10
CA ASP S 222 0.79 38.45 -35.70
C ASP S 222 -0.12 38.56 -36.91
N GLU S 223 0.29 39.35 -37.89
CA GLU S 223 -0.56 39.51 -39.06
C GLU S 223 -0.52 38.27 -39.91
N ALA S 224 0.64 37.63 -40.05
CA ALA S 224 0.72 36.36 -40.75
C ALA S 224 -0.28 35.38 -40.19
N ILE S 225 -0.32 35.28 -38.87
CA ILE S 225 -1.30 34.45 -38.21
C ILE S 225 -2.71 34.92 -38.54
N ASN S 226 -2.93 36.22 -38.49
CA ASN S 226 -4.26 36.75 -38.75
C ASN S 226 -4.71 36.45 -40.17
N GLN S 227 -3.77 36.43 -41.11
CA GLN S 227 -4.06 36.09 -42.48
C GLN S 227 -4.36 34.62 -42.62
N VAL S 228 -3.67 33.77 -41.85
CA VAL S 228 -4.03 32.36 -41.80
C VAL S 228 -5.43 32.21 -41.23
N SER S 229 -5.70 32.96 -40.16
CA SER S 229 -7.01 32.90 -39.50
C SER S 229 -8.11 33.24 -40.48
N SER S 230 -7.93 34.32 -41.22
CA SER S 230 -8.96 34.75 -42.15
C SER S 230 -9.02 33.85 -43.38
N GLN S 231 -7.88 33.32 -43.80
CA GLN S 231 -7.88 32.36 -44.90
C GLN S 231 -8.66 31.12 -44.51
N ARG S 232 -8.40 30.60 -43.32
CA ARG S 232 -9.14 29.47 -42.80
C ARG S 232 -10.58 29.85 -42.54
N ALA S 233 -10.84 31.12 -42.26
CA ALA S 233 -12.21 31.57 -42.04
C ALA S 233 -13.01 31.49 -43.33
N LYS S 234 -12.45 32.00 -44.41
CA LYS S 234 -13.08 31.86 -45.72
C LYS S 234 -13.24 30.38 -46.05
N LEU S 235 -12.17 29.64 -45.85
CA LEU S 235 -12.12 28.23 -46.19
C LEU S 235 -13.23 27.46 -45.49
N GLY S 236 -13.39 27.70 -44.19
CA GLY S 236 -14.43 27.04 -43.42
C GLY S 236 -15.80 27.57 -43.72
N ALA S 237 -15.89 28.84 -44.11
CA ALA S 237 -17.16 29.36 -44.57
C ALA S 237 -17.65 28.54 -45.74
N VAL S 238 -16.77 28.32 -46.71
CA VAL S 238 -17.14 27.50 -47.86
C VAL S 238 -17.41 26.07 -47.43
N GLN S 239 -16.67 25.58 -46.44
CA GLN S 239 -16.96 24.25 -45.93
C GLN S 239 -18.40 24.15 -45.47
N ASN S 240 -18.84 25.12 -44.68
CA ASN S 240 -20.21 25.13 -44.21
C ASN S 240 -21.17 25.22 -45.38
N ARG S 241 -20.83 26.04 -46.36
CA ARG S 241 -21.67 26.16 -47.56
C ARG S 241 -21.88 24.82 -48.21
N LEU S 242 -20.81 24.06 -48.37
CA LEU S 242 -20.94 22.79 -49.05
C LEU S 242 -21.63 21.78 -48.18
N GLU S 243 -21.53 21.91 -46.86
CA GLU S 243 -22.33 21.08 -45.98
C GLU S 243 -23.81 21.30 -46.28
N HIS S 244 -24.26 22.55 -46.22
CA HIS S 244 -25.67 22.83 -46.42
C HIS S 244 -26.09 22.59 -47.85
N THR S 245 -25.18 22.81 -48.79
CA THR S 245 -25.42 22.46 -50.17
C THR S 245 -25.75 20.99 -50.27
N ILE S 246 -24.87 20.14 -49.75
CA ILE S 246 -25.08 18.69 -49.86
C ILE S 246 -26.38 18.29 -49.20
N ASN S 247 -26.70 18.91 -48.07
CA ASN S 247 -27.96 18.58 -47.42
C ASN S 247 -29.12 18.93 -48.34
N ASN S 248 -29.03 20.06 -49.03
CA ASN S 248 -30.04 20.40 -50.02
C ASN S 248 -30.03 19.43 -51.18
N LEU S 249 -28.85 19.08 -51.68
CA LEU S 249 -28.74 18.19 -52.82
C LEU S 249 -29.33 16.84 -52.50
N SER S 250 -29.16 16.41 -51.27
CA SER S 250 -29.67 15.13 -50.82
C SER S 250 -31.19 15.16 -50.73
N ALA S 251 -31.72 16.15 -50.01
CA ALA S 251 -33.16 16.25 -49.84
C ALA S 251 -33.86 16.50 -51.16
N SER S 252 -33.36 17.49 -51.90
CA SER S 252 -33.92 17.85 -53.19
C SER S 252 -33.80 16.70 -54.17
N GLY S 253 -32.65 16.03 -54.16
CA GLY S 253 -32.48 14.88 -55.02
C GLY S 253 -33.49 13.80 -54.72
N GLU S 254 -33.69 13.52 -53.44
CA GLU S 254 -34.71 12.56 -53.03
C GLU S 254 -36.08 12.95 -53.56
N ASN S 255 -36.51 14.17 -53.24
CA ASN S 255 -37.83 14.64 -53.67
C ASN S 255 -37.95 14.58 -55.18
N LEU S 256 -36.83 14.76 -55.87
CA LEU S 256 -36.86 14.78 -57.32
C LEU S 256 -36.99 13.37 -57.89
N THR S 257 -36.25 12.42 -57.34
CA THR S 257 -36.42 11.04 -57.77
C THR S 257 -37.80 10.53 -57.43
N ALA S 258 -38.38 11.04 -56.35
CA ALA S 258 -39.77 10.73 -56.04
C ALA S 258 -40.70 11.33 -57.08
N ALA S 259 -40.41 12.55 -57.51
CA ALA S 259 -41.22 13.19 -58.54
C ALA S 259 -41.20 12.36 -59.82
N GLU S 260 -40.00 11.99 -60.26
CA GLU S 260 -39.88 11.10 -61.39
C GLU S 260 -40.68 9.83 -61.16
N SER S 261 -40.51 9.25 -59.98
CA SER S 261 -41.18 8.01 -59.65
C SER S 261 -42.68 8.16 -59.79
N ARG S 262 -43.20 9.34 -59.45
CA ARG S 262 -44.62 9.59 -59.68
C ARG S 262 -44.94 9.58 -61.16
N ILE S 263 -44.05 10.16 -61.98
CA ILE S 263 -44.30 10.08 -63.42
C ILE S 263 -44.27 8.62 -63.88
N ARG S 264 -43.24 7.89 -63.49
CA ARG S 264 -43.11 6.49 -63.85
C ARG S 264 -43.75 5.55 -62.85
N ASP S 265 -44.61 6.06 -61.96
CA ASP S 265 -45.28 5.23 -60.96
C ASP S 265 -46.00 4.08 -61.63
N VAL S 266 -45.52 2.87 -61.44
CA VAL S 266 -46.25 1.68 -61.81
C VAL S 266 -47.01 1.22 -60.57
N ASP S 267 -48.33 1.21 -60.66
CA ASP S 267 -49.14 0.49 -59.69
C ASP S 267 -49.02 -0.97 -60.09
N MET S 268 -47.95 -1.59 -59.60
CA MET S 268 -47.63 -2.95 -60.03
C MET S 268 -48.77 -3.91 -59.74
N ALA S 269 -49.49 -3.67 -58.65
CA ALA S 269 -50.65 -4.50 -58.36
C ALA S 269 -51.74 -4.29 -59.41
N LYS S 270 -52.02 -3.03 -59.74
CA LYS S 270 -52.97 -2.74 -60.80
C LYS S 270 -52.56 -3.43 -62.09
N GLU S 271 -51.30 -3.30 -62.44
CA GLU S 271 -50.86 -3.73 -63.76
C GLU S 271 -50.80 -5.25 -63.86
N MET S 272 -50.48 -5.92 -62.76
CA MET S 272 -50.62 -7.38 -62.74
C MET S 272 -52.08 -7.77 -62.86
N SER S 273 -52.96 -7.05 -62.16
CA SER S 273 -54.38 -7.34 -62.21
C SER S 273 -54.92 -7.15 -63.61
N GLU S 274 -54.63 -6.01 -64.21
CA GLU S 274 -55.09 -5.71 -65.55
C GLU S 274 -54.50 -6.69 -66.54
N PHE S 275 -53.24 -7.06 -66.32
CA PHE S 275 -52.62 -8.10 -67.14
C PHE S 275 -53.43 -9.37 -67.11
N THR S 276 -53.72 -9.83 -65.90
CA THR S 276 -54.54 -11.01 -65.68
C THR S 276 -55.84 -10.91 -66.47
N LYS S 277 -56.54 -9.80 -66.28
CA LYS S 277 -57.81 -9.59 -66.95
C LYS S 277 -57.65 -9.72 -68.44
N ASN S 278 -56.65 -9.06 -69.00
CA ASN S 278 -56.51 -9.08 -70.46
C ASN S 278 -56.18 -10.46 -70.98
N ASN S 279 -55.46 -11.27 -70.19
CA ASN S 279 -55.28 -12.67 -70.56
C ASN S 279 -56.62 -13.36 -70.65
N ILE S 280 -57.39 -13.25 -69.57
CA ILE S 280 -58.71 -13.86 -69.50
C ILE S 280 -59.52 -13.47 -70.72
N LEU S 281 -59.54 -12.17 -71.01
CA LEU S 281 -60.38 -11.64 -72.07
C LEU S 281 -59.93 -12.14 -73.43
N SER S 282 -58.63 -12.21 -73.65
CA SER S 282 -58.12 -12.77 -74.89
C SER S 282 -58.58 -14.21 -75.05
N GLN S 283 -58.38 -15.01 -74.00
CA GLN S 283 -58.72 -16.43 -74.08
C GLN S 283 -60.20 -16.63 -74.34
N ALA S 284 -61.03 -15.88 -73.62
CA ALA S 284 -62.47 -15.96 -73.79
C ALA S 284 -62.86 -15.63 -75.22
N SER S 285 -62.31 -14.54 -75.74
CA SER S 285 -62.65 -14.13 -77.09
C SER S 285 -62.23 -15.19 -78.09
N GLN S 286 -61.09 -15.83 -77.88
CA GLN S 286 -60.68 -16.88 -78.82
C GLN S 286 -61.62 -18.07 -78.74
N ALA S 287 -62.06 -18.45 -77.54
CA ALA S 287 -63.04 -19.50 -77.42
C ALA S 287 -64.28 -19.16 -78.22
N MET S 288 -64.70 -17.90 -78.15
CA MET S 288 -65.85 -17.50 -78.94
C MET S 288 -65.55 -17.54 -80.42
N LEU S 289 -64.31 -17.27 -80.83
CA LEU S 289 -63.99 -17.38 -82.26
C LEU S 289 -64.07 -18.82 -82.72
N ALA S 290 -63.65 -19.74 -81.87
CA ALA S 290 -63.86 -21.15 -82.17
C ALA S 290 -65.33 -21.42 -82.37
N GLN S 291 -66.17 -20.95 -81.44
CA GLN S 291 -67.61 -21.16 -81.56
C GLN S 291 -68.16 -20.54 -82.84
N ALA S 292 -67.63 -19.38 -83.23
CA ALA S 292 -68.03 -18.77 -84.49
C ALA S 292 -67.69 -19.66 -85.65
N ASN S 293 -66.62 -20.44 -85.52
CA ASN S 293 -66.30 -21.41 -86.55
C ASN S 293 -67.09 -22.71 -86.39
N GLN S 294 -67.66 -22.97 -85.22
CA GLN S 294 -68.42 -24.19 -85.01
C GLN S 294 -69.84 -24.08 -85.56
N GLN S 295 -70.51 -22.96 -85.28
CA GLN S 295 -71.88 -22.76 -85.73
C GLN S 295 -72.08 -23.03 -87.21
N PRO S 296 -71.33 -22.45 -88.14
CA PRO S 296 -71.58 -22.74 -89.56
C PRO S 296 -71.32 -24.18 -89.95
N GLN S 297 -70.59 -24.96 -89.14
CA GLN S 297 -70.45 -26.38 -89.43
C GLN S 297 -71.72 -27.12 -89.10
N ASN S 298 -72.28 -26.80 -87.93
CA ASN S 298 -73.60 -27.28 -87.58
C ASN S 298 -74.58 -26.96 -88.70
N VAL S 299 -74.50 -25.73 -89.21
CA VAL S 299 -75.34 -25.33 -90.34
C VAL S 299 -75.09 -26.23 -91.53
N LEU S 300 -73.82 -26.51 -91.83
CA LEU S 300 -73.49 -27.32 -92.98
C LEU S 300 -74.19 -28.66 -92.92
N GLN S 301 -74.04 -29.35 -91.78
CA GLN S 301 -74.71 -30.64 -91.65
C GLN S 301 -76.21 -30.49 -91.75
N LEU S 302 -76.76 -29.55 -90.98
CA LEU S 302 -78.20 -29.43 -90.86
C LEU S 302 -78.86 -29.07 -92.18
N LEU S 303 -78.16 -28.34 -93.04
CA LEU S 303 -78.65 -27.98 -94.36
C LEU S 303 -77.98 -28.76 -95.46
N ARG S 304 -77.55 -29.98 -95.17
CA ARG S 304 -77.03 -30.85 -96.19
C ARG S 304 -78.15 -31.71 -96.75
N ILE T 3 -21.81 -30.91 -8.26
CA ILE T 3 -22.12 -30.89 -6.79
C ILE T 3 -21.82 -29.54 -6.16
N ASN T 4 -22.05 -28.47 -6.92
CA ASN T 4 -21.65 -27.13 -6.51
C ASN T 4 -22.16 -26.77 -5.13
N HIS T 5 -23.42 -27.10 -4.84
CA HIS T 5 -24.03 -26.74 -3.57
C HIS T 5 -23.48 -27.52 -2.39
N ASN T 6 -22.61 -28.49 -2.61
CA ASN T 6 -22.05 -29.30 -1.53
C ASN T 6 -20.60 -28.94 -1.20
N ILE T 7 -19.96 -28.08 -1.99
CA ILE T 7 -18.54 -27.78 -1.83
C ILE T 7 -18.43 -26.43 -1.15
N ALA T 8 -17.73 -26.42 -0.03
CA ALA T 8 -17.38 -25.18 0.64
C ALA T 8 -15.98 -25.24 1.23
N ALA T 9 -15.21 -26.28 0.92
CA ALA T 9 -13.92 -26.51 1.54
C ALA T 9 -14.08 -26.52 3.05
N LEU T 10 -15.02 -27.32 3.52
CA LEU T 10 -15.39 -27.26 4.92
C LEU T 10 -14.23 -27.61 5.84
N ASN T 11 -13.25 -28.37 5.35
CA ASN T 11 -12.05 -28.57 6.15
C ASN T 11 -11.31 -27.25 6.30
N THR T 12 -11.32 -26.42 5.25
CA THR T 12 -10.74 -25.09 5.39
C THR T 12 -11.52 -24.30 6.43
N LEU T 13 -12.85 -24.47 6.45
CA LEU T 13 -13.67 -23.73 7.40
C LEU T 13 -13.34 -24.16 8.82
N ASN T 14 -13.14 -25.46 9.00
CA ASN T 14 -12.75 -25.97 10.30
C ASN T 14 -11.39 -25.43 10.72
N ARG T 15 -10.45 -25.37 9.78
CA ARG T 15 -9.18 -24.72 10.07
C ARG T 15 -9.38 -23.28 10.42
N LEU T 16 -10.38 -22.65 9.83
CA LEU T 16 -10.61 -21.26 10.10
C LEU T 16 -11.01 -21.05 11.54
N SER T 17 -12.02 -21.80 11.97
CA SER T 17 -12.45 -21.73 13.36
C SER T 17 -11.28 -21.99 14.30
N SER T 18 -10.50 -23.02 13.99
CA SER T 18 -9.34 -23.35 14.80
C SER T 18 -8.37 -22.18 14.88
N ASN T 19 -8.05 -21.59 13.73
CA ASN T 19 -7.05 -20.53 13.69
C ASN T 19 -7.53 -19.30 14.42
N ASN T 20 -8.82 -18.98 14.30
CA ASN T 20 -9.34 -17.81 14.98
C ASN T 20 -9.25 -17.99 16.49
N SER T 21 -9.63 -19.17 16.97
CA SER T 21 -9.48 -19.41 18.39
C SER T 21 -8.02 -19.41 18.80
N ALA T 22 -7.15 -19.90 17.93
CA ALA T 22 -5.72 -19.96 18.25
C ALA T 22 -5.16 -18.57 18.46
N SER T 23 -5.33 -17.69 17.47
CA SER T 23 -4.85 -16.33 17.59
C SER T 23 -5.49 -15.64 18.78
N GLN T 24 -6.77 -15.91 19.02
CA GLN T 24 -7.45 -15.37 20.19
C GLN T 24 -6.71 -15.74 21.47
N LYS T 25 -6.39 -17.02 21.62
CA LYS T 25 -5.71 -17.48 22.81
C LYS T 25 -4.37 -16.80 22.96
N ASN T 26 -3.64 -16.68 21.84
CA ASN T 26 -2.37 -15.97 21.87
C ASN T 26 -2.54 -14.58 22.44
N MET T 27 -3.53 -13.82 21.93
CA MET T 27 -3.76 -12.46 22.46
C MET T 27 -4.02 -12.49 23.95
N GLU T 28 -4.97 -13.32 24.35
CA GLU T 28 -5.41 -13.36 25.73
C GLU T 28 -4.24 -13.57 26.66
N LYS T 29 -3.33 -14.45 26.28
CA LYS T 29 -2.14 -14.65 27.07
C LYS T 29 -1.22 -13.43 26.97
N LEU T 30 -1.07 -12.89 25.77
CA LEU T 30 -0.22 -11.72 25.57
C LEU T 30 -0.76 -10.52 26.34
N SER T 31 -2.04 -10.25 26.20
CA SER T 31 -2.65 -9.11 26.85
C SER T 31 -2.56 -9.24 28.37
N SER T 32 -2.90 -10.41 28.89
CA SER T 32 -2.88 -10.63 30.31
C SER T 32 -1.48 -10.87 30.84
N GLY T 33 -0.54 -11.23 29.96
CA GLY T 33 0.77 -11.59 30.42
C GLY T 33 0.77 -12.90 31.16
N LEU T 34 -0.16 -13.79 30.81
CA LEU T 34 -0.40 -15.04 31.52
C LEU T 34 -0.23 -16.18 30.54
N ARG T 35 0.77 -17.02 30.79
CA ARG T 35 0.79 -18.30 30.08
C ARG T 35 -0.23 -19.23 30.70
N ILE T 36 -0.51 -19.05 31.99
CA ILE T 36 -1.54 -19.83 32.63
C ILE T 36 -2.87 -19.60 31.93
N ASN T 37 -3.75 -20.59 32.05
CA ASN T 37 -5.08 -20.48 31.51
C ASN T 37 -6.01 -19.93 32.58
N ARG T 38 -7.07 -19.26 32.12
CA ARG T 38 -8.20 -19.04 33.00
C ARG T 38 -8.91 -20.36 33.28
N ALA T 39 -9.02 -21.19 32.25
CA ALA T 39 -9.63 -22.50 32.37
C ALA T 39 -8.72 -23.43 33.15
N GLY T 40 -9.32 -24.49 33.68
CA GLY T 40 -8.63 -25.49 34.46
C GLY T 40 -7.64 -26.34 33.69
N ASP T 41 -7.44 -26.08 32.41
CA ASP T 41 -6.41 -26.77 31.64
C ASP T 41 -5.06 -26.54 32.30
N ASP T 42 -4.47 -27.64 32.77
CA ASP T 42 -3.32 -27.60 33.69
C ASP T 42 -3.71 -27.00 35.04
N ALA T 43 -4.81 -27.49 35.60
CA ALA T 43 -5.20 -27.08 36.94
C ALA T 43 -4.15 -27.46 37.98
N ALA T 44 -3.29 -28.42 37.67
CA ALA T 44 -2.14 -28.68 38.54
C ALA T 44 -1.29 -27.42 38.67
N GLY T 45 -0.70 -26.98 37.56
CA GLY T 45 0.14 -25.79 37.61
C GLY T 45 -0.59 -24.57 38.12
N LEU T 46 -1.88 -24.46 37.77
CA LEU T 46 -2.67 -23.35 38.28
C LEU T 46 -2.74 -23.39 39.78
N ALA T 47 -3.28 -24.47 40.33
CA ALA T 47 -3.45 -24.61 41.77
C ALA T 47 -2.13 -24.42 42.49
N ILE T 48 -1.04 -24.84 41.86
CA ILE T 48 0.27 -24.55 42.44
C ILE T 48 0.44 -23.05 42.54
N SER T 49 0.35 -22.35 41.41
CA SER T 49 0.62 -20.90 41.42
C SER T 49 -0.34 -20.17 42.33
N GLU T 50 -1.54 -20.69 42.48
CA GLU T 50 -2.48 -20.18 43.46
C GLU T 50 -1.88 -20.29 44.86
N LYS T 51 -1.39 -21.47 45.19
CA LYS T 51 -0.76 -21.68 46.48
C LYS T 51 0.48 -20.83 46.64
N MET T 52 1.24 -20.70 45.55
CA MET T 52 2.42 -19.84 45.55
C MET T 52 2.03 -18.44 45.95
N ARG T 53 1.09 -17.85 45.22
CA ARG T 53 0.67 -16.47 45.49
C ARG T 53 0.13 -16.32 46.88
N GLY T 54 -0.59 -17.33 47.37
CA GLY T 54 -1.01 -17.31 48.76
C GLY T 54 0.18 -17.15 49.67
N GLN T 55 1.24 -17.92 49.42
CA GLN T 55 2.43 -17.80 50.24
C GLN T 55 3.18 -16.49 49.98
N ILE T 56 3.28 -16.07 48.71
CA ILE T 56 3.95 -14.81 48.36
C ILE T 56 3.35 -13.67 49.15
N ARG T 57 2.05 -13.49 48.97
CA ARG T 57 1.32 -12.43 49.65
C ARG T 57 1.49 -12.57 51.15
N GLY T 58 1.47 -13.81 51.64
CA GLY T 58 1.72 -14.04 53.05
C GLY T 58 3.12 -13.64 53.48
N LEU T 59 4.08 -13.71 52.55
CA LEU T 59 5.44 -13.30 52.86
C LEU T 59 5.59 -11.79 52.82
N GLU T 60 4.80 -11.14 51.97
CA GLU T 60 4.78 -9.68 51.96
C GLU T 60 4.23 -9.17 53.28
N MET T 61 3.10 -9.73 53.71
CA MET T 61 2.56 -9.37 55.00
C MET T 61 3.43 -9.89 56.14
N ALA T 62 4.23 -10.92 55.88
CA ALA T 62 5.18 -11.40 56.88
C ALA T 62 6.27 -10.39 57.09
N SER T 63 6.82 -9.88 55.99
CA SER T 63 7.83 -8.83 56.08
C SER T 63 7.26 -7.63 56.80
N LYS T 64 6.04 -7.24 56.43
CA LYS T 64 5.35 -6.18 57.12
C LYS T 64 5.30 -6.43 58.62
N ASN T 65 4.81 -7.62 59.02
CA ASN T 65 4.66 -7.92 60.44
C ASN T 65 5.99 -7.92 61.16
N SER T 66 7.04 -8.39 60.49
CA SER T 66 8.34 -8.48 61.13
C SER T 66 8.95 -7.09 61.30
N GLN T 67 8.80 -6.25 60.28
CA GLN T 67 9.24 -4.87 60.40
C GLN T 67 8.51 -4.18 61.54
N ASP T 68 7.22 -4.47 61.67
CA ASP T 68 6.45 -3.94 62.77
C ASP T 68 6.98 -4.45 64.10
N GLY T 69 7.34 -5.74 64.13
CA GLY T 69 8.08 -6.29 65.27
C GLY T 69 9.27 -5.44 65.61
N ILE T 70 10.07 -5.11 64.59
CA ILE T 70 11.27 -4.33 64.80
C ILE T 70 10.92 -2.97 65.37
N SER T 71 9.85 -2.37 64.88
CA SER T 71 9.47 -1.05 65.38
C SER T 71 9.17 -1.11 66.87
N LEU T 72 8.43 -2.13 67.27
CA LEU T 72 8.16 -2.36 68.68
C LEU T 72 9.47 -2.52 69.44
N ILE T 73 10.35 -3.37 68.91
CA ILE T 73 11.62 -3.66 69.57
C ILE T 73 12.37 -2.38 69.82
N GLN T 74 12.66 -1.63 68.75
CA GLN T 74 13.50 -0.46 68.85
C GLN T 74 12.86 0.61 69.74
N THR T 75 11.54 0.66 69.77
CA THR T 75 10.87 1.54 70.73
C THR T 75 11.28 1.18 72.13
N ALA T 76 11.00 -0.07 72.53
CA ALA T 76 11.33 -0.50 73.88
C ALA T 76 12.83 -0.41 74.14
N GLU T 77 13.61 -0.72 73.11
CA GLU T 77 15.06 -0.68 73.18
C GLU T 77 15.55 0.69 73.59
N GLY T 78 15.17 1.71 72.82
CA GLY T 78 15.62 3.06 73.13
C GLY T 78 15.15 3.50 74.50
N ALA T 79 13.92 3.09 74.86
CA ALA T 79 13.41 3.41 76.18
C ALA T 79 14.27 2.79 77.27
N LEU T 80 14.67 1.54 77.09
CA LEU T 80 15.50 0.86 78.08
C LEU T 80 16.90 1.42 78.10
N THR T 81 17.38 1.90 76.96
CA THR T 81 18.67 2.59 76.93
C THR T 81 18.62 3.83 77.80
N GLU T 82 17.54 4.60 77.68
CA GLU T 82 17.41 5.79 78.52
C GLU T 82 17.27 5.40 79.98
N THR T 83 16.47 4.37 80.26
CA THR T 83 16.34 3.85 81.63
C THR T 83 17.71 3.55 82.18
N HIS T 84 18.50 2.86 81.38
CA HIS T 84 19.84 2.48 81.79
C HIS T 84 20.68 3.69 82.11
N ALA T 85 20.63 4.68 81.23
CA ALA T 85 21.39 5.91 81.47
C ALA T 85 20.99 6.54 82.80
N ILE T 86 19.70 6.54 83.09
CA ILE T 86 19.25 7.00 84.39
C ILE T 86 19.94 6.18 85.48
N LEU T 87 19.90 4.86 85.34
CA LEU T 87 20.46 4.00 86.37
C LEU T 87 21.94 4.26 86.58
N GLN T 88 22.65 4.66 85.53
CA GLN T 88 24.01 5.13 85.73
C GLN T 88 24.02 6.33 86.64
N ARG T 89 23.14 7.30 86.38
CA ARG T 89 23.07 8.45 87.26
C ARG T 89 22.71 8.02 88.67
N VAL T 90 21.82 7.04 88.78
CA VAL T 90 21.42 6.57 90.09
C VAL T 90 22.63 6.09 90.84
N ARG T 91 23.44 5.23 90.22
CA ARG T 91 24.61 4.70 90.93
C ARG T 91 25.58 5.82 91.30
N GLU T 92 25.70 6.84 90.44
CA GLU T 92 26.46 8.01 90.86
C GLU T 92 25.90 8.54 92.17
N LEU T 93 24.58 8.62 92.24
CA LEU T 93 23.94 9.11 93.44
C LEU T 93 23.97 8.10 94.57
N VAL T 94 24.23 6.83 94.27
CA VAL T 94 24.42 5.84 95.33
C VAL T 94 25.78 6.05 95.96
N VAL T 95 26.79 6.23 95.13
CA VAL T 95 28.13 6.40 95.64
C VAL T 95 28.23 7.71 96.41
N GLN T 96 27.57 8.75 95.92
CA GLN T 96 27.41 9.94 96.75
C GLN T 96 26.58 9.63 97.98
N ALA T 97 25.57 8.77 97.82
CA ALA T 97 24.73 8.33 98.92
C ALA T 97 25.36 7.22 99.73
N GLY T 98 26.67 7.06 99.55
CA GLY T 98 27.50 6.67 100.65
C GLY T 98 27.70 7.77 101.66
N ASN T 99 27.00 8.91 101.53
CA ASN T 99 26.98 9.98 102.52
C ASN T 99 28.31 10.72 102.50
N THR T 100 29.10 10.47 101.45
CA THR T 100 30.53 10.67 101.50
C THR T 100 31.04 10.17 102.85
N GLY T 101 30.66 8.93 103.15
CA GLY T 101 30.97 8.39 104.45
C GLY T 101 29.99 8.82 105.51
N THR T 102 30.38 9.85 106.25
CA THR T 102 29.47 10.56 107.15
C THR T 102 29.42 12.05 106.84
N GLN T 103 30.18 12.51 105.86
CA GLN T 103 30.37 13.95 105.69
C GLN T 103 29.09 14.65 105.27
N ASP T 104 28.31 14.03 104.40
CA ASP T 104 27.04 14.62 104.07
C ASP T 104 26.15 14.55 105.30
N LYS T 105 25.23 15.49 105.42
CA LYS T 105 24.27 15.50 106.52
C LYS T 105 22.94 14.95 106.06
N ALA T 106 22.00 14.88 106.99
CA ALA T 106 20.69 14.30 106.67
C ALA T 106 20.00 15.09 105.57
N THR T 107 20.09 16.42 105.61
CA THR T 107 19.52 17.25 104.56
C THR T 107 20.18 16.97 103.22
N ASP T 108 21.50 16.76 103.23
CA ASP T 108 22.18 16.45 101.99
C ASP T 108 21.66 15.16 101.40
N LEU T 109 21.52 14.14 102.24
CA LEU T 109 20.92 12.88 101.79
C LEU T 109 19.50 13.07 101.31
N GLN T 110 18.78 14.04 101.89
CA GLN T 110 17.43 14.30 101.43
C GLN T 110 17.43 15.03 100.09
N SER T 111 18.40 15.91 99.88
CA SER T 111 18.54 16.54 98.59
C SER T 111 18.81 15.50 97.53
N ILE T 112 19.75 14.61 97.82
CA ILE T 112 20.04 13.50 96.92
C ILE T 112 18.77 12.68 96.69
N GLN T 113 18.09 12.34 97.78
CA GLN T 113 16.92 11.49 97.69
C GLN T 113 15.80 12.15 96.90
N ASP T 114 15.70 13.47 97.00
CA ASP T 114 14.77 14.20 96.14
C ASP T 114 15.14 13.98 94.69
N GLY T 115 16.43 14.11 94.38
CA GLY T 115 16.88 13.83 93.04
C GLY T 115 16.58 12.40 92.60
N ILE T 116 16.76 11.44 93.50
CA ILE T 116 16.58 10.05 93.11
C ILE T 116 15.12 9.74 92.92
N SER T 117 14.26 10.21 93.83
CA SER T 117 12.83 9.98 93.69
C SER T 117 12.32 10.64 92.43
N ALA T 118 12.92 11.77 92.08
CA ALA T 118 12.66 12.38 90.78
C ALA T 118 13.05 11.44 89.66
N LEU T 119 14.22 10.81 89.79
CA LEU T 119 14.65 9.85 88.77
C LEU T 119 13.72 8.64 88.72
N THR T 120 13.28 8.17 89.88
CA THR T 120 12.29 7.11 89.92
C THR T 120 11.07 7.50 89.12
N ASP T 121 10.57 8.70 89.37
CA ASP T 121 9.39 9.17 88.66
C ASP T 121 9.65 9.20 87.16
N GLU T 122 10.89 9.45 86.77
CA GLU T 122 11.23 9.40 85.35
C GLU T 122 11.29 7.97 84.83
N ILE T 123 11.84 7.04 85.62
CA ILE T 123 11.88 5.65 85.19
C ILE T 123 10.46 5.12 85.05
N ASP T 124 9.64 5.37 86.06
CA ASP T 124 8.22 5.03 85.99
C ASP T 124 7.58 5.69 84.79
N GLY T 125 8.00 6.93 84.49
CA GLY T 125 7.49 7.59 83.31
C GLY T 125 7.87 6.87 82.04
N ILE T 126 9.11 6.38 81.97
CA ILE T 126 9.53 5.57 80.83
C ILE T 126 8.61 4.36 80.73
N SER T 127 8.55 3.58 81.80
CA SER T 127 7.85 2.31 81.76
C SER T 127 6.35 2.48 81.62
N ASN T 128 5.82 3.68 81.87
CA ASN T 128 4.40 3.97 81.78
C ASN T 128 4.08 4.97 80.68
N ARG T 129 5.03 5.27 79.80
CA ARG T 129 4.79 6.09 78.61
C ARG T 129 5.20 5.33 77.36
N THR T 130 6.12 4.39 77.50
CA THR T 130 6.53 3.61 76.35
C THR T 130 5.39 2.70 75.93
N GLU T 131 4.59 3.19 75.00
CA GLU T 131 3.49 2.45 74.42
C GLU T 131 3.76 2.17 72.95
N PHE T 132 3.24 1.06 72.46
CA PHE T 132 3.10 0.82 71.02
C PHE T 132 1.66 0.49 70.74
N ASN T 133 1.00 1.38 70.02
CA ASN T 133 -0.40 1.19 69.69
C ASN T 133 -1.21 1.03 70.97
N GLY T 134 -0.85 1.86 71.95
CA GLY T 134 -1.46 1.83 73.26
C GLY T 134 -0.89 0.79 74.19
N LYS T 135 -0.31 -0.27 73.64
CA LYS T 135 0.24 -1.34 74.44
C LYS T 135 1.45 -0.82 75.19
N LYS T 136 1.32 -0.69 76.50
CA LYS T 136 2.42 -0.17 77.30
C LYS T 136 3.53 -1.20 77.26
N LEU T 137 4.47 -0.98 76.34
CA LEU T 137 5.49 -1.97 76.02
C LEU T 137 6.43 -2.24 77.18
N LEU T 138 6.55 -1.29 78.11
CA LEU T 138 7.32 -1.48 79.32
C LEU T 138 6.41 -1.57 80.54
N ASP T 139 5.20 -2.07 80.33
CA ASP T 139 4.40 -2.53 81.45
C ASP T 139 5.09 -3.72 82.04
N GLY T 140 5.69 -3.55 83.22
CA GLY T 140 6.40 -4.63 83.85
C GLY T 140 5.52 -5.82 84.18
N THR T 141 4.20 -5.63 84.21
CA THR T 141 3.24 -6.70 84.41
C THR T 141 2.64 -7.20 83.10
N TYR T 142 3.22 -6.81 81.96
CA TYR T 142 2.69 -7.28 80.69
C TYR T 142 2.79 -8.80 80.58
N LYS T 143 4.02 -9.33 80.58
CA LYS T 143 4.27 -10.76 80.47
C LYS T 143 5.15 -11.23 81.61
N VAL T 144 4.69 -11.02 82.83
CA VAL T 144 5.28 -11.77 83.94
C VAL T 144 4.80 -13.21 83.77
N ASP T 145 5.73 -14.11 83.44
CA ASP T 145 5.42 -15.52 83.22
C ASP T 145 4.64 -16.11 84.38
N THR T 146 5.09 -15.83 85.61
CA THR T 146 4.38 -16.12 86.86
C THR T 146 4.36 -17.60 87.23
N ALA T 147 4.75 -18.48 86.30
CA ALA T 147 4.32 -19.87 86.31
C ALA T 147 2.80 -19.98 86.21
N THR T 148 2.17 -19.02 85.52
CA THR T 148 0.73 -19.02 85.29
C THR T 148 0.49 -18.68 83.84
N PRO T 149 0.25 -19.68 82.98
CA PRO T 149 -0.07 -19.39 81.58
C PRO T 149 -1.24 -18.45 81.40
N ALA T 150 -2.23 -18.54 82.29
CA ALA T 150 -3.43 -17.72 82.16
C ALA T 150 -3.12 -16.23 82.20
N ASN T 151 -2.05 -15.84 82.89
CA ASN T 151 -1.68 -14.44 83.07
C ASN T 151 -0.30 -14.22 82.46
N GLN T 152 -0.25 -14.08 81.12
CA GLN T 152 1.01 -13.76 80.45
C GLN T 152 0.94 -12.74 79.33
N LYS T 153 -0.17 -12.62 78.59
CA LYS T 153 -0.21 -11.71 77.42
C LYS T 153 0.98 -11.95 76.49
N ASN T 154 1.26 -13.22 76.18
CA ASN T 154 2.46 -13.59 75.42
C ASN T 154 2.65 -12.71 74.19
N LEU T 155 3.80 -12.04 74.12
CA LEU T 155 4.04 -11.11 73.02
C LEU T 155 4.36 -11.92 71.77
N VAL T 156 3.29 -12.49 71.21
CA VAL T 156 3.39 -13.33 70.03
C VAL T 156 3.65 -12.43 68.82
N PHE T 157 4.46 -12.90 67.88
CA PHE T 157 4.61 -12.32 66.54
C PHE T 157 4.42 -13.42 65.50
N GLN T 158 3.24 -13.48 64.88
CA GLN T 158 2.99 -14.32 63.72
C GLN T 158 3.67 -13.67 62.53
N ILE T 159 4.68 -14.36 62.01
CA ILE T 159 5.41 -13.90 60.84
C ILE T 159 5.22 -14.83 59.66
N GLY T 160 5.43 -16.13 59.85
CA GLY T 160 5.45 -17.03 58.72
C GLY T 160 4.09 -17.10 58.03
N ALA T 161 4.13 -17.16 56.71
CA ALA T 161 2.91 -17.30 55.94
C ALA T 161 2.19 -18.60 56.26
N ASN T 162 2.89 -19.58 56.80
CA ASN T 162 2.31 -20.83 57.23
C ASN T 162 1.88 -20.75 58.68
N ALA T 163 0.92 -21.60 59.02
CA ALA T 163 0.33 -21.57 60.35
C ALA T 163 1.33 -21.95 61.43
N THR T 164 1.13 -21.39 62.63
CA THR T 164 1.90 -21.61 63.85
C THR T 164 3.28 -20.95 63.80
N GLN T 165 3.67 -20.33 62.70
CA GLN T 165 5.00 -19.77 62.57
C GLN T 165 5.09 -18.47 63.36
N GLN T 166 5.15 -18.59 64.68
CA GLN T 166 5.05 -17.46 65.58
C GLN T 166 6.28 -17.33 66.44
N ILE T 167 6.51 -16.11 66.88
CA ILE T 167 7.61 -15.78 67.79
C ILE T 167 7.04 -15.38 69.13
N SER T 168 7.60 -15.94 70.20
CA SER T 168 7.17 -15.68 71.57
C SER T 168 8.19 -14.78 72.26
N VAL T 169 7.75 -13.60 72.70
CA VAL T 169 8.62 -12.60 73.31
C VAL T 169 8.08 -12.26 74.70
N ASN T 170 8.98 -11.79 75.56
CA ASN T 170 8.65 -11.48 76.95
C ASN T 170 9.03 -10.04 77.33
N ILE T 171 8.05 -9.35 77.88
CA ILE T 171 8.20 -8.04 78.52
C ILE T 171 8.05 -8.28 80.02
N GLU T 172 8.99 -7.78 80.84
CA GLU T 172 8.76 -7.76 82.28
C GLU T 172 9.34 -6.55 83.02
N ASP T 173 9.95 -5.59 82.34
CA ASP T 173 10.66 -4.54 83.05
C ASP T 173 9.74 -3.36 83.36
N MET T 174 10.11 -2.60 84.39
CA MET T 174 9.43 -1.39 84.81
C MET T 174 10.25 -0.78 85.95
N GLY T 175 9.83 0.41 86.37
CA GLY T 175 10.53 1.10 87.45
C GLY T 175 10.56 0.31 88.75
N ALA T 176 9.47 -0.38 89.06
CA ALA T 176 9.43 -1.20 90.27
C ALA T 176 10.16 -2.53 90.11
N ASP T 177 10.74 -2.81 88.94
CA ASP T 177 11.40 -4.08 88.67
C ASP T 177 12.91 -3.88 88.75
N ALA T 178 13.50 -4.15 89.93
CA ALA T 178 14.92 -3.86 90.12
C ALA T 178 15.80 -5.06 90.50
N LEU T 179 15.70 -5.56 91.72
CA LEU T 179 16.33 -6.83 92.08
C LEU T 179 15.22 -7.86 92.12
N GLY T 180 15.06 -8.55 91.01
CA GLY T 180 14.07 -9.58 90.91
C GLY T 180 14.57 -10.83 91.61
N ILE T 181 14.59 -10.80 92.95
CA ILE T 181 14.97 -11.99 93.70
C ILE T 181 14.14 -13.17 93.25
N LYS T 182 12.83 -13.00 93.27
CA LYS T 182 11.84 -13.86 92.63
C LYS T 182 10.73 -12.98 92.06
N GLU T 183 10.35 -12.02 92.89
CA GLU T 183 9.44 -10.93 92.65
C GLU T 183 9.99 -9.75 93.45
N ALA T 184 9.19 -8.72 93.64
CA ALA T 184 9.60 -7.65 94.53
C ALA T 184 9.64 -8.17 95.96
N ASP T 185 10.77 -8.01 96.62
CA ASP T 185 10.90 -8.49 97.99
C ASP T 185 10.08 -7.60 98.92
N GLY T 186 10.42 -6.32 98.96
CA GLY T 186 9.75 -5.38 99.84
C GLY T 186 10.44 -4.03 99.79
N SER T 187 10.75 -3.47 100.96
CA SER T 187 11.53 -2.24 101.01
C SER T 187 12.84 -2.40 100.27
N ILE T 188 13.40 -3.60 100.30
CA ILE T 188 14.58 -3.92 99.54
C ILE T 188 14.15 -4.60 98.24
N ALA T 189 15.10 -4.71 97.32
CA ALA T 189 15.06 -5.49 96.09
C ALA T 189 14.17 -4.95 95.00
N ALA T 190 13.16 -4.15 95.33
CA ALA T 190 12.39 -3.39 94.36
C ALA T 190 12.21 -1.95 94.77
N LEU T 191 11.78 -1.73 96.02
CA LEU T 191 11.37 -0.40 96.44
C LEU T 191 12.54 0.51 96.74
N HIS T 192 13.76 0.00 96.78
CA HIS T 192 14.85 0.96 96.72
C HIS T 192 14.87 1.65 95.38
N SER T 193 14.46 0.93 94.33
CA SER T 193 14.32 1.58 93.04
C SER T 193 13.16 2.56 93.05
N VAL T 194 12.10 2.21 93.78
CA VAL T 194 10.92 3.06 93.84
C VAL T 194 11.09 4.09 94.95
N ASN T 195 11.21 3.63 96.19
CA ASN T 195 11.16 4.54 97.33
C ASN T 195 12.52 5.11 97.71
N ASP T 196 13.63 4.49 97.29
CA ASP T 196 14.96 5.03 97.57
C ASP T 196 15.27 5.12 99.07
N LEU T 197 15.56 3.96 99.67
CA LEU T 197 15.80 3.84 101.11
C LEU T 197 16.82 4.82 101.70
N ASP T 198 17.67 5.45 100.89
CA ASP T 198 18.71 6.35 101.42
C ASP T 198 18.09 7.70 101.73
N VAL T 199 17.52 7.82 102.93
CA VAL T 199 16.88 9.05 103.36
C VAL T 199 17.64 9.64 104.55
N THR T 200 17.46 9.02 105.71
CA THR T 200 18.27 9.19 106.90
C THR T 200 18.58 7.87 107.54
N LYS T 201 17.79 6.83 107.25
CA LYS T 201 18.12 5.47 107.64
C LYS T 201 19.54 5.11 107.23
N PHE T 202 20.00 5.66 106.10
CA PHE T 202 21.37 5.40 105.70
C PHE T 202 22.35 5.99 106.70
N ALA T 203 22.12 7.23 107.12
CA ALA T 203 23.04 7.85 108.07
C ALA T 203 23.08 7.08 109.38
N ASP T 204 21.95 6.44 109.74
CA ASP T 204 21.93 5.61 110.93
C ASP T 204 22.85 4.41 110.77
N ASN T 205 22.71 3.67 109.66
CA ASN T 205 23.50 2.46 109.39
C ASN T 205 24.05 2.57 107.96
N ALA T 206 25.18 3.24 107.83
CA ALA T 206 25.79 3.35 106.52
C ALA T 206 26.28 2.01 105.98
N ALA T 207 26.67 1.09 106.86
CA ALA T 207 27.07 -0.26 106.48
C ALA T 207 26.48 -1.36 107.36
N ASP T 208 26.20 -1.01 108.60
CA ASP T 208 26.02 -1.93 109.72
C ASP T 208 25.03 -3.08 109.57
N CYS T 209 24.05 -2.99 108.66
CA CYS T 209 22.96 -3.97 108.64
C CYS T 209 22.59 -4.48 107.25
N ALA T 210 23.27 -4.05 106.21
CA ALA T 210 23.06 -4.44 104.80
C ALA T 210 21.75 -3.96 104.20
N ASP T 211 20.66 -3.98 104.98
CA ASP T 211 19.34 -3.55 104.57
C ASP T 211 19.34 -2.09 104.16
N ILE T 212 19.98 -1.26 104.96
CA ILE T 212 20.40 0.08 104.53
C ILE T 212 21.91 0.23 104.51
N GLY T 213 22.69 -0.77 104.90
CA GLY T 213 24.11 -0.55 105.00
C GLY T 213 24.85 -0.42 103.67
N PHE T 214 24.34 0.37 102.71
CA PHE T 214 24.90 0.68 101.40
C PHE T 214 25.01 -0.50 100.44
N ASP T 215 25.21 -1.68 101.01
CA ASP T 215 25.33 -2.94 100.31
C ASP T 215 24.07 -3.28 99.56
N ALA T 216 22.96 -3.44 100.29
CA ALA T 216 21.73 -3.86 99.65
C ALA T 216 21.30 -2.89 98.58
N GLN T 217 21.44 -1.58 98.86
CA GLN T 217 20.99 -0.57 97.91
C GLN T 217 21.78 -0.68 96.62
N LEU T 218 23.11 -0.73 96.75
CA LEU T 218 23.92 -0.86 95.56
C LEU T 218 23.62 -2.15 94.82
N LYS T 219 23.26 -3.19 95.56
CA LYS T 219 22.88 -4.44 94.92
C LYS T 219 21.56 -4.31 94.18
N VAL T 220 20.61 -3.53 94.72
CA VAL T 220 19.37 -3.30 94.00
C VAL T 220 19.67 -2.61 92.69
N VAL T 221 20.52 -1.59 92.74
CA VAL T 221 20.84 -0.86 91.52
C VAL T 221 21.54 -1.77 90.54
N ASP T 222 22.51 -2.52 91.03
CA ASP T 222 23.30 -3.39 90.15
C ASP T 222 22.40 -4.43 89.50
N GLU T 223 21.50 -5.02 90.26
CA GLU T 223 20.65 -6.03 89.67
C GLU T 223 19.61 -5.40 88.75
N ALA T 224 19.07 -4.24 89.14
CA ALA T 224 18.17 -3.51 88.25
C ALA T 224 18.81 -3.31 86.90
N ILE T 225 20.06 -2.86 86.91
CA ILE T 225 20.81 -2.71 85.68
C ILE T 225 20.94 -4.05 84.98
N ASN T 226 21.26 -5.09 85.73
CA ASN T 226 21.46 -6.40 85.13
C ASN T 226 20.19 -6.91 84.48
N GLN T 227 19.05 -6.57 85.07
CA GLN T 227 17.76 -6.95 84.51
C GLN T 227 17.46 -6.15 83.26
N VAL T 228 17.87 -4.88 83.24
CA VAL T 228 17.77 -4.10 82.01
C VAL T 228 18.67 -4.73 80.95
N SER T 229 19.88 -5.10 81.35
CA SER T 229 20.84 -5.71 80.43
C SER T 229 20.28 -6.96 79.79
N SER T 230 19.69 -7.83 80.61
CA SER T 230 19.15 -9.08 80.10
C SER T 230 17.87 -8.86 79.34
N GLN T 231 17.08 -7.87 79.75
CA GLN T 231 15.87 -7.54 79.00
C GLN T 231 16.23 -7.06 77.61
N ARG T 232 17.22 -6.16 77.54
CA ARG T 232 17.71 -5.69 76.26
C ARG T 232 18.41 -6.81 75.51
N ALA T 233 18.96 -7.78 76.23
CA ALA T 233 19.60 -8.92 75.58
C ALA T 233 18.58 -9.77 74.85
N LYS T 234 17.49 -10.10 75.53
CA LYS T 234 16.40 -10.79 74.87
C LYS T 234 15.88 -9.97 73.71
N LEU T 235 15.67 -8.70 73.97
CA LEU T 235 15.09 -7.78 73.00
C LEU T 235 15.93 -7.75 71.73
N GLY T 236 17.24 -7.63 71.89
CA GLY T 236 18.12 -7.59 70.74
C GLY T 236 18.31 -8.95 70.10
N ALA T 237 18.17 -10.00 70.89
CA ALA T 237 18.16 -11.34 70.31
C ALA T 237 17.04 -11.44 69.30
N VAL T 238 15.84 -11.01 69.69
CA VAL T 238 14.72 -11.03 68.77
C VAL T 238 14.96 -10.08 67.61
N GLN T 239 15.62 -8.95 67.87
CA GLN T 239 15.96 -8.05 66.80
C GLN T 239 16.77 -8.77 65.72
N ASN T 240 17.80 -9.50 66.16
CA ASN T 240 18.60 -10.24 65.21
C ASN T 240 17.77 -11.29 64.50
N ARG T 241 16.87 -11.94 65.24
CA ARG T 241 16.00 -12.92 64.63
C ARG T 241 15.21 -12.32 63.50
N LEU T 242 14.64 -11.15 63.72
CA LEU T 242 13.81 -10.55 62.68
C LEU T 242 14.66 -10.03 61.55
N GLU T 243 15.90 -9.65 61.83
CA GLU T 243 16.82 -9.32 60.74
C GLU T 243 16.97 -10.52 59.81
N HIS T 244 17.35 -11.66 60.37
CA HIS T 244 17.59 -12.84 59.54
C HIS T 244 16.30 -13.37 58.95
N THR T 245 15.21 -13.22 59.70
CA THR T 245 13.89 -13.55 59.16
C THR T 245 13.64 -12.77 57.90
N ILE T 246 13.77 -11.45 57.98
CA ILE T 246 13.47 -10.61 56.81
C ILE T 246 14.38 -10.97 55.66
N ASN T 247 15.65 -11.25 55.95
CA ASN T 247 16.53 -11.64 54.87
C ASN T 247 16.04 -12.92 54.20
N ASN T 248 15.54 -13.86 55.01
CA ASN T 248 14.94 -15.06 54.45
C ASN T 248 13.66 -14.73 53.68
N LEU T 249 12.82 -13.87 54.25
CA LEU T 249 11.55 -13.53 53.62
C LEU T 249 11.79 -12.86 52.28
N SER T 250 12.85 -12.07 52.20
CA SER T 250 13.20 -11.38 50.98
C SER T 250 13.70 -12.35 49.93
N ALA T 251 14.69 -13.17 50.29
CA ALA T 251 15.26 -14.11 49.34
C ALA T 251 14.22 -15.14 48.92
N SER T 252 13.55 -15.73 49.90
CA SER T 252 12.53 -16.75 49.65
C SER T 252 11.39 -16.17 48.86
N GLY T 253 10.98 -14.95 49.22
CA GLY T 253 9.92 -14.29 48.47
C GLY T 253 10.30 -14.10 47.02
N GLU T 254 11.52 -13.64 46.79
CA GLU T 254 12.01 -13.51 45.41
C GLU T 254 11.95 -14.83 44.68
N ASN T 255 12.58 -15.87 45.23
CA ASN T 255 12.59 -17.17 44.59
C ASN T 255 11.18 -17.67 44.33
N LEU T 256 10.25 -17.29 45.20
CA LEU T 256 8.89 -17.76 45.08
C LEU T 256 8.15 -17.03 43.98
N THR T 257 8.33 -15.71 43.87
CA THR T 257 7.73 -14.98 42.76
C THR T 257 8.34 -15.43 41.46
N ALA T 258 9.60 -15.83 41.48
CA ALA T 258 10.21 -16.40 40.30
C ALA T 258 9.57 -17.74 39.97
N ALA T 259 9.29 -18.55 40.99
CA ALA T 259 8.62 -19.83 40.77
C ALA T 259 7.28 -19.64 40.10
N GLU T 260 6.47 -18.73 40.67
CA GLU T 260 5.21 -18.37 40.05
C GLU T 260 5.45 -17.93 38.62
N SER T 261 6.43 -17.05 38.43
CA SER T 261 6.70 -16.51 37.11
C SER T 261 7.00 -17.63 36.13
N ARG T 262 7.65 -18.69 36.60
CA ARG T 262 7.87 -19.85 35.74
C ARG T 262 6.54 -20.51 35.40
N ILE T 263 5.62 -20.58 36.35
CA ILE T 263 4.32 -21.14 36.02
C ILE T 263 3.63 -20.24 34.99
N ARG T 264 3.60 -18.94 35.25
CA ARG T 264 2.98 -17.98 34.35
C ARG T 264 3.94 -17.44 33.30
N ASP T 265 5.10 -18.08 33.12
CA ASP T 265 6.09 -17.63 32.15
C ASP T 265 5.46 -17.49 30.77
N VAL T 266 5.30 -16.27 30.30
CA VAL T 266 4.97 -16.02 28.91
C VAL T 266 6.26 -15.81 28.16
N ASP T 267 6.53 -16.69 27.18
CA ASP T 267 7.55 -16.42 26.19
C ASP T 267 6.89 -15.44 25.23
N MET T 268 6.96 -14.16 25.59
CA MET T 268 6.25 -13.13 24.86
C MET T 268 6.67 -13.11 23.40
N ALA T 269 7.93 -13.42 23.13
CA ALA T 269 8.38 -13.50 21.75
C ALA T 269 7.71 -14.66 21.04
N LYS T 270 7.68 -15.82 21.68
CA LYS T 270 6.97 -16.96 21.12
C LYS T 270 5.53 -16.62 20.83
N GLU T 271 4.88 -15.99 21.80
CA GLU T 271 3.44 -15.82 21.70
C GLU T 271 3.08 -14.75 20.68
N MET T 272 3.92 -13.72 20.53
CA MET T 272 3.73 -12.80 19.42
C MET T 272 3.95 -13.50 18.10
N SER T 273 4.97 -14.36 18.03
CA SER T 273 5.26 -15.09 16.80
C SER T 273 4.10 -16.00 16.43
N GLU T 274 3.65 -16.79 17.39
CA GLU T 274 2.54 -17.71 17.16
C GLU T 274 1.28 -16.94 16.82
N PHE T 275 1.08 -15.80 17.49
CA PHE T 275 -0.02 -14.93 17.15
C PHE T 275 0.01 -14.56 15.69
N THR T 276 1.16 -14.05 15.25
CA THR T 276 1.37 -13.69 13.86
C THR T 276 1.00 -14.83 12.94
N LYS T 277 1.56 -16.00 13.23
CA LYS T 277 1.29 -17.17 12.40
C LYS T 277 -0.20 -17.44 12.32
N ASN T 278 -0.89 -17.43 13.45
CA ASN T 278 -2.30 -17.77 13.42
C ASN T 278 -3.11 -16.73 12.66
N ASN T 279 -2.69 -15.47 12.67
CA ASN T 279 -3.32 -14.49 11.80
C ASN T 279 -3.16 -14.89 10.35
N ILE T 280 -1.91 -15.15 9.96
CA ILE T 280 -1.60 -15.55 8.60
C ILE T 280 -2.48 -16.72 8.19
N LEU T 281 -2.53 -17.72 9.06
CA LEU T 281 -3.22 -18.96 8.75
C LEU T 281 -4.72 -18.74 8.60
N SER T 282 -5.28 -17.91 9.48
CA SER T 282 -6.69 -17.57 9.36
C SER T 282 -6.95 -16.91 8.01
N GLN T 283 -6.15 -15.90 7.68
CA GLN T 283 -6.38 -15.15 6.45
C GLN T 283 -6.25 -16.05 5.23
N ALA T 284 -5.22 -16.89 5.21
CA ALA T 284 -5.02 -17.82 4.11
C ALA T 284 -6.21 -18.73 3.95
N SER T 285 -6.68 -19.30 5.07
CA SER T 285 -7.79 -20.22 5.00
C SER T 285 -9.04 -19.52 4.48
N GLN T 286 -9.25 -18.26 4.86
CA GLN T 286 -10.41 -17.55 4.35
C GLN T 286 -10.30 -17.29 2.86
N ALA T 287 -9.10 -16.95 2.39
CA ALA T 287 -8.89 -16.82 0.96
C ALA T 287 -9.27 -18.10 0.25
N MET T 288 -8.89 -19.23 0.82
CA MET T 288 -9.25 -20.49 0.22
C MET T 288 -10.76 -20.73 0.29
N LEU T 289 -11.43 -20.24 1.33
CA LEU T 289 -12.88 -20.39 1.37
C LEU T 289 -13.54 -19.58 0.27
N ALA T 290 -13.00 -18.39 0.00
CA ALA T 290 -13.46 -17.64 -1.15
C ALA T 290 -13.31 -18.46 -2.41
N GLN T 291 -12.12 -19.06 -2.60
CA GLN T 291 -11.89 -19.87 -3.79
C GLN T 291 -12.85 -21.05 -3.86
N ALA T 292 -13.16 -21.64 -2.71
CA ALA T 292 -14.16 -22.71 -2.66
C ALA T 292 -15.51 -22.22 -3.13
N ASN T 293 -15.78 -20.94 -2.90
CA ASN T 293 -17.02 -20.36 -3.43
C ASN T 293 -16.86 -19.93 -4.88
N GLN T 294 -15.64 -19.76 -5.37
CA GLN T 294 -15.45 -19.33 -6.75
C GLN T 294 -15.57 -20.48 -7.73
N GLN T 295 -14.93 -21.61 -7.41
CA GLN T 295 -14.96 -22.78 -8.29
C GLN T 295 -16.36 -23.17 -8.74
N PRO T 296 -17.35 -23.37 -7.87
CA PRO T 296 -18.67 -23.77 -8.36
C PRO T 296 -19.36 -22.71 -9.22
N GLN T 297 -18.93 -21.45 -9.16
CA GLN T 297 -19.47 -20.45 -10.07
C GLN T 297 -18.93 -20.65 -11.46
N ASN T 298 -17.63 -20.89 -11.55
CA ASN T 298 -17.02 -21.30 -12.81
C ASN T 298 -17.76 -22.49 -13.36
N VAL T 299 -18.06 -23.46 -12.50
CA VAL T 299 -18.84 -24.62 -12.90
C VAL T 299 -20.19 -24.19 -13.45
N LEU T 300 -20.85 -23.27 -12.75
CA LEU T 300 -22.18 -22.84 -13.17
C LEU T 300 -22.15 -22.33 -14.60
N GLN T 301 -21.23 -21.41 -14.88
CA GLN T 301 -21.14 -20.89 -16.24
C GLN T 301 -20.81 -22.00 -17.23
N LEU T 302 -19.79 -22.79 -16.90
CA LEU T 302 -19.25 -23.76 -17.84
C LEU T 302 -20.27 -24.83 -18.17
N LEU T 303 -21.16 -25.16 -17.23
CA LEU T 303 -22.22 -26.14 -17.43
C LEU T 303 -23.57 -25.49 -17.58
N ARG T 304 -23.61 -24.27 -18.10
CA ARG T 304 -24.87 -23.64 -18.42
C ARG T 304 -25.24 -23.93 -19.86
N ILE U 3 -57.89 -35.53 -106.89
CA ILE U 3 -56.41 -35.80 -106.73
C ILE U 3 -56.05 -36.18 -105.30
N ASN U 4 -56.95 -36.91 -104.65
CA ASN U 4 -56.82 -37.20 -103.23
C ASN U 4 -55.47 -37.80 -102.89
N HIS U 5 -55.00 -38.74 -103.70
CA HIS U 5 -53.75 -39.43 -103.43
C HIS U 5 -52.51 -38.56 -103.60
N ASN U 6 -52.67 -37.33 -104.08
CA ASN U 6 -51.53 -36.45 -104.29
C ASN U 6 -51.42 -35.34 -103.24
N ILE U 7 -52.40 -35.20 -102.36
CA ILE U 7 -52.44 -34.11 -101.39
C ILE U 7 -52.02 -34.65 -100.05
N ALA U 8 -50.99 -34.03 -99.49
CA ALA U 8 -50.58 -34.31 -98.13
C ALA U 8 -50.15 -33.05 -97.40
N ALA U 9 -50.36 -31.87 -98.00
CA ALA U 9 -49.84 -30.62 -97.47
C ALA U 9 -48.35 -30.74 -97.25
N LEU U 10 -47.65 -31.18 -98.29
CA LEU U 10 -46.25 -31.52 -98.14
C LEU U 10 -45.41 -30.32 -97.71
N ASN U 11 -45.87 -29.10 -98.00
CA ASN U 11 -45.18 -27.95 -97.44
C ASN U 11 -45.32 -27.93 -95.93
N THR U 12 -46.49 -28.34 -95.43
CA THR U 12 -46.64 -28.49 -93.99
C THR U 12 -45.67 -29.53 -93.47
N LEU U 13 -45.49 -30.62 -94.23
CA LEU U 13 -44.59 -31.68 -93.80
C LEU U 13 -43.16 -31.17 -93.74
N ASN U 14 -42.79 -30.36 -94.72
CA ASN U 14 -41.46 -29.76 -94.73
C ASN U 14 -41.29 -28.83 -93.53
N ARG U 15 -42.33 -28.05 -93.22
CA ARG U 15 -42.28 -27.23 -92.02
C ARG U 15 -42.15 -28.10 -90.80
N LEU U 16 -42.73 -29.29 -90.85
CA LEU U 16 -42.68 -30.16 -89.70
C LEU U 16 -41.25 -30.60 -89.43
N SER U 17 -40.60 -31.12 -90.46
CA SER U 17 -39.21 -31.51 -90.33
C SER U 17 -38.37 -30.36 -89.81
N SER U 18 -38.58 -29.17 -90.40
CA SER U 18 -37.85 -27.98 -89.98
C SER U 18 -38.07 -27.70 -88.50
N ASN U 19 -39.33 -27.72 -88.07
CA ASN U 19 -39.65 -27.36 -86.69
C ASN U 19 -39.09 -28.36 -85.72
N ASN U 20 -39.13 -29.65 -86.06
CA ASN U 20 -38.60 -30.67 -85.17
C ASN U 20 -37.10 -30.47 -85.00
N SER U 21 -36.40 -30.23 -86.09
CA SER U 21 -34.97 -29.97 -85.96
C SER U 21 -34.73 -28.69 -85.18
N ALA U 22 -35.59 -27.69 -85.37
CA ALA U 22 -35.42 -26.41 -84.68
C ALA U 22 -35.50 -26.59 -83.18
N SER U 23 -36.60 -27.17 -82.70
CA SER U 23 -36.76 -27.40 -81.27
C SER U 23 -35.65 -28.29 -80.74
N GLN U 24 -35.23 -29.27 -81.54
CA GLN U 24 -34.10 -30.12 -81.16
C GLN U 24 -32.86 -29.28 -80.88
N LYS U 25 -32.54 -28.37 -81.80
CA LYS U 25 -31.36 -27.54 -81.64
C LYS U 25 -31.47 -26.70 -80.39
N ASN U 26 -32.66 -26.13 -80.17
CA ASN U 26 -32.89 -25.36 -78.96
C ASN U 26 -32.54 -26.18 -77.72
N MET U 27 -33.07 -27.40 -77.63
CA MET U 27 -32.75 -28.26 -76.48
C MET U 27 -31.27 -28.45 -76.33
N GLU U 28 -30.63 -28.88 -77.41
CA GLU U 28 -29.22 -29.23 -77.39
C GLU U 28 -28.40 -28.10 -76.83
N LYS U 29 -28.73 -26.88 -77.24
CA LYS U 29 -28.04 -25.74 -76.68
C LYS U 29 -28.43 -25.52 -75.23
N LEU U 30 -29.72 -25.66 -74.92
CA LEU U 30 -30.20 -25.48 -73.56
C LEU U 30 -29.59 -26.52 -72.63
N SER U 31 -29.64 -27.78 -73.03
CA SER U 31 -29.12 -28.86 -72.21
C SER U 31 -27.63 -28.69 -71.98
N SER U 32 -26.89 -28.42 -73.03
CA SER U 32 -25.46 -28.29 -72.93
C SER U 32 -25.05 -26.93 -72.38
N GLY U 33 -25.95 -25.95 -72.42
CA GLY U 33 -25.57 -24.62 -72.03
C GLY U 33 -24.63 -23.98 -73.01
N LEU U 34 -24.73 -24.37 -74.28
CA LEU U 34 -23.79 -23.97 -75.32
C LEU U 34 -24.58 -23.28 -76.42
N ARG U 35 -24.30 -21.99 -76.63
CA ARG U 35 -24.78 -21.38 -77.85
C ARG U 35 -23.91 -21.81 -79.02
N ILE U 36 -22.65 -22.13 -78.73
CA ILE U 36 -21.78 -22.65 -79.76
C ILE U 36 -22.36 -23.93 -80.34
N ASN U 37 -21.99 -24.22 -81.57
CA ASN U 37 -22.39 -25.46 -82.21
C ASN U 37 -21.35 -26.52 -81.96
N ARG U 38 -21.80 -27.77 -81.97
CA ARG U 38 -20.85 -28.87 -82.14
C ARG U 38 -20.29 -28.84 -83.55
N ALA U 39 -21.14 -28.56 -84.53
CA ALA U 39 -20.74 -28.45 -85.92
C ALA U 39 -19.92 -27.19 -86.13
N GLY U 40 -19.15 -27.20 -87.23
CA GLY U 40 -18.29 -26.11 -87.60
C GLY U 40 -19.01 -24.84 -88.02
N ASP U 41 -20.34 -24.81 -87.96
CA ASP U 41 -21.07 -23.59 -88.22
C ASP U 41 -20.61 -22.50 -87.25
N ASP U 42 -20.02 -21.45 -87.82
CA ASP U 42 -19.25 -20.45 -87.08
C ASP U 42 -17.99 -21.06 -86.47
N ALA U 43 -17.24 -21.79 -87.30
CA ALA U 43 -15.95 -22.32 -86.87
C ALA U 43 -14.99 -21.20 -86.49
N ALA U 44 -15.22 -19.98 -86.98
CA ALA U 44 -14.44 -18.84 -86.49
C ALA U 44 -14.61 -18.70 -84.99
N GLY U 45 -15.84 -18.41 -84.54
CA GLY U 45 -16.08 -18.25 -83.12
C GLY U 45 -15.70 -19.48 -82.32
N LEU U 46 -15.93 -20.66 -82.89
CA LEU U 46 -15.55 -21.88 -82.20
C LEU U 46 -14.05 -21.90 -81.98
N ALA U 47 -13.27 -21.85 -83.06
CA ALA U 47 -11.82 -21.91 -82.97
C ALA U 47 -11.28 -20.83 -82.05
N ILE U 48 -11.94 -19.69 -82.02
CA ILE U 48 -11.57 -18.68 -81.03
C ILE U 48 -11.74 -19.24 -79.64
N SER U 49 -12.95 -19.69 -79.30
CA SER U 49 -13.21 -20.13 -77.94
C SER U 49 -12.34 -21.32 -77.57
N GLU U 50 -11.98 -22.13 -78.56
CA GLU U 50 -11.00 -23.17 -78.37
C GLU U 50 -9.69 -22.59 -77.90
N LYS U 51 -9.21 -21.58 -78.62
CA LYS U 51 -7.97 -20.93 -78.26
C LYS U 51 -8.10 -20.24 -76.90
N MET U 52 -9.26 -19.64 -76.65
CA MET U 52 -9.54 -19.03 -75.36
C MET U 52 -9.33 -20.04 -74.26
N ARG U 53 -10.05 -21.16 -74.33
CA ARG U 53 -9.98 -22.18 -73.30
C ARG U 53 -8.57 -22.72 -73.15
N GLY U 54 -7.85 -22.85 -74.26
CA GLY U 54 -6.45 -23.21 -74.16
C GLY U 54 -5.70 -22.23 -73.28
N GLN U 55 -5.93 -20.94 -73.50
CA GLN U 55 -5.27 -19.95 -72.66
C GLN U 55 -5.83 -19.93 -71.25
N ILE U 56 -7.16 -20.05 -71.09
CA ILE U 56 -7.78 -20.07 -69.76
C ILE U 56 -7.13 -21.15 -68.91
N ARG U 57 -7.20 -22.37 -69.39
CA ARG U 57 -6.64 -23.50 -68.70
C ARG U 57 -5.15 -23.28 -68.44
N GLY U 58 -4.47 -22.70 -69.42
CA GLY U 58 -3.07 -22.36 -69.22
C GLY U 58 -2.87 -21.30 -68.13
N LEU U 59 -3.86 -20.45 -67.92
CA LEU U 59 -3.78 -19.45 -66.87
C LEU U 59 -4.08 -20.05 -65.52
N GLU U 60 -4.95 -21.05 -65.49
CA GLU U 60 -5.19 -21.78 -64.25
C GLU U 60 -3.93 -22.49 -63.81
N MET U 61 -3.30 -23.21 -64.73
CA MET U 61 -2.02 -23.85 -64.42
C MET U 61 -0.92 -22.82 -64.23
N ALA U 62 -1.08 -21.62 -64.80
CA ALA U 62 -0.13 -20.54 -64.57
C ALA U 62 -0.20 -20.08 -63.14
N SER U 63 -1.43 -19.85 -62.66
CA SER U 63 -1.62 -19.47 -61.27
C SER U 63 -1.06 -20.54 -60.36
N LYS U 64 -1.36 -21.80 -60.67
CA LYS U 64 -0.78 -22.91 -59.95
C LYS U 64 0.74 -22.81 -59.90
N ASN U 65 1.37 -22.67 -61.06
CA ASN U 65 2.84 -22.64 -61.12
C ASN U 65 3.40 -21.47 -60.35
N SER U 66 2.71 -20.32 -60.40
CA SER U 66 3.22 -19.14 -59.73
C SER U 66 3.09 -19.26 -58.22
N GLN U 67 1.96 -19.81 -57.76
CA GLN U 67 1.81 -20.10 -56.34
C GLN U 67 2.88 -21.05 -55.87
N ASP U 68 3.19 -22.03 -56.70
CA ASP U 68 4.27 -22.97 -56.39
C ASP U 68 5.59 -22.22 -56.31
N GLY U 69 5.81 -21.30 -57.25
CA GLY U 69 6.94 -20.38 -57.15
C GLY U 69 6.99 -19.73 -55.79
N ILE U 70 5.87 -19.20 -55.34
CA ILE U 70 5.81 -18.53 -54.05
C ILE U 70 6.18 -19.48 -52.94
N SER U 71 5.71 -20.71 -53.02
CA SER U 71 6.02 -21.67 -51.97
C SER U 71 7.52 -21.89 -51.87
N LEU U 72 8.16 -22.06 -53.03
CA LEU U 72 9.61 -22.15 -53.06
C LEU U 72 10.25 -20.92 -52.42
N ILE U 73 9.78 -19.75 -52.85
CA ILE U 73 10.34 -18.49 -52.38
C ILE U 73 10.29 -18.44 -50.87
N GLN U 74 9.10 -18.57 -50.31
CA GLN U 74 8.91 -18.40 -48.87
C GLN U 74 9.66 -19.45 -48.08
N THR U 75 9.82 -20.65 -48.66
CA THR U 75 10.68 -21.64 -48.03
C THR U 75 12.08 -21.08 -47.86
N ALA U 76 12.71 -20.73 -48.99
CA ALA U 76 14.07 -20.22 -48.94
C ALA U 76 14.15 -18.94 -48.11
N GLU U 77 13.11 -18.12 -48.21
CA GLU U 77 13.02 -16.87 -47.48
C GLU U 77 13.14 -17.09 -45.99
N GLY U 78 12.26 -17.93 -45.44
CA GLY U 78 12.29 -18.18 -44.02
C GLY U 78 13.61 -18.78 -43.59
N ALA U 79 14.15 -19.66 -44.45
CA ALA U 79 15.44 -20.25 -44.15
C ALA U 79 16.53 -19.19 -44.06
N LEU U 80 16.53 -18.23 -44.99
CA LEU U 80 17.52 -17.17 -44.98
C LEU U 80 17.30 -16.21 -43.84
N THR U 81 16.05 -16.03 -43.42
CA THR U 81 15.78 -15.24 -42.23
C THR U 81 16.42 -15.88 -41.02
N GLU U 82 16.29 -17.19 -40.88
CA GLU U 82 16.93 -17.87 -39.76
C GLU U 82 18.44 -17.78 -39.87
N THR U 83 18.97 -17.99 -41.08
CA THR U 83 20.40 -17.83 -41.31
C THR U 83 20.85 -16.48 -40.82
N HIS U 84 20.11 -15.47 -41.21
CA HIS U 84 20.43 -14.11 -40.82
C HIS U 84 20.45 -13.95 -39.32
N ALA U 85 19.44 -14.48 -38.65
CA ALA U 85 19.38 -14.41 -37.20
C ALA U 85 20.62 -15.03 -36.58
N ILE U 86 21.05 -16.17 -37.13
CA ILE U 86 22.29 -16.76 -36.70
C ILE U 86 23.41 -15.77 -36.87
N LEU U 87 23.50 -15.16 -38.04
CA LEU U 87 24.61 -14.24 -38.32
C LEU U 87 24.61 -13.06 -37.36
N GLN U 88 23.44 -12.65 -36.88
CA GLN U 88 23.40 -11.67 -35.80
C GLN U 88 24.10 -12.23 -34.58
N ARG U 89 23.77 -13.48 -34.22
CA ARG U 89 24.45 -14.08 -33.08
C ARG U 89 25.94 -14.18 -33.35
N VAL U 90 26.31 -14.49 -34.58
CA VAL U 90 27.72 -14.60 -34.92
C VAL U 90 28.40 -13.29 -34.61
N ARG U 91 27.85 -12.18 -35.09
CA ARG U 91 28.52 -10.90 -34.86
C ARG U 91 28.59 -10.58 -33.37
N GLU U 92 27.57 -10.98 -32.61
CA GLU U 92 27.70 -10.87 -31.15
C GLU U 92 28.95 -11.60 -30.70
N LEU U 93 29.15 -12.78 -31.25
CA LEU U 93 30.31 -13.57 -30.88
C LEU U 93 31.59 -13.05 -31.52
N VAL U 94 31.47 -12.21 -32.55
CA VAL U 94 32.66 -11.56 -33.10
C VAL U 94 33.10 -10.46 -32.16
N VAL U 95 32.15 -9.66 -31.70
CA VAL U 95 32.49 -8.57 -30.81
C VAL U 95 33.01 -9.11 -29.48
N GLN U 96 32.43 -10.20 -29.00
CA GLN U 96 33.05 -10.89 -27.89
C GLN U 96 34.40 -11.46 -28.30
N ALA U 97 34.48 -11.93 -29.55
CA ALA U 97 35.73 -12.45 -30.11
C ALA U 97 36.64 -11.35 -30.60
N GLY U 98 36.36 -10.12 -30.16
CA GLY U 98 37.42 -9.20 -29.89
C GLY U 98 38.20 -9.54 -28.65
N ASN U 99 37.95 -10.71 -28.02
CA ASN U 99 38.74 -11.24 -26.92
C ASN U 99 38.46 -10.41 -25.66
N THR U 100 37.40 -9.61 -25.71
CA THR U 100 37.26 -8.46 -24.85
C THR U 100 38.62 -7.75 -24.78
N GLY U 101 39.15 -7.49 -25.98
CA GLY U 101 40.47 -6.95 -26.04
C GLY U 101 41.55 -7.99 -25.91
N THR U 102 42.07 -8.15 -24.69
CA THR U 102 42.92 -9.27 -24.33
C THR U 102 42.38 -10.04 -23.14
N GLN U 103 41.25 -9.61 -22.57
CA GLN U 103 40.83 -10.13 -21.28
C GLN U 103 40.43 -11.59 -21.36
N ASP U 104 39.78 -12.00 -22.44
CA ASP U 104 39.48 -13.40 -22.59
C ASP U 104 40.80 -14.13 -22.84
N LYS U 105 40.85 -15.39 -22.42
CA LYS U 105 42.03 -16.22 -22.65
C LYS U 105 41.81 -17.12 -23.85
N ALA U 106 42.83 -17.91 -24.17
CA ALA U 106 42.75 -18.77 -25.34
C ALA U 106 41.62 -19.78 -25.21
N THR U 107 41.42 -20.32 -24.00
CA THR U 107 40.31 -21.24 -23.77
C THR U 107 38.97 -20.54 -23.96
N ASP U 108 38.88 -19.29 -23.52
CA ASP U 108 37.64 -18.56 -23.71
C ASP U 108 37.34 -18.39 -25.19
N LEU U 109 38.35 -18.02 -25.97
CA LEU U 109 38.18 -17.93 -27.42
C LEU U 109 37.83 -19.28 -28.02
N GLN U 110 38.31 -20.37 -27.41
CA GLN U 110 37.96 -21.70 -27.91
C GLN U 110 36.53 -22.05 -27.55
N SER U 111 36.07 -21.63 -26.38
CA SER U 111 34.68 -21.83 -26.02
C SER U 111 33.78 -21.10 -27.00
N ILE U 112 34.12 -19.84 -27.26
CA ILE U 112 33.40 -19.07 -28.27
C ILE U 112 33.44 -19.79 -29.61
N GLN U 113 34.63 -20.21 -30.00
CA GLN U 113 34.82 -20.82 -31.31
C GLN U 113 34.04 -22.13 -31.42
N ASP U 114 33.94 -22.86 -30.32
CA ASP U 114 33.07 -24.02 -30.30
C ASP U 114 31.65 -23.61 -30.59
N GLY U 115 31.19 -22.56 -29.94
CA GLY U 115 29.86 -22.05 -30.23
C GLY U 115 29.70 -21.62 -31.68
N ILE U 116 30.73 -20.99 -32.25
CA ILE U 116 30.60 -20.48 -33.60
C ILE U 116 30.63 -21.61 -34.60
N SER U 117 31.52 -22.58 -34.41
CA SER U 117 31.57 -23.71 -35.32
C SER U 117 30.28 -24.51 -35.24
N ALA U 118 29.69 -24.54 -34.05
CA ALA U 118 28.34 -25.06 -33.90
C ALA U 118 27.36 -24.28 -34.76
N LEU U 119 27.47 -22.96 -34.73
CA LEU U 119 26.59 -22.13 -35.55
C LEU U 119 26.83 -22.35 -37.02
N THR U 120 28.10 -22.50 -37.42
CA THR U 120 28.42 -22.86 -38.79
C THR U 120 27.69 -24.12 -39.18
N ASP U 121 27.78 -25.15 -38.34
CA ASP U 121 27.13 -26.41 -38.62
C ASP U 121 25.64 -26.22 -38.77
N GLU U 122 25.08 -25.25 -38.05
CA GLU U 122 23.67 -24.94 -38.22
C GLU U 122 23.39 -24.21 -39.52
N ILE U 123 24.26 -23.28 -39.90
CA ILE U 123 24.07 -22.57 -41.16
C ILE U 123 24.16 -23.56 -42.31
N ASP U 124 25.21 -24.39 -42.29
CA ASP U 124 25.34 -25.46 -43.27
C ASP U 124 24.12 -26.36 -43.22
N GLY U 125 23.58 -26.59 -42.03
CA GLY U 125 22.35 -27.37 -41.93
C GLY U 125 21.19 -26.70 -42.63
N ILE U 126 21.08 -25.38 -42.47
CA ILE U 126 20.06 -24.64 -43.20
C ILE U 126 20.26 -24.86 -44.69
N SER U 127 21.44 -24.53 -45.17
CA SER U 127 21.68 -24.53 -46.61
C SER U 127 21.67 -25.93 -47.20
N ASN U 128 21.78 -26.97 -46.36
CA ASN U 128 21.79 -28.35 -46.80
C ASN U 128 20.58 -29.13 -46.31
N ARG U 129 19.57 -28.45 -45.78
CA ARG U 129 18.29 -29.07 -45.42
C ARG U 129 17.15 -28.36 -46.12
N THR U 130 17.35 -27.09 -46.47
CA THR U 130 16.30 -26.37 -47.18
C THR U 130 16.17 -26.94 -48.58
N GLU U 131 15.25 -27.89 -48.72
CA GLU U 131 14.92 -28.51 -49.99
C GLU U 131 13.50 -28.14 -50.39
N PHE U 132 13.27 -28.07 -51.69
CA PHE U 132 11.91 -28.10 -52.24
C PHE U 132 11.84 -29.20 -53.26
N ASN U 133 11.06 -30.22 -52.95
CA ASN U 133 10.91 -31.36 -53.84
C ASN U 133 12.28 -31.97 -54.10
N GLY U 134 13.06 -32.05 -53.02
CA GLY U 134 14.40 -32.55 -53.07
C GLY U 134 15.43 -31.53 -53.52
N LYS U 135 15.01 -30.52 -54.27
CA LYS U 135 15.92 -29.52 -54.77
C LYS U 135 16.45 -28.70 -53.61
N LYS U 136 17.72 -28.86 -53.30
CA LYS U 136 18.30 -28.14 -52.18
C LYS U 136 18.32 -26.67 -52.55
N LEU U 137 17.28 -25.97 -52.10
CA LEU U 137 17.03 -24.60 -52.53
C LEU U 137 18.12 -23.63 -52.10
N LEU U 138 18.85 -23.97 -51.04
CA LEU U 138 19.98 -23.19 -50.60
C LEU U 138 21.29 -23.93 -50.87
N ASP U 139 21.30 -24.75 -51.91
CA ASP U 139 22.55 -25.24 -52.45
C ASP U 139 23.27 -24.03 -53.05
N GLY U 140 24.32 -23.59 -52.37
CA GLY U 140 25.05 -22.43 -52.85
C GLY U 140 25.66 -22.62 -54.22
N THR U 141 25.80 -23.88 -54.67
CA THR U 141 26.27 -24.19 -56.00
C THR U 141 25.14 -24.49 -56.97
N TYR U 142 23.90 -24.19 -56.59
CA TYR U 142 22.77 -24.44 -57.50
C TYR U 142 22.93 -23.62 -58.77
N LYS U 143 22.88 -22.30 -58.65
CA LYS U 143 22.99 -21.39 -59.79
C LYS U 143 24.09 -20.37 -59.54
N VAL U 144 25.30 -20.86 -59.35
CA VAL U 144 26.45 -19.97 -59.50
C VAL U 144 26.58 -19.70 -61.00
N ASP U 145 26.30 -18.45 -61.40
CA ASP U 145 26.36 -18.05 -62.80
C ASP U 145 27.68 -18.44 -63.45
N THR U 146 28.79 -18.16 -62.75
CA THR U 146 30.14 -18.63 -63.09
C THR U 146 30.75 -17.93 -64.30
N ALA U 147 29.95 -17.17 -65.05
CA ALA U 147 30.24 -16.88 -66.45
C ALA U 147 30.31 -18.16 -67.27
N THR U 148 29.54 -19.18 -66.88
CA THR U 148 29.47 -20.45 -67.61
C THR U 148 28.01 -20.83 -67.71
N PRO U 149 27.36 -20.57 -68.86
CA PRO U 149 25.97 -21.01 -69.03
C PRO U 149 25.77 -22.50 -68.81
N ALA U 150 26.76 -23.31 -69.17
CA ALA U 150 26.62 -24.76 -69.06
C ALA U 150 26.39 -25.19 -67.62
N ASN U 151 26.88 -24.44 -66.66
CA ASN U 151 26.77 -24.78 -65.25
C ASN U 151 26.00 -23.70 -64.52
N GLN U 152 24.65 -23.74 -64.64
CA GLN U 152 23.81 -22.78 -63.91
C GLN U 152 22.55 -23.36 -63.29
N LYS U 153 21.92 -24.40 -63.85
CA LYS U 153 20.64 -24.89 -63.32
C LYS U 153 19.63 -23.75 -63.14
N ASN U 154 19.50 -22.88 -64.16
CA ASN U 154 18.71 -21.66 -64.07
C ASN U 154 17.33 -21.93 -63.47
N LEU U 155 17.02 -21.25 -62.36
CA LEU U 155 15.77 -21.50 -61.66
C LEU U 155 14.64 -20.84 -62.46
N VAL U 156 14.31 -21.50 -63.57
CA VAL U 156 13.27 -21.03 -64.47
C VAL U 156 11.92 -21.26 -63.82
N PHE U 157 10.98 -20.32 -64.03
CA PHE U 157 9.55 -20.49 -63.72
C PHE U 157 8.74 -20.14 -64.96
N GLN U 158 8.27 -21.15 -65.69
CA GLN U 158 7.30 -20.98 -66.76
C GLN U 158 5.95 -20.71 -66.11
N ILE U 159 5.45 -19.49 -66.33
CA ILE U 159 4.15 -19.09 -65.83
C ILE U 159 3.17 -18.83 -66.95
N GLY U 160 3.55 -18.02 -67.93
CA GLY U 160 2.59 -17.58 -68.92
C GLY U 160 2.08 -18.74 -69.76
N ALA U 161 0.78 -18.69 -70.05
CA ALA U 161 0.17 -19.70 -70.89
C ALA U 161 0.79 -19.71 -72.28
N ASN U 162 1.40 -18.61 -72.69
CA ASN U 162 2.09 -18.50 -73.96
C ASN U 162 3.55 -18.91 -73.81
N ALA U 163 4.14 -19.35 -74.92
CA ALA U 163 5.49 -19.86 -74.91
C ALA U 163 6.51 -18.78 -74.54
N THR U 164 7.61 -19.21 -73.93
CA THR U 164 8.75 -18.42 -73.51
C THR U 164 8.46 -17.53 -72.31
N GLN U 165 7.23 -17.50 -71.81
CA GLN U 165 6.87 -16.61 -70.72
C GLN U 165 7.42 -17.15 -69.42
N GLN U 166 8.73 -17.02 -69.23
CA GLN U 166 9.42 -17.64 -68.12
C GLN U 166 10.13 -16.61 -67.27
N ILE U 167 10.33 -16.99 -66.02
CA ILE U 167 11.04 -16.18 -65.05
C ILE U 167 12.36 -16.86 -64.69
N SER U 168 13.44 -16.08 -64.70
CA SER U 168 14.79 -16.58 -64.41
C SER U 168 15.20 -16.11 -63.02
N VAL U 169 15.48 -17.06 -62.13
CA VAL U 169 15.83 -16.77 -60.74
C VAL U 169 17.18 -17.39 -60.43
N ASN U 170 17.86 -16.81 -59.42
CA ASN U 170 19.19 -17.24 -59.04
C ASN U 170 19.29 -17.59 -57.56
N ILE U 171 19.82 -18.78 -57.31
CA ILE U 171 20.21 -19.27 -55.98
C ILE U 171 21.73 -19.28 -55.96
N GLU U 172 22.35 -18.67 -54.93
CA GLU U 172 23.79 -18.88 -54.73
C GLU U 172 24.24 -18.94 -53.28
N ASP U 173 23.36 -18.88 -52.30
CA ASP U 173 23.81 -18.76 -50.92
C ASP U 173 24.00 -20.12 -50.27
N MET U 174 24.85 -20.15 -49.24
CA MET U 174 25.14 -21.33 -48.44
C MET U 174 26.06 -20.90 -47.32
N GLY U 175 26.32 -21.82 -46.40
CA GLY U 175 27.19 -21.53 -45.27
C GLY U 175 28.58 -21.11 -45.67
N ALA U 176 29.12 -21.73 -46.72
CA ALA U 176 30.45 -21.35 -47.20
C ALA U 176 30.45 -20.08 -48.04
N ASP U 177 29.29 -19.45 -48.24
CA ASP U 177 29.15 -18.27 -49.07
C ASP U 177 29.04 -17.03 -48.18
N ALA U 178 30.18 -16.37 -47.90
CA ALA U 178 30.17 -15.26 -46.94
C ALA U 178 30.65 -13.91 -47.48
N LEU U 179 31.95 -13.75 -47.72
CA LEU U 179 32.44 -12.58 -48.45
C LEU U 179 32.77 -13.05 -49.85
N GLY U 180 31.81 -12.87 -50.74
CA GLY U 180 32.00 -13.25 -52.11
C GLY U 180 32.84 -12.19 -52.80
N ILE U 181 34.15 -12.18 -52.50
CA ILE U 181 35.04 -11.26 -53.20
C ILE U 181 34.88 -11.43 -54.70
N LYS U 182 35.01 -12.66 -55.16
CA LYS U 182 34.63 -13.11 -56.50
C LYS U 182 34.04 -14.51 -56.38
N GLU U 183 34.74 -15.31 -55.57
CA GLU U 183 34.42 -16.63 -55.10
C GLU U 183 34.94 -16.70 -53.67
N ALA U 184 35.03 -17.90 -53.12
CA ALA U 184 35.69 -18.05 -51.83
C ALA U 184 37.17 -17.75 -51.98
N ASP U 185 37.67 -16.81 -51.18
CA ASP U 185 39.08 -16.48 -51.26
C ASP U 185 39.93 -17.61 -50.70
N GLY U 186 39.72 -17.92 -49.43
CA GLY U 186 40.49 -18.95 -48.76
C GLY U 186 40.14 -19.00 -47.30
N SER U 187 41.17 -18.97 -46.43
CA SER U 187 40.94 -18.90 -45.00
C SER U 187 40.10 -17.67 -44.65
N ILE U 188 40.26 -16.60 -45.42
CA ILE U 188 39.46 -15.43 -45.30
C ILE U 188 38.34 -15.49 -46.33
N ALA U 189 37.35 -14.62 -46.16
CA ALA U 189 36.29 -14.28 -47.10
C ALA U 189 35.21 -15.35 -47.26
N ALA U 190 35.52 -16.61 -46.99
CA ALA U 190 34.52 -17.66 -46.90
C ALA U 190 34.70 -18.51 -45.66
N LEU U 191 35.92 -18.97 -45.42
CA LEU U 191 36.16 -19.96 -44.39
C LEU U 191 36.19 -19.38 -43.00
N HIS U 192 36.18 -18.07 -42.85
CA HIS U 192 35.85 -17.58 -41.52
C HIS U 192 34.41 -17.90 -41.19
N SER U 193 33.54 -17.93 -42.21
CA SER U 193 32.18 -18.38 -41.96
C SER U 193 32.16 -19.87 -41.68
N VAL U 194 33.05 -20.63 -42.33
CA VAL U 194 33.08 -22.06 -42.13
C VAL U 194 33.97 -22.40 -40.95
N ASN U 195 35.25 -22.05 -41.04
CA ASN U 195 36.23 -22.52 -40.06
C ASN U 195 36.36 -21.60 -38.86
N ASP U 196 35.94 -20.34 -38.95
CA ASP U 196 35.99 -19.44 -37.81
C ASP U 196 37.41 -19.18 -37.30
N LEU U 197 38.17 -18.37 -38.03
CA LEU U 197 39.56 -18.08 -37.74
C LEU U 197 39.88 -17.64 -36.30
N ASP U 198 38.89 -17.21 -35.51
CA ASP U 198 39.14 -16.73 -34.15
C ASP U 198 39.28 -17.93 -33.21
N VAL U 199 40.50 -18.46 -33.15
CA VAL U 199 40.79 -19.61 -32.30
C VAL U 199 41.77 -19.22 -31.20
N THR U 200 43.04 -19.08 -31.60
CA THR U 200 44.08 -18.43 -30.83
C THR U 200 44.91 -17.52 -31.69
N LYS U 201 44.88 -17.71 -33.02
CA LYS U 201 45.46 -16.75 -33.95
C LYS U 201 44.96 -15.35 -33.67
N PHE U 202 43.71 -15.22 -33.22
CA PHE U 202 43.22 -13.89 -32.86
C PHE U 202 43.99 -13.31 -31.70
N ALA U 203 44.23 -14.11 -30.66
CA ALA U 203 44.96 -13.59 -29.51
C ALA U 203 46.37 -13.17 -29.90
N ASP U 204 46.94 -13.83 -30.90
CA ASP U 204 48.25 -13.46 -31.40
C ASP U 204 48.21 -12.07 -32.03
N ASN U 205 47.25 -11.84 -32.95
CA ASN U 205 47.10 -10.57 -33.65
C ASN U 205 45.64 -10.16 -33.60
N ALA U 206 45.27 -9.49 -32.51
CA ALA U 206 43.90 -9.03 -32.38
C ALA U 206 43.55 -7.96 -33.41
N ALA U 207 44.53 -7.17 -33.86
CA ALA U 207 44.33 -6.17 -34.90
C ALA U 207 45.43 -6.14 -35.95
N ASP U 208 46.63 -6.54 -35.54
CA ASP U 208 47.90 -6.24 -36.19
C ASP U 208 48.05 -6.57 -37.67
N CYS U 209 47.25 -7.48 -38.24
CA CYS U 209 47.50 -7.95 -39.60
C CYS U 209 46.27 -8.05 -40.48
N ALA U 210 45.10 -7.67 -40.00
CA ALA U 210 43.81 -7.68 -40.71
C ALA U 210 43.29 -9.07 -41.03
N ASP U 211 44.16 -10.00 -41.40
CA ASP U 211 43.82 -11.38 -41.74
C ASP U 211 43.18 -12.08 -40.57
N ILE U 212 43.75 -11.91 -39.39
CA ILE U 212 43.07 -12.20 -38.14
C ILE U 212 42.86 -10.95 -37.29
N GLY U 213 43.34 -9.78 -37.72
CA GLY U 213 43.23 -8.63 -36.83
C GLY U 213 41.84 -8.06 -36.64
N PHE U 214 40.82 -8.91 -36.39
CA PHE U 214 39.42 -8.58 -36.11
C PHE U 214 38.67 -7.93 -37.28
N ASP U 215 39.40 -7.17 -38.08
CA ASP U 215 38.92 -6.47 -39.24
C ASP U 215 38.37 -7.43 -40.27
N ALA U 216 39.23 -8.31 -40.78
CA ALA U 216 38.81 -9.19 -41.86
C ALA U 216 37.63 -10.04 -41.43
N GLN U 217 37.68 -10.55 -40.20
CA GLN U 217 36.63 -11.44 -39.72
C GLN U 217 35.30 -10.71 -39.70
N LEU U 218 35.30 -9.52 -39.10
CA LEU U 218 34.06 -8.76 -39.05
C LEU U 218 33.59 -8.41 -40.45
N LYS U 219 34.53 -8.22 -41.38
CA LYS U 219 34.14 -7.95 -42.75
C LYS U 219 33.54 -9.19 -43.41
N VAL U 220 34.04 -10.38 -43.07
CA VAL U 220 33.42 -11.59 -43.60
C VAL U 220 31.99 -11.67 -43.13
N VAL U 221 31.78 -11.42 -41.84
CA VAL U 221 30.42 -11.51 -41.30
C VAL U 221 29.54 -10.47 -41.94
N ASP U 222 30.03 -9.24 -42.04
CA ASP U 222 29.25 -8.15 -42.59
C ASP U 222 28.87 -8.45 -44.03
N GLU U 223 29.82 -8.94 -44.82
CA GLU U 223 29.49 -9.21 -46.20
C GLU U 223 28.60 -10.43 -46.33
N ALA U 224 28.84 -11.45 -45.51
CA ALA U 224 27.95 -12.61 -45.48
C ALA U 224 26.52 -12.16 -45.28
N ILE U 225 26.32 -11.28 -44.30
CA ILE U 225 25.01 -10.71 -44.06
C ILE U 225 24.54 -9.96 -45.28
N ASN U 226 25.42 -9.16 -45.89
CA ASN U 226 25.02 -8.36 -47.03
C ASN U 226 24.61 -9.24 -48.19
N GLN U 227 25.24 -10.40 -48.33
CA GLN U 227 24.89 -11.35 -49.37
C GLN U 227 23.57 -12.02 -49.07
N VAL U 228 23.29 -12.27 -47.78
CA VAL U 228 21.96 -12.74 -47.41
C VAL U 228 20.94 -11.67 -47.73
N SER U 229 21.26 -10.42 -47.41
CA SER U 229 20.36 -9.29 -47.66
C SER U 229 20.01 -9.20 -49.12
N SER U 230 21.02 -9.28 -49.99
CA SER U 230 20.79 -9.15 -51.42
C SER U 230 20.14 -10.40 -51.98
N GLN U 231 20.46 -11.56 -51.42
CA GLN U 231 19.80 -12.79 -51.86
C GLN U 231 18.31 -12.72 -51.54
N ARG U 232 17.99 -12.28 -50.33
CA ARG U 232 16.60 -12.10 -49.94
C ARG U 232 15.98 -10.95 -50.72
N ALA U 233 16.79 -10.00 -51.16
CA ALA U 233 16.28 -8.89 -51.96
C ALA U 233 15.81 -9.38 -53.31
N LYS U 234 16.65 -10.18 -53.97
CA LYS U 234 16.23 -10.80 -55.22
C LYS U 234 15.01 -11.67 -54.99
N LEU U 235 15.08 -12.47 -53.94
CA LEU U 235 14.03 -13.42 -53.61
C LEU U 235 12.69 -12.72 -53.45
N GLY U 236 12.69 -11.63 -52.69
CA GLY U 236 11.47 -10.88 -52.48
C GLY U 236 11.05 -10.08 -53.68
N ALA U 237 12.02 -9.67 -54.50
CA ALA U 237 11.67 -9.05 -55.76
C ALA U 237 10.81 -9.99 -56.57
N VAL U 238 11.25 -11.25 -56.69
CA VAL U 238 10.46 -12.23 -57.41
C VAL U 238 9.15 -12.50 -56.71
N GLN U 239 9.16 -12.45 -55.37
CA GLN U 239 7.90 -12.60 -54.65
C GLN U 239 6.89 -11.56 -55.11
N ASN U 240 7.33 -10.30 -55.16
CA ASN U 240 6.44 -9.24 -55.61
C ASN U 240 6.00 -9.49 -57.04
N ARG U 241 6.93 -9.94 -57.88
CA ARG U 241 6.60 -10.26 -59.26
C ARG U 241 5.46 -11.24 -59.33
N LEU U 242 5.54 -12.30 -58.55
CA LEU U 242 4.52 -13.32 -58.63
C LEU U 242 3.22 -12.84 -58.01
N GLU U 243 3.31 -11.94 -57.04
CA GLU U 243 2.09 -11.31 -56.54
C GLU U 243 1.36 -10.60 -57.68
N HIS U 244 2.06 -9.72 -58.38
CA HIS U 244 1.42 -8.95 -59.44
C HIS U 244 1.07 -9.83 -60.62
N THR U 245 1.88 -10.84 -60.86
CA THR U 245 1.56 -11.84 -61.87
C THR U 245 0.21 -12.46 -61.56
N ILE U 246 0.05 -12.99 -60.36
CA ILE U 246 -1.20 -13.66 -59.99
C ILE U 246 -2.35 -12.70 -60.10
N ASN U 247 -2.16 -11.45 -59.70
CA ASN U 247 -3.25 -10.50 -59.83
C ASN U 247 -3.64 -10.33 -61.29
N ASN U 248 -2.64 -10.30 -62.17
CA ASN U 248 -2.92 -10.26 -63.60
C ASN U 248 -3.60 -11.55 -64.07
N LEU U 249 -3.09 -12.70 -63.61
CA LEU U 249 -3.64 -13.98 -64.04
C LEU U 249 -5.09 -14.10 -63.62
N SER U 250 -5.40 -13.56 -62.46
CA SER U 250 -6.76 -13.60 -61.94
C SER U 250 -7.67 -12.71 -62.75
N ALA U 251 -7.28 -11.44 -62.91
CA ALA U 251 -8.12 -10.50 -63.64
C ALA U 251 -8.25 -10.90 -65.10
N SER U 252 -7.13 -11.20 -65.74
CA SER U 252 -7.10 -11.60 -67.13
C SER U 252 -7.84 -12.90 -67.32
N GLY U 253 -7.65 -13.83 -66.40
CA GLY U 253 -8.38 -15.09 -66.48
C GLY U 253 -9.87 -14.87 -66.42
N GLU U 254 -10.32 -14.02 -65.50
CA GLU U 254 -11.73 -13.67 -65.43
C GLU U 254 -12.22 -13.10 -66.74
N ASN U 255 -11.57 -12.05 -67.22
CA ASN U 255 -11.98 -11.41 -68.46
C ASN U 255 -12.00 -12.41 -69.60
N LEU U 256 -11.12 -13.40 -69.55
CA LEU U 256 -11.02 -14.37 -70.62
C LEU U 256 -12.15 -15.38 -70.55
N THR U 257 -12.48 -15.86 -69.36
CA THR U 257 -13.63 -16.75 -69.23
C THR U 257 -14.91 -16.02 -69.58
N ALA U 258 -14.94 -14.72 -69.34
CA ALA U 258 -16.06 -13.92 -69.78
C ALA U 258 -16.11 -13.83 -71.29
N ALA U 259 -14.94 -13.68 -71.91
CA ALA U 259 -14.87 -13.65 -73.38
C ALA U 259 -15.41 -14.93 -73.98
N GLU U 260 -14.93 -16.06 -73.46
CA GLU U 260 -15.46 -17.35 -73.86
C GLU U 260 -16.96 -17.37 -73.66
N SER U 261 -17.40 -16.94 -72.48
CA SER U 261 -18.81 -16.97 -72.15
C SER U 261 -19.61 -16.18 -73.16
N ARG U 262 -19.04 -15.09 -73.67
CA ARG U 262 -19.71 -14.37 -74.74
C ARG U 262 -19.80 -15.21 -75.99
N ILE U 263 -18.76 -15.97 -76.31
CA ILE U 263 -18.86 -16.85 -77.46
C ILE U 263 -19.94 -17.89 -77.22
N ARG U 264 -19.90 -18.55 -76.06
CA ARG U 264 -20.88 -19.56 -75.70
C ARG U 264 -22.10 -18.99 -74.99
N ASP U 265 -22.29 -17.66 -75.03
CA ASP U 265 -23.43 -17.03 -74.37
C ASP U 265 -24.72 -17.66 -74.83
N VAL U 266 -25.38 -18.39 -73.94
CA VAL U 266 -26.75 -18.82 -74.16
C VAL U 266 -27.66 -17.80 -73.52
N ASP U 267 -28.48 -17.15 -74.34
CA ASP U 267 -29.62 -16.41 -73.82
C ASP U 267 -30.66 -17.46 -73.48
N MET U 268 -30.52 -18.01 -72.28
CA MET U 268 -31.34 -19.14 -71.86
C MET U 268 -32.81 -18.80 -71.94
N ALA U 269 -33.16 -17.55 -71.66
CA ALA U 269 -34.55 -17.13 -71.80
C ALA U 269 -34.98 -17.17 -73.25
N LYS U 270 -34.15 -16.62 -74.14
CA LYS U 270 -34.43 -16.70 -75.56
C LYS U 270 -34.62 -18.13 -75.99
N GLU U 271 -33.71 -18.99 -75.58
CA GLU U 271 -33.69 -20.34 -76.13
C GLU U 271 -34.83 -21.19 -75.57
N MET U 272 -35.24 -20.94 -74.33
CA MET U 272 -36.46 -21.56 -73.84
C MET U 272 -37.66 -21.05 -74.60
N SER U 273 -37.69 -19.74 -74.88
CA SER U 273 -38.80 -19.16 -75.61
C SER U 273 -38.89 -19.74 -77.02
N GLU U 274 -37.77 -19.74 -77.72
CA GLU U 274 -37.73 -20.27 -79.07
C GLU U 274 -38.05 -21.76 -79.07
N PHE U 275 -37.57 -22.46 -78.05
CA PHE U 275 -37.94 -23.86 -77.89
C PHE U 275 -39.44 -24.02 -77.84
N THR U 276 -40.07 -23.27 -76.95
CA THR U 276 -41.52 -23.27 -76.81
C THR U 276 -42.18 -23.05 -78.15
N LYS U 277 -41.76 -22.00 -78.85
CA LYS U 277 -42.35 -21.67 -80.13
C LYS U 277 -42.24 -22.85 -81.09
N ASN U 278 -41.06 -23.45 -81.17
CA ASN U 278 -40.87 -24.52 -82.13
C ASN U 278 -41.71 -25.74 -81.78
N ASN U 279 -41.95 -25.99 -80.49
CA ASN U 279 -42.91 -27.01 -80.12
C ASN U 279 -44.27 -26.70 -80.68
N ILE U 280 -44.75 -25.49 -80.39
CA ILE U 280 -46.05 -25.04 -80.85
C ILE U 280 -46.16 -25.23 -82.36
N LEU U 281 -45.14 -24.80 -83.07
CA LEU U 281 -45.17 -24.81 -84.52
C LEU U 281 -45.18 -26.23 -85.05
N SER U 282 -44.40 -27.12 -84.44
CA SER U 282 -44.43 -28.51 -84.83
C SER U 282 -45.84 -29.08 -84.65
N GLN U 283 -46.41 -28.87 -83.48
CA GLN U 283 -47.72 -29.44 -83.18
C GLN U 283 -48.78 -28.91 -84.13
N ALA U 284 -48.76 -27.61 -84.37
CA ALA U 284 -49.71 -26.99 -85.29
C ALA U 284 -49.59 -27.60 -86.67
N SER U 285 -48.35 -27.72 -87.16
CA SER U 285 -48.14 -28.25 -88.49
C SER U 285 -48.65 -29.69 -88.58
N GLN U 286 -48.46 -30.47 -87.52
CA GLN U 286 -48.95 -31.84 -87.55
C GLN U 286 -50.47 -31.88 -87.58
N ALA U 287 -51.11 -31.01 -86.81
CA ALA U 287 -52.56 -30.90 -86.88
C ALA U 287 -53.00 -30.62 -88.30
N MET U 288 -52.29 -29.74 -88.98
CA MET U 288 -52.63 -29.45 -90.36
C MET U 288 -52.37 -30.66 -91.25
N LEU U 289 -51.36 -31.47 -90.94
CA LEU U 289 -51.14 -32.67 -91.75
C LEU U 289 -52.29 -33.65 -91.58
N ALA U 290 -52.80 -33.75 -90.35
CA ALA U 290 -54.01 -34.54 -90.14
C ALA U 290 -55.12 -34.01 -91.04
N GLN U 291 -55.34 -32.70 -91.02
CA GLN U 291 -56.39 -32.11 -91.85
C GLN U 291 -56.16 -32.39 -93.33
N ALA U 292 -54.90 -32.36 -93.76
CA ALA U 292 -54.58 -32.71 -95.14
C ALA U 292 -54.97 -34.14 -95.43
N ASN U 293 -54.93 -35.00 -94.44
CA ASN U 293 -55.41 -36.35 -94.61
C ASN U 293 -56.93 -36.46 -94.45
N GLN U 294 -57.56 -35.47 -93.83
CA GLN U 294 -59.02 -35.53 -93.64
C GLN U 294 -59.76 -35.09 -94.89
N GLN U 295 -59.32 -33.99 -95.49
CA GLN U 295 -59.98 -33.46 -96.69
C GLN U 295 -60.22 -34.49 -97.77
N PRO U 296 -59.23 -35.25 -98.24
CA PRO U 296 -59.51 -36.22 -99.29
C PRO U 296 -60.45 -37.35 -98.88
N GLN U 297 -60.66 -37.57 -97.58
CA GLN U 297 -61.66 -38.54 -97.15
C GLN U 297 -63.04 -37.99 -97.35
N ASN U 298 -63.22 -36.73 -96.95
CA ASN U 298 -64.46 -36.02 -97.27
C ASN U 298 -64.72 -36.10 -98.75
N VAL U 299 -63.68 -35.88 -99.56
CA VAL U 299 -63.80 -36.02 -101.00
C VAL U 299 -64.27 -37.41 -101.38
N LEU U 300 -63.67 -38.43 -100.76
CA LEU U 300 -64.01 -39.80 -101.10
C LEU U 300 -65.50 -40.04 -100.93
N GLN U 301 -66.03 -39.68 -99.76
CA GLN U 301 -67.46 -39.86 -99.55
C GLN U 301 -68.27 -39.04 -100.54
N LEU U 302 -67.93 -37.77 -100.67
CA LEU U 302 -68.74 -36.85 -101.44
C LEU U 302 -68.78 -37.22 -102.90
N LEU U 303 -67.71 -37.84 -103.42
CA LEU U 303 -67.63 -38.29 -104.79
C LEU U 303 -67.74 -39.80 -104.90
N ARG U 304 -68.45 -40.42 -103.98
CA ARG U 304 -68.74 -41.84 -104.08
C ARG U 304 -70.07 -42.03 -104.79
N ILE V 3 0.95 -25.85 -22.72
CA ILE V 3 1.58 -26.66 -21.62
C ILE V 3 1.41 -26.01 -20.26
N ASN V 4 0.25 -25.38 -20.06
CA ASN V 4 0.01 -24.56 -18.88
C ASN V 4 0.29 -25.31 -17.58
N HIS V 5 -0.15 -26.56 -17.51
CA HIS V 5 0.00 -27.36 -16.30
C HIS V 5 1.45 -27.77 -16.01
N ASN V 6 2.38 -27.48 -16.91
CA ASN V 6 3.77 -27.85 -16.72
C ASN V 6 4.66 -26.68 -16.35
N ILE V 7 4.15 -25.45 -16.38
CA ILE V 7 4.97 -24.26 -16.15
C ILE V 7 4.70 -23.76 -14.74
N ALA V 8 5.76 -23.66 -13.97
CA ALA V 8 5.70 -23.03 -12.66
C ALA V 8 6.93 -22.20 -12.39
N ALA V 9 7.79 -21.98 -13.38
CA ALA V 9 9.08 -21.32 -13.18
C ALA V 9 9.85 -22.03 -12.08
N LEU V 10 9.95 -23.35 -12.23
CA LEU V 10 10.50 -24.16 -11.14
C LEU V 10 11.92 -23.77 -10.79
N ASN V 11 12.67 -23.19 -11.74
CA ASN V 11 13.96 -22.65 -11.39
C ASN V 11 13.81 -21.49 -10.43
N THR V 12 12.77 -20.68 -10.62
CA THR V 12 12.48 -19.64 -9.64
C THR V 12 12.17 -20.26 -8.30
N LEU V 13 11.44 -21.38 -8.29
CA LEU V 13 11.09 -22.03 -7.04
C LEU V 13 12.32 -22.53 -6.34
N ASN V 14 13.26 -23.07 -7.11
CA ASN V 14 14.51 -23.53 -6.55
C ASN V 14 15.30 -22.36 -5.97
N ARG V 15 15.31 -21.24 -6.68
CA ARG V 15 15.92 -20.04 -6.13
C ARG V 15 15.23 -19.63 -4.87
N LEU V 16 13.93 -19.88 -4.79
CA LEU V 16 13.20 -19.47 -3.61
C LEU V 16 13.66 -20.24 -2.41
N SER V 17 13.68 -21.56 -2.54
CA SER V 17 14.17 -22.40 -1.45
C SER V 17 15.56 -21.98 -1.03
N SER V 18 16.42 -21.75 -2.02
CA SER V 18 17.79 -21.32 -1.74
C SER V 18 17.81 -20.03 -0.96
N ASN V 19 17.03 -19.04 -1.40
CA ASN V 19 17.06 -17.71 -0.78
C ASN V 19 16.52 -17.77 0.63
N ASN V 20 15.47 -18.57 0.85
CA ASN V 20 14.91 -18.68 2.19
C ASN V 20 15.93 -19.27 3.15
N SER V 21 16.60 -20.34 2.72
CA SER V 21 17.64 -20.89 3.56
C SER V 21 18.77 -19.90 3.76
N ALA V 22 19.08 -19.13 2.73
CA ALA V 22 20.18 -18.17 2.81
C ALA V 22 19.91 -17.12 3.89
N SER V 23 18.76 -16.45 3.77
CA SER V 23 18.40 -15.44 4.77
C SER V 23 18.31 -16.07 6.15
N GLN V 24 17.80 -17.30 6.23
CA GLN V 24 17.76 -18.01 7.50
C GLN V 24 19.14 -18.11 8.11
N LYS V 25 20.11 -18.55 7.31
CA LYS V 25 21.47 -18.70 7.81
C LYS V 25 22.01 -17.38 8.30
N ASN V 26 21.77 -16.32 7.53
CA ASN V 26 22.18 -14.99 7.93
C ASN V 26 21.66 -14.66 9.31
N MET V 27 20.35 -14.86 9.55
CA MET V 27 19.77 -14.58 10.86
C MET V 27 20.48 -15.37 11.94
N GLU V 28 20.56 -16.67 11.73
CA GLU V 28 21.10 -17.57 12.73
C GLU V 28 22.47 -17.13 13.17
N LYS V 29 23.28 -16.69 12.23
CA LYS V 29 24.59 -16.16 12.59
C LYS V 29 24.45 -14.82 13.29
N LEU V 30 23.56 -13.96 12.77
CA LEU V 30 23.34 -12.65 13.37
C LEU V 30 22.82 -12.78 14.79
N SER V 31 21.78 -13.60 14.96
CA SER V 31 21.17 -13.77 16.26
C SER V 31 22.17 -14.34 17.26
N SER V 32 22.87 -15.38 16.86
CA SER V 32 23.82 -16.02 17.74
C SER V 32 25.11 -15.25 17.86
N GLY V 33 25.39 -14.36 16.91
CA GLY V 33 26.67 -13.69 16.90
C GLY V 33 27.79 -14.62 16.53
N LEU V 34 27.48 -15.64 15.73
CA LEU V 34 28.42 -16.72 15.42
C LEU V 34 28.58 -16.77 13.92
N ARG V 35 29.79 -16.50 13.43
CA ARG V 35 30.09 -16.83 12.06
C ARG V 35 30.30 -18.33 11.93
N ILE V 36 30.77 -18.95 13.01
CA ILE V 36 30.92 -20.39 13.02
C ILE V 36 29.57 -21.05 12.77
N ASN V 37 29.63 -22.26 12.23
CA ASN V 37 28.43 -23.05 12.02
C ASN V 37 28.16 -23.91 13.24
N ARG V 38 26.90 -24.23 13.45
CA ARG V 38 26.57 -25.35 14.31
C ARG V 38 27.00 -26.64 13.67
N ALA V 39 26.79 -26.75 12.37
CA ALA V 39 27.19 -27.92 11.59
C ALA V 39 28.69 -27.96 11.45
N GLY V 40 29.20 -29.16 11.15
CA GLY V 40 30.61 -29.41 10.98
C GLY V 40 31.24 -28.76 9.77
N ASP V 41 30.49 -27.98 9.01
CA ASP V 41 31.05 -27.23 7.90
C ASP V 41 32.16 -26.31 8.43
N ASP V 42 33.39 -26.56 7.99
CA ASP V 42 34.60 -26.00 8.58
C ASP V 42 34.80 -26.52 10.00
N ALA V 43 34.70 -27.85 10.15
CA ALA V 43 35.00 -28.47 11.44
C ALA V 43 36.45 -28.23 11.85
N ALA V 44 37.34 -27.92 10.91
CA ALA V 44 38.67 -27.48 11.27
C ALA V 44 38.61 -26.26 12.17
N GLY V 45 38.10 -25.15 11.63
CA GLY V 45 38.01 -23.93 12.41
C GLY V 45 37.19 -24.11 13.67
N LEU V 46 36.13 -24.91 13.59
CA LEU V 46 35.33 -25.18 14.78
C LEU V 46 36.17 -25.84 15.85
N ALA V 47 36.73 -27.01 15.54
CA ALA V 47 37.53 -27.76 16.49
C ALA V 47 38.66 -26.92 17.05
N ILE V 48 39.20 -26.02 16.24
CA ILE V 48 40.18 -25.08 16.76
C ILE V 48 39.54 -24.25 17.84
N SER V 49 38.46 -23.54 17.52
CA SER V 49 37.85 -22.63 18.49
C SER V 49 37.40 -23.36 19.73
N GLU V 50 37.00 -24.62 19.56
CA GLU V 50 36.72 -25.48 20.70
C GLU V 50 37.94 -25.60 21.58
N LYS V 51 39.07 -25.93 20.98
CA LYS V 51 40.31 -26.04 21.73
C LYS V 51 40.70 -24.71 22.33
N MET V 52 40.48 -23.63 21.58
CA MET V 52 40.76 -22.29 22.07
C MET V 52 39.99 -22.07 23.35
N ARG V 53 38.67 -22.22 23.30
CA ARG V 53 37.82 -21.99 24.47
C ARG V 53 38.21 -22.87 25.62
N GLY V 54 38.58 -24.11 25.33
CA GLY V 54 39.11 -24.96 26.39
C GLY V 54 40.28 -24.31 27.08
N GLN V 55 41.21 -23.77 26.29
CA GLN V 55 42.35 -23.10 26.89
C GLN V 55 41.96 -21.77 27.52
N ILE V 56 41.08 -20.99 26.89
CA ILE V 56 40.62 -19.71 27.46
C ILE V 56 40.08 -19.94 28.85
N ARG V 57 39.07 -20.78 28.94
CA ARG V 57 38.45 -21.09 30.21
C ARG V 57 39.48 -21.62 31.19
N GLY V 58 40.42 -22.43 30.70
CA GLY V 58 41.49 -22.89 31.55
C GLY V 58 42.40 -21.77 32.02
N LEU V 59 42.49 -20.70 31.24
CA LEU V 59 43.29 -19.54 31.63
C LEU V 59 42.55 -18.69 32.63
N GLU V 60 41.23 -18.63 32.52
CA GLU V 60 40.43 -17.94 33.51
C GLU V 60 40.57 -18.62 34.86
N MET V 61 40.41 -19.95 34.87
CA MET V 61 40.62 -20.70 36.10
C MET V 61 42.09 -20.70 36.50
N ALA V 62 42.99 -20.50 35.54
CA ALA V 62 44.41 -20.37 35.87
C ALA V 62 44.66 -19.10 36.64
N SER V 63 44.11 -17.99 36.15
CA SER V 63 44.22 -16.74 36.86
C SER V 63 43.62 -16.86 38.24
N LYS V 64 42.46 -17.48 38.33
CA LYS V 64 41.85 -17.77 39.61
C LYS V 64 42.81 -18.52 40.52
N ASN V 65 43.37 -19.63 40.04
CA ASN V 65 44.24 -20.45 40.87
C ASN V 65 45.48 -19.69 41.30
N SER V 66 46.00 -18.84 40.42
CA SER V 66 47.23 -18.11 40.72
C SER V 66 46.95 -17.02 41.75
N GLN V 67 45.84 -16.33 41.60
CA GLN V 67 45.43 -15.36 42.60
C GLN V 67 45.26 -16.02 43.95
N ASP V 68 44.68 -17.22 43.94
CA ASP V 68 44.55 -17.99 45.17
C ASP V 68 45.92 -18.33 45.74
N GLY V 69 46.85 -18.71 44.85
CA GLY V 69 48.24 -18.84 45.24
C GLY V 69 48.73 -17.62 45.98
N ILE V 70 48.47 -16.45 45.42
CA ILE V 70 48.90 -15.20 46.01
C ILE V 70 48.30 -15.03 47.39
N SER V 71 47.03 -15.38 47.52
CA SER V 71 46.36 -15.22 48.81
C SER V 71 47.05 -16.06 49.87
N LEU V 72 47.37 -17.30 49.52
CA LEU V 72 48.15 -18.16 50.40
C LEU V 72 49.47 -17.51 50.75
N ILE V 73 50.17 -17.04 49.71
CA ILE V 73 51.49 -16.45 49.90
C ILE V 73 51.41 -15.32 50.91
N GLN V 74 50.58 -14.32 50.63
CA GLN V 74 50.53 -13.13 51.46
C GLN V 74 50.07 -13.44 52.86
N THR V 75 49.23 -14.46 53.01
CA THR V 75 48.89 -14.92 54.35
C THR V 75 50.16 -15.33 55.11
N ALA V 76 50.87 -16.30 54.55
CA ALA V 76 52.08 -16.79 55.21
C ALA V 76 53.10 -15.67 55.34
N GLU V 77 53.16 -14.81 54.34
CA GLU V 77 54.09 -13.70 54.31
C GLU V 77 53.90 -12.79 55.51
N GLY V 78 52.67 -12.29 55.68
CA GLY V 78 52.40 -11.39 56.80
C GLY V 78 52.65 -12.09 58.12
N ALA V 79 52.32 -13.38 58.19
CA ALA V 79 52.57 -14.13 59.40
C ALA V 79 54.07 -14.18 59.71
N LEU V 80 54.89 -14.42 58.69
CA LEU V 80 56.33 -14.49 58.88
C LEU V 80 56.91 -13.12 59.18
N THR V 81 56.30 -12.07 58.65
CA THR V 81 56.71 -10.72 59.01
C THR V 81 56.51 -10.49 60.49
N GLU V 82 55.35 -10.90 61.01
CA GLU V 82 55.13 -10.74 62.44
C GLU V 82 56.08 -11.61 63.25
N THR V 83 56.29 -12.85 62.80
CA THR V 83 57.27 -13.72 63.44
C THR V 83 58.60 -13.02 63.54
N HIS V 84 59.01 -12.44 62.42
CA HIS V 84 60.27 -11.74 62.36
C HIS V 84 60.33 -10.61 63.36
N ALA V 85 59.26 -9.81 63.42
CA ALA V 85 59.21 -8.71 64.37
C ALA V 85 59.39 -9.23 65.79
N ILE V 86 58.75 -10.36 66.10
CA ILE V 86 58.97 -10.98 67.40
C ILE V 86 60.45 -11.27 67.56
N LEU V 87 61.06 -11.89 66.55
CA LEU V 87 62.46 -12.27 66.67
C LEU V 87 63.37 -11.07 66.90
N GLN V 88 62.99 -9.91 66.37
CA GLN V 88 63.70 -8.70 66.73
C GLN V 88 63.58 -8.44 68.22
N ARG V 89 62.35 -8.56 68.75
CA ARG V 89 62.20 -8.39 70.18
C ARG V 89 63.01 -9.43 70.94
N VAL V 90 63.05 -10.64 70.41
CA VAL V 90 63.80 -11.70 71.06
C VAL V 90 65.24 -11.27 71.19
N ARG V 91 65.85 -10.82 70.09
CA ARG V 91 67.25 -10.45 70.16
C ARG V 91 67.47 -9.28 71.12
N GLU V 92 66.52 -8.36 71.19
CA GLU V 92 66.59 -7.36 72.24
C GLU V 92 66.71 -8.04 73.59
N LEU V 93 65.89 -9.06 73.79
CA LEU V 93 65.92 -9.77 75.05
C LEU V 93 67.12 -10.69 75.17
N VAL V 94 67.79 -10.99 74.07
CA VAL V 94 69.05 -11.74 74.14
C VAL V 94 70.13 -10.82 74.64
N VAL V 95 70.20 -9.62 74.09
CA VAL V 95 71.23 -8.68 74.48
C VAL V 95 71.02 -8.27 75.93
N GLN V 96 69.76 -8.09 76.34
CA GLN V 96 69.51 -7.93 77.76
C GLN V 96 69.86 -9.21 78.50
N ALA V 97 69.61 -10.36 77.87
CA ALA V 97 69.95 -11.66 78.43
C ALA V 97 71.39 -12.02 78.20
N GLY V 98 72.19 -11.01 77.87
CA GLY V 98 73.55 -10.98 78.34
C GLY V 98 73.66 -10.67 79.81
N ASN V 99 72.54 -10.61 80.54
CA ASN V 99 72.51 -10.48 82.00
C ASN V 99 72.93 -9.07 82.39
N THR V 100 72.96 -8.18 81.41
CA THR V 100 73.77 -6.98 81.49
C THR V 100 75.12 -7.35 82.07
N GLY V 101 75.72 -8.37 81.46
CA GLY V 101 76.94 -8.90 82.01
C GLY V 101 76.72 -9.86 83.14
N THR V 102 76.82 -9.33 84.36
CA THR V 102 76.39 -10.04 85.58
C THR V 102 75.38 -9.23 86.38
N GLN V 103 75.04 -8.03 85.92
CA GLN V 103 74.29 -7.11 86.77
C GLN V 103 72.88 -7.60 87.03
N ASP V 104 72.24 -8.19 86.05
CA ASP V 104 70.94 -8.76 86.30
C ASP V 104 71.13 -9.97 87.21
N LYS V 105 70.11 -10.27 88.01
CA LYS V 105 70.15 -11.43 88.89
C LYS V 105 69.35 -12.57 88.26
N ALA V 106 69.34 -13.70 88.95
CA ALA V 106 68.65 -14.87 88.43
C ALA V 106 67.17 -14.60 88.22
N THR V 107 66.54 -13.89 89.15
CA THR V 107 65.14 -13.52 89.00
C THR V 107 64.94 -12.62 87.80
N ASP V 108 65.87 -11.71 87.56
CA ASP V 108 65.75 -10.85 86.39
C ASP V 108 65.79 -11.66 85.12
N LEU V 109 66.73 -12.60 85.04
CA LEU V 109 66.79 -13.51 83.90
C LEU V 109 65.52 -14.34 83.79
N GLN V 110 64.88 -14.65 84.92
CA GLN V 110 63.64 -15.40 84.87
C GLN V 110 62.49 -14.53 84.40
N SER V 111 62.50 -13.26 84.78
CA SER V 111 61.51 -12.33 84.27
C SER V 111 61.62 -12.22 82.76
N ILE V 112 62.85 -12.04 82.29
CA ILE V 112 63.12 -12.02 80.85
C ILE V 112 62.65 -13.32 80.23
N GLN V 113 63.02 -14.43 80.83
CA GLN V 113 62.70 -15.73 80.26
C GLN V 113 61.21 -15.97 80.23
N ASP V 114 60.48 -15.45 81.21
CA ASP V 114 59.03 -15.49 81.16
C ASP V 114 58.55 -14.74 79.93
N GLY V 115 59.10 -13.55 79.71
CA GLY V 115 58.76 -12.82 78.51
C GLY V 115 59.09 -13.58 77.24
N ILE V 116 60.24 -14.26 77.22
CA ILE V 116 60.65 -14.93 75.99
C ILE V 116 59.80 -16.16 75.75
N SER V 117 59.54 -16.94 76.80
CA SER V 117 58.70 -18.11 76.63
C SER V 117 57.30 -17.71 76.21
N ALA V 118 56.85 -16.56 76.70
CA ALA V 118 55.64 -15.95 76.19
C ALA V 118 55.74 -15.68 74.70
N LEU V 119 56.88 -15.13 74.27
CA LEU V 119 57.08 -14.87 72.85
C LEU V 119 57.12 -16.16 72.06
N THR V 120 57.76 -17.19 72.60
CA THR V 120 57.75 -18.50 71.97
C THR V 120 56.32 -18.95 71.75
N ASP V 121 55.50 -18.85 72.79
CA ASP V 121 54.11 -19.26 72.68
C ASP V 121 53.40 -18.47 71.60
N GLU V 122 53.82 -17.22 71.39
CA GLU V 122 53.25 -16.44 70.31
C GLU V 122 53.76 -16.89 68.96
N ILE V 123 55.04 -17.22 68.85
CA ILE V 123 55.57 -17.71 67.58
C ILE V 123 54.90 -19.02 67.22
N ASP V 124 54.83 -19.93 68.18
CA ASP V 124 54.10 -21.17 67.99
C ASP V 124 52.66 -20.88 67.64
N GLY V 125 52.08 -19.83 68.22
CA GLY V 125 50.74 -19.45 67.87
C GLY V 125 50.63 -19.01 66.43
N ILE V 126 51.63 -18.26 65.95
CA ILE V 126 51.67 -17.90 64.54
C ILE V 126 51.69 -19.17 63.70
N SER V 127 52.69 -20.01 63.95
CA SER V 127 52.91 -21.16 63.10
C SER V 127 51.80 -22.20 63.22
N ASN V 128 50.98 -22.12 64.28
CA ASN V 128 49.89 -23.06 64.50
C ASN V 128 48.51 -22.39 64.41
N ARG V 129 48.44 -21.16 63.91
CA ARG V 129 47.18 -20.49 63.63
C ARG V 129 47.12 -20.05 62.18
N THR V 130 48.29 -19.85 61.56
CA THR V 130 48.30 -19.46 60.16
C THR V 130 47.84 -20.64 59.33
N GLU V 131 46.55 -20.67 59.04
CA GLU V 131 45.93 -21.67 58.20
C GLU V 131 45.42 -21.02 56.92
N PHE V 132 45.41 -21.79 55.84
CA PHE V 132 44.63 -21.46 54.66
C PHE V 132 43.75 -22.64 54.32
N ASN V 133 42.45 -22.44 54.45
CA ASN V 133 41.50 -23.50 54.19
C ASN V 133 41.81 -24.69 55.07
N GLY V 134 42.15 -24.40 56.32
CA GLY V 134 42.53 -25.38 57.29
C GLY V 134 43.98 -25.81 57.20
N LYS V 135 44.60 -25.66 56.05
CA LYS V 135 45.97 -26.08 55.86
C LYS V 135 46.87 -25.16 56.65
N LYS V 136 47.46 -25.71 57.71
CA LYS V 136 48.32 -24.91 58.56
C LYS V 136 49.55 -24.52 57.74
N LEU V 137 49.49 -23.32 57.16
CA LEU V 137 50.48 -22.89 56.18
C LEU V 137 51.86 -22.74 56.77
N LEU V 138 51.95 -22.54 58.08
CA LEU V 138 53.23 -22.50 58.77
C LEU V 138 53.40 -23.72 59.65
N ASP V 139 52.81 -24.83 59.25
CA ASP V 139 53.18 -26.12 59.80
C ASP V 139 54.60 -26.40 59.36
N GLY V 140 55.55 -26.28 60.30
CA GLY V 140 56.93 -26.52 59.96
C GLY V 140 57.22 -27.92 59.44
N THR V 141 56.31 -28.86 59.70
CA THR V 141 56.40 -30.21 59.17
C THR V 141 55.54 -30.41 57.93
N TYR V 142 55.05 -29.34 57.33
CA TYR V 142 54.25 -29.49 56.12
C TYR V 142 55.06 -30.12 55.00
N LYS V 143 56.11 -29.41 54.55
CA LYS V 143 56.97 -29.88 53.46
C LYS V 143 58.43 -29.86 53.91
N VAL V 144 58.73 -30.59 54.97
CA VAL V 144 60.12 -30.94 55.20
C VAL V 144 60.51 -31.95 54.13
N ASP V 145 61.38 -31.53 53.21
CA ASP V 145 61.82 -32.39 52.11
C ASP V 145 62.31 -33.73 52.60
N THR V 146 63.15 -33.72 53.65
CA THR V 146 63.57 -34.89 54.40
C THR V 146 64.56 -35.78 53.66
N ALA V 147 64.76 -35.54 52.36
CA ALA V 147 65.24 -36.57 51.44
C ALA V 147 64.29 -37.76 51.40
N THR V 148 63.00 -37.52 51.62
CA THR V 148 61.97 -38.56 51.55
C THR V 148 60.81 -38.02 50.75
N PRO V 149 60.71 -38.37 49.45
CA PRO V 149 59.55 -37.93 48.66
C PRO V 149 58.22 -38.32 49.26
N ALA V 150 58.16 -39.47 49.93
CA ALA V 150 56.91 -39.96 50.48
C ALA V 150 56.33 -39.01 51.51
N ASN V 151 57.18 -38.25 52.19
CA ASN V 151 56.74 -37.33 53.25
C ASN V 151 57.13 -35.92 52.86
N GLN V 152 56.32 -35.29 51.99
CA GLN V 152 56.55 -33.89 51.62
C GLN V 152 55.31 -33.02 51.52
N LYS V 153 54.14 -33.53 51.15
CA LYS V 153 52.96 -32.67 50.93
C LYS V 153 53.29 -31.50 50.01
N ASN V 154 53.98 -31.78 48.89
CA ASN V 154 54.49 -30.74 48.00
C ASN V 154 53.44 -29.68 47.69
N LEU V 155 53.74 -28.42 48.01
CA LEU V 155 52.77 -27.35 47.85
C LEU V 155 52.68 -27.03 46.36
N VAL V 156 52.02 -27.92 45.64
CA VAL V 156 51.85 -27.79 44.20
C VAL V 156 50.84 -26.70 43.93
N PHE V 157 51.07 -25.91 42.86
CA PHE V 157 50.07 -25.00 42.29
C PHE V 157 49.95 -25.28 40.79
N GLN V 158 48.88 -26.00 40.39
CA GLN V 158 48.53 -26.15 38.98
C GLN V 158 47.92 -24.84 38.51
N ILE V 159 48.62 -24.19 37.59
CA ILE V 159 48.16 -22.95 37.01
C ILE V 159 47.86 -23.10 35.53
N GLY V 160 48.80 -23.64 34.76
CA GLY V 160 48.64 -23.64 33.32
C GLY V 160 47.47 -24.46 32.88
N ALA V 161 46.76 -23.95 31.87
CA ALA V 161 45.63 -24.68 31.31
C ALA V 161 46.06 -26.01 30.71
N ASN V 162 47.34 -26.14 30.37
CA ASN V 162 47.91 -27.37 29.86
C ASN V 162 48.41 -28.24 31.00
N ALA V 163 48.47 -29.54 30.75
CA ALA V 163 48.85 -30.50 31.78
C ALA V 163 50.29 -30.31 32.22
N THR V 164 50.55 -30.66 33.48
CA THR V 164 51.84 -30.64 34.15
C THR V 164 52.31 -29.22 34.47
N GLN V 165 51.59 -28.19 34.07
CA GLN V 165 52.05 -26.81 34.27
C GLN V 165 51.85 -26.41 35.72
N GLN V 166 52.71 -26.94 36.59
CA GLN V 166 52.55 -26.81 38.02
C GLN V 166 53.74 -26.12 38.65
N ILE V 167 53.48 -25.50 39.80
CA ILE V 167 54.50 -24.85 40.59
C ILE V 167 54.70 -25.60 41.88
N SER V 168 55.96 -25.85 42.24
CA SER V 168 56.33 -26.60 43.44
C SER V 168 56.88 -25.62 44.48
N VAL V 169 56.22 -25.57 45.64
CA VAL V 169 56.57 -24.63 46.70
C VAL V 169 56.85 -25.41 47.97
N ASN V 170 57.65 -24.81 48.86
CA ASN V 170 58.06 -25.45 50.09
C ASN V 170 57.75 -24.61 51.33
N ILE V 171 57.07 -25.24 52.28
CA ILE V 171 56.84 -24.72 53.63
C ILE V 171 57.72 -25.54 54.56
N GLU V 172 58.52 -24.87 55.43
CA GLU V 172 59.18 -25.60 56.51
C GLU V 172 59.31 -24.84 57.83
N ASP V 173 58.79 -23.63 57.96
CA ASP V 173 59.07 -22.83 59.13
C ASP V 173 58.04 -23.09 60.23
N MET V 174 58.46 -22.83 61.47
CA MET V 174 57.62 -22.93 62.66
C MET V 174 58.45 -22.43 63.84
N GLY V 175 57.80 -22.33 64.99
CA GLY V 175 58.48 -21.87 66.19
C GLY V 175 59.66 -22.74 66.59
N ALA V 176 59.53 -24.04 66.42
CA ALA V 176 60.64 -24.94 66.74
C ALA V 176 61.71 -24.97 65.66
N ASP V 177 61.56 -24.21 64.59
CA ASP V 177 62.48 -24.20 63.46
C ASP V 177 63.37 -22.96 63.55
N ALA V 178 64.55 -23.08 64.17
CA ALA V 178 65.40 -21.90 64.41
C ALA V 178 66.78 -21.94 63.79
N LEU V 179 67.70 -22.76 64.35
CA LEU V 179 68.98 -23.02 63.68
C LEU V 179 68.86 -24.41 63.09
N GLY V 180 68.50 -24.44 61.83
CA GLY V 180 68.39 -25.69 61.12
C GLY V 180 69.77 -26.17 60.74
N ILE V 181 70.53 -26.66 61.73
CA ILE V 181 71.84 -27.23 61.43
C ILE V 181 71.70 -28.29 60.34
N LYS V 182 70.80 -29.24 60.56
CA LYS V 182 70.28 -30.19 59.59
C LYS V 182 68.80 -30.40 59.86
N GLU V 183 68.53 -30.55 61.15
CA GLU V 183 67.24 -30.64 61.79
C GLU V 183 67.40 -29.93 63.14
N ALA V 184 66.45 -30.13 64.04
CA ALA V 184 66.63 -29.62 65.39
C ALA V 184 67.76 -30.40 66.07
N ASP V 185 68.76 -29.68 66.57
CA ASP V 185 69.87 -30.36 67.23
C ASP V 185 69.41 -30.92 68.57
N GLY V 186 68.96 -30.05 69.45
CA GLY V 186 68.54 -30.44 70.79
C GLY V 186 68.22 -29.22 71.62
N SER V 187 68.78 -29.16 72.82
CA SER V 187 68.63 -27.97 73.65
C SER V 187 69.11 -26.74 72.92
N ILE V 188 70.12 -26.89 72.07
CA ILE V 188 70.59 -25.84 71.21
C ILE V 188 69.95 -26.00 69.84
N ALA V 189 70.07 -24.96 69.03
CA ALA V 189 69.77 -24.90 67.61
C ALA V 189 68.29 -24.91 67.24
N ALA V 190 67.43 -25.44 68.12
CA ALA V 190 65.99 -25.30 67.98
C ALA V 190 65.34 -24.88 69.29
N LEU V 191 65.66 -25.59 70.36
CA LEU V 191 64.94 -25.42 71.61
C LEU V 191 65.34 -24.18 72.37
N HIS V 192 66.39 -23.48 71.98
CA HIS V 192 66.53 -22.14 72.51
C HIS V 192 65.40 -21.27 72.00
N SER V 193 64.93 -21.53 70.78
CA SER V 193 63.75 -20.82 70.30
C SER V 193 62.52 -21.27 71.05
N VAL V 194 62.47 -22.54 71.43
CA VAL V 194 61.31 -23.06 72.14
C VAL V 194 61.49 -22.85 73.64
N ASN V 195 62.53 -23.46 74.21
CA ASN V 195 62.66 -23.51 75.66
C ASN V 195 63.41 -22.30 76.23
N ASP V 196 64.19 -21.59 75.42
CA ASP V 196 64.89 -20.40 75.91
C ASP V 196 65.89 -20.69 77.01
N LEU V 197 67.03 -21.26 76.64
CA LEU V 197 68.07 -21.68 77.58
C LEU V 197 68.52 -20.63 78.60
N ASP V 198 68.25 -19.34 78.40
CA ASP V 198 68.71 -18.29 79.30
C ASP V 198 67.76 -18.23 80.51
N VAL V 199 68.04 -19.08 81.50
CA VAL V 199 67.23 -19.15 82.72
C VAL V 199 68.06 -18.73 83.92
N THR V 200 68.94 -19.62 84.34
CA THR V 200 70.02 -19.37 85.27
C THR V 200 71.30 -20.02 84.81
N LYS V 201 71.20 -21.03 83.93
CA LYS V 201 72.37 -21.59 83.26
C LYS V 201 73.20 -20.50 82.62
N PHE V 202 72.55 -19.44 82.13
CA PHE V 202 73.32 -18.34 81.57
C PHE V 202 74.17 -17.67 82.63
N ALA V 203 73.61 -17.41 83.81
CA ALA V 203 74.38 -16.76 84.84
C ALA V 203 75.56 -17.60 85.26
N ASP V 204 75.42 -18.93 85.17
CA ASP V 204 76.53 -19.83 85.46
C ASP V 204 77.66 -19.64 84.45
N ASN V 205 77.33 -19.67 83.15
CA ASN V 205 78.32 -19.54 82.08
C ASN V 205 77.79 -18.51 81.08
N ALA V 206 78.06 -17.24 81.36
CA ALA V 206 77.62 -16.21 80.45
C ALA V 206 78.34 -16.28 79.10
N ALA V 207 79.59 -16.76 79.07
CA ALA V 207 80.33 -16.97 77.83
C ALA V 207 81.07 -18.31 77.76
N ASP V 208 81.42 -18.84 78.93
CA ASP V 208 82.44 -19.86 79.12
C ASP V 208 82.34 -21.14 78.29
N CYS V 209 81.16 -21.51 77.76
CA CYS V 209 81.02 -22.83 77.16
C CYS V 209 80.27 -22.85 75.84
N ALA V 210 79.85 -21.69 75.32
CA ALA V 210 79.14 -21.50 74.05
C ALA V 210 77.72 -22.06 74.05
N ASP V 211 77.50 -23.22 74.68
CA ASP V 211 76.21 -23.88 74.76
C ASP V 211 75.20 -23.00 75.46
N ILE V 212 75.61 -22.41 76.57
CA ILE V 212 74.90 -21.26 77.14
C ILE V 212 75.74 -19.99 77.13
N GLY V 213 76.99 -20.05 76.66
CA GLY V 213 77.81 -18.85 76.78
C GLY V 213 77.44 -17.69 75.85
N PHE V 214 76.16 -17.34 75.74
CA PHE V 214 75.59 -16.23 74.96
C PHE V 214 75.74 -16.36 73.44
N ASP V 215 76.82 -17.00 73.04
CA ASP V 215 77.17 -17.25 71.67
C ASP V 215 76.14 -18.12 70.99
N ALA V 216 75.96 -19.35 71.48
CA ALA V 216 75.05 -20.28 70.81
C ALA V 216 73.66 -19.70 70.74
N GLN V 217 73.20 -19.08 71.82
CA GLN V 217 71.84 -18.56 71.86
C GLN V 217 71.65 -17.50 70.80
N LEU V 218 72.58 -16.54 70.75
CA LEU V 218 72.47 -15.50 69.75
C LEU V 218 72.55 -16.09 68.36
N LYS V 219 73.31 -17.17 68.20
CA LYS V 219 73.37 -17.83 66.90
C LYS V 219 72.06 -18.51 66.55
N VAL V 220 71.38 -19.08 67.55
CA VAL V 220 70.07 -19.65 67.28
C VAL V 220 69.14 -18.57 66.79
N VAL V 221 69.14 -17.43 67.45
CA VAL V 221 68.24 -16.36 67.05
C VAL V 221 68.61 -15.86 65.67
N ASP V 222 69.90 -15.66 65.43
CA ASP V 222 70.35 -15.15 64.14
C ASP V 222 69.97 -16.10 63.02
N GLU V 223 70.17 -17.40 63.23
CA GLU V 223 69.84 -18.33 62.18
C GLU V 223 68.34 -18.47 62.03
N ALA V 224 67.61 -18.47 63.14
CA ALA V 224 66.15 -18.48 63.06
C ALA V 224 65.66 -17.35 62.18
N ILE V 225 66.20 -16.17 62.40
CA ILE V 225 65.88 -15.03 61.55
C ILE V 225 66.29 -15.31 60.12
N ASN V 226 67.48 -15.87 59.92
CA ASN V 226 67.96 -16.11 58.57
C ASN V 226 67.07 -17.11 57.85
N GLN V 227 66.52 -18.07 58.59
CA GLN V 227 65.61 -19.04 58.02
C GLN V 227 64.28 -18.40 57.69
N VAL V 228 63.83 -17.44 58.52
CA VAL V 228 62.65 -16.66 58.15
C VAL V 228 62.94 -15.87 56.89
N SER V 229 64.12 -15.25 56.83
CA SER V 229 64.52 -14.45 55.69
C SER V 229 64.48 -15.26 54.41
N SER V 230 65.05 -16.45 54.46
CA SER V 230 65.10 -17.29 53.27
C SER V 230 63.74 -17.89 52.96
N GLN V 231 62.96 -18.19 53.99
CA GLN V 231 61.60 -18.68 53.76
C GLN V 231 60.78 -17.62 53.06
N ARG V 232 60.87 -16.39 53.54
CA ARG V 232 60.19 -15.28 52.92
C ARG V 232 60.80 -14.99 51.55
N ALA V 233 62.07 -15.31 51.36
CA ALA V 233 62.71 -15.12 50.07
C ALA V 233 62.11 -16.05 49.03
N LYS V 234 62.00 -17.32 49.37
CA LYS V 234 61.32 -18.27 48.50
C LYS V 234 59.89 -17.82 48.26
N LEU V 235 59.22 -17.46 49.35
CA LEU V 235 57.82 -17.08 49.30
C LEU V 235 57.59 -15.93 48.35
N GLY V 236 58.43 -14.90 48.44
CA GLY V 236 58.31 -13.75 47.58
C GLY V 236 58.79 -14.03 46.17
N ALA V 237 59.73 -14.96 46.02
CA ALA V 237 60.10 -15.40 44.70
C ALA V 237 58.88 -15.92 43.97
N VAL V 238 58.13 -16.80 44.65
CA VAL V 238 56.92 -17.33 44.05
C VAL V 238 55.90 -16.23 43.85
N GLN V 239 55.85 -15.27 44.77
CA GLN V 239 54.96 -14.13 44.57
C GLN V 239 55.24 -13.45 43.24
N ASN V 240 56.51 -13.17 42.98
CA ASN V 240 56.87 -12.54 41.72
C ASN V 240 56.51 -13.42 40.56
N ARG V 241 56.74 -14.73 40.71
CA ARG V 241 56.36 -15.68 39.66
C ARG V 241 54.90 -15.54 39.30
N LEU V 242 54.05 -15.50 40.31
CA LEU V 242 52.63 -15.46 40.02
C LEU V 242 52.22 -14.09 39.51
N GLU V 243 52.95 -13.05 39.88
CA GLU V 243 52.72 -11.75 39.25
C GLU V 243 52.93 -11.85 37.74
N HIS V 244 54.10 -12.34 37.33
CA HIS V 244 54.40 -12.41 35.91
C HIS V 244 53.56 -13.46 35.21
N THR V 245 53.22 -14.53 35.93
CA THR V 245 52.28 -15.51 35.42
C THR V 245 50.98 -14.83 35.06
N ILE V 246 50.39 -14.11 36.00
CA ILE V 246 49.10 -13.48 35.76
C ILE V 246 49.19 -12.50 34.62
N ASN V 247 50.29 -11.77 34.54
CA ASN V 247 50.44 -10.85 33.43
C ASN V 247 50.44 -11.60 32.11
N ASN V 248 51.09 -12.77 32.08
CA ASN V 248 51.04 -13.61 30.89
C ASN V 248 49.64 -14.15 30.66
N LEU V 249 48.97 -14.60 31.72
CA LEU V 249 47.64 -15.18 31.59
C LEU V 249 46.67 -14.15 31.05
N SER V 250 46.85 -12.91 31.47
CA SER V 250 46.00 -11.81 31.03
C SER V 250 46.23 -11.50 29.56
N ALA V 251 47.50 -11.28 29.20
CA ALA V 251 47.81 -10.93 27.82
C ALA V 251 47.48 -12.08 26.88
N SER V 252 47.95 -13.26 27.24
CA SER V 252 47.71 -14.45 26.43
C SER V 252 46.24 -14.77 26.35
N GLY V 253 45.54 -14.63 27.46
CA GLY V 253 44.11 -14.85 27.45
C GLY V 253 43.41 -13.90 26.50
N GLU V 254 43.79 -12.62 26.55
CA GLU V 254 43.24 -11.65 25.63
C GLU V 254 43.48 -12.05 24.19
N ASN V 255 44.75 -12.29 23.84
CA ASN V 255 45.09 -12.66 22.47
C ASN V 255 44.34 -13.91 22.05
N LEU V 256 44.06 -14.79 23.01
CA LEU V 256 43.38 -16.04 22.71
C LEU V 256 41.90 -15.82 22.44
N THR V 257 41.25 -15.01 23.27
CA THR V 257 39.86 -14.69 23.00
C THR V 257 39.72 -13.92 21.71
N ALA V 258 40.73 -13.14 21.37
CA ALA V 258 40.74 -12.50 20.07
C ALA V 258 40.88 -13.52 18.95
N ALA V 259 41.73 -14.54 19.16
CA ALA V 259 41.88 -15.60 18.17
C ALA V 259 40.55 -16.30 17.93
N GLU V 260 39.89 -16.70 19.01
CA GLU V 260 38.56 -17.27 18.91
C GLU V 260 37.65 -16.32 18.15
N SER V 261 37.68 -15.04 18.54
CA SER V 261 36.81 -14.05 17.93
C SER V 261 37.04 -13.99 16.43
N ARG V 262 38.28 -14.18 16.00
CA ARG V 262 38.54 -14.26 14.57
C ARG V 262 37.88 -15.48 13.97
N ILE V 263 37.90 -16.61 14.68
CA ILE V 263 37.19 -17.77 14.15
C ILE V 263 35.70 -17.47 14.07
N ARG V 264 35.12 -16.95 15.16
CA ARG V 264 33.70 -16.61 15.20
C ARG V 264 33.42 -15.19 14.75
N ASP V 265 34.38 -14.53 14.09
CA ASP V 265 34.20 -13.16 13.63
C ASP V 265 32.96 -13.06 12.77
N VAL V 266 31.92 -12.39 13.27
CA VAL V 266 30.78 -12.01 12.46
C VAL V 266 31.04 -10.59 11.96
N ASP V 267 31.13 -10.45 10.65
CA ASP V 267 31.04 -9.13 10.03
C ASP V 267 29.56 -8.79 10.05
N MET V 268 29.13 -8.25 11.19
CA MET V 268 27.71 -8.02 11.41
C MET V 268 27.14 -7.12 10.34
N ALA V 269 27.93 -6.17 9.85
CA ALA V 269 27.44 -5.33 8.76
C ALA V 269 27.26 -6.15 7.49
N LYS V 270 28.24 -6.99 7.16
CA LYS V 270 28.09 -7.89 6.03
C LYS V 270 26.85 -8.74 6.17
N GLU V 271 26.65 -9.31 7.34
CA GLU V 271 25.61 -10.31 7.50
C GLU V 271 24.22 -9.67 7.52
N MET V 272 24.12 -8.46 8.04
CA MET V 272 22.88 -7.72 7.89
C MET V 272 22.62 -7.38 6.43
N SER V 273 23.69 -6.98 5.73
CA SER V 273 23.55 -6.65 4.31
C SER V 273 23.12 -7.86 3.50
N GLU V 274 23.80 -8.96 3.68
CA GLU V 274 23.48 -10.19 2.97
C GLU V 274 22.09 -10.67 3.35
N PHE V 275 21.73 -10.51 4.62
CA PHE V 275 20.38 -10.82 5.05
C PHE V 275 19.36 -10.04 4.25
N THR V 276 19.55 -8.73 4.20
CA THR V 276 18.71 -7.84 3.41
C THR V 276 18.57 -8.35 2.00
N LYS V 277 19.70 -8.60 1.36
CA LYS V 277 19.71 -9.06 -0.01
C LYS V 277 18.87 -10.32 -0.15
N ASN V 278 19.08 -11.28 0.73
CA ASN V 278 18.37 -12.55 0.57
C ASN V 278 16.87 -12.38 0.79
N ASN V 279 16.47 -11.44 1.63
CA ASN V 279 15.05 -11.11 1.72
C ASN V 279 14.53 -10.62 0.38
N ILE V 280 15.23 -9.62 -0.16
CA ILE V 280 14.86 -9.05 -1.45
C ILE V 280 14.72 -10.15 -2.48
N LEU V 281 15.71 -11.02 -2.55
CA LEU V 281 15.77 -12.05 -3.56
C LEU V 281 14.64 -13.05 -3.40
N SER V 282 14.34 -13.43 -2.16
CA SER V 282 13.21 -14.31 -1.91
C SER V 282 11.93 -13.68 -2.42
N GLN V 283 11.70 -12.43 -2.03
CA GLN V 283 10.45 -11.76 -2.39
C GLN V 283 10.31 -11.62 -3.90
N ALA V 284 11.39 -11.24 -4.55
CA ALA V 284 11.39 -11.10 -6.00
C ALA V 284 11.05 -12.42 -6.65
N SER V 285 11.71 -13.49 -6.20
CA SER V 285 11.47 -14.80 -6.80
C SER V 285 10.03 -15.21 -6.61
N GLN V 286 9.43 -14.91 -5.45
CA GLN V 286 8.03 -15.27 -5.25
C GLN V 286 7.12 -14.49 -6.17
N ALA V 287 7.41 -13.20 -6.36
CA ALA V 287 6.65 -12.42 -7.33
C ALA V 287 6.70 -13.07 -8.69
N MET V 288 7.88 -13.55 -9.07
CA MET V 288 7.98 -14.22 -10.35
C MET V 288 7.21 -15.54 -10.35
N LEU V 289 7.13 -16.22 -9.21
CA LEU V 289 6.33 -17.44 -9.18
C LEU V 289 4.86 -17.13 -9.37
N ALA V 290 4.40 -16.03 -8.79
CA ALA V 290 3.06 -15.58 -9.08
C ALA V 290 2.88 -15.37 -10.56
N GLN V 291 3.82 -14.66 -11.19
CA GLN V 291 3.72 -14.42 -12.62
C GLN V 291 3.72 -15.72 -13.42
N ALA V 292 4.50 -16.71 -12.98
CA ALA V 292 4.49 -18.02 -13.60
C ALA V 292 3.12 -18.65 -13.50
N ASN V 293 2.39 -18.34 -12.44
CA ASN V 293 1.02 -18.80 -12.34
C ASN V 293 0.03 -17.92 -13.10
N GLN V 294 0.43 -16.68 -13.43
CA GLN V 294 -0.47 -15.79 -14.14
C GLN V 294 -0.48 -16.08 -15.63
N GLN V 295 0.69 -16.26 -16.22
CA GLN V 295 0.80 -16.51 -17.66
C GLN V 295 -0.11 -17.62 -18.16
N PRO V 296 -0.11 -18.83 -17.59
CA PRO V 296 -1.01 -19.87 -18.12
C PRO V 296 -2.49 -19.55 -17.96
N GLN V 297 -2.85 -18.62 -17.09
CA GLN V 297 -4.26 -18.20 -17.03
C GLN V 297 -4.62 -17.34 -18.22
N ASN V 298 -3.72 -16.40 -18.53
CA ASN V 298 -3.85 -15.64 -19.77
C ASN V 298 -3.99 -16.60 -20.94
N VAL V 299 -3.16 -17.64 -20.95
CA VAL V 299 -3.25 -18.67 -21.99
C VAL V 299 -4.63 -19.29 -21.99
N LEU V 300 -5.14 -19.63 -20.81
CA LEU V 300 -6.43 -20.29 -20.72
C LEU V 300 -7.50 -19.47 -21.41
N GLN V 301 -7.59 -18.18 -21.05
CA GLN V 301 -8.59 -17.34 -21.68
C GLN V 301 -8.34 -17.24 -23.18
N LEU V 302 -7.10 -16.95 -23.55
CA LEU V 302 -6.78 -16.65 -24.95
C LEU V 302 -7.02 -17.85 -25.85
N LEU V 303 -6.86 -19.06 -25.32
CA LEU V 303 -7.11 -20.29 -26.06
C LEU V 303 -8.39 -20.97 -25.63
N ARG V 304 -9.36 -20.21 -25.17
CA ARG V 304 -10.66 -20.76 -24.87
C ARG V 304 -11.56 -20.63 -26.08
N ILE W 3 -59.73 -61.76 -99.09
CA ILE W 3 -59.04 -62.57 -98.03
C ILE W 3 -59.21 -61.97 -96.65
N ASN W 4 -60.40 -61.40 -96.41
CA ASN W 4 -60.64 -60.63 -95.18
C ASN W 4 -60.29 -61.42 -93.93
N HIS W 5 -60.69 -62.69 -93.89
CA HIS W 5 -60.47 -63.52 -92.72
C HIS W 5 -59.01 -63.87 -92.47
N ASN W 6 -58.11 -63.52 -93.37
CA ASN W 6 -56.70 -63.83 -93.22
C ASN W 6 -55.85 -62.63 -92.83
N ILE W 7 -56.40 -61.43 -92.80
CA ILE W 7 -55.64 -60.21 -92.55
C ILE W 7 -55.90 -59.77 -91.12
N ALA W 8 -54.82 -59.64 -90.37
CA ALA W 8 -54.89 -59.07 -89.04
C ALA W 8 -53.68 -58.19 -88.76
N ALA W 9 -52.86 -57.91 -89.77
CA ALA W 9 -51.60 -57.22 -89.56
C ALA W 9 -50.77 -57.92 -88.51
N LEU W 10 -50.62 -59.22 -88.70
CA LEU W 10 -50.01 -60.04 -87.66
C LEU W 10 -48.60 -59.61 -87.33
N ASN W 11 -47.91 -58.96 -88.26
CA ASN W 11 -46.62 -58.38 -87.91
C ASN W 11 -46.81 -57.26 -86.91
N THR W 12 -47.89 -56.49 -87.06
CA THR W 12 -48.20 -55.49 -86.04
C THR W 12 -48.45 -56.19 -84.71
N LEU W 13 -49.12 -57.32 -84.74
CA LEU W 13 -49.43 -58.03 -83.50
C LEU W 13 -48.14 -58.50 -82.84
N ASN W 14 -47.22 -58.99 -83.64
CA ASN W 14 -45.93 -59.40 -83.14
C ASN W 14 -45.18 -58.23 -82.52
N ARG W 15 -45.23 -57.07 -83.19
CA ARG W 15 -44.65 -55.87 -82.61
C ARG W 15 -45.34 -55.53 -81.31
N LEU W 16 -46.64 -55.84 -81.22
CA LEU W 16 -47.36 -55.50 -80.02
C LEU W 16 -46.84 -56.30 -78.85
N SER W 17 -46.75 -57.62 -79.02
CA SER W 17 -46.21 -58.46 -77.98
C SER W 17 -44.82 -58.00 -77.57
N SER W 18 -43.99 -57.69 -78.57
CA SER W 18 -42.65 -57.22 -78.31
C SER W 18 -42.66 -55.95 -77.47
N ASN W 19 -43.49 -54.99 -77.87
CA ASN W 19 -43.51 -53.69 -77.21
C ASN W 19 -44.02 -53.82 -75.78
N ASN W 20 -45.02 -54.67 -75.57
CA ASN W 20 -45.54 -54.84 -74.23
C ASN W 20 -44.49 -55.43 -73.32
N SER W 21 -43.78 -56.44 -73.80
CA SER W 21 -42.70 -56.98 -72.98
C SER W 21 -41.61 -55.95 -72.78
N ALA W 22 -41.35 -55.12 -73.79
CA ALA W 22 -40.30 -54.12 -73.70
C ALA W 22 -40.59 -53.13 -72.58
N SER W 23 -41.76 -52.50 -72.64
CA SER W 23 -42.14 -51.55 -71.61
C SER W 23 -42.18 -52.23 -70.25
N GLN W 24 -42.64 -53.48 -70.21
CA GLN W 24 -42.62 -54.24 -68.95
C GLN W 24 -41.21 -54.30 -68.37
N LYS W 25 -40.25 -54.66 -69.20
CA LYS W 25 -38.87 -54.77 -68.74
C LYS W 25 -38.38 -53.45 -68.22
N ASN W 26 -38.69 -52.38 -68.96
CA ASN W 26 -38.32 -51.04 -68.51
C ASN W 26 -38.83 -50.79 -67.11
N MET W 27 -40.12 -51.04 -66.86
CA MET W 27 -40.68 -50.85 -65.52
C MET W 27 -39.92 -51.63 -64.48
N GLU W 28 -39.78 -52.93 -64.74
CA GLU W 28 -39.19 -53.83 -63.79
C GLU W 28 -37.82 -53.35 -63.35
N LYS W 29 -37.05 -52.84 -64.30
CA LYS W 29 -35.76 -52.27 -63.94
C LYS W 29 -35.94 -50.96 -63.20
N LEU W 30 -36.87 -50.12 -63.66
CA LEU W 30 -37.14 -48.84 -63.01
C LEU W 30 -37.62 -49.05 -61.59
N SER W 31 -38.62 -49.91 -61.42
CA SER W 31 -39.20 -50.16 -60.11
C SER W 31 -38.17 -50.72 -59.16
N SER W 32 -37.42 -51.71 -59.62
CA SER W 32 -36.42 -52.34 -58.77
C SER W 32 -35.16 -51.52 -58.66
N GLY W 33 -34.95 -50.58 -59.59
CA GLY W 33 -33.70 -49.86 -59.59
C GLY W 33 -32.54 -50.73 -60.01
N LEU W 34 -32.82 -51.73 -60.84
CA LEU W 34 -31.85 -52.76 -61.22
C LEU W 34 -31.72 -52.75 -62.72
N ARG W 35 -30.53 -52.40 -63.22
CA ARG W 35 -30.25 -52.69 -64.61
C ARG W 35 -29.97 -54.17 -64.79
N ILE W 36 -29.46 -54.81 -63.75
CA ILE W 36 -29.25 -56.24 -63.80
C ILE W 36 -30.57 -56.94 -64.04
N ASN W 37 -30.47 -58.13 -64.61
CA ASN W 37 -31.64 -58.96 -64.84
C ASN W 37 -31.84 -59.87 -63.64
N ARG W 38 -33.10 -60.25 -63.42
CA ARG W 38 -33.35 -61.42 -62.59
C ARG W 38 -32.88 -62.67 -63.29
N ALA W 39 -33.11 -62.75 -64.59
CA ALA W 39 -32.69 -63.86 -65.42
C ALA W 39 -31.18 -63.84 -65.59
N GLY W 40 -30.64 -65.00 -65.94
CA GLY W 40 -29.22 -65.19 -66.15
C GLY W 40 -28.63 -64.46 -67.34
N ASP W 41 -29.44 -63.69 -68.07
CA ASP W 41 -28.92 -62.87 -69.15
C ASP W 41 -27.87 -61.93 -68.61
N ASP W 42 -26.63 -62.12 -69.09
CA ASP W 42 -25.43 -61.52 -68.50
C ASP W 42 -25.18 -62.09 -67.11
N ALA W 43 -25.22 -63.42 -67.00
CA ALA W 43 -24.85 -64.07 -65.74
C ALA W 43 -23.42 -63.79 -65.35
N ALA W 44 -22.57 -63.39 -66.31
CA ALA W 44 -21.23 -62.92 -65.95
C ALA W 44 -21.34 -61.73 -65.00
N GLY W 45 -21.90 -60.62 -65.50
CA GLY W 45 -22.03 -59.44 -64.68
C GLY W 45 -22.82 -59.69 -63.40
N LEU W 46 -23.83 -60.54 -63.48
CA LEU W 46 -24.60 -60.88 -62.29
C LEU W 46 -23.71 -61.54 -61.27
N ALA W 47 -23.10 -62.67 -61.63
CA ALA W 47 -22.26 -63.42 -60.71
C ALA W 47 -21.15 -62.56 -60.15
N ILE W 48 -20.66 -61.60 -60.96
CA ILE W 48 -19.71 -60.65 -60.41
C ILE W 48 -20.37 -59.88 -59.29
N SER W 49 -21.48 -59.21 -59.57
CA SER W 49 -22.11 -58.36 -58.55
C SER W 49 -22.51 -59.15 -57.33
N GLU W 50 -22.85 -60.42 -57.53
CA GLU W 50 -23.07 -61.33 -56.43
C GLU W 50 -21.84 -61.42 -55.57
N LYS W 51 -20.70 -61.68 -56.21
CA LYS W 51 -19.43 -61.77 -55.49
C LYS W 51 -19.08 -60.44 -54.84
N MET W 52 -19.37 -59.35 -55.55
CA MET W 52 -19.15 -58.02 -55.02
C MET W 52 -19.89 -57.87 -53.71
N ARG W 53 -21.21 -58.08 -53.74
CA ARG W 53 -22.03 -57.92 -52.56
C ARG W 53 -21.58 -58.83 -51.43
N GLY W 54 -21.16 -60.03 -51.77
CA GLY W 54 -20.58 -60.91 -50.77
C GLY W 54 -19.42 -60.22 -50.08
N GLN W 55 -18.54 -59.62 -50.87
CA GLN W 55 -17.41 -58.92 -50.27
C GLN W 55 -17.85 -57.64 -49.58
N ILE W 56 -18.78 -56.87 -50.16
CA ILE W 56 -19.27 -55.63 -49.55
C ILE W 56 -19.77 -55.92 -48.15
N ARG W 57 -20.74 -56.82 -48.06
CA ARG W 57 -21.33 -57.20 -46.79
C ARG W 57 -20.25 -57.72 -45.86
N GLY W 58 -19.29 -58.47 -46.40
CA GLY W 58 -18.18 -58.91 -45.59
C GLY W 58 -17.32 -57.77 -45.09
N LEU W 59 -17.28 -56.66 -45.84
CA LEU W 59 -16.52 -55.50 -45.42
C LEU W 59 -17.28 -54.70 -44.37
N GLU W 60 -18.59 -54.71 -44.46
CA GLU W 60 -19.40 -54.09 -43.43
C GLU W 60 -19.21 -54.81 -42.10
N MET W 61 -19.30 -56.14 -42.14
CA MET W 61 -19.04 -56.92 -40.94
C MET W 61 -17.57 -56.87 -40.57
N ALA W 62 -16.70 -56.59 -41.54
CA ALA W 62 -15.28 -56.42 -41.23
C ALA W 62 -15.06 -55.16 -40.42
N SER W 63 -15.67 -54.07 -40.86
CA SER W 63 -15.60 -52.83 -40.12
C SER W 63 -16.16 -53.04 -38.72
N LYS W 64 -17.30 -53.70 -38.64
CA LYS W 64 -17.86 -54.07 -37.35
C LYS W 64 -16.85 -54.80 -36.49
N ASN W 65 -16.26 -55.87 -37.03
CA ASN W 65 -15.33 -56.68 -36.24
C ASN W 65 -14.12 -55.87 -35.81
N SER W 66 -13.64 -54.97 -36.68
CA SER W 66 -12.46 -54.20 -36.36
C SER W 66 -12.74 -53.17 -35.30
N GLN W 67 -13.90 -52.52 -35.40
CA GLN W 67 -14.32 -51.59 -34.35
C GLN W 67 -14.44 -52.33 -33.03
N ASP W 68 -14.95 -53.54 -33.06
CA ASP W 68 -15.04 -54.35 -31.87
C ASP W 68 -13.64 -54.65 -31.34
N GLY W 69 -12.71 -54.97 -32.26
CA GLY W 69 -11.31 -55.05 -31.90
C GLY W 69 -10.86 -53.83 -31.13
N ILE W 70 -11.18 -52.65 -31.64
CA ILE W 70 -10.78 -51.41 -31.01
C ILE W 70 -11.37 -51.31 -29.62
N SER W 71 -12.62 -51.72 -29.47
CA SER W 71 -13.26 -51.65 -28.17
C SER W 71 -12.51 -52.49 -27.16
N LEU W 72 -12.15 -53.70 -27.56
CA LEU W 72 -11.32 -54.55 -26.72
C LEU W 72 -10.02 -53.85 -26.37
N ILE W 73 -9.36 -53.31 -27.40
CA ILE W 73 -8.06 -52.67 -27.22
C ILE W 73 -8.17 -51.59 -26.18
N GLN W 74 -9.04 -50.62 -26.41
CA GLN W 74 -9.13 -49.46 -25.54
C GLN W 74 -9.55 -49.84 -24.13
N THR W 75 -10.34 -50.90 -23.99
CA THR W 75 -10.63 -51.43 -22.67
C THR W 75 -9.33 -51.79 -21.96
N ALA W 76 -8.59 -52.72 -22.56
CA ALA W 76 -7.35 -53.18 -21.94
C ALA W 76 -6.37 -52.02 -21.79
N GLU W 77 -6.36 -51.12 -22.76
CA GLU W 77 -5.49 -49.96 -22.77
C GLU W 77 -5.70 -49.11 -21.54
N GLY W 78 -6.94 -48.67 -21.32
CA GLY W 78 -7.22 -47.84 -20.17
C GLY W 78 -6.91 -48.56 -18.88
N ALA W 79 -7.19 -49.86 -18.85
CA ALA W 79 -6.87 -50.64 -17.66
C ALA W 79 -5.37 -50.64 -17.39
N LEU W 80 -4.57 -50.80 -18.43
CA LEU W 80 -3.12 -50.82 -18.28
C LEU W 80 -2.59 -49.44 -17.94
N THR W 81 -3.26 -48.40 -18.43
CA THR W 81 -2.90 -47.05 -18.03
C THR W 81 -3.08 -46.87 -16.54
N GLU W 82 -4.19 -47.35 -16.00
CA GLU W 82 -4.40 -47.25 -14.57
C GLU W 82 -3.40 -48.11 -13.81
N THR W 83 -3.15 -49.32 -14.30
CA THR W 83 -2.12 -50.17 -13.72
C THR W 83 -0.81 -49.41 -13.62
N HIS W 84 -0.45 -48.78 -14.72
CA HIS W 84 0.78 -48.03 -14.79
C HIS W 84 0.81 -46.92 -13.75
N ALA W 85 -0.29 -46.18 -13.64
CA ALA W 85 -0.37 -45.12 -12.64
C ALA W 85 -0.13 -45.67 -11.24
N ILE W 86 -0.73 -46.84 -10.97
CA ILE W 86 -0.44 -47.50 -9.70
C ILE W 86 1.05 -47.73 -9.58
N LEU W 87 1.66 -48.29 -10.62
CA LEU W 87 3.08 -48.61 -10.54
C LEU W 87 3.93 -47.38 -10.29
N GLN W 88 3.50 -46.22 -10.77
CA GLN W 88 4.15 -44.98 -10.38
C GLN W 88 4.06 -44.79 -8.88
N ARG W 89 2.86 -44.98 -8.34
CA ARG W 89 2.73 -44.87 -6.88
C ARG W 89 3.60 -45.90 -6.19
N VAL W 90 3.68 -47.10 -6.76
CA VAL W 90 4.49 -48.13 -6.15
C VAL W 90 5.91 -47.65 -6.04
N ARG W 91 6.48 -47.13 -7.14
CA ARG W 91 7.87 -46.70 -7.08
C ARG W 91 8.05 -45.57 -6.10
N GLU W 92 7.06 -44.69 -5.97
CA GLU W 92 7.11 -43.72 -4.88
C GLU W 92 7.29 -44.43 -3.57
N LEU W 93 6.53 -45.50 -3.38
CA LEU W 93 6.60 -46.26 -2.14
C LEU W 93 7.85 -47.12 -2.08
N VAL W 94 8.52 -47.36 -3.22
CA VAL W 94 9.79 -48.04 -3.19
C VAL W 94 10.86 -47.10 -2.69
N VAL W 95 10.85 -45.88 -3.19
CA VAL W 95 11.85 -44.92 -2.78
C VAL W 95 11.66 -44.56 -1.32
N GLN W 96 10.42 -44.45 -0.88
CA GLN W 96 10.18 -44.36 0.55
C GLN W 96 10.59 -45.65 1.24
N ALA W 97 10.38 -46.78 0.57
CA ALA W 97 10.79 -48.08 1.08
C ALA W 97 12.25 -48.38 0.81
N GLY W 98 12.99 -47.32 0.50
CA GLY W 98 14.36 -47.24 0.94
C GLY W 98 14.49 -46.98 2.41
N ASN W 99 13.37 -46.99 3.18
CA ASN W 99 13.37 -46.92 4.64
C ASN W 99 13.74 -45.50 5.08
N THR W 100 13.71 -44.58 4.12
CA THR W 100 14.47 -43.35 4.22
C THR W 100 15.85 -43.68 4.76
N GLY W 101 16.48 -44.65 4.10
CA GLY W 101 17.73 -45.14 4.61
C GLY W 101 17.57 -46.15 5.71
N THR W 102 17.69 -45.67 6.96
CA THR W 102 17.32 -46.43 8.14
C THR W 102 16.29 -45.70 8.99
N GLN W 103 15.88 -44.49 8.60
CA GLN W 103 15.11 -43.64 9.48
C GLN W 103 13.74 -44.19 9.76
N ASP W 104 13.10 -44.78 8.77
CA ASP W 104 11.83 -45.41 9.03
C ASP W 104 12.09 -46.65 9.89
N LYS W 105 11.11 -47.01 10.70
CA LYS W 105 11.21 -48.20 11.53
C LYS W 105 10.45 -49.35 10.88
N ALA W 106 10.49 -50.52 11.54
CA ALA W 106 9.85 -51.69 10.98
C ALA W 106 8.35 -51.48 10.82
N THR W 107 7.72 -50.83 11.78
CA THR W 107 6.29 -50.52 11.67
C THR W 107 6.03 -49.59 10.50
N ASP W 108 6.92 -48.63 10.28
CA ASP W 108 6.73 -47.72 9.15
C ASP W 108 6.78 -48.50 7.85
N LEU W 109 7.76 -49.39 7.71
CA LEU W 109 7.83 -50.25 6.54
C LEU W 109 6.60 -51.13 6.43
N GLN W 110 6.00 -51.52 7.56
CA GLN W 110 4.79 -52.32 7.51
C GLN W 110 3.59 -51.47 7.10
N SER W 111 3.55 -50.22 7.53
CA SER W 111 2.51 -49.32 7.06
C SER W 111 2.59 -49.16 5.55
N ILE W 112 3.80 -48.90 5.06
CA ILE W 112 4.03 -48.82 3.62
C ILE W 112 3.60 -50.12 2.97
N GLN W 113 4.04 -51.23 3.52
CA GLN W 113 3.77 -52.53 2.91
C GLN W 113 2.28 -52.83 2.90
N ASP W 114 1.55 -52.38 3.92
CA ASP W 114 0.11 -52.47 3.90
C ASP W 114 -0.44 -51.71 2.70
N GLY W 115 0.06 -50.49 2.51
CA GLY W 115 -0.34 -49.73 1.34
C GLY W 115 0.01 -50.43 0.03
N ILE W 116 1.18 -51.06 -0.03
CA ILE W 116 1.59 -51.67 -1.28
C ILE W 116 0.79 -52.92 -1.55
N SER W 117 0.59 -53.75 -0.54
CA SER W 117 -0.21 -54.95 -0.72
C SER W 117 -1.63 -54.60 -1.10
N ALA W 118 -2.12 -53.48 -0.57
CA ALA W 118 -3.38 -52.92 -1.02
C ALA W 118 -3.31 -52.58 -2.50
N LEU W 119 -2.21 -51.96 -2.94
CA LEU W 119 -2.05 -51.65 -4.35
C LEU W 119 -1.96 -52.92 -5.19
N THR W 120 -1.28 -53.94 -4.69
CA THR W 120 -1.25 -55.22 -5.36
C THR W 120 -2.66 -55.73 -5.58
N ASP W 121 -3.46 -55.69 -4.52
CA ASP W 121 -4.83 -56.16 -4.61
C ASP W 121 -5.59 -55.36 -5.65
N GLU W 122 -5.24 -54.09 -5.82
CA GLU W 122 -5.87 -53.30 -6.87
C GLU W 122 -5.37 -53.69 -8.24
N ILE W 123 -4.07 -53.95 -8.39
CA ILE W 123 -3.55 -54.37 -9.69
C ILE W 123 -4.17 -55.69 -10.08
N ASP W 124 -4.18 -56.65 -9.15
CA ASP W 124 -4.87 -57.91 -9.37
C ASP W 124 -6.32 -57.67 -9.68
N GLY W 125 -6.93 -56.67 -9.05
CA GLY W 125 -8.30 -56.33 -9.36
C GLY W 125 -8.45 -55.86 -10.78
N ILE W 126 -7.50 -55.03 -11.25
CA ILE W 126 -7.51 -54.63 -12.65
C ILE W 126 -7.45 -55.87 -13.54
N SER W 127 -6.42 -56.67 -13.33
CA SER W 127 -6.16 -57.78 -14.23
C SER W 127 -7.22 -58.86 -14.12
N ASN W 128 -8.02 -58.86 -13.05
CA ASN W 128 -9.07 -59.85 -12.84
C ASN W 128 -10.47 -59.24 -12.87
N ARG W 129 -10.59 -58.00 -13.33
CA ARG W 129 -11.90 -57.37 -13.57
C ARG W 129 -12.01 -56.88 -15.00
N THR W 130 -10.87 -56.62 -15.63
CA THR W 130 -10.89 -56.18 -17.00
C THR W 130 -11.32 -57.35 -17.88
N GLU W 131 -12.62 -57.42 -18.14
CA GLU W 131 -13.22 -58.42 -19.01
C GLU W 131 -13.78 -57.76 -20.25
N PHE W 132 -13.78 -58.49 -21.36
CA PHE W 132 -14.60 -58.15 -22.51
C PHE W 132 -15.44 -59.35 -22.87
N ASN W 133 -16.74 -59.21 -22.71
CA ASN W 133 -17.65 -60.30 -22.99
C ASN W 133 -17.26 -61.51 -22.15
N GLY W 134 -16.91 -61.24 -20.90
CA GLY W 134 -16.46 -62.25 -19.97
C GLY W 134 -15.01 -62.60 -20.10
N LYS W 135 -14.43 -62.39 -21.27
CA LYS W 135 -13.04 -62.73 -21.50
C LYS W 135 -12.16 -61.81 -20.68
N LYS W 136 -11.52 -62.36 -19.66
CA LYS W 136 -10.67 -61.56 -18.80
C LYS W 136 -9.49 -61.10 -19.64
N LEU W 137 -9.62 -59.88 -20.16
CA LEU W 137 -8.67 -59.38 -21.15
C LEU W 137 -7.28 -59.19 -20.58
N LEU W 138 -7.17 -59.03 -19.28
CA LEU W 138 -5.88 -58.95 -18.61
C LEU W 138 -5.63 -60.20 -17.77
N ASP W 139 -6.19 -61.32 -18.21
CA ASP W 139 -5.75 -62.61 -17.70
C ASP W 139 -4.32 -62.80 -18.18
N GLY W 140 -3.36 -62.69 -17.26
CA GLY W 140 -1.98 -62.84 -17.64
C GLY W 140 -1.65 -64.21 -18.22
N THR W 141 -2.50 -65.20 -17.97
CA THR W 141 -2.37 -66.53 -18.55
C THR W 141 -3.23 -66.72 -19.78
N TYR W 142 -3.80 -65.65 -20.34
CA TYR W 142 -4.62 -65.80 -21.53
C TYR W 142 -3.80 -66.35 -22.69
N LYS W 143 -2.79 -65.59 -23.13
CA LYS W 143 -1.94 -65.98 -24.26
C LYS W 143 -0.47 -65.91 -23.84
N VAL W 144 -0.12 -66.66 -22.81
CA VAL W 144 1.29 -66.96 -22.61
C VAL W 144 1.69 -67.91 -23.72
N ASP W 145 2.53 -67.42 -24.65
CA ASP W 145 2.98 -68.22 -25.80
C ASP W 145 3.55 -69.56 -25.35
N THR W 146 4.40 -69.55 -24.33
CA THR W 146 4.89 -70.73 -23.62
C THR W 146 5.90 -71.53 -24.42
N ALA W 147 6.06 -71.26 -25.71
CA ALA W 147 6.56 -72.23 -26.68
C ALA W 147 5.67 -73.46 -26.74
N THR W 148 4.37 -73.28 -26.49
CA THR W 148 3.39 -74.36 -26.57
C THR W 148 2.18 -73.85 -27.33
N PRO W 149 2.08 -74.15 -28.63
CA PRO W 149 0.88 -73.74 -29.39
C PRO W 149 -0.42 -74.20 -28.78
N ALA W 150 -0.41 -75.38 -28.15
CA ALA W 150 -1.64 -75.94 -27.59
C ALA W 150 -2.23 -75.05 -26.52
N ASN W 151 -1.41 -74.27 -25.82
CA ASN W 151 -1.86 -73.43 -24.72
C ASN W 151 -1.54 -71.97 -25.07
N GLN W 152 -2.39 -71.35 -25.90
CA GLN W 152 -2.23 -69.93 -26.22
C GLN W 152 -3.51 -69.12 -26.27
N LYS W 153 -4.67 -69.67 -26.63
CA LYS W 153 -5.87 -68.85 -26.79
C LYS W 153 -5.61 -67.63 -27.69
N ASN W 154 -4.94 -67.84 -28.83
CA ASN W 154 -4.50 -66.75 -29.70
C ASN W 154 -5.59 -65.73 -29.94
N LEU W 155 -5.34 -64.47 -29.57
CA LEU W 155 -6.37 -63.44 -29.68
C LEU W 155 -6.49 -63.06 -31.16
N VAL W 156 -7.14 -63.97 -31.89
CA VAL W 156 -7.34 -63.79 -33.32
C VAL W 156 -8.40 -62.73 -33.54
N PHE W 157 -8.24 -61.91 -34.58
CA PHE W 157 -9.29 -61.01 -35.11
C PHE W 157 -9.43 -61.25 -36.61
N GLN W 158 -10.46 -62.00 -37.01
CA GLN W 158 -10.85 -62.11 -38.42
C GLN W 158 -11.51 -60.82 -38.83
N ILE W 159 -10.88 -60.10 -39.73
CA ILE W 159 -11.39 -58.87 -40.26
C ILE W 159 -11.72 -58.98 -41.75
N GLY W 160 -10.77 -59.46 -42.55
CA GLY W 160 -10.96 -59.41 -43.98
C GLY W 160 -12.11 -60.27 -44.43
N ALA W 161 -12.86 -59.75 -45.41
CA ALA W 161 -13.97 -60.51 -45.98
C ALA W 161 -13.50 -61.80 -46.63
N ASN W 162 -12.22 -61.86 -46.99
CA ASN W 162 -11.62 -63.05 -47.56
C ASN W 162 -11.05 -63.93 -46.46
N ALA W 163 -10.94 -65.22 -46.76
CA ALA W 163 -10.50 -66.19 -45.78
C ALA W 163 -9.05 -65.96 -45.36
N THR W 164 -8.75 -66.33 -44.11
CA THR W 164 -7.45 -66.27 -43.46
C THR W 164 -7.03 -64.86 -43.10
N GLN W 165 -7.81 -63.84 -43.46
CA GLN W 165 -7.41 -62.47 -43.22
C GLN W 165 -7.58 -62.12 -41.75
N GLN W 166 -6.69 -62.64 -40.92
CA GLN W 166 -6.82 -62.56 -39.47
C GLN W 166 -5.65 -61.85 -38.85
N ILE W 167 -5.91 -61.29 -37.68
CA ILE W 167 -4.90 -60.60 -36.89
C ILE W 167 -4.64 -61.41 -35.62
N SER W 168 -3.36 -61.61 -35.31
CA SER W 168 -2.93 -62.38 -34.14
C SER W 168 -2.41 -61.41 -33.07
N VAL W 169 -3.05 -61.42 -31.91
CA VAL W 169 -2.71 -60.51 -30.82
C VAL W 169 -2.38 -61.33 -29.58
N ASN W 170 -1.57 -60.73 -28.69
CA ASN W 170 -1.11 -61.39 -27.47
C ASN W 170 -1.44 -60.60 -26.21
N ILE W 171 -2.05 -61.29 -25.27
CA ILE W 171 -2.29 -60.84 -23.90
C ILE W 171 -1.34 -61.65 -23.01
N GLU W 172 -0.57 -60.97 -22.14
CA GLU W 172 0.15 -61.70 -21.10
C GLU W 172 0.28 -60.99 -19.75
N ASP W 173 -0.29 -59.80 -19.58
CA ASP W 173 -0.02 -59.04 -18.37
C ASP W 173 -1.02 -59.38 -17.27
N MET W 174 -0.58 -59.15 -16.03
CA MET W 174 -1.39 -59.33 -14.83
C MET W 174 -0.56 -58.83 -13.65
N GLY W 175 -1.19 -58.80 -12.48
CA GLY W 175 -0.50 -58.35 -11.28
C GLY W 175 0.72 -59.17 -10.94
N ALA W 176 0.65 -60.48 -11.15
CA ALA W 176 1.80 -61.34 -10.88
C ALA W 176 2.85 -61.29 -11.98
N ASP W 177 2.64 -60.49 -13.03
CA ASP W 177 3.55 -60.41 -14.17
C ASP W 177 4.37 -59.13 -14.06
N ALA W 178 5.57 -59.22 -13.47
CA ALA W 178 6.37 -58.02 -13.20
C ALA W 178 7.75 -57.99 -13.85
N LEU W 179 8.70 -58.77 -13.34
CA LEU W 179 9.98 -58.96 -14.03
C LEU W 179 9.92 -60.32 -14.68
N GLY W 180 9.53 -60.33 -15.94
CA GLY W 180 9.46 -61.56 -16.69
C GLY W 180 10.84 -61.97 -17.11
N ILE W 181 11.64 -62.45 -16.15
CA ILE W 181 12.97 -62.96 -16.50
C ILE W 181 12.84 -63.99 -17.62
N LYS W 182 12.00 -64.98 -17.42
CA LYS W 182 11.50 -65.91 -18.40
C LYS W 182 10.04 -66.20 -18.12
N GLU W 183 9.80 -66.41 -16.83
CA GLU W 183 8.52 -66.57 -16.16
C GLU W 183 8.69 -65.91 -14.81
N ALA W 184 7.77 -66.17 -13.89
CA ALA W 184 7.97 -65.71 -12.51
C ALA W 184 9.13 -66.46 -11.89
N ASP W 185 10.11 -65.72 -11.38
CA ASP W 185 11.27 -66.37 -10.78
C ASP W 185 10.86 -67.00 -9.45
N GLY W 186 10.40 -66.17 -8.52
CA GLY W 186 10.03 -66.63 -7.20
C GLY W 186 9.66 -65.46 -6.32
N SER W 187 10.25 -65.41 -5.13
CA SER W 187 10.06 -64.26 -4.25
C SER W 187 10.47 -62.97 -4.95
N ILE W 188 11.47 -63.06 -5.82
CA ILE W 188 11.87 -61.96 -6.66
C ILE W 188 11.22 -62.11 -8.01
N ALA W 189 11.27 -61.04 -8.78
CA ALA W 189 10.94 -60.94 -10.20
C ALA W 189 9.45 -61.00 -10.53
N ALA W 190 8.64 -61.59 -9.67
CA ALA W 190 7.19 -61.50 -9.77
C ALA W 190 6.55 -61.16 -8.44
N LEU W 191 6.93 -61.89 -7.39
CA LEU W 191 6.22 -61.80 -6.12
C LEU W 191 6.59 -60.58 -5.33
N HIS W 192 7.61 -59.82 -5.72
CA HIS W 192 7.69 -58.49 -5.14
C HIS W 192 6.51 -57.65 -5.60
N SER W 193 6.03 -57.89 -6.82
CA SER W 193 4.81 -57.22 -7.24
C SER W 193 3.62 -57.75 -6.48
N VAL W 194 3.62 -59.04 -6.15
CA VAL W 194 2.51 -59.62 -5.44
C VAL W 194 2.71 -59.46 -3.93
N ASN W 195 3.79 -60.04 -3.40
CA ASN W 195 3.96 -60.13 -1.95
C ASN W 195 4.67 -58.92 -1.36
N ASP W 196 5.40 -58.15 -2.17
CA ASP W 196 6.05 -56.94 -1.65
C ASP W 196 7.09 -57.22 -0.58
N LEU W 197 8.25 -57.74 -0.99
CA LEU W 197 9.33 -58.13 -0.09
C LEU W 197 9.75 -57.11 0.96
N ASP W 198 9.42 -55.83 0.81
CA ASP W 198 9.86 -54.79 1.75
C ASP W 198 8.94 -54.81 2.97
N VAL W 199 9.27 -55.69 3.92
CA VAL W 199 8.49 -55.82 5.14
C VAL W 199 9.32 -55.41 6.35
N THR W 200 10.25 -56.28 6.72
CA THR W 200 11.34 -56.00 7.64
C THR W 200 12.64 -56.60 7.12
N LYS W 201 12.57 -57.57 6.22
CA LYS W 201 13.73 -58.06 5.51
C LYS W 201 14.51 -56.92 4.88
N PHE W 202 13.80 -55.87 4.46
CA PHE W 202 14.50 -54.71 3.92
C PHE W 202 15.36 -54.05 4.97
N ALA W 203 14.80 -53.85 6.17
CA ALA W 203 15.58 -53.19 7.22
C ALA W 203 16.80 -54.01 7.58
N ASP W 204 16.71 -55.33 7.44
CA ASP W 204 17.87 -56.20 7.68
C ASP W 204 18.97 -55.92 6.66
N ASN W 205 18.61 -55.92 5.37
CA ASN W 205 19.57 -55.71 4.27
C ASN W 205 18.97 -54.67 3.33
N ALA W 206 19.19 -53.41 3.64
CA ALA W 206 18.69 -52.36 2.78
C ALA W 206 19.38 -52.35 1.41
N ALA W 207 20.64 -52.78 1.34
CA ALA W 207 21.37 -52.91 0.08
C ALA W 207 22.16 -54.21 -0.05
N ASP W 208 22.55 -54.76 1.09
CA ASP W 208 23.62 -55.75 1.22
C ASP W 208 23.57 -57.01 0.36
N CYS W 209 22.39 -57.41 -0.16
CA CYS W 209 22.30 -58.72 -0.81
C CYS W 209 21.52 -58.71 -2.13
N ALA W 210 21.04 -57.56 -2.59
CA ALA W 210 20.29 -57.35 -3.83
C ALA W 210 18.90 -57.97 -3.83
N ASP W 211 18.75 -59.16 -3.24
CA ASP W 211 17.49 -59.89 -3.14
C ASP W 211 16.45 -59.08 -2.40
N ILE W 212 16.86 -58.50 -1.27
CA ILE W 212 16.11 -57.41 -0.65
C ILE W 212 16.91 -56.10 -0.64
N GLY W 213 18.14 -56.09 -1.12
CA GLY W 213 18.91 -54.86 -0.99
C GLY W 213 18.47 -53.69 -1.87
N PHE W 214 17.17 -53.39 -1.93
CA PHE W 214 16.54 -52.28 -2.67
C PHE W 214 16.66 -52.36 -4.18
N ASP W 215 17.76 -52.93 -4.64
CA ASP W 215 18.10 -53.13 -6.03
C ASP W 215 17.09 -54.01 -6.72
N ALA W 216 16.97 -55.26 -6.26
CA ALA W 216 16.09 -56.20 -6.95
C ALA W 216 14.67 -55.68 -6.96
N GLN W 217 14.20 -55.12 -5.85
CA GLN W 217 12.83 -54.66 -5.77
C GLN W 217 12.57 -53.58 -6.79
N LEU W 218 13.45 -52.58 -6.82
CA LEU W 218 13.28 -51.51 -7.78
C LEU W 218 13.36 -52.05 -9.20
N LYS W 219 14.16 -53.08 -9.41
CA LYS W 219 14.22 -53.69 -10.73
C LYS W 219 12.94 -54.42 -11.07
N VAL W 220 12.29 -55.04 -10.09
CA VAL W 220 11.00 -55.67 -10.34
C VAL W 220 10.02 -54.61 -10.79
N VAL W 221 9.99 -53.50 -10.08
CA VAL W 221 9.04 -52.45 -10.42
C VAL W 221 9.36 -51.90 -11.80
N ASP W 222 10.63 -51.63 -12.06
CA ASP W 222 11.03 -51.06 -13.32
C ASP W 222 10.67 -51.97 -14.47
N GLU W 223 10.93 -53.27 -14.31
CA GLU W 223 10.61 -54.18 -15.40
C GLU W 223 9.12 -54.39 -15.52
N ALA W 224 8.41 -54.45 -14.40
CA ALA W 224 6.95 -54.52 -14.44
C ALA W 224 6.40 -53.39 -15.28
N ILE W 225 6.89 -52.19 -15.03
CA ILE W 225 6.51 -51.04 -15.82
C ILE W 225 6.89 -51.25 -17.28
N ASN W 226 8.10 -51.75 -17.51
CA ASN W 226 8.56 -51.93 -18.88
C ASN W 226 7.70 -52.94 -19.63
N GLN W 227 7.21 -53.94 -18.90
CA GLN W 227 6.33 -54.93 -19.49
C GLN W 227 4.96 -54.33 -19.77
N VAL W 228 4.49 -53.43 -18.91
CA VAL W 228 3.28 -52.69 -19.22
C VAL W 228 3.51 -51.83 -20.44
N SER W 229 4.66 -51.17 -20.50
CA SER W 229 4.99 -50.31 -21.64
C SER W 229 4.96 -51.08 -22.94
N SER W 230 5.58 -52.25 -22.95
CA SER W 230 5.64 -53.04 -24.17
C SER W 230 4.30 -53.69 -24.47
N GLN W 231 3.54 -54.06 -23.43
CA GLN W 231 2.22 -54.60 -23.65
C GLN W 231 1.33 -53.54 -24.29
N ARG W 232 1.37 -52.33 -23.76
CA ARG W 232 0.64 -51.23 -24.35
C ARG W 232 1.20 -50.87 -25.71
N ALA W 233 2.48 -51.14 -25.93
CA ALA W 233 3.08 -50.87 -27.23
C ALA W 233 2.52 -51.78 -28.29
N LYS W 234 2.45 -53.08 -27.99
CA LYS W 234 1.80 -54.02 -28.89
C LYS W 234 0.35 -53.63 -29.09
N LEU W 235 -0.31 -53.34 -27.97
CA LEU W 235 -1.73 -53.02 -27.97
C LEU W 235 -2.02 -51.84 -28.89
N GLY W 236 -1.23 -50.78 -28.76
CA GLY W 236 -1.42 -49.61 -29.59
C GLY W 236 -0.96 -49.82 -31.01
N ALA W 237 0.01 -50.70 -31.21
CA ALA W 237 0.38 -51.07 -32.55
C ALA W 237 -0.84 -51.64 -33.27
N VAL W 238 -1.53 -52.56 -32.62
CA VAL W 238 -2.73 -53.12 -33.21
C VAL W 238 -3.81 -52.07 -33.35
N GLN W 239 -3.87 -51.13 -32.40
CA GLN W 239 -4.82 -50.03 -32.54
C GLN W 239 -4.59 -49.29 -33.84
N ASN W 240 -3.34 -48.95 -34.13
CA ASN W 240 -3.03 -48.25 -35.36
C ASN W 240 -3.38 -49.12 -36.56
N ARG W 241 -3.10 -50.42 -36.45
CA ARG W 241 -3.45 -51.33 -37.52
C ARG W 241 -4.93 -51.26 -37.85
N LEU W 242 -5.76 -51.30 -36.82
CA LEU W 242 -7.18 -51.29 -37.08
C LEU W 242 -7.66 -49.94 -37.54
N GLU W 243 -6.97 -48.88 -37.15
CA GLU W 243 -7.26 -47.57 -37.73
C GLU W 243 -7.09 -47.62 -39.23
N HIS W 244 -5.92 -48.03 -39.68
CA HIS W 244 -5.63 -48.04 -41.11
C HIS W 244 -6.45 -49.10 -41.83
N THR W 245 -6.73 -50.20 -41.15
CA THR W 245 -7.63 -51.19 -41.68
C THR W 245 -8.97 -50.57 -41.99
N ILE W 246 -9.57 -49.91 -41.01
CA ILE W 246 -10.90 -49.32 -41.19
C ILE W 246 -10.86 -48.31 -42.31
N ASN W 247 -9.79 -47.52 -42.38
CA ASN W 247 -9.71 -46.56 -43.46
C ASN W 247 -9.72 -47.27 -44.81
N ASN W 248 -9.00 -48.40 -44.89
CA ASN W 248 -9.06 -49.21 -46.11
C ASN W 248 -10.43 -49.80 -46.32
N LEU W 249 -11.06 -50.32 -45.27
CA LEU W 249 -12.36 -50.95 -45.40
C LEU W 249 -13.38 -49.94 -45.87
N SER W 250 -13.24 -48.71 -45.42
CA SER W 250 -14.16 -47.64 -45.80
C SER W 250 -13.97 -47.27 -47.25
N ALA W 251 -12.72 -46.97 -47.64
CA ALA W 251 -12.46 -46.56 -49.02
C ALA W 251 -12.76 -47.69 -49.99
N SER W 252 -12.24 -48.87 -49.68
CA SER W 252 -12.43 -50.04 -50.53
C SER W 252 -13.90 -50.41 -50.59
N GLY W 253 -14.58 -50.34 -49.46
CA GLY W 253 -16.00 -50.62 -49.45
C GLY W 253 -16.76 -49.67 -50.34
N GLU W 254 -16.43 -48.38 -50.26
CA GLU W 254 -17.04 -47.39 -51.14
C GLU W 254 -16.82 -47.75 -52.60
N ASN W 255 -15.54 -47.92 -52.97
CA ASN W 255 -15.22 -48.23 -54.35
C ASN W 255 -15.93 -49.49 -54.81
N LEU W 256 -16.15 -50.42 -53.88
CA LEU W 256 -16.77 -51.69 -54.22
C LEU W 256 -18.27 -51.53 -54.44
N THR W 257 -18.93 -50.76 -53.57
CA THR W 257 -20.35 -50.50 -53.79
C THR W 257 -20.55 -49.70 -55.06
N ALA W 258 -19.57 -48.86 -55.40
CA ALA W 258 -19.62 -48.17 -56.67
C ALA W 258 -19.46 -49.14 -57.82
N ALA W 259 -18.57 -50.12 -57.67
CA ALA W 259 -18.39 -51.15 -58.70
C ALA W 259 -19.69 -51.89 -58.95
N GLU W 260 -20.31 -52.36 -57.86
CA GLU W 260 -21.62 -52.99 -57.96
C GLU W 260 -22.59 -52.05 -58.66
N SER W 261 -22.61 -50.79 -58.23
CA SER W 261 -23.53 -49.82 -58.78
C SER W 261 -23.34 -49.69 -60.28
N ARG W 262 -22.09 -49.83 -60.74
CA ARG W 262 -21.86 -49.84 -62.17
C ARG W 262 -22.48 -51.06 -62.82
N ILE W 263 -22.40 -52.21 -62.14
CA ILE W 263 -23.07 -53.38 -62.70
C ILE W 263 -24.58 -53.14 -62.73
N ARG W 264 -25.15 -52.69 -61.62
CA ARG W 264 -26.58 -52.42 -61.54
C ARG W 264 -26.94 -50.99 -61.93
N ASP W 265 -26.02 -50.28 -62.59
CA ASP W 265 -26.27 -48.89 -63.00
C ASP W 265 -27.54 -48.82 -63.83
N VAL W 266 -28.58 -48.21 -63.28
CA VAL W 266 -29.76 -47.85 -64.05
C VAL W 266 -29.56 -46.40 -64.52
N ASP W 267 -29.51 -46.21 -65.82
CA ASP W 267 -29.68 -44.88 -66.38
C ASP W 267 -31.15 -44.61 -66.32
N MET W 268 -31.59 -44.13 -65.15
CA MET W 268 -33.02 -43.96 -64.89
C MET W 268 -33.66 -43.05 -65.93
N ALA W 269 -32.92 -42.05 -66.40
CA ALA W 269 -33.45 -41.20 -67.44
C ALA W 269 -33.63 -41.98 -68.73
N LYS W 270 -32.63 -42.77 -69.12
CA LYS W 270 -32.76 -43.63 -70.28
C LYS W 270 -33.97 -44.53 -70.15
N GLU W 271 -34.10 -45.16 -68.99
CA GLU W 271 -35.10 -46.20 -68.85
C GLU W 271 -36.51 -45.64 -68.78
N MET W 272 -36.66 -44.44 -68.21
CA MET W 272 -37.94 -43.75 -68.31
C MET W 272 -38.23 -43.38 -69.75
N SER W 273 -37.20 -42.91 -70.46
CA SER W 273 -37.39 -42.53 -71.86
C SER W 273 -37.79 -43.73 -72.70
N GLU W 274 -37.05 -44.82 -72.57
CA GLU W 274 -37.34 -46.02 -73.32
C GLU W 274 -38.69 -46.57 -72.93
N PHE W 275 -39.03 -46.48 -71.64
CA PHE W 275 -40.36 -46.86 -71.20
C PHE W 275 -41.42 -46.10 -71.96
N THR W 276 -41.29 -44.77 -71.96
CA THR W 276 -42.19 -43.90 -72.69
C THR W 276 -42.34 -44.37 -74.13
N LYS W 277 -41.20 -44.55 -74.80
CA LYS W 277 -41.22 -44.96 -76.19
C LYS W 277 -42.00 -46.24 -76.36
N ASN W 278 -41.73 -47.24 -75.51
CA ASN W 278 -42.38 -48.52 -75.69
C ASN W 278 -43.89 -48.43 -75.45
N ASN W 279 -44.31 -47.53 -74.56
CA ASN W 279 -45.75 -47.26 -74.44
C ASN W 279 -46.31 -46.76 -75.74
N ILE W 280 -45.67 -45.72 -76.26
CA ILE W 280 -46.09 -45.11 -77.52
C ILE W 280 -46.21 -46.18 -78.59
N LEU W 281 -45.18 -47.00 -78.70
CA LEU W 281 -45.10 -47.99 -79.76
C LEU W 281 -46.18 -49.04 -79.61
N SER W 282 -46.43 -49.48 -78.38
CA SER W 282 -47.52 -50.41 -78.15
C SER W 282 -48.84 -49.82 -78.59
N GLN W 283 -49.12 -48.59 -78.15
CA GLN W 283 -50.40 -47.97 -78.47
C GLN W 283 -50.58 -47.79 -79.96
N ALA W 284 -49.52 -47.33 -80.62
CA ALA W 284 -49.56 -47.15 -82.07
C ALA W 284 -49.87 -48.46 -82.77
N SER W 285 -49.15 -49.51 -82.37
CA SER W 285 -49.35 -50.81 -83.01
C SER W 285 -50.77 -51.30 -82.80
N GLN W 286 -51.35 -51.06 -81.62
CA GLN W 286 -52.72 -51.49 -81.41
C GLN W 286 -53.69 -50.71 -82.27
N ALA W 287 -53.45 -49.40 -82.42
CA ALA W 287 -54.28 -48.62 -83.35
C ALA W 287 -54.23 -49.22 -84.73
N MET W 288 -53.04 -49.64 -85.16
CA MET W 288 -52.94 -50.26 -86.47
C MET W 288 -53.64 -51.61 -86.49
N LEU W 289 -53.67 -52.33 -85.38
CA LEU W 289 -54.42 -53.59 -85.37
C LEU W 289 -55.91 -53.34 -85.52
N ALA W 290 -56.40 -52.27 -84.90
CA ALA W 290 -57.77 -51.87 -85.14
C ALA W 290 -57.99 -51.62 -86.61
N GLN W 291 -57.09 -50.86 -87.23
CA GLN W 291 -57.23 -50.56 -88.66
C GLN W 291 -57.20 -51.84 -89.49
N ALA W 292 -56.36 -52.80 -89.10
CA ALA W 292 -56.33 -54.09 -89.77
C ALA W 292 -57.67 -54.78 -89.67
N ASN W 293 -58.39 -54.54 -88.58
CA ASN W 293 -59.74 -55.07 -88.46
C ASN W 293 -60.77 -54.20 -89.18
N GLN W 294 -60.44 -52.95 -89.47
CA GLN W 294 -61.39 -52.06 -90.14
C GLN W 294 -61.42 -52.30 -91.64
N GLN W 295 -60.25 -52.41 -92.25
CA GLN W 295 -60.16 -52.61 -93.69
C GLN W 295 -61.04 -53.74 -94.22
N PRO W 296 -60.98 -54.96 -93.70
CA PRO W 296 -61.84 -56.02 -94.25
C PRO W 296 -63.32 -55.77 -94.05
N GLN W 297 -63.72 -54.88 -93.14
CA GLN W 297 -65.13 -54.53 -93.02
C GLN W 297 -65.55 -53.65 -94.18
N ASN W 298 -64.71 -52.67 -94.48
CA ASN W 298 -64.89 -51.87 -95.68
C ASN W 298 -65.02 -52.79 -96.88
N VAL W 299 -64.14 -53.79 -96.95
CA VAL W 299 -64.22 -54.78 -98.02
C VAL W 299 -65.57 -55.47 -98.02
N LEU W 300 -66.03 -55.87 -96.83
CA LEU W 300 -67.29 -56.59 -96.74
C LEU W 300 -68.41 -55.79 -97.37
N GLN W 301 -68.55 -54.53 -96.98
CA GLN W 301 -69.60 -53.70 -97.56
C GLN W 301 -69.38 -53.54 -99.05
N LEU W 302 -68.17 -53.19 -99.45
CA LEU W 302 -67.89 -52.82 -100.82
C LEU W 302 -68.10 -54.00 -101.77
N LEU W 303 -67.89 -55.22 -101.29
CA LEU W 303 -68.09 -56.44 -102.07
C LEU W 303 -69.32 -57.19 -101.62
N ARG W 304 -70.33 -56.49 -101.12
CA ARG W 304 -71.60 -57.09 -100.82
C ARG W 304 -72.52 -56.96 -102.01
N ILE X 3 4.09 -0.03 -31.38
CA ILE X 3 5.55 -0.36 -31.18
C ILE X 3 5.86 -0.70 -29.73
N ASN X 4 4.91 -1.38 -29.08
CA ASN X 4 5.01 -1.61 -27.65
C ASN X 4 6.33 -2.26 -27.25
N HIS X 5 6.77 -3.25 -28.01
CA HIS X 5 7.98 -3.99 -27.70
C HIS X 5 9.25 -3.18 -27.87
N ASN X 6 9.17 -1.96 -28.40
CA ASN X 6 10.34 -1.13 -28.61
C ASN X 6 10.48 0.00 -27.60
N ILE X 7 9.48 0.22 -26.74
CA ILE X 7 9.48 1.35 -25.82
C ILE X 7 9.85 0.84 -24.44
N ALA X 8 10.89 1.43 -23.89
CA ALA X 8 11.26 1.18 -22.50
C ALA X 8 11.74 2.44 -21.82
N ALA X 9 11.59 3.60 -22.46
CA ALA X 9 12.15 4.85 -21.96
C ALA X 9 13.64 4.68 -21.71
N LEU X 10 14.32 4.18 -22.72
CA LEU X 10 15.71 3.78 -22.53
C LEU X 10 16.59 4.95 -22.12
N ASN X 11 16.20 6.19 -22.46
CA ASN X 11 16.92 7.33 -21.93
C ASN X 11 16.74 7.40 -20.42
N THR X 12 15.55 7.06 -19.93
CA THR X 12 15.38 6.97 -18.49
C THR X 12 16.28 5.90 -17.92
N LEU X 13 16.43 4.79 -18.63
CA LEU X 13 17.28 3.71 -18.14
C LEU X 13 18.72 4.16 -18.07
N ASN X 14 19.15 4.91 -19.06
CA ASN X 14 20.49 5.45 -19.07
C ASN X 14 20.69 6.41 -17.90
N ARG X 15 19.68 7.25 -17.65
CA ARG X 15 19.74 8.11 -16.46
C ARG X 15 19.80 7.27 -15.22
N LEU X 16 19.17 6.11 -15.24
CA LEU X 16 19.17 5.29 -14.06
C LEU X 16 20.56 4.80 -13.75
N SER X 17 21.21 4.22 -14.74
CA SER X 17 22.58 3.76 -14.57
C SER X 17 23.46 4.91 -14.08
N SER X 18 23.31 6.08 -14.71
CA SER X 18 24.08 7.24 -14.31
C SER X 18 23.85 7.59 -12.85
N ASN X 19 22.58 7.64 -12.44
CA ASN X 19 22.24 8.06 -11.09
C ASN X 19 22.74 7.07 -10.06
N ASN X 20 22.65 5.78 -10.37
CA ASN X 20 23.12 4.78 -9.44
C ASN X 20 24.62 4.90 -9.23
N SER X 21 25.36 5.07 -10.31
CA SER X 21 26.78 5.28 -10.15
C SER X 21 27.07 6.57 -9.42
N ALA X 22 26.26 7.60 -9.66
CA ALA X 22 26.47 8.89 -9.02
C ALA X 22 26.35 8.78 -7.50
N SER X 23 25.21 8.26 -7.04
CA SER X 23 25.02 8.09 -5.60
C SER X 23 26.08 7.18 -5.02
N GLN X 24 26.47 6.15 -5.78
CA GLN X 24 27.56 5.27 -5.34
C GLN X 24 28.82 6.06 -5.07
N LYS X 25 29.21 6.91 -6.01
CA LYS X 25 30.41 7.70 -5.85
C LYS X 25 30.32 8.60 -4.64
N ASN X 26 29.15 9.22 -4.45
CA ASN X 26 28.93 10.05 -3.28
C ASN X 26 29.21 9.26 -2.01
N MET X 27 28.64 8.06 -1.89
CA MET X 27 28.89 7.23 -0.70
C MET X 27 30.36 6.98 -0.51
N GLU X 28 31.00 6.49 -1.56
CA GLU X 28 32.39 6.08 -1.50
C GLU X 28 33.25 7.19 -0.96
N LYS X 29 32.99 8.41 -1.41
CA LYS X 29 33.72 9.54 -0.88
C LYS X 29 33.30 9.84 0.56
N LEU X 30 32.00 9.76 0.84
CA LEU X 30 31.50 9.99 2.18
C LEU X 30 32.06 8.98 3.16
N SER X 31 31.95 7.70 2.80
CA SER X 31 32.41 6.63 3.68
C SER X 31 33.90 6.73 3.93
N SER X 32 34.67 6.94 2.88
CA SER X 32 36.11 7.02 3.01
C SER X 32 36.55 8.38 3.52
N GLY X 33 35.71 9.39 3.42
CA GLY X 33 36.13 10.72 3.79
C GLY X 33 37.12 11.28 2.79
N LEU X 34 37.03 10.85 1.55
CA LEU X 34 38.01 11.18 0.50
C LEU X 34 37.27 11.86 -0.63
N ARG X 35 37.60 13.12 -0.88
CA ARG X 35 37.19 13.72 -2.13
C ARG X 35 38.06 13.20 -3.26
N ILE X 36 39.30 12.84 -2.95
CA ILE X 36 40.16 12.25 -3.94
C ILE X 36 39.53 10.97 -4.47
N ASN X 37 39.92 10.62 -5.68
CA ASN X 37 39.47 9.39 -6.30
C ASN X 37 40.47 8.28 -5.98
N ARG X 38 39.97 7.06 -5.96
CA ARG X 38 40.87 5.92 -6.07
C ARG X 38 41.47 5.87 -7.47
N ALA X 39 40.64 6.15 -8.47
CA ALA X 39 41.07 6.19 -9.85
C ALA X 39 41.95 7.40 -10.10
N GLY X 40 42.73 7.32 -11.17
CA GLY X 40 43.65 8.37 -11.58
C GLY X 40 43.01 9.64 -12.04
N ASP X 41 41.68 9.74 -12.01
CA ASP X 41 40.99 10.98 -12.33
C ASP X 41 41.49 12.08 -11.40
N ASP X 42 42.13 13.08 -11.99
CA ASP X 42 42.93 14.08 -11.26
C ASP X 42 44.14 13.43 -10.61
N ALA X 43 44.88 12.64 -11.40
CA ALA X 43 46.14 12.09 -10.91
C ALA X 43 47.14 13.17 -10.56
N ALA X 44 46.98 14.38 -11.09
CA ALA X 44 47.79 15.50 -10.63
C ALA X 44 47.60 15.70 -9.12
N GLY X 45 46.38 16.06 -8.72
CA GLY X 45 46.12 16.28 -7.32
C GLY X 45 46.42 15.07 -6.46
N LEU X 46 46.15 13.87 -7.00
CA LEU X 46 46.48 12.66 -6.26
C LEU X 46 47.96 12.58 -5.99
N ALA X 47 48.76 12.56 -7.07
CA ALA X 47 50.21 12.45 -6.94
C ALA X 47 50.78 13.53 -6.04
N ILE X 48 50.17 14.71 -6.07
CA ILE X 48 50.56 15.74 -5.12
C ILE X 48 50.33 15.22 -3.71
N SER X 49 49.10 14.85 -3.38
CA SER X 49 48.79 14.46 -2.01
C SER X 49 49.61 13.26 -1.58
N GLU X 50 49.94 12.40 -2.54
CA GLU X 50 50.87 11.32 -2.28
C GLU X 50 52.20 11.87 -1.82
N LYS X 51 52.74 12.82 -2.56
CA LYS X 51 54.00 13.44 -2.19
C LYS X 51 53.87 14.17 -0.86
N MET X 52 52.73 14.82 -0.65
CA MET X 52 52.46 15.50 0.60
C MET X 52 52.59 14.52 1.74
N ARG X 53 51.83 13.42 1.70
CA ARG X 53 51.84 12.44 2.77
C ARG X 53 53.22 11.85 2.97
N GLY X 54 53.95 11.65 1.88
CA GLY X 54 55.33 11.23 2.02
C GLY X 54 56.10 12.21 2.88
N GLN X 55 55.94 13.50 2.60
CA GLN X 55 56.63 14.50 3.42
C GLN X 55 56.03 14.59 4.82
N ILE X 56 54.70 14.53 4.97
CA ILE X 56 54.06 14.58 6.28
C ILE X 56 54.64 13.51 7.18
N ARG X 57 54.53 12.27 6.74
CA ARG X 57 55.03 11.14 7.49
C ARG X 57 56.51 11.31 7.76
N GLY X 58 57.24 11.84 6.78
CA GLY X 58 58.65 12.12 7.00
C GLY X 58 58.87 13.20 8.05
N LEU X 59 57.90 14.10 8.21
CA LEU X 59 58.01 15.14 9.23
C LEU X 59 57.66 14.59 10.60
N GLU X 60 56.75 13.63 10.65
CA GLU X 60 56.45 12.96 11.90
C GLU X 60 57.67 12.21 12.40
N MET X 61 58.30 11.44 11.51
CA MET X 61 59.53 10.76 11.87
C MET X 61 60.67 11.74 12.05
N ALA X 62 60.57 12.92 11.43
CA ALA X 62 61.58 13.96 11.65
C ALA X 62 61.48 14.49 13.06
N SER X 63 60.27 14.79 13.51
CA SER X 63 60.06 15.22 14.87
C SER X 63 60.55 14.16 15.83
N LYS X 64 60.20 12.91 15.55
CA LYS X 64 60.73 11.79 16.33
C LYS X 64 62.24 11.83 16.41
N ASN X 65 62.90 11.91 15.25
CA ASN X 65 64.37 11.87 15.24
C ASN X 65 64.96 13.05 15.97
N SER X 66 64.33 14.21 15.88
CA SER X 66 64.88 15.40 16.52
C SER X 66 64.70 15.34 18.01
N GLN X 67 63.56 14.84 18.47
CA GLN X 67 63.36 14.63 19.90
C GLN X 67 64.37 13.64 20.42
N ASP X 68 64.66 12.62 19.64
CA ASP X 68 65.68 11.66 20.01
C ASP X 68 67.04 12.34 20.08
N GLY X 69 67.31 13.22 19.12
CA GLY X 69 68.48 14.09 19.21
C GLY X 69 68.54 14.79 20.54
N ILE X 70 67.43 15.37 20.96
CA ILE X 70 67.38 16.11 22.22
C ILE X 70 67.68 15.18 23.37
N SER X 71 67.16 13.96 23.33
CA SER X 71 67.40 13.02 24.41
C SER X 71 68.89 12.74 24.55
N LEU X 72 69.55 12.52 23.42
CA LEU X 72 71.00 12.36 23.42
C LEU X 72 71.66 13.58 24.02
N ILE X 73 71.26 14.75 23.55
CA ILE X 73 71.86 16.00 23.98
C ILE X 73 71.79 16.11 25.49
N GLN X 74 70.58 16.06 26.03
CA GLN X 74 70.38 16.28 27.45
C GLN X 74 71.06 15.23 28.29
N THR X 75 71.18 14.01 27.77
CA THR X 75 71.98 13.00 28.45
C THR X 75 73.40 13.51 28.62
N ALA X 76 74.06 13.80 27.51
CA ALA X 76 75.44 14.24 27.55
C ALA X 76 75.56 15.53 28.34
N GLU X 77 74.57 16.40 28.20
CA GLU X 77 74.52 17.69 28.89
C GLU X 77 74.59 17.51 30.39
N GLY X 78 73.67 16.73 30.94
CA GLY X 78 73.66 16.53 32.38
C GLY X 78 74.94 15.87 32.85
N ALA X 79 75.47 14.96 32.04
CA ALA X 79 76.72 14.33 32.39
C ALA X 79 77.85 15.34 32.46
N LEU X 80 77.91 16.26 31.50
CA LEU X 80 78.94 17.28 31.48
C LEU X 80 78.75 18.29 32.59
N THR X 81 77.49 18.52 32.98
CA THR X 81 77.23 19.37 34.13
C THR X 81 77.82 18.76 35.38
N GLU X 82 77.63 17.45 35.56
CA GLU X 82 78.21 16.80 36.72
C GLU X 82 79.73 16.80 36.64
N THR X 83 80.27 16.54 35.45
CA THR X 83 81.72 16.63 35.24
C THR X 83 82.23 17.97 35.70
N HIS X 84 81.53 19.01 35.26
CA HIS X 84 81.90 20.36 35.59
C HIS X 84 81.90 20.57 37.10
N ALA X 85 80.84 20.11 37.76
CA ALA X 85 80.76 20.24 39.21
C ALA X 85 81.96 19.58 39.88
N ILE X 86 82.35 18.40 39.37
CA ILE X 86 83.56 17.78 39.86
C ILE X 86 84.73 18.72 39.68
N LEU X 87 84.87 19.29 38.48
CA LEU X 87 86.01 20.14 38.20
C LEU X 87 86.05 21.34 39.12
N GLN X 88 84.89 21.83 39.55
CA GLN X 88 84.88 22.84 40.60
C GLN X 88 85.52 22.30 41.86
N ARG X 89 85.12 21.08 42.25
CA ARG X 89 85.77 20.49 43.42
C ARG X 89 87.25 20.32 43.20
N VAL X 90 87.63 19.95 41.98
CA VAL X 90 89.04 19.77 41.68
C VAL X 90 89.78 21.06 41.95
N ARG X 91 89.29 22.17 41.42
CA ARG X 91 90.00 23.43 41.63
C ARG X 91 90.05 23.80 43.09
N GLU X 92 89.00 23.48 43.86
CA GLU X 92 89.10 23.62 45.30
C GLU X 92 90.32 22.87 45.81
N LEU X 93 90.48 21.65 45.32
CA LEU X 93 91.59 20.82 45.74
C LEU X 93 92.89 21.27 45.11
N VAL X 94 92.85 22.08 44.04
CA VAL X 94 94.07 22.66 43.50
C VAL X 94 94.54 23.77 44.41
N VAL X 95 93.61 24.62 44.83
CA VAL X 95 93.98 25.74 45.68
C VAL X 95 94.46 25.22 47.02
N GLN X 96 93.82 24.17 47.54
CA GLN X 96 94.38 23.50 48.69
C GLN X 96 95.70 22.85 48.32
N ALA X 97 95.80 22.34 47.10
CA ALA X 97 97.04 21.75 46.59
C ALA X 97 98.00 22.79 46.07
N GLY X 98 97.77 24.04 46.46
CA GLY X 98 98.86 24.93 46.73
C GLY X 98 99.60 24.60 48.01
N ASN X 99 99.28 23.47 48.65
CA ASN X 99 100.03 22.95 49.80
C ASN X 99 99.77 23.82 51.02
N THR X 100 98.73 24.66 50.92
CA THR X 100 98.63 25.85 51.74
C THR X 100 100.00 26.50 51.81
N GLY X 101 100.58 26.70 50.62
CA GLY X 101 101.93 27.19 50.57
C GLY X 101 102.96 26.09 50.75
N THR X 102 103.44 25.97 51.98
CA THR X 102 104.24 24.82 52.41
C THR X 102 103.64 24.11 53.61
N GLN X 103 102.52 24.61 54.14
CA GLN X 103 102.04 24.15 55.43
C GLN X 103 101.59 22.71 55.40
N ASP X 104 100.94 22.31 54.32
CA ASP X 104 100.59 20.90 54.22
C ASP X 104 101.88 20.11 54.03
N LYS X 105 101.87 18.86 54.48
CA LYS X 105 103.01 17.98 54.31
C LYS X 105 102.77 17.04 53.14
N ALA X 106 103.77 16.20 52.86
CA ALA X 106 103.67 15.29 51.72
C ALA X 106 102.49 14.35 51.86
N THR X 107 102.25 13.86 53.08
CA THR X 107 101.10 13.00 53.32
C THR X 107 99.80 13.74 53.07
N ASP X 108 99.75 15.01 53.47
CA ASP X 108 98.55 15.79 53.23
C ASP X 108 98.28 15.92 51.74
N LEU X 109 99.33 16.22 50.97
CA LEU X 109 99.19 16.26 49.52
C LEU X 109 98.79 14.91 48.96
N GLN X 110 99.21 13.82 49.61
CA GLN X 110 98.82 12.50 49.15
C GLN X 110 97.36 12.22 49.49
N SER X 111 96.90 12.70 50.64
CA SER X 111 95.49 12.57 50.98
C SER X 111 94.65 13.30 49.95
N ILE X 112 95.04 14.53 49.64
CA ILE X 112 94.38 15.30 48.60
C ILE X 112 94.43 14.53 47.29
N GLN X 113 95.60 14.04 46.93
CA GLN X 113 95.78 13.38 45.65
C GLN X 113 94.96 12.11 45.57
N ASP X 114 94.80 11.42 46.70
CA ASP X 114 93.88 10.29 46.74
C ASP X 114 92.48 10.75 46.39
N GLY X 115 92.06 11.86 47.01
CA GLY X 115 90.76 12.41 46.66
C GLY X 115 90.66 12.79 45.20
N ILE X 116 91.72 13.35 44.63
CA ILE X 116 91.64 13.83 43.26
C ILE X 116 91.64 12.65 42.30
N SER X 117 92.48 11.66 42.54
CA SER X 117 92.50 10.49 41.68
C SER X 117 91.18 9.76 41.76
N ALA X 118 90.57 9.79 42.93
CA ALA X 118 89.19 9.33 43.07
C ALA X 118 88.26 10.12 42.16
N LEU X 119 88.42 11.45 42.16
CA LEU X 119 87.59 12.28 41.28
C LEU X 119 87.86 11.99 39.82
N THR X 120 89.12 11.77 39.46
CA THR X 120 89.47 11.36 38.11
C THR X 120 88.69 10.12 37.75
N ASP X 121 88.72 9.12 38.62
CA ASP X 121 88.02 7.88 38.37
C ASP X 121 86.53 8.12 38.19
N GLU X 122 86.01 9.14 38.86
CA GLU X 122 84.61 9.50 38.64
C GLU X 122 84.40 10.19 37.32
N ILE X 123 85.31 11.08 36.93
CA ILE X 123 85.18 11.75 35.63
C ILE X 123 85.25 10.71 34.52
N ASP X 124 86.25 9.83 34.59
CA ASP X 124 86.36 8.73 33.66
C ASP X 124 85.10 7.88 33.71
N GLY X 125 84.52 7.72 34.89
CA GLY X 125 83.27 7.00 35.00
C GLY X 125 82.16 7.69 34.26
N ILE X 126 82.09 9.02 34.36
CA ILE X 126 81.12 9.77 33.57
C ILE X 126 81.33 9.49 32.10
N SER X 127 82.55 9.75 31.63
CA SER X 127 82.82 9.69 30.21
C SER X 127 82.76 8.28 29.67
N ASN X 128 82.81 7.27 30.54
CA ASN X 128 82.76 5.86 30.15
C ASN X 128 81.50 5.16 30.63
N ARG X 129 80.51 5.90 31.13
CA ARG X 129 79.20 5.36 31.47
C ARG X 129 78.10 6.09 30.73
N THR X 130 78.37 7.33 30.33
CA THR X 130 77.38 8.07 29.59
C THR X 130 77.24 7.45 28.21
N GLU X 131 76.29 6.54 28.07
CA GLU X 131 75.97 5.90 26.82
C GLU X 131 74.57 6.30 26.37
N PHE X 132 74.36 6.34 25.06
CA PHE X 132 73.02 6.35 24.49
C PHE X 132 72.92 5.21 23.50
N ASN X 133 72.08 4.24 23.83
CA ASN X 133 71.91 3.08 22.99
C ASN X 133 73.25 2.40 22.79
N GLY X 134 74.01 2.33 23.87
CA GLY X 134 75.33 1.77 23.87
C GLY X 134 76.41 2.72 23.41
N LYS X 135 76.05 3.72 22.62
CA LYS X 135 77.02 4.67 22.10
C LYS X 135 77.54 5.50 23.25
N LYS X 136 78.80 5.30 23.60
CA LYS X 136 79.39 6.04 24.70
C LYS X 136 79.48 7.50 24.27
N LEU X 137 78.47 8.26 24.68
CA LEU X 137 78.29 9.62 24.19
C LEU X 137 79.41 10.54 24.62
N LEU X 138 80.10 10.21 25.70
CA LEU X 138 81.26 10.96 26.14
C LEU X 138 82.53 10.16 25.93
N ASP X 139 82.53 9.30 24.92
CA ASP X 139 83.77 8.76 24.41
C ASP X 139 84.56 9.89 23.80
N GLY X 140 85.62 10.32 24.47
CA GLY X 140 86.40 11.43 23.97
C GLY X 140 87.03 11.17 22.62
N THR X 141 87.13 9.89 22.22
CA THR X 141 87.61 9.51 20.91
C THR X 141 86.48 9.21 19.93
N TYR X 142 85.24 9.59 20.26
CA TYR X 142 84.13 9.36 19.34
C TYR X 142 84.35 10.11 18.04
N LYS X 143 84.36 11.44 18.13
CA LYS X 143 84.52 12.31 16.95
C LYS X 143 85.66 13.29 17.19
N VAL X 144 86.85 12.75 17.43
CA VAL X 144 88.04 13.58 17.27
C VAL X 144 88.21 13.80 15.78
N ASP X 145 87.99 15.05 15.33
CA ASP X 145 88.10 15.40 13.91
C ASP X 145 89.42 14.93 13.31
N THR X 146 90.52 15.18 14.01
CA THR X 146 91.85 14.64 13.73
C THR X 146 92.51 15.28 12.51
N ALA X 147 91.77 16.04 11.71
CA ALA X 147 92.09 16.26 10.30
C ALA X 147 92.14 14.95 9.53
N THR X 148 91.31 13.98 9.94
CA THR X 148 91.21 12.69 9.25
C THR X 148 89.73 12.36 9.13
N PRO X 149 89.12 12.62 7.96
CA PRO X 149 87.71 12.22 7.77
C PRO X 149 87.44 10.76 8.04
N ALA X 150 88.40 9.90 7.73
CA ALA X 150 88.19 8.47 7.89
C ALA X 150 87.91 8.08 9.33
N ASN X 151 88.42 8.85 10.29
CA ASN X 151 88.27 8.56 11.70
C ASN X 151 87.52 9.70 12.37
N GLN X 152 86.18 9.72 12.24
CA GLN X 152 85.37 10.73 12.91
C GLN X 152 84.06 10.22 13.52
N LYS X 153 83.42 9.20 12.99
CA LYS X 153 82.09 8.79 13.51
C LYS X 153 81.14 9.98 13.62
N ASN X 154 81.07 10.81 12.56
CA ASN X 154 80.33 12.07 12.60
C ASN X 154 78.93 11.88 13.18
N LEU X 155 78.62 12.61 14.25
CA LEU X 155 77.35 12.44 14.94
C LEU X 155 76.27 13.11 14.09
N VAL X 156 75.93 12.43 12.99
CA VAL X 156 74.93 12.92 12.06
C VAL X 156 73.56 12.77 12.68
N PHE X 157 72.67 13.74 12.43
CA PHE X 157 71.23 13.63 12.71
C PHE X 157 70.45 13.98 11.44
N GLN X 158 69.96 12.96 10.74
CA GLN X 158 69.01 13.14 9.64
C GLN X 158 67.67 13.49 10.24
N ILE X 159 67.22 14.71 9.97
CA ILE X 159 65.94 15.19 10.44
C ILE X 159 64.98 15.45 9.28
N GLY X 160 65.42 16.22 8.29
CA GLY X 160 64.50 16.66 7.26
C GLY X 160 63.96 15.50 6.45
N ALA X 161 62.67 15.59 6.12
CA ALA X 161 62.03 14.57 5.30
C ALA X 161 62.67 14.48 3.92
N ASN X 162 63.35 15.55 3.51
CA ASN X 162 64.07 15.58 2.24
C ASN X 162 65.50 15.11 2.44
N ALA X 163 66.09 14.62 1.36
CA ALA X 163 67.43 14.04 1.42
C ALA X 163 68.48 15.09 1.76
N THR X 164 69.55 14.63 2.43
CA THR X 164 70.72 15.40 2.84
C THR X 164 70.44 16.33 4.00
N GLN X 165 69.20 16.44 4.46
CA GLN X 165 68.86 17.38 5.51
C GLN X 165 69.35 16.87 6.86
N GLN X 166 70.66 16.94 7.06
CA GLN X 166 71.31 16.33 8.21
C GLN X 166 72.05 17.36 9.04
N ILE X 167 72.20 17.02 10.31
CA ILE X 167 72.93 17.83 11.26
C ILE X 167 74.20 17.11 11.67
N SER X 168 75.32 17.84 11.66
CA SER X 168 76.64 17.30 12.00
C SER X 168 77.04 17.80 13.38
N VAL X 169 77.26 16.86 14.31
CA VAL X 169 77.58 17.19 15.69
C VAL X 169 78.91 16.53 16.06
N ASN X 170 79.59 17.11 17.05
CA ASN X 170 80.90 16.64 17.48
C ASN X 170 80.95 16.33 18.97
N ILE X 171 81.42 15.13 19.28
CA ILE X 171 81.76 14.68 20.62
C ILE X 171 83.28 14.61 20.68
N GLU X 172 83.91 15.22 21.71
CA GLU X 172 85.33 14.96 21.94
C GLU X 172 85.76 14.93 23.41
N ASP X 173 84.85 15.07 24.37
CA ASP X 173 85.28 15.22 25.75
C ASP X 173 85.40 13.86 26.44
N MET X 174 86.23 13.85 27.48
CA MET X 174 86.44 12.67 28.34
C MET X 174 87.36 13.12 29.47
N GLY X 175 87.56 12.21 30.43
CA GLY X 175 88.42 12.51 31.56
C GLY X 175 89.85 12.84 31.18
N ALA X 176 90.38 12.17 30.16
CA ALA X 176 91.72 12.48 29.69
C ALA X 176 91.80 13.71 28.82
N ASP X 177 90.66 14.39 28.57
CA ASP X 177 90.60 15.55 27.70
C ASP X 177 90.53 16.82 28.54
N ALA X 178 91.69 17.44 28.83
CA ALA X 178 91.71 18.58 29.74
C ALA X 178 92.24 19.88 29.17
N LEU X 179 93.56 19.98 28.95
CA LEU X 179 94.12 21.11 28.20
C LEU X 179 94.46 20.57 26.83
N GLY X 180 93.52 20.76 25.91
CA GLY X 180 93.73 20.33 24.54
C GLY X 180 94.62 21.32 23.84
N ILE X 181 95.93 21.29 24.16
CA ILE X 181 96.87 22.14 23.46
C ILE X 181 96.73 21.93 21.97
N LYS X 182 96.81 20.68 21.53
CA LYS X 182 96.45 20.19 20.22
C LYS X 182 95.79 18.82 20.38
N GLU X 183 96.44 18.03 21.23
CA GLU X 183 96.05 16.73 21.72
C GLU X 183 96.54 16.69 23.16
N ALA X 184 96.58 15.51 23.77
CA ALA X 184 97.20 15.39 25.07
C ALA X 184 98.69 15.61 24.95
N ASP X 185 99.22 16.55 25.73
CA ASP X 185 100.64 16.84 25.66
C ASP X 185 101.43 15.68 26.27
N GLY X 186 101.18 15.42 27.56
CA GLY X 186 101.89 14.39 28.28
C GLY X 186 101.51 14.40 29.74
N SER X 187 102.52 14.42 30.62
CA SER X 187 102.26 14.56 32.04
C SER X 187 101.47 15.83 32.32
N ILE X 188 101.70 16.86 31.53
CA ILE X 188 100.93 18.08 31.60
C ILE X 188 99.84 18.03 30.53
N ALA X 189 98.90 18.95 30.65
CA ALA X 189 97.86 19.29 29.68
C ALA X 189 96.75 18.26 29.53
N ALA X 190 96.99 17.00 29.85
CA ALA X 190 95.95 16.00 29.96
C ALA X 190 96.05 15.19 31.24
N LEU X 191 97.26 14.68 31.52
CA LEU X 191 97.43 13.71 32.58
C LEU X 191 97.45 14.34 33.95
N HIS X 192 97.51 15.67 34.06
CA HIS X 192 97.17 16.22 35.36
C HIS X 192 95.70 15.96 35.67
N SER X 193 94.86 15.94 34.65
CA SER X 193 93.47 15.55 34.87
C SER X 193 93.38 14.08 35.21
N VAL X 194 94.25 13.27 34.60
CA VAL X 194 94.22 11.83 34.84
C VAL X 194 95.07 11.50 36.07
N ASN X 195 96.37 11.79 35.98
CA ASN X 195 97.30 11.31 37.00
C ASN X 195 97.45 12.27 38.18
N ASP X 196 97.09 13.54 38.03
CA ASP X 196 97.15 14.48 39.15
C ASP X 196 98.57 14.70 39.68
N LEU X 197 99.37 15.46 38.93
CA LEU X 197 100.78 15.70 39.24
C LEU X 197 101.08 16.16 40.67
N ASP X 198 100.10 16.66 41.42
CA ASP X 198 100.33 17.18 42.77
C ASP X 198 100.41 16.02 43.75
N VAL X 199 101.60 15.43 43.85
CA VAL X 199 101.82 14.29 44.75
C VAL X 199 102.80 14.68 45.86
N THR X 200 104.07 14.77 45.49
CA THR X 200 105.13 15.39 46.26
C THR X 200 106.01 16.24 45.38
N LYS X 201 106.01 16.00 44.06
CA LYS X 201 106.64 16.89 43.10
C LYS X 201 106.20 18.33 43.33
N PHE X 202 104.95 18.53 43.75
CA PHE X 202 104.50 19.89 44.05
C PHE X 202 105.29 20.47 45.21
N ALA X 203 105.46 19.71 46.28
CA ALA X 203 106.19 20.24 47.42
C ALA X 203 107.62 20.58 47.05
N ASP X 204 108.18 19.85 46.09
CA ASP X 204 109.52 20.16 45.60
C ASP X 204 109.55 21.53 44.93
N ASN X 205 108.62 21.76 43.99
CA ASN X 205 108.55 23.01 43.22
C ASN X 205 107.10 23.48 43.24
N ALA X 206 106.75 24.21 44.29
CA ALA X 206 105.39 24.74 44.37
C ALA X 206 105.11 25.77 43.30
N ALA X 207 106.13 26.52 42.85
CA ALA X 207 105.99 27.48 41.76
C ALA X 207 107.12 27.43 40.74
N ASP X 208 108.30 26.98 41.19
CA ASP X 208 109.59 27.21 40.55
C ASP X 208 109.75 26.82 39.08
N CYS X 209 108.92 25.93 38.54
CA CYS X 209 109.18 25.39 37.21
C CYS X 209 107.97 25.32 36.29
N ALA X 210 106.80 25.77 36.74
CA ALA X 210 105.53 25.78 36.01
C ALA X 210 104.95 24.41 35.72
N ASP X 211 105.80 23.42 35.40
CA ASP X 211 105.40 22.06 35.11
C ASP X 211 104.70 21.42 36.28
N ILE X 212 105.26 21.61 37.47
CA ILE X 212 104.53 21.39 38.71
C ILE X 212 104.36 22.68 39.51
N GLY X 213 104.90 23.81 39.05
CA GLY X 213 104.83 25.00 39.89
C GLY X 213 103.47 25.63 40.05
N PHE X 214 102.41 24.84 40.30
CA PHE X 214 101.01 25.25 40.53
C PHE X 214 100.31 25.88 39.34
N ASP X 215 101.09 26.57 38.52
CA ASP X 215 100.67 27.25 37.33
C ASP X 215 100.10 26.29 36.32
N ALA X 216 100.93 25.35 35.85
CA ALA X 216 100.49 24.45 34.80
C ALA X 216 99.27 23.66 35.24
N GLN X 217 99.27 23.20 36.48
CA GLN X 217 98.16 22.37 36.96
C GLN X 217 96.87 23.16 36.94
N LEU X 218 96.91 24.37 37.49
CA LEU X 218 95.71 25.18 37.49
C LEU X 218 95.28 25.50 36.07
N LYS X 219 96.24 25.62 35.16
CA LYS X 219 95.90 25.85 33.77
C LYS X 219 95.26 24.62 33.14
N VAL X 220 95.69 23.42 33.52
CA VAL X 220 95.04 22.22 33.03
C VAL X 220 93.59 22.22 33.47
N VAL X 221 93.36 22.52 34.74
CA VAL X 221 92.00 22.51 35.26
C VAL X 221 91.18 23.56 34.56
N ASP X 222 91.73 24.77 34.43
CA ASP X 222 91.01 25.87 33.82
C ASP X 222 90.64 25.54 32.39
N GLU X 223 91.58 24.99 31.64
CA GLU X 223 91.27 24.67 30.25
C GLU X 223 90.34 23.49 30.15
N ALA X 224 90.51 22.48 31.01
CA ALA X 224 89.57 21.36 31.06
C ALA X 224 88.15 21.89 31.22
N ILE X 225 87.98 22.81 32.15
CA ILE X 225 86.69 23.45 32.35
C ILE X 225 86.27 24.18 31.09
N ASN X 226 87.19 24.91 30.49
CA ASN X 226 86.86 25.68 29.29
C ASN X 226 86.43 24.78 28.15
N GLN X 227 87.02 23.60 28.08
CA GLN X 227 86.66 22.62 27.06
C GLN X 227 85.30 22.02 27.36
N VAL X 228 84.98 21.82 28.64
CA VAL X 228 83.62 21.43 29.00
C VAL X 228 82.66 22.53 28.62
N SER X 229 83.02 23.78 28.92
CA SER X 229 82.17 24.92 28.61
C SER X 229 81.86 24.99 27.13
N SER X 230 82.89 24.83 26.29
CA SER X 230 82.68 24.92 24.86
C SER X 230 81.99 23.68 24.32
N GLN X 231 82.25 22.52 24.92
CA GLN X 231 81.55 21.32 24.52
C GLN X 231 80.07 21.46 24.80
N ARG X 232 79.73 21.94 25.99
CA ARG X 232 78.35 22.21 26.34
C ARG X 232 77.79 23.35 25.51
N ALA X 233 78.66 24.26 25.05
CA ALA X 233 78.21 25.35 24.21
C ALA X 233 77.75 24.84 22.86
N LYS X 234 78.55 23.98 22.24
CA LYS X 234 78.14 23.33 21.00
C LYS X 234 76.88 22.52 21.24
N LEU X 235 76.89 21.76 22.32
CA LEU X 235 75.79 20.86 22.66
C LEU X 235 74.49 21.62 22.77
N GLY X 236 74.52 22.75 23.49
CA GLY X 236 73.32 23.55 23.65
C GLY X 236 72.97 24.33 22.42
N ALA X 237 73.96 24.66 21.60
CA ALA X 237 73.67 25.26 20.32
C ALA X 237 72.78 24.32 19.51
N VAL X 238 73.18 23.05 19.46
CA VAL X 238 72.37 22.07 18.74
C VAL X 238 71.03 21.89 19.43
N GLN X 239 71.00 21.98 20.76
CA GLN X 239 69.72 21.91 21.46
C GLN X 239 68.78 22.98 20.95
N ASN X 240 69.26 24.21 20.86
CA ASN X 240 68.44 25.28 20.36
C ASN X 240 68.02 25.02 18.92
N ARG X 241 68.94 24.49 18.13
CA ARG X 241 68.63 24.15 16.75
C ARG X 241 67.44 23.20 16.68
N LEU X 242 67.47 22.17 17.50
CA LEU X 242 66.41 21.20 17.43
C LEU X 242 65.12 21.75 18.02
N GLU X 243 65.22 22.69 18.95
CA GLU X 243 64.03 23.38 19.40
C GLU X 243 63.35 24.08 18.22
N HIS X 244 64.11 24.90 17.51
CA HIS X 244 63.51 25.66 16.41
C HIS X 244 63.15 24.75 15.25
N THR X 245 63.92 23.69 15.06
CA THR X 245 63.58 22.68 14.08
C THR X 245 62.20 22.14 14.38
N ILE X 246 61.99 21.66 15.61
CA ILE X 246 60.71 21.05 15.96
C ILE X 246 59.60 22.05 15.79
N ASN X 247 59.83 23.30 16.15
CA ASN X 247 58.80 24.30 15.97
C ASN X 247 58.45 24.43 14.50
N ASN X 248 59.46 24.39 13.63
CA ASN X 248 59.20 24.38 12.19
C ASN X 248 58.49 23.12 11.77
N LEU X 249 58.93 21.96 12.26
CA LEU X 249 58.34 20.70 11.87
C LEU X 249 56.88 20.65 12.27
N SER X 250 56.56 21.25 13.41
CA SER X 250 55.20 21.28 13.90
C SER X 250 54.33 22.18 13.02
N ALA X 251 54.78 23.42 12.83
CA ALA X 251 54.00 24.37 12.05
C ALA X 251 53.88 23.91 10.60
N SER X 252 55.02 23.56 10.01
CA SER X 252 55.05 23.10 8.63
C SER X 252 54.25 21.82 8.46
N GLY X 253 54.38 20.92 9.42
CA GLY X 253 53.60 19.70 9.36
C GLY X 253 52.12 19.99 9.38
N GLU X 254 51.69 20.88 10.27
CA GLU X 254 50.31 21.29 10.30
C GLU X 254 49.85 21.84 8.96
N ASN X 255 50.57 22.85 8.46
CA ASN X 255 50.21 23.46 7.19
C ASN X 255 50.16 22.42 6.08
N LEU X 256 51.01 21.40 6.19
CA LEU X 256 51.09 20.37 5.16
C LEU X 256 49.90 19.42 5.23
N THR X 257 49.53 19.00 6.43
CA THR X 257 48.34 18.17 6.56
C THR X 257 47.10 18.93 6.16
N ALA X 258 47.12 20.25 6.36
CA ALA X 258 46.04 21.08 5.87
C ALA X 258 46.04 21.11 4.35
N ALA X 259 47.23 21.19 3.74
CA ALA X 259 47.33 21.18 2.29
C ALA X 259 46.74 19.89 1.73
N GLU X 260 47.16 18.76 2.29
CA GLU X 260 46.58 17.48 1.91
C GLU X 260 45.07 17.53 2.09
N SER X 261 44.64 18.01 3.24
CA SER X 261 43.22 18.06 3.54
C SER X 261 42.47 18.84 2.49
N ARG X 262 43.10 19.89 1.94
CA ARG X 262 42.48 20.61 0.84
C ARG X 262 42.38 19.73 -0.39
N ILE X 263 43.40 18.92 -0.64
CA ILE X 263 43.28 18.00 -1.77
C ILE X 263 42.15 17.01 -1.52
N ARG X 264 42.14 16.39 -0.33
CA ARG X 264 41.11 15.44 0.03
C ARG X 264 39.91 16.08 0.71
N ASP X 265 39.77 17.41 0.61
CA ASP X 265 38.66 18.12 1.22
C ASP X 265 37.33 17.53 0.77
N VAL X 266 36.63 16.86 1.66
CA VAL X 266 35.25 16.48 1.42
C VAL X 266 34.37 17.57 2.00
N ASP X 267 33.60 18.22 1.14
CA ASP X 267 32.48 19.02 1.62
C ASP X 267 31.40 18.03 1.96
N MET X 268 31.48 17.52 3.20
CA MET X 268 30.60 16.44 3.62
C MET X 268 29.14 16.85 3.51
N ALA X 269 28.85 18.12 3.74
CA ALA X 269 27.48 18.58 3.56
C ALA X 269 27.07 18.52 2.10
N LYS X 270 27.95 19.00 1.21
CA LYS X 270 27.69 18.88 -0.22
C LYS X 270 27.45 17.44 -0.61
N GLU X 271 28.31 16.55 -0.14
CA GLU X 271 28.29 15.19 -0.64
C GLU X 271 27.10 14.42 -0.09
N MET X 272 26.68 14.73 1.14
CA MET X 272 25.42 14.16 1.63
C MET X 272 24.26 14.70 0.82
N SER X 273 24.29 16.00 0.50
CA SER X 273 23.23 16.61 -0.28
C SER X 273 23.15 15.99 -1.66
N GLU X 274 24.27 15.90 -2.34
CA GLU X 274 24.32 15.32 -3.67
C GLU X 274 23.93 13.87 -3.62
N PHE X 275 24.35 13.17 -2.57
CA PHE X 275 23.93 11.80 -2.37
C PHE X 275 22.42 11.70 -2.35
N THR X 276 21.81 12.51 -1.50
CA THR X 276 20.36 12.58 -1.40
C THR X 276 19.72 12.78 -2.75
N LYS X 277 20.21 13.78 -3.47
CA LYS X 277 19.67 14.08 -4.78
C LYS X 277 19.75 12.87 -5.69
N ASN X 278 20.90 12.22 -5.73
CA ASN X 278 21.05 11.11 -6.66
C ASN X 278 20.16 9.94 -6.28
N ASN X 279 19.88 9.76 -4.99
CA ASN X 279 18.87 8.77 -4.60
C ASN X 279 17.53 9.12 -5.20
N ILE X 280 17.12 10.37 -4.96
CA ILE X 280 15.84 10.86 -5.47
C ILE X 280 15.75 10.62 -6.96
N LEU X 281 16.80 10.98 -7.67
CA LEU X 281 16.81 10.92 -9.12
C LEU X 281 16.74 9.49 -9.61
N SER X 282 17.47 8.58 -8.95
CA SER X 282 17.38 7.18 -9.29
C SER X 282 15.96 6.68 -9.13
N GLN X 283 15.36 6.95 -7.97
CA GLN X 283 14.03 6.45 -7.68
C GLN X 283 13.00 6.99 -8.67
N ALA X 284 13.09 8.28 -8.96
CA ALA X 284 12.19 8.91 -9.92
C ALA X 284 12.31 8.24 -11.27
N SER X 285 13.54 8.06 -11.73
CA SER X 285 13.76 7.47 -13.04
C SER X 285 13.21 6.06 -13.08
N GLN X 286 13.34 5.30 -11.99
CA GLN X 286 12.78 3.95 -11.99
C GLN X 286 11.26 3.97 -12.05
N ALA X 287 10.64 4.91 -11.33
CA ALA X 287 9.20 5.06 -11.44
C ALA X 287 8.80 5.32 -12.87
N MET X 288 9.57 6.14 -13.56
CA MET X 288 9.26 6.39 -14.96
C MET X 288 9.49 5.15 -15.81
N LEU X 289 10.46 4.30 -15.45
CA LEU X 289 10.65 3.07 -16.20
C LEU X 289 9.45 2.15 -16.02
N ALA X 290 8.91 2.11 -14.81
CA ALA X 290 7.66 1.39 -14.61
C ALA X 290 6.59 1.93 -15.53
N GLN X 291 6.44 3.25 -15.56
CA GLN X 291 5.43 3.84 -16.44
C GLN X 291 5.68 3.51 -17.90
N ALA X 292 6.94 3.46 -18.31
CA ALA X 292 7.28 3.06 -19.66
C ALA X 292 6.83 1.63 -19.92
N ASN X 293 6.82 0.81 -18.89
CA ASN X 293 6.27 -0.53 -19.03
C ASN X 293 4.75 -0.56 -18.91
N GLN X 294 4.14 0.47 -18.33
CA GLN X 294 2.70 0.49 -18.16
C GLN X 294 2.00 0.91 -19.44
N GLN X 295 2.49 1.97 -20.08
CA GLN X 295 1.87 2.48 -21.31
C GLN X 295 1.62 1.42 -22.36
N PRO X 296 2.59 0.60 -22.78
CA PRO X 296 2.28 -0.40 -23.80
C PRO X 296 1.29 -1.45 -23.36
N GLN X 297 1.05 -1.63 -22.07
CA GLN X 297 0.00 -2.54 -21.63
C GLN X 297 -1.36 -1.94 -21.88
N ASN X 298 -1.49 -0.66 -21.53
CA ASN X 298 -2.68 0.10 -21.89
C ASN X 298 -2.93 -0.03 -23.38
N VAL X 299 -1.86 0.11 -24.17
CA VAL X 299 -1.96 -0.07 -25.62
C VAL X 299 -2.48 -1.45 -25.95
N LEU X 300 -1.94 -2.47 -25.29
CA LEU X 300 -2.33 -3.83 -25.58
C LEU X 300 -3.83 -4.01 -25.44
N GLN X 301 -4.37 -3.57 -24.30
CA GLN X 301 -5.81 -3.69 -24.10
C GLN X 301 -6.57 -2.88 -25.14
N LEU X 302 -6.16 -1.62 -25.30
CA LEU X 302 -6.93 -0.69 -26.12
C LEU X 302 -6.95 -1.12 -27.58
N LEU X 303 -5.89 -1.80 -28.04
CA LEU X 303 -5.81 -2.30 -29.40
C LEU X 303 -5.98 -3.81 -29.46
N ARG X 304 -6.73 -4.37 -28.53
CA ARG X 304 -7.08 -5.76 -28.60
C ARG X 304 -8.40 -5.94 -29.32
N ILE Y 3 -81.93 -68.28 -84.35
CA ILE Y 3 -82.21 -68.34 -82.89
C ILE Y 3 -81.95 -67.00 -82.21
N ASN Y 4 -82.25 -65.92 -82.93
CA ASN Y 4 -81.90 -64.58 -82.48
C ASN Y 4 -82.39 -64.28 -81.07
N HIS Y 5 -83.63 -64.67 -80.78
CA HIS Y 5 -84.23 -64.39 -79.48
C HIS Y 5 -83.61 -65.18 -78.34
N ASN Y 6 -82.72 -66.12 -78.61
CA ASN Y 6 -82.09 -66.92 -77.57
C ASN Y 6 -80.66 -66.52 -77.26
N ILE Y 7 -80.07 -65.61 -78.04
CA ILE Y 7 -78.66 -65.24 -77.89
C ILE Y 7 -78.59 -63.92 -77.17
N ALA Y 8 -77.87 -63.91 -76.06
CA ALA Y 8 -77.56 -62.68 -75.36
C ALA Y 8 -76.14 -62.71 -74.80
N ALA Y 9 -75.34 -63.70 -75.17
CA ALA Y 9 -74.03 -63.90 -74.57
C ALA Y 9 -74.15 -63.96 -73.06
N LEU Y 10 -75.05 -64.82 -72.61
CA LEU Y 10 -75.39 -64.83 -71.19
C LEU Y 10 -74.19 -65.16 -70.31
N ASN Y 11 -73.20 -65.86 -70.85
CA ASN Y 11 -71.97 -66.02 -70.08
C ASN Y 11 -71.28 -64.68 -69.89
N THR Y 12 -71.34 -63.83 -70.91
CA THR Y 12 -70.83 -62.47 -70.73
C THR Y 12 -71.62 -61.76 -69.65
N LEU Y 13 -72.94 -61.98 -69.62
CA LEU Y 13 -73.77 -61.31 -68.62
C LEU Y 13 -73.39 -61.78 -67.23
N ASN Y 14 -73.13 -63.06 -67.10
CA ASN Y 14 -72.69 -63.61 -65.82
C ASN Y 14 -71.35 -63.02 -65.41
N ARG Y 15 -70.43 -62.88 -66.38
CA ARG Y 15 -69.18 -62.21 -66.09
C ARG Y 15 -69.44 -60.78 -65.68
N LEU Y 16 -70.48 -60.18 -66.23
CA LEU Y 16 -70.76 -58.80 -65.90
C LEU Y 16 -71.14 -58.66 -64.44
N SER Y 17 -72.10 -59.47 -64.02
CA SER Y 17 -72.51 -59.46 -62.62
C SER Y 17 -71.31 -59.70 -61.72
N SER Y 18 -70.49 -60.69 -62.08
CA SER Y 18 -69.30 -61.01 -61.30
C SER Y 18 -68.37 -59.80 -61.20
N ASN Y 19 -68.10 -59.15 -62.33
CA ASN Y 19 -67.16 -58.04 -62.36
C ASN Y 19 -67.68 -56.86 -61.58
N ASN Y 20 -68.98 -56.60 -61.66
CA ASN Y 20 -69.54 -55.47 -60.92
C ASN Y 20 -69.40 -55.70 -59.43
N SER Y 21 -69.72 -56.92 -58.98
CA SER Y 21 -69.53 -57.21 -57.58
C SER Y 21 -68.07 -57.14 -57.20
N ALA Y 22 -67.19 -57.57 -58.10
CA ALA Y 22 -65.76 -57.57 -57.82
C ALA Y 22 -65.25 -56.17 -57.56
N SER Y 23 -65.47 -55.27 -58.52
CA SER Y 23 -65.05 -53.89 -58.36
C SER Y 23 -65.69 -53.27 -57.13
N GLN Y 24 -66.96 -53.60 -56.87
CA GLN Y 24 -67.64 -53.13 -55.67
C GLN Y 24 -66.86 -53.52 -54.42
N LYS Y 25 -66.48 -54.79 -54.33
CA LYS Y 25 -65.75 -55.26 -53.16
C LYS Y 25 -64.44 -54.53 -53.02
N ASN Y 26 -63.74 -54.33 -54.15
CA ASN Y 26 -62.50 -53.58 -54.12
C ASN Y 26 -62.72 -52.21 -53.49
N MET Y 27 -63.75 -51.48 -53.95
CA MET Y 27 -64.02 -50.16 -53.38
C MET Y 27 -64.25 -50.24 -51.89
N GLU Y 28 -65.15 -51.12 -51.50
CA GLU Y 28 -65.56 -51.24 -50.11
C GLU Y 28 -64.37 -51.43 -49.21
N LYS Y 29 -63.43 -52.25 -49.64
CA LYS Y 29 -62.20 -52.42 -48.88
C LYS Y 29 -61.35 -51.17 -48.96
N LEU Y 30 -61.24 -50.57 -50.14
CA LEU Y 30 -60.45 -49.36 -50.32
C LEU Y 30 -61.02 -48.22 -49.49
N SER Y 31 -62.32 -48.00 -49.60
CA SER Y 31 -62.97 -46.91 -48.89
C SER Y 31 -62.83 -47.09 -47.39
N SER Y 32 -63.11 -48.29 -46.90
CA SER Y 32 -63.05 -48.55 -45.48
C SER Y 32 -61.63 -48.75 -45.00
N GLY Y 33 -60.70 -49.04 -45.91
CA GLY Y 33 -59.36 -49.36 -45.48
C GLY Y 33 -59.29 -50.70 -44.79
N LEU Y 34 -60.19 -51.61 -45.16
CA LEU Y 34 -60.35 -52.89 -44.49
C LEU Y 34 -60.16 -53.99 -45.50
N ARG Y 35 -59.12 -54.79 -45.32
CA ARG Y 35 -59.07 -56.05 -46.06
C ARG Y 35 -60.03 -57.05 -45.46
N ILE Y 36 -60.29 -56.91 -44.16
CA ILE Y 36 -61.27 -57.77 -43.52
C ILE Y 36 -62.62 -57.57 -44.18
N ASN Y 37 -63.45 -58.60 -44.09
CA ASN Y 37 -64.81 -58.53 -44.58
C ASN Y 37 -65.74 -58.05 -43.48
N ARG Y 38 -66.82 -57.42 -43.89
CA ARG Y 38 -67.96 -57.27 -42.99
C ARG Y 38 -68.59 -58.63 -42.73
N ALA Y 39 -68.70 -59.43 -43.79
CA ALA Y 39 -69.25 -60.77 -43.71
C ALA Y 39 -68.27 -61.69 -42.98
N GLY Y 40 -68.82 -62.79 -42.48
CA GLY Y 40 -68.07 -63.79 -41.75
C GLY Y 40 -67.06 -64.56 -42.57
N ASP Y 41 -66.91 -64.25 -43.85
CA ASP Y 41 -65.87 -64.87 -44.65
C ASP Y 41 -64.51 -64.60 -44.01
N ASP Y 42 -63.85 -65.69 -43.59
CA ASP Y 42 -62.70 -65.64 -42.71
C ASP Y 42 -63.07 -65.09 -41.33
N ALA Y 43 -64.15 -65.65 -40.76
CA ALA Y 43 -64.53 -65.30 -39.40
C ALA Y 43 -63.43 -65.67 -38.40
N ALA Y 44 -62.54 -66.59 -38.76
CA ALA Y 44 -61.36 -66.82 -37.92
C ALA Y 44 -60.57 -65.54 -37.76
N GLY Y 45 -60.01 -65.04 -38.86
CA GLY Y 45 -59.23 -63.81 -38.79
C GLY Y 45 -60.01 -62.65 -38.22
N LEU Y 46 -61.30 -62.57 -38.54
CA LEU Y 46 -62.13 -61.51 -37.99
C LEU Y 46 -62.17 -61.61 -36.47
N ALA Y 47 -62.64 -62.74 -35.96
CA ALA Y 47 -62.77 -62.94 -34.52
C ALA Y 47 -61.45 -62.72 -33.82
N ILE Y 48 -60.35 -63.07 -34.48
CA ILE Y 48 -59.05 -62.74 -33.92
C ILE Y 48 -58.93 -61.23 -33.78
N SER Y 49 -59.09 -60.50 -34.88
CA SER Y 49 -58.88 -59.05 -34.82
C SER Y 49 -59.84 -58.38 -33.86
N GLU Y 50 -61.02 -58.96 -33.71
CA GLU Y 50 -61.96 -58.54 -32.69
C GLU Y 50 -61.32 -58.65 -31.32
N LYS Y 51 -60.77 -59.83 -31.04
CA LYS Y 51 -60.12 -60.06 -29.76
C LYS Y 51 -58.90 -59.15 -29.60
N MET Y 52 -58.17 -58.95 -30.70
CA MET Y 52 -57.04 -58.05 -30.70
C MET Y 52 -57.48 -56.68 -30.24
N ARG Y 53 -58.45 -56.10 -30.93
CA ARG Y 53 -58.92 -54.76 -30.60
C ARG Y 53 -59.45 -54.68 -29.19
N GLY Y 54 -60.10 -55.74 -28.73
CA GLY Y 54 -60.49 -55.78 -27.33
C GLY Y 54 -59.29 -55.60 -26.43
N GLN Y 55 -58.21 -56.32 -26.73
CA GLN Y 55 -57.00 -56.17 -25.93
C GLN Y 55 -56.32 -54.83 -26.17
N ILE Y 56 -56.26 -54.36 -27.43
CA ILE Y 56 -55.65 -53.06 -27.74
C ILE Y 56 -56.29 -51.97 -26.90
N ARG Y 57 -57.60 -51.84 -27.05
CA ARG Y 57 -58.35 -50.84 -26.31
C ARG Y 57 -58.15 -51.02 -24.82
N GLY Y 58 -58.10 -52.28 -24.37
CA GLY Y 58 -57.82 -52.54 -22.97
C GLY Y 58 -56.42 -52.10 -22.56
N LEU Y 59 -55.48 -52.10 -23.51
CA LEU Y 59 -54.13 -51.64 -23.23
C LEU Y 59 -54.06 -50.13 -23.21
N GLU Y 60 -54.88 -49.47 -24.03
CA GLU Y 60 -54.97 -48.02 -23.98
C GLU Y 60 -55.51 -47.58 -22.62
N MET Y 61 -56.60 -48.21 -22.20
CA MET Y 61 -57.14 -47.91 -20.88
C MET Y 61 -56.21 -48.43 -19.77
N ALA Y 62 -55.38 -49.43 -20.09
CA ALA Y 62 -54.39 -49.90 -19.13
C ALA Y 62 -53.33 -48.83 -18.90
N SER Y 63 -52.84 -48.27 -20.00
CA SER Y 63 -51.87 -47.19 -19.89
C SER Y 63 -52.47 -46.03 -19.12
N LYS Y 64 -53.71 -45.69 -19.45
CA LYS Y 64 -54.44 -44.68 -18.70
C LYS Y 64 -54.45 -44.99 -17.21
N ASN Y 65 -54.87 -46.21 -16.85
CA ASN Y 65 -54.98 -46.56 -15.44
C ASN Y 65 -53.64 -46.53 -14.75
N SER Y 66 -52.58 -46.94 -15.45
CA SER Y 66 -51.27 -46.98 -14.84
C SER Y 66 -50.71 -45.58 -14.64
N GLN Y 67 -50.92 -44.71 -15.63
CA GLN Y 67 -50.53 -43.32 -15.46
C GLN Y 67 -51.26 -42.70 -14.29
N ASP Y 68 -52.54 -43.05 -14.14
CA ASP Y 68 -53.31 -42.59 -13.00
C ASP Y 68 -52.72 -43.12 -11.70
N GLY Y 69 -52.32 -44.40 -11.72
CA GLY Y 69 -51.53 -44.95 -10.63
C GLY Y 69 -50.35 -44.07 -10.28
N ILE Y 70 -49.61 -43.67 -11.30
CA ILE Y 70 -48.43 -42.84 -11.09
C ILE Y 70 -48.82 -41.52 -10.46
N SER Y 71 -49.93 -40.94 -10.91
CA SER Y 71 -50.36 -39.67 -10.36
C SER Y 71 -50.62 -39.79 -8.87
N LEU Y 72 -51.32 -40.86 -8.48
CA LEU Y 72 -51.53 -41.14 -7.07
C LEU Y 72 -50.20 -41.27 -6.35
N ILE Y 73 -49.31 -42.06 -6.93
CA ILE Y 73 -48.01 -42.32 -6.31
C ILE Y 73 -47.29 -41.02 -6.03
N GLN Y 74 -47.08 -40.23 -7.07
CA GLN Y 74 -46.28 -39.01 -6.94
C GLN Y 74 -46.94 -38.01 -6.01
N THR Y 75 -48.27 -38.02 -5.96
CA THR Y 75 -48.95 -37.20 -4.96
C THR Y 75 -48.49 -37.60 -3.56
N ALA Y 76 -48.71 -38.87 -3.21
CA ALA Y 76 -48.34 -39.33 -1.88
C ALA Y 76 -46.85 -39.18 -1.65
N GLU Y 77 -46.07 -39.43 -2.70
CA GLU Y 77 -44.62 -39.32 -2.67
C GLU Y 77 -44.18 -37.94 -2.22
N GLY Y 78 -44.62 -36.92 -2.93
CA GLY Y 78 -44.22 -35.56 -2.58
C GLY Y 78 -44.68 -35.20 -1.20
N ALA Y 79 -45.88 -35.67 -0.83
CA ALA Y 79 -46.37 -35.41 0.50
C ALA Y 79 -45.47 -36.03 1.56
N LEU Y 80 -45.02 -37.26 1.33
CA LEU Y 80 -44.14 -37.94 2.28
C LEU Y 80 -42.76 -37.32 2.29
N THR Y 81 -42.33 -36.77 1.16
CA THR Y 81 -41.08 -36.03 1.13
C THR Y 81 -41.16 -34.83 2.05
N GLU Y 82 -42.27 -34.10 1.97
CA GLU Y 82 -42.43 -32.95 2.85
C GLU Y 82 -42.52 -33.39 4.31
N THR Y 83 -43.28 -34.46 4.56
CA THR Y 83 -43.35 -35.03 5.90
C THR Y 83 -41.96 -35.29 6.42
N HIS Y 84 -41.16 -35.93 5.59
CA HIS Y 84 -39.80 -36.26 5.95
C HIS Y 84 -39.00 -35.03 6.30
N ALA Y 85 -39.10 -34.00 5.46
CA ALA Y 85 -38.39 -32.75 5.73
C ALA Y 85 -38.79 -32.19 7.08
N ILE Y 86 -40.08 -32.25 7.40
CA ILE Y 86 -40.52 -31.86 8.74
C ILE Y 86 -39.77 -32.68 9.76
N LEU Y 87 -39.76 -34.00 9.58
CA LEU Y 87 -39.14 -34.88 10.57
C LEU Y 87 -37.67 -34.56 10.76
N GLN Y 88 -37.00 -34.09 9.71
CA GLN Y 88 -35.65 -33.57 9.90
C GLN Y 88 -35.67 -32.40 10.85
N ARG Y 89 -36.60 -31.46 10.64
CA ARG Y 89 -36.70 -30.35 11.57
C ARG Y 89 -37.01 -30.84 12.96
N VAL Y 90 -37.86 -31.86 13.06
CA VAL Y 90 -38.21 -32.39 14.36
C VAL Y 90 -36.96 -32.85 15.07
N ARG Y 91 -36.12 -33.65 14.41
CA ARG Y 91 -34.93 -34.14 15.07
C ARG Y 91 -34.00 -33.01 15.46
N GLU Y 92 -33.94 -31.96 14.63
CA GLU Y 92 -33.23 -30.76 15.08
C GLU Y 92 -33.77 -30.31 16.41
N LEU Y 93 -35.09 -30.29 16.52
CA LEU Y 93 -35.72 -29.86 17.75
C LEU Y 93 -35.63 -30.91 18.84
N VAL Y 94 -35.32 -32.16 18.49
CA VAL Y 94 -35.06 -33.17 19.52
C VAL Y 94 -33.70 -32.93 20.12
N VAL Y 95 -32.71 -32.68 19.27
CA VAL Y 95 -31.37 -32.46 19.78
C VAL Y 95 -31.32 -31.17 20.58
N GLN Y 96 -32.04 -30.15 20.14
CA GLN Y 96 -32.21 -29.00 21.02
C GLN Y 96 -33.01 -29.39 22.25
N ALA Y 97 -33.98 -30.29 22.08
CA ALA Y 97 -34.79 -30.80 23.18
C ALA Y 97 -34.08 -31.90 23.93
N GLY Y 98 -32.78 -32.01 23.72
CA GLY Y 98 -31.91 -32.40 24.79
C GLY Y 98 -31.73 -31.32 25.83
N ASN Y 99 -32.48 -30.21 25.76
CA ASN Y 99 -32.53 -29.17 26.79
C ASN Y 99 -31.23 -28.38 26.77
N THR Y 100 -30.46 -28.56 25.70
CA THR Y 100 -29.03 -28.29 25.73
C THR Y 100 -28.47 -28.82 27.04
N GLY Y 101 -28.80 -30.09 27.31
CA GLY Y 101 -28.44 -30.66 28.57
C GLY Y 101 -29.41 -30.31 29.67
N THR Y 102 -29.05 -29.29 30.44
CA THR Y 102 -29.96 -28.65 31.38
C THR Y 102 -30.09 -27.16 31.13
N GLN Y 103 -29.37 -26.62 30.14
CA GLN Y 103 -29.25 -25.17 30.02
C GLN Y 103 -30.55 -24.51 29.65
N ASP Y 104 -31.33 -25.14 28.78
CA ASP Y 104 -32.64 -24.59 28.50
C ASP Y 104 -33.50 -24.74 29.75
N LYS Y 105 -34.46 -23.84 29.92
CA LYS Y 105 -35.38 -23.91 31.05
C LYS Y 105 -36.70 -24.51 30.58
N ALA Y 106 -37.63 -24.66 31.53
CA ALA Y 106 -38.91 -25.27 31.21
C ALA Y 106 -39.66 -24.48 30.16
N THR Y 107 -39.61 -23.15 30.24
CA THR Y 107 -40.24 -22.31 29.23
C THR Y 107 -39.60 -22.52 27.87
N ASP Y 108 -38.28 -22.67 27.85
CA ASP Y 108 -37.61 -22.90 26.57
C ASP Y 108 -38.09 -24.20 25.96
N LEU Y 109 -38.17 -25.25 26.77
CA LEU Y 109 -38.71 -26.52 26.29
C LEU Y 109 -40.16 -26.38 25.84
N GLN Y 110 -40.90 -25.47 26.47
CA GLN Y 110 -42.28 -25.24 26.05
C GLN Y 110 -42.34 -24.47 24.74
N SER Y 111 -41.42 -23.54 24.54
CA SER Y 111 -41.32 -22.85 23.27
C SER Y 111 -41.03 -23.84 22.16
N ILE Y 112 -40.05 -24.70 22.39
CA ILE Y 112 -39.74 -25.78 21.45
C ILE Y 112 -40.97 -26.63 21.23
N GLN Y 113 -41.61 -27.03 22.31
CA GLN Y 113 -42.75 -27.94 22.22
C GLN Y 113 -43.91 -27.30 21.47
N ASP Y 114 -44.07 -25.99 21.62
CA ASP Y 114 -45.05 -25.27 20.81
C ASP Y 114 -44.70 -25.43 19.35
N GLY Y 115 -43.42 -25.23 19.02
CA GLY Y 115 -42.99 -25.45 17.65
C GLY Y 115 -43.24 -26.87 17.18
N ILE Y 116 -43.00 -27.85 18.03
CA ILE Y 116 -43.13 -29.23 17.60
C ILE Y 116 -44.58 -29.60 17.43
N SER Y 117 -45.42 -29.20 18.38
CA SER Y 117 -46.85 -29.48 18.25
C SER Y 117 -47.43 -28.81 17.03
N ALA Y 118 -46.89 -27.63 16.71
CA ALA Y 118 -47.19 -27.00 15.45
C ALA Y 118 -46.79 -27.89 14.28
N LEU Y 119 -45.59 -28.47 14.35
CA LEU Y 119 -45.14 -29.37 13.30
C LEU Y 119 -46.02 -30.61 13.22
N THR Y 120 -46.42 -31.15 14.37
CA THR Y 120 -47.36 -32.25 14.40
C THR Y 120 -48.61 -31.88 13.63
N ASP Y 121 -49.16 -30.71 13.94
CA ASP Y 121 -50.37 -30.28 13.26
C ASP Y 121 -50.14 -30.17 11.76
N GLU Y 122 -48.91 -29.86 11.35
CA GLU Y 122 -48.62 -29.85 9.93
C GLU Y 122 -48.50 -31.25 9.37
N ILE Y 123 -47.90 -32.18 10.11
CA ILE Y 123 -47.81 -33.56 9.63
C ILE Y 123 -49.20 -34.14 9.50
N ASP Y 124 -50.01 -33.97 10.53
CA ASP Y 124 -51.41 -34.37 10.47
C ASP Y 124 -52.11 -33.68 9.31
N GLY Y 125 -51.74 -32.43 9.05
CA GLY Y 125 -52.31 -31.75 7.91
C GLY Y 125 -51.93 -32.40 6.60
N ILE Y 126 -50.67 -32.83 6.49
CA ILE Y 126 -50.25 -33.58 5.31
C ILE Y 126 -51.11 -34.84 5.19
N SER Y 127 -51.11 -35.65 6.23
CA SER Y 127 -51.76 -36.95 6.16
C SER Y 127 -53.28 -36.83 6.06
N ASN Y 128 -53.84 -35.67 6.36
CA ASN Y 128 -55.28 -35.44 6.31
C ASN Y 128 -55.67 -34.42 5.25
N ARG Y 129 -54.75 -34.06 4.36
CA ARG Y 129 -55.05 -33.20 3.21
C ARG Y 129 -54.64 -33.89 1.93
N THR Y 130 -53.67 -34.80 2.02
CA THR Y 130 -53.25 -35.52 0.83
C THR Y 130 -54.37 -36.46 0.41
N GLU Y 131 -55.21 -35.98 -0.50
CA GLU Y 131 -56.29 -36.74 -1.08
C GLU Y 131 -56.03 -36.96 -2.56
N PHE Y 132 -56.52 -38.08 -3.08
CA PHE Y 132 -56.68 -38.26 -4.51
C PHE Y 132 -58.11 -38.65 -4.78
N ASN Y 133 -58.82 -37.77 -5.46
CA ASN Y 133 -60.22 -38.01 -5.77
C ASN Y 133 -60.99 -38.24 -4.48
N GLY Y 134 -60.65 -37.43 -3.48
CA GLY Y 134 -61.23 -37.54 -2.16
C GLY Y 134 -60.60 -38.58 -1.28
N LYS Y 135 -59.97 -39.59 -1.87
CA LYS Y 135 -59.37 -40.67 -1.12
C LYS Y 135 -58.16 -40.12 -0.38
N LYS Y 136 -58.27 -40.04 0.93
CA LYS Y 136 -57.19 -39.51 1.73
C LYS Y 136 -56.02 -40.49 1.62
N LEU Y 137 -55.11 -40.19 0.70
CA LEU Y 137 -54.06 -41.13 0.32
C LEU Y 137 -53.09 -41.38 1.47
N LEU Y 138 -52.98 -40.47 2.41
CA LEU Y 138 -52.18 -40.67 3.60
C LEU Y 138 -53.06 -40.84 4.83
N ASP Y 139 -54.25 -41.39 4.63
CA ASP Y 139 -55.02 -41.91 5.75
C ASP Y 139 -54.25 -43.11 6.29
N GLY Y 140 -53.64 -42.93 7.45
CA GLY Y 140 -52.87 -44.02 8.04
C GLY Y 140 -53.69 -45.26 8.34
N THR Y 141 -55.01 -45.11 8.41
CA THR Y 141 -55.92 -46.24 8.58
C THR Y 141 -56.53 -46.71 7.26
N TYR Y 142 -56.00 -46.26 6.13
CA TYR Y 142 -56.53 -46.71 4.85
C TYR Y 142 -56.37 -48.22 4.70
N LYS Y 143 -55.12 -48.69 4.65
CA LYS Y 143 -54.82 -50.11 4.48
C LYS Y 143 -53.88 -50.57 5.59
N VAL Y 144 -54.32 -50.44 6.82
CA VAL Y 144 -53.68 -51.20 7.89
C VAL Y 144 -54.10 -52.65 7.68
N ASP Y 145 -53.14 -53.49 7.30
CA ASP Y 145 -53.40 -54.91 7.04
C ASP Y 145 -54.13 -55.57 8.20
N THR Y 146 -53.66 -55.32 9.42
CA THR Y 146 -54.33 -55.67 10.67
C THR Y 146 -54.28 -57.16 10.98
N ALA Y 147 -53.87 -57.99 10.02
CA ALA Y 147 -54.24 -59.40 9.99
C ALA Y 147 -55.76 -59.57 9.92
N THR Y 148 -56.44 -58.63 9.28
CA THR Y 148 -57.89 -58.68 9.08
C THR Y 148 -58.18 -58.29 7.65
N PRO Y 149 -58.39 -59.28 6.75
CA PRO Y 149 -58.75 -58.94 5.37
C PRO Y 149 -59.97 -58.06 5.25
N ALA Y 150 -60.92 -58.21 6.16
CA ALA Y 150 -62.16 -57.44 6.09
C ALA Y 150 -61.91 -55.95 6.18
N ASN Y 151 -60.85 -55.55 6.85
CA ASN Y 151 -60.54 -54.13 7.07
C ASN Y 151 -59.18 -53.83 6.43
N GLN Y 152 -59.17 -53.63 5.10
CA GLN Y 152 -57.94 -53.25 4.42
C GLN Y 152 -58.09 -52.19 3.34
N LYS Y 153 -59.21 -52.09 2.63
CA LYS Y 153 -59.32 -51.15 1.50
C LYS Y 153 -58.13 -51.30 0.53
N ASN Y 154 -57.81 -52.54 0.17
CA ASN Y 154 -56.61 -52.84 -0.62
C ASN Y 154 -56.47 -51.92 -1.83
N LEU Y 155 -55.36 -51.19 -1.90
CA LEU Y 155 -55.18 -50.20 -2.96
C LEU Y 155 -54.86 -50.96 -4.25
N VAL Y 156 -55.91 -51.57 -4.80
CA VAL Y 156 -55.80 -52.35 -6.02
C VAL Y 156 -55.62 -51.40 -7.20
N PHE Y 157 -54.79 -51.81 -8.18
CA PHE Y 157 -54.71 -51.16 -9.49
C PHE Y 157 -54.87 -52.24 -10.57
N GLN Y 158 -56.07 -52.32 -11.17
CA GLN Y 158 -56.30 -53.14 -12.36
C GLN Y 158 -55.67 -52.43 -13.54
N ILE Y 159 -54.64 -53.04 -14.10
CA ILE Y 159 -53.96 -52.52 -15.27
C ILE Y 159 -54.14 -53.41 -16.47
N GLY Y 160 -53.87 -54.70 -16.34
CA GLY Y 160 -53.84 -55.57 -17.50
C GLY Y 160 -55.21 -55.68 -18.15
N ALA Y 161 -55.19 -55.69 -19.48
CA ALA Y 161 -56.42 -55.85 -20.24
C ALA Y 161 -57.09 -57.18 -19.94
N ASN Y 162 -56.32 -58.15 -19.46
CA ASN Y 162 -56.83 -59.45 -19.06
C ASN Y 162 -57.25 -59.43 -17.60
N ALA Y 163 -58.16 -60.33 -17.26
CA ALA Y 163 -58.72 -60.37 -15.92
C ALA Y 163 -57.67 -60.75 -14.87
N THR Y 164 -57.88 -60.24 -13.66
CA THR Y 164 -57.07 -60.47 -12.47
C THR Y 164 -55.73 -59.75 -12.52
N GLN Y 165 -55.39 -59.08 -13.61
CA GLN Y 165 -54.09 -58.45 -13.74
C GLN Y 165 -54.03 -57.18 -12.91
N GLN Y 166 -53.94 -57.34 -11.59
CA GLN Y 166 -54.07 -56.25 -10.65
C GLN Y 166 -52.83 -56.10 -9.81
N ILE Y 167 -52.64 -54.88 -9.33
CA ILE Y 167 -51.54 -54.54 -8.44
C ILE Y 167 -52.09 -54.20 -7.06
N SER Y 168 -51.48 -54.79 -6.03
CA SER Y 168 -51.91 -54.59 -4.64
C SER Y 168 -50.91 -53.67 -3.94
N VAL Y 169 -51.39 -52.52 -3.45
CA VAL Y 169 -50.55 -51.51 -2.82
C VAL Y 169 -51.06 -51.24 -1.42
N ASN Y 170 -50.16 -50.76 -0.55
CA ASN Y 170 -50.48 -50.51 0.84
C ASN Y 170 -50.15 -49.08 1.27
N ILE Y 171 -51.16 -48.44 1.87
CA ILE Y 171 -51.04 -47.16 2.55
C ILE Y 171 -51.16 -47.45 4.04
N GLU Y 172 -50.21 -46.95 4.86
CA GLU Y 172 -50.41 -46.98 6.31
C GLU Y 172 -49.88 -45.77 7.08
N ASP Y 173 -49.32 -44.76 6.42
CA ASP Y 173 -48.63 -43.70 7.15
C ASP Y 173 -49.59 -42.57 7.52
N MET Y 174 -49.23 -41.84 8.58
CA MET Y 174 -49.96 -40.67 9.05
C MET Y 174 -49.14 -40.08 10.19
N GLY Y 175 -49.60 -38.92 10.67
CA GLY Y 175 -48.91 -38.24 11.75
C GLY Y 175 -48.82 -39.07 13.02
N ALA Y 176 -49.87 -39.82 13.33
CA ALA Y 176 -49.84 -40.67 14.51
C ALA Y 176 -49.07 -41.97 14.30
N ASP Y 177 -48.50 -42.18 13.11
CA ASP Y 177 -47.79 -43.41 12.76
C ASP Y 177 -46.29 -43.16 12.82
N ALA Y 178 -45.66 -43.44 13.97
CA ALA Y 178 -44.26 -43.10 14.16
C ALA Y 178 -43.32 -44.25 14.47
N LEU Y 179 -43.37 -44.81 15.68
CA LEU Y 179 -42.68 -46.06 15.97
C LEU Y 179 -43.74 -47.14 16.00
N GLY Y 180 -43.90 -47.80 14.87
CA GLY Y 180 -44.84 -48.87 14.76
C GLY Y 180 -44.27 -50.11 15.40
N ILE Y 181 -44.23 -50.13 16.74
CA ILE Y 181 -43.77 -51.33 17.45
C ILE Y 181 -44.56 -52.52 16.96
N LYS Y 182 -45.88 -52.42 17.01
CA LYS Y 182 -46.85 -53.29 16.37
C LYS Y 182 -48.00 -52.44 15.85
N GLU Y 183 -48.41 -51.54 16.72
CA GLU Y 183 -49.37 -50.48 16.55
C GLU Y 183 -48.85 -49.30 17.37
N ALA Y 184 -49.70 -48.32 17.61
CA ALA Y 184 -49.31 -47.25 18.53
C ALA Y 184 -49.22 -47.82 19.93
N ASP Y 185 -48.08 -47.63 20.58
CA ASP Y 185 -47.91 -48.15 21.94
C ASP Y 185 -48.74 -47.33 22.90
N GLY Y 186 -48.45 -46.04 22.99
CA GLY Y 186 -49.15 -45.16 23.91
C GLY Y 186 -48.51 -43.79 23.90
N SER Y 187 -48.20 -43.26 25.08
CA SER Y 187 -47.48 -42.00 25.16
C SER Y 187 -46.17 -42.07 24.39
N ILE Y 188 -45.56 -43.25 24.36
CA ILE Y 188 -44.39 -43.50 23.57
C ILE Y 188 -44.81 -44.14 22.26
N ALA Y 189 -43.87 -44.18 21.32
CA ALA Y 189 -43.91 -44.92 20.06
C ALA Y 189 -44.86 -44.38 19.00
N ALA Y 190 -45.89 -43.64 19.40
CA ALA Y 190 -46.71 -42.89 18.46
C ALA Y 190 -46.94 -41.47 18.92
N LEU Y 191 -47.35 -41.30 20.17
CA LEU Y 191 -47.80 -40.01 20.66
C LEU Y 191 -46.68 -39.06 20.97
N HIS Y 192 -45.43 -39.51 20.97
CA HIS Y 192 -44.39 -38.50 20.94
C HIS Y 192 -44.42 -37.78 19.60
N SER Y 193 -44.83 -38.47 18.54
CA SER Y 193 -45.02 -37.78 17.28
C SER Y 193 -46.23 -36.87 17.35
N VAL Y 194 -47.25 -37.28 18.09
CA VAL Y 194 -48.46 -36.48 18.20
C VAL Y 194 -48.32 -35.47 19.33
N ASN Y 195 -48.14 -35.98 20.56
CA ASN Y 195 -48.21 -35.12 21.73
C ASN Y 195 -46.87 -34.49 22.11
N ASP Y 196 -45.75 -35.06 21.64
CA ASP Y 196 -44.44 -34.47 21.92
C ASP Y 196 -44.09 -34.43 23.40
N LEU Y 197 -43.74 -35.58 23.96
CA LEU Y 197 -43.46 -35.75 25.38
C LEU Y 197 -42.47 -34.74 25.99
N ASP Y 198 -41.66 -34.04 25.19
CA ASP Y 198 -40.66 -33.12 25.72
C ASP Y 198 -41.33 -31.80 26.09
N VAL Y 199 -41.87 -31.77 27.31
CA VAL Y 199 -42.56 -30.58 27.80
C VAL Y 199 -41.80 -29.99 29.00
N THR Y 200 -41.94 -30.65 30.13
CA THR Y 200 -41.11 -30.49 31.31
C THR Y 200 -40.73 -31.82 31.91
N LYS Y 201 -41.47 -32.88 31.59
CA LYS Y 201 -41.07 -34.24 31.92
C LYS Y 201 -39.65 -34.52 31.47
N PHE Y 202 -39.24 -33.92 30.35
CA PHE Y 202 -37.86 -34.09 29.92
C PHE Y 202 -36.89 -33.50 30.92
N ALA Y 203 -37.17 -32.30 31.38
CA ALA Y 203 -36.26 -31.66 32.34
C ALA Y 203 -36.16 -32.48 33.62
N ASP Y 204 -37.24 -33.17 33.98
CA ASP Y 204 -37.20 -34.05 35.14
C ASP Y 204 -36.23 -35.21 34.92
N ASN Y 205 -36.37 -35.91 33.78
CA ASN Y 205 -35.53 -37.06 33.46
C ASN Y 205 -35.02 -36.89 32.03
N ALA Y 206 -33.92 -36.17 31.89
CA ALA Y 206 -33.34 -35.98 30.58
C ALA Y 206 -32.81 -37.27 29.99
N ALA Y 207 -32.37 -38.22 30.81
CA ALA Y 207 -31.92 -39.53 30.37
C ALA Y 207 -32.43 -40.69 31.22
N ASP Y 208 -32.70 -40.40 32.50
CA ASP Y 208 -32.82 -41.36 33.57
C ASP Y 208 -33.77 -42.54 33.41
N CYS Y 209 -34.77 -42.47 32.52
CA CYS Y 209 -35.81 -43.50 32.49
C CYS Y 209 -36.19 -43.97 31.10
N ALA Y 210 -35.56 -43.47 30.05
CA ALA Y 210 -35.77 -43.82 28.64
C ALA Y 210 -37.12 -43.38 28.09
N ASP Y 211 -38.18 -43.47 28.89
CA ASP Y 211 -39.54 -43.08 28.51
C ASP Y 211 -39.61 -41.62 28.15
N ILE Y 212 -38.98 -40.78 28.97
CA ILE Y 212 -38.64 -39.42 28.58
C ILE Y 212 -37.13 -39.19 28.54
N GLY Y 213 -36.31 -40.19 28.88
CA GLY Y 213 -34.89 -39.90 28.95
C GLY Y 213 -34.18 -39.69 27.61
N PHE Y 214 -34.76 -38.89 26.69
CA PHE Y 214 -34.22 -38.51 25.38
C PHE Y 214 -34.10 -39.66 24.38
N ASP Y 215 -33.83 -40.84 24.90
CA ASP Y 215 -33.66 -42.07 24.16
C ASP Y 215 -34.94 -42.44 23.41
N ALA Y 216 -36.02 -42.66 24.17
CA ALA Y 216 -37.25 -43.12 23.54
C ALA Y 216 -37.74 -42.13 22.51
N GLN Y 217 -37.65 -40.84 22.83
CA GLN Y 217 -38.16 -39.81 21.92
C GLN Y 217 -37.40 -39.84 20.62
N LEU Y 218 -36.07 -39.84 20.72
CA LEU Y 218 -35.26 -39.88 19.51
C LEU Y 218 -35.54 -41.16 18.74
N LYS Y 219 -35.84 -42.26 19.44
CA LYS Y 219 -36.17 -43.49 18.76
C LYS Y 219 -37.52 -43.39 18.06
N VAL Y 220 -38.48 -42.68 18.65
CA VAL Y 220 -39.75 -42.47 17.96
C VAL Y 220 -39.50 -41.73 16.66
N VAL Y 221 -38.70 -40.67 16.73
CA VAL Y 221 -38.45 -39.88 15.54
C VAL Y 221 -37.72 -40.72 14.52
N ASP Y 222 -36.70 -41.45 14.95
CA ASP Y 222 -35.91 -42.27 14.03
C ASP Y 222 -36.77 -43.31 13.35
N GLU Y 223 -37.64 -43.97 14.12
CA GLU Y 223 -38.46 -44.99 13.51
C GLU Y 223 -39.53 -44.37 12.64
N ALA Y 224 -40.11 -43.26 13.07
CA ALA Y 224 -41.07 -42.53 12.24
C ALA Y 224 -40.46 -42.26 10.88
N ILE Y 225 -39.24 -41.76 10.88
CA ILE Y 225 -38.52 -41.53 9.64
C ILE Y 225 -38.34 -42.84 8.89
N ASN Y 226 -37.97 -43.90 9.60
CA ASN Y 226 -37.71 -45.17 8.94
C ASN Y 226 -38.99 -45.71 8.31
N GLN Y 227 -40.13 -45.45 8.93
CA GLN Y 227 -41.40 -45.86 8.39
C GLN Y 227 -41.77 -45.02 7.17
N VAL Y 228 -41.41 -43.74 7.18
CA VAL Y 228 -41.57 -42.93 5.98
C VAL Y 228 -40.67 -43.48 4.88
N SER Y 229 -39.43 -43.82 5.24
CA SER Y 229 -38.47 -44.34 4.29
C SER Y 229 -39.00 -45.60 3.62
N SER Y 230 -39.53 -46.52 4.42
CA SER Y 230 -40.02 -47.77 3.88
C SER Y 230 -41.33 -47.57 3.14
N GLN Y 231 -42.16 -46.64 3.61
CA GLN Y 231 -43.39 -46.34 2.89
C GLN Y 231 -43.08 -45.79 1.52
N ARG Y 232 -42.14 -44.86 1.45
CA ARG Y 232 -41.69 -44.32 0.18
C ARG Y 232 -40.97 -45.38 -0.62
N ALA Y 233 -40.36 -46.36 0.05
CA ALA Y 233 -39.68 -47.43 -0.64
C ALA Y 233 -40.67 -48.30 -1.39
N LYS Y 234 -41.74 -48.70 -0.70
CA LYS Y 234 -42.82 -49.42 -1.36
C LYS Y 234 -43.40 -48.58 -2.49
N LEU Y 235 -43.66 -47.33 -2.17
CA LEU Y 235 -44.29 -46.41 -3.09
C LEU Y 235 -43.49 -46.30 -4.38
N GLY Y 236 -42.18 -46.13 -4.25
CA GLY Y 236 -41.32 -46.01 -5.41
C GLY Y 236 -41.09 -47.33 -6.10
N ALA Y 237 -41.17 -48.42 -5.34
CA ALA Y 237 -41.13 -49.73 -5.97
C ALA Y 237 -42.27 -49.84 -6.96
N VAL Y 238 -43.47 -49.48 -6.54
CA VAL Y 238 -44.62 -49.51 -7.43
C VAL Y 238 -44.44 -48.51 -8.55
N GLN Y 239 -43.82 -47.37 -8.26
CA GLN Y 239 -43.54 -46.42 -9.32
C GLN Y 239 -42.73 -47.07 -10.43
N ASN Y 240 -41.66 -47.76 -10.05
CA ASN Y 240 -40.84 -48.44 -11.04
C ASN Y 240 -41.65 -49.49 -11.77
N ARG Y 241 -42.50 -50.22 -11.03
CA ARG Y 241 -43.36 -51.21 -11.66
C ARG Y 241 -44.18 -50.60 -12.76
N LEU Y 242 -44.80 -49.46 -12.48
CA LEU Y 242 -45.67 -48.88 -13.47
C LEU Y 242 -44.87 -48.27 -14.60
N GLU Y 243 -43.63 -47.85 -14.34
CA GLU Y 243 -42.77 -47.44 -15.44
C GLU Y 243 -42.58 -48.60 -16.41
N HIS Y 244 -42.14 -49.74 -15.89
CA HIS Y 244 -41.87 -50.88 -16.77
C HIS Y 244 -43.14 -51.45 -17.35
N THR Y 245 -44.23 -51.37 -16.58
CA THR Y 245 -45.54 -51.74 -17.10
C THR Y 245 -45.86 -50.93 -18.33
N ILE Y 246 -45.78 -49.60 -18.22
CA ILE Y 246 -46.13 -48.74 -19.34
C ILE Y 246 -45.24 -49.02 -20.51
N ASN Y 247 -43.96 -49.26 -20.27
CA ASN Y 247 -43.08 -49.57 -21.38
C ASN Y 247 -43.54 -50.84 -22.08
N ASN Y 248 -43.97 -51.84 -21.30
CA ASN Y 248 -44.54 -53.04 -21.89
C ASN Y 248 -45.85 -52.73 -22.62
N LEU Y 249 -46.71 -51.94 -22.00
CA LEU Y 249 -48.01 -51.63 -22.60
C LEU Y 249 -47.82 -50.91 -23.91
N SER Y 250 -46.81 -50.06 -23.98
CA SER Y 250 -46.51 -49.32 -25.19
C SER Y 250 -45.99 -50.23 -26.28
N ALA Y 251 -44.96 -51.02 -25.96
CA ALA Y 251 -44.37 -51.90 -26.96
C ALA Y 251 -45.37 -52.96 -27.40
N SER Y 252 -46.00 -53.61 -26.43
CA SER Y 252 -46.97 -54.66 -26.70
C SER Y 252 -48.16 -54.10 -27.44
N GLY Y 253 -48.61 -52.92 -27.03
CA GLY Y 253 -49.71 -52.29 -27.73
C GLY Y 253 -49.37 -52.03 -29.17
N GLU Y 254 -48.18 -51.51 -29.42
CA GLU Y 254 -47.73 -51.31 -30.80
C GLU Y 254 -47.74 -52.60 -31.58
N ASN Y 255 -47.07 -53.62 -31.07
CA ASN Y 255 -47.00 -54.91 -31.76
C ASN Y 255 -48.40 -55.45 -32.01
N LEU Y 256 -49.32 -55.15 -31.11
CA LEU Y 256 -50.68 -55.66 -31.22
C LEU Y 256 -51.46 -54.93 -32.29
N THR Y 257 -51.34 -53.61 -32.34
CA THR Y 257 -52.00 -52.87 -33.41
C THR Y 257 -51.40 -53.24 -34.75
N ALA Y 258 -50.12 -53.59 -34.77
CA ALA Y 258 -49.51 -54.10 -35.98
C ALA Y 258 -50.10 -55.45 -36.34
N ALA Y 259 -50.32 -56.31 -35.34
CA ALA Y 259 -50.93 -57.60 -35.60
C ALA Y 259 -52.31 -57.45 -36.23
N GLU Y 260 -53.14 -56.60 -35.61
CA GLU Y 260 -54.42 -56.26 -36.19
C GLU Y 260 -54.24 -55.77 -37.62
N SER Y 261 -53.31 -54.85 -37.79
CA SER Y 261 -53.08 -54.25 -39.10
C SER Y 261 -52.75 -55.32 -40.12
N ARG Y 262 -52.05 -56.37 -39.70
CA ARG Y 262 -51.81 -57.48 -40.60
C ARG Y 262 -53.10 -58.18 -40.94
N ILE Y 263 -54.00 -58.33 -39.98
CA ILE Y 263 -55.30 -58.92 -40.30
C ILE Y 263 -56.03 -58.03 -41.28
N ARG Y 264 -56.12 -56.74 -40.97
CA ARG Y 264 -56.80 -55.78 -41.83
C ARG Y 264 -55.88 -55.16 -42.87
N ASP Y 265 -54.70 -55.74 -43.10
CA ASP Y 265 -53.76 -55.22 -44.08
C ASP Y 265 -54.42 -55.06 -45.44
N VAL Y 266 -54.63 -53.83 -45.87
CA VAL Y 266 -55.02 -53.55 -47.23
C VAL Y 266 -53.74 -53.26 -48.01
N ASP Y 267 -53.46 -54.10 -49.00
CA ASP Y 267 -52.48 -53.73 -50.02
C ASP Y 267 -53.20 -52.76 -50.93
N MET Y 268 -53.17 -51.49 -50.53
CA MET Y 268 -53.94 -50.47 -51.21
C MET Y 268 -53.56 -50.38 -52.67
N ALA Y 269 -52.28 -50.62 -52.98
CA ALA Y 269 -51.87 -50.63 -54.37
C ALA Y 269 -52.50 -51.80 -55.11
N LYS Y 270 -52.46 -52.99 -54.51
CA LYS Y 270 -53.14 -54.14 -55.09
C LYS Y 270 -54.59 -53.84 -55.34
N GLU Y 271 -55.26 -53.28 -54.34
CA GLU Y 271 -56.71 -53.16 -54.40
C GLU Y 271 -57.14 -52.08 -55.37
N MET Y 272 -56.34 -51.02 -55.50
CA MET Y 272 -56.59 -50.06 -56.58
C MET Y 272 -56.37 -50.71 -57.93
N SER Y 273 -55.32 -51.52 -58.04
CA SER Y 273 -55.03 -52.18 -59.30
C SER Y 273 -56.16 -53.14 -59.68
N GLU Y 274 -56.55 -53.99 -58.74
CA GLU Y 274 -57.62 -54.93 -58.98
C GLU Y 274 -58.92 -54.21 -59.27
N PHE Y 275 -59.15 -53.10 -58.57
CA PHE Y 275 -60.30 -52.26 -58.85
C PHE Y 275 -60.32 -51.84 -60.30
N THR Y 276 -59.21 -51.27 -60.74
CA THR Y 276 -59.02 -50.86 -62.12
C THR Y 276 -59.37 -51.98 -63.07
N LYS Y 277 -58.76 -53.14 -62.83
CA LYS Y 277 -59.00 -54.29 -63.69
C LYS Y 277 -60.47 -54.62 -63.76
N ASN Y 278 -61.13 -54.67 -62.62
CA ASN Y 278 -62.53 -55.07 -62.62
C ASN Y 278 -63.40 -54.06 -63.34
N ASN Y 279 -63.04 -52.77 -63.28
CA ASN Y 279 -63.73 -51.79 -64.11
C ASN Y 279 -63.58 -52.13 -65.58
N ILE Y 280 -62.34 -52.33 -66.00
CA ILE Y 280 -62.04 -52.66 -67.38
C ILE Y 280 -62.86 -53.85 -67.81
N LEU Y 281 -62.86 -54.89 -66.98
CA LEU Y 281 -63.51 -56.14 -67.32
C LEU Y 281 -65.01 -55.98 -67.43
N SER Y 282 -65.59 -55.21 -66.51
CA SER Y 282 -67.01 -54.93 -66.59
C SER Y 282 -67.34 -54.23 -67.90
N GLN Y 283 -66.59 -53.18 -68.22
CA GLN Y 283 -66.87 -52.40 -69.42
C GLN Y 283 -66.74 -53.24 -70.67
N ALA Y 284 -65.68 -54.03 -70.73
CA ALA Y 284 -65.45 -54.92 -71.87
C ALA Y 284 -66.61 -55.88 -72.04
N SER Y 285 -67.02 -56.50 -70.94
CA SER Y 285 -68.11 -57.46 -71.01
C SER Y 285 -69.39 -56.81 -71.49
N GLN Y 286 -69.64 -55.57 -71.06
CA GLN Y 286 -70.85 -54.89 -71.51
C GLN Y 286 -70.78 -54.59 -73.00
N ALA Y 287 -69.60 -54.17 -73.48
CA ALA Y 287 -69.43 -53.98 -74.92
C ALA Y 287 -69.78 -55.25 -75.67
N MET Y 288 -69.33 -56.38 -75.14
CA MET Y 288 -69.65 -57.64 -75.77
C MET Y 288 -71.15 -57.94 -75.68
N LEU Y 289 -71.82 -57.52 -74.61
CA LEU Y 289 -73.26 -57.73 -74.54
C LEU Y 289 -73.97 -56.92 -75.60
N ALA Y 290 -73.49 -55.70 -75.84
CA ALA Y 290 -74.01 -54.92 -76.95
C ALA Y 290 -73.84 -55.70 -78.25
N GLN Y 291 -72.63 -56.22 -78.48
CA GLN Y 291 -72.40 -57.00 -79.70
C GLN Y 291 -73.31 -58.20 -79.80
N ALA Y 292 -73.57 -58.86 -78.66
CA ALA Y 292 -74.51 -59.97 -78.64
C ALA Y 292 -75.89 -59.51 -79.05
N ASN Y 293 -76.23 -58.27 -78.77
CA ASN Y 293 -77.49 -57.73 -79.25
C ASN Y 293 -77.39 -57.23 -80.70
N GLN Y 294 -76.18 -56.99 -81.21
CA GLN Y 294 -76.04 -56.50 -82.57
C GLN Y 294 -76.14 -57.63 -83.58
N GLN Y 295 -75.45 -58.74 -83.32
CA GLN Y 295 -75.45 -59.87 -84.23
C GLN Y 295 -76.84 -60.31 -84.67
N PRO Y 296 -77.79 -60.59 -83.79
CA PRO Y 296 -79.10 -61.02 -84.28
C PRO Y 296 -79.85 -59.97 -85.07
N GLN Y 297 -79.47 -58.69 -84.98
CA GLN Y 297 -80.08 -57.68 -85.84
C GLN Y 297 -79.56 -57.81 -87.26
N ASN Y 298 -78.26 -57.99 -87.38
CA ASN Y 298 -77.66 -58.32 -88.67
C ASN Y 298 -78.36 -59.54 -89.24
N VAL Y 299 -78.60 -60.54 -88.41
CA VAL Y 299 -79.34 -61.72 -88.84
C VAL Y 299 -80.71 -61.34 -89.34
N LEU Y 300 -81.41 -60.47 -88.60
CA LEU Y 300 -82.75 -60.09 -88.98
C LEU Y 300 -82.78 -59.52 -90.39
N GLN Y 301 -81.90 -58.56 -90.66
CA GLN Y 301 -81.87 -57.99 -92.00
C GLN Y 301 -81.51 -59.05 -93.03
N LEU Y 302 -80.44 -59.80 -92.75
CA LEU Y 302 -79.90 -60.71 -93.73
C LEU Y 302 -80.87 -61.83 -94.07
N LEU Y 303 -81.73 -62.22 -93.14
CA LEU Y 303 -82.74 -63.23 -93.34
C LEU Y 303 -84.13 -62.63 -93.44
N ARG Y 304 -84.23 -61.40 -93.92
CA ARG Y 304 -85.51 -60.82 -94.19
C ARG Y 304 -85.92 -61.07 -95.64
N ILE Z 3 -12.78 18.46 -20.18
CA ILE Z 3 -11.60 19.36 -20.36
C ILE Z 3 -10.39 18.88 -19.56
N ASN Z 4 -10.24 17.55 -19.48
CA ASN Z 4 -9.24 16.95 -18.61
C ASN Z 4 -7.84 17.51 -18.86
N HIS Z 5 -7.48 17.66 -20.14
CA HIS Z 5 -6.14 18.13 -20.50
C HIS Z 5 -5.89 19.59 -20.16
N ASN Z 6 -6.89 20.33 -19.70
CA ASN Z 6 -6.73 21.73 -19.37
C ASN Z 6 -6.68 22.00 -17.88
N ILE Z 7 -6.93 21.00 -17.04
CA ILE Z 7 -7.01 21.19 -15.59
C ILE Z 7 -5.73 20.70 -14.97
N ALA Z 8 -5.07 21.59 -14.24
CA ALA Z 8 -3.93 21.22 -13.44
C ALA Z 8 -3.92 21.95 -12.11
N ALA Z 9 -5.00 22.65 -11.76
CA ALA Z 9 -5.04 23.51 -10.59
C ALA Z 9 -3.87 24.48 -10.62
N LEU Z 10 -3.75 25.17 -11.76
CA LEU Z 10 -2.56 25.98 -11.99
C LEU Z 10 -2.42 27.09 -10.95
N ASN Z 11 -3.52 27.51 -10.33
CA ASN Z 11 -3.38 28.43 -9.22
C ASN Z 11 -2.67 27.76 -8.06
N THR Z 12 -2.95 26.47 -7.85
CA THR Z 12 -2.19 25.73 -6.85
C THR Z 12 -0.72 25.69 -7.24
N LEU Z 13 -0.43 25.54 -8.53
CA LEU Z 13 0.94 25.47 -8.97
C LEU Z 13 1.64 26.80 -8.72
N ASN Z 14 0.94 27.89 -8.96
CA ASN Z 14 1.47 29.21 -8.69
C ASN Z 14 1.74 29.38 -7.20
N ARG Z 15 0.82 28.90 -6.36
CA ARG Z 15 1.07 28.91 -4.93
C ARG Z 15 2.27 28.07 -4.60
N LEU Z 16 2.49 27.01 -5.37
CA LEU Z 16 3.60 26.15 -5.08
C LEU Z 16 4.91 26.88 -5.29
N SER Z 17 5.05 27.49 -6.46
CA SER Z 17 6.25 28.27 -6.74
C SER Z 17 6.46 29.32 -5.66
N SER Z 18 5.38 30.02 -5.30
CA SER Z 18 5.46 31.04 -4.27
C SER Z 18 5.96 30.46 -2.96
N ASN Z 19 5.38 29.34 -2.54
CA ASN Z 19 5.72 28.77 -1.24
C ASN Z 19 7.15 28.28 -1.22
N ASN Z 20 7.61 27.69 -2.32
CA ASN Z 20 8.98 27.20 -2.37
C ASN Z 20 9.95 28.36 -2.24
N SER Z 21 9.70 29.43 -2.96
CA SER Z 21 10.56 30.59 -2.81
C SER Z 21 10.46 31.16 -1.40
N ALA Z 22 9.27 31.13 -0.82
CA ALA Z 22 9.07 31.68 0.52
C ALA Z 22 9.93 30.95 1.54
N SER Z 23 9.77 29.62 1.61
CA SER Z 23 10.56 28.84 2.55
C SER Z 23 12.04 28.99 2.26
N GLN Z 24 12.41 29.08 0.98
CA GLN Z 24 13.80 29.32 0.61
C GLN Z 24 14.31 30.60 1.26
N LYS Z 25 13.56 31.68 1.13
CA LYS Z 25 13.97 32.96 1.70
C LYS Z 25 14.12 32.85 3.20
N ASN Z 26 13.17 32.17 3.85
CA ASN Z 26 13.26 31.95 5.28
C ASN Z 26 14.59 31.29 5.64
N MET Z 27 14.94 30.21 4.95
CA MET Z 27 16.22 29.54 5.22
C MET Z 27 17.38 30.49 5.08
N GLU Z 28 17.44 31.15 3.93
CA GLU Z 28 18.56 32.01 3.60
C GLU Z 28 18.80 33.03 4.69
N LYS Z 29 17.72 33.59 5.22
CA LYS Z 29 17.87 34.52 6.33
C LYS Z 29 18.28 33.78 7.60
N LEU Z 30 17.67 32.62 7.83
CA LEU Z 30 17.99 31.82 9.02
C LEU Z 30 19.45 31.38 8.99
N SER Z 31 19.86 30.81 7.86
CA SER Z 31 21.22 30.30 7.72
C SER Z 31 22.23 31.42 7.88
N SER Z 32 22.00 32.53 7.19
CA SER Z 32 22.93 33.64 7.24
C SER Z 32 22.77 34.46 8.51
N GLY Z 33 21.65 34.33 9.19
CA GLY Z 33 21.41 35.18 10.34
C GLY Z 33 21.15 36.61 9.93
N LEU Z 34 20.61 36.81 8.73
CA LEU Z 34 20.44 38.13 8.14
C LEU Z 34 18.98 38.33 7.84
N ARG Z 35 18.36 39.30 8.50
CA ARG Z 35 17.06 39.75 8.02
C ARG Z 35 17.23 40.61 6.79
N ILE Z 36 18.38 41.29 6.68
CA ILE Z 36 18.67 42.06 5.49
C ILE Z 36 18.66 41.15 4.28
N ASN Z 37 18.39 41.74 3.13
CA ASN Z 37 18.43 41.02 1.88
C ASN Z 37 19.82 41.14 1.28
N ARG Z 38 20.18 40.14 0.49
CA ARG Z 38 21.29 40.32 -0.44
C ARG Z 38 20.89 41.30 -1.53
N ALA Z 39 19.65 41.19 -2.00
CA ALA Z 39 19.11 42.08 -3.00
C ALA Z 39 18.87 43.45 -2.42
N GLY Z 40 18.78 44.44 -3.31
CA GLY Z 40 18.56 45.82 -2.95
C GLY Z 40 17.20 46.13 -2.37
N ASP Z 41 16.35 45.12 -2.19
CA ASP Z 41 15.07 45.33 -1.52
C ASP Z 41 15.32 45.89 -0.12
N ASP Z 42 14.85 47.11 0.10
CA ASP Z 42 15.22 47.95 1.25
C ASP Z 42 16.70 48.32 1.19
N ALA Z 43 17.12 48.81 0.02
CA ALA Z 43 18.48 49.33 -0.11
C ALA Z 43 18.73 50.51 0.82
N ALA Z 44 17.68 51.19 1.28
CA ALA Z 44 17.84 52.18 2.32
C ALA Z 44 18.47 51.56 3.55
N GLY Z 45 17.75 50.63 4.19
CA GLY Z 45 18.27 49.98 5.38
C GLY Z 45 19.60 49.30 5.14
N LEU Z 46 19.77 48.72 3.96
CA LEU Z 46 21.04 48.09 3.63
C LEU Z 46 22.15 49.11 3.66
N ALA Z 47 22.05 50.13 2.82
CA ALA Z 47 23.08 51.16 2.71
C ALA Z 47 23.36 51.79 4.07
N ILE Z 48 22.33 51.89 4.91
CA ILE Z 48 22.58 52.34 6.27
C ILE Z 48 23.51 51.38 6.96
N SER Z 49 23.13 50.10 7.02
CA SER Z 49 23.94 49.13 7.78
C SER Z 49 25.33 49.01 7.20
N GLU Z 50 25.46 49.22 5.90
CA GLU Z 50 26.76 49.32 5.27
C GLU Z 50 27.56 50.45 5.89
N LYS Z 51 26.95 51.62 5.97
CA LYS Z 51 27.61 52.77 6.57
C LYS Z 51 27.90 52.51 8.05
N MET Z 52 26.96 51.86 8.73
CA MET Z 52 27.15 51.49 10.12
C MET Z 52 28.41 50.68 10.26
N ARG Z 53 28.50 49.57 9.54
CA ARG Z 53 29.64 48.68 9.63
C ARG Z 53 30.92 49.39 9.28
N GLY Z 54 30.86 50.28 8.30
CA GLY Z 54 32.03 51.10 8.01
C GLY Z 54 32.48 51.85 9.25
N GLN Z 55 31.53 52.46 9.94
CA GLN Z 55 31.88 53.17 11.17
C GLN Z 55 32.26 52.21 12.29
N ILE Z 56 31.56 51.09 12.45
CA ILE Z 56 31.87 50.10 13.48
C ILE Z 56 33.32 49.69 13.36
N ARG Z 57 33.66 49.16 12.19
CA ARG Z 57 35.02 48.71 11.93
C ARG Z 57 36.00 49.84 12.14
N GLY Z 58 35.61 51.05 11.74
CA GLY Z 58 36.46 52.20 11.99
C GLY Z 58 36.62 52.49 13.47
N LEU Z 59 35.63 52.12 14.27
CA LEU Z 59 35.72 52.33 15.71
C LEU Z 59 36.57 51.25 16.36
N GLU Z 60 36.55 50.05 15.79
CA GLU Z 60 37.44 49.01 16.27
C GLU Z 60 38.89 49.40 16.02
N MET Z 61 39.17 49.85 14.80
CA MET Z 61 40.52 50.34 14.51
C MET Z 61 40.80 51.65 15.24
N ALA Z 62 39.74 52.39 15.61
CA ALA Z 62 39.93 53.59 16.40
C ALA Z 62 40.40 53.24 17.80
N SER Z 63 39.74 52.26 18.40
CA SER Z 63 40.17 51.78 19.71
C SER Z 63 41.58 51.28 19.64
N LYS Z 64 41.89 50.50 18.61
CA LYS Z 64 43.24 50.06 18.36
C LYS Z 64 44.22 51.23 18.34
N ASN Z 65 43.93 52.23 17.50
CA ASN Z 65 44.84 53.36 17.36
C ASN Z 65 45.00 54.12 18.66
N SER Z 66 43.93 54.24 19.43
CA SER Z 66 43.99 55.00 20.67
C SER Z 66 44.78 54.25 21.72
N GLN Z 67 44.59 52.94 21.80
CA GLN Z 67 45.39 52.12 22.69
C GLN Z 67 46.86 52.23 22.33
N ASP Z 68 47.13 52.26 21.03
CA ASP Z 68 48.50 52.45 20.57
C ASP Z 68 49.03 53.81 20.99
N GLY Z 69 48.16 54.84 20.88
CA GLY Z 69 48.46 56.13 21.46
C GLY Z 69 48.90 56.01 22.90
N ILE Z 70 48.12 55.27 23.68
CA ILE Z 70 48.42 55.09 25.10
C ILE Z 70 49.77 54.44 25.28
N SER Z 71 50.07 53.44 24.44
CA SER Z 71 51.35 52.76 24.57
C SER Z 71 52.50 53.73 24.37
N LEU Z 72 52.39 54.57 23.35
CA LEU Z 72 53.37 55.62 23.14
C LEU Z 72 53.47 56.51 24.36
N ILE Z 73 52.31 56.95 24.85
CA ILE Z 73 52.27 57.87 25.98
C ILE Z 73 53.03 57.27 27.16
N GLN Z 74 52.61 56.10 27.60
CA GLN Z 74 53.18 55.51 28.80
C GLN Z 74 54.66 55.19 28.63
N THR Z 75 55.08 54.89 27.41
CA THR Z 75 56.50 54.76 27.14
C THR Z 75 57.22 56.05 27.52
N ALA Z 76 56.83 57.14 26.85
CA ALA Z 76 57.48 58.42 27.10
C ALA Z 76 57.30 58.84 28.56
N GLU Z 77 56.14 58.54 29.11
CA GLU Z 77 55.80 58.87 30.49
C GLU Z 77 56.80 58.26 31.45
N GLY Z 78 56.98 56.95 31.39
CA GLY Z 78 57.90 56.29 32.30
C GLY Z 78 59.31 56.79 32.09
N ALA Z 79 59.66 57.06 30.83
CA ALA Z 79 60.99 57.59 30.57
C ALA Z 79 61.18 58.94 31.24
N LEU Z 80 60.17 59.81 31.15
CA LEU Z 80 60.26 61.12 31.77
C LEU Z 80 60.22 61.04 33.28
N THR Z 81 59.54 60.03 33.82
CA THR Z 81 59.58 59.80 35.25
C THR Z 81 61.00 59.47 35.69
N GLU Z 82 61.67 58.61 34.94
CA GLU Z 82 63.06 58.30 35.29
C GLU Z 82 63.95 59.52 35.13
N THR Z 83 63.75 60.27 34.04
CA THR Z 83 64.48 61.52 33.85
C THR Z 83 64.32 62.40 35.07
N HIS Z 84 63.09 62.54 35.50
CA HIS Z 84 62.79 63.36 36.65
C HIS Z 84 63.52 62.88 37.88
N ALA Z 85 63.50 61.58 38.12
CA ALA Z 85 64.21 61.02 39.27
C ALA Z 85 65.69 61.37 39.20
N ILE Z 86 66.27 61.29 38.01
CA ILE Z 86 67.65 61.74 37.85
C ILE Z 86 67.75 63.18 38.28
N LEU Z 87 66.85 64.03 37.78
CA LEU Z 87 66.94 65.46 38.08
C LEU Z 87 66.84 65.73 39.58
N GLN Z 88 66.12 64.89 40.31
CA GLN Z 88 66.16 64.97 41.76
C GLN Z 88 67.57 64.72 42.25
N ARG Z 89 68.21 63.66 41.73
CA ARG Z 89 69.59 63.42 42.12
C ARG Z 89 70.48 64.58 41.74
N VAL Z 90 70.21 65.17 40.58
CA VAL Z 90 71.01 66.29 40.13
C VAL Z 90 70.94 67.40 41.16
N ARG Z 91 69.72 67.77 41.58
CA ARG Z 91 69.61 68.86 42.53
C ARG Z 91 70.28 68.51 43.85
N GLU Z 92 70.24 67.24 44.26
CA GLU Z 92 71.05 66.84 45.39
C GLU Z 92 72.49 67.22 45.15
N LEU Z 93 72.97 66.94 43.95
CA LEU Z 93 74.34 67.24 43.61
C LEU Z 93 74.55 68.73 43.36
N VAL Z 94 73.48 69.49 43.15
CA VAL Z 94 73.62 70.94 43.06
C VAL Z 94 73.83 71.50 44.45
N VAL Z 95 73.04 71.03 45.41
CA VAL Z 95 73.16 71.54 46.76
C VAL Z 95 74.49 71.13 47.35
N GLN Z 96 74.95 69.92 47.05
CA GLN Z 96 76.33 69.59 47.38
C GLN Z 96 77.29 70.45 46.56
N ALA Z 97 76.92 70.75 45.33
CA ALA Z 97 77.72 71.62 44.46
C ALA Z 97 77.46 73.07 44.73
N GLY Z 98 76.86 73.35 45.88
CA GLY Z 98 77.21 74.54 46.60
C GLY Z 98 78.57 74.47 47.25
N ASN Z 99 79.36 73.41 46.97
CA ASN Z 99 80.77 73.31 47.38
C ASN Z 99 80.83 73.05 48.89
N THR Z 100 79.67 72.70 49.47
CA THR Z 100 79.44 72.88 50.89
C THR Z 100 79.99 74.25 51.28
N GLY Z 101 79.56 75.25 50.52
CA GLY Z 101 80.10 76.57 50.71
C GLY Z 101 81.43 76.77 50.02
N THR Z 102 82.50 76.60 50.79
CA THR Z 102 83.86 76.50 50.25
C THR Z 102 84.55 75.23 50.69
N GLN Z 103 83.88 74.39 51.49
CA GLN Z 103 84.58 73.29 52.15
C GLN Z 103 85.05 72.25 51.17
N ASP Z 104 84.26 71.95 50.15
CA ASP Z 104 84.72 71.02 49.14
C ASP Z 104 85.85 71.72 48.37
N LYS Z 105 86.76 70.92 47.84
CA LYS Z 105 87.85 71.45 47.04
C LYS Z 105 87.54 71.25 45.56
N ALA Z 106 88.44 71.73 44.71
CA ALA Z 106 88.23 71.64 43.27
C ALA Z 106 88.08 70.20 42.81
N THR Z 107 88.89 69.30 43.37
CA THR Z 107 88.77 67.88 43.04
C THR Z 107 87.43 67.34 43.47
N ASP Z 108 86.94 67.77 44.63
CA ASP Z 108 85.64 67.30 45.07
C ASP Z 108 84.56 67.74 44.10
N LEU Z 109 84.60 68.99 43.67
CA LEU Z 109 83.67 69.47 42.67
C LEU Z 109 83.83 68.71 41.35
N GLN Z 110 85.04 68.26 41.05
CA GLN Z 110 85.25 67.47 39.84
C GLN Z 110 84.70 66.07 40.00
N SER Z 111 84.81 65.50 41.20
CA SER Z 111 84.20 64.21 41.46
C SER Z 111 82.69 64.30 41.27
N ILE Z 112 82.09 65.34 41.87
CA ILE Z 112 80.68 65.59 41.69
C ILE Z 112 80.37 65.76 40.22
N GLN Z 113 81.15 66.58 39.53
CA GLN Z 113 80.90 66.88 38.13
C GLN Z 113 81.02 65.65 37.27
N ASP Z 114 81.93 64.75 37.62
CA ASP Z 114 82.00 63.47 36.94
C ASP Z 114 80.68 62.73 37.11
N GLY Z 115 80.18 62.71 38.35
CA GLY Z 115 78.88 62.10 38.57
C GLY Z 115 77.77 62.77 37.78
N ILE Z 116 77.81 64.10 37.68
CA ILE Z 116 76.72 64.80 37.01
C ILE Z 116 76.80 64.58 35.51
N SER Z 117 78.00 64.66 34.95
CA SER Z 117 78.15 64.44 33.51
C SER Z 117 77.75 63.02 33.17
N ALA Z 118 78.02 62.10 34.08
CA ALA Z 118 77.51 60.74 33.97
C ALA Z 118 75.99 60.75 33.93
N LEU Z 119 75.36 61.54 34.81
CA LEU Z 119 73.91 61.64 34.82
C LEU Z 119 73.40 62.26 33.53
N THR Z 120 74.09 63.28 33.03
CA THR Z 120 73.76 63.87 31.75
C THR Z 120 73.73 62.79 30.69
N ASP Z 121 74.79 61.99 30.64
CA ASP Z 121 74.87 60.93 29.65
C ASP Z 121 73.72 59.97 29.80
N GLU Z 122 73.22 59.80 31.02
CA GLU Z 122 72.05 58.96 31.22
C GLU Z 122 70.79 59.65 30.75
N ILE Z 123 70.65 60.95 30.99
CA ILE Z 123 69.47 61.67 30.53
C ILE Z 123 69.44 61.66 29.01
N ASP Z 124 70.57 61.98 28.39
CA ASP Z 124 70.69 61.87 26.95
C ASP Z 124 70.40 60.47 26.49
N GLY Z 125 70.81 59.47 27.29
CA GLY Z 125 70.48 58.10 26.95
C GLY Z 125 68.99 57.86 26.98
N ILE Z 126 68.30 58.42 27.97
CA ILE Z 126 66.84 58.32 27.99
C ILE Z 126 66.28 58.93 26.71
N SER Z 127 66.62 60.19 26.46
CA SER Z 127 66.02 60.92 25.38
C SER Z 127 66.44 60.38 24.01
N ASN Z 128 67.50 59.59 23.95
CA ASN Z 128 68.00 59.02 22.71
C ASN Z 128 67.88 57.49 22.66
N ARG Z 129 67.15 56.90 23.60
CA ARG Z 129 66.83 55.48 23.57
C ARG Z 129 65.32 55.26 23.62
N THR Z 130 64.59 56.23 24.16
CA THR Z 130 63.15 56.11 24.20
C THR Z 130 62.62 56.24 22.79
N GLU Z 131 62.44 55.09 22.14
CA GLU Z 131 61.86 55.00 20.81
C GLU Z 131 60.53 54.29 20.87
N PHE Z 132 59.63 54.65 19.96
CA PHE Z 132 58.47 53.83 19.65
C PHE Z 132 58.45 53.57 18.16
N ASN Z 133 58.64 52.32 17.80
CA ASN Z 133 58.67 51.94 16.40
C ASN Z 133 59.75 52.73 15.68
N GLY Z 134 60.88 52.86 16.36
CA GLY Z 134 62.00 53.63 15.88
C GLY Z 134 61.90 55.12 16.12
N LYS Z 135 60.69 55.63 16.27
CA LYS Z 135 60.49 57.05 16.47
C LYS Z 135 61.01 57.43 17.83
N LYS Z 136 62.11 58.18 17.86
CA LYS Z 136 62.70 58.58 19.11
C LYS Z 136 61.73 59.52 19.80
N LEU Z 137 60.93 58.95 20.70
CA LEU Z 137 59.81 59.67 21.29
C LEU Z 137 60.25 60.83 22.15
N LEU Z 138 61.47 60.78 22.66
CA LEU Z 138 62.04 61.90 23.40
C LEU Z 138 63.14 62.58 22.60
N ASP Z 139 63.02 62.54 21.28
CA ASP Z 139 63.80 63.44 20.45
C ASP Z 139 63.32 64.85 20.74
N GLY Z 140 64.14 65.62 21.45
CA GLY Z 140 63.74 66.98 21.77
C GLY Z 140 63.51 67.86 20.57
N THR Z 141 64.02 67.46 19.41
CA THR Z 141 63.78 68.15 18.15
C THR Z 141 62.67 67.51 17.32
N TYR Z 142 61.90 66.59 17.92
CA TYR Z 142 60.81 65.98 17.17
C TYR Z 142 59.79 67.02 16.73
N LYS Z 143 59.13 67.65 17.71
CA LYS Z 143 58.10 68.66 17.44
C LYS Z 143 58.41 69.94 18.19
N VAL Z 144 59.58 70.50 17.92
CA VAL Z 144 59.77 71.90 18.28
C VAL Z 144 58.91 72.72 17.32
N ASP Z 145 57.85 73.33 17.87
CA ASP Z 145 56.92 74.14 17.08
C ASP Z 145 57.64 75.17 16.22
N THR Z 146 58.60 75.88 16.83
CA THR Z 146 59.54 76.77 16.16
C THR Z 146 58.92 78.07 15.66
N ALA Z 147 57.59 78.16 15.66
CA ALA Z 147 56.87 79.07 14.78
C ALA Z 147 57.15 78.76 13.31
N THR Z 148 57.40 77.48 13.00
CA THR Z 148 57.64 77.03 11.63
C THR Z 148 56.83 75.76 11.43
N PRO Z 149 55.64 75.86 10.80
CA PRO Z 149 54.88 74.64 10.50
C PRO Z 149 55.65 73.60 9.71
N ALA Z 150 56.53 74.06 8.82
CA ALA Z 150 57.27 73.13 7.97
C ALA Z 150 58.12 72.16 8.77
N ASN Z 151 58.57 72.58 9.96
CA ASN Z 151 59.44 71.76 10.79
C ASN Z 151 58.74 71.48 12.12
N GLN Z 152 57.82 70.50 12.11
CA GLN Z 152 57.16 70.10 13.36
C GLN Z 152 56.97 68.60 13.55
N LYS Z 153 56.81 67.79 12.51
CA LYS Z 153 56.50 66.36 12.70
C LYS Z 153 55.34 66.16 13.66
N ASN Z 154 54.25 66.91 13.47
CA ASN Z 154 53.13 66.94 14.41
C ASN Z 154 52.69 65.53 14.81
N LEU Z 155 52.73 65.24 16.11
CA LEU Z 155 52.42 63.90 16.59
C LEU Z 155 50.90 63.71 16.51
N VAL Z 156 50.44 63.52 15.28
CA VAL Z 156 49.02 63.35 15.00
C VAL Z 156 48.61 61.97 15.46
N PHE Z 157 47.38 61.84 16.00
CA PHE Z 157 46.72 60.56 16.24
C PHE Z 157 45.32 60.62 15.61
N GLN Z 158 45.16 60.00 14.44
CA GLN Z 158 43.84 59.77 13.84
C GLN Z 158 43.16 58.66 14.62
N ILE Z 159 42.08 59.02 15.29
CA ILE Z 159 41.29 58.07 16.04
C ILE Z 159 39.90 57.91 15.46
N GLY Z 160 39.18 59.01 15.23
CA GLY Z 160 37.80 58.89 14.85
C GLY Z 160 37.62 58.22 13.52
N ALA Z 161 36.59 57.38 13.43
CA ALA Z 161 36.27 56.71 12.19
C ALA Z 161 35.93 57.69 11.09
N ASN Z 162 35.53 58.91 11.45
CA ASN Z 162 35.25 59.97 10.51
C ASN Z 162 36.49 60.79 10.23
N ALA Z 163 36.52 61.42 9.06
CA ALA Z 163 37.69 62.16 8.62
C ALA Z 163 37.97 63.36 9.51
N THR Z 164 39.25 63.71 9.59
CA THR Z 164 39.80 64.84 10.33
C THR Z 164 39.79 64.63 11.83
N GLN Z 165 39.24 63.54 12.34
CA GLN Z 165 39.11 63.32 13.77
C GLN Z 165 40.47 62.94 14.35
N GLN Z 166 41.36 63.92 14.46
CA GLN Z 166 42.74 63.69 14.82
C GLN Z 166 43.12 64.44 16.07
N ILE Z 167 44.13 63.90 16.74
CA ILE Z 167 44.69 64.51 17.94
C ILE Z 167 46.09 65.00 17.65
N SER Z 168 46.39 66.23 18.06
CA SER Z 168 47.69 66.86 17.84
C SER Z 168 48.46 66.89 19.16
N VAL Z 169 49.63 66.24 19.17
CA VAL Z 169 50.45 66.12 20.37
C VAL Z 169 51.83 66.69 20.09
N ASN Z 170 52.51 67.12 21.16
CA ASN Z 170 53.81 67.74 21.05
C ASN Z 170 54.87 67.06 21.91
N ILE Z 171 55.98 66.72 21.28
CA ILE Z 171 57.21 66.25 21.91
C ILE Z 171 58.22 67.38 21.80
N GLU Z 172 58.87 67.77 22.92
CA GLU Z 172 60.02 68.66 22.80
C GLU Z 172 61.15 68.41 23.81
N ASP Z 173 61.05 67.40 24.67
CA ASP Z 173 62.01 67.27 25.75
C ASP Z 173 63.22 66.44 25.31
N MET Z 174 64.34 66.67 25.99
CA MET Z 174 65.59 65.94 25.80
C MET Z 174 66.57 66.43 26.85
N GLY Z 175 67.73 65.77 26.90
CA GLY Z 175 68.75 66.15 27.86
C GLY Z 175 69.23 67.57 27.71
N ALA Z 176 69.34 68.05 26.48
CA ALA Z 176 69.75 69.43 26.26
C ALA Z 176 68.62 70.44 26.46
N ASP Z 177 67.43 69.98 26.83
CA ASP Z 177 66.26 70.84 26.99
C ASP Z 177 66.02 71.08 28.49
N ALA Z 178 66.57 72.17 29.02
CA ALA Z 178 66.50 72.40 30.47
C ALA Z 178 65.79 73.69 30.91
N LEU Z 179 66.43 74.84 30.72
CA LEU Z 179 65.74 76.12 30.91
C LEU Z 179 65.45 76.65 29.52
N GLY Z 180 64.25 76.38 29.06
CA GLY Z 180 63.83 76.85 27.76
C GLY Z 180 63.46 78.31 27.86
N ILE Z 181 64.46 79.18 27.98
CA ILE Z 181 64.19 80.61 27.99
C ILE Z 181 63.36 80.97 26.77
N LYS Z 182 63.84 80.59 25.60
CA LYS Z 182 63.12 80.57 24.33
C LYS Z 182 63.55 79.33 23.56
N GLU Z 183 64.86 79.12 23.59
CA GLU Z 183 65.59 77.98 23.09
C GLU Z 183 66.74 77.79 24.07
N ALA Z 184 67.74 77.00 23.68
CA ALA Z 184 68.94 76.92 24.50
C ALA Z 184 69.68 78.25 24.46
N ASP Z 185 69.95 78.82 25.63
CA ASP Z 185 70.64 80.09 25.67
C ASP Z 185 72.10 79.90 25.27
N GLY Z 186 72.82 79.09 26.03
CA GLY Z 186 74.22 78.86 25.79
C GLY Z 186 74.81 78.01 26.90
N SER Z 187 75.94 78.46 27.46
CA SER Z 187 76.51 77.78 28.61
C SER Z 187 75.50 77.68 29.74
N ILE Z 188 74.64 78.67 29.86
CA ILE Z 188 73.54 78.64 30.79
C ILE Z 188 72.28 78.17 30.07
N ALA Z 189 71.28 77.84 30.86
CA ALA Z 189 69.90 77.58 30.47
C ALA Z 189 69.66 76.26 29.73
N ALA Z 190 70.68 75.71 29.09
CA ALA Z 190 70.63 74.36 28.56
C ALA Z 190 71.86 73.56 28.92
N LEU Z 191 73.03 74.13 28.68
CA LEU Z 191 74.28 73.39 28.77
C LEU Z 191 74.73 73.18 30.20
N HIS Z 192 74.12 73.83 31.18
CA HIS Z 192 74.36 73.34 32.52
C HIS Z 192 73.76 71.95 32.68
N SER Z 193 72.67 71.67 31.99
CA SER Z 193 72.14 70.32 31.98
C SER Z 193 73.07 69.39 31.22
N VAL Z 194 73.70 69.90 30.17
CA VAL Z 194 74.58 69.08 29.36
C VAL Z 194 75.99 69.11 29.95
N ASN Z 195 76.59 70.29 30.00
CA ASN Z 195 78.00 70.40 30.34
C ASN Z 195 78.27 70.53 31.84
N ASP Z 196 77.26 70.93 32.62
CA ASP Z 196 77.44 71.01 34.08
C ASP Z 196 78.50 72.01 34.50
N LEU Z 197 78.17 73.30 34.42
CA LEU Z 197 79.09 74.39 34.71
C LEU Z 197 79.84 74.31 36.05
N ASP Z 198 79.39 73.50 37.01
CA ASP Z 198 80.03 73.43 38.33
C ASP Z 198 81.26 72.52 38.23
N VAL Z 199 82.38 73.13 37.82
CA VAL Z 199 83.64 72.40 37.67
C VAL Z 199 84.66 72.93 38.67
N THR Z 200 85.20 74.10 38.36
CA THR Z 200 85.97 74.94 39.27
C THR Z 200 85.55 76.39 39.15
N LYS Z 201 84.93 76.77 38.04
CA LYS Z 201 84.29 78.07 37.91
C LYS Z 201 83.37 78.35 39.08
N PHE Z 202 82.73 77.31 39.62
CA PHE Z 202 81.90 77.51 40.80
C PHE Z 202 82.73 77.97 41.98
N ALA Z 203 83.86 77.31 42.22
CA ALA Z 203 84.68 77.69 43.36
C ALA Z 203 85.17 79.12 43.22
N ASP Z 204 85.37 79.58 41.98
CA ASP Z 204 85.75 80.97 41.75
C ASP Z 204 84.64 81.92 42.19
N ASN Z 205 83.41 81.67 41.73
CA ASN Z 205 82.26 82.52 42.04
C ASN Z 205 81.12 81.61 42.49
N ALA Z 206 81.11 81.29 43.77
CA ALA Z 206 80.03 80.46 44.30
C ALA Z 206 78.68 81.17 44.25
N ALA Z 207 78.65 82.49 44.36
CA ALA Z 207 77.43 83.28 44.24
C ALA Z 207 77.58 84.53 43.38
N ASP Z 208 78.80 85.06 43.32
CA ASP Z 208 79.12 86.42 42.92
C ASP Z 208 78.59 86.93 41.58
N CYS Z 209 78.24 86.04 40.63
CA CYS Z 209 77.93 86.51 39.27
C CYS Z 209 76.70 85.89 38.65
N ALA Z 210 75.99 85.01 39.36
CA ALA Z 210 74.77 84.32 38.94
C ALA Z 210 74.99 83.29 37.83
N ASP Z 211 75.86 83.60 36.87
CA ASP Z 211 76.17 82.73 35.74
C ASP Z 211 76.75 81.41 36.21
N ILE Z 212 77.68 81.49 37.15
CA ILE Z 212 78.05 80.34 37.97
C ILE Z 212 77.71 80.53 39.45
N GLY Z 213 77.18 81.68 39.84
CA GLY Z 213 76.98 81.88 41.27
C GLY Z 213 75.87 81.06 41.91
N PHE Z 214 75.79 79.76 41.63
CA PHE Z 214 74.85 78.78 42.18
C PHE Z 214 73.38 79.00 41.80
N ASP Z 215 73.03 80.27 41.63
CA ASP Z 215 71.72 80.73 41.26
C ASP Z 215 71.31 80.20 39.91
N ALA Z 216 72.06 80.57 38.87
CA ALA Z 216 71.66 80.19 37.52
C ALA Z 216 71.59 78.68 37.38
N GLN Z 217 72.54 77.97 37.97
CA GLN Z 217 72.58 76.52 37.83
C GLN Z 217 71.34 75.90 38.44
N LEU Z 218 71.03 76.31 39.68
CA LEU Z 218 69.85 75.78 40.32
C LEU Z 218 68.60 76.15 39.53
N LYS Z 219 68.60 77.31 38.89
CA LYS Z 219 67.48 77.69 38.06
C LYS Z 219 67.37 76.82 36.82
N VAL Z 220 68.52 76.43 36.25
CA VAL Z 220 68.47 75.52 35.10
C VAL Z 220 67.83 74.22 35.53
N VAL Z 221 68.26 73.70 36.67
CA VAL Z 221 67.71 72.44 37.13
C VAL Z 221 66.23 72.58 37.42
N ASP Z 222 65.86 73.65 38.11
CA ASP Z 222 64.46 73.86 38.47
C ASP Z 222 63.59 73.97 37.24
N GLU Z 223 64.05 74.71 36.24
CA GLU Z 223 63.24 74.86 35.05
C GLU Z 223 63.23 73.58 34.24
N ALA Z 224 64.37 72.89 34.15
CA ALA Z 224 64.41 71.59 33.50
C ALA Z 224 63.35 70.69 34.08
N ILE Z 225 63.28 70.64 35.39
CA ILE Z 225 62.25 69.87 36.06
C ILE Z 225 60.88 70.38 35.68
N ASN Z 226 60.71 71.70 35.67
CA ASN Z 226 59.41 72.27 35.37
C ASN Z 226 58.97 71.94 33.96
N GLN Z 227 59.94 71.85 33.04
CA GLN Z 227 59.66 71.48 31.67
C GLN Z 227 59.30 70.01 31.58
N VAL Z 228 59.94 69.17 32.40
CA VAL Z 228 59.51 67.78 32.48
C VAL Z 228 58.10 67.71 33.03
N SER Z 229 57.83 68.49 34.07
CA SER Z 229 56.51 68.52 34.70
C SER Z 229 55.44 68.88 33.69
N SER Z 230 55.69 69.92 32.91
CA SER Z 230 54.70 70.35 31.94
C SER Z 230 54.63 69.41 30.75
N GLN Z 231 55.75 68.82 30.38
CA GLN Z 231 55.73 67.83 29.30
C GLN Z 231 54.89 66.64 29.71
N ARG Z 232 55.11 66.15 30.93
CA ARG Z 232 54.30 65.07 31.47
C ARG Z 232 52.87 65.52 31.70
N ALA Z 233 52.66 66.81 31.92
CA ALA Z 233 51.31 67.33 32.09
C ALA Z 233 50.53 67.23 30.79
N LYS Z 234 51.14 67.68 29.70
CA LYS Z 234 50.53 67.51 28.39
C LYS Z 234 50.31 66.05 28.10
N LEU Z 235 51.35 65.26 28.36
CA LEU Z 235 51.34 63.84 28.07
C LEU Z 235 50.19 63.15 28.77
N GLY Z 236 50.01 63.44 30.05
CA GLY Z 236 48.93 62.84 30.82
C GLY Z 236 47.58 63.42 30.48
N ALA Z 237 47.57 64.68 30.04
CA ALA Z 237 46.32 65.24 29.53
C ALA Z 237 45.82 64.40 28.38
N VAL Z 238 46.71 64.10 27.44
CA VAL Z 238 46.32 63.26 26.31
C VAL Z 238 45.99 61.86 26.78
N GLN Z 239 46.69 61.38 27.80
CA GLN Z 239 46.33 60.07 28.36
C GLN Z 239 44.88 60.06 28.79
N ASN Z 240 44.47 61.08 29.53
CA ASN Z 240 43.08 61.15 29.97
C ASN Z 240 42.15 61.25 28.77
N ARG Z 241 42.55 62.02 27.76
CA ARG Z 241 41.75 62.13 26.56
C ARG Z 241 41.49 60.78 25.96
N LEU Z 242 42.53 59.97 25.83
CA LEU Z 242 42.35 58.68 25.19
C LEU Z 242 41.59 57.73 26.09
N GLU Z 243 41.68 57.91 27.41
CA GLU Z 243 40.82 57.14 28.29
C GLU Z 243 39.36 57.41 27.96
N HIS Z 244 38.97 58.68 27.96
CA HIS Z 244 37.57 59.02 27.73
C HIS Z 244 37.17 58.74 26.29
N THR Z 245 38.12 58.89 25.37
CA THR Z 245 37.89 58.50 24.00
C THR Z 245 37.49 57.05 23.93
N ILE Z 246 38.32 56.17 24.51
CA ILE Z 246 38.06 54.74 24.44
C ILE Z 246 36.73 54.42 25.09
N ASN Z 247 36.42 55.08 26.19
CA ASN Z 247 35.12 54.83 26.82
C ASN Z 247 34.00 55.19 25.86
N ASN Z 248 34.15 56.30 25.14
CA ASN Z 248 33.18 56.65 24.11
C ASN Z 248 33.17 55.64 22.98
N LEU Z 249 34.35 55.23 22.52
CA LEU Z 249 34.44 54.29 21.42
C LEU Z 249 33.78 52.97 21.77
N SER Z 250 33.91 52.58 23.03
CA SER Z 250 33.33 51.34 23.50
C SER Z 250 31.81 51.45 23.56
N ALA Z 251 31.31 52.49 24.23
CA ALA Z 251 29.87 52.65 24.38
C ALA Z 251 29.22 52.88 23.03
N SER Z 252 29.78 53.81 22.27
CA SER Z 252 29.25 54.16 20.96
C SER Z 252 29.34 52.97 20.02
N GLY Z 253 30.46 52.25 20.08
CA GLY Z 253 30.61 51.07 19.26
C GLY Z 253 29.54 50.05 19.57
N GLU Z 254 29.30 49.82 20.86
CA GLU Z 254 28.24 48.91 21.27
C GLU Z 254 26.89 49.35 20.70
N ASN Z 255 26.51 50.60 20.97
CA ASN Z 255 25.23 51.11 20.50
C ASN Z 255 25.13 50.99 18.99
N LEU Z 256 26.26 51.10 18.31
CA LEU Z 256 26.28 51.06 16.87
C LEU Z 256 26.10 49.65 16.34
N THR Z 257 26.77 48.68 16.95
CA THR Z 257 26.56 47.29 16.56
C THR Z 257 25.15 46.86 16.89
N ALA Z 258 24.57 47.44 17.93
CA ALA Z 258 23.17 47.19 18.22
C ALA Z 258 22.29 47.80 17.14
N ALA Z 259 22.63 48.99 16.68
CA ALA Z 259 21.87 49.62 15.60
C ALA Z 259 21.89 48.75 14.36
N GLU Z 260 23.07 48.32 13.95
CA GLU Z 260 23.19 47.38 12.85
C GLU Z 260 22.33 46.16 13.12
N SER Z 261 22.44 45.61 14.32
CA SER Z 261 21.71 44.41 14.68
C SER Z 261 20.22 44.61 14.51
N ARG Z 262 19.74 45.83 14.78
CA ARG Z 262 18.35 46.13 14.52
C ARG Z 262 18.05 46.09 13.04
N ILE Z 263 18.97 46.59 12.22
CA ILE Z 263 18.76 46.48 10.77
C ILE Z 263 18.73 45.01 10.37
N ARG Z 264 19.73 44.25 10.80
CA ARG Z 264 19.81 42.82 10.49
C ARG Z 264 19.10 41.95 11.51
N ASP Z 265 18.26 42.53 12.36
CA ASP Z 265 17.52 41.76 13.37
C ASP Z 265 16.76 40.62 12.72
N VAL Z 266 17.19 39.40 12.97
CA VAL Z 266 16.41 38.23 12.64
C VAL Z 266 15.61 37.85 13.87
N ASP Z 267 14.29 37.89 13.75
CA ASP Z 267 13.43 37.24 14.72
C ASP Z 267 13.49 35.76 14.38
N MET Z 268 14.52 35.11 14.91
CA MET Z 268 14.81 33.73 14.54
C MET Z 268 13.61 32.84 14.84
N ALA Z 269 12.88 33.14 15.91
CA ALA Z 269 11.68 32.36 16.19
C ALA Z 269 10.63 32.59 15.12
N LYS Z 270 10.40 33.85 14.74
CA LYS Z 270 9.49 34.14 13.64
C LYS Z 270 9.89 33.39 12.40
N GLU Z 271 11.17 33.46 12.06
CA GLU Z 271 11.60 32.96 10.77
C GLU Z 271 11.60 31.44 10.72
N MET Z 272 11.88 30.79 11.85
CA MET Z 272 11.67 29.34 11.91
C MET Z 272 10.19 29.01 11.79
N SER Z 273 9.34 29.80 12.44
CA SER Z 273 7.91 29.56 12.37
C SER Z 273 7.40 29.72 10.95
N GLU Z 274 7.76 30.83 10.32
CA GLU Z 274 7.34 31.09 8.96
C GLU Z 274 7.91 30.06 8.02
N PHE Z 275 9.15 29.63 8.27
CA PHE Z 275 9.73 28.55 7.51
C PHE Z 275 8.87 27.32 7.56
N THR Z 276 8.53 26.91 8.78
CA THR Z 276 7.65 25.77 9.01
C THR Z 276 6.38 25.90 8.21
N LYS Z 277 5.73 27.05 8.34
CA LYS Z 277 4.48 27.29 7.64
C LYS Z 277 4.66 27.09 6.14
N ASN Z 278 5.71 27.70 5.59
CA ASN Z 278 5.87 27.62 4.14
C ASN Z 278 6.16 26.21 3.68
N ASN Z 279 6.82 25.40 4.51
CA ASN Z 279 6.95 23.98 4.19
C ASN Z 279 5.58 23.34 4.10
N ILE Z 280 4.79 23.54 5.15
CA ILE Z 280 3.44 22.98 5.21
C ILE Z 280 2.68 23.36 3.97
N LEU Z 281 2.72 24.64 3.62
CA LEU Z 281 1.93 25.17 2.53
C LEU Z 281 2.38 24.59 1.20
N SER Z 282 3.69 24.47 1.01
CA SER Z 282 4.20 23.85 -0.20
C SER Z 282 3.68 22.42 -0.32
N GLN Z 283 3.82 21.65 0.76
CA GLN Z 283 3.43 20.25 0.72
C GLN Z 283 1.94 20.09 0.44
N ALA Z 284 1.13 20.91 1.11
CA ALA Z 284 -0.31 20.89 0.92
C ALA Z 284 -0.65 21.18 -0.53
N SER Z 285 -0.04 22.23 -1.08
CA SER Z 285 -0.33 22.61 -2.45
C SER Z 285 0.04 21.49 -3.41
N GLN Z 286 1.16 20.80 -3.15
CA GLN Z 286 1.54 19.70 -4.03
C GLN Z 286 0.55 18.56 -3.95
N ALA Z 287 0.07 18.26 -2.74
CA ALA Z 287 -0.97 17.25 -2.60
C ALA Z 287 -2.17 17.62 -3.44
N MET Z 288 -2.54 18.89 -3.43
CA MET Z 288 -3.65 19.31 -4.25
C MET Z 288 -3.32 19.20 -5.74
N LEU Z 289 -2.06 19.40 -6.12
CA LEU Z 289 -1.72 19.24 -7.52
C LEU Z 289 -1.86 17.79 -7.94
N ALA Z 290 -1.48 16.87 -7.05
CA ALA Z 290 -1.75 15.47 -7.31
C ALA Z 290 -3.23 15.25 -7.53
N GLN Z 291 -4.07 15.80 -6.63
CA GLN Z 291 -5.50 15.64 -6.78
C GLN Z 291 -6.00 16.23 -8.10
N ALA Z 292 -5.43 17.35 -8.51
CA ALA Z 292 -5.77 17.94 -9.79
C ALA Z 292 -5.44 16.99 -10.92
N ASN Z 293 -4.41 16.17 -10.74
CA ASN Z 293 -4.11 15.14 -11.73
C ASN Z 293 -4.97 13.89 -11.55
N GLN Z 294 -5.57 13.71 -10.37
CA GLN Z 294 -6.38 12.52 -10.14
C GLN Z 294 -7.78 12.68 -10.72
N GLN Z 295 -8.40 13.82 -10.50
CA GLN Z 295 -9.76 14.07 -10.99
C GLN Z 295 -9.95 13.75 -12.46
N PRO Z 296 -9.15 14.27 -13.39
CA PRO Z 296 -9.38 13.94 -14.80
C PRO Z 296 -9.19 12.47 -15.14
N GLN Z 297 -8.49 11.71 -14.30
CA GLN Z 297 -8.41 10.26 -14.52
C GLN Z 297 -9.72 9.59 -14.19
N ASN Z 298 -10.29 9.98 -13.05
CA ASN Z 298 -11.64 9.56 -12.71
C ASN Z 298 -12.58 9.90 -13.87
N VAL Z 299 -12.44 11.10 -14.42
CA VAL Z 299 -13.23 11.49 -15.58
C VAL Z 299 -13.00 10.53 -16.73
N LEU Z 300 -11.74 10.20 -16.98
CA LEU Z 300 -11.42 9.34 -18.11
C LEU Z 300 -12.18 8.03 -18.01
N GLN Z 301 -12.09 7.37 -16.85
CA GLN Z 301 -12.80 6.11 -16.69
C GLN Z 301 -14.30 6.33 -16.83
N LEU Z 302 -14.82 7.32 -16.11
CA LEU Z 302 -16.26 7.50 -16.02
C LEU Z 302 -16.88 7.84 -17.36
N LEU Z 303 -16.13 8.51 -18.23
CA LEU Z 303 -16.57 8.84 -19.58
C LEU Z 303 -15.91 7.99 -20.64
N ARG Z 304 -15.55 6.77 -20.29
CA ARG Z 304 -15.04 5.84 -21.27
C ARG Z 304 -16.20 5.02 -21.81
N ILE AA 3 -101.88 -49.47 -83.84
CA ILE AA 3 -102.19 -48.33 -82.92
C ILE AA 3 -101.04 -47.35 -82.80
N ASN AA 4 -100.32 -47.15 -83.91
CA ASN AA 4 -99.08 -46.38 -83.90
C ASN AA 4 -99.27 -45.01 -83.28
N HIS AA 5 -100.36 -44.33 -83.62
CA HIS AA 5 -100.61 -42.97 -83.13
C HIS AA 5 -100.93 -42.90 -81.64
N ASN AA 6 -101.08 -44.04 -80.97
CA ASN AA 6 -101.40 -44.05 -79.56
C ASN AA 6 -100.22 -44.42 -78.66
N ILE AA 7 -99.08 -44.81 -79.24
CA ILE AA 7 -97.94 -45.29 -78.47
C ILE AA 7 -96.91 -44.19 -78.42
N ALA AA 8 -96.54 -43.81 -77.20
CA ALA AA 8 -95.44 -42.89 -76.99
C ALA AA 8 -94.62 -43.28 -75.77
N ALA AA 9 -94.87 -44.45 -75.19
CA ALA AA 9 -94.25 -44.85 -73.94
C ALA AA 9 -94.50 -43.78 -72.89
N LEU AA 10 -95.75 -43.41 -72.74
CA LEU AA 10 -96.08 -42.25 -71.91
C LEU AA 10 -95.66 -42.45 -70.47
N ASN AA 11 -95.53 -43.70 -70.01
CA ASN AA 11 -94.96 -43.92 -68.69
C ASN AA 11 -93.51 -43.49 -68.69
N THR AA 12 -92.80 -43.75 -69.79
CA THR AA 12 -91.44 -43.24 -69.89
C THR AA 12 -91.45 -41.72 -69.84
N LEU AA 13 -92.43 -41.10 -70.47
CA LEU AA 13 -92.50 -39.65 -70.48
C LEU AA 13 -92.73 -39.11 -69.07
N ASN AA 14 -93.59 -39.80 -68.33
CA ASN AA 14 -93.83 -39.43 -66.95
C ASN AA 14 -92.58 -39.58 -66.12
N ARG AA 15 -91.83 -40.66 -66.34
CA ARG AA 15 -90.54 -40.80 -65.68
C ARG AA 15 -89.61 -39.68 -66.08
N LEU AA 16 -89.76 -39.20 -67.31
CA LEU AA 16 -88.88 -38.16 -67.75
C LEU AA 16 -89.12 -36.89 -66.98
N SER AA 17 -90.38 -36.47 -66.91
CA SER AA 17 -90.72 -35.29 -66.13
C SER AA 17 -90.22 -35.44 -64.70
N SER AA 18 -90.46 -36.61 -64.11
CA SER AA 18 -90.03 -36.87 -62.75
C SER AA 18 -88.51 -36.71 -62.61
N ASN AA 19 -87.77 -37.31 -63.53
CA ASN AA 19 -86.32 -37.30 -63.44
C ASN AA 19 -85.76 -35.90 -63.62
N ASN AA 20 -86.36 -35.13 -64.53
CA ASN AA 20 -85.88 -33.77 -64.74
C ASN AA 20 -86.09 -32.93 -63.49
N SER AA 21 -87.27 -33.04 -62.89
CA SER AA 21 -87.47 -32.32 -61.65
C SER AA 21 -86.55 -32.83 -60.57
N ALA AA 22 -86.27 -34.13 -60.54
CA ALA AA 22 -85.40 -34.70 -59.52
C ALA AA 22 -84.01 -34.11 -59.59
N SER AA 23 -83.38 -34.20 -60.76
CA SER AA 23 -82.05 -33.65 -60.93
C SER AA 23 -82.05 -32.15 -60.65
N GLN AA 24 -83.13 -31.46 -61.06
CA GLN AA 24 -83.26 -30.04 -60.76
C GLN AA 24 -83.16 -29.79 -59.26
N LYS AA 25 -83.93 -30.56 -58.48
CA LYS AA 25 -83.93 -30.38 -57.04
C LYS AA 25 -82.55 -30.63 -56.47
N ASN AA 26 -81.89 -31.67 -56.96
CA ASN AA 26 -80.53 -31.95 -56.54
C ASN AA 26 -79.65 -30.73 -56.74
N MET AA 27 -79.67 -30.14 -57.93
CA MET AA 27 -78.86 -28.95 -58.19
C MET AA 27 -79.18 -27.85 -57.21
N GLU AA 28 -80.45 -27.53 -57.10
CA GLU AA 28 -80.90 -26.41 -56.29
C GLU AA 28 -80.37 -26.53 -54.87
N LYS AA 29 -80.40 -27.74 -54.34
CA LYS AA 29 -79.83 -27.94 -53.02
C LYS AA 29 -78.31 -27.85 -53.06
N LEU AA 30 -77.70 -28.42 -54.09
CA LEU AA 30 -76.24 -28.38 -54.23
C LEU AA 30 -75.77 -26.94 -54.40
N SER AA 31 -76.39 -26.21 -55.31
CA SER AA 31 -75.99 -24.84 -55.59
C SER AA 31 -76.16 -23.97 -54.36
N SER AA 32 -77.31 -24.07 -53.71
CA SER AA 32 -77.57 -23.27 -52.53
C SER AA 32 -76.89 -23.80 -51.30
N GLY AA 33 -76.47 -25.06 -51.31
CA GLY AA 33 -75.92 -25.64 -50.11
C GLY AA 33 -76.97 -25.87 -49.05
N LEU AA 34 -78.21 -26.09 -49.48
CA LEU AA 34 -79.37 -26.17 -48.59
C LEU AA 34 -80.03 -27.51 -48.79
N ARG AA 35 -80.02 -28.34 -47.76
CA ARG AA 35 -80.92 -29.48 -47.77
C ARG AA 35 -82.34 -29.04 -47.51
N ILE AA 36 -82.50 -27.95 -46.76
CA ILE AA 36 -83.82 -27.40 -46.54
C ILE AA 36 -84.45 -27.04 -47.86
N ASN AA 37 -85.77 -27.02 -47.87
CA ASN AA 37 -86.52 -26.61 -49.03
C ASN AA 37 -86.80 -25.11 -48.95
N ARG AA 38 -86.96 -24.50 -50.12
CA ARG AA 38 -87.61 -23.20 -50.15
C ARG AA 38 -89.08 -23.36 -49.81
N ALA AA 39 -89.69 -24.41 -50.33
CA ALA AA 39 -91.09 -24.73 -50.07
C ALA AA 39 -91.26 -25.20 -48.63
N GLY AA 40 -92.49 -25.10 -48.15
CA GLY AA 40 -92.86 -25.49 -46.80
C GLY AA 40 -92.77 -26.98 -46.52
N ASP AA 41 -92.34 -27.78 -47.49
CA ASP AA 41 -92.12 -29.20 -47.23
C ASP AA 41 -91.13 -29.37 -46.10
N ASP AA 42 -91.60 -29.96 -45.00
CA ASP AA 42 -90.90 -29.95 -43.71
C ASP AA 42 -90.81 -28.53 -43.14
N ALA AA 43 -91.95 -27.84 -43.13
CA ALA AA 43 -92.02 -26.53 -42.49
C ALA AA 43 -91.70 -26.61 -41.01
N ALA AA 44 -91.83 -27.79 -40.39
CA ALA AA 44 -91.35 -27.96 -39.04
C ALA AA 44 -89.86 -27.64 -38.95
N GLY AA 45 -89.05 -28.45 -39.64
CA GLY AA 45 -87.62 -28.23 -39.61
C GLY AA 45 -87.23 -26.85 -40.10
N LEU AA 46 -87.95 -26.33 -41.09
CA LEU AA 46 -87.67 -24.98 -41.57
C LEU AA 46 -87.88 -23.98 -40.45
N ALA AA 47 -89.10 -23.92 -39.92
CA ALA AA 47 -89.44 -22.96 -38.87
C ALA AA 47 -88.50 -23.08 -37.69
N ILE AA 48 -88.04 -24.31 -37.41
CA ILE AA 48 -87.01 -24.46 -36.39
C ILE AA 48 -85.77 -23.68 -36.80
N SER AA 49 -85.21 -24.00 -37.97
CA SER AA 49 -83.96 -23.35 -38.38
C SER AA 49 -84.11 -21.85 -38.48
N GLU AA 50 -85.30 -21.40 -38.83
CA GLU AA 50 -85.62 -19.98 -38.78
C GLU AA 50 -85.43 -19.44 -37.38
N LYS AA 51 -86.03 -20.12 -36.41
CA LYS AA 51 -85.88 -19.71 -35.03
C LYS AA 51 -84.43 -19.82 -34.57
N MET AA 52 -83.75 -20.86 -35.03
CA MET AA 52 -82.34 -21.03 -34.72
C MET AA 52 -81.57 -19.80 -35.16
N ARG AA 53 -81.68 -19.47 -36.45
CA ARG AA 53 -80.95 -18.34 -37.01
C ARG AA 53 -81.31 -17.04 -36.30
N GLY AA 54 -82.57 -16.90 -35.94
CA GLY AA 54 -82.95 -15.75 -35.14
C GLY AA 54 -82.14 -15.69 -33.86
N GLN AA 55 -82.00 -16.83 -33.18
CA GLN AA 55 -81.20 -16.85 -31.97
C GLN AA 55 -79.71 -16.73 -32.28
N ILE AA 56 -79.21 -17.38 -33.33
CA ILE AA 56 -77.79 -17.29 -33.71
C ILE AA 56 -77.41 -15.84 -33.88
N ARG AA 57 -78.10 -15.17 -34.79
CA ARG AA 57 -77.84 -13.77 -35.08
C ARG AA 57 -77.97 -12.95 -33.80
N GLY AA 58 -78.95 -13.29 -32.98
CA GLY AA 58 -79.09 -12.61 -31.70
C GLY AA 58 -77.91 -12.86 -30.78
N LEU AA 59 -77.25 -14.01 -30.94
CA LEU AA 59 -76.07 -14.32 -30.13
C LEU AA 59 -74.85 -13.61 -30.66
N GLU AA 60 -74.79 -13.40 -31.96
CA GLU AA 60 -73.72 -12.61 -32.54
C GLU AA 60 -73.81 -11.18 -32.04
N MET AA 61 -75.00 -10.59 -32.12
CA MET AA 61 -75.20 -9.26 -31.57
C MET AA 61 -75.11 -9.26 -30.06
N ALA AA 62 -75.35 -10.41 -29.43
CA ALA AA 62 -75.17 -10.52 -27.98
C ALA AA 62 -73.71 -10.41 -27.62
N SER AA 63 -72.87 -11.15 -28.34
CA SER AA 63 -71.43 -11.06 -28.13
C SER AA 63 -70.96 -9.64 -28.37
N LYS AA 64 -71.45 -9.04 -29.45
CA LYS AA 64 -71.16 -7.63 -29.71
C LYS AA 64 -71.52 -6.76 -28.51
N ASN AA 65 -72.75 -6.88 -28.03
CA ASN AA 65 -73.21 -6.03 -26.93
C ASN AA 65 -72.39 -6.26 -25.67
N SER AA 66 -72.01 -7.51 -25.43
CA SER AA 66 -71.27 -7.82 -24.21
C SER AA 66 -69.85 -7.30 -24.30
N GLN AA 67 -69.22 -7.43 -25.46
CA GLN AA 67 -67.90 -6.84 -25.66
C GLN AA 67 -67.97 -5.34 -25.47
N ASP AA 68 -69.04 -4.73 -25.95
CA ASP AA 68 -69.24 -3.31 -25.75
C ASP AA 68 -69.39 -3.00 -24.27
N GLY AA 69 -70.14 -3.86 -23.55
CA GLY AA 69 -70.15 -3.79 -22.10
C GLY AA 69 -68.76 -3.75 -21.52
N ILE AA 70 -67.91 -4.66 -21.98
CA ILE AA 70 -66.55 -4.74 -21.48
C ILE AA 70 -65.81 -3.45 -21.76
N SER AA 71 -66.01 -2.88 -22.94
CA SER AA 71 -65.33 -1.64 -23.28
C SER AA 71 -65.70 -0.55 -22.30
N LEU AA 72 -66.99 -0.43 -22.01
CA LEU AA 72 -67.44 0.51 -21.00
C LEU AA 72 -66.77 0.23 -19.66
N ILE AA 73 -66.79 -1.04 -19.26
CA ILE AA 73 -66.23 -1.43 -17.97
C ILE AA 73 -64.80 -0.98 -17.87
N GLN AA 74 -63.96 -1.43 -18.81
CA GLN AA 74 -62.53 -1.17 -18.73
C GLN AA 74 -62.23 0.31 -18.81
N THR AA 75 -63.05 1.06 -19.53
CA THR AA 75 -62.92 2.52 -19.51
C THR AA 75 -63.05 3.03 -18.09
N ALA AA 76 -64.20 2.77 -17.46
CA ALA AA 76 -64.43 3.25 -16.12
C ALA AA 76 -63.40 2.67 -15.16
N GLU AA 77 -63.03 1.42 -15.37
CA GLU AA 77 -62.05 0.72 -14.56
C GLU AA 77 -60.73 1.46 -14.52
N GLY AA 78 -60.15 1.71 -15.69
CA GLY AA 78 -58.87 2.40 -15.73
C GLY AA 78 -58.99 3.78 -15.13
N ALA AA 79 -60.11 4.44 -15.36
CA ALA AA 79 -60.32 5.75 -14.77
C ALA AA 79 -60.32 5.69 -13.25
N LEU AA 80 -60.98 4.68 -12.69
CA LEU AA 80 -61.04 4.52 -11.24
C LEU AA 80 -59.70 4.10 -10.68
N THR AA 81 -58.92 3.36 -11.47
CA THR AA 81 -57.57 3.03 -11.06
C THR AA 81 -56.74 4.29 -10.92
N GLU AA 82 -56.85 5.20 -11.88
CA GLU AA 82 -56.12 6.46 -11.78
C GLU AA 82 -56.63 7.28 -10.61
N THR AA 83 -57.96 7.34 -10.44
CA THR AA 83 -58.54 8.02 -9.29
C THR AA 83 -57.92 7.50 -8.01
N HIS AA 84 -57.86 6.18 -7.91
CA HIS AA 84 -57.30 5.53 -6.75
C HIS AA 84 -55.86 5.95 -6.52
N ALA AA 85 -55.06 5.94 -7.58
CA ALA AA 85 -53.68 6.35 -7.47
C ALA AA 85 -53.57 7.77 -6.92
N ILE AA 86 -54.45 8.65 -7.41
CA ILE AA 86 -54.51 9.99 -6.84
C ILE AA 86 -54.78 9.90 -5.35
N LEU AA 87 -55.77 9.12 -4.96
CA LEU AA 87 -56.14 9.03 -3.56
C LEU AA 87 -54.99 8.53 -2.70
N GLN AA 88 -54.14 7.67 -3.26
CA GLN AA 88 -52.91 7.33 -2.56
C GLN AA 88 -52.08 8.58 -2.33
N ARG AA 89 -51.91 9.38 -3.39
CA ARG AA 89 -51.17 10.63 -3.19
C ARG AA 89 -51.85 11.51 -2.17
N VAL AA 90 -53.18 11.53 -2.19
CA VAL AA 90 -53.90 12.35 -1.24
C VAL AA 90 -53.53 11.95 0.16
N ARG AA 91 -53.59 10.64 0.46
CA ARG AA 91 -53.28 10.22 1.82
C ARG AA 91 -51.85 10.53 2.18
N GLU AA 92 -50.93 10.45 1.23
CA GLU AA 92 -49.58 10.96 1.49
C GLU AA 92 -49.67 12.40 1.98
N LEU AA 93 -50.48 13.19 1.29
CA LEU AA 93 -50.63 14.58 1.65
C LEU AA 93 -51.47 14.76 2.90
N VAL AA 94 -52.23 13.74 3.31
CA VAL AA 94 -52.93 13.81 4.58
C VAL AA 94 -51.95 13.61 5.71
N VAL AA 95 -51.08 12.62 5.56
CA VAL AA 95 -50.11 12.35 6.61
C VAL AA 95 -49.14 13.51 6.72
N GLN AA 96 -48.74 14.10 5.60
CA GLN AA 96 -48.02 15.36 5.68
C GLN AA 96 -48.91 16.44 6.27
N ALA AA 97 -50.20 16.41 5.94
CA ALA AA 97 -51.18 17.34 6.48
C ALA AA 97 -51.66 16.94 7.85
N GLY AA 98 -50.91 16.04 8.49
CA GLY AA 98 -50.76 16.11 9.91
C GLY AA 98 -49.88 17.26 10.35
N ASN AA 99 -49.48 18.16 9.43
CA ASN AA 99 -48.78 19.40 9.76
C ASN AA 99 -47.35 19.08 10.18
N THR AA 100 -46.93 17.84 9.92
CA THR AA 100 -45.84 17.22 10.65
C THR AA 100 -46.00 17.56 12.12
N GLY AA 101 -47.21 17.30 12.61
CA GLY AA 101 -47.52 17.69 13.96
C GLY AA 101 -47.93 19.14 14.06
N THR AA 102 -46.96 19.97 14.44
CA THR AA 102 -47.10 21.42 14.35
C THR AA 102 -45.99 22.06 13.51
N GLN AA 103 -45.06 21.26 13.00
CA GLN AA 103 -43.84 21.81 12.43
C GLN AA 103 -44.12 22.59 11.16
N ASP AA 104 -45.02 22.11 10.33
CA ASP AA 104 -45.38 22.89 9.16
C ASP AA 104 -46.13 24.12 9.64
N LYS AA 105 -46.03 25.20 8.87
CA LYS AA 105 -46.74 26.43 9.17
C LYS AA 105 -48.00 26.53 8.32
N ALA AA 106 -48.75 27.59 8.53
CA ALA AA 106 -50.01 27.78 7.81
C ALA AA 106 -49.78 27.84 6.31
N THR AA 107 -48.71 28.52 5.88
CA THR AA 107 -48.38 28.58 4.46
C THR AA 107 -48.04 27.21 3.93
N ASP AA 108 -47.34 26.41 4.73
CA ASP AA 108 -47.01 25.06 4.29
C ASP AA 108 -48.28 24.25 4.06
N LEU AA 109 -49.21 24.34 5.01
CA LEU AA 109 -50.50 23.67 4.84
C LEU AA 109 -51.25 24.23 3.64
N GLN AA 110 -51.05 25.49 3.31
CA GLN AA 110 -51.69 26.06 2.13
C GLN AA 110 -51.04 25.58 0.86
N SER AA 111 -49.72 25.40 0.88
CA SER AA 111 -49.04 24.81 -0.26
C SER AA 111 -49.55 23.41 -0.51
N ILE AA 112 -49.63 22.61 0.56
CA ILE AA 112 -50.20 21.28 0.47
C ILE AA 112 -51.62 21.37 -0.07
N GLN AA 113 -52.42 22.26 0.50
CA GLN AA 113 -53.83 22.36 0.14
C GLN AA 113 -53.98 22.79 -1.31
N ASP AA 114 -53.07 23.62 -1.80
CA ASP AA 114 -53.06 23.94 -3.22
C ASP AA 114 -52.85 22.68 -4.03
N GLY AA 115 -51.89 21.87 -3.61
CA GLY AA 115 -51.69 20.58 -4.28
C GLY AA 115 -52.91 19.70 -4.21
N ILE AA 116 -53.60 19.67 -3.07
CA ILE AA 116 -54.72 18.76 -2.92
C ILE AA 116 -55.90 19.25 -3.73
N SER AA 117 -56.18 20.55 -3.70
CA SER AA 117 -57.28 21.09 -4.49
C SER AA 117 -57.01 20.89 -5.95
N ALA AA 118 -55.75 20.96 -6.34
CA ALA AA 118 -55.35 20.57 -7.68
C ALA AA 118 -55.70 19.12 -7.95
N LEU AA 119 -55.42 18.23 -6.99
CA LEU AA 119 -55.77 16.83 -7.15
C LEU AA 119 -57.27 16.64 -7.21
N THR AA 120 -58.03 17.38 -6.41
CA THR AA 120 -59.47 17.36 -6.49
C THR AA 120 -59.90 17.69 -7.90
N ASP AA 121 -59.36 18.76 -8.45
CA ASP AA 121 -59.71 19.17 -9.80
C ASP AA 121 -59.39 18.07 -10.80
N GLU AA 122 -58.35 17.29 -10.51
CA GLU AA 122 -58.05 16.15 -11.38
C GLU AA 122 -59.04 15.02 -11.18
N ILE AA 123 -59.44 14.75 -9.94
CA ILE AA 123 -60.42 13.69 -9.70
C ILE AA 123 -61.74 14.06 -10.37
N ASP AA 124 -62.19 15.29 -10.15
CA ASP AA 124 -63.35 15.81 -10.83
C ASP AA 124 -63.17 15.73 -12.34
N GLY AA 125 -61.94 15.96 -12.81
CA GLY AA 125 -61.68 15.82 -14.23
C GLY AA 125 -61.86 14.39 -14.69
N ILE AA 126 -61.40 13.43 -13.89
CA ILE AA 126 -61.65 12.03 -14.21
C ILE AA 126 -63.15 11.79 -14.31
N SER AA 127 -63.86 12.11 -13.24
CA SER AA 127 -65.26 11.78 -13.17
C SER AA 127 -66.11 12.57 -14.15
N ASN AA 128 -65.58 13.66 -14.70
CA ASN AA 128 -66.30 14.51 -15.65
C ASN AA 128 -65.66 14.49 -17.04
N ARG AA 129 -64.73 13.57 -17.29
CA ARG AA 129 -64.18 13.36 -18.63
C ARG AA 129 -64.36 11.91 -19.06
N THR AA 130 -64.48 11.01 -18.09
CA THR AA 130 -64.69 9.62 -18.42
C THR AA 130 -66.08 9.47 -19.01
N GLU AA 131 -66.16 9.53 -20.33
CA GLU AA 131 -67.39 9.34 -21.07
C GLU AA 131 -67.29 8.08 -21.91
N PHE AA 132 -68.44 7.44 -22.14
CA PHE AA 132 -68.58 6.44 -23.20
C PHE AA 132 -69.75 6.84 -24.06
N ASN AA 133 -69.46 7.20 -25.30
CA ASN AA 133 -70.48 7.61 -26.23
C ASN AA 133 -71.23 8.80 -25.64
N GLY AA 134 -70.46 9.70 -25.03
CA GLY AA 134 -70.99 10.86 -24.37
C GLY AA 134 -71.48 10.61 -22.97
N LYS AA 135 -71.85 9.37 -22.65
CA LYS AA 135 -72.37 9.05 -21.34
C LYS AA 135 -71.25 9.16 -20.33
N LYS AA 136 -71.34 10.17 -19.48
CA LYS AA 136 -70.31 10.39 -18.48
C LYS AA 136 -70.36 9.21 -17.52
N LEU AA 137 -69.48 8.24 -17.78
CA LEU AA 137 -69.54 6.96 -17.08
C LEU AA 137 -69.23 7.08 -15.61
N LEU AA 138 -68.52 8.13 -15.22
CA LEU AA 138 -68.25 8.42 -13.82
C LEU AA 138 -69.02 9.64 -13.36
N ASP AA 139 -70.17 9.88 -13.97
CA ASP AA 139 -71.14 10.80 -13.41
C ASP AA 139 -71.64 10.18 -12.11
N GLY AA 140 -71.20 10.73 -10.98
CA GLY AA 140 -71.61 10.18 -9.71
C GLY AA 140 -73.11 10.22 -9.49
N THR AA 141 -73.83 11.05 -10.25
CA THR AA 141 -75.28 11.11 -10.19
C THR AA 141 -75.93 10.30 -11.31
N TYR AA 142 -75.18 9.45 -12.01
CA TYR AA 142 -75.76 8.65 -13.07
C TYR AA 142 -76.83 7.71 -12.50
N LYS AA 143 -76.41 6.78 -11.64
CA LYS AA 143 -77.32 5.80 -11.04
C LYS AA 143 -77.19 5.82 -9.52
N VAL AA 144 -77.43 6.98 -8.94
CA VAL AA 144 -77.71 7.00 -7.51
C VAL AA 144 -79.10 6.37 -7.33
N ASP AA 145 -79.12 5.17 -6.73
CA ASP AA 145 -80.37 4.43 -6.52
C ASP AA 145 -81.42 5.29 -5.85
N THR AA 146 -81.03 6.01 -4.80
CA THR AA 146 -81.82 7.06 -4.13
C THR AA 146 -82.98 6.51 -3.29
N ALA AA 147 -83.30 5.22 -3.43
CA ALA AA 147 -84.63 4.70 -3.13
C ALA AA 147 -85.69 5.39 -3.99
N THR AA 148 -85.33 5.78 -5.20
CA THR AA 148 -86.26 6.39 -6.15
C THR AA 148 -86.03 5.75 -7.50
N PRO AA 149 -86.86 4.77 -7.89
CA PRO AA 149 -86.74 4.18 -9.23
C PRO AA 149 -86.78 5.20 -10.35
N ALA AA 150 -87.57 6.25 -10.18
CA ALA AA 150 -87.73 7.24 -11.24
C ALA AA 150 -86.41 7.90 -11.61
N ASN AA 151 -85.48 8.00 -10.67
CA ASN AA 151 -84.20 8.66 -10.89
C ASN AA 151 -83.09 7.66 -10.68
N GLN AA 152 -82.82 6.84 -11.71
CA GLN AA 152 -81.70 5.89 -11.65
C GLN AA 152 -80.90 5.75 -12.93
N LYS AA 153 -81.46 5.91 -14.13
CA LYS AA 153 -80.71 5.67 -15.36
C LYS AA 153 -80.02 4.30 -15.34
N ASN AA 154 -80.77 3.26 -14.93
CA ASN AA 154 -80.19 1.92 -14.70
C ASN AA 154 -79.31 1.48 -15.85
N LEU AA 155 -78.04 1.19 -15.55
CA LEU AA 155 -77.08 0.84 -16.61
C LEU AA 155 -77.38 -0.58 -17.06
N VAL AA 156 -78.46 -0.69 -17.83
CA VAL AA 156 -78.92 -1.97 -18.34
C VAL AA 156 -77.98 -2.41 -19.45
N PHE AA 157 -77.71 -3.73 -19.54
CA PHE AA 157 -77.06 -4.36 -20.69
C PHE AA 157 -77.92 -5.54 -21.16
N GLN AA 158 -78.69 -5.34 -22.23
CA GLN AA 158 -79.38 -6.44 -22.91
C GLN AA 158 -78.35 -7.23 -23.68
N ILE AA 159 -78.16 -8.47 -23.27
CA ILE AA 159 -77.24 -9.38 -23.92
C ILE AA 159 -77.96 -10.55 -24.56
N GLY AA 160 -78.81 -11.24 -23.80
CA GLY AA 160 -79.37 -12.47 -24.30
C GLY AA 160 -80.26 -12.24 -25.51
N ALA AA 161 -80.16 -13.17 -26.46
CA ALA AA 161 -81.01 -13.11 -27.65
C ALA AA 161 -82.49 -13.20 -27.30
N ASN AA 162 -82.79 -13.75 -26.13
CA ASN AA 162 -84.16 -13.85 -25.63
C ASN AA 162 -84.51 -12.61 -24.82
N ALA AA 163 -85.80 -12.32 -24.75
CA ALA AA 163 -86.28 -11.13 -24.08
C ALA AA 163 -85.99 -11.16 -22.59
N THR AA 164 -85.81 -9.97 -22.01
CA THR AA 164 -85.57 -9.69 -20.60
C THR AA 164 -84.18 -10.09 -20.14
N GLN AA 165 -83.36 -10.70 -21.01
CA GLN AA 165 -82.06 -11.18 -20.59
C GLN AA 165 -81.09 -10.02 -20.46
N GLN AA 166 -81.26 -9.24 -19.39
CA GLN AA 166 -80.55 -7.99 -19.20
C GLN AA 166 -79.73 -8.01 -17.93
N ILE AA 167 -78.69 -7.18 -17.95
CA ILE AA 167 -77.81 -7.00 -16.82
C ILE AA 167 -77.99 -5.59 -16.26
N SER AA 168 -78.14 -5.49 -14.94
CA SER AA 168 -78.35 -4.22 -14.25
C SER AA 168 -77.06 -3.82 -13.53
N VAL AA 169 -76.50 -2.67 -13.90
CA VAL AA 169 -75.23 -2.19 -13.35
C VAL AA 169 -75.45 -0.81 -12.73
N ASN AA 170 -74.58 -0.48 -11.78
CA ASN AA 170 -74.68 0.78 -11.05
C ASN AA 170 -73.40 1.60 -11.10
N ILE AA 171 -73.56 2.86 -11.48
CA ILE AA 171 -72.54 3.90 -11.43
C ILE AA 171 -72.94 4.84 -10.29
N GLU AA 172 -72.02 5.14 -9.36
CA GLU AA 172 -72.28 6.23 -8.41
C GLU AA 172 -71.05 7.05 -8.01
N ASP AA 173 -69.87 6.80 -8.56
CA ASP AA 173 -68.68 7.46 -8.05
C ASP AA 173 -68.42 8.78 -8.77
N MET AA 174 -67.71 9.66 -8.08
CA MET AA 174 -67.28 10.96 -8.61
C MET AA 174 -66.38 11.59 -7.55
N GLY AA 175 -65.80 12.73 -7.90
CA GLY AA 175 -64.92 13.44 -6.98
C GLY AA 175 -65.60 13.85 -5.69
N ALA AA 176 -66.86 14.26 -5.78
CA ALA AA 176 -67.60 14.64 -4.59
C ALA AA 176 -68.11 13.44 -3.80
N ASP AA 177 -67.84 12.21 -4.25
CA ASP AA 177 -68.33 10.99 -3.62
C ASP AA 177 -67.21 10.36 -2.82
N ALA AA 178 -67.13 10.66 -1.52
CA ALA AA 178 -66.00 10.21 -0.71
C ALA AA 178 -66.34 9.34 0.49
N LEU AA 179 -66.89 9.93 1.56
CA LEU AA 179 -67.47 9.15 2.66
C LEU AA 179 -68.97 9.20 2.49
N GLY AA 180 -69.50 8.19 1.83
CA GLY AA 180 -70.92 8.09 1.63
C GLY AA 180 -71.58 7.62 2.90
N ILE AA 181 -71.66 8.51 3.90
CA ILE AA 181 -72.36 8.16 5.12
C ILE AA 181 -73.76 7.67 4.79
N LYS AA 182 -74.50 8.46 4.03
CA LYS AA 182 -75.73 8.11 3.35
C LYS AA 182 -75.75 8.79 1.99
N GLU AA 183 -75.35 10.05 2.04
CA GLU AA 183 -75.11 10.97 0.94
C GLU AA 183 -73.93 11.82 1.39
N ALA AA 184 -73.70 12.93 0.70
CA ALA AA 184 -72.70 13.88 1.18
C ALA AA 184 -73.18 14.51 2.47
N ASP AA 185 -72.38 14.43 3.52
CA ASP AA 185 -72.78 15.02 4.79
C ASP AA 185 -72.73 16.53 4.70
N GLY AA 186 -71.55 17.07 4.43
CA GLY AA 186 -71.36 18.50 4.37
C GLY AA 186 -69.89 18.83 4.18
N SER AA 187 -69.37 19.73 5.02
CA SER AA 187 -67.94 20.02 4.98
C SER AA 187 -67.14 18.75 5.21
N ILE AA 188 -67.67 17.83 6.00
CA ILE AA 188 -67.07 16.53 6.17
C ILE AA 188 -67.75 15.54 5.25
N ALA AA 189 -67.13 14.37 5.11
CA ALA AA 189 -67.64 13.17 4.47
C ALA AA 189 -67.72 13.22 2.96
N ALA AA 190 -67.82 14.41 2.36
CA ALA AA 190 -67.67 14.58 0.93
C ALA AA 190 -66.73 15.72 0.57
N LEU AA 191 -66.96 16.87 1.20
CA LEU AA 191 -66.27 18.08 0.78
C LEU AA 191 -64.85 18.16 1.28
N HIS AA 192 -64.43 17.26 2.17
CA HIS AA 192 -62.99 17.17 2.35
C HIS AA 192 -62.35 16.64 1.08
N SER AA 193 -63.06 15.78 0.35
CA SER AA 193 -62.55 15.36 -0.95
C SER AA 193 -62.59 16.51 -1.93
N VAL AA 194 -63.60 17.36 -1.83
CA VAL AA 194 -63.74 18.48 -2.75
C VAL AA 194 -62.95 19.67 -2.22
N ASN AA 195 -63.32 20.17 -1.05
CA ASN AA 195 -62.77 21.44 -0.56
C ASN AA 195 -61.48 21.28 0.23
N ASP AA 196 -61.20 20.08 0.75
CA ASP AA 196 -59.93 19.86 1.47
C ASP AA 196 -59.80 20.72 2.73
N LEU AA 197 -60.53 20.34 3.78
CA LEU AA 197 -60.59 21.09 5.04
C LEU AA 197 -59.23 21.46 5.66
N ASP AA 198 -58.13 20.82 5.27
CA ASP AA 198 -56.82 21.10 5.87
C ASP AA 198 -56.23 22.36 5.25
N VAL AA 199 -56.63 23.50 5.80
CA VAL AA 199 -56.16 24.80 5.31
C VAL AA 199 -55.32 25.49 6.37
N THR AA 200 -56.01 26.02 7.38
CA THR AA 200 -55.44 26.46 8.64
C THR AA 200 -56.29 26.01 9.81
N LYS AA 201 -57.57 25.67 9.57
CA LYS AA 201 -58.40 25.02 10.55
C LYS AA 201 -57.71 23.81 11.15
N PHE AA 202 -56.90 23.11 10.34
CA PHE AA 202 -56.16 21.99 10.88
C PHE AA 202 -55.16 22.45 11.93
N ALA AA 203 -54.42 23.51 11.64
CA ALA AA 203 -53.43 23.98 12.61
C ALA AA 203 -54.10 24.40 13.90
N ASP AA 204 -55.34 24.89 13.81
CA ASP AA 204 -56.10 25.24 15.02
C ASP AA 204 -56.38 24.00 15.87
N ASN AA 205 -56.92 22.95 15.23
CA ASN AA 205 -57.28 21.71 15.92
C ASN AA 205 -56.72 20.54 15.11
N ALA AA 206 -55.47 20.21 15.37
CA ALA AA 206 -54.86 19.09 14.66
C ALA AA 206 -55.51 17.76 15.04
N ALA AA 207 -56.03 17.63 16.27
CA ALA AA 207 -56.75 16.44 16.71
C ALA AA 207 -58.03 16.73 17.48
N ASP AA 208 -58.06 17.89 18.12
CA ASP AA 208 -58.96 18.22 19.22
C ASP AA 208 -60.46 18.04 19.00
N CYS AA 209 -60.96 18.00 17.76
CA CYS AA 209 -62.41 18.04 17.55
C CYS AA 209 -62.92 17.06 16.50
N ALA AA 210 -62.06 16.24 15.91
CA ALA AA 210 -62.35 15.22 14.90
C ALA AA 210 -62.81 15.78 13.56
N ASP AA 211 -63.59 16.85 13.56
CA ASP AA 211 -64.11 17.52 12.38
C ASP AA 211 -62.97 18.02 11.51
N ILE AA 212 -61.99 18.66 12.14
CA ILE AA 212 -60.69 18.88 11.53
C ILE AA 212 -59.58 18.15 12.26
N GLY AA 213 -59.87 17.45 13.36
CA GLY AA 213 -58.77 16.88 14.11
C GLY AA 213 -58.07 15.69 13.47
N PHE AA 214 -57.73 15.76 12.17
CA PHE AA 214 -57.01 14.76 11.37
C PHE AA 214 -57.75 13.44 11.16
N ASP AA 215 -58.55 13.07 12.16
CA ASP AA 215 -59.35 11.87 12.18
C ASP AA 215 -60.38 11.87 11.07
N ALA AA 216 -61.28 12.85 11.08
CA ALA AA 216 -62.36 12.86 10.09
C ALA AA 216 -61.80 12.90 8.69
N GLN AA 217 -60.77 13.71 8.48
CA GLN AA 217 -60.22 13.87 7.13
C GLN AA 217 -59.67 12.55 6.63
N LEU AA 218 -58.86 11.90 7.46
CA LEU AA 218 -58.31 10.62 7.06
C LEU AA 218 -59.42 9.61 6.85
N LYS AA 219 -60.50 9.72 7.60
CA LYS AA 219 -61.63 8.82 7.40
C LYS AA 219 -62.33 9.11 6.08
N VAL AA 220 -62.41 10.38 5.68
CA VAL AA 220 -62.99 10.69 4.38
C VAL AA 220 -62.16 10.04 3.30
N VAL AA 221 -60.85 10.18 3.39
CA VAL AA 221 -59.98 9.61 2.37
C VAL AA 221 -60.12 8.10 2.36
N ASP AA 222 -60.09 7.49 3.54
CA ASP AA 222 -60.16 6.05 3.65
C ASP AA 222 -61.46 5.53 3.07
N GLU AA 223 -62.56 6.18 3.38
CA GLU AA 223 -63.84 5.71 2.86
C GLU AA 223 -63.95 6.00 1.38
N ALA AA 224 -63.47 7.15 0.94
CA ALA AA 224 -63.45 7.45 -0.50
C ALA AA 224 -62.75 6.32 -1.24
N ILE AA 225 -61.61 5.91 -0.73
CA ILE AA 225 -60.89 4.79 -1.31
C ILE AA 225 -61.74 3.54 -1.25
N ASN AA 226 -62.39 3.30 -0.11
CA ASN AA 226 -63.19 2.09 0.05
C ASN AA 226 -64.34 2.07 -0.93
N GLN AA 227 -64.89 3.25 -1.23
CA GLN AA 227 -65.97 3.35 -2.19
C GLN AA 227 -65.45 3.12 -3.61
N VAL AA 228 -64.23 3.57 -3.90
CA VAL AA 228 -63.61 3.23 -5.16
C VAL AA 228 -63.40 1.73 -5.23
N SER AA 229 -62.92 1.14 -4.14
CA SER AA 229 -62.67 -0.29 -4.08
C SER AA 229 -63.92 -1.08 -4.37
N SER AA 230 -65.03 -0.69 -3.74
CA SER AA 230 -66.27 -1.42 -3.93
C SER AA 230 -66.88 -1.12 -5.29
N GLN AA 231 -66.70 0.10 -5.79
CA GLN AA 231 -67.17 0.42 -7.12
C GLN AA 231 -66.45 -0.42 -8.15
N ARG AA 232 -65.13 -0.50 -8.02
CA ARG AA 232 -64.34 -1.35 -8.89
C ARG AA 232 -64.66 -2.83 -8.65
N ALA AA 233 -65.10 -3.16 -7.44
CA ALA AA 233 -65.48 -4.53 -7.14
C ALA AA 233 -66.70 -4.94 -7.91
N LYS AA 234 -67.74 -4.09 -7.87
CA LYS AA 234 -68.92 -4.32 -8.69
C LYS AA 234 -68.54 -4.36 -10.15
N LEU AA 235 -67.75 -3.39 -10.56
CA LEU AA 235 -67.35 -3.23 -11.95
C LEU AA 235 -66.68 -4.50 -12.46
N GLY AA 236 -65.73 -5.02 -11.68
CA GLY AA 236 -65.02 -6.22 -12.08
C GLY AA 236 -65.87 -7.47 -11.93
N ALA AA 237 -66.83 -7.44 -11.01
CA ALA AA 237 -67.77 -8.54 -10.94
C ALA AA 237 -68.50 -8.66 -12.27
N VAL AA 238 -68.99 -7.54 -12.78
CA VAL AA 238 -69.66 -7.55 -14.07
C VAL AA 238 -68.70 -7.92 -15.17
N GLN AA 239 -67.44 -7.50 -15.05
CA GLN AA 239 -66.44 -7.91 -16.03
C GLN AA 239 -66.37 -9.43 -16.11
N ASN AA 240 -66.27 -10.08 -14.96
CA ASN AA 240 -66.22 -11.52 -14.95
C ASN AA 240 -67.49 -12.12 -15.53
N ARG AA 241 -68.63 -11.51 -15.20
CA ARG AA 241 -69.89 -11.96 -15.76
C ARG AA 241 -69.86 -11.97 -17.27
N LEU AA 242 -69.37 -10.89 -17.86
CA LEU AA 242 -69.37 -10.82 -19.30
C LEU AA 242 -68.33 -11.73 -19.90
N GLU AA 243 -67.25 -12.00 -19.16
CA GLU AA 243 -66.32 -13.02 -19.61
C GLU AA 243 -67.03 -14.36 -19.76
N HIS AA 244 -67.70 -14.80 -18.70
CA HIS AA 244 -68.34 -16.10 -18.74
C HIS AA 244 -69.54 -16.10 -19.67
N THR AA 245 -70.21 -14.95 -19.77
CA THR AA 245 -71.27 -14.79 -20.74
C THR AA 245 -70.74 -15.06 -22.13
N ILE AA 246 -69.67 -14.37 -22.51
CA ILE AA 246 -69.13 -14.53 -23.86
C ILE AA 246 -68.71 -15.96 -24.10
N ASN AA 247 -68.12 -16.58 -23.09
CA ASN AA 247 -67.73 -17.98 -23.27
C ASN AA 247 -68.96 -18.83 -23.55
N ASN AA 248 -70.06 -18.55 -22.85
CA ASN AA 248 -71.32 -19.24 -23.14
C ASN AA 248 -71.83 -18.89 -24.52
N LEU AA 249 -71.79 -17.61 -24.88
CA LEU AA 249 -72.31 -17.18 -26.17
C LEU AA 249 -71.53 -17.81 -27.30
N SER AA 250 -70.24 -18.00 -27.09
CA SER AA 250 -69.39 -18.61 -28.09
C SER AA 250 -69.70 -20.10 -28.23
N ALA AA 251 -69.70 -20.82 -27.11
CA ALA AA 251 -69.96 -22.25 -27.16
C ALA AA 251 -71.37 -22.54 -27.63
N SER AA 252 -72.33 -21.86 -27.04
CA SER AA 252 -73.74 -22.03 -27.38
C SER AA 252 -73.99 -21.62 -28.81
N GLY AA 253 -73.37 -20.53 -29.24
CA GLY AA 253 -73.51 -20.10 -30.61
C GLY AA 253 -73.00 -21.15 -31.57
N GLU AA 254 -71.83 -21.71 -31.27
CA GLU AA 254 -71.29 -22.78 -32.07
C GLU AA 254 -72.26 -23.96 -32.16
N ASN AA 255 -72.67 -24.47 -31.00
CA ASN AA 255 -73.58 -25.60 -30.97
C ASN AA 255 -74.86 -25.29 -31.74
N LEU AA 256 -75.26 -24.02 -31.73
CA LEU AA 256 -76.49 -23.63 -32.38
C LEU AA 256 -76.33 -23.59 -33.89
N THR AA 257 -75.21 -23.03 -34.37
CA THR AA 257 -74.97 -23.05 -35.81
C THR AA 257 -74.79 -24.47 -36.30
N ALA AA 258 -74.26 -25.34 -35.44
CA ALA AA 258 -74.20 -26.75 -35.78
C ALA AA 258 -75.59 -27.35 -35.84
N ALA AA 259 -76.47 -26.96 -34.93
CA ALA AA 259 -77.85 -27.45 -34.95
C ALA AA 259 -78.53 -27.07 -36.25
N GLU AA 260 -78.43 -25.78 -36.61
CA GLU AA 260 -78.93 -25.33 -37.89
C GLU AA 260 -78.32 -26.14 -39.01
N SER AA 261 -77.00 -26.32 -38.97
CA SER AA 261 -76.31 -27.05 -40.01
C SER AA 261 -76.85 -28.45 -40.15
N ARG AA 262 -77.27 -29.06 -39.05
CA ARG AA 262 -77.93 -30.35 -39.12
C ARG AA 262 -79.26 -30.23 -39.85
N ILE AA 263 -80.00 -29.15 -39.59
CA ILE AA 263 -81.24 -28.98 -40.34
C ILE AA 263 -80.93 -28.81 -41.82
N ARG AA 264 -79.99 -27.92 -42.14
CA ARG AA 264 -79.61 -27.68 -43.53
C ARG AA 264 -78.48 -28.57 -44.00
N ASP AA 265 -78.18 -29.65 -43.27
CA ASP AA 265 -77.11 -30.57 -43.63
C ASP AA 265 -77.30 -31.07 -45.05
N VAL AA 266 -76.45 -30.64 -45.96
CA VAL AA 266 -76.37 -31.25 -47.28
C VAL AA 266 -75.30 -32.32 -47.23
N ASP AA 267 -75.70 -33.56 -47.47
CA ASP AA 267 -74.74 -34.61 -47.78
C ASP AA 267 -74.35 -34.37 -49.22
N MET AA 268 -73.37 -33.47 -49.41
CA MET AA 268 -73.00 -33.02 -50.74
C MET AA 268 -72.60 -34.20 -51.61
N ALA AA 269 -71.96 -35.21 -51.01
CA ALA AA 269 -71.61 -36.39 -51.78
C ALA AA 269 -72.87 -37.14 -52.23
N LYS AA 270 -73.81 -37.32 -51.30
CA LYS AA 270 -75.09 -37.94 -51.67
C LYS AA 270 -75.74 -37.17 -52.80
N GLU AA 271 -75.79 -35.85 -52.66
CA GLU AA 271 -76.59 -35.05 -53.58
C GLU AA 271 -75.94 -34.96 -54.96
N MET AA 272 -74.61 -34.96 -55.01
CA MET AA 272 -73.93 -35.09 -56.30
C MET AA 272 -74.21 -36.46 -56.90
N SER AA 273 -74.18 -37.49 -56.07
CA SER AA 273 -74.43 -38.84 -56.55
C SER AA 273 -75.84 -38.96 -57.11
N GLU AA 274 -76.82 -38.52 -56.32
CA GLU AA 274 -78.21 -38.58 -56.74
C GLU AA 274 -78.43 -37.71 -57.97
N PHE AA 275 -77.75 -36.56 -58.02
CA PHE AA 275 -77.80 -35.74 -59.21
C PHE AA 275 -77.37 -36.52 -60.43
N THR AA 276 -76.20 -37.13 -60.33
CA THR AA 276 -75.66 -37.97 -61.39
C THR AA 276 -76.70 -38.99 -61.84
N LYS AA 277 -77.24 -39.73 -60.87
CA LYS AA 277 -78.21 -40.75 -61.18
C LYS AA 277 -79.38 -40.17 -61.96
N ASN AA 278 -79.92 -39.05 -61.48
CA ASN AA 278 -81.10 -38.51 -62.13
C ASN AA 278 -80.79 -38.02 -63.54
N ASN AA 279 -79.57 -37.56 -63.79
CA ASN AA 279 -79.17 -37.27 -65.16
C ASN AA 279 -79.25 -38.52 -66.01
N ILE AA 280 -78.58 -39.57 -65.53
CA ILE AA 280 -78.56 -40.84 -66.22
C ILE AA 280 -79.98 -41.29 -66.55
N LEU AA 281 -80.84 -41.22 -65.54
CA LEU AA 281 -82.20 -41.72 -65.68
C LEU AA 281 -83.00 -40.91 -66.67
N SER AA 282 -82.83 -39.58 -66.63
CA SER AA 282 -83.49 -38.74 -67.62
C SER AA 282 -83.04 -39.13 -69.02
N GLN AA 283 -81.73 -39.22 -69.24
CA GLN AA 283 -81.22 -39.52 -70.56
C GLN AA 283 -81.69 -40.86 -71.06
N ALA AA 284 -81.65 -41.87 -70.19
CA ALA AA 284 -82.12 -43.19 -70.56
C ALA AA 284 -83.57 -43.16 -70.97
N SER AA 285 -84.40 -42.49 -70.16
CA SER AA 285 -85.82 -42.44 -70.46
C SER AA 285 -86.06 -41.74 -71.80
N GLN AA 286 -85.28 -40.71 -72.11
CA GLN AA 286 -85.47 -40.05 -73.40
C GLN AA 286 -85.07 -40.95 -74.55
N ALA AA 287 -84.00 -41.70 -74.38
CA ALA AA 287 -83.64 -42.69 -75.40
C ALA AA 287 -84.79 -43.64 -75.64
N MET AA 288 -85.43 -44.06 -74.56
CA MET AA 288 -86.57 -44.95 -74.73
C MET AA 288 -87.73 -44.24 -75.39
N LEU AA 289 -87.90 -42.94 -75.17
CA LEU AA 289 -88.97 -42.22 -75.86
C LEU AA 289 -88.69 -42.16 -77.35
N ALA AA 290 -87.43 -41.98 -77.72
CA ALA AA 290 -87.06 -42.09 -79.11
C ALA AA 290 -87.47 -43.44 -79.66
N GLN AA 291 -87.11 -44.51 -78.95
CA GLN AA 291 -87.47 -45.85 -79.39
C GLN AA 291 -88.98 -46.02 -79.51
N ALA AA 292 -89.73 -45.42 -78.59
CA ALA AA 292 -91.19 -45.44 -78.67
C ALA AA 292 -91.66 -44.77 -79.95
N ASN AA 293 -90.92 -43.78 -80.41
CA ASN AA 293 -91.24 -43.16 -81.70
C ASN AA 293 -90.68 -43.96 -82.87
N GLN AA 294 -89.72 -44.85 -82.64
CA GLN AA 294 -89.14 -45.62 -83.74
C GLN AA 294 -90.02 -46.81 -84.09
N GLN AA 295 -90.47 -47.55 -83.07
CA GLN AA 295 -91.29 -48.73 -83.30
C GLN AA 295 -92.46 -48.51 -84.25
N PRO AA 296 -93.34 -47.52 -84.05
CA PRO AA 296 -94.46 -47.36 -84.98
C PRO AA 296 -94.04 -46.98 -86.39
N GLN AA 297 -92.81 -46.51 -86.60
CA GLN AA 297 -92.33 -46.27 -87.96
C GLN AA 297 -92.02 -47.59 -88.64
N ASN AA 298 -91.33 -48.46 -87.91
CA ASN AA 298 -91.13 -49.82 -88.37
C ASN AA 298 -92.47 -50.43 -88.73
N VAL AA 299 -93.47 -50.23 -87.87
CA VAL AA 299 -94.82 -50.71 -88.15
C VAL AA 299 -95.32 -50.12 -89.44
N LEU AA 300 -95.13 -48.82 -89.64
CA LEU AA 300 -95.65 -48.16 -90.83
C LEU AA 300 -95.11 -48.84 -92.08
N GLN AA 301 -93.80 -49.03 -92.16
CA GLN AA 301 -93.24 -49.68 -93.33
C GLN AA 301 -93.76 -51.10 -93.45
N LEU AA 302 -93.71 -51.85 -92.35
CA LEU AA 302 -94.01 -53.27 -92.40
C LEU AA 302 -95.46 -53.53 -92.78
N LEU AA 303 -96.36 -52.61 -92.43
CA LEU AA 303 -97.77 -52.71 -92.78
C LEU AA 303 -98.16 -51.74 -93.86
N ARG AA 304 -97.23 -51.41 -94.75
CA ARG AA 304 -97.55 -50.61 -95.91
C ARG AA 304 -97.89 -51.52 -97.07
N ILE BA 3 -26.79 10.03 1.84
CA ILE BA 3 -26.64 11.48 2.24
C ILE BA 3 -25.18 11.87 2.39
N ASN BA 4 -24.33 11.30 1.54
CA ASN BA 4 -22.89 11.46 1.69
C ASN BA 4 -22.47 12.92 1.78
N HIS BA 5 -23.05 13.77 0.95
CA HIS BA 5 -22.68 15.18 0.91
C HIS BA 5 -23.11 15.96 2.13
N ASN BA 6 -23.87 15.36 3.04
CA ASN BA 6 -24.34 16.04 4.23
C ASN BA 6 -23.59 15.65 5.50
N ILE BA 7 -22.73 14.64 5.44
CA ILE BA 7 -22.06 14.11 6.62
C ILE BA 7 -20.64 14.63 6.64
N ALA BA 8 -20.30 15.29 7.73
CA ALA BA 8 -18.93 15.71 7.98
C ALA BA 8 -18.56 15.55 9.44
N ALA BA 9 -19.41 14.91 10.24
CA ALA BA 9 -19.22 14.86 11.69
C ALA BA 9 -19.05 16.26 12.25
N LEU BA 10 -19.98 17.13 11.89
CA LEU BA 10 -19.83 18.54 12.19
C LEU BA 10 -19.73 18.79 13.68
N ASN BA 11 -20.28 17.90 14.51
CA ASN BA 11 -20.06 18.03 15.94
C ASN BA 11 -18.59 17.81 16.25
N THR BA 12 -17.96 16.88 15.55
CA THR BA 12 -16.52 16.72 15.70
C THR BA 12 -15.80 18.00 15.29
N LEU BA 13 -16.28 18.65 14.23
CA LEU BA 13 -15.65 19.86 13.77
C LEU BA 13 -15.78 20.96 14.81
N ASN BA 14 -16.94 21.03 15.43
CA ASN BA 14 -17.16 22.00 16.49
C ASN BA 14 -16.24 21.72 17.67
N ARG BA 15 -16.07 20.44 18.02
CA ARG BA 15 -15.10 20.09 19.05
C ARG BA 15 -13.71 20.48 18.62
N LEU BA 16 -13.46 20.43 17.32
CA LEU BA 16 -12.13 20.77 16.86
C LEU BA 16 -11.83 22.23 17.10
N SER BA 17 -12.74 23.09 16.68
CA SER BA 17 -12.57 24.52 16.92
C SER BA 17 -12.40 24.79 18.41
N SER BA 18 -13.23 24.15 19.22
CA SER BA 18 -13.16 24.31 20.67
C SER BA 18 -11.78 23.92 21.18
N ASN BA 19 -11.30 22.75 20.76
CA ASN BA 19 -10.04 22.22 21.28
C ASN BA 19 -8.87 23.08 20.85
N ASN BA 20 -8.91 23.58 19.62
CA ASN BA 20 -7.82 24.44 19.16
C ASN BA 20 -7.76 25.70 19.96
N SER BA 21 -8.91 26.33 20.20
CA SER BA 21 -8.90 27.51 21.04
C SER BA 21 -8.47 27.17 22.46
N ALA BA 22 -8.86 26.00 22.94
CA ALA BA 22 -8.51 25.59 24.30
C ALA BA 22 -7.01 25.50 24.48
N SER BA 23 -6.35 24.70 23.64
CA SER BA 23 -4.91 24.57 23.71
C SER BA 23 -4.23 25.92 23.51
N GLN BA 24 -4.79 26.74 22.61
CA GLN BA 24 -4.26 28.10 22.42
C GLN BA 24 -4.25 28.87 23.73
N LYS BA 25 -5.38 28.85 24.43
CA LYS BA 25 -5.49 29.58 25.69
C LYS BA 25 -4.47 29.07 26.68
N ASN BA 26 -4.34 27.75 26.75
CA ASN BA 26 -3.34 27.14 27.63
C ASN BA 26 -1.97 27.73 27.35
N MET BA 27 -1.55 27.74 26.08
CA MET BA 27 -0.24 28.31 25.73
C MET BA 27 -0.12 29.73 26.19
N GLU BA 28 -1.09 30.54 25.81
CA GLU BA 28 -1.05 31.97 26.08
C GLU BA 28 -0.82 32.24 27.55
N LYS BA 29 -1.49 31.47 28.39
CA LYS BA 29 -1.27 31.61 29.82
C LYS BA 29 0.11 31.08 30.19
N LEU BA 30 0.50 29.94 29.63
CA LEU BA 30 1.81 29.35 29.91
C LEU BA 30 2.92 30.27 29.48
N SER BA 31 2.84 30.75 28.24
CA SER BA 31 3.87 31.62 27.70
C SER BA 31 3.99 32.90 28.49
N SER BA 32 2.86 33.53 28.78
CA SER BA 32 2.87 34.78 29.51
C SER BA 32 3.05 34.57 31.00
N GLY BA 33 2.81 33.36 31.49
CA GLY BA 33 2.86 33.14 32.92
C GLY BA 33 1.71 33.81 33.62
N LEU BA 34 0.58 33.94 32.94
CA LEU BA 34 -0.57 34.69 33.42
C LEU BA 34 -1.77 33.76 33.45
N ARG BA 35 -2.30 33.51 34.64
CA ARG BA 35 -3.61 32.90 34.70
C ARG BA 35 -4.66 33.93 34.38
N ILE BA 36 -4.38 35.20 34.67
CA ILE BA 36 -5.29 36.26 34.32
C ILE BA 36 -5.50 36.28 32.83
N ASN BA 37 -6.64 36.80 32.43
CA ASN BA 37 -6.94 36.97 31.02
C ASN BA 37 -6.50 38.34 30.56
N ARG BA 38 -6.19 38.43 29.27
CA ARG BA 38 -6.13 39.75 28.65
C ARG BA 38 -7.52 40.34 28.56
N ALA BA 39 -8.49 39.50 28.23
CA ALA BA 39 -9.89 39.90 28.15
C ALA BA 39 -10.45 40.16 29.54
N GLY BA 40 -11.53 40.91 29.57
CA GLY BA 40 -12.22 41.28 30.80
C GLY BA 40 -12.88 40.15 31.53
N ASP BA 41 -12.77 38.92 31.03
CA ASP BA 41 -13.28 37.77 31.75
C ASP BA 41 -12.64 37.69 33.13
N ASP BA 42 -13.47 37.84 34.16
CA ASP BA 42 -13.03 38.10 35.54
C ASP BA 42 -12.35 39.46 35.65
N ALA BA 43 -13.01 40.48 35.10
CA ALA BA 43 -12.52 41.85 35.27
C ALA BA 43 -12.47 42.26 36.73
N ALA BA 44 -13.23 41.59 37.60
CA ALA BA 44 -13.07 41.81 39.03
C ALA BA 44 -11.63 41.52 39.45
N GLY BA 45 -11.22 40.25 39.33
CA GLY BA 45 -9.87 39.88 39.71
C GLY BA 45 -8.82 40.67 38.97
N LEU BA 46 -9.06 40.98 37.70
CA LEU BA 46 -8.13 41.79 36.94
C LEU BA 46 -7.97 43.15 37.58
N ALA BA 47 -9.06 43.90 37.68
CA ALA BA 47 -9.04 45.24 38.24
C ALA BA 47 -8.42 45.26 39.63
N ILE BA 48 -8.64 44.18 40.38
CA ILE BA 48 -7.95 44.06 41.66
C ILE BA 48 -6.46 44.05 41.43
N SER BA 49 -5.96 43.09 40.62
CA SER BA 49 -4.53 42.96 40.44
C SER BA 49 -3.93 44.22 39.85
N GLU BA 50 -4.70 44.93 39.03
CA GLU BA 50 -4.30 46.23 38.55
C GLU BA 50 -4.06 47.16 39.72
N LYS BA 51 -5.03 47.24 40.62
CA LYS BA 51 -4.88 48.09 41.80
C LYS BA 51 -3.73 47.62 42.68
N MET BA 52 -3.57 46.30 42.78
CA MET BA 52 -2.47 45.72 43.53
C MET BA 52 -1.17 46.26 42.98
N ARG BA 53 -0.93 46.06 41.68
CA ARG BA 53 0.32 46.47 41.06
C ARG BA 53 0.54 47.97 41.20
N GLY BA 54 -0.54 48.73 41.11
CA GLY BA 54 -0.43 50.16 41.37
C GLY BA 54 0.15 50.40 42.75
N GLN BA 55 -0.36 49.69 43.75
CA GLN BA 55 0.17 49.84 45.09
C GLN BA 55 1.56 49.23 45.22
N ILE BA 56 1.81 48.06 44.62
CA ILE BA 56 3.14 47.43 44.67
C ILE BA 56 4.19 48.41 44.19
N ARG BA 57 4.02 48.87 42.96
CA ARG BA 57 4.95 49.80 42.35
C ARG BA 57 5.07 51.04 43.22
N GLY BA 58 3.94 51.49 43.78
CA GLY BA 58 4.00 52.62 44.68
C GLY BA 58 4.78 52.32 45.94
N LEU BA 59 4.83 51.05 46.35
CA LEU BA 59 5.60 50.66 47.52
C LEU BA 59 7.07 50.56 47.19
N GLU BA 60 7.38 50.17 45.97
CA GLU BA 60 8.77 50.16 45.52
C GLU BA 60 9.31 51.58 45.52
N MET BA 61 8.56 52.50 44.92
CA MET BA 61 8.96 53.90 44.95
C MET BA 61 8.84 54.48 46.34
N ALA BA 62 8.01 53.89 47.19
CA ALA BA 62 7.93 54.31 48.59
C ALA BA 62 9.21 53.97 49.31
N SER BA 63 9.67 52.74 49.14
CA SER BA 63 10.93 52.33 49.72
C SER BA 63 12.05 53.22 49.23
N LYS BA 64 12.06 53.47 47.92
CA LYS BA 64 13.01 54.41 47.34
C LYS BA 64 12.96 55.75 48.06
N ASN BA 65 11.77 56.34 48.17
CA ASN BA 65 11.64 57.66 48.77
C ASN BA 65 12.08 57.66 50.22
N SER BA 66 11.79 56.58 50.93
CA SER BA 66 12.12 56.53 52.35
C SER BA 66 13.62 56.36 52.54
N GLN BA 67 14.25 55.54 51.71
CA GLN BA 67 15.70 55.42 51.75
C GLN BA 67 16.34 56.76 51.45
N ASP BA 68 15.76 57.49 50.51
CA ASP BA 68 16.24 58.83 50.19
C ASP BA 68 16.07 59.74 51.40
N GLY BA 69 14.93 59.62 52.08
CA GLY BA 69 14.75 60.27 53.38
C GLY BA 69 15.91 59.99 54.30
N ILE BA 70 16.27 58.72 54.42
CA ILE BA 70 17.36 58.32 55.30
C ILE BA 70 18.65 58.98 54.88
N SER BA 71 18.89 59.06 53.58
CA SER BA 71 20.12 59.66 53.10
C SER BA 71 20.20 61.10 53.54
N LEU BA 72 19.10 61.83 53.38
CA LEU BA 72 19.02 63.19 53.88
C LEU BA 72 19.31 63.25 55.37
N ILE BA 73 18.64 62.36 56.12
CA ILE BA 73 18.76 62.34 57.57
C ILE BA 73 20.22 62.19 57.95
N GLN BA 74 20.84 61.12 57.49
CA GLN BA 74 22.20 60.80 57.91
C GLN BA 74 23.18 61.87 57.47
N THR BA 75 22.92 62.52 56.35
CA THR BA 75 23.72 63.68 55.97
C THR BA 75 23.68 64.72 57.06
N ALA BA 76 22.48 65.21 57.36
CA ALA BA 76 22.33 66.25 58.37
C ALA BA 76 22.82 65.76 59.72
N GLU BA 77 22.59 64.49 60.01
CA GLU BA 77 22.99 63.86 61.26
C GLU BA 77 24.48 63.97 61.46
N GLY BA 78 25.26 63.47 60.50
CA GLY BA 78 26.70 63.52 60.64
C GLY BA 78 27.19 64.94 60.73
N ALA BA 79 26.56 65.85 59.98
CA ALA BA 79 26.93 67.25 60.05
C ALA BA 79 26.71 67.81 61.45
N LEU BA 80 25.57 67.46 62.07
CA LEU BA 80 25.27 67.94 63.40
C LEU BA 80 26.16 67.29 64.45
N THR BA 81 26.59 66.05 64.19
CA THR BA 81 27.55 65.41 65.06
C THR BA 81 28.86 66.19 65.06
N GLU BA 82 29.31 66.60 63.87
CA GLU BA 82 30.53 67.39 63.81
C GLU BA 82 30.33 68.74 64.46
N THR BA 83 29.20 69.38 64.21
CA THR BA 83 28.86 70.63 64.86
C THR BA 83 28.99 70.47 66.36
N HIS BA 84 28.40 69.40 66.87
CA HIS BA 84 28.43 69.13 68.28
C HIS BA 84 29.85 69.00 68.80
N ALA BA 85 30.67 68.24 68.07
CA ALA BA 85 32.06 68.08 68.47
C ALA BA 85 32.76 69.43 68.57
N ILE BA 86 32.48 70.31 67.60
CA ILE BA 86 32.99 71.67 67.68
C ILE BA 86 32.53 72.29 68.98
N LEU BA 87 31.24 72.20 69.27
CA LEU BA 87 30.70 72.85 70.46
C LEU BA 87 31.35 72.33 71.73
N GLN BA 88 31.76 71.07 71.74
CA GLN BA 88 32.57 70.59 72.84
C GLN BA 88 33.86 71.37 72.92
N ARG BA 89 34.52 71.55 71.77
CA ARG BA 89 35.74 72.35 71.80
C ARG BA 89 35.44 73.76 72.25
N VAL BA 90 34.30 74.30 71.83
CA VAL BA 90 33.94 75.65 72.22
C VAL BA 90 33.88 75.74 73.72
N ARG BA 91 33.17 74.81 74.37
CA ARG BA 91 33.07 74.89 75.82
C ARG BA 91 34.42 74.73 76.49
N GLU BA 92 35.30 73.92 75.91
CA GLU BA 92 36.68 73.91 76.41
C GLU BA 92 37.23 75.32 76.39
N LEU BA 93 36.99 76.01 75.28
CA LEU BA 93 37.48 77.37 75.14
C LEU BA 93 36.67 78.35 75.97
N VAL BA 94 35.47 77.98 76.42
CA VAL BA 94 34.73 78.83 77.34
C VAL BA 94 35.36 78.73 78.71
N VAL BA 95 35.66 77.52 79.14
CA VAL BA 95 36.23 77.33 80.46
C VAL BA 95 37.62 77.96 80.50
N GLN BA 96 38.38 77.84 79.43
CA GLN BA 96 39.60 78.62 79.34
C GLN BA 96 39.27 80.10 79.27
N ALA BA 97 38.18 80.44 78.60
CA ALA BA 97 37.71 81.82 78.52
C ALA BA 97 36.92 82.23 79.73
N GLY BA 98 37.06 81.46 80.81
CA GLY BA 98 37.05 82.04 82.11
C GLY BA 98 38.30 82.82 82.44
N ASN BA 99 39.20 83.02 81.44
CA ASN BA 99 40.36 83.90 81.57
C ASN BA 99 41.40 83.24 82.49
N THR BA 100 41.20 81.95 82.74
CA THR BA 100 41.77 81.31 83.92
C THR BA 100 41.59 82.26 85.09
N GLY BA 101 40.35 82.70 85.27
CA GLY BA 101 40.10 83.71 86.26
C GLY BA 101 40.43 85.10 85.80
N THR BA 102 41.62 85.57 86.17
CA THR BA 102 42.20 86.78 85.62
C THR BA 102 43.57 86.52 85.00
N GLN BA 103 44.07 85.29 85.06
CA GLN BA 103 45.46 85.04 84.74
C GLN BA 103 45.76 85.27 83.27
N ASP BA 104 44.84 84.90 82.39
CA ASP BA 104 45.05 85.20 81.00
C ASP BA 104 44.93 86.71 80.83
N LYS BA 105 45.63 87.25 79.83
CA LYS BA 105 45.56 88.66 79.53
C LYS BA 105 44.62 88.89 78.34
N ALA BA 106 44.45 90.16 78.00
CA ALA BA 106 43.54 90.50 76.91
C ALA BA 106 43.96 89.86 75.60
N THR BA 107 45.27 89.84 75.33
CA THR BA 107 45.77 89.18 74.13
C THR BA 107 45.47 87.69 74.16
N ASP BA 108 45.60 87.08 75.33
CA ASP BA 108 45.30 85.66 75.43
C ASP BA 108 43.84 85.40 75.10
N LEU BA 109 42.95 86.22 75.65
CA LEU BA 109 41.53 86.12 75.31
C LEU BA 109 41.29 86.37 73.83
N GLN BA 110 42.12 87.21 73.22
CA GLN BA 110 41.98 87.45 71.78
C GLN BA 110 42.48 86.27 70.98
N SER BA 111 43.54 85.62 71.44
CA SER BA 111 44.00 84.41 70.79
C SER BA 111 42.91 83.34 70.84
N ILE BA 112 42.33 83.16 72.02
CA ILE BA 112 41.20 82.25 72.17
C ILE BA 112 40.08 82.66 71.23
N GLN BA 113 39.74 83.94 71.24
CA GLN BA 113 38.62 84.43 70.46
C GLN BA 113 38.86 84.25 68.97
N ASP BA 114 40.11 84.39 68.55
CA ASP BA 114 40.46 84.07 67.17
C ASP BA 114 40.14 82.62 66.89
N GLY BA 115 40.53 81.73 67.80
CA GLY BA 115 40.18 80.33 67.65
C GLY BA 115 38.68 80.11 67.61
N ILE BA 116 37.94 80.82 68.44
CA ILE BA 116 36.50 80.58 68.51
C ILE BA 116 35.81 81.12 67.28
N SER BA 117 36.18 82.31 66.83
CA SER BA 117 35.58 82.86 65.64
C SER BA 117 35.91 82.00 64.44
N ALA BA 118 37.09 81.40 64.46
CA ALA BA 118 37.43 80.38 63.47
C ALA BA 118 36.46 79.21 63.56
N LEU BA 119 36.16 78.77 64.79
CA LEU BA 119 35.21 77.68 64.97
C LEU BA 119 33.82 78.09 64.51
N THR BA 120 33.42 79.33 64.80
CA THR BA 120 32.16 79.85 64.28
C THR BA 120 32.12 79.71 62.79
N ASP BA 121 33.17 80.15 62.12
CA ASP BA 121 33.23 80.09 60.67
C ASP BA 121 33.12 78.64 60.21
N GLU BA 122 33.61 77.70 61.01
CA GLU BA 122 33.43 76.30 60.65
C GLU BA 122 32.00 75.84 60.88
N ILE BA 123 31.37 76.27 61.97
CA ILE BA 123 29.99 75.88 62.21
C ILE BA 123 29.10 76.43 61.10
N ASP BA 124 29.28 77.71 60.79
CA ASP BA 124 28.59 78.33 59.67
C ASP BA 124 28.91 77.57 58.39
N GLY BA 125 30.15 77.10 58.26
CA GLY BA 125 30.49 76.30 57.09
C GLY BA 125 29.71 75.01 57.05
N ILE BA 126 29.54 74.36 58.21
CA ILE BA 126 28.69 73.17 58.26
C ILE BA 126 27.30 73.52 57.80
N SER BA 127 26.69 74.50 58.45
CA SER BA 127 25.30 74.81 58.21
C SER BA 127 25.06 75.40 56.83
N ASN BA 128 26.12 75.87 56.15
CA ASN BA 128 26.04 76.46 54.83
C ASN BA 128 26.75 75.63 53.76
N ARG BA 129 27.14 74.40 54.09
CA ARG BA 129 27.70 73.46 53.11
C ARG BA 129 26.90 72.18 53.11
N THR BA 130 26.24 71.86 54.22
CA THR BA 130 25.43 70.67 54.28
C THR BA 130 24.22 70.86 53.38
N GLU BA 131 24.36 70.40 52.13
CA GLU BA 131 23.29 70.43 51.15
C GLU BA 131 22.89 69.00 50.81
N PHE BA 132 21.61 68.83 50.45
CA PHE BA 132 21.16 67.64 49.75
C PHE BA 132 20.43 68.08 48.50
N ASN BA 133 21.01 67.75 47.36
CA ASN BA 133 20.44 68.13 46.09
C ASN BA 133 20.28 69.64 46.04
N GLY BA 134 21.30 70.33 46.54
CA GLY BA 134 21.31 71.76 46.64
C GLY BA 134 20.59 72.32 47.83
N LYS BA 135 19.63 71.57 48.38
CA LYS BA 135 18.86 72.03 49.51
C LYS BA 135 19.77 72.11 50.72
N LYS BA 136 20.05 73.31 51.17
CA LYS BA 136 20.92 73.50 52.32
C LYS BA 136 20.21 72.93 53.53
N LEU BA 137 20.53 71.68 53.84
CA LEU BA 137 19.78 70.92 54.84
C LEU BA 137 19.93 71.50 56.24
N LEU BA 138 20.99 72.24 56.48
CA LEU BA 138 21.18 72.95 57.74
C LEU BA 138 21.05 74.44 57.56
N ASP BA 139 20.24 74.85 56.58
CA ASP BA 139 19.76 76.22 56.54
C ASP BA 139 18.87 76.42 57.74
N GLY BA 140 19.36 77.17 58.72
CA GLY BA 140 18.58 77.39 59.93
C GLY BA 140 17.27 78.11 59.66
N THR BA 141 17.13 78.77 58.51
CA THR BA 141 15.90 79.41 58.10
C THR BA 141 15.08 78.54 57.15
N TYR BA 142 15.43 77.27 57.00
CA TYR BA 142 14.67 76.40 56.11
C TYR BA 142 13.22 76.27 56.59
N LYS BA 143 13.03 75.70 57.77
CA LYS BA 143 11.69 75.49 58.34
C LYS BA 143 11.63 76.08 59.74
N VAL BA 144 11.89 77.37 59.85
CA VAL BA 144 11.48 78.07 61.06
C VAL BA 144 9.95 78.16 61.00
N ASP BA 145 9.27 77.43 61.88
CA ASP BA 145 7.81 77.40 61.93
C ASP BA 145 7.23 78.80 61.97
N THR BA 146 7.78 79.66 62.82
CA THR BA 146 7.51 81.10 62.87
C THR BA 146 6.14 81.44 63.45
N ALA BA 147 5.26 80.45 63.61
CA ALA BA 147 3.82 80.67 63.65
C ALA BA 147 3.32 81.31 62.35
N THR BA 148 3.99 80.99 61.24
CA THR BA 148 3.59 81.48 59.92
C THR BA 148 3.65 80.31 58.95
N PRO BA 149 2.52 79.68 58.65
CA PRO BA 149 2.51 78.60 57.65
C PRO BA 149 3.10 78.99 56.31
N ALA BA 150 2.90 80.24 55.92
CA ALA BA 150 3.36 80.70 54.62
C ALA BA 150 4.87 80.58 54.47
N ASN BA 151 5.61 80.67 55.58
CA ASN BA 151 7.06 80.63 55.56
C ASN BA 151 7.53 79.43 56.38
N GLN BA 152 7.50 78.23 55.78
CA GLN BA 152 8.00 77.04 56.45
C GLN BA 152 8.81 76.08 55.57
N LYS BA 153 8.55 75.96 54.27
CA LYS BA 153 9.24 74.95 53.46
C LYS BA 153 9.18 73.57 54.10
N ASN BA 154 7.99 73.16 54.56
CA ASN BA 154 7.82 71.94 55.34
C ASN BA 154 8.52 70.76 54.70
N LEU BA 155 9.44 70.14 55.44
CA LEU BA 155 10.25 69.04 54.87
C LEU BA 155 9.36 67.81 54.81
N VAL BA 156 8.47 67.82 53.82
CA VAL BA 156 7.53 66.75 53.60
C VAL BA 156 8.27 65.56 53.02
N PHE BA 157 7.89 64.34 53.41
CA PHE BA 157 8.30 63.08 52.76
C PHE BA 157 7.04 62.27 52.44
N GLN BA 158 6.61 62.30 51.18
CA GLN BA 158 5.57 61.39 50.69
C GLN BA 158 6.19 60.01 50.54
N ILE BA 159 5.71 59.08 51.35
CA ILE BA 159 6.16 57.71 51.30
C ILE BA 159 5.05 56.77 50.86
N GLY BA 160 3.89 56.84 51.51
CA GLY BA 160 2.87 55.85 51.26
C GLY BA 160 2.36 55.89 49.84
N ALA BA 161 2.12 54.71 49.28
CA ALA BA 161 1.58 54.61 47.93
C ALA BA 161 0.20 55.26 47.84
N ASN BA 162 -0.48 55.40 48.97
CA ASN BA 162 -1.77 56.06 49.03
C ASN BA 162 -1.59 57.54 49.29
N ALA BA 163 -2.59 58.31 48.89
CA ALA BA 163 -2.51 59.76 48.99
C ALA BA 163 -2.47 60.23 50.43
N THR BA 164 -1.83 61.37 50.65
CA THR BA 164 -1.67 62.08 51.92
C THR BA 164 -0.70 61.39 52.86
N GLN BA 165 -0.17 60.22 52.51
CA GLN BA 165 0.68 59.47 53.42
C GLN BA 165 2.06 60.11 53.47
N GLN BA 166 2.15 61.24 54.16
CA GLN BA 166 3.34 62.08 54.16
C GLN BA 166 3.89 62.25 55.56
N ILE BA 167 5.19 62.52 55.60
CA ILE BA 167 5.90 62.79 56.84
C ILE BA 167 6.34 64.24 56.86
N SER BA 168 6.09 64.92 57.98
CA SER BA 168 6.43 66.33 58.16
C SER BA 168 7.64 66.44 59.08
N VAL BA 169 8.72 67.03 58.56
CA VAL BA 169 9.98 67.14 59.29
C VAL BA 169 10.38 68.61 59.37
N ASN BA 170 11.17 68.94 60.39
CA ASN BA 170 11.60 70.31 60.65
C ASN BA 170 13.10 70.45 60.73
N ILE BA 171 13.62 71.41 59.95
CA ILE BA 171 14.99 71.88 59.99
C ILE BA 171 14.95 73.27 60.62
N GLU BA 172 15.78 73.54 61.65
CA GLU BA 172 15.95 74.92 62.10
C GLU BA 172 17.36 75.29 62.57
N ASP BA 173 18.33 74.39 62.51
CA ASP BA 173 19.62 74.67 63.13
C ASP BA 173 20.57 75.36 62.16
N MET BA 174 21.53 76.08 62.72
CA MET BA 174 22.57 76.77 61.99
C MET BA 174 23.52 77.38 63.01
N GLY BA 175 24.63 77.94 62.52
CA GLY BA 175 25.61 78.55 63.41
C GLY BA 175 25.05 79.69 64.24
N ALA BA 176 24.16 80.48 63.66
CA ALA BA 176 23.55 81.57 64.41
C ALA BA 176 22.43 81.10 65.34
N ASP BA 177 22.13 79.80 65.37
CA ASP BA 177 21.05 79.25 66.17
C ASP BA 177 21.62 78.60 67.42
N ALA BA 178 21.67 79.35 68.53
CA ALA BA 178 22.34 78.85 69.74
C ALA BA 178 21.46 78.77 70.99
N LEU BA 179 21.13 79.91 71.60
CA LEU BA 179 20.12 79.92 72.67
C LEU BA 179 18.86 80.50 72.05
N GLY BA 180 18.01 79.60 71.60
CA GLY BA 180 16.75 80.00 71.02
C GLY BA 180 15.79 80.39 72.12
N ILE BA 181 16.01 81.56 72.73
CA ILE BA 181 15.07 82.04 73.74
C ILE BA 181 13.67 82.05 73.17
N LYS BA 182 13.50 82.68 72.02
CA LYS BA 182 12.35 82.61 71.14
C LYS BA 182 12.83 82.62 69.70
N GLU BA 183 13.78 83.53 69.48
CA GLU BA 183 14.56 83.74 68.28
C GLU BA 183 15.94 84.16 68.78
N ALA BA 184 16.76 84.71 67.88
CA ALA BA 184 18.02 85.29 68.33
C ALA BA 184 17.73 86.54 69.16
N ASP BA 185 18.26 86.57 70.38
CA ASP BA 185 18.03 87.72 71.23
C ASP BA 185 18.80 88.92 70.71
N GLY BA 186 20.13 88.79 70.66
CA GLY BA 186 20.99 89.87 70.22
C GLY BA 186 22.44 89.48 70.39
N SER BA 187 23.22 90.37 71.03
CA SER BA 187 24.60 90.03 71.34
C SER BA 187 24.67 88.76 72.17
N ILE BA 188 23.67 88.52 73.00
CA ILE BA 188 23.54 87.29 73.73
C ILE BA 188 22.61 86.36 72.99
N ALA BA 189 22.60 85.10 73.40
CA ALA BA 189 21.66 84.06 73.04
C ALA BA 189 21.80 83.50 71.62
N ALA BA 190 22.36 84.28 70.70
CA ALA BA 190 22.76 83.77 69.39
C ALA BA 190 24.16 84.21 69.01
N LEU BA 191 24.44 85.51 69.16
CA LEU BA 191 25.67 86.07 68.62
C LEU BA 191 26.87 85.77 69.47
N HIS BA 192 26.70 85.23 70.68
CA HIS BA 192 27.89 84.65 71.29
C HIS BA 192 28.35 83.44 70.50
N SER BA 193 27.42 82.73 69.89
CA SER BA 193 27.82 81.65 69.00
C SER BA 193 28.46 82.22 67.74
N VAL BA 194 27.97 83.36 67.28
CA VAL BA 194 28.51 83.97 66.07
C VAL BA 194 29.70 84.85 66.42
N ASN BA 195 29.46 85.89 67.22
CA ASN BA 195 30.48 86.91 67.44
C ASN BA 195 31.43 86.59 68.58
N ASP BA 196 31.04 85.70 69.51
CA ASP BA 196 31.94 85.32 70.60
C ASP BA 196 32.30 86.48 71.53
N LEU BA 197 31.36 86.88 72.37
CA LEU BA 197 31.51 88.03 73.26
C LEU BA 197 32.78 88.06 74.11
N ASP BA 198 33.48 86.93 74.29
CA ASP BA 198 34.67 86.89 75.14
C ASP BA 198 35.87 87.45 74.37
N VAL BA 199 36.00 88.78 74.41
CA VAL BA 199 37.08 89.46 73.71
C VAL BA 199 38.02 90.13 74.71
N THR BA 200 37.54 91.24 75.26
CA THR BA 200 38.08 91.90 76.43
C THR BA 200 36.98 92.34 77.37
N LYS BA 201 35.75 92.46 76.87
CA LYS BA 201 34.57 92.66 77.71
C LYS BA 201 34.52 91.62 78.82
N PHE BA 202 35.00 90.41 78.55
CA PHE BA 202 35.05 89.40 79.60
C PHE BA 202 35.99 89.81 80.71
N ALA BA 203 37.18 90.28 80.36
CA ALA BA 203 38.14 90.68 81.38
C ALA BA 203 37.60 91.81 82.23
N ASP BA 204 36.77 92.67 81.62
CA ASP BA 204 36.13 93.74 82.38
C ASP BA 204 35.18 93.17 83.43
N ASN BA 205 34.28 92.26 83.03
CA ASN BA 205 33.28 91.66 83.91
C ASN BA 205 33.32 90.15 83.69
N ALA BA 206 34.22 89.49 84.40
CA ALA BA 206 34.29 88.04 84.29
C ALA BA 206 33.05 87.34 84.84
N ALA BA 207 32.39 87.94 85.84
CA ALA BA 207 31.14 87.42 86.38
C ALA BA 207 30.06 88.48 86.61
N ASP BA 208 30.51 89.71 86.83
CA ASP BA 208 29.74 90.79 87.45
C ASP BA 208 28.38 91.14 86.86
N CYS BA 209 28.08 90.80 85.59
CA CYS BA 209 26.87 91.31 84.96
C CYS BA 209 26.09 90.27 84.16
N ALA BA 210 26.53 89.02 84.13
CA ALA BA 210 25.90 87.89 83.44
C ALA BA 210 25.95 87.98 81.92
N ASP BA 211 25.78 89.19 81.36
CA ASP BA 211 25.81 89.45 79.93
C ASP BA 211 27.14 89.07 79.33
N ILE BA 212 28.22 89.47 80.00
CA ILE BA 212 29.53 88.88 79.77
C ILE BA 212 30.05 88.14 80.99
N GLY BA 213 29.33 88.13 82.11
CA GLY BA 213 29.91 87.52 83.30
C GLY BA 213 30.04 86.01 83.29
N PHE BA 214 30.52 85.41 82.19
CA PHE BA 214 30.77 83.98 81.98
C PHE BA 214 29.53 83.09 81.96
N ASP BA 215 28.54 83.51 82.74
CA ASP BA 215 27.26 82.85 82.89
C ASP BA 215 26.52 82.79 81.57
N ALA BA 216 26.20 83.97 81.01
CA ALA BA 216 25.38 84.00 79.80
C ALA BA 216 26.07 83.24 78.69
N GLN BA 217 27.38 83.42 78.55
CA GLN BA 217 28.11 82.79 77.46
C GLN BA 217 28.02 81.28 77.56
N LEU BA 218 28.31 80.76 78.75
CA LEU BA 218 28.22 79.32 78.95
C LEU BA 218 26.81 78.84 78.72
N LYS BA 219 25.82 79.66 79.05
CA LYS BA 219 24.44 79.28 78.80
C LYS BA 219 24.13 79.26 77.31
N VAL BA 220 24.72 80.18 76.54
CA VAL BA 220 24.53 80.14 75.09
C VAL BA 220 25.08 78.84 74.56
N VAL BA 221 26.27 78.47 75.01
CA VAL BA 221 26.88 77.24 74.51
C VAL BA 221 26.04 76.05 74.92
N ASP BA 222 25.63 76.02 76.18
CA ASP BA 222 24.86 74.89 76.69
C ASP BA 222 23.56 74.74 75.93
N GLU BA 223 22.87 75.85 75.68
CA GLU BA 223 21.60 75.74 74.98
C GLU BA 223 21.83 75.43 73.51
N ALA BA 224 22.86 76.02 72.90
CA ALA BA 224 23.20 75.66 71.53
C ALA BA 224 23.37 74.16 71.40
N ILE BA 225 24.10 73.57 72.32
CA ILE BA 225 24.26 72.13 72.37
C ILE BA 225 22.91 71.47 72.54
N ASN BA 226 22.10 71.98 73.45
CA ASN BA 226 20.81 71.36 73.73
C ASN BA 226 19.91 71.41 72.49
N GLN BA 227 20.04 72.47 71.70
CA GLN BA 227 19.27 72.59 70.48
C GLN BA 227 19.79 71.63 69.42
N VAL BA 228 21.10 71.40 69.39
CA VAL BA 228 21.64 70.35 68.53
C VAL BA 228 21.12 69.01 68.99
N SER BA 229 21.12 68.78 70.30
CA SER BA 229 20.64 67.52 70.86
C SER BA 229 19.20 67.24 70.46
N SER BA 230 18.35 68.25 70.59
CA SER BA 230 16.96 68.07 70.26
C SER BA 230 16.74 68.01 68.75
N GLN BA 231 17.54 68.74 67.99
CA GLN BA 231 17.45 68.65 66.55
C GLN BA 231 17.80 67.26 66.09
N ARG BA 232 18.89 66.71 66.63
CA ARG BA 232 19.29 65.35 66.32
C ARG BA 232 18.28 64.37 66.89
N ALA BA 233 17.58 64.75 67.96
CA ALA BA 233 16.57 63.88 68.54
C ALA BA 233 15.39 63.72 67.60
N LYS BA 234 14.90 64.84 67.07
CA LYS BA 234 13.87 64.79 66.04
C LYS BA 234 14.36 64.00 64.84
N LEU BA 235 15.57 64.33 64.42
CA LEU BA 235 16.16 63.74 63.23
C LEU BA 235 16.22 62.23 63.35
N GLY BA 236 16.68 61.74 64.50
CA GLY BA 236 16.77 60.31 64.71
C GLY BA 236 15.43 59.68 64.97
N ALA BA 237 14.49 60.44 65.51
CA ALA BA 237 13.14 59.95 65.63
C ALA BA 237 12.61 59.59 64.24
N VAL BA 238 12.79 60.50 63.29
CA VAL BA 238 12.36 60.23 61.93
C VAL BA 238 13.17 59.10 61.33
N GLN BA 239 14.44 59.00 61.69
CA GLN BA 239 15.24 57.87 61.22
C GLN BA 239 14.59 56.56 61.63
N ASN BA 240 14.22 56.45 62.90
CA ASN BA 240 13.57 55.24 63.37
C ASN BA 240 12.26 55.03 62.64
N ARG BA 241 11.52 56.10 62.41
CA ARG BA 241 10.27 56.00 61.67
C ARG BA 241 10.49 55.36 60.32
N LEU BA 242 11.50 55.82 59.60
CA LEU BA 242 11.71 55.30 58.27
C LEU BA 242 12.27 53.90 58.31
N GLU BA 243 12.97 53.55 59.39
CA GLU BA 243 13.36 52.15 59.57
C GLU BA 243 12.13 51.27 59.62
N HIS BA 244 11.20 51.59 60.52
CA HIS BA 244 10.02 50.76 60.69
C HIS BA 244 9.10 50.86 59.48
N THR BA 245 9.07 52.03 58.85
CA THR BA 245 8.36 52.19 57.60
C THR BA 245 8.87 51.19 56.59
N ILE BA 246 10.17 51.19 56.34
CA ILE BA 246 10.73 50.30 55.34
C ILE BA 246 10.45 48.86 55.68
N ASN BA 247 10.54 48.52 56.96
CA ASN BA 247 10.23 47.14 57.34
C ASN BA 247 8.79 46.81 56.97
N ASN BA 248 7.87 47.76 57.20
CA ASN BA 248 6.49 47.56 56.76
C ASN BA 248 6.39 47.49 55.25
N LEU BA 249 7.08 48.38 54.55
CA LEU BA 249 7.01 48.42 53.10
C LEU BA 249 7.51 47.13 52.50
N SER BA 250 8.53 46.56 53.13
CA SER BA 250 9.10 45.30 52.67
C SER BA 250 8.14 44.15 52.90
N ALA BA 251 7.65 44.02 54.13
CA ALA BA 251 6.75 42.91 54.44
C ALA BA 251 5.44 43.04 53.68
N SER BA 252 4.85 44.23 53.72
CA SER BA 252 3.59 44.50 53.05
C SER BA 252 3.75 44.34 51.55
N GLY BA 253 4.86 44.84 51.02
CA GLY BA 253 5.12 44.68 49.61
C GLY BA 253 5.20 43.23 49.21
N GLU BA 254 5.90 42.43 50.00
CA GLU BA 254 5.96 40.99 49.76
C GLU BA 254 4.57 40.38 49.74
N ASN BA 255 3.82 40.60 50.83
CA ASN BA 255 2.48 40.03 50.93
C ASN BA 255 1.62 40.47 49.75
N LEU BA 256 1.87 41.68 49.26
CA LEU BA 256 1.07 42.23 48.18
C LEU BA 256 1.43 41.59 46.84
N THR BA 257 2.72 41.42 46.58
CA THR BA 257 3.11 40.71 45.36
C THR BA 257 2.65 39.28 45.40
N ALA BA 258 2.58 38.71 46.60
CA ALA BA 258 2.00 37.37 46.74
C ALA BA 258 0.52 37.41 46.44
N ALA BA 259 -0.18 38.44 46.89
CA ALA BA 259 -1.60 38.57 46.60
C ALA BA 259 -1.84 38.63 45.10
N GLU BA 260 -1.09 39.50 44.43
CA GLU BA 260 -1.15 39.55 42.98
C GLU BA 260 -0.88 38.18 42.39
N SER BA 261 0.18 37.54 42.89
CA SER BA 261 0.57 36.24 42.36
C SER BA 261 -0.57 35.25 42.50
N ARG BA 262 -1.35 35.37 43.56
CA ARG BA 262 -2.53 34.52 43.69
C ARG BA 262 -3.54 34.84 42.60
N ILE BA 263 -3.70 36.13 42.28
CA ILE BA 263 -4.59 36.46 41.18
C ILE BA 263 -4.06 35.88 39.89
N ARG BA 264 -2.78 36.11 39.60
CA ARG BA 264 -2.15 35.60 38.39
C ARG BA 264 -1.54 34.22 38.58
N ASP BA 265 -1.89 33.51 39.65
CA ASP BA 265 -1.35 32.18 39.92
C ASP BA 265 -1.58 31.27 38.73
N VAL BA 266 -0.51 30.92 38.03
CA VAL BA 266 -0.57 29.86 37.04
C VAL BA 266 -0.15 28.56 37.73
N ASP BA 267 -1.07 27.61 37.77
CA ASP BA 267 -0.68 26.23 38.09
C ASP BA 267 -0.05 25.70 36.83
N MET BA 268 1.25 25.98 36.68
CA MET BA 268 1.95 25.66 35.46
C MET BA 268 1.86 24.17 35.14
N ALA BA 269 1.85 23.34 36.17
CA ALA BA 269 1.68 21.91 35.94
C ALA BA 269 0.30 21.60 35.39
N LYS BA 270 -0.73 22.20 35.99
CA LYS BA 270 -2.08 22.05 35.47
C LYS BA 270 -2.15 22.48 34.03
N GLU BA 271 -1.57 23.64 33.73
CA GLU BA 271 -1.78 24.24 32.43
C GLU BA 271 -0.99 23.51 31.34
N MET BA 272 0.18 22.97 31.69
CA MET BA 272 0.86 22.07 30.77
C MET BA 272 0.05 20.80 30.55
N SER BA 273 -0.53 20.28 31.64
CA SER BA 273 -1.33 19.06 31.52
C SER BA 273 -2.54 19.30 30.64
N GLU BA 274 -3.27 20.36 30.92
CA GLU BA 274 -4.46 20.69 30.14
C GLU BA 274 -4.08 21.00 28.70
N PHE BA 275 -2.94 21.66 28.52
CA PHE BA 275 -2.44 21.87 27.17
C PHE BA 275 -2.28 20.56 26.43
N THR BA 276 -1.57 19.64 27.06
CA THR BA 276 -1.37 18.31 26.51
C THR BA 276 -2.69 17.69 26.10
N LYS BA 277 -3.64 17.68 27.04
CA LYS BA 277 -4.94 17.10 26.78
C LYS BA 277 -5.58 17.72 25.56
N ASN BA 278 -5.57 19.05 25.49
CA ASN BA 278 -6.25 19.70 24.39
C ASN BA 278 -5.58 19.41 23.05
N ASN BA 279 -4.26 19.21 23.05
CA ASN BA 279 -3.60 18.73 21.84
C ASN BA 279 -4.15 17.40 21.43
N ILE BA 280 -4.15 16.46 22.39
CA ILE BA 280 -4.64 15.11 22.15
C ILE BA 280 -6.05 15.18 21.56
N LEU BA 281 -6.89 15.97 22.20
CA LEU BA 281 -8.30 16.04 21.81
C LEU BA 281 -8.47 16.63 20.43
N SER BA 282 -7.70 17.66 20.11
CA SER BA 282 -7.74 18.22 18.77
C SER BA 282 -7.36 17.16 17.75
N GLN BA 283 -6.25 16.47 17.98
CA GLN BA 283 -5.76 15.49 17.02
C GLN BA 283 -6.76 14.36 16.83
N ALA BA 284 -7.31 13.87 17.94
CA ALA BA 284 -8.30 12.81 17.87
C ALA BA 284 -9.50 13.25 17.05
N SER BA 285 -10.01 14.45 17.34
CA SER BA 285 -11.17 14.94 16.63
C SER BA 285 -10.88 15.06 15.13
N GLN BA 286 -9.68 15.49 14.77
CA GLN BA 286 -9.36 15.59 13.35
C GLN BA 286 -9.30 14.22 12.70
N ALA BA 287 -8.74 13.23 13.40
CA ALA BA 287 -8.77 11.87 12.88
C ALA BA 287 -10.20 11.43 12.61
N MET BA 288 -11.10 11.78 13.52
CA MET BA 288 -12.49 11.42 13.29
C MET BA 288 -13.07 12.21 12.13
N LEU BA 289 -12.62 13.44 11.90
CA LEU BA 289 -13.12 14.17 10.73
C LEU BA 289 -12.67 13.51 9.45
N ALA BA 290 -11.44 13.00 9.44
CA ALA BA 290 -10.99 12.20 8.32
C ALA BA 290 -11.93 11.03 8.11
N GLN BA 291 -12.21 10.30 9.18
CA GLN BA 291 -13.11 9.15 9.08
C GLN BA 291 -14.49 9.55 8.57
N ALA BA 292 -14.97 10.72 9.00
CA ALA BA 292 -16.24 11.24 8.49
C ALA BA 292 -16.16 11.47 7.00
N ASN BA 293 -14.98 11.79 6.50
CA ASN BA 293 -14.81 11.91 5.06
C ASN BA 293 -14.55 10.57 4.39
N GLN BA 294 -14.17 9.54 5.16
CA GLN BA 294 -13.90 8.23 4.58
C GLN BA 294 -15.18 7.45 4.36
N GLN BA 295 -16.05 7.43 5.37
CA GLN BA 295 -17.31 6.69 5.28
C GLN BA 295 -18.10 6.95 4.00
N PRO BA 296 -18.41 8.19 3.62
CA PRO BA 296 -19.19 8.39 2.39
C PRO BA 296 -18.47 7.96 1.13
N GLN BA 297 -17.14 7.79 1.16
CA GLN BA 297 -16.45 7.24 0.00
C GLN BA 297 -16.71 5.75 -0.13
N ASN BA 298 -16.62 5.06 1.01
CA ASN BA 298 -17.04 3.67 1.06
C ASN BA 298 -18.46 3.55 0.52
N VAL BA 299 -19.33 4.46 0.94
CA VAL BA 299 -20.69 4.48 0.44
C VAL BA 299 -20.70 4.64 -1.07
N LEU BA 300 -19.88 5.56 -1.58
CA LEU BA 300 -19.86 5.82 -3.01
C LEU BA 300 -19.57 4.54 -3.78
N GLN BA 301 -18.51 3.84 -3.40
CA GLN BA 301 -18.17 2.61 -4.09
C GLN BA 301 -19.30 1.60 -3.93
N LEU BA 302 -19.75 1.40 -2.70
CA LEU BA 302 -20.68 0.33 -2.40
C LEU BA 302 -22.02 0.52 -3.10
N LEU BA 303 -22.41 1.78 -3.33
CA LEU BA 303 -23.64 2.11 -4.03
C LEU BA 303 -23.37 2.63 -5.43
N ARG BA 304 -22.29 2.18 -6.05
CA ARG BA 304 -22.04 2.49 -7.44
C ARG BA 304 -22.62 1.40 -8.32
N ILE CA 3 -99.58 -29.16 -102.14
CA ILE CA 3 -98.97 -27.79 -102.09
C ILE CA 3 -97.49 -27.85 -101.72
N ASN CA 4 -96.82 -28.90 -102.20
CA ASN CA 4 -95.45 -29.18 -101.78
C ASN CA 4 -94.53 -27.97 -101.96
N HIS CA 5 -94.65 -27.29 -103.09
CA HIS CA 5 -93.79 -26.16 -103.41
C HIS CA 5 -94.04 -24.94 -102.53
N ASN CA 6 -95.06 -24.95 -101.69
CA ASN CA 6 -95.38 -23.82 -100.84
C ASN CA 6 -94.99 -24.02 -99.39
N ILE CA 7 -94.56 -25.22 -99.00
CA ILE CA 7 -94.28 -25.54 -97.61
C ILE CA 7 -92.78 -25.52 -97.41
N ALA CA 8 -92.35 -24.69 -96.47
CA ALA CA 8 -90.96 -24.68 -96.04
C ALA CA 8 -90.85 -24.48 -94.54
N ALA CA 9 -91.96 -24.53 -93.81
CA ALA CA 9 -91.97 -24.19 -92.39
C ALA CA 9 -91.37 -22.82 -92.18
N LEU CA 10 -91.87 -21.86 -92.94
CA LEU CA 10 -91.23 -20.55 -92.97
C LEU CA 10 -91.22 -19.88 -91.61
N ASN CA 11 -92.16 -20.24 -90.73
CA ASN CA 11 -92.07 -19.75 -89.36
C ASN CA 11 -90.84 -20.33 -88.68
N THR CA 12 -90.51 -21.59 -88.98
CA THR CA 12 -89.26 -22.13 -88.48
C THR CA 12 -88.09 -21.35 -89.03
N LEU CA 13 -88.16 -20.95 -90.29
CA LEU CA 13 -87.08 -20.21 -90.90
C LEU CA 13 -86.91 -18.86 -90.22
N ASN CA 14 -88.03 -18.23 -89.90
CA ASN CA 14 -88.00 -16.97 -89.19
C ASN CA 14 -87.39 -17.14 -87.81
N ARG CA 15 -87.76 -18.23 -87.12
CA ARG CA 15 -87.12 -18.54 -85.85
C ARG CA 15 -85.64 -18.76 -86.05
N LEU CA 16 -85.26 -19.30 -87.20
CA LEU CA 16 -83.86 -19.56 -87.43
C LEU CA 16 -83.07 -18.28 -87.49
N SER CA 17 -83.54 -17.35 -88.32
CA SER CA 17 -82.90 -16.05 -88.41
C SER CA 17 -82.81 -15.40 -87.04
N SER CA 18 -83.91 -15.45 -86.29
CA SER CA 18 -83.94 -14.88 -84.95
C SER CA 18 -82.88 -15.51 -84.06
N ASN CA 19 -82.82 -16.84 -84.06
CA ASN CA 19 -81.92 -17.55 -83.16
C ASN CA 19 -80.46 -17.28 -83.53
N ASN CA 20 -80.16 -17.22 -84.82
CA ASN CA 20 -78.80 -16.95 -85.24
C ASN CA 20 -78.37 -15.57 -84.77
N SER CA 21 -79.23 -14.57 -84.96
CA SER CA 21 -78.89 -13.26 -84.46
C SER CA 21 -78.77 -13.26 -82.95
N ALA CA 22 -79.63 -14.04 -82.28
CA ALA CA 22 -79.61 -14.08 -80.82
C ALA CA 22 -78.28 -14.59 -80.30
N SER CA 23 -77.87 -15.77 -80.76
CA SER CA 23 -76.60 -16.33 -80.32
C SER CA 23 -75.46 -15.41 -80.71
N GLN CA 24 -75.55 -14.77 -81.88
CA GLN CA 24 -74.55 -13.79 -82.29
C GLN CA 24 -74.41 -12.69 -81.25
N LYS CA 25 -75.54 -12.13 -80.83
CA LYS CA 25 -75.51 -11.05 -79.85
C LYS CA 25 -74.88 -11.52 -78.56
N ASN CA 26 -75.26 -12.73 -78.12
CA ASN CA 26 -74.65 -13.31 -76.93
C ASN CA 26 -73.14 -13.32 -77.04
N MET CA 27 -72.61 -13.83 -78.15
CA MET CA 27 -71.16 -13.85 -78.34
C MET CA 27 -70.56 -12.47 -78.23
N GLU CA 28 -71.11 -11.55 -79.00
CA GLU CA 28 -70.58 -10.21 -79.10
C GLU CA 28 -70.45 -9.59 -77.73
N LYS CA 29 -71.44 -9.80 -76.89
CA LYS CA 29 -71.35 -9.30 -75.53
C LYS CA 29 -70.32 -10.10 -74.73
N LEU CA 30 -70.32 -11.42 -74.91
CA LEU CA 30 -69.37 -12.28 -74.20
C LEU CA 30 -67.94 -11.94 -74.60
N SER CA 31 -67.70 -11.87 -75.90
CA SER CA 31 -66.35 -11.60 -76.40
C SER CA 31 -65.87 -10.24 -75.94
N SER CA 32 -66.72 -9.23 -76.08
CA SER CA 32 -66.34 -7.88 -75.71
C SER CA 32 -66.41 -7.66 -74.21
N GLY CA 33 -67.14 -8.52 -73.49
CA GLY CA 33 -67.34 -8.28 -72.08
C GLY CA 33 -68.24 -7.10 -71.84
N LEU CA 34 -69.16 -6.83 -72.77
CA LEU CA 34 -69.99 -5.64 -72.76
C LEU CA 34 -71.43 -6.08 -72.76
N ARG CA 35 -72.16 -5.78 -71.68
CA ARG CA 35 -73.61 -5.88 -71.76
C ARG CA 35 -74.17 -4.71 -72.56
N ILE CA 36 -73.46 -3.58 -72.52
CA ILE CA 36 -73.87 -2.44 -73.32
C ILE CA 36 -73.89 -2.83 -74.79
N ASN CA 37 -74.70 -2.12 -75.55
CA ASN CA 37 -74.75 -2.31 -76.98
C ASN CA 37 -73.77 -1.37 -77.66
N ARG CA 38 -73.29 -1.79 -78.83
CA ARG CA 38 -72.68 -0.83 -79.73
C ARG CA 38 -73.74 0.12 -80.26
N ALA CA 39 -74.91 -0.43 -80.59
CA ALA CA 39 -76.03 0.35 -81.06
C ALA CA 39 -76.61 1.19 -79.94
N GLY CA 40 -77.34 2.24 -80.34
CA GLY CA 40 -77.97 3.16 -79.43
C GLY CA 40 -79.10 2.59 -78.60
N ASP CA 41 -79.39 1.30 -78.73
CA ASP CA 41 -80.37 0.66 -77.89
C ASP CA 41 -79.97 0.82 -76.42
N ASP CA 42 -80.80 1.53 -75.67
CA ASP CA 42 -80.46 2.05 -74.34
C ASP CA 42 -79.35 3.08 -74.42
N ALA CA 43 -79.51 4.04 -75.34
CA ALA CA 43 -78.58 5.16 -75.42
C ALA CA 43 -78.54 5.97 -74.13
N ALA CA 44 -79.59 5.88 -73.30
CA ALA CA 44 -79.53 6.47 -71.97
C ALA CA 44 -78.37 5.88 -71.20
N GLY CA 45 -78.43 4.58 -70.91
CA GLY CA 45 -77.38 3.93 -70.16
C GLY CA 45 -76.02 4.07 -70.82
N LEU CA 46 -76.00 4.04 -72.16
CA LEU CA 46 -74.74 4.21 -72.86
C LEU CA 46 -74.17 5.59 -72.56
N ALA CA 47 -74.91 6.64 -72.90
CA ALA CA 47 -74.45 8.00 -72.70
C ALA CA 47 -74.05 8.25 -71.26
N ILE CA 48 -74.74 7.60 -70.33
CA ILE CA 48 -74.30 7.67 -68.95
C ILE CA 48 -72.90 7.10 -68.83
N SER CA 49 -72.70 5.85 -69.24
CA SER CA 49 -71.40 5.21 -69.06
C SER CA 49 -70.31 5.95 -69.81
N GLU CA 50 -70.67 6.58 -70.91
CA GLU CA 50 -69.76 7.48 -71.60
C GLU CA 50 -69.32 8.60 -70.68
N LYS CA 51 -70.30 9.25 -70.06
CA LYS CA 51 -69.98 10.33 -69.14
C LYS CA 51 -69.21 9.82 -67.94
N MET CA 52 -69.56 8.62 -67.47
CA MET CA 52 -68.84 7.99 -66.39
C MET CA 52 -67.38 7.88 -66.75
N ARG CA 53 -67.08 7.21 -67.86
CA ARG CA 53 -65.70 7.00 -68.28
C ARG CA 53 -64.98 8.30 -68.48
N GLY CA 54 -65.67 9.31 -69.00
CA GLY CA 54 -65.07 10.63 -69.07
C GLY CA 54 -64.61 11.09 -67.71
N GLN CA 55 -65.46 10.92 -66.70
CA GLN CA 55 -65.07 11.31 -65.36
C GLN CA 55 -64.02 10.36 -64.78
N ILE CA 56 -64.15 9.05 -65.00
CA ILE CA 56 -63.17 8.07 -64.50
C ILE CA 56 -61.79 8.46 -64.97
N ARG CA 57 -61.63 8.54 -66.29
CA ARG CA 57 -60.36 8.90 -66.87
C ARG CA 57 -59.89 10.23 -66.35
N GLY CA 58 -60.82 11.18 -66.18
CA GLY CA 58 -60.46 12.44 -65.59
C GLY CA 58 -60.00 12.33 -64.16
N LEU CA 59 -60.47 11.30 -63.45
CA LEU CA 59 -60.04 11.07 -62.07
C LEU CA 59 -58.69 10.40 -62.03
N GLU CA 60 -58.40 9.57 -63.02
CA GLU CA 60 -57.07 8.98 -63.14
C GLU CA 60 -56.05 10.08 -63.38
N MET CA 61 -56.33 10.95 -64.34
CA MET CA 61 -55.45 12.09 -64.58
C MET CA 61 -55.50 13.08 -63.43
N ALA CA 62 -56.59 13.07 -62.66
CA ALA CA 62 -56.67 13.92 -61.48
C ALA CA 62 -55.71 13.43 -60.41
N SER CA 63 -55.70 12.12 -60.18
CA SER CA 63 -54.77 11.54 -59.24
C SER CA 63 -53.35 11.82 -59.69
N LYS CA 64 -53.10 11.64 -60.98
CA LYS CA 64 -51.81 11.99 -61.55
C LYS CA 64 -51.44 13.43 -61.22
N ASN CA 65 -52.33 14.37 -61.53
CA ASN CA 65 -52.03 15.79 -61.33
C ASN CA 65 -51.80 16.09 -59.86
N SER CA 66 -52.55 15.44 -58.97
CA SER CA 66 -52.42 15.73 -57.56
C SER CA 66 -51.13 15.17 -57.00
N GLN CA 67 -50.76 13.97 -57.45
CA GLN CA 67 -49.47 13.41 -57.07
C GLN CA 67 -48.35 14.31 -57.54
N ASP CA 68 -48.50 14.86 -58.74
CA ASP CA 68 -47.53 15.80 -59.25
C ASP CA 68 -47.48 17.05 -58.38
N GLY CA 69 -48.67 17.52 -57.96
CA GLY CA 69 -48.74 18.56 -56.95
C GLY CA 69 -47.88 18.23 -55.74
N ILE CA 70 -48.04 17.00 -55.25
CA ILE CA 70 -47.29 16.58 -54.08
C ILE CA 70 -45.80 16.63 -54.34
N SER CA 71 -45.39 16.21 -55.54
CA SER CA 71 -43.98 16.21 -55.87
C SER CA 71 -43.42 17.62 -55.80
N LEU CA 72 -44.15 18.57 -56.37
CA LEU CA 72 -43.77 19.97 -56.26
C LEU CA 72 -43.67 20.38 -54.81
N ILE CA 73 -44.71 20.05 -54.04
CA ILE CA 73 -44.77 20.44 -52.63
C ILE CA 73 -43.53 19.96 -51.90
N GLN CA 74 -43.29 18.65 -51.93
CA GLN CA 74 -42.20 18.07 -51.16
C GLN CA 74 -40.85 18.57 -51.62
N THR CA 75 -40.73 18.88 -52.91
CA THR CA 75 -39.52 19.54 -53.38
C THR CA 75 -39.29 20.84 -52.61
N ALA CA 76 -40.26 21.75 -52.73
CA ALA CA 76 -40.12 23.04 -52.06
C ALA CA 76 -40.01 22.87 -50.55
N GLU CA 77 -40.74 21.89 -50.02
CA GLU CA 77 -40.74 21.58 -48.60
C GLU CA 77 -39.35 21.28 -48.11
N GLY CA 78 -38.70 20.28 -48.71
CA GLY CA 78 -37.37 19.91 -48.28
C GLY CA 78 -36.40 21.06 -48.44
N ALA CA 79 -36.57 21.83 -49.52
CA ALA CA 79 -35.71 22.99 -49.71
C ALA CA 79 -35.88 23.99 -48.58
N LEU CA 80 -37.12 24.24 -48.17
CA LEU CA 80 -37.37 25.18 -47.09
C LEU CA 80 -36.92 24.64 -45.76
N THR CA 81 -36.96 23.32 -45.59
CA THR CA 81 -36.40 22.71 -44.39
C THR CA 81 -34.92 22.99 -44.31
N GLU CA 82 -34.21 22.83 -45.42
CA GLU CA 82 -32.78 23.13 -45.41
C GLU CA 82 -32.54 24.61 -45.17
N THR CA 83 -33.33 25.46 -45.82
CA THR CA 83 -33.25 26.90 -45.59
C THR CA 83 -33.36 27.18 -44.11
N HIS CA 84 -34.35 26.57 -43.50
CA HIS CA 84 -34.60 26.76 -42.09
C HIS CA 84 -33.40 26.35 -41.26
N ALA CA 85 -32.84 25.18 -41.56
CA ALA CA 85 -31.66 24.71 -40.85
C ALA CA 85 -30.53 25.73 -40.95
N ILE CA 86 -30.35 26.31 -42.14
CA ILE CA 86 -29.39 27.38 -42.28
C ILE CA 86 -29.73 28.49 -41.32
N LEU CA 87 -30.99 28.92 -41.31
CA LEU CA 87 -31.38 30.04 -40.47
C LEU CA 87 -31.13 29.76 -39.00
N GLN CA 88 -31.21 28.50 -38.58
CA GLN CA 88 -30.77 28.15 -37.24
C GLN CA 88 -29.30 28.48 -37.08
N ARG CA 89 -28.49 28.06 -38.06
CA ARG CA 89 -27.08 28.39 -37.98
C ARG CA 89 -26.88 29.90 -37.96
N VAL CA 90 -27.69 30.61 -38.74
CA VAL CA 90 -27.57 32.05 -38.80
C VAL CA 90 -27.76 32.61 -37.40
N ARG CA 91 -28.83 32.21 -36.72
CA ARG CA 91 -29.08 32.78 -35.40
C ARG CA 91 -27.96 32.41 -34.44
N GLU CA 92 -27.38 31.22 -34.58
CA GLU CA 92 -26.18 30.93 -33.81
C GLU CA 92 -25.14 32.00 -34.07
N LEU CA 93 -24.98 32.36 -35.33
CA LEU CA 93 -24.01 33.38 -35.68
C LEU CA 93 -24.48 34.77 -35.33
N VAL CA 94 -25.77 34.95 -35.07
CA VAL CA 94 -26.25 36.24 -34.59
C VAL CA 94 -25.87 36.39 -33.13
N VAL CA 95 -26.10 35.34 -32.35
CA VAL CA 95 -25.79 35.39 -30.93
C VAL CA 95 -24.29 35.53 -30.75
N GLN CA 96 -23.50 34.83 -31.56
CA GLN CA 96 -22.07 35.12 -31.57
C GLN CA 96 -21.82 36.53 -32.08
N ALA CA 97 -22.63 36.98 -33.03
CA ALA CA 97 -22.54 38.34 -33.57
C ALA CA 97 -23.26 39.34 -32.70
N GLY CA 98 -23.55 38.92 -31.47
CA GLY CA 98 -23.49 39.86 -30.37
C GLY CA 98 -22.09 40.25 -29.99
N ASN CA 99 -21.06 39.84 -30.78
CA ASN CA 99 -19.68 40.29 -30.62
C ASN CA 99 -19.08 39.66 -29.37
N THR CA 100 -19.77 38.65 -28.85
CA THR CA 100 -19.62 38.26 -27.45
C THR CA 100 -19.57 39.53 -26.61
N GLY CA 101 -20.56 40.38 -26.84
CA GLY CA 101 -20.55 41.67 -26.20
C GLY CA 101 -19.68 42.68 -26.92
N THR CA 102 -18.45 42.81 -26.42
CA THR CA 102 -17.39 43.54 -27.12
C THR CA 102 -16.15 42.68 -27.33
N GLN CA 103 -16.16 41.44 -26.87
CA GLN CA 103 -14.94 40.67 -26.80
C GLN CA 103 -14.41 40.32 -28.18
N ASP CA 104 -15.28 40.01 -29.11
CA ASP CA 104 -14.82 39.78 -30.46
C ASP CA 104 -14.35 41.12 -31.02
N LYS CA 105 -13.39 41.05 -31.94
CA LYS CA 105 -12.89 42.26 -32.60
C LYS CA 105 -13.53 42.39 -33.97
N ALA CA 106 -13.18 43.47 -34.66
CA ALA CA 106 -13.77 43.74 -35.97
C ALA CA 106 -13.46 42.62 -36.95
N THR CA 107 -12.23 42.09 -36.92
CA THR CA 107 -11.88 40.97 -37.77
C THR CA 107 -12.70 39.75 -37.43
N ASP CA 108 -12.95 39.51 -36.15
CA ASP CA 108 -13.77 38.37 -35.77
C ASP CA 108 -15.17 38.51 -36.34
N LEU CA 109 -15.75 39.69 -36.22
CA LEU CA 109 -17.05 39.95 -36.82
C LEU CA 109 -17.01 39.79 -38.33
N GLN CA 110 -15.86 40.09 -38.94
CA GLN CA 110 -15.74 39.91 -40.39
C GLN CA 110 -15.62 38.44 -40.74
N SER CA 111 -14.93 37.67 -39.91
CA SER CA 111 -14.89 36.22 -40.11
C SER CA 111 -16.29 35.64 -40.05
N ILE CA 112 -17.04 36.03 -39.01
CA ILE CA 112 -18.43 35.62 -38.89
C ILE CA 112 -19.19 36.05 -40.12
N GLN CA 113 -19.03 37.32 -40.51
CA GLN CA 113 -19.80 37.86 -41.62
C GLN CA 113 -19.46 37.17 -42.91
N ASP CA 114 -18.22 36.76 -43.08
CA ASP CA 114 -17.85 35.93 -44.23
C ASP CA 114 -18.65 34.65 -44.20
N GLY CA 115 -18.72 34.02 -43.03
CA GLY CA 115 -19.54 32.82 -42.90
C GLY CA 115 -21.00 33.09 -43.21
N ILE CA 116 -21.53 34.23 -42.76
CA ILE CA 116 -22.95 34.48 -42.96
C ILE CA 116 -23.24 34.80 -44.41
N SER CA 117 -22.40 35.62 -45.04
CA SER CA 117 -22.60 35.93 -46.44
C SER CA 117 -22.49 34.68 -47.29
N ALA CA 118 -21.62 33.77 -46.86
CA ALA CA 118 -21.58 32.45 -47.45
C ALA CA 118 -22.91 31.74 -47.29
N LEU CA 119 -23.50 31.82 -46.09
CA LEU CA 119 -24.80 31.21 -45.86
C LEU CA 119 -25.87 31.87 -46.70
N THR CA 120 -25.82 33.19 -46.83
CA THR CA 120 -26.73 33.91 -47.72
C THR CA 120 -26.64 33.33 -49.11
N ASP CA 121 -25.42 33.19 -49.61
CA ASP CA 121 -25.23 32.65 -50.95
C ASP CA 121 -25.81 31.26 -51.06
N GLU CA 122 -25.81 30.50 -49.95
CA GLU CA 122 -26.44 29.20 -49.97
C GLU CA 122 -27.95 29.31 -49.96
N ILE CA 123 -28.51 30.24 -49.19
CA ILE CA 123 -29.95 30.41 -49.17
C ILE CA 123 -30.43 30.84 -50.53
N ASP CA 124 -29.76 31.84 -51.11
CA ASP CA 124 -30.04 32.25 -52.48
C ASP CA 124 -29.87 31.08 -53.42
N GLY CA 125 -28.89 30.22 -53.16
CA GLY CA 125 -28.74 29.03 -53.97
C GLY CA 125 -29.93 28.11 -53.86
N ILE CA 126 -30.45 27.94 -52.65
CA ILE CA 126 -31.68 27.17 -52.49
C ILE CA 126 -32.79 27.78 -53.32
N SER CA 127 -33.06 29.06 -53.08
CA SER CA 127 -34.21 29.70 -53.70
C SER CA 127 -34.04 29.87 -55.20
N ASN CA 128 -32.81 29.74 -55.71
CA ASN CA 128 -32.52 29.89 -57.13
C ASN CA 128 -32.04 28.59 -57.77
N ARG CA 129 -32.17 27.47 -57.06
CA ARG CA 129 -31.89 26.15 -57.64
C ARG CA 129 -33.10 25.24 -57.49
N THR CA 130 -33.95 25.52 -56.52
CA THR CA 130 -35.15 24.72 -56.35
C THR CA 130 -36.08 25.01 -57.50
N GLU CA 131 -35.98 24.17 -58.53
CA GLU CA 131 -36.85 24.23 -59.70
C GLU CA 131 -37.71 22.97 -59.77
N PHE CA 132 -38.90 23.13 -60.33
CA PHE CA 132 -39.68 21.98 -60.79
C PHE CA 132 -40.05 22.22 -62.24
N ASN CA 133 -39.49 21.38 -63.10
CA ASN CA 133 -39.73 21.50 -64.53
C ASN CA 133 -39.32 22.89 -64.99
N GLY CA 134 -38.18 23.34 -64.47
CA GLY CA 134 -37.65 24.65 -64.74
C GLY CA 134 -38.26 25.76 -63.90
N LYS CA 135 -39.47 25.55 -63.40
CA LYS CA 135 -40.14 26.57 -62.62
C LYS CA 135 -39.43 26.73 -61.30
N LYS CA 136 -38.77 27.85 -61.12
CA LYS CA 136 -38.03 28.08 -59.89
C LYS CA 136 -39.04 28.19 -58.76
N LEU CA 137 -39.25 27.07 -58.09
CA LEU CA 137 -40.33 26.95 -57.11
C LEU CA 137 -40.14 27.85 -55.91
N LEU CA 138 -38.91 28.25 -55.63
CA LEU CA 138 -38.63 29.21 -54.58
C LEU CA 138 -38.18 30.53 -55.16
N ASP CA 139 -38.66 30.85 -56.36
CA ASP CA 139 -38.59 32.22 -56.85
C ASP CA 139 -39.48 33.06 -55.96
N GLY CA 140 -38.85 33.87 -55.10
CA GLY CA 140 -39.64 34.70 -54.21
C GLY CA 140 -40.55 35.68 -54.91
N THR CA 141 -40.29 35.96 -56.19
CA THR CA 141 -41.16 36.79 -57.01
C THR CA 141 -42.11 35.97 -57.88
N TYR CA 142 -42.24 34.68 -57.62
CA TYR CA 142 -43.16 33.88 -58.41
C TYR CA 142 -44.59 34.37 -58.25
N LYS CA 143 -45.13 34.28 -57.02
CA LYS CA 143 -46.50 34.70 -56.73
C LYS CA 143 -46.51 35.68 -55.56
N VAL CA 144 -45.81 36.79 -55.73
CA VAL CA 144 -46.07 37.93 -54.87
C VAL CA 144 -47.43 38.47 -55.28
N ASP CA 145 -48.43 38.32 -54.41
CA ASP CA 145 -49.79 38.77 -54.68
C ASP CA 145 -49.82 40.22 -55.13
N THR CA 146 -49.09 41.09 -54.41
CA THR CA 146 -48.82 42.47 -54.78
C THR CA 146 -50.02 43.40 -54.62
N ALA CA 147 -51.21 42.84 -54.41
CA ALA CA 147 -52.47 43.52 -54.75
C ALA CA 147 -52.53 43.83 -56.25
N THR CA 148 -51.90 43.00 -57.07
CA THR CA 148 -51.93 43.15 -58.52
C THR CA 148 -52.20 41.78 -59.12
N PRO CA 149 -53.46 41.49 -59.50
CA PRO CA 149 -53.73 40.21 -60.17
C PRO CA 149 -52.90 39.96 -61.40
N ALA CA 150 -52.57 41.02 -62.13
CA ALA CA 150 -51.81 40.87 -63.38
C ALA CA 150 -50.46 40.23 -63.15
N ASN CA 151 -49.88 40.43 -61.98
CA ASN CA 151 -48.54 39.91 -61.66
C ASN CA 151 -48.65 38.96 -60.48
N GLN CA 152 -49.06 37.70 -60.76
CA GLN CA 152 -49.10 36.69 -59.72
C GLN CA 152 -48.62 35.30 -60.13
N LYS CA 153 -48.75 34.86 -61.38
CA LYS CA 153 -48.40 33.49 -61.75
C LYS CA 153 -49.04 32.47 -60.81
N ASN CA 154 -50.34 32.64 -60.54
CA ASN CA 154 -51.04 31.83 -59.53
C ASN CA 154 -50.75 30.34 -59.69
N LEU CA 155 -50.22 29.72 -58.63
CA LEU CA 155 -49.81 28.33 -58.71
C LEU CA 155 -51.09 27.47 -58.66
N VAL CA 156 -51.79 27.47 -59.79
CA VAL CA 156 -53.03 26.73 -59.93
C VAL CA 156 -52.70 25.26 -60.03
N PHE CA 157 -53.56 24.41 -59.43
CA PHE CA 157 -53.57 22.95 -59.65
C PHE CA 157 -54.99 22.52 -60.02
N GLN CA 158 -55.24 22.29 -61.32
CA GLN CA 158 -56.48 21.66 -61.78
C GLN CA 158 -56.40 20.18 -61.44
N ILE CA 159 -57.27 19.76 -60.55
CA ILE CA 159 -57.37 18.37 -60.15
C ILE CA 159 -58.68 17.75 -60.57
N GLY CA 160 -59.80 18.39 -60.25
CA GLY CA 160 -61.08 17.74 -60.45
C GLY CA 160 -61.36 17.51 -61.91
N ALA CA 161 -61.96 16.34 -62.20
CA ALA CA 161 -62.33 16.01 -63.56
C ALA CA 161 -63.35 17.00 -64.11
N ASN CA 162 -64.07 17.70 -63.23
CA ASN CA 162 -65.01 18.72 -63.62
C ASN CA 162 -64.33 20.07 -63.70
N ALA CA 163 -64.92 20.96 -64.50
CA ALA CA 163 -64.33 22.27 -64.75
C ALA CA 163 -64.28 23.12 -63.49
N THR CA 164 -63.29 24.00 -63.44
CA THR CA 164 -63.02 24.98 -62.38
C THR CA 164 -62.51 24.33 -61.10
N GLN CA 165 -62.40 23.02 -61.03
CA GLN CA 165 -62.00 22.36 -59.79
C GLN CA 165 -60.51 22.51 -59.59
N GLN CA 166 -60.08 23.71 -59.21
CA GLN CA 166 -58.68 24.07 -59.17
C GLN CA 166 -58.27 24.49 -57.77
N ILE CA 167 -56.98 24.32 -57.51
CA ILE CA 167 -56.37 24.73 -56.25
C ILE CA 167 -55.43 25.89 -56.50
N SER CA 168 -55.54 26.92 -55.66
CA SER CA 168 -54.73 28.13 -55.77
C SER CA 168 -53.67 28.13 -54.67
N VAL CA 169 -52.40 28.15 -55.06
CA VAL CA 169 -51.27 28.08 -54.13
C VAL CA 169 -50.38 29.29 -54.33
N ASN CA 170 -49.64 29.64 -53.28
CA ASN CA 170 -48.79 30.82 -53.29
C ASN CA 170 -47.34 30.49 -52.92
N ILE CA 171 -46.43 30.93 -53.78
CA ILE CA 171 -44.99 30.93 -53.54
C ILE CA 171 -44.59 32.39 -53.31
N GLU CA 172 -43.84 32.68 -52.23
CA GLU CA 172 -43.23 34.00 -52.11
C GLU CA 172 -41.85 34.03 -51.44
N ASP CA 173 -41.28 32.89 -51.06
CA ASP CA 173 -40.06 32.92 -50.27
C ASP CA 173 -38.82 32.94 -51.16
N MET CA 174 -37.73 33.46 -50.59
CA MET CA 174 -36.42 33.51 -51.22
C MET CA 174 -35.44 34.07 -50.20
N GLY CA 175 -34.16 34.06 -50.56
CA GLY CA 175 -33.14 34.57 -49.66
C GLY CA 175 -33.33 36.02 -49.28
N ALA CA 176 -33.79 36.84 -50.22
CA ALA CA 176 -34.04 38.24 -49.92
C ALA CA 176 -35.36 38.47 -49.18
N ASP CA 177 -36.11 37.41 -48.88
CA ASP CA 177 -37.41 37.51 -48.24
C ASP CA 177 -37.27 37.14 -46.77
N ALA CA 178 -37.07 38.14 -45.89
CA ALA CA 178 -36.78 37.86 -44.48
C ALA CA 178 -37.77 38.45 -43.48
N LEU CA 179 -37.73 39.76 -43.25
CA LEU CA 179 -38.77 40.44 -42.48
C LEU CA 179 -39.65 41.16 -43.48
N GLY CA 180 -40.72 40.49 -43.86
CA GLY CA 180 -41.66 41.08 -44.79
C GLY CA 180 -42.52 42.07 -44.06
N ILE CA 181 -41.97 43.23 -43.73
CA ILE CA 181 -42.76 44.28 -43.10
C ILE CA 181 -43.99 44.56 -43.96
N LYS CA 182 -43.77 44.82 -45.23
CA LYS CA 182 -44.76 44.84 -46.30
C LYS CA 182 -44.14 44.25 -47.55
N GLU CA 183 -42.91 44.71 -47.78
CA GLU CA 183 -41.97 44.27 -48.78
C GLU CA 183 -40.60 44.36 -48.12
N ALA CA 184 -39.54 44.31 -48.92
CA ALA CA 184 -38.22 44.56 -48.36
C ALA CA 184 -38.12 46.03 -47.95
N ASP CA 185 -37.75 46.27 -46.70
CA ASP CA 185 -37.64 47.64 -46.23
C ASP CA 185 -36.42 48.30 -46.86
N GLY CA 186 -35.25 47.74 -46.59
CA GLY CA 186 -33.99 48.29 -47.07
C GLY CA 186 -32.83 47.54 -46.50
N SER CA 187 -31.86 48.28 -45.95
CA SER CA 187 -30.75 47.63 -45.26
C SER CA 187 -31.25 46.73 -44.14
N ILE CA 188 -32.35 47.10 -43.53
CA ILE CA 188 -33.02 46.27 -42.55
C ILE CA 188 -34.14 45.51 -43.23
N ALA CA 189 -34.66 44.52 -42.53
CA ALA CA 189 -35.87 43.76 -42.81
C ALA CA 189 -35.78 42.78 -43.98
N ALA CA 190 -34.86 43.01 -44.92
CA ALA CA 190 -34.53 42.03 -45.95
C ALA CA 190 -33.04 41.85 -46.11
N LEU CA 191 -32.32 42.96 -46.23
CA LEU CA 191 -30.91 42.90 -46.61
C LEU CA 191 -30.01 42.52 -45.46
N HIS CA 192 -30.51 42.46 -44.22
CA HIS CA 192 -29.70 41.76 -43.24
C HIS CA 192 -29.62 40.29 -43.59
N SER CA 193 -30.68 39.75 -44.19
CA SER CA 193 -30.60 38.38 -44.68
C SER CA 193 -29.66 38.28 -45.86
N VAL CA 194 -29.63 39.32 -46.69
CA VAL CA 194 -28.77 39.32 -47.86
C VAL CA 194 -27.38 39.83 -47.49
N ASN CA 195 -27.32 41.09 -47.04
CA ASN CA 195 -26.03 41.74 -46.88
C ASN CA 195 -25.41 41.52 -45.50
N ASP CA 196 -26.20 41.13 -44.50
CA ASP CA 196 -25.65 40.84 -43.17
C ASP CA 196 -24.99 42.05 -42.52
N LEU CA 197 -25.81 42.98 -42.03
CA LEU CA 197 -25.35 44.24 -41.44
C LEU CA 197 -24.27 44.12 -40.36
N ASP CA 198 -24.05 42.95 -39.76
CA ASP CA 198 -23.07 42.79 -38.67
C ASP CA 198 -21.68 42.67 -39.29
N VAL CA 199 -21.06 43.82 -39.56
CA VAL CA 199 -19.73 43.87 -40.14
C VAL CA 199 -18.74 44.49 -39.16
N THR CA 200 -18.83 45.80 -39.03
CA THR CA 200 -18.23 46.58 -37.97
C THR CA 200 -19.20 47.62 -37.43
N LYS CA 201 -20.22 47.97 -38.20
CA LYS CA 201 -21.33 48.78 -37.71
C LYS CA 201 -21.88 48.22 -36.42
N PHE CA 202 -21.87 46.89 -36.28
CA PHE CA 202 -22.32 46.30 -35.02
C PHE CA 202 -21.42 46.72 -33.87
N ALA CA 203 -20.11 46.64 -34.06
CA ALA CA 203 -19.21 47.00 -32.99
C ALA CA 203 -19.38 48.46 -32.59
N ASP CA 204 -19.76 49.31 -33.55
CA ASP CA 204 -20.05 50.71 -33.24
C ASP CA 204 -21.25 50.83 -32.32
N ASN CA 205 -22.37 50.18 -32.68
CA ASN CA 205 -23.61 50.23 -31.90
C ASN CA 205 -24.11 48.81 -31.73
N ALA CA 206 -23.61 48.14 -30.70
CA ALA CA 206 -24.06 46.79 -30.42
C ALA CA 206 -25.53 46.74 -30.00
N ALA CA 207 -26.03 47.78 -29.36
CA ALA CA 207 -27.45 47.90 -28.99
C ALA CA 207 -28.06 49.26 -29.28
N ASP CA 208 -27.23 50.29 -29.28
CA ASP CA 208 -27.61 51.68 -29.13
C ASP CA 208 -28.67 52.26 -30.07
N CYS CA 209 -28.92 51.65 -31.24
CA CYS CA 209 -29.77 52.29 -32.25
C CYS CA 209 -30.78 51.37 -32.90
N ALA CA 210 -30.84 50.10 -32.52
CA ALA CA 210 -31.75 49.07 -33.03
C ALA CA 210 -31.49 48.68 -34.48
N ASP CA 211 -31.14 49.63 -35.34
CA ASP CA 211 -30.86 49.41 -36.76
C ASP CA 211 -29.70 48.46 -36.93
N ILE CA 212 -28.64 48.68 -36.17
CA ILE CA 212 -27.62 47.65 -35.94
C ILE CA 212 -27.55 47.21 -34.49
N GLY CA 213 -28.35 47.78 -33.59
CA GLY CA 213 -28.17 47.42 -32.20
C GLY CA 213 -28.63 46.02 -31.80
N PHE CA 214 -28.26 44.98 -32.57
CA PHE CA 214 -28.54 43.56 -32.35
C PHE CA 214 -30.01 43.16 -32.43
N ASP CA 215 -30.87 44.09 -32.02
CA ASP CA 215 -32.30 43.96 -32.00
C ASP CA 215 -32.85 43.74 -33.39
N ALA CA 216 -32.65 44.71 -34.27
CA ALA CA 216 -33.25 44.62 -35.60
C ALA CA 216 -32.77 43.37 -36.32
N GLN CA 217 -31.47 43.07 -36.21
CA GLN CA 217 -30.92 41.93 -36.92
C GLN CA 217 -31.57 40.65 -36.46
N LEU CA 218 -31.63 40.46 -35.14
CA LEU CA 218 -32.26 39.27 -34.62
C LEU CA 218 -33.72 39.21 -35.03
N LYS CA 219 -34.36 40.38 -35.13
CA LYS CA 219 -35.75 40.39 -35.58
C LYS CA 219 -35.87 40.01 -37.05
N VAL CA 220 -34.89 40.40 -37.88
CA VAL CA 220 -34.91 39.97 -39.27
C VAL CA 220 -34.83 38.47 -39.34
N VAL CA 221 -33.91 37.90 -38.56
CA VAL CA 221 -33.75 36.45 -38.59
C VAL CA 221 -35.01 35.78 -38.08
N ASP CA 222 -35.55 36.28 -36.98
CA ASP CA 222 -36.73 35.68 -36.39
C ASP CA 222 -37.90 35.72 -37.35
N GLU CA 223 -38.09 36.85 -38.01
CA GLU CA 223 -39.22 36.94 -38.92
C GLU CA 223 -38.96 36.13 -40.17
N ALA CA 224 -37.73 36.13 -40.68
CA ALA CA 224 -37.37 35.28 -41.81
C ALA CA 224 -37.76 33.85 -41.52
N ILE CA 225 -37.41 33.38 -40.34
CA ILE CA 225 -37.80 32.05 -39.92
C ILE CA 225 -39.31 31.93 -39.87
N ASN CA 226 -39.99 32.94 -39.32
CA ASN CA 226 -41.43 32.88 -39.19
C ASN CA 226 -42.10 32.83 -40.55
N GLN CA 227 -41.50 33.49 -41.54
CA GLN CA 227 -42.01 33.47 -42.90
C GLN CA 227 -41.77 32.11 -43.53
N VAL CA 228 -40.63 31.48 -43.22
CA VAL CA 228 -40.43 30.10 -43.65
C VAL CA 228 -41.46 29.20 -43.01
N SER CA 229 -41.70 29.41 -41.71
CA SER CA 229 -42.67 28.62 -40.97
C SER CA 229 -44.04 28.69 -41.60
N SER CA 230 -44.48 29.91 -41.91
CA SER CA 230 -45.80 30.10 -42.48
C SER CA 230 -45.84 29.64 -43.93
N GLN CA 231 -44.74 29.80 -44.66
CA GLN CA 231 -44.69 29.30 -46.02
C GLN CA 231 -44.83 27.79 -46.04
N ARG CA 232 -44.08 27.13 -45.16
CA ARG CA 232 -44.19 25.69 -45.00
C ARG CA 232 -45.55 25.30 -44.44
N ALA CA 233 -46.18 26.20 -43.68
CA ALA CA 233 -47.50 25.93 -43.15
C ALA CA 233 -48.53 25.87 -44.26
N LYS CA 234 -48.51 26.87 -45.14
CA LYS CA 234 -49.36 26.83 -46.32
C LYS CA 234 -49.05 25.60 -47.15
N LEU CA 235 -47.76 25.37 -47.37
CA LEU CA 235 -47.30 24.29 -48.21
C LEU CA 235 -47.83 22.95 -47.71
N GLY CA 236 -47.71 22.72 -46.40
CA GLY CA 236 -48.19 21.48 -45.81
C GLY CA 236 -49.69 21.42 -45.72
N ALA CA 237 -50.33 22.58 -45.60
CA ALA CA 237 -51.78 22.60 -45.67
C ALA CA 237 -52.23 22.01 -46.99
N VAL CA 238 -51.61 22.48 -48.08
CA VAL CA 238 -51.95 21.95 -49.39
C VAL CA 238 -51.56 20.49 -49.50
N GLN CA 239 -50.46 20.11 -48.85
CA GLN CA 239 -50.10 18.70 -48.83
C GLN CA 239 -51.22 17.86 -48.27
N ASN CA 240 -51.75 18.28 -47.13
CA ASN CA 240 -52.86 17.55 -46.53
C ASN CA 240 -54.06 17.55 -47.44
N ARG CA 241 -54.31 18.68 -48.09
CA ARG CA 241 -55.42 18.76 -49.05
C ARG CA 241 -55.30 17.70 -50.11
N LEU CA 242 -54.11 17.57 -50.68
CA LEU CA 242 -53.95 16.61 -51.76
C LEU CA 242 -53.97 15.19 -51.23
N GLU CA 243 -53.56 14.98 -49.99
CA GLU CA 243 -53.74 13.67 -49.39
C GLU CA 243 -55.22 13.29 -49.39
N HIS CA 244 -56.05 14.16 -48.82
CA HIS CA 244 -57.48 13.84 -48.72
C HIS CA 244 -58.14 13.85 -50.08
N THR CA 245 -57.66 14.71 -50.97
CA THR CA 245 -58.11 14.70 -52.35
C THR CA 245 -57.89 13.32 -52.94
N ILE CA 246 -56.67 12.83 -52.88
CA ILE CA 246 -56.36 11.54 -53.49
C ILE CA 246 -57.19 10.44 -52.86
N ASN CA 247 -57.39 10.51 -51.56
CA ASN CA 247 -58.22 9.49 -50.93
C ASN CA 247 -59.64 9.54 -51.51
N ASN CA 248 -60.15 10.75 -51.73
CA ASN CA 248 -61.44 10.89 -52.40
C ASN CA 248 -61.38 10.39 -53.83
N LEU CA 249 -60.34 10.74 -54.56
CA LEU CA 249 -60.23 10.36 -55.95
C LEU CA 249 -60.17 8.85 -56.08
N SER CA 250 -59.52 8.21 -55.13
CA SER CA 250 -59.40 6.75 -55.12
C SER CA 250 -60.74 6.10 -54.83
N ALA CA 251 -61.39 6.51 -53.74
CA ALA CA 251 -62.66 5.91 -53.36
C ALA CA 251 -63.73 6.21 -54.40
N SER CA 252 -63.83 7.48 -54.78
CA SER CA 252 -64.82 7.91 -55.76
C SER CA 252 -64.55 7.25 -57.11
N GLY CA 253 -63.28 7.19 -57.49
CA GLY CA 253 -62.93 6.51 -58.72
C GLY CA 253 -63.36 5.07 -58.72
N GLU CA 254 -63.10 4.38 -57.62
CA GLU CA 254 -63.55 3.00 -57.47
C GLU CA 254 -65.05 2.88 -57.64
N ASN CA 255 -65.80 3.65 -56.84
CA ASN CA 255 -67.25 3.60 -56.90
C ASN CA 255 -67.74 3.92 -58.30
N LEU CA 256 -67.00 4.76 -59.01
CA LEU CA 256 -67.41 5.18 -60.35
C LEU CA 256 -67.17 4.08 -61.37
N THR CA 257 -66.01 3.42 -61.30
CA THR CA 257 -65.77 2.29 -62.19
C THR CA 257 -66.73 1.16 -61.89
N ALA CA 258 -67.15 1.04 -60.63
CA ALA CA 258 -68.17 0.09 -60.30
C ALA CA 258 -69.50 0.48 -60.91
N ALA CA 259 -69.82 1.78 -60.89
CA ALA CA 259 -71.04 2.26 -61.51
C ALA CA 259 -71.07 1.92 -62.99
N GLU CA 260 -69.98 2.26 -63.69
CA GLU CA 260 -69.84 1.87 -65.08
C GLU CA 260 -70.03 0.37 -65.22
N SER CA 261 -69.35 -0.38 -64.37
CA SER CA 261 -69.41 -1.84 -64.44
C SER CA 261 -70.84 -2.32 -64.33
N ARG CA 262 -71.65 -1.63 -63.52
CA ARG CA 262 -73.06 -1.97 -63.46
C ARG CA 262 -73.74 -1.70 -64.78
N ILE CA 263 -73.38 -0.59 -65.44
CA ILE CA 263 -73.96 -0.36 -66.76
C ILE CA 263 -73.52 -1.46 -67.72
N ARG CA 264 -72.23 -1.74 -67.76
CA ARG CA 264 -71.69 -2.78 -68.63
C ARG CA 264 -71.66 -4.15 -67.98
N ASP CA 265 -72.37 -4.33 -66.87
CA ASP CA 265 -72.39 -5.62 -66.17
C ASP CA 265 -72.80 -6.72 -67.11
N VAL CA 266 -71.88 -7.60 -67.45
CA VAL CA 266 -72.19 -8.85 -68.12
C VAL CA 266 -72.38 -9.91 -67.06
N ASP CA 267 -73.57 -10.47 -66.99
CA ASP CA 267 -73.77 -11.71 -66.26
C ASP CA 267 -73.24 -12.79 -67.18
N MET CA 268 -71.93 -13.01 -67.10
CA MET CA 268 -71.26 -13.90 -68.02
C MET CA 268 -71.85 -15.30 -67.96
N ALA CA 269 -72.28 -15.71 -66.78
CA ALA CA 269 -72.94 -17.01 -66.69
C ALA CA 269 -74.26 -17.02 -67.43
N LYS CA 270 -75.06 -15.96 -67.24
CA LYS CA 270 -76.30 -15.83 -68.00
C LYS CA 270 -76.03 -15.88 -69.47
N GLU CA 271 -75.04 -15.11 -69.92
CA GLU CA 271 -74.85 -14.92 -71.34
C GLU CA 271 -74.27 -16.17 -72.00
N MET CA 272 -73.44 -16.92 -71.28
CA MET CA 272 -73.02 -18.22 -71.78
C MET CA 272 -74.22 -19.16 -71.85
N SER CA 273 -75.08 -19.11 -70.83
CA SER CA 273 -76.25 -19.97 -70.81
C SER CA 273 -77.18 -19.66 -71.96
N GLU CA 274 -77.50 -18.38 -72.13
CA GLU CA 274 -78.37 -17.95 -73.20
C GLU CA 274 -77.75 -18.24 -74.54
N PHE CA 275 -76.43 -18.08 -74.64
CA PHE CA 275 -75.72 -18.46 -75.85
C PHE CA 275 -75.97 -19.92 -76.19
N THR CA 276 -75.74 -20.78 -75.21
CA THR CA 276 -75.99 -22.21 -75.35
C THR CA 276 -77.38 -22.46 -75.86
N LYS CA 277 -78.36 -21.87 -75.19
CA LYS CA 277 -79.75 -22.05 -75.58
C LYS CA 277 -79.96 -21.67 -77.02
N ASN CA 278 -79.46 -20.51 -77.43
CA ASN CA 278 -79.72 -20.05 -78.78
C ASN CA 278 -79.05 -20.94 -79.81
N ASN CA 279 -77.91 -21.54 -79.47
CA ASN CA 279 -77.33 -22.56 -80.35
C ASN CA 279 -78.29 -23.71 -80.53
N ILE CA 280 -78.74 -24.25 -79.39
CA ILE CA 280 -79.67 -25.37 -79.39
C ILE CA 280 -80.87 -25.04 -80.26
N LEU CA 281 -81.44 -23.86 -80.06
CA LEU CA 281 -82.65 -23.47 -80.73
C LEU CA 281 -82.44 -23.32 -82.22
N SER CA 282 -81.31 -22.75 -82.61
CA SER CA 282 -80.98 -22.65 -84.03
C SER CA 282 -80.91 -24.04 -84.65
N GLN CA 283 -80.16 -24.93 -84.01
CA GLN CA 283 -79.97 -26.27 -84.56
C GLN CA 283 -81.28 -27.02 -84.68
N ALA CA 284 -82.10 -26.94 -83.64
CA ALA CA 284 -83.39 -27.59 -83.65
C ALA CA 284 -84.25 -27.07 -84.79
N SER CA 285 -84.30 -25.75 -84.94
CA SER CA 285 -85.11 -25.16 -85.99
C SER CA 285 -84.62 -25.61 -87.37
N GLN CA 286 -83.31 -25.71 -87.54
CA GLN CA 286 -82.81 -26.17 -88.84
C GLN CA 286 -83.19 -27.63 -89.10
N ALA CA 287 -83.12 -28.47 -88.07
CA ALA CA 287 -83.59 -29.84 -88.22
C ALA CA 287 -85.03 -29.86 -88.68
N MET CA 288 -85.85 -28.98 -88.10
CA MET CA 288 -87.23 -28.92 -88.54
C MET CA 288 -87.35 -28.40 -89.96
N LEU CA 289 -86.45 -27.51 -90.39
CA LEU CA 289 -86.49 -27.06 -91.78
C LEU CA 289 -86.17 -28.20 -92.73
N ALA CA 290 -85.22 -29.05 -92.34
CA ALA CA 290 -84.98 -30.26 -93.10
C ALA CA 290 -86.25 -31.07 -93.20
N GLN CA 291 -86.91 -31.29 -92.07
CA GLN CA 291 -88.15 -32.07 -92.08
C GLN CA 291 -89.22 -31.42 -92.96
N ALA CA 292 -89.28 -30.10 -92.96
CA ALA CA 292 -90.19 -29.38 -93.84
C ALA CA 292 -89.87 -29.66 -95.29
N ASN CA 293 -88.59 -29.90 -95.59
CA ASN CA 293 -88.22 -30.31 -96.94
C ASN CA 293 -88.42 -31.81 -97.17
N GLN CA 294 -88.52 -32.60 -96.11
CA GLN CA 294 -88.69 -34.04 -96.27
C GLN CA 294 -90.14 -34.40 -96.56
N GLN CA 295 -91.07 -33.82 -95.81
CA GLN CA 295 -92.49 -34.12 -95.99
C GLN CA 295 -92.97 -34.02 -97.42
N PRO CA 296 -92.76 -32.93 -98.15
CA PRO CA 296 -93.25 -32.89 -99.53
C PRO CA 296 -92.60 -33.89 -100.46
N GLN CA 297 -91.45 -34.47 -100.09
CA GLN CA 297 -90.87 -35.54 -100.91
C GLN CA 297 -91.65 -36.82 -100.71
N ASN CA 298 -91.96 -37.11 -99.45
CA ASN CA 298 -92.87 -38.20 -99.14
C ASN CA 298 -94.16 -38.03 -99.93
N VAL CA 299 -94.67 -36.81 -99.96
CA VAL CA 299 -95.87 -36.51 -100.74
C VAL CA 299 -95.63 -36.84 -102.20
N LEU CA 300 -94.48 -36.43 -102.73
CA LEU CA 300 -94.19 -36.66 -104.14
C LEU CA 300 -94.30 -38.13 -104.49
N GLN CA 301 -93.62 -38.98 -103.72
CA GLN CA 301 -93.71 -40.40 -103.98
C GLN CA 301 -95.13 -40.90 -103.83
N LEU CA 302 -95.76 -40.55 -102.71
CA LEU CA 302 -97.06 -41.12 -102.37
C LEU CA 302 -98.13 -40.72 -103.37
N LEU CA 303 -98.00 -39.55 -103.98
CA LEU CA 303 -98.92 -39.07 -105.01
C LEU CA 303 -98.33 -39.14 -106.40
N ARG CA 304 -97.43 -40.08 -106.63
CA ARG CA 304 -96.92 -40.31 -107.95
C ARG CA 304 -97.75 -41.38 -108.64
N ILE DA 3 -18.38 -13.55 13.03
CA ILE DA 3 -18.83 -12.88 14.30
C ILE DA 3 -18.05 -11.61 14.58
N ASN DA 4 -17.71 -10.89 13.51
CA ASN DA 4 -16.81 -9.74 13.62
C ASN DA 4 -17.28 -8.73 14.66
N HIS DA 5 -18.58 -8.44 14.67
CA HIS DA 5 -19.13 -7.46 15.58
C HIS DA 5 -19.11 -7.87 17.04
N ASN DA 6 -18.75 -9.12 17.34
CA ASN DA 6 -18.72 -9.61 18.72
C ASN DA 6 -17.33 -9.72 19.30
N ILE DA 7 -16.28 -9.51 18.50
CA ILE DA 7 -14.90 -9.70 18.94
C ILE DA 7 -14.29 -8.34 19.21
N ALA DA 8 -13.81 -8.17 20.43
CA ALA DA 8 -13.05 -7.00 20.79
C ALA DA 8 -11.90 -7.35 21.72
N ALA DA 9 -11.62 -8.64 21.94
CA ALA DA 9 -10.65 -9.07 22.92
C ALA DA 9 -10.98 -8.46 24.27
N LEU DA 10 -12.23 -8.63 24.67
CA LEU DA 10 -12.71 -7.93 25.85
C LEU DA 10 -11.94 -8.31 27.11
N ASN DA 11 -11.34 -9.50 27.13
CA ASN DA 11 -10.45 -9.81 28.24
C ASN DA 11 -9.23 -8.90 28.21
N THR DA 12 -8.75 -8.58 27.01
CA THR DA 12 -7.69 -7.60 26.91
C THR DA 12 -8.16 -6.25 27.44
N LEU DA 13 -9.41 -5.91 27.14
CA LEU DA 13 -9.94 -4.63 27.60
C LEU DA 13 -10.02 -4.60 29.12
N ASN DA 14 -10.42 -5.71 29.70
CA ASN DA 14 -10.46 -5.81 31.15
C ASN DA 14 -9.06 -5.69 31.74
N ARG DA 15 -8.08 -6.33 31.11
CA ARG DA 15 -6.71 -6.14 31.54
C ARG DA 15 -6.30 -4.69 31.40
N LEU DA 16 -6.86 -4.01 30.41
CA LEU DA 16 -6.48 -2.64 30.21
C LEU DA 16 -6.93 -1.78 31.36
N SER DA 17 -8.21 -1.90 31.71
CA SER DA 17 -8.73 -1.17 32.85
C SER DA 17 -7.92 -1.46 34.10
N SER DA 18 -7.63 -2.75 34.31
CA SER DA 18 -6.84 -3.16 35.47
C SER DA 18 -5.48 -2.49 35.47
N ASN DA 19 -4.79 -2.52 34.33
CA ASN DA 19 -3.43 -2.00 34.25
C ASN DA 19 -3.42 -0.50 34.45
N ASN DA 20 -4.41 0.20 33.90
CA ASN DA 20 -4.46 1.65 34.07
C ASN DA 20 -4.64 2.01 35.53
N SER DA 21 -5.55 1.33 36.20
CA SER DA 21 -5.71 1.58 37.62
C SER DA 21 -4.45 1.20 38.38
N ALA DA 22 -3.78 0.14 37.95
CA ALA DA 22 -2.57 -0.31 38.64
C ALA DA 22 -1.49 0.75 38.59
N SER DA 23 -1.14 1.19 37.39
CA SER DA 23 -0.13 2.22 37.25
C SER DA 23 -0.54 3.49 37.97
N GLN DA 24 -1.85 3.82 37.94
CA GLN DA 24 -2.36 4.96 38.68
C GLN DA 24 -2.02 4.84 40.16
N LYS DA 25 -2.31 3.68 40.74
CA LYS DA 25 -2.05 3.47 42.16
C LYS DA 25 -0.57 3.63 42.45
N ASN DA 26 0.26 3.05 41.59
CA ASN DA 26 1.71 3.21 41.74
C ASN DA 26 2.09 4.67 41.84
N MET DA 27 1.60 5.49 40.89
CA MET DA 27 1.91 6.92 40.93
C MET DA 27 1.49 7.54 42.24
N GLU DA 28 0.24 7.33 42.59
CA GLU DA 28 -0.35 7.97 43.75
C GLU DA 28 0.48 7.70 44.98
N LYS DA 29 0.96 6.47 45.12
CA LYS DA 29 1.84 6.17 46.23
C LYS DA 29 3.20 6.83 46.03
N LEU DA 30 3.72 6.80 44.81
CA LEU DA 30 5.01 7.41 44.53
C LEU DA 30 4.96 8.91 44.76
N SER DA 31 3.95 9.57 44.20
CA SER DA 31 3.81 11.01 44.32
C SER DA 31 3.66 11.42 45.78
N SER DA 32 2.78 10.74 46.49
CA SER DA 32 2.53 11.06 47.88
C SER DA 32 3.61 10.54 48.80
N GLY DA 33 4.39 9.57 48.34
CA GLY DA 33 5.35 8.94 49.22
C GLY DA 33 4.68 8.10 50.28
N LEU DA 34 3.51 7.55 49.95
CA LEU DA 34 2.67 6.83 50.90
C LEU DA 34 2.44 5.43 50.37
N ARG DA 35 2.94 4.44 51.10
CA ARG DA 35 2.48 3.08 50.82
C ARG DA 35 1.09 2.88 51.38
N ILE DA 36 0.76 3.62 52.43
CA ILE DA 36 -0.58 3.56 52.98
C ILE DA 36 -1.58 3.98 51.92
N ASN DA 37 -2.80 3.51 52.07
CA ASN DA 37 -3.88 3.89 51.19
C ASN DA 37 -4.60 5.10 51.76
N ARG DA 38 -5.20 5.89 50.87
CA ARG DA 38 -6.22 6.81 51.32
C ARG DA 38 -7.45 6.05 51.76
N ALA DA 39 -7.80 5.01 51.02
CA ALA DA 39 -8.91 4.15 51.33
C ALA DA 39 -8.61 3.31 52.56
N GLY DA 40 -9.67 2.82 53.19
CA GLY DA 40 -9.58 1.99 54.37
C GLY DA 40 -8.98 0.63 54.17
N ASP DA 41 -8.53 0.30 52.96
CA ASP DA 41 -7.83 -0.94 52.73
C ASP DA 41 -6.60 -1.00 53.62
N ASP DA 42 -6.60 -1.98 54.55
CA ASP DA 42 -5.68 -2.05 55.68
C ASP DA 42 -5.92 -0.88 56.64
N ALA DA 43 -7.19 -0.69 57.00
CA ALA DA 43 -7.53 0.30 58.02
C ALA DA 43 -6.88 -0.03 59.36
N ALA DA 44 -6.50 -1.28 59.58
CA ALA DA 44 -5.70 -1.61 60.75
C ALA DA 44 -4.41 -0.79 60.76
N GLY DA 45 -3.55 -1.03 59.77
CA GLY DA 45 -2.29 -0.31 59.70
C GLY DA 45 -2.48 1.18 59.63
N LEU DA 46 -3.54 1.63 58.93
CA LEU DA 46 -3.82 3.05 58.87
C LEU DA 46 -4.09 3.60 60.25
N ALA DA 47 -5.11 3.07 60.91
CA ALA DA 47 -5.50 3.55 62.24
C ALA DA 47 -4.33 3.48 63.21
N ILE DA 48 -3.46 2.49 63.04
CA ILE DA 48 -2.24 2.48 63.83
C ILE DA 48 -1.44 3.74 63.55
N SER DA 49 -1.08 3.96 62.28
CA SER DA 49 -0.21 5.09 61.95
C SER DA 49 -0.86 6.41 62.33
N GLU DA 50 -2.18 6.46 62.29
CA GLU DA 50 -2.91 7.60 62.80
C GLU DA 50 -2.59 7.80 64.28
N LYS DA 51 -2.72 6.73 65.05
CA LYS DA 51 -2.41 6.80 66.46
C LYS DA 51 -0.95 7.13 66.70
N MET DA 52 -0.07 6.57 65.86
CA MET DA 52 1.34 6.87 65.93
C MET DA 52 1.55 8.35 65.80
N ARG DA 53 1.07 8.94 64.71
CA ARG DA 53 1.25 10.36 64.46
C ARG DA 53 0.67 11.21 65.56
N GLY DA 54 -0.47 10.77 66.10
CA GLY DA 54 -1.00 11.46 67.26
C GLY DA 54 0.01 11.51 68.39
N GLN DA 55 0.65 10.37 68.64
CA GLN DA 55 1.65 10.34 69.69
C GLN DA 55 2.93 11.08 69.27
N ILE DA 56 3.36 10.93 68.01
CA ILE DA 56 4.55 11.63 67.51
C ILE DA 56 4.41 13.12 67.76
N ARG DA 57 3.36 13.69 67.19
CA ARG DA 57 3.09 15.11 67.33
C ARG DA 57 2.98 15.48 68.80
N GLY DA 58 2.37 14.61 69.60
CA GLY DA 58 2.31 14.85 71.02
C GLY DA 58 3.68 14.82 71.68
N LEU DA 59 4.62 14.08 71.10
CA LEU DA 59 5.98 14.04 71.62
C LEU DA 59 6.76 15.27 71.20
N GLU DA 60 6.46 15.79 70.02
CA GLU DA 60 7.07 17.04 69.60
C GLU DA 60 6.65 18.16 70.53
N MET DA 61 5.34 18.26 70.77
CA MET DA 61 4.85 19.25 71.72
C MET DA 61 5.26 18.90 73.16
N ALA DA 62 5.55 17.63 73.42
CA ALA DA 62 6.06 17.24 74.72
C ALA DA 62 7.46 17.79 74.92
N SER DA 63 8.31 17.62 73.91
CA SER DA 63 9.65 18.18 73.97
C SER DA 63 9.58 19.67 74.13
N LYS DA 64 8.70 20.31 73.37
CA LYS DA 64 8.46 21.73 73.52
C LYS DA 64 8.12 22.08 74.96
N ASN DA 65 7.12 21.39 75.53
CA ASN DA 65 6.67 21.72 76.87
C ASN DA 65 7.77 21.50 77.89
N SER DA 66 8.59 20.46 77.70
CA SER DA 66 9.63 20.15 78.65
C SER DA 66 10.75 21.17 78.58
N GLN DA 67 11.11 21.57 77.37
CA GLN DA 67 12.09 22.64 77.21
C GLN DA 67 11.60 23.90 77.86
N ASP DA 68 10.31 24.17 77.72
CA ASP DA 68 9.72 25.33 78.39
C ASP DA 68 9.81 25.19 79.89
N GLY DA 69 9.55 23.97 80.38
CA GLY DA 69 9.83 23.65 81.77
C GLY DA 69 11.23 24.05 82.18
N ILE DA 70 12.20 23.67 81.35
CA ILE DA 70 13.59 23.98 81.64
C ILE DA 70 13.81 25.47 81.70
N SER DA 71 13.17 26.20 80.79
CA SER DA 71 13.34 27.64 80.77
C SER DA 71 12.86 28.26 82.07
N LEU DA 72 11.70 27.80 82.54
CA LEU DA 72 11.20 28.23 83.84
C LEU DA 72 12.20 27.89 84.93
N ILE DA 73 12.68 26.64 84.91
CA ILE DA 73 13.60 26.17 85.94
C ILE DA 73 14.80 27.08 86.02
N GLN DA 74 15.51 27.22 84.90
CA GLN DA 74 16.76 27.97 84.89
C GLN DA 74 16.54 29.43 85.23
N THR DA 75 15.38 29.97 84.88
CA THR DA 75 15.05 31.32 85.33
C THR DA 75 15.09 31.38 86.86
N ALA DA 76 14.24 30.56 87.49
CA ALA DA 76 14.17 30.57 88.95
C ALA DA 76 15.52 30.19 89.55
N GLU DA 77 16.21 29.27 88.90
CA GLU DA 77 17.52 28.79 89.35
C GLU DA 77 18.50 29.93 89.46
N GLY DA 78 18.70 30.67 88.37
CA GLY DA 78 19.65 31.77 88.39
C GLY DA 78 19.24 32.82 89.40
N ALA DA 79 17.93 33.04 89.52
CA ALA DA 79 17.46 33.99 90.50
C ALA DA 79 17.81 33.55 91.92
N LEU DA 80 17.64 32.27 92.22
CA LEU DA 80 17.97 31.75 93.54
C LEU DA 80 19.46 31.72 93.77
N THR DA 81 20.24 31.55 92.72
CA THR DA 81 21.69 31.65 92.84
C THR DA 81 22.07 33.05 93.28
N GLU DA 82 21.46 34.06 92.66
CA GLU DA 82 21.76 35.43 93.07
C GLU DA 82 21.29 35.69 94.48
N THR DA 83 20.09 35.20 94.82
CA THR DA 83 19.59 35.31 96.18
C THR DA 83 20.60 34.76 97.14
N HIS DA 84 21.09 33.57 96.82
CA HIS DA 84 22.07 32.91 97.66
C HIS DA 84 23.31 33.76 97.83
N ALA DA 85 23.83 34.31 96.74
CA ALA DA 85 25.00 35.17 96.81
C ALA DA 85 24.75 36.33 97.75
N ILE DA 86 23.56 36.92 97.68
CA ILE DA 86 23.20 37.96 98.63
C ILE DA 86 23.32 37.40 100.03
N LEU DA 87 22.72 36.24 100.27
CA LEU DA 87 22.72 35.67 101.62
C LEU DA 87 24.13 35.43 102.13
N GLN DA 88 25.07 35.13 101.25
CA GLN DA 88 26.46 35.10 101.66
C GLN DA 88 26.89 36.46 102.15
N ARG DA 89 26.55 37.51 101.40
CA ARG DA 89 26.88 38.85 101.87
C ARG DA 89 26.19 39.13 103.19
N VAL DA 90 24.96 38.67 103.35
CA VAL DA 90 24.24 38.89 104.57
C VAL DA 90 25.01 38.32 105.72
N ARG DA 91 25.44 37.05 105.62
CA ARG DA 91 26.16 36.45 106.72
C ARG DA 91 27.46 37.17 107.01
N GLU DA 92 28.12 37.69 105.96
CA GLU DA 92 29.26 38.56 106.22
C GLU DA 92 28.83 39.70 107.13
N LEU DA 93 27.67 40.27 106.82
CA LEU DA 93 27.17 41.37 107.61
C LEU DA 93 26.62 40.92 108.95
N VAL DA 94 26.33 39.62 109.10
CA VAL DA 94 25.94 39.11 110.41
C VAL DA 94 27.16 39.01 111.30
N VAL DA 95 28.25 38.49 110.74
CA VAL DA 95 29.46 38.34 111.54
C VAL DA 95 30.01 39.70 111.90
N GLN DA 96 29.94 40.66 110.96
CA GLN DA 96 30.22 42.03 111.36
C GLN DA 96 29.18 42.53 112.35
N ALA DA 97 27.93 42.10 112.18
CA ALA DA 97 26.85 42.44 113.10
C ALA DA 97 26.84 41.55 114.32
N GLY DA 98 27.95 40.88 114.54
CA GLY DA 98 28.38 40.65 115.89
C GLY DA 98 28.92 41.88 116.57
N ASN DA 99 28.81 43.06 115.93
CA ASN DA 99 29.13 44.36 116.54
C ASN DA 99 30.64 44.49 116.67
N THR DA 100 31.37 43.60 115.99
CA THR DA 100 32.73 43.27 116.36
C THR DA 100 32.79 43.15 117.88
N GLY DA 101 31.88 42.33 118.40
CA GLY DA 101 31.76 42.24 119.82
C GLY DA 101 30.94 43.35 120.43
N THR DA 102 31.64 44.37 120.92
CA THR DA 102 31.03 45.64 121.30
C THR DA 102 31.66 46.82 120.58
N GLN DA 103 32.67 46.58 119.75
CA GLN DA 103 33.48 47.67 119.24
C GLN DA 103 32.71 48.58 118.31
N ASP DA 104 31.84 48.02 117.48
CA ASP DA 104 31.01 48.87 116.67
C ASP DA 104 30.03 49.59 117.60
N LYS DA 105 29.61 50.78 117.18
CA LYS DA 105 28.63 51.54 117.95
C LYS DA 105 27.25 51.37 117.32
N ALA DA 106 26.26 52.00 117.94
CA ALA DA 106 24.89 51.88 117.46
C ALA DA 106 24.75 52.40 116.04
N THR DA 107 25.41 53.51 115.73
CA THR DA 107 25.39 54.04 114.37
C THR DA 107 26.03 53.07 113.40
N ASP DA 108 27.11 52.42 113.81
CA ASP DA 108 27.73 51.44 112.93
C ASP DA 108 26.78 50.31 112.62
N LEU DA 109 26.10 49.80 113.65
CA LEU DA 109 25.09 48.78 113.44
C LEU DA 109 23.96 49.29 112.55
N GLN DA 110 23.66 50.58 112.63
CA GLN DA 110 22.63 51.14 111.76
C GLN DA 110 23.12 51.26 110.33
N SER DA 111 24.38 51.59 110.14
CA SER DA 111 24.96 51.61 108.81
C SER DA 111 24.87 50.22 108.19
N ILE DA 112 25.29 49.21 108.97
CA ILE DA 112 25.17 47.83 108.53
C ILE DA 112 23.72 47.51 108.22
N GLN DA 113 22.82 47.88 109.13
CA GLN DA 113 21.42 47.54 108.98
C GLN DA 113 20.81 48.22 107.77
N ASP DA 114 21.27 49.43 107.46
CA ASP DA 114 20.87 50.07 106.21
C ASP DA 114 21.29 49.22 105.04
N GLY DA 115 22.54 48.75 105.06
CA GLY DA 115 22.98 47.84 104.02
C GLY DA 115 22.15 46.57 103.95
N ILE DA 116 21.78 46.02 105.10
CA ILE DA 116 21.06 44.75 105.08
C ILE DA 116 19.64 44.95 104.60
N SER DA 117 18.98 46.00 105.08
CA SER DA 117 17.62 46.27 104.63
C SER DA 117 17.60 46.56 103.15
N ALA DA 118 18.66 47.19 102.66
CA ALA DA 118 18.87 47.32 101.23
C ALA DA 118 18.95 45.96 100.57
N LEU DA 119 19.69 45.03 101.17
CA LEU DA 119 19.78 43.69 100.62
C LEU DA 119 18.45 42.98 100.67
N THR DA 120 17.69 43.16 101.75
CA THR DA 120 16.34 42.64 101.83
C THR DA 120 15.53 43.11 100.65
N ASP DA 121 15.58 44.42 100.41
CA ASP DA 121 14.82 44.98 99.30
C ASP DA 121 15.25 44.37 97.98
N GLU DA 122 16.52 43.98 97.88
CA GLU DA 122 16.96 43.29 96.69
C GLU DA 122 16.47 41.86 96.63
N ILE DA 123 16.45 41.16 97.76
CA ILE DA 123 15.93 39.80 97.77
C ILE DA 123 14.46 39.81 97.42
N ASP DA 124 13.71 40.69 98.06
CA ASP DA 124 12.31 40.89 97.71
C ASP DA 124 12.18 41.25 96.25
N GLY DA 125 13.12 42.04 95.73
CA GLY DA 125 13.11 42.36 94.32
C GLY DA 125 13.29 41.14 93.46
N ILE DA 126 14.19 40.25 93.86
CA ILE DA 126 14.34 38.98 93.15
C ILE DA 126 13.02 38.24 93.15
N SER DA 127 12.49 38.00 94.35
CA SER DA 127 11.32 37.15 94.47
C SER DA 127 10.07 37.79 93.90
N ASN DA 128 10.09 39.11 93.66
CA ASN DA 128 8.96 39.84 93.11
C ASN DA 128 9.24 40.40 91.72
N ARG DA 129 10.34 39.98 91.08
CA ARG DA 129 10.62 40.33 89.70
C ARG DA 129 10.82 39.08 88.87
N THR DA 130 11.22 37.99 89.51
CA THR DA 130 11.38 36.74 88.78
C THR DA 130 10.02 36.24 88.35
N GLU DA 131 9.64 36.60 87.14
CA GLU DA 131 8.41 36.16 86.51
C GLU DA 131 8.71 35.28 85.31
N PHE DA 132 7.82 34.34 85.04
CA PHE DA 132 7.77 33.67 83.75
C PHE DA 132 6.38 33.80 83.19
N ASN DA 133 6.26 34.54 82.10
CA ASN DA 133 4.98 34.76 81.48
C ASN DA 133 4.03 35.40 82.49
N GLY DA 134 4.58 36.33 83.25
CA GLY DA 134 3.87 37.01 84.30
C GLY DA 134 3.81 36.25 85.60
N LYS DA 135 3.94 34.94 85.55
CA LYS DA 135 3.86 34.12 86.75
C LYS DA 135 5.07 34.40 87.61
N LYS DA 136 4.85 35.04 88.73
CA LYS DA 136 5.94 35.37 89.63
C LYS DA 136 6.50 34.06 90.17
N LEU DA 137 7.55 33.58 89.52
CA LEU DA 137 8.07 32.23 89.78
C LEU DA 137 8.64 32.10 91.18
N LEU DA 138 9.05 33.20 91.79
CA LEU DA 138 9.50 33.20 93.17
C LEU DA 138 8.50 33.91 94.06
N ASP DA 139 7.24 33.84 93.69
CA ASP DA 139 6.17 34.16 94.64
C ASP DA 139 6.19 33.10 95.72
N GLY DA 140 6.66 33.47 96.90
CA GLY DA 140 6.74 32.51 97.99
C GLY DA 140 5.40 31.94 98.39
N THR DA 141 4.31 32.61 98.02
CA THR DA 141 2.96 32.10 98.24
C THR DA 141 2.37 31.43 97.01
N TYR DA 142 3.19 31.12 96.01
CA TYR DA 142 2.68 30.44 94.83
C TYR DA 142 2.12 29.08 95.19
N LYS DA 143 2.98 28.17 95.66
CA LYS DA 143 2.59 26.81 96.04
C LYS DA 143 3.05 26.51 97.45
N VAL DA 144 2.57 27.31 98.40
CA VAL DA 144 2.63 26.85 99.78
C VAL DA 144 1.59 25.74 99.92
N ASP DA 145 2.07 24.51 100.11
CA ASP DA 145 1.21 23.33 100.23
C ASP DA 145 0.11 23.54 101.25
N THR DA 146 0.49 24.07 102.42
CA THR DA 146 -0.44 24.54 103.47
C THR DA 146 -1.14 23.42 104.22
N ALA DA 147 -1.06 22.18 103.72
CA ALA DA 147 -2.05 21.16 104.01
C ALA DA 147 -3.43 21.58 103.53
N THR DA 148 -3.50 22.39 102.46
CA THR DA 148 -4.75 22.83 101.88
C THR DA 148 -4.64 22.67 100.38
N PRO DA 149 -5.18 21.58 99.80
CA PRO DA 149 -5.16 21.43 98.34
C PRO DA 149 -5.78 22.60 97.60
N ALA DA 150 -6.80 23.22 98.18
CA ALA DA 150 -7.51 24.31 97.51
C ALA DA 150 -6.58 25.47 97.22
N ASN DA 151 -5.55 25.67 98.03
CA ASN DA 151 -4.64 26.80 97.88
C ASN DA 151 -3.23 26.26 97.62
N GLN DA 152 -2.96 25.87 96.37
CA GLN DA 152 -1.61 25.43 96.00
C GLN DA 152 -1.10 25.92 94.65
N LYS DA 153 -1.94 26.16 93.65
CA LYS DA 153 -1.44 26.51 92.31
C LYS DA 153 -0.36 25.54 91.83
N ASN DA 154 -0.62 24.23 91.97
CA ASN DA 154 0.38 23.19 91.71
C ASN DA 154 1.09 23.42 90.37
N LEU DA 155 2.41 23.55 90.42
CA LEU DA 155 3.18 23.86 89.22
C LEU DA 155 3.26 22.58 88.37
N VAL DA 156 2.12 22.28 87.74
CA VAL DA 156 2.00 21.09 86.91
C VAL DA 156 2.76 21.32 85.61
N PHE DA 157 3.41 20.27 85.09
CA PHE DA 157 3.96 20.23 83.72
C PHE DA 157 3.44 18.97 83.03
N GLN DA 158 2.43 19.12 82.17
CA GLN DA 158 2.00 18.06 81.26
C GLN DA 158 3.03 17.93 80.17
N ILE DA 159 3.70 16.79 80.16
CA ILE DA 159 4.69 16.48 79.15
C ILE DA 159 4.25 15.32 78.26
N GLY DA 160 3.86 14.21 78.86
CA GLY DA 160 3.63 13.01 78.08
C GLY DA 160 2.47 13.19 77.11
N ALA DA 161 2.65 12.64 75.92
CA ALA DA 161 1.59 12.68 74.92
C ALA DA 161 0.34 11.97 75.39
N ASN DA 162 0.48 11.06 76.36
CA ASN DA 162 -0.64 10.35 76.95
C ASN DA 162 -1.17 11.12 78.15
N ALA DA 163 -2.45 10.88 78.45
CA ALA DA 163 -3.11 11.61 79.52
C ALA DA 163 -2.51 11.31 80.88
N THR DA 164 -2.61 12.31 81.77
CA THR DA 164 -2.16 12.28 83.16
C THR DA 164 -0.65 12.33 83.30
N GLN DA 165 0.11 12.31 82.21
CA GLN DA 165 1.55 12.26 82.28
C GLN DA 165 2.10 13.62 82.67
N GLN DA 166 1.94 13.98 83.94
CA GLN DA 166 2.22 15.32 84.42
C GLN DA 166 3.27 15.29 85.51
N ILE DA 167 3.96 16.42 85.62
CA ILE DA 167 4.97 16.62 86.66
C ILE DA 167 4.47 17.68 87.63
N SER DA 168 4.59 17.38 88.93
CA SER DA 168 4.15 18.27 90.00
C SER DA 168 5.36 18.92 90.65
N VAL DA 169 5.42 20.26 90.61
CA VAL DA 169 6.56 21.01 91.12
C VAL DA 169 6.06 22.01 92.16
N ASN DA 170 6.97 22.40 93.06
CA ASN DA 170 6.63 23.30 94.15
C ASN DA 170 7.54 24.52 94.21
N ILE DA 171 6.90 25.69 94.26
CA ILE DA 171 7.53 26.98 94.52
C ILE DA 171 7.10 27.38 95.92
N GLU DA 172 8.06 27.76 96.79
CA GLU DA 172 7.69 28.41 98.05
C GLU DA 172 8.63 29.50 98.54
N ASP DA 173 9.68 29.85 97.82
CA ASP DA 173 10.69 30.75 98.35
C ASP DA 173 10.34 32.21 98.06
N MET DA 174 10.87 33.09 98.90
CA MET DA 174 10.74 34.54 98.76
C MET DA 174 11.59 35.17 99.85
N GLY DA 175 11.69 36.50 99.80
CA GLY DA 175 12.47 37.22 100.78
C GLY DA 175 11.99 37.03 102.20
N ALA DA 176 10.68 36.94 102.40
CA ALA DA 176 10.14 36.71 103.74
C ALA DA 176 10.23 35.25 104.16
N ASP DA 177 10.77 34.36 103.33
CA ASP DA 177 10.84 32.93 103.60
C ASP DA 177 12.27 32.58 104.02
N ALA DA 178 12.53 32.57 105.34
CA ALA DA 178 13.90 32.37 105.82
C ALA DA 178 14.11 31.16 106.73
N LEU DA 179 13.65 31.22 107.98
CA LEU DA 179 13.61 30.03 108.84
C LEU DA 179 12.18 29.58 108.86
N GLY DA 180 11.87 28.63 107.99
CA GLY DA 180 10.54 28.08 107.94
C GLY DA 180 10.37 27.09 109.07
N ILE DA 181 10.23 27.60 110.30
CA ILE DA 181 9.97 26.73 111.43
C ILE DA 181 8.76 25.85 111.12
N LYS DA 182 7.66 26.47 110.75
CA LYS DA 182 6.49 25.87 110.13
C LYS DA 182 5.95 26.81 109.06
N GLU DA 183 5.92 28.08 109.46
CA GLU DA 183 5.62 29.26 108.69
C GLU DA 183 6.52 30.36 109.23
N ALA DA 184 6.23 31.61 108.90
CA ALA DA 184 6.96 32.71 109.53
C ALA DA 184 6.58 32.76 111.00
N ASP DA 185 7.58 32.73 111.87
CA ASP DA 185 7.31 32.78 113.31
C ASP DA 185 6.85 34.18 113.69
N GLY DA 186 7.71 35.17 113.46
CA GLY DA 186 7.41 36.54 113.82
C GLY DA 186 8.62 37.42 113.57
N SER DA 187 9.00 38.21 114.58
CA SER DA 187 10.21 39.01 114.48
C SER DA 187 11.41 38.11 114.21
N ILE DA 188 11.39 36.89 114.72
CA ILE DA 188 12.39 35.91 114.42
C ILE DA 188 11.88 35.00 113.30
N ALA DA 189 12.80 34.23 112.74
CA ALA DA 189 12.57 33.12 111.82
C ALA DA 189 12.15 33.51 110.41
N ALA DA 190 11.55 34.69 110.24
CA ALA DA 190 11.32 35.25 108.92
C ALA DA 190 11.73 36.71 108.83
N LEU DA 191 11.29 37.50 109.81
CA LEU DA 191 11.45 38.95 109.71
C LEU DA 191 12.85 39.41 110.05
N HIS DA 192 13.72 38.55 110.55
CA HIS DA 192 15.11 38.96 110.52
C HIS DA 192 15.60 39.03 109.09
N SER DA 193 15.05 38.18 108.21
CA SER DA 193 15.38 38.32 106.80
C SER DA 193 14.75 39.57 106.23
N VAL DA 194 13.57 39.93 106.73
CA VAL DA 194 12.89 41.12 106.22
C VAL DA 194 13.35 42.35 106.99
N ASN DA 195 13.10 42.36 108.30
CA ASN DA 195 13.30 43.57 109.08
C ASN DA 195 14.72 43.71 109.63
N ASP DA 196 15.48 42.62 109.72
CA ASP DA 196 16.87 42.71 110.17
C ASP DA 196 17.00 43.21 111.61
N LEU DA 197 16.68 42.34 112.57
CA LEU DA 197 16.66 42.67 114.00
C LEU DA 197 17.93 43.35 114.54
N ASP DA 198 19.07 43.29 113.85
CA ASP DA 198 20.31 43.86 114.35
C ASP DA 198 20.31 45.36 114.08
N VAL DA 199 19.71 46.11 115.01
CA VAL DA 199 19.61 47.56 114.89
C VAL DA 199 20.40 48.23 116.01
N THR DA 200 19.82 48.19 117.21
CA THR DA 200 20.47 48.48 118.47
C THR DA 200 20.10 47.47 119.52
N LYS DA 201 18.98 46.76 119.33
CA LYS DA 201 18.63 45.63 120.17
C LYS DA 201 19.79 44.65 120.27
N PHE DA 202 20.57 44.53 119.20
CA PHE DA 202 21.75 43.66 119.27
C PHE DA 202 22.75 44.17 120.28
N ALA DA 203 23.02 45.47 120.26
CA ALA DA 203 24.00 46.01 121.20
C ALA DA 203 23.53 45.83 122.64
N ASP DA 204 22.21 45.83 122.85
CA ASP DA 204 21.68 45.55 124.18
C ASP DA 204 21.99 44.14 124.62
N ASN DA 205 21.69 43.15 123.76
CA ASN DA 205 21.90 41.73 124.07
C ASN DA 205 22.61 41.10 122.87
N ALA DA 206 23.93 41.20 122.86
CA ALA DA 206 24.69 40.60 121.79
C ALA DA 206 24.62 39.08 121.80
N ALA DA 207 24.44 38.46 122.97
CA ALA DA 207 24.26 37.02 123.10
C ALA DA 207 23.15 36.61 124.07
N ASP DA 208 22.90 37.48 125.06
CA ASP DA 208 22.19 37.17 126.28
C ASP DA 208 20.83 36.51 126.20
N CYS DA 209 20.11 36.60 125.08
CA CYS DA 209 18.71 36.15 125.05
C CYS DA 209 18.32 35.34 123.82
N ALA DA 210 19.26 35.08 122.91
CA ALA DA 210 19.08 34.30 121.69
C ALA DA 210 18.19 34.98 120.64
N ASP DA 211 17.12 35.64 121.08
CA ASP DA 211 16.17 36.34 120.21
C ASP DA 211 16.87 37.43 119.42
N ILE DA 212 17.70 38.21 120.10
CA ILE DA 212 18.70 39.03 119.44
C ILE DA 212 20.12 38.61 119.77
N GLY DA 213 20.32 37.61 120.63
CA GLY DA 213 21.69 37.31 121.03
C GLY DA 213 22.56 36.66 119.98
N PHE DA 214 22.56 37.18 118.73
CA PHE DA 214 23.38 36.75 117.59
C PHE DA 214 23.07 35.35 117.07
N ASP DA 215 22.67 34.47 117.98
CA ASP DA 215 22.32 33.10 117.72
C ASP DA 215 21.13 33.00 116.79
N ALA DA 216 19.99 33.53 117.21
CA ALA DA 216 18.78 33.38 116.41
C ALA DA 216 18.96 33.98 115.03
N GLN DA 217 19.61 35.15 114.96
CA GLN DA 217 19.77 35.82 113.68
C GLN DA 217 20.59 34.97 112.73
N LEU DA 218 21.73 34.49 113.23
CA LEU DA 218 22.56 33.64 112.39
C LEU DA 218 21.81 32.38 111.98
N LYS DA 219 20.94 31.89 112.86
CA LYS DA 219 20.14 30.72 112.53
C LYS DA 219 19.11 31.05 111.46
N VAL DA 220 18.55 32.26 111.48
CA VAL DA 220 17.63 32.65 110.42
C VAL DA 220 18.36 32.64 109.09
N VAL DA 221 19.56 33.22 109.08
CA VAL DA 221 20.30 33.28 107.83
C VAL DA 221 20.66 31.89 107.37
N ASP DA 222 21.15 31.06 108.30
CA ASP DA 222 21.56 29.71 107.95
C ASP DA 222 20.40 28.92 107.39
N GLU DA 223 19.24 29.02 108.03
CA GLU DA 223 18.11 28.25 107.54
C GLU DA 223 17.58 28.83 106.25
N ALA DA 224 17.55 30.16 106.13
CA ALA DA 224 17.18 30.79 104.87
C ALA DA 224 18.00 30.23 103.72
N ILE DA 225 19.31 30.16 103.95
CA ILE DA 225 20.20 29.56 102.97
C ILE DA 225 19.83 28.11 102.74
N ASN DA 226 19.56 27.37 103.81
CA ASN DA 226 19.25 25.96 103.68
C ASN DA 226 17.97 25.75 102.90
N GLN DA 227 17.03 26.68 103.03
CA GLN DA 227 15.78 26.61 102.28
C GLN DA 227 16.03 26.96 100.83
N VAL DA 228 16.93 27.89 100.55
CA VAL DA 228 17.34 28.12 99.17
C VAL DA 228 18.01 26.87 98.61
N SER DA 229 18.87 26.26 99.41
CA SER DA 229 19.58 25.05 98.98
C SER DA 229 18.60 23.95 98.61
N SER DA 230 17.61 23.72 99.45
CA SER DA 230 16.65 22.67 99.19
C SER DA 230 15.69 23.05 98.09
N GLN DA 231 15.36 24.33 97.98
CA GLN DA 231 14.53 24.77 96.87
C GLN DA 231 15.23 24.55 95.55
N ARG DA 232 16.50 24.92 95.49
CA ARG DA 232 17.31 24.68 94.31
C ARG DA 232 17.54 23.19 94.12
N ALA DA 233 17.51 22.42 95.20
CA ALA DA 233 17.68 20.98 95.11
C ALA DA 233 16.49 20.36 94.40
N LYS DA 234 15.29 20.72 94.82
CA LYS DA 234 14.09 20.28 94.12
C LYS DA 234 14.13 20.75 92.68
N LEU DA 235 14.46 22.02 92.51
CA LEU DA 235 14.47 22.65 91.20
C LEU DA 235 15.38 21.90 90.24
N GLY DA 236 16.59 21.58 90.70
CA GLY DA 236 17.54 20.86 89.86
C GLY DA 236 17.19 19.41 89.72
N ALA DA 237 16.51 18.84 90.71
CA ALA DA 237 16.00 17.49 90.54
C ALA DA 237 15.08 17.44 89.35
N VAL DA 238 14.15 18.39 89.26
CA VAL DA 238 13.25 18.45 88.12
C VAL DA 238 14.02 18.76 86.85
N GLN DA 239 15.07 19.58 86.95
CA GLN DA 239 15.91 19.82 85.79
C GLN DA 239 16.44 18.50 85.22
N ASN DA 240 16.99 17.67 86.11
CA ASN DA 240 17.50 16.39 85.65
C ASN DA 240 16.40 15.55 85.07
N ARG DA 241 15.22 15.58 85.70
CA ARG DA 241 14.08 14.84 85.18
C ARG DA 241 13.79 15.22 83.76
N LEU DA 242 13.76 16.52 83.48
CA LEU DA 242 13.41 16.94 82.14
C LEU DA 242 14.54 16.66 81.16
N GLU DA 243 15.78 16.64 81.65
CA GLU DA 243 16.87 16.18 80.80
C GLU DA 243 16.60 14.76 80.32
N HIS DA 244 16.37 13.85 81.26
CA HIS DA 244 16.18 12.46 80.90
C HIS DA 244 14.87 12.25 80.16
N THR DA 245 13.86 13.05 80.51
CA THR DA 245 12.63 13.06 79.77
C THR DA 245 12.89 13.35 78.31
N ILE DA 246 13.57 14.46 78.04
CA ILE DA 246 13.81 14.85 76.65
C ILE DA 246 14.62 13.79 75.94
N ASN DA 247 15.58 13.20 76.62
CA ASN DA 247 16.34 12.13 75.97
C ASN DA 247 15.42 10.98 75.59
N ASN DA 248 14.47 10.66 76.46
CA ASN DA 248 13.47 9.65 76.13
C ASN DA 248 12.58 10.12 74.98
N LEU DA 249 12.13 11.37 75.04
CA LEU DA 249 11.23 11.89 74.02
C LEU DA 249 11.90 11.88 72.66
N SER DA 250 13.20 12.14 72.65
CA SER DA 250 13.96 12.16 71.42
C SER DA 250 14.11 10.75 70.86
N ALA DA 251 14.59 9.83 71.69
CA ALA DA 251 14.81 8.46 71.23
C ALA DA 251 13.50 7.80 70.86
N SER DA 252 12.51 7.91 71.75
CA SER DA 252 11.20 7.31 71.54
C SER DA 252 10.53 7.94 70.34
N GLY DA 253 10.65 9.26 70.22
CA GLY DA 253 10.08 9.93 69.07
C GLY DA 253 10.68 9.43 67.78
N GLU DA 254 12.00 9.28 67.75
CA GLU DA 254 12.66 8.72 66.58
C GLU DA 254 12.13 7.34 66.25
N ASN DA 255 12.16 6.44 67.24
CA ASN DA 255 11.70 5.07 67.01
C ASN DA 255 10.26 5.07 66.53
N LEU DA 256 9.48 6.05 66.99
CA LEU DA 256 8.07 6.11 66.64
C LEU DA 256 7.88 6.60 65.21
N THR DA 257 8.61 7.61 64.81
CA THR DA 257 8.54 8.05 63.41
C THR DA 257 9.05 6.97 62.49
N ALA DA 258 10.00 6.17 62.97
CA ALA DA 258 10.44 5.02 62.20
C ALA DA 258 9.33 3.99 62.11
N ALA DA 259 8.60 3.77 63.21
CA ALA DA 259 7.48 2.84 63.18
C ALA DA 259 6.44 3.26 62.15
N GLU DA 260 6.05 4.53 62.21
CA GLU DA 260 5.16 5.08 61.20
C GLU DA 260 5.74 4.84 59.82
N SER DA 261 7.01 5.16 59.66
CA SER DA 261 7.66 5.03 58.36
C SER DA 261 7.56 3.60 57.86
N ARG DA 262 7.62 2.63 58.77
CA ARG DA 262 7.41 1.25 58.36
C ARG DA 262 6.00 1.05 57.87
N ILE DA 263 5.01 1.67 58.53
CA ILE DA 263 3.66 1.55 58.03
C ILE DA 263 3.56 2.19 56.65
N ARG DA 264 4.06 3.42 56.51
CA ARG DA 264 4.05 4.12 55.24
C ARG DA 264 5.27 3.85 54.38
N ASP DA 265 6.05 2.82 54.71
CA ASP DA 265 7.24 2.48 53.94
C ASP DA 265 6.92 2.31 52.47
N VAL DA 266 7.37 3.24 51.65
CA VAL DA 266 7.35 3.07 50.21
C VAL DA 266 8.69 2.49 49.79
N ASP DA 267 8.66 1.29 49.23
CA ASP DA 267 9.81 0.79 48.50
C ASP DA 267 9.78 1.50 47.16
N MET DA 268 10.35 2.71 47.16
CA MET DA 268 10.26 3.57 46.00
C MET DA 268 10.82 2.90 44.76
N ALA DA 269 11.85 2.08 44.93
CA ALA DA 269 12.38 1.34 43.80
C ALA DA 269 11.37 0.33 43.30
N LYS DA 270 10.75 -0.42 44.22
CA LYS DA 270 9.70 -1.35 43.84
C LYS DA 270 8.60 -0.62 43.09
N GLU DA 271 8.17 0.50 43.62
CA GLU DA 271 6.97 1.14 43.10
C GLU DA 271 7.24 1.82 41.76
N MET DA 272 8.46 2.33 41.56
CA MET DA 272 8.83 2.78 40.22
C MET DA 272 8.88 1.61 39.27
N SER DA 273 9.43 0.48 39.71
CA SER DA 273 9.52 -0.70 38.87
C SER DA 273 8.13 -1.20 38.48
N GLU DA 274 7.27 -1.35 39.46
CA GLU DA 274 5.92 -1.81 39.21
C GLU DA 274 5.16 -0.82 38.35
N PHE DA 275 5.41 0.47 38.58
CA PHE DA 275 4.84 1.50 37.73
C PHE DA 275 5.22 1.26 36.28
N THR DA 276 6.51 1.11 36.05
CA THR DA 276 7.04 0.83 34.72
C THR DA 276 6.32 -0.35 34.10
N LYS DA 277 6.26 -1.45 34.85
CA LYS DA 277 5.62 -2.65 34.35
C LYS DA 277 4.19 -2.37 33.94
N ASN DA 278 3.45 -1.69 34.79
CA ASN DA 278 2.04 -1.47 34.50
C ASN DA 278 1.86 -0.58 33.28
N ASN DA 279 2.79 0.36 33.05
CA ASN DA 279 2.76 1.10 31.80
C ASN DA 279 2.90 0.17 30.62
N ILE DA 280 3.95 -0.65 30.67
CA ILE DA 280 4.23 -1.61 29.61
C ILE DA 280 2.99 -2.44 29.33
N LEU DA 281 2.39 -2.96 30.40
CA LEU DA 281 1.28 -3.88 30.27
C LEU DA 281 0.06 -3.19 29.69
N SER DA 282 -0.19 -1.95 30.11
CA SER DA 282 -1.29 -1.19 29.52
C SER DA 282 -1.07 -1.03 28.03
N GLN DA 283 0.13 -0.58 27.65
CA GLN DA 283 0.41 -0.32 26.24
C GLN DA 283 0.28 -1.57 25.40
N ALA DA 284 0.83 -2.67 25.90
CA ALA DA 284 0.75 -3.94 25.21
C ALA DA 284 -0.69 -4.35 25.00
N SER DA 285 -1.49 -4.26 26.06
CA SER DA 285 -2.88 -4.65 25.96
C SER DA 285 -3.62 -3.79 24.94
N GLN DA 286 -3.31 -2.51 24.89
CA GLN DA 286 -3.98 -1.66 23.91
C GLN DA 286 -3.58 -2.04 22.50
N ALA DA 287 -2.30 -2.35 22.28
CA ALA DA 287 -1.88 -2.84 20.98
C ALA DA 287 -2.69 -4.07 20.58
N MET DA 288 -2.91 -4.95 21.54
CA MET DA 288 -3.71 -6.13 21.25
C MET DA 288 -5.16 -5.74 20.97
N LEU DA 289 -5.68 -4.70 21.61
CA LEU DA 289 -7.04 -4.28 21.31
C LEU DA 289 -7.14 -3.75 19.89
N ALA DA 290 -6.10 -3.04 19.45
CA ALA DA 290 -6.04 -2.65 18.05
C ALA DA 290 -6.11 -3.88 17.17
N GLN DA 291 -5.28 -4.88 17.48
CA GLN DA 291 -5.28 -6.10 16.67
C GLN DA 291 -6.65 -6.78 16.68
N ALA DA 292 -7.33 -6.75 17.82
CA ALA DA 292 -8.68 -7.29 17.92
C ALA DA 292 -9.61 -6.54 16.99
N ASN DA 293 -9.34 -5.26 16.76
CA ASN DA 293 -10.12 -4.52 15.78
C ASN DA 293 -9.62 -4.73 14.36
N GLN DA 294 -8.38 -5.21 14.18
CA GLN DA 294 -7.85 -5.42 12.83
C GLN DA 294 -8.34 -6.73 12.24
N GLN DA 295 -8.32 -7.80 13.02
CA GLN DA 295 -8.74 -9.12 12.53
C GLN DA 295 -10.09 -9.11 11.85
N PRO DA 296 -11.17 -8.60 12.45
CA PRO DA 296 -12.46 -8.64 11.75
C PRO DA 296 -12.50 -7.79 10.48
N GLN DA 297 -11.57 -6.86 10.30
CA GLN DA 297 -11.51 -6.13 9.03
C GLN DA 297 -10.95 -7.02 7.94
N ASN DA 298 -9.87 -7.73 8.28
CA ASN DA 298 -9.36 -8.76 7.39
C ASN DA 298 -10.47 -9.72 7.03
N VAL DA 299 -11.26 -10.12 8.02
CA VAL DA 299 -12.41 -10.98 7.76
C VAL DA 299 -13.37 -10.31 6.78
N LEU DA 300 -13.65 -9.03 6.99
CA LEU DA 300 -14.58 -8.33 6.12
C LEU DA 300 -14.16 -8.44 4.67
N GLN DA 301 -12.91 -8.09 4.40
CA GLN DA 301 -12.43 -8.18 3.02
C GLN DA 301 -12.50 -9.62 2.52
N LEU DA 302 -11.97 -10.54 3.31
CA LEU DA 302 -11.79 -11.91 2.86
C LEU DA 302 -13.14 -12.58 2.60
N LEU DA 303 -14.18 -12.18 3.31
CA LEU DA 303 -15.52 -12.70 3.12
C LEU DA 303 -16.43 -11.71 2.44
N ARG DA 304 -15.87 -10.85 1.60
CA ARG DA 304 -16.67 -9.96 0.80
C ARG DA 304 -16.96 -10.61 -0.55
N ILE EA 3 -80.98 -32.96 -121.92
CA ILE EA 3 -79.53 -32.59 -122.06
C ILE EA 3 -78.69 -33.15 -120.92
N ASN EA 4 -79.05 -34.36 -120.48
CA ASN EA 4 -78.45 -34.95 -119.30
C ASN EA 4 -76.94 -34.97 -119.37
N HIS EA 5 -76.39 -35.35 -120.52
CA HIS EA 5 -74.95 -35.47 -120.68
C HIS EA 5 -74.22 -34.14 -120.68
N ASN EA 6 -74.92 -33.02 -120.65
CA ASN EA 6 -74.29 -31.71 -120.66
C ASN EA 6 -74.31 -31.02 -119.30
N ILE EA 7 -75.01 -31.57 -118.31
CA ILE EA 7 -75.19 -30.93 -117.01
C ILE EA 7 -74.25 -31.58 -116.02
N ALA EA 8 -73.41 -30.77 -115.41
CA ALA EA 8 -72.58 -31.22 -114.31
C ALA EA 8 -72.46 -30.15 -113.23
N ALA EA 9 -73.24 -29.07 -113.32
CA ALA EA 9 -73.09 -27.93 -112.44
C ALA EA 9 -71.66 -27.44 -112.46
N LEU EA 10 -71.16 -27.21 -113.67
CA LEU EA 10 -69.74 -26.94 -113.84
C LEU EA 10 -69.32 -25.67 -113.10
N ASN EA 11 -70.24 -24.75 -112.86
CA ASN EA 11 -69.90 -23.62 -112.01
C ASN EA 11 -69.64 -24.10 -110.60
N THR EA 12 -70.40 -25.09 -110.14
CA THR EA 12 -70.09 -25.69 -108.85
C THR EA 12 -68.70 -26.31 -108.88
N LEU EA 13 -68.35 -26.94 -109.99
CA LEU EA 13 -67.05 -27.58 -110.10
C LEU EA 13 -65.94 -26.54 -110.03
N ASN EA 14 -66.16 -25.42 -110.68
CA ASN EA 14 -65.21 -24.32 -110.63
C ASN EA 14 -65.07 -23.79 -109.22
N ARG EA 15 -66.20 -23.66 -108.51
CA ARG EA 15 -66.13 -23.28 -107.11
C ARG EA 15 -65.37 -24.32 -106.33
N LEU EA 16 -65.48 -25.57 -106.75
CA LEU EA 16 -64.80 -26.61 -106.00
C LEU EA 16 -63.30 -26.44 -106.09
N SER EA 17 -62.80 -26.31 -107.32
CA SER EA 17 -61.38 -26.08 -107.51
C SER EA 17 -60.92 -24.87 -106.71
N SER EA 18 -61.70 -23.79 -106.79
CA SER EA 18 -61.37 -22.57 -106.05
C SER EA 18 -61.28 -22.84 -104.56
N ASN EA 19 -62.28 -23.53 -104.02
CA ASN EA 19 -62.33 -23.75 -102.57
C ASN EA 19 -61.20 -24.65 -102.11
N ASN EA 20 -60.86 -25.65 -102.91
CA ASN EA 20 -59.78 -26.54 -102.53
C ASN EA 20 -58.46 -25.78 -102.47
N SER EA 21 -58.21 -24.96 -103.49
CA SER EA 21 -57.01 -24.15 -103.44
C SER EA 21 -57.05 -23.17 -102.28
N ALA EA 22 -58.23 -22.64 -101.98
CA ALA EA 22 -58.37 -21.67 -100.90
C ALA EA 22 -57.97 -22.28 -99.57
N SER EA 23 -58.61 -23.39 -99.20
CA SER EA 23 -58.30 -24.06 -97.95
C SER EA 23 -56.83 -24.48 -97.94
N GLN EA 24 -56.31 -24.92 -99.08
CA GLN EA 24 -54.89 -25.26 -99.19
C GLN EA 24 -54.02 -24.08 -98.77
N LYS EA 25 -54.31 -22.91 -99.33
CA LYS EA 25 -53.52 -21.72 -99.03
C LYS EA 25 -53.59 -21.40 -97.55
N ASN EA 26 -54.80 -21.50 -96.99
CA ASN EA 26 -54.96 -21.29 -95.55
C ASN EA 26 -54.02 -22.19 -94.76
N MET EA 27 -54.02 -23.49 -95.07
CA MET EA 27 -53.11 -24.41 -94.36
C MET EA 27 -51.68 -23.97 -94.47
N GLU EA 28 -51.25 -23.75 -95.70
CA GLU EA 28 -49.86 -23.45 -96.00
C GLU EA 28 -49.39 -22.27 -95.17
N LYS EA 29 -50.24 -21.26 -95.05
CA LYS EA 29 -49.90 -20.14 -94.20
C LYS EA 29 -49.94 -20.53 -92.73
N LEU EA 30 -50.95 -21.31 -92.34
CA LEU EA 30 -51.08 -21.75 -90.96
C LEU EA 30 -49.91 -22.62 -90.56
N SER EA 31 -49.60 -23.62 -91.38
CA SER EA 31 -48.52 -24.55 -91.09
C SER EA 31 -47.19 -23.82 -91.00
N SER EA 32 -46.92 -22.97 -91.98
CA SER EA 32 -45.66 -22.25 -92.01
C SER EA 32 -45.64 -21.08 -91.05
N GLY EA 33 -46.81 -20.62 -90.62
CA GLY EA 33 -46.86 -19.43 -89.80
C GLY EA 33 -46.51 -18.20 -90.59
N LEU EA 34 -46.80 -18.22 -91.89
CA LEU EA 34 -46.39 -17.17 -92.82
C LEU EA 34 -47.63 -16.61 -93.49
N ARG EA 35 -47.92 -15.34 -93.23
CA ARG EA 35 -48.89 -14.67 -94.07
C ARG EA 35 -48.27 -14.33 -95.42
N ILE EA 36 -46.96 -14.14 -95.44
CA ILE EA 36 -46.26 -13.90 -96.68
C ILE EA 36 -46.47 -15.10 -97.60
N ASN EA 37 -46.36 -14.84 -98.89
CA ASN EA 37 -46.44 -15.88 -99.89
C ASN EA 37 -45.05 -16.41 -100.18
N ARG EA 38 -45.00 -17.67 -100.60
CA ARG EA 38 -43.80 -18.15 -101.27
C ARG EA 38 -43.68 -17.48 -102.64
N ALA EA 39 -44.80 -17.33 -103.32
CA ALA EA 39 -44.86 -16.68 -104.62
C ALA EA 39 -44.64 -15.18 -104.45
N GLY EA 40 -44.24 -14.55 -105.56
CA GLY EA 40 -43.98 -13.13 -105.61
C GLY EA 40 -45.19 -12.24 -105.44
N ASP EA 41 -46.37 -12.81 -105.21
CA ASP EA 41 -47.54 -12.01 -104.90
C ASP EA 41 -47.28 -11.16 -103.68
N ASP EA 42 -47.28 -9.84 -103.88
CA ASP EA 42 -46.77 -8.86 -102.93
C ASP EA 42 -45.26 -9.01 -102.74
N ALA EA 43 -44.55 -9.07 -103.87
CA ALA EA 43 -43.09 -9.07 -103.83
C ALA EA 43 -42.53 -7.81 -103.19
N ALA EA 44 -43.32 -6.73 -103.16
CA ALA EA 44 -42.91 -5.56 -102.39
C ALA EA 44 -42.70 -5.94 -100.93
N GLY EA 45 -43.79 -6.34 -100.27
CA GLY EA 45 -43.69 -6.72 -98.86
C GLY EA 45 -42.69 -7.84 -98.62
N LEU EA 46 -42.61 -8.78 -99.55
CA LEU EA 46 -41.64 -9.84 -99.42
C LEU EA 46 -40.23 -9.28 -99.41
N ALA EA 47 -39.85 -8.59 -100.48
CA ALA EA 47 -38.50 -8.04 -100.61
C ALA EA 47 -38.17 -7.14 -99.42
N ILE EA 48 -39.18 -6.45 -98.89
CA ILE EA 48 -38.95 -5.70 -97.66
C ILE EA 48 -38.52 -6.66 -96.56
N SER EA 49 -39.36 -7.66 -96.27
CA SER EA 49 -39.06 -8.56 -95.15
C SER EA 49 -37.74 -9.28 -95.35
N GLU EA 50 -37.40 -9.54 -96.59
CA GLU EA 50 -36.09 -10.07 -96.94
C GLU EA 50 -35.01 -9.12 -96.45
N LYS EA 51 -35.14 -7.84 -96.80
CA LYS EA 51 -34.18 -6.85 -96.38
C LYS EA 51 -34.19 -6.70 -94.86
N MET EA 52 -35.37 -6.78 -94.26
CA MET EA 52 -35.50 -6.73 -92.83
C MET EA 52 -34.65 -7.81 -92.20
N ARG EA 53 -34.91 -9.07 -92.59
CA ARG EA 53 -34.19 -10.20 -92.02
C ARG EA 53 -32.70 -10.09 -92.25
N GLY EA 54 -32.31 -9.58 -93.41
CA GLY EA 54 -30.90 -9.30 -93.63
C GLY EA 54 -30.35 -8.39 -92.55
N GLN EA 55 -31.08 -7.32 -92.25
CA GLN EA 55 -30.64 -6.43 -91.20
C GLN EA 55 -30.78 -7.05 -89.82
N ILE EA 56 -31.86 -7.77 -89.55
CA ILE EA 56 -32.05 -8.44 -88.26
C ILE EA 56 -30.86 -9.31 -87.95
N ARG EA 57 -30.60 -10.26 -88.84
CA ARG EA 57 -29.50 -11.18 -88.68
C ARG EA 57 -28.18 -10.42 -88.55
N GLY EA 58 -28.05 -9.34 -89.32
CA GLY EA 58 -26.88 -8.50 -89.19
C GLY EA 58 -26.80 -7.83 -87.83
N LEU EA 59 -27.94 -7.58 -87.19
CA LEU EA 59 -27.95 -6.98 -85.86
C LEU EA 59 -27.63 -8.01 -84.80
N GLU EA 60 -28.03 -9.26 -85.04
CA GLU EA 60 -27.66 -10.33 -84.13
C GLU EA 60 -26.15 -10.52 -84.14
N MET EA 61 -25.57 -10.59 -85.34
CA MET EA 61 -24.12 -10.68 -85.44
C MET EA 61 -23.47 -9.36 -85.03
N ALA EA 62 -24.20 -8.26 -85.10
CA ALA EA 62 -23.67 -6.99 -84.60
C ALA EA 62 -23.54 -7.03 -83.10
N SER EA 63 -24.58 -7.50 -82.42
CA SER EA 63 -24.51 -7.65 -80.98
C SER EA 63 -23.38 -8.58 -80.61
N LYS EA 64 -23.28 -9.69 -81.32
CA LYS EA 64 -22.16 -10.60 -81.14
C LYS EA 64 -20.83 -9.86 -81.24
N ASN EA 65 -20.62 -9.14 -82.34
CA ASN EA 65 -19.35 -8.46 -82.57
C ASN EA 65 -19.06 -7.43 -81.49
N SER EA 66 -20.11 -6.74 -81.03
CA SER EA 66 -19.91 -5.69 -80.04
C SER EA 66 -19.58 -6.28 -78.68
N GLN EA 67 -20.26 -7.38 -78.32
CA GLN EA 67 -19.92 -8.08 -77.10
C GLN EA 67 -18.49 -8.57 -77.15
N ASP EA 68 -18.07 -9.04 -78.32
CA ASP EA 68 -16.69 -9.46 -78.49
C ASP EA 68 -15.76 -8.27 -78.33
N GLY EA 69 -16.15 -7.11 -78.88
CA GLY EA 69 -15.46 -5.86 -78.59
C GLY EA 69 -15.28 -5.67 -77.10
N ILE EA 70 -16.35 -5.85 -76.35
CA ILE EA 70 -16.32 -5.65 -74.91
C ILE EA 70 -15.34 -6.61 -74.28
N SER EA 71 -15.32 -7.86 -74.75
CA SER EA 71 -14.42 -8.84 -74.18
C SER EA 71 -12.98 -8.40 -74.36
N LEU EA 72 -12.65 -7.93 -75.55
CA LEU EA 72 -11.33 -7.38 -75.80
C LEU EA 72 -11.05 -6.22 -74.85
N ILE EA 73 -12.01 -5.31 -74.74
CA ILE EA 73 -11.84 -4.12 -73.92
C ILE EA 73 -11.50 -4.53 -72.51
N GLN EA 74 -12.37 -5.31 -71.88
CA GLN EA 74 -12.22 -5.65 -70.48
C GLN EA 74 -10.95 -6.46 -70.23
N THR EA 75 -10.52 -7.25 -71.22
CA THR EA 75 -9.23 -7.89 -71.11
C THR EA 75 -8.14 -6.85 -70.94
N ALA EA 76 -8.02 -5.96 -71.91
CA ALA EA 76 -6.97 -4.95 -71.85
C ALA EA 76 -7.14 -4.06 -70.63
N GLU EA 77 -8.39 -3.78 -70.29
CA GLU EA 77 -8.74 -2.96 -69.14
C GLU EA 77 -8.16 -3.52 -67.86
N GLY EA 78 -8.49 -4.78 -67.56
CA GLY EA 78 -7.98 -5.38 -66.34
C GLY EA 78 -6.47 -5.44 -66.34
N ALA EA 79 -5.90 -5.70 -67.52
CA ALA EA 79 -4.45 -5.74 -67.61
C ALA EA 79 -3.85 -4.38 -67.28
N LEU EA 80 -4.45 -3.31 -67.78
CA LEU EA 80 -3.95 -1.97 -67.51
C LEU EA 80 -4.19 -1.56 -66.07
N THR EA 81 -5.26 -2.08 -65.47
CA THR EA 81 -5.47 -1.85 -64.05
C THR EA 81 -4.34 -2.45 -63.25
N GLU EA 82 -3.95 -3.68 -63.59
CA GLU EA 82 -2.84 -4.29 -62.88
C GLU EA 82 -1.54 -3.54 -63.14
N THR EA 83 -1.31 -3.13 -64.39
CA THR EA 83 -0.16 -2.31 -64.73
C THR EA 83 -0.12 -1.10 -63.83
N HIS EA 84 -1.26 -0.45 -63.73
CA HIS EA 84 -1.36 0.75 -62.92
C HIS EA 84 -1.00 0.47 -61.48
N ALA EA 85 -1.54 -0.62 -60.93
CA ALA EA 85 -1.23 -1.00 -59.55
C ALA EA 85 0.28 -1.17 -59.37
N ILE EA 86 0.92 -1.80 -60.35
CA ILE EA 86 2.37 -1.88 -60.32
C ILE EA 86 2.95 -0.49 -60.25
N LEU EA 87 2.50 0.40 -61.12
CA LEU EA 87 3.07 1.74 -61.18
C LEU EA 87 2.91 2.47 -59.85
N GLN EA 88 1.84 2.18 -59.12
CA GLN EA 88 1.74 2.70 -57.76
C GLN EA 88 2.89 2.17 -56.93
N ARG EA 89 3.14 0.86 -57.01
CA ARG EA 89 4.28 0.32 -56.27
C ARG EA 89 5.57 0.97 -56.74
N VAL EA 90 5.68 1.22 -58.04
CA VAL EA 90 6.89 1.83 -58.56
C VAL EA 90 7.11 3.16 -57.89
N ARG EA 91 6.08 4.01 -57.84
CA ARG EA 91 6.27 5.32 -57.24
C ARG EA 91 6.61 5.20 -55.76
N GLU EA 92 6.04 4.21 -55.08
CA GLU EA 92 6.52 3.94 -53.72
C GLU EA 92 8.02 3.74 -53.73
N LEU EA 93 8.48 2.96 -54.69
CA LEU EA 93 9.90 2.69 -54.79
C LEU EA 93 10.68 3.88 -55.34
N VAL EA 94 10.00 4.84 -55.97
CA VAL EA 94 10.67 6.06 -56.38
C VAL EA 94 10.91 6.92 -55.16
N VAL EA 95 9.89 7.05 -54.32
CA VAL EA 95 10.03 7.89 -53.15
C VAL EA 95 11.05 7.29 -52.19
N GLN EA 96 11.06 5.96 -52.07
CA GLN EA 96 12.16 5.32 -51.38
C GLN EA 96 13.46 5.54 -52.14
N ALA EA 97 13.38 5.54 -53.48
CA ALA EA 97 14.53 5.79 -54.33
C ALA EA 97 14.80 7.27 -54.49
N GLY EA 98 14.22 8.07 -53.61
CA GLY EA 98 14.90 9.23 -53.15
C GLY EA 98 16.06 8.94 -52.22
N ASN EA 99 16.43 7.65 -52.04
CA ASN EA 99 17.62 7.24 -51.32
C ASN EA 99 17.41 7.46 -49.83
N THR EA 100 16.15 7.70 -49.45
CA THR EA 100 15.83 8.38 -48.21
C THR EA 100 16.81 9.55 -48.06
N GLY EA 101 16.87 10.34 -49.13
CA GLY EA 101 17.84 11.41 -49.14
C GLY EA 101 19.21 10.95 -49.55
N THR EA 102 20.05 10.69 -48.55
CA THR EA 102 21.32 10.00 -48.74
C THR EA 102 21.44 8.77 -47.86
N GLN EA 103 20.43 8.49 -47.03
CA GLN EA 103 20.58 7.49 -45.98
C GLN EA 103 20.74 6.09 -46.54
N ASP EA 104 20.01 5.77 -47.61
CA ASP EA 104 20.23 4.48 -48.22
C ASP EA 104 21.60 4.50 -48.88
N LYS EA 105 22.22 3.33 -48.98
CA LYS EA 105 23.51 3.19 -49.63
C LYS EA 105 23.32 2.66 -51.04
N ALA EA 106 24.44 2.54 -51.76
CA ALA EA 106 24.38 2.09 -53.14
C ALA EA 106 23.76 0.69 -53.24
N THR EA 107 24.11 -0.19 -52.32
CA THR EA 107 23.52 -1.52 -52.31
C THR EA 107 22.02 -1.46 -52.06
N ASP EA 108 21.60 -0.55 -51.18
CA ASP EA 108 20.17 -0.41 -50.93
C ASP EA 108 19.45 0.02 -52.19
N LEU EA 109 20.01 0.99 -52.90
CA LEU EA 109 19.44 1.40 -54.18
C LEU EA 109 19.45 0.27 -55.18
N GLN EA 110 20.44 -0.62 -55.09
CA GLN EA 110 20.48 -1.77 -55.99
C GLN EA 110 19.43 -2.79 -55.62
N SER EA 111 19.19 -2.97 -54.33
CA SER EA 111 18.11 -3.84 -53.89
C SER EA 111 16.78 -3.33 -54.41
N ILE EA 112 16.55 -2.04 -54.24
CA ILE EA 112 15.36 -1.41 -54.79
C ILE EA 112 15.30 -1.62 -56.29
N GLN EA 113 16.42 -1.35 -56.96
CA GLN EA 113 16.46 -1.43 -58.41
C GLN EA 113 16.21 -2.84 -58.90
N ASP EA 114 16.68 -3.83 -58.13
CA ASP EA 114 16.34 -5.21 -58.44
C ASP EA 114 14.85 -5.40 -58.39
N GLY EA 115 14.22 -4.87 -57.33
CA GLY EA 115 12.78 -4.92 -57.25
C GLY EA 115 12.09 -4.23 -58.42
N ILE EA 116 12.62 -3.08 -58.83
CA ILE EA 116 11.96 -2.31 -59.87
C ILE EA 116 12.14 -3.00 -61.22
N SER EA 117 13.34 -3.47 -61.51
CA SER EA 117 13.55 -4.18 -62.77
C SER EA 117 12.71 -5.43 -62.83
N ALA EA 118 12.52 -6.06 -61.67
CA ALA EA 118 11.54 -7.14 -61.56
C ALA EA 118 10.15 -6.66 -61.93
N LEU EA 119 9.77 -5.48 -61.42
CA LEU EA 119 8.47 -4.92 -61.77
C LEU EA 119 8.38 -4.59 -63.25
N THR EA 120 9.46 -4.06 -63.82
CA THR EA 120 9.51 -3.83 -65.26
C THR EA 120 9.22 -5.11 -66.00
N ASP EA 121 9.89 -6.19 -65.61
CA ASP EA 121 9.69 -7.47 -66.25
C ASP EA 121 8.25 -7.92 -66.13
N GLU EA 122 7.59 -7.53 -65.04
CA GLU EA 122 6.17 -7.85 -64.90
C GLU EA 122 5.32 -6.97 -65.81
N ILE EA 123 5.65 -5.69 -65.92
CA ILE EA 123 4.88 -4.81 -66.79
C ILE EA 123 5.03 -5.28 -68.24
N ASP EA 124 6.26 -5.55 -68.64
CA ASP EA 124 6.51 -6.13 -69.95
C ASP EA 124 5.76 -7.44 -70.10
N GLY EA 125 5.69 -8.21 -69.01
CA GLY EA 125 4.91 -9.44 -69.06
C GLY EA 125 3.44 -9.17 -69.31
N ILE EA 126 2.90 -8.14 -68.67
CA ILE EA 126 1.52 -7.75 -68.94
C ILE EA 126 1.38 -7.43 -70.41
N SER EA 127 2.18 -6.49 -70.89
CA SER EA 127 2.02 -5.98 -72.24
C SER EA 127 2.37 -7.02 -73.29
N ASN EA 128 3.06 -8.10 -72.92
CA ASN EA 128 3.47 -9.15 -73.84
C ASN EA 128 2.79 -10.48 -73.53
N ARG EA 129 1.78 -10.48 -72.65
CA ARG EA 129 0.98 -11.67 -72.40
C ARG EA 129 -0.50 -11.37 -72.64
N THR EA 130 -0.88 -10.10 -72.52
CA THR EA 130 -2.26 -9.73 -72.77
C THR EA 130 -2.54 -9.88 -74.26
N GLU EA 131 -3.05 -11.05 -74.62
CA GLU EA 131 -3.45 -11.36 -75.98
C GLU EA 131 -4.96 -11.56 -76.03
N PHE EA 132 -5.55 -11.23 -77.19
CA PHE EA 132 -6.89 -11.69 -77.53
C PHE EA 132 -6.83 -12.38 -78.87
N ASN EA 133 -7.06 -13.68 -78.86
CA ASN EA 133 -7.02 -14.46 -80.07
C ASN EA 133 -5.64 -14.32 -80.70
N GLY EA 134 -4.63 -14.35 -79.85
CA GLY EA 134 -3.26 -14.17 -80.24
C GLY EA 134 -2.83 -12.73 -80.41
N LYS EA 135 -3.78 -11.84 -80.67
CA LYS EA 135 -3.46 -10.45 -80.88
C LYS EA 135 -2.99 -9.84 -79.57
N LYS EA 136 -1.71 -9.53 -79.50
CA LYS EA 136 -1.16 -8.96 -78.28
C LYS EA 136 -1.78 -7.59 -78.09
N LEU EA 137 -2.84 -7.57 -77.28
CA LEU EA 137 -3.68 -6.39 -77.14
C LEU EA 137 -2.95 -5.22 -76.52
N LEU EA 138 -1.89 -5.48 -75.76
CA LEU EA 138 -1.04 -4.45 -75.21
C LEU EA 138 0.31 -4.44 -75.89
N ASP EA 139 0.34 -4.84 -77.15
CA ASP EA 139 1.49 -4.55 -77.99
C ASP EA 139 1.54 -3.04 -78.18
N GLY EA 140 2.49 -2.39 -77.53
CA GLY EA 140 2.59 -0.95 -77.64
C GLY EA 140 2.84 -0.47 -79.04
N THR EA 141 3.30 -1.35 -79.94
CA THR EA 141 3.49 -1.04 -81.34
C THR EA 141 2.32 -1.51 -82.20
N TYR EA 142 1.20 -1.91 -81.60
CA TYR EA 142 0.06 -2.35 -82.38
C TYR EA 142 -0.45 -1.23 -83.27
N LYS EA 143 -0.93 -0.14 -82.66
CA LYS EA 143 -1.48 1.00 -83.38
C LYS EA 143 -0.81 2.29 -82.93
N VAL EA 144 0.50 2.34 -83.07
CA VAL EA 144 1.17 3.63 -83.03
C VAL EA 144 0.79 4.35 -84.33
N ASP EA 145 -0.02 5.41 -84.20
CA ASP EA 145 -0.50 6.17 -85.35
C ASP EA 145 0.66 6.60 -86.26
N THR EA 146 1.72 7.12 -85.65
CA THR EA 146 3.01 7.40 -86.30
C THR EA 146 2.97 8.60 -87.23
N ALA EA 147 1.78 9.12 -87.55
CA ALA EA 147 1.56 9.89 -88.76
C ALA EA 147 1.87 9.06 -90.01
N THR EA 148 1.67 7.75 -89.93
CA THR EA 148 1.87 6.84 -91.05
C THR EA 148 0.69 5.90 -91.11
N PRO EA 149 -0.30 6.17 -91.98
CA PRO EA 149 -1.42 5.23 -92.14
C PRO EA 149 -1.00 3.81 -92.45
N ALA EA 150 0.08 3.65 -93.21
CA ALA EA 150 0.52 2.33 -93.62
C ALA EA 150 0.85 1.44 -92.44
N ASN EA 151 1.27 2.03 -91.32
CA ASN EA 151 1.68 1.28 -90.13
C ASN EA 151 0.78 1.67 -88.98
N GLN EA 152 -0.43 1.08 -88.93
CA GLN EA 152 -1.33 1.33 -87.80
C GLN EA 152 -2.08 0.11 -87.29
N LYS EA 153 -2.41 -0.89 -88.10
CA LYS EA 153 -3.24 -2.02 -87.63
C LYS EA 153 -4.50 -1.52 -86.93
N ASN EA 154 -5.21 -0.55 -87.53
CA ASN EA 154 -6.34 0.12 -86.90
C ASN EA 154 -7.30 -0.88 -86.28
N LEU EA 155 -7.54 -0.74 -84.97
CA LEU EA 155 -8.38 -1.71 -84.25
C LEU EA 155 -9.83 -1.41 -84.61
N VAL EA 156 -10.19 -1.81 -85.83
CA VAL EA 156 -11.52 -1.59 -86.36
C VAL EA 156 -12.47 -2.56 -85.67
N PHE EA 157 -13.71 -2.11 -85.40
CA PHE EA 157 -14.83 -2.98 -85.00
C PHE EA 157 -16.02 -2.67 -85.91
N GLN EA 158 -16.25 -3.54 -86.91
CA GLN EA 158 -17.49 -3.51 -87.70
C GLN EA 158 -18.61 -4.03 -86.84
N ILE EA 159 -19.56 -3.17 -86.54
CA ILE EA 159 -20.72 -3.53 -85.76
C ILE EA 159 -22.00 -3.41 -86.58
N GLY EA 160 -22.22 -2.27 -87.22
CA GLY EA 160 -23.50 -2.04 -87.86
C GLY EA 160 -23.76 -3.01 -88.99
N ALA EA 161 -25.01 -3.45 -89.08
CA ALA EA 161 -25.40 -4.35 -90.16
C ALA EA 161 -25.22 -3.69 -91.52
N ASN EA 162 -25.19 -2.37 -91.56
CA ASN EA 162 -24.95 -1.61 -92.78
C ASN EA 162 -23.46 -1.37 -92.97
N ALA EA 163 -23.07 -1.18 -94.23
CA ALA EA 163 -21.67 -1.03 -94.57
C ALA EA 163 -21.07 0.24 -93.98
N THR EA 164 -19.76 0.17 -93.70
CA THR EA 164 -18.92 1.23 -93.16
C THR EA 164 -19.19 1.52 -91.69
N GLN EA 165 -20.15 0.87 -91.07
CA GLN EA 165 -20.51 1.17 -89.70
C GLN EA 165 -19.48 0.58 -88.75
N GLN EA 166 -18.31 1.20 -88.69
CA GLN EA 166 -17.16 0.66 -88.00
C GLN EA 166 -16.69 1.60 -86.91
N ILE EA 167 -16.03 1.01 -85.93
CA ILE EA 167 -15.44 1.73 -84.83
C ILE EA 167 -13.92 1.64 -84.92
N SER EA 168 -13.24 2.77 -84.77
CA SER EA 168 -11.79 2.86 -84.85
C SER EA 168 -11.22 3.04 -83.45
N VAL EA 169 -10.38 2.10 -83.01
CA VAL EA 169 -9.81 2.10 -81.67
C VAL EA 169 -8.30 2.08 -81.77
N ASN EA 170 -7.63 2.57 -80.73
CA ASN EA 170 -6.18 2.68 -80.70
C ASN EA 170 -5.57 2.01 -79.48
N ILE EA 171 -4.59 1.14 -79.75
CA ILE EA 171 -3.72 0.52 -78.76
C ILE EA 171 -2.35 1.18 -78.93
N GLU EA 172 -1.74 1.67 -77.83
CA GLU EA 172 -0.34 2.07 -77.90
C GLU EA 172 0.49 1.80 -76.65
N ASP EA 173 -0.07 1.19 -75.61
CA ASP EA 173 0.65 1.10 -74.34
C ASP EA 173 1.50 -0.17 -74.28
N MET EA 174 2.54 -0.11 -73.45
CA MET EA 174 3.44 -1.22 -73.18
C MET EA 174 4.41 -0.77 -72.09
N GLY EA 175 5.22 -1.71 -71.63
CA GLY EA 175 6.19 -1.39 -70.59
C GLY EA 175 7.18 -0.32 -70.98
N ALA EA 176 7.60 -0.31 -72.24
CA ALA EA 176 8.51 0.71 -72.71
C ALA EA 176 7.82 2.04 -73.00
N ASP EA 177 6.51 2.13 -72.82
CA ASP EA 177 5.73 3.32 -73.13
C ASP EA 177 5.43 4.07 -71.84
N ALA EA 178 6.27 5.06 -71.48
CA ALA EA 178 6.12 5.73 -70.19
C ALA EA 178 5.90 7.24 -70.25
N LEU EA 179 6.94 8.01 -70.57
CA LEU EA 179 6.75 9.44 -70.87
C LEU EA 179 6.85 9.57 -72.37
N GLY EA 180 5.69 9.56 -73.01
CA GLY EA 180 5.62 9.71 -74.43
C GLY EA 180 5.81 11.16 -74.78
N ILE EA 181 7.05 11.67 -74.68
CA ILE EA 181 7.32 13.04 -75.09
C ILE EA 181 6.84 13.25 -76.51
N LYS EA 182 7.28 12.39 -77.41
CA LYS EA 182 6.76 12.20 -78.76
C LYS EA 182 6.77 10.72 -79.09
N GLU EA 183 7.90 10.12 -78.72
CA GLU EA 183 8.22 8.71 -78.74
C GLU EA 183 9.10 8.48 -77.51
N ALA EA 184 9.77 7.33 -77.46
CA ALA EA 184 10.75 7.13 -76.41
C ALA EA 184 11.92 8.07 -76.61
N ASP EA 185 12.24 8.85 -75.59
CA ASP EA 185 13.35 9.80 -75.72
C ASP EA 185 14.67 9.03 -75.73
N GLY EA 186 14.95 8.31 -74.65
CA GLY EA 186 16.18 7.58 -74.51
C GLY EA 186 16.29 6.97 -73.13
N SER EA 187 17.42 7.19 -72.46
CA SER EA 187 17.56 6.75 -71.07
C SER EA 187 16.46 7.34 -70.21
N ILE EA 188 16.01 8.54 -70.54
CA ILE EA 188 14.88 9.16 -69.88
C ILE EA 188 13.64 8.92 -70.72
N ALA EA 189 12.49 9.19 -70.13
CA ALA EA 189 11.17 9.27 -70.74
C ALA EA 189 10.55 7.94 -71.14
N ALA EA 190 11.36 6.92 -71.40
CA ALA EA 190 10.88 5.56 -71.57
C ALA EA 190 11.68 4.56 -70.76
N LEU EA 191 13.00 4.63 -70.87
CA LEU EA 191 13.85 3.59 -70.31
C LEU EA 191 14.03 3.70 -68.82
N HIS EA 192 13.59 4.78 -68.19
CA HIS EA 192 13.47 4.69 -66.75
C HIS EA 192 12.39 3.69 -66.38
N SER EA 193 11.35 3.57 -67.22
CA SER EA 193 10.37 2.53 -67.00
C SER EA 193 10.97 1.17 -67.28
N VAL EA 194 11.86 1.09 -68.27
CA VAL EA 194 12.47 -0.18 -68.63
C VAL EA 194 13.71 -0.42 -67.77
N ASN EA 195 14.70 0.47 -67.89
CA ASN EA 195 16.01 0.21 -67.28
C ASN EA 195 16.11 0.71 -65.84
N ASP EA 196 15.25 1.64 -65.42
CA ASP EA 196 15.27 2.10 -64.03
C ASP EA 196 16.57 2.80 -63.64
N LEU EA 197 16.75 4.03 -64.12
CA LEU EA 197 17.98 4.80 -63.92
C LEU EA 197 18.47 4.90 -62.47
N ASP EA 198 17.65 4.62 -61.46
CA ASP EA 198 18.06 4.76 -60.06
C ASP EA 198 18.87 3.53 -59.65
N VAL EA 199 20.18 3.58 -59.94
CA VAL EA 199 21.07 2.49 -59.62
C VAL EA 199 22.10 2.93 -58.59
N THR EA 200 23.07 3.72 -59.05
CA THR EA 200 23.98 4.51 -58.24
C THR EA 200 24.15 5.90 -58.80
N LYS EA 201 23.83 6.10 -60.09
CA LYS EA 201 23.75 7.43 -60.67
C LYS EA 201 22.87 8.33 -59.83
N PHE EA 202 21.83 7.77 -59.21
CA PHE EA 202 21.00 8.59 -58.34
C PHE EA 202 21.79 9.10 -57.15
N ALA EA 203 22.57 8.22 -56.51
CA ALA EA 203 23.34 8.66 -55.35
C ALA EA 203 24.33 9.74 -55.73
N ASP EA 204 24.82 9.70 -56.97
CA ASP EA 204 25.71 10.75 -57.45
C ASP EA 204 25.00 12.09 -57.51
N ASN EA 205 23.82 12.12 -58.16
CA ASN EA 205 23.03 13.35 -58.34
C ASN EA 205 21.59 13.04 -57.94
N ALA EA 206 21.32 13.15 -56.65
CA ALA EA 206 19.96 12.91 -56.19
C ALA EA 206 18.98 13.95 -56.70
N ALA EA 207 19.44 15.19 -56.94
CA ALA EA 207 18.62 16.26 -57.51
C ALA EA 207 19.32 17.06 -58.60
N ASP EA 208 20.64 17.12 -58.51
CA ASP EA 208 21.49 18.11 -59.17
C ASP EA 208 21.34 18.32 -60.68
N CYS EA 209 20.81 17.35 -61.43
CA CYS EA 209 20.85 17.44 -62.89
C CYS EA 209 19.55 17.08 -63.60
N ALA EA 210 18.50 16.74 -62.85
CA ALA EA 210 17.16 16.38 -63.35
C ALA EA 210 17.12 15.05 -64.09
N ASP EA 211 18.14 14.74 -64.89
CA ASP EA 211 18.25 13.52 -65.66
C ASP EA 211 18.24 12.30 -64.77
N ILE EA 212 19.02 12.37 -63.69
CA ILE EA 212 18.84 11.47 -62.55
C ILE EA 212 18.42 12.21 -61.29
N GLY EA 213 18.30 13.54 -61.31
CA GLY EA 213 18.04 14.22 -60.06
C GLY EA 213 16.64 14.04 -59.50
N PHE EA 214 16.10 12.81 -59.45
CA PHE EA 214 14.80 12.40 -58.90
C PHE EA 214 13.58 12.96 -59.64
N ASP EA 215 13.75 14.15 -60.20
CA ASP EA 215 12.75 14.87 -60.95
C ASP EA 215 12.34 14.10 -62.18
N ALA EA 216 13.29 13.87 -63.09
CA ALA EA 216 12.95 13.24 -64.35
C ALA EA 216 12.33 11.88 -64.11
N GLN EA 217 12.88 11.11 -63.17
CA GLN EA 217 12.39 9.75 -62.93
C GLN EA 217 10.95 9.79 -62.47
N LEU EA 218 10.67 10.64 -61.48
CA LEU EA 218 9.31 10.75 -61.01
C LEU EA 218 8.39 11.23 -62.11
N LYS EA 219 8.90 12.06 -63.01
CA LYS EA 219 8.09 12.51 -64.13
C LYS EA 219 7.83 11.39 -65.11
N VAL EA 220 8.79 10.49 -65.31
CA VAL EA 220 8.56 9.34 -66.16
C VAL EA 220 7.44 8.51 -65.58
N VAL EA 221 7.50 8.27 -64.27
CA VAL EA 221 6.47 7.44 -63.64
C VAL EA 221 5.13 8.14 -63.74
N ASP EA 222 5.10 9.43 -63.44
CA ASP EA 222 3.85 10.18 -63.45
C ASP EA 222 3.23 10.17 -64.83
N GLU EA 223 4.05 10.37 -65.86
CA GLU EA 223 3.49 10.40 -67.19
C GLU EA 223 3.11 9.00 -67.65
N ALA EA 224 3.91 8.00 -67.30
CA ALA EA 224 3.54 6.61 -67.59
C ALA EA 224 2.16 6.31 -67.06
N ILE EA 225 1.93 6.71 -65.80
CA ILE EA 225 0.62 6.56 -65.21
C ILE EA 225 -0.41 7.34 -66.00
N ASN EA 226 -0.08 8.57 -66.38
CA ASN EA 226 -1.03 9.41 -67.09
C ASN EA 226 -1.39 8.81 -68.45
N GLN EA 227 -0.43 8.14 -69.06
CA GLN EA 227 -0.67 7.46 -70.33
C GLN EA 227 -1.53 6.23 -70.13
N VAL EA 228 -1.34 5.53 -69.01
CA VAL EA 228 -2.25 4.45 -68.67
C VAL EA 228 -3.65 5.01 -68.44
N SER EA 229 -3.73 6.13 -67.73
CA SER EA 229 -5.01 6.76 -67.43
C SER EA 229 -5.75 7.11 -68.70
N SER EA 230 -5.05 7.72 -69.65
CA SER EA 230 -5.68 8.13 -70.89
C SER EA 230 -5.96 6.94 -71.78
N GLN EA 231 -5.09 5.93 -71.74
CA GLN EA 231 -5.36 4.72 -72.51
C GLN EA 231 -6.62 4.05 -72.01
N ARG EA 232 -6.74 3.93 -70.69
CA ARG EA 232 -7.94 3.37 -70.09
C ARG EA 232 -9.13 4.31 -70.32
N ALA EA 233 -8.87 5.60 -70.47
CA ALA EA 233 -9.94 6.54 -70.74
C ALA EA 233 -10.55 6.31 -72.10
N LYS EA 234 -9.68 6.18 -73.11
CA LYS EA 234 -10.16 5.81 -74.45
C LYS EA 234 -10.87 4.48 -74.39
N LEU EA 235 -10.23 3.52 -73.72
CA LEU EA 235 -10.73 2.17 -73.65
C LEU EA 235 -12.14 2.14 -73.07
N GLY EA 236 -12.34 2.85 -71.97
CA GLY EA 236 -13.64 2.89 -71.34
C GLY EA 236 -14.63 3.75 -72.10
N ALA EA 237 -14.13 4.74 -72.83
CA ALA EA 237 -15.01 5.49 -73.72
C ALA EA 237 -15.65 4.53 -74.71
N VAL EA 238 -14.83 3.68 -75.33
CA VAL EA 238 -15.36 2.70 -76.27
C VAL EA 238 -16.25 1.71 -75.55
N GLN EA 239 -15.91 1.36 -74.31
CA GLN EA 239 -16.78 0.50 -73.54
C GLN EA 239 -18.18 1.07 -73.45
N ASN EA 240 -18.27 2.34 -73.09
CA ASN EA 240 -19.56 3.00 -73.00
C ASN EA 240 -20.24 3.01 -74.36
N ARG EA 241 -19.47 3.26 -75.41
CA ARG EA 241 -20.03 3.24 -76.75
C ARG EA 241 -20.70 1.92 -77.04
N LEU EA 242 -20.03 0.83 -76.73
CA LEU EA 242 -20.59 -0.47 -77.05
C LEU EA 242 -21.75 -0.80 -76.13
N GLU EA 243 -21.76 -0.26 -74.92
CA GLU EA 243 -22.94 -0.39 -74.08
C GLU EA 243 -24.15 0.21 -74.78
N HIS EA 244 -24.03 1.47 -75.18
CA HIS EA 244 -25.16 2.15 -75.80
C HIS EA 244 -25.47 1.58 -77.17
N THR EA 245 -24.43 1.13 -77.86
CA THR EA 245 -24.63 0.42 -79.12
C THR EA 245 -25.53 -0.77 -78.90
N ILE EA 246 -25.16 -1.64 -77.96
CA ILE EA 246 -25.92 -2.86 -77.72
C ILE EA 246 -27.34 -2.51 -77.32
N ASN EA 247 -27.51 -1.48 -76.51
CA ASN EA 247 -28.87 -1.10 -76.15
C ASN EA 247 -29.66 -0.71 -77.39
N ASN EA 248 -29.02 0.00 -78.31
CA ASN EA 248 -29.67 0.31 -79.58
C ASN EA 248 -29.92 -0.94 -80.39
N LEU EA 249 -28.93 -1.83 -80.46
CA LEU EA 249 -29.07 -3.05 -81.26
C LEU EA 249 -30.20 -3.91 -80.74
N SER EA 250 -30.37 -3.91 -79.42
CA SER EA 250 -31.42 -4.68 -78.80
C SER EA 250 -32.78 -4.08 -79.10
N ALA EA 251 -32.94 -2.79 -78.83
CA ALA EA 251 -34.23 -2.13 -79.05
C ALA EA 251 -34.59 -2.13 -80.53
N SER EA 252 -33.64 -1.72 -81.36
CA SER EA 252 -33.84 -1.66 -82.80
C SER EA 252 -34.08 -3.03 -83.37
N GLY EA 253 -33.32 -4.01 -82.88
CA GLY EA 253 -33.54 -5.37 -83.33
C GLY EA 253 -34.94 -5.85 -83.01
N GLU EA 254 -35.40 -5.57 -81.79
CA GLU EA 254 -36.76 -5.92 -81.42
C GLU EA 254 -37.77 -5.27 -82.35
N ASN EA 255 -37.69 -3.95 -82.50
CA ASN EA 255 -38.63 -3.24 -83.35
C ASN EA 255 -38.58 -3.78 -84.77
N LEU EA 256 -37.42 -4.25 -85.19
CA LEU EA 256 -37.25 -4.74 -86.54
C LEU EA 256 -37.88 -6.11 -86.72
N THR EA 257 -37.68 -7.00 -85.75
CA THR EA 257 -38.35 -8.30 -85.81
C THR EA 257 -39.85 -8.13 -85.71
N ALA EA 258 -40.29 -7.10 -85.00
CA ALA EA 258 -41.70 -6.79 -84.98
C ALA EA 258 -42.17 -6.30 -86.33
N ALA EA 259 -41.35 -5.48 -87.00
CA ALA EA 259 -41.70 -5.01 -88.34
C ALA EA 259 -41.87 -6.18 -89.29
N GLU EA 260 -40.88 -7.08 -89.30
CA GLU EA 260 -40.99 -8.30 -90.09
C GLU EA 260 -42.27 -9.03 -89.71
N SER EA 261 -42.50 -9.18 -88.41
CA SER EA 261 -43.66 -9.91 -87.94
C SER EA 261 -44.94 -9.30 -88.48
N ARG EA 262 -44.97 -7.98 -88.64
CA ARG EA 262 -46.11 -7.35 -89.26
C ARG EA 262 -46.22 -7.75 -90.71
N ILE EA 263 -45.09 -7.86 -91.41
CA ILE EA 263 -45.16 -8.33 -92.79
C ILE EA 263 -45.68 -9.77 -92.81
N ARG EA 264 -45.10 -10.63 -91.99
CA ARG EA 264 -45.51 -12.03 -91.91
C ARG EA 264 -46.61 -12.27 -90.90
N ASP EA 265 -47.28 -11.21 -90.42
CA ASP EA 265 -48.35 -11.35 -89.44
C ASP EA 265 -49.40 -12.32 -89.92
N VAL EA 266 -49.48 -13.48 -89.30
CA VAL EA 266 -50.60 -14.39 -89.49
C VAL EA 266 -51.62 -14.08 -88.41
N ASP EA 267 -52.81 -13.66 -88.83
CA ASP EA 267 -53.95 -13.66 -87.93
C ASP EA 267 -54.40 -15.11 -87.87
N MET EA 268 -53.76 -15.86 -86.99
CA MET EA 268 -53.97 -17.30 -86.92
C MET EA 268 -55.42 -17.62 -86.68
N ALA EA 269 -56.12 -16.79 -85.92
CA ALA EA 269 -57.54 -17.00 -85.72
C ALA EA 269 -58.30 -16.81 -87.02
N LYS EA 270 -58.00 -15.73 -87.74
CA LYS EA 270 -58.61 -15.51 -89.04
C LYS EA 270 -58.37 -16.70 -89.95
N GLU EA 271 -57.13 -17.16 -89.99
CA GLU EA 271 -56.75 -18.15 -91.00
C GLU EA 271 -57.31 -19.52 -90.66
N MET EA 272 -57.44 -19.84 -89.37
CA MET EA 272 -58.17 -21.04 -89.00
C MET EA 272 -59.63 -20.91 -89.36
N SER EA 273 -60.21 -19.73 -89.12
CA SER EA 273 -61.61 -19.51 -89.45
C SER EA 273 -61.85 -19.65 -90.95
N GLU EA 274 -61.04 -18.96 -91.73
CA GLU EA 274 -61.17 -19.01 -93.18
C GLU EA 274 -60.92 -20.42 -93.68
N PHE EA 275 -59.96 -21.11 -93.06
CA PHE EA 275 -59.73 -22.50 -93.38
C PHE EA 275 -61.00 -23.32 -93.22
N THR EA 276 -61.59 -23.20 -92.04
CA THR EA 276 -62.86 -23.85 -91.73
C THR EA 276 -63.88 -23.59 -92.80
N LYS EA 277 -64.08 -22.31 -93.11
CA LYS EA 277 -65.06 -21.91 -94.11
C LYS EA 277 -64.79 -22.61 -95.43
N ASN EA 278 -63.54 -22.58 -95.87
CA ASN EA 278 -63.24 -23.14 -97.17
C ASN EA 278 -63.45 -24.65 -97.20
N ASN EA 279 -63.23 -25.33 -96.08
CA ASN EA 279 -63.60 -26.74 -95.98
C ASN EA 279 -65.09 -26.91 -96.21
N ILE EA 280 -65.87 -26.16 -95.44
CA ILE EA 280 -67.32 -26.20 -95.53
C ILE EA 280 -67.75 -26.00 -96.98
N LEU EA 281 -67.19 -24.97 -97.60
CA LEU EA 281 -67.60 -24.59 -98.95
C LEU EA 281 -67.24 -25.66 -99.96
N SER EA 282 -66.05 -26.24 -99.82
CA SER EA 282 -65.67 -27.35 -100.70
C SER EA 282 -66.67 -28.49 -100.56
N GLN EA 283 -66.94 -28.89 -99.32
CA GLN EA 283 -67.82 -30.03 -99.10
C GLN EA 283 -69.22 -29.77 -99.65
N ALA EA 284 -69.74 -28.58 -99.40
CA ALA EA 284 -71.06 -28.20 -99.90
C ALA EA 284 -71.09 -28.29 -101.41
N SER EA 285 -70.08 -27.71 -102.05
CA SER EA 285 -70.05 -27.70 -103.50
C SER EA 285 -70.00 -29.12 -104.05
N GLN EA 286 -69.26 -30.01 -103.39
CA GLN EA 286 -69.21 -31.39 -103.86
C GLN EA 286 -70.56 -32.08 -103.71
N ALA EA 287 -71.25 -31.82 -102.59
CA ALA EA 287 -72.59 -32.35 -102.44
C ALA EA 287 -73.48 -31.90 -103.60
N MET EA 288 -73.34 -30.64 -103.98
CA MET EA 288 -74.11 -30.15 -105.11
C MET EA 288 -73.67 -30.82 -106.41
N LEU EA 289 -72.39 -31.17 -106.55
CA LEU EA 289 -71.97 -31.87 -107.76
C LEU EA 289 -72.59 -33.24 -107.82
N ALA EA 290 -72.70 -33.90 -106.67
CA ALA EA 290 -73.43 -35.15 -106.61
C ALA EA 290 -74.85 -34.94 -107.11
N GLN EA 291 -75.52 -33.91 -106.58
CA GLN EA 291 -76.89 -33.64 -106.99
C GLN EA 291 -76.98 -33.36 -108.49
N ALA EA 292 -75.98 -32.67 -109.03
CA ALA EA 292 -75.93 -32.43 -110.47
C ALA EA 292 -75.84 -33.74 -111.22
N ASN EA 293 -75.22 -34.75 -110.62
CA ASN EA 293 -75.20 -36.06 -111.23
C ASN EA 293 -76.48 -36.85 -110.92
N GLN EA 294 -77.24 -36.45 -109.91
CA GLN EA 294 -78.46 -37.19 -109.58
C GLN EA 294 -79.62 -36.79 -110.47
N GLN EA 295 -79.79 -35.48 -110.68
CA GLN EA 295 -80.89 -34.99 -111.50
C GLN EA 295 -81.02 -35.67 -112.85
N PRO EA 296 -79.97 -35.75 -113.69
CA PRO EA 296 -80.16 -36.41 -114.98
C PRO EA 296 -80.47 -37.89 -114.89
N GLN EA 297 -80.23 -38.54 -113.75
CA GLN EA 297 -80.64 -39.92 -113.59
C GLN EA 297 -82.14 -40.00 -113.39
N ASN EA 298 -82.66 -39.12 -112.55
CA ASN EA 298 -84.10 -38.96 -112.42
C ASN EA 298 -84.70 -38.72 -113.79
N VAL EA 299 -84.07 -37.85 -114.57
CA VAL EA 299 -84.51 -37.61 -115.94
C VAL EA 299 -84.52 -38.90 -116.74
N LEU EA 300 -83.45 -39.68 -116.62
CA LEU EA 300 -83.35 -40.91 -117.40
C LEU EA 300 -84.54 -41.80 -117.14
N GLN EA 301 -84.83 -42.06 -115.87
CA GLN EA 301 -85.98 -42.90 -115.56
C GLN EA 301 -87.26 -42.28 -116.07
N LEU EA 302 -87.46 -41.00 -115.76
CA LEU EA 302 -88.73 -40.34 -116.03
C LEU EA 302 -89.02 -40.27 -117.52
N LEU EA 303 -87.98 -40.19 -118.34
CA LEU EA 303 -88.10 -40.15 -119.79
C LEU EA 303 -87.68 -41.46 -120.43
N ARG EA 304 -87.84 -42.56 -119.73
CA ARG EA 304 -87.61 -43.86 -120.31
C ARG EA 304 -88.91 -44.41 -120.87
N ILE FA 3 5.90 -22.88 4.36
CA ILE FA 3 5.98 -23.39 5.76
C ILE FA 3 5.94 -22.27 6.79
N ASN FA 4 5.16 -21.24 6.48
CA ASN FA 4 5.17 -20.01 7.28
C ASN FA 4 4.93 -20.29 8.75
N HIS FA 5 3.98 -21.16 9.05
CA HIS FA 5 3.62 -21.46 10.43
C HIS FA 5 4.69 -22.22 11.20
N ASN FA 6 5.75 -22.66 10.55
CA ASN FA 6 6.81 -23.41 11.20
C ASN FA 6 8.07 -22.60 11.45
N ILE FA 7 8.16 -21.38 10.93
CA ILE FA 7 9.37 -20.56 11.02
C ILE FA 7 9.18 -19.53 12.11
N ALA FA 8 10.07 -19.54 13.07
CA ALA FA 8 10.13 -18.50 14.08
C ALA FA 8 11.56 -18.13 14.43
N ALA FA 9 12.53 -18.63 13.68
CA ALA FA 9 13.95 -18.47 14.03
C ALA FA 9 14.19 -18.95 15.44
N LEU FA 10 13.73 -20.17 15.71
CA LEU FA 10 13.72 -20.66 17.08
C LEU FA 10 15.12 -20.73 17.67
N ASN FA 11 16.15 -20.84 16.84
CA ASN FA 11 17.51 -20.73 17.36
C ASN FA 11 17.74 -19.32 17.87
N THR FA 12 17.20 -18.33 17.18
CA THR FA 12 17.27 -16.97 17.71
C THR FA 12 16.55 -16.90 19.05
N LEU FA 13 15.42 -17.58 19.17
CA LEU FA 13 14.67 -17.55 20.42
C LEU FA 13 15.46 -18.17 21.53
N ASN FA 14 16.15 -19.25 21.23
CA ASN FA 14 17.00 -19.90 22.20
C ASN FA 14 18.14 -18.98 22.62
N ARG FA 15 18.73 -18.28 21.66
CA ARG FA 15 19.73 -17.28 21.99
C ARG FA 15 19.13 -16.20 22.84
N LEU FA 16 17.85 -15.91 22.64
CA LEU FA 16 17.24 -14.86 23.41
C LEU FA 16 17.15 -15.25 24.87
N SER FA 17 16.62 -16.43 25.14
CA SER FA 17 16.55 -16.93 26.49
C SER FA 17 17.93 -16.92 27.14
N SER FA 18 18.92 -17.41 26.38
CA SER FA 18 20.29 -17.44 26.89
C SER FA 18 20.78 -16.05 27.24
N ASN FA 19 20.57 -15.08 26.35
CA ASN FA 19 21.08 -13.74 26.56
C ASN FA 19 20.40 -13.06 27.73
N ASN FA 20 19.10 -13.29 27.88
CA ASN FA 20 18.39 -12.68 29.00
C ASN FA 20 18.91 -13.21 30.31
N SER FA 21 19.10 -14.52 30.40
CA SER FA 21 19.68 -15.06 31.61
C SER FA 21 21.10 -14.56 31.81
N ALA FA 22 21.84 -14.39 30.73
CA ALA FA 22 23.23 -13.94 30.83
C ALA FA 22 23.30 -12.55 31.45
N SER FA 23 22.60 -11.59 30.85
CA SER FA 23 22.59 -10.24 31.39
C SER FA 23 22.06 -10.23 32.80
N GLN FA 24 21.06 -11.07 33.09
CA GLN FA 24 20.55 -11.19 34.45
C GLN FA 24 21.66 -11.56 35.43
N LYS FA 25 22.45 -12.58 35.07
CA LYS FA 25 23.52 -13.03 35.93
C LYS FA 25 24.53 -11.91 36.15
N ASN FA 26 24.86 -11.21 35.07
CA ASN FA 26 25.76 -10.07 35.17
C ASN FA 26 25.26 -9.08 36.22
N MET FA 27 23.99 -8.70 36.14
CA MET FA 27 23.43 -7.77 37.12
C MET FA 27 23.58 -8.30 38.52
N GLU FA 28 23.12 -9.52 38.72
CA GLU FA 28 23.08 -10.11 40.04
C GLU FA 28 24.44 -10.07 40.69
N LYS FA 29 25.47 -10.35 39.92
CA LYS FA 29 26.82 -10.24 40.45
C LYS FA 29 27.19 -8.77 40.67
N LEU FA 30 26.84 -7.91 39.72
CA LEU FA 30 27.13 -6.49 39.83
C LEU FA 30 26.44 -5.89 41.04
N SER FA 31 25.14 -6.14 41.16
CA SER FA 31 24.35 -5.59 42.25
C SER FA 31 24.87 -6.07 43.58
N SER FA 32 25.09 -7.37 43.70
CA SER FA 32 25.55 -7.94 44.95
C SER FA 32 27.03 -7.71 45.17
N GLY FA 33 27.77 -7.40 44.13
CA GLY FA 33 29.21 -7.29 44.27
C GLY FA 33 29.85 -8.65 44.49
N LEU FA 34 29.24 -9.69 43.97
CA LEU FA 34 29.64 -11.08 44.23
C LEU FA 34 29.95 -11.73 42.90
N ARG FA 35 31.20 -12.11 42.70
CA ARG FA 35 31.49 -13.03 41.61
C ARG FA 35 31.05 -14.43 41.98
N ILE FA 36 31.06 -14.74 43.28
CA ILE FA 36 30.56 -16.02 43.73
C ILE FA 36 29.11 -16.18 43.32
N ASN FA 37 28.69 -17.42 43.19
CA ASN FA 37 27.31 -17.74 42.89
C ASN FA 37 26.55 -17.93 44.18
N ARG FA 38 25.26 -17.66 44.13
CA ARG FA 38 24.36 -18.18 45.16
C ARG FA 38 24.27 -19.68 45.05
N ALA FA 39 24.19 -20.17 43.82
CA ALA FA 39 24.14 -21.60 43.55
C ALA FA 39 25.48 -22.24 43.83
N GLY FA 40 25.44 -23.56 44.02
CA GLY FA 40 26.62 -24.36 44.31
C GLY FA 40 27.61 -24.48 43.18
N ASP FA 41 27.38 -23.82 42.06
CA ASP FA 41 28.35 -23.79 40.98
C ASP FA 41 29.66 -23.21 41.50
N ASP FA 42 30.71 -24.05 41.49
CA ASP FA 42 31.96 -23.79 42.21
C ASP FA 42 31.73 -23.79 43.72
N ALA FA 43 31.04 -24.82 44.20
CA ALA FA 43 30.88 -24.99 45.64
C ALA FA 43 32.23 -25.17 46.34
N ALA FA 44 33.27 -25.56 45.62
CA ALA FA 44 34.61 -25.55 46.20
C ALA FA 44 34.97 -24.15 46.65
N GLY FA 45 35.07 -23.22 45.71
CA GLY FA 45 35.42 -21.85 46.06
C GLY FA 45 34.46 -21.23 47.05
N LEU FA 46 33.17 -21.57 46.93
CA LEU FA 46 32.19 -21.07 47.88
C LEU FA 46 32.53 -21.54 49.28
N ALA FA 47 32.55 -22.87 49.46
CA ALA FA 47 32.82 -23.45 50.77
C ALA FA 47 34.12 -22.94 51.35
N ILE FA 48 35.10 -22.67 50.50
CA ILE FA 48 36.32 -22.04 50.97
C ILE FA 48 35.98 -20.69 51.55
N SER FA 49 35.36 -19.80 50.76
CA SER FA 49 35.09 -18.44 51.25
C SER FA 49 34.21 -18.44 52.48
N GLU FA 50 33.34 -19.44 52.57
CA GLU FA 50 32.57 -19.66 53.78
C GLU FA 50 33.49 -19.87 54.96
N LYS FA 51 34.43 -20.80 54.80
CA LYS FA 51 35.40 -21.07 55.85
C LYS FA 51 36.25 -19.85 56.13
N MET FA 52 36.63 -19.13 55.08
CA MET FA 52 37.38 -17.90 55.23
C MET FA 52 36.64 -16.96 56.14
N ARG FA 53 35.40 -16.62 55.78
CA ARG FA 53 34.61 -15.68 56.56
C ARG FA 53 34.42 -16.16 57.99
N GLY FA 54 34.25 -17.45 58.17
CA GLY FA 54 34.21 -17.99 59.51
C GLY FA 54 35.46 -17.61 60.28
N GLN FA 55 36.62 -17.78 59.64
CA GLN FA 55 37.86 -17.40 60.31
C GLN FA 55 38.00 -15.88 60.42
N ILE FA 56 37.64 -15.12 59.38
CA ILE FA 56 37.71 -13.66 59.42
C ILE FA 56 36.97 -13.14 60.62
N ARG FA 57 35.69 -13.46 60.68
CA ARG FA 57 34.84 -13.04 61.77
C ARG FA 57 35.40 -13.50 63.09
N GLY FA 58 35.94 -14.71 63.12
CA GLY FA 58 36.60 -15.19 64.32
C GLY FA 58 37.83 -14.38 64.68
N LEU FA 59 38.49 -13.79 63.68
CA LEU FA 59 39.65 -12.95 63.94
C LEU FA 59 39.24 -11.58 64.41
N GLU FA 60 38.10 -11.10 63.94
CA GLU FA 60 37.56 -9.85 64.45
C GLU FA 60 37.22 -9.99 65.92
N MET FA 61 36.51 -11.06 66.27
CA MET FA 61 36.21 -11.32 67.67
C MET FA 61 37.47 -11.71 68.43
N ALA FA 62 38.48 -12.22 67.72
CA ALA FA 62 39.76 -12.51 68.37
C ALA FA 62 40.44 -11.23 68.79
N SER FA 63 40.49 -10.26 67.88
CA SER FA 63 41.05 -8.97 68.20
C SER FA 63 40.29 -8.35 69.35
N LYS FA 64 38.97 -8.43 69.29
CA LYS FA 64 38.14 -7.97 70.41
C LYS FA 64 38.56 -8.62 71.71
N ASN FA 65 38.63 -9.96 71.72
CA ASN FA 65 38.96 -10.67 72.95
C ASN FA 65 40.34 -10.32 73.46
N SER FA 66 41.29 -10.11 72.54
CA SER FA 66 42.66 -9.82 72.96
C SER FA 66 42.76 -8.41 73.51
N GLN FA 67 42.07 -7.47 72.89
CA GLN FA 67 42.02 -6.11 73.43
C GLN FA 67 41.40 -6.13 74.81
N ASP FA 68 40.38 -6.95 74.99
CA ASP FA 68 39.76 -7.11 76.30
C ASP FA 68 40.77 -7.69 77.29
N GLY FA 69 41.54 -8.67 76.82
CA GLY FA 69 42.68 -9.15 77.59
C GLY FA 69 43.55 -8.01 78.06
N ILE FA 70 43.90 -7.12 77.14
CA ILE FA 70 44.76 -6.00 77.46
C ILE FA 70 44.12 -5.13 78.50
N SER FA 71 42.81 -4.90 78.39
CA SER FA 71 42.13 -4.06 79.35
C SER FA 71 42.25 -4.64 80.75
N LEU FA 72 42.03 -5.94 80.86
CA LEU FA 72 42.25 -6.63 82.13
C LEU FA 72 43.67 -6.44 82.61
N ILE FA 73 44.63 -6.66 81.72
CA ILE FA 73 46.04 -6.58 82.07
C ILE FA 73 46.34 -5.22 82.66
N GLN FA 74 46.07 -4.17 81.90
CA GLN FA 74 46.43 -2.82 82.31
C GLN FA 74 45.71 -2.40 83.57
N THR FA 75 44.50 -2.90 83.78
CA THR FA 75 43.83 -2.68 85.06
C THR FA 75 44.69 -3.22 86.19
N ALA FA 76 44.97 -4.52 86.16
CA ALA FA 76 45.75 -5.13 87.21
C ALA FA 76 47.13 -4.50 87.30
N GLU FA 77 47.69 -4.16 86.15
CA GLU FA 77 49.01 -3.54 86.05
C GLU FA 77 49.08 -2.26 86.84
N GLY FA 78 48.17 -1.32 86.54
CA GLY FA 78 48.19 -0.05 87.24
C GLY FA 78 47.95 -0.25 88.72
N ALA FA 79 47.09 -1.21 89.06
CA ALA FA 79 46.84 -1.49 90.46
C ALA FA 79 48.10 -1.97 91.16
N LEU FA 80 48.86 -2.84 90.50
CA LEU FA 80 50.09 -3.37 91.08
C LEU FA 80 51.17 -2.30 91.13
N THR FA 81 51.14 -1.37 90.17
CA THR FA 81 52.05 -0.24 90.23
C THR FA 81 51.79 0.58 91.48
N GLU FA 82 50.52 0.84 91.77
CA GLU FA 82 50.20 1.59 92.98
C GLU FA 82 50.57 0.79 94.22
N THR FA 83 50.28 -0.51 94.21
CA THR FA 83 50.69 -1.38 95.32
C THR FA 83 52.18 -1.22 95.56
N HIS FA 84 52.93 -1.29 94.47
CA HIS FA 84 54.36 -1.18 94.56
C HIS FA 84 54.78 0.14 95.18
N ALA FA 85 54.17 1.23 94.72
CA ALA FA 85 54.49 2.54 95.27
C ALA FA 85 54.25 2.56 96.78
N ILE FA 86 53.15 1.94 97.21
CA ILE FA 86 52.92 1.80 98.64
C ILE FA 86 54.08 1.08 99.27
N LEU FA 87 54.49 -0.04 98.69
CA LEU FA 87 55.55 -0.84 99.27
C LEU FA 87 56.84 -0.07 99.39
N GLN FA 88 57.09 0.86 98.46
CA GLN FA 88 58.20 1.78 98.64
C GLN FA 88 58.02 2.58 99.91
N ARG FA 89 56.81 3.13 100.10
CA ARG FA 89 56.57 3.87 101.34
C ARG FA 89 56.75 2.96 102.54
N VAL FA 90 56.31 1.71 102.41
CA VAL FA 90 56.44 0.78 103.51
C VAL FA 90 57.90 0.66 103.89
N ARG FA 91 58.77 0.42 102.91
CA ARG FA 91 60.19 0.25 103.25
C ARG FA 91 60.76 1.51 103.85
N GLU FA 92 60.30 2.68 103.41
CA GLU FA 92 60.67 3.90 104.11
C GLU FA 92 60.32 3.77 105.57
N LEU FA 93 59.12 3.27 105.84
CA LEU FA 93 58.68 3.12 107.20
C LEU FA 93 59.33 1.94 107.89
N VAL FA 94 59.94 1.02 107.14
CA VAL FA 94 60.72 -0.04 107.76
C VAL FA 94 62.04 0.53 108.24
N VAL FA 95 62.68 1.33 107.41
CA VAL FA 95 63.96 1.89 107.79
C VAL FA 95 63.77 2.86 108.94
N GLN FA 96 62.68 3.62 108.94
CA GLN FA 96 62.35 4.37 110.14
C GLN FA 96 62.00 3.42 111.27
N ALA FA 97 61.36 2.30 110.95
CA ALA FA 97 61.03 1.27 111.93
C ALA FA 97 62.19 0.35 112.20
N GLY FA 98 63.38 0.79 111.82
CA GLY FA 98 64.54 0.50 112.61
C GLY FA 98 64.60 1.26 113.91
N ASN FA 99 63.53 2.00 114.26
CA ASN FA 99 63.38 2.65 115.57
C ASN FA 99 64.33 3.86 115.64
N THR FA 100 64.86 4.24 114.48
CA THR FA 100 66.10 5.01 114.43
C THR FA 100 67.06 4.41 115.44
N GLY FA 101 67.23 3.09 115.33
CA GLY FA 101 68.02 2.40 116.30
C GLY FA 101 67.26 2.07 117.56
N THR FA 102 67.43 2.93 118.56
CA THR FA 102 66.59 2.94 119.76
C THR FA 102 65.95 4.28 120.01
N GLN FA 103 66.22 5.27 119.16
CA GLN FA 103 65.84 6.64 119.47
C GLN FA 103 64.35 6.84 119.49
N ASP FA 104 63.64 6.21 118.57
CA ASP FA 104 62.20 6.29 118.63
C ASP FA 104 61.73 5.52 119.85
N LYS FA 105 60.59 5.94 120.41
CA LYS FA 105 60.01 5.25 121.54
C LYS FA 105 58.88 4.34 121.07
N ALA FA 106 58.29 3.63 122.03
CA ALA FA 106 57.23 2.68 121.70
C ALA FA 106 56.05 3.37 121.04
N THR FA 107 55.69 4.56 121.53
CA THR FA 107 54.62 5.33 120.90
C THR FA 107 54.98 5.73 119.49
N ASP FA 108 56.23 6.09 119.26
CA ASP FA 108 56.65 6.44 117.92
C ASP FA 108 56.49 5.26 116.98
N LEU FA 109 56.93 4.08 117.43
CA LEU FA 109 56.73 2.87 116.64
C LEU FA 109 55.25 2.58 116.44
N GLN FA 110 54.41 2.96 117.39
CA GLN FA 110 52.98 2.75 117.24
C GLN FA 110 52.40 3.75 116.25
N SER FA 111 52.90 4.97 116.25
CA SER FA 111 52.49 5.94 115.24
C SER FA 111 52.82 5.44 113.86
N ILE FA 112 54.06 4.96 113.69
CA ILE FA 112 54.48 4.36 112.45
C ILE FA 112 53.57 3.19 112.10
N GLN FA 113 53.35 2.32 113.07
CA GLN FA 113 52.57 1.12 112.83
C GLN FA 113 51.13 1.45 112.47
N ASP FA 114 50.59 2.52 113.04
CA ASP FA 114 49.29 3.01 112.61
C ASP FA 114 49.34 3.37 111.15
N GLY FA 115 50.38 4.10 110.74
CA GLY FA 115 50.54 4.40 109.33
C GLY FA 115 50.66 3.16 108.47
N ILE FA 116 51.39 2.16 108.95
CA ILE FA 116 51.62 0.98 108.13
C ILE FA 116 50.36 0.15 108.03
N SER FA 117 49.65 -0.04 109.14
CA SER FA 117 48.41 -0.79 109.10
C SER FA 117 47.40 -0.09 108.22
N ALA FA 118 47.44 1.23 108.22
CA ALA FA 118 46.67 2.01 107.26
C ALA FA 118 47.07 1.66 105.84
N LEU FA 119 48.38 1.56 105.58
CA LEU FA 119 48.85 1.18 104.26
C LEU FA 119 48.43 -0.23 103.91
N THR FA 120 48.48 -1.14 104.87
CA THR FA 120 47.98 -2.49 104.66
C THR FA 120 46.54 -2.43 104.20
N ASP FA 121 45.72 -1.66 104.91
CA ASP FA 121 44.32 -1.54 104.56
C ASP FA 121 44.17 -1.01 103.15
N GLU FA 122 45.11 -0.17 102.72
CA GLU FA 122 45.07 0.31 101.34
C GLU FA 122 45.49 -0.76 100.36
N ILE FA 123 46.51 -1.55 100.70
CA ILE FA 123 46.92 -2.64 99.81
C ILE FA 123 45.81 -3.64 99.66
N ASP FA 124 45.22 -4.04 100.79
CA ASP FA 124 44.06 -4.91 100.77
C ASP FA 124 42.94 -4.26 99.98
N GLY FA 125 42.81 -2.94 100.07
CA GLY FA 125 41.82 -2.25 99.27
C GLY FA 125 42.10 -2.37 97.79
N ILE FA 126 43.37 -2.26 97.41
CA ILE FA 126 43.73 -2.50 96.02
C ILE FA 126 43.32 -3.90 95.61
N SER FA 127 43.80 -4.88 96.34
CA SER FA 127 43.60 -6.26 95.95
C SER FA 127 42.16 -6.70 96.06
N ASN FA 128 41.32 -5.95 96.78
CA ASN FA 128 39.91 -6.26 96.97
C ASN FA 128 38.99 -5.22 96.33
N ARG FA 129 39.53 -4.33 95.50
CA ARG FA 129 38.73 -3.40 94.71
C ARG FA 129 39.04 -3.54 93.24
N THR FA 130 40.25 -4.02 92.93
CA THR FA 130 40.61 -4.21 91.54
C THR FA 130 39.78 -5.36 90.98
N GLU FA 131 38.66 -5.00 90.37
CA GLU FA 131 37.78 -5.95 89.72
C GLU FA 131 37.76 -5.68 88.22
N PHE FA 132 37.55 -6.73 87.43
CA PHE FA 132 37.14 -6.60 86.04
C PHE FA 132 35.88 -7.41 85.83
N ASN FA 133 34.80 -6.71 85.55
CA ASN FA 133 33.52 -7.37 85.35
C ASN FA 133 33.17 -8.18 86.59
N GLY FA 134 33.45 -7.58 87.74
CA GLY FA 134 33.25 -8.21 89.02
C GLY FA 134 34.36 -9.14 89.45
N LYS FA 135 35.12 -9.67 88.50
CA LYS FA 135 36.18 -10.59 88.81
C LYS FA 135 37.28 -9.85 89.53
N LYS FA 136 37.44 -10.13 90.82
CA LYS FA 136 38.45 -9.46 91.61
C LYS FA 136 39.81 -9.89 91.06
N LEU FA 137 40.35 -9.05 90.18
CA LEU FA 137 41.55 -9.40 89.41
C LEU FA 137 42.77 -9.56 90.29
N LEU FA 138 42.78 -8.94 91.45
CA LEU FA 138 43.84 -9.12 92.42
C LEU FA 138 43.37 -9.90 93.63
N ASP FA 139 42.40 -10.78 93.41
CA ASP FA 139 42.10 -11.82 94.38
C ASP FA 139 43.31 -12.73 94.44
N GLY FA 140 44.08 -12.64 95.52
CA GLY FA 140 45.25 -13.47 95.64
C GLY FA 140 44.96 -14.96 95.63
N THR FA 141 43.71 -15.34 95.90
CA THR FA 141 43.27 -16.72 95.82
C THR FA 141 42.58 -17.04 94.51
N TYR FA 142 42.67 -16.16 93.51
CA TYR FA 142 42.04 -16.44 92.23
C TYR FA 142 42.64 -17.69 91.59
N LYS FA 143 43.94 -17.64 91.26
CA LYS FA 143 44.63 -18.75 90.62
C LYS FA 143 45.88 -19.10 91.41
N VAL FA 144 45.70 -19.44 92.67
CA VAL FA 144 46.76 -20.16 93.36
C VAL FA 144 46.80 -21.57 92.76
N ASP FA 145 47.87 -21.87 92.03
CA ASP FA 145 48.03 -23.16 91.37
C ASP FA 145 47.83 -24.31 92.33
N THR FA 146 48.44 -24.21 93.52
CA THR FA 146 48.22 -25.10 94.66
C THR FA 146 48.82 -26.50 94.50
N ALA FA 147 49.24 -26.84 93.29
CA ALA FA 147 49.34 -28.24 92.85
C ALA FA 147 47.98 -28.93 92.90
N THR FA 148 46.91 -28.17 92.69
CA THR FA 148 45.55 -28.71 92.65
C THR FA 148 44.85 -28.12 91.44
N PRO FA 149 44.77 -28.85 90.33
CA PRO FA 149 44.03 -28.34 89.16
C PRO FA 149 42.60 -27.97 89.47
N ALA FA 150 41.96 -28.69 90.40
CA ALA FA 150 40.56 -28.44 90.70
C ALA FA 150 40.33 -27.04 91.23
N ASN FA 151 41.33 -26.44 91.87
CA ASN FA 151 41.21 -25.12 92.47
C ASN FA 151 42.22 -24.19 91.81
N GLN FA 152 41.87 -23.67 90.62
CA GLN FA 152 42.74 -22.70 89.95
C GLN FA 152 42.03 -21.55 89.27
N LYS FA 153 40.81 -21.69 88.77
CA LYS FA 153 40.16 -20.60 88.02
C LYS FA 153 41.08 -20.07 86.91
N ASN FA 154 41.71 -20.96 86.15
CA ASN FA 154 42.73 -20.59 85.17
C ASN FA 154 42.28 -19.41 84.30
N LEU FA 155 43.07 -18.32 84.33
CA LEU FA 155 42.69 -17.12 83.61
C LEU FA 155 42.95 -17.36 82.12
N VAL FA 156 42.04 -18.15 81.54
CA VAL FA 156 42.12 -18.50 80.13
C VAL FA 156 41.74 -17.29 79.30
N PHE FA 157 42.41 -17.11 78.15
CA PHE FA 157 41.99 -16.17 77.10
C PHE FA 157 41.95 -16.93 75.76
N GLN FA 158 40.75 -17.30 75.32
CA GLN FA 158 40.52 -17.81 73.97
C GLN FA 158 40.62 -16.64 73.01
N ILE FA 159 41.63 -16.68 72.16
CA ILE FA 159 41.84 -15.67 71.14
C ILE FA 159 41.69 -16.23 69.75
N GLY FA 160 42.39 -17.33 69.44
CA GLY FA 160 42.43 -17.79 68.07
C GLY FA 160 41.08 -18.23 67.59
N ALA FA 161 40.79 -17.90 66.32
CA ALA FA 161 39.55 -18.32 65.71
C ALA FA 161 39.42 -19.83 65.65
N ASN FA 162 40.54 -20.54 65.71
CA ASN FA 162 40.58 -21.99 65.75
C ASN FA 162 40.51 -22.49 67.18
N ALA FA 163 40.03 -23.71 67.33
CA ALA FA 163 39.82 -24.29 68.65
C ALA FA 163 41.13 -24.50 69.39
N THR FA 164 41.05 -24.43 70.72
CA THR FA 164 42.14 -24.63 71.67
C THR FA 164 43.13 -23.47 71.69
N GLN FA 165 42.99 -22.48 70.84
CA GLN FA 165 43.96 -21.40 70.76
C GLN FA 165 43.78 -20.45 71.93
N GLN FA 166 44.21 -20.89 73.10
CA GLN FA 166 43.94 -20.20 74.35
C GLN FA 166 45.23 -19.82 75.04
N ILE FA 167 45.12 -18.77 75.86
CA ILE FA 167 46.22 -18.28 76.67
C ILE FA 167 45.91 -18.53 78.14
N SER FA 168 46.89 -19.08 78.86
CA SER FA 168 46.75 -19.41 80.28
C SER FA 168 47.52 -18.39 81.11
N VAL FA 169 46.81 -17.67 81.99
CA VAL FA 169 47.40 -16.60 82.79
C VAL FA 169 47.15 -16.91 84.26
N ASN FA 170 48.02 -16.36 85.12
CA ASN FA 170 47.96 -16.61 86.56
C ASN FA 170 47.89 -15.32 87.37
N ILE FA 171 46.89 -15.26 88.25
CA ILE FA 171 46.74 -14.24 89.28
C ILE FA 171 47.06 -14.91 90.61
N GLU FA 172 47.95 -14.31 91.42
CA GLU FA 172 48.09 -14.78 92.80
C GLU FA 172 48.37 -13.69 93.84
N ASP FA 173 48.42 -12.42 93.47
CA ASP FA 173 48.87 -11.40 94.42
C ASP FA 173 47.70 -10.84 95.22
N MET FA 174 48.03 -10.32 96.40
CA MET FA 174 47.09 -9.65 97.30
C MET FA 174 47.90 -9.10 98.46
N GLY FA 175 47.22 -8.35 99.33
CA GLY FA 175 47.87 -7.77 100.48
C GLY FA 175 48.50 -8.78 101.40
N ALA FA 176 47.85 -9.93 101.58
CA ALA FA 176 48.40 -10.98 102.43
C ALA FA 176 49.48 -11.80 101.73
N ASP FA 177 49.81 -11.48 100.48
CA ASP FA 177 50.78 -12.24 99.69
C ASP FA 177 52.10 -11.45 99.65
N ALA FA 178 53.02 -11.77 100.58
CA ALA FA 178 54.25 -10.98 100.69
C ALA FA 178 55.55 -11.75 100.51
N LEU FA 179 55.94 -12.58 101.49
CA LEU FA 179 57.06 -13.51 101.30
C LEU FA 179 56.43 -14.87 101.11
N GLY FA 180 56.24 -15.24 99.86
CA GLY FA 180 55.69 -16.53 99.53
C GLY FA 180 56.76 -17.58 99.69
N ILE FA 181 57.10 -17.92 100.94
CA ILE FA 181 58.05 -18.99 101.17
C ILE FA 181 57.59 -20.24 100.43
N LYS FA 182 56.35 -20.64 100.67
CA LYS FA 182 55.60 -21.62 99.90
C LYS FA 182 54.16 -21.17 99.82
N GLU FA 183 53.69 -20.71 100.97
CA GLU FA 183 52.42 -20.08 101.24
C GLU FA 183 52.70 -19.04 102.32
N ALA FA 184 51.66 -18.53 102.96
CA ALA FA 184 51.88 -17.67 104.11
C ALA FA 184 52.46 -18.49 105.25
N ASP FA 185 53.60 -18.06 105.79
CA ASP FA 185 54.21 -18.81 106.88
C ASP FA 185 53.39 -18.63 108.15
N GLY FA 186 53.27 -17.38 108.60
CA GLY FA 186 52.55 -17.08 109.82
C GLY FA 186 52.68 -15.62 110.16
N SER FA 187 53.07 -15.32 111.40
CA SER FA 187 53.35 -13.94 111.78
C SER FA 187 54.41 -13.34 110.89
N ILE FA 188 55.34 -14.15 110.43
CA ILE FA 188 56.32 -13.74 109.45
C ILE FA 188 55.86 -14.15 108.07
N ALA FA 189 56.52 -13.60 107.06
CA ALA FA 189 56.45 -13.96 105.66
C ALA FA 189 55.17 -13.56 104.93
N ALA FA 190 54.07 -13.38 105.65
CA ALA FA 190 52.86 -12.78 105.10
C ALA FA 190 52.30 -11.71 106.01
N LEU FA 191 52.15 -12.03 107.30
CA LEU FA 191 51.42 -11.17 108.20
C LEU FA 191 52.23 -9.98 108.66
N HIS FA 192 53.52 -9.91 108.37
CA HIS FA 192 54.15 -8.62 108.53
C HIS FA 192 53.59 -7.65 107.50
N SER FA 193 53.21 -8.15 106.33
CA SER FA 193 52.53 -7.29 105.38
C SER FA 193 51.14 -6.94 105.87
N VAL FA 194 50.49 -7.87 106.56
CA VAL FA 194 49.15 -7.63 107.05
C VAL FA 194 49.21 -6.96 108.42
N ASN FA 195 49.80 -7.66 109.40
CA ASN FA 195 49.72 -7.20 110.79
C ASN FA 195 50.84 -6.24 111.17
N ASP FA 196 51.95 -6.22 110.43
CA ASP FA 196 53.03 -5.27 110.72
C ASP FA 196 53.65 -5.47 112.09
N LEU FA 197 54.47 -6.52 112.21
CA LEU FA 197 55.11 -6.92 113.48
C LEU FA 197 55.83 -5.81 114.25
N ASP FA 198 56.17 -4.69 113.61
CA ASP FA 198 56.93 -3.62 114.29
C ASP FA 198 55.96 -2.78 115.12
N VAL FA 199 55.72 -3.25 116.34
CA VAL FA 199 54.81 -2.56 117.27
C VAL FA 199 55.58 -2.06 118.48
N THR FA 200 55.92 -2.98 119.36
CA THR FA 200 56.90 -2.82 120.43
C THR FA 200 57.81 -4.02 120.52
N LYS FA 201 57.39 -5.17 119.99
CA LYS FA 201 58.26 -6.32 119.83
C LYS FA 201 59.55 -5.93 119.15
N PHE FA 202 59.50 -4.96 118.23
CA PHE FA 202 60.73 -4.51 117.61
C PHE FA 202 61.66 -3.86 118.62
N ALA FA 203 61.12 -3.00 119.48
CA ALA FA 203 61.97 -2.34 120.46
C ALA FA 203 62.60 -3.35 121.40
N ASP FA 204 61.91 -4.46 121.65
CA ASP FA 204 62.47 -5.52 122.46
C ASP FA 204 63.68 -6.15 121.79
N ASN FA 205 63.54 -6.53 120.52
CA ASN FA 205 64.61 -7.18 119.74
C ASN FA 205 64.71 -6.48 118.40
N ALA FA 206 65.46 -5.39 118.37
CA ALA FA 206 65.64 -4.68 117.12
C ALA FA 206 66.42 -5.50 116.09
N ALA FA 207 67.31 -6.38 116.53
CA ALA FA 207 68.05 -7.28 115.65
C ALA FA 207 68.13 -8.72 116.16
N ASP FA 208 68.07 -8.87 117.47
CA ASP FA 208 68.51 -10.05 118.21
C ASP FA 208 67.97 -11.42 117.79
N CYS FA 209 66.83 -11.50 117.09
CA CYS FA 209 66.19 -12.79 116.87
C CYS FA 209 65.69 -13.02 115.45
N ALA FA 210 65.88 -12.07 114.54
CA ALA FA 210 65.48 -12.11 113.13
C ALA FA 210 63.98 -12.08 112.90
N ASP FA 211 63.21 -12.75 113.75
CA ASP FA 211 61.75 -12.82 113.67
C ASP FA 211 61.14 -11.44 113.80
N ILE FA 212 61.63 -10.67 114.76
CA ILE FA 212 61.42 -9.22 114.77
C ILE FA 212 62.73 -8.45 114.63
N GLY FA 213 63.87 -9.12 114.55
CA GLY FA 213 65.12 -8.36 114.53
C GLY FA 213 65.41 -7.58 113.25
N PHE FA 214 64.43 -6.84 112.71
CA PHE FA 214 64.50 -5.98 111.53
C PHE FA 214 64.76 -6.70 110.21
N ASP FA 215 65.50 -7.79 110.30
CA ASP FA 215 65.88 -8.65 109.20
C ASP FA 215 64.66 -9.26 108.54
N ALA FA 216 63.91 -10.05 109.30
CA ALA FA 216 62.77 -10.77 108.71
C ALA FA 216 61.79 -9.79 108.11
N GLN FA 217 61.52 -8.69 108.80
CA GLN FA 217 60.52 -7.74 108.33
C GLN FA 217 60.95 -7.16 107.01
N LEU FA 218 62.20 -6.69 106.94
CA LEU FA 218 62.69 -6.13 105.69
C LEU FA 218 62.68 -7.18 104.60
N LYS FA 219 62.91 -8.44 104.95
CA LYS FA 219 62.84 -9.50 103.96
C LYS FA 219 61.41 -9.73 103.49
N VAL FA 220 60.43 -9.59 104.38
CA VAL FA 220 59.04 -9.71 103.95
C VAL FA 220 58.75 -8.63 102.93
N VAL FA 221 59.16 -7.41 103.23
CA VAL FA 221 58.88 -6.31 102.32
C VAL FA 221 59.59 -6.54 101.00
N ASP FA 222 60.86 -6.93 101.07
CA ASP FA 222 61.65 -7.12 99.86
C ASP FA 222 61.04 -8.21 98.99
N GLU FA 223 60.62 -9.31 99.60
CA GLU FA 223 60.06 -10.38 98.81
C GLU FA 223 58.68 -10.00 98.31
N ALA FA 224 57.88 -9.32 99.14
CA ALA FA 224 56.58 -8.83 98.68
C ALA FA 224 56.75 -8.01 97.42
N ILE FA 225 57.73 -7.11 97.42
CA ILE FA 225 58.04 -6.34 96.24
C ILE FA 225 58.46 -7.26 95.11
N ASN FA 226 59.30 -8.23 95.41
CA ASN FA 226 59.79 -9.12 94.36
C ASN FA 226 58.65 -9.92 93.74
N GLN FA 227 57.66 -10.25 94.55
CA GLN FA 227 56.49 -10.97 94.06
C GLN FA 227 55.62 -10.05 93.21
N VAL FA 228 55.53 -8.78 93.58
CA VAL FA 228 54.88 -7.81 92.71
C VAL FA 228 55.63 -7.69 91.40
N SER FA 229 56.96 -7.63 91.49
CA SER FA 229 57.80 -7.50 90.32
C SER FA 229 57.58 -8.66 89.35
N SER FA 230 57.56 -9.87 89.89
CA SER FA 230 57.39 -11.04 89.04
C SER FA 230 55.95 -11.16 88.57
N GLN FA 231 54.99 -10.75 89.39
CA GLN FA 231 53.60 -10.77 88.96
C GLN FA 231 53.41 -9.82 87.79
N ARG FA 232 53.97 -8.60 87.92
CA ARG FA 232 53.93 -7.64 86.83
C ARG FA 232 54.76 -8.12 85.66
N ALA FA 233 55.78 -8.94 85.92
CA ALA FA 233 56.60 -9.49 84.85
C ALA FA 233 55.79 -10.45 83.99
N LYS FA 234 55.09 -11.37 84.64
CA LYS FA 234 54.18 -12.24 83.92
C LYS FA 234 53.13 -11.43 83.19
N LEU FA 235 52.56 -10.48 83.91
CA LEU FA 235 51.47 -9.66 83.39
C LEU FA 235 51.90 -8.94 82.12
N GLY FA 236 53.08 -8.33 82.14
CA GLY FA 236 53.58 -7.62 80.99
C GLY FA 236 54.06 -8.55 79.91
N ALA FA 237 54.51 -9.75 80.28
CA ALA FA 237 54.82 -10.75 79.28
C ALA FA 237 53.60 -11.02 78.43
N VAL FA 238 52.46 -11.24 79.10
CA VAL FA 238 51.22 -11.48 78.38
C VAL FA 238 50.81 -10.24 77.61
N GLN FA 239 51.08 -9.05 78.16
CA GLN FA 239 50.80 -7.83 77.43
C GLN FA 239 51.52 -7.84 76.09
N ASN FA 240 52.80 -8.16 76.11
CA ASN FA 240 53.56 -8.22 74.87
C ASN FA 240 52.99 -9.27 73.95
N ARG FA 241 52.60 -10.41 74.52
CA ARG FA 241 51.99 -11.47 73.71
C ARG FA 241 50.79 -10.96 72.97
N LEU FA 242 49.92 -10.24 73.65
CA LEU FA 242 48.71 -9.78 73.01
C LEU FA 242 49.00 -8.66 72.03
N GLU FA 243 50.07 -7.90 72.27
CA GLU FA 243 50.51 -6.94 71.26
C GLU FA 243 50.83 -7.66 69.96
N HIS FA 244 51.71 -8.66 70.03
CA HIS FA 244 52.12 -9.35 68.82
C HIS FA 244 51.00 -10.19 68.25
N THR FA 245 50.15 -10.72 69.12
CA THR FA 245 48.96 -11.40 68.67
C THR FA 245 48.14 -10.48 67.80
N ILE FA 246 47.80 -9.29 68.31
CA ILE FA 246 46.96 -8.38 67.57
C ILE FA 246 47.60 -7.99 66.27
N ASN FA 247 48.92 -7.80 66.28
CA ASN FA 247 49.59 -7.48 65.03
C ASN FA 247 49.42 -8.61 64.03
N ASN FA 248 49.50 -9.85 64.50
CA ASN FA 248 49.23 -11.00 63.64
C ASN FA 248 47.78 -11.02 63.21
N LEU FA 249 46.86 -10.78 64.13
CA LEU FA 249 45.44 -10.84 63.82
C LEU FA 249 45.08 -9.79 62.78
N SER FA 250 45.74 -8.64 62.86
CA SER FA 250 45.51 -7.56 61.92
C SER FA 250 46.03 -7.92 60.53
N ALA FA 251 47.30 -8.32 60.47
CA ALA FA 251 47.91 -8.65 59.18
C ALA FA 251 47.23 -9.86 58.56
N SER FA 252 47.08 -10.92 59.35
CA SER FA 252 46.46 -12.14 58.88
C SER FA 252 45.01 -11.90 58.50
N GLY FA 253 44.32 -11.11 59.30
CA GLY FA 253 42.95 -10.78 58.96
C GLY FA 253 42.86 -10.06 57.64
N GLU FA 254 43.74 -9.09 57.43
CA GLU FA 254 43.79 -8.39 56.15
C GLU FA 254 44.01 -9.37 55.00
N ASN FA 255 45.07 -10.16 55.09
CA ASN FA 255 45.39 -11.11 54.03
C ASN FA 255 44.22 -12.05 53.79
N LEU FA 256 43.47 -12.35 54.85
CA LEU FA 256 42.37 -13.29 54.75
C LEU FA 256 41.18 -12.66 54.05
N THR FA 257 40.84 -11.41 54.40
CA THR FA 257 39.77 -10.73 53.69
C THR FA 257 40.14 -10.50 52.25
N ALA FA 258 41.43 -10.33 51.97
CA ALA FA 258 41.89 -10.26 50.60
C ALA FA 258 41.70 -11.60 49.91
N ALA FA 259 41.99 -12.70 50.61
CA ALA FA 259 41.79 -14.02 50.04
C ALA FA 259 40.33 -14.22 49.65
N GLU FA 260 39.43 -13.93 50.59
CA GLU FA 260 38.01 -13.97 50.30
C GLU FA 260 37.71 -13.10 49.09
N SER FA 261 38.23 -11.88 49.10
CA SER FA 261 37.97 -10.95 48.03
C SER FA 261 38.39 -11.52 46.69
N ARG FA 262 39.46 -12.30 46.68
CA ARG FA 262 39.84 -12.99 45.45
C ARG FA 262 38.79 -14.01 45.07
N ILE FA 263 38.23 -14.72 46.05
CA ILE FA 263 37.15 -15.65 45.70
C ILE FA 263 35.97 -14.87 45.14
N ARG FA 264 35.55 -13.83 45.84
CA ARG FA 264 34.43 -13.01 45.41
C ARG FA 264 34.85 -11.85 44.52
N ASP FA 265 36.07 -11.88 43.98
CA ASP FA 265 36.56 -10.81 43.11
C ASP FA 265 35.60 -10.58 41.96
N VAL FA 266 34.91 -9.45 41.96
CA VAL FA 266 34.16 -9.00 40.80
C VAL FA 266 35.07 -8.07 40.01
N ASP FA 267 35.38 -8.46 38.78
CA ASP FA 267 35.95 -7.53 37.82
C ASP FA 267 34.78 -6.70 37.34
N MET FA 268 34.48 -5.65 38.13
CA MET FA 268 33.29 -4.86 37.89
C MET FA 268 33.30 -4.27 36.49
N ALA FA 269 34.48 -3.93 35.98
CA ALA FA 269 34.55 -3.44 34.61
C ALA FA 269 34.19 -4.54 33.63
N LYS FA 270 34.74 -5.74 33.82
CA LYS FA 270 34.36 -6.87 32.98
C LYS FA 270 32.86 -7.08 33.02
N GLU FA 271 32.29 -7.08 34.22
CA GLU FA 271 30.91 -7.49 34.37
C GLU FA 271 29.95 -6.44 33.83
N MET FA 272 30.32 -5.16 33.95
CA MET FA 272 29.55 -4.12 33.27
C MET FA 272 29.65 -4.29 31.76
N SER FA 273 30.85 -4.60 31.28
CA SER FA 273 31.06 -4.77 29.84
C SER FA 273 30.25 -5.94 29.33
N GLU FA 274 30.36 -7.09 29.99
CA GLU FA 274 29.62 -8.27 29.60
C GLU FA 274 28.13 -8.03 29.71
N PHE FA 275 27.72 -7.30 30.74
CA PHE FA 275 26.33 -6.91 30.87
C PHE FA 275 25.86 -6.17 29.63
N THR FA 276 26.61 -5.14 29.27
CA THR FA 276 26.34 -4.36 28.08
C THR FA 276 26.17 -5.26 26.86
N LYS FA 277 27.15 -6.13 26.66
CA LYS FA 277 27.12 -7.02 25.52
C LYS FA 277 25.85 -7.84 25.52
N ASN FA 278 25.50 -8.43 26.67
CA ASN FA 278 24.34 -9.30 26.69
C ASN FA 278 23.05 -8.53 26.44
N ASN FA 279 22.99 -7.26 26.84
CA ASN FA 279 21.85 -6.43 26.46
C ASN FA 279 21.78 -6.33 24.95
N ILE FA 280 22.90 -5.93 24.35
CA ILE FA 280 22.98 -5.78 22.90
C ILE FA 280 22.51 -7.04 22.22
N LEU FA 281 23.02 -8.17 22.69
CA LEU FA 281 22.75 -9.45 22.04
C LEU FA 281 21.29 -9.83 22.18
N SER FA 282 20.70 -9.59 23.35
CA SER FA 282 19.29 -9.84 23.52
C SER FA 282 18.48 -9.01 22.53
N GLN FA 283 18.76 -7.71 22.48
CA GLN FA 283 17.99 -6.82 21.63
C GLN FA 283 18.11 -7.21 20.16
N ALA FA 284 19.33 -7.51 19.73
CA ALA FA 284 19.56 -7.93 18.37
C ALA FA 284 18.77 -9.18 18.04
N SER FA 285 18.83 -10.16 18.94
CA SER FA 285 18.12 -11.41 18.69
C SER FA 285 16.63 -11.18 18.60
N GLN FA 286 16.10 -10.27 19.42
CA GLN FA 286 14.66 -10.00 19.34
C GLN FA 286 14.30 -9.32 18.03
N ALA FA 287 15.15 -8.40 17.56
CA ALA FA 287 14.92 -7.81 16.25
C ALA FA 287 14.86 -8.89 15.19
N MET FA 288 15.75 -9.87 15.29
CA MET FA 288 15.70 -10.95 14.33
C MET FA 288 14.45 -11.79 14.50
N LEU FA 289 13.93 -11.93 15.72
CA LEU FA 289 12.68 -12.68 15.89
C LEU FA 289 11.54 -11.95 15.22
N ALA FA 290 11.53 -10.62 15.32
CA ALA FA 290 10.56 -9.84 14.57
C ALA FA 290 10.68 -10.15 13.10
N GLN FA 291 11.91 -10.12 12.57
CA GLN FA 291 12.11 -10.40 11.15
C GLN FA 291 11.63 -11.81 10.79
N ALA FA 292 11.85 -12.77 11.69
CA ALA FA 292 11.34 -14.12 11.48
C ALA FA 292 9.83 -14.12 11.38
N ASN FA 293 9.18 -13.20 12.08
CA ASN FA 293 7.75 -13.05 11.94
C ASN FA 293 7.36 -12.22 10.73
N GLN FA 294 8.28 -11.44 10.18
CA GLN FA 294 7.96 -10.60 9.02
C GLN FA 294 8.01 -11.40 7.73
N GLN FA 295 9.06 -12.20 7.56
CA GLN FA 295 9.22 -12.98 6.34
C GLN FA 295 7.98 -13.78 5.94
N PRO FA 296 7.39 -14.61 6.80
CA PRO FA 296 6.20 -15.36 6.37
C PRO FA 296 5.00 -14.48 6.03
N GLN FA 297 4.96 -13.22 6.47
CA GLN FA 297 3.89 -12.34 6.04
C GLN FA 297 4.10 -11.91 4.60
N ASN FA 298 5.34 -11.56 4.29
CA ASN FA 298 5.71 -11.31 2.90
C ASN FA 298 5.32 -12.51 2.05
N VAL FA 299 5.61 -13.71 2.56
CA VAL FA 299 5.21 -14.93 1.87
C VAL FA 299 3.71 -14.97 1.68
N LEU FA 300 2.96 -14.63 2.73
CA LEU FA 300 1.51 -14.69 2.65
C LEU FA 300 1.00 -13.85 1.50
N GLN FA 301 1.43 -12.59 1.44
CA GLN FA 301 0.99 -11.74 0.35
C GLN FA 301 1.44 -12.30 -0.98
N LEU FA 302 2.72 -12.64 -1.09
CA LEU FA 302 3.30 -13.01 -2.37
C LEU FA 302 2.68 -14.28 -2.93
N LEU FA 303 2.23 -15.18 -2.05
CA LEU FA 303 1.56 -16.41 -2.45
C LEU FA 303 0.07 -16.37 -2.20
N ARG FA 304 -0.52 -15.19 -2.25
CA ARG FA 304 -1.95 -15.07 -2.17
C ARG FA 304 -2.55 -15.08 -3.56
N ILE GA 3 -70.96 -58.38 -124.16
CA ILE GA 3 -69.76 -59.08 -123.57
C ILE GA 3 -69.77 -59.04 -122.05
N ASN GA 4 -70.97 -59.13 -121.47
CA ASN GA 4 -71.14 -58.93 -120.03
C ASN GA 4 -70.21 -59.80 -119.22
N HIS GA 5 -70.08 -61.07 -119.59
CA HIS GA 5 -69.27 -62.02 -118.85
C HIS GA 5 -67.77 -61.75 -118.93
N ASN GA 6 -67.34 -60.80 -119.75
CA ASN GA 6 -65.93 -60.50 -119.90
C ASN GA 6 -65.50 -59.22 -119.21
N ILE GA 7 -66.43 -58.44 -118.67
CA ILE GA 7 -66.14 -57.13 -118.08
C ILE GA 7 -66.14 -57.28 -116.57
N ALA GA 8 -65.03 -56.91 -115.97
CA ALA GA 8 -64.94 -56.83 -114.52
C ALA GA 8 -64.11 -55.63 -114.09
N ALA GA 9 -63.75 -54.75 -115.01
CA ALA GA 9 -62.83 -53.65 -114.73
C ALA GA 9 -61.55 -54.21 -114.11
N LEU GA 10 -60.98 -55.19 -114.80
CA LEU GA 10 -59.88 -55.93 -114.21
C LEU GA 10 -58.68 -55.03 -113.92
N ASN GA 11 -58.55 -53.91 -114.63
CA ASN GA 11 -57.52 -52.96 -114.26
C ASN GA 11 -57.83 -52.36 -112.90
N THR GA 12 -59.11 -52.14 -112.61
CA THR GA 12 -59.48 -51.70 -111.28
C THR GA 12 -59.10 -52.78 -110.27
N LEU GA 13 -59.29 -54.05 -110.63
CA LEU GA 13 -58.97 -55.13 -109.71
C LEU GA 13 -57.49 -55.17 -109.44
N ASN GA 14 -56.69 -54.94 -110.47
CA ASN GA 14 -55.26 -54.88 -110.32
C ASN GA 14 -54.86 -53.73 -109.41
N ARG GA 15 -55.50 -52.57 -109.59
CA ARG GA 15 -55.27 -51.46 -108.68
C ARG GA 15 -55.67 -51.84 -107.29
N LEU GA 16 -56.68 -52.68 -107.16
CA LEU GA 16 -57.12 -53.05 -105.83
C LEU GA 16 -56.06 -53.84 -105.11
N SER GA 17 -55.55 -54.88 -105.76
CA SER GA 17 -54.48 -55.66 -105.19
C SER GA 17 -53.31 -54.77 -104.82
N SER GA 18 -52.94 -53.87 -105.73
CA SER GA 18 -51.84 -52.95 -105.48
C SER GA 18 -52.10 -52.11 -104.24
N ASN GA 19 -53.30 -51.53 -104.15
CA ASN GA 19 -53.61 -50.63 -103.05
C ASN GA 19 -53.64 -51.35 -101.72
N ASN GA 20 -54.16 -52.57 -101.72
CA ASN GA 20 -54.20 -53.33 -100.48
C ASN GA 20 -52.81 -53.63 -99.99
N SER GA 21 -51.93 -54.06 -100.90
CA SER GA 21 -50.56 -54.28 -100.48
C SER GA 21 -49.91 -52.97 -100.05
N ALA GA 22 -50.25 -51.87 -100.71
CA ALA GA 22 -49.64 -50.59 -100.38
C ALA GA 22 -49.97 -50.18 -98.95
N SER GA 23 -51.27 -50.13 -98.62
CA SER GA 23 -51.68 -49.78 -97.28
C SER GA 23 -51.11 -50.76 -96.27
N GLN GA 24 -51.04 -52.04 -96.64
CA GLN GA 24 -50.42 -53.03 -95.76
C GLN GA 24 -48.99 -52.65 -95.43
N LYS GA 25 -48.21 -52.30 -96.44
CA LYS GA 25 -46.82 -51.93 -96.23
C LYS GA 25 -46.72 -50.72 -95.33
N ASN GA 26 -47.58 -49.73 -95.57
CA ASN GA 26 -47.63 -48.55 -94.71
C ASN GA 26 -47.80 -48.96 -93.26
N MET GA 27 -48.79 -49.81 -92.97
CA MET GA 27 -49.01 -50.27 -91.59
C MET GA 27 -47.76 -50.90 -91.02
N GLU GA 28 -47.23 -51.86 -91.75
CA GLU GA 28 -46.12 -52.66 -91.28
C GLU GA 28 -44.97 -51.77 -90.87
N LYS GA 29 -44.71 -50.74 -91.65
CA LYS GA 29 -43.68 -49.79 -91.27
C LYS GA 29 -44.12 -48.96 -90.08
N LEU GA 30 -45.39 -48.52 -90.08
CA LEU GA 30 -45.92 -47.72 -88.99
C LEU GA 30 -45.89 -48.51 -87.69
N SER GA 31 -46.42 -49.72 -87.73
CA SER GA 31 -46.50 -50.56 -86.54
C SER GA 31 -45.12 -50.87 -86.00
N SER GA 32 -44.21 -51.26 -86.87
CA SER GA 32 -42.87 -51.60 -86.45
C SER GA 32 -42.01 -50.38 -86.21
N GLY GA 33 -42.41 -49.23 -86.74
CA GLY GA 33 -41.56 -48.06 -86.63
C GLY GA 33 -40.33 -48.19 -87.49
N LEU GA 34 -40.42 -48.93 -88.58
CA LEU GA 34 -39.29 -49.27 -89.43
C LEU GA 34 -39.58 -48.78 -90.83
N ARG GA 35 -38.78 -47.84 -91.31
CA ARG GA 35 -38.79 -47.55 -92.73
C ARG GA 35 -38.06 -48.65 -93.48
N ILE GA 36 -37.08 -49.27 -92.81
CA ILE GA 36 -36.38 -50.39 -93.42
C ILE GA 36 -37.37 -51.50 -93.74
N ASN GA 37 -37.01 -52.31 -94.71
CA ASN GA 37 -37.80 -53.46 -95.08
C ASN GA 37 -37.33 -54.67 -94.29
N ARG GA 38 -38.24 -55.60 -94.07
CA ARG GA 38 -37.82 -56.94 -93.69
C ARG GA 38 -37.13 -57.61 -94.86
N ALA GA 39 -37.66 -57.41 -96.06
CA ALA GA 39 -37.10 -57.94 -97.28
C ALA GA 39 -35.80 -57.21 -97.62
N GLY GA 40 -34.99 -57.88 -98.44
CA GLY GA 40 -33.71 -57.35 -98.88
C GLY GA 40 -33.77 -56.15 -99.78
N ASP GA 41 -34.97 -55.63 -100.07
CA ASP GA 41 -35.10 -54.41 -100.83
C ASP GA 41 -34.35 -53.29 -100.12
N ASP GA 42 -33.31 -52.78 -100.78
CA ASP GA 42 -32.30 -51.92 -100.17
C ASP GA 42 -31.50 -52.68 -99.12
N ALA GA 43 -31.02 -53.87 -99.51
CA ALA GA 43 -30.12 -54.62 -98.63
C ALA GA 43 -28.84 -53.87 -98.35
N ALA GA 44 -28.47 -52.88 -99.19
CA ALA GA 44 -27.37 -52.00 -98.85
C ALA GA 44 -27.64 -51.30 -97.53
N GLY GA 45 -28.68 -50.46 -97.51
CA GLY GA 45 -29.01 -49.74 -96.30
C GLY GA 45 -29.28 -50.65 -95.12
N LEU GA 46 -29.90 -51.80 -95.39
CA LEU GA 46 -30.14 -52.76 -94.31
C LEU GA 46 -28.83 -53.23 -93.72
N ALA GA 47 -27.97 -53.83 -94.55
CA ALA GA 47 -26.69 -54.36 -94.09
C ALA GA 47 -25.88 -53.30 -93.38
N ILE GA 48 -26.00 -52.04 -93.84
CA ILE GA 48 -25.37 -50.96 -93.10
C ILE GA 48 -25.93 -50.90 -91.71
N SER GA 49 -27.25 -50.75 -91.57
CA SER GA 49 -27.84 -50.57 -90.25
C SER GA 49 -27.58 -51.78 -89.36
N GLU GA 50 -27.48 -52.95 -89.98
CA GLU GA 50 -27.05 -54.13 -89.26
C GLU GA 50 -25.68 -53.92 -88.66
N LYS GA 51 -24.74 -53.47 -89.49
CA LYS GA 51 -23.39 -53.20 -89.01
C LYS GA 51 -23.39 -52.09 -87.97
N MET GA 52 -24.24 -51.08 -88.19
CA MET GA 52 -24.38 -50.00 -87.24
C MET GA 52 -24.75 -50.56 -85.89
N ARG GA 53 -25.85 -51.31 -85.83
CA ARG GA 53 -26.33 -51.87 -84.57
C ARG GA 53 -25.30 -52.76 -83.92
N GLY GA 54 -24.57 -53.52 -84.74
CA GLY GA 54 -23.48 -54.29 -84.21
C GLY GA 54 -22.50 -53.40 -83.47
N GLN GA 55 -22.15 -52.27 -84.08
CA GLN GA 55 -21.24 -51.35 -83.41
C GLN GA 55 -21.91 -50.64 -82.24
N ILE GA 56 -23.18 -50.22 -82.39
CA ILE GA 56 -23.91 -49.56 -81.30
C ILE GA 56 -23.87 -50.42 -80.05
N ARG GA 57 -24.38 -51.64 -80.19
CA ARG GA 57 -24.42 -52.58 -79.09
C ARG GA 57 -23.03 -52.81 -78.55
N GLY GA 58 -22.05 -52.88 -79.44
CA GLY GA 58 -20.68 -53.01 -78.99
C GLY GA 58 -20.19 -51.79 -78.23
N LEU GA 59 -20.77 -50.62 -78.51
CA LEU GA 59 -20.40 -49.41 -77.79
C LEU GA 59 -21.09 -49.36 -76.45
N GLU GA 60 -22.28 -49.92 -76.36
CA GLU GA 60 -22.96 -50.03 -75.08
C GLU GA 60 -22.17 -50.93 -74.15
N MET GA 61 -21.77 -52.10 -74.65
CA MET GA 61 -20.93 -52.99 -73.87
C MET GA 61 -19.54 -52.42 -73.70
N ALA GA 62 -19.13 -51.53 -74.59
CA ALA GA 62 -17.84 -50.84 -74.43
C ALA GA 62 -17.89 -49.90 -73.25
N SER GA 63 -18.95 -49.12 -73.17
CA SER GA 63 -19.15 -48.23 -72.04
C SER GA 63 -19.20 -49.04 -70.76
N LYS GA 64 -19.94 -50.14 -70.79
CA LYS GA 64 -19.97 -51.06 -69.66
C LYS GA 64 -18.57 -51.49 -69.27
N ASN GA 65 -17.79 -51.99 -70.23
CA ASN GA 65 -16.46 -52.50 -69.92
C ASN GA 65 -15.56 -51.41 -69.38
N SER GA 66 -15.70 -50.19 -69.90
CA SER GA 66 -14.83 -49.10 -69.48
C SER GA 66 -15.19 -48.65 -68.08
N GLN GA 67 -16.48 -48.57 -67.78
CA GLN GA 67 -16.92 -48.26 -66.43
C GLN GA 67 -16.41 -49.30 -65.46
N ASP GA 68 -16.42 -50.56 -65.88
CA ASP GA 68 -15.88 -51.63 -65.07
C ASP GA 68 -14.39 -51.43 -64.87
N GLY GA 69 -13.69 -51.03 -65.94
CA GLY GA 69 -12.31 -50.58 -65.82
C GLY GA 69 -12.14 -49.57 -64.72
N ILE GA 70 -13.01 -48.56 -64.72
CA ILE GA 70 -12.94 -47.50 -63.73
C ILE GA 70 -13.13 -48.07 -62.34
N SER GA 71 -14.06 -49.01 -62.19
CA SER GA 71 -14.31 -49.58 -60.89
C SER GA 71 -13.06 -50.26 -60.35
N LEU GA 72 -12.40 -51.03 -61.22
CA LEU GA 72 -11.12 -51.63 -60.86
C LEU GA 72 -10.13 -50.57 -60.45
N ILE GA 73 -10.01 -49.53 -61.28
CA ILE GA 73 -9.04 -48.47 -61.05
C ILE GA 73 -9.25 -47.88 -59.67
N GLN GA 74 -10.44 -47.37 -59.41
CA GLN GA 74 -10.72 -46.66 -58.17
C GLN GA 74 -10.58 -47.57 -56.96
N THR GA 75 -10.87 -48.86 -57.13
CA THR GA 75 -10.57 -49.80 -56.07
C THR GA 75 -9.10 -49.76 -55.71
N ALA GA 76 -8.25 -50.06 -56.69
CA ALA GA 76 -6.81 -50.09 -56.45
C ALA GA 76 -6.32 -48.72 -56.00
N GLU GA 77 -6.90 -47.66 -56.57
CA GLU GA 77 -6.55 -46.28 -56.26
C GLU GA 77 -6.72 -46.01 -54.79
N GLY GA 78 -7.93 -46.23 -54.27
CA GLY GA 78 -8.18 -45.96 -52.86
C GLY GA 78 -7.29 -46.81 -51.98
N ALA GA 79 -7.05 -48.05 -52.40
CA ALA GA 79 -6.17 -48.91 -51.63
C ALA GA 79 -4.76 -48.34 -51.57
N LEU GA 80 -4.27 -47.83 -52.70
CA LEU GA 80 -2.92 -47.26 -52.73
C LEU GA 80 -2.86 -45.95 -51.98
N THR GA 81 -3.97 -45.21 -51.96
CA THR GA 81 -4.04 -44.01 -51.14
C THR GA 81 -3.87 -44.37 -49.68
N GLU GA 82 -4.54 -45.42 -49.23
CA GLU GA 82 -4.38 -45.82 -47.84
C GLU GA 82 -2.97 -46.33 -47.58
N THR GA 83 -2.44 -47.11 -48.52
CA THR GA 83 -1.05 -47.57 -48.42
C THR GA 83 -0.14 -46.37 -48.21
N HIS GA 84 -0.35 -45.37 -49.04
CA HIS GA 84 0.46 -44.17 -48.97
C HIS GA 84 0.36 -43.51 -47.62
N ALA GA 85 -0.86 -43.38 -47.10
CA ALA GA 85 -1.06 -42.79 -45.78
C ALA GA 85 -0.28 -43.56 -44.73
N ILE GA 86 -0.29 -44.89 -44.83
CA ILE GA 86 0.53 -45.68 -43.94
C ILE GA 86 1.98 -45.27 -44.09
N LEU GA 87 2.46 -45.18 -45.33
CA LEU GA 87 3.86 -44.86 -45.56
C LEU GA 87 4.24 -43.51 -44.98
N GLN GA 88 3.30 -42.57 -44.95
CA GLN GA 88 3.54 -41.34 -44.22
C GLN GA 88 3.78 -41.64 -42.75
N ARG GA 89 2.92 -42.48 -42.17
CA ARG GA 89 3.15 -42.86 -40.78
C ARG GA 89 4.49 -43.55 -40.61
N VAL GA 90 4.84 -44.38 -41.59
CA VAL GA 90 6.10 -45.08 -41.53
C VAL GA 90 7.23 -44.09 -41.41
N ARG GA 91 7.26 -43.09 -42.31
CA ARG GA 91 8.36 -42.13 -42.27
C ARG GA 91 8.37 -41.36 -40.97
N GLU GA 92 7.19 -41.07 -40.40
CA GLU GA 92 7.17 -40.53 -39.05
C GLU GA 92 7.95 -41.44 -38.12
N LEU GA 93 7.70 -42.73 -38.24
CA LEU GA 93 8.38 -43.70 -37.39
C LEU GA 93 9.82 -43.91 -37.82
N VAL GA 94 10.20 -43.50 -39.02
CA VAL GA 94 11.60 -43.54 -39.42
C VAL GA 94 12.34 -42.41 -38.73
N VAL GA 95 11.75 -41.23 -38.75
CA VAL GA 95 12.41 -40.09 -38.15
C VAL GA 95 12.49 -40.28 -36.64
N GLN GA 96 11.45 -40.85 -36.04
CA GLN GA 96 11.59 -41.28 -34.66
C GLN GA 96 12.62 -42.39 -34.56
N ALA GA 97 12.66 -43.27 -35.56
CA ALA GA 97 13.64 -44.35 -35.63
C ALA GA 97 14.96 -43.88 -36.16
N GLY GA 98 15.16 -42.58 -36.15
CA GLY GA 98 16.48 -42.04 -35.89
C GLY GA 98 16.89 -42.18 -34.45
N ASN GA 99 16.10 -42.88 -33.61
CA ASN GA 99 16.47 -43.23 -32.24
C ASN GA 99 16.40 -41.99 -31.35
N THR GA 100 15.77 -40.94 -31.89
CA THR GA 100 16.03 -39.58 -31.44
C THR GA 100 17.52 -39.42 -31.24
N GLY GA 101 18.27 -39.79 -32.28
CA GLY GA 101 19.69 -39.81 -32.15
C GLY GA 101 20.22 -41.06 -31.48
N THR GA 102 20.47 -40.95 -30.18
CA THR GA 102 20.73 -42.09 -29.31
C THR GA 102 19.78 -42.15 -28.14
N GLN GA 103 18.87 -41.19 -28.01
CA GLN GA 103 18.11 -41.05 -26.78
C GLN GA 103 17.16 -42.20 -26.55
N ASP GA 104 16.54 -42.69 -27.61
CA ASP GA 104 15.71 -43.87 -27.44
C ASP GA 104 16.63 -45.04 -27.14
N LYS GA 105 16.09 -46.02 -26.41
CA LYS GA 105 16.85 -47.23 -26.09
C LYS GA 105 16.42 -48.35 -27.02
N ALA GA 106 17.05 -49.51 -26.85
CA ALA GA 106 16.77 -50.65 -27.71
C ALA GA 106 15.31 -51.07 -27.60
N THR GA 107 14.76 -51.05 -26.39
CA THR GA 107 13.35 -51.38 -26.20
C THR GA 107 12.47 -50.37 -26.90
N ASP GA 108 12.84 -49.10 -26.86
CA ASP GA 108 12.04 -48.09 -27.54
C ASP GA 108 12.02 -48.36 -29.04
N LEU GA 109 13.19 -48.67 -29.61
CA LEU GA 109 13.25 -49.03 -31.02
C LEU GA 109 12.44 -50.29 -31.29
N GLN GA 110 12.35 -51.20 -30.32
CA GLN GA 110 11.54 -52.39 -30.51
C GLN GA 110 10.07 -52.08 -30.43
N SER GA 111 9.69 -51.15 -29.57
CA SER GA 111 8.30 -50.69 -29.53
C SER GA 111 7.91 -50.09 -30.87
N ILE GA 112 8.77 -49.22 -31.38
CA ILE GA 112 8.56 -48.63 -32.71
C ILE GA 112 8.47 -49.75 -33.73
N GLN GA 113 9.42 -50.67 -33.69
CA GLN GA 113 9.49 -51.73 -34.70
C GLN GA 113 8.27 -52.63 -34.63
N ASP GA 114 7.73 -52.83 -33.44
CA ASP GA 114 6.47 -53.55 -33.32
C ASP GA 114 5.39 -52.79 -34.06
N GLY GA 115 5.34 -51.47 -33.86
CA GLY GA 115 4.39 -50.67 -34.60
C GLY GA 115 4.60 -50.75 -36.10
N ILE GA 116 5.86 -50.76 -36.54
CA ILE GA 116 6.12 -50.75 -37.97
C ILE GA 116 5.79 -52.09 -38.58
N SER GA 117 6.18 -53.17 -37.92
CA SER GA 117 5.86 -54.50 -38.44
C SER GA 117 4.36 -54.70 -38.48
N ALA GA 118 3.66 -54.12 -37.51
CA ALA GA 118 2.22 -54.04 -37.57
C ALA GA 118 1.76 -53.32 -38.82
N LEU GA 119 2.39 -52.19 -39.13
CA LEU GA 119 2.04 -51.45 -40.34
C LEU GA 119 2.36 -52.25 -41.58
N THR GA 120 3.48 -52.97 -41.59
CA THR GA 120 3.81 -53.87 -42.69
C THR GA 120 2.67 -54.85 -42.89
N ASP GA 121 2.23 -55.46 -41.81
CA ASP GA 121 1.14 -56.44 -41.90
C ASP GA 121 -0.11 -55.79 -42.46
N GLU GA 122 -0.29 -54.50 -42.20
CA GLU GA 122 -1.43 -53.80 -42.79
C GLU GA 122 -1.20 -53.53 -44.26
N ILE GA 123 0.01 -53.15 -44.66
CA ILE GA 123 0.28 -52.91 -46.07
C ILE GA 123 0.10 -54.21 -46.84
N ASP GA 124 0.69 -55.29 -46.34
CA ASP GA 124 0.49 -56.61 -46.92
C ASP GA 124 -0.98 -56.94 -46.94
N GLY GA 125 -1.72 -56.53 -45.91
CA GLY GA 125 -3.15 -56.75 -45.90
C GLY GA 125 -3.84 -56.00 -47.02
N ILE GA 126 -3.41 -54.76 -47.27
CA ILE GA 126 -3.95 -54.02 -48.41
C ILE GA 126 -3.68 -54.80 -49.68
N SER GA 127 -2.41 -55.10 -49.92
CA SER GA 127 -2.01 -55.67 -51.18
C SER GA 127 -2.53 -57.10 -51.35
N ASN GA 128 -2.96 -57.74 -50.27
CA ASN GA 128 -3.48 -59.11 -50.30
C ASN GA 128 -4.95 -59.19 -49.94
N ARG GA 129 -5.64 -58.05 -49.88
CA ARG GA 129 -7.10 -58.02 -49.71
C ARG GA 129 -7.76 -57.24 -50.84
N THR GA 130 -7.01 -56.34 -51.46
CA THR GA 130 -7.55 -55.59 -52.57
C THR GA 130 -7.74 -56.53 -53.75
N GLU GA 131 -8.95 -57.08 -53.85
CA GLU GA 131 -9.34 -57.95 -54.95
C GLU GA 131 -10.43 -57.27 -55.78
N PHE GA 132 -10.45 -57.58 -57.07
CA PHE GA 132 -11.61 -57.32 -57.90
C PHE GA 132 -12.01 -58.61 -58.57
N ASN GA 133 -13.18 -59.11 -58.20
CA ASN GA 133 -13.67 -60.36 -58.76
C ASN GA 133 -12.66 -61.46 -58.47
N GLY GA 134 -12.13 -61.43 -57.27
CA GLY GA 134 -11.10 -62.36 -56.84
C GLY GA 134 -9.70 -61.99 -57.27
N LYS GA 135 -9.58 -61.22 -58.34
CA LYS GA 135 -8.27 -60.85 -58.86
C LYS GA 135 -7.61 -59.91 -57.87
N LYS GA 136 -6.56 -60.39 -57.21
CA LYS GA 136 -5.87 -59.58 -56.23
C LYS GA 136 -5.21 -58.44 -56.98
N LEU GA 137 -5.90 -57.30 -57.00
CA LEU GA 137 -5.51 -56.17 -57.84
C LEU GA 137 -4.19 -55.57 -57.42
N LEU GA 138 -3.80 -55.76 -56.17
CA LEU GA 138 -2.51 -55.32 -55.69
C LEU GA 138 -1.60 -56.51 -55.40
N ASP GA 139 -1.80 -57.59 -56.15
CA ASP GA 139 -0.80 -58.64 -56.22
C ASP GA 139 0.41 -58.05 -56.90
N GLY GA 140 1.47 -57.80 -56.13
CA GLY GA 140 2.65 -57.22 -56.72
C GLY GA 140 3.29 -58.08 -57.78
N THR GA 141 2.96 -59.37 -57.82
CA THR GA 141 3.42 -60.29 -58.86
C THR GA 141 2.39 -60.48 -59.96
N TYR GA 142 1.34 -59.66 -60.00
CA TYR GA 142 0.35 -59.79 -61.06
C TYR GA 142 0.97 -59.58 -62.43
N LYS GA 143 1.47 -58.37 -62.68
CA LYS GA 143 2.07 -58.02 -63.96
C LYS GA 143 3.47 -57.43 -63.74
N VAL GA 144 4.33 -58.22 -63.11
CA VAL GA 144 5.75 -57.91 -63.21
C VAL GA 144 6.17 -58.23 -64.64
N ASP GA 145 6.47 -57.19 -65.42
CA ASP GA 145 6.87 -57.35 -66.82
C ASP GA 145 7.98 -58.37 -66.98
N THR GA 146 9.01 -58.29 -66.13
CA THR GA 146 10.07 -59.28 -65.98
C THR GA 146 11.06 -59.31 -67.14
N ALA GA 147 10.74 -58.63 -68.24
CA ALA GA 147 11.29 -58.97 -69.56
C ALA GA 147 10.93 -60.40 -69.96
N THR GA 148 9.77 -60.88 -69.50
CA THR GA 148 9.28 -62.21 -69.85
C THR GA 148 7.80 -62.07 -70.21
N PRO GA 149 7.48 -62.01 -71.51
CA PRO GA 149 6.06 -61.97 -71.90
C PRO GA 149 5.23 -63.11 -71.35
N ALA GA 150 5.83 -64.29 -71.21
CA ALA GA 150 5.10 -65.46 -70.74
C ALA GA 150 4.53 -65.26 -69.35
N ASN GA 151 5.17 -64.43 -68.53
CA ASN GA 151 4.75 -64.21 -67.16
C ASN GA 151 4.41 -62.73 -66.98
N GLN GA 152 3.19 -62.34 -67.41
CA GLN GA 152 2.74 -60.96 -67.20
C GLN GA 152 1.29 -60.80 -66.79
N LYS GA 153 0.36 -61.68 -67.18
CA LYS GA 153 -1.06 -61.46 -66.88
C LYS GA 153 -1.51 -60.06 -67.29
N ASN GA 154 -1.14 -59.62 -68.49
CA ASN GA 154 -1.38 -58.25 -68.94
C ASN GA 154 -2.80 -57.79 -68.66
N LEU GA 155 -2.93 -56.70 -67.89
CA LEU GA 155 -4.25 -56.23 -67.48
C LEU GA 155 -4.89 -55.55 -68.69
N VAL GA 156 -5.34 -56.39 -69.62
CA VAL GA 156 -5.97 -55.94 -70.85
C VAL GA 156 -7.35 -55.42 -70.52
N PHE GA 157 -7.78 -54.35 -71.20
CA PHE GA 157 -9.19 -53.90 -71.22
C PHE GA 157 -9.62 -53.74 -72.68
N GLN GA 158 -10.38 -54.71 -73.19
CA GLN GA 158 -11.05 -54.59 -74.48
C GLN GA 158 -12.23 -53.65 -74.30
N ILE GA 159 -12.17 -52.50 -74.96
CA ILE GA 159 -13.23 -51.52 -74.93
C ILE GA 159 -13.87 -51.34 -76.29
N GLY GA 160 -13.07 -51.11 -77.32
CA GLY GA 160 -13.63 -50.74 -78.61
C GLY GA 160 -14.47 -51.86 -79.19
N ALA GA 161 -15.59 -51.46 -79.81
CA ALA GA 161 -16.45 -52.43 -80.47
C ALA GA 161 -15.73 -53.14 -81.60
N ASN GA 162 -14.67 -52.54 -82.12
CA ASN GA 162 -13.84 -53.13 -83.16
C ASN GA 162 -12.72 -53.95 -82.54
N ALA GA 163 -12.23 -54.91 -83.31
CA ALA GA 163 -11.22 -55.83 -82.81
C ALA GA 163 -9.90 -55.13 -82.51
N THR GA 164 -9.17 -55.68 -81.55
CA THR GA 164 -7.85 -55.23 -81.09
C THR GA 164 -7.89 -53.94 -80.29
N GLN GA 165 -9.06 -53.32 -80.14
CA GLN GA 165 -9.14 -52.03 -79.46
C GLN GA 165 -9.04 -52.22 -77.96
N GLN GA 166 -7.83 -52.52 -77.50
CA GLN GA 166 -7.58 -52.92 -76.12
C GLN GA 166 -6.63 -51.97 -75.43
N ILE GA 167 -6.76 -51.94 -74.12
CA ILE GA 167 -5.90 -51.14 -73.26
C ILE GA 167 -5.03 -52.07 -72.42
N SER GA 168 -3.74 -51.78 -72.36
CA SER GA 168 -2.76 -52.57 -71.62
C SER GA 168 -2.36 -51.83 -70.35
N VAL GA 169 -2.62 -52.45 -69.20
CA VAL GA 169 -2.36 -51.83 -67.90
C VAL GA 169 -1.44 -52.72 -67.10
N ASN GA 170 -0.70 -52.11 -66.16
CA ASN GA 170 0.28 -52.82 -65.34
C ASN GA 170 0.04 -52.65 -63.86
N ILE GA 171 -0.01 -53.78 -63.16
CA ILE GA 171 -0.02 -53.87 -61.71
C ILE GA 171 1.35 -54.40 -61.30
N GLU GA 172 2.03 -53.74 -60.35
CA GLU GA 172 3.22 -54.35 -59.74
C GLU GA 172 3.43 -54.06 -58.26
N ASP GA 173 2.53 -53.35 -57.59
CA ASP GA 173 2.82 -52.91 -56.24
C ASP GA 173 2.35 -53.95 -55.22
N MET GA 174 2.98 -53.91 -54.04
CA MET GA 174 2.65 -54.76 -52.90
C MET GA 174 3.52 -54.31 -51.74
N GLY GA 175 3.26 -54.88 -50.57
CA GLY GA 175 4.03 -54.54 -49.39
C GLY GA 175 5.51 -54.81 -49.52
N ALA GA 176 5.87 -55.89 -50.20
CA ALA GA 176 7.28 -56.21 -50.41
C ALA GA 176 7.91 -55.39 -51.53
N ASP GA 177 7.15 -54.50 -52.18
CA ASP GA 177 7.62 -53.73 -53.31
C ASP GA 177 7.92 -52.30 -52.84
N ALA GA 178 9.19 -52.03 -52.48
CA ALA GA 178 9.52 -50.72 -51.89
C ALA GA 178 10.57 -49.91 -52.64
N LEU GA 179 11.84 -50.31 -52.58
CA LEU GA 179 12.86 -49.72 -53.46
C LEU GA 179 13.14 -50.73 -54.54
N GLY GA 180 12.45 -50.55 -55.65
CA GLY GA 180 12.64 -51.42 -56.79
C GLY GA 180 13.92 -51.05 -57.50
N ILE GA 181 15.06 -51.38 -56.90
CA ILE GA 181 16.34 -51.14 -57.57
C ILE GA 181 16.30 -51.75 -58.97
N LYS GA 182 15.96 -53.03 -59.03
CA LYS GA 182 15.60 -53.77 -60.23
C LYS GA 182 14.48 -54.73 -59.89
N GLU GA 183 14.68 -55.37 -58.75
CA GLU GA 183 13.78 -56.26 -58.04
C GLU GA 183 14.05 -56.01 -56.56
N ALA GA 184 13.57 -56.89 -55.69
CA ALA GA 184 13.95 -56.79 -54.29
C ALA GA 184 15.42 -57.11 -54.13
N ASP GA 185 16.16 -56.19 -53.52
CA ASP GA 185 17.59 -56.42 -53.34
C ASP GA 185 17.81 -57.51 -52.29
N GLY GA 186 17.35 -57.26 -51.07
CA GLY GA 186 17.53 -58.19 -49.98
C GLY GA 186 17.02 -57.60 -48.70
N SER GA 187 17.84 -57.65 -47.65
CA SER GA 187 17.48 -56.99 -46.40
C SER GA 187 17.20 -55.51 -46.63
N ILE GA 188 17.89 -54.90 -47.58
CA ILE GA 188 17.62 -53.55 -47.99
C ILE GA 188 16.72 -53.57 -49.21
N ALA GA 189 16.18 -52.41 -49.54
CA ALA GA 189 15.46 -52.08 -50.76
C ALA GA 189 14.07 -52.68 -50.91
N ALA GA 190 13.79 -53.79 -50.22
CA ALA GA 190 12.44 -54.31 -50.11
C ALA GA 190 12.10 -54.68 -48.68
N LEU GA 191 12.99 -55.43 -48.02
CA LEU GA 191 12.66 -56.02 -46.74
C LEU GA 191 12.76 -55.04 -45.60
N HIS GA 192 13.28 -53.84 -45.81
CA HIS GA 192 13.03 -52.84 -44.80
C HIS GA 192 11.54 -52.49 -44.77
N SER GA 193 10.88 -52.57 -45.91
CA SER GA 193 9.43 -52.40 -45.91
C SER GA 193 8.77 -53.59 -45.26
N VAL GA 194 9.33 -54.78 -45.42
CA VAL GA 194 8.75 -55.98 -44.85
C VAL GA 194 9.26 -56.16 -43.42
N ASN GA 195 10.58 -56.35 -43.29
CA ASN GA 195 11.14 -56.76 -42.00
C ASN GA 195 11.49 -55.58 -41.09
N ASP GA 196 11.65 -54.37 -41.65
CA ASP GA 196 11.92 -53.20 -40.80
C ASP GA 196 13.24 -53.30 -40.05
N LEU GA 197 14.34 -53.11 -40.76
CA LEU GA 197 15.70 -53.25 -40.21
C LEU GA 197 15.98 -52.49 -38.92
N ASP GA 198 15.18 -51.48 -38.56
CA ASP GA 198 15.44 -50.68 -37.36
C ASP GA 198 14.95 -51.44 -36.13
N VAL GA 199 15.82 -52.31 -35.62
CA VAL GA 199 15.50 -53.12 -34.44
C VAL GA 199 16.41 -52.74 -33.28
N THR GA 200 17.66 -53.18 -33.37
CA THR GA 200 18.78 -52.73 -32.56
C THR GA 200 20.01 -52.52 -33.42
N LYS GA 201 20.07 -53.14 -34.60
CA LYS GA 201 21.09 -52.85 -35.58
C LYS GA 201 21.19 -51.35 -35.83
N PHE GA 202 20.07 -50.64 -35.76
CA PHE GA 202 20.13 -49.20 -35.91
C PHE GA 202 20.93 -48.56 -34.80
N ALA GA 203 20.68 -48.96 -33.56
CA ALA GA 203 21.41 -48.37 -32.45
C ALA GA 203 22.90 -48.64 -32.57
N ASP GA 204 23.27 -49.77 -33.16
CA ASP GA 204 24.67 -50.06 -33.41
C ASP GA 204 25.28 -49.07 -34.39
N ASN GA 205 24.62 -48.85 -35.53
CA ASN GA 205 25.11 -47.96 -36.58
C ASN GA 205 23.94 -47.06 -37.00
N ALA GA 206 23.76 -45.97 -36.26
CA ALA GA 206 22.71 -45.04 -36.62
C ALA GA 206 22.95 -44.35 -37.96
N ALA GA 207 24.21 -44.15 -38.33
CA ALA GA 207 24.58 -43.59 -39.64
C ALA GA 207 25.72 -44.31 -40.33
N ASP GA 208 26.58 -44.94 -39.54
CA ASP GA 208 27.93 -45.35 -39.91
C ASP GA 208 28.11 -46.21 -41.17
N CYS GA 209 27.07 -46.91 -41.65
CA CYS GA 209 27.28 -47.89 -42.71
C CYS GA 209 26.24 -47.86 -43.82
N ALA GA 210 25.27 -46.95 -43.77
CA ALA GA 210 24.19 -46.75 -44.74
C ALA GA 210 23.19 -47.89 -44.80
N ASP GA 211 23.63 -49.14 -44.66
CA ASP GA 211 22.79 -50.32 -44.69
C ASP GA 211 21.78 -50.30 -43.58
N ILE GA 212 22.23 -49.95 -42.38
CA ILE GA 212 21.33 -49.51 -41.31
C ILE GA 212 21.56 -48.05 -40.92
N GLY GA 213 22.53 -47.36 -41.52
CA GLY GA 213 22.81 -46.02 -41.03
C GLY GA 213 21.76 -44.97 -41.36
N PHE GA 214 20.46 -45.25 -41.14
CA PHE GA 214 19.30 -44.37 -41.33
C PHE GA 214 19.03 -43.96 -42.77
N ASP GA 215 20.11 -43.84 -43.54
CA ASP GA 215 20.10 -43.47 -44.93
C ASP GA 215 19.34 -44.46 -45.77
N ALA GA 216 19.81 -45.71 -45.79
CA ALA GA 216 19.19 -46.71 -46.66
C ALA GA 216 17.73 -46.88 -46.31
N GLN GA 217 17.40 -46.91 -45.03
CA GLN GA 217 16.03 -47.15 -44.61
C GLN GA 217 15.14 -46.04 -45.11
N LEU GA 218 15.55 -44.80 -44.88
CA LEU GA 218 14.75 -43.69 -45.35
C LEU GA 218 14.64 -43.70 -46.87
N LYS GA 219 15.68 -44.19 -47.54
CA LYS GA 219 15.61 -44.31 -49.00
C LYS GA 219 14.63 -45.39 -49.42
N VAL GA 220 14.55 -46.48 -48.66
CA VAL GA 220 13.56 -47.51 -48.96
C VAL GA 220 12.17 -46.91 -48.86
N VAL GA 221 11.93 -46.17 -47.80
CA VAL GA 221 10.61 -45.59 -47.60
C VAL GA 221 10.32 -44.59 -48.71
N ASP GA 222 11.29 -43.74 -49.01
CA ASP GA 222 11.10 -42.71 -50.02
C ASP GA 222 10.81 -43.33 -51.37
N GLU GA 223 11.55 -44.37 -51.73
CA GLU GA 223 11.32 -44.98 -53.03
C GLU GA 223 10.03 -45.76 -53.03
N ALA GA 224 9.72 -46.44 -51.93
CA ALA GA 224 8.43 -47.13 -51.82
C ALA GA 224 7.31 -46.17 -52.11
N ILE GA 225 7.37 -45.00 -51.49
CA ILE GA 225 6.39 -43.95 -51.76
C ILE GA 225 6.42 -43.56 -53.21
N ASN GA 226 7.62 -43.39 -53.76
CA ASN GA 226 7.73 -42.95 -55.15
C ASN GA 226 7.14 -43.98 -56.10
N GLN GA 227 7.25 -45.26 -55.74
CA GLN GA 227 6.68 -46.32 -56.54
C GLN GA 227 5.16 -46.33 -56.40
N VAL GA 228 4.65 -46.01 -55.22
CA VAL GA 228 3.21 -45.82 -55.08
C VAL GA 228 2.78 -44.64 -55.92
N SER GA 229 3.54 -43.55 -55.89
CA SER GA 229 3.22 -42.35 -56.64
C SER GA 229 3.12 -42.66 -58.13
N SER GA 230 4.11 -43.38 -58.65
CA SER GA 230 4.13 -43.69 -60.06
C SER GA 230 3.09 -44.75 -60.41
N GLN GA 231 2.83 -45.67 -59.50
CA GLN GA 231 1.79 -46.65 -59.73
C GLN GA 231 0.44 -45.96 -59.84
N ARG GA 232 0.17 -45.05 -58.90
CA ARG GA 232 -1.04 -44.26 -58.95
C ARG GA 232 -1.04 -43.32 -60.14
N ALA GA 233 0.14 -42.93 -60.60
CA ALA GA 233 0.24 -42.07 -61.77
C ALA GA 233 -0.23 -42.80 -63.02
N LYS GA 234 0.28 -44.02 -63.21
CA LYS GA 234 -0.20 -44.86 -64.30
C LYS GA 234 -1.69 -45.09 -64.16
N LEU GA 235 -2.09 -45.45 -62.94
CA LEU GA 235 -3.46 -45.80 -62.65
C LEU GA 235 -4.40 -44.66 -63.01
N GLY GA 236 -4.04 -43.44 -62.61
CA GLY GA 236 -4.87 -42.29 -62.91
C GLY GA 236 -4.76 -41.86 -64.36
N ALA GA 237 -3.63 -42.14 -64.99
CA ALA GA 237 -3.52 -41.91 -66.42
C ALA GA 237 -4.59 -42.72 -67.13
N VAL GA 238 -4.70 -44.00 -66.78
CA VAL GA 238 -5.72 -44.84 -67.39
C VAL GA 238 -7.10 -44.35 -66.99
N GLN GA 239 -7.25 -43.86 -65.77
CA GLN GA 239 -8.53 -43.29 -65.37
C GLN GA 239 -8.95 -42.19 -66.33
N ASN GA 240 -8.03 -41.28 -66.61
CA ASN GA 240 -8.34 -40.20 -67.54
C ASN GA 240 -8.65 -40.76 -68.91
N ARG GA 241 -7.91 -41.77 -69.33
CA ARG GA 241 -8.18 -42.40 -70.62
C ARG GA 241 -9.60 -42.89 -70.70
N LEU GA 242 -10.06 -43.57 -69.66
CA LEU GA 242 -11.39 -44.13 -69.71
C LEU GA 242 -12.44 -43.03 -69.59
N GLU GA 243 -12.10 -41.94 -68.92
CA GLU GA 243 -13.00 -40.79 -68.93
C GLU GA 243 -13.23 -40.32 -70.36
N HIS GA 244 -12.14 -40.04 -71.08
CA HIS GA 244 -12.28 -39.52 -72.43
C HIS GA 244 -12.81 -40.57 -73.38
N THR GA 245 -12.47 -41.83 -73.12
CA THR GA 245 -13.05 -42.93 -73.87
C THR GA 245 -14.55 -42.89 -73.76
N ILE GA 246 -15.07 -42.86 -72.53
CA ILE GA 246 -16.52 -42.89 -72.32
C ILE GA 246 -17.15 -41.69 -72.99
N ASN GA 247 -16.51 -40.53 -72.89
CA ASN GA 247 -17.08 -39.37 -73.54
C ASN GA 247 -17.18 -39.60 -75.05
N ASN GA 248 -16.16 -40.23 -75.62
CA ASN GA 248 -16.23 -40.60 -77.04
C ASN GA 248 -17.31 -41.63 -77.28
N LEU GA 249 -17.39 -42.65 -76.43
CA LEU GA 249 -18.35 -43.72 -76.61
C LEU GA 249 -19.76 -43.18 -76.54
N SER GA 250 -19.97 -42.18 -75.69
CA SER GA 250 -21.27 -41.56 -75.54
C SER GA 250 -21.62 -40.75 -76.77
N ALA GA 251 -20.72 -39.85 -77.17
CA ALA GA 251 -21.01 -38.99 -78.32
C ALA GA 251 -21.12 -39.81 -79.60
N SER GA 252 -20.14 -40.68 -79.82
CA SER GA 252 -20.11 -41.52 -81.00
C SER GA 252 -21.30 -42.46 -81.02
N GLY GA 253 -21.64 -43.02 -79.85
CA GLY GA 253 -22.79 -43.88 -79.78
C GLY GA 253 -24.05 -43.14 -80.16
N GLU GA 254 -24.22 -41.92 -79.64
CA GLU GA 254 -25.35 -41.10 -80.01
C GLU GA 254 -25.41 -40.89 -81.52
N ASN GA 255 -24.32 -40.38 -82.08
CA ASN GA 255 -24.29 -40.11 -83.51
C ASN GA 255 -24.58 -41.37 -84.31
N LEU GA 256 -24.18 -42.52 -83.76
CA LEU GA 256 -24.36 -43.78 -84.46
C LEU GA 256 -25.82 -44.23 -84.42
N THR GA 257 -26.45 -44.11 -83.26
CA THR GA 257 -27.88 -44.44 -83.19
C THR GA 257 -28.69 -43.48 -84.04
N ALA GA 258 -28.21 -42.25 -84.16
CA ALA GA 258 -28.84 -41.31 -85.08
C ALA GA 258 -28.65 -41.76 -86.51
N ALA GA 259 -27.46 -42.25 -86.85
CA ALA GA 259 -27.21 -42.75 -88.19
C ALA GA 259 -28.16 -43.89 -88.53
N GLU GA 260 -28.25 -44.86 -87.62
CA GLU GA 260 -29.22 -45.94 -87.78
C GLU GA 260 -30.61 -45.37 -87.97
N SER GA 261 -30.96 -44.42 -87.10
CA SER GA 261 -32.29 -43.83 -87.14
C SER GA 261 -32.57 -43.22 -88.49
N ARG GA 262 -31.53 -42.66 -89.13
CA ARG GA 262 -31.70 -42.16 -90.49
C ARG GA 262 -31.98 -43.29 -91.44
N ILE GA 263 -31.31 -44.43 -91.25
CA ILE GA 263 -31.63 -45.57 -92.12
C ILE GA 263 -33.06 -46.01 -91.87
N ARG GA 264 -33.44 -46.18 -90.61
CA ARG GA 264 -34.80 -46.59 -90.26
C ARG GA 264 -35.74 -45.42 -90.05
N ASP GA 265 -35.36 -44.23 -90.50
CA ASP GA 265 -36.20 -43.04 -90.34
C ASP GA 265 -37.58 -43.28 -90.92
N VAL GA 266 -38.58 -43.38 -90.06
CA VAL GA 266 -39.97 -43.36 -90.49
C VAL GA 266 -40.45 -41.92 -90.41
N ASP GA 267 -40.82 -41.36 -91.56
CA ASP GA 267 -41.60 -40.14 -91.56
C ASP GA 267 -43.01 -40.57 -91.22
N MET GA 268 -43.27 -40.67 -89.91
CA MET GA 268 -44.53 -41.22 -89.43
C MET GA 268 -45.70 -40.43 -89.97
N ALA GA 269 -45.53 -39.12 -90.13
CA ALA GA 269 -46.60 -38.32 -90.71
C ALA GA 269 -46.83 -38.71 -92.17
N LYS GA 270 -45.74 -38.84 -92.93
CA LYS GA 270 -45.86 -39.31 -94.31
C LYS GA 270 -46.56 -40.64 -94.36
N GLU GA 271 -46.15 -41.56 -93.52
CA GLU GA 271 -46.61 -42.93 -93.64
C GLU GA 271 -48.07 -43.08 -93.19
N MET GA 272 -48.48 -42.28 -92.21
CA MET GA 272 -49.90 -42.22 -91.89
C MET GA 272 -50.68 -41.62 -93.04
N SER GA 273 -50.13 -40.57 -93.65
CA SER GA 273 -50.81 -39.93 -94.77
C SER GA 273 -50.95 -40.89 -95.94
N GLU GA 274 -49.86 -41.54 -96.32
CA GLU GA 274 -49.88 -42.48 -97.41
C GLU GA 274 -50.78 -43.65 -97.09
N PHE GA 275 -50.76 -44.07 -95.83
CA PHE GA 275 -51.70 -45.11 -95.39
C PHE GA 275 -53.13 -44.71 -95.68
N THR GA 276 -53.49 -43.52 -95.21
CA THR GA 276 -54.80 -42.96 -95.45
C THR GA 276 -55.16 -43.01 -96.93
N LYS GA 277 -54.26 -42.48 -97.75
CA LYS GA 277 -54.48 -42.45 -99.18
C LYS GA 277 -54.76 -43.84 -99.71
N ASN GA 278 -53.93 -44.80 -99.34
CA ASN GA 278 -54.09 -46.14 -99.90
C ASN GA 278 -55.40 -46.79 -99.45
N ASN GA 279 -55.88 -46.45 -98.24
CA ASN GA 279 -57.22 -46.88 -97.85
C ASN GA 279 -58.25 -46.33 -98.80
N ILE GA 280 -58.20 -45.01 -98.98
CA ILE GA 280 -59.13 -44.32 -99.86
C ILE GA 280 -59.13 -44.98 -101.22
N LEU GA 281 -57.94 -45.20 -101.75
CA LEU GA 281 -57.80 -45.72 -103.11
C LEU GA 281 -58.33 -47.13 -103.22
N SER GA 282 -58.06 -47.97 -102.22
CA SER GA 282 -58.63 -49.30 -102.21
C SER GA 282 -60.15 -49.24 -102.24
N GLN GA 283 -60.73 -48.44 -101.35
CA GLN GA 283 -62.18 -48.37 -101.25
C GLN GA 283 -62.81 -47.87 -102.54
N ALA GA 284 -62.21 -46.83 -103.12
CA ALA GA 284 -62.69 -46.28 -104.37
C ALA GA 284 -62.67 -47.35 -105.46
N SER GA 285 -61.55 -48.04 -105.57
CA SER GA 285 -61.42 -49.05 -106.61
C SER GA 285 -62.45 -50.15 -106.42
N GLN GA 286 -62.73 -50.53 -105.18
CA GLN GA 286 -63.75 -51.56 -104.96
C GLN GA 286 -65.13 -51.07 -105.35
N ALA GA 287 -65.43 -49.81 -105.04
CA ALA GA 287 -66.70 -49.24 -105.51
C ALA GA 287 -66.81 -49.34 -107.01
N MET GA 288 -65.71 -49.06 -107.70
CA MET GA 288 -65.74 -49.18 -109.14
C MET GA 288 -65.88 -50.62 -109.57
N LEU GA 289 -65.35 -51.57 -108.81
CA LEU GA 289 -65.54 -52.98 -109.18
C LEU GA 289 -67.01 -53.36 -109.04
N ALA GA 290 -67.67 -52.84 -108.02
CA ALA GA 290 -69.10 -53.03 -107.92
C ALA GA 290 -69.78 -52.49 -109.15
N GLN GA 291 -69.43 -51.27 -109.55
CA GLN GA 291 -70.04 -50.68 -110.74
C GLN GA 291 -69.77 -51.52 -111.99
N ALA GA 292 -68.57 -52.10 -112.08
CA ALA GA 292 -68.25 -52.99 -113.18
C ALA GA 292 -69.16 -54.19 -113.17
N ASN GA 293 -69.60 -54.61 -111.99
CA ASN GA 293 -70.58 -55.68 -111.91
C ASN GA 293 -72.01 -55.18 -112.11
N GLN GA 294 -72.25 -53.88 -111.97
CA GLN GA 294 -73.60 -53.35 -112.14
C GLN GA 294 -73.93 -53.15 -113.60
N GLN GA 295 -73.01 -52.56 -114.37
CA GLN GA 295 -73.25 -52.28 -115.77
C GLN GA 295 -73.76 -53.48 -116.57
N PRO GA 296 -73.12 -54.65 -116.54
CA PRO GA 296 -73.64 -55.76 -117.33
C PRO GA 296 -75.00 -56.26 -116.86
N GLN GA 297 -75.44 -55.93 -115.65
CA GLN GA 297 -76.80 -56.28 -115.24
C GLN GA 297 -77.81 -55.38 -115.93
N ASN GA 298 -77.49 -54.08 -115.95
CA ASN GA 298 -78.27 -53.14 -116.74
C ASN GA 298 -78.36 -53.65 -118.17
N VAL GA 299 -77.24 -54.11 -118.71
CA VAL GA 299 -77.22 -54.68 -120.05
C VAL GA 299 -78.18 -55.85 -120.14
N LEU GA 300 -78.13 -56.73 -119.14
CA LEU GA 300 -78.97 -57.92 -119.16
C LEU GA 300 -80.42 -57.54 -119.31
N GLN GA 301 -80.90 -56.64 -118.46
CA GLN GA 301 -82.29 -56.22 -118.57
C GLN GA 301 -82.56 -55.58 -119.90
N LEU GA 302 -81.71 -54.63 -120.29
CA LEU GA 302 -81.97 -53.81 -121.46
C LEU GA 302 -81.98 -54.64 -122.73
N LEU GA 303 -81.20 -55.73 -122.77
CA LEU GA 303 -81.16 -56.63 -123.91
C LEU GA 303 -81.86 -57.94 -123.63
N ARG GA 304 -82.88 -57.91 -122.78
CA ARG GA 304 -83.71 -59.07 -122.56
C ARG GA 304 -84.90 -59.03 -123.50
N ILE HA 3 21.03 -5.15 -10.10
CA ILE HA 3 22.16 -5.88 -9.44
C ILE HA 3 22.11 -5.76 -7.93
N ASN HA 4 20.90 -5.74 -7.37
CA ASN HA 4 20.70 -5.45 -5.96
C ASN HA 4 21.54 -6.34 -5.07
N HIS HA 5 21.60 -7.63 -5.38
CA HIS HA 5 22.32 -8.60 -4.55
C HIS HA 5 23.83 -8.43 -4.60
N ASN HA 6 24.35 -7.56 -5.45
CA ASN HA 6 25.79 -7.35 -5.57
C ASN HA 6 26.28 -6.06 -4.92
N ILE HA 7 25.38 -5.19 -4.46
CA ILE HA 7 25.74 -3.89 -3.93
C ILE HA 7 25.68 -3.95 -2.42
N ALA HA 8 26.80 -3.62 -1.79
CA ALA HA 8 26.85 -3.46 -0.35
C ALA HA 8 27.74 -2.31 0.05
N ALA HA 9 28.19 -1.49 -0.91
CA ALA HA 9 29.17 -0.45 -0.65
C ALA HA 9 30.39 -1.04 0.03
N LEU HA 10 30.91 -2.10 -0.58
CA LEU HA 10 31.95 -2.88 0.08
C LEU HA 10 33.19 -2.04 0.36
N ASN HA 11 33.42 -0.98 -0.41
CA ASN HA 11 34.50 -0.07 -0.05
C ASN HA 11 34.19 0.62 1.27
N THR HA 12 32.91 0.94 1.50
CA THR HA 12 32.53 1.46 2.80
C THR HA 12 32.81 0.42 3.88
N LEU HA 13 32.55 -0.84 3.57
CA LEU HA 13 32.77 -1.89 4.56
C LEU HA 13 34.25 -2.01 4.88
N ASN HA 14 35.08 -1.89 3.86
CA ASN HA 14 36.52 -1.92 4.07
C ASN HA 14 36.96 -0.74 4.91
N ARG HA 15 36.40 0.44 4.65
CA ARG HA 15 36.67 1.59 5.51
C ARG HA 15 36.21 1.31 6.92
N LEU HA 16 35.15 0.53 7.05
CA LEU HA 16 34.64 0.27 8.37
C LEU HA 16 35.62 -0.54 9.18
N SER HA 17 36.08 -1.65 8.59
CA SER HA 17 37.08 -2.47 9.25
C SER HA 17 38.30 -1.64 9.62
N SER HA 18 38.75 -0.81 8.67
CA SER HA 18 39.90 0.04 8.91
C SER HA 18 39.66 0.97 10.09
N ASN HA 19 38.50 1.62 10.12
CA ASN HA 19 38.22 2.61 11.15
C ASN HA 19 38.10 1.96 12.51
N ASN HA 20 37.49 0.77 12.56
CA ASN HA 20 37.37 0.08 13.84
C ASN HA 20 38.73 -0.27 14.39
N SER HA 21 39.60 -0.80 13.53
CA SER HA 21 40.95 -1.09 14.01
C SER HA 21 41.67 0.19 14.40
N ALA HA 22 41.42 1.27 13.67
CA ALA HA 22 42.10 2.54 13.95
C ALA HA 22 41.75 3.04 15.34
N SER HA 23 40.45 3.18 15.62
CA SER HA 23 40.02 3.64 16.93
C SER HA 23 40.51 2.68 18.01
N GLN HA 24 40.50 1.38 17.72
CA GLN HA 24 41.02 0.39 18.66
C GLN HA 24 42.47 0.71 19.02
N LYS HA 25 43.30 0.95 18.01
CA LYS HA 25 44.70 1.25 18.25
C LYS HA 25 44.85 2.49 19.10
N ASN HA 26 44.06 3.51 18.77
CA ASN HA 26 44.08 4.74 19.56
C ASN HA 26 43.82 4.43 21.04
N MET HA 27 42.78 3.65 21.33
CA MET HA 27 42.49 3.29 22.73
C MET HA 27 43.68 2.61 23.37
N GLU HA 28 44.15 1.57 22.70
CA GLU HA 28 45.20 0.73 23.25
C GLU HA 28 46.40 1.57 23.66
N LYS HA 29 46.74 2.54 22.83
CA LYS HA 29 47.82 3.44 23.19
C LYS HA 29 47.40 4.36 24.32
N LEU HA 30 46.17 4.88 24.26
CA LEU HA 30 45.66 5.77 25.30
C LEU HA 30 45.59 5.05 26.63
N SER HA 31 44.99 3.87 26.64
CA SER HA 31 44.83 3.10 27.86
C SER HA 31 46.17 2.75 28.47
N SER HA 32 47.07 2.25 27.65
CA SER HA 32 48.37 1.84 28.13
C SER HA 32 49.30 3.03 28.34
N GLY HA 33 49.00 4.16 27.74
CA GLY HA 33 49.91 5.28 27.80
C GLY HA 33 51.16 5.03 27.00
N LEU HA 34 51.05 4.23 25.94
CA LEU HA 34 52.19 3.78 25.15
C LEU HA 34 51.97 4.21 23.71
N ARG HA 35 52.85 5.07 23.23
CA ARG HA 35 52.89 5.28 21.78
C ARG HA 35 53.58 4.10 21.12
N ILE HA 36 54.48 3.46 21.85
CA ILE HA 36 55.13 2.27 21.33
C ILE HA 36 54.08 1.21 21.03
N ASN HA 37 54.42 0.32 20.12
CA ASN HA 37 53.57 -0.79 19.79
C ASN HA 37 53.93 -1.98 20.65
N ARG HA 38 52.94 -2.85 20.88
CA ARG HA 38 53.27 -4.19 21.34
C ARG HA 38 53.95 -4.96 20.23
N ALA HA 39 53.47 -4.79 19.01
CA ALA HA 39 54.04 -5.42 17.83
C ALA HA 39 55.38 -4.81 17.50
N GLY HA 40 56.18 -5.56 16.75
CA GLY HA 40 57.50 -5.14 16.32
C GLY HA 40 57.54 -3.98 15.36
N ASP HA 41 56.39 -3.42 15.01
CA ASP HA 41 56.36 -2.22 14.18
C ASP HA 41 57.16 -1.11 14.85
N ASP HA 42 58.26 -0.71 14.20
CA ASP HA 42 59.30 0.12 14.80
C ASP HA 42 60.03 -0.63 15.91
N ALA HA 43 60.44 -1.87 15.60
CA ALA HA 43 61.25 -2.63 16.54
C ALA HA 43 62.58 -1.94 16.84
N ALA HA 44 63.02 -1.04 15.95
CA ALA HA 44 64.17 -0.21 16.28
C ALA HA 44 63.91 0.58 17.56
N GLY HA 45 62.93 1.48 17.50
CA GLY HA 45 62.61 2.29 18.67
C GLY HA 45 62.25 1.45 19.87
N LEU HA 46 61.56 0.34 19.65
CA LEU HA 46 61.23 -0.55 20.75
C LEU HA 46 62.48 -1.06 21.42
N ALA HA 47 63.33 -1.76 20.65
CA ALA HA 47 64.55 -2.35 21.18
C ALA HA 47 65.41 -1.30 21.86
N ILE HA 48 65.39 -0.08 21.34
CA ILE HA 48 66.07 1.00 22.03
C ILE HA 48 65.47 1.17 23.41
N SER HA 49 64.16 1.43 23.49
CA SER HA 49 63.54 1.71 24.78
C SER HA 49 63.70 0.53 25.73
N GLU HA 50 63.74 -0.66 25.19
CA GLU HA 50 64.06 -1.84 25.98
C GLU HA 50 65.43 -1.68 26.61
N LYS HA 51 66.41 -1.34 25.79
CA LYS HA 51 67.77 -1.13 26.29
C LYS HA 51 67.81 0.03 27.28
N MET HA 52 67.04 1.08 26.97
CA MET HA 52 66.94 2.21 27.87
C MET HA 52 66.50 1.75 29.24
N ARG HA 53 65.34 1.08 29.29
CA ARG HA 53 64.79 0.63 30.57
C ARG HA 53 65.74 -0.30 31.29
N GLY HA 54 66.44 -1.14 30.54
CA GLY HA 54 67.47 -1.95 31.16
C GLY HA 54 68.48 -1.09 31.87
N GLN HA 55 68.93 -0.02 31.22
CA GLN HA 55 69.87 0.87 31.87
C GLN HA 55 69.20 1.69 32.97
N ILE HA 56 67.98 2.18 32.77
CA ILE HA 56 67.26 2.95 33.79
C ILE HA 56 67.21 2.15 35.07
N ARG HA 57 66.62 0.96 34.98
CA ARG HA 57 66.48 0.10 36.13
C ARG HA 57 67.84 -0.20 36.74
N GLY HA 58 68.84 -0.38 35.88
CA GLY HA 58 70.19 -0.57 36.37
C GLY HA 58 70.74 0.64 37.10
N LEU HA 59 70.25 1.84 36.73
CA LEU HA 59 70.67 3.06 37.41
C LEU HA 59 69.95 3.22 38.73
N GLU HA 60 68.71 2.75 38.79
CA GLU HA 60 68.00 2.76 40.06
C GLU HA 60 68.69 1.84 41.06
N MET HA 61 69.02 0.63 40.63
CA MET HA 61 69.78 -0.27 41.48
C MET HA 61 71.20 0.22 41.67
N ALA HA 62 71.71 1.04 40.75
CA ALA HA 62 73.02 1.64 40.92
C ALA HA 62 73.00 2.64 42.04
N SER HA 63 71.98 3.51 42.05
CA SER HA 63 71.82 4.45 43.14
C SER HA 63 71.68 3.72 44.45
N LYS HA 64 70.86 2.68 44.45
CA LYS HA 64 70.74 1.82 45.62
C LYS HA 64 72.10 1.33 46.09
N ASN HA 65 72.87 0.72 45.18
CA ASN HA 65 74.17 0.15 45.55
C ASN HA 65 75.12 1.21 46.06
N SER HA 66 75.07 2.40 45.47
CA SER HA 66 75.99 3.45 45.88
C SER HA 66 75.62 4.01 47.23
N GLN HA 67 74.32 4.18 47.48
CA GLN HA 67 73.88 4.59 48.80
C GLN HA 67 74.30 3.58 49.84
N ASP HA 68 74.20 2.30 49.48
CA ASP HA 68 74.65 1.24 50.36
C ASP HA 68 76.15 1.35 50.60
N GLY HA 69 76.90 1.66 49.54
CA GLY HA 69 78.30 2.02 49.68
C GLY HA 69 78.49 3.08 50.74
N ILE HA 70 77.70 4.13 50.66
CA ILE HA 70 77.82 5.24 51.59
C ILE HA 70 77.54 4.76 53.00
N SER HA 71 76.56 3.89 53.17
CA SER HA 71 76.23 3.40 54.50
C SER HA 71 77.41 2.67 55.09
N LEU HA 72 78.05 1.83 54.30
CA LEU HA 72 79.27 1.16 54.72
C LEU HA 72 80.32 2.18 55.11
N ILE HA 73 80.53 3.16 54.24
CA ILE HA 73 81.56 4.17 54.45
C ILE HA 73 81.34 4.84 55.78
N GLN HA 74 80.17 5.44 55.97
CA GLN HA 74 79.92 6.23 57.17
C GLN HA 74 79.97 5.39 58.42
N THR HA 75 79.61 4.11 58.31
CA THR HA 75 79.79 3.21 59.44
C THR HA 75 81.26 3.18 59.84
N ALA HA 76 82.12 2.77 58.90
CA ALA HA 76 83.54 2.66 59.20
C ALA HA 76 84.10 4.02 59.58
N GLU HA 77 83.62 5.07 58.94
CA GLU HA 77 84.04 6.44 59.19
C GLU HA 77 83.84 6.81 60.64
N GLY HA 78 82.61 6.69 61.13
CA GLY HA 78 82.34 7.05 62.51
C GLY HA 78 83.14 6.20 63.47
N ALA HA 79 83.31 4.92 63.12
CA ALA HA 79 84.11 4.04 63.96
C ALA HA 79 85.55 4.53 64.04
N LEU HA 80 86.12 4.94 62.90
CA LEU HA 80 87.49 5.43 62.89
C LEU HA 80 87.61 6.77 63.57
N THR HA 81 86.56 7.58 63.52
CA THR HA 81 86.55 8.82 64.27
C THR HA 81 86.66 8.54 65.76
N GLU HA 82 85.89 7.56 66.24
CA GLU HA 82 85.98 7.21 67.64
C GLU HA 82 87.35 6.64 67.98
N THR HA 83 87.87 5.78 67.10
CA THR HA 83 89.21 5.24 67.28
C THR HA 83 90.19 6.37 67.45
N HIS HA 84 90.08 7.35 66.56
CA HIS HA 84 90.96 8.50 66.59
C HIS HA 84 90.86 9.24 67.91
N ALA HA 85 89.63 9.46 68.37
CA ALA HA 85 89.44 10.14 69.64
C ALA HA 85 90.14 9.38 70.77
N ILE HA 86 90.04 8.05 70.74
CA ILE HA 86 90.78 7.25 71.69
C ILE HA 86 92.25 7.57 71.57
N LEU HA 87 92.77 7.55 70.35
CA LEU HA 87 94.20 7.77 70.14
C LEU HA 87 94.65 9.12 70.66
N GLN HA 88 93.77 10.12 70.61
CA GLN HA 88 94.07 11.37 71.29
C GLN HA 88 94.25 11.13 72.78
N ARG HA 89 93.33 10.39 73.38
CA ARG HA 89 93.49 10.07 74.80
C ARG HA 89 94.77 9.30 75.02
N VAL HA 90 95.09 8.41 74.11
CA VAL HA 90 96.31 7.62 74.26
C VAL HA 90 97.50 8.55 74.35
N ARG HA 91 97.61 9.50 73.42
CA ARG HA 91 98.76 10.38 73.44
C ARG HA 91 98.79 11.22 74.70
N GLU HA 92 97.62 11.61 75.21
CA GLU HA 92 97.60 12.23 76.53
C GLU HA 92 98.28 11.33 77.53
N LEU HA 93 97.96 10.04 77.46
CA LEU HA 93 98.54 9.08 78.38
C LEU HA 93 99.98 8.76 78.03
N VAL HA 94 100.42 9.07 76.80
CA VAL HA 94 101.82 8.92 76.46
C VAL HA 94 102.62 10.04 77.12
N VAL HA 95 102.11 11.25 77.01
CA VAL HA 95 102.81 12.39 77.58
C VAL HA 95 102.85 12.26 79.10
N GLN HA 96 101.75 11.80 79.69
CA GLN HA 96 101.83 11.44 81.10
C GLN HA 96 102.77 10.26 81.30
N ALA HA 97 102.79 9.33 80.33
CA ALA HA 97 103.69 8.20 80.35
C ALA HA 97 105.07 8.54 79.85
N GLY HA 98 105.35 9.84 79.79
CA GLY HA 98 106.68 10.29 80.07
C GLY HA 98 107.05 10.22 81.54
N ASN HA 99 106.19 9.60 82.38
CA ASN HA 99 106.49 9.30 83.77
C ASN HA 99 106.47 10.59 84.59
N THR HA 100 105.93 11.66 83.97
CA THR HA 100 106.25 13.01 84.37
C THR HA 100 107.76 13.09 84.62
N GLY HA 101 108.51 12.62 83.63
CA GLY HA 101 109.93 12.51 83.79
C GLY HA 101 110.35 11.27 84.55
N THR HA 102 110.57 11.44 85.85
CA THR HA 102 110.72 10.33 86.77
C THR HA 102 109.74 10.39 87.92
N GLN HA 103 108.89 11.41 87.97
CA GLN HA 103 108.11 11.67 89.17
C GLN HA 103 107.08 10.59 89.42
N ASP HA 104 106.45 10.09 88.37
CA ASP HA 104 105.54 8.98 88.57
C ASP HA 104 106.37 7.76 88.96
N LYS HA 105 105.76 6.87 89.73
CA LYS HA 105 106.42 5.64 90.13
C LYS HA 105 105.95 4.49 89.25
N ALA HA 106 106.50 3.31 89.50
CA ALA HA 106 106.17 2.15 88.69
C ALA HA 106 104.68 1.82 88.77
N THR HA 107 104.10 1.93 89.96
CA THR HA 107 102.66 1.71 90.12
C THR HA 107 101.86 2.73 89.34
N ASP HA 108 102.32 3.98 89.33
CA ASP HA 108 101.62 5.00 88.57
C ASP HA 108 101.62 4.65 87.09
N LEU HA 109 102.78 4.24 86.57
CA LEU HA 109 102.85 3.79 85.19
C LEU HA 109 101.98 2.58 84.95
N GLN HA 110 101.80 1.74 85.97
CA GLN HA 110 100.93 0.59 85.81
C GLN HA 110 99.47 0.99 85.82
N SER HA 111 99.12 2.00 86.62
CA SER HA 111 97.78 2.53 86.59
C SER HA 111 97.47 3.09 85.21
N ILE HA 112 98.40 3.88 84.69
CA ILE HA 112 98.27 4.40 83.33
C ILE HA 112 98.14 3.25 82.35
N GLN HA 113 99.02 2.26 82.47
CA GLN HA 113 99.05 1.16 81.53
C GLN HA 113 97.76 0.34 81.60
N ASP HA 114 97.18 0.22 82.79
CA ASP HA 114 95.87 -0.39 82.90
C ASP HA 114 94.87 0.39 82.08
N GLY HA 115 94.89 1.72 82.22
CA GLY HA 115 94.02 2.54 81.40
C GLY HA 115 94.28 2.36 79.91
N ILE HA 116 95.54 2.25 79.51
CA ILE HA 116 95.84 2.16 78.10
C ILE HA 116 95.44 0.82 77.55
N SER HA 117 95.75 -0.25 78.28
CA SER HA 117 95.35 -1.58 77.81
C SER HA 117 93.84 -1.68 77.74
N ALA HA 118 93.17 -1.00 78.65
CA ALA HA 118 91.72 -0.85 78.55
C ALA HA 118 91.35 -0.16 77.23
N LEU HA 119 92.07 0.91 76.89
CA LEU HA 119 91.81 1.60 75.64
C LEU HA 119 92.10 0.72 74.44
N THR HA 120 93.18 -0.06 74.51
CA THR HA 120 93.47 -1.05 73.48
C THR HA 120 92.28 -1.96 73.29
N ASP HA 121 91.77 -2.49 74.39
CA ASP HA 121 90.63 -3.39 74.30
C ASP HA 121 89.44 -2.70 73.67
N GLU HA 122 89.33 -1.39 73.87
CA GLU HA 122 88.26 -0.65 73.20
C GLU HA 122 88.54 -0.47 71.71
N ILE HA 123 89.79 -0.20 71.35
CA ILE HA 123 90.12 -0.06 69.93
C ILE HA 123 89.88 -1.37 69.22
N ASP HA 124 90.38 -2.45 69.81
CA ASP HA 124 90.11 -3.79 69.29
C ASP HA 124 88.62 -4.04 69.23
N GLY HA 125 87.88 -3.52 70.22
CA GLY HA 125 86.44 -3.64 70.19
C GLY HA 125 85.83 -2.92 69.01
N ILE HA 126 86.34 -1.72 68.71
CA ILE HA 126 85.90 -1.01 67.52
C ILE HA 126 86.16 -1.87 66.30
N SER HA 127 87.41 -2.26 66.11
CA SER HA 127 87.80 -2.94 64.89
C SER HA 127 87.20 -4.33 64.78
N ASN HA 128 86.69 -4.88 65.88
CA ASN HA 128 86.10 -6.21 65.90
C ASN HA 128 84.61 -6.18 66.22
N ARG HA 129 83.98 -4.99 66.19
CA ARG HA 129 82.53 -4.86 66.32
C ARG HA 129 81.97 -4.11 65.13
N THR HA 130 82.78 -3.30 64.49
CA THR HA 130 82.32 -2.57 63.33
C THR HA 130 82.10 -3.56 62.19
N GLU HA 131 80.87 -4.04 62.08
CA GLU HA 131 80.46 -4.92 61.01
C GLU HA 131 79.45 -4.23 60.12
N PHE HA 132 79.44 -4.61 58.85
CA PHE HA 132 78.32 -4.31 57.96
C PHE HA 132 77.86 -5.62 57.35
N ASN HA 133 76.65 -6.02 57.69
CA ASN HA 133 76.09 -7.26 57.20
C ASN HA 133 77.02 -8.41 57.56
N GLY HA 134 77.52 -8.35 58.79
CA GLY HA 134 78.46 -9.31 59.29
C GLY HA 134 79.90 -9.07 58.89
N LYS HA 135 80.11 -8.36 57.79
CA LYS HA 135 81.45 -8.10 57.30
C LYS HA 135 82.14 -7.15 58.25
N LYS HA 136 83.13 -7.67 58.97
CA LYS HA 136 83.84 -6.85 59.93
C LYS HA 136 84.60 -5.79 59.15
N LEU HA 137 83.99 -4.62 59.04
CA LEU HA 137 84.48 -3.56 58.15
C LEU HA 137 85.83 -3.02 58.59
N LEU HA 138 86.16 -3.16 59.87
CA LEU HA 138 87.47 -2.80 60.36
C LEU HA 138 88.28 -4.02 60.74
N ASP HA 139 88.04 -5.12 60.04
CA ASP HA 139 88.97 -6.23 60.07
C ASP HA 139 90.23 -5.76 59.39
N GLY HA 140 91.28 -5.54 60.18
CA GLY HA 140 92.53 -5.06 59.61
C GLY HA 140 93.15 -6.03 58.61
N THR HA 141 92.72 -7.29 58.63
CA THR HA 141 93.15 -8.28 57.65
C THR HA 141 92.13 -8.47 56.53
N TYR HA 142 91.15 -7.58 56.41
CA TYR HA 142 90.19 -7.72 55.34
C TYR HA 142 90.86 -7.62 53.97
N LYS HA 143 91.44 -6.46 53.67
CA LYS HA 143 92.11 -6.21 52.40
C LYS HA 143 93.53 -5.71 52.63
N VAL HA 144 94.32 -6.50 53.33
CA VAL HA 144 95.76 -6.30 53.26
C VAL HA 144 96.20 -6.72 51.86
N ASP HA 145 96.60 -5.75 51.05
CA ASP HA 145 97.02 -6.00 49.67
C ASP HA 145 98.07 -7.11 49.59
N THR HA 146 99.07 -7.04 50.47
CA THR HA 146 100.06 -8.09 50.72
C THR HA 146 101.08 -8.25 49.59
N ALA HA 147 100.84 -7.61 48.44
CA ALA HA 147 101.41 -8.05 47.17
C ALA HA 147 100.97 -9.48 46.83
N THR HA 148 99.77 -9.86 47.27
CA THR HA 148 99.19 -11.17 46.97
C THR HA 148 97.74 -10.96 46.56
N PRO HA 149 97.45 -10.94 45.25
CA PRO HA 149 96.06 -10.83 44.80
C PRO HA 149 95.14 -11.88 45.40
N ALA HA 150 95.66 -13.09 45.61
CA ALA HA 150 94.84 -14.18 46.11
C ALA HA 150 94.24 -13.87 47.47
N ASN HA 151 94.91 -13.05 48.27
CA ASN HA 151 94.47 -12.72 49.62
C ASN HA 151 94.21 -11.22 49.71
N GLN HA 152 93.05 -10.78 49.22
CA GLN HA 152 92.68 -9.36 49.34
C GLN HA 152 91.23 -9.09 49.70
N LYS HA 153 90.26 -9.92 49.32
CA LYS HA 153 88.85 -9.60 49.56
C LYS HA 153 88.50 -8.20 49.07
N ASN HA 154 88.93 -7.86 47.85
CA ASN HA 154 88.81 -6.49 47.32
C ASN HA 154 87.40 -5.92 47.54
N LEU HA 155 87.32 -4.79 48.24
CA LEU HA 155 86.02 -4.22 48.58
C LEU HA 155 85.46 -3.57 47.32
N VAL HA 156 84.99 -4.42 46.43
CA VAL HA 156 84.43 -3.99 45.15
C VAL HA 156 83.06 -3.38 45.40
N PHE HA 157 82.72 -2.32 44.65
CA PHE HA 157 81.36 -1.78 44.56
C PHE HA 157 80.98 -1.67 43.09
N GLN HA 158 80.18 -2.62 42.60
CA GLN HA 158 79.54 -2.52 41.28
C GLN HA 158 78.43 -1.50 41.38
N ILE HA 159 78.59 -0.40 40.66
CA ILE HA 159 77.60 0.65 40.62
C ILE HA 159 77.01 0.79 39.22
N GLY HA 160 77.86 0.92 38.20
CA GLY HA 160 77.36 1.26 36.89
C GLY HA 160 76.47 0.16 36.33
N ALA HA 161 75.40 0.59 35.67
CA ALA HA 161 74.49 -0.35 35.02
C ALA HA 161 75.20 -1.16 33.95
N ASN HA 162 76.32 -0.66 33.43
CA ASN HA 162 77.12 -1.36 32.46
C ASN HA 162 78.18 -2.21 33.16
N ALA HA 163 78.62 -3.25 32.45
CA ALA HA 163 79.55 -4.20 33.03
C ALA HA 163 80.90 -3.56 33.33
N THR HA 164 81.57 -4.10 34.36
CA THR HA 164 82.90 -3.72 34.83
C THR HA 164 82.91 -2.39 35.56
N GLN HA 165 81.80 -1.68 35.64
CA GLN HA 165 81.78 -0.37 36.24
C GLN HA 165 81.82 -0.49 37.75
N GLN HA 166 83.00 -0.82 38.28
CA GLN HA 166 83.17 -1.17 39.68
C GLN HA 166 84.16 -0.25 40.35
N ILE HA 167 83.99 -0.13 41.66
CA ILE HA 167 84.88 0.65 42.50
C ILE HA 167 85.66 -0.28 43.41
N SER HA 168 86.97 -0.07 43.49
CA SER HA 168 87.87 -0.89 44.30
C SER HA 168 88.28 -0.11 45.55
N VAL HA 169 87.95 -0.64 46.73
CA VAL HA 169 88.21 0.03 48.00
C VAL HA 169 89.06 -0.88 48.87
N ASN HA 170 89.78 -0.27 49.81
CA ASN HA 170 90.70 -1.00 50.68
C ASN HA 170 90.42 -0.72 52.15
N ILE HA 171 90.28 -1.81 52.91
CA ILE HA 171 90.22 -1.83 54.36
C ILE HA 171 91.55 -2.42 54.84
N GLU HA 172 92.24 -1.75 55.78
CA GLU HA 172 93.37 -2.40 56.45
C GLU HA 172 93.55 -2.05 57.92
N ASP HA 173 92.68 -1.25 58.53
CA ASP HA 173 92.96 -0.76 59.87
C ASP HA 173 92.39 -1.70 60.93
N MET HA 174 92.98 -1.64 62.11
CA MET HA 174 92.57 -2.40 63.29
C MET HA 174 93.44 -1.95 64.46
N GLY HA 175 93.09 -2.45 65.64
CA GLY HA 175 93.85 -2.08 66.83
C GLY HA 175 95.32 -2.46 66.76
N ALA HA 176 95.62 -3.60 66.16
CA ALA HA 176 97.01 -4.01 66.00
C ALA HA 176 97.72 -3.30 64.87
N ASP HA 177 97.04 -2.41 64.15
CA ASP HA 177 97.60 -1.71 62.99
C ASP HA 177 97.98 -0.29 63.39
N ALA HA 178 99.25 -0.08 63.79
CA ALA HA 178 99.66 1.22 64.32
C ALA HA 178 100.78 1.93 63.56
N LEU HA 179 102.02 1.46 63.68
CA LEU HA 179 103.10 1.94 62.82
C LEU HA 179 103.34 0.84 61.79
N GLY HA 180 102.70 1.01 60.65
CA GLY HA 180 102.86 0.08 59.57
C GLY HA 180 104.18 0.33 58.89
N ILE HA 181 105.29 -0.05 59.53
CA ILE HA 181 106.59 0.07 58.89
C ILE HA 181 106.56 -0.61 57.54
N LYS HA 182 106.15 -1.86 57.52
CA LYS HA 182 105.77 -2.64 56.35
C LYS HA 182 104.57 -3.51 56.71
N GLU HA 183 104.70 -4.11 57.88
CA GLU HA 183 103.72 -4.89 58.60
C GLU HA 183 103.97 -4.57 60.08
N ALA HA 184 103.40 -5.38 60.98
CA ALA HA 184 103.73 -5.23 62.39
C ALA HA 184 105.18 -5.62 62.60
N ASP HA 185 105.96 -4.73 63.20
CA ASP HA 185 107.37 -5.04 63.44
C ASP HA 185 107.49 -6.07 64.54
N GLY HA 186 107.00 -5.73 65.72
CA GLY HA 186 107.09 -6.62 66.87
C GLY HA 186 106.59 -5.92 68.11
N SER HA 187 107.38 -5.97 69.19
CA SER HA 187 107.02 -5.22 70.39
C SER HA 187 106.84 -3.75 70.08
N ILE HA 188 107.59 -3.24 69.11
CA ILE HA 188 107.43 -1.90 68.62
C ILE HA 188 106.57 -1.93 67.37
N ALA HA 189 106.11 -0.76 66.97
CA ALA HA 189 105.46 -0.44 65.71
C ALA HA 189 104.04 -0.96 65.56
N ALA HA 190 103.66 -2.01 66.28
CA ALA HA 190 102.29 -2.44 66.38
C ALA HA 190 101.87 -2.71 67.81
N LEU HA 191 102.69 -3.49 68.53
CA LEU HA 191 102.28 -3.98 69.83
C LEU HA 191 102.42 -2.94 70.93
N HIS HA 192 103.01 -1.79 70.66
CA HIS HA 192 102.80 -0.72 71.61
C HIS HA 192 101.35 -0.29 71.59
N SER HA 193 100.70 -0.38 70.42
CA SER HA 193 99.28 -0.12 70.37
C SER HA 193 98.51 -1.21 71.07
N VAL HA 194 99.00 -2.46 70.97
CA VAL HA 194 98.32 -3.57 71.60
C VAL HA 194 98.78 -3.72 73.04
N ASN HA 195 100.08 -3.98 73.22
CA ASN HA 195 100.58 -4.35 74.54
C ASN HA 195 100.98 -3.16 75.40
N ASP HA 196 101.23 -1.99 74.80
CA ASP HA 196 101.56 -0.80 75.58
C ASP HA 196 102.84 -0.94 76.40
N LEU HA 197 103.99 -0.86 75.71
CA LEU HA 197 105.31 -1.06 76.30
C LEU HA 197 105.60 -0.24 77.57
N ASP HA 198 104.85 0.83 77.86
CA ASP HA 198 105.12 1.68 79.02
C ASP HA 198 104.55 1.02 80.27
N VAL HA 199 105.35 0.12 80.85
CA VAL HA 199 104.94 -0.60 82.05
C VAL HA 199 105.84 -0.22 83.23
N THR HA 200 107.06 -0.75 83.20
CA THR HA 200 108.18 -0.33 84.01
C THR HA 200 109.45 -0.24 83.20
N LYS HA 201 109.50 -0.93 82.05
CA LYS HA 201 110.58 -0.75 81.09
C LYS HA 201 110.78 0.72 80.76
N PHE HA 202 109.70 1.50 80.76
CA PHE HA 202 109.85 2.93 80.54
C PHE HA 202 110.66 3.58 81.64
N ALA HA 203 110.35 3.25 82.90
CA ALA HA 203 111.09 3.86 84.00
C ALA HA 203 112.56 3.50 83.94
N ASP HA 204 112.86 2.31 83.41
CA ASP HA 204 114.26 1.91 83.23
C ASP HA 204 114.96 2.81 82.23
N ASN HA 205 114.35 3.00 81.04
CA ASN HA 205 114.92 3.82 79.97
C ASN HA 205 113.84 4.76 79.46
N ALA HA 206 113.70 5.90 80.13
CA ALA HA 206 112.72 6.87 79.70
C ALA HA 206 113.05 7.46 78.34
N ALA HA 207 114.33 7.56 77.99
CA ALA HA 207 114.78 8.04 76.68
C ALA HA 207 115.88 7.20 76.06
N ASP HA 208 116.68 6.56 76.91
CA ASP HA 208 118.01 6.05 76.60
C ASP HA 208 118.17 5.11 75.41
N CYS HA 209 117.10 4.46 74.93
CA CYS HA 209 117.28 3.41 73.92
C CYS HA 209 116.27 3.45 72.78
N ALA HA 210 115.37 4.42 72.76
CA ALA HA 210 114.34 4.64 71.73
C ALA HA 210 113.25 3.56 71.70
N ASP HA 211 113.62 2.30 71.91
CA ASP HA 211 112.71 1.17 71.92
C ASP HA 211 111.66 1.32 73.00
N ILE HA 212 112.10 1.70 74.19
CA ILE HA 212 111.21 2.25 75.20
C ILE HA 212 111.51 3.70 75.53
N GLY HA 213 112.54 4.30 74.92
CA GLY HA 213 112.89 5.65 75.36
C GLY HA 213 111.92 6.75 74.95
N PHE HA 214 110.60 6.56 75.12
CA PHE HA 214 109.51 7.50 74.85
C PHE HA 214 109.31 7.85 73.38
N ASP HA 215 110.41 7.86 72.64
CA ASP HA 215 110.48 8.15 71.23
C ASP HA 215 109.67 7.17 70.43
N ALA HA 216 110.06 5.89 70.49
CA ALA HA 216 109.41 4.90 69.65
C ALA HA 216 107.93 4.83 69.96
N GLN HA 217 107.57 4.90 71.23
CA GLN HA 217 106.17 4.77 71.62
C GLN HA 217 105.36 5.91 71.02
N LEU HA 218 105.85 7.13 71.21
CA LEU HA 218 105.14 8.26 70.64
C LEU HA 218 105.07 8.16 69.14
N LYS HA 219 106.09 7.58 68.52
CA LYS HA 219 106.06 7.39 67.08
C LYS HA 219 105.03 6.35 66.68
N VAL HA 220 104.84 5.30 67.49
CA VAL HA 220 103.80 4.33 67.20
C VAL HA 220 102.46 5.02 67.22
N VAL HA 221 102.23 5.83 68.25
CA VAL HA 221 100.95 6.51 68.36
C VAL HA 221 100.76 7.46 67.20
N ASP HA 222 101.79 8.23 66.89
CA ASP HA 222 101.70 9.22 65.82
C ASP HA 222 101.40 8.54 64.50
N GLU HA 223 102.09 7.45 64.21
CA GLU HA 223 101.85 6.77 62.94
C GLU HA 223 100.51 6.08 62.94
N ALA HA 224 100.12 5.48 64.06
CA ALA HA 224 98.80 4.88 64.16
C ALA HA 224 97.74 5.90 63.79
N ILE HA 225 97.87 7.10 64.36
CA ILE HA 225 96.97 8.19 64.00
C ILE HA 225 97.07 8.49 62.53
N ASN HA 226 98.29 8.56 62.01
CA ASN HA 226 98.48 8.92 60.61
C ASN HA 226 97.85 7.87 59.69
N GLN HA 227 97.87 6.61 60.12
CA GLN HA 227 97.24 5.55 59.36
C GLN HA 227 95.73 5.64 59.44
N VAL HA 228 95.21 6.06 60.59
CA VAL HA 228 93.78 6.35 60.68
C VAL HA 228 93.44 7.51 59.75
N SER HA 229 94.28 8.54 59.76
CA SER HA 229 94.06 9.71 58.93
C SER HA 229 94.00 9.34 57.47
N SER HA 230 94.94 8.53 57.01
CA SER HA 230 94.97 8.14 55.62
C SER HA 230 93.88 7.15 55.28
N GLN HA 231 93.54 6.28 56.23
CA GLN HA 231 92.44 5.37 56.02
C GLN HA 231 91.14 6.13 55.84
N ARG HA 232 90.91 7.10 56.71
CA ARG HA 232 89.74 7.97 56.59
C ARG HA 232 89.85 8.84 55.35
N ALA HA 233 91.07 9.12 54.91
CA ALA HA 233 91.25 9.91 53.70
C ALA HA 233 90.78 9.14 52.48
N LYS HA 234 91.21 7.89 52.36
CA LYS HA 234 90.71 7.03 51.31
C LYS HA 234 89.21 6.89 51.42
N LEU HA 235 88.75 6.64 52.63
CA LEU HA 235 87.34 6.39 52.90
C LEU HA 235 86.49 7.57 52.44
N GLY HA 236 86.92 8.78 52.78
CA GLY HA 236 86.18 9.96 52.39
C GLY HA 236 86.36 10.30 50.94
N ALA HA 237 87.50 9.92 50.37
CA ALA HA 237 87.65 10.06 48.93
C ALA HA 237 86.56 9.29 48.21
N VAL HA 238 86.35 8.03 48.64
CA VAL HA 238 85.30 7.23 48.04
C VAL HA 238 83.93 7.82 48.36
N GLN HA 239 83.78 8.40 49.55
CA GLN HA 239 82.54 9.06 49.87
C GLN HA 239 82.22 10.13 48.85
N ASN HA 240 83.21 10.97 48.55
CA ASN HA 240 82.99 12.01 47.56
C ASN HA 240 82.68 11.41 46.21
N ARG HA 241 83.38 10.33 45.87
CA ARG HA 241 83.11 9.65 44.61
C ARG HA 241 81.65 9.25 44.50
N LEU HA 242 81.13 8.65 45.55
CA LEU HA 242 79.76 8.18 45.49
C LEU HA 242 78.78 9.34 45.52
N GLU HA 243 79.16 10.45 46.15
CA GLU HA 243 78.35 11.65 46.04
C GLU HA 243 78.20 12.05 44.58
N HIS HA 244 79.31 12.23 43.89
CA HIS HA 244 79.26 12.68 42.51
C HIS HA 244 78.68 11.62 41.60
N THR HA 245 78.93 10.35 41.93
CA THR HA 245 78.31 9.25 41.23
C THR HA 245 76.80 9.40 41.29
N ILE HA 246 76.25 9.51 42.49
CA ILE HA 246 74.80 9.60 42.65
C ILE HA 246 74.26 10.80 41.91
N ASN HA 247 74.98 11.92 41.96
CA ASN HA 247 74.51 13.09 41.23
C ASN HA 247 74.44 12.77 39.74
N ASN HA 248 75.44 12.05 39.23
CA ASN HA 248 75.38 11.61 37.84
C ASN HA 248 74.25 10.64 37.61
N LEU HA 249 74.08 9.67 38.51
CA LEU HA 249 73.05 8.66 38.35
C LEU HA 249 71.68 9.30 38.34
N SER HA 250 71.51 10.34 39.14
CA SER HA 250 70.24 11.05 39.22
C SER HA 250 69.98 11.82 37.94
N ALA HA 251 70.95 12.64 37.52
CA ALA HA 251 70.75 13.45 36.32
C ALA HA 251 70.63 12.57 35.08
N SER HA 252 71.55 11.63 34.94
CA SER HA 252 71.56 10.72 33.81
C SER HA 252 70.32 9.87 33.80
N GLY HA 253 69.91 9.39 34.97
CA GLY HA 253 68.70 8.61 35.06
C GLY HA 253 67.50 9.40 34.60
N GLU HA 254 67.41 10.66 35.04
CA GLU HA 254 66.33 11.54 34.59
C GLU HA 254 66.34 11.67 33.08
N ASN HA 255 67.48 12.08 32.52
CA ASN HA 255 67.57 12.27 31.08
C ASN HA 255 67.23 10.99 30.34
N LEU HA 256 67.52 9.85 30.96
CA LEU HA 256 67.28 8.56 30.33
C LEU HA 256 65.80 8.21 30.35
N THR HA 257 65.13 8.43 31.47
CA THR HA 257 63.70 8.20 31.51
C THR HA 257 62.97 9.16 30.58
N ALA HA 258 63.53 10.36 30.41
CA ALA HA 258 62.99 11.27 29.43
C ALA HA 258 63.20 10.75 28.03
N ALA HA 259 64.37 10.16 27.76
CA ALA HA 259 64.63 9.57 26.45
C ALA HA 259 63.61 8.48 26.14
N GLU HA 260 63.43 7.56 27.09
CA GLU HA 260 62.40 6.54 26.96
C GLU HA 260 61.06 7.20 26.70
N SER HA 261 60.74 8.20 27.51
CA SER HA 261 59.45 8.88 27.40
C SER HA 261 59.26 9.43 26.00
N ARG HA 262 60.34 9.89 25.37
CA ARG HA 262 60.25 10.32 23.99
C ARG HA 262 59.93 9.16 23.08
N ILE HA 263 60.51 7.99 23.34
CA ILE HA 263 60.15 6.84 22.54
C ILE HA 263 58.68 6.50 22.75
N ARG HA 264 58.25 6.42 24.01
CA ARG HA 264 56.86 6.11 24.34
C ARG HA 264 55.99 7.35 24.45
N ASP HA 265 56.46 8.50 23.96
CA ASP HA 265 55.70 9.74 24.02
C ASP HA 265 54.32 9.55 23.41
N VAL HA 266 53.29 9.56 24.24
CA VAL HA 266 51.92 9.66 23.76
C VAL HA 266 51.53 11.12 23.75
N ASP HA 267 51.23 11.64 22.57
CA ASP HA 267 50.54 12.91 22.48
C ASP HA 267 49.09 12.60 22.80
N MET HA 268 48.79 12.57 24.10
CA MET HA 268 47.49 12.13 24.56
C MET HA 268 46.38 12.96 23.94
N ALA HA 269 46.64 14.25 23.72
CA ALA HA 269 45.64 15.08 23.06
C ALA HA 269 45.44 14.64 21.62
N LYS HA 270 46.54 14.40 20.91
CA LYS HA 270 46.44 13.87 19.55
C LYS HA 270 45.64 12.58 19.54
N GLU HA 271 45.97 11.68 20.45
CA GLU HA 271 45.41 10.34 20.37
C GLU HA 271 43.95 10.31 20.79
N MET HA 272 43.56 11.18 21.72
CA MET HA 272 42.13 11.35 21.98
C MET HA 272 41.42 11.93 20.77
N SER HA 273 42.06 12.92 20.13
CA SER HA 273 41.47 13.54 18.95
C SER HA 273 41.29 12.52 17.83
N GLU HA 274 42.36 11.79 17.53
CA GLU HA 274 42.31 10.79 16.48
C GLU HA 274 41.32 9.70 16.83
N PHE HA 275 41.27 9.34 18.11
CA PHE HA 275 40.26 8.40 18.58
C PHE HA 275 38.87 8.87 18.21
N THR HA 276 38.57 10.10 18.61
CA THR HA 276 37.30 10.74 18.30
C THR HA 276 36.99 10.63 16.82
N LYS HA 277 37.95 11.05 16.00
CA LYS HA 277 37.77 11.02 14.56
C LYS HA 277 37.41 9.63 14.09
N ASN HA 278 38.16 8.63 14.55
CA ASN HA 278 37.93 7.28 14.05
C ASN HA 278 36.58 6.75 14.50
N ASN HA 279 36.09 7.17 15.66
CA ASN HA 279 34.72 6.85 16.03
C ASN HA 279 33.75 7.42 15.02
N ILE HA 280 33.88 8.71 14.77
CA ILE HA 280 33.03 9.42 13.83
C ILE HA 280 33.02 8.69 12.49
N LEU HA 281 34.21 8.35 12.02
CA LEU HA 281 34.37 7.76 10.70
C LEU HA 281 33.74 6.39 10.64
N SER HA 282 33.93 5.59 11.70
CA SER HA 282 33.27 4.29 11.75
C SER HA 282 31.77 4.46 11.67
N GLN HA 283 31.22 5.33 12.50
CA GLN HA 283 29.77 5.50 12.55
C GLN HA 283 29.22 5.96 11.21
N ALA HA 284 29.89 6.94 10.60
CA ALA HA 284 29.47 7.44 9.30
C ALA HA 284 29.47 6.33 8.27
N SER HA 285 30.55 5.55 8.24
CA SER HA 285 30.64 4.49 7.26
C SER HA 285 29.53 3.47 7.47
N GLN HA 286 29.19 3.17 8.72
CA GLN HA 286 28.10 2.22 8.95
C GLN HA 286 26.76 2.78 8.49
N ALA HA 287 26.53 4.07 8.73
CA ALA HA 287 25.32 4.70 8.20
C ALA HA 287 25.26 4.52 6.69
N MET HA 288 26.39 4.69 6.03
CA MET HA 288 26.40 4.50 4.60
C MET HA 288 26.17 3.04 4.23
N LEU HA 289 26.62 2.10 5.06
CA LEU HA 289 26.34 0.70 4.76
C LEU HA 289 24.85 0.42 4.86
N ALA HA 290 24.19 1.03 5.84
CA ALA HA 290 22.75 0.95 5.91
C ALA HA 290 22.14 1.45 4.62
N GLN HA 291 22.58 2.63 4.17
CA GLN HA 291 22.05 3.19 2.93
C GLN HA 291 22.30 2.27 1.74
N ALA HA 292 23.48 1.61 1.71
CA ALA HA 292 23.76 0.64 0.68
C ALA HA 292 22.77 -0.49 0.71
N ASN HA 293 22.27 -0.82 1.90
CA ASN HA 293 21.23 -1.82 2.00
C ASN HA 293 19.84 -1.25 1.72
N GLN HA 294 19.68 0.08 1.80
CA GLN HA 294 18.37 0.69 1.55
C GLN HA 294 18.09 0.83 0.07
N GLN HA 295 19.07 1.32 -0.68
CA GLN HA 295 18.90 1.53 -2.12
C GLN HA 295 18.33 0.33 -2.86
N PRO HA 296 18.90 -0.89 -2.76
CA PRO HA 296 18.32 -2.01 -3.50
C PRO HA 296 16.92 -2.38 -3.06
N GLN HA 297 16.46 -1.96 -1.88
CA GLN HA 297 15.08 -2.19 -1.49
C GLN HA 297 14.16 -1.27 -2.25
N ASN HA 298 14.55 0.00 -2.34
CA ASN HA 298 13.86 0.94 -3.20
C ASN HA 298 13.78 0.37 -4.61
N VAL HA 299 14.90 -0.18 -5.08
CA VAL HA 299 14.91 -0.83 -6.39
C VAL HA 299 13.89 -1.95 -6.44
N LEU HA 300 13.84 -2.78 -5.40
CA LEU HA 300 12.93 -3.90 -5.40
C LEU HA 300 11.50 -3.45 -5.61
N GLN HA 301 11.06 -2.46 -4.82
CA GLN HA 301 9.71 -1.97 -4.99
C GLN HA 301 9.52 -1.38 -6.38
N LEU HA 302 10.44 -0.51 -6.78
CA LEU HA 302 10.27 0.25 -8.00
C LEU HA 302 10.25 -0.64 -9.24
N LEU HA 303 10.95 -1.77 -9.19
CA LEU HA 303 10.97 -2.74 -10.26
C LEU HA 303 10.17 -3.98 -9.94
N ARG HA 304 9.14 -3.84 -9.13
CA ARG HA 304 8.23 -4.94 -8.89
C ARG HA 304 7.07 -4.87 -9.87
N ILE IA 3 -84.44 -77.80 -110.24
CA ILE IA 3 -84.28 -78.37 -108.86
C ILE IA 3 -84.36 -77.31 -107.77
N ASN IA 4 -85.22 -76.31 -108.00
CA ASN IA 4 -85.26 -75.13 -107.14
C ASN IA 4 -85.43 -75.50 -105.67
N HIS IA 5 -86.32 -76.45 -105.39
CA HIS IA 5 -86.61 -76.84 -104.02
C HIS IA 5 -85.47 -77.58 -103.33
N ASN IA 6 -84.40 -77.91 -104.04
CA ASN IA 6 -83.27 -78.62 -103.46
C ASN IA 6 -82.05 -77.74 -103.20
N ILE IA 7 -82.07 -76.48 -103.65
CA ILE IA 7 -80.91 -75.60 -103.55
C ILE IA 7 -81.14 -74.64 -102.42
N ALA IA 8 -80.20 -74.64 -101.48
CA ALA IA 8 -80.19 -73.65 -100.42
C ALA IA 8 -78.77 -73.22 -100.09
N ALA IA 9 -77.79 -73.61 -100.89
CA ALA IA 9 -76.39 -73.37 -100.58
C ALA IA 9 -76.07 -73.91 -99.20
N LEU IA 10 -76.43 -75.16 -98.99
CA LEU IA 10 -76.36 -75.72 -97.64
C LEU IA 10 -74.95 -75.72 -97.10
N ASN IA 11 -73.94 -75.73 -97.97
CA ASN IA 11 -72.58 -75.56 -97.49
C ASN IA 11 -72.40 -74.17 -96.90
N THR IA 12 -73.04 -73.18 -97.52
CA THR IA 12 -73.04 -71.85 -96.93
C THR IA 12 -73.71 -71.88 -95.57
N LEU IA 13 -74.80 -72.65 -95.45
CA LEU IA 13 -75.51 -72.73 -94.19
C LEU IA 13 -74.64 -73.36 -93.11
N ASN IA 14 -73.90 -74.39 -93.50
CA ASN IA 14 -72.96 -75.02 -92.59
C ASN IA 14 -71.87 -74.04 -92.16
N ARG IA 15 -71.36 -73.26 -93.11
CA ARG IA 15 -70.42 -72.22 -92.75
C ARG IA 15 -71.06 -71.22 -91.81
N LEU IA 16 -72.36 -71.01 -91.96
CA LEU IA 16 -73.02 -70.05 -91.13
C LEU IA 16 -73.03 -70.51 -89.68
N SER IA 17 -73.48 -71.74 -89.47
CA SER IA 17 -73.46 -72.30 -88.13
C SER IA 17 -72.07 -72.24 -87.53
N SER IA 18 -71.07 -72.63 -88.34
CA SER IA 18 -69.68 -72.59 -87.88
C SER IA 18 -69.28 -71.19 -87.46
N ASN IA 19 -69.58 -70.20 -88.29
CA ASN IA 19 -69.14 -68.83 -88.04
C ASN IA 19 -69.83 -68.27 -86.81
N ASN IA 20 -71.11 -68.58 -86.63
CA ASN IA 20 -71.82 -68.07 -85.47
C ASN IA 20 -71.22 -68.64 -84.19
N SER IA 21 -70.94 -69.94 -84.18
CA SER IA 21 -70.30 -70.50 -83.01
C SER IA 21 -68.90 -69.92 -82.83
N ALA IA 22 -68.21 -69.65 -83.93
CA ALA IA 22 -66.85 -69.12 -83.84
C ALA IA 22 -66.85 -67.76 -83.16
N SER IA 23 -67.63 -66.82 -83.68
CA SER IA 23 -67.71 -65.50 -83.08
C SER IA 23 -68.19 -65.60 -81.64
N GLN IA 24 -69.12 -66.51 -81.37
CA GLN IA 24 -69.58 -66.74 -80.00
C GLN IA 24 -68.41 -67.08 -79.09
N LYS IA 25 -67.58 -68.03 -79.52
CA LYS IA 25 -66.45 -68.45 -78.71
C LYS IA 25 -65.51 -67.29 -78.47
N ASN IA 26 -65.26 -66.50 -79.52
CA ASN IA 26 -64.43 -65.31 -79.38
C ASN IA 26 -64.96 -64.42 -78.27
N MET IA 27 -66.26 -64.11 -78.29
CA MET IA 27 -66.84 -63.27 -77.24
C MET IA 27 -66.61 -63.86 -75.87
N GLU IA 28 -66.98 -65.12 -75.72
CA GLU IA 28 -66.95 -65.78 -74.44
C GLU IA 28 -65.57 -65.69 -73.83
N LYS IA 29 -64.54 -65.85 -74.65
CA LYS IA 29 -63.19 -65.69 -74.16
C LYS IA 29 -62.90 -64.22 -73.87
N LEU IA 30 -63.35 -63.33 -74.76
CA LEU IA 30 -63.13 -61.89 -74.58
C LEU IA 30 -63.83 -61.40 -73.32
N SER IA 31 -65.10 -61.75 -73.18
CA SER IA 31 -65.89 -61.31 -72.04
C SER IA 31 -65.30 -61.82 -70.74
N SER IA 32 -64.98 -63.10 -70.70
CA SER IA 32 -64.46 -63.71 -69.50
C SER IA 32 -62.98 -63.40 -69.31
N GLY IA 33 -62.29 -62.98 -70.35
CA GLY IA 33 -60.86 -62.80 -70.26
C GLY IA 33 -60.13 -64.10 -70.12
N LEU IA 34 -60.70 -65.17 -70.68
CA LEU IA 34 -60.19 -66.53 -70.51
C LEU IA 34 -59.89 -67.09 -71.88
N ARG IA 35 -58.62 -67.38 -72.13
CA ARG IA 35 -58.31 -68.21 -73.28
C ARG IA 35 -58.65 -69.66 -72.98
N ILE IA 36 -58.58 -70.03 -71.70
CA ILE IA 36 -58.97 -71.37 -71.30
C ILE IA 36 -60.43 -71.60 -71.67
N ASN IA 37 -60.76 -72.86 -71.86
CA ASN IA 37 -62.13 -73.25 -72.13
C ASN IA 37 -62.84 -73.56 -70.82
N ARG IA 38 -64.15 -73.37 -70.83
CA ARG IA 38 -64.96 -74.00 -69.80
C ARG IA 38 -64.97 -75.50 -69.99
N ALA IA 39 -65.06 -75.94 -71.24
CA ALA IA 39 -65.03 -77.34 -71.59
C ALA IA 39 -63.64 -77.91 -71.38
N GLY IA 40 -63.59 -79.24 -71.26
CA GLY IA 40 -62.36 -79.97 -71.05
C GLY IA 40 -61.39 -79.96 -72.21
N ASP IA 41 -61.71 -79.26 -73.29
CA ASP IA 41 -60.77 -79.11 -74.39
C ASP IA 41 -59.49 -78.48 -73.88
N ASP IA 42 -58.40 -79.24 -73.96
CA ASP IA 42 -57.15 -78.95 -73.28
C ASP IA 42 -57.32 -79.03 -71.76
N ALA IA 43 -57.92 -80.13 -71.31
CA ALA IA 43 -58.01 -80.39 -69.88
C ALA IA 43 -56.64 -80.51 -69.23
N ALA IA 44 -55.60 -80.80 -70.02
CA ALA IA 44 -54.25 -80.73 -69.47
C ALA IA 44 -53.96 -79.33 -68.95
N GLY IA 45 -53.95 -78.35 -69.84
CA GLY IA 45 -53.68 -76.98 -69.43
C GLY IA 45 -54.65 -76.48 -68.38
N LEU IA 46 -55.91 -76.90 -68.48
CA LEU IA 46 -56.89 -76.51 -67.48
C LEU IA 46 -56.48 -77.04 -66.12
N ALA IA 47 -56.36 -78.35 -66.00
CA ALA IA 47 -56.02 -78.98 -64.73
C ALA IA 47 -54.73 -78.41 -64.17
N ILE IA 48 -53.80 -78.05 -65.05
CA ILE IA 48 -52.61 -77.36 -64.57
C ILE IA 48 -53.01 -76.06 -63.90
N SER IA 49 -53.72 -75.19 -64.62
CA SER IA 49 -54.04 -73.87 -64.07
C SER IA 49 -54.89 -74.00 -62.82
N GLU IA 50 -55.70 -75.05 -62.74
CA GLU IA 50 -56.41 -75.38 -61.53
C GLU IA 50 -55.43 -75.60 -60.38
N LYS IA 51 -54.44 -76.45 -60.63
CA LYS IA 51 -53.44 -76.71 -59.62
C LYS IA 51 -52.64 -75.46 -59.29
N MET IA 52 -52.35 -74.65 -60.32
CA MET IA 52 -51.67 -73.39 -60.12
C MET IA 52 -52.44 -72.54 -59.14
N ARG IA 53 -53.71 -72.27 -59.44
CA ARG IA 53 -54.53 -71.43 -58.59
C ARG IA 53 -54.65 -71.99 -57.19
N GLY IA 54 -54.72 -73.31 -57.08
CA GLY IA 54 -54.68 -73.91 -55.75
C GLY IA 54 -53.43 -73.48 -55.01
N GLN IA 55 -52.29 -73.54 -55.69
CA GLN IA 55 -51.06 -73.12 -55.04
C GLN IA 55 -51.01 -71.60 -54.85
N ILE IA 56 -51.46 -70.83 -55.84
CA ILE IA 56 -51.48 -69.36 -55.73
C ILE IA 56 -52.21 -68.95 -54.48
N ARG IA 57 -53.47 -69.36 -54.40
CA ARG IA 57 -54.30 -69.04 -53.26
C ARG IA 57 -53.66 -69.53 -51.98
N GLY IA 58 -53.05 -70.71 -52.04
CA GLY IA 58 -52.32 -71.21 -50.89
C GLY IA 58 -51.13 -70.35 -50.51
N LEU IA 59 -50.55 -69.65 -51.50
CA LEU IA 59 -49.43 -68.76 -51.24
C LEU IA 59 -49.92 -67.44 -50.67
N GLU IA 60 -51.10 -67.01 -51.09
CA GLU IA 60 -51.70 -65.83 -50.50
C GLU IA 60 -51.98 -66.06 -49.02
N MET IA 61 -52.62 -67.20 -48.72
CA MET IA 61 -52.85 -67.55 -47.33
C MET IA 61 -51.55 -67.90 -46.63
N ALA IA 62 -50.52 -68.30 -47.38
CA ALA IA 62 -49.21 -68.54 -46.79
C ALA IA 62 -48.60 -67.24 -46.33
N SER IA 63 -48.65 -66.23 -47.18
CA SER IA 63 -48.15 -64.91 -46.81
C SER IA 63 -48.91 -64.40 -45.60
N LYS IA 64 -50.23 -64.56 -45.63
CA LYS IA 64 -51.04 -64.23 -44.47
C LYS IA 64 -50.54 -64.92 -43.21
N ASN IA 65 -50.38 -66.24 -43.28
CA ASN IA 65 -49.97 -66.99 -42.09
C ASN IA 65 -48.60 -66.58 -41.61
N SER IA 66 -47.70 -66.27 -42.54
CA SER IA 66 -46.34 -65.91 -42.16
C SER IA 66 -46.31 -64.52 -41.53
N GLN IA 67 -47.08 -63.59 -42.09
CA GLN IA 67 -47.20 -62.28 -41.47
C GLN IA 67 -47.76 -62.41 -40.07
N ASP IA 68 -48.73 -63.29 -39.91
CA ASP IA 68 -49.28 -63.55 -38.59
C ASP IA 68 -48.21 -64.13 -37.67
N GLY IA 69 -47.39 -65.04 -38.20
CA GLY IA 69 -46.20 -65.48 -37.49
C GLY IA 69 -45.39 -64.31 -37.00
N ILE IA 70 -45.13 -63.35 -37.88
CA ILE IA 70 -44.33 -62.19 -37.53
C ILE IA 70 -44.99 -61.41 -36.41
N SER IA 71 -46.31 -61.27 -36.48
CA SER IA 71 -47.02 -60.53 -35.44
C SER IA 71 -46.80 -61.17 -34.09
N LEU IA 72 -46.93 -62.49 -34.04
CA LEU IA 72 -46.64 -63.23 -32.82
C LEU IA 72 -45.22 -62.96 -32.37
N ILE IA 73 -44.28 -63.08 -33.30
CA ILE IA 73 -42.87 -62.92 -32.99
C ILE IA 73 -42.64 -61.58 -32.34
N GLN IA 74 -43.01 -60.50 -33.04
CA GLN IA 74 -42.70 -59.17 -32.56
C GLN IA 74 -43.41 -58.86 -31.25
N THR IA 75 -44.58 -59.45 -31.04
CA THR IA 75 -45.22 -59.34 -29.74
C THR IA 75 -44.29 -59.86 -28.65
N ALA IA 76 -43.93 -61.15 -28.77
CA ALA IA 76 -43.08 -61.76 -27.76
C ALA IA 76 -41.73 -61.05 -27.69
N GLU IA 77 -41.24 -60.62 -28.83
CA GLU IA 77 -39.97 -59.91 -28.94
C GLU IA 77 -39.96 -58.67 -28.09
N GLY IA 78 -40.93 -57.78 -28.31
CA GLY IA 78 -40.97 -56.55 -27.54
C GLY IA 78 -41.14 -56.83 -26.07
N ALA IA 79 -41.94 -57.86 -25.76
CA ALA IA 79 -42.12 -58.23 -24.36
C ALA IA 79 -40.80 -58.67 -23.74
N LEU IA 80 -40.01 -59.46 -24.46
CA LEU IA 80 -38.73 -59.91 -23.94
C LEU IA 80 -37.73 -58.79 -23.87
N THR IA 81 -37.84 -57.81 -24.77
CA THR IA 81 -37.01 -56.63 -24.67
C THR IA 81 -37.27 -55.90 -23.38
N GLU IA 82 -38.55 -55.74 -23.04
CA GLU IA 82 -38.87 -55.07 -21.78
C GLU IA 82 -38.41 -55.90 -20.59
N THR IA 83 -38.63 -57.21 -20.66
CA THR IA 83 -38.12 -58.11 -19.63
C THR IA 83 -36.65 -57.88 -19.42
N HIS IA 84 -35.92 -57.84 -20.53
CA HIS IA 84 -34.49 -57.64 -20.48
C HIS IA 84 -34.14 -56.33 -19.81
N ALA IA 85 -34.83 -55.26 -20.18
CA ALA IA 85 -34.59 -53.96 -19.56
C ALA IA 85 -34.78 -54.04 -18.06
N ILE IA 86 -35.82 -54.74 -17.63
CA ILE IA 86 -36.00 -54.97 -16.20
C ILE IA 86 -34.76 -55.65 -15.65
N LEU IA 87 -34.31 -56.72 -16.31
CA LEU IA 87 -33.18 -57.48 -15.79
C LEU IA 87 -31.93 -56.61 -15.69
N GLN IA 88 -31.79 -55.63 -16.56
CA GLN IA 88 -30.72 -54.64 -16.37
C GLN IA 88 -30.92 -53.92 -15.06
N ARG IA 89 -32.15 -53.46 -14.79
CA ARG IA 89 -32.39 -52.82 -13.52
C ARG IA 89 -32.13 -53.77 -12.37
N VAL IA 90 -32.48 -55.03 -12.54
CA VAL IA 90 -32.25 -56.02 -11.50
C VAL IA 90 -30.78 -56.06 -11.18
N ARG IA 91 -29.92 -56.19 -12.18
CA ARG IA 91 -28.49 -56.29 -11.90
C ARG IA 91 -27.97 -55.02 -11.25
N GLU IA 92 -28.53 -53.86 -11.62
CA GLU IA 92 -28.21 -52.65 -10.87
C GLU IA 92 -28.50 -52.88 -9.40
N LEU IA 93 -29.67 -53.47 -9.13
CA LEU IA 93 -30.06 -53.72 -7.76
C LEU IA 93 -29.29 -54.89 -7.15
N VAL IA 94 -28.66 -55.73 -7.97
CA VAL IA 94 -27.78 -56.76 -7.44
C VAL IA 94 -26.50 -56.14 -6.95
N VAL IA 95 -25.94 -55.26 -7.77
CA VAL IA 95 -24.68 -54.63 -7.39
C VAL IA 95 -24.89 -53.74 -6.18
N GLN IA 96 -26.02 -53.05 -6.12
CA GLN IA 96 -26.37 -52.39 -4.86
C GLN IA 96 -26.62 -53.41 -3.78
N ALA IA 97 -27.19 -54.56 -4.14
CA ALA IA 97 -27.42 -55.65 -3.21
C ALA IA 97 -26.20 -56.51 -3.02
N GLY IA 98 -25.05 -55.97 -3.41
CA GLY IA 98 -23.85 -56.23 -2.68
C GLY IA 98 -23.80 -55.53 -1.34
N ASN IA 99 -24.91 -54.88 -0.91
CA ASN IA 99 -25.04 -54.31 0.43
C ASN IA 99 -24.19 -53.06 0.54
N THR IA 100 -23.71 -52.57 -0.61
CA THR IA 100 -22.53 -51.73 -0.66
C THR IA 100 -21.49 -52.31 0.28
N GLY IA 101 -21.25 -53.61 0.10
CA GLY IA 101 -20.38 -54.30 1.01
C GLY IA 101 -21.08 -54.73 2.27
N THR IA 102 -20.92 -53.92 3.31
CA THR IA 102 -21.73 -54.04 4.53
C THR IA 102 -22.46 -52.75 4.86
N GLN IA 103 -22.27 -51.70 4.07
CA GLN IA 103 -22.72 -50.37 4.47
C GLN IA 103 -24.23 -50.27 4.53
N ASP IA 104 -24.93 -50.91 3.61
CA ASP IA 104 -26.37 -50.92 3.71
C ASP IA 104 -26.74 -51.78 4.91
N LYS IA 105 -27.88 -51.47 5.51
CA LYS IA 105 -28.38 -52.25 6.64
C LYS IA 105 -29.45 -53.21 6.15
N ALA IA 106 -29.98 -54.01 7.09
CA ALA IA 106 -30.98 -55.00 6.74
C ALA IA 106 -32.22 -54.36 6.15
N THR IA 107 -32.64 -53.22 6.71
CA THR IA 107 -33.79 -52.49 6.16
C THR IA 107 -33.49 -52.00 4.76
N ASP IA 108 -32.27 -51.54 4.51
CA ASP IA 108 -31.93 -51.10 3.17
C ASP IA 108 -32.04 -52.24 2.18
N LEU IA 109 -31.51 -53.41 2.55
CA LEU IA 109 -31.66 -54.59 1.71
C LEU IA 109 -33.13 -54.97 1.53
N GLN IA 110 -33.96 -54.69 2.54
CA GLN IA 110 -35.38 -54.98 2.40
C GLN IA 110 -36.06 -53.98 1.49
N SER IA 111 -35.63 -52.72 1.53
CA SER IA 111 -36.14 -51.73 0.60
C SER IA 111 -35.81 -52.14 -0.82
N ILE IA 112 -34.55 -52.52 -1.04
CA ILE IA 112 -34.14 -53.03 -2.34
C ILE IA 112 -34.98 -54.23 -2.71
N GLN IA 113 -35.12 -55.17 -1.78
CA GLN IA 113 -35.83 -56.41 -2.06
C GLN IA 113 -37.30 -56.15 -2.37
N ASP IA 114 -37.88 -55.15 -1.72
CA ASP IA 114 -39.23 -54.74 -2.09
C ASP IA 114 -39.26 -54.29 -3.53
N GLY IA 115 -38.28 -53.48 -3.93
CA GLY IA 115 -38.18 -53.09 -5.32
C GLY IA 115 -38.00 -54.27 -6.25
N ILE IA 116 -37.19 -55.25 -5.84
CA ILE IA 116 -36.92 -56.37 -6.75
C ILE IA 116 -38.13 -57.27 -6.85
N SER IA 117 -38.78 -57.56 -5.73
CA SER IA 117 -39.98 -58.39 -5.78
C SER IA 117 -41.07 -57.71 -6.58
N ALA IA 118 -41.10 -56.39 -6.51
CA ALA IA 118 -41.95 -55.61 -7.40
C ALA IA 118 -41.58 -55.88 -8.85
N LEU IA 119 -40.27 -55.87 -9.14
CA LEU IA 119 -39.82 -56.15 -10.51
C LEU IA 119 -40.17 -57.57 -10.92
N THR IA 120 -40.02 -58.52 -10.01
CA THR IA 120 -40.45 -59.88 -10.28
C THR IA 120 -41.90 -59.90 -10.69
N ASP IA 121 -42.74 -59.22 -9.91
CA ASP IA 121 -44.16 -59.18 -10.22
C ASP IA 121 -44.39 -58.58 -11.60
N GLU IA 122 -43.52 -57.66 -12.01
CA GLU IA 122 -43.64 -57.12 -13.35
C GLU IA 122 -43.17 -58.11 -14.40
N ILE IA 123 -42.10 -58.85 -14.14
CA ILE IA 123 -41.64 -59.85 -15.10
C ILE IA 123 -42.72 -60.91 -15.27
N ASP IA 124 -43.22 -61.41 -14.14
CA ASP IA 124 -44.33 -62.35 -14.17
C ASP IA 124 -45.51 -61.73 -14.89
N GLY IA 125 -45.72 -60.44 -14.72
CA GLY IA 125 -46.78 -59.77 -15.46
C GLY IA 125 -46.55 -59.80 -16.95
N ILE IA 126 -45.30 -59.59 -17.37
CA ILE IA 126 -44.96 -59.71 -18.78
C ILE IA 126 -45.31 -61.12 -19.25
N SER IA 127 -44.73 -62.11 -18.58
CA SER IA 127 -44.86 -63.48 -19.05
C SER IA 127 -46.27 -64.02 -18.92
N ASN IA 128 -47.13 -63.36 -18.13
CA ASN IA 128 -48.50 -63.77 -17.92
C ASN IA 128 -49.51 -62.76 -18.47
N ARG IA 129 -49.06 -61.80 -19.27
CA ARG IA 129 -49.94 -60.89 -19.98
C ARG IA 129 -49.67 -60.92 -21.46
N THR IA 130 -48.45 -61.31 -21.84
CA THR IA 130 -48.12 -61.41 -23.25
C THR IA 130 -48.88 -62.57 -23.84
N GLU IA 131 -50.06 -62.27 -24.40
CA GLU IA 131 -50.90 -63.23 -25.08
C GLU IA 131 -50.98 -62.89 -26.56
N PHE IA 132 -51.15 -63.91 -27.39
CA PHE IA 132 -51.60 -63.73 -28.76
C PHE IA 132 -52.81 -64.61 -28.97
N ASN IA 133 -53.95 -63.98 -29.18
CA ASN IA 133 -55.19 -64.70 -29.38
C ASN IA 133 -55.44 -65.60 -28.18
N GLY IA 134 -55.17 -65.05 -27.01
CA GLY IA 134 -55.30 -65.75 -25.76
C GLY IA 134 -54.11 -66.63 -25.41
N LYS IA 135 -53.35 -67.04 -26.40
CA LYS IA 135 -52.21 -67.92 -26.18
C LYS IA 135 -51.14 -67.14 -25.45
N LYS IA 136 -50.93 -67.48 -24.20
CA LYS IA 136 -49.93 -66.78 -23.40
C LYS IA 136 -48.57 -67.08 -24.01
N LEU IA 137 -48.11 -66.17 -24.86
CA LEU IA 137 -46.93 -66.41 -25.68
C LEU IA 137 -45.67 -66.54 -24.86
N LEU IA 138 -45.66 -65.97 -23.65
CA LEU IA 138 -44.55 -66.12 -22.72
C LEU IA 138 -44.94 -67.00 -21.55
N ASP IA 139 -45.85 -67.93 -21.79
CA ASP IA 139 -46.05 -69.03 -20.85
C ASP IA 139 -44.79 -69.87 -20.89
N GLY IA 140 -43.99 -69.79 -19.82
CA GLY IA 140 -42.76 -70.54 -19.79
C GLY IA 140 -42.96 -72.04 -19.86
N THR IA 141 -44.17 -72.52 -19.58
CA THR IA 141 -44.52 -73.92 -19.73
C THR IA 141 -45.24 -74.21 -21.03
N TYR IA 142 -45.24 -73.28 -21.98
CA TYR IA 142 -45.88 -73.54 -23.26
C TYR IA 142 -45.23 -74.71 -23.97
N LYS IA 143 -43.96 -74.55 -24.35
CA LYS IA 143 -43.21 -75.58 -25.07
C LYS IA 143 -41.91 -75.89 -24.33
N VAL IA 144 -42.03 -76.31 -23.08
CA VAL IA 144 -40.90 -76.99 -22.47
C VAL IA 144 -40.80 -78.36 -23.14
N ASP IA 145 -39.73 -78.55 -23.93
CA ASP IA 145 -39.51 -79.79 -24.66
C ASP IA 145 -39.61 -81.01 -23.74
N THR IA 146 -38.96 -80.94 -22.57
CA THR IA 146 -39.10 -81.88 -21.47
C THR IA 146 -38.42 -83.23 -21.74
N ALA IA 147 -38.00 -83.48 -22.98
CA ALA IA 147 -37.83 -84.85 -23.48
C ALA IA 147 -39.14 -85.63 -23.43
N THR IA 148 -40.27 -84.93 -23.58
CA THR IA 148 -41.59 -85.55 -23.59
C THR IA 148 -42.37 -84.94 -24.75
N PRO IA 149 -42.43 -85.62 -25.90
CA PRO IA 149 -43.25 -85.11 -27.01
C PRO IA 149 -44.69 -84.84 -26.64
N ALA IA 150 -45.25 -85.65 -25.74
CA ALA IA 150 -46.64 -85.51 -25.37
C ALA IA 150 -46.95 -84.16 -24.77
N ASN IA 151 -45.97 -83.54 -24.13
CA ASN IA 151 -46.15 -82.25 -23.45
C ASN IA 151 -45.22 -81.23 -24.09
N GLN IA 152 -45.63 -80.68 -25.25
CA GLN IA 152 -44.86 -79.61 -25.89
C GLN IA 152 -45.67 -78.47 -26.48
N LYS IA 153 -46.90 -78.67 -26.96
CA LYS IA 153 -47.64 -77.60 -27.64
C LYS IA 153 -46.79 -76.94 -28.73
N ASN IA 154 -46.14 -77.75 -29.56
CA ASN IA 154 -45.17 -77.26 -30.55
C ASN IA 154 -45.71 -76.07 -31.34
N LEU IA 155 -45.01 -74.95 -31.27
CA LEU IA 155 -45.49 -73.72 -31.91
C LEU IA 155 -45.27 -73.87 -33.42
N VAL IA 156 -46.13 -74.68 -34.02
CA VAL IA 156 -46.07 -74.96 -35.45
C VAL IA 156 -46.57 -73.74 -36.19
N PHE IA 157 -45.95 -73.45 -37.36
CA PHE IA 157 -46.46 -72.49 -38.34
C PHE IA 157 -46.49 -73.17 -39.71
N GLN IA 158 -47.69 -73.61 -40.14
CA GLN IA 158 -47.91 -74.06 -41.52
C GLN IA 158 -47.93 -72.84 -42.41
N ILE IA 159 -46.94 -72.76 -43.29
CA ILE IA 159 -46.84 -71.69 -44.25
C ILE IA 159 -46.99 -72.19 -45.67
N GLY IA 160 -46.24 -73.22 -46.06
CA GLY IA 160 -46.21 -73.61 -47.45
C GLY IA 160 -47.56 -74.11 -47.92
N ALA IA 161 -47.90 -73.74 -49.15
CA ALA IA 161 -49.14 -74.20 -49.75
C ALA IA 161 -49.17 -75.72 -49.89
N ASN IA 162 -48.00 -76.35 -49.89
CA ASN IA 162 -47.88 -77.79 -49.95
C ASN IA 162 -47.86 -78.37 -48.54
N ALA IA 163 -48.25 -79.64 -48.44
CA ALA IA 163 -48.38 -80.29 -47.15
C ALA IA 163 -47.03 -80.45 -46.46
N THR IA 164 -47.08 -80.45 -45.13
CA THR IA 164 -45.95 -80.63 -44.21
C THR IA 164 -45.03 -79.42 -44.16
N GLN IA 165 -45.26 -78.39 -44.96
CA GLN IA 165 -44.37 -77.25 -45.01
C GLN IA 165 -44.56 -76.37 -43.79
N GLN IA 166 -44.07 -76.85 -42.65
CA GLN IA 166 -44.34 -76.23 -41.36
C GLN IA 166 -43.06 -75.80 -40.68
N ILE IA 167 -43.21 -74.81 -39.82
CA ILE IA 167 -42.11 -74.29 -39.00
C ILE IA 167 -42.36 -74.64 -37.55
N SER IA 168 -41.33 -75.16 -36.89
CA SER IA 168 -41.41 -75.57 -35.48
C SER IA 168 -40.67 -74.55 -34.62
N VAL IA 169 -41.39 -73.92 -33.68
CA VAL IA 169 -40.84 -72.86 -32.84
C VAL IA 169 -41.03 -73.26 -31.38
N ASN IA 170 -40.17 -72.70 -30.52
CA ASN IA 170 -40.17 -73.02 -29.10
C ASN IA 170 -40.29 -71.78 -28.22
N ILE IA 171 -41.26 -71.83 -27.31
CA ILE IA 171 -41.45 -70.87 -26.22
C ILE IA 171 -41.03 -71.59 -24.95
N GLU IA 172 -40.16 -70.98 -24.13
CA GLU IA 172 -39.94 -71.51 -22.78
C GLU IA 172 -39.70 -70.47 -21.69
N ASP IA 173 -39.75 -69.17 -21.99
CA ASP IA 173 -39.33 -68.19 -21.01
C ASP IA 173 -40.50 -67.73 -20.14
N MET IA 174 -40.16 -67.26 -18.94
CA MET IA 174 -41.11 -66.71 -17.98
C MET IA 174 -40.30 -66.16 -16.82
N GLY IA 175 -41.01 -65.50 -15.90
CA GLY IA 175 -40.34 -64.93 -14.74
C GLY IA 175 -39.63 -65.96 -13.88
N ALA IA 176 -40.20 -67.15 -13.74
CA ALA IA 176 -39.55 -68.20 -12.97
C ALA IA 176 -38.45 -68.91 -13.74
N ASP IA 177 -38.18 -68.51 -14.98
CA ASP IA 177 -37.19 -69.16 -15.84
C ASP IA 177 -35.93 -68.29 -15.88
N ALA IA 178 -34.96 -68.59 -15.00
CA ALA IA 178 -33.78 -67.73 -14.88
C ALA IA 178 -32.43 -68.40 -15.14
N LEU IA 179 -31.96 -69.24 -14.22
CA LEU IA 179 -30.80 -70.10 -14.50
C LEU IA 179 -31.35 -71.49 -14.73
N GLY IA 180 -31.55 -71.80 -16.01
CA GLY IA 180 -32.03 -73.10 -16.38
C GLY IA 180 -30.89 -74.09 -16.31
N ILE IA 181 -30.49 -74.47 -15.09
CA ILE IA 181 -29.46 -75.49 -14.95
C ILE IA 181 -29.86 -76.73 -15.73
N LYS IA 182 -31.06 -77.23 -15.48
CA LYS IA 182 -31.77 -78.21 -16.28
C LYS IA 182 -33.24 -77.84 -16.30
N GLU IA 183 -33.71 -77.49 -15.11
CA GLU IA 183 -35.01 -76.95 -14.76
C GLU IA 183 -34.75 -75.95 -13.64
N ALA IA 184 -35.80 -75.54 -12.94
CA ALA IA 184 -35.60 -74.73 -11.75
C ALA IA 184 -34.93 -75.58 -10.68
N ASP IA 185 -33.80 -75.09 -10.15
CA ASP IA 185 -33.11 -75.85 -9.13
C ASP IA 185 -33.90 -75.80 -7.82
N GLY IA 186 -34.09 -74.59 -7.31
CA GLY IA 186 -34.78 -74.39 -6.05
C GLY IA 186 -34.73 -72.94 -5.63
N SER IA 187 -34.32 -72.69 -4.39
CA SER IA 187 -34.12 -71.31 -3.94
C SER IA 187 -33.13 -70.59 -4.84
N ILE IA 188 -32.17 -71.32 -5.37
CA ILE IA 188 -31.24 -70.80 -6.34
C ILE IA 188 -31.73 -71.17 -7.74
N ALA IA 189 -31.14 -70.52 -8.72
CA ALA IA 189 -31.23 -70.82 -10.16
C ALA IA 189 -32.55 -70.46 -10.82
N ALA IA 190 -33.64 -70.39 -10.05
CA ALA IA 190 -34.90 -69.85 -10.53
C ALA IA 190 -35.50 -68.86 -9.56
N LEU IA 191 -35.58 -69.26 -8.29
CA LEU IA 191 -36.34 -68.49 -7.31
C LEU IA 191 -35.59 -67.27 -6.82
N HIS IA 192 -34.32 -67.12 -7.14
CA HIS IA 192 -33.77 -65.78 -6.93
C HIS IA 192 -34.42 -64.81 -7.88
N SER IA 193 -34.81 -65.27 -9.08
CA SER IA 193 -35.57 -64.40 -9.96
C SER IA 193 -36.96 -64.18 -9.40
N VAL IA 194 -37.53 -65.18 -8.74
CA VAL IA 194 -38.87 -65.06 -8.19
C VAL IA 194 -38.80 -64.45 -6.80
N ASN IA 195 -38.14 -65.16 -5.88
CA ASN IA 195 -38.20 -64.79 -4.47
C ASN IA 195 -37.13 -63.77 -4.06
N ASP IA 196 -36.05 -63.63 -4.84
CA ASP IA 196 -35.03 -62.64 -4.53
C ASP IA 196 -34.34 -62.87 -3.19
N LEU IA 197 -33.45 -63.87 -3.15
CA LEU IA 197 -32.77 -64.29 -1.93
C LEU IA 197 -32.09 -63.17 -1.12
N ASP IA 198 -31.83 -62.00 -1.70
CA ASP IA 198 -31.13 -60.92 -1.01
C ASP IA 198 -32.11 -60.19 -0.09
N VAL IA 199 -32.29 -60.74 1.12
CA VAL IA 199 -33.20 -60.16 2.09
C VAL IA 199 -32.43 -59.67 3.31
N THR IA 200 -31.99 -60.62 4.13
CA THR IA 200 -31.01 -60.45 5.18
C THR IA 200 -30.02 -61.59 5.18
N LYS IA 201 -30.39 -62.73 4.59
CA LYS IA 201 -29.44 -63.81 4.36
C LYS IA 201 -28.20 -63.30 3.66
N PHE IA 202 -28.34 -62.30 2.79
CA PHE IA 202 -27.16 -61.73 2.16
C PHE IA 202 -26.25 -61.07 3.17
N ALA IA 203 -26.82 -60.29 4.09
CA ALA IA 203 -25.98 -59.63 5.08
C ALA IA 203 -25.24 -60.65 5.95
N ASP IA 204 -25.86 -61.81 6.16
CA ASP IA 204 -25.20 -62.88 6.90
C ASP IA 204 -23.97 -63.38 6.15
N ASN IA 205 -24.14 -63.72 4.87
CA ASN IA 205 -23.06 -64.24 4.03
C ASN IA 205 -23.05 -63.47 2.73
N ALA IA 206 -22.37 -62.33 2.72
CA ALA IA 206 -22.27 -61.55 1.51
C ALA IA 206 -21.48 -62.26 0.42
N ALA IA 207 -20.52 -63.11 0.78
CA ALA IA 207 -19.76 -63.91 -0.16
C ALA IA 207 -19.57 -65.37 0.26
N ASP IA 208 -19.57 -65.58 1.57
CA ASP IA 208 -19.03 -66.78 2.22
C ASP IA 208 -19.50 -68.15 1.75
N CYS IA 209 -20.66 -68.27 1.08
CA CYS IA 209 -21.22 -69.59 0.81
C CYS IA 209 -21.75 -69.77 -0.60
N ALA IA 210 -21.65 -68.76 -1.46
CA ALA IA 210 -22.08 -68.76 -2.86
C ALA IA 210 -23.60 -68.81 -3.04
N ASP IA 211 -24.30 -69.58 -2.21
CA ASP IA 211 -25.75 -69.73 -2.25
C ASP IA 211 -26.44 -68.41 -2.03
N ILE IA 212 -25.97 -67.65 -1.04
CA ILE IA 212 -26.27 -66.23 -0.94
C ILE IA 212 -25.02 -65.38 -1.09
N GLY IA 213 -23.83 -65.96 -1.24
CA GLY IA 213 -22.65 -65.11 -1.25
C GLY IA 213 -22.46 -64.25 -2.49
N PHE IA 214 -23.50 -63.56 -2.97
CA PHE IA 214 -23.52 -62.63 -4.10
C PHE IA 214 -23.25 -63.26 -5.46
N ASP IA 215 -22.43 -64.31 -5.45
CA ASP IA 215 -22.05 -65.08 -6.60
C ASP IA 215 -23.24 -65.74 -7.27
N ALA IA 216 -23.92 -66.62 -6.53
CA ALA IA 216 -25.02 -67.37 -7.12
C ALA IA 216 -26.09 -66.43 -7.65
N GLN IA 217 -26.40 -65.38 -6.88
CA GLN IA 217 -27.47 -64.47 -7.27
C GLN IA 217 -27.13 -63.80 -8.58
N LEU IA 218 -25.91 -63.25 -8.65
CA LEU IA 218 -25.51 -62.60 -9.88
C LEU IA 218 -25.49 -63.60 -11.04
N LYS IA 219 -25.17 -64.85 -10.75
CA LYS IA 219 -25.20 -65.86 -11.79
C LYS IA 219 -26.62 -66.16 -12.24
N VAL IA 220 -27.58 -66.13 -11.31
CA VAL IA 220 -28.98 -66.32 -11.71
C VAL IA 220 -29.37 -65.20 -12.66
N VAL IA 221 -29.03 -63.97 -12.30
CA VAL IA 221 -29.40 -62.85 -13.15
C VAL IA 221 -28.72 -62.96 -14.50
N ASP IA 222 -27.43 -63.27 -14.48
CA ASP IA 222 -26.68 -63.36 -15.73
C ASP IA 222 -27.24 -64.43 -16.63
N GLU IA 223 -27.57 -65.59 -16.07
CA GLU IA 223 -28.09 -66.65 -16.90
C GLU IA 223 -29.51 -66.34 -17.34
N ALA IA 224 -30.32 -65.77 -16.46
CA ALA IA 224 -31.65 -65.33 -16.84
C ALA IA 224 -31.59 -64.45 -18.07
N ILE IA 225 -30.67 -63.48 -18.03
CA ILE IA 225 -30.45 -62.63 -19.18
C ILE IA 225 -30.00 -63.45 -20.38
N ASN IA 226 -29.10 -64.39 -20.16
CA ASN IA 226 -28.58 -65.19 -21.27
C ASN IA 226 -29.68 -66.02 -21.89
N GLN IA 227 -30.63 -66.47 -21.08
CA GLN IA 227 -31.77 -67.23 -21.58
C GLN IA 227 -32.72 -66.32 -22.34
N VAL IA 228 -32.87 -65.08 -21.90
CA VAL IA 228 -33.62 -64.12 -22.69
C VAL IA 228 -32.92 -63.88 -24.02
N SER IA 229 -31.60 -63.73 -23.96
CA SER IA 229 -30.80 -63.49 -25.16
C SER IA 229 -30.99 -64.60 -26.17
N SER IA 230 -30.91 -65.84 -25.71
CA SER IA 230 -31.04 -66.98 -26.60
C SER IA 230 -32.47 -67.18 -27.04
N GLN IA 231 -33.43 -66.87 -26.17
CA GLN IA 231 -34.83 -66.95 -26.56
C GLN IA 231 -35.11 -65.96 -27.67
N ARG IA 232 -34.64 -64.73 -27.49
CA ARG IA 232 -34.77 -63.71 -28.53
C ARG IA 232 -33.95 -64.08 -29.75
N ALA IA 233 -32.87 -64.83 -29.56
CA ALA IA 233 -32.06 -65.26 -30.68
C ALA IA 233 -32.83 -66.23 -31.57
N LYS IA 234 -33.44 -67.23 -30.95
CA LYS IA 234 -34.32 -68.13 -31.69
C LYS IA 234 -35.45 -67.35 -32.34
N LEU IA 235 -36.06 -66.48 -31.55
CA LEU IA 235 -37.20 -65.70 -31.99
C LEU IA 235 -36.86 -64.90 -33.24
N GLY IA 236 -35.73 -64.22 -33.22
CA GLY IA 236 -35.32 -63.41 -34.35
C GLY IA 236 -34.81 -64.25 -35.50
N ALA IA 237 -34.28 -65.43 -35.20
CA ALA IA 237 -33.93 -66.35 -36.26
C ALA IA 237 -35.17 -66.67 -37.07
N VAL IA 238 -36.26 -67.00 -36.40
CA VAL IA 238 -37.52 -67.27 -37.09
C VAL IA 238 -38.02 -66.03 -37.77
N GLN IA 239 -37.81 -64.86 -37.16
CA GLN IA 239 -38.19 -63.62 -37.83
C GLN IA 239 -37.53 -63.52 -39.19
N ASN IA 240 -36.22 -63.75 -39.22
CA ASN IA 240 -35.51 -63.69 -40.49
C ASN IA 240 -36.03 -64.74 -41.45
N ARG IA 241 -36.33 -65.93 -40.93
CA ARG IA 241 -36.89 -66.98 -41.76
C ARG IA 241 -38.15 -66.50 -42.45
N LEU IA 242 -39.04 -65.88 -41.70
CA LEU IA 242 -40.30 -65.47 -42.29
C LEU IA 242 -40.11 -64.29 -43.22
N GLU IA 243 -39.09 -63.47 -42.96
CA GLU IA 243 -38.75 -62.44 -43.93
C GLU IA 243 -38.42 -63.06 -45.27
N HIS IA 244 -37.48 -64.00 -45.28
CA HIS IA 244 -37.06 -64.60 -46.54
C HIS IA 244 -38.14 -65.48 -47.12
N THR IA 245 -38.93 -66.11 -46.25
CA THR IA 245 -40.09 -66.84 -46.70
C THR IA 245 -41.01 -65.94 -47.50
N ILE IA 246 -41.40 -64.81 -46.91
CA ILE IA 246 -42.33 -63.90 -47.59
C ILE IA 246 -41.73 -63.42 -48.89
N ASN IA 247 -40.45 -63.13 -48.90
CA ASN IA 247 -39.84 -62.71 -50.15
C ASN IA 247 -39.97 -63.80 -51.21
N ASN IA 248 -39.79 -65.06 -50.80
CA ASN IA 248 -40.01 -66.16 -51.72
C ASN IA 248 -41.48 -66.26 -52.11
N LEU IA 249 -42.38 -66.13 -51.15
CA LEU IA 249 -43.80 -66.26 -51.42
C LEU IA 249 -44.26 -65.19 -52.39
N SER IA 250 -43.67 -64.01 -52.27
CA SER IA 250 -44.01 -62.90 -53.14
C SER IA 250 -43.50 -63.15 -54.55
N ALA IA 251 -42.21 -63.46 -54.68
CA ALA IA 251 -41.63 -63.68 -56.00
C ALA IA 251 -42.25 -64.89 -56.66
N SER IA 252 -42.31 -66.00 -55.93
CA SER IA 252 -42.86 -67.24 -56.45
C SER IA 252 -44.33 -67.07 -56.77
N GLY IA 253 -45.05 -66.37 -55.91
CA GLY IA 253 -46.45 -66.11 -56.18
C GLY IA 253 -46.63 -65.34 -57.46
N GLU IA 254 -45.82 -64.30 -57.65
CA GLU IA 254 -45.86 -63.55 -58.89
C GLU IA 254 -45.61 -64.43 -60.09
N ASN IA 255 -44.50 -65.16 -60.08
CA ASN IA 255 -44.16 -66.04 -61.20
C ASN IA 255 -45.26 -67.04 -61.45
N LEU IA 256 -45.96 -67.44 -60.40
CA LEU IA 256 -47.01 -68.44 -60.51
C LEU IA 256 -48.26 -67.85 -61.14
N THR IA 257 -48.66 -66.65 -60.71
CA THR IA 257 -49.80 -66.00 -61.34
C THR IA 257 -49.48 -65.68 -62.79
N ALA IA 258 -48.22 -65.41 -63.09
CA ALA IA 258 -47.82 -65.24 -64.47
C ALA IA 258 -47.94 -66.55 -65.23
N ALA IA 259 -47.56 -67.66 -64.60
CA ALA IA 259 -47.70 -68.97 -65.24
C ALA IA 259 -49.15 -69.25 -65.59
N GLU IA 260 -50.04 -69.06 -64.60
CA GLU IA 260 -51.46 -69.17 -64.85
C GLU IA 260 -51.86 -68.27 -66.00
N SER IA 261 -51.41 -67.02 -65.94
CA SER IA 261 -51.76 -66.05 -66.96
C SER IA 261 -51.36 -66.52 -68.34
N ARG IA 262 -50.24 -67.23 -68.42
CA ARG IA 262 -49.86 -67.83 -69.69
C ARG IA 262 -50.85 -68.90 -70.10
N ILE IA 263 -51.33 -69.69 -69.15
CA ILE IA 263 -52.36 -70.66 -69.52
C ILE IA 263 -53.61 -69.95 -69.99
N ARG IA 264 -54.07 -68.97 -69.22
CA ARG IA 264 -55.25 -68.19 -69.58
C ARG IA 264 -54.94 -66.97 -70.41
N ASP IA 265 -53.74 -66.89 -70.99
CA ASP IA 265 -53.35 -65.75 -71.82
C ASP IA 265 -54.36 -65.52 -72.93
N VAL IA 266 -55.11 -64.44 -72.85
CA VAL IA 266 -55.93 -63.98 -73.95
C VAL IA 266 -55.10 -62.97 -74.72
N ASP IA 267 -54.82 -63.27 -75.97
CA ASP IA 267 -54.34 -62.25 -76.90
C ASP IA 267 -55.58 -61.48 -77.29
N MET IA 268 -55.91 -60.50 -76.45
CA MET IA 268 -57.16 -59.76 -76.61
C MET IA 268 -57.23 -59.10 -77.98
N ALA IA 269 -56.10 -58.67 -78.51
CA ALA IA 269 -56.10 -58.11 -79.84
C ALA IA 269 -56.43 -59.16 -80.88
N LYS IA 270 -55.80 -60.33 -80.76
CA LYS IA 270 -56.13 -61.44 -81.64
C LYS IA 270 -57.60 -61.76 -81.58
N GLU IA 271 -58.13 -61.85 -80.37
CA GLU IA 271 -59.49 -62.37 -80.20
C GLU IA 271 -60.52 -61.35 -80.64
N MET IA 272 -60.23 -60.06 -80.47
CA MET IA 272 -61.10 -59.04 -81.08
C MET IA 272 -61.03 -59.11 -82.59
N SER IA 273 -59.83 -59.32 -83.12
CA SER IA 273 -59.65 -59.42 -84.57
C SER IA 273 -60.42 -60.61 -85.13
N GLU IA 274 -60.21 -61.77 -84.53
CA GLU IA 274 -60.88 -62.98 -84.96
C GLU IA 274 -62.38 -62.85 -84.79
N PHE IA 275 -62.80 -62.19 -83.71
CA PHE IA 275 -64.21 -61.90 -83.52
C PHE IA 275 -64.77 -61.13 -84.70
N THR IA 276 -64.10 -60.04 -85.04
CA THR IA 276 -64.45 -59.22 -86.18
C THR IA 276 -64.60 -60.06 -87.42
N LYS IA 277 -63.58 -60.86 -87.70
CA LYS IA 277 -63.59 -61.70 -88.89
C LYS IA 277 -64.81 -62.59 -88.90
N ASN IA 278 -65.08 -63.25 -87.78
CA ASN IA 278 -66.18 -64.21 -87.76
C ASN IA 278 -67.52 -63.51 -87.93
N ASN IA 279 -67.65 -62.27 -87.45
CA ASN IA 279 -68.84 -61.50 -87.77
C ASN IA 279 -68.98 -61.32 -89.26
N ILE IA 280 -67.91 -60.81 -89.88
CA ILE IA 280 -67.88 -60.58 -91.31
C ILE IA 280 -68.30 -61.84 -92.04
N LEU IA 281 -67.70 -62.96 -91.66
CA LEU IA 281 -67.91 -64.21 -92.36
C LEU IA 281 -69.34 -64.70 -92.20
N SER IA 282 -69.89 -64.55 -91.00
CA SER IA 282 -71.29 -64.91 -90.80
C SER IA 282 -72.18 -64.09 -91.71
N GLN IA 283 -71.98 -62.77 -91.70
CA GLN IA 283 -72.84 -61.89 -92.49
C GLN IA 283 -72.74 -62.19 -93.98
N ALA IA 284 -71.51 -62.40 -94.46
CA ALA IA 284 -71.30 -62.73 -95.85
C ALA IA 284 -72.03 -64.00 -96.22
N SER IA 285 -71.88 -65.03 -95.38
CA SER IA 285 -72.50 -66.30 -95.67
C SER IA 285 -74.02 -66.16 -95.71
N GLN IA 286 -74.58 -65.34 -94.83
CA GLN IA 286 -76.03 -65.15 -94.85
C GLN IA 286 -76.47 -64.44 -96.11
N ALA IA 287 -75.71 -63.44 -96.55
CA ALA IA 287 -76.00 -62.80 -97.82
C ALA IA 287 -76.05 -63.83 -98.94
N MET IA 288 -75.09 -64.74 -98.92
CA MET IA 288 -75.09 -65.78 -99.93
C MET IA 288 -76.29 -66.71 -99.77
N LEU IA 289 -76.76 -66.95 -98.54
CA LEU IA 289 -77.95 -67.78 -98.38
C LEU IA 289 -79.16 -67.09 -98.97
N ALA IA 290 -79.24 -65.77 -98.79
CA ALA IA 290 -80.28 -65.02 -99.47
C ALA IA 290 -80.19 -65.24 -100.97
N GLN IA 291 -79.00 -65.10 -101.53
CA GLN IA 291 -78.83 -65.31 -102.97
C GLN IA 291 -79.23 -66.72 -103.39
N ALA IA 292 -78.91 -67.71 -102.55
CA ALA IA 292 -79.34 -69.07 -102.82
C ALA IA 292 -80.85 -69.16 -102.86
N ASN IA 293 -81.52 -68.33 -102.10
CA ASN IA 293 -82.98 -68.27 -102.20
C ASN IA 293 -83.46 -67.40 -103.35
N GLN IA 294 -82.60 -66.53 -103.88
CA GLN IA 294 -83.02 -65.66 -104.98
C GLN IA 294 -82.96 -66.39 -106.32
N GLN IA 295 -81.87 -67.10 -106.56
CA GLN IA 295 -81.70 -67.82 -107.83
C GLN IA 295 -82.89 -68.67 -108.22
N PRO IA 296 -83.41 -69.57 -107.39
CA PRO IA 296 -84.55 -70.38 -107.83
C PRO IA 296 -85.82 -69.57 -108.08
N GLN IA 297 -85.91 -68.34 -107.58
CA GLN IA 297 -87.06 -67.50 -107.92
C GLN IA 297 -86.93 -66.99 -109.34
N ASN IA 298 -85.73 -66.54 -109.68
CA ASN IA 298 -85.42 -66.21 -111.06
C ASN IA 298 -85.76 -67.37 -111.95
N VAL IA 299 -85.38 -68.58 -111.52
CA VAL IA 299 -85.72 -69.79 -112.26
C VAL IA 299 -87.23 -69.91 -112.42
N LEU IA 300 -87.96 -69.69 -111.32
CA LEU IA 300 -89.40 -69.83 -111.36
C LEU IA 300 -90.00 -68.97 -112.45
N GLN IA 301 -89.65 -67.68 -112.46
CA GLN IA 301 -90.19 -66.80 -113.48
C GLN IA 301 -89.75 -67.26 -114.87
N LEU IA 302 -88.46 -67.51 -115.02
CA LEU IA 302 -87.89 -67.78 -116.33
C LEU IA 302 -88.45 -69.06 -116.94
N LEU IA 303 -88.81 -70.03 -116.11
CA LEU IA 303 -89.41 -71.28 -116.55
C LEU IA 303 -90.89 -71.35 -116.24
N ARG IA 304 -91.56 -70.21 -116.22
CA ARG IA 304 -92.99 -70.19 -116.08
C ARG IA 304 -93.63 -70.17 -117.47
N ILE JA 3 12.63 20.95 -9.50
CA ILE JA 3 14.11 21.21 -9.61
C ILE JA 3 14.88 20.66 -8.43
N ASN JA 4 14.42 19.50 -7.93
CA ASN JA 4 14.95 18.94 -6.69
C ASN JA 4 16.47 18.82 -6.71
N HIS JA 5 17.02 18.35 -7.82
CA HIS JA 5 18.45 18.12 -7.94
C HIS JA 5 19.27 19.40 -7.97
N ASN JA 6 18.65 20.56 -8.03
CA ASN JA 6 19.35 21.84 -8.08
C ASN JA 6 19.33 22.59 -6.76
N ILE JA 7 18.57 22.14 -5.77
CA ILE JA 7 18.40 22.87 -4.51
C ILE JA 7 19.26 22.20 -3.46
N ALA JA 8 20.13 23.00 -2.87
CA ALA JA 8 20.90 22.55 -1.72
C ALA JA 8 21.06 23.66 -0.69
N ALA JA 9 20.35 24.79 -0.86
CA ALA JA 9 20.55 25.96 -0.04
C ALA JA 9 22.02 26.36 -0.04
N LEU JA 10 22.56 26.48 -1.24
CA LEU JA 10 24.00 26.66 -1.37
C LEU JA 10 24.49 27.93 -0.69
N ASN JA 11 23.61 28.93 -0.53
CA ASN JA 11 24.00 30.07 0.28
C ASN JA 11 24.19 29.66 1.73
N THR JA 12 23.35 28.74 2.21
CA THR JA 12 23.59 28.19 3.54
C THR JA 12 24.93 27.49 3.58
N LEU JA 13 25.28 26.78 2.52
CA LEU JA 13 26.54 26.05 2.49
C LEU JA 13 27.70 27.02 2.53
N ASN JA 14 27.57 28.13 1.82
CA ASN JA 14 28.59 29.15 1.84
C ASN JA 14 28.72 29.75 3.23
N ARG JA 15 27.59 29.99 3.89
CA ARG JA 15 27.63 30.43 5.28
C ARG JA 15 28.30 29.40 6.14
N LEU JA 16 28.14 28.13 5.79
CA LEU JA 16 28.72 27.09 6.61
C LEU JA 16 30.23 27.16 6.55
N SER JA 17 30.76 27.20 5.34
CA SER JA 17 32.20 27.32 5.17
C SER JA 17 32.72 28.55 5.92
N SER JA 18 32.01 29.66 5.77
CA SER JA 18 32.40 30.89 6.45
C SER JA 18 32.43 30.70 7.96
N ASN JA 19 31.38 30.11 8.51
CA ASN JA 19 31.26 29.97 9.96
C ASN JA 19 32.32 29.03 10.51
N ASN JA 20 32.61 27.96 9.77
CA ASN JA 20 33.62 27.03 10.23
C ASN JA 20 34.98 27.70 10.29
N SER JA 21 35.32 28.45 9.25
CA SER JA 21 36.57 29.18 9.29
C SER JA 21 36.55 30.23 10.39
N ALA JA 22 35.41 30.84 10.62
CA ALA JA 22 35.30 31.88 11.65
C ALA JA 22 35.62 31.32 13.03
N SER JA 23 34.89 30.27 13.41
CA SER JA 23 35.14 29.65 14.72
C SER JA 23 36.56 29.14 14.81
N GLN JA 24 37.08 28.61 13.70
CA GLN JA 24 38.49 28.18 13.67
C GLN JA 24 39.41 29.32 14.04
N LYS JA 25 39.22 30.47 13.41
CA LYS JA 25 40.08 31.61 13.68
C LYS JA 25 39.98 32.02 15.14
N ASN JA 26 38.76 32.03 15.67
CA ASN JA 26 38.56 32.34 17.08
C ASN JA 26 39.41 31.42 17.94
N MET JA 27 39.35 30.11 17.71
CA MET JA 27 40.16 29.17 18.49
C MET JA 27 41.62 29.50 18.41
N GLU JA 28 42.11 29.63 17.18
CA GLU JA 28 43.52 29.83 16.92
C GLU JA 28 44.04 31.01 17.70
N LYS JA 29 43.26 32.08 17.75
CA LYS JA 29 43.66 33.23 18.54
C LYS JA 29 43.54 32.91 20.02
N LEU JA 30 42.46 32.23 20.42
CA LEU JA 30 42.26 31.87 21.82
C LEU JA 30 43.37 30.95 22.30
N SER JA 31 43.63 29.89 21.54
CA SER JA 31 44.63 28.91 21.91
C SER JA 31 46.01 29.55 22.01
N SER JA 32 46.37 30.33 21.00
CA SER JA 32 47.67 30.96 20.98
C SER JA 32 47.74 32.18 21.87
N GLY JA 33 46.58 32.74 22.25
CA GLY JA 33 46.60 33.98 23.00
C GLY JA 33 47.04 35.14 22.15
N LEU JA 34 46.80 35.07 20.84
CA LEU JA 34 47.30 36.04 19.87
C LEU JA 34 46.12 36.64 19.15
N ARG JA 35 45.91 37.94 19.32
CA ARG JA 35 45.01 38.62 18.41
C ARG JA 35 45.69 38.84 17.07
N ILE JA 36 47.02 38.95 17.09
CA ILE JA 36 47.75 39.07 15.86
C ILE JA 36 47.50 37.85 14.99
N ASN JA 37 47.66 38.03 13.70
CA ASN JA 37 47.55 36.94 12.75
C ASN JA 37 48.91 36.31 12.53
N ARG JA 38 48.89 35.03 12.19
CA ARG JA 38 50.07 34.45 11.57
C ARG JA 38 50.29 35.03 10.19
N ALA JA 39 49.19 35.21 9.45
CA ALA JA 39 49.22 35.79 8.14
C ALA JA 39 49.53 37.28 8.22
N GLY JA 40 49.99 37.82 7.10
CA GLY JA 40 50.35 39.22 6.98
C GLY JA 40 49.20 40.19 7.07
N ASP JA 41 47.97 39.71 7.29
CA ASP JA 41 46.84 40.60 7.51
C ASP JA 41 47.14 41.51 8.71
N ASP JA 42 47.22 42.81 8.43
CA ASP JA 42 47.77 43.80 9.35
C ASP JA 42 49.26 43.56 9.59
N ALA JA 43 50.00 43.40 8.49
CA ALA JA 43 51.45 43.30 8.59
C ALA JA 43 52.07 44.56 9.18
N ALA JA 44 51.36 45.69 9.13
CA ALA JA 44 51.82 46.87 9.85
C ALA JA 44 51.95 46.55 11.33
N GLY JA 45 50.83 46.26 11.99
CA GLY JA 45 50.86 45.95 13.40
C GLY JA 45 51.78 44.79 13.74
N LEU JA 46 51.82 43.80 12.85
CA LEU JA 46 52.72 42.67 13.07
C LEU JA 46 54.16 43.15 13.10
N ALA JA 47 54.62 43.75 12.00
CA ALA JA 47 55.99 44.22 11.90
C ALA JA 47 56.35 45.14 13.04
N ILE JA 48 55.37 45.93 13.51
CA ILE JA 48 55.61 46.73 14.70
C ILE JA 48 55.95 45.80 15.86
N SER JA 49 55.04 44.88 16.18
CA SER JA 49 55.25 44.03 17.36
C SER JA 49 56.51 43.21 17.24
N GLU JA 50 56.88 42.87 16.01
CA GLU JA 50 58.16 42.24 15.76
C GLU JA 50 59.29 43.14 16.22
N LYS JA 51 59.24 44.40 15.79
CA LYS JA 51 60.26 45.36 16.21
C LYS JA 51 60.22 45.58 17.71
N MET JA 52 59.01 45.61 18.27
CA MET JA 52 58.84 45.74 19.71
C MET JA 52 59.60 44.64 20.41
N ARG JA 53 59.28 43.39 20.08
CA ARG JA 53 59.91 42.25 20.72
C ARG JA 53 61.40 42.25 20.54
N GLY JA 54 61.86 42.67 19.37
CA GLY JA 54 63.29 42.84 19.18
C GLY JA 54 63.87 43.78 20.22
N GLN JA 55 63.19 44.90 20.44
CA GLN JA 55 63.67 45.83 21.46
C GLN JA 55 63.45 45.28 22.87
N ILE JA 56 62.31 44.65 23.15
CA ILE JA 56 62.04 44.07 24.46
C ILE JA 56 63.15 43.13 24.85
N ARG JA 57 63.38 42.12 24.02
CA ARG JA 57 64.42 41.15 24.27
C ARG JA 57 65.77 41.83 24.39
N GLY JA 58 66.01 42.86 23.58
CA GLY JA 58 67.22 43.63 23.71
C GLY JA 58 67.31 44.37 25.04
N LEU JA 59 66.16 44.71 25.62
CA LEU JA 59 66.15 45.38 26.92
C LEU JA 59 66.37 44.39 28.04
N GLU JA 60 65.90 43.17 27.85
CA GLU JA 60 66.18 42.12 28.82
C GLU JA 60 67.67 41.84 28.87
N MET JA 61 68.27 41.66 27.69
CA MET JA 61 69.71 41.48 27.65
C MET JA 61 70.45 42.77 28.02
N ALA JA 62 69.79 43.92 27.87
CA ALA JA 62 70.37 45.17 28.31
C ALA JA 62 70.47 45.21 29.83
N SER JA 63 69.39 44.85 30.49
CA SER JA 63 69.38 44.76 31.94
C SER JA 63 70.44 43.79 32.39
N LYS JA 64 70.50 42.63 31.74
CA LYS JA 64 71.55 41.66 32.00
C LYS JA 64 72.93 42.31 31.91
N ASN JA 65 73.21 42.96 30.78
CA ASN JA 65 74.53 43.53 30.57
C ASN JA 65 74.85 44.61 31.59
N SER JA 66 73.85 45.39 31.99
CA SER JA 66 74.08 46.46 32.93
C SER JA 66 74.32 45.93 34.32
N GLN JA 67 73.57 44.91 34.72
CA GLN JA 67 73.82 44.25 35.98
C GLN JA 67 75.23 43.67 36.00
N ASP JA 68 75.64 43.11 34.88
CA ASP JA 68 77.00 42.60 34.76
C ASP JA 68 78.01 43.73 34.91
N GLY JA 69 77.70 44.87 34.28
CA GLY JA 69 78.47 46.09 34.53
C GLY JA 69 78.62 46.35 36.01
N ILE JA 70 77.50 46.29 36.73
CA ILE JA 70 77.52 46.55 38.16
C ILE JA 70 78.41 45.57 38.88
N SER JA 71 78.35 44.30 38.47
CA SER JA 71 79.17 43.29 39.12
C SER JA 71 80.65 43.63 38.97
N LEU JA 72 81.04 44.02 37.76
CA LEU JA 72 82.40 44.48 37.53
C LEU JA 72 82.73 45.65 38.43
N ILE JA 73 81.82 46.63 38.45
CA ILE JA 73 82.04 47.85 39.22
C ILE JA 73 82.32 47.49 40.67
N GLN JA 74 81.38 46.81 41.30
CA GLN JA 74 81.47 46.53 42.73
C GLN JA 74 82.68 45.67 43.05
N THR JA 75 83.08 44.80 42.12
CA THR JA 75 84.32 44.07 42.30
C THR JA 75 85.48 45.05 42.47
N ALA JA 76 85.69 45.88 41.44
CA ALA JA 76 86.79 46.83 41.49
C ALA JA 76 86.64 47.78 42.66
N GLU JA 77 85.40 48.17 42.94
CA GLU JA 77 85.07 49.07 44.03
C GLU JA 77 85.58 48.54 45.36
N GLY JA 78 85.16 47.33 45.72
CA GLY JA 78 85.59 46.76 46.98
C GLY JA 78 87.09 46.60 47.03
N ALA JA 79 87.68 46.23 45.89
CA ALA JA 79 89.13 46.11 45.85
C ALA JA 79 89.81 47.44 46.13
N LEU JA 80 89.29 48.52 45.55
CA LEU JA 80 89.87 49.84 45.76
C LEU JA 80 89.61 50.33 47.17
N THR JA 81 88.50 49.92 47.77
CA THR JA 81 88.25 50.24 49.16
C THR JA 81 89.32 49.61 50.04
N GLU JA 82 89.65 48.34 49.77
CA GLU JA 82 90.69 47.70 50.55
C GLU JA 82 92.04 48.36 50.29
N THR JA 83 92.32 48.67 49.03
CA THR JA 83 93.55 49.40 48.68
C THR JA 83 93.63 50.65 49.52
N HIS JA 84 92.54 51.38 49.56
CA HIS JA 84 92.49 52.62 50.30
C HIS JA 84 92.78 52.40 51.77
N ALA JA 85 92.16 51.38 52.36
CA ALA JA 85 92.42 51.06 53.75
C ALA JA 85 93.89 50.81 53.99
N ILE JA 86 94.53 50.08 53.07
CA ILE JA 86 95.97 49.90 53.16
C ILE JA 86 96.64 51.26 53.18
N LEU JA 87 96.27 52.13 52.24
CA LEU JA 87 96.92 53.42 52.13
C LEU JA 87 96.77 54.23 53.41
N GLN JA 88 95.67 54.06 54.13
CA GLN JA 88 95.56 54.65 55.45
C GLN JA 88 96.65 54.10 56.36
N ARG JA 89 96.81 52.77 56.34
CA ARG JA 89 97.89 52.20 57.14
C ARG JA 89 99.24 52.73 56.69
N VAL JA 90 99.41 52.91 55.38
CA VAL JA 90 100.66 53.41 54.86
C VAL JA 90 100.94 54.76 55.49
N ARG JA 91 99.97 55.67 55.45
CA ARG JA 91 100.23 57.00 55.98
C ARG JA 91 100.51 56.94 57.47
N GLU JA 92 99.87 56.02 58.19
CA GLU JA 92 100.28 55.80 59.58
C GLU JA 92 101.76 55.50 59.63
N LEU JA 93 102.21 54.64 58.72
CA LEU JA 93 103.62 54.28 58.69
C LEU JA 93 104.48 55.38 58.10
N VAL JA 94 103.88 56.35 57.41
CA VAL JA 94 104.65 57.50 56.95
C VAL JA 94 104.91 58.42 58.13
N VAL JA 95 103.88 58.66 58.93
CA VAL JA 95 104.03 59.55 60.06
C VAL JA 95 104.98 58.92 61.08
N GLN JA 96 104.89 57.61 61.26
CA GLN JA 96 105.94 56.95 62.03
C GLN JA 96 107.27 57.03 61.30
N ALA JA 97 107.23 56.97 59.97
CA ALA JA 97 108.42 57.10 59.14
C ALA JA 97 108.79 58.54 58.91
N GLY JA 98 108.23 59.42 59.73
CA GLY JA 98 108.98 60.58 60.16
C GLY JA 98 110.08 60.25 61.13
N ASN JA 99 110.36 58.96 61.38
CA ASN JA 99 111.51 58.51 62.17
C ASN JA 99 111.27 58.82 63.65
N THR JA 100 110.01 59.15 63.97
CA THR JA 100 109.71 59.92 65.16
C THR JA 100 110.75 61.03 65.28
N GLY JA 101 110.89 61.77 64.18
CA GLY JA 101 111.93 62.76 64.14
C GLY JA 101 113.28 62.20 63.79
N THR JA 102 114.07 61.94 64.83
CA THR JA 102 115.30 61.16 64.74
C THR JA 102 115.31 59.97 65.68
N GLN JA 103 114.25 59.80 66.48
CA GLN JA 103 114.31 58.85 67.58
C GLN JA 103 114.40 57.42 67.10
N ASP JA 104 113.69 57.09 66.04
CA ASP JA 104 113.84 55.76 65.49
C ASP JA 104 115.22 55.66 64.89
N LYS JA 105 115.76 54.44 64.86
CA LYS JA 105 117.07 54.20 64.26
C LYS JA 105 116.88 53.60 62.88
N ALA JA 106 118.01 53.36 62.20
CA ALA JA 106 117.96 52.84 60.84
C ALA JA 106 117.26 51.49 60.79
N THR JA 107 117.52 50.63 61.77
CA THR JA 107 116.83 49.34 61.84
C THR JA 107 115.35 49.52 62.03
N ASP JA 108 114.95 50.49 62.85
CA ASP JA 108 113.53 50.74 63.04
C ASP JA 108 112.87 51.15 61.74
N LEU JA 109 113.52 52.04 61.00
CA LEU JA 109 113.02 52.43 59.68
C LEU JA 109 112.99 51.24 58.74
N GLN JA 110 113.92 50.29 58.91
CA GLN JA 110 113.90 49.10 58.07
C GLN JA 110 112.78 48.16 58.47
N SER JA 111 112.49 48.07 59.76
CA SER JA 111 111.34 47.29 60.20
C SER JA 111 110.06 47.86 59.60
N ILE JA 112 109.91 49.18 59.70
CA ILE JA 112 108.78 49.85 59.08
C ILE JA 112 108.76 49.56 57.60
N GLN JA 113 109.91 49.72 56.94
CA GLN JA 113 109.98 49.56 55.50
C GLN JA 113 109.66 48.14 55.09
N ASP JA 114 110.04 47.17 55.91
CA ASP JA 114 109.62 45.79 55.67
C ASP JA 114 108.11 45.71 55.68
N GLY JA 115 107.50 46.33 56.69
CA GLY JA 115 106.05 46.38 56.71
C GLY JA 115 105.45 47.06 55.50
N ILE JA 116 106.07 48.14 55.05
CA ILE JA 116 105.48 48.88 53.94
C ILE JA 116 105.66 48.12 52.64
N SER JA 117 106.84 47.55 52.41
CA SER JA 117 107.04 46.77 51.21
C SER JA 117 106.12 45.57 51.18
N ALA JA 118 105.85 45.02 52.36
CA ALA JA 118 104.81 44.02 52.49
C ALA JA 118 103.46 44.57 52.05
N LEU JA 119 103.14 45.79 52.47
CA LEU JA 119 101.88 46.41 52.06
C LEU JA 119 101.86 46.66 50.57
N THR JA 120 102.99 47.10 50.00
CA THR JA 120 103.10 47.24 48.56
C THR JA 120 102.75 45.94 47.88
N ASP JA 121 103.35 44.85 48.35
CA ASP JA 121 103.08 43.55 47.76
C ASP JA 121 101.61 43.20 47.86
N GLU JA 122 100.94 43.69 48.91
CA GLU JA 122 99.50 43.47 49.01
C GLU JA 122 98.74 44.36 48.04
N ILE JA 123 99.15 45.61 47.87
CA ILE JA 123 98.47 46.48 46.92
C ILE JA 123 98.63 45.92 45.52
N ASP JA 124 99.85 45.56 45.16
CA ASP JA 124 100.10 44.89 43.89
C ASP JA 124 99.28 43.62 43.80
N GLY JA 125 99.11 42.92 44.91
CA GLY JA 125 98.26 41.75 44.91
C GLY JA 125 96.82 42.09 44.60
N ILE JA 126 96.33 43.19 45.17
CA ILE JA 126 94.99 43.65 44.82
C ILE JA 126 94.91 43.90 43.33
N SER JA 127 95.79 44.76 42.84
CA SER JA 127 95.70 45.21 41.47
C SER JA 127 96.01 44.09 40.47
N ASN JA 128 96.63 42.99 40.92
CA ASN JA 128 96.98 41.86 40.07
C ASN JA 128 96.22 40.60 40.43
N ARG JA 129 95.19 40.71 41.27
CA ARG JA 129 94.29 39.59 41.56
C ARG JA 129 92.85 39.97 41.25
N THR JA 130 92.55 41.26 41.29
CA THR JA 130 91.21 41.71 40.99
C THR JA 130 90.96 41.49 39.50
N GLU JA 131 90.39 40.35 39.18
CA GLU JA 131 90.00 39.98 37.82
C GLU JA 131 88.48 39.89 37.72
N PHE JA 132 87.96 40.19 36.54
CA PHE JA 132 86.61 39.80 36.18
C PHE JA 132 86.66 39.04 34.88
N ASN JA 133 86.33 37.76 34.95
CA ASN JA 133 86.37 36.91 33.77
C ASN JA 133 87.76 36.93 33.18
N GLY JA 134 88.75 36.88 34.07
CA GLY JA 134 90.14 36.95 33.72
C GLY JA 134 90.67 38.35 33.49
N LYS JA 135 89.79 39.28 33.15
CA LYS JA 135 90.21 40.64 32.88
C LYS JA 135 90.67 41.28 34.17
N LYS JA 136 91.96 41.52 34.26
CA LYS JA 136 92.51 42.11 35.47
C LYS JA 136 91.98 43.52 35.58
N LEU JA 137 90.90 43.66 36.36
CA LEU JA 137 90.14 44.90 36.40
C LEU JA 137 90.92 46.05 36.99
N LEU JA 138 91.93 45.75 37.79
CA LEU JA 138 92.84 46.76 38.31
C LEU JA 138 94.21 46.65 37.68
N ASP JA 139 94.25 46.18 36.44
CA ASP JA 139 95.44 46.35 35.62
C ASP JA 139 95.59 47.84 35.36
N GLY JA 140 96.57 48.47 36.01
CA GLY JA 140 96.76 49.89 35.82
C GLY JA 140 97.09 50.28 34.41
N THR JA 141 97.52 49.33 33.58
CA THR JA 141 97.76 49.55 32.16
C THR JA 141 96.59 49.09 31.29
N TYR JA 142 95.43 48.81 31.89
CA TYR JA 142 94.29 48.41 31.09
C TYR JA 142 93.89 49.51 30.12
N LYS JA 143 93.45 50.65 30.66
CA LYS JA 143 93.00 51.78 29.85
C LYS JA 143 93.75 53.05 30.27
N VAL JA 144 95.06 53.01 30.17
CA VAL JA 144 95.80 54.26 30.15
C VAL JA 144 95.51 54.93 28.81
N ASP JA 145 94.76 56.04 28.86
CA ASP JA 145 94.38 56.78 27.66
C ASP JA 145 95.58 57.08 26.77
N THR JA 146 96.66 57.56 27.39
CA THR JA 146 97.98 57.72 26.76
C THR JA 146 98.05 58.88 25.77
N ALA JA 147 96.90 59.44 25.39
CA ALA JA 147 96.78 60.16 24.12
C ALA JA 147 97.07 59.25 22.94
N THR JA 148 96.77 57.95 23.08
CA THR JA 148 96.96 56.97 22.01
C THR JA 148 95.71 56.11 21.96
N PRO JA 149 94.78 56.40 21.04
CA PRO JA 149 93.60 55.53 20.90
C PRO JA 149 93.93 54.07 20.67
N ALA JA 150 95.03 53.81 19.96
CA ALA JA 150 95.39 52.44 19.64
C ALA JA 150 95.62 51.59 20.88
N ASN JA 151 96.05 52.21 21.97
CA ASN JA 151 96.38 51.50 23.21
C ASN JA 151 95.46 52.01 24.32
N GLN JA 152 94.22 51.51 24.35
CA GLN JA 152 93.30 51.87 25.43
C GLN JA 152 92.46 50.73 25.99
N LYS JA 153 92.09 49.70 25.21
CA LYS JA 153 91.17 48.67 25.71
C LYS JA 153 89.92 49.27 26.35
N ASN JA 154 89.31 50.25 25.67
CA ASN JA 154 88.20 51.02 26.23
C ASN JA 154 87.15 50.13 26.88
N LEU JA 155 86.89 50.34 28.17
CA LEU JA 155 85.98 49.48 28.90
C LEU JA 155 84.55 49.85 28.47
N VAL JA 156 84.21 49.41 27.27
CA VAL JA 156 82.91 49.68 26.68
C VAL JA 156 81.88 48.82 27.39
N PHE JA 157 80.66 49.35 27.59
CA PHE JA 157 79.48 48.60 28.00
C PHE JA 157 78.34 48.92 27.03
N GLN JA 158 78.06 48.02 26.08
CA GLN JA 158 76.87 48.08 25.24
C GLN JA 158 75.68 47.67 26.09
N ILE JA 159 74.79 48.62 26.33
CA ILE JA 159 73.58 48.37 27.07
C ILE JA 159 72.35 48.52 26.21
N GLY JA 160 72.21 49.64 25.50
CA GLY JA 160 70.97 49.92 24.81
C GLY JA 160 70.69 48.90 23.72
N ALA JA 161 69.42 48.54 23.61
CA ALA JA 161 68.99 47.62 22.58
C ALA JA 161 69.26 48.19 21.18
N ASN JA 162 69.38 49.50 21.08
CA ASN JA 162 69.70 50.16 19.83
C ASN JA 162 71.21 50.31 19.68
N ALA JA 163 71.65 50.41 18.43
CA ALA JA 163 73.07 50.45 18.13
C ALA JA 163 73.74 51.70 18.68
N THR JA 164 75.02 51.56 19.00
CA THR JA 164 75.91 52.61 19.50
C THR JA 164 75.62 52.98 20.94
N GLN JA 165 74.59 52.43 21.57
CA GLN JA 165 74.21 52.83 22.91
C GLN JA 165 75.18 52.22 23.92
N GLN JA 166 76.39 52.78 23.98
CA GLN JA 166 77.47 52.20 24.74
C GLN JA 166 77.98 53.16 25.79
N ILE JA 167 78.56 52.58 26.83
CA ILE JA 167 79.17 53.34 27.92
C ILE JA 167 80.68 53.13 27.88
N SER JA 168 81.43 54.23 27.99
CA SER JA 168 82.89 54.21 27.95
C SER JA 168 83.42 54.44 29.36
N VAL JA 169 84.19 53.47 29.87
CA VAL JA 169 84.71 53.50 31.23
C VAL JA 169 86.23 53.37 31.18
N ASN JA 170 86.89 53.89 32.22
CA ASN JA 170 88.34 53.90 32.29
C ASN JA 170 88.86 53.26 33.57
N ILE JA 171 89.79 52.31 33.37
CA ILE JA 171 90.60 51.70 34.43
C ILE JA 171 92.00 52.26 34.26
N GLU JA 172 92.61 52.77 35.35
CA GLU JA 172 94.04 53.07 35.31
C GLU JA 172 94.82 52.82 36.61
N ASP JA 173 94.19 52.30 37.66
CA ASP JA 173 94.87 52.23 38.95
C ASP JA 173 95.63 50.92 39.10
N MET JA 174 96.64 50.96 39.96
CA MET JA 174 97.45 49.80 40.32
C MET JA 174 98.42 50.26 41.41
N GLY JA 175 99.16 49.29 41.96
CA GLY JA 175 100.10 49.59 43.01
C GLY JA 175 101.18 50.59 42.59
N ALA JA 176 101.64 50.49 41.35
CA ALA JA 176 102.63 51.43 40.87
C ALA JA 176 102.04 52.79 40.47
N ASP JA 177 100.73 52.97 40.61
CA ASP JA 177 100.04 54.19 40.21
C ASP JA 177 99.74 55.03 41.45
N ALA JA 178 100.64 55.97 41.78
CA ALA JA 178 100.50 56.72 43.04
C ALA JA 178 100.38 58.24 42.89
N LEU JA 179 101.47 58.93 42.56
CA LEU JA 179 101.39 60.34 42.18
C LEU JA 179 101.54 60.38 40.68
N GLY JA 180 100.41 60.42 40.01
CA GLY JA 180 100.40 60.50 38.58
C GLY JA 180 100.68 61.91 38.15
N ILE JA 181 101.94 62.34 38.28
CA ILE JA 181 102.32 63.67 37.81
C ILE JA 181 101.89 63.84 36.36
N LYS JA 182 102.30 62.90 35.52
CA LYS JA 182 101.81 62.67 34.17
C LYS JA 182 101.74 61.17 33.92
N GLU JA 183 102.81 60.53 34.35
CA GLU JA 183 103.05 59.10 34.41
C GLU JA 183 103.86 58.87 35.68
N ALA JA 184 104.46 57.70 35.82
CA ALA JA 184 105.38 57.49 36.91
C ALA JA 184 106.63 58.34 36.69
N ASP JA 185 106.97 59.16 37.68
CA ASP JA 185 108.14 60.01 37.54
C ASP JA 185 109.41 59.17 37.61
N GLY JA 186 109.60 58.50 38.74
CA GLY JA 186 110.78 57.69 38.96
C GLY JA 186 110.80 57.16 40.37
N SER JA 187 111.93 57.33 41.07
CA SER JA 187 111.99 56.97 42.47
C SER JA 187 110.91 57.67 43.27
N ILE JA 188 110.56 58.87 42.86
CA ILE JA 188 109.45 59.60 43.45
C ILE JA 188 108.23 59.39 42.59
N ALA JA 189 107.08 59.77 43.13
CA ALA JA 189 105.78 59.89 42.47
C ALA JA 189 105.09 58.59 42.11
N ALA JA 190 105.84 57.51 41.95
CA ALA JA 190 105.27 56.18 41.82
C ALA JA 190 105.98 55.16 42.70
N LEU JA 191 107.31 55.15 42.64
CA LEU JA 191 108.08 54.09 43.28
C LEU JA 191 108.22 54.27 44.77
N HIS JA 192 107.83 55.41 45.32
CA HIS JA 192 107.66 55.40 46.76
C HIS JA 192 106.50 54.49 47.14
N SER JA 193 105.49 54.40 46.29
CA SER JA 193 104.43 53.43 46.53
C SER JA 193 104.95 52.03 46.33
N VAL JA 194 105.87 51.84 45.39
CA VAL JA 194 106.40 50.52 45.11
C VAL JA 194 107.60 50.24 46.03
N ASN JA 195 108.65 51.06 45.89
CA ASN JA 195 109.91 50.75 46.56
C ASN JA 195 110.00 51.32 47.97
N ASP JA 196 109.19 52.32 48.31
CA ASP JA 196 109.20 52.86 49.67
C ASP JA 196 110.54 53.48 50.06
N LEU JA 197 110.81 54.68 49.53
CA LEU JA 197 112.07 55.38 49.74
C LEU JA 197 112.53 55.52 51.19
N ASP JA 198 111.66 55.35 52.19
CA ASP JA 198 112.04 55.53 53.60
C ASP JA 198 112.75 54.28 54.09
N VAL JA 199 114.07 54.24 53.84
CA VAL JA 199 114.89 53.11 54.24
C VAL JA 199 115.91 53.53 55.29
N THR JA 200 116.93 54.24 54.82
CA THR JA 200 117.87 55.01 55.62
C THR JA 200 118.14 56.36 54.99
N LYS JA 201 117.89 56.51 53.69
CA LYS JA 201 117.91 57.80 53.03
C LYS JA 201 117.06 58.80 53.79
N PHE JA 202 115.97 58.34 54.40
CA PHE JA 202 115.17 59.26 55.21
C PHE JA 202 115.96 59.78 56.40
N ALA JA 203 116.66 58.89 57.11
CA ALA JA 203 117.41 59.34 58.26
C ALA JA 203 118.49 60.33 57.87
N ASP JA 204 119.02 60.19 56.65
CA ASP JA 204 119.99 61.15 56.14
C ASP JA 204 119.36 62.53 55.98
N ASN JA 205 118.21 62.61 55.30
CA ASN JA 205 117.52 63.87 55.04
C ASN JA 205 116.05 63.68 55.40
N ALA JA 206 115.74 63.88 56.68
CA ALA JA 206 114.36 63.75 57.10
C ALA JA 206 113.46 64.83 56.50
N ALA JA 207 114.00 66.01 56.22
CA ALA JA 207 113.28 67.10 55.56
C ALA JA 207 114.06 67.80 54.46
N ASP JA 208 115.38 67.78 54.58
CA ASP JA 208 116.31 68.68 53.91
C ASP JA 208 116.22 68.81 52.39
N CYS JA 209 115.64 67.83 51.66
CA CYS JA 209 115.74 67.85 50.20
C CYS JA 209 114.44 67.52 49.48
N ALA JA 210 113.34 67.30 50.20
CA ALA JA 210 112.01 67.00 49.68
C ALA JA 210 111.89 65.63 49.00
N ASP JA 211 112.92 65.22 48.26
CA ASP JA 211 112.97 63.95 47.55
C ASP JA 211 112.86 62.79 48.51
N ILE JA 212 113.59 62.86 49.61
CA ILE JA 212 113.33 62.03 50.78
C ILE JA 212 112.92 62.87 52.00
N GLY JA 213 112.89 64.20 51.90
CA GLY JA 213 112.63 64.97 53.10
C GLY JA 213 111.21 64.91 53.62
N PHE JA 214 110.60 63.72 53.71
CA PHE JA 214 109.26 63.43 54.25
C PHE JA 214 108.10 64.01 53.45
N ASP JA 215 108.36 65.17 52.83
CA ASP JA 215 107.43 65.91 52.02
C ASP JA 215 107.00 65.10 50.80
N ALA JA 216 107.97 64.76 49.95
CA ALA JA 216 107.62 64.08 48.70
C ALA JA 216 106.91 62.77 48.99
N GLN JA 217 107.38 62.03 49.98
CA GLN JA 217 106.80 60.72 50.28
C GLN JA 217 105.35 60.88 50.68
N LEU JA 218 105.10 61.79 51.62
CA LEU JA 218 103.73 62.01 52.05
C LEU JA 218 102.87 62.49 50.89
N LYS JA 219 103.48 63.24 49.97
CA LYS JA 219 102.73 63.68 48.80
C LYS JA 219 102.42 62.52 47.86
N VAL JA 220 103.34 61.56 47.75
CA VAL JA 220 103.04 60.37 46.95
C VAL JA 220 101.85 59.65 47.54
N VAL JA 221 101.86 59.48 48.85
CA VAL JA 221 100.76 58.76 49.49
C VAL JA 221 99.48 59.53 49.32
N ASP JA 222 99.52 60.83 49.55
CA ASP JA 222 98.32 61.65 49.45
C ASP JA 222 97.75 61.62 48.05
N GLU JA 223 98.61 61.71 47.05
CA GLU JA 223 98.09 61.70 45.69
C GLU JA 223 97.63 60.32 45.31
N ALA JA 224 98.36 59.27 45.72
CA ALA JA 224 97.91 57.91 45.50
C ALA JA 224 96.49 57.73 46.01
N ILE JA 225 96.25 58.20 47.22
CA ILE JA 225 94.91 58.17 47.77
C ILE JA 225 93.96 58.97 46.91
N ASN JA 226 94.38 60.15 46.49
CA ASN JA 226 93.51 61.01 45.70
C ASN JA 226 93.16 60.36 44.37
N GLN JA 227 94.09 59.60 43.82
CA GLN JA 227 93.84 58.88 42.59
C GLN JA 227 92.90 57.71 42.82
N VAL JA 228 93.01 57.06 43.98
CA VAL JA 228 92.01 56.06 44.34
C VAL JA 228 90.65 56.72 44.49
N SER JA 229 90.62 57.88 45.15
CA SER JA 229 89.38 58.61 45.37
C SER JA 229 88.70 58.93 44.05
N SER JA 230 89.47 59.45 43.11
CA SER JA 230 88.91 59.83 41.82
C SER JA 230 88.57 58.61 40.98
N GLN JA 231 89.37 57.55 41.10
CA GLN JA 231 89.05 56.32 40.39
C GLN JA 231 87.73 55.76 40.88
N ARG JA 232 87.56 55.72 42.19
CA ARG JA 232 86.31 55.28 42.78
C ARG JA 232 85.20 56.27 42.47
N ALA JA 233 85.55 57.54 42.27
CA ALA JA 233 84.55 58.53 41.92
C ALA JA 233 83.97 58.25 40.54
N LYS JA 234 84.85 58.02 39.57
CA LYS JA 234 84.40 57.61 38.25
C LYS JA 234 83.59 56.34 38.34
N LEU JA 235 84.15 55.37 39.07
CA LEU JA 235 83.56 54.06 39.20
C LEU JA 235 82.13 54.15 39.74
N GLY JA 236 81.95 54.93 40.79
CA GLY JA 236 80.63 55.10 41.38
C GLY JA 236 79.73 55.96 40.53
N ALA JA 237 80.31 56.88 39.78
CA ALA JA 237 79.51 57.64 38.82
C ALA JA 237 78.84 56.68 37.86
N VAL JA 238 79.62 55.74 37.32
CA VAL JA 238 79.05 54.75 36.41
C VAL JA 238 78.09 53.85 37.15
N GLN JA 239 78.37 53.56 38.42
CA GLN JA 239 77.41 52.78 39.20
C GLN JA 239 76.06 53.46 39.21
N ASN JA 240 76.04 54.75 39.50
CA ASN JA 240 74.78 55.49 39.51
C ASN JA 240 74.15 55.47 38.14
N ARG JA 241 74.97 55.61 37.09
CA ARG JA 241 74.45 55.55 35.74
C ARG JA 241 73.70 54.26 35.50
N LEU JA 242 74.29 53.15 35.89
CA LEU JA 242 73.65 51.88 35.62
C LEU JA 242 72.45 51.68 36.51
N GLU JA 243 72.45 52.28 37.69
CA GLU JA 243 71.24 52.26 38.49
C GLU JA 243 70.09 52.91 37.73
N HIS JA 244 70.30 54.14 37.27
CA HIS JA 244 69.22 54.84 36.58
C HIS JA 244 68.92 54.23 35.24
N THR JA 245 69.95 53.67 34.60
CA THR JA 245 69.74 52.92 33.38
C THR JA 245 68.76 51.80 33.62
N ILE JA 246 69.05 50.95 34.63
CA ILE JA 246 68.21 49.80 34.90
C ILE JA 246 66.79 50.25 35.23
N ASN JA 247 66.67 51.35 35.97
CA ASN JA 247 65.33 51.82 36.27
C ASN JA 247 64.60 52.20 34.99
N ASN JA 248 65.32 52.82 34.05
CA ASN JA 248 64.73 53.10 32.75
C ASN JA 248 64.42 51.82 31.99
N LEU JA 249 65.35 50.87 32.00
CA LEU JA 249 65.16 49.63 31.27
C LEU JA 249 63.95 48.87 31.79
N SER JA 250 63.75 48.95 33.09
CA SER JA 250 62.63 48.28 33.73
C SER JA 250 61.32 48.95 33.35
N ALA JA 251 61.24 50.27 33.54
CA ALA JA 251 60.00 50.98 33.25
C ALA JA 251 59.69 50.92 31.76
N SER JA 252 60.69 51.24 30.95
CA SER JA 252 60.53 51.24 29.49
C SER JA 252 60.22 49.84 28.99
N GLY JA 253 60.89 48.85 29.55
CA GLY JA 253 60.61 47.49 29.17
C GLY JA 253 59.18 47.11 29.47
N GLU JA 254 58.70 47.48 30.65
CA GLU JA 254 57.30 47.25 31.00
C GLU JA 254 56.37 47.90 30.00
N ASN JA 255 56.53 49.21 29.79
CA ASN JA 255 55.67 49.94 28.87
C ASN JA 255 55.72 49.32 27.49
N LEU JA 256 56.87 48.75 27.12
CA LEU JA 256 57.04 48.18 25.81
C LEU JA 256 56.33 46.84 25.68
N THR JA 257 56.44 45.99 26.70
CA THR JA 257 55.69 44.74 26.68
C THR JA 257 54.20 45.01 26.72
N ALA JA 258 53.81 46.10 27.37
CA ALA JA 258 52.42 46.50 27.34
C ALA JA 258 52.03 46.94 25.93
N ALA JA 259 52.91 47.68 25.26
CA ALA JA 259 52.64 48.09 23.88
C ALA JA 259 52.43 46.89 22.99
N GLU JA 260 53.35 45.93 23.05
CA GLU JA 260 53.18 44.68 22.34
C GLU JA 260 51.85 44.04 22.70
N SER JA 261 51.57 43.98 23.99
CA SER JA 261 50.35 43.35 24.47
C SER JA 261 49.13 44.02 23.85
N ARG JA 262 49.20 45.32 23.63
CA ARG JA 262 48.11 46.00 22.94
C ARG JA 262 48.02 45.53 21.50
N ILE JA 263 49.17 45.31 20.86
CA ILE JA 263 49.10 44.77 19.49
C ILE JA 263 48.49 43.37 19.53
N ARG JA 264 48.99 42.51 20.41
CA ARG JA 264 48.49 41.15 20.55
C ARG JA 264 47.35 41.04 21.54
N ASP JA 265 46.73 42.16 21.94
CA ASP JA 265 45.62 42.15 22.89
C ASP JA 265 44.53 41.22 22.42
N VAL JA 266 44.35 40.10 23.10
CA VAL JA 266 43.18 39.26 22.92
C VAL JA 266 42.16 39.68 23.95
N ASP JA 267 41.01 40.16 23.47
CA ASP JA 267 39.84 40.27 24.33
C ASP JA 267 39.30 38.86 24.44
N MET JA 268 39.86 38.12 25.39
CA MET JA 268 39.56 36.70 25.52
C MET JA 268 38.07 36.48 25.73
N ALA JA 269 37.41 37.41 26.42
CA ALA JA 269 35.98 37.28 26.59
C ALA JA 269 35.26 37.46 25.26
N LYS JA 270 35.66 38.48 24.50
CA LYS JA 270 35.11 38.66 23.15
C LYS JA 270 35.31 37.42 22.32
N GLU JA 271 36.51 36.88 22.34
CA GLU JA 271 36.84 35.82 21.40
C GLU JA 271 36.18 34.51 21.79
N MET JA 272 36.00 34.26 23.09
CA MET JA 272 35.18 33.13 23.50
C MET JA 272 33.74 33.33 23.09
N SER JA 273 33.24 34.56 23.24
CA SER JA 273 31.86 34.86 22.86
C SER JA 273 31.66 34.66 21.36
N GLU JA 274 32.54 35.24 20.56
CA GLU JA 274 32.45 35.12 19.13
C GLU JA 274 32.62 33.68 18.71
N PHE JA 275 33.51 32.96 19.38
CA PHE JA 275 33.66 31.54 19.14
C PHE JA 275 32.34 30.82 19.32
N THR JA 276 31.72 31.04 20.46
CA THR JA 276 30.41 30.48 20.76
C THR JA 276 29.43 30.75 19.65
N LYS JA 277 29.33 32.03 19.27
CA LYS JA 277 28.41 32.42 18.22
C LYS JA 277 28.67 31.64 16.95
N ASN JA 278 29.93 31.57 16.54
CA ASN JA 278 30.23 30.92 15.28
C ASN JA 278 29.93 29.43 15.32
N ASN JA 279 30.07 28.80 16.50
CA ASN JA 279 29.60 27.42 16.65
C ASN JA 279 28.12 27.34 16.37
N ILE JA 280 27.37 28.18 17.08
CA ILE JA 280 25.91 28.23 16.93
C ILE JA 280 25.55 28.37 15.48
N LEU JA 281 26.18 29.33 14.81
CA LEU JA 281 25.85 29.67 13.44
C LEU JA 281 26.17 28.52 12.50
N SER JA 282 27.31 27.87 12.71
CA SER JA 282 27.64 26.70 11.91
C SER JA 282 26.57 25.64 12.06
N GLN JA 283 26.23 25.31 13.30
CA GLN JA 283 25.26 24.24 13.56
C GLN JA 283 23.91 24.56 12.95
N ALA JA 284 23.45 25.80 13.13
CA ALA JA 284 22.19 26.23 12.57
C ALA JA 284 22.19 26.08 11.06
N SER JA 285 23.26 26.54 10.42
CA SER JA 285 23.34 26.47 8.97
C SER JA 285 23.30 25.02 8.50
N GLN JA 286 23.97 24.13 9.24
CA GLN JA 286 23.94 22.73 8.83
C GLN JA 286 22.55 22.13 8.97
N ALA JA 287 21.84 22.49 10.04
CA ALA JA 287 20.46 22.06 10.18
C ALA JA 287 19.65 22.51 8.98
N MET JA 288 19.88 23.73 8.54
CA MET JA 288 19.17 24.21 7.36
C MET JA 288 19.60 23.45 6.11
N LEU JA 289 20.85 23.01 6.03
CA LEU JA 289 21.27 22.23 4.88
C LEU JA 289 20.57 20.88 4.87
N ALA JA 290 20.38 20.29 6.05
CA ALA JA 290 19.57 19.10 6.14
C ALA JA 290 18.19 19.37 5.60
N GLN JA 291 17.57 20.47 6.05
CA GLN JA 291 16.23 20.81 5.57
C GLN JA 291 16.20 21.01 4.06
N ALA JA 292 17.25 21.61 3.51
CA ALA JA 292 17.37 21.77 2.07
C ALA JA 292 17.39 20.42 1.39
N ASN JA 293 17.93 19.41 2.07
CA ASN JA 293 17.88 18.06 1.53
C ASN JA 293 16.54 17.37 1.82
N GLN JA 294 15.77 17.87 2.79
CA GLN JA 294 14.51 17.23 3.13
C GLN JA 294 13.40 17.66 2.18
N GLN JA 295 13.31 18.96 1.89
CA GLN JA 295 12.27 19.47 1.01
C GLN JA 295 12.15 18.73 -0.31
N PRO JA 296 13.22 18.54 -1.10
CA PRO JA 296 13.03 17.83 -2.37
C PRO JA 296 12.61 16.37 -2.21
N GLN JA 297 12.79 15.78 -1.03
CA GLN JA 297 12.27 14.43 -0.82
C GLN JA 297 10.76 14.46 -0.67
N ASN JA 298 10.28 15.42 0.12
CA ASN JA 298 8.86 15.68 0.19
C ASN JA 298 8.30 15.88 -1.21
N VAL JA 299 9.02 16.66 -2.03
CA VAL JA 299 8.63 16.85 -3.41
C VAL JA 299 8.56 15.53 -4.15
N LEU JA 300 9.58 14.68 -3.95
CA LEU JA 300 9.62 13.41 -4.65
C LEU JA 300 8.36 12.61 -4.39
N GLN JA 301 8.02 12.44 -3.12
CA GLN JA 301 6.81 11.69 -2.81
C GLN JA 301 5.58 12.37 -3.39
N LEU JA 302 5.47 13.67 -3.15
CA LEU JA 302 4.25 14.39 -3.50
C LEU JA 302 4.01 14.41 -5.00
N LEU JA 303 5.08 14.38 -5.80
CA LEU JA 303 5.00 14.34 -7.24
C LEU JA 303 5.35 12.98 -7.81
N ARG JA 304 5.10 11.94 -7.05
CA ARG JA 304 5.27 10.59 -7.54
C ARG JA 304 3.95 10.10 -8.12
N ILE KA 3 -108.97 -70.53 -100.35
CA ILE KA 3 -109.42 -69.96 -99.03
C ILE KA 3 -108.72 -68.65 -98.71
N ASN KA 4 -108.45 -67.86 -99.74
CA ASN KA 4 -107.63 -66.66 -99.60
C ASN KA 4 -108.13 -65.75 -98.50
N HIS KA 5 -109.44 -65.54 -98.43
CA HIS KA 5 -110.02 -64.63 -97.45
C HIS KA 5 -109.94 -65.13 -96.02
N ASN KA 6 -109.48 -66.36 -95.79
CA ASN KA 6 -109.38 -66.91 -94.46
C ASN KA 6 -107.95 -66.96 -93.91
N ILE KA 7 -106.95 -66.64 -94.73
CA ILE KA 7 -105.55 -66.78 -94.35
C ILE KA 7 -105.02 -65.40 -94.02
N ALA KA 8 -104.51 -65.25 -92.81
CA ALA KA 8 -103.80 -64.05 -92.41
C ALA KA 8 -102.61 -64.37 -91.53
N ALA KA 9 -102.25 -65.64 -91.39
CA ALA KA 9 -101.22 -66.07 -90.47
C ALA KA 9 -101.54 -65.56 -89.08
N LEU KA 10 -102.76 -65.83 -88.64
CA LEU KA 10 -103.25 -65.22 -87.42
C LEU KA 10 -102.42 -65.62 -86.21
N ASN KA 11 -101.74 -66.76 -86.26
CA ASN KA 11 -100.79 -67.07 -85.20
C ASN KA 11 -99.65 -66.08 -85.22
N THR KA 12 -99.22 -65.67 -86.42
CA THR KA 12 -98.22 -64.61 -86.49
C THR KA 12 -98.77 -63.34 -85.88
N LEU KA 13 -100.04 -63.05 -86.12
CA LEU KA 13 -100.64 -61.84 -85.58
C LEU KA 13 -100.66 -61.89 -84.06
N ASN KA 14 -100.97 -63.05 -83.53
CA ASN KA 14 -100.96 -63.23 -82.08
C ASN KA 14 -99.57 -63.05 -81.53
N ARG KA 15 -98.56 -63.59 -82.22
CA ARG KA 15 -97.18 -63.33 -81.83
C ARG KA 15 -96.88 -61.86 -81.90
N LEU KA 16 -97.50 -61.17 -82.84
CA LEU KA 16 -97.22 -59.77 -82.97
C LEU KA 16 -97.69 -59.00 -81.76
N SER KA 17 -98.94 -59.21 -81.39
CA SER KA 17 -99.48 -58.58 -80.19
C SER KA 17 -98.60 -58.89 -78.98
N SER KA 18 -98.23 -60.16 -78.85
CA SER KA 18 -97.38 -60.58 -77.74
C SER KA 18 -96.06 -59.82 -77.74
N ASN KA 19 -95.42 -59.74 -78.91
CA ASN KA 19 -94.10 -59.13 -79.00
C ASN KA 19 -94.17 -57.64 -78.72
N ASN KA 20 -95.22 -56.99 -79.20
CA ASN KA 20 -95.35 -55.56 -78.95
C ASN KA 20 -95.51 -55.28 -77.47
N SER KA 21 -96.36 -56.07 -76.81
CA SER KA 21 -96.48 -55.89 -75.37
C SER KA 21 -95.17 -56.22 -74.67
N ALA KA 22 -94.45 -57.22 -75.17
CA ALA KA 22 -93.19 -57.63 -74.54
C ALA KA 22 -92.18 -56.49 -74.57
N SER KA 23 -91.90 -55.97 -75.75
CA SER KA 23 -90.96 -54.86 -75.88
C SER KA 23 -91.44 -53.67 -75.06
N GLN KA 24 -92.76 -53.43 -75.06
CA GLN KA 24 -93.31 -52.36 -74.24
C GLN KA 24 -92.92 -52.53 -72.77
N LYS KA 25 -93.12 -53.73 -72.24
CA LYS KA 25 -92.80 -53.99 -70.85
C LYS KA 25 -91.33 -53.76 -70.59
N ASN KA 26 -90.49 -54.23 -71.51
CA ASN KA 26 -89.06 -54.00 -71.39
C ASN KA 26 -88.77 -52.51 -71.24
N MET KA 27 -89.33 -51.68 -72.11
CA MET KA 27 -89.12 -50.24 -72.01
C MET KA 27 -89.53 -49.71 -70.67
N GLU KA 28 -90.75 -50.03 -70.29
CA GLU KA 28 -91.35 -49.50 -69.07
C GLU KA 28 -90.45 -49.76 -67.88
N LYS KA 29 -89.89 -50.96 -67.83
CA LYS KA 29 -88.95 -51.27 -66.76
C LYS KA 29 -87.65 -50.50 -66.95
N LEU KA 30 -87.17 -50.44 -68.19
CA LEU KA 30 -85.92 -49.73 -68.49
C LEU KA 30 -86.07 -48.25 -68.17
N SER KA 31 -87.13 -47.64 -68.66
CA SER KA 31 -87.36 -46.21 -68.46
C SER KA 31 -87.50 -45.89 -66.99
N SER KA 32 -88.31 -46.67 -66.28
CA SER KA 32 -88.53 -46.42 -64.87
C SER KA 32 -87.39 -46.93 -64.01
N GLY KA 33 -86.56 -47.82 -64.54
CA GLY KA 33 -85.54 -48.42 -63.72
C GLY KA 33 -86.11 -49.36 -62.70
N LEU KA 34 -87.25 -49.97 -63.02
CA LEU KA 34 -88.01 -50.79 -62.08
C LEU KA 34 -88.18 -52.17 -62.68
N ARG KA 35 -87.59 -53.17 -62.03
CA ARG KA 35 -87.97 -54.53 -62.36
C ARG KA 35 -89.32 -54.85 -61.77
N ILE KA 36 -89.67 -54.20 -60.67
CA ILE KA 36 -90.98 -54.37 -60.09
C ILE KA 36 -92.04 -53.95 -61.10
N ASN KA 37 -93.22 -54.52 -60.93
CA ASN KA 37 -94.35 -54.16 -61.76
C ASN KA 37 -95.13 -53.04 -61.10
N ARG KA 38 -95.80 -52.25 -61.93
CA ARG KA 38 -96.86 -51.41 -61.40
C ARG KA 38 -98.03 -52.28 -60.97
N ALA KA 39 -98.33 -53.30 -61.76
CA ALA KA 39 -99.39 -54.24 -61.45
C ALA KA 39 -98.99 -55.13 -60.29
N GLY KA 40 -100.00 -55.71 -59.65
CA GLY KA 40 -99.82 -56.60 -58.51
C GLY KA 40 -99.12 -57.91 -58.80
N ASP KA 41 -98.70 -58.14 -60.04
CA ASP KA 41 -97.92 -59.32 -60.36
C ASP KA 41 -96.67 -59.34 -59.51
N ASP KA 42 -96.58 -60.37 -58.65
CA ASP KA 42 -95.61 -60.43 -57.54
C ASP KA 42 -95.90 -59.33 -56.51
N ALA KA 43 -97.17 -59.25 -56.10
CA ALA KA 43 -97.53 -58.33 -55.03
C ALA KA 43 -96.83 -58.68 -53.72
N ALA KA 44 -96.35 -59.93 -53.58
CA ALA KA 44 -95.49 -60.25 -52.45
C ALA KA 44 -94.26 -59.36 -52.44
N GLY KA 45 -93.42 -59.49 -53.47
CA GLY KA 45 -92.22 -58.69 -53.55
C GLY KA 45 -92.51 -57.20 -53.53
N LEU KA 46 -93.60 -56.79 -54.16
CA LEU KA 46 -93.98 -55.39 -54.14
C LEU KA 46 -94.23 -54.94 -52.72
N ALA KA 47 -95.20 -55.57 -52.05
CA ALA KA 47 -95.57 -55.19 -50.70
C ALA KA 47 -94.37 -55.21 -49.77
N ILE KA 48 -93.44 -56.14 -50.02
CA ILE KA 48 -92.20 -56.11 -49.26
C ILE KA 48 -91.49 -54.80 -49.51
N SER KA 49 -91.19 -54.48 -50.77
CA SER KA 49 -90.42 -53.28 -51.07
C SER KA 49 -91.12 -52.04 -50.59
N GLU KA 50 -92.45 -52.07 -50.60
CA GLU KA 50 -93.24 -51.00 -50.00
C GLU KA 50 -92.88 -50.86 -48.53
N LYS KA 51 -92.91 -51.98 -47.81
CA LYS KA 51 -92.56 -51.96 -46.40
C LYS KA 51 -91.12 -51.54 -46.19
N MET KA 52 -90.24 -52.00 -47.09
CA MET KA 52 -88.84 -51.63 -47.05
C MET KA 52 -88.73 -50.11 -47.10
N ARG KA 53 -89.29 -49.51 -48.15
CA ARG KA 53 -89.20 -48.06 -48.32
C ARG KA 53 -89.81 -47.32 -47.16
N GLY KA 54 -90.89 -47.85 -46.61
CA GLY KA 54 -91.43 -47.26 -45.41
C GLY KA 54 -90.39 -47.21 -44.31
N GLN KA 55 -89.67 -48.31 -44.12
CA GLN KA 55 -88.63 -48.33 -43.11
C GLN KA 55 -87.43 -47.49 -43.54
N ILE KA 56 -87.02 -47.54 -44.81
CA ILE KA 56 -85.89 -46.74 -45.31
C ILE KA 56 -86.13 -45.28 -44.97
N ARG KA 57 -87.23 -44.75 -45.47
CA ARG KA 57 -87.59 -43.37 -45.26
C ARG KA 57 -87.66 -43.07 -43.77
N GLY KA 58 -88.19 -44.03 -43.00
CA GLY KA 58 -88.22 -43.86 -41.56
C GLY KA 58 -86.83 -43.82 -40.96
N LEU KA 59 -85.87 -44.48 -41.60
CA LEU KA 59 -84.49 -44.45 -41.11
C LEU KA 59 -83.80 -43.16 -41.49
N GLU KA 60 -84.17 -42.60 -42.63
CA GLU KA 60 -83.65 -41.29 -43.00
C GLU KA 60 -84.13 -40.24 -42.01
N MET KA 61 -85.42 -40.25 -41.71
CA MET KA 61 -85.94 -39.35 -40.70
C MET KA 61 -85.46 -39.74 -39.31
N ALA KA 62 -85.09 -41.00 -39.12
CA ALA KA 62 -84.50 -41.42 -37.85
C ALA KA 62 -83.14 -40.79 -37.67
N SER KA 63 -82.31 -40.86 -38.71
CA SER KA 63 -81.02 -40.22 -38.67
C SER KA 63 -81.17 -38.74 -38.41
N LYS KA 64 -82.10 -38.12 -39.13
CA LYS KA 64 -82.44 -36.73 -38.88
C LYS KA 64 -82.75 -36.47 -37.42
N ASN KA 65 -83.69 -37.25 -36.86
CA ASN KA 65 -84.11 -37.03 -35.47
C ASN KA 65 -82.96 -37.23 -34.51
N SER KA 66 -82.09 -38.20 -34.79
CA SER KA 66 -81.00 -38.49 -33.87
C SER KA 66 -79.95 -37.40 -33.94
N GLN KA 67 -79.66 -36.91 -35.13
CA GLN KA 67 -78.75 -35.78 -35.27
C GLN KA 67 -79.30 -34.57 -34.52
N ASP KA 68 -80.61 -34.38 -34.62
CA ASP KA 68 -81.25 -33.31 -33.88
C ASP KA 68 -81.10 -33.53 -32.38
N GLY KA 69 -81.27 -34.78 -31.95
CA GLY KA 69 -80.92 -35.15 -30.58
C GLY KA 69 -79.54 -34.68 -30.21
N ILE KA 70 -78.57 -34.95 -31.07
CA ILE KA 70 -77.19 -34.56 -30.81
C ILE KA 70 -77.07 -33.07 -30.69
N SER KA 71 -77.78 -32.34 -31.53
CA SER KA 71 -77.71 -30.89 -31.48
C SER KA 71 -78.18 -30.39 -30.13
N LEU KA 72 -79.30 -30.93 -29.66
CA LEU KA 72 -79.78 -30.61 -28.32
C LEU KA 72 -78.72 -30.93 -27.28
N ILE KA 73 -78.16 -32.14 -27.37
CA ILE KA 73 -77.19 -32.60 -26.40
C ILE KA 73 -76.04 -31.62 -26.32
N GLN KA 74 -75.38 -31.38 -27.45
CA GLN KA 74 -74.18 -30.56 -27.46
C GLN KA 74 -74.48 -29.13 -27.03
N THR KA 75 -75.68 -28.64 -27.31
CA THR KA 75 -76.08 -27.35 -26.78
C THR KA 75 -76.00 -27.37 -25.26
N ALA KA 76 -76.77 -28.27 -24.64
CA ALA KA 76 -76.79 -28.34 -23.19
C ALA KA 76 -75.41 -28.65 -22.65
N GLU KA 77 -74.67 -29.50 -23.35
CA GLU KA 77 -73.33 -29.92 -22.98
C GLU KA 77 -72.41 -28.71 -22.83
N GLY KA 78 -72.30 -27.91 -23.89
CA GLY KA 78 -71.43 -26.76 -23.83
C GLY KA 78 -71.86 -25.79 -22.76
N ALA KA 79 -73.18 -25.66 -22.59
CA ALA KA 79 -73.69 -24.79 -21.54
C ALA KA 79 -73.25 -25.28 -20.17
N LEU KA 80 -73.33 -26.58 -19.93
CA LEU KA 80 -72.93 -27.14 -18.65
C LEU KA 80 -71.43 -27.09 -18.46
N THR KA 81 -70.68 -27.16 -19.55
CA THR KA 81 -69.24 -26.97 -19.47
C THR KA 81 -68.93 -25.57 -18.96
N GLU KA 82 -69.62 -24.57 -19.51
CA GLU KA 82 -69.40 -23.21 -19.04
C GLU KA 82 -69.84 -23.05 -17.60
N THR KA 83 -70.99 -23.64 -17.25
CA THR KA 83 -71.46 -23.63 -15.88
C THR KA 83 -70.37 -24.17 -14.97
N HIS KA 84 -69.81 -25.29 -15.37
CA HIS KA 84 -68.78 -25.94 -14.60
C HIS KA 84 -67.58 -25.01 -14.41
N ALA KA 85 -67.15 -24.38 -15.50
CA ALA KA 85 -66.03 -23.45 -15.42
C ALA KA 85 -66.32 -22.35 -14.40
N ILE KA 86 -67.55 -21.84 -14.42
CA ILE KA 86 -67.94 -20.89 -13.40
C ILE KA 86 -67.74 -21.50 -12.03
N LEU KA 87 -68.25 -22.71 -11.83
CA LEU KA 87 -68.17 -23.35 -10.52
C LEU KA 87 -66.73 -23.52 -10.06
N GLN KA 88 -65.81 -23.71 -10.99
CA GLN KA 88 -64.40 -23.67 -10.63
C GLN KA 88 -64.05 -22.31 -10.07
N ARG KA 89 -64.47 -21.25 -10.76
CA ARG KA 89 -64.21 -19.92 -10.21
C ARG KA 89 -64.87 -19.74 -8.87
N VAL KA 90 -66.07 -20.30 -8.71
CA VAL KA 90 -66.77 -20.18 -7.45
C VAL KA 90 -65.91 -20.77 -6.35
N ARG KA 91 -65.41 -22.00 -6.54
CA ARG KA 91 -64.62 -22.61 -5.48
C ARG KA 91 -63.36 -21.82 -5.22
N GLU KA 92 -62.77 -21.20 -6.24
CA GLU KA 92 -61.68 -20.27 -5.97
C GLU KA 92 -62.14 -19.21 -4.99
N LEU KA 93 -63.34 -18.70 -5.23
CA LEU KA 93 -63.89 -17.67 -4.36
C LEU KA 93 -64.37 -18.24 -3.05
N VAL KA 94 -64.57 -19.55 -2.95
CA VAL KA 94 -64.89 -20.17 -1.66
C VAL KA 94 -63.63 -20.22 -0.82
N VAL KA 95 -62.53 -20.65 -1.43
CA VAL KA 95 -61.29 -20.76 -0.69
C VAL KA 95 -60.81 -19.38 -0.27
N GLN KA 96 -60.97 -18.38 -1.14
CA GLN KA 96 -60.78 -17.02 -0.69
C GLN KA 96 -61.81 -16.65 0.36
N ALA KA 97 -63.03 -17.15 0.20
CA ALA KA 97 -64.10 -16.92 1.17
C ALA KA 97 -64.01 -17.86 2.34
N GLY KA 98 -62.85 -18.48 2.50
CA GLY KA 98 -62.36 -18.76 3.82
C GLY KA 98 -61.88 -17.52 4.55
N ASN KA 99 -62.10 -16.32 3.98
CA ASN KA 99 -61.84 -15.04 4.64
C ASN KA 99 -60.32 -14.82 4.74
N THR KA 100 -59.58 -15.62 3.98
CA THR KA 100 -58.18 -15.88 4.30
C THR KA 100 -58.06 -16.06 5.80
N GLY KA 101 -58.91 -16.97 6.31
CA GLY KA 101 -58.98 -17.15 7.73
C GLY KA 101 -59.85 -16.12 8.41
N THR KA 102 -59.18 -15.09 8.94
CA THR KA 102 -59.86 -13.88 9.41
C THR KA 102 -59.33 -12.62 8.74
N GLN KA 103 -58.34 -12.76 7.86
CA GLN KA 103 -57.61 -11.59 7.39
C GLN KA 103 -58.48 -10.69 6.54
N ASP KA 104 -59.33 -11.26 5.71
CA ASP KA 104 -60.25 -10.42 4.96
C ASP KA 104 -61.24 -9.82 5.95
N LYS KA 105 -61.75 -8.63 5.62
CA LYS KA 105 -62.75 -7.98 6.44
C LYS KA 105 -64.14 -8.20 5.84
N ALA KA 106 -65.14 -7.68 6.53
CA ALA KA 106 -66.52 -7.87 6.09
C ALA KA 106 -66.74 -7.28 4.71
N THR KA 107 -66.15 -6.11 4.44
CA THR KA 107 -66.26 -5.52 3.11
C THR KA 107 -65.60 -6.39 2.07
N ASP KA 108 -64.46 -7.00 2.42
CA ASP KA 108 -63.79 -7.88 1.47
C ASP KA 108 -64.69 -9.07 1.12
N LEU KA 109 -65.30 -9.67 2.15
CA LEU KA 109 -66.25 -10.75 1.90
C LEU KA 109 -67.44 -10.26 1.09
N GLN KA 110 -67.82 -9.00 1.23
CA GLN KA 110 -68.91 -8.46 0.44
C GLN KA 110 -68.48 -8.23 -1.00
N SER KA 111 -67.24 -7.81 -1.21
CA SER KA 111 -66.72 -7.70 -2.55
C SER KA 111 -66.73 -9.05 -3.24
N ILE KA 112 -66.23 -10.06 -2.54
CA ILE KA 112 -66.27 -11.42 -3.04
C ILE KA 112 -67.72 -11.82 -3.33
N GLN KA 113 -68.60 -11.56 -2.37
CA GLN KA 113 -69.99 -11.99 -2.50
C GLN KA 113 -70.68 -11.28 -3.65
N ASP KA 114 -70.30 -10.03 -3.91
CA ASP KA 114 -70.78 -9.35 -5.10
C ASP KA 114 -70.36 -10.11 -6.34
N GLY KA 115 -69.08 -10.51 -6.37
CA GLY KA 115 -68.61 -11.32 -7.49
C GLY KA 115 -69.37 -12.64 -7.60
N ILE KA 116 -69.66 -13.28 -6.47
CA ILE KA 116 -70.29 -14.59 -6.53
C ILE KA 116 -71.73 -14.45 -6.95
N SER KA 117 -72.45 -13.48 -6.40
CA SER KA 117 -73.83 -13.27 -6.80
C SER KA 117 -73.92 -12.91 -8.25
N ALA KA 118 -72.91 -12.19 -8.74
CA ALA KA 118 -72.78 -11.97 -10.17
C ALA KA 118 -72.63 -13.29 -10.91
N LEU KA 119 -71.80 -14.19 -10.37
CA LEU KA 119 -71.65 -15.50 -11.00
C LEU KA 119 -72.93 -16.29 -10.94
N THR KA 120 -73.66 -16.22 -9.84
CA THR KA 120 -74.97 -16.83 -9.74
C THR KA 120 -75.85 -16.35 -10.87
N ASP KA 121 -75.90 -15.04 -11.05
CA ASP KA 121 -76.72 -14.46 -12.10
C ASP KA 121 -76.29 -14.98 -13.46
N GLU KA 122 -75.01 -15.29 -13.61
CA GLU KA 122 -74.57 -15.87 -14.87
C GLU KA 122 -74.98 -17.33 -14.98
N ILE KA 123 -74.90 -18.09 -13.89
CA ILE KA 123 -75.32 -19.48 -13.94
C ILE KA 123 -76.81 -19.55 -14.25
N ASP KA 124 -77.60 -18.76 -13.54
CA ASP KA 124 -79.02 -18.63 -13.83
C ASP KA 124 -79.22 -18.19 -15.27
N GLY KA 125 -78.34 -17.33 -15.77
CA GLY KA 125 -78.43 -16.93 -17.16
C GLY KA 125 -78.20 -18.10 -18.09
N ILE KA 126 -77.23 -18.95 -17.77
CA ILE KA 126 -77.02 -20.16 -18.55
C ILE KA 126 -78.29 -20.98 -18.55
N SER KA 127 -78.76 -21.32 -17.35
CA SER KA 127 -79.87 -22.25 -17.23
C SER KA 127 -81.17 -21.67 -17.73
N ASN KA 128 -81.25 -20.34 -17.91
CA ASN KA 128 -82.45 -19.66 -18.38
C ASN KA 128 -82.25 -19.01 -19.75
N ARG KA 129 -81.14 -19.32 -20.43
CA ARG KA 129 -80.93 -18.88 -21.81
C ARG KA 129 -80.68 -20.08 -22.71
N THR KA 130 -80.20 -21.17 -22.14
CA THR KA 130 -79.97 -22.36 -22.94
C THR KA 130 -81.32 -22.93 -23.36
N GLU KA 131 -81.76 -22.53 -24.54
CA GLU KA 131 -82.98 -23.02 -25.14
C GLU KA 131 -82.66 -23.82 -26.39
N PHE KA 132 -83.51 -24.81 -26.69
CA PHE KA 132 -83.55 -25.41 -28.02
C PHE KA 132 -84.96 -25.34 -28.53
N ASN KA 133 -85.16 -24.56 -29.58
CA ASN KA 133 -86.48 -24.38 -30.14
C ASN KA 133 -87.43 -23.86 -29.07
N GLY KA 134 -86.92 -22.92 -28.27
CA GLY KA 134 -87.63 -22.35 -27.17
C GLY KA 134 -87.60 -23.18 -25.91
N LYS KA 135 -87.40 -24.48 -26.03
CA LYS KA 135 -87.38 -25.36 -24.88
C LYS KA 135 -86.16 -25.06 -24.04
N LYS KA 136 -86.38 -24.49 -22.87
CA LYS KA 136 -85.27 -24.13 -22.00
C LYS KA 136 -84.63 -25.42 -21.54
N LEU KA 137 -83.57 -25.81 -22.25
CA LEU KA 137 -82.96 -27.12 -22.08
C LEU KA 137 -82.33 -27.30 -20.71
N LEU KA 138 -81.98 -26.20 -20.06
CA LEU KA 138 -81.48 -26.23 -18.70
C LEU KA 138 -82.48 -25.65 -17.73
N ASP KA 139 -83.77 -25.77 -18.06
CA ASP KA 139 -84.81 -25.57 -17.07
C ASP KA 139 -84.68 -26.69 -16.05
N GLY KA 140 -84.20 -26.35 -14.86
CA GLY KA 140 -84.02 -27.36 -13.84
C GLY KA 140 -85.32 -28.03 -13.42
N THR KA 141 -86.46 -27.42 -13.74
CA THR KA 141 -87.76 -28.02 -13.49
C THR KA 141 -88.35 -28.68 -14.73
N TYR KA 142 -87.55 -28.87 -15.79
CA TYR KA 142 -88.06 -29.53 -16.98
C TYR KA 142 -88.52 -30.94 -16.67
N LYS KA 143 -87.57 -31.80 -16.28
CA LYS KA 143 -87.87 -33.21 -15.97
C LYS KA 143 -87.36 -33.55 -14.58
N VAL KA 144 -87.84 -32.84 -13.58
CA VAL KA 144 -87.72 -33.36 -12.22
C VAL KA 144 -88.66 -34.54 -12.12
N ASP KA 145 -88.10 -35.75 -12.01
CA ASP KA 145 -88.88 -36.98 -11.92
C ASP KA 145 -89.96 -36.89 -10.86
N THR KA 146 -89.59 -36.41 -9.67
CA THR KA 146 -90.49 -36.05 -8.58
C THR KA 146 -91.10 -37.25 -7.87
N ALA KA 147 -90.95 -38.45 -8.43
CA ALA KA 147 -91.87 -39.55 -8.17
C ALA KA 147 -93.29 -39.19 -8.58
N THR KA 148 -93.44 -38.36 -9.60
CA THR KA 148 -94.75 -37.97 -10.13
C THR KA 148 -94.67 -38.04 -11.64
N PRO KA 149 -95.16 -39.12 -12.25
CA PRO KA 149 -95.18 -39.19 -13.72
C PRO KA 149 -95.89 -38.03 -14.38
N ALA KA 150 -96.94 -37.52 -13.73
CA ALA KA 150 -97.73 -36.44 -14.33
C ALA KA 150 -96.90 -35.20 -14.58
N ASN KA 151 -95.85 -34.98 -13.79
CA ASN KA 151 -95.01 -33.79 -13.90
C ASN KA 151 -93.59 -34.23 -14.24
N GLN KA 152 -93.32 -34.52 -15.52
CA GLN KA 152 -91.97 -34.86 -15.95
C GLN KA 152 -91.54 -34.27 -17.29
N LYS KA 153 -92.42 -34.04 -18.26
CA LYS KA 153 -91.99 -33.57 -19.58
C LYS KA 153 -90.87 -34.46 -20.14
N ASN KA 154 -91.04 -35.78 -20.06
CA ASN KA 154 -89.98 -36.73 -20.41
C ASN KA 154 -89.34 -36.39 -21.75
N LEU KA 155 -88.02 -36.19 -21.73
CA LEU KA 155 -87.32 -35.76 -22.95
C LEU KA 155 -87.19 -36.98 -23.86
N VAL KA 156 -88.32 -37.34 -24.47
CA VAL KA 156 -88.39 -38.48 -25.36
C VAL KA 156 -87.69 -38.13 -26.66
N PHE KA 157 -87.00 -39.12 -27.26
CA PHE KA 157 -86.49 -39.04 -28.64
C PHE KA 157 -86.95 -40.30 -29.38
N GLN KA 158 -88.00 -40.16 -30.21
CA GLN KA 158 -88.39 -41.20 -31.16
C GLN KA 158 -87.38 -41.22 -32.29
N ILE KA 159 -86.65 -42.31 -32.39
CA ILE KA 159 -85.67 -42.50 -33.44
C ILE KA 159 -86.07 -43.64 -34.37
N GLY KA 160 -86.36 -44.81 -33.82
CA GLY KA 160 -86.55 -45.97 -34.65
C GLY KA 160 -87.75 -45.82 -35.57
N ALA KA 161 -87.57 -46.30 -36.80
CA ALA KA 161 -88.67 -46.27 -37.77
C ALA KA 161 -89.85 -47.09 -37.30
N ASN KA 162 -89.62 -48.04 -36.39
CA ASN KA 162 -90.67 -48.84 -35.80
C ASN KA 162 -91.21 -48.17 -34.54
N ALA KA 163 -92.46 -48.51 -34.22
CA ALA KA 163 -93.14 -47.88 -33.11
C ALA KA 163 -92.48 -48.21 -31.77
N THR KA 164 -92.59 -47.27 -30.83
CA THR KA 164 -92.11 -47.33 -29.45
C THR KA 164 -90.60 -47.20 -29.36
N GLN KA 165 -89.88 -47.11 -30.48
CA GLN KA 165 -88.42 -47.08 -30.44
C GLN KA 165 -87.96 -45.71 -30.00
N GLN KA 166 -88.10 -45.41 -28.71
CA GLN KA 166 -87.88 -44.09 -28.16
C GLN KA 166 -86.80 -44.10 -27.11
N ILE KA 167 -86.18 -42.94 -26.95
CA ILE KA 167 -85.16 -42.72 -25.94
C ILE KA 167 -85.69 -41.76 -24.89
N SER KA 168 -85.50 -42.11 -23.62
CA SER KA 168 -85.97 -41.31 -22.49
C SER KA 168 -84.78 -40.61 -21.84
N VAL KA 169 -84.79 -39.28 -21.82
CA VAL KA 169 -83.70 -38.47 -21.29
C VAL KA 169 -84.23 -37.57 -20.19
N ASN KA 170 -83.32 -37.17 -19.30
CA ASN KA 170 -83.68 -36.35 -18.15
C ASN KA 170 -82.85 -35.07 -18.06
N ILE KA 171 -83.55 -33.95 -17.93
CA ILE KA 171 -83.00 -32.64 -17.61
C ILE KA 171 -83.40 -32.33 -16.18
N GLU KA 172 -82.44 -31.94 -15.32
CA GLU KA 172 -82.82 -31.39 -14.02
C GLU KA 172 -81.93 -30.26 -13.50
N ASP KA 173 -80.93 -29.81 -14.24
CA ASP KA 173 -79.96 -28.87 -13.68
C ASP KA 173 -80.41 -27.43 -13.89
N MET KA 174 -79.92 -26.56 -13.02
CA MET KA 174 -80.15 -25.12 -13.08
C MET KA 174 -79.31 -24.48 -11.98
N GLY KA 175 -79.29 -23.15 -11.96
CA GLY KA 175 -78.51 -22.43 -10.96
C GLY KA 175 -78.93 -22.73 -9.54
N ALA KA 176 -80.23 -22.91 -9.31
CA ALA KA 176 -80.71 -23.25 -7.98
C ALA KA 176 -80.52 -24.72 -7.62
N ASP KA 177 -79.95 -25.52 -8.53
CA ASP KA 177 -79.78 -26.95 -8.34
C ASP KA 177 -78.32 -27.24 -7.97
N ALA KA 178 -78.01 -27.30 -6.66
CA ALA KA 178 -76.62 -27.43 -6.24
C ALA KA 178 -76.29 -28.67 -5.41
N LEU KA 179 -76.72 -28.70 -4.13
CA LEU KA 179 -76.65 -29.94 -3.34
C LEU KA 179 -78.05 -30.49 -3.29
N GLY KA 180 -78.33 -31.40 -4.21
CA GLY KA 180 -79.62 -32.04 -4.25
C GLY KA 180 -79.69 -33.09 -3.17
N ILE KA 181 -79.82 -32.66 -1.91
CA ILE KA 181 -79.99 -33.61 -0.83
C ILE KA 181 -81.15 -34.54 -1.14
N LYS KA 182 -82.29 -33.97 -1.45
CA LYS KA 182 -83.45 -34.62 -2.06
C LYS KA 182 -84.08 -33.66 -3.06
N GLU KA 183 -84.18 -32.42 -2.60
CA GLU KA 183 -84.59 -31.22 -3.30
C GLU KA 183 -83.73 -30.10 -2.72
N ALA KA 184 -84.11 -28.85 -2.98
CA ALA KA 184 -83.44 -27.75 -2.31
C ALA KA 184 -83.77 -27.78 -0.83
N ASP KA 185 -82.73 -27.80 0.01
CA ASP KA 185 -82.97 -27.83 1.44
C ASP KA 185 -83.50 -26.49 1.92
N GLY KA 186 -82.71 -25.44 1.72
CA GLY KA 186 -83.08 -24.11 2.16
C GLY KA 186 -81.95 -23.15 1.92
N SER KA 187 -81.59 -22.38 2.97
CA SER KA 187 -80.42 -21.51 2.87
C SER KA 187 -79.18 -22.30 2.50
N ILE KA 188 -79.11 -23.54 2.96
CA ILE KA 188 -78.05 -24.45 2.58
C ILE KA 188 -78.55 -25.32 1.43
N ALA KA 189 -77.61 -26.01 0.80
CA ALA KA 189 -77.79 -27.08 -0.17
C ALA KA 189 -78.28 -26.65 -1.54
N ALA KA 190 -78.96 -25.50 -1.64
CA ALA KA 190 -79.27 -24.89 -2.92
C ALA KA 190 -78.95 -23.41 -2.94
N LEU KA 191 -79.41 -22.69 -1.91
CA LEU KA 191 -79.35 -21.24 -1.93
C LEU KA 191 -77.97 -20.70 -1.61
N HIS KA 192 -77.03 -21.53 -1.18
CA HIS KA 192 -75.67 -21.04 -1.23
C HIS KA 192 -75.24 -20.85 -2.68
N SER KA 193 -75.75 -21.69 -3.58
CA SER KA 193 -75.50 -21.46 -4.98
C SER KA 193 -76.21 -20.22 -5.47
N VAL KA 194 -77.40 -19.96 -4.93
CA VAL KA 194 -78.17 -18.80 -5.35
C VAL KA 194 -77.77 -17.58 -4.52
N ASN KA 195 -77.97 -17.66 -3.21
CA ASN KA 195 -77.82 -16.47 -2.36
C ASN KA 195 -76.40 -16.27 -1.85
N ASP KA 196 -75.56 -17.31 -1.85
CA ASP KA 196 -74.17 -17.16 -1.43
C ASP KA 196 -74.02 -16.73 0.03
N LEU KA 197 -74.25 -17.66 0.95
CA LEU KA 197 -74.24 -17.41 2.39
C LEU KA 197 -73.00 -16.67 2.93
N ASP KA 198 -71.89 -16.63 2.20
CA ASP KA 198 -70.67 -16.00 2.70
C ASP KA 198 -70.77 -14.48 2.51
N VAL KA 199 -71.40 -13.83 3.49
CA VAL KA 199 -71.59 -12.38 3.46
C VAL KA 199 -70.81 -11.72 4.59
N THR KA 200 -71.34 -11.86 5.80
CA THR KA 200 -70.67 -11.59 7.05
C THR KA 200 -70.95 -12.68 8.07
N LYS KA 201 -72.02 -13.45 7.88
CA LYS KA 201 -72.27 -14.66 8.65
C LYS KA 201 -71.05 -15.55 8.66
N PHE KA 202 -70.29 -15.57 7.57
CA PHE KA 202 -69.07 -16.35 7.55
C PHE KA 202 -68.07 -15.83 8.56
N ALA KA 203 -67.87 -14.52 8.60
CA ALA KA 203 -66.90 -13.96 9.54
C ALA KA 203 -67.31 -14.26 10.98
N ASP KA 204 -68.62 -14.35 11.23
CA ASP KA 204 -69.09 -14.72 12.55
C ASP KA 204 -68.67 -16.14 12.91
N ASN KA 205 -68.93 -17.10 12.01
CA ASN KA 205 -68.63 -18.52 12.24
C ASN KA 205 -67.92 -19.03 10.99
N ALA KA 206 -66.61 -18.85 10.95
CA ALA KA 206 -65.85 -19.34 9.81
C ALA KA 206 -65.83 -20.87 9.75
N ALA KA 207 -65.92 -21.55 10.89
CA ALA KA 207 -66.00 -23.01 10.96
C ALA KA 207 -67.06 -23.53 11.93
N ASP KA 208 -67.33 -22.73 12.95
CA ASP KA 208 -67.97 -23.16 14.20
C ASP KA 208 -69.30 -23.91 14.12
N CYS KA 209 -70.05 -23.79 13.02
CA CYS KA 209 -71.42 -24.33 13.02
C CYS KA 209 -71.79 -25.11 11.75
N ALA KA 210 -70.87 -25.26 10.80
CA ALA KA 210 -71.04 -25.99 9.54
C ALA KA 210 -72.01 -25.32 8.56
N ASP KA 211 -73.10 -24.74 9.06
CA ASP KA 211 -74.12 -24.07 8.28
C ASP KA 211 -73.53 -22.89 7.53
N ILE KA 212 -72.72 -22.10 8.22
CA ILE KA 212 -71.79 -21.18 7.56
C ILE KA 212 -70.35 -21.53 7.84
N GLY KA 213 -70.06 -22.55 8.63
CA GLY KA 213 -68.67 -22.78 8.97
C GLY KA 213 -67.78 -23.31 7.86
N PHE KA 214 -67.85 -22.74 6.65
CA PHE KA 214 -67.06 -23.06 5.46
C PHE KA 214 -67.29 -24.45 4.86
N ASP KA 215 -67.61 -25.38 5.74
CA ASP KA 215 -67.87 -26.77 5.42
C ASP KA 215 -69.08 -26.90 4.52
N ALA KA 216 -70.24 -26.46 5.01
CA ALA KA 216 -71.46 -26.64 4.24
C ALA KA 216 -71.36 -25.96 2.89
N GLN KA 217 -70.79 -24.76 2.86
CA GLN KA 217 -70.72 -24.01 1.62
C GLN KA 217 -69.88 -24.76 0.60
N LEU KA 218 -68.70 -25.19 1.03
CA LEU KA 218 -67.85 -25.93 0.12
C LEU KA 218 -68.52 -27.22 -0.32
N LYS KA 219 -69.33 -27.81 0.55
CA LYS KA 219 -70.06 -29.01 0.18
C LYS KA 219 -71.14 -28.70 -0.85
N VAL KA 220 -71.79 -27.53 -0.74
CA VAL KA 220 -72.76 -27.15 -1.75
C VAL KA 220 -72.08 -27.04 -3.09
N VAL KA 221 -70.92 -26.37 -3.11
CA VAL KA 221 -70.22 -26.20 -4.37
C VAL KA 221 -69.79 -27.54 -4.92
N ASP KA 222 -69.23 -28.39 -4.05
CA ASP KA 222 -68.74 -29.69 -4.48
C ASP KA 222 -69.85 -30.53 -5.05
N GLU KA 223 -71.00 -30.53 -4.37
CA GLU KA 223 -72.10 -31.35 -4.87
C GLU KA 223 -72.71 -30.74 -6.11
N ALA KA 224 -72.82 -29.41 -6.16
CA ALA KA 224 -73.28 -28.74 -7.38
C ALA KA 224 -72.46 -29.19 -8.57
N ILE KA 225 -71.14 -29.18 -8.39
CA ILE KA 225 -70.24 -29.67 -9.42
C ILE KA 225 -70.54 -31.12 -9.72
N ASN KA 226 -70.72 -31.93 -8.68
CA ASN KA 226 -70.94 -33.35 -8.88
C ASN KA 226 -72.24 -33.61 -9.64
N GLN KA 227 -73.23 -32.75 -9.42
CA GLN KA 227 -74.49 -32.86 -10.14
C GLN KA 227 -74.32 -32.43 -11.59
N VAL KA 228 -73.47 -31.43 -11.83
CA VAL KA 228 -73.12 -31.10 -13.21
C VAL KA 228 -72.41 -32.27 -13.85
N SER KA 229 -71.48 -32.87 -13.12
CA SER KA 229 -70.71 -34.00 -13.63
C SER KA 229 -71.62 -35.14 -14.03
N SER KA 230 -72.58 -35.48 -13.16
CA SER KA 230 -73.47 -36.58 -13.46
C SER KA 230 -74.50 -36.20 -14.52
N GLN KA 231 -74.91 -34.95 -14.55
CA GLN KA 231 -75.81 -34.49 -15.60
C GLN KA 231 -75.13 -34.61 -16.95
N ARG KA 232 -73.88 -34.15 -17.03
CA ARG KA 232 -73.11 -34.28 -18.24
C ARG KA 232 -72.79 -35.74 -18.52
N ALA KA 233 -72.73 -36.56 -17.48
CA ALA KA 233 -72.48 -37.99 -17.66
C ALA KA 233 -73.64 -38.65 -18.36
N LYS KA 234 -74.86 -38.38 -17.89
CA LYS KA 234 -76.05 -38.86 -18.57
C LYS KA 234 -76.08 -38.32 -19.99
N LEU KA 235 -75.84 -37.03 -20.11
CA LEU KA 235 -75.91 -36.33 -21.37
C LEU KA 235 -74.98 -36.96 -22.40
N GLY KA 236 -73.74 -37.23 -21.99
CA GLY KA 236 -72.78 -37.84 -22.89
C GLY KA 236 -73.04 -39.30 -23.11
N ALA KA 237 -73.65 -39.96 -22.13
CA ALA KA 237 -74.08 -41.33 -22.35
C ALA KA 237 -75.04 -41.38 -23.53
N VAL KA 238 -76.02 -40.48 -23.52
CA VAL KA 238 -76.96 -40.43 -24.63
C VAL KA 238 -76.25 -40.01 -25.91
N GLN KA 239 -75.26 -39.13 -25.80
CA GLN KA 239 -74.48 -38.78 -26.97
C GLN KA 239 -73.88 -40.01 -27.62
N ASN KA 240 -73.25 -40.86 -26.81
CA ASN KA 240 -72.67 -42.08 -27.33
C ASN KA 240 -73.74 -42.97 -27.93
N ARG KA 241 -74.90 -43.03 -27.26
CA ARG KA 241 -76.00 -43.82 -27.78
C ARG KA 241 -76.37 -43.39 -29.18
N LEU KA 242 -76.49 -42.09 -29.39
CA LEU KA 242 -76.91 -41.61 -30.68
C LEU KA 242 -75.80 -41.77 -31.70
N GLU KA 243 -74.55 -41.74 -31.26
CA GLU KA 243 -73.46 -42.08 -32.16
C GLU KA 243 -73.64 -43.49 -32.71
N HIS KA 244 -73.79 -44.46 -31.82
CA HIS KA 244 -73.91 -45.84 -32.25
C HIS KA 244 -75.22 -46.10 -32.95
N THR KA 245 -76.26 -45.37 -32.54
CA THR KA 245 -77.53 -45.43 -33.24
C THR KA 245 -77.32 -45.04 -34.69
N ILE KA 246 -76.73 -43.87 -34.92
CA ILE KA 246 -76.56 -43.38 -36.28
C ILE KA 246 -75.71 -44.36 -37.08
N ASN KA 247 -74.69 -44.92 -36.46
CA ASN KA 247 -73.89 -45.90 -37.19
C ASN KA 247 -74.75 -47.08 -37.60
N ASN KA 248 -75.64 -47.51 -36.72
CA ASN KA 248 -76.58 -48.57 -37.09
C ASN KA 248 -77.53 -48.10 -38.17
N LEU KA 249 -78.06 -46.89 -38.03
CA LEU KA 249 -79.03 -46.38 -39.00
C LEU KA 249 -78.41 -46.27 -40.37
N SER KA 250 -77.13 -45.93 -40.40
CA SER KA 250 -76.41 -45.80 -41.66
C SER KA 250 -76.18 -47.16 -42.30
N ALA KA 251 -75.62 -48.09 -41.52
CA ALA KA 251 -75.34 -49.42 -42.08
C ALA KA 251 -76.62 -50.14 -42.44
N SER KA 252 -77.57 -50.15 -41.51
CA SER KA 252 -78.85 -50.81 -41.72
C SER KA 252 -79.60 -50.16 -42.86
N GLY KA 253 -79.57 -48.84 -42.92
CA GLY KA 253 -80.22 -48.15 -44.02
C GLY KA 253 -79.63 -48.55 -45.35
N GLU KA 254 -78.30 -48.61 -45.42
CA GLU KA 254 -77.64 -49.06 -46.63
C GLU KA 254 -78.10 -50.46 -47.01
N ASN KA 255 -77.97 -51.40 -46.09
CA ASN KA 255 -78.36 -52.78 -46.36
C ASN KA 255 -79.82 -52.85 -46.80
N LEU KA 256 -80.63 -51.95 -46.28
CA LEU KA 256 -82.06 -51.96 -46.57
C LEU KA 256 -82.33 -51.43 -47.96
N THR KA 257 -81.67 -50.33 -48.34
CA THR KA 257 -81.82 -49.83 -49.70
C THR KA 257 -81.28 -50.83 -50.70
N ALA KA 258 -80.26 -51.59 -50.30
CA ALA KA 258 -79.78 -52.67 -51.14
C ALA KA 258 -80.82 -53.76 -51.25
N ALA KA 259 -81.49 -54.08 -50.14
CA ALA KA 259 -82.56 -55.08 -50.18
C ALA KA 259 -83.65 -54.68 -51.16
N GLU KA 260 -84.12 -53.44 -51.02
CA GLU KA 260 -85.08 -52.90 -51.98
C GLU KA 260 -84.53 -53.03 -53.38
N SER KA 261 -83.28 -52.62 -53.57
CA SER KA 261 -82.67 -52.64 -54.88
C SER KA 261 -82.69 -54.05 -55.46
N ARG KA 262 -82.55 -55.05 -54.61
CA ARG KA 262 -82.68 -56.42 -55.08
C ARG KA 262 -84.10 -56.70 -55.53
N ILE KA 263 -85.09 -56.17 -54.82
CA ILE KA 263 -86.46 -56.35 -55.28
C ILE KA 263 -86.64 -55.65 -56.62
N ARG KA 264 -86.21 -54.39 -56.71
CA ARG KA 264 -86.32 -53.62 -57.94
C ARG KA 264 -85.11 -53.77 -58.85
N ASP KA 265 -84.26 -54.76 -58.60
CA ASP KA 265 -83.07 -54.98 -59.42
C ASP KA 265 -83.44 -55.09 -60.88
N VAL KA 266 -83.07 -54.10 -61.67
CA VAL KA 266 -83.14 -54.20 -63.13
C VAL KA 266 -81.77 -54.67 -63.61
N ASP KA 267 -81.74 -55.84 -64.23
CA ASP KA 267 -80.59 -56.22 -65.02
C ASP KA 267 -80.72 -55.44 -66.31
N MET KA 268 -80.21 -54.21 -66.27
CA MET KA 268 -80.40 -53.28 -67.38
C MET KA 268 -79.84 -53.86 -68.67
N ALA KA 269 -78.75 -54.61 -68.57
CA ALA KA 269 -78.22 -55.25 -69.76
C ALA KA 269 -79.17 -56.31 -70.28
N LYS KA 270 -79.71 -57.14 -69.38
CA LYS KA 270 -80.72 -58.12 -69.78
C LYS KA 270 -81.89 -57.43 -70.46
N GLU KA 271 -82.36 -56.36 -69.85
CA GLU KA 271 -83.62 -55.77 -70.30
C GLU KA 271 -83.44 -55.02 -71.61
N MET KA 272 -82.26 -54.42 -71.82
CA MET KA 272 -81.96 -53.88 -73.14
C MET KA 272 -81.87 -54.99 -74.17
N SER KA 273 -81.24 -56.10 -73.79
CA SER KA 273 -81.11 -57.22 -74.70
C SER KA 273 -82.47 -57.79 -75.08
N GLU KA 274 -83.29 -58.05 -74.07
CA GLU KA 274 -84.62 -58.59 -74.31
C GLU KA 274 -85.46 -57.60 -75.09
N PHE KA 275 -85.29 -56.31 -74.80
CA PHE KA 275 -85.95 -55.29 -75.59
C PHE KA 275 -85.61 -55.42 -77.06
N THR KA 276 -84.32 -55.46 -77.33
CA THR KA 276 -83.81 -55.65 -78.68
C THR KA 276 -84.48 -56.84 -79.35
N LYS KA 277 -84.44 -57.98 -78.66
CA LYS KA 277 -85.01 -59.20 -79.20
C LYS KA 277 -86.47 -58.99 -79.55
N ASN KA 278 -87.23 -58.41 -78.64
CA ASN KA 278 -88.66 -58.26 -78.88
C ASN KA 278 -88.94 -57.32 -80.04
N ASN KA 279 -88.09 -56.31 -80.26
CA ASN KA 279 -88.20 -55.51 -81.47
C ASN KA 279 -88.03 -56.37 -82.69
N ILE KA 280 -86.93 -57.12 -82.72
CA ILE KA 280 -86.63 -58.01 -83.83
C ILE KA 280 -87.83 -58.90 -84.11
N LEU KA 281 -88.35 -59.51 -83.06
CA LEU KA 281 -89.41 -60.49 -83.21
C LEU KA 281 -90.68 -59.85 -83.72
N SER KA 282 -91.01 -58.66 -83.23
CA SER KA 282 -92.17 -57.95 -83.74
C SER KA 282 -92.01 -57.69 -85.22
N GLN KA 283 -90.86 -57.15 -85.62
CA GLN KA 283 -90.64 -56.79 -87.02
C GLN KA 283 -90.71 -58.01 -87.91
N ALA KA 284 -90.08 -59.10 -87.48
CA ALA KA 284 -90.10 -60.33 -88.26
C ALA KA 284 -91.52 -60.82 -88.44
N SER KA 285 -92.28 -60.83 -87.35
CA SER KA 285 -93.65 -61.31 -87.42
C SER KA 285 -94.47 -60.46 -88.37
N GLN KA 286 -94.25 -59.14 -88.37
CA GLN KA 286 -95.00 -58.30 -89.28
C GLN KA 286 -94.62 -58.57 -90.73
N ALA KA 287 -93.34 -58.79 -90.99
CA ALA KA 287 -92.94 -59.19 -92.33
C ALA KA 287 -93.67 -60.44 -92.76
N MET KA 288 -93.80 -61.39 -91.85
CA MET KA 288 -94.54 -62.59 -92.19
C MET KA 288 -96.01 -62.30 -92.39
N LEU KA 289 -96.58 -61.32 -91.68
CA LEU KA 289 -97.98 -60.98 -91.92
C LEU KA 289 -98.16 -60.39 -93.31
N ALA KA 290 -97.19 -59.58 -93.75
CA ALA KA 290 -97.20 -59.11 -95.12
C ALA KA 290 -97.21 -60.29 -96.06
N GLN KA 291 -96.32 -61.26 -95.84
CA GLN KA 291 -96.26 -62.43 -96.70
C GLN KA 291 -97.58 -63.20 -96.69
N ALA KA 292 -98.22 -63.27 -95.52
CA ALA KA 292 -99.54 -63.90 -95.43
C ALA KA 292 -100.54 -63.18 -96.29
N ASN KA 293 -100.36 -61.88 -96.45
CA ASN KA 293 -101.21 -61.13 -97.36
C ASN KA 293 -100.75 -61.23 -98.81
N GLN KA 294 -99.50 -61.64 -99.05
CA GLN KA 294 -98.99 -61.73 -100.42
C GLN KA 294 -99.43 -63.04 -101.07
N GLN KA 295 -99.30 -64.15 -100.34
CA GLN KA 295 -99.65 -65.45 -100.89
C GLN KA 295 -101.03 -65.50 -101.54
N PRO KA 296 -102.12 -65.10 -100.88
CA PRO KA 296 -103.42 -65.18 -101.54
C PRO KA 296 -103.56 -64.28 -102.75
N GLN KA 297 -102.70 -63.28 -102.92
CA GLN KA 297 -102.72 -62.48 -104.15
C GLN KA 297 -102.15 -63.27 -105.30
N ASN KA 298 -101.02 -63.94 -105.03
CA ASN KA 298 -100.47 -64.88 -105.98
C ASN KA 298 -101.53 -65.89 -106.38
N VAL KA 299 -102.27 -66.39 -105.38
CA VAL KA 299 -103.37 -67.30 -105.65
C VAL KA 299 -104.38 -66.66 -106.56
N LEU KA 300 -104.73 -65.41 -106.28
CA LEU KA 300 -105.75 -64.73 -107.08
C LEU KA 300 -105.36 -64.72 -108.54
N GLN KA 301 -104.15 -64.29 -108.84
CA GLN KA 301 -103.71 -64.27 -110.23
C GLN KA 301 -103.70 -65.68 -110.80
N LEU KA 302 -103.09 -66.61 -110.07
CA LEU KA 302 -102.84 -67.94 -110.60
C LEU KA 302 -104.15 -68.68 -110.87
N LEU KA 303 -105.19 -68.40 -110.10
CA LEU KA 303 -106.50 -69.00 -110.28
C LEU KA 303 -107.50 -68.02 -110.87
N ARG KA 304 -107.02 -67.09 -111.67
CA ARG KA 304 -107.91 -66.21 -112.41
C ARG KA 304 -108.19 -66.81 -113.78
N ILE LA 3 -6.26 26.97 9.43
CA ILE LA 3 -5.55 28.30 9.43
C ILE LA 3 -4.10 28.16 9.85
N ASN LA 4 -3.47 27.05 9.45
CA ASN LA 4 -2.14 26.71 9.92
C ASN LA 4 -1.15 27.84 9.71
N HIS LA 5 -1.18 28.47 8.54
CA HIS LA 5 -0.24 29.53 8.21
C HIS LA 5 -0.43 30.80 8.99
N ASN LA 6 -1.48 30.90 9.80
CA ASN LA 6 -1.76 32.10 10.58
C ASN LA 6 -1.42 31.96 12.06
N ILE LA 7 -1.08 30.75 12.52
CA ILE LA 7 -0.87 30.49 13.94
C ILE LA 7 0.63 30.43 14.18
N ALA LA 8 1.09 31.27 15.10
CA ALA LA 8 2.45 31.21 15.57
C ALA LA 8 2.54 31.48 17.06
N ALA LA 9 1.41 31.54 17.76
CA ALA LA 9 1.37 31.96 19.15
C ALA LA 9 2.06 33.30 19.31
N LEU LA 10 1.65 34.25 18.49
CA LEU LA 10 2.37 35.51 18.41
C LEU LA 10 2.37 36.25 19.74
N ASN LA 11 1.39 35.99 20.60
CA ASN LA 11 1.47 36.55 21.95
C ASN LA 11 2.64 35.93 22.70
N THR LA 12 2.89 34.65 22.47
CA THR LA 12 4.08 34.05 23.05
C THR LA 12 5.32 34.73 22.49
N LEU LA 13 5.31 35.06 21.21
CA LEU LA 13 6.47 35.70 20.60
C LEU LA 13 6.70 37.07 21.22
N ASN LA 14 5.62 37.79 21.46
CA ASN LA 14 5.71 39.08 22.11
C ASN LA 14 6.26 38.94 23.52
N ARG LA 15 5.81 37.91 24.25
CA ARG LA 15 6.39 37.63 25.55
C ARG LA 15 7.85 37.31 25.42
N LEU LA 16 8.22 36.70 24.30
CA LEU LA 16 9.61 36.33 24.14
C LEU LA 16 10.48 37.55 24.03
N SER LA 17 10.11 38.46 23.15
CA SER LA 17 10.84 39.72 23.01
C SER LA 17 10.94 40.43 24.35
N SER LA 18 9.80 40.49 25.06
CA SER LA 18 9.77 41.13 26.36
C SER LA 18 10.76 40.48 27.33
N ASN LA 19 10.73 39.15 27.39
CA ASN LA 19 11.56 38.43 28.35
C ASN LA 19 13.03 38.58 28.03
N ASN LA 20 13.37 38.57 26.74
CA ASN LA 20 14.77 38.72 26.37
C ASN LA 20 15.28 40.09 26.77
N SER LA 21 14.48 41.13 26.50
CA SER LA 21 14.91 42.45 26.95
C SER LA 21 14.96 42.52 28.46
N ALA LA 22 14.05 41.84 29.14
CA ALA LA 22 14.01 41.87 30.59
C ALA LA 22 15.29 41.31 31.18
N SER LA 23 15.64 40.07 30.81
CA SER LA 23 16.86 39.46 31.30
C SER LA 23 18.07 40.29 30.91
N GLN LA 24 18.04 40.86 29.70
CA GLN LA 24 19.13 41.75 29.28
C GLN LA 24 19.31 42.89 30.27
N LYS LA 25 18.21 43.56 30.62
CA LYS LA 25 18.28 44.68 31.55
C LYS LA 25 18.83 44.24 32.89
N ASN LA 26 18.37 43.08 33.36
CA ASN LA 26 18.88 42.53 34.60
C ASN LA 26 20.40 42.42 34.54
N MET LA 27 20.94 41.81 33.48
CA MET LA 27 22.38 41.69 33.34
C MET LA 27 23.07 43.03 33.41
N GLU LA 28 22.60 43.94 32.56
CA GLU LA 28 23.22 45.24 32.41
C GLU LA 28 23.36 45.93 33.76
N LYS LA 29 22.32 45.83 34.57
CA LYS LA 29 22.40 46.39 35.90
C LYS LA 29 23.35 45.57 36.77
N LEU LA 30 23.27 44.25 36.67
CA LEU LA 30 24.15 43.37 37.45
C LEU LA 30 25.60 43.59 37.08
N SER LA 31 25.90 43.58 35.79
CA SER LA 31 27.26 43.74 35.32
C SER LA 31 27.81 45.09 35.73
N SER LA 32 27.05 46.14 35.50
CA SER LA 32 27.51 47.47 35.83
C SER LA 32 27.40 47.77 37.31
N GLY LA 33 26.60 47.01 38.04
CA GLY LA 33 26.36 47.34 39.43
C GLY LA 33 25.54 48.59 39.58
N LEU LA 34 24.68 48.86 38.61
CA LEU LA 34 23.92 50.10 38.53
C LEU LA 34 22.44 49.75 38.50
N ARG LA 35 21.71 50.16 39.53
CA ARG LA 35 20.27 50.14 39.42
C ARG LA 35 19.82 51.30 38.55
N ILE LA 36 20.59 52.38 38.53
CA ILE LA 36 20.28 53.50 37.66
C ILE LA 36 20.28 53.04 36.23
N ASN LA 37 19.55 53.76 35.40
CA ASN LA 37 19.52 53.49 33.98
C ASN LA 37 20.58 54.33 33.29
N ARG LA 38 21.05 53.82 32.16
CA ARG LA 38 21.76 54.70 31.23
C ARG LA 38 20.79 55.67 30.60
N ALA LA 39 19.59 55.19 30.28
CA ALA LA 39 18.54 56.01 29.72
C ALA LA 39 17.98 56.95 30.77
N GLY LA 40 17.33 58.01 30.30
CA GLY LA 40 16.73 59.02 31.16
C GLY LA 40 15.55 58.57 31.97
N ASP LA 41 15.18 57.30 31.89
CA ASP LA 41 14.13 56.77 32.74
C ASP LA 41 14.50 56.98 34.20
N ASP LA 42 13.69 57.78 34.89
CA ASP LA 42 14.03 58.35 36.20
C ASP LA 42 15.21 59.30 36.10
N ALA LA 43 15.13 60.22 35.13
CA ALA LA 43 16.15 61.26 35.02
C ALA LA 43 16.19 62.15 36.27
N ALA LA 44 15.12 62.16 37.06
CA ALA LA 44 15.18 62.82 38.36
C ALA LA 44 16.27 62.20 39.22
N GLY LA 45 16.11 60.93 39.56
CA GLY LA 45 17.10 60.25 40.38
C GLY LA 45 18.48 60.27 39.76
N LEU LA 46 18.55 60.16 38.43
CA LEU LA 46 19.84 60.22 37.76
C LEU LA 46 20.48 61.57 38.00
N ALA LA 47 19.81 62.64 37.59
CA ALA LA 47 20.37 63.99 37.73
C ALA LA 47 20.73 64.28 39.16
N ILE LA 48 19.99 63.72 40.11
CA ILE LA 48 20.39 63.85 41.50
C ILE LA 48 21.74 63.20 41.68
N SER LA 49 21.86 61.91 41.36
CA SER LA 49 23.11 61.20 41.61
C SER LA 49 24.28 61.84 40.87
N GLU LA 50 23.99 62.42 39.71
CA GLU LA 50 24.97 63.22 39.01
C GLU LA 50 25.45 64.36 39.88
N LYS LA 51 24.51 65.10 40.43
CA LYS LA 51 24.86 66.21 41.32
C LYS LA 51 25.57 65.71 42.55
N MET LA 52 25.12 64.56 43.08
CA MET LA 52 25.77 63.95 44.22
C MET LA 52 27.23 63.73 43.91
N ARG LA 53 27.51 62.99 42.84
CA ARG LA 53 28.89 62.66 42.48
C ARG LA 53 29.71 63.91 42.24
N GLY LA 54 29.10 64.93 41.65
CA GLY LA 54 29.78 66.19 41.53
C GLY LA 54 30.24 66.70 42.88
N GLN LA 55 29.33 66.64 43.86
CA GLN LA 55 29.72 67.07 45.20
C GLN LA 55 30.68 66.09 45.86
N ILE LA 56 30.48 64.78 45.71
CA ILE LA 56 31.37 63.77 46.28
C ILE LA 56 32.79 64.05 45.85
N ARG LA 57 32.99 64.05 44.54
CA ARG LA 57 34.30 64.28 43.97
C ARG LA 57 34.85 65.62 44.44
N GLY LA 58 33.97 66.62 44.53
CA GLY LA 58 34.39 67.89 45.06
C GLY LA 58 34.80 67.82 46.52
N LEU LA 59 34.24 66.87 47.26
CA LEU LA 59 34.61 66.69 48.66
C LEU LA 59 35.92 65.94 48.78
N GLU LA 60 36.18 65.04 47.84
CA GLU LA 60 37.47 64.36 47.81
C GLU LA 60 38.57 65.37 47.54
N MET LA 61 38.38 66.22 46.53
CA MET LA 61 39.34 67.28 46.26
C MET LA 61 39.32 68.33 47.35
N ALA LA 62 38.20 68.44 48.09
CA ALA LA 62 38.15 69.35 49.23
C ALA LA 62 39.05 68.85 50.34
N SER LA 63 38.95 67.57 50.64
CA SER LA 63 39.82 66.97 51.63
C SER LA 63 41.27 67.14 51.23
N LYS LA 64 41.54 66.87 49.95
CA LYS LA 64 42.87 67.12 49.41
C LYS LA 64 43.33 68.55 49.68
N ASN LA 65 42.51 69.52 49.29
CA ASN LA 65 42.89 70.92 49.44
C ASN LA 65 43.10 71.29 50.89
N SER LA 66 42.28 70.74 51.77
CA SER LA 66 42.39 71.09 53.19
C SER LA 66 43.62 70.48 53.80
N GLN LA 67 43.93 69.24 53.44
CA GLN LA 67 45.17 68.62 53.90
C GLN LA 67 46.36 69.42 53.40
N ASP LA 68 46.28 69.91 52.18
CA ASP LA 68 47.32 70.76 51.65
C ASP LA 68 47.42 72.05 52.46
N GLY LA 69 46.26 72.61 52.81
CA GLY LA 69 46.23 73.71 53.78
C GLY LA 69 47.02 73.38 55.01
N ILE LA 70 46.78 72.21 55.57
CA ILE LA 70 47.47 71.79 56.79
C ILE LA 70 48.95 71.73 56.56
N SER LA 71 49.37 71.23 55.41
CA SER LA 71 50.78 71.12 55.12
C SER LA 71 51.43 72.49 55.14
N LEU LA 72 50.78 73.46 54.49
CA LEU LA 72 51.25 74.83 54.55
C LEU LA 72 51.34 75.32 55.99
N ILE LA 73 50.26 75.09 56.73
CA ILE LA 73 50.19 75.56 58.11
C ILE LA 73 51.36 75.03 58.90
N GLN LA 74 51.51 73.72 58.95
CA GLN LA 74 52.54 73.11 59.78
C GLN LA 74 53.93 73.50 59.34
N THR LA 75 54.12 73.74 58.05
CA THR LA 75 55.38 74.29 57.59
C THR LA 75 55.66 75.61 58.29
N ALA LA 76 54.77 76.57 58.11
CA ALA LA 76 54.98 77.88 58.70
C ALA LA 76 55.02 77.79 60.22
N GLU LA 77 54.22 76.89 60.78
CA GLU LA 77 54.15 76.67 62.21
C GLU LA 77 55.51 76.29 62.77
N GLY LA 78 56.10 75.23 62.23
CA GLY LA 78 57.40 74.79 62.73
C GLY LA 78 58.44 75.86 62.54
N ALA LA 79 58.35 76.59 61.43
CA ALA LA 79 59.29 77.68 61.20
C ALA LA 79 59.16 78.75 62.27
N LEU LA 80 57.92 79.10 62.63
CA LEU LA 80 57.70 80.12 63.64
C LEU LA 80 58.08 79.62 65.02
N THR LA 81 57.95 78.31 65.25
CA THR LA 81 58.42 77.73 66.50
C THR LA 81 59.92 77.92 66.62
N GLU LA 82 60.66 77.66 65.54
CA GLU LA 82 62.09 77.86 65.58
C GLU LA 82 62.43 79.33 65.75
N THR LA 83 61.72 80.20 65.03
CA THR LA 83 61.88 81.64 65.19
C THR LA 83 61.75 82.01 66.65
N HIS LA 84 60.70 81.50 67.26
CA HIS LA 84 60.42 81.77 68.65
C HIS LA 84 61.57 81.34 69.54
N ALA LA 85 62.06 80.12 69.30
CA ALA LA 85 63.18 79.61 70.08
C ALA LA 85 64.38 80.55 69.98
N ILE LA 86 64.63 81.05 68.76
CA ILE LA 86 65.67 82.05 68.60
C ILE LA 86 65.37 83.23 69.49
N LEU LA 87 64.14 83.73 69.44
CA LEU LA 87 63.79 84.93 70.20
C LEU LA 87 63.98 84.71 71.70
N GLN LA 88 63.80 83.48 72.17
CA GLN LA 88 64.18 83.18 73.54
C GLN LA 88 65.67 83.42 73.73
N ARG LA 89 66.47 82.90 72.81
CA ARG LA 89 67.91 83.15 72.92
C ARG LA 89 68.20 84.63 72.85
N VAL LA 90 67.46 85.35 72.02
CA VAL LA 90 67.68 86.78 71.90
C VAL LA 90 67.48 87.43 73.25
N ARG LA 91 66.37 87.13 73.91
CA ARG LA 91 66.12 87.78 75.20
C ARG LA 91 67.18 87.40 76.21
N GLU LA 92 67.69 86.16 76.16
CA GLU LA 92 68.85 85.84 76.98
C GLU LA 92 69.96 86.83 76.71
N LEU LA 93 70.18 87.10 75.43
CA LEU LA 93 71.22 88.04 75.05
C LEU LA 93 70.83 89.47 75.32
N VAL LA 94 69.55 89.76 75.51
CA VAL LA 94 69.14 91.09 75.93
C VAL LA 94 69.48 91.29 77.38
N VAL LA 95 69.17 90.30 78.20
CA VAL LA 95 69.44 90.42 79.62
C VAL LA 95 70.94 90.46 79.86
N GLN LA 96 71.71 89.68 79.11
CA GLN LA 96 73.14 89.87 79.13
C GLN LA 96 73.50 91.23 78.56
N ALA LA 97 72.75 91.69 77.55
CA ALA LA 97 72.94 93.00 76.96
C ALA LA 97 72.27 94.08 77.75
N GLY LA 98 71.92 93.77 79.00
CA GLY LA 98 72.01 94.75 80.04
C GLY LA 98 73.42 95.08 80.45
N ASN LA 99 74.43 94.56 79.72
CA ASN LA 99 75.84 94.93 79.89
C ASN LA 99 76.37 94.33 81.19
N THR LA 100 75.59 93.39 81.75
CA THR LA 100 75.67 93.06 83.16
C THR LA 100 75.78 94.37 83.93
N GLY LA 101 74.85 95.28 83.63
CA GLY LA 101 74.93 96.59 84.20
C GLY LA 101 75.88 97.50 83.47
N THR LA 102 77.11 97.59 84.00
CA THR LA 102 78.23 98.20 83.30
C THR LA 102 79.41 97.26 83.17
N GLN LA 103 79.31 96.05 83.70
CA GLN LA 103 80.49 95.20 83.85
C GLN LA 103 81.03 94.75 82.51
N ASP LA 104 80.16 94.45 81.57
CA ASP LA 104 80.66 94.12 80.24
C ASP LA 104 81.23 95.38 79.63
N LYS LA 105 82.20 95.22 78.75
CA LYS LA 105 82.80 96.35 78.05
C LYS LA 105 82.21 96.44 76.66
N ALA LA 106 82.66 97.46 75.91
CA ALA LA 106 82.13 97.69 74.57
C ALA LA 106 82.39 96.50 73.66
N THR LA 107 83.57 95.91 73.77
CA THR LA 107 83.87 94.72 72.98
C THR LA 107 82.97 93.57 73.35
N ASP LA 108 82.67 93.43 74.63
CA ASP LA 108 81.77 92.36 75.05
C ASP LA 108 80.40 92.56 74.43
N LEU LA 109 79.89 93.79 74.47
CA LEU LA 109 78.62 94.09 73.81
C LEU LA 109 78.71 93.85 72.31
N GLN LA 110 79.89 94.03 71.73
CA GLN LA 110 80.04 93.77 70.30
C GLN LA 110 80.08 92.28 70.02
N SER LA 111 80.67 91.50 70.92
CA SER LA 111 80.64 90.05 70.79
C SER LA 111 79.21 89.57 70.84
N ILE LA 112 78.45 90.05 71.82
CA ILE LA 112 77.04 89.74 71.92
C ILE LA 112 76.33 90.16 70.64
N GLN LA 113 76.59 91.38 70.20
CA GLN LA 113 75.89 91.92 69.04
C GLN LA 113 76.22 91.14 67.79
N ASP LA 114 77.45 90.64 67.69
CA ASP LA 114 77.79 89.73 66.61
C ASP LA 114 76.91 88.50 66.67
N GLY LA 115 76.76 87.94 67.86
CA GLY LA 115 75.86 86.82 68.03
C GLY LA 115 74.42 87.16 67.65
N ILE LA 116 73.96 88.34 68.03
CA ILE LA 116 72.57 88.69 67.77
C ILE LA 116 72.35 88.94 66.30
N SER LA 117 73.25 89.67 65.65
CA SER LA 117 73.11 89.91 64.23
C SER LA 117 73.18 88.62 63.46
N ALA LA 118 73.97 87.68 63.95
CA ALA LA 118 73.94 86.32 63.43
C ALA LA 118 72.56 85.71 63.59
N LEU LA 119 71.95 85.90 64.77
CA LEU LA 119 70.60 85.38 64.97
C LEU LA 119 69.59 86.07 64.08
N THR LA 120 69.74 87.37 63.87
CA THR LA 120 68.91 88.09 62.92
C THR LA 120 69.00 87.44 61.57
N ASP LA 121 70.22 87.19 61.11
CA ASP LA 121 70.42 86.58 59.82
C ASP LA 121 69.75 85.22 59.76
N GLU LA 122 69.68 84.53 60.90
CA GLU LA 122 68.95 83.26 60.93
C GLU LA 122 67.45 83.46 60.89
N ILE LA 123 66.94 84.47 61.60
CA ILE LA 123 65.51 84.74 61.56
C ILE LA 123 65.10 85.13 60.14
N ASP LA 124 65.86 86.05 59.54
CA ASP LA 124 65.64 86.40 58.16
C ASP LA 124 65.76 85.17 57.27
N GLY LA 125 66.67 84.26 57.61
CA GLY LA 125 66.77 83.03 56.86
C GLY LA 125 65.52 82.19 56.98
N ILE LA 126 64.94 82.12 58.18
CA ILE LA 126 63.67 81.43 58.35
C ILE LA 126 62.63 82.08 57.43
N SER LA 127 62.44 83.38 57.60
CA SER LA 127 61.36 84.06 56.92
C SER LA 127 61.58 84.14 55.42
N ASN LA 128 62.80 83.90 54.96
CA ASN LA 128 63.15 83.95 53.54
C ASN LA 128 63.56 82.60 52.98
N ARG LA 129 63.34 81.51 53.74
CA ARG LA 129 63.54 80.16 53.24
C ARG LA 129 62.27 79.34 53.40
N THR LA 130 61.42 79.73 54.33
CA THR LA 130 60.17 79.02 54.51
C THR LA 130 59.28 79.30 53.30
N GLU LA 131 59.36 78.40 52.32
CA GLU LA 131 58.54 78.46 51.13
C GLU LA 131 57.60 77.26 51.10
N PHE LA 132 56.43 77.45 50.48
CA PHE LA 132 55.60 76.34 50.05
C PHE LA 132 55.29 76.51 48.59
N ASN LA 133 55.81 75.60 47.78
CA ASN LA 133 55.63 75.66 46.36
C ASN LA 133 56.15 77.00 45.83
N GLY LA 134 57.29 77.40 46.38
CA GLY LA 134 57.92 78.65 46.06
C GLY LA 134 57.36 79.84 46.81
N LYS LA 135 56.12 79.74 47.27
CA LYS LA 135 55.49 80.83 47.98
C LYS LA 135 56.18 81.02 49.32
N LYS LA 136 56.90 82.11 49.47
CA LYS LA 136 57.62 82.37 50.70
C LYS LA 136 56.59 82.59 51.79
N LEU LA 137 56.29 81.52 52.51
CA LEU LA 137 55.17 81.52 53.45
C LEU LA 137 55.38 82.48 54.61
N LEU LA 138 56.62 82.80 54.91
CA LEU LA 138 56.93 83.80 55.92
C LEU LA 138 57.49 85.07 55.28
N ASP LA 139 57.06 85.35 54.06
CA ASP LA 139 57.24 86.68 53.51
C ASP LA 139 56.38 87.62 54.32
N GLY LA 140 57.03 88.44 55.15
CA GLY LA 140 56.28 89.36 55.98
C GLY LA 140 55.45 90.36 55.19
N THR LA 141 55.76 90.54 53.91
CA THR LA 141 54.99 91.39 53.02
C THR LA 141 54.01 90.60 52.17
N TYR LA 142 53.78 89.32 52.48
CA TYR LA 142 52.83 88.54 51.70
C TYR LA 142 51.43 89.13 51.79
N LYS LA 143 50.86 89.14 53.00
CA LYS LA 143 49.51 89.66 53.22
C LYS LA 143 49.53 90.70 54.34
N VAL LA 144 50.31 91.76 54.14
CA VAL LA 144 50.09 92.95 54.93
C VAL LA 144 48.79 93.56 54.45
N ASP LA 145 47.75 93.51 55.30
CA ASP LA 145 46.43 94.03 54.95
C ASP LA 145 46.51 95.47 54.43
N THR LA 146 47.27 96.32 55.13
CA THR LA 146 47.65 97.66 54.70
C THR LA 146 46.51 98.67 54.76
N ALA LA 147 45.28 98.20 54.96
CA ALA LA 147 44.08 98.94 54.54
C ALA LA 147 44.08 99.17 53.03
N THR LA 148 44.67 98.26 52.28
CA THR LA 148 44.70 98.33 50.82
C THR LA 148 44.36 96.96 50.28
N PRO LA 149 43.11 96.73 49.87
CA PRO LA 149 42.76 95.43 49.27
C PRO LA 149 43.62 95.06 48.07
N ALA LA 150 44.04 96.05 47.30
CA ALA LA 150 44.81 95.79 46.10
C ALA LA 150 46.11 95.08 46.40
N ASN LA 151 46.68 95.30 47.59
CA ASN LA 151 47.96 94.72 47.97
C ASN LA 151 47.76 93.83 49.19
N GLN LA 152 47.28 92.61 48.97
CA GLN LA 152 47.13 91.64 50.05
C GLN LA 152 47.53 90.21 49.73
N LYS LA 153 47.41 89.73 48.50
CA LYS LA 153 47.69 88.30 48.22
C LYS LA 153 46.95 87.38 49.18
N ASN LA 154 45.66 87.64 49.41
CA ASN LA 154 44.87 86.94 50.42
C ASN LA 154 45.07 85.44 50.36
N LEU LA 155 45.53 84.85 51.46
CA LEU LA 155 45.85 83.41 51.46
C LEU LA 155 44.52 82.65 51.52
N VAL LA 156 43.86 82.63 50.36
CA VAL LA 156 42.57 81.96 50.22
C VAL LA 156 42.80 80.47 50.21
N PHE LA 157 41.87 79.71 50.83
CA PHE LA 157 41.78 78.24 50.68
C PHE LA 157 40.34 77.89 50.28
N GLN LA 158 40.12 77.62 49.00
CA GLN LA 158 38.87 77.03 48.52
C GLN LA 158 38.84 75.58 48.94
N ILE LA 159 37.90 75.25 49.83
CA ILE LA 159 37.71 73.90 50.29
C ILE LA 159 36.37 73.34 49.86
N GLY LA 160 35.29 74.06 50.12
CA GLY LA 160 33.97 73.50 49.90
C GLY LA 160 33.72 73.20 48.44
N ALA LA 161 33.05 72.06 48.20
CA ALA LA 161 32.70 71.68 46.84
C ALA LA 161 31.76 72.71 46.21
N ASN LA 162 31.08 73.49 47.02
CA ASN LA 162 30.20 74.56 46.56
C ASN LA 162 30.98 75.86 46.42
N ALA LA 163 30.48 76.73 45.56
CA ALA LA 163 31.16 77.98 45.26
C ALA LA 163 31.22 78.90 46.47
N THR LA 164 32.27 79.71 46.52
CA THR LA 164 32.56 80.73 47.54
C THR LA 164 33.00 80.12 48.86
N GLN LA 165 33.01 78.80 49.01
CA GLN LA 165 33.33 78.19 50.28
C GLN LA 165 34.83 78.25 50.52
N GLN LA 166 35.31 79.44 50.86
CA GLN LA 166 36.73 79.71 50.94
C GLN LA 166 37.14 80.18 52.33
N ILE LA 167 38.40 79.95 52.64
CA ILE LA 167 38.99 80.37 53.89
C ILE LA 167 40.02 81.46 53.62
N SER LA 168 39.96 82.54 54.39
CA SER LA 168 40.85 83.70 54.24
C SER LA 168 41.86 83.68 55.39
N VAL LA 169 43.15 83.60 55.03
CA VAL LA 169 44.23 83.51 56.00
C VAL LA 169 45.21 84.64 55.76
N ASN LA 170 45.94 85.01 56.83
CA ASN LA 170 46.87 86.12 56.79
C ASN LA 170 48.28 85.72 57.22
N ILE LA 171 49.25 86.06 56.38
CA ILE LA 171 50.68 85.98 56.65
C ILE LA 171 51.16 87.42 56.82
N GLU LA 172 51.88 87.72 57.92
CA GLU LA 172 52.59 89.00 57.98
C GLU LA 172 53.94 88.98 58.69
N ASP LA 173 54.43 87.84 59.14
CA ASP LA 173 55.62 87.83 59.98
C ASP LA 173 56.89 87.72 59.13
N MET LA 174 57.99 88.20 59.71
CA MET LA 174 59.32 88.12 59.12
C MET LA 174 60.30 88.67 60.15
N GLY LA 175 61.59 88.57 59.83
CA GLY LA 175 62.61 89.06 60.74
C GLY LA 175 62.50 90.53 61.03
N ALA LA 176 62.14 91.33 60.04
CA ALA LA 176 61.96 92.76 60.26
C ALA LA 176 60.64 93.11 60.94
N ASP LA 177 59.82 92.12 61.26
CA ASP LA 177 58.50 92.35 61.87
C ASP LA 177 58.58 92.04 63.36
N ALA LA 178 58.82 93.08 64.18
CA ALA LA 178 59.04 92.85 65.61
C ALA LA 178 58.06 93.56 66.55
N LEU LA 179 58.19 94.87 66.71
CA LEU LA 179 57.17 95.65 67.42
C LEU LA 179 56.38 96.37 66.34
N GLY LA 180 55.27 95.75 65.96
CA GLY LA 180 54.40 96.34 64.98
C GLY LA 180 53.58 97.43 65.62
N ILE LA 181 54.20 98.57 65.92
CA ILE LA 181 53.46 99.70 66.46
C ILE LA 181 52.28 100.01 65.55
N LYS LA 182 52.55 100.19 64.27
CA LYS LA 182 51.59 100.23 63.17
C LYS LA 182 52.21 99.52 61.97
N GLU LA 183 53.48 99.88 61.76
CA GLU LA 183 54.41 99.34 60.81
C GLU LA 183 55.77 99.37 61.51
N ALA LA 184 56.84 99.21 60.76
CA ALA LA 184 58.17 99.41 61.35
C ALA LA 184 58.35 100.89 61.68
N ASP LA 185 58.69 101.17 62.93
CA ASP LA 185 58.87 102.56 63.33
C ASP LA 185 60.16 103.10 62.71
N GLY LA 186 61.28 102.48 63.06
CA GLY LA 186 62.58 102.93 62.58
C GLY LA 186 63.68 102.14 63.23
N SER LA 187 64.67 102.84 63.77
CA SER LA 187 65.72 102.16 64.53
C SER LA 187 65.13 101.35 65.67
N ILE LA 188 64.02 101.83 66.24
CA ILE LA 188 63.29 101.09 67.23
C ILE LA 188 62.14 100.37 66.56
N ALA LA 189 61.54 99.44 67.29
CA ALA LA 189 60.29 98.76 67.00
C ALA LA 189 60.36 97.71 65.89
N ALA LA 190 61.31 97.83 64.97
CA ALA LA 190 61.60 96.77 64.01
C ALA LA 190 63.09 96.50 63.91
N LEU LA 191 63.89 97.55 63.76
CA LEU LA 191 65.29 97.37 63.43
C LEU LA 191 66.13 97.00 64.63
N HIS LA 192 65.59 97.05 65.84
CA HIS LA 192 66.32 96.35 66.88
C HIS LA 192 66.31 94.85 66.62
N SER LA 193 65.23 94.35 66.01
CA SER LA 193 65.25 92.96 65.59
C SER LA 193 66.22 92.75 64.46
N VAL LA 194 66.34 93.74 63.57
CA VAL LA 194 67.23 93.61 62.42
C VAL LA 194 68.63 94.06 62.81
N ASN LA 195 68.77 95.32 63.20
CA ASN LA 195 70.10 95.91 63.38
C ASN LA 195 70.65 95.72 64.79
N ASP LA 196 69.81 95.44 65.79
CA ASP LA 196 70.30 95.18 67.14
C ASP LA 196 71.02 96.38 67.76
N LEU LA 197 70.25 97.39 68.17
CA LEU LA 197 70.77 98.64 68.71
C LEU LA 197 71.81 98.51 69.83
N ASP LA 198 71.93 97.36 70.49
CA ASP LA 198 72.87 97.19 71.61
C ASP LA 198 74.26 96.96 71.06
N VAL LA 199 74.96 98.06 70.74
CA VAL LA 199 76.31 97.98 70.20
C VAL LA 199 77.30 98.59 71.18
N THR LA 200 77.30 99.91 71.24
CA THR LA 200 77.92 100.72 72.28
C THR LA 200 77.01 101.83 72.74
N LYS LA 201 76.03 102.20 71.91
CA LYS LA 201 74.97 103.11 72.32
C LYS LA 201 74.34 102.66 73.62
N PHE LA 202 74.26 101.34 73.84
CA PHE LA 202 73.73 100.85 75.10
C PHE LA 202 74.62 101.26 76.26
N ALA LA 203 75.93 101.10 76.11
CA ALA LA 203 76.83 101.46 77.21
C ALA LA 203 76.73 102.94 77.52
N ASP LA 204 76.43 103.76 76.50
CA ASP LA 204 76.23 105.19 76.73
C ASP LA 204 75.02 105.43 77.61
N ASN LA 205 73.87 104.83 77.25
CA ASN LA 205 72.61 105.01 77.96
C ASN LA 205 72.02 103.63 78.20
N ALA LA 206 72.43 102.99 79.29
CA ALA LA 206 71.89 101.68 79.61
C ALA LA 206 70.42 101.75 79.98
N ALA LA 207 69.96 102.86 80.55
CA ALA LA 207 68.54 103.08 80.87
C ALA LA 207 68.03 104.46 80.49
N ASP LA 208 68.92 105.44 80.47
CA ASP LA 208 68.63 106.87 80.53
C ASP LA 208 67.64 107.45 79.52
N CYS LA 209 67.39 106.80 78.37
CA CYS LA 209 66.62 107.44 77.32
C CYS LA 209 65.57 106.55 76.67
N ALA LA 210 65.41 105.30 77.11
CA ALA LA 210 64.45 104.32 76.63
C ALA LA 210 64.72 103.82 75.21
N ASP LA 211 65.16 104.71 74.32
CA ASP LA 211 65.47 104.40 72.93
C ASP LA 211 66.57 103.36 72.83
N ILE LA 212 67.63 103.55 73.63
CA ILE LA 212 68.56 102.48 73.93
C ILE LA 212 68.56 102.11 75.41
N GLY LA 213 67.78 102.78 76.25
CA GLY LA 213 67.88 102.48 77.67
C GLY LA 213 67.34 101.14 78.12
N PHE LA 214 67.65 100.04 77.41
CA PHE LA 214 67.27 98.65 77.70
C PHE LA 214 65.78 98.34 77.60
N ASP LA 215 64.97 99.35 77.93
CA ASP LA 215 63.53 99.31 77.90
C ASP LA 215 63.01 99.04 76.52
N ALA LA 216 63.30 99.96 75.58
CA ALA LA 216 62.74 99.83 74.24
C ALA LA 216 63.16 98.53 73.61
N GLN LA 217 64.43 98.14 73.79
CA GLN LA 217 64.93 96.93 73.14
C GLN LA 217 64.19 95.73 73.65
N LEU LA 218 64.07 95.62 74.97
CA LEU LA 218 63.35 94.49 75.53
C LEU LA 218 61.90 94.51 75.08
N LYS LA 219 61.34 95.70 74.89
CA LYS LA 219 59.97 95.79 74.39
C LYS LA 219 59.87 95.33 72.94
N VAL LA 220 60.90 95.62 72.13
CA VAL LA 220 60.90 95.12 70.76
C VAL LA 220 60.88 93.61 70.78
N VAL LA 221 61.72 93.02 71.62
CA VAL LA 221 61.80 91.56 71.67
C VAL LA 221 60.48 91.00 72.16
N ASP LA 222 59.95 91.59 73.22
CA ASP LA 222 58.71 91.10 73.80
C ASP LA 222 57.57 91.17 72.80
N GLU LA 223 57.47 92.27 72.07
CA GLU LA 223 56.38 92.39 71.12
C GLU LA 223 56.63 91.50 69.92
N ALA LA 224 57.88 91.40 69.47
CA ALA LA 224 58.20 90.46 68.39
C ALA LA 224 57.71 89.07 68.74
N ILE LA 225 57.99 88.64 69.96
CA ILE LA 225 57.51 87.37 70.44
C ILE LA 225 55.99 87.35 70.43
N ASN LA 226 55.38 88.43 70.91
CA ASN LA 226 53.92 88.47 70.99
C ASN LA 226 53.29 88.39 69.61
N GLN LA 227 53.97 88.95 68.62
CA GLN LA 227 53.49 88.88 67.25
C GLN LA 227 53.67 87.49 66.68
N VAL LA 228 54.74 86.81 67.07
CA VAL LA 228 54.87 85.40 66.72
C VAL LA 228 53.76 84.60 67.39
N SER LA 229 53.50 84.89 68.65
CA SER LA 229 52.45 84.20 69.40
C SER LA 229 51.11 84.34 68.72
N SER LA 230 50.77 85.55 68.33
CA SER LA 230 49.48 85.79 67.71
C SER LA 230 49.45 85.26 66.28
N GLN LA 231 50.58 85.32 65.58
CA GLN LA 231 50.64 84.74 64.26
C GLN LA 231 50.41 83.25 64.32
N ARG LA 232 51.07 82.59 65.26
CA ARG LA 232 50.86 81.17 65.48
C ARG LA 232 49.47 80.90 66.01
N ALA LA 233 48.88 81.87 66.70
CA ALA LA 233 47.53 81.72 67.20
C ALA LA 233 46.54 81.67 66.06
N LYS LA 234 46.65 82.60 65.13
CA LYS LA 234 45.83 82.57 63.93
C LYS LA 234 46.08 81.27 63.17
N LEU LA 235 47.35 80.95 63.01
CA LEU LA 235 47.77 79.79 62.24
C LEU LA 235 47.14 78.52 62.80
N GLY LA 236 47.21 78.36 64.12
CA GLY LA 236 46.64 77.18 64.74
C GLY LA 236 45.14 77.22 64.80
N ALA LA 237 44.56 78.43 64.83
CA ALA LA 237 43.12 78.54 64.71
C ALA LA 237 42.67 77.91 63.41
N VAL LA 238 43.34 78.28 62.32
CA VAL LA 238 43.01 77.70 61.02
C VAL LA 238 43.31 76.21 61.01
N GLN LA 239 44.37 75.80 61.71
CA GLN LA 239 44.64 74.38 61.81
C GLN LA 239 43.45 73.64 62.38
N ASN LA 240 42.90 74.15 63.48
CA ASN LA 240 41.74 73.53 64.09
C ASN LA 240 40.57 73.55 63.12
N ARG LA 241 40.41 74.66 62.41
CA ARG LA 241 39.34 74.76 61.43
C ARG LA 241 39.42 73.63 60.42
N LEU LA 242 40.61 73.39 59.90
CA LEU LA 242 40.75 72.38 58.87
C LEU LA 242 40.63 70.99 59.46
N GLU LA 243 40.97 70.83 60.74
CA GLU LA 243 40.69 69.56 61.41
C GLU LA 243 39.19 69.28 61.37
N HIS LA 244 38.39 70.22 61.86
CA HIS LA 244 36.96 70.00 61.92
C HIS LA 244 36.33 69.99 60.55
N THR LA 245 36.90 70.76 59.63
CA THR LA 245 36.49 70.70 58.24
C THR LA 245 36.62 69.29 57.73
N ILE LA 246 37.82 68.71 57.85
CA ILE LA 246 38.06 67.38 57.33
C ILE LA 246 37.14 66.38 57.98
N ASN LA 247 36.91 66.53 59.28
CA ASN LA 247 35.99 65.60 59.92
C ASN LA 247 34.60 65.71 59.30
N ASN LA 248 34.17 66.94 59.00
CA ASN LA 248 32.91 67.12 58.28
C ASN LA 248 32.98 66.54 56.88
N LEU LA 249 34.07 66.78 56.17
CA LEU LA 249 34.20 66.32 54.80
C LEU LA 249 34.16 64.81 54.75
N SER LA 250 34.74 64.17 55.77
CA SER LA 250 34.76 62.72 55.85
C SER LA 250 33.38 62.18 56.12
N ALA LA 251 32.73 62.69 57.17
CA ALA LA 251 31.41 62.19 57.53
C ALA LA 251 30.39 62.50 56.44
N SER LA 252 30.38 63.75 55.99
CA SER LA 252 29.46 64.19 54.96
C SER LA 252 29.71 63.45 53.66
N GLY LA 253 30.99 63.27 53.33
CA GLY LA 253 31.33 62.52 52.14
C GLY LA 253 30.81 61.10 52.21
N GLU LA 254 30.99 60.45 53.35
CA GLU LA 254 30.45 59.12 53.55
C GLU LA 254 28.95 59.09 53.34
N ASN LA 255 28.24 59.95 54.07
CA ASN LA 255 26.78 59.99 53.97
C ASN LA 255 26.36 60.26 52.53
N LEU LA 256 27.17 61.02 51.81
CA LEU LA 256 26.83 61.38 50.44
C LEU LA 256 27.03 60.21 49.49
N THR LA 257 28.14 59.49 49.64
CA THR LA 257 28.33 58.30 48.81
C THR LA 257 27.29 57.25 49.13
N ALA LA 258 26.83 57.23 50.38
CA ALA LA 258 25.73 56.36 50.73
C ALA LA 258 24.45 56.81 50.06
N ALA LA 259 24.22 58.12 49.99
CA ALA LA 259 23.04 58.65 49.31
C ALA LA 259 23.04 58.23 47.85
N GLU LA 260 24.17 58.45 47.18
CA GLU LA 260 24.33 57.99 45.81
C GLU LA 260 24.04 56.49 45.73
N SER LA 261 24.65 55.74 46.65
CA SER LA 261 24.49 54.30 46.65
C SER LA 261 23.04 53.91 46.74
N ARG LA 262 22.25 54.69 47.48
CA ARG LA 262 20.82 54.45 47.52
C ARG LA 262 20.20 54.69 46.16
N ILE LA 263 20.65 55.74 45.46
CA ILE LA 263 20.14 55.94 44.11
C ILE LA 263 20.52 54.77 43.22
N ARG LA 264 21.80 54.39 43.24
CA ARG LA 264 22.29 53.28 42.43
C ARG LA 264 22.21 51.95 43.16
N ASP LA 265 21.45 51.86 44.26
CA ASP LA 265 21.32 50.63 45.02
C ASP LA 265 20.87 49.50 44.13
N VAL LA 266 21.76 48.55 43.87
CA VAL LA 266 21.37 47.29 43.24
C VAL LA 266 21.09 46.30 44.35
N ASP LA 267 19.86 45.83 44.41
CA ASP LA 267 19.55 44.63 45.20
C ASP LA 267 20.04 43.48 44.36
N MET LA 268 21.34 43.19 44.49
CA MET LA 268 21.99 42.20 43.64
C MET LA 268 21.30 40.85 43.74
N ALA LA 269 20.79 40.52 44.93
CA ALA LA 269 20.05 39.28 45.08
C ALA LA 269 18.76 39.32 44.29
N LYS LA 270 18.02 40.43 44.40
CA LYS LA 270 16.81 40.61 43.60
C LYS LA 270 17.13 40.46 42.12
N GLU LA 271 18.18 41.14 41.69
CA GLU LA 271 18.42 41.24 40.25
C GLU LA 271 18.93 39.93 39.68
N MET LA 272 19.69 39.17 40.47
CA MET LA 272 20.03 37.81 40.05
C MET LA 272 18.78 36.95 39.99
N SER LA 273 17.91 37.10 40.98
CA SER LA 273 16.68 36.32 41.01
C SER LA 273 15.81 36.64 39.80
N GLU LA 274 15.59 37.92 39.56
CA GLU LA 274 14.76 38.34 38.44
C GLU LA 274 15.41 37.94 37.14
N PHE LA 275 16.74 38.01 37.08
CA PHE LA 275 17.46 37.52 35.91
C PHE LA 275 17.11 36.07 35.64
N THR LA 276 17.27 35.25 36.67
CA THR LA 276 16.94 33.84 36.60
C THR LA 276 15.54 33.64 36.05
N LYS LA 277 14.57 34.33 36.65
CA LYS LA 277 13.19 34.22 36.23
C LYS LA 277 13.05 34.53 34.76
N ASN LA 278 13.64 35.64 34.32
CA ASN LA 278 13.46 36.04 32.94
C ASN LA 278 14.09 35.05 31.98
N ASN LA 279 15.18 34.39 32.38
CA ASN LA 279 15.71 33.30 31.57
C ASN LA 279 14.69 32.21 31.44
N ILE LA 280 14.17 31.76 32.58
CA ILE LA 280 13.17 30.70 32.61
C ILE LA 280 12.02 31.05 31.67
N LEU LA 281 11.53 32.28 31.80
CA LEU LA 281 10.36 32.71 31.06
C LEU LA 281 10.63 32.76 29.57
N SER LA 282 11.81 33.25 29.20
CA SER LA 282 12.18 33.24 27.78
C SER LA 282 12.18 31.82 27.25
N GLN LA 283 12.85 30.91 27.95
CA GLN LA 283 12.98 29.54 27.49
C GLN LA 283 11.62 28.87 27.36
N ALA LA 284 10.77 29.07 28.36
CA ALA LA 284 9.43 28.50 28.34
C ALA LA 284 8.66 29.01 27.14
N SER LA 285 8.70 30.33 26.93
CA SER LA 285 7.97 30.91 25.82
C SER LA 285 8.46 30.35 24.49
N GLN LA 286 9.76 30.15 24.36
CA GLN LA 286 10.27 29.59 23.10
C GLN LA 286 9.81 28.16 22.91
N ALA LA 287 9.79 27.37 23.99
CA ALA LA 287 9.23 26.03 23.88
C ALA LA 287 7.80 26.08 23.38
N MET LA 288 7.04 27.03 23.88
CA MET LA 288 5.68 27.15 23.40
C MET LA 288 5.64 27.61 21.95
N LEU LA 289 6.61 28.41 21.50
CA LEU LA 289 6.62 28.79 20.10
C LEU LA 289 6.90 27.58 19.22
N ALA LA 290 7.78 26.69 19.68
CA ALA LA 290 7.97 25.44 18.99
C ALA LA 290 6.65 24.70 18.88
N GLN LA 291 5.94 24.58 20.01
CA GLN LA 291 4.65 23.89 19.99
C GLN LA 291 3.66 24.55 19.04
N ALA LA 292 3.69 25.88 18.98
CA ALA LA 292 2.85 26.60 18.03
C ALA LA 292 3.19 26.22 16.61
N ASN LA 293 4.46 25.88 16.37
CA ASN LA 293 4.84 25.39 15.06
C ASN LA 293 4.56 23.90 14.90
N GLN LA 294 4.37 23.17 16.00
CA GLN LA 294 4.11 21.72 15.90
C GLN LA 294 2.65 21.45 15.58
N GLN LA 295 1.74 22.13 16.27
CA GLN LA 295 0.32 21.91 16.06
C GLN LA 295 -0.12 21.96 14.60
N PRO LA 296 0.19 22.99 13.82
CA PRO LA 296 -0.27 22.99 12.43
C PRO LA 296 0.35 21.89 11.58
N GLN LA 297 1.45 21.27 12.01
CA GLN LA 297 1.98 20.12 11.29
C GLN LA 297 1.11 18.90 11.51
N ASN LA 298 0.75 18.71 12.77
CA ASN LA 298 -0.24 17.69 13.11
C ASN LA 298 -1.49 17.90 12.27
N VAL LA 299 -1.92 19.15 12.16
CA VAL LA 299 -3.06 19.49 11.33
C VAL LA 299 -2.81 19.07 9.89
N LEU LA 300 -1.62 19.37 9.38
CA LEU LA 300 -1.31 19.05 7.99
C LEU LA 300 -1.50 17.57 7.72
N GLN LA 301 -0.91 16.73 8.55
CA GLN LA 301 -1.07 15.29 8.36
C GLN LA 301 -2.54 14.90 8.49
N LEU LA 302 -3.17 15.35 9.57
CA LEU LA 302 -4.51 14.89 9.90
C LEU LA 302 -5.53 15.29 8.83
N LEU LA 303 -5.30 16.41 8.17
CA LEU LA 303 -6.16 16.89 7.10
C LEU LA 303 -5.52 16.72 5.73
N ARG LA 304 -4.69 15.71 5.59
CA ARG LA 304 -4.15 15.37 4.28
C ARG LA 304 -5.04 14.33 3.62
N ILE MA 3 -119.24 -47.00 -109.99
CA ILE MA 3 -119.17 -45.58 -109.53
C ILE MA 3 -117.73 -45.09 -109.40
N ASN MA 4 -116.88 -45.55 -110.31
CA ASN MA 4 -115.44 -45.32 -110.20
C ASN MA 4 -115.11 -43.83 -110.03
N HIS MA 5 -115.77 -42.99 -110.80
CA HIS MA 5 -115.50 -41.55 -110.79
C HIS MA 5 -115.94 -40.86 -109.50
N ASN MA 6 -116.63 -41.55 -108.60
CA ASN MA 6 -117.10 -40.97 -107.36
C ASN MA 6 -116.29 -41.39 -106.15
N ILE MA 7 -115.36 -42.33 -106.29
CA ILE MA 7 -114.62 -42.88 -105.15
C ILE MA 7 -113.24 -42.26 -105.15
N ALA MA 8 -112.91 -41.64 -104.04
CA ALA MA 8 -111.55 -41.15 -103.80
C ALA MA 8 -111.13 -41.35 -102.37
N ALA MA 9 -111.90 -42.08 -101.57
CA ALA MA 9 -111.66 -42.20 -100.14
C ALA MA 9 -111.56 -40.82 -99.51
N LEU MA 10 -112.57 -40.00 -99.80
CA LEU MA 10 -112.49 -38.60 -99.42
C LEU MA 10 -112.36 -38.42 -97.92
N ASN MA 11 -112.82 -39.37 -97.13
CA ASN MA 11 -112.56 -39.31 -95.69
C ASN MA 11 -111.07 -39.45 -95.44
N THR MA 12 -110.40 -40.30 -96.22
CA THR MA 12 -108.95 -40.37 -96.11
C THR MA 12 -108.34 -39.03 -96.48
N LEU MA 13 -108.90 -38.36 -97.48
CA LEU MA 13 -108.35 -37.08 -97.90
C LEU MA 13 -108.52 -36.06 -96.80
N ASN MA 14 -109.66 -36.09 -96.14
CA ASN MA 14 -109.91 -35.20 -95.03
C ASN MA 14 -108.93 -35.47 -93.89
N ARG MA 15 -108.68 -36.76 -93.62
CA ARG MA 15 -107.65 -37.11 -92.64
C ARG MA 15 -106.31 -36.60 -93.09
N LEU MA 16 -106.09 -36.56 -94.39
CA LEU MA 16 -104.80 -36.11 -94.87
C LEU MA 16 -104.59 -34.66 -94.55
N SER MA 17 -105.56 -33.83 -94.92
CA SER MA 17 -105.48 -32.42 -94.60
C SER MA 17 -105.27 -32.21 -93.11
N SER MA 18 -106.04 -32.94 -92.31
CA SER MA 18 -105.91 -32.85 -90.86
C SER MA 18 -104.51 -33.18 -90.41
N ASN MA 19 -103.96 -34.29 -90.90
CA ASN MA 19 -102.66 -34.76 -90.45
C ASN MA 19 -101.56 -33.80 -90.86
N ASN MA 20 -101.67 -33.24 -92.06
CA ASN MA 20 -100.66 -32.30 -92.52
C ASN MA 20 -100.65 -31.06 -91.64
N SER MA 21 -101.83 -30.54 -91.34
CA SER MA 21 -101.87 -29.40 -90.44
C SER MA 21 -101.37 -29.78 -89.06
N ALA MA 22 -101.67 -31.01 -88.62
CA ALA MA 22 -101.25 -31.46 -87.29
C ALA MA 22 -99.74 -31.45 -87.17
N SER MA 23 -99.07 -32.16 -88.08
CA SER MA 23 -97.61 -32.20 -88.04
C SER MA 23 -97.04 -30.81 -88.20
N GLN MA 24 -97.67 -29.97 -89.03
CA GLN MA 24 -97.23 -28.59 -89.17
C GLN MA 24 -97.23 -27.89 -87.83
N LYS MA 25 -98.33 -28.00 -87.09
CA LYS MA 25 -98.44 -27.35 -85.79
C LYS MA 25 -97.37 -27.85 -84.85
N ASN MA 26 -97.14 -29.16 -84.85
CA ASN MA 26 -96.08 -29.74 -84.04
C ASN MA 26 -94.75 -29.05 -84.34
N MET MA 27 -94.39 -28.95 -85.61
CA MET MA 27 -93.13 -28.28 -85.98
C MET MA 27 -93.08 -26.88 -85.44
N GLU MA 28 -94.11 -26.10 -85.75
CA GLU MA 28 -94.15 -24.70 -85.41
C GLU MA 28 -93.90 -24.50 -83.94
N LYS MA 29 -94.49 -25.35 -83.11
CA LYS MA 29 -94.22 -25.27 -81.69
C LYS MA 29 -92.80 -25.73 -81.38
N LEU MA 30 -92.36 -26.81 -82.03
CA LEU MA 30 -91.02 -27.32 -81.81
C LEU MA 30 -89.97 -26.30 -82.22
N SER MA 31 -90.12 -25.77 -83.43
CA SER MA 31 -89.17 -24.81 -83.95
C SER MA 31 -89.10 -23.57 -83.09
N SER MA 32 -90.26 -23.03 -82.75
CA SER MA 32 -90.31 -21.83 -81.95
C SER MA 32 -90.07 -22.10 -80.48
N GLY MA 33 -90.21 -23.34 -80.05
CA GLY MA 33 -90.09 -23.63 -78.63
C GLY MA 33 -91.27 -23.08 -77.86
N LEU MA 34 -92.43 -22.98 -78.51
CA LEU MA 34 -93.61 -22.33 -77.95
C LEU MA 34 -94.74 -23.34 -77.93
N ARG MA 35 -95.21 -23.69 -76.75
CA ARG MA 35 -96.47 -24.39 -76.67
C ARG MA 35 -97.61 -23.41 -76.91
N ILE MA 36 -97.40 -22.15 -76.55
CA ILE MA 36 -98.38 -21.13 -76.82
C ILE MA 36 -98.65 -21.05 -78.31
N ASN MA 37 -99.83 -20.58 -78.65
CA ASN MA 37 -100.20 -20.37 -80.03
C ASN MA 37 -99.84 -18.95 -80.44
N ARG MA 38 -99.58 -18.76 -81.72
CA ARG MA 38 -99.63 -17.42 -82.27
C ARG MA 38 -101.06 -16.92 -82.29
N ALA MA 39 -101.99 -17.79 -82.63
CA ALA MA 39 -103.40 -17.48 -82.65
C ALA MA 39 -103.93 -17.33 -81.23
N GLY MA 40 -105.06 -16.65 -81.13
CA GLY MA 40 -105.72 -16.40 -79.86
C GLY MA 40 -106.29 -17.61 -79.18
N ASP MA 41 -106.12 -18.80 -79.73
CA ASP MA 41 -106.54 -20.02 -79.07
C ASP MA 41 -105.84 -20.12 -77.72
N ASP MA 42 -106.65 -20.08 -76.65
CA ASP MA 42 -106.17 -19.87 -75.28
C ASP MA 42 -105.58 -18.47 -75.12
N ALA MA 43 -106.32 -17.47 -75.58
CA ALA MA 43 -105.92 -16.08 -75.36
C ALA MA 43 -105.85 -15.75 -73.88
N ALA MA 44 -106.53 -16.51 -73.02
CA ALA MA 44 -106.34 -16.35 -71.59
C ALA MA 44 -104.88 -16.57 -71.23
N GLY MA 45 -104.38 -17.79 -71.44
CA GLY MA 45 -103.00 -18.10 -71.11
C GLY MA 45 -102.02 -17.20 -71.84
N LEU MA 46 -102.34 -16.85 -73.09
CA LEU MA 46 -101.48 -15.94 -73.83
C LEU MA 46 -101.38 -14.61 -73.12
N ALA MA 47 -102.53 -13.94 -72.95
CA ALA MA 47 -102.56 -12.63 -72.32
C ALA MA 47 -101.91 -12.65 -70.95
N ILE MA 48 -102.03 -13.77 -70.24
CA ILE MA 48 -101.29 -13.91 -69.00
C ILE MA 48 -99.81 -13.81 -69.28
N SER MA 49 -99.29 -14.68 -70.15
CA SER MA 49 -97.84 -14.72 -70.37
C SER MA 49 -97.34 -13.39 -70.92
N GLU MA 50 -98.19 -12.70 -71.67
CA GLU MA 50 -97.89 -11.35 -72.09
C GLU MA 50 -97.67 -10.46 -70.89
N LYS MA 51 -98.61 -10.49 -69.95
CA LYS MA 51 -98.48 -9.70 -68.73
C LYS MA 51 -97.28 -10.14 -67.93
N MET MA 52 -97.03 -11.44 -67.89
CA MET MA 52 -95.86 -11.98 -67.21
C MET MA 52 -94.62 -11.34 -67.77
N ARG MA 53 -94.41 -11.46 -69.07
CA ARG MA 53 -93.22 -10.92 -69.71
C ARG MA 53 -93.09 -9.43 -69.50
N GLY MA 54 -94.22 -8.73 -69.52
CA GLY MA 54 -94.19 -7.32 -69.18
C GLY MA 54 -93.57 -7.11 -67.81
N GLN MA 55 -94.01 -7.92 -66.84
CA GLN MA 55 -93.44 -7.80 -65.50
C GLN MA 55 -92.01 -8.31 -65.45
N ILE MA 56 -91.70 -9.43 -66.12
CA ILE MA 56 -90.34 -9.98 -66.15
C ILE MA 56 -89.37 -8.91 -66.61
N ARG MA 57 -89.62 -8.41 -67.81
CA ARG MA 57 -88.76 -7.38 -68.38
C ARG MA 57 -88.69 -6.18 -67.47
N GLY MA 58 -89.83 -5.83 -66.84
CA GLY MA 58 -89.81 -4.75 -65.88
C GLY MA 58 -88.97 -5.07 -64.65
N LEU MA 59 -88.83 -6.34 -64.32
CA LEU MA 59 -88.00 -6.75 -63.19
C LEU MA 59 -86.54 -6.74 -63.57
N GLU MA 60 -86.23 -7.04 -64.83
CA GLU MA 60 -84.88 -6.93 -65.31
C GLU MA 60 -84.42 -5.48 -65.26
N MET MA 61 -85.25 -4.59 -65.79
CA MET MA 61 -84.94 -3.17 -65.69
C MET MA 61 -85.05 -2.66 -64.26
N ALA MA 62 -85.81 -3.36 -63.43
CA ALA MA 62 -85.87 -3.01 -62.01
C ALA MA 62 -84.55 -3.30 -61.34
N SER MA 63 -84.01 -4.49 -61.60
CA SER MA 63 -82.71 -4.84 -61.08
C SER MA 63 -81.68 -3.86 -61.56
N LYS MA 64 -81.72 -3.55 -62.85
CA LYS MA 64 -80.85 -2.52 -63.40
C LYS MA 64 -80.97 -1.22 -62.61
N ASN MA 65 -82.19 -0.72 -62.44
CA ASN MA 65 -82.38 0.57 -61.77
C ASN MA 65 -81.90 0.51 -60.33
N SER MA 66 -82.09 -0.62 -59.67
CA SER MA 66 -81.70 -0.73 -58.27
C SER MA 66 -80.19 -0.80 -58.13
N GLN MA 67 -79.54 -1.53 -59.02
CA GLN MA 67 -78.09 -1.56 -59.04
C GLN MA 67 -77.55 -0.16 -59.28
N ASP MA 68 -78.20 0.57 -60.17
CA ASP MA 68 -77.81 1.96 -60.41
C ASP MA 68 -78.00 2.80 -59.15
N GLY MA 69 -79.12 2.56 -58.45
CA GLY MA 69 -79.29 3.12 -57.12
C GLY MA 69 -78.09 2.88 -56.24
N ILE MA 70 -77.64 1.63 -56.22
CA ILE MA 70 -76.51 1.26 -55.39
C ILE MA 70 -75.27 2.01 -55.80
N SER MA 71 -75.07 2.18 -57.11
CA SER MA 71 -73.90 2.89 -57.59
C SER MA 71 -73.90 4.31 -57.07
N LEU MA 72 -75.05 4.97 -57.16
CA LEU MA 72 -75.20 6.30 -56.59
C LEU MA 72 -74.87 6.29 -55.11
N ILE MA 73 -75.47 5.33 -54.39
CA ILE MA 73 -75.29 5.24 -52.95
C ILE MA 73 -73.81 5.16 -52.61
N GLN MA 74 -73.13 4.16 -53.14
CA GLN MA 74 -71.74 3.92 -52.79
C GLN MA 74 -70.84 5.06 -53.19
N THR MA 75 -71.19 5.75 -54.28
CA THR MA 75 -70.48 6.97 -54.62
C THR MA 75 -70.54 7.97 -53.46
N ALA MA 76 -71.76 8.35 -53.11
CA ALA MA 76 -71.95 9.33 -52.04
C ALA MA 76 -71.37 8.80 -50.73
N GLU MA 77 -71.52 7.50 -50.51
CA GLU MA 77 -71.05 6.84 -49.31
C GLU MA 77 -69.55 7.03 -49.15
N GLY MA 78 -68.78 6.64 -50.15
CA GLY MA 78 -67.33 6.78 -50.06
C GLY MA 78 -66.93 8.23 -49.90
N ALA MA 79 -67.66 9.11 -50.58
CA ALA MA 79 -67.37 10.53 -50.45
C ALA MA 79 -67.58 11.00 -49.02
N LEU MA 80 -68.67 10.56 -48.38
CA LEU MA 80 -68.94 10.95 -47.01
C LEU MA 80 -67.99 10.30 -46.04
N THR MA 81 -67.49 9.11 -46.38
CA THR MA 81 -66.46 8.50 -45.56
C THR MA 81 -65.21 9.35 -45.56
N GLU MA 82 -64.82 9.85 -46.74
CA GLU MA 82 -63.65 10.71 -46.79
C GLU MA 82 -63.91 12.02 -46.06
N THR MA 83 -65.10 12.59 -46.25
CA THR MA 83 -65.49 13.79 -45.52
C THR MA 83 -65.31 13.56 -44.04
N HIS MA 84 -65.81 12.43 -43.58
CA HIS MA 84 -65.72 12.08 -42.17
C HIS MA 84 -64.28 12.02 -41.71
N ALA MA 85 -63.43 11.35 -42.49
CA ALA MA 85 -62.02 11.27 -42.15
C ALA MA 85 -61.42 12.66 -42.01
N ILE MA 86 -61.77 13.56 -42.92
CA ILE MA 86 -61.34 14.94 -42.77
C ILE MA 86 -61.80 15.47 -41.43
N LEU MA 87 -63.08 15.27 -41.11
CA LEU MA 87 -63.62 15.83 -39.88
C LEU MA 87 -62.89 15.29 -38.65
N GLN MA 88 -62.40 14.06 -38.72
CA GLN MA 88 -61.52 13.57 -37.67
C GLN MA 88 -60.28 14.43 -37.58
N ARG MA 89 -59.67 14.71 -38.74
CA ARG MA 89 -58.51 15.59 -38.72
C ARG MA 89 -58.88 16.96 -38.18
N VAL MA 90 -60.07 17.44 -38.54
CA VAL MA 90 -60.51 18.73 -38.06
C VAL MA 90 -60.51 18.75 -36.55
N ARG MA 91 -61.14 17.74 -35.94
CA ARG MA 91 -61.21 17.74 -34.48
C ARG MA 91 -59.83 17.64 -33.86
N GLU MA 92 -58.90 16.91 -34.51
CA GLU MA 92 -57.53 16.97 -34.06
C GLU MA 92 -57.06 18.42 -34.03
N LEU MA 93 -57.38 19.15 -35.09
CA LEU MA 93 -56.98 20.54 -35.16
C LEU MA 93 -57.82 21.43 -34.26
N VAL MA 94 -58.99 20.95 -33.80
CA VAL MA 94 -59.74 21.69 -32.80
C VAL MA 94 -59.07 21.58 -31.46
N VAL MA 95 -58.67 20.36 -31.10
CA VAL MA 95 -58.04 20.15 -29.82
C VAL MA 95 -56.70 20.86 -29.78
N GLN MA 96 -55.97 20.84 -30.89
CA GLN MA 96 -54.80 21.70 -30.96
C GLN MA 96 -55.23 23.17 -30.95
N ALA MA 97 -56.37 23.47 -31.56
CA ALA MA 97 -56.93 24.82 -31.56
C ALA MA 97 -57.70 25.11 -30.30
N GLY MA 98 -57.48 24.29 -29.28
CA GLY MA 98 -57.47 24.81 -27.94
C GLY MA 98 -56.27 25.64 -27.62
N ASN MA 99 -55.42 25.96 -28.61
CA ASN MA 99 -54.31 26.90 -28.48
C ASN MA 99 -53.20 26.27 -27.63
N THR MA 100 -53.31 24.95 -27.44
CA THR MA 100 -52.66 24.29 -26.32
C THR MA 100 -52.86 25.17 -25.09
N GLY MA 101 -54.12 25.52 -24.86
CA GLY MA 101 -54.40 26.45 -23.79
C GLY MA 101 -54.19 27.89 -24.19
N THR MA 102 -53.01 28.40 -23.84
CA THR MA 102 -52.52 29.68 -24.34
C THR MA 102 -51.16 29.56 -25.01
N GLN MA 103 -50.59 28.35 -25.04
CA GLN MA 103 -49.20 28.21 -25.41
C GLN MA 103 -48.96 28.53 -26.87
N ASP MA 104 -49.88 28.15 -27.74
CA ASP MA 104 -49.74 28.53 -29.13
C ASP MA 104 -49.96 30.04 -29.20
N LYS MA 105 -49.33 30.66 -30.20
CA LYS MA 105 -49.49 32.10 -30.42
C LYS MA 105 -50.48 32.32 -31.56
N ALA MA 106 -50.75 33.60 -31.84
CA ALA MA 106 -51.72 33.94 -32.87
C ALA MA 106 -51.30 33.39 -34.23
N THR MA 107 -50.01 33.46 -34.54
CA THR MA 107 -49.51 32.90 -35.79
C THR MA 107 -49.69 31.40 -35.83
N ASP MA 108 -49.49 30.73 -34.70
CA ASP MA 108 -49.71 29.29 -34.66
C ASP MA 108 -51.15 28.96 -34.97
N LEU MA 109 -52.09 29.69 -34.34
CA LEU MA 109 -53.49 29.51 -34.64
C LEU MA 109 -53.80 29.82 -36.11
N GLN MA 110 -53.05 30.75 -36.70
CA GLN MA 110 -53.26 31.05 -38.11
C GLN MA 110 -52.70 29.95 -38.99
N SER MA 111 -51.59 29.34 -38.59
CA SER MA 111 -51.07 28.20 -39.32
C SER MA 111 -52.09 27.06 -39.30
N ILE MA 112 -52.62 26.78 -38.11
CA ILE MA 112 -53.68 25.79 -37.98
C ILE MA 112 -54.86 26.18 -38.85
N GLN MA 113 -55.28 27.44 -38.76
CA GLN MA 113 -56.46 27.89 -39.49
C GLN MA 113 -56.25 27.81 -40.99
N ASP MA 114 -55.03 28.04 -41.44
CA ASP MA 114 -54.71 27.82 -42.85
C ASP MA 114 -54.94 26.36 -43.20
N GLY MA 115 -54.46 25.46 -42.34
CA GLY MA 115 -54.73 24.05 -42.57
C GLY MA 115 -56.21 23.73 -42.57
N ILE MA 116 -56.97 24.35 -41.67
CA ILE MA 116 -58.38 24.01 -41.57
C ILE MA 116 -59.15 24.56 -42.76
N SER MA 117 -58.87 25.80 -43.14
CA SER MA 117 -59.54 26.37 -44.29
C SER MA 117 -59.20 25.60 -45.55
N ALA MA 118 -57.98 25.08 -45.61
CA ALA MA 118 -57.61 24.13 -46.64
C ALA MA 118 -58.50 22.90 -46.58
N LEU MA 119 -58.74 22.38 -45.38
CA LEU MA 119 -59.61 21.22 -45.23
C LEU MA 119 -61.04 21.55 -45.63
N THR MA 120 -61.51 22.75 -45.26
CA THR MA 120 -62.81 23.22 -45.71
C THR MA 120 -62.90 23.15 -47.21
N ASP MA 121 -61.89 23.71 -47.88
CA ASP MA 121 -61.88 23.70 -49.33
C ASP MA 121 -61.92 22.29 -49.87
N GLU MA 122 -61.34 21.34 -49.13
CA GLU MA 122 -61.44 19.96 -49.55
C GLU MA 122 -62.82 19.39 -49.31
N ILE MA 123 -63.45 19.72 -48.19
CA ILE MA 123 -64.80 19.23 -47.92
C ILE MA 123 -65.74 19.78 -48.97
N ASP MA 124 -65.67 21.09 -49.22
CA ASP MA 124 -66.43 21.70 -50.29
C ASP MA 124 -66.11 21.05 -51.61
N GLY MA 125 -64.85 20.66 -51.81
CA GLY MA 125 -64.49 19.94 -53.02
C GLY MA 125 -65.19 18.61 -53.11
N ILE MA 126 -65.28 17.89 -51.99
CA ILE MA 126 -66.04 16.65 -51.97
C ILE MA 126 -67.47 16.93 -52.37
N SER MA 127 -68.12 17.83 -51.64
CA SER MA 127 -69.54 18.06 -51.83
C SER MA 127 -69.86 18.70 -53.18
N ASN MA 128 -68.84 19.27 -53.85
CA ASN MA 128 -69.03 19.92 -55.14
C ASN MA 128 -68.29 19.20 -56.27
N ARG MA 129 -67.80 17.99 -56.01
CA ARG MA 129 -67.23 17.15 -57.06
C ARG MA 129 -67.94 15.80 -57.11
N THR MA 130 -68.54 15.40 -56.00
CA THR MA 130 -69.27 14.14 -55.99
C THR MA 130 -70.51 14.30 -56.83
N GLU MA 131 -70.39 13.92 -58.10
CA GLU MA 131 -71.49 13.92 -59.05
C GLU MA 131 -71.82 12.50 -59.46
N PHE MA 132 -73.09 12.27 -59.78
CA PHE MA 132 -73.49 11.08 -60.53
C PHE MA 132 -74.28 11.54 -61.74
N ASN MA 133 -73.72 11.31 -62.91
CA ASN MA 133 -74.36 11.71 -64.14
C ASN MA 133 -74.62 13.21 -64.11
N GLY MA 134 -73.63 13.94 -63.60
CA GLY MA 134 -73.71 15.36 -63.43
C GLY MA 134 -74.43 15.80 -62.18
N LYS MA 135 -75.30 14.96 -61.64
CA LYS MA 135 -76.06 15.32 -60.47
C LYS MA 135 -75.14 15.39 -59.28
N LYS MA 136 -74.91 16.58 -58.78
CA LYS MA 136 -74.01 16.76 -57.66
C LYS MA 136 -74.65 16.10 -56.46
N LEU MA 137 -74.24 14.85 -56.21
CA LEU MA 137 -74.90 14.00 -55.23
C LEU MA 137 -74.74 14.52 -53.82
N LEU MA 138 -73.72 15.31 -53.56
CA LEU MA 138 -73.54 15.96 -52.28
C LEU MA 138 -73.78 17.46 -52.38
N ASP MA 139 -74.65 17.85 -53.30
CA ASP MA 139 -75.21 19.19 -53.26
C ASP MA 139 -76.06 19.27 -52.02
N GLY MA 140 -75.59 20.00 -51.01
CA GLY MA 140 -76.35 20.11 -49.78
C GLY MA 140 -77.71 20.75 -49.95
N THR MA 141 -77.92 21.45 -51.06
CA THR MA 141 -79.21 22.03 -51.41
C THR MA 141 -79.99 21.17 -52.38
N TYR MA 142 -79.57 19.92 -52.61
CA TYR MA 142 -80.31 19.05 -53.52
C TYR MA 142 -81.73 18.82 -53.01
N LYS MA 143 -81.85 18.16 -51.85
CA LYS MA 143 -83.14 17.84 -51.26
C LYS MA 143 -83.19 18.34 -49.82
N VAL MA 144 -83.01 19.65 -49.65
CA VAL MA 144 -83.44 20.25 -48.40
C VAL MA 144 -84.96 20.25 -48.41
N ASP MA 145 -85.56 19.43 -47.54
CA ASP MA 145 -87.02 19.30 -47.45
C ASP MA 145 -87.70 20.65 -47.33
N THR MA 146 -87.17 21.51 -46.44
CA THR MA 146 -87.53 22.92 -46.31
C THR MA 146 -88.89 23.14 -45.67
N ALA MA 147 -89.70 22.09 -45.53
CA ALA MA 147 -91.15 22.22 -45.44
C ALA MA 147 -91.73 22.88 -46.70
N THR MA 148 -91.08 22.67 -47.83
CA THR MA 148 -91.55 23.20 -49.12
C THR MA 148 -91.45 22.09 -50.14
N PRO MA 149 -92.55 21.40 -50.44
CA PRO MA 149 -92.52 20.37 -51.49
C PRO MA 149 -92.01 20.87 -52.83
N ALA MA 150 -92.30 22.13 -53.16
CA ALA MA 150 -91.91 22.68 -54.44
C ALA MA 150 -90.40 22.66 -54.64
N ASN MA 151 -89.63 22.75 -53.56
CA ASN MA 151 -88.18 22.80 -53.62
C ASN MA 151 -87.61 21.60 -52.88
N GLN MA 152 -87.59 20.43 -53.54
CA GLN MA 152 -86.98 19.24 -52.95
C GLN MA 152 -86.15 18.39 -53.90
N LYS MA 153 -86.45 18.31 -55.19
CA LYS MA 153 -85.72 17.39 -56.09
C LYS MA 153 -85.68 15.97 -55.52
N ASN MA 154 -86.82 15.48 -55.03
CA ASN MA 154 -86.89 14.20 -54.33
C ASN MA 154 -86.13 13.10 -55.06
N LEU MA 155 -85.14 12.50 -54.37
CA LEU MA 155 -84.30 11.50 -55.01
C LEU MA 155 -85.10 10.21 -55.13
N VAL MA 156 -86.02 10.23 -56.08
CA VAL MA 156 -86.90 9.09 -56.33
C VAL MA 156 -86.10 8.00 -57.00
N PHE MA 157 -86.40 6.73 -56.65
CA PHE MA 157 -85.92 5.55 -57.39
C PHE MA 157 -87.14 4.66 -57.71
N GLN MA 158 -87.62 4.73 -58.96
CA GLN MA 158 -88.61 3.78 -59.47
C GLN MA 158 -87.91 2.47 -59.71
N ILE MA 159 -88.30 1.46 -58.94
CA ILE MA 159 -87.77 0.12 -59.07
C ILE MA 159 -88.83 -0.87 -59.52
N GLY MA 160 -89.97 -0.90 -58.85
CA GLY MA 160 -90.93 -1.95 -59.11
C GLY MA 160 -91.49 -1.86 -60.51
N ALA MA 161 -91.67 -3.03 -61.13
CA ALA MA 161 -92.25 -3.10 -62.46
C ALA MA 161 -93.67 -2.53 -62.48
N ASN MA 162 -94.32 -2.50 -61.33
CA ASN MA 162 -95.65 -1.93 -61.18
C ASN MA 162 -95.55 -0.45 -60.84
N ALA MA 163 -96.61 0.28 -61.18
CA ALA MA 163 -96.62 1.73 -61.01
C ALA MA 163 -96.57 2.12 -59.53
N THR MA 164 -95.98 3.28 -59.28
CA THR MA 164 -95.82 3.94 -57.98
C THR MA 164 -94.79 3.25 -57.11
N GLN MA 165 -94.20 2.14 -57.53
CA GLN MA 165 -93.26 1.41 -56.70
C GLN MA 165 -91.93 2.13 -56.64
N GLN MA 166 -91.89 3.24 -55.90
CA GLN MA 166 -90.76 4.14 -55.90
C GLN MA 166 -90.18 4.28 -54.51
N ILE MA 167 -88.89 4.62 -54.48
CA ILE MA 167 -88.16 4.88 -53.26
C ILE MA 167 -87.82 6.35 -53.17
N SER MA 168 -88.06 6.95 -52.01
CA SER MA 168 -87.81 8.38 -51.77
C SER MA 168 -86.58 8.51 -50.88
N VAL MA 169 -85.56 9.20 -51.39
CA VAL MA 169 -84.28 9.36 -50.71
C VAL MA 169 -83.98 10.84 -50.56
N ASN MA 170 -83.17 11.17 -49.55
CA ASN MA 170 -82.84 12.55 -49.23
C ASN MA 170 -81.33 12.79 -49.18
N ILE MA 171 -80.91 13.81 -49.93
CA ILE MA 171 -79.56 14.37 -49.89
C ILE MA 171 -79.68 15.72 -49.19
N GLU MA 172 -78.84 16.00 -48.18
CA GLU MA 172 -78.74 17.35 -47.67
C GLU MA 172 -77.34 17.79 -47.21
N ASP MA 173 -76.31 16.96 -47.35
CA ASP MA 173 -75.03 17.29 -46.75
C ASP MA 173 -74.16 18.10 -47.73
N MET MA 174 -73.23 18.85 -47.14
CA MET MA 174 -72.24 19.65 -47.88
C MET MA 174 -71.31 20.26 -46.84
N GLY MA 175 -70.26 20.91 -47.34
CA GLY MA 175 -69.29 21.54 -46.46
C GLY MA 175 -69.89 22.59 -45.55
N ALA MA 176 -70.85 23.35 -46.05
CA ALA MA 176 -71.50 24.36 -45.23
C ALA MA 176 -72.56 23.77 -44.30
N ASP MA 177 -72.77 22.46 -44.31
CA ASP MA 177 -73.80 21.79 -43.52
C ASP MA 177 -73.14 21.12 -42.32
N ALA MA 178 -73.10 21.82 -41.17
CA ALA MA 178 -72.36 21.30 -40.01
C ALA MA 178 -73.19 21.10 -38.75
N LEU MA 179 -73.57 22.17 -38.07
CA LEU MA 179 -74.54 22.07 -36.97
C LEU MA 179 -75.86 22.59 -37.53
N GLY MA 180 -76.67 21.66 -37.98
CA GLY MA 180 -77.97 22.01 -38.51
C GLY MA 180 -78.90 22.27 -37.36
N ILE MA 181 -78.74 23.42 -36.69
CA ILE MA 181 -79.68 23.79 -35.63
C ILE MA 181 -81.10 23.74 -36.17
N LYS MA 182 -81.34 24.42 -37.28
CA LYS MA 182 -82.52 24.31 -38.12
C LYS MA 182 -82.08 24.44 -39.57
N GLU MA 183 -81.21 25.41 -39.76
CA GLU MA 183 -80.48 25.74 -40.97
C GLU MA 183 -79.11 26.23 -40.50
N ALA MA 184 -78.36 26.87 -41.38
CA ALA MA 184 -77.13 27.50 -40.95
C ALA MA 184 -77.46 28.68 -40.04
N ASP MA 185 -76.89 28.69 -38.84
CA ASP MA 185 -77.17 29.78 -37.92
C ASP MA 185 -76.49 31.05 -38.40
N GLY MA 186 -75.17 31.01 -38.50
CA GLY MA 186 -74.39 32.17 -38.91
C GLY MA 186 -72.91 31.87 -38.81
N SER MA 187 -72.17 32.76 -38.14
CA SER MA 187 -70.76 32.50 -37.89
C SER MA 187 -70.58 31.19 -37.13
N ILE MA 188 -71.54 30.86 -36.28
CA ILE MA 188 -71.57 29.58 -35.61
C ILE MA 188 -72.46 28.64 -36.38
N ALA MA 189 -72.38 27.36 -36.03
CA ALA MA 189 -73.25 26.26 -36.42
C ALA MA 189 -73.13 25.80 -37.87
N ALA MA 190 -72.65 26.66 -38.76
CA ALA MA 190 -72.28 26.26 -40.11
C ALA MA 190 -70.91 26.80 -40.51
N LEU MA 191 -70.71 28.10 -40.31
CA LEU MA 191 -69.53 28.77 -40.85
C LEU MA 191 -68.29 28.50 -40.04
N HIS MA 192 -68.37 27.89 -38.87
CA HIS MA 192 -67.14 27.37 -38.32
C HIS MA 192 -66.63 26.24 -39.19
N SER MA 193 -67.53 25.48 -39.81
CA SER MA 193 -67.10 24.49 -40.77
C SER MA 193 -66.54 25.16 -42.02
N VAL MA 194 -67.10 26.29 -42.40
CA VAL MA 194 -66.65 26.99 -43.59
C VAL MA 194 -65.51 27.93 -43.23
N ASN MA 195 -65.79 28.90 -42.36
CA ASN MA 195 -64.84 29.98 -42.13
C ASN MA 195 -63.83 29.67 -41.02
N ASP MA 196 -64.13 28.71 -40.14
CA ASP MA 196 -63.17 28.33 -39.10
C ASP MA 196 -62.85 29.46 -38.13
N LEU MA 197 -63.79 29.76 -37.24
CA LEU MA 197 -63.68 30.86 -36.28
C LEU MA 197 -62.39 30.93 -35.47
N ASP MA 198 -61.61 29.85 -35.37
CA ASP MA 198 -60.39 29.84 -34.56
C ASP MA 198 -59.26 30.52 -35.35
N VAL MA 199 -59.21 31.85 -35.24
CA VAL MA 199 -58.19 32.63 -35.93
C VAL MA 199 -57.28 33.32 -34.93
N THR MA 200 -57.81 34.36 -34.30
CA THR MA 200 -57.28 35.00 -33.12
C THR MA 200 -58.37 35.30 -32.12
N LYS MA 201 -59.62 35.37 -32.57
CA LYS MA 201 -60.77 35.45 -31.68
C LYS MA 201 -60.71 34.36 -30.63
N PHE MA 202 -60.18 33.18 -30.99
CA PHE MA 202 -60.03 32.13 -29.99
C PHE MA 202 -59.08 32.55 -28.89
N ALA MA 203 -57.92 33.12 -29.26
CA ALA MA 203 -56.97 33.51 -28.24
C ALA MA 203 -57.55 34.58 -27.32
N ASP MA 204 -58.45 35.40 -27.85
CA ASP MA 204 -59.14 36.39 -27.02
C ASP MA 204 -60.01 35.71 -25.97
N ASN MA 205 -60.86 34.76 -26.41
CA ASN MA 205 -61.79 34.05 -25.51
C ASN MA 205 -61.66 32.56 -25.81
N ALA MA 206 -60.69 31.92 -25.17
CA ALA MA 206 -60.53 30.49 -25.36
C ALA MA 206 -61.70 29.69 -24.81
N ALA MA 207 -62.38 30.19 -23.77
CA ALA MA 207 -63.57 29.55 -23.21
C ALA MA 207 -64.70 30.54 -22.90
N ASP MA 208 -64.33 31.78 -22.62
CA ASP MA 208 -65.14 32.77 -21.92
C ASP MA 208 -66.55 33.06 -22.45
N CYS MA 209 -66.86 32.77 -23.72
CA CYS MA 209 -68.12 33.23 -24.29
C CYS MA 209 -68.86 32.18 -25.12
N ALA MA 210 -68.35 30.96 -25.23
CA ALA MA 210 -68.92 29.84 -25.96
C ALA MA 210 -68.93 30.01 -27.47
N ASP MA 211 -69.19 31.23 -27.96
CA ASP MA 211 -69.24 31.56 -29.37
C ASP MA 211 -67.91 31.30 -30.04
N ILE MA 212 -66.84 31.73 -29.38
CA ILE MA 212 -65.50 31.25 -29.69
C ILE MA 212 -64.89 30.49 -28.51
N GLY MA 213 -65.56 30.36 -27.38
CA GLY MA 213 -64.90 29.74 -26.25
C GLY MA 213 -64.69 28.24 -26.35
N PHE MA 214 -64.19 27.73 -27.49
CA PHE MA 214 -63.86 26.33 -27.78
C PHE MA 214 -65.05 25.37 -27.80
N ASP MA 215 -66.04 25.67 -26.98
CA ASP MA 215 -67.27 24.93 -26.83
C ASP MA 215 -68.04 24.89 -28.12
N ALA MA 216 -68.46 26.07 -28.60
CA ALA MA 216 -69.31 26.10 -29.79
C ALA MA 216 -68.62 25.46 -30.96
N GLN MA 217 -67.33 25.72 -31.13
CA GLN MA 217 -66.60 25.20 -32.28
C GLN MA 217 -66.59 23.68 -32.24
N LEU MA 218 -66.23 23.12 -31.09
CA LEU MA 218 -66.21 21.67 -30.98
C LEU MA 218 -67.60 21.11 -31.18
N LYS MA 219 -68.63 21.86 -30.78
CA LYS MA 219 -69.99 21.40 -31.02
C LYS MA 219 -70.35 21.43 -32.50
N VAL MA 220 -69.84 22.43 -33.23
CA VAL MA 220 -70.07 22.45 -34.67
C VAL MA 220 -69.47 21.21 -35.29
N VAL MA 221 -68.24 20.90 -34.91
CA VAL MA 221 -67.57 19.75 -35.49
C VAL MA 221 -68.31 18.49 -35.11
N ASP MA 222 -68.68 18.36 -33.84
CA ASP MA 222 -69.35 17.16 -33.37
C ASP MA 222 -70.67 16.97 -34.10
N GLU MA 223 -71.44 18.03 -34.26
CA GLU MA 223 -72.72 17.88 -34.93
C GLU MA 223 -72.52 17.66 -36.41
N ALA MA 224 -71.56 18.34 -37.03
CA ALA MA 224 -71.23 18.09 -38.43
C ALA MA 224 -70.98 16.61 -38.64
N ILE MA 225 -70.17 16.02 -37.77
CA ILE MA 225 -69.93 14.59 -37.82
C ILE MA 225 -71.22 13.83 -37.64
N ASN MA 226 -72.03 14.25 -36.67
CA ASN MA 226 -73.28 13.53 -36.40
C ASN MA 226 -74.22 13.59 -37.59
N GLN MA 227 -74.19 14.68 -38.33
CA GLN MA 227 -74.99 14.83 -39.52
C GLN MA 227 -74.45 13.95 -40.64
N VAL MA 228 -73.13 13.81 -40.73
CA VAL MA 228 -72.55 12.84 -41.66
C VAL MA 228 -72.97 11.45 -41.25
N SER MA 229 -72.92 11.15 -39.97
CA SER MA 229 -73.29 9.84 -39.45
C SER MA 229 -74.72 9.49 -39.83
N SER MA 230 -75.63 10.43 -39.62
CA SER MA 230 -77.02 10.17 -39.92
C SER MA 230 -77.29 10.18 -41.41
N GLN MA 231 -76.56 11.00 -42.16
CA GLN MA 231 -76.70 10.98 -43.60
C GLN MA 231 -76.26 9.63 -44.15
N ARG MA 232 -75.12 9.14 -43.67
CA ARG MA 232 -74.66 7.82 -44.05
C ARG MA 232 -75.58 6.75 -43.51
N ALA MA 233 -76.26 7.03 -42.41
CA ALA MA 233 -77.20 6.06 -41.84
C ALA MA 233 -78.40 5.88 -42.76
N LYS MA 234 -78.97 6.99 -43.21
CA LYS MA 234 -80.03 6.92 -44.21
C LYS MA 234 -79.54 6.23 -45.46
N LEU MA 235 -78.36 6.66 -45.90
CA LEU MA 235 -77.77 6.18 -47.14
C LEU MA 235 -77.62 4.66 -47.10
N GLY MA 236 -77.08 4.15 -46.00
CA GLY MA 236 -76.89 2.72 -45.86
C GLY MA 236 -78.18 1.99 -45.60
N ALA MA 237 -79.15 2.66 -44.99
CA ALA MA 237 -80.47 2.07 -44.87
C ALA MA 237 -81.02 1.75 -46.24
N VAL MA 238 -80.92 2.72 -47.15
CA VAL MA 238 -81.38 2.49 -48.51
C VAL MA 238 -80.52 1.44 -49.19
N GLN MA 239 -79.23 1.41 -48.88
CA GLN MA 239 -78.39 0.36 -49.42
C GLN MA 239 -78.93 -1.01 -49.07
N ASN MA 240 -79.26 -1.20 -47.80
CA ASN MA 240 -79.81 -2.48 -47.38
C ASN MA 240 -81.12 -2.74 -48.08
N ARG MA 241 -81.95 -1.70 -48.22
CA ARG MA 241 -83.21 -1.85 -48.94
C ARG MA 241 -82.99 -2.40 -50.32
N LEU MA 242 -82.04 -1.84 -51.05
CA LEU MA 242 -81.84 -2.27 -52.41
C LEU MA 242 -81.19 -3.64 -52.45
N GLU MA 243 -80.43 -4.00 -51.42
CA GLU MA 243 -79.95 -5.37 -51.33
C GLU MA 243 -81.13 -6.33 -51.29
N HIS MA 244 -82.04 -6.12 -50.34
CA HIS MA 244 -83.16 -7.04 -50.20
C HIS MA 244 -84.12 -6.93 -51.36
N THR MA 245 -84.24 -5.74 -51.93
CA THR MA 245 -85.01 -5.56 -53.14
C THR MA 245 -84.47 -6.46 -54.22
N ILE MA 246 -83.17 -6.38 -54.51
CA ILE MA 246 -82.59 -7.17 -55.57
C ILE MA 246 -82.77 -8.64 -55.30
N ASN MA 247 -82.63 -9.05 -54.05
CA ASN MA 247 -82.83 -10.45 -53.73
C ASN MA 247 -84.26 -10.86 -54.07
N ASN MA 248 -85.22 -9.99 -53.78
CA ASN MA 248 -86.60 -10.24 -54.17
C ASN MA 248 -86.75 -10.24 -55.68
N LEU MA 249 -86.14 -9.28 -56.36
CA LEU MA 249 -86.27 -9.16 -57.80
C LEU MA 249 -85.70 -10.39 -58.49
N SER MA 250 -84.64 -10.93 -57.91
CA SER MA 250 -84.00 -12.12 -58.45
C SER MA 250 -84.87 -13.34 -58.27
N ALA MA 251 -85.30 -13.58 -57.03
CA ALA MA 251 -86.12 -14.75 -56.74
C ALA MA 251 -87.46 -14.67 -57.46
N SER MA 252 -88.12 -13.52 -57.33
CA SER MA 252 -89.41 -13.31 -57.96
C SER MA 252 -89.30 -13.37 -59.47
N GLY MA 253 -88.24 -12.77 -60.00
CA GLY MA 253 -88.02 -12.84 -61.43
C GLY MA 253 -87.87 -14.26 -61.90
N GLU MA 254 -87.09 -15.05 -61.17
CA GLU MA 254 -86.94 -16.46 -61.50
C GLU MA 254 -88.29 -17.17 -61.51
N ASN MA 255 -89.02 -17.07 -60.39
CA ASN MA 255 -90.31 -17.73 -60.29
C ASN MA 255 -91.24 -17.27 -61.40
N LEU MA 256 -91.08 -16.02 -61.84
CA LEU MA 256 -91.95 -15.47 -62.86
C LEU MA 256 -91.61 -16.02 -64.23
N THR MA 257 -90.32 -16.10 -64.55
CA THR MA 257 -89.92 -16.71 -65.82
C THR MA 257 -90.29 -18.17 -65.84
N ALA MA 258 -90.29 -18.81 -64.68
CA ALA MA 258 -90.76 -20.18 -64.59
C ALA MA 258 -92.26 -20.24 -64.84
N ALA MA 259 -93.00 -19.27 -64.31
CA ALA MA 259 -94.44 -19.21 -64.55
C ALA MA 259 -94.73 -19.10 -66.03
N GLU MA 260 -94.06 -18.14 -66.68
CA GLU MA 260 -94.17 -18.02 -68.13
C GLU MA 260 -93.83 -19.34 -68.80
N SER MA 261 -92.73 -19.94 -68.37
CA SER MA 261 -92.26 -21.18 -68.97
C SER MA 261 -93.33 -22.25 -68.86
N ARG MA 262 -94.09 -22.24 -67.77
CA ARG MA 262 -95.21 -23.17 -67.66
C ARG MA 262 -96.26 -22.85 -68.69
N ILE MA 263 -96.52 -21.56 -68.93
CA ILE MA 263 -97.47 -21.24 -69.99
C ILE MA 263 -96.95 -21.72 -71.33
N ARG MA 264 -95.70 -21.39 -71.64
CA ARG MA 264 -95.07 -21.79 -72.89
C ARG MA 264 -94.37 -23.13 -72.80
N ASP MA 265 -94.63 -23.92 -71.75
CA ASP MA 265 -94.01 -25.22 -71.58
C ASP MA 265 -94.22 -26.09 -72.80
N VAL MA 266 -93.15 -26.34 -73.55
CA VAL MA 266 -93.16 -27.34 -74.60
C VAL MA 266 -92.65 -28.63 -73.99
N ASP MA 267 -93.50 -29.65 -73.97
CA ASP MA 267 -93.02 -31.01 -73.73
C ASP MA 267 -92.41 -31.44 -75.04
N MET MA 268 -91.13 -31.08 -75.21
CA MET MA 268 -90.45 -31.28 -76.48
C MET MA 268 -90.45 -32.75 -76.86
N ALA MA 269 -90.37 -33.63 -75.87
CA ALA MA 269 -90.46 -35.05 -76.18
C ALA MA 269 -91.84 -35.42 -76.71
N LYS MA 270 -92.88 -34.93 -76.04
CA LYS MA 270 -94.24 -35.13 -76.53
C LYS MA 270 -94.38 -34.63 -77.95
N GLU MA 271 -93.89 -33.43 -78.20
CA GLU MA 271 -94.17 -32.78 -79.47
C GLU MA 271 -93.38 -33.40 -80.61
N MET MA 272 -92.17 -33.88 -80.32
CA MET MA 272 -91.46 -34.68 -81.31
C MET MA 272 -92.19 -35.99 -81.57
N SER MA 273 -92.70 -36.61 -80.51
CA SER MA 273 -93.43 -37.86 -80.66
C SER MA 273 -94.68 -37.66 -81.49
N GLU MA 274 -95.48 -36.66 -81.13
CA GLU MA 274 -96.70 -36.37 -81.85
C GLU MA 274 -96.39 -35.97 -83.28
N PHE MA 275 -95.31 -35.24 -83.47
CA PHE MA 275 -94.86 -34.91 -84.81
C PHE MA 275 -94.64 -36.17 -85.62
N THR MA 276 -93.85 -37.08 -85.08
CA THR MA 276 -93.60 -38.36 -85.69
C THR MA 276 -94.88 -39.04 -86.09
N LYS MA 277 -95.80 -39.15 -85.13
CA LYS MA 277 -97.06 -39.81 -85.38
C LYS MA 277 -97.78 -39.17 -86.56
N ASN MA 278 -97.85 -37.84 -86.55
CA ASN MA 278 -98.62 -37.18 -87.60
C ASN MA 278 -97.97 -37.36 -88.97
N ASN MA 279 -96.64 -37.46 -89.02
CA ASN MA 279 -95.99 -37.84 -90.27
C ASN MA 279 -96.48 -39.19 -90.73
N ILE MA 280 -96.37 -40.17 -89.83
CA ILE MA 280 -96.80 -41.54 -90.12
C ILE MA 280 -98.22 -41.53 -90.66
N LEU MA 281 -99.10 -40.82 -89.97
CA LEU MA 281 -100.51 -40.83 -90.29
C LEU MA 281 -100.76 -40.18 -91.64
N SER MA 282 -100.07 -39.09 -91.93
CA SER MA 282 -100.19 -38.47 -93.24
C SER MA 282 -99.79 -39.45 -94.32
N GLN MA 283 -98.62 -40.06 -94.16
CA GLN MA 283 -98.11 -40.96 -95.19
C GLN MA 283 -99.03 -42.15 -95.41
N ALA MA 284 -99.52 -42.73 -94.32
CA ALA MA 284 -100.44 -43.84 -94.40
C ALA MA 284 -101.70 -43.44 -95.16
N SER MA 285 -102.26 -42.30 -94.81
CA SER MA 285 -103.48 -41.85 -95.46
C SER MA 285 -103.25 -41.63 -96.93
N GLN MA 286 -102.09 -41.10 -97.31
CA GLN MA 286 -101.82 -40.91 -98.74
C GLN MA 286 -101.70 -42.25 -99.47
N ALA MA 287 -101.06 -43.22 -98.83
CA ALA MA 287 -101.01 -44.56 -99.42
C ALA MA 287 -102.42 -45.07 -99.67
N MET MA 288 -103.30 -44.84 -98.72
CA MET MA 288 -104.67 -45.27 -98.92
C MET MA 288 -105.35 -44.47 -100.03
N LEU MA 289 -104.99 -43.20 -100.21
CA LEU MA 289 -105.56 -42.44 -101.32
C LEU MA 289 -105.11 -43.00 -102.65
N ALA MA 290 -103.86 -43.43 -102.72
CA ALA MA 290 -103.40 -44.13 -103.90
C ALA MA 290 -104.26 -45.36 -104.14
N GLN MA 291 -104.47 -46.16 -103.09
CA GLN MA 291 -105.30 -47.36 -103.24
C GLN MA 291 -106.71 -47.01 -103.68
N ALA MA 292 -107.26 -45.91 -103.18
CA ALA MA 292 -108.57 -45.45 -103.61
C ALA MA 292 -108.55 -45.14 -105.09
N ASN MA 293 -107.42 -44.70 -105.61
CA ASN MA 293 -107.29 -44.51 -107.04
C ASN MA 293 -106.99 -45.81 -107.79
N GLN MA 294 -106.51 -46.83 -107.09
CA GLN MA 294 -106.18 -48.09 -107.75
C GLN MA 294 -107.41 -48.94 -107.97
N GLN MA 295 -108.25 -49.06 -106.95
CA GLN MA 295 -109.46 -49.89 -107.04
C GLN MA 295 -110.30 -49.61 -108.27
N PRO MA 296 -110.70 -48.38 -108.57
CA PRO MA 296 -111.54 -48.17 -109.76
C PRO MA 296 -110.82 -48.48 -111.07
N GLN MA 297 -109.50 -48.57 -111.08
CA GLN MA 297 -108.80 -49.01 -112.30
C GLN MA 297 -108.98 -50.50 -112.50
N ASN MA 298 -108.81 -51.24 -111.40
CA ASN MA 298 -109.14 -52.65 -111.41
C ASN MA 298 -110.55 -52.85 -111.91
N VAL MA 299 -111.47 -52.02 -111.42
CA VAL MA 299 -112.86 -52.06 -111.89
C VAL MA 299 -112.91 -51.83 -113.38
N LEU MA 300 -112.18 -50.83 -113.86
CA LEU MA 300 -112.22 -50.49 -115.28
C LEU MA 300 -111.87 -51.71 -116.13
N GLN MA 301 -110.75 -52.35 -115.81
CA GLN MA 301 -110.37 -53.53 -116.58
C GLN MA 301 -111.42 -54.62 -116.44
N LEU MA 302 -111.81 -54.91 -115.20
CA LEU MA 302 -112.67 -56.06 -114.94
C LEU MA 302 -114.03 -55.90 -115.59
N LEU MA 303 -114.51 -54.66 -115.73
CA LEU MA 303 -115.78 -54.38 -116.38
C LEU MA 303 -115.60 -53.78 -117.76
N ARG MA 304 -114.52 -54.12 -118.43
CA ARG MA 304 -114.32 -53.73 -119.80
C ARG MA 304 -114.86 -54.80 -120.73
N ILE NA 3 -10.41 7.86 28.65
CA ILE NA 3 -10.68 9.07 29.50
C ILE NA 3 -9.46 9.98 29.61
N ASN NA 4 -8.71 10.08 28.51
CA ASN NA 4 -7.43 10.77 28.53
C ASN NA 4 -7.54 12.18 29.08
N HIS NA 5 -8.58 12.91 28.66
CA HIS NA 5 -8.75 14.30 29.07
C HIS NA 5 -9.10 14.47 30.54
N ASN NA 6 -9.35 13.38 31.26
CA ASN NA 6 -9.71 13.46 32.67
C ASN NA 6 -8.58 13.07 33.61
N ILE NA 7 -7.46 12.57 33.10
CA ILE NA 7 -6.37 12.07 33.94
C ILE NA 7 -5.27 13.10 33.96
N ALA NA 8 -4.92 13.52 35.16
CA ALA NA 8 -3.78 14.38 35.37
C ALA NA 8 -3.02 14.00 36.63
N ALA NA 9 -3.36 12.88 37.26
CA ALA NA 9 -2.81 12.51 38.55
C ALA NA 9 -3.01 13.65 39.54
N LEU NA 10 -4.24 14.12 39.62
CA LEU NA 10 -4.52 15.32 40.39
C LEU NA 10 -4.15 15.18 41.85
N ASN NA 11 -4.13 13.95 42.37
CA ASN NA 11 -3.61 13.77 43.72
C ASN NA 11 -2.13 14.09 43.75
N THR NA 12 -1.40 13.74 42.69
CA THR NA 12 -0.01 14.16 42.60
C THR NA 12 0.07 15.68 42.59
N LEU NA 13 -0.85 16.32 41.88
CA LEU NA 13 -0.82 17.77 41.79
C LEU NA 13 -1.06 18.39 43.17
N ASN NA 14 -1.98 17.80 43.91
CA ASN NA 14 -2.24 18.26 45.26
C ASN NA 14 -1.02 18.08 46.15
N ARG NA 15 -0.34 16.94 46.00
CA ARG NA 15 0.92 16.75 46.71
C ARG NA 15 1.92 17.79 46.29
N LEU NA 16 1.85 18.21 45.03
CA LEU NA 16 2.81 19.17 44.55
C LEU NA 16 2.63 20.50 45.26
N SER NA 17 1.40 20.99 45.27
CA SER NA 17 1.11 22.22 45.98
C SER NA 17 1.55 22.13 47.43
N SER NA 18 1.22 21.00 48.07
CA SER NA 18 1.60 20.79 49.46
C SER NA 18 3.11 20.87 49.63
N ASN NA 19 3.85 20.18 48.77
CA ASN NA 19 5.30 20.10 48.92
C ASN NA 19 5.94 21.45 48.67
N ASN NA 20 5.43 22.20 47.71
CA ASN NA 20 5.99 23.51 47.44
C ASN NA 20 5.80 24.43 48.64
N SER NA 21 4.61 24.43 49.21
CA SER NA 21 4.40 25.22 50.41
C SER NA 21 5.27 24.72 51.54
N ALA NA 22 5.45 23.41 51.64
CA ALA NA 22 6.25 22.84 52.72
C ALA NA 22 7.68 23.33 52.66
N SER NA 23 8.34 23.14 51.52
CA SER NA 23 9.71 23.59 51.37
C SER NA 23 9.80 25.10 51.57
N GLN NA 24 8.79 25.84 51.09
CA GLN NA 24 8.73 27.27 51.32
C GLN NA 24 8.80 27.59 52.80
N LYS NA 25 7.96 26.93 53.58
CA LYS NA 25 7.93 27.18 55.02
C LYS NA 25 9.27 26.88 55.65
N ASN NA 26 9.87 25.76 55.23
CA ASN NA 26 11.21 25.42 55.72
C ASN NA 26 12.17 26.57 55.49
N MET NA 27 12.22 27.09 54.26
CA MET NA 27 13.12 28.23 53.97
C MET NA 27 12.84 29.39 54.89
N GLU NA 28 11.59 29.79 54.94
CA GLU NA 28 11.19 30.98 55.68
C GLU NA 28 11.67 30.91 57.10
N LYS NA 29 11.55 29.73 57.71
CA LYS NA 29 12.07 29.56 59.05
C LYS NA 29 13.59 29.56 59.04
N LEU NA 30 14.19 28.89 58.06
CA LEU NA 30 15.64 28.84 57.97
C LEU NA 30 16.22 30.22 57.75
N SER NA 31 15.67 30.94 56.78
CA SER NA 31 16.16 32.27 56.45
C SER NA 31 16.03 33.21 57.63
N SER NA 32 14.85 33.21 58.25
CA SER NA 32 14.60 34.10 59.36
C SER NA 32 15.21 33.59 60.66
N GLY NA 33 15.55 32.31 60.72
CA GLY NA 33 16.02 31.75 61.96
C GLY NA 33 14.93 31.66 62.99
N LEU NA 34 13.68 31.50 62.54
CA LEU NA 34 12.51 31.54 63.39
C LEU NA 34 11.76 30.23 63.23
N ARG NA 35 11.68 29.46 64.32
CA ARG NA 35 10.72 28.37 64.32
C ARG NA 35 9.32 28.92 64.52
N ILE NA 36 9.21 30.06 65.20
CA ILE NA 36 7.93 30.71 65.36
C ILE NA 36 7.36 31.04 63.99
N ASN NA 37 6.04 31.13 63.95
CA ASN NA 37 5.35 31.53 62.73
C ASN NA 37 5.16 33.04 62.73
N ARG NA 38 5.10 33.60 61.53
CA ARG NA 38 4.53 34.94 61.40
C ARG NA 38 3.04 34.89 61.69
N ALA NA 39 2.37 33.85 61.22
CA ALA NA 39 0.95 33.64 61.45
C ALA NA 39 0.72 33.26 62.90
N GLY NA 40 -0.53 33.47 63.33
CA GLY NA 40 -0.96 33.16 64.69
C GLY NA 40 -0.99 31.70 65.05
N ASP NA 41 -0.58 30.82 64.14
CA ASP NA 41 -0.46 29.41 64.47
C ASP NA 41 0.50 29.24 65.65
N ASP NA 42 -0.05 28.74 66.75
CA ASP NA 42 0.61 28.77 68.07
C ASP NA 42 0.77 30.20 68.57
N ALA NA 43 -0.32 30.97 68.51
CA ALA NA 43 -0.31 32.31 69.07
C ALA NA 43 -0.05 32.29 70.57
N ALA NA 44 -0.28 31.15 71.24
CA ALA NA 44 0.15 31.03 72.62
C ALA NA 44 1.65 31.25 72.73
N GLY NA 45 2.43 30.36 72.12
CA GLY NA 45 3.88 30.49 72.18
C GLY NA 45 4.38 31.82 71.65
N LEU NA 46 3.71 32.33 70.60
CA LEU NA 46 4.08 33.62 70.06
C LEU NA 46 3.91 34.69 71.12
N ALA NA 47 2.69 34.86 71.60
CA ALA NA 47 2.38 35.90 72.58
C ALA NA 47 3.28 35.77 73.80
N ILE NA 48 3.64 34.54 74.16
CA ILE NA 48 4.63 34.39 75.22
C ILE NA 48 5.92 35.05 74.82
N SER NA 49 6.50 34.64 73.68
CA SER NA 49 7.80 35.18 73.29
C SER NA 49 7.75 36.68 73.10
N GLU NA 50 6.61 37.19 72.69
CA GLU NA 50 6.38 38.62 72.65
C GLU NA 50 6.56 39.22 74.03
N LYS NA 51 5.90 38.64 75.01
CA LYS NA 51 6.02 39.11 76.38
C LYS NA 51 7.45 38.94 76.89
N MET NA 52 8.08 37.84 76.51
CA MET NA 52 9.47 37.59 76.87
C MET NA 52 10.31 38.75 76.39
N ARG NA 53 10.27 39.02 75.09
CA ARG NA 53 11.10 40.07 74.50
C ARG NA 53 10.80 41.41 75.12
N GLY NA 54 9.53 41.67 75.44
CA GLY NA 54 9.21 42.87 76.17
C GLY NA 54 10.00 42.95 77.46
N GLN NA 55 10.03 41.84 78.20
CA GLN NA 55 10.79 41.83 79.43
C GLN NA 55 12.30 41.85 79.17
N ILE NA 56 12.78 41.09 78.17
CA ILE NA 56 14.20 41.08 77.83
C ILE NA 56 14.69 42.49 77.60
N ARG NA 57 14.07 43.16 76.64
CA ARG NA 57 14.44 44.52 76.30
C ARG NA 57 14.32 45.42 77.51
N GLY NA 58 13.30 45.19 78.33
CA GLY NA 58 13.17 45.94 79.55
C GLY NA 58 14.30 45.66 80.53
N LEU NA 59 14.88 44.47 80.46
CA LEU NA 59 16.02 44.13 81.32
C LEU NA 59 17.29 44.74 80.80
N GLU NA 60 17.40 44.86 79.48
CA GLU NA 60 18.55 45.55 78.90
C GLU NA 60 18.54 47.01 79.33
N MET NA 61 17.38 47.65 79.18
CA MET NA 61 17.26 49.04 79.64
C MET NA 61 17.29 49.11 81.16
N ALA NA 62 16.97 48.01 81.84
CA ALA NA 62 17.10 47.97 83.29
C ALA NA 62 18.55 48.01 83.70
N SER NA 63 19.36 47.18 83.04
CA SER NA 63 20.80 47.18 83.29
C SER NA 63 21.36 48.55 83.00
N LYS NA 64 20.95 49.13 81.88
CA LYS NA 64 21.34 50.49 81.55
C LYS NA 64 21.00 51.45 82.69
N ASN NA 65 19.75 51.44 83.14
CA ASN NA 65 19.32 52.37 84.18
C ASN NA 65 20.07 52.15 85.47
N SER NA 66 20.37 50.90 85.80
CA SER NA 66 21.06 50.60 87.04
C SER NA 66 22.51 51.04 86.99
N GLN NA 67 23.15 50.81 85.85
CA GLN NA 67 24.51 51.30 85.66
C GLN NA 67 24.55 52.80 85.78
N ASP NA 68 23.53 53.45 85.23
CA ASP NA 68 23.42 54.90 85.35
C ASP NA 68 23.25 55.29 86.82
N GLY NA 69 22.43 54.53 87.54
CA GLY NA 69 22.36 54.67 88.99
C GLY NA 69 23.73 54.64 89.61
N ILE NA 70 24.54 53.66 89.22
CA ILE NA 70 25.88 53.52 89.77
C ILE NA 70 26.72 54.75 89.46
N SER NA 71 26.58 55.27 88.24
CA SER NA 71 27.36 56.44 87.87
C SER NA 71 27.04 57.61 88.77
N LEU NA 72 25.75 57.82 89.01
CA LEU NA 72 25.32 58.84 89.96
C LEU NA 72 25.93 58.59 91.32
N ILE NA 73 25.82 57.34 91.79
CA ILE NA 73 26.30 56.99 93.11
C ILE NA 73 27.77 57.35 93.23
N GLN NA 74 28.60 56.79 92.36
CA GLN NA 74 30.04 56.98 92.48
C GLN NA 74 30.44 58.43 92.32
N THR NA 75 29.69 59.19 91.53
CA THR NA 75 29.91 60.63 91.49
C THR NA 75 29.78 61.23 92.88
N ALA NA 76 28.60 61.06 93.47
CA ALA NA 76 28.36 61.64 94.79
C ALA NA 76 29.32 61.05 95.82
N GLU NA 77 29.61 59.77 95.67
CA GLU NA 77 30.51 59.05 96.55
C GLU NA 77 31.88 59.70 96.60
N GLY NA 78 32.50 59.86 95.44
CA GLY NA 78 33.82 60.46 95.40
C GLY NA 78 33.80 61.87 95.93
N ALA NA 79 32.71 62.59 95.62
CA ALA NA 79 32.58 63.94 96.14
C ALA NA 79 32.53 63.96 97.65
N LEU NA 80 31.78 63.03 98.25
CA LEU NA 80 31.68 62.96 99.70
C LEU NA 80 32.97 62.47 100.32
N THR NA 81 33.72 61.65 99.61
CA THR NA 81 35.05 61.25 100.07
C THR NA 81 35.94 62.47 100.19
N GLU NA 82 35.92 63.32 99.17
CA GLU NA 82 36.72 64.53 99.23
C GLU NA 82 36.24 65.46 100.34
N THR NA 83 34.92 65.60 100.47
CA THR NA 83 34.34 66.38 101.56
C THR NA 83 34.89 65.89 102.87
N HIS NA 84 34.86 64.57 103.04
CA HIS NA 84 35.33 63.97 104.26
C HIS NA 84 36.79 64.30 104.52
N ALA NA 85 37.62 64.17 103.49
CA ALA NA 85 39.03 64.51 103.62
C ALA NA 85 39.20 65.94 104.10
N ILE NA 86 38.40 66.85 103.54
CA ILE NA 86 38.41 68.22 104.04
C ILE NA 86 38.11 68.22 105.51
N LEU NA 87 37.04 67.52 105.91
CA LEU NA 87 36.62 67.55 107.30
C LEU NA 87 37.71 67.01 108.22
N GLN NA 88 38.52 66.08 107.73
CA GLN NA 88 39.71 65.70 108.50
C GLN NA 88 40.62 66.90 108.68
N ARG NA 89 40.87 67.63 107.60
CA ARG NA 89 41.68 68.84 107.75
C ARG NA 89 41.03 69.82 108.70
N VAL NA 90 39.71 69.92 108.64
CA VAL NA 90 39.01 70.83 109.51
C VAL NA 90 39.30 70.48 110.95
N ARG NA 91 39.16 69.21 111.32
CA ARG NA 91 39.38 68.83 112.71
C ARG NA 91 40.83 69.08 113.10
N GLU NA 92 41.77 68.89 112.17
CA GLU NA 92 43.14 69.32 112.46
C GLU NA 92 43.14 70.78 112.87
N LEU NA 93 42.39 71.58 112.11
CA LEU NA 93 42.33 73.00 112.40
C LEU NA 93 41.46 73.30 113.61
N VAL NA 94 40.62 72.35 114.04
CA VAL NA 94 39.90 72.54 115.29
C VAL NA 94 40.83 72.34 116.46
N VAL NA 95 41.64 71.29 116.38
CA VAL NA 95 42.55 71.01 117.47
C VAL NA 95 43.60 72.11 117.57
N GLN NA 96 44.06 72.62 116.43
CA GLN NA 96 44.86 73.82 116.48
C GLN NA 96 44.03 74.99 116.97
N ALA NA 97 42.75 75.02 116.61
CA ALA NA 97 41.82 76.04 117.06
C ALA NA 97 41.27 75.75 118.44
N GLY NA 98 41.94 74.84 119.14
CA GLY NA 98 42.06 74.98 120.56
C GLY NA 98 42.99 76.09 120.98
N ASN NA 99 43.48 76.91 120.03
CA ASN NA 99 44.25 78.12 120.31
C ASN NA 99 45.64 77.72 120.79
N THR NA 100 45.99 76.45 120.61
CA THR NA 100 47.02 75.81 121.40
C THR NA 100 46.84 76.24 122.85
N GLY NA 101 45.60 76.07 123.32
CA GLY NA 101 45.26 76.56 124.63
C GLY NA 101 44.94 78.04 124.65
N THR NA 102 45.95 78.83 125.00
CA THR NA 102 45.92 80.28 124.84
C THR NA 102 47.08 80.79 124.01
N GLN NA 103 47.98 79.90 123.58
CA GLN NA 103 49.24 80.36 123.01
C GLN NA 103 49.06 81.07 121.70
N ASP NA 104 48.15 80.60 120.86
CA ASP NA 104 47.88 81.34 119.64
C ASP NA 104 47.20 82.65 120.03
N LYS NA 105 47.39 83.67 119.21
CA LYS NA 105 46.76 84.96 119.43
C LYS NA 105 45.54 85.10 118.53
N ALA NA 106 44.85 86.22 118.66
CA ALA NA 106 43.63 86.44 117.89
C ALA NA 106 43.91 86.41 116.40
N THR NA 107 45.03 87.01 115.97
CA THR NA 107 45.41 86.96 114.57
C THR NA 107 45.68 85.55 114.12
N ASP NA 108 46.30 84.74 114.97
CA ASP NA 108 46.55 83.36 114.60
C ASP NA 108 45.24 82.62 114.38
N LEU NA 109 44.28 82.81 115.29
CA LEU NA 109 42.95 82.23 115.11
C LEU NA 109 42.29 82.75 113.85
N GLN NA 110 42.58 84.00 113.48
CA GLN NA 110 42.01 84.53 112.25
C GLN NA 110 42.67 83.93 111.02
N SER NA 111 43.97 83.68 111.09
CA SER NA 111 44.65 82.99 110.02
C SER NA 111 44.06 81.61 109.82
N ILE NA 112 43.89 80.89 110.93
CA ILE NA 112 43.24 79.58 110.88
C ILE NA 112 41.84 79.74 110.30
N GLN NA 113 41.09 80.70 110.80
CA GLN NA 113 39.70 80.87 110.38
C GLN NA 113 39.61 81.23 108.90
N ASP NA 114 40.59 81.98 108.40
CA ASP NA 114 40.66 82.22 106.97
C ASP NA 114 40.81 80.90 106.24
N GLY NA 115 41.72 80.05 106.73
CA GLY NA 115 41.85 78.73 106.14
C GLY NA 115 40.57 77.93 106.21
N ILE NA 116 39.85 78.01 107.33
CA ILE NA 116 38.66 77.18 107.48
C ILE NA 116 37.54 77.71 106.60
N SER NA 117 37.35 79.01 106.57
CA SER NA 117 36.31 79.58 105.72
C SER NA 117 36.61 79.28 104.26
N ALA NA 118 37.89 79.26 103.92
CA ALA NA 118 38.30 78.77 102.62
C ALA NA 118 37.86 77.33 102.42
N LEU NA 119 38.05 76.48 103.43
CA LEU NA 119 37.62 75.10 103.33
C LEU NA 119 36.10 75.00 103.22
N THR NA 120 35.39 75.83 103.96
CA THR NA 120 33.93 75.90 103.83
C THR NA 120 33.57 76.17 102.39
N ASP NA 121 34.21 77.19 101.81
CA ASP NA 121 33.91 77.54 100.43
C ASP NA 121 34.20 76.37 99.50
N GLU NA 122 35.17 75.54 99.86
CA GLU NA 122 35.42 74.34 99.06
C GLU NA 122 34.36 73.28 99.29
N ILE NA 123 33.90 73.10 100.52
CA ILE NA 123 32.85 72.14 100.78
C ILE NA 123 31.58 72.55 100.06
N ASP NA 124 31.21 73.82 100.20
CA ASP NA 124 30.09 74.37 99.45
C ASP NA 124 30.32 74.19 97.96
N GLY NA 125 31.57 74.33 97.52
CA GLY NA 125 31.87 74.09 96.12
C GLY NA 125 31.62 72.66 95.72
N ILE NA 126 31.97 71.71 96.58
CA ILE NA 126 31.65 70.31 96.33
C ILE NA 126 30.14 70.17 96.19
N SER NA 127 29.42 70.60 97.22
CA SER NA 127 27.99 70.34 97.27
C SER NA 127 27.23 71.14 96.21
N ASN NA 128 27.85 72.16 95.62
CA ASN NA 128 27.23 73.00 94.61
C ASN NA 128 27.90 72.87 93.25
N ARG NA 129 28.77 71.88 93.07
CA ARG NA 129 29.35 71.56 91.77
C ARG NA 129 29.09 70.11 91.41
N THR NA 130 28.88 69.27 92.42
CA THR NA 130 28.58 67.87 92.14
C THR NA 130 27.20 67.79 91.53
N GLU NA 131 27.17 67.78 90.19
CA GLU NA 131 25.95 67.64 89.42
C GLU NA 131 25.99 66.33 88.66
N PHE NA 132 24.82 65.75 88.43
CA PHE NA 132 24.65 64.71 87.42
C PHE NA 132 23.53 65.13 86.49
N ASN NA 133 23.88 65.40 85.25
CA ASN NA 133 22.91 65.83 84.27
C ASN NA 133 22.22 67.10 84.77
N GLY NA 134 23.03 67.97 85.35
CA GLY NA 134 22.56 69.20 85.93
C GLY NA 134 22.00 69.05 87.34
N LYS NA 135 21.56 67.87 87.70
CA LYS NA 135 20.98 67.64 89.00
C LYS NA 135 22.07 67.75 90.05
N LYS NA 136 22.02 68.79 90.85
CA LYS NA 136 23.03 69.00 91.86
C LYS NA 136 22.88 67.89 92.89
N LEU NA 137 23.69 66.84 92.70
CA LEU NA 137 23.53 65.60 93.46
C LEU NA 137 23.81 65.79 94.93
N LEU NA 138 24.58 66.81 95.29
CA LEU NA 138 24.81 67.15 96.69
C LEU NA 138 24.12 68.45 97.05
N ASP NA 139 23.00 68.72 96.39
CA ASP NA 139 22.08 69.74 96.88
C ASP NA 139 21.50 69.22 98.18
N GLY NA 140 21.94 69.80 99.29
CA GLY NA 140 21.45 69.35 100.58
C GLY NA 140 19.95 69.50 100.77
N THR NA 141 19.31 70.33 99.94
CA THR NA 141 17.87 70.48 99.93
C THR NA 141 17.21 69.65 98.83
N TYR NA 142 17.93 68.73 98.21
CA TYR NA 142 17.32 67.90 97.18
C TYR NA 142 16.18 67.08 97.75
N LYS NA 143 16.50 66.16 98.67
CA LYS NA 143 15.52 65.27 99.30
C LYS NA 143 15.61 65.37 100.81
N VAL NA 144 15.41 66.57 101.33
CA VAL NA 144 15.09 66.68 102.75
C VAL NA 144 13.67 66.16 102.90
N ASP NA 145 13.54 65.00 103.56
CA ASP NA 145 12.25 64.35 103.77
C ASP NA 145 11.23 65.31 104.36
N THR NA 146 11.64 66.05 105.39
CA THR NA 146 10.90 67.18 105.98
C THR NA 146 9.69 66.76 106.80
N ALA NA 147 9.29 65.49 106.71
CA ALA NA 147 7.92 65.08 107.00
C ALA NA 147 6.93 65.78 106.08
N THR NA 148 7.36 66.08 104.85
CA THR NA 148 6.50 66.70 103.84
C THR NA 148 6.72 65.98 102.54
N PRO NA 149 5.84 65.03 102.17
CA PRO NA 149 5.97 64.37 100.87
C PRO NA 149 6.02 65.31 99.69
N ALA NA 150 5.30 66.43 99.78
CA ALA NA 150 5.24 67.37 98.67
C ALA NA 150 6.60 67.93 98.32
N ASN NA 151 7.50 68.01 99.28
CA ASN NA 151 8.83 68.58 99.07
C ASN NA 151 9.88 67.51 99.36
N GLN NA 152 10.11 66.62 98.39
CA GLN NA 152 11.17 65.62 98.53
C GLN NA 152 12.01 65.35 97.28
N LYS NA 153 11.49 65.49 96.07
CA LYS NA 153 12.26 65.12 94.87
C LYS NA 153 12.85 63.71 94.99
N ASN NA 154 12.03 62.74 95.42
CA ASN NA 154 12.51 61.40 95.74
C ASN NA 154 13.40 60.84 94.64
N LEU NA 155 14.63 60.48 95.00
CA LEU NA 155 15.59 60.02 94.00
C LEU NA 155 15.21 58.60 93.61
N VAL NA 156 14.15 58.52 92.82
CA VAL NA 156 13.63 57.24 92.35
C VAL NA 156 14.57 56.68 91.29
N PHE NA 157 14.76 55.35 91.28
CA PHE NA 157 15.41 54.62 90.19
C PHE NA 157 14.48 53.47 89.77
N GLN NA 158 13.75 53.66 88.65
CA GLN NA 158 13.01 52.57 88.00
C GLN NA 158 14.02 51.68 87.31
N ILE NA 159 14.12 50.45 87.80
CA ILE NA 159 14.99 49.45 87.22
C ILE NA 159 14.21 48.29 86.61
N GLY NA 160 13.30 47.71 87.38
CA GLY NA 160 12.67 46.48 86.93
C GLY NA 160 11.83 46.71 85.68
N ALA NA 161 11.90 45.73 84.78
CA ALA NA 161 11.10 45.79 83.57
C ALA NA 161 9.62 45.80 83.87
N ASN NA 162 9.23 45.34 85.05
CA ASN NA 162 7.84 45.35 85.51
C ASN NA 162 7.55 46.65 86.25
N ALA NA 163 6.28 47.01 86.26
CA ALA NA 163 5.87 48.28 86.84
C ALA NA 163 6.10 48.31 88.35
N THR NA 164 6.34 49.52 88.87
CA THR NA 164 6.55 49.85 90.27
C THR NA 164 7.91 49.39 90.79
N GLN NA 165 8.71 48.69 90.00
CA GLN NA 165 9.97 48.14 90.47
C GLN NA 165 11.00 49.25 90.58
N GLN NA 166 10.86 50.09 91.61
CA GLN NA 166 11.63 51.31 91.74
C GLN NA 166 12.42 51.31 93.04
N ILE NA 167 13.50 52.06 93.01
CA ILE NA 167 14.36 52.24 94.17
C ILE NA 167 14.26 53.68 94.64
N SER NA 168 14.08 53.87 95.95
CA SER NA 168 13.93 55.18 96.57
C SER NA 168 15.22 55.53 97.31
N VAL NA 169 15.87 56.63 96.91
CA VAL NA 169 17.14 57.06 97.47
C VAL NA 169 17.00 58.48 98.01
N ASN NA 170 17.86 58.81 98.98
CA ASN NA 170 17.82 60.11 99.63
C ASN NA 170 19.15 60.84 99.57
N ILE NA 171 19.08 62.08 99.12
CA ILE NA 171 20.17 63.05 99.17
C ILE NA 171 19.80 64.07 100.23
N GLU NA 172 20.71 64.36 101.18
CA GLU NA 172 20.50 65.51 102.06
C GLU NA 172 21.75 66.28 102.46
N ASP NA 173 22.93 65.93 101.96
CA ASP NA 173 24.15 66.54 102.48
C ASP NA 173 24.52 67.79 101.70
N MET NA 174 25.27 68.67 102.37
CA MET NA 174 25.80 69.90 101.79
C MET NA 174 26.70 70.53 102.85
N GLY NA 175 27.37 71.62 102.45
CA GLY NA 175 28.26 72.31 103.36
C GLY NA 175 27.58 72.83 104.60
N ALA NA 176 26.35 73.32 104.45
CA ALA NA 176 25.60 73.80 105.61
C ALA NA 176 24.98 72.69 106.44
N ASP NA 177 25.18 71.42 106.05
CA ASP NA 177 24.59 70.28 106.73
C ASP NA 177 25.65 69.61 107.60
N ALA NA 178 25.72 69.98 108.89
CA ALA NA 178 26.79 69.49 109.75
C ALA NA 178 26.35 68.72 110.99
N LEU NA 179 25.80 69.40 112.01
CA LEU NA 179 25.15 68.71 113.12
C LEU NA 179 23.67 68.86 112.89
N GLY NA 180 23.09 67.84 112.27
CA GLY NA 180 21.67 67.83 112.02
C GLY NA 180 20.95 67.47 113.29
N ILE NA 181 20.88 68.41 114.25
CA ILE NA 181 20.13 68.17 115.47
C ILE NA 181 18.72 67.76 115.11
N LYS NA 182 18.05 68.55 114.30
CA LYS NA 182 16.82 68.24 113.59
C LYS NA 182 16.89 68.85 112.19
N GLU NA 183 17.36 70.09 112.19
CA GLU NA 183 17.69 70.92 111.06
C GLU NA 183 18.91 71.72 111.50
N ALA NA 184 19.24 72.78 110.77
CA ALA NA 184 20.29 73.68 111.22
C ALA NA 184 19.80 74.41 112.46
N ASP NA 185 20.58 74.34 113.54
CA ASP NA 185 20.17 75.01 114.77
C ASP NA 185 20.33 76.52 114.61
N GLY NA 186 21.55 76.96 114.35
CA GLY NA 186 21.84 78.37 114.21
C GLY NA 186 23.32 78.60 114.05
N SER NA 187 23.87 79.51 114.87
CA SER NA 187 25.32 79.71 114.87
C SER NA 187 26.04 78.40 115.19
N ILE NA 188 25.42 77.56 116.00
CA ILE NA 188 25.93 76.23 116.27
C ILE NA 188 25.21 75.24 115.36
N ALA NA 189 25.75 74.04 115.31
CA ALA NA 189 25.19 72.84 114.71
C ALA NA 189 25.16 72.81 113.19
N ALA NA 190 25.15 73.95 112.54
CA ALA NA 190 25.36 74.04 111.10
C ALA NA 190 26.37 75.10 110.72
N LEU NA 191 26.21 76.30 111.28
CA LEU NA 191 26.99 77.44 110.83
C LEU NA 191 28.40 77.46 111.38
N HIS NA 192 28.73 76.59 112.31
CA HIS NA 192 30.16 76.41 112.55
C HIS NA 192 30.80 75.77 111.34
N SER NA 193 30.05 74.92 110.62
CA SER NA 193 30.58 74.40 109.37
C SER NA 193 30.63 75.50 108.33
N VAL NA 194 29.68 76.42 108.36
CA VAL NA 194 29.65 77.49 107.38
C VAL NA 194 30.50 78.66 107.87
N ASN NA 195 30.13 79.24 109.00
CA ASN NA 195 30.73 80.49 109.43
C ASN NA 195 31.98 80.29 110.27
N ASP NA 196 32.18 79.11 110.87
CA ASP NA 196 33.40 78.85 111.63
C ASP NA 196 33.55 79.75 112.86
N LEU NA 197 32.77 79.49 113.90
CA LEU NA 197 32.72 80.29 115.11
C LEU NA 197 34.09 80.62 115.75
N ASP NA 198 35.15 79.89 115.44
CA ASP NA 198 36.46 80.11 116.07
C ASP NA 198 37.14 81.30 115.40
N VAL NA 199 36.81 82.50 115.88
CA VAL NA 199 37.38 83.73 115.34
C VAL NA 199 38.23 84.42 116.40
N THR NA 200 37.55 85.05 117.35
CA THR NA 200 38.09 85.52 118.60
C THR NA 200 37.19 85.18 119.76
N LYS NA 201 35.90 84.91 119.49
CA LYS NA 201 35.00 84.38 120.49
C LYS NA 201 35.59 83.16 121.17
N PHE NA 202 36.37 82.37 120.42
CA PHE NA 202 37.03 81.24 121.04
C PHE NA 202 38.02 81.67 122.10
N ALA NA 203 38.83 82.67 121.79
CA ALA NA 203 39.82 83.13 122.76
C ALA NA 203 39.14 83.67 124.01
N ASP NA 204 37.95 84.23 123.86
CA ASP NA 204 37.18 84.69 125.01
C ASP NA 204 36.79 83.52 125.90
N ASN NA 205 36.20 82.47 125.31
CA ASN NA 205 35.73 81.29 126.05
C ASN NA 205 36.24 80.05 125.32
N ALA NA 206 37.46 79.66 125.63
CA ALA NA 206 38.01 78.46 125.02
C ALA NA 206 37.27 77.20 125.43
N ALA NA 207 36.71 77.16 126.65
CA ALA NA 207 35.90 76.05 127.13
C ALA NA 207 34.61 76.46 127.84
N ASP NA 208 34.65 77.66 128.42
CA ASP NA 208 33.73 78.10 129.46
C ASP NA 208 32.23 78.00 129.21
N CYS NA 209 31.77 77.94 127.96
CA CYS NA 209 30.34 78.05 127.69
C CYS NA 209 29.79 77.04 126.68
N ALA NA 210 30.63 76.14 126.16
CA ALA NA 210 30.28 75.09 125.20
C ALA NA 210 29.91 75.61 123.83
N ASP NA 211 29.19 76.73 123.74
CA ASP NA 211 28.76 77.35 122.50
C ASP NA 211 29.95 77.74 121.65
N ILE NA 212 30.95 78.36 122.27
CA ILE NA 212 32.28 78.45 121.70
C ILE NA 212 33.32 77.69 122.50
N GLY NA 213 32.95 77.08 123.63
CA GLY NA 213 33.99 76.48 124.45
C GLY NA 213 34.62 75.21 123.90
N PHE NA 214 35.01 75.19 122.60
CA PHE NA 214 35.68 74.10 121.88
C PHE NA 214 34.87 72.83 121.72
N ASP NA 215 34.01 72.57 122.69
CA ASP NA 215 33.13 71.42 122.75
C ASP NA 215 32.15 71.42 121.61
N ALA NA 216 31.31 72.46 121.54
CA ALA NA 216 30.27 72.48 120.53
C ALA NA 216 30.87 72.41 119.14
N GLN NA 217 31.96 73.15 118.91
CA GLN NA 217 32.56 73.20 117.59
C GLN NA 217 33.03 71.81 117.18
N LEU NA 218 33.78 71.16 118.07
CA LEU NA 218 34.25 69.83 117.75
C LEU NA 218 33.08 68.88 117.54
N LYS NA 219 31.99 69.11 118.26
CA LYS NA 219 30.82 68.27 118.06
C LYS NA 219 30.16 68.54 116.71
N VAL NA 220 30.19 69.79 116.25
CA VAL NA 220 29.67 70.07 114.90
C VAL NA 220 30.48 69.30 113.89
N VAL NA 221 31.80 69.36 114.03
CA VAL NA 221 32.66 68.68 113.06
C VAL NA 221 32.42 67.18 113.13
N ASP NA 222 32.37 66.64 114.34
CA ASP NA 222 32.20 65.21 114.51
C ASP NA 222 30.89 64.75 113.92
N GLU NA 223 29.83 65.49 114.16
CA GLU NA 223 28.54 65.07 113.62
C GLU NA 223 28.48 65.28 112.13
N ALA NA 224 29.05 66.38 111.63
CA ALA NA 224 29.15 66.60 110.20
C ALA NA 224 29.78 65.39 109.53
N ILE NA 225 30.89 64.94 110.10
CA ILE NA 225 31.55 63.74 109.60
C ILE NA 225 30.61 62.55 109.71
N ASN NA 226 29.92 62.42 110.83
CA ASN NA 226 29.05 61.27 111.02
C ASN NA 226 27.90 61.28 110.01
N GLN NA 227 27.46 62.46 109.63
CA GLN NA 227 26.41 62.58 108.62
C GLN NA 227 26.95 62.25 107.24
N VAL NA 228 28.21 62.61 106.98
CA VAL NA 228 28.85 62.15 105.75
C VAL NA 228 28.96 60.64 105.77
N SER NA 229 29.37 60.09 106.90
CA SER NA 229 29.52 58.64 107.04
C SER NA 229 28.23 57.92 106.75
N SER NA 230 27.13 58.41 107.32
CA SER NA 230 25.85 57.75 107.13
C SER NA 230 25.30 58.03 105.74
N GLN NA 231 25.58 59.20 105.19
CA GLN NA 231 25.16 59.48 103.82
C GLN NA 231 25.86 58.54 102.86
N ARG NA 232 27.17 58.37 103.04
CA ARG NA 232 27.92 57.43 102.23
C ARG NA 232 27.50 56.00 102.54
N ALA NA 233 27.01 55.76 103.75
CA ALA NA 233 26.54 54.43 104.11
C ALA NA 233 25.30 54.07 103.32
N LYS NA 234 24.33 54.98 103.29
CA LYS NA 234 23.16 54.79 102.45
C LYS NA 234 23.58 54.63 101.00
N LEU NA 235 24.45 55.54 100.57
CA LEU NA 235 24.90 55.59 99.18
C LEU NA 235 25.50 54.27 98.76
N GLY NA 236 26.38 53.72 99.60
CA GLY NA 236 27.02 52.45 99.28
C GLY NA 236 26.09 51.28 99.46
N ALA NA 237 25.12 51.41 100.36
CA ALA NA 237 24.09 50.39 100.45
C ALA NA 237 23.41 50.23 99.11
N VAL NA 238 23.00 51.36 98.52
CA VAL NA 238 22.37 51.31 97.21
C VAL NA 238 23.34 50.82 96.16
N GLN NA 239 24.62 51.17 96.30
CA GLN NA 239 25.62 50.65 95.38
C GLN NA 239 25.59 49.13 95.38
N ASN NA 240 25.61 48.54 96.57
CA ASN NA 240 25.57 47.09 96.66
C ASN NA 240 24.28 46.55 96.06
N ARG NA 241 23.17 47.25 96.32
CA ARG NA 241 21.90 46.85 95.75
C ARG NA 241 21.99 46.75 94.25
N LEU NA 242 22.56 47.76 93.62
CA LEU NA 242 22.60 47.77 92.17
C LEU NA 242 23.60 46.75 91.66
N GLU NA 243 24.63 46.46 92.44
CA GLU NA 243 25.51 45.36 92.07
C GLU NA 243 24.72 44.06 91.96
N HIS NA 244 23.99 43.71 93.03
CA HIS NA 244 23.27 42.46 93.03
C HIS NA 244 22.10 42.49 92.06
N THR NA 245 21.51 43.67 91.90
CA THR NA 245 20.49 43.85 90.87
C THR NA 245 21.04 43.47 89.52
N ILE NA 246 22.17 44.08 89.13
CA ILE NA 246 22.73 43.81 87.82
C ILE NA 246 23.08 42.35 87.67
N ASN NA 247 23.59 41.74 88.72
CA ASN NA 247 23.88 40.32 88.63
C ASN NA 247 22.61 39.53 88.35
N ASN NA 248 21.51 39.91 89.00
CA ASN NA 248 20.23 39.30 88.71
C ASN NA 248 19.77 39.60 87.29
N LEU NA 249 19.92 40.85 86.86
CA LEU NA 249 19.46 41.25 85.54
C LEU NA 249 20.22 40.49 84.47
N SER NA 250 21.50 40.24 84.73
CA SER NA 250 22.34 39.52 83.79
C SER NA 250 21.93 38.06 83.72
N ALA NA 251 21.85 37.40 84.88
CA ALA NA 251 21.51 35.98 84.90
C ALA NA 251 20.10 35.77 84.39
N SER NA 252 19.15 36.54 84.92
CA SER NA 252 17.76 36.44 84.53
C SER NA 252 17.58 36.78 83.08
N GLY NA 253 18.28 37.82 82.62
CA GLY NA 253 18.21 38.18 81.22
C GLY NA 253 18.68 37.05 80.34
N GLU NA 254 19.80 36.43 80.71
CA GLU NA 254 20.29 35.27 79.97
C GLU NA 254 19.25 34.18 79.91
N ASN NA 255 18.77 33.75 81.08
CA ASN NA 255 17.78 32.67 81.14
C ASN NA 255 16.56 33.02 80.32
N LEU NA 256 16.23 34.31 80.25
CA LEU NA 256 15.05 34.75 79.53
C LEU NA 256 15.26 34.70 78.04
N THR NA 257 16.42 35.17 77.56
CA THR NA 257 16.71 35.05 76.14
C THR NA 257 16.81 33.60 75.73
N ALA NA 258 17.25 32.74 76.64
CA ALA NA 258 17.24 31.31 76.38
C ALA NA 258 15.81 30.80 76.30
N ALA NA 259 14.93 31.29 77.17
CA ALA NA 259 13.52 30.90 77.12
C ALA NA 259 12.91 31.25 75.77
N GLU NA 260 13.11 32.51 75.36
CA GLU NA 260 12.68 32.93 74.04
C GLU NA 260 13.26 32.00 72.99
N SER NA 261 14.56 31.75 73.08
CA SER NA 261 15.24 30.93 72.11
C SER NA 261 14.60 29.55 72.02
N ARG NA 262 14.11 29.04 73.14
CA ARG NA 262 13.38 27.79 73.11
C ARG NA 262 12.09 27.95 72.34
N ILE NA 263 11.40 29.08 72.51
CA ILE NA 263 10.20 29.30 71.71
C ILE NA 263 10.57 29.37 70.23
N ARG NA 264 11.57 30.17 69.90
CA ARG NA 264 12.02 30.32 68.52
C ARG NA 264 13.10 29.33 68.13
N ASP NA 265 13.30 28.28 68.93
CA ASP NA 265 14.32 27.27 68.64
C ASP NA 265 14.13 26.71 67.25
N VAL NA 266 15.04 27.03 66.35
CA VAL NA 266 15.13 26.36 65.06
C VAL NA 266 16.13 25.22 65.20
N ASP NA 267 15.64 24.00 65.02
CA ASP NA 267 16.55 22.87 64.79
C ASP NA 267 16.99 23.01 63.34
N MET NA 268 18.03 23.83 63.15
CA MET NA 268 18.46 24.18 61.81
C MET NA 268 18.83 22.94 61.02
N ALA NA 269 19.37 21.93 61.68
CA ALA NA 269 19.66 20.68 60.99
C ALA NA 269 18.38 20.00 60.54
N LYS NA 270 17.39 19.93 61.44
CA LYS NA 270 16.09 19.38 61.07
C LYS NA 270 15.52 20.12 59.88
N GLU NA 271 15.56 21.44 59.94
CA GLU NA 271 14.84 22.24 58.95
C GLU NA 271 15.54 22.22 57.61
N MET NA 272 16.88 22.13 57.60
CA MET NA 272 17.57 21.89 56.34
C MET NA 272 17.23 20.52 55.80
N SER NA 273 17.16 19.53 56.68
CA SER NA 273 16.83 18.17 56.26
C SER NA 273 15.43 18.10 55.66
N GLU NA 274 14.47 18.66 56.39
CA GLU NA 274 13.09 18.66 55.93
C GLU NA 274 12.96 19.47 54.65
N PHE NA 275 13.72 20.56 54.57
CA PHE NA 275 13.76 21.34 53.33
C PHE NA 275 14.17 20.47 52.18
N THR NA 276 15.29 19.78 52.34
CA THR NA 276 15.80 18.86 51.34
C THR NA 276 14.73 17.88 50.91
N LYS NA 277 14.11 17.24 51.90
CA LYS NA 277 13.07 16.26 51.61
C LYS NA 277 11.98 16.87 50.77
N ASN NA 278 11.50 18.05 51.16
CA ASN NA 278 10.37 18.63 50.45
C ASN NA 278 10.75 19.02 49.03
N ASN NA 279 12.02 19.39 48.80
CA ASN NA 279 12.48 19.58 47.43
C ASN NA 279 12.34 18.29 46.65
N ILE NA 280 12.91 17.22 47.20
CA ILE NA 280 12.87 15.91 46.58
C ILE NA 280 11.44 15.56 46.23
N LEU NA 281 10.55 15.72 47.20
CA LEU NA 281 9.18 15.30 47.04
C LEU NA 281 8.46 16.12 45.98
N SER NA 282 8.72 17.42 45.95
CA SER NA 282 8.15 18.25 44.91
C SER NA 282 8.60 17.76 43.54
N GLN NA 283 9.91 17.57 43.38
CA GLN NA 283 10.45 17.18 42.09
C GLN NA 283 9.90 15.83 41.63
N ALA NA 284 9.85 14.89 42.55
CA ALA NA 284 9.31 13.57 42.25
C ALA NA 284 7.87 13.68 41.79
N SER NA 285 7.07 14.44 42.53
CA SER NA 285 5.67 14.56 42.18
C SER NA 285 5.51 15.19 40.80
N GLN NA 286 6.35 16.17 40.47
CA GLN NA 286 6.25 16.77 39.15
C GLN NA 286 6.62 15.79 38.05
N ALA NA 287 7.64 14.97 38.29
CA ALA NA 287 7.97 13.91 37.34
C ALA NA 287 6.77 13.03 37.11
N MET NA 288 6.06 12.69 38.19
CA MET NA 288 4.87 11.88 38.03
C MET NA 288 3.78 12.63 37.28
N LEU NA 289 3.70 13.95 37.44
CA LEU NA 289 2.70 14.70 36.67
C LEU NA 289 3.02 14.66 35.19
N ALA NA 290 4.31 14.74 34.86
CA ALA NA 290 4.71 14.53 33.48
C ALA NA 290 4.22 13.18 33.00
N GLN NA 291 4.49 12.13 33.78
CA GLN NA 291 4.05 10.79 33.39
C GLN NA 291 2.55 10.72 33.23
N ALA NA 292 1.80 11.40 34.09
CA ALA NA 292 0.35 11.48 33.96
C ALA NA 292 -0.03 12.11 32.65
N ASN NA 293 0.79 13.03 32.15
CA ASN NA 293 0.55 13.58 30.83
C ASN NA 293 1.07 12.70 29.71
N GLN NA 294 1.98 11.76 30.02
CA GLN NA 294 2.53 10.89 28.98
C GLN NA 294 1.60 9.74 28.67
N GLN NA 295 1.06 9.09 29.70
CA GLN NA 295 0.18 7.95 29.50
C GLN NA 295 -0.94 8.20 28.51
N PRO NA 296 -1.76 9.25 28.64
CA PRO NA 296 -2.84 9.44 27.66
C PRO NA 296 -2.36 9.70 26.24
N GLN NA 297 -1.09 10.10 26.05
CA GLN NA 297 -0.56 10.22 24.70
C GLN NA 297 -0.31 8.86 24.10
N ASN NA 298 0.29 7.98 24.90
CA ASN NA 298 0.42 6.59 24.51
C ASN NA 298 -0.95 6.04 24.14
N VAL NA 299 -1.95 6.36 24.95
CA VAL NA 299 -3.32 5.95 24.65
C VAL NA 299 -3.75 6.50 23.31
N LEU NA 300 -3.47 7.77 23.06
CA LEU NA 300 -3.90 8.40 21.82
C LEU NA 300 -3.38 7.62 20.62
N GLN NA 301 -2.08 7.35 20.60
CA GLN NA 301 -1.52 6.59 19.49
C GLN NA 301 -2.14 5.21 19.42
N LEU NA 302 -2.17 4.52 20.55
CA LEU NA 302 -2.56 3.12 20.57
C LEU NA 302 -4.02 2.94 20.16
N LEU NA 303 -4.86 3.92 20.42
CA LEU NA 303 -6.27 3.90 20.04
C LEU NA 303 -6.56 4.83 18.89
N ARG NA 304 -5.58 5.05 18.03
CA ARG NA 304 -5.81 5.81 16.82
C ARG NA 304 -6.17 4.87 15.68
N ILE OA 3 -106.53 -36.56 -131.95
CA ILE OA 3 -105.41 -35.56 -132.12
C ILE OA 3 -104.15 -36.00 -131.39
N ASN OA 4 -103.91 -37.32 -131.38
CA ASN OA 4 -102.84 -37.90 -130.57
C ASN OA 4 -101.50 -37.24 -130.84
N HIS OA 5 -101.19 -37.00 -132.11
CA HIS OA 5 -99.90 -36.42 -132.49
C HIS OA 5 -99.73 -34.97 -132.08
N ASN OA 6 -100.77 -34.32 -131.55
CA ASN OA 6 -100.69 -32.93 -131.15
C ASN OA 6 -100.60 -32.73 -129.64
N ILE OA 7 -100.75 -33.79 -128.85
CA ILE OA 7 -100.80 -33.68 -127.40
C ILE OA 7 -99.46 -34.12 -126.84
N ALA OA 8 -98.84 -33.23 -126.08
CA ALA OA 8 -97.65 -33.56 -125.34
C ALA OA 8 -97.64 -32.90 -123.97
N ALA OA 9 -98.75 -32.30 -123.55
CA ALA OA 9 -98.80 -31.50 -122.34
C ALA OA 9 -97.72 -30.45 -122.36
N LEU OA 10 -97.68 -29.70 -123.45
CA LEU OA 10 -96.55 -28.80 -123.68
C LEU OA 10 -96.44 -27.75 -122.59
N ASN OA 11 -97.54 -27.42 -121.91
CA ASN OA 11 -97.43 -26.55 -120.75
C ASN OA 11 -96.64 -27.25 -119.66
N THR OA 12 -96.82 -28.56 -119.52
CA THR OA 12 -95.99 -29.30 -118.58
C THR OA 12 -94.53 -29.22 -119.01
N LEU OA 13 -94.29 -29.28 -120.32
CA LEU OA 13 -92.92 -29.24 -120.81
C LEU OA 13 -92.30 -27.88 -120.50
N ASN OA 14 -93.08 -26.84 -120.66
CA ASN OA 14 -92.62 -25.50 -120.33
C ASN OA 14 -92.30 -25.39 -118.84
N ARG OA 15 -93.17 -25.96 -118.01
CA ARG OA 15 -92.88 -26.01 -116.58
C ARG OA 15 -91.61 -26.79 -116.34
N LEU OA 16 -91.36 -27.78 -117.16
CA LEU OA 16 -90.18 -28.59 -116.96
C LEU OA 16 -88.93 -27.77 -117.16
N SER OA 17 -88.86 -27.09 -118.30
CA SER OA 17 -87.72 -26.22 -118.58
C SER OA 17 -87.54 -25.21 -117.45
N SER OA 18 -88.65 -24.61 -117.02
CA SER OA 18 -88.61 -23.62 -115.95
C SER OA 18 -88.03 -24.24 -114.68
N ASN OA 19 -88.51 -25.42 -114.30
CA ASN OA 19 -88.11 -26.03 -113.05
C ASN OA 19 -86.65 -26.45 -113.10
N ASN OA 20 -86.19 -26.93 -114.24
CA ASN OA 20 -84.80 -27.33 -114.35
C ASN OA 20 -83.89 -26.13 -114.19
N SER OA 21 -84.23 -25.03 -114.86
CA SER OA 21 -83.44 -23.83 -114.66
C SER OA 21 -83.53 -23.34 -113.23
N ALA OA 22 -84.70 -23.48 -112.60
CA ALA OA 22 -84.88 -23.01 -111.23
C ALA OA 22 -83.95 -23.74 -110.28
N SER OA 23 -84.03 -25.07 -110.28
CA SER OA 23 -83.16 -25.86 -109.41
C SER OA 23 -81.69 -25.58 -109.73
N GLN OA 24 -81.38 -25.41 -111.01
CA GLN OA 24 -80.02 -25.05 -111.41
C GLN OA 24 -79.56 -23.78 -110.70
N LYS OA 25 -80.40 -22.75 -110.75
CA LYS OA 25 -80.05 -21.48 -110.13
C LYS OA 25 -79.83 -21.66 -108.64
N ASN OA 26 -80.72 -22.43 -108.01
CA ASN OA 26 -80.57 -22.72 -106.59
C ASN OA 26 -79.19 -23.30 -106.31
N MET OA 27 -78.79 -24.33 -107.07
CA MET OA 27 -77.46 -24.91 -106.87
C MET OA 27 -76.37 -23.88 -106.99
N GLU OA 28 -76.39 -23.16 -108.10
CA GLU OA 28 -75.34 -22.21 -108.43
C GLU OA 28 -75.13 -21.24 -107.29
N LYS OA 29 -76.23 -20.79 -106.71
CA LYS OA 29 -76.10 -19.91 -105.56
C LYS OA 29 -75.60 -20.68 -104.34
N LEU OA 30 -76.13 -21.90 -104.14
CA LEU OA 30 -75.71 -22.72 -103.01
C LEU OA 30 -74.23 -23.07 -103.12
N SER OA 31 -73.82 -23.55 -104.28
CA SER OA 31 -72.44 -23.95 -104.49
C SER OA 31 -71.50 -22.79 -104.30
N SER OA 32 -71.82 -21.66 -104.92
CA SER OA 32 -70.97 -20.50 -104.84
C SER OA 32 -71.13 -19.76 -103.52
N GLY OA 33 -72.22 -19.99 -102.81
CA GLY OA 33 -72.48 -19.23 -101.62
C GLY OA 33 -72.84 -17.80 -101.94
N LEU OA 34 -73.43 -17.57 -103.11
CA LEU OA 34 -73.70 -16.23 -103.63
C LEU OA 34 -75.19 -16.11 -103.88
N ARG OA 35 -75.84 -15.22 -103.14
CA ARG OA 35 -77.18 -14.83 -103.55
C ARG OA 35 -77.11 -13.90 -104.74
N ILE OA 36 -76.01 -13.15 -104.85
CA ILE OA 36 -75.80 -12.30 -106.00
C ILE OA 36 -75.80 -13.14 -107.26
N ASN OA 37 -76.15 -12.51 -108.36
CA ASN OA 37 -76.10 -13.16 -109.66
C ASN OA 37 -74.75 -12.92 -110.29
N ARG OA 38 -74.35 -13.85 -111.15
CA ARG OA 38 -73.29 -13.55 -112.10
C ARG OA 38 -73.78 -12.55 -113.12
N ALA OA 39 -75.02 -12.71 -113.56
CA ALA OA 39 -75.65 -11.81 -114.51
C ALA OA 39 -75.96 -10.49 -113.83
N GLY OA 40 -76.14 -9.46 -114.67
CA GLY OA 40 -76.44 -8.12 -114.22
C GLY OA 40 -77.80 -7.94 -113.58
N ASP OA 41 -78.58 -9.00 -113.44
CA ASP OA 41 -79.84 -8.91 -112.72
C ASP OA 41 -79.58 -8.41 -111.30
N ASP OA 42 -80.12 -7.23 -111.00
CA ASP OA 42 -79.77 -6.44 -109.83
C ASP OA 42 -78.32 -5.96 -109.90
N ALA OA 43 -77.97 -5.39 -111.05
CA ALA OA 43 -76.65 -4.77 -111.20
C ALA OA 43 -76.45 -3.63 -110.21
N ALA OA 44 -77.53 -3.06 -109.69
CA ALA OA 44 -77.39 -2.10 -108.59
C ALA OA 44 -76.69 -2.74 -107.42
N GLY OA 45 -77.31 -3.75 -106.82
CA GLY OA 45 -76.72 -4.42 -105.68
C GLY OA 45 -75.36 -5.00 -105.99
N LEU OA 46 -75.19 -5.51 -107.21
CA LEU OA 46 -73.89 -6.04 -107.61
C LEU OA 46 -72.85 -4.95 -107.55
N ALA OA 47 -73.05 -3.90 -108.34
CA ALA OA 47 -72.08 -2.80 -108.41
C ALA OA 47 -71.80 -2.23 -107.04
N ILE OA 48 -72.81 -2.23 -106.16
CA ILE OA 48 -72.54 -1.83 -104.79
C ILE OA 48 -71.53 -2.77 -104.18
N SER OA 49 -71.82 -4.07 -104.17
CA SER OA 49 -70.93 -5.02 -103.50
C SER OA 49 -69.55 -5.02 -104.13
N GLU OA 50 -69.48 -4.73 -105.41
CA GLU OA 50 -68.21 -4.52 -106.08
C GLU OA 50 -67.47 -3.38 -105.42
N LYS OA 51 -68.14 -2.25 -105.26
CA LYS OA 51 -67.54 -1.10 -104.62
C LYS OA 51 -67.18 -1.40 -103.17
N MET OA 52 -68.05 -2.16 -102.50
CA MET OA 52 -67.80 -2.57 -101.13
C MET OA 52 -66.49 -3.31 -101.07
N ARG OA 53 -66.36 -4.38 -101.86
CA ARG OA 53 -65.15 -5.19 -101.85
C ARG OA 53 -63.92 -4.39 -102.20
N GLY OA 54 -64.07 -3.45 -103.13
CA GLY OA 54 -62.98 -2.54 -103.40
C GLY OA 54 -62.53 -1.82 -102.14
N GLN OA 55 -63.50 -1.32 -101.38
CA GLN OA 55 -63.16 -0.66 -100.14
C GLN OA 55 -62.67 -1.64 -99.08
N ILE OA 56 -63.31 -2.82 -98.96
CA ILE OA 56 -62.89 -3.83 -97.99
C ILE OA 56 -61.42 -4.15 -98.18
N ARG OA 57 -61.08 -4.59 -99.38
CA ARG OA 57 -59.72 -4.94 -99.71
C ARG OA 57 -58.80 -3.75 -99.47
N GLY OA 58 -59.28 -2.56 -99.80
CA GLY OA 58 -58.50 -1.37 -99.51
C GLY OA 58 -58.31 -1.13 -98.02
N LEU OA 59 -59.25 -1.61 -97.20
CA LEU OA 59 -59.12 -1.48 -95.75
C LEU OA 59 -58.18 -2.52 -95.20
N GLU OA 60 -58.15 -3.69 -95.83
CA GLU OA 60 -57.17 -4.70 -95.44
C GLU OA 60 -55.77 -4.20 -95.71
N MET OA 61 -55.54 -3.68 -96.90
CA MET OA 61 -54.25 -3.09 -97.21
C MET OA 61 -54.03 -1.80 -96.43
N ALA OA 62 -55.11 -1.15 -95.98
CA ALA OA 62 -54.98 0.02 -95.13
C ALA OA 62 -54.43 -0.37 -93.78
N SER OA 63 -55.01 -1.42 -93.20
CA SER OA 63 -54.52 -1.94 -91.93
C SER OA 63 -53.07 -2.33 -92.07
N LYS OA 64 -52.75 -3.04 -93.16
CA LYS OA 64 -51.38 -3.38 -93.46
C LYS OA 64 -50.48 -2.14 -93.45
N ASN OA 65 -50.86 -1.13 -94.22
CA ASN OA 65 -50.03 0.07 -94.34
C ASN OA 65 -49.88 0.77 -93.00
N SER OA 66 -50.93 0.77 -92.19
CA SER OA 66 -50.87 1.47 -90.92
C SER OA 66 -50.00 0.73 -89.93
N GLN OA 67 -50.11 -0.60 -89.92
CA GLN OA 67 -49.23 -1.40 -89.09
C GLN OA 67 -47.78 -1.18 -89.49
N ASP OA 68 -47.55 -1.07 -90.80
CA ASP OA 68 -46.21 -0.77 -91.29
C ASP OA 68 -45.77 0.60 -90.81
N GLY OA 69 -46.69 1.57 -90.84
CA GLY OA 69 -46.45 2.85 -90.20
C GLY OA 69 -45.97 2.68 -88.79
N ILE OA 70 -46.67 1.85 -88.02
CA ILE OA 70 -46.32 1.63 -86.62
C ILE OA 70 -44.91 1.05 -86.52
N SER OA 71 -44.58 0.12 -87.41
CA SER OA 71 -43.26 -0.48 -87.36
C SER OA 71 -42.19 0.56 -87.55
N LEU OA 72 -42.38 1.45 -88.51
CA LEU OA 72 -41.48 2.57 -88.70
C LEU OA 72 -41.39 3.41 -87.43
N ILE OA 73 -42.56 3.74 -86.88
CA ILE OA 73 -42.62 4.60 -85.71
C ILE OA 73 -41.79 4.00 -84.60
N GLN OA 74 -42.11 2.77 -84.20
CA GLN OA 74 -41.47 2.16 -83.05
C GLN OA 74 -39.99 1.95 -83.29
N THR OA 75 -39.59 1.74 -84.53
CA THR OA 75 -38.16 1.71 -84.84
C THR OA 75 -37.52 3.03 -84.43
N ALA OA 76 -38.00 4.13 -85.02
CA ALA OA 76 -37.42 5.43 -84.72
C ALA OA 76 -37.57 5.77 -83.24
N GLU OA 77 -38.70 5.36 -82.66
CA GLU OA 77 -39.01 5.60 -81.26
C GLU OA 77 -37.94 5.00 -80.37
N GLY OA 78 -37.69 3.70 -80.51
CA GLY OA 78 -36.70 3.06 -79.67
C GLY OA 78 -35.33 3.67 -79.87
N ALA OA 79 -35.04 4.02 -81.13
CA ALA OA 79 -33.76 4.65 -81.42
C ALA OA 79 -33.63 5.98 -80.68
N LEU OA 80 -34.69 6.78 -80.67
CA LEU OA 80 -34.66 8.07 -79.99
C LEU OA 80 -34.64 7.89 -78.49
N THR OA 81 -35.24 6.82 -77.99
CA THR OA 81 -35.15 6.52 -76.57
C THR OA 81 -33.69 6.27 -76.19
N GLU OA 82 -32.99 5.50 -77.01
CA GLU OA 82 -31.58 5.25 -76.72
C GLU OA 82 -30.77 6.54 -76.84
N THR OA 83 -31.05 7.33 -77.88
CA THR OA 83 -30.42 8.63 -78.03
C THR OA 83 -30.58 9.43 -76.76
N HIS OA 84 -31.81 9.46 -76.28
CA HIS OA 84 -32.12 10.21 -75.08
C HIS OA 84 -31.32 9.72 -73.90
N ALA OA 85 -31.26 8.40 -73.73
CA ALA OA 85 -30.47 7.83 -72.64
C ALA OA 85 -29.01 8.28 -72.73
N ILE OA 86 -28.47 8.30 -73.94
CA ILE OA 86 -27.13 8.85 -74.12
C ILE OA 86 -27.10 10.28 -73.62
N LEU OA 87 -28.07 11.09 -74.04
CA LEU OA 87 -28.07 12.50 -73.66
C LEU OA 87 -28.13 12.68 -72.16
N GLN OA 88 -28.78 11.75 -71.45
CA GLN OA 88 -28.69 11.76 -70.00
C GLN OA 88 -27.25 11.59 -69.57
N ARG OA 89 -26.57 10.60 -70.15
CA ARG OA 89 -25.17 10.43 -69.82
C ARG OA 89 -24.37 11.66 -70.17
N VAL OA 90 -24.71 12.29 -71.29
CA VAL OA 90 -23.99 13.49 -71.70
C VAL OA 90 -24.11 14.52 -70.61
N ARG OA 91 -25.33 14.79 -70.14
CA ARG OA 91 -25.48 15.83 -69.11
C ARG OA 91 -24.74 15.46 -67.84
N GLU OA 92 -24.69 14.17 -67.51
CA GLU OA 92 -23.82 13.76 -66.41
C GLU OA 92 -22.41 14.25 -66.68
N LEU OA 93 -21.95 14.06 -67.92
CA LEU OA 93 -20.62 14.47 -68.28
C LEU OA 93 -20.51 15.98 -68.45
N VAL OA 94 -21.63 16.68 -68.59
CA VAL OA 94 -21.59 18.13 -68.60
C VAL OA 94 -21.37 18.63 -67.20
N VAL OA 95 -22.10 18.07 -66.24
CA VAL OA 95 -21.96 18.52 -64.86
C VAL OA 95 -20.59 18.16 -64.34
N GLN OA 96 -20.06 17.01 -64.72
CA GLN OA 96 -18.66 16.74 -64.45
C GLN OA 96 -17.78 17.70 -65.24
N ALA OA 97 -18.21 18.05 -66.46
CA ALA OA 97 -17.51 19.00 -67.29
C ALA OA 97 -17.84 20.44 -66.93
N GLY OA 98 -18.42 20.61 -65.75
CA GLY OA 98 -18.12 21.77 -64.98
C GLY OA 98 -16.73 21.76 -64.38
N ASN OA 99 -15.88 20.78 -64.74
CA ASN OA 99 -14.48 20.74 -64.37
C ASN OA 99 -14.35 20.42 -62.89
N THR OA 100 -15.45 19.96 -62.29
CA THR OA 100 -15.65 20.05 -60.86
C THR OA 100 -15.17 21.43 -60.41
N GLY OA 101 -15.70 22.44 -61.11
CA GLY OA 101 -15.22 23.78 -60.86
C GLY OA 101 -13.94 24.10 -61.58
N THR OA 102 -12.83 23.96 -60.85
CA THR OA 102 -11.50 23.98 -61.43
C THR OA 102 -10.70 22.72 -61.09
N GLN OA 103 -11.29 21.81 -60.31
CA GLN OA 103 -10.51 20.73 -59.73
C GLN OA 103 -10.00 19.77 -60.78
N ASP OA 104 -10.81 19.48 -61.79
CA ASP OA 104 -10.31 18.64 -62.86
C ASP OA 104 -9.27 19.44 -63.63
N LYS OA 105 -8.32 18.73 -64.22
CA LYS OA 105 -7.29 19.37 -65.04
C LYS OA 105 -7.65 19.23 -66.50
N ALA OA 106 -6.79 19.81 -67.36
CA ALA OA 106 -7.06 19.79 -68.79
C ALA OA 106 -7.12 18.36 -69.32
N THR OA 107 -6.24 17.49 -68.84
CA THR OA 107 -6.28 16.09 -69.24
C THR OA 107 -7.58 15.43 -68.80
N ASP OA 108 -8.05 15.77 -67.60
CA ASP OA 108 -9.30 15.20 -67.14
C ASP OA 108 -10.44 15.61 -68.06
N LEU OA 109 -10.49 16.89 -68.42
CA LEU OA 109 -11.49 17.35 -69.38
C LEU OA 109 -11.32 16.67 -70.73
N GLN OA 110 -10.09 16.32 -71.09
CA GLN OA 110 -9.88 15.60 -72.35
C GLN OA 110 -10.34 14.17 -72.25
N SER OA 111 -10.15 13.55 -71.09
CA SER OA 111 -10.67 12.20 -70.88
C SER OA 111 -12.18 12.20 -71.01
N ILE OA 112 -12.82 13.17 -70.34
CA ILE OA 112 -14.26 13.34 -70.46
C ILE OA 112 -14.63 13.56 -71.92
N GLN OA 113 -13.91 14.47 -72.58
CA GLN OA 113 -14.24 14.83 -73.95
C GLN OA 113 -14.06 13.65 -74.89
N ASP OA 114 -13.08 12.79 -74.61
CA ASP OA 114 -12.96 11.55 -75.35
C ASP OA 114 -14.21 10.72 -75.19
N GLY OA 115 -14.68 10.61 -73.95
CA GLY OA 115 -15.93 9.91 -73.71
C GLY OA 115 -17.11 10.54 -74.44
N ILE OA 116 -17.16 11.87 -74.47
CA ILE OA 116 -18.31 12.53 -75.07
C ILE OA 116 -18.26 12.40 -76.58
N SER OA 117 -17.09 12.59 -77.18
CA SER OA 117 -16.98 12.45 -78.61
C SER OA 117 -17.28 11.02 -79.03
N ALA OA 118 -16.93 10.08 -78.16
CA ALA OA 118 -17.37 8.70 -78.35
C ALA OA 118 -18.89 8.62 -78.34
N LEU OA 119 -19.52 9.31 -77.39
CA LEU OA 119 -20.98 9.31 -77.34
C LEU OA 119 -21.58 9.98 -78.57
N THR OA 120 -20.97 11.07 -79.03
CA THR OA 120 -21.38 11.68 -80.28
C THR OA 120 -21.37 10.67 -81.39
N ASP OA 121 -20.26 9.95 -81.51
CA ASP OA 121 -20.15 8.94 -82.56
C ASP OA 121 -21.24 7.90 -82.43
N GLU OA 122 -21.67 7.63 -81.20
CA GLU OA 122 -22.78 6.71 -81.02
C GLU OA 122 -24.11 7.33 -81.41
N ILE OA 123 -24.32 8.61 -81.09
CA ILE OA 123 -25.56 9.27 -81.48
C ILE OA 123 -25.64 9.34 -83.00
N ASP OA 124 -24.55 9.76 -83.63
CA ASP OA 124 -24.47 9.75 -85.08
C ASP OA 124 -24.69 8.34 -85.60
N GLY OA 125 -24.19 7.34 -84.87
CA GLY OA 125 -24.45 5.97 -85.27
C GLY OA 125 -25.91 5.62 -85.22
N ILE OA 126 -26.61 6.09 -84.18
CA ILE OA 126 -28.05 5.90 -84.12
C ILE OA 126 -28.69 6.53 -85.34
N SER OA 127 -28.43 7.82 -85.54
CA SER OA 127 -29.13 8.56 -86.57
C SER OA 127 -28.73 8.13 -87.97
N ASN OA 128 -27.61 7.41 -88.10
CA ASN OA 128 -27.11 6.94 -89.38
C ASN OA 128 -27.13 5.42 -89.51
N ARG OA 129 -27.81 4.73 -88.58
CA ARG OA 129 -28.03 3.30 -88.68
C ARG OA 129 -29.52 2.98 -88.61
N THR OA 130 -30.28 3.86 -87.99
CA THR OA 130 -31.71 3.65 -87.91
C THR OA 130 -32.31 3.81 -89.30
N GLU OA 131 -32.43 2.69 -90.00
CA GLU OA 131 -33.04 2.64 -91.31
C GLU OA 131 -34.33 1.84 -91.25
N PHE OA 132 -35.28 2.19 -92.11
CA PHE OA 132 -36.40 1.30 -92.44
C PHE OA 132 -36.44 1.13 -93.93
N ASN OA 133 -36.19 -0.09 -94.36
CA ASN OA 133 -36.18 -0.40 -95.78
C ASN OA 133 -35.18 0.50 -96.48
N GLY OA 134 -34.03 0.68 -95.83
CA GLY OA 134 -32.98 1.53 -96.31
C GLY OA 134 -33.17 3.00 -95.98
N LYS OA 135 -34.41 3.42 -95.78
CA LYS OA 135 -34.70 4.81 -95.49
C LYS OA 135 -34.14 5.16 -94.13
N LYS OA 136 -33.10 5.97 -94.10
CA LYS OA 136 -32.49 6.34 -92.84
C LYS OA 136 -33.50 7.18 -92.07
N LEU OA 137 -34.23 6.52 -91.19
CA LEU OA 137 -35.38 7.13 -90.52
C LEU OA 137 -34.99 8.27 -89.61
N LEU OA 138 -33.74 8.28 -89.15
CA LEU OA 138 -33.22 9.39 -88.37
C LEU OA 138 -32.19 10.18 -89.15
N ASP OA 139 -32.35 10.20 -90.46
CA ASP OA 139 -31.66 11.18 -91.27
C ASP OA 139 -32.22 12.54 -90.90
N GLY OA 140 -31.43 13.33 -90.18
CA GLY OA 140 -31.90 14.64 -89.76
C GLY OA 140 -32.23 15.57 -90.91
N THR OA 141 -31.73 15.26 -92.12
CA THR OA 141 -32.06 16.01 -93.32
C THR OA 141 -33.15 15.33 -94.14
N TYR OA 142 -33.84 14.34 -93.58
CA TYR OA 142 -34.91 13.70 -94.32
C TYR OA 142 -36.01 14.68 -94.67
N LYS OA 143 -36.69 15.21 -93.65
CA LYS OA 143 -37.78 16.17 -93.83
C LYS OA 143 -37.53 17.43 -93.02
N VAL OA 144 -36.42 18.08 -93.30
CA VAL OA 144 -36.29 19.47 -92.87
C VAL OA 144 -37.24 20.28 -93.75
N ASP OA 145 -38.31 20.80 -93.14
CA ASP OA 145 -39.32 21.57 -93.85
C ASP OA 145 -38.69 22.69 -94.68
N THR OA 146 -37.76 23.43 -94.06
CA THR OA 146 -36.90 24.41 -94.72
C THR OA 146 -37.62 25.69 -95.13
N ALA OA 147 -38.96 25.70 -95.08
CA ALA OA 147 -39.76 26.61 -95.89
C ALA OA 147 -39.51 26.39 -97.38
N THR OA 148 -39.19 25.15 -97.77
CA THR OA 148 -38.97 24.79 -99.16
C THR OA 148 -39.70 23.48 -99.41
N PRO OA 149 -40.91 23.53 -100.00
CA PRO OA 149 -41.61 22.29 -100.34
C PRO OA 149 -40.80 21.34 -101.21
N ALA OA 150 -39.98 21.89 -102.09
CA ALA OA 150 -39.22 21.07 -103.02
C ALA OA 150 -38.28 20.12 -102.29
N ASN OA 151 -37.82 20.49 -101.11
CA ASN OA 151 -36.86 19.70 -100.34
C ASN OA 151 -37.50 19.30 -99.01
N GLN OA 152 -38.35 18.27 -99.04
CA GLN OA 152 -38.94 17.76 -97.80
C GLN OA 152 -39.03 16.25 -97.68
N LYS OA 153 -39.17 15.47 -98.76
CA LYS OA 153 -39.38 14.03 -98.64
C LYS OA 153 -40.50 13.70 -97.65
N ASN OA 154 -41.64 14.39 -97.76
CA ASN OA 154 -42.73 14.29 -96.79
C ASN OA 154 -43.06 12.84 -96.46
N LEU OA 155 -42.96 12.48 -95.18
CA LEU OA 155 -43.18 11.10 -94.77
C LEU OA 155 -44.67 10.82 -94.81
N VAL OA 156 -45.16 10.67 -96.04
CA VAL OA 156 -46.58 10.42 -96.28
C VAL OA 156 -46.89 8.99 -95.88
N PHE OA 157 -48.08 8.75 -95.32
CA PHE OA 157 -48.66 7.42 -95.12
C PHE OA 157 -50.08 7.42 -95.70
N GLN OA 158 -50.24 6.85 -96.90
CA GLN OA 158 -51.55 6.57 -97.47
C GLN OA 158 -52.14 5.38 -96.74
N ILE OA 159 -53.22 5.63 -96.01
CA ILE OA 159 -53.92 4.60 -95.29
C ILE OA 159 -55.31 4.37 -95.84
N GLY OA 160 -56.10 5.43 -95.99
CA GLY OA 160 -57.50 5.25 -96.33
C GLY OA 160 -57.67 4.63 -97.70
N ALA OA 161 -58.65 3.73 -97.79
CA ALA OA 161 -58.96 3.10 -99.06
C ALA OA 161 -59.40 4.13 -100.10
N ASN OA 162 -59.87 5.29 -99.65
CA ASN OA 162 -60.25 6.37 -100.53
C ASN OA 162 -59.06 7.28 -100.80
N ALA OA 163 -59.13 7.97 -101.94
CA ALA OA 163 -58.02 8.82 -102.37
C ALA OA 163 -57.78 9.98 -101.42
N THR OA 164 -56.53 10.42 -101.36
CA THR OA 164 -56.03 11.54 -100.58
C THR OA 164 -55.97 11.25 -99.09
N GLN OA 165 -56.43 10.09 -98.63
CA GLN OA 165 -56.49 9.81 -97.22
C GLN OA 165 -55.11 9.49 -96.68
N GLN OA 166 -54.28 10.52 -96.56
CA GLN OA 166 -52.87 10.35 -96.26
C GLN OA 166 -52.50 11.07 -94.97
N ILE OA 167 -51.44 10.56 -94.36
CA ILE OA 167 -50.88 11.14 -93.14
C ILE OA 167 -49.52 11.72 -93.46
N SER OA 168 -49.29 12.95 -92.99
CA SER OA 168 -48.04 13.68 -93.22
C SER OA 168 -47.23 13.70 -91.93
N VAL OA 169 -46.02 13.12 -91.97
CA VAL OA 169 -45.15 13.00 -90.81
C VAL OA 169 -43.81 13.66 -91.11
N ASN OA 170 -43.13 14.08 -90.03
CA ASN OA 170 -41.87 14.79 -90.15
C ASN OA 170 -40.76 14.13 -89.35
N ILE OA 171 -39.64 13.90 -90.04
CA ILE OA 171 -38.36 13.48 -89.46
C ILE OA 171 -37.43 14.68 -89.55
N GLU OA 172 -36.78 15.06 -88.43
CA GLU OA 172 -35.69 16.02 -88.53
C GLU OA 172 -34.52 15.80 -87.57
N ASP OA 173 -34.52 14.74 -86.77
CA ASP OA 173 -33.50 14.62 -85.73
C ASP OA 173 -32.26 13.89 -86.25
N MET OA 174 -31.14 14.15 -85.60
CA MET OA 174 -29.86 13.52 -85.86
C MET OA 174 -28.87 14.02 -84.81
N GLY OA 175 -27.68 13.44 -84.84
CA GLY OA 175 -26.65 13.83 -83.88
C GLY OA 175 -26.27 15.30 -83.97
N ALA OA 176 -26.23 15.84 -85.17
CA ALA OA 176 -25.90 17.25 -85.34
C ALA OA 176 -27.09 18.16 -85.04
N ASP OA 177 -28.24 17.62 -84.67
CA ASP OA 177 -29.46 18.39 -84.43
C ASP OA 177 -29.67 18.53 -82.92
N ALA OA 178 -29.18 19.63 -82.33
CA ALA OA 178 -29.21 19.78 -80.88
C ALA OA 178 -29.97 20.99 -80.35
N LEU OA 179 -29.42 22.20 -80.49
CA LEU OA 179 -30.18 23.42 -80.22
C LEU OA 179 -30.55 24.00 -81.56
N GLY OA 180 -31.75 23.66 -82.01
CA GLY OA 180 -32.25 24.18 -83.26
C GLY OA 180 -32.71 25.59 -83.07
N ILE OA 181 -31.75 26.53 -82.94
CA ILE OA 181 -32.12 27.94 -82.84
C ILE OA 181 -33.01 28.31 -84.01
N LYS OA 182 -32.54 28.02 -85.22
CA LYS OA 182 -33.30 28.02 -86.46
C LYS OA 182 -32.83 26.85 -87.32
N GLU OA 183 -31.51 26.72 -87.34
CA GLU OA 183 -30.70 25.67 -87.92
C GLU OA 183 -29.52 25.50 -86.98
N ALA OA 184 -28.49 24.80 -87.44
CA ALA OA 184 -27.25 24.75 -86.67
C ALA OA 184 -26.62 26.13 -86.66
N ASP OA 185 -26.34 26.65 -85.47
CA ASP OA 185 -25.72 27.97 -85.38
C ASP OA 185 -24.28 27.89 -85.83
N GLY OA 186 -23.48 27.09 -85.14
CA GLY OA 186 -22.08 26.96 -85.43
C GLY OA 186 -21.39 26.10 -84.39
N SER OA 187 -20.28 26.60 -83.84
CA SER OA 187 -19.62 25.88 -82.74
C SER OA 187 -20.59 25.66 -81.59
N ILE OA 188 -21.52 26.59 -81.40
CA ILE OA 188 -22.57 26.44 -80.43
C ILE OA 188 -23.82 25.93 -81.13
N ALA OA 189 -24.78 25.50 -80.33
CA ALA OA 189 -26.15 25.16 -80.71
C ALA OA 189 -26.32 23.87 -81.50
N ALA OA 190 -25.29 23.43 -82.20
CA ALA OA 190 -25.27 22.10 -82.80
C ALA OA 190 -23.99 21.36 -82.53
N LEU OA 191 -22.86 22.03 -82.77
CA LEU OA 191 -21.57 21.36 -82.74
C LEU OA 191 -21.05 21.11 -81.34
N HIS OA 192 -21.68 21.66 -80.32
CA HIS OA 192 -21.36 21.11 -79.02
C HIS OA 192 -21.86 19.70 -78.91
N SER OA 193 -22.97 19.38 -79.59
CA SER OA 193 -23.39 18.00 -79.65
C SER OA 193 -22.44 17.17 -80.49
N VAL OA 194 -21.87 17.78 -81.53
CA VAL OA 194 -20.97 17.05 -82.41
C VAL OA 194 -19.55 17.15 -81.86
N ASN OA 195 -19.03 18.36 -81.76
CA ASN OA 195 -17.60 18.54 -81.46
C ASN OA 195 -17.31 18.61 -79.97
N ASP OA 196 -18.31 18.91 -79.13
CA ASP OA 196 -18.09 18.92 -77.68
C ASP OA 196 -17.07 19.97 -77.23
N LEU OA 197 -17.49 21.23 -77.23
CA LEU OA 197 -16.63 22.37 -76.91
C LEU OA 197 -15.83 22.27 -75.61
N ASP OA 198 -16.20 21.38 -74.69
CA ASP OA 198 -15.51 21.28 -73.39
C ASP OA 198 -14.23 20.47 -73.57
N VAL OA 199 -13.16 21.16 -73.97
CA VAL OA 199 -11.87 20.52 -74.20
C VAL OA 199 -10.84 21.07 -73.21
N THR OA 200 -10.39 22.29 -73.47
CA THR OA 200 -9.66 23.13 -72.55
C THR OA 200 -10.16 24.54 -72.56
N LYS OA 201 -10.86 24.94 -73.64
CA LYS OA 201 -11.57 26.21 -73.68
C LYS OA 201 -12.46 26.37 -72.47
N PHE OA 202 -13.02 25.26 -71.97
CA PHE OA 202 -13.83 25.36 -70.76
C PHE OA 202 -12.99 25.79 -69.58
N ALA OA 203 -11.81 25.20 -69.41
CA ALA OA 203 -10.98 25.58 -68.27
C ALA OA 203 -10.58 27.04 -68.35
N ASP OA 204 -10.46 27.57 -69.56
CA ASP OA 204 -10.18 29.00 -69.73
C ASP OA 204 -11.32 29.85 -69.21
N ASN OA 205 -12.55 29.54 -69.65
CA ASN OA 205 -13.74 30.30 -69.25
C ASN OA 205 -14.82 29.30 -68.83
N ALA OA 206 -14.76 28.91 -67.57
CA ALA OA 206 -15.77 27.98 -67.05
C ALA OA 206 -17.16 28.59 -67.03
N ALA OA 207 -17.26 29.91 -66.84
CA ALA OA 207 -18.53 30.64 -66.87
C ALA OA 207 -18.50 31.93 -67.68
N ASP OA 208 -17.31 32.53 -67.73
CA ASP OA 208 -17.10 33.94 -68.08
C ASP OA 208 -17.70 34.47 -69.37
N CYS OA 209 -18.03 33.62 -70.36
CA CYS OA 209 -18.42 34.14 -71.67
C CYS OA 209 -19.62 33.46 -72.30
N ALA OA 210 -20.25 32.51 -71.61
CA ALA OA 210 -21.43 31.76 -72.02
C ALA OA 210 -21.19 30.82 -73.20
N ASP OA 211 -20.37 31.22 -74.17
CA ASP OA 211 -20.04 30.43 -75.35
C ASP OA 211 -19.36 29.14 -74.97
N ILE OA 212 -18.41 29.23 -74.05
CA ILE OA 212 -17.93 28.05 -73.31
C ILE OA 212 -18.24 28.15 -71.83
N GLY OA 213 -18.83 29.25 -71.34
CA GLY OA 213 -18.99 29.36 -69.90
C GLY OA 213 -20.02 28.43 -69.27
N PHE OA 214 -20.03 27.14 -69.62
CA PHE OA 214 -20.90 26.07 -69.10
C PHE OA 214 -22.38 26.23 -69.42
N ASP OA 215 -22.82 27.47 -69.52
CA ASP OA 215 -24.17 27.86 -69.81
C ASP OA 215 -24.60 27.38 -71.18
N ALA OA 216 -23.90 27.85 -72.22
CA ALA OA 216 -24.31 27.52 -73.58
C ALA OA 216 -24.30 26.01 -73.79
N GLN OA 217 -23.28 25.34 -73.27
CA GLN OA 217 -23.16 23.90 -73.48
C GLN OA 217 -24.34 23.17 -72.87
N LEU OA 218 -24.63 23.50 -71.61
CA LEU OA 218 -25.76 22.86 -70.97
C LEU OA 218 -27.05 23.18 -71.69
N LYS OA 219 -27.14 24.38 -72.27
CA LYS OA 219 -28.31 24.72 -73.04
C LYS OA 219 -28.40 23.92 -74.33
N VAL OA 220 -27.26 23.64 -74.95
CA VAL OA 220 -27.28 22.78 -76.14
C VAL OA 220 -27.83 21.42 -75.77
N VAL OA 221 -27.33 20.87 -74.66
CA VAL OA 221 -27.78 19.55 -74.26
C VAL OA 221 -29.25 19.58 -73.93
N ASP OA 222 -29.67 20.59 -73.16
CA ASP OA 222 -31.06 20.69 -72.75
C ASP OA 222 -31.98 20.80 -73.94
N GLU OA 223 -31.60 21.62 -74.92
CA GLU OA 223 -32.47 21.78 -76.07
C GLU OA 223 -32.42 20.55 -76.96
N ALA OA 224 -31.24 19.94 -77.10
CA ALA OA 224 -31.14 18.68 -77.84
C ALA OA 224 -32.12 17.67 -77.28
N ILE OA 225 -32.13 17.55 -75.96
CA ILE OA 225 -33.10 16.68 -75.30
C ILE OA 225 -34.51 17.13 -75.61
N ASN OA 226 -34.76 18.44 -75.55
CA ASN OA 226 -36.11 18.93 -75.77
C ASN OA 226 -36.57 18.65 -77.20
N GLN OA 227 -35.63 18.67 -78.14
CA GLN OA 227 -35.94 18.35 -79.52
C GLN OA 227 -36.20 16.86 -79.68
N VAL OA 228 -35.48 16.03 -78.93
CA VAL OA 228 -35.81 14.61 -78.91
C VAL OA 228 -37.20 14.42 -78.32
N SER OA 229 -37.48 15.13 -77.24
CA SER OA 229 -38.78 15.04 -76.56
C SER OA 229 -39.90 15.37 -77.52
N SER OA 230 -39.76 16.46 -78.26
CA SER OA 230 -40.80 16.90 -79.17
C SER OA 230 -40.85 16.01 -80.40
N GLN OA 231 -39.70 15.51 -80.84
CA GLN OA 231 -39.70 14.58 -81.96
C GLN OA 231 -40.44 13.31 -81.59
N ARG OA 232 -40.16 12.79 -80.40
CA ARG OA 232 -40.87 11.62 -79.91
C ARG OA 232 -42.32 11.96 -79.62
N ALA OA 233 -42.61 13.23 -79.32
CA ALA OA 233 -43.97 13.65 -79.08
C ALA OA 233 -44.79 13.57 -80.36
N LYS OA 234 -44.25 14.11 -81.43
CA LYS OA 234 -44.89 13.97 -82.73
C LYS OA 234 -45.02 12.51 -83.10
N LEU OA 235 -43.93 11.78 -82.91
CA LEU OA 235 -43.86 10.38 -83.28
C LEU OA 235 -44.95 9.57 -82.58
N GLY OA 236 -45.10 9.79 -81.28
CA GLY OA 236 -46.12 9.09 -80.52
C GLY OA 236 -47.50 9.60 -80.79
N ALA OA 237 -47.61 10.87 -81.15
CA ALA OA 237 -48.90 11.37 -81.59
C ALA OA 237 -49.39 10.56 -82.77
N VAL OA 238 -48.52 10.37 -83.76
CA VAL OA 238 -48.88 9.57 -84.92
C VAL OA 238 -49.12 8.13 -84.52
N GLN OA 239 -48.36 7.64 -83.53
CA GLN OA 239 -48.61 6.28 -83.04
C GLN OA 239 -50.05 6.15 -82.57
N ASN OA 240 -50.49 7.10 -81.75
CA ASN OA 240 -51.86 7.06 -81.28
C ASN OA 240 -52.84 7.16 -82.43
N ARG OA 241 -52.52 8.01 -83.42
CA ARG OA 241 -53.37 8.13 -84.59
C ARG OA 241 -53.56 6.79 -85.25
N LEU OA 242 -52.48 6.06 -85.45
CA LEU OA 242 -52.59 4.80 -86.16
C LEU OA 242 -53.26 3.75 -85.30
N GLU OA 243 -53.13 3.87 -83.97
CA GLU OA 243 -53.92 3.01 -83.10
C GLU OA 243 -55.40 3.19 -83.38
N HIS OA 244 -55.88 4.43 -83.29
CA HIS OA 244 -57.29 4.69 -83.47
C HIS OA 244 -57.72 4.46 -84.91
N THR OA 245 -56.82 4.72 -85.84
CA THR OA 245 -57.07 4.39 -87.23
C THR OA 245 -57.38 2.92 -87.36
N ILE OA 246 -56.48 2.06 -86.86
CA ILE OA 246 -56.66 0.63 -86.99
C ILE OA 246 -57.93 0.20 -86.32
N ASN OA 247 -58.25 0.77 -85.17
CA ASN OA 247 -59.50 0.40 -84.52
C ASN OA 247 -60.68 0.75 -85.43
N ASN OA 248 -60.62 1.90 -86.09
CA ASN OA 248 -61.64 2.23 -87.07
C ASN OA 248 -61.63 1.28 -88.25
N LEU OA 249 -60.45 0.97 -88.76
CA LEU OA 249 -60.34 0.10 -89.93
C LEU OA 249 -60.89 -1.28 -89.62
N SER OA 250 -60.69 -1.72 -88.39
CA SER OA 250 -61.18 -3.01 -87.97
C SER OA 250 -62.69 -3.01 -87.86
N ALA OA 251 -63.24 -2.05 -87.11
CA ALA OA 251 -64.68 -1.99 -86.92
C ALA OA 251 -65.39 -1.73 -88.24
N SER OA 252 -64.92 -0.72 -88.97
CA SER OA 252 -65.51 -0.35 -90.25
C SER OA 252 -65.37 -1.47 -91.24
N GLY OA 253 -64.21 -2.12 -91.25
CA GLY OA 253 -64.02 -3.25 -92.13
C GLY OA 253 -65.00 -4.35 -91.84
N GLU OA 254 -65.19 -4.66 -90.56
CA GLU OA 254 -66.18 -5.66 -90.18
C GLU OA 254 -67.56 -5.28 -90.67
N ASN OA 255 -68.02 -4.07 -90.32
CA ASN OA 255 -69.34 -3.62 -90.74
C ASN OA 255 -69.48 -3.67 -92.24
N LEU OA 256 -68.39 -3.45 -92.95
CA LEU OA 256 -68.42 -3.41 -94.41
C LEU OA 256 -68.53 -4.81 -94.98
N THR OA 257 -67.77 -5.76 -94.45
CA THR OA 257 -67.90 -7.13 -94.91
C THR OA 257 -69.28 -7.67 -94.56
N ALA OA 258 -69.85 -7.20 -93.48
CA ALA OA 258 -71.22 -7.54 -93.15
C ALA OA 258 -72.18 -6.94 -94.17
N ALA OA 259 -71.93 -5.71 -94.58
CA ALA OA 259 -72.77 -5.07 -95.60
C ALA OA 259 -72.74 -5.88 -96.89
N GLU OA 260 -71.54 -6.21 -97.35
CA GLU OA 260 -71.40 -7.08 -98.50
C GLU OA 260 -72.17 -8.37 -98.28
N SER OA 261 -71.97 -8.97 -97.11
CA SER OA 261 -72.62 -10.23 -96.80
C SER OA 261 -74.12 -10.11 -96.92
N ARG OA 262 -74.66 -8.95 -96.56
CA ARG OA 262 -76.09 -8.73 -96.76
C ARG OA 262 -76.42 -8.71 -98.24
N ILE OA 263 -75.57 -8.11 -99.06
CA ILE OA 263 -75.83 -8.16 -100.49
C ILE OA 263 -75.77 -9.60 -100.98
N ARG OA 264 -74.71 -10.32 -100.62
CA ARG OA 264 -74.55 -11.71 -101.01
C ARG OA 264 -75.18 -12.69 -100.02
N ASP OA 265 -76.03 -12.21 -99.11
CA ASP OA 265 -76.67 -13.07 -98.13
C ASP OA 265 -77.39 -14.22 -98.80
N VAL OA 266 -76.86 -15.42 -98.64
CA VAL OA 266 -77.58 -16.63 -99.01
C VAL OA 266 -78.32 -17.12 -97.77
N ASP OA 267 -79.63 -17.16 -97.85
CA ASP OA 267 -80.42 -17.92 -96.88
C ASP OA 267 -80.28 -19.37 -97.31
N MET OA 268 -79.19 -19.98 -96.85
CA MET OA 268 -78.84 -21.32 -97.30
C MET OA 268 -79.95 -22.30 -97.01
N ALA OA 269 -80.67 -22.11 -95.91
CA ALA OA 269 -81.81 -22.96 -95.63
C ALA OA 269 -82.91 -22.76 -96.66
N LYS OA 270 -83.22 -21.49 -96.97
CA LYS OA 270 -84.19 -21.21 -98.01
C LYS OA 270 -83.78 -21.87 -99.32
N GLU OA 271 -82.52 -21.70 -99.68
CA GLU OA 271 -82.09 -22.10 -101.02
C GLU OA 271 -82.00 -23.62 -101.14
N MET OA 272 -81.65 -24.30 -100.05
CA MET OA 272 -81.76 -25.76 -100.07
C MET OA 272 -83.22 -26.18 -100.17
N SER OA 273 -84.09 -25.48 -99.45
CA SER OA 273 -85.52 -25.81 -99.48
C SER OA 273 -86.08 -25.62 -100.88
N GLU OA 274 -85.82 -24.45 -101.46
CA GLU OA 274 -86.29 -24.14 -102.79
C GLU OA 274 -85.70 -25.09 -103.81
N PHE OA 275 -84.43 -25.44 -103.61
CA PHE OA 275 -83.80 -26.44 -104.45
C PHE OA 275 -84.58 -27.74 -104.43
N THR OA 276 -84.84 -28.23 -103.23
CA THR OA 276 -85.64 -29.42 -103.03
C THR OA 276 -86.94 -29.34 -103.79
N LYS OA 277 -87.67 -28.24 -103.59
CA LYS OA 277 -88.95 -28.06 -104.23
C LYS OA 277 -88.81 -28.15 -105.74
N ASN OA 278 -87.82 -27.46 -106.30
CA ASN OA 278 -87.70 -27.45 -107.74
C ASN OA 278 -87.34 -28.81 -108.30
N ASN OA 279 -86.60 -29.62 -107.53
CA ASN OA 279 -86.39 -31.01 -107.92
C ASN OA 279 -87.71 -31.73 -108.01
N ILE OA 280 -88.49 -31.65 -106.93
CA ILE OA 280 -89.79 -32.30 -106.85
C ILE OA 280 -90.62 -31.90 -108.05
N LEU OA 281 -90.67 -30.60 -108.32
CA LEU OA 281 -91.53 -30.07 -109.37
C LEU OA 281 -91.09 -30.54 -110.74
N SER OA 282 -89.77 -30.57 -110.97
CA SER OA 282 -89.28 -31.10 -112.23
C SER OA 282 -89.70 -32.54 -112.41
N GLN OA 283 -89.48 -33.37 -111.38
CA GLN OA 283 -89.78 -34.78 -111.48
C GLN OA 283 -91.27 -35.02 -111.71
N ALA OA 284 -92.10 -34.29 -110.98
CA ALA OA 284 -93.55 -34.41 -111.14
C ALA OA 284 -93.95 -34.05 -112.56
N SER OA 285 -93.43 -32.95 -113.06
CA SER OA 285 -93.79 -32.51 -114.40
C SER OA 285 -93.38 -33.55 -115.43
N GLN OA 286 -92.21 -34.18 -115.25
CA GLN OA 286 -91.79 -35.20 -116.19
C GLN OA 286 -92.70 -36.41 -116.14
N ALA OA 287 -93.12 -36.81 -114.93
CA ALA OA 287 -94.09 -37.89 -114.82
C ALA OA 287 -95.34 -37.56 -115.61
N MET OA 288 -95.78 -36.32 -115.51
CA MET OA 288 -96.94 -35.92 -116.28
C MET OA 288 -96.66 -35.93 -117.77
N LEU OA 289 -95.43 -35.63 -118.19
CA LEU OA 289 -95.12 -35.70 -119.62
C LEU OA 289 -95.19 -37.13 -120.10
N ALA OA 290 -94.73 -38.07 -119.27
CA ALA OA 290 -94.91 -39.48 -119.59
C ALA OA 290 -96.38 -39.77 -119.79
N GLN OA 291 -97.22 -39.33 -118.84
CA GLN OA 291 -98.65 -39.58 -118.95
C GLN OA 291 -99.24 -38.95 -120.21
N ALA OA 292 -98.74 -37.77 -120.59
CA ALA OA 292 -99.17 -37.14 -121.83
C ALA OA 292 -98.81 -38.01 -123.02
N ASN OA 293 -97.72 -38.77 -122.91
CA ASN OA 293 -97.40 -39.71 -123.95
C ASN OA 293 -98.16 -41.03 -123.81
N GLN OA 294 -98.71 -41.31 -122.63
CA GLN OA 294 -99.44 -42.56 -122.44
C GLN OA 294 -100.86 -42.47 -122.98
N GLN OA 295 -101.55 -41.37 -122.66
CA GLN OA 295 -102.93 -41.20 -123.10
C GLN OA 295 -103.15 -41.45 -124.59
N PRO OA 296 -102.42 -40.84 -125.51
CA PRO OA 296 -102.68 -41.10 -126.93
C PRO OA 296 -102.39 -42.53 -127.35
N GLN OA 297 -101.63 -43.30 -126.57
CA GLN OA 297 -101.46 -44.72 -126.87
C GLN OA 297 -102.71 -45.49 -126.54
N ASN OA 298 -103.28 -45.20 -125.37
CA ASN OA 298 -104.58 -45.72 -125.02
C ASN OA 298 -105.57 -45.40 -126.11
N VAL OA 299 -105.53 -44.15 -126.60
CA VAL OA 299 -106.38 -43.75 -127.71
C VAL OA 299 -106.13 -44.64 -128.92
N LEU OA 300 -104.85 -44.87 -129.24
CA LEU OA 300 -104.52 -45.66 -130.42
C LEU OA 300 -105.18 -47.01 -130.36
N GLN OA 301 -105.02 -47.72 -129.24
CA GLN OA 301 -105.65 -49.03 -129.12
C GLN OA 301 -107.16 -48.90 -129.21
N LEU OA 302 -107.72 -47.99 -128.42
CA LEU OA 302 -109.17 -47.90 -128.28
C LEU OA 302 -109.85 -47.54 -129.59
N LEU OA 303 -109.17 -46.78 -130.45
CA LEU OA 303 -109.68 -46.40 -131.75
C LEU OA 303 -109.00 -47.16 -132.87
N ARG OA 304 -108.55 -48.36 -132.61
CA ARG OA 304 -108.02 -49.21 -133.65
C ARG OA 304 -109.13 -50.09 -134.21
N ILE PA 3 8.26 -12.18 29.77
CA ILE PA 3 7.93 -12.13 31.24
C ILE PA 3 8.26 -10.78 31.85
N ASN PA 4 8.04 -9.72 31.06
CA ASN PA 4 8.48 -8.38 31.45
C ASN PA 4 7.97 -7.99 32.83
N HIS PA 5 6.70 -8.28 33.11
CA HIS PA 5 6.07 -7.89 34.36
C HIS PA 5 6.60 -8.65 35.57
N ASN PA 6 7.45 -9.66 35.37
CA ASN PA 6 7.98 -10.44 36.47
C ASN PA 6 9.43 -10.12 36.80
N ILE PA 7 10.10 -9.29 36.01
CA ILE PA 7 11.53 -9.01 36.18
C ILE PA 7 11.67 -7.65 36.84
N ALA PA 8 12.35 -7.63 37.97
CA ALA PA 8 12.72 -6.39 38.62
C ALA PA 8 14.12 -6.48 39.22
N ALA PA 9 14.86 -7.54 38.93
CA ALA PA 9 16.14 -7.79 39.58
C ALA PA 9 15.97 -7.76 41.09
N LEU PA 10 15.00 -8.54 41.55
CA LEU PA 10 14.61 -8.44 42.95
C LEU PA 10 15.76 -8.80 43.89
N ASN PA 11 16.73 -9.59 43.43
CA ASN PA 11 17.91 -9.79 44.24
C ASN PA 11 18.67 -8.49 44.38
N THR PA 12 18.71 -7.69 43.32
CA THR PA 12 19.30 -6.37 43.44
C THR PA 12 18.53 -5.55 44.46
N LEU PA 13 17.21 -5.67 44.46
CA LEU PA 13 16.39 -4.90 45.40
C LEU PA 13 16.69 -5.32 46.83
N ASN PA 14 16.87 -6.61 47.03
CA ASN PA 14 17.23 -7.12 48.34
C ASN PA 14 18.59 -6.59 48.76
N ARG PA 15 19.54 -6.57 47.83
CA ARG PA 15 20.83 -5.95 48.13
C ARG PA 15 20.65 -4.49 48.45
N LEU PA 16 19.66 -3.86 47.84
CA LEU PA 16 19.47 -2.45 48.09
C LEU PA 16 19.05 -2.21 49.51
N SER PA 17 18.03 -2.93 49.95
CA SER PA 17 17.59 -2.83 51.32
C SER PA 17 18.74 -3.09 52.28
N SER PA 18 19.50 -4.15 52.00
CA SER PA 18 20.65 -4.49 52.83
C SER PA 18 21.64 -3.35 52.90
N ASN PA 19 21.98 -2.77 51.75
CA ASN PA 19 23.01 -1.74 51.69
C ASN PA 19 22.55 -0.47 52.39
N ASN PA 20 21.27 -0.14 52.25
CA ASN PA 20 20.76 1.05 52.92
C ASN PA 20 20.83 0.89 54.42
N SER PA 21 20.42 -0.27 54.92
CA SER PA 21 20.55 -0.49 56.35
C SER PA 21 22.00 -0.50 56.77
N ALA PA 22 22.87 -1.04 55.92
CA ALA PA 22 24.30 -1.13 56.25
C ALA PA 22 24.90 0.27 56.45
N SER PA 23 24.75 1.13 55.44
CA SER PA 23 25.27 2.48 55.55
C SER PA 23 24.63 3.21 56.72
N GLN PA 24 23.33 2.96 56.95
CA GLN PA 24 22.65 3.55 58.11
C GLN PA 24 23.37 3.18 59.39
N LYS PA 25 23.66 1.89 59.57
CA LYS PA 25 24.32 1.43 60.78
C LYS PA 25 25.68 2.09 60.93
N ASN PA 26 26.41 2.18 59.82
CA ASN PA 26 27.70 2.86 59.84
C ASN PA 26 27.55 4.27 60.39
N MET PA 27 26.60 5.04 59.86
CA MET PA 27 26.37 6.40 60.36
C MET PA 27 26.11 6.41 61.83
N GLU PA 28 25.14 5.61 62.24
CA GLU PA 28 24.68 5.59 63.62
C GLU PA 28 25.84 5.38 64.57
N LYS PA 29 26.73 4.47 64.21
CA LYS PA 29 27.91 4.27 65.02
C LYS PA 29 28.86 5.46 64.91
N LEU PA 30 29.03 5.98 63.70
CA LEU PA 30 29.90 7.14 63.49
C LEU PA 30 29.39 8.35 64.24
N SER PA 31 28.12 8.65 64.07
CA SER PA 31 27.52 9.82 64.71
C SER PA 31 27.59 9.71 66.21
N SER PA 32 27.21 8.56 66.75
CA SER PA 32 27.23 8.37 68.19
C SER PA 32 28.61 8.09 68.72
N GLY PA 33 29.55 7.71 67.86
CA GLY PA 33 30.85 7.32 68.35
C GLY PA 33 30.80 6.02 69.11
N LEU PA 34 29.87 5.15 68.77
CA LEU PA 34 29.60 3.92 69.49
C LEU PA 34 29.75 2.75 68.54
N ARG PA 35 30.73 1.89 68.81
CA ARG PA 35 30.73 0.61 68.13
C ARG PA 35 29.68 -0.29 68.75
N ILE PA 36 29.38 -0.08 70.03
CA ILE PA 36 28.33 -0.83 70.68
C ILE PA 36 27.01 -0.58 69.96
N ASN PA 37 26.11 -1.54 70.09
CA ASN PA 37 24.79 -1.42 69.54
C ASN PA 37 23.86 -0.83 70.57
N ARG PA 38 22.83 -0.14 70.10
CA ARG PA 38 21.69 0.11 70.96
C ARG PA 38 20.96 -1.18 71.26
N ALA PA 39 20.83 -2.02 70.25
CA ALA PA 39 20.19 -3.32 70.38
C ALA PA 39 21.07 -4.25 71.18
N GLY PA 40 20.44 -5.30 71.72
CA GLY PA 40 21.11 -6.30 72.53
C GLY PA 40 22.09 -7.18 71.79
N ASP PA 41 22.30 -6.95 70.50
CA ASP PA 41 23.32 -7.67 69.76
C ASP PA 41 24.68 -7.47 70.43
N ASP PA 42 25.24 -8.56 70.93
CA ASP PA 42 26.38 -8.54 71.86
C ASP PA 42 25.99 -7.90 73.18
N ALA PA 43 24.87 -8.36 73.74
CA ALA PA 43 24.47 -7.91 75.07
C ALA PA 43 25.50 -8.29 76.13
N ALA PA 44 26.35 -9.28 75.85
CA ALA PA 44 27.48 -9.55 76.73
C ALA PA 44 28.35 -8.32 76.85
N GLY PA 45 28.97 -7.90 75.75
CA GLY PA 45 29.83 -6.73 75.77
C GLY PA 45 29.11 -5.49 76.26
N LEU PA 46 27.84 -5.36 75.90
CA LEU PA 46 27.07 -4.22 76.36
C LEU PA 46 26.98 -4.23 77.89
N ALA PA 47 26.41 -5.30 78.43
CA ALA PA 47 26.22 -5.40 79.88
C ALA PA 47 27.54 -5.23 80.61
N ILE PA 48 28.64 -5.68 80.01
CA ILE PA 48 29.94 -5.41 80.59
C ILE PA 48 30.15 -3.91 80.65
N SER PA 49 30.07 -3.22 79.51
CA SER PA 49 30.38 -1.79 79.50
C SER PA 49 29.43 -1.01 80.40
N GLU PA 50 28.21 -1.51 80.54
CA GLU PA 50 27.28 -0.96 81.51
C GLU PA 50 27.86 -1.06 82.90
N LYS PA 51 28.32 -2.25 83.26
CA LYS PA 51 28.93 -2.45 84.57
C LYS PA 51 30.19 -1.61 84.71
N MET PA 52 30.97 -1.52 83.63
CA MET PA 52 32.16 -0.69 83.63
C MET PA 52 31.79 0.72 84.00
N ARG PA 53 30.88 1.33 83.25
CA ARG PA 53 30.49 2.71 83.49
C ARG PA 53 29.93 2.90 84.89
N GLY PA 54 29.19 1.91 85.38
CA GLY PA 54 28.76 1.97 86.76
C GLY PA 54 29.94 2.12 87.69
N GLN PA 55 30.98 1.31 87.46
CA GLN PA 55 32.17 1.44 88.30
C GLN PA 55 32.94 2.72 88.01
N ILE PA 56 33.08 3.11 86.74
CA ILE PA 56 33.77 4.35 86.38
C ILE PA 56 33.18 5.52 87.15
N ARG PA 57 31.89 5.72 86.94
CA ARG PA 57 31.19 6.81 87.60
C ARG PA 57 31.33 6.69 89.10
N GLY PA 58 31.28 5.46 89.62
CA GLY PA 58 31.51 5.25 91.04
C GLY PA 58 32.91 5.63 91.46
N LEU PA 59 33.88 5.52 90.55
CA LEU PA 59 35.25 5.90 90.86
C LEU PA 59 35.42 7.41 90.80
N GLU PA 60 34.67 8.07 89.93
CA GLU PA 60 34.68 9.52 89.89
C GLU PA 60 34.13 10.07 91.20
N MET PA 61 32.98 9.54 91.63
CA MET PA 61 32.43 9.94 92.91
C MET PA 61 33.28 9.42 94.07
N ALA PA 62 34.06 8.36 93.83
CA ALA PA 62 34.98 7.88 94.84
C ALA PA 62 36.10 8.88 95.05
N SER PA 63 36.67 9.36 93.96
CA SER PA 63 37.70 10.38 94.03
C SER PA 63 37.15 11.60 94.72
N LYS PA 64 35.94 12.01 94.33
CA LYS PA 64 35.27 13.10 95.00
C LYS PA 64 35.19 12.87 96.51
N ASN PA 65 34.67 11.71 96.91
CA ASN PA 65 34.50 11.43 98.34
C ASN PA 65 35.82 11.42 99.07
N SER PA 66 36.87 10.91 98.43
CA SER PA 66 38.17 10.82 99.09
C SER PA 66 38.80 12.18 99.22
N GLN PA 67 38.68 13.02 98.20
CA GLN PA 67 39.15 14.39 98.30
C GLN PA 67 38.43 15.11 99.41
N ASP PA 68 37.14 14.86 99.54
CA ASP PA 68 36.36 15.42 100.62
C ASP PA 68 36.87 14.92 101.97
N GLY PA 69 37.19 13.63 102.02
CA GLY PA 69 37.90 13.08 103.17
C GLY PA 69 39.12 13.90 103.52
N ILE PA 70 39.93 14.20 102.50
CA ILE PA 70 41.15 14.96 102.70
C ILE PA 70 40.83 16.33 103.26
N SER PA 71 39.78 16.96 102.74
CA SER PA 71 39.41 18.29 103.21
C SER PA 71 39.10 18.26 104.69
N LEU PA 72 38.32 17.26 105.10
CA LEU PA 72 38.05 17.07 106.52
C LEU PA 72 39.34 16.90 107.29
N ILE PA 73 40.21 16.02 106.79
CA ILE PA 73 41.46 15.70 107.46
C ILE PA 73 42.25 16.97 107.70
N GLN PA 74 42.56 17.69 106.63
CA GLN PA 74 43.42 18.86 106.72
C GLN PA 74 42.80 19.94 107.58
N THR PA 75 41.48 20.04 107.59
CA THR PA 75 40.82 20.94 108.53
C THR PA 75 41.21 20.59 109.95
N ALA PA 76 40.90 19.37 110.36
CA ALA PA 76 41.19 18.95 111.72
C ALA PA 76 42.69 19.00 111.99
N GLU PA 77 43.49 18.66 110.98
CA GLU PA 77 44.93 18.67 111.06
C GLU PA 77 45.45 20.05 111.45
N GLY PA 78 45.10 21.06 110.67
CA GLY PA 78 45.58 22.40 110.96
C GLY PA 78 45.09 22.86 112.31
N ALA PA 79 43.86 22.49 112.67
CA ALA PA 79 43.34 22.86 113.97
C ALA PA 79 44.18 22.23 115.08
N LEU PA 80 44.55 20.96 114.92
CA LEU PA 80 45.35 20.29 115.94
C LEU PA 80 46.77 20.82 115.97
N THR PA 81 47.27 21.27 114.82
CA THR PA 81 48.57 21.92 114.79
C THR PA 81 48.53 23.19 115.64
N GLU PA 82 47.47 23.98 115.50
CA GLU PA 82 47.37 25.18 116.32
C GLU PA 82 47.20 24.83 117.78
N THR PA 83 46.37 23.82 118.07
CA THR PA 83 46.23 23.32 119.43
C THR PA 83 47.58 23.01 120.01
N HIS PA 84 48.36 22.27 119.24
CA HIS PA 84 49.68 21.87 119.66
C HIS PA 84 50.56 23.07 119.98
N ALA PA 85 50.54 24.06 119.08
CA ALA PA 85 51.32 25.27 119.30
C ALA PA 85 50.93 25.93 120.62
N ILE PA 86 49.62 25.96 120.90
CA ILE PA 86 49.17 26.45 122.19
C ILE PA 86 49.82 25.65 123.29
N LEU PA 87 49.76 24.32 123.18
CA LEU PA 87 50.30 23.46 124.23
C LEU PA 87 51.78 23.70 124.46
N GLN PA 88 52.51 24.06 123.40
CA GLN PA 88 53.88 24.50 123.61
C GLN PA 88 53.91 25.73 124.50
N ARG PA 89 53.05 26.71 124.20
CA ARG PA 89 53.00 27.87 125.07
C ARG PA 89 52.61 27.47 126.48
N VAL PA 90 51.70 26.52 126.60
CA VAL PA 90 51.27 26.08 127.91
C VAL PA 90 52.47 25.59 128.69
N ARG PA 91 53.27 24.70 128.09
CA ARG PA 91 54.41 24.16 128.83
C ARG PA 91 55.39 25.26 129.17
N GLU PA 92 55.55 26.26 128.31
CA GLU PA 92 56.33 27.43 128.71
C GLU PA 92 55.77 27.98 130.00
N LEU PA 93 54.46 28.10 130.06
CA LEU PA 93 53.82 28.63 131.25
C LEU PA 93 53.81 27.63 132.39
N VAL PA 94 54.04 26.35 132.12
CA VAL PA 94 54.20 25.38 133.20
C VAL PA 94 55.55 25.56 133.84
N VAL PA 95 56.58 25.71 133.01
CA VAL PA 95 57.93 25.86 133.55
C VAL PA 95 58.03 27.18 134.29
N GLN PA 96 57.40 28.23 133.77
CA GLN PA 96 57.27 29.43 134.58
C GLN PA 96 56.41 29.16 135.80
N ALA PA 97 55.39 28.32 135.65
CA ALA PA 97 54.53 27.92 136.75
C ALA PA 97 55.13 26.82 137.57
N GLY PA 98 56.42 26.62 137.41
CA GLY PA 98 57.24 26.24 138.54
C GLY PA 98 57.46 27.35 139.53
N ASN PA 99 56.78 28.51 139.36
CA ASN PA 99 56.77 29.59 140.34
C ASN PA 99 58.12 30.30 140.33
N THR PA 100 58.92 30.00 139.29
CA THR PA 100 60.35 30.19 139.35
C THR PA 100 60.83 29.70 140.71
N GLY PA 101 60.42 28.47 141.02
CA GLY PA 101 60.70 27.95 142.33
C GLY PA 101 59.73 28.41 143.38
N THR PA 102 60.13 29.45 144.11
CA THR PA 102 59.23 30.20 144.99
C THR PA 102 59.21 31.68 144.65
N GLN PA 103 59.99 32.12 143.66
CA GLN PA 103 60.22 33.54 143.47
C GLN PA 103 58.97 34.26 143.03
N ASP PA 104 58.17 33.64 142.17
CA ASP PA 104 56.92 34.26 141.81
C ASP PA 104 56.01 34.22 143.04
N LYS PA 105 55.11 35.19 143.13
CA LYS PA 105 54.15 35.24 144.22
C LYS PA 105 52.80 34.71 143.74
N ALA PA 106 51.85 34.67 144.67
CA ALA PA 106 50.54 34.12 144.34
C ALA PA 106 49.87 34.91 143.22
N THR PA 107 50.00 36.23 143.24
CA THR PA 107 49.45 37.05 142.16
C THR PA 107 50.13 36.74 140.85
N ASP PA 108 51.44 36.49 140.87
CA ASP PA 108 52.13 36.16 139.64
C ASP PA 108 51.58 34.86 139.07
N LEU PA 109 51.40 33.86 139.93
CA LEU PA 109 50.79 32.60 139.50
C LEU PA 109 49.38 32.82 139.00
N GLN PA 110 48.67 33.81 139.55
CA GLN PA 110 47.33 34.10 139.08
C GLN PA 110 47.36 34.79 137.73
N SER PA 111 48.35 35.66 137.51
CA SER PA 111 48.53 36.26 136.21
C SER PA 111 48.79 35.20 135.16
N ILE PA 112 49.70 34.28 135.47
CA ILE PA 112 49.97 33.16 134.61
C ILE PA 112 48.69 32.36 134.38
N GLN PA 113 47.98 32.05 135.46
CA GLN PA 113 46.80 31.22 135.37
C GLN PA 113 45.71 31.90 134.56
N ASP PA 114 45.63 33.22 134.64
CA ASP PA 114 44.73 33.95 133.76
C ASP PA 114 45.10 33.70 132.31
N GLY PA 115 46.41 33.80 132.02
CA GLY PA 115 46.86 33.48 130.68
C GLY PA 115 46.54 32.06 130.27
N ILE PA 116 46.69 31.11 131.19
CA ILE PA 116 46.48 29.72 130.82
C ILE PA 116 45.00 29.44 130.63
N SER PA 117 44.16 29.94 131.51
CA SER PA 117 42.73 29.73 131.36
C SER PA 117 42.23 30.38 130.08
N ALA PA 118 42.85 31.51 129.72
CA ALA PA 118 42.62 32.09 128.42
C ALA PA 118 43.01 31.12 127.31
N LEU PA 119 44.17 30.46 127.45
CA LEU PA 119 44.58 29.48 126.46
C LEU PA 119 43.64 28.30 126.43
N THR PA 120 43.16 27.85 127.58
CA THR PA 120 42.15 26.81 127.64
C THR PA 120 40.95 27.21 126.82
N ASP PA 121 40.47 28.43 127.03
CA ASP PA 121 39.32 28.91 126.30
C ASP PA 121 39.59 28.92 124.81
N GLU PA 122 40.84 29.13 124.43
CA GLU PA 122 41.18 29.04 123.01
C GLU PA 122 41.22 27.61 122.52
N ILE PA 123 41.74 26.68 123.33
CA ILE PA 123 41.76 25.28 122.92
C ILE PA 123 40.34 24.78 122.78
N ASP PA 124 39.51 25.06 123.77
CA ASP PA 124 38.09 24.75 123.69
C ASP PA 124 37.47 25.41 122.48
N GLY PA 125 37.92 26.63 122.16
CA GLY PA 125 37.44 27.28 120.97
C GLY PA 125 37.82 26.53 119.71
N ILE PA 126 39.05 26.02 119.66
CA ILE PA 126 39.45 25.17 118.54
C ILE PA 126 38.51 23.98 118.45
N SER PA 127 38.43 23.23 119.54
CA SER PA 127 37.70 21.97 119.52
C SER PA 127 36.20 22.17 119.36
N ASN PA 128 35.70 23.39 119.58
CA ASN PA 128 34.28 23.70 119.47
C ASN PA 128 33.99 24.69 118.34
N ARG PA 129 34.96 24.95 117.47
CA ARG PA 129 34.75 25.75 116.27
C ARG PA 129 35.16 24.97 115.03
N THR PA 130 36.06 24.01 115.19
CA THR PA 130 36.47 23.20 114.07
C THR PA 130 35.30 22.32 113.66
N GLU PA 131 34.53 22.81 112.70
CA GLU PA 131 33.41 22.08 112.12
C GLU PA 131 33.70 21.76 110.66
N PHE PA 132 33.15 20.65 110.19
CA PHE PA 132 33.03 20.40 108.75
C PHE PA 132 31.58 20.09 108.46
N ASN PA 133 30.94 20.98 107.72
CA ASN PA 133 29.55 20.81 107.37
C ASN PA 133 28.74 20.70 108.65
N GLY PA 134 29.09 21.54 109.62
CA GLY PA 134 28.48 21.54 110.92
C GLY PA 134 29.01 20.51 111.88
N LYS PA 135 29.57 19.43 111.35
CA LYS PA 135 30.09 18.36 112.18
C LYS PA 135 31.30 18.86 112.94
N LYS PA 136 31.16 19.03 114.23
CA LYS PA 136 32.25 19.52 115.04
C LYS PA 136 33.35 18.47 115.02
N LEU PA 137 34.31 18.66 114.12
CA LEU PA 137 35.31 17.64 113.83
C LEU PA 137 36.23 17.37 115.01
N LEU PA 138 36.36 18.33 115.91
CA LEU PA 138 37.11 18.15 117.13
C LEU PA 138 36.19 18.11 118.34
N ASP PA 139 34.97 17.62 118.13
CA ASP PA 139 34.13 17.21 119.24
C ASP PA 139 34.81 16.00 119.88
N GLY PA 140 35.40 16.19 121.05
CA GLY PA 140 36.07 15.09 121.71
C GLY PA 140 35.17 13.93 122.05
N THR PA 141 33.85 14.16 122.06
CA THR PA 141 32.87 13.11 122.26
C THR PA 141 32.27 12.60 120.97
N TYR PA 142 32.86 12.96 119.82
CA TYR PA 142 32.34 12.47 118.55
C TYR PA 142 32.41 10.95 118.48
N LYS PA 143 33.62 10.40 118.50
CA LYS PA 143 33.84 8.96 118.41
C LYS PA 143 34.71 8.50 119.57
N VAL PA 144 34.24 8.74 120.78
CA VAL PA 144 34.79 7.99 121.90
C VAL PA 144 34.28 6.56 121.76
N ASP PA 145 35.20 5.63 121.45
CA ASP PA 145 34.87 4.22 121.25
C ASP PA 145 34.05 3.67 122.42
N THR PA 146 34.50 3.96 123.65
CA THR PA 146 33.77 3.71 124.89
C THR PA 146 33.72 2.24 125.28
N ALA PA 147 34.10 1.34 124.39
CA ALA PA 147 33.63 -0.05 124.41
C ALA PA 147 32.11 -0.12 124.29
N THR PA 148 31.51 0.84 123.58
CA THR PA 148 30.08 0.87 123.34
C THR PA 148 29.86 1.19 121.87
N PRO PA 149 29.61 0.17 121.03
CA PRO PA 149 29.31 0.45 119.62
C PRO PA 149 28.15 1.41 119.42
N ALA PA 150 27.16 1.36 120.30
CA ALA PA 150 25.98 2.20 120.15
C ALA PA 150 26.33 3.68 120.17
N ASN PA 151 27.39 4.05 120.86
CA ASN PA 151 27.79 5.45 121.01
C ASN PA 151 29.18 5.64 120.41
N GLN PA 152 29.25 5.76 119.06
CA GLN PA 152 30.52 6.03 118.41
C GLN PA 152 30.47 7.04 117.26
N LYS PA 153 29.39 7.17 116.51
CA LYS PA 153 29.38 8.05 115.34
C LYS PA 153 30.56 7.77 114.42
N ASN PA 154 30.83 6.50 114.13
CA ASN PA 154 32.02 6.07 113.40
C ASN PA 154 32.25 6.93 112.15
N LEU PA 155 33.41 7.57 112.07
CA LEU PA 155 33.69 8.49 110.97
C LEU PA 155 34.00 7.64 109.73
N VAL PA 156 32.93 7.08 109.18
CA VAL PA 156 33.02 6.22 108.01
C VAL PA 156 33.30 7.10 106.80
N PHE PA 157 34.13 6.59 105.87
CA PHE PA 157 34.30 7.16 104.52
C PHE PA 157 34.10 6.03 103.49
N GLN PA 158 32.92 5.99 102.87
CA GLN PA 158 32.66 5.13 101.71
C GLN PA 158 33.38 5.75 100.52
N ILE PA 159 34.37 5.03 100.02
CA ILE PA 159 35.12 5.45 98.86
C ILE PA 159 34.91 4.51 97.69
N GLY PA 160 35.10 3.20 97.90
CA GLY PA 160 35.11 2.28 96.78
C GLY PA 160 33.77 2.22 96.10
N ALA PA 161 33.81 2.14 94.76
CA ALA PA 161 32.59 2.02 93.98
C ALA PA 161 31.84 0.74 94.32
N ASN PA 162 32.52 -0.25 94.88
CA ASN PA 162 31.92 -1.48 95.33
C ASN PA 162 31.46 -1.36 96.77
N ALA PA 163 30.48 -2.18 97.13
CA ALA PA 163 29.88 -2.11 98.45
C ALA PA 163 30.87 -2.50 99.55
N THR PA 164 30.66 -1.92 100.73
CA THR PA 164 31.41 -2.13 101.95
C THR PA 164 32.80 -1.50 101.91
N GLN PA 165 33.22 -0.91 100.80
CA GLN PA 165 34.56 -0.37 100.68
C GLN PA 165 34.68 0.94 101.44
N GLN PA 166 34.72 0.83 102.77
CA GLN PA 166 34.63 1.98 103.65
C GLN PA 166 35.86 2.09 104.52
N ILE PA 167 36.11 3.33 104.95
CA ILE PA 167 37.20 3.64 105.86
C ILE PA 167 36.63 4.08 107.19
N SER PA 168 37.17 3.53 108.28
CA SER PA 168 36.72 3.82 109.63
C SER PA 168 37.76 4.72 110.32
N VAL PA 169 37.34 5.91 110.73
CA VAL PA 169 38.22 6.90 111.34
C VAL PA 169 37.68 7.28 112.70
N ASN PA 170 38.58 7.74 113.58
CA ASN PA 170 38.25 8.09 114.95
C ASN PA 170 38.64 9.51 115.31
N ILE PA 171 37.67 10.24 115.84
CA ILE PA 171 37.85 11.56 116.46
C ILE PA 171 37.68 11.36 117.96
N GLU PA 172 38.63 11.85 118.78
CA GLU PA 172 38.38 11.90 120.21
C GLU PA 172 38.98 13.11 120.94
N ASP PA 173 39.62 14.04 120.26
CA ASP PA 173 40.35 15.09 120.96
C ASP PA 173 39.44 16.30 121.23
N MET PA 174 39.83 17.05 122.26
CA MET PA 174 39.16 18.29 122.64
C MET PA 174 39.98 18.90 123.78
N GLY PA 175 39.59 20.11 124.18
CA GLY PA 175 40.29 20.80 125.25
C GLY PA 175 40.29 20.04 126.56
N ALA PA 176 39.19 19.37 126.87
CA ALA PA 176 39.12 18.59 128.10
C ALA PA 176 39.81 17.23 127.97
N ASP PA 177 40.40 16.92 126.82
CA ASP PA 177 41.03 15.63 126.56
C ASP PA 177 42.55 15.79 126.67
N ALA PA 178 43.12 15.53 127.85
CA ALA PA 178 44.55 15.80 128.06
C ALA PA 178 45.40 14.59 128.45
N LEU PA 179 45.27 14.11 129.69
CA LEU PA 179 45.87 12.83 130.08
C LEU PA 179 44.74 11.82 130.12
N GLY PA 180 44.58 11.12 129.03
CA GLY PA 180 43.56 10.10 128.94
C GLY PA 180 44.03 8.87 129.67
N ILE PA 181 44.04 8.92 131.01
CA ILE PA 181 44.39 7.74 131.78
C ILE PA 181 43.53 6.56 131.33
N LYS PA 182 42.23 6.76 131.33
CA LYS PA 182 41.22 5.91 130.70
C LYS PA 182 40.14 6.80 130.11
N GLU PA 183 39.77 7.79 130.92
CA GLU PA 183 38.88 8.89 130.65
C GLU PA 183 39.46 10.07 131.43
N ALA PA 184 38.67 11.13 131.59
CA ALA PA 184 39.10 12.20 132.47
C ALA PA 184 39.11 11.71 133.91
N ASP PA 185 40.25 11.86 134.58
CA ASP PA 185 40.34 11.40 135.96
C ASP PA 185 39.52 12.32 136.86
N GLY PA 186 39.90 13.59 136.89
CA GLY PA 186 39.25 14.57 137.74
C GLY PA 186 39.96 15.90 137.67
N SER PA 187 40.27 16.46 138.83
CA SER PA 187 41.07 17.68 138.87
C SER PA 187 42.39 17.48 138.16
N ILE PA 188 42.93 16.27 138.21
CA ILE PA 188 44.10 15.91 137.46
C ILE PA 188 43.68 15.22 136.19
N ALA PA 189 44.64 15.07 135.28
CA ALA PA 189 44.59 14.26 134.06
C ALA PA 189 43.72 14.82 132.94
N ALA PA 190 42.73 15.63 133.26
CA ALA PA 190 41.98 16.39 132.26
C ALA PA 190 41.83 17.85 132.64
N LEU PA 191 41.40 18.10 133.88
CA LEU PA 191 41.01 19.44 134.27
C LEU PA 191 42.18 20.33 134.57
N HIS PA 192 43.41 19.80 134.64
CA HIS PA 192 44.51 20.74 134.58
C HIS PA 192 44.56 21.39 133.21
N SER PA 193 44.15 20.68 132.17
CA SER PA 193 44.04 21.30 130.87
C SER PA 193 42.89 22.29 130.86
N VAL PA 194 41.82 21.99 131.58
CA VAL PA 194 40.66 22.87 131.61
C VAL PA 194 40.84 23.92 132.70
N ASN PA 195 40.95 23.47 133.95
CA ASN PA 195 40.90 24.40 135.08
C ASN PA 195 42.26 24.96 135.46
N ASP PA 196 43.35 24.29 135.07
CA ASP PA 196 44.69 24.82 135.36
C ASP PA 196 44.99 24.92 136.85
N LEU PA 197 45.25 23.77 137.48
CA LEU PA 197 45.49 23.66 138.92
C LEU PA 197 46.52 24.64 139.49
N ASP PA 198 47.40 25.23 138.69
CA ASP PA 198 48.45 26.12 139.22
C ASP PA 198 47.85 27.49 139.49
N VAL PA 199 47.27 27.64 140.69
CA VAL PA 199 46.65 28.89 141.10
C VAL PA 199 47.41 29.49 142.27
N THR PA 200 47.20 28.89 143.44
CA THR PA 200 48.00 29.07 144.64
C THR PA 200 48.28 27.75 145.31
N LYS PA 201 47.48 26.72 145.03
CA LYS PA 201 47.76 25.37 145.44
C LYS PA 201 49.18 24.97 145.05
N PHE PA 202 49.66 25.47 143.91
CA PHE PA 202 51.04 25.19 143.54
C PHE PA 202 52.01 25.78 144.54
N ALA PA 203 51.81 27.03 144.94
CA ALA PA 203 52.73 27.65 145.88
C ALA PA 203 52.74 26.89 147.20
N ASP PA 204 51.60 26.29 147.56
CA ASP PA 204 51.54 25.47 148.77
C ASP PA 204 52.43 24.25 148.64
N ASN PA 205 52.29 23.50 147.54
CA ASN PA 205 53.06 22.27 147.30
C ASN PA 205 53.62 22.35 145.89
N ALA PA 206 54.78 22.99 145.75
CA ALA PA 206 55.40 23.06 144.45
C ALA PA 206 55.87 21.71 143.94
N ALA PA 207 56.22 20.78 144.83
CA ALA PA 207 56.60 19.41 144.47
C ALA PA 207 55.98 18.35 145.37
N ASP PA 208 55.69 18.73 146.61
CA ASP PA 208 55.49 17.83 147.74
C ASP PA 208 54.46 16.70 147.59
N CYS PA 209 53.49 16.79 146.67
CA CYS PA 209 52.39 15.83 146.65
C CYS PA 209 52.02 15.31 145.28
N ALA PA 210 52.72 15.71 144.23
CA ALA PA 210 52.53 15.30 142.83
C ALA PA 210 51.22 15.80 142.22
N ASP PA 211 50.13 15.82 142.98
CA ASP PA 211 48.81 16.27 142.54
C ASP PA 211 48.86 17.71 142.10
N ILE PA 212 49.51 18.55 142.90
CA ILE PA 212 49.96 19.86 142.45
C ILE PA 212 51.48 19.99 142.44
N GLY PA 213 52.21 18.97 142.87
CA GLY PA 213 53.65 19.16 142.97
C GLY PA 213 54.41 19.25 141.64
N PHE PA 214 53.92 20.05 140.68
CA PHE PA 214 54.52 20.31 139.36
C PHE PA 214 54.59 19.12 138.42
N ASP PA 215 54.77 17.94 139.01
CA ASP PA 215 54.87 16.67 138.34
C ASP PA 215 53.60 16.35 137.58
N ALA PA 216 52.49 16.23 138.30
CA ALA PA 216 51.24 15.81 137.66
C ALA PA 216 50.87 16.79 136.56
N GLN PA 217 51.01 18.08 136.82
CA GLN PA 217 50.61 19.09 135.85
C GLN PA 217 51.40 18.93 134.57
N LEU PA 218 52.73 18.85 134.72
CA LEU PA 218 53.56 18.70 133.54
C LEU PA 218 53.23 17.40 132.83
N LYS PA 219 52.84 16.38 133.57
CA LYS PA 219 52.44 15.13 132.94
C LYS PA 219 51.12 15.27 132.19
N VAL PA 220 50.21 16.08 132.71
CA VAL PA 220 48.97 16.33 131.98
C VAL PA 220 49.30 16.98 130.65
N VAL PA 221 50.16 17.99 130.69
CA VAL PA 221 50.51 18.70 129.47
C VAL PA 221 51.21 17.75 128.51
N ASP PA 222 52.17 16.98 129.02
CA ASP PA 222 52.93 16.09 128.18
C ASP PA 222 52.02 15.06 127.52
N GLU PA 223 51.09 14.49 128.28
CA GLU PA 223 50.22 13.50 127.70
C GLU PA 223 49.22 14.13 126.77
N ALA PA 224 48.70 15.31 127.13
CA ALA PA 224 47.81 16.04 126.22
C ALA PA 224 48.48 16.21 124.87
N ILE PA 225 49.73 16.63 124.89
CA ILE PA 225 50.50 16.74 123.65
C ILE PA 225 50.61 15.39 122.98
N ASN PA 226 50.91 14.35 123.76
CA ASN PA 226 51.08 13.03 123.18
C ASN PA 226 49.80 12.53 122.53
N GLN PA 227 48.66 12.90 123.10
CA GLN PA 227 47.38 12.55 122.53
C GLN PA 227 47.11 13.34 121.27
N VAL PA 228 47.54 14.59 121.23
CA VAL PA 228 47.47 15.34 119.97
C VAL PA 228 48.37 14.68 118.93
N SER PA 229 49.57 14.28 119.35
CA SER PA 229 50.53 13.65 118.46
C SER PA 229 49.94 12.40 117.84
N SER PA 230 49.33 11.56 118.67
CA SER PA 230 48.77 10.32 118.18
C SER PA 230 47.49 10.55 117.39
N GLN PA 231 46.72 11.55 117.78
CA GLN PA 231 45.53 11.90 117.01
C GLN PA 231 45.92 12.35 115.62
N ARG PA 232 46.91 13.22 115.54
CA ARG PA 232 47.44 13.66 114.26
C ARG PA 232 48.12 12.52 113.54
N ALA PA 233 48.64 11.54 114.28
CA ALA PA 233 49.27 10.38 113.66
C ALA PA 233 48.23 9.54 112.93
N LYS PA 234 47.12 9.25 113.60
CA LYS PA 234 46.03 8.56 112.94
C LYS PA 234 45.53 9.37 111.76
N LEU PA 235 45.34 10.66 112.00
CA LEU PA 235 44.80 11.56 111.01
C LEU PA 235 45.65 11.55 109.75
N GLY PA 236 46.97 11.65 109.92
CA GLY PA 236 47.86 11.66 108.78
C GLY PA 236 48.02 10.28 108.16
N ALA PA 237 47.86 9.23 108.97
CA ALA PA 237 47.83 7.90 108.41
C ALA PA 237 46.71 7.81 107.39
N VAL PA 238 45.53 8.27 107.77
CA VAL PA 238 44.40 8.25 106.83
C VAL PA 238 44.68 9.19 105.67
N GLN PA 239 45.37 10.30 105.91
CA GLN PA 239 45.74 11.18 104.81
C GLN PA 239 46.54 10.41 103.77
N ASN PA 240 47.55 9.68 104.23
CA ASN PA 240 48.34 8.90 103.30
C ASN PA 240 47.50 7.86 102.60
N ARG PA 241 46.58 7.24 103.34
CA ARG PA 241 45.68 6.27 102.74
C ARG PA 241 44.93 6.87 101.58
N LEU PA 242 44.37 8.05 101.79
CA LEU PA 242 43.57 8.64 100.73
C LEU PA 242 44.45 9.13 99.60
N GLU PA 243 45.70 9.48 99.88
CA GLU PA 243 46.63 9.78 98.80
C GLU PA 243 46.76 8.57 97.89
N HIS PA 244 47.11 7.41 98.48
CA HIS PA 244 47.34 6.22 97.66
C HIS PA 244 46.04 5.71 97.08
N THR PA 245 44.94 5.90 97.80
CA THR PA 245 43.64 5.58 97.27
C THR PA 245 43.41 6.35 95.98
N ILE PA 246 43.56 7.67 96.03
CA ILE PA 246 43.30 8.49 94.86
C ILE PA 246 44.21 8.10 93.72
N ASN PA 247 45.46 7.79 94.03
CA ASN PA 247 46.36 7.35 92.97
C ASN PA 247 45.84 6.09 92.32
N ASN PA 248 45.32 5.16 93.13
CA ASN PA 248 44.68 3.97 92.58
C ASN PA 248 43.43 4.32 91.80
N LEU PA 249 42.60 5.20 92.34
CA LEU PA 249 41.35 5.56 91.69
C LEU PA 249 41.61 6.20 90.35
N SER PA 250 42.68 6.97 90.27
CA SER PA 250 43.06 7.63 89.04
C SER PA 250 43.55 6.62 88.01
N ALA PA 251 44.52 5.79 88.39
CA ALA PA 251 45.08 4.82 87.46
C ALA PA 251 44.03 3.81 87.05
N SER PA 252 43.33 3.25 88.04
CA SER PA 252 42.31 2.25 87.79
C SER PA 252 41.17 2.84 86.97
N GLY PA 253 40.79 4.07 87.31
CA GLY PA 253 39.75 4.73 86.55
C GLY PA 253 40.15 4.90 85.09
N GLU PA 254 41.39 5.32 84.86
CA GLU PA 254 41.90 5.42 83.50
C GLU PA 254 41.80 4.10 82.77
N ASN PA 255 42.40 3.05 83.37
CA ASN PA 255 42.40 1.74 82.74
C ASN PA 255 40.98 1.27 82.48
N LEU PA 256 40.06 1.68 83.34
CA LEU PA 256 38.67 1.25 83.21
C LEU PA 256 37.97 1.97 82.07
N THR PA 257 38.17 3.28 81.95
CA THR PA 257 37.60 4.00 80.82
C THR PA 257 38.21 3.52 79.52
N ALA PA 258 39.47 3.09 79.58
CA ALA PA 258 40.07 2.48 78.41
C ALA PA 258 39.41 1.15 78.10
N ALA PA 259 39.10 0.37 79.13
CA ALA PA 259 38.42 -0.91 78.93
C ALA PA 259 37.08 -0.69 78.24
N GLU PA 260 36.29 0.24 78.79
CA GLU PA 260 35.04 0.62 78.14
C GLU PA 260 35.30 1.03 76.70
N SER PA 261 36.29 1.88 76.51
CA SER PA 261 36.60 2.39 75.19
C SER PA 261 36.89 1.24 74.23
N ARG PA 262 37.51 0.18 74.73
CA ARG PA 262 37.70 -1.00 73.90
C ARG PA 262 36.37 -1.63 73.54
N ILE PA 263 35.44 -1.67 74.50
CA ILE PA 263 34.12 -2.19 74.15
C ILE PA 263 33.46 -1.30 73.10
N ARG PA 264 33.46 0.00 73.34
CA ARG PA 264 32.88 0.96 72.41
C ARG PA 264 33.86 1.46 71.37
N ASP PA 265 35.01 0.80 71.21
CA ASP PA 265 36.02 1.21 70.24
C ASP PA 265 35.40 1.33 68.86
N VAL PA 266 35.29 2.55 68.36
CA VAL PA 266 34.96 2.77 66.96
C VAL PA 266 36.27 2.93 66.21
N ASP PA 267 36.53 2.03 65.27
CA ASP PA 267 37.55 2.28 64.28
C ASP PA 267 36.93 3.25 63.29
N MET PA 268 37.03 4.54 63.64
CA MET PA 268 36.35 5.56 62.88
C MET PA 268 36.79 5.55 61.42
N ALA PA 269 38.05 5.22 61.17
CA ALA PA 269 38.51 5.10 59.80
C ALA PA 269 37.82 3.94 59.09
N LYS PA 270 37.76 2.78 59.76
CA LYS PA 270 37.03 1.64 59.21
C LYS PA 270 35.60 2.02 58.91
N GLU PA 271 34.95 2.67 59.85
CA GLU PA 271 33.51 2.89 59.74
C GLU PA 271 33.19 3.94 58.69
N MET PA 272 34.06 4.94 58.53
CA MET PA 272 33.90 5.85 57.41
C MET PA 272 34.11 5.13 56.09
N SER PA 273 35.12 4.25 56.07
CA SER PA 273 35.40 3.48 54.84
C SER PA 273 34.23 2.59 54.48
N GLU PA 274 33.74 1.82 55.45
CA GLU PA 274 32.62 0.93 55.22
C GLU PA 274 31.38 1.72 54.86
N PHE PA 275 31.21 2.88 55.50
CA PHE PA 275 30.12 3.77 55.12
C PHE PA 275 30.17 4.11 53.66
N THR PA 276 31.34 4.59 53.23
CA THR PA 276 31.59 4.92 51.84
C THR PA 276 31.19 3.77 50.93
N LYS PA 277 31.71 2.59 51.25
CA LYS PA 277 31.44 1.41 50.45
C LYS PA 277 29.95 1.17 50.34
N ASN PA 278 29.25 1.23 51.46
CA ASN PA 278 27.83 0.91 51.43
C ASN PA 278 27.03 1.94 50.64
N ASN PA 279 27.49 3.20 50.63
CA ASN PA 279 26.89 4.19 49.73
C ASN PA 279 27.05 3.75 48.30
N ILE PA 280 28.30 3.46 47.93
CA ILE PA 280 28.63 3.03 46.58
C ILE PA 280 27.73 1.87 46.18
N LEU PA 281 27.65 0.88 47.06
CA LEU PA 281 26.92 -0.34 46.76
C LEU PA 281 25.44 -0.09 46.60
N SER PA 282 24.87 0.77 47.46
CA SER PA 282 23.48 1.13 47.31
C SER PA 282 23.23 1.77 45.96
N GLN PA 283 24.06 2.76 45.61
CA GLN PA 283 23.87 3.49 44.37
C GLN PA 283 23.99 2.57 43.16
N ALA PA 284 24.99 1.71 43.18
CA ALA PA 284 25.20 0.76 42.09
C ALA PA 284 23.98 -0.13 41.94
N SER PA 285 23.50 -0.67 43.06
CA SER PA 285 22.36 -1.57 42.99
C SER PA 285 21.14 -0.84 42.44
N GLN PA 286 20.96 0.42 42.80
CA GLN PA 286 19.80 1.15 42.27
C GLN PA 286 19.95 1.37 40.77
N ALA PA 287 21.16 1.69 40.31
CA ALA PA 287 21.38 1.78 38.87
C ALA PA 287 20.98 0.49 38.18
N MET PA 288 21.33 -0.63 38.79
CA MET PA 288 20.94 -1.89 38.20
C MET PA 288 19.44 -2.09 38.27
N LEU PA 289 18.77 -1.57 39.28
CA LEU PA 289 17.31 -1.69 39.32
C LEU PA 289 16.69 -0.89 38.19
N ALA PA 290 17.24 0.29 37.91
CA ALA PA 290 16.81 1.02 36.74
C ALA PA 290 16.97 0.17 35.50
N GLN PA 291 18.14 -0.44 35.33
CA GLN PA 291 18.37 -1.28 34.16
C GLN PA 291 17.38 -2.44 34.09
N ALA PA 292 17.04 -3.00 35.25
CA ALA PA 292 16.03 -4.05 35.31
C ALA PA 292 14.70 -3.54 34.81
N ASN PA 293 14.44 -2.25 35.02
CA ASN PA 293 13.23 -1.66 34.47
C ASN PA 293 13.40 -1.24 33.01
N GLN PA 294 14.63 -1.12 32.53
CA GLN PA 294 14.86 -0.72 31.14
C GLN PA 294 14.72 -1.89 30.19
N GLN PA 295 15.33 -3.02 30.54
CA GLN PA 295 15.28 -4.20 29.68
C GLN PA 295 13.88 -4.58 29.21
N PRO PA 296 12.87 -4.74 30.08
CA PRO PA 296 11.55 -5.12 29.57
C PRO PA 296 10.90 -4.05 28.70
N GLN PA 297 11.36 -2.81 28.74
CA GLN PA 297 10.85 -1.81 27.80
C GLN PA 297 11.39 -2.05 26.42
N ASN PA 298 12.69 -2.31 26.35
CA ASN PA 298 13.30 -2.75 25.11
C ASN PA 298 12.54 -3.95 24.56
N VAL PA 299 12.20 -4.89 25.44
CA VAL PA 299 11.40 -6.05 25.05
C VAL PA 299 10.07 -5.60 24.48
N LEU PA 300 9.43 -4.65 25.16
CA LEU PA 300 8.11 -4.20 24.71
C LEU PA 300 8.17 -3.71 23.28
N GLN PA 301 9.11 -2.82 22.98
CA GLN PA 301 9.23 -2.32 21.62
C GLN PA 301 9.54 -3.46 20.67
N LEU PA 302 10.55 -4.26 21.01
CA LEU PA 302 11.07 -5.27 20.10
C LEU PA 302 10.03 -6.33 19.77
N LEU PA 303 9.13 -6.61 20.71
CA LEU PA 303 8.05 -7.57 20.51
C LEU PA 303 6.70 -6.89 20.34
N ARG PA 304 6.69 -5.68 19.80
CA ARG PA 304 5.46 -5.03 19.46
C ARG PA 304 5.10 -5.33 18.01
N ILE QA 3 -88.89 -53.29 -144.63
CA ILE QA 3 -87.41 -53.52 -144.49
C ILE QA 3 -87.03 -53.92 -143.07
N ASN QA 4 -87.91 -54.69 -142.42
CA ASN QA 4 -87.75 -54.99 -141.00
C ASN QA 4 -86.38 -55.57 -140.69
N HIS QA 5 -85.91 -56.49 -141.52
CA HIS QA 5 -84.64 -57.17 -141.28
C HIS QA 5 -83.42 -56.26 -141.45
N ASN QA 6 -83.60 -55.03 -141.90
CA ASN QA 6 -82.49 -54.11 -142.11
C ASN QA 6 -82.39 -53.03 -141.05
N ILE QA 7 -83.37 -52.92 -140.14
CA ILE QA 7 -83.43 -51.84 -139.16
C ILE QA 7 -82.98 -52.40 -137.82
N ALA QA 8 -81.96 -51.78 -137.28
CA ALA QA 8 -81.52 -52.06 -135.92
C ALA QA 8 -81.10 -50.80 -135.18
N ALA QA 9 -81.36 -49.63 -135.75
CA ALA QA 9 -80.85 -48.38 -135.20
C ALA QA 9 -79.35 -48.47 -135.00
N LEU QA 10 -78.66 -48.87 -136.06
CA LEU QA 10 -77.25 -49.19 -135.93
C LEU QA 10 -76.44 -47.98 -135.49
N ASN QA 11 -76.92 -46.76 -135.75
CA ASN QA 11 -76.25 -45.60 -135.17
C ASN QA 11 -76.38 -45.62 -133.66
N THR QA 12 -77.53 -46.06 -133.17
CA THR QA 12 -77.66 -46.23 -131.72
C THR QA 12 -76.67 -47.27 -131.23
N LEU QA 13 -76.46 -48.34 -132.01
CA LEU QA 13 -75.54 -49.38 -131.61
C LEU QA 13 -74.12 -48.84 -131.55
N ASN QA 14 -73.78 -48.01 -132.52
CA ASN QA 14 -72.48 -47.38 -132.54
C ASN QA 14 -72.31 -46.47 -131.33
N ARG QA 15 -73.35 -45.72 -130.98
CA ARG QA 15 -73.31 -44.92 -129.77
C ARG QA 15 -73.15 -45.81 -128.58
N LEU QA 16 -73.71 -47.01 -128.64
CA LEU QA 16 -73.62 -47.89 -127.50
C LEU QA 16 -72.19 -48.31 -127.26
N SER QA 17 -71.53 -48.79 -128.30
CA SER QA 17 -70.13 -49.16 -128.20
C SER QA 17 -69.31 -48.00 -127.67
N SER QA 18 -69.55 -46.81 -128.23
CA SER QA 18 -68.85 -45.61 -127.79
C SER QA 18 -69.06 -45.36 -126.31
N ASN QA 19 -70.30 -45.42 -125.86
CA ASN QA 19 -70.63 -45.08 -124.48
C ASN QA 19 -70.04 -46.09 -123.52
N ASN QA 20 -70.05 -47.37 -123.90
CA ASN QA 20 -69.48 -48.39 -123.02
C ASN QA 20 -67.99 -48.17 -122.87
N SER QA 21 -67.30 -47.90 -123.96
CA SER QA 21 -65.89 -47.61 -123.83
C SER QA 21 -65.66 -46.33 -123.04
N ALA QA 22 -66.54 -45.35 -123.20
CA ALA QA 22 -66.40 -44.08 -122.49
C ALA QA 22 -66.45 -44.28 -120.99
N SER QA 23 -67.54 -44.90 -120.51
CA SER QA 23 -67.67 -45.15 -119.09
C SER QA 23 -66.54 -46.02 -118.59
N GLN QA 24 -66.11 -46.99 -119.41
CA GLN QA 24 -64.95 -47.82 -119.05
C GLN QA 24 -63.73 -46.96 -118.76
N LYS QA 25 -63.44 -46.03 -119.68
CA LYS QA 25 -62.27 -45.17 -119.51
C LYS QA 25 -62.39 -44.35 -118.25
N ASN QA 26 -63.59 -43.82 -118.00
CA ASN QA 26 -63.83 -43.07 -116.78
C ASN QA 26 -63.45 -43.90 -115.56
N MET QA 27 -63.93 -45.14 -115.49
CA MET QA 27 -63.60 -46.01 -114.36
C MET QA 27 -62.11 -46.18 -114.22
N GLU QA 28 -61.47 -46.57 -115.31
CA GLU QA 28 -60.06 -46.89 -115.31
C GLU QA 28 -59.25 -45.75 -114.74
N LYS QA 29 -59.62 -44.53 -115.12
CA LYS QA 29 -58.93 -43.38 -114.56
C LYS QA 29 -59.33 -43.19 -113.09
N LEU QA 30 -60.60 -43.37 -112.78
CA LEU QA 30 -61.07 -43.24 -111.41
C LEU QA 30 -60.42 -44.27 -110.50
N SER QA 31 -60.46 -45.51 -110.92
CA SER QA 31 -59.90 -46.60 -110.13
C SER QA 31 -58.42 -46.41 -109.91
N SER QA 32 -57.70 -46.10 -110.98
CA SER QA 32 -56.26 -45.93 -110.88
C SER QA 32 -55.89 -44.59 -110.31
N GLY QA 33 -56.79 -43.63 -110.33
CA GLY QA 33 -56.44 -42.29 -109.91
C GLY QA 33 -55.53 -41.62 -110.90
N LEU QA 34 -55.64 -41.98 -112.16
CA LEU QA 34 -54.72 -41.55 -113.21
C LEU QA 34 -55.53 -40.85 -114.29
N ARG QA 35 -55.30 -39.56 -114.47
CA ARG QA 35 -55.79 -38.93 -115.68
C ARG QA 35 -54.92 -39.33 -116.86
N ILE QA 36 -53.65 -39.62 -116.61
CA ILE QA 36 -52.78 -40.11 -117.65
C ILE QA 36 -53.34 -41.40 -118.24
N ASN QA 37 -52.98 -41.65 -119.47
CA ASN QA 37 -53.36 -42.88 -120.13
C ASN QA 37 -52.29 -43.94 -119.92
N ARG QA 38 -52.71 -45.19 -119.94
CA ARG QA 38 -51.75 -46.26 -120.14
C ARG QA 38 -51.20 -46.20 -121.55
N ALA QA 39 -52.06 -45.92 -122.52
CA ALA QA 39 -51.68 -45.78 -123.91
C ALA QA 39 -50.89 -44.50 -124.12
N GLY QA 40 -50.15 -44.48 -125.22
CA GLY QA 40 -49.31 -43.35 -125.60
C GLY QA 40 -50.05 -42.09 -125.97
N ASP QA 41 -51.38 -42.10 -125.89
CA ASP QA 41 -52.14 -40.89 -126.12
C ASP QA 41 -51.70 -39.80 -125.15
N ASP QA 42 -51.14 -38.73 -125.71
CA ASP QA 42 -50.38 -37.72 -124.95
C ASP QA 42 -49.10 -38.32 -124.36
N ALA QA 43 -48.36 -39.02 -125.22
CA ALA QA 43 -47.04 -39.52 -124.80
C ALA QA 43 -46.10 -38.40 -124.42
N ALA QA 44 -46.36 -37.17 -124.88
CA ALA QA 44 -45.61 -36.03 -124.38
C ALA QA 44 -45.75 -35.91 -122.87
N GLY QA 45 -46.98 -35.65 -122.41
CA GLY QA 45 -47.22 -35.52 -120.99
C GLY QA 45 -46.81 -36.76 -120.21
N LEU QA 46 -47.01 -37.94 -120.80
CA LEU QA 46 -46.58 -39.16 -120.14
C LEU QA 46 -45.09 -39.16 -119.92
N ALA QA 47 -44.34 -39.06 -121.02
CA ALA QA 47 -42.87 -39.09 -120.95
C ALA QA 47 -42.35 -38.02 -120.01
N ILE QA 48 -43.04 -36.89 -119.95
CA ILE QA 48 -42.67 -35.89 -118.96
C ILE QA 48 -42.82 -36.48 -117.57
N SER QA 49 -44.02 -36.96 -117.23
CA SER QA 49 -44.25 -37.44 -115.87
C SER QA 49 -43.35 -38.61 -115.53
N GLU QA 50 -42.99 -39.40 -116.54
CA GLU QA 50 -41.98 -40.42 -116.38
C GLU QA 50 -40.68 -39.81 -115.92
N LYS QA 51 -40.23 -38.78 -116.63
CA LYS QA 51 -39.00 -38.10 -116.25
C LYS QA 51 -39.13 -37.45 -114.88
N MET QA 52 -40.31 -36.89 -114.61
CA MET QA 52 -40.58 -36.30 -113.31
C MET QA 52 -40.34 -37.33 -112.24
N ARG QA 53 -41.04 -38.46 -112.31
CA ARG QA 53 -40.92 -39.50 -111.30
C ARG QA 53 -39.50 -40.00 -111.17
N GLY QA 54 -38.80 -40.10 -112.29
CA GLY QA 54 -37.39 -40.43 -112.22
C GLY QA 54 -36.65 -39.46 -111.32
N GLN QA 55 -36.91 -38.16 -111.52
CA GLN QA 55 -36.26 -37.17 -110.68
C GLN QA 55 -36.81 -37.19 -109.26
N ILE QA 56 -38.13 -37.34 -109.08
CA ILE QA 56 -38.73 -37.40 -107.74
C ILE QA 56 -38.05 -38.47 -106.92
N ARG QA 57 -38.10 -39.69 -107.43
CA ARG QA 57 -37.51 -40.82 -106.75
C ARG QA 57 -36.03 -40.57 -106.51
N GLY QA 58 -35.37 -39.95 -107.49
CA GLY QA 58 -33.97 -39.59 -107.29
C GLY QA 58 -33.78 -38.56 -106.20
N LEU QA 59 -34.80 -37.73 -105.96
CA LEU QA 59 -34.72 -36.74 -104.89
C LEU QA 59 -35.00 -37.38 -103.54
N GLU QA 60 -35.84 -38.39 -103.52
CA GLU QA 60 -36.06 -39.15 -102.30
C GLU QA 60 -34.77 -39.84 -101.88
N MET QA 61 -34.13 -40.52 -102.82
CA MET QA 61 -32.85 -41.14 -102.53
C MET QA 61 -31.76 -40.09 -102.34
N ALA QA 62 -31.96 -38.89 -102.89
CA ALA QA 62 -31.02 -37.81 -102.64
C ALA QA 62 -31.09 -37.36 -101.20
N SER QA 63 -32.31 -37.17 -100.70
CA SER QA 63 -32.50 -36.81 -99.31
C SER QA 63 -31.91 -37.88 -98.43
N LYS QA 64 -32.18 -39.15 -98.77
CA LYS QA 64 -31.57 -40.26 -98.06
C LYS QA 64 -30.06 -40.13 -98.03
N ASN QA 65 -29.43 -39.95 -99.19
CA ASN QA 65 -27.98 -39.89 -99.27
C ASN QA 65 -27.44 -38.71 -98.48
N SER QA 66 -28.14 -37.59 -98.50
CA SER QA 66 -27.65 -36.41 -97.80
C SER QA 66 -27.77 -36.56 -96.31
N GLN QA 67 -28.87 -37.14 -95.85
CA GLN QA 67 -29.00 -37.45 -94.43
C GLN QA 67 -27.92 -38.39 -93.99
N ASP QA 68 -27.59 -39.36 -94.83
CA ASP QA 68 -26.50 -40.26 -94.55
C ASP QA 68 -25.18 -39.50 -94.47
N GLY QA 69 -24.99 -38.55 -95.41
CA GLY QA 69 -23.89 -37.60 -95.31
C GLY QA 69 -23.81 -36.99 -93.93
N ILE QA 70 -24.96 -36.50 -93.45
CA ILE QA 70 -25.01 -35.84 -92.15
C ILE QA 70 -24.61 -36.79 -91.06
N SER QA 71 -25.05 -38.04 -91.16
CA SER QA 71 -24.72 -39.02 -90.13
C SER QA 71 -23.21 -39.20 -90.05
N LEU QA 72 -22.57 -39.33 -91.21
CA LEU QA 72 -21.13 -39.39 -91.26
C LEU QA 72 -20.51 -38.16 -90.62
N ILE QA 73 -21.01 -36.99 -91.01
CA ILE QA 73 -20.47 -35.74 -90.53
C ILE QA 73 -20.51 -35.70 -89.02
N GLN QA 74 -21.69 -35.87 -88.44
CA GLN QA 74 -21.86 -35.73 -87.01
C GLN QA 74 -21.08 -36.78 -86.25
N THR QA 75 -20.91 -37.96 -86.83
CA THR QA 75 -20.02 -38.94 -86.23
C THR QA 75 -18.63 -38.36 -86.08
N ALA QA 76 -18.02 -37.97 -87.20
CA ALA QA 76 -16.67 -37.44 -87.17
C ALA QA 76 -16.61 -36.18 -86.32
N GLU QA 77 -17.66 -35.38 -86.38
CA GLU QA 77 -17.77 -34.13 -85.63
C GLU QA 77 -17.63 -34.38 -84.14
N GLY QA 78 -18.49 -35.26 -83.60
CA GLY QA 78 -18.43 -35.53 -82.18
C GLY QA 78 -17.10 -36.12 -81.79
N ALA QA 79 -16.54 -36.95 -82.66
CA ALA QA 79 -15.24 -37.52 -82.38
C ALA QA 79 -14.17 -36.44 -82.29
N LEU QA 80 -14.21 -35.47 -83.20
CA LEU QA 80 -13.25 -34.39 -83.19
C LEU QA 80 -13.47 -33.45 -82.02
N THR QA 81 -14.72 -33.32 -81.59
CA THR QA 81 -15.00 -32.54 -80.38
C THR QA 81 -14.32 -33.18 -79.19
N GLU QA 82 -14.43 -34.51 -79.08
CA GLU QA 82 -13.76 -35.18 -77.97
C GLU QA 82 -12.26 -35.07 -78.09
N THR QA 83 -11.74 -35.24 -79.31
CA THR QA 83 -10.31 -35.06 -79.56
C THR QA 83 -9.88 -33.70 -79.04
N HIS QA 84 -10.65 -32.69 -79.40
CA HIS QA 84 -10.36 -31.33 -79.00
C HIS QA 84 -10.31 -31.19 -77.50
N ALA QA 85 -11.32 -31.76 -76.83
CA ALA QA 85 -11.36 -31.72 -75.37
C ALA QA 85 -10.09 -32.33 -74.78
N ILE QA 86 -9.65 -33.45 -75.36
CA ILE QA 86 -8.39 -34.02 -74.94
C ILE QA 86 -7.29 -33.00 -75.10
N LEU QA 87 -7.22 -32.36 -76.27
CA LEU QA 87 -6.15 -31.41 -76.54
C LEU QA 87 -6.16 -30.26 -75.56
N GLN QA 88 -7.33 -29.88 -75.07
CA GLN QA 88 -7.38 -28.92 -73.96
C GLN QA 88 -6.65 -29.49 -72.76
N ARG QA 89 -6.96 -30.75 -72.42
CA ARG QA 89 -6.25 -31.36 -71.31
C ARG QA 89 -4.76 -31.42 -71.58
N VAL QA 90 -4.40 -31.69 -72.83
CA VAL QA 90 -2.99 -31.77 -73.18
C VAL QA 90 -2.33 -30.45 -72.86
N ARG QA 91 -2.91 -29.34 -73.31
CA ARG QA 91 -2.27 -28.05 -73.06
C ARG QA 91 -2.19 -27.76 -71.58
N GLU QA 92 -3.19 -28.19 -70.80
CA GLU QA 92 -3.05 -28.11 -69.36
C GLU QA 92 -1.78 -28.82 -68.93
N LEU QA 93 -1.56 -29.99 -69.49
CA LEU QA 93 -0.38 -30.76 -69.15
C LEU QA 93 0.87 -30.20 -69.79
N VAL QA 94 0.74 -29.35 -70.81
CA VAL QA 94 1.90 -28.65 -71.36
C VAL QA 94 2.33 -27.57 -70.40
N VAL QA 95 1.37 -26.80 -69.91
CA VAL QA 95 1.69 -25.70 -69.02
C VAL QA 95 2.24 -26.26 -67.71
N GLN QA 96 1.69 -27.38 -67.23
CA GLN QA 96 2.34 -28.06 -66.14
C GLN QA 96 3.69 -28.61 -66.59
N ALA QA 97 3.77 -29.04 -67.84
CA ALA QA 97 5.03 -29.53 -68.41
C ALA QA 97 5.90 -28.40 -68.90
N GLY QA 98 5.60 -27.19 -68.44
CA GLY QA 98 6.64 -26.25 -68.16
C GLY QA 98 7.44 -26.59 -66.93
N ASN QA 99 7.23 -27.78 -66.33
CA ASN QA 99 8.05 -28.31 -65.24
C ASN QA 99 7.76 -27.52 -63.96
N THR QA 100 6.68 -26.74 -63.99
CA THR QA 100 6.52 -25.60 -63.10
C THR QA 100 7.86 -24.87 -63.04
N GLY QA 101 8.37 -24.57 -64.23
CA GLY QA 101 9.70 -24.00 -64.30
C GLY QA 101 10.79 -25.02 -64.21
N THR QA 102 11.33 -25.18 -62.99
CA THR QA 102 12.20 -26.29 -62.65
C THR QA 102 11.69 -27.11 -61.47
N GLN QA 103 10.56 -26.71 -60.88
CA GLN QA 103 10.16 -27.26 -59.61
C GLN QA 103 9.80 -28.72 -59.70
N ASP QA 104 9.14 -29.12 -60.78
CA ASP QA 104 8.88 -30.53 -60.95
C ASP QA 104 10.21 -31.23 -61.22
N LYS QA 105 10.28 -32.49 -60.83
CA LYS QA 105 11.48 -33.29 -61.09
C LYS QA 105 11.26 -34.18 -62.30
N ALA QA 106 12.29 -34.93 -62.65
CA ALA QA 106 12.22 -35.79 -63.83
C ALA QA 106 11.11 -36.82 -63.70
N THR QA 107 10.94 -37.39 -62.52
CA THR QA 107 9.85 -38.33 -62.29
C THR QA 107 8.51 -37.66 -62.45
N ASP QA 108 8.38 -36.42 -61.99
CA ASP QA 108 7.13 -35.71 -62.15
C ASP QA 108 6.81 -35.52 -63.63
N LEU QA 109 7.81 -35.12 -64.41
CA LEU QA 109 7.62 -35.01 -65.85
C LEU QA 109 7.29 -36.35 -66.47
N GLN QA 110 7.79 -37.44 -65.89
CA GLN QA 110 7.47 -38.77 -66.40
C GLN QA 110 6.05 -39.16 -66.04
N SER QA 111 5.60 -38.77 -64.85
CA SER QA 111 4.21 -39.00 -64.48
C SER QA 111 3.30 -38.27 -65.44
N ILE QA 112 3.60 -37.01 -65.69
CA ILE QA 112 2.84 -36.24 -66.67
C ILE QA 112 2.90 -36.92 -68.02
N GLN QA 113 4.10 -37.32 -68.44
CA GLN QA 113 4.27 -37.90 -69.76
C GLN QA 113 3.53 -39.22 -69.88
N ASP QA 114 3.44 -39.97 -68.79
CA ASP QA 114 2.60 -41.16 -68.78
C ASP QA 114 1.16 -40.78 -69.06
N GLY QA 115 0.70 -39.73 -68.38
CA GLY QA 115 -0.64 -39.25 -68.65
C GLY QA 115 -0.82 -38.80 -70.09
N ILE QA 116 0.19 -38.14 -70.65
CA ILE QA 116 0.03 -37.61 -72.00
C ILE QA 116 0.07 -38.73 -73.01
N SER QA 117 0.99 -39.67 -72.86
CA SER QA 117 1.05 -40.79 -73.78
C SER QA 117 -0.23 -41.61 -73.71
N ALA QA 118 -0.80 -41.68 -72.51
CA ALA QA 118 -2.13 -42.24 -72.36
C ALA QA 118 -3.14 -41.46 -73.19
N LEU QA 119 -3.06 -40.13 -73.14
CA LEU QA 119 -3.97 -39.31 -73.94
C LEU QA 119 -3.73 -39.51 -75.41
N THR QA 120 -2.48 -39.62 -75.83
CA THR QA 120 -2.15 -39.95 -77.20
C THR QA 120 -2.86 -41.22 -77.61
N ASP QA 121 -2.73 -42.25 -76.79
CA ASP QA 121 -3.37 -43.51 -77.09
C ASP QA 121 -4.87 -43.35 -77.21
N GLU QA 122 -5.44 -42.41 -76.47
CA GLU QA 122 -6.87 -42.14 -76.62
C GLU QA 122 -7.16 -41.39 -77.91
N ILE QA 123 -6.31 -40.43 -78.28
CA ILE QA 123 -6.54 -39.71 -79.54
C ILE QA 123 -6.43 -40.67 -80.70
N ASP QA 124 -5.38 -41.48 -80.70
CA ASP QA 124 -5.23 -42.53 -81.69
C ASP QA 124 -6.43 -43.46 -81.66
N GLY QA 125 -6.96 -43.72 -80.46
CA GLY QA 125 -8.15 -44.53 -80.36
C GLY QA 125 -9.34 -43.87 -81.03
N ILE QA 126 -9.48 -42.56 -80.85
CA ILE QA 126 -10.53 -41.84 -81.57
C ILE QA 126 -10.35 -42.02 -83.06
N SER QA 127 -9.17 -41.65 -83.55
CA SER QA 127 -8.94 -41.62 -84.98
C SER QA 127 -8.92 -43.01 -85.59
N ASN QA 128 -8.79 -44.06 -84.78
CA ASN QA 128 -8.75 -45.44 -85.24
C ASN QA 128 -9.95 -46.26 -84.76
N ARG QA 129 -10.96 -45.59 -84.20
CA ARG QA 129 -12.22 -46.25 -83.85
C ARG QA 129 -13.39 -45.56 -84.52
N THR QA 130 -13.22 -44.28 -84.85
CA THR QA 130 -14.28 -43.57 -85.53
C THR QA 130 -14.42 -44.12 -86.94
N GLU QA 131 -15.32 -45.08 -87.08
CA GLU QA 131 -15.65 -45.69 -88.37
C GLU QA 131 -17.08 -45.34 -88.75
N PHE QA 132 -17.33 -45.26 -90.05
CA PHE QA 132 -18.69 -45.30 -90.57
C PHE QA 132 -18.75 -46.39 -91.62
N ASN QA 133 -19.52 -47.43 -91.32
CA ASN QA 133 -19.64 -48.55 -92.22
C ASN QA 133 -18.26 -49.13 -92.50
N GLY QA 134 -17.46 -49.22 -91.44
CA GLY QA 134 -16.11 -49.69 -91.51
C GLY QA 134 -15.11 -48.64 -91.95
N LYS QA 135 -15.56 -47.63 -92.67
CA LYS QA 135 -14.67 -46.59 -93.17
C LYS QA 135 -14.16 -45.79 -92.01
N LYS QA 136 -12.88 -45.93 -91.70
CA LYS QA 136 -12.30 -45.21 -90.58
C LYS QA 136 -12.33 -43.73 -90.93
N LEU QA 137 -13.37 -43.05 -90.45
CA LEU QA 137 -13.65 -41.69 -90.86
C LEU QA 137 -12.58 -40.71 -90.41
N LEU QA 138 -11.84 -41.05 -89.37
CA LEU QA 138 -10.71 -40.25 -88.93
C LEU QA 138 -9.39 -40.96 -89.22
N ASP QA 139 -9.38 -41.76 -90.28
CA ASP QA 139 -8.12 -42.21 -90.85
C ASP QA 139 -7.43 -40.98 -91.42
N GLY QA 140 -6.38 -40.53 -90.75
CA GLY QA 140 -5.68 -39.34 -91.22
C GLY QA 140 -5.08 -39.51 -92.60
N THR QA 141 -4.92 -40.74 -93.07
CA THR QA 141 -4.46 -41.03 -94.42
C THR QA 141 -5.60 -41.33 -95.37
N TYR QA 142 -6.85 -41.07 -94.99
CA TYR QA 142 -7.96 -41.32 -95.89
C TYR QA 142 -7.84 -40.48 -97.15
N LYS QA 143 -7.92 -39.15 -96.99
CA LYS QA 143 -7.84 -38.22 -98.12
C LYS QA 143 -6.76 -37.19 -97.87
N VAL QA 144 -5.53 -37.65 -97.69
CA VAL QA 144 -4.41 -36.74 -97.85
C VAL QA 144 -4.29 -36.44 -99.33
N ASP QA 145 -4.61 -35.19 -99.70
CA ASP QA 145 -4.57 -34.76 -101.10
C ASP QA 145 -3.25 -35.11 -101.77
N THR QA 146 -2.14 -34.82 -101.09
CA THR QA 146 -0.79 -35.26 -101.44
C THR QA 146 -0.21 -34.53 -102.64
N ALA QA 147 -1.04 -33.76 -103.37
CA ALA QA 147 -0.77 -33.45 -104.77
C ALA QA 147 -0.68 -34.72 -105.63
N THR QA 148 -1.41 -35.76 -105.24
CA THR QA 148 -1.46 -37.01 -105.99
C THR QA 148 -2.92 -37.43 -106.09
N PRO QA 149 -3.58 -37.16 -107.21
CA PRO QA 149 -4.97 -37.63 -107.39
C PRO QA 149 -5.14 -39.12 -107.18
N ALA QA 150 -4.14 -39.89 -107.57
CA ALA QA 150 -4.23 -41.35 -107.49
C ALA QA 150 -4.46 -41.82 -106.06
N ASN QA 151 -3.96 -41.07 -105.07
CA ASN QA 151 -4.05 -41.45 -103.67
C ASN QA 151 -4.84 -40.38 -102.93
N GLN QA 152 -6.18 -40.45 -103.02
CA GLN QA 152 -7.04 -39.54 -102.27
C GLN QA 152 -8.28 -40.16 -101.65
N LYS QA 153 -8.89 -41.19 -102.22
CA LYS QA 153 -10.15 -41.71 -101.68
C LYS QA 153 -11.18 -40.60 -101.49
N ASN QA 154 -11.34 -39.72 -102.48
CA ASN QA 154 -12.16 -38.52 -102.35
C ASN QA 154 -13.52 -38.82 -101.75
N LEU QA 155 -13.84 -38.17 -100.63
CA LEU QA 155 -15.08 -38.45 -99.91
C LEU QA 155 -16.22 -37.81 -100.70
N VAL QA 156 -16.56 -38.46 -101.81
CA VAL QA 156 -17.61 -38.00 -102.70
C VAL QA 156 -18.95 -38.26 -102.03
N PHE QA 157 -19.92 -37.34 -102.21
CA PHE QA 157 -21.33 -37.56 -101.89
C PHE QA 157 -22.17 -37.19 -103.12
N GLN QA 158 -22.61 -38.21 -103.86
CA GLN QA 158 -23.62 -38.03 -104.91
C GLN QA 158 -24.95 -37.80 -104.26
N ILE QA 159 -25.49 -36.60 -104.45
CA ILE QA 159 -26.79 -36.23 -103.91
C ILE QA 159 -27.79 -35.97 -105.03
N GLY QA 160 -27.43 -35.13 -105.99
CA GLY QA 160 -28.41 -34.70 -106.97
C GLY QA 160 -28.91 -35.85 -107.82
N ALA QA 161 -30.21 -35.83 -108.11
CA ALA QA 161 -30.81 -36.84 -108.96
C ALA QA 161 -30.21 -36.81 -110.36
N ASN QA 162 -29.62 -35.69 -110.74
CA ASN QA 162 -28.95 -35.55 -112.02
C ASN QA 162 -27.48 -35.93 -111.89
N ALA QA 163 -26.90 -36.32 -113.02
CA ALA QA 163 -25.53 -36.81 -113.02
C ALA QA 163 -24.53 -35.72 -112.65
N THR QA 164 -23.41 -36.13 -112.05
CA THR QA 164 -22.28 -35.32 -111.64
C THR QA 164 -22.58 -34.47 -110.42
N GLN QA 165 -23.81 -34.47 -109.91
CA GLN QA 165 -24.17 -33.61 -108.80
C GLN QA 165 -23.61 -34.15 -107.50
N GLN QA 166 -22.30 -34.00 -107.33
CA GLN QA 166 -21.57 -34.63 -106.24
C GLN QA 166 -20.88 -33.60 -105.37
N ILE QA 167 -20.66 -34.00 -104.13
CA ILE QA 167 -19.96 -33.19 -103.16
C ILE QA 167 -18.62 -33.84 -102.84
N SER QA 168 -17.55 -33.04 -102.84
CA SER QA 168 -16.20 -33.51 -102.57
C SER QA 168 -15.77 -33.06 -101.18
N VAL QA 169 -15.47 -34.02 -100.31
CA VAL QA 169 -15.12 -33.75 -98.92
C VAL QA 169 -13.75 -34.34 -98.63
N ASN QA 170 -13.07 -33.77 -97.62
CA ASN QA 170 -11.72 -34.17 -97.26
C ASN QA 170 -11.60 -34.55 -95.79
N ILE QA 171 -11.04 -35.74 -95.55
CA ILE QA 171 -10.63 -36.23 -94.25
C ILE QA 171 -9.10 -36.20 -94.24
N GLU QA 172 -8.48 -35.61 -93.21
CA GLU QA 172 -7.04 -35.78 -93.03
C GLU QA 172 -6.56 -35.87 -91.58
N ASP QA 173 -7.45 -35.84 -90.59
CA ASP QA 173 -6.99 -35.72 -89.21
C ASP QA 173 -6.75 -37.11 -88.60
N MET QA 174 -5.89 -37.13 -87.58
CA MET QA 174 -5.58 -38.32 -86.80
C MET QA 174 -4.65 -37.88 -85.67
N GLY QA 175 -4.36 -38.82 -84.78
CA GLY QA 175 -3.48 -38.52 -83.65
C GLY QA 175 -2.10 -38.08 -84.07
N ALA QA 176 -1.55 -38.66 -85.12
CA ALA QA 176 -0.25 -38.25 -85.61
C ALA QA 176 -0.29 -36.96 -86.43
N ASP QA 177 -1.46 -36.36 -86.60
CA ASP QA 177 -1.63 -35.15 -87.41
C ASP QA 177 -1.75 -33.94 -86.49
N ALA QA 178 -0.64 -33.26 -86.21
CA ALA QA 178 -0.65 -32.17 -85.24
C ALA QA 178 -0.22 -30.80 -85.76
N LEU QA 179 1.08 -30.61 -86.01
CA LEU QA 179 1.54 -29.41 -86.71
C LEU QA 179 1.86 -29.85 -88.12
N GLY QA 180 0.90 -29.68 -89.01
CA GLY QA 180 1.07 -30.02 -90.39
C GLY QA 180 1.88 -28.94 -91.06
N ILE QA 181 3.19 -28.90 -90.79
CA ILE QA 181 4.06 -27.95 -91.47
C ILE QA 181 3.89 -28.09 -92.97
N LYS QA 182 4.03 -29.32 -93.47
CA LYS QA 182 3.66 -29.76 -94.80
C LYS QA 182 3.10 -31.18 -94.70
N GLU QA 183 3.82 -31.96 -93.91
CA GLU QA 183 3.53 -33.31 -93.47
C GLU QA 183 4.07 -33.39 -92.04
N ALA QA 184 4.19 -34.60 -91.52
CA ALA QA 184 4.87 -34.75 -90.23
C ALA QA 184 6.35 -34.41 -90.39
N ASP QA 185 6.83 -33.49 -89.57
CA ASP QA 185 8.24 -33.12 -89.67
C ASP QA 185 9.11 -34.24 -89.14
N GLY QA 186 8.93 -34.58 -87.87
CA GLY QA 186 9.73 -35.60 -87.23
C GLY QA 186 9.39 -35.69 -85.76
N SER QA 187 10.43 -35.66 -84.91
CA SER QA 187 10.20 -35.61 -83.47
C SER QA 187 9.34 -34.40 -83.11
N ILE QA 188 9.48 -33.32 -83.85
CA ILE QA 188 8.64 -32.17 -83.70
C ILE QA 188 7.52 -32.23 -84.72
N ALA QA 189 6.52 -31.38 -84.52
CA ALA QA 189 5.44 -31.06 -85.44
C ALA QA 189 4.38 -32.14 -85.62
N ALA QA 190 4.73 -33.40 -85.37
CA ALA QA 190 3.74 -34.47 -85.28
C ALA QA 190 3.95 -35.34 -84.06
N LEU QA 191 5.19 -35.78 -83.84
CA LEU QA 191 5.46 -36.79 -82.84
C LEU QA 191 5.48 -36.23 -81.43
N HIS QA 192 5.46 -34.91 -81.26
CA HIS QA 192 5.13 -34.46 -79.92
C HIS QA 192 3.70 -34.82 -79.58
N SER QA 193 2.82 -34.84 -80.58
CA SER QA 193 1.48 -35.33 -80.34
C SER QA 193 1.49 -36.82 -80.08
N VAL QA 194 2.38 -37.54 -80.75
CA VAL QA 194 2.45 -38.99 -80.58
C VAL QA 194 3.36 -39.33 -79.41
N ASN QA 195 4.64 -38.95 -79.51
CA ASN QA 195 5.64 -39.42 -78.55
C ASN QA 195 5.76 -38.51 -77.33
N ASP QA 196 5.31 -37.26 -77.41
CA ASP QA 196 5.35 -36.38 -76.23
C ASP QA 196 6.76 -36.11 -75.74
N LEU QA 197 7.49 -35.26 -76.47
CA LEU QA 197 8.89 -34.93 -76.18
C LEU QA 197 9.21 -34.53 -74.74
N ASP QA 198 8.22 -34.13 -73.93
CA ASP QA 198 8.48 -33.67 -72.56
C ASP QA 198 8.66 -34.88 -71.65
N VAL QA 199 9.89 -35.38 -71.62
CA VAL QA 199 10.21 -36.55 -70.78
C VAL QA 199 11.19 -36.16 -69.69
N THR QA 200 12.44 -35.98 -70.09
CA THR QA 200 13.49 -35.32 -69.33
C THR QA 200 14.29 -34.37 -70.19
N LYS QA 201 14.24 -34.53 -71.51
CA LYS QA 201 14.79 -33.56 -72.44
C LYS QA 201 14.27 -32.17 -72.13
N PHE QA 202 13.02 -32.07 -71.65
CA PHE QA 202 12.51 -30.77 -71.27
C PHE QA 202 13.29 -30.18 -70.11
N ALA QA 203 13.55 -30.99 -69.09
CA ALA QA 203 14.27 -30.48 -67.93
C ALA QA 203 15.67 -30.03 -68.33
N ASP QA 204 16.25 -30.67 -69.35
CA ASP QA 204 17.55 -30.24 -69.85
C ASP QA 204 17.46 -28.85 -70.45
N ASN QA 205 16.49 -28.63 -71.36
CA ASN QA 205 16.31 -27.35 -72.05
C ASN QA 205 14.84 -26.97 -71.97
N ALA QA 206 14.47 -26.32 -70.86
CA ALA QA 206 13.09 -25.90 -70.71
C ALA QA 206 12.71 -24.82 -71.72
N ALA QA 207 13.66 -23.99 -72.16
CA ALA QA 207 13.43 -22.98 -73.19
C ALA QA 207 14.53 -22.91 -74.25
N ASP QA 208 15.74 -23.29 -73.86
CA ASP QA 208 16.99 -22.96 -74.52
C ASP QA 208 17.12 -23.26 -76.01
N CYS QA 209 16.33 -24.18 -76.58
CA CYS QA 209 16.60 -24.61 -77.95
C CYS QA 209 15.35 -24.72 -78.83
N ALA QA 210 14.18 -24.39 -78.32
CA ALA QA 210 12.88 -24.40 -79.01
C ALA QA 210 12.38 -25.80 -79.36
N ASP QA 211 13.28 -26.71 -79.76
CA ASP QA 211 12.96 -28.08 -80.11
C ASP QA 211 12.34 -28.82 -78.94
N ILE QA 212 12.93 -28.66 -77.78
CA ILE QA 212 12.26 -28.98 -76.52
C ILE QA 212 12.04 -27.75 -75.65
N GLY QA 213 12.48 -26.57 -76.06
CA GLY QA 213 12.37 -25.44 -75.16
C GLY QA 213 10.97 -24.90 -74.93
N PHE QA 214 9.97 -25.77 -74.68
CA PHE QA 214 8.56 -25.47 -74.39
C PHE QA 214 7.78 -24.82 -75.53
N ASP QA 215 8.49 -24.04 -76.33
CA ASP QA 215 7.98 -23.33 -77.47
C ASP QA 215 7.45 -24.27 -78.52
N ALA QA 216 8.32 -25.13 -79.05
CA ALA QA 216 7.90 -26.01 -80.15
C ALA QA 216 6.75 -26.89 -79.71
N GLN QA 217 6.81 -27.42 -78.49
CA GLN QA 217 5.78 -28.34 -78.02
C GLN QA 217 4.45 -27.63 -77.97
N LEU QA 218 4.43 -26.46 -77.35
CA LEU QA 218 3.18 -25.72 -77.27
C LEU QA 218 2.69 -25.36 -78.66
N LYS QA 219 3.61 -25.13 -79.60
CA LYS QA 219 3.20 -24.85 -80.96
C LYS QA 219 2.62 -26.08 -81.63
N VAL QA 220 3.14 -27.27 -81.32
CA VAL QA 220 2.55 -28.49 -81.86
C VAL QA 220 1.12 -28.61 -81.37
N VAL QA 221 0.91 -28.38 -80.09
CA VAL QA 221 -0.42 -28.51 -79.54
C VAL QA 221 -1.34 -27.48 -80.15
N ASP QA 222 -0.86 -26.24 -80.23
CA ASP QA 222 -1.67 -25.16 -80.76
C ASP QA 222 -2.07 -25.44 -82.19
N GLU QA 223 -1.13 -25.89 -83.01
CA GLU QA 223 -1.46 -26.15 -84.39
C GLU QA 223 -2.32 -27.38 -84.52
N ALA QA 224 -2.05 -28.42 -83.73
CA ALA QA 224 -2.92 -29.59 -83.71
C ALA QA 224 -4.35 -29.17 -83.48
N ILE QA 225 -4.56 -28.32 -82.49
CA ILE QA 225 -5.89 -27.78 -82.23
C ILE QA 225 -6.38 -27.02 -83.42
N ASN QA 226 -5.53 -26.19 -84.03
CA ASN QA 226 -5.96 -25.38 -85.16
C ASN QA 226 -6.36 -26.26 -86.33
N GLN QA 227 -5.70 -27.38 -86.49
CA GLN QA 227 -6.04 -28.33 -87.54
C GLN QA 227 -7.35 -29.03 -87.23
N VAL QA 228 -7.61 -29.32 -85.96
CA VAL QA 228 -8.92 -29.82 -85.58
C VAL QA 228 -9.97 -28.76 -85.87
N SER QA 229 -9.67 -27.51 -85.52
CA SER QA 229 -10.60 -26.41 -85.75
C SER QA 229 -10.97 -26.29 -87.21
N SER QA 230 -9.96 -26.33 -88.08
CA SER QA 230 -10.22 -26.19 -89.50
C SER QA 230 -10.85 -27.44 -90.09
N GLN QA 231 -10.49 -28.61 -89.56
CA GLN QA 231 -11.13 -29.83 -90.00
C GLN QA 231 -12.61 -29.80 -89.67
N ARG QA 232 -12.93 -29.40 -88.44
CA ARG QA 232 -14.32 -29.25 -88.04
C ARG QA 232 -14.98 -28.10 -88.79
N ALA QA 233 -14.19 -27.12 -89.22
CA ALA QA 233 -14.73 -26.01 -90.00
C ALA QA 233 -15.20 -26.49 -91.35
N LYS QA 234 -14.36 -27.26 -92.04
CA LYS QA 234 -14.77 -27.87 -93.30
C LYS QA 234 -15.98 -28.77 -93.07
N LEU QA 235 -15.88 -29.59 -92.03
CA LEU QA 235 -16.91 -30.56 -91.71
C LEU QA 235 -18.26 -29.90 -91.52
N GLY QA 236 -18.28 -28.81 -90.74
CA GLY QA 236 -19.51 -28.10 -90.49
C GLY QA 236 -19.95 -27.28 -91.68
N ALA QA 237 -19.01 -26.85 -92.51
CA ALA QA 237 -19.38 -26.20 -93.75
C ALA QA 237 -20.23 -27.16 -94.58
N VAL QA 238 -19.77 -28.39 -94.71
CA VAL QA 238 -20.53 -29.38 -95.45
C VAL QA 238 -21.83 -29.69 -94.74
N GLN QA 239 -21.82 -29.67 -93.40
CA GLN QA 239 -23.06 -29.86 -92.68
C GLN QA 239 -24.10 -28.83 -93.10
N ASN QA 240 -23.69 -27.56 -93.14
CA ASN QA 240 -24.60 -26.52 -93.55
C ASN QA 240 -25.05 -26.74 -94.98
N ARG QA 241 -24.12 -27.16 -95.84
CA ARG QA 241 -24.47 -27.46 -97.21
C ARG QA 241 -25.58 -28.47 -97.30
N LEU QA 242 -25.47 -29.55 -96.54
CA LEU QA 242 -26.46 -30.58 -96.63
C LEU QA 242 -27.76 -30.15 -95.98
N GLU QA 243 -27.69 -29.25 -95.00
CA GLU QA 243 -28.91 -28.65 -94.48
C GLU QA 243 -29.67 -27.95 -95.59
N HIS QA 244 -29.00 -27.03 -96.29
CA HIS QA 244 -29.67 -26.27 -97.33
C HIS QA 244 -30.00 -27.13 -98.52
N THR QA 245 -29.18 -28.13 -98.78
CA THR QA 245 -29.49 -29.11 -99.81
C THR QA 245 -30.82 -29.75 -99.50
N ILE QA 246 -30.96 -30.32 -98.30
CA ILE QA 246 -32.19 -31.02 -97.93
C ILE QA 246 -33.37 -30.08 -98.02
N ASN QA 247 -33.19 -28.84 -97.59
CA ASN QA 247 -34.30 -27.90 -97.69
C ASN QA 247 -34.71 -27.72 -99.15
N ASN QA 248 -33.72 -27.65 -100.05
CA ASN QA 248 -34.02 -27.61 -101.47
C ASN QA 248 -34.67 -28.89 -101.94
N LEU QA 249 -34.15 -30.03 -101.53
CA LEU QA 249 -34.66 -31.32 -101.96
C LEU QA 249 -36.10 -31.48 -101.53
N SER QA 250 -36.42 -30.96 -100.35
CA SER QA 250 -37.77 -31.05 -99.82
C SER QA 250 -38.71 -30.16 -100.61
N ALA QA 251 -38.35 -28.88 -100.75
CA ALA QA 251 -39.22 -27.95 -101.46
C ALA QA 251 -39.36 -28.33 -102.93
N SER QA 252 -38.22 -28.60 -103.57
CA SER QA 252 -38.20 -28.97 -104.98
C SER QA 252 -38.93 -30.28 -105.19
N GLY QA 253 -38.71 -31.23 -104.28
CA GLY QA 253 -39.41 -32.49 -104.38
C GLY QA 253 -40.91 -32.31 -104.30
N GLU QA 254 -41.35 -31.48 -103.36
CA GLU QA 254 -42.78 -31.16 -103.26
C GLU QA 254 -43.30 -30.58 -104.56
N ASN QA 255 -42.66 -29.51 -105.03
CA ASN QA 255 -43.11 -28.85 -106.25
C ASN QA 255 -43.12 -29.84 -107.41
N LEU QA 256 -42.21 -30.81 -107.38
CA LEU QA 256 -42.09 -31.76 -108.47
C LEU QA 256 -43.22 -32.79 -108.42
N THR QA 257 -43.52 -33.30 -107.22
CA THR QA 257 -44.65 -34.22 -107.11
C THR QA 257 -45.95 -33.51 -107.43
N ALA QA 258 -46.01 -32.21 -107.15
CA ALA QA 258 -47.16 -31.43 -107.57
C ALA QA 258 -47.20 -31.32 -109.08
N ALA QA 259 -46.06 -31.13 -109.72
CA ALA QA 259 -46.00 -31.06 -111.18
C ALA QA 259 -46.52 -32.36 -111.78
N GLU QA 260 -46.00 -33.48 -111.30
CA GLU QA 260 -46.52 -34.77 -111.73
C GLU QA 260 -48.02 -34.84 -111.51
N SER QA 261 -48.45 -34.44 -110.32
CA SER QA 261 -49.86 -34.49 -109.97
C SER QA 261 -50.69 -33.70 -110.96
N ARG QA 262 -50.15 -32.61 -111.46
CA ARG QA 262 -50.84 -31.86 -112.50
C ARG QA 262 -50.93 -32.69 -113.77
N ILE QA 263 -49.86 -33.42 -114.11
CA ILE QA 263 -49.96 -34.29 -115.27
C ILE QA 263 -51.01 -35.36 -115.03
N ARG QA 264 -50.95 -36.02 -113.89
CA ARG QA 264 -51.92 -37.07 -113.55
C ARG QA 264 -53.13 -36.53 -112.81
N ASP QA 265 -53.35 -35.23 -112.82
CA ASP QA 265 -54.49 -34.62 -112.14
C ASP QA 265 -55.78 -35.27 -112.59
N VAL QA 266 -56.41 -36.02 -111.71
CA VAL QA 266 -57.78 -36.48 -111.93
C VAL QA 266 -58.70 -35.49 -111.26
N ASP QA 267 -59.55 -34.85 -112.06
CA ASP QA 267 -60.69 -34.14 -111.52
C ASP QA 267 -61.70 -35.22 -111.19
N MET QA 268 -61.54 -35.79 -109.99
CA MET QA 268 -62.34 -36.94 -109.60
C MET QA 268 -63.82 -36.63 -109.65
N ALA QA 269 -64.18 -35.39 -109.34
CA ALA QA 269 -65.58 -35.01 -109.45
C ALA QA 269 -66.03 -35.02 -110.91
N LYS QA 270 -65.22 -34.45 -111.79
CA LYS QA 270 -65.52 -34.50 -113.22
C LYS QA 270 -65.68 -35.94 -113.67
N GLU QA 271 -64.74 -36.79 -113.29
CA GLU QA 271 -64.69 -38.12 -113.85
C GLU QA 271 -65.81 -39.00 -113.31
N MET QA 272 -66.22 -38.78 -112.05
CA MET QA 272 -67.42 -39.44 -111.56
C MET QA 272 -68.65 -38.94 -112.30
N SER QA 273 -68.69 -37.63 -112.54
CA SER QA 273 -69.83 -37.06 -113.26
C SER QA 273 -69.92 -37.61 -114.67
N GLU QA 274 -68.81 -37.58 -115.40
CA GLU QA 274 -68.77 -38.09 -116.75
C GLU QA 274 -69.06 -39.58 -116.77
N PHE QA 275 -68.56 -40.29 -115.76
CA PHE QA 275 -68.90 -41.70 -115.63
C PHE QA 275 -70.39 -41.90 -115.57
N THR QA 276 -71.03 -41.18 -114.65
CA THR QA 276 -72.47 -41.19 -114.50
C THR QA 276 -73.16 -40.97 -115.84
N LYS QA 277 -72.77 -39.90 -116.52
CA LYS QA 277 -73.36 -39.57 -117.79
C LYS QA 277 -73.24 -40.73 -118.76
N ASN QA 278 -72.06 -41.30 -118.87
CA ASN QA 278 -71.86 -42.35 -119.86
C ASN QA 278 -72.67 -43.59 -119.52
N ASN QA 279 -72.89 -43.86 -118.23
CA ASN QA 279 -73.82 -44.92 -117.87
C ASN QA 279 -75.20 -44.63 -118.40
N ILE QA 280 -75.69 -43.43 -118.08
CA ILE QA 280 -77.00 -43.00 -118.52
C ILE QA 280 -77.13 -43.17 -120.03
N LEU QA 281 -76.12 -42.70 -120.75
CA LEU QA 281 -76.17 -42.69 -122.20
C LEU QA 281 -76.16 -44.11 -122.76
N SER QA 282 -75.35 -44.98 -122.17
CA SER QA 282 -75.36 -46.37 -122.59
C SER QA 282 -76.74 -46.97 -122.41
N GLN QA 283 -77.32 -46.79 -121.22
CA GLN QA 283 -78.61 -47.39 -120.93
C GLN QA 283 -79.69 -46.88 -121.85
N ALA QA 284 -79.70 -45.56 -122.08
CA ALA QA 284 -80.67 -44.96 -122.96
C ALA QA 284 -80.55 -45.54 -124.36
N SER QA 285 -79.32 -45.62 -124.86
CA SER QA 285 -79.11 -46.13 -126.21
C SER QA 285 -79.58 -47.57 -126.30
N GLN QA 286 -79.36 -48.37 -125.27
CA GLN QA 286 -79.83 -49.75 -125.33
C GLN QA 286 -81.35 -49.82 -125.32
N ALA QA 287 -82.00 -48.97 -124.54
CA ALA QA 287 -83.46 -48.90 -124.60
C ALA QA 287 -83.92 -48.60 -126.01
N MET QA 288 -83.23 -47.69 -126.67
CA MET QA 288 -83.60 -47.40 -128.04
C MET QA 288 -83.31 -48.58 -128.96
N LEU QA 289 -82.29 -49.37 -128.67
CA LEU QA 289 -82.04 -50.56 -129.51
C LEU QA 289 -83.17 -51.55 -129.34
N ALA QA 290 -83.67 -51.70 -128.12
CA ALA QA 290 -84.86 -52.51 -127.91
C ALA QA 290 -85.99 -51.99 -128.78
N GLN QA 291 -86.24 -50.68 -128.74
CA GLN QA 291 -87.31 -50.10 -129.54
C GLN QA 291 -87.08 -50.35 -131.03
N ALA QA 292 -85.84 -50.29 -131.48
CA ALA QA 292 -85.52 -50.61 -132.86
C ALA QA 292 -85.89 -52.04 -133.18
N ASN QA 293 -85.81 -52.91 -132.19
CA ASN QA 293 -86.27 -54.28 -132.39
C ASN QA 293 -87.78 -54.42 -132.21
N GLN QA 294 -88.44 -53.45 -131.58
CA GLN QA 294 -89.88 -53.54 -131.37
C GLN QA 294 -90.65 -53.10 -132.60
N GLN QA 295 -90.25 -51.98 -133.19
CA GLN QA 295 -90.93 -51.45 -134.37
C GLN QA 295 -91.15 -52.47 -135.47
N PRO QA 296 -90.15 -53.19 -135.96
CA PRO QA 296 -90.42 -54.16 -137.03
C PRO QA 296 -91.33 -55.30 -136.62
N GLN QA 297 -91.51 -55.55 -135.32
CA GLN QA 297 -92.49 -56.56 -134.91
C GLN QA 297 -93.90 -56.03 -135.08
N ASN QA 298 -94.10 -54.78 -134.66
CA ASN QA 298 -95.35 -54.09 -134.94
C ASN QA 298 -95.63 -54.16 -136.44
N VAL QA 299 -94.60 -53.91 -137.24
CA VAL QA 299 -94.73 -54.01 -138.70
C VAL QA 299 -95.17 -55.41 -139.09
N LEU QA 300 -94.54 -56.42 -138.49
CA LEU QA 300 -94.87 -57.79 -138.85
C LEU QA 300 -96.34 -58.07 -138.67
N GLN QA 301 -96.88 -57.74 -137.49
CA GLN QA 301 -98.29 -57.96 -137.26
C GLN QA 301 -99.14 -57.14 -138.23
N LEU QA 302 -98.82 -55.86 -138.33
CA LEU QA 302 -99.66 -54.93 -139.09
C LEU QA 302 -99.71 -55.29 -140.56
N LEU QA 303 -98.63 -55.87 -141.09
CA LEU QA 303 -98.55 -56.30 -142.48
C LEU QA 303 -98.64 -57.80 -142.61
N ARG QA 304 -99.32 -58.46 -141.70
CA ARG QA 304 -99.57 -59.87 -141.82
C ARG QA 304 -100.90 -60.09 -142.52
N ILE RA 3 31.26 -7.88 15.48
CA ILE RA 3 31.87 -8.68 16.60
C ILE RA 3 31.69 -8.00 17.94
N ASN RA 4 30.54 -7.34 18.12
CA ASN RA 4 30.31 -6.49 19.29
C ASN RA 4 30.57 -7.23 20.59
N HIS RA 5 30.09 -8.47 20.68
CA HIS RA 5 30.22 -9.25 21.91
C HIS RA 5 31.65 -9.68 22.21
N ASN RA 6 32.59 -9.43 21.33
CA ASN RA 6 33.97 -9.83 21.54
C ASN RA 6 34.89 -8.67 21.91
N ILE RA 7 34.41 -7.43 21.85
CA ILE RA 7 35.24 -6.25 22.06
C ILE RA 7 34.97 -5.72 23.46
N ALA RA 8 36.03 -5.62 24.23
CA ALA RA 8 35.96 -4.97 25.53
C ALA RA 8 37.22 -4.16 25.81
N ALA RA 9 38.09 -3.98 24.82
CA ALA RA 9 39.39 -3.36 25.02
C ALA RA 9 40.13 -4.07 26.14
N LEU RA 10 40.21 -5.38 26.02
CA LEU RA 10 40.72 -6.18 27.12
C LEU RA 10 42.15 -5.82 27.47
N ASN RA 11 42.92 -5.27 26.53
CA ASN RA 11 44.23 -4.76 26.89
C ASN RA 11 44.08 -3.57 27.83
N THR RA 12 43.06 -2.75 27.61
CA THR RA 12 42.79 -1.68 28.56
C THR RA 12 42.45 -2.27 29.91
N LEU RA 13 41.70 -3.37 29.93
CA LEU RA 13 41.32 -3.99 31.19
C LEU RA 13 42.54 -4.51 31.92
N ASN RA 14 43.46 -5.09 31.16
CA ASN RA 14 44.71 -5.56 31.75
C ASN RA 14 45.52 -4.40 32.31
N ARG RA 15 45.55 -3.28 31.59
CA ARG RA 15 46.19 -2.09 32.13
C ARG RA 15 45.48 -1.65 33.38
N LEU RA 16 44.18 -1.87 33.43
CA LEU RA 16 43.45 -1.42 34.59
C LEU RA 16 43.88 -2.18 35.83
N SER RA 17 43.87 -3.50 35.72
CA SER RA 17 44.33 -4.33 36.83
C SER RA 17 45.73 -3.93 37.25
N SER RA 18 46.62 -3.74 36.27
CA SER RA 18 47.99 -3.33 36.55
C SER RA 18 48.02 -2.03 37.32
N ASN RA 19 47.26 -1.04 36.84
CA ASN RA 19 47.32 0.30 37.44
C ASN RA 19 46.75 0.29 38.85
N ASN RA 20 45.70 -0.50 39.08
CA ASN RA 20 45.12 -0.56 40.40
C ASN RA 20 46.11 -1.16 41.38
N SER RA 21 46.76 -2.25 40.97
CA SER RA 21 47.78 -2.81 41.85
C SER RA 21 48.94 -1.84 42.04
N ALA RA 22 49.28 -1.10 41.00
CA ALA RA 22 50.39 -0.16 41.08
C ALA RA 22 50.13 0.92 42.12
N SER RA 23 49.00 1.61 41.99
CA SER RA 23 48.65 2.64 42.96
C SER RA 23 48.53 2.05 44.35
N GLN RA 24 47.99 0.83 44.45
CA GLN RA 24 47.92 0.14 45.73
C GLN RA 24 49.30 0.01 46.36
N LYS RA 25 50.27 -0.46 45.59
CA LYS RA 25 51.62 -0.63 46.10
C LYS RA 25 52.19 0.69 46.57
N ASN RA 26 51.97 1.74 45.76
CA ASN RA 26 52.41 3.08 46.15
C ASN RA 26 51.88 3.43 47.53
N MET RA 27 50.56 3.27 47.74
CA MET RA 27 49.98 3.58 49.06
C MET RA 27 50.66 2.80 50.15
N GLU RA 28 50.72 1.49 49.97
CA GLU RA 28 51.22 0.60 50.99
C GLU RA 28 52.60 1.02 51.45
N LYS RA 29 53.43 1.42 50.49
CA LYS RA 29 54.74 1.92 50.86
C LYS RA 29 54.62 3.29 51.53
N LEU RA 30 53.76 4.15 51.00
CA LEU RA 30 53.56 5.48 51.57
C LEU RA 30 53.03 5.39 52.98
N SER RA 31 51.97 4.60 53.16
CA SER RA 31 51.34 4.45 54.46
C SER RA 31 52.31 3.88 55.48
N SER RA 32 53.00 2.82 55.10
CA SER RA 32 53.92 2.18 56.01
C SER RA 32 55.23 2.92 56.12
N GLY RA 33 55.54 3.79 55.16
CA GLY RA 33 56.83 4.43 55.15
C GLY RA 33 57.94 3.47 54.81
N LEU RA 34 57.62 2.44 54.03
CA LEU RA 34 58.53 1.34 53.74
C LEU RA 34 58.71 1.25 52.24
N ARG RA 35 59.93 1.50 51.77
CA ARG RA 35 60.24 1.12 50.39
C ARG RA 35 60.42 -0.38 50.30
N ILE RA 36 60.86 -1.00 51.39
CA ILE RA 36 60.98 -2.43 51.43
C ILE RA 36 59.62 -3.07 51.18
N ASN RA 37 59.65 -4.28 50.67
CA ASN RA 37 58.44 -5.05 50.46
C ASN RA 37 58.15 -5.88 51.68
N ARG RA 38 56.86 -6.17 51.88
CA ARG RA 38 56.51 -7.27 52.77
C ARG RA 38 56.92 -8.59 52.15
N ALA RA 39 56.71 -8.72 50.85
CA ALA RA 39 57.09 -9.90 50.10
C ALA RA 39 58.60 -9.98 49.97
N GLY RA 40 59.08 -11.19 49.70
CA GLY RA 40 60.50 -11.48 49.54
C GLY RA 40 61.14 -10.85 48.34
N ASP RA 41 60.42 -10.08 47.54
CA ASP RA 41 61.02 -9.35 46.44
C ASP RA 41 62.13 -8.45 46.96
N ASP RA 42 63.35 -8.74 46.54
CA ASP RA 42 64.58 -8.20 47.13
C ASP RA 42 64.76 -8.70 48.57
N ALA RA 43 64.62 -10.02 48.74
CA ALA RA 43 64.90 -10.62 50.03
C ALA RA 43 66.34 -10.41 50.46
N ALA RA 44 67.24 -10.13 49.52
CA ALA RA 44 68.59 -9.71 49.89
C ALA RA 44 68.54 -8.48 50.77
N GLY RA 45 68.07 -7.37 50.20
CA GLY RA 45 67.99 -6.14 50.96
C GLY RA 45 67.15 -6.27 52.21
N LEU RA 46 66.08 -7.05 52.14
CA LEU RA 46 65.26 -7.28 53.33
C LEU RA 46 66.08 -7.93 54.41
N ALA RA 47 66.61 -9.13 54.13
CA ALA RA 47 67.38 -9.88 55.11
C ALA RA 47 68.53 -9.05 55.67
N ILE RA 48 69.10 -8.18 54.83
CA ILE RA 48 70.09 -7.25 55.35
C ILE RA 48 69.46 -6.39 56.41
N SER RA 49 68.39 -5.67 56.07
CA SER RA 49 67.80 -4.72 57.01
C SER RA 49 67.31 -5.42 58.26
N GLU RA 50 66.90 -6.67 58.11
CA GLU RA 50 66.58 -7.50 59.25
C GLU RA 50 67.78 -7.64 60.16
N LYS RA 51 68.92 -8.00 59.58
CA LYS RA 51 70.15 -8.13 60.33
C LYS RA 51 70.57 -6.80 60.92
N MET RA 52 70.38 -5.73 60.15
CA MET RA 52 70.67 -4.38 60.62
C MET RA 52 69.91 -4.12 61.89
N ARG RA 53 68.58 -4.25 61.82
CA ARG RA 53 67.73 -3.97 62.98
C ARG RA 53 68.08 -4.85 64.16
N GLY RA 54 68.43 -6.09 63.90
CA GLY RA 54 68.93 -6.94 64.97
C GLY RA 54 70.10 -6.30 65.65
N GLN RA 55 71.06 -5.80 64.87
CA GLN RA 55 72.20 -5.14 65.46
C GLN RA 55 71.83 -3.79 66.07
N ILE RA 56 70.97 -3.00 65.42
CA ILE RA 56 70.53 -1.70 65.95
C ILE RA 56 69.98 -1.89 67.35
N ARG RA 57 68.95 -2.72 67.45
CA ARG RA 57 68.31 -2.99 68.71
C ARG RA 57 69.32 -3.52 69.71
N GLY RA 58 70.24 -4.36 69.24
CA GLY RA 58 71.30 -4.83 70.11
C GLY RA 58 72.22 -3.72 70.57
N LEU RA 59 72.35 -2.66 69.78
CA LEU RA 59 73.18 -1.52 70.16
C LEU RA 59 72.45 -0.63 71.14
N GLU RA 60 71.12 -0.56 71.00
CA GLU RA 60 70.33 0.18 71.98
C GLU RA 60 70.44 -0.49 73.34
N MET RA 61 70.25 -1.81 73.37
CA MET RA 61 70.43 -2.54 74.62
C MET RA 61 71.89 -2.57 75.03
N ALA RA 62 72.81 -2.40 74.08
CA ALA RA 62 74.23 -2.30 74.42
C ALA RA 62 74.50 -1.02 75.17
N SER RA 63 73.97 0.09 74.66
CA SER RA 63 74.11 1.36 75.35
C SER RA 63 73.50 1.27 76.73
N LYS RA 64 72.31 0.68 76.81
CA LYS RA 64 71.68 0.42 78.10
C LYS RA 64 72.62 -0.33 79.03
N ASN RA 65 73.16 -1.46 78.57
CA ASN RA 65 74.01 -2.28 79.42
C ASN RA 65 75.26 -1.54 79.85
N SER RA 66 75.81 -0.72 78.95
CA SER RA 66 77.05 -0.01 79.27
C SER RA 66 76.78 1.10 80.26
N GLN RA 67 75.68 1.81 80.10
CA GLN RA 67 75.29 2.81 81.08
C GLN RA 67 75.09 2.17 82.44
N ASP RA 68 74.50 0.98 82.44
CA ASP RA 68 74.32 0.25 83.67
C ASP RA 68 75.68 -0.12 84.26
N GLY RA 69 76.61 -0.53 83.40
CA GLY RA 69 78.01 -0.69 83.80
C GLY RA 69 78.51 0.54 84.52
N ILE RA 70 78.27 1.70 83.94
CA ILE RA 70 78.73 2.96 84.52
C ILE RA 70 78.11 3.17 85.88
N SER RA 71 76.83 2.85 86.01
CA SER RA 71 76.16 3.03 87.29
C SER RA 71 76.82 2.19 88.36
N LEU RA 72 77.11 0.94 88.04
CA LEU RA 72 77.86 0.09 88.95
C LEU RA 72 79.20 0.72 89.30
N ILE RA 73 79.92 1.16 88.26
CA ILE RA 73 81.25 1.73 88.45
C ILE RA 73 81.18 2.87 89.44
N GLN RA 74 80.38 3.87 89.13
CA GLN RA 74 80.34 5.09 89.94
C GLN RA 74 79.86 4.80 91.35
N THR RA 75 79.00 3.81 91.51
CA THR RA 75 78.64 3.38 92.85
C THR RA 75 79.87 2.97 93.62
N ALA RA 76 80.58 1.96 93.10
CA ALA RA 76 81.77 1.46 93.78
C ALA RA 76 82.81 2.55 93.90
N GLU RA 77 82.92 3.40 92.88
CA GLU RA 77 83.87 4.50 92.84
C GLU RA 77 83.67 5.43 94.02
N GLY RA 78 82.45 5.95 94.17
CA GLY RA 78 82.20 6.87 95.27
C GLY RA 78 82.42 6.20 96.61
N ALA RA 79 82.06 4.92 96.70
CA ALA RA 79 82.29 4.19 97.93
C ALA RA 79 83.77 4.10 98.25
N LEU RA 80 84.60 3.83 97.24
CA LEU RA 80 86.03 3.74 97.46
C LEU RA 80 86.65 5.10 97.73
N THR RA 81 86.06 6.15 97.18
CA THR RA 81 86.50 7.49 97.52
C THR RA 81 86.29 7.76 98.99
N GLU RA 82 85.12 7.38 99.51
CA GLU RA 82 84.87 7.57 100.93
C GLU RA 82 85.80 6.70 101.76
N THR RA 83 86.00 5.44 101.34
CA THR RA 83 86.95 4.56 102.00
C THR RA 83 88.29 5.24 102.10
N HIS RA 84 88.72 5.78 100.98
CA HIS RA 84 90.00 6.45 100.93
C HIS RA 84 90.07 7.61 101.90
N ALA RA 85 89.02 8.42 101.93
CA ALA RA 85 88.98 9.54 102.87
C ALA RA 85 89.14 9.05 104.30
N ILE RA 86 88.48 7.94 104.63
CA ILE RA 86 88.67 7.34 105.93
C ILE RA 86 90.14 7.02 106.12
N LEU RA 87 90.75 6.36 105.14
CA LEU RA 87 92.14 5.96 105.26
C LEU RA 87 93.06 7.14 105.48
N GLN RA 88 92.71 8.30 104.92
CA GLN RA 88 93.44 9.50 105.27
C GLN RA 88 93.31 9.78 106.75
N ARG RA 89 92.08 9.70 107.27
CA ARG RA 89 91.92 9.90 108.71
C ARG RA 89 92.70 8.86 109.48
N VAL RA 90 92.72 7.64 108.98
CA VAL RA 90 93.43 6.58 109.67
C VAL RA 90 94.89 6.97 109.80
N ARG RA 91 95.51 7.39 108.70
CA ARG RA 91 96.93 7.74 108.78
C ARG RA 91 97.16 8.91 109.71
N GLU RA 92 96.22 9.86 109.76
CA GLU RA 92 96.31 10.88 110.79
C GLU RA 92 96.40 10.22 112.16
N LEU RA 93 95.56 9.22 112.36
CA LEU RA 93 95.55 8.52 113.64
C LEU RA 93 96.74 7.60 113.79
N VAL RA 94 97.42 7.25 112.69
CA VAL RA 94 98.64 6.48 112.80
C VAL RA 94 99.75 7.38 113.29
N VAL RA 95 99.84 8.57 112.72
CA VAL RA 95 100.89 9.49 113.11
C VAL RA 95 100.69 9.93 114.55
N GLN RA 96 99.43 10.15 114.94
CA GLN RA 96 99.16 10.33 116.35
C GLN RA 96 99.47 9.06 117.12
N ALA RA 97 99.20 7.90 116.50
CA ALA RA 97 99.51 6.60 117.09
C ALA RA 97 100.95 6.22 116.89
N GLY RA 98 101.77 7.20 116.54
CA GLY RA 98 103.12 7.21 117.02
C GLY RA 98 103.23 7.55 118.50
N ASN RA 99 102.10 7.65 119.22
CA ASN RA 99 102.06 7.79 120.66
C ASN RA 99 102.51 9.21 121.04
N THR RA 100 102.57 10.08 120.03
CA THR RA 100 103.40 11.27 120.10
C THR RA 100 104.74 10.88 120.72
N GLY RA 101 105.32 9.83 120.12
CA GLY RA 101 106.52 9.29 120.69
C GLY RA 101 106.26 8.35 121.85
N THR RA 102 106.37 8.90 123.05
CA THR RA 102 105.91 8.22 124.27
C THR RA 102 104.91 9.06 125.05
N GLN RA 103 104.61 10.26 124.57
CA GLN RA 103 103.87 11.21 125.40
C GLN RA 103 102.45 10.77 125.65
N ASP RA 104 101.80 10.17 124.67
CA ASP RA 104 100.48 9.63 124.93
C ASP RA 104 100.64 8.43 125.85
N LYS RA 105 99.61 8.17 126.65
CA LYS RA 105 99.61 7.03 127.55
C LYS RA 105 98.80 5.90 126.93
N ALA RA 106 98.75 4.78 127.64
CA ALA RA 106 98.04 3.60 127.14
C ALA RA 106 96.57 3.90 126.90
N THR RA 107 95.95 4.65 127.82
CA THR RA 107 94.55 5.04 127.65
C THR RA 107 94.38 5.92 126.42
N ASP RA 108 95.34 6.82 126.18
CA ASP RA 108 95.25 7.67 125.00
C ASP RA 108 95.29 6.82 123.74
N LEU RA 109 96.21 5.86 123.68
CA LEU RA 109 96.25 4.94 122.55
C LEU RA 109 94.97 4.13 122.45
N GLN RA 110 94.32 3.85 123.58
CA GLN RA 110 93.06 3.12 123.53
C GLN RA 110 91.93 4.02 123.03
N SER RA 111 91.96 5.29 123.39
CA SER RA 111 90.99 6.23 122.85
C SER RA 111 91.13 6.31 121.34
N ILE RA 112 92.37 6.46 120.88
CA ILE RA 112 92.65 6.45 119.45
C ILE RA 112 92.16 5.15 118.85
N GLN RA 113 92.50 4.04 119.47
CA GLN RA 113 92.16 2.73 118.92
C GLN RA 113 90.65 2.52 118.87
N ASP RA 114 89.94 3.08 119.84
CA ASP RA 114 88.48 3.08 119.77
C ASP RA 114 88.03 3.81 118.53
N GLY RA 115 88.61 4.98 118.28
CA GLY RA 115 88.30 5.70 117.07
C GLY RA 115 88.63 4.91 115.81
N ILE RA 116 89.76 4.21 115.81
CA ILE RA 116 90.17 3.50 114.61
C ILE RA 116 89.30 2.28 114.38
N SER RA 117 89.01 1.54 115.44
CA SER RA 117 88.13 0.37 115.29
C SER RA 117 86.76 0.81 114.84
N ALA RA 118 86.33 1.97 115.30
CA ALA RA 118 85.13 2.59 114.78
C ALA RA 118 85.26 2.83 113.28
N LEU RA 119 86.41 3.36 112.86
CA LEU RA 119 86.64 3.58 111.43
C LEU RA 119 86.66 2.28 110.66
N THR RA 120 87.27 1.25 111.23
CA THR RA 120 87.23 -0.08 110.63
C THR RA 120 85.80 -0.50 110.40
N ASP RA 121 84.97 -0.36 111.43
CA ASP RA 121 83.58 -0.74 111.31
C ASP RA 121 82.89 0.05 110.21
N GLU RA 122 83.34 1.29 109.98
CA GLU RA 122 82.79 2.06 108.88
C GLU RA 122 83.30 1.56 107.53
N ILE RA 123 84.58 1.20 107.46
CA ILE RA 123 85.12 0.69 106.20
C ILE RA 123 84.42 -0.62 105.85
N ASP RA 124 84.33 -1.51 106.83
CA ASP RA 124 83.56 -2.74 106.65
C ASP RA 124 82.13 -2.42 106.27
N GLY RA 125 81.58 -1.36 106.85
CA GLY RA 125 80.24 -0.94 106.46
C GLY RA 125 80.16 -0.53 105.01
N ILE RA 126 81.18 0.19 104.53
CA ILE RA 126 81.24 0.52 103.12
C ILE RA 126 81.25 -0.75 102.30
N SER RA 127 82.22 -1.61 102.58
CA SER RA 127 82.42 -2.79 101.75
C SER RA 127 81.30 -3.80 101.88
N ASN RA 128 80.46 -3.68 102.91
CA ASN RA 128 79.35 -4.59 103.16
C ASN RA 128 77.99 -3.90 103.04
N ARG RA 129 77.96 -2.67 102.51
CA ARG RA 129 76.72 -1.98 102.21
C ARG RA 129 76.68 -1.57 100.75
N THR RA 130 77.85 -1.40 100.14
CA THR RA 130 77.89 -1.04 98.74
C THR RA 130 77.41 -2.23 97.92
N GLU RA 131 76.12 -2.22 97.62
CA GLU RA 131 75.49 -3.23 96.78
C GLU RA 131 75.01 -2.59 95.49
N PHE RA 132 74.99 -3.38 94.43
CA PHE RA 132 74.22 -3.06 93.22
C PHE RA 132 73.32 -4.22 92.90
N ASN RA 133 72.04 -3.99 93.02
CA ASN RA 133 71.06 -5.03 92.76
C ASN RA 133 71.34 -6.22 93.66
N GLY RA 134 71.67 -5.90 94.91
CA GLY RA 134 72.02 -6.89 95.91
C GLY RA 134 73.45 -7.34 95.84
N LYS RA 135 74.09 -7.23 94.68
CA LYS RA 135 75.46 -7.68 94.52
C LYS RA 135 76.36 -6.77 95.32
N LYS RA 136 76.93 -7.30 96.38
CA LYS RA 136 77.81 -6.51 97.23
C LYS RA 136 79.05 -6.17 96.41
N LEU RA 137 79.02 -4.98 95.82
CA LEU RA 137 80.03 -4.59 94.83
C LEU RA 137 81.40 -4.46 95.44
N LEU RA 138 81.49 -4.23 96.74
CA LEU RA 138 82.75 -4.21 97.45
C LEU RA 138 82.90 -5.42 98.36
N ASP RA 139 82.28 -6.52 97.97
CA ASP RA 139 82.62 -7.80 98.55
C ASP RA 139 84.05 -8.12 98.12
N GLY RA 140 84.98 -8.02 99.07
CA GLY RA 140 86.36 -8.28 98.75
C GLY RA 140 86.62 -9.69 98.26
N THR RA 141 85.69 -10.62 98.52
CA THR RA 141 85.76 -11.97 98.02
C THR RA 141 84.92 -12.18 96.77
N TYR RA 142 84.44 -11.11 96.14
CA TYR RA 142 83.66 -11.27 94.92
C TYR RA 142 84.47 -11.93 93.83
N LYS RA 143 85.53 -11.26 93.38
CA LYS RA 143 86.40 -11.76 92.31
C LYS RA 143 87.85 -11.76 92.76
N VAL RA 144 88.12 -12.48 93.84
CA VAL RA 144 89.51 -12.86 94.11
C VAL RA 144 89.88 -13.89 93.06
N ASP RA 145 90.77 -13.51 92.14
CA ASP RA 145 91.21 -14.39 91.05
C ASP RA 145 91.66 -15.74 91.57
N THR RA 146 92.48 -15.72 92.62
CA THR RA 146 92.87 -16.89 93.41
C THR RA 146 93.86 -17.82 92.69
N ALA RA 147 94.06 -17.61 91.39
CA ALA RA 147 94.53 -18.66 90.49
C ALA RA 147 93.56 -19.84 90.47
N THR RA 148 92.27 -19.57 90.66
CA THR RA 148 91.23 -20.59 90.60
C THR RA 148 90.08 -20.04 89.78
N PRO RA 149 89.99 -20.40 88.50
CA PRO RA 149 88.85 -19.96 87.68
C PRO RA 149 87.51 -20.30 88.28
N ALA RA 150 87.41 -21.44 88.95
CA ALA RA 150 86.14 -21.89 89.50
C ALA RA 150 85.57 -20.90 90.51
N ASN RA 151 86.43 -20.16 91.19
CA ASN RA 151 86.01 -19.22 92.22
C ASN RA 151 86.43 -17.81 91.81
N GLN RA 152 85.64 -17.18 90.93
CA GLN RA 152 85.90 -15.80 90.54
C GLN RA 152 84.69 -14.90 90.40
N LYS RA 153 83.50 -15.40 90.03
CA LYS RA 153 82.36 -14.52 89.79
C LYS RA 153 82.72 -13.36 88.85
N ASN RA 154 83.41 -13.67 87.74
CA ASN RA 154 83.95 -12.65 86.84
C ASN RA 154 82.92 -11.58 86.51
N LEU RA 155 83.26 -10.33 86.80
CA LEU RA 155 82.30 -9.24 86.61
C LEU RA 155 82.25 -8.94 85.11
N VAL RA 156 81.57 -9.84 84.40
CA VAL RA 156 81.42 -9.73 82.96
C VAL RA 156 80.43 -8.62 82.66
N PHE RA 157 80.68 -7.86 81.57
CA PHE RA 157 79.71 -6.93 80.98
C PHE RA 157 79.60 -7.24 79.48
N GLN RA 158 78.54 -7.94 79.09
CA GLN RA 158 78.18 -8.10 77.68
C GLN RA 158 77.62 -6.80 77.18
N ILE RA 159 78.33 -6.18 76.25
CA ILE RA 159 77.91 -4.94 75.65
C ILE RA 159 77.62 -5.11 74.16
N GLY RA 160 78.56 -5.68 73.42
CA GLY RA 160 78.42 -5.69 71.98
C GLY RA 160 77.22 -6.51 71.53
N ALA RA 161 76.54 -6.00 70.52
CA ALA RA 161 75.40 -6.71 69.95
C ALA RA 161 75.80 -8.06 69.38
N ASN RA 162 77.09 -8.22 69.06
CA ASN RA 162 77.63 -9.48 68.57
C ASN RA 162 78.11 -10.33 69.74
N ALA RA 163 78.14 -11.64 69.50
CA ALA RA 163 78.48 -12.58 70.55
C ALA RA 163 79.93 -12.42 71.01
N THR RA 164 80.17 -12.76 72.28
CA THR RA 164 81.46 -12.74 72.97
C THR RA 164 81.95 -11.34 73.27
N GLN RA 165 81.25 -10.29 72.83
CA GLN RA 165 81.73 -8.93 73.02
C GLN RA 165 81.53 -8.50 74.46
N GLN RA 166 82.37 -9.04 75.35
CA GLN RA 166 82.21 -8.87 76.78
C GLN RA 166 83.40 -8.20 77.41
N ILE RA 167 83.14 -7.56 78.53
CA ILE RA 167 84.16 -6.90 79.32
C ILE RA 167 84.34 -7.65 80.64
N SER RA 168 85.59 -7.92 81.00
CA SER RA 168 85.93 -8.64 82.22
C SER RA 168 86.49 -7.67 83.25
N VAL RA 169 85.82 -7.56 84.40
CA VAL RA 169 86.19 -6.62 85.46
C VAL RA 169 86.43 -7.39 86.75
N ASN RA 170 87.23 -6.79 87.62
CA ASN RA 170 87.62 -7.42 88.88
C ASN RA 170 87.31 -6.55 90.09
N ILE RA 171 86.62 -7.15 91.05
CA ILE RA 171 86.37 -6.61 92.38
C ILE RA 171 87.24 -7.42 93.34
N GLU RA 172 88.03 -6.75 94.20
CA GLU RA 172 88.67 -7.47 95.31
C GLU RA 172 88.80 -6.70 96.62
N ASP RA 173 88.30 -5.47 96.71
CA ASP RA 173 88.59 -4.66 97.88
C ASP RA 173 87.54 -4.87 98.97
N MET RA 174 87.95 -4.61 100.21
CA MET RA 174 87.11 -4.66 101.39
C MET RA 174 87.93 -4.17 102.56
N GLY RA 175 87.26 -4.03 103.72
CA GLY RA 175 87.94 -3.56 104.91
C GLY RA 175 89.10 -4.44 105.34
N ALA RA 176 88.95 -5.75 105.19
CA ALA RA 176 90.03 -6.67 105.54
C ALA RA 176 91.12 -6.73 104.47
N ASP RA 177 90.99 -5.99 103.38
CA ASP RA 177 91.93 -6.02 102.27
C ASP RA 177 92.84 -4.80 102.34
N ALA RA 178 94.01 -4.93 102.98
CA ALA RA 178 94.87 -3.78 103.20
C ALA RA 178 96.28 -3.86 102.60
N LEU RA 179 97.16 -4.67 103.18
CA LEU RA 179 98.45 -4.98 102.54
C LEU RA 179 98.30 -6.37 101.97
N GLY RA 180 97.96 -6.42 100.69
CA GLY RA 180 97.83 -7.68 100.01
C GLY RA 180 99.19 -8.20 99.66
N ILE RA 181 99.94 -8.69 100.66
CA ILE RA 181 101.24 -9.29 100.38
C ILE RA 181 101.08 -10.37 99.32
N LYS RA 182 100.16 -11.30 99.54
CA LYS RA 182 99.63 -12.25 98.59
C LYS RA 182 98.14 -12.43 98.84
N GLU RA 183 97.85 -12.55 100.13
CA GLU RA 183 96.54 -12.59 100.76
C GLU RA 183 96.71 -11.86 102.09
N ALA RA 184 95.76 -12.03 102.98
CA ALA RA 184 95.95 -11.49 104.34
C ALA RA 184 97.04 -12.29 105.04
N ASP RA 185 98.05 -11.59 105.54
CA ASP RA 185 99.13 -12.28 106.22
C ASP RA 185 98.65 -12.80 107.56
N GLY RA 186 98.22 -11.90 108.43
CA GLY RA 186 97.77 -12.26 109.76
C GLY RA 186 97.47 -11.03 110.56
N SER RA 187 98.02 -10.96 111.79
CA SER RA 187 97.88 -9.75 112.58
C SER RA 187 98.40 -8.53 111.83
N ILE RA 188 99.41 -8.73 111.00
CA ILE RA 188 99.91 -7.70 110.13
C ILE RA 188 99.28 -7.88 108.76
N ALA RA 189 99.43 -6.85 107.93
CA ALA RA 189 99.15 -6.81 106.50
C ALA RA 189 97.68 -6.79 106.13
N ALA RA 190 96.80 -7.29 106.99
CA ALA RA 190 95.37 -7.11 106.84
C ALA RA 190 94.70 -6.66 108.13
N LEU RA 191 95.00 -7.35 109.23
CA LEU RA 191 94.27 -7.16 110.46
C LEU RA 191 94.69 -5.90 111.21
N HIS RA 192 95.77 -5.25 110.80
CA HIS RA 192 95.92 -3.90 111.32
C HIS RA 192 94.82 -3.00 110.78
N SER RA 193 94.36 -3.28 109.56
CA SER RA 193 93.20 -2.56 109.06
C SER RA 193 91.96 -2.96 109.81
N VAL RA 194 91.86 -4.23 110.20
CA VAL RA 194 90.69 -4.72 110.91
C VAL RA 194 90.86 -4.48 112.41
N ASN RA 195 91.88 -5.10 113.00
CA ASN RA 195 91.99 -5.12 114.46
C ASN RA 195 92.76 -3.92 115.01
N ASP RA 196 93.58 -3.24 114.19
CA ASP RA 196 94.29 -2.05 114.66
C ASP RA 196 95.27 -2.34 115.80
N LEU RA 197 96.40 -2.95 115.45
CA LEU RA 197 97.42 -3.37 116.40
C LEU RA 197 97.89 -2.32 117.41
N ASP RA 198 97.64 -1.03 117.17
CA ASP RA 198 98.12 0.02 118.08
C ASP RA 198 97.17 0.13 119.26
N VAL RA 199 97.42 -0.72 120.27
CA VAL RA 199 96.58 -0.74 121.47
C VAL RA 199 97.41 -0.31 122.68
N THR RA 200 98.27 -1.21 123.13
CA THR RA 200 99.35 -0.97 124.06
C THR RA 200 100.62 -1.66 123.63
N LYS RA 201 100.51 -2.68 122.77
CA LYS RA 201 101.66 -3.28 122.12
C LYS RA 201 102.52 -2.22 121.47
N PHE RA 202 101.90 -1.15 120.96
CA PHE RA 202 102.69 -0.07 120.39
C PHE RA 202 103.56 0.59 121.44
N ALA RA 203 102.98 0.89 122.60
CA ALA RA 203 103.77 1.54 123.64
C ALA RA 203 104.93 0.67 124.09
N ASP RA 204 104.75 -0.65 124.01
CA ASP RA 204 105.84 -1.56 124.33
C ASP RA 204 106.99 -1.42 123.34
N ASN RA 205 106.67 -1.47 122.03
CA ASN RA 205 107.66 -1.38 120.96
C ASN RA 205 107.17 -0.36 119.95
N ALA RA 206 107.46 0.91 120.20
CA ALA RA 206 107.06 1.94 119.26
C ALA RA 206 107.79 1.83 117.93
N ALA RA 207 109.02 1.31 117.92
CA ALA RA 207 109.78 1.07 116.70
C ALA RA 207 110.48 -0.28 116.66
N ASP RA 208 110.81 -0.80 117.83
CA ASP RA 208 111.81 -1.84 118.05
C ASP RA 208 111.69 -3.14 117.25
N CYS RA 209 110.52 -3.49 116.71
CA CYS RA 209 110.34 -4.82 116.14
C CYS RA 209 109.61 -4.84 114.80
N ALA RA 210 109.22 -3.68 114.26
CA ALA RA 210 108.52 -3.50 112.99
C ALA RA 210 107.10 -4.03 112.97
N ASP RA 211 106.85 -5.17 113.62
CA ASP RA 211 105.55 -5.80 113.71
C ASP RA 211 104.54 -4.89 114.38
N ILE RA 212 104.95 -4.29 115.49
CA ILE RA 212 104.26 -3.11 116.02
C ILE RA 212 105.13 -1.87 116.00
N GLY RA 213 106.38 -1.95 115.54
CA GLY RA 213 107.22 -0.78 115.65
C GLY RA 213 106.90 0.38 114.70
N PHE RA 214 105.61 0.75 114.57
CA PHE RA 214 105.08 1.86 113.76
C PHE RA 214 105.24 1.69 112.25
N ASP RA 215 106.32 1.03 111.86
CA ASP RA 215 106.68 0.74 110.50
C ASP RA 215 105.64 -0.11 109.82
N ALA RA 216 105.42 -1.33 110.34
CA ALA RA 216 104.51 -2.25 109.68
C ALA RA 216 103.12 -1.64 109.58
N GLN RA 217 102.67 -0.98 110.65
CA GLN RA 217 101.32 -0.44 110.67
C GLN RA 217 101.16 0.60 109.58
N LEU RA 218 102.11 1.54 109.53
CA LEU RA 218 102.03 2.56 108.51
C LEU RA 218 102.12 1.94 107.12
N LYS RA 219 102.86 0.85 106.99
CA LYS RA 219 102.92 0.17 105.71
C LYS RA 219 101.60 -0.49 105.37
N VAL RA 220 100.89 -1.02 106.35
CA VAL RA 220 99.57 -1.58 106.09
C VAL RA 220 98.66 -0.48 105.56
N VAL RA 221 98.69 0.67 106.21
CA VAL RA 221 97.82 1.75 105.78
C VAL RA 221 98.21 2.21 104.39
N ASP RA 222 99.51 2.38 104.16
CA ASP RA 222 99.99 2.86 102.87
C ASP RA 222 99.60 1.90 101.77
N GLU RA 223 99.76 0.61 102.00
CA GLU RA 223 99.42 -0.34 100.95
C GLU RA 223 97.93 -0.45 100.79
N ALA RA 224 97.17 -0.41 101.89
CA ALA RA 224 95.72 -0.39 101.80
C ALA RA 224 95.27 0.72 100.89
N ILE RA 225 95.84 1.91 101.10
CA ILE RA 225 95.55 3.04 100.23
C ILE RA 225 95.96 2.72 98.81
N ASN RA 226 97.14 2.13 98.64
CA ASN RA 226 97.64 1.85 97.30
C ASN RA 226 96.73 0.86 96.57
N GLN RA 227 96.15 -0.07 97.34
CA GLN RA 227 95.22 -1.03 96.77
C GLN RA 227 93.91 -0.37 96.41
N VAL RA 228 93.48 0.60 97.22
CA VAL RA 228 92.32 1.41 96.83
C VAL RA 228 92.64 2.19 95.56
N SER RA 229 93.84 2.77 95.50
CA SER RA 229 94.25 3.54 94.34
C SER RA 229 94.21 2.71 93.08
N SER RA 230 94.76 1.50 93.16
CA SER RA 230 94.80 0.64 91.98
C SER RA 230 93.43 0.06 91.67
N GLN RA 231 92.62 -0.20 92.70
CA GLN RA 231 91.27 -0.65 92.46
C GLN RA 231 90.48 0.41 91.74
N ARG RA 232 90.58 1.65 92.20
CA ARG RA 232 89.94 2.76 91.53
C ARG RA 232 90.56 3.01 90.17
N ALA RA 233 91.83 2.65 90.01
CA ALA RA 233 92.49 2.81 88.72
C ALA RA 233 91.89 1.88 87.69
N LYS RA 234 91.73 0.61 88.05
CA LYS RA 234 91.04 -0.34 87.19
C LYS RA 234 89.63 0.14 86.93
N LEU RA 235 88.96 0.53 88.00
CA LEU RA 235 87.57 0.93 87.94
C LEU RA 235 87.38 2.08 86.96
N GLY RA 236 88.24 3.09 87.05
CA GLY RA 236 88.15 4.22 86.15
C GLY RA 236 88.64 3.92 84.76
N ALA RA 237 89.56 2.96 84.65
CA ALA RA 237 89.93 2.50 83.33
C ALA RA 237 88.72 1.97 82.60
N VAL RA 238 87.94 1.13 83.28
CA VAL RA 238 86.71 0.61 82.68
C VAL RA 238 85.72 1.73 82.44
N GLN RA 239 85.69 2.72 83.34
CA GLN RA 239 84.82 3.86 83.11
C GLN RA 239 85.13 4.51 81.78
N ASN RA 240 86.41 4.76 81.53
CA ASN RA 240 86.80 5.37 80.27
C ASN RA 240 86.43 4.47 79.11
N ARG RA 241 86.62 3.16 79.29
CA ARG RA 241 86.24 2.21 78.26
C ARG RA 241 84.79 2.36 77.88
N LEU RA 242 83.92 2.43 78.88
CA LEU RA 242 82.51 2.51 78.58
C LEU RA 242 82.13 3.87 78.03
N GLU RA 243 82.88 4.91 78.39
CA GLU RA 243 82.69 6.19 77.73
C GLU RA 243 82.91 6.06 76.23
N HIS RA 244 84.07 5.54 75.85
CA HIS RA 244 84.39 5.44 74.44
C HIS RA 244 83.53 4.40 73.74
N THR RA 245 83.15 3.36 74.47
CA THR RA 245 82.21 2.39 73.97
C THR RA 245 80.93 3.09 73.57
N ILE RA 246 80.33 3.83 74.51
CA ILE RA 246 79.06 4.49 74.24
C ILE RA 246 79.19 5.44 73.08
N ASN RA 247 80.31 6.16 73.00
CA ASN RA 247 80.49 7.05 71.87
C ASN RA 247 80.48 6.27 70.57
N ASN RA 248 81.12 5.10 70.56
CA ASN RA 248 81.05 4.22 69.39
C ASN RA 248 79.64 3.72 69.16
N LEU RA 249 78.96 3.30 70.22
CA LEU RA 249 77.61 2.75 70.08
C LEU RA 249 76.67 3.79 69.52
N SER RA 250 76.88 5.03 69.92
CA SER RA 250 76.05 6.14 69.45
C SER RA 250 76.31 6.41 67.99
N ALA RA 251 77.58 6.61 67.63
CA ALA RA 251 77.91 6.92 66.24
C ALA RA 251 77.57 5.77 65.32
N SER RA 252 78.01 4.57 65.70
CA SER RA 252 77.76 3.37 64.91
C SER RA 252 76.28 3.10 64.82
N GLY RA 253 75.57 3.28 65.93
CA GLY RA 253 74.13 3.08 65.90
C GLY RA 253 73.46 4.03 64.93
N GLU RA 254 73.87 5.30 64.96
CA GLU RA 254 73.35 6.27 64.02
C GLU RA 254 73.60 5.84 62.58
N ASN RA 255 74.86 5.55 62.26
CA ASN RA 255 75.21 5.15 60.91
C ASN RA 255 74.43 3.92 60.49
N LEU RA 256 74.13 3.05 61.46
CA LEU RA 256 73.44 1.82 61.17
C LEU RA 256 71.96 2.07 60.90
N THR RA 257 71.32 2.91 61.69
CA THR RA 257 69.93 3.25 61.41
C THR RA 257 69.82 4.00 60.09
N ALA RA 258 70.86 4.75 59.75
CA ALA RA 258 70.90 5.37 58.44
C ALA RA 258 71.02 4.33 57.36
N ALA RA 259 71.85 3.30 57.59
CA ALA RA 259 71.98 2.21 56.61
C ALA RA 259 70.64 1.54 56.37
N GLU RA 260 69.97 1.17 57.45
CA GLU RA 260 68.63 0.63 57.33
C GLU RA 260 67.74 1.59 56.56
N SER RA 261 67.80 2.86 56.93
CA SER RA 261 66.96 3.87 56.30
C SER RA 261 67.21 3.89 54.80
N ARG RA 262 68.44 3.66 54.38
CA ARG RA 262 68.72 3.56 52.96
C ARG RA 262 68.04 2.35 52.37
N ILE RA 263 68.02 1.23 53.10
CA ILE RA 263 67.29 0.08 52.59
C ILE RA 263 65.81 0.40 52.49
N ARG RA 264 65.24 0.95 53.55
CA ARG RA 264 63.83 1.32 53.58
C ARG RA 264 63.57 2.74 53.09
N ASP RA 265 64.55 3.37 52.45
CA ASP RA 265 64.40 4.74 51.94
C ASP RA 265 63.17 4.85 51.07
N VAL RA 266 62.15 5.55 51.56
CA VAL RA 266 61.03 5.95 50.72
C VAL RA 266 61.32 7.34 50.19
N ASP RA 267 61.43 7.46 48.88
CA ASP RA 267 61.38 8.77 48.25
C ASP RA 267 59.91 9.14 48.25
N MET RA 268 59.47 9.71 49.37
CA MET RA 268 58.06 9.98 49.58
C MET RA 268 57.51 10.87 48.48
N ALA RA 269 58.33 11.79 47.98
CA ALA RA 269 57.88 12.62 46.87
C ALA RA 269 57.69 11.79 45.61
N LYS RA 270 58.65 10.92 45.31
CA LYS RA 270 58.50 10.01 44.19
C LYS RA 270 57.23 9.19 44.33
N GLU RA 271 57.02 8.64 45.51
CA GLU RA 271 55.95 7.66 45.67
C GLU RA 271 54.58 8.33 45.67
N MET RA 272 54.49 9.57 46.17
CA MET RA 272 53.26 10.32 45.99
C MET RA 272 53.04 10.63 44.53
N SER RA 273 54.11 11.00 43.82
CA SER RA 273 54.00 11.32 42.41
C SER RA 273 53.54 10.10 41.61
N GLU RA 274 54.21 8.98 41.82
CA GLU RA 274 53.86 7.76 41.14
C GLU RA 274 52.47 7.31 41.49
N PHE RA 275 52.09 7.50 42.76
CA PHE RA 275 50.73 7.23 43.19
C PHE RA 275 49.74 8.01 42.35
N THR RA 276 49.96 9.32 42.29
CA THR RA 276 49.15 10.20 41.48
C THR RA 276 49.01 9.69 40.07
N LYS RA 277 50.15 9.39 39.45
CA LYS RA 277 50.14 8.91 38.08
C LYS RA 277 49.28 7.66 37.95
N ASN RA 278 49.46 6.71 38.85
CA ASN RA 278 48.74 5.46 38.72
C ASN RA 278 47.24 5.66 38.91
N ASN RA 279 46.84 6.63 39.74
CA ASN RA 279 45.43 6.99 39.80
C ASN RA 279 44.94 7.46 38.46
N ILE RA 280 45.65 8.44 37.89
CA ILE RA 280 45.32 9.00 36.60
C ILE RA 280 45.16 7.88 35.58
N LEU RA 281 46.13 6.99 35.55
CA LEU RA 281 46.18 5.94 34.54
C LEU RA 281 45.03 4.97 34.71
N SER RA 282 44.72 4.62 35.96
CA SER RA 282 43.57 3.76 36.21
C SER RA 282 42.30 4.42 35.68
N GLN RA 283 42.08 5.68 36.05
CA GLN RA 283 40.86 6.37 35.66
C GLN RA 283 40.74 6.48 34.15
N ALA RA 284 41.84 6.83 33.50
CA ALA RA 284 41.85 6.94 32.04
C ALA RA 284 41.48 5.62 31.41
N SER RA 285 42.11 4.54 31.88
CA SER RA 285 41.85 3.23 31.31
C SER RA 285 40.39 2.85 31.49
N GLN RA 286 39.80 3.18 32.63
CA GLN RA 286 38.40 2.85 32.84
C GLN RA 286 37.50 3.65 31.89
N ALA RA 287 37.83 4.92 31.68
CA ALA RA 287 37.09 5.71 30.70
C ALA RA 287 37.14 5.03 29.34
N MET RA 288 38.31 4.52 28.97
CA MET RA 288 38.42 3.82 27.71
C MET RA 288 37.62 2.53 27.73
N LEU RA 289 37.51 1.86 28.88
CA LEU RA 289 36.69 0.65 28.92
C LEU RA 289 35.22 0.99 28.71
N ALA RA 290 34.79 2.12 29.27
CA ALA RA 290 33.45 2.60 28.96
C ALA RA 290 33.29 2.77 27.46
N GLN RA 291 34.25 3.46 26.83
CA GLN RA 291 34.17 3.67 25.39
C GLN RA 291 34.15 2.35 24.62
N ALA RA 292 34.91 1.37 25.10
CA ALA RA 292 34.87 0.04 24.49
C ALA RA 292 33.49 -0.56 24.59
N ASN RA 293 32.75 -0.22 25.64
CA ASN RA 293 31.37 -0.65 25.73
C ASN RA 293 30.43 0.25 24.95
N GLN RA 294 30.85 1.47 24.60
CA GLN RA 294 29.97 2.37 23.85
C GLN RA 294 29.97 2.05 22.37
N GLN RA 295 31.16 1.83 21.80
CA GLN RA 295 31.27 1.55 20.37
C GLN RA 295 30.33 0.46 19.87
N PRO RA 296 30.30 -0.74 20.47
CA PRO RA 296 29.39 -1.76 19.95
C PRO RA 296 27.92 -1.42 20.08
N GLN RA 297 27.56 -0.46 20.94
CA GLN RA 297 26.16 -0.01 20.98
C GLN RA 297 25.84 0.84 19.77
N ASN RA 298 26.76 1.75 19.45
CA ASN RA 298 26.66 2.48 18.20
C ASN RA 298 26.52 1.52 17.04
N VAL RA 299 27.32 0.46 17.06
CA VAL RA 299 27.21 -0.59 16.04
C VAL RA 299 25.82 -1.18 16.03
N LEU RA 300 25.30 -1.48 17.21
CA LEU RA 300 23.99 -2.12 17.30
C LEU RA 300 22.95 -1.29 16.59
N GLN RA 301 22.88 0.00 16.92
CA GLN RA 301 21.91 0.87 16.26
C GLN RA 301 22.16 0.92 14.77
N LEU RA 302 23.42 1.18 14.40
CA LEU RA 302 23.76 1.45 13.01
C LEU RA 302 23.50 0.25 12.12
N LEU RA 303 23.62 -0.96 12.67
CA LEU RA 303 23.36 -2.19 11.95
C LEU RA 303 22.06 -2.84 12.39
N ARG RA 304 21.10 -2.05 12.83
CA ARG RA 304 19.79 -2.56 13.12
C ARG RA 304 18.90 -2.44 11.88
N ILE SA 3 -90.10 -79.69 -137.27
CA ILE SA 3 -89.37 -80.51 -136.23
C ILE SA 3 -89.54 -79.94 -134.83
N ASN SA 4 -90.73 -79.39 -134.57
CA ASN SA 4 -90.98 -78.65 -133.33
C ASN SA 4 -90.61 -79.45 -132.09
N HIS SA 5 -90.97 -80.74 -132.07
CA HIS SA 5 -90.72 -81.58 -130.92
C HIS SA 5 -89.25 -81.90 -130.69
N ASN SA 6 -88.36 -81.51 -131.60
CA ASN SA 6 -86.95 -81.80 -131.47
C ASN SA 6 -86.12 -80.60 -131.06
N ILE SA 7 -86.71 -79.40 -131.01
CA ILE SA 7 -85.97 -78.16 -130.74
C ILE SA 7 -86.23 -77.77 -129.31
N ALA SA 8 -85.14 -77.62 -128.57
CA ALA SA 8 -85.20 -77.08 -127.22
C ALA SA 8 -84.01 -76.18 -126.94
N ALA SA 9 -83.20 -75.86 -127.94
CA ALA SA 9 -81.96 -75.14 -127.75
C ALA SA 9 -81.11 -75.84 -126.71
N LEU SA 10 -80.92 -77.14 -126.93
CA LEU SA 10 -80.29 -77.97 -125.90
C LEU SA 10 -78.88 -77.50 -125.59
N ASN SA 11 -78.21 -76.83 -126.52
CA ASN SA 11 -76.93 -76.23 -126.18
C ASN SA 11 -77.13 -75.13 -125.15
N THR SA 12 -78.23 -74.38 -125.26
CA THR SA 12 -78.55 -73.41 -124.23
C THR SA 12 -78.78 -74.13 -122.90
N LEU SA 13 -79.43 -75.28 -122.95
CA LEU SA 13 -79.70 -76.01 -121.73
C LEU SA 13 -78.41 -76.48 -121.08
N ASN SA 14 -77.48 -76.91 -121.90
CA ASN SA 14 -76.17 -77.32 -121.41
C ASN SA 14 -75.44 -76.14 -120.79
N ARG SA 15 -75.53 -74.97 -121.44
CA ARG SA 15 -74.97 -73.76 -120.84
C ARG SA 15 -75.65 -73.47 -119.54
N LEU SA 16 -76.93 -73.80 -119.44
CA LEU SA 16 -77.65 -73.50 -118.22
C LEU SA 16 -77.10 -74.31 -117.07
N SER SA 17 -77.00 -75.61 -117.27
CA SER SA 17 -76.42 -76.47 -116.24
C SER SA 17 -75.04 -75.98 -115.84
N SER SA 18 -74.23 -75.65 -116.85
CA SER SA 18 -72.88 -75.15 -116.59
C SER SA 18 -72.92 -73.89 -115.74
N ASN SA 19 -73.78 -72.94 -116.10
CA ASN SA 19 -73.81 -71.65 -115.42
C ASN SA 19 -74.31 -71.82 -113.98
N ASN SA 20 -75.28 -72.69 -113.78
CA ASN SA 20 -75.79 -72.90 -112.44
C ASN SA 20 -74.71 -73.48 -111.55
N SER SA 21 -73.99 -74.47 -112.05
CA SER SA 21 -72.88 -75.01 -111.27
C SER SA 21 -71.82 -73.95 -111.05
N ALA SA 22 -71.59 -73.10 -112.05
CA ALA SA 22 -70.55 -72.08 -111.95
C ALA SA 22 -70.86 -71.11 -110.82
N SER SA 23 -72.05 -70.51 -110.85
CA SER SA 23 -72.44 -69.59 -109.79
C SER SA 23 -72.44 -70.28 -108.45
N GLN SA 24 -72.87 -71.54 -108.42
CA GLN SA 24 -72.83 -72.33 -107.19
C GLN SA 24 -71.42 -72.37 -106.62
N LYS SA 25 -70.45 -72.70 -107.47
CA LYS SA 25 -69.06 -72.79 -107.02
C LYS SA 25 -68.59 -71.45 -106.48
N ASN SA 26 -68.94 -70.39 -107.20
CA ASN SA 26 -68.59 -69.04 -106.73
C ASN SA 26 -69.09 -68.83 -105.31
N MET SA 27 -70.37 -69.12 -105.06
CA MET SA 27 -70.92 -68.95 -103.71
C MET SA 27 -70.13 -69.74 -102.70
N GLU SA 28 -69.97 -71.03 -102.97
CA GLU SA 28 -69.34 -71.94 -102.04
C GLU SA 28 -67.99 -71.43 -101.62
N LYS SA 29 -67.23 -70.89 -102.56
CA LYS SA 29 -65.95 -70.30 -102.21
C LYS SA 29 -66.16 -69.01 -101.44
N LEU SA 30 -67.12 -68.18 -101.88
CA LEU SA 30 -67.40 -66.92 -101.21
C LEU SA 30 -67.86 -67.16 -99.79
N SER SA 31 -68.83 -68.05 -99.63
CA SER SA 31 -69.40 -68.33 -98.31
C SER SA 31 -68.34 -68.88 -97.37
N SER SA 32 -67.58 -69.85 -97.85
CA SER SA 32 -66.57 -70.47 -97.03
C SER SA 32 -65.31 -69.62 -96.92
N GLY SA 33 -65.13 -68.67 -97.83
CA GLY SA 33 -63.90 -67.92 -97.83
C GLY SA 33 -62.73 -68.76 -98.29
N LEU SA 34 -63.00 -69.75 -99.13
CA LEU SA 34 -62.01 -70.74 -99.53
C LEU SA 34 -61.89 -70.72 -101.05
N ARG SA 35 -60.72 -70.33 -101.54
CA ARG SA 35 -60.45 -70.58 -102.95
C ARG SA 35 -60.14 -72.05 -103.15
N ILE SA 36 -59.60 -72.70 -102.12
CA ILE SA 36 -59.36 -74.12 -102.20
C ILE SA 36 -60.66 -74.85 -102.45
N ASN SA 37 -60.56 -76.03 -103.04
CA ASN SA 37 -61.70 -76.88 -103.26
C ASN SA 37 -61.87 -77.82 -102.08
N ARG SA 38 -63.11 -78.23 -101.85
CA ARG SA 38 -63.34 -79.41 -101.04
C ARG SA 38 -62.84 -80.65 -101.76
N ALA SA 39 -63.10 -80.70 -103.07
CA ALA SA 39 -62.65 -81.79 -103.91
C ALA SA 39 -61.15 -81.73 -104.10
N GLY SA 40 -60.58 -82.88 -104.48
CA GLY SA 40 -59.16 -83.02 -104.71
C GLY SA 40 -58.61 -82.28 -105.89
N ASP SA 41 -59.44 -81.51 -106.60
CA ASP SA 41 -58.95 -80.66 -107.67
C ASP SA 41 -57.91 -79.70 -107.12
N ASP SA 42 -56.67 -79.85 -107.62
CA ASP SA 42 -55.47 -79.24 -107.03
C ASP SA 42 -55.20 -79.83 -105.65
N ALA SA 43 -55.21 -81.15 -105.57
CA ALA SA 43 -54.82 -81.82 -104.33
C ALA SA 43 -53.38 -81.51 -103.95
N ALA SA 44 -52.55 -81.09 -104.90
CA ALA SA 44 -51.23 -80.59 -104.55
C ALA SA 44 -51.34 -79.43 -103.59
N GLY SA 45 -51.93 -78.32 -104.05
CA GLY SA 45 -52.09 -77.15 -103.20
C GLY SA 45 -52.85 -77.45 -101.93
N LEU SA 46 -53.85 -78.32 -102.02
CA LEU SA 46 -54.60 -78.69 -100.83
C LEU SA 46 -53.68 -79.35 -99.82
N ALA SA 47 -53.06 -80.47 -100.21
CA ALA SA 47 -52.18 -81.21 -99.32
C ALA SA 47 -51.09 -80.33 -98.75
N ILE SA 48 -50.63 -79.35 -99.53
CA ILE SA 48 -49.70 -78.39 -99.00
C ILE SA 48 -50.35 -77.65 -97.85
N SER SA 49 -51.49 -77.00 -98.10
CA SER SA 49 -52.12 -76.18 -97.06
C SER SA 49 -52.49 -77.01 -95.86
N GLU SA 50 -52.80 -78.27 -96.08
CA GLU SA 50 -52.99 -79.21 -94.98
C GLU SA 50 -51.75 -79.29 -94.13
N LYS SA 51 -50.61 -79.52 -94.79
CA LYS SA 51 -49.35 -79.59 -94.09
C LYS SA 51 -49.01 -78.26 -93.43
N MET SA 52 -49.33 -77.16 -94.11
CA MET SA 52 -49.13 -75.84 -93.56
C MET SA 52 -49.85 -75.73 -92.24
N ARG SA 53 -51.17 -75.97 -92.26
CA ARG SA 53 -51.99 -75.85 -91.06
C ARG SA 53 -51.51 -76.76 -89.97
N GLY SA 54 -51.06 -77.96 -90.34
CA GLY SA 54 -50.46 -78.82 -89.35
C GLY SA 54 -49.30 -78.13 -88.65
N GLN SA 55 -48.44 -77.50 -89.44
CA GLN SA 55 -47.32 -76.78 -88.84
C GLN SA 55 -47.78 -75.52 -88.12
N ILE SA 56 -48.73 -74.77 -88.69
CA ILE SA 56 -49.26 -73.55 -88.05
C ILE SA 56 -49.73 -73.88 -86.65
N ARG SA 57 -50.67 -74.80 -86.57
CA ARG SA 57 -51.23 -75.21 -85.30
C ARG SA 57 -50.14 -75.72 -84.38
N GLY SA 58 -49.17 -76.44 -84.94
CA GLY SA 58 -48.04 -76.87 -84.15
C GLY SA 58 -47.19 -75.72 -83.65
N LEU SA 59 -47.19 -74.60 -84.38
CA LEU SA 59 -46.45 -73.42 -83.94
C LEU SA 59 -47.21 -72.67 -82.88
N GLU SA 60 -48.54 -72.70 -82.95
CA GLU SA 60 -49.35 -72.12 -81.89
C GLU SA 60 -49.12 -72.86 -80.59
N MET SA 61 -49.19 -74.18 -80.65
CA MET SA 61 -48.90 -74.98 -79.47
C MET SA 61 -47.41 -74.91 -79.11
N ALA SA 62 -46.56 -74.60 -80.08
CA ALA SA 62 -45.15 -74.40 -79.79
C ALA SA 62 -44.95 -73.15 -78.96
N SER SA 63 -45.59 -72.07 -79.37
CA SER SA 63 -45.53 -70.83 -78.60
C SER SA 63 -46.07 -71.07 -77.21
N LYS SA 64 -47.20 -71.77 -77.13
CA LYS SA 64 -47.74 -72.17 -75.84
C LYS SA 64 -46.70 -72.89 -74.99
N ASN SA 65 -46.09 -73.94 -75.56
CA ASN SA 65 -45.14 -74.74 -74.80
C ASN SA 65 -43.94 -73.91 -74.37
N SER SA 66 -43.49 -73.00 -75.22
CA SER SA 66 -42.32 -72.21 -74.91
C SER SA 66 -42.62 -71.19 -73.82
N GLN SA 67 -43.80 -70.57 -73.90
CA GLN SA 67 -44.23 -69.68 -72.83
C GLN SA 67 -44.30 -70.43 -71.52
N ASP SA 68 -44.80 -71.66 -71.57
CA ASP SA 68 -44.85 -72.49 -70.39
C ASP SA 68 -43.44 -72.78 -69.88
N GLY SA 69 -42.52 -73.04 -70.81
CA GLY SA 69 -41.10 -73.10 -70.48
C GLY SA 69 -40.67 -71.89 -69.68
N ILE SA 70 -41.04 -70.71 -70.18
CA ILE SA 70 -40.65 -69.47 -69.52
C ILE SA 70 -41.23 -69.41 -68.12
N SER SA 71 -42.47 -69.85 -67.97
CA SER SA 71 -43.10 -69.80 -66.66
C SER SA 71 -42.31 -70.64 -65.67
N LEU SA 72 -41.94 -71.84 -66.09
CA LEU SA 72 -41.07 -72.69 -65.28
C LEU SA 72 -39.78 -71.98 -64.94
N ILE SA 73 -39.15 -71.40 -65.97
CA ILE SA 73 -37.87 -70.74 -65.79
C ILE SA 73 -37.98 -69.67 -64.72
N GLN SA 74 -38.88 -68.73 -64.93
CA GLN SA 74 -38.98 -67.58 -64.03
C GLN SA 74 -39.37 -67.99 -62.63
N THR SA 75 -40.14 -69.07 -62.51
CA THR SA 75 -40.41 -69.63 -61.18
C THR SA 75 -39.09 -69.98 -60.50
N ALA SA 76 -38.34 -70.88 -61.12
CA ALA SA 76 -37.09 -71.31 -60.53
C ALA SA 76 -36.13 -70.14 -60.36
N GLU SA 77 -36.15 -69.24 -61.32
CA GLU SA 77 -35.30 -68.05 -61.32
C GLU SA 77 -35.52 -67.22 -60.07
N GLY SA 78 -36.76 -66.82 -59.82
CA GLY SA 78 -37.05 -66.01 -58.66
C GLY SA 78 -36.71 -66.74 -57.38
N ALA SA 79 -36.96 -68.06 -57.38
CA ALA SA 79 -36.62 -68.84 -56.21
C ALA SA 79 -35.12 -68.82 -55.96
N LEU SA 80 -34.32 -68.95 -57.01
CA LEU SA 80 -32.86 -68.94 -56.86
C LEU SA 80 -32.36 -67.55 -56.52
N THR SA 81 -33.07 -66.51 -56.96
CA THR SA 81 -32.72 -65.16 -56.55
C THR SA 81 -32.89 -65.02 -55.05
N GLU SA 82 -33.99 -65.54 -54.52
CA GLU SA 82 -34.19 -65.47 -53.08
C GLU SA 82 -33.15 -66.30 -52.35
N THR SA 83 -32.88 -67.51 -52.86
CA THR SA 83 -31.83 -68.35 -52.30
C THR SA 83 -30.54 -67.56 -52.21
N HIS SA 84 -30.21 -66.90 -53.30
CA HIS SA 84 -28.99 -66.12 -53.37
C HIS SA 84 -28.97 -65.04 -52.31
N ALA SA 85 -30.09 -64.31 -52.17
CA ALA SA 85 -30.18 -63.28 -51.16
C ALA SA 85 -29.92 -63.85 -49.78
N ILE SA 86 -30.47 -65.03 -49.51
CA ILE SA 86 -30.16 -65.71 -48.26
C ILE SA 86 -28.67 -65.90 -48.15
N LEU SA 87 -28.06 -66.43 -49.21
CA LEU SA 87 -26.63 -66.73 -49.16
C LEU SA 87 -25.81 -65.49 -48.89
N GLN SA 88 -26.27 -64.32 -49.35
CA GLN SA 88 -25.63 -63.08 -48.94
C GLN SA 88 -25.72 -62.92 -47.44
N ARG SA 89 -26.91 -63.14 -46.88
CA ARG SA 89 -27.03 -63.06 -45.43
C ARG SA 89 -26.13 -64.08 -44.77
N VAL SA 90 -26.03 -65.26 -45.36
CA VAL SA 90 -25.19 -66.29 -44.78
C VAL SA 90 -23.78 -65.79 -44.67
N ARG SA 91 -23.24 -65.24 -45.75
CA ARG SA 91 -21.85 -64.78 -45.71
C ARG SA 91 -21.68 -63.66 -44.71
N GLU SA 92 -22.70 -62.80 -44.56
CA GLU SA 92 -22.64 -61.85 -43.45
C GLU SA 92 -22.44 -62.58 -42.15
N LEU SA 93 -23.18 -63.67 -41.98
CA LEU SA 93 -23.08 -64.44 -40.76
C LEU SA 93 -21.80 -65.28 -40.72
N VAL SA 94 -21.16 -65.48 -41.87
CA VAL SA 94 -19.85 -66.14 -41.86
C VAL SA 94 -18.80 -65.19 -41.35
N VAL SA 95 -18.85 -63.96 -41.84
CA VAL SA 95 -17.86 -62.97 -41.42
C VAL SA 95 -18.05 -62.65 -39.95
N GLN SA 96 -19.29 -62.57 -39.50
CA GLN SA 96 -19.51 -62.51 -38.06
C GLN SA 96 -19.06 -63.81 -37.40
N ALA SA 97 -19.26 -64.93 -38.09
CA ALA SA 97 -18.82 -66.23 -37.62
C ALA SA 97 -17.36 -66.48 -37.90
N GLY SA 98 -16.64 -65.41 -38.20
CA GLY SA 98 -15.27 -65.32 -37.77
C GLY SA 98 -15.13 -65.07 -36.29
N ASN SA 99 -16.23 -65.13 -35.52
CA ASN SA 99 -16.21 -65.08 -34.05
C ASN SA 99 -15.87 -63.66 -33.60
N THR SA 100 -15.93 -62.72 -34.54
CA THR SA 100 -15.20 -61.47 -34.42
C THR SA 100 -13.81 -61.79 -33.90
N GLY SA 101 -13.16 -62.73 -34.58
CA GLY SA 101 -11.90 -63.20 -34.10
C GLY SA 101 -12.03 -64.23 -33.00
N THR SA 102 -11.91 -63.77 -31.77
CA THR SA 102 -12.25 -64.57 -30.59
C THR SA 102 -13.29 -63.87 -29.71
N GLN SA 103 -13.72 -62.67 -30.09
CA GLN SA 103 -14.49 -61.84 -29.17
C GLN SA 103 -15.86 -62.43 -28.89
N ASP SA 104 -16.50 -63.02 -29.89
CA ASP SA 104 -17.75 -63.68 -29.62
C ASP SA 104 -17.45 -64.92 -28.79
N LYS SA 105 -18.42 -65.33 -27.97
CA LYS SA 105 -18.27 -66.53 -27.16
C LYS SA 105 -19.02 -67.68 -27.82
N ALA SA 106 -18.94 -68.85 -27.20
CA ALA SA 106 -19.57 -70.04 -27.76
C ALA SA 106 -21.08 -69.85 -27.90
N THR SA 107 -21.71 -69.23 -26.92
CA THR SA 107 -23.14 -68.94 -27.01
C THR SA 107 -23.44 -68.01 -28.16
N ASP SA 108 -22.57 -67.02 -28.37
CA ASP SA 108 -22.79 -66.10 -29.48
C ASP SA 108 -22.74 -66.85 -30.80
N LEU SA 109 -21.75 -67.72 -30.96
CA LEU SA 109 -21.67 -68.56 -32.16
C LEU SA 109 -22.88 -69.47 -32.27
N GLN SA 110 -23.46 -69.88 -31.14
CA GLN SA 110 -24.65 -70.70 -31.19
C GLN SA 110 -25.87 -69.89 -31.58
N SER SA 111 -25.94 -68.64 -31.13
CA SER SA 111 -27.00 -67.75 -31.56
C SER SA 111 -26.94 -67.56 -33.07
N ILE SA 112 -25.74 -67.28 -33.56
CA ILE SA 112 -25.53 -67.16 -35.00
C ILE SA 112 -25.93 -68.45 -35.68
N GLN SA 113 -25.46 -69.58 -35.15
CA GLN SA 113 -25.72 -70.86 -35.77
C GLN SA 113 -27.20 -71.20 -35.78
N ASP SA 114 -27.92 -70.77 -34.75
CA ASP SA 114 -29.37 -70.90 -34.76
C ASP SA 114 -29.94 -70.12 -35.93
N GLY SA 115 -29.47 -68.89 -36.11
CA GLY SA 115 -29.89 -68.13 -37.26
C GLY SA 115 -29.56 -68.79 -38.58
N ILE SA 116 -28.38 -69.40 -38.67
CA ILE SA 116 -27.96 -69.98 -39.94
C ILE SA 116 -28.73 -71.25 -40.22
N SER SA 117 -28.91 -72.09 -39.21
CA SER SA 117 -29.68 -73.31 -39.41
C SER SA 117 -31.12 -72.97 -39.77
N ALA SA 118 -31.61 -71.88 -39.21
CA ALA SA 118 -32.89 -71.34 -39.64
C ALA SA 118 -32.85 -70.98 -41.12
N LEU SA 119 -31.77 -70.33 -41.55
CA LEU SA 119 -31.63 -69.99 -42.96
C LEU SA 119 -31.53 -71.23 -43.83
N THR SA 120 -30.81 -72.24 -43.36
CA THR SA 120 -30.77 -73.52 -44.05
C THR SA 120 -32.16 -74.05 -44.26
N ASP SA 121 -32.95 -74.05 -43.18
CA ASP SA 121 -34.31 -74.55 -43.28
C ASP SA 121 -35.11 -73.75 -44.29
N GLU SA 122 -34.78 -72.47 -44.44
CA GLU SA 122 -35.44 -71.67 -45.47
C GLU SA 122 -34.94 -72.02 -46.86
N ILE SA 123 -33.64 -72.26 -47.02
CA ILE SA 123 -33.13 -72.64 -48.33
C ILE SA 123 -33.73 -73.98 -48.75
N ASP SA 124 -33.70 -74.93 -47.83
CA ASP SA 124 -34.36 -76.22 -48.06
C ASP SA 124 -35.83 -76.00 -48.36
N GLY SA 125 -36.45 -75.02 -47.70
CA GLY SA 125 -37.83 -74.71 -47.99
C GLY SA 125 -38.02 -74.21 -49.41
N ILE SA 126 -37.09 -73.37 -49.87
CA ILE SA 126 -37.11 -72.94 -51.26
C ILE SA 126 -37.03 -74.15 -52.17
N SER SA 127 -35.98 -74.94 -51.99
CA SER SA 127 -35.72 -76.03 -52.91
C SER SA 127 -36.75 -77.15 -52.81
N ASN SA 128 -37.54 -77.17 -51.74
CA ASN SA 128 -38.56 -78.18 -51.52
C ASN SA 128 -39.98 -77.61 -51.53
N ARG SA 129 -40.13 -76.36 -51.97
CA ARG SA 129 -41.45 -75.76 -52.17
C ARG SA 129 -41.58 -75.25 -53.60
N THR SA 130 -40.46 -74.94 -54.23
CA THR SA 130 -40.51 -74.49 -55.61
C THR SA 130 -40.92 -75.65 -56.49
N GLU SA 131 -42.22 -75.74 -56.75
CA GLU SA 131 -42.81 -76.74 -57.62
C GLU SA 131 -43.40 -76.06 -58.84
N PHE SA 132 -43.39 -76.77 -59.97
CA PHE SA 132 -44.23 -76.43 -61.11
C PHE SA 132 -45.04 -77.65 -61.48
N ASN SA 133 -46.35 -77.54 -61.30
CA ASN SA 133 -47.24 -78.65 -61.59
C ASN SA 133 -46.82 -79.86 -60.78
N GLY SA 134 -46.46 -79.61 -59.53
CA GLY SA 134 -45.98 -80.61 -58.63
C GLY SA 134 -44.52 -80.94 -58.78
N LYS SA 135 -43.95 -80.69 -59.94
CA LYS SA 135 -42.56 -81.00 -60.19
C LYS SA 135 -41.70 -80.08 -59.37
N LYS SA 136 -41.04 -80.63 -58.37
CA LYS SA 136 -40.20 -79.83 -57.50
C LYS SA 136 -39.03 -79.32 -58.34
N LEU SA 137 -39.18 -78.10 -58.85
CA LEU SA 137 -38.26 -77.56 -59.84
C LEU SA 137 -36.86 -77.35 -59.27
N LEU SA 138 -36.74 -77.20 -57.97
CA LEU SA 138 -35.46 -77.12 -57.30
C LEU SA 138 -35.17 -78.37 -56.50
N ASP SA 139 -35.71 -79.49 -56.94
CA ASP SA 139 -35.23 -80.78 -56.47
C ASP SA 139 -33.81 -80.94 -56.97
N GLY SA 140 -32.84 -80.81 -56.05
CA GLY SA 140 -31.46 -80.94 -56.45
C GLY SA 140 -31.11 -82.28 -57.05
N THR SA 141 -31.94 -83.30 -56.82
CA THR SA 141 -31.78 -84.62 -57.42
C THR SA 141 -32.66 -84.81 -58.65
N TYR SA 142 -33.25 -83.74 -59.17
CA TYR SA 142 -34.08 -83.88 -60.36
C TYR SA 142 -33.26 -84.39 -61.54
N LYS SA 143 -32.27 -83.60 -61.98
CA LYS SA 143 -31.43 -83.96 -63.11
C LYS SA 143 -29.96 -83.85 -62.72
N VAL SA 144 -29.58 -84.62 -61.70
CA VAL SA 144 -28.16 -84.89 -61.53
C VAL SA 144 -27.74 -85.82 -62.66
N ASP SA 145 -26.94 -85.30 -63.59
CA ASP SA 145 -26.47 -86.05 -64.75
C ASP SA 145 -25.88 -87.40 -64.34
N THR SA 146 -25.02 -87.38 -63.32
CA THR SA 146 -24.49 -88.56 -62.64
C THR SA 146 -23.47 -89.35 -63.46
N ALA SA 147 -23.34 -89.03 -64.75
CA ALA SA 147 -22.82 -89.98 -65.74
C ALA SA 147 -23.69 -91.23 -65.81
N THR SA 148 -24.99 -91.08 -65.55
CA THR SA 148 -25.95 -92.18 -65.63
C THR SA 148 -27.17 -91.68 -66.37
N PRO SA 149 -27.29 -91.96 -67.68
CA PRO SA 149 -28.49 -91.56 -68.41
C PRO SA 149 -29.79 -92.07 -67.79
N ALA SA 150 -29.74 -93.25 -67.19
CA ALA SA 150 -30.94 -93.85 -66.63
C ALA SA 150 -31.55 -92.98 -65.54
N ASN SA 151 -30.74 -92.22 -64.84
CA ASN SA 151 -31.18 -91.39 -63.72
C ASN SA 151 -30.90 -89.93 -64.05
N GLN SA 152 -31.78 -89.31 -64.85
CA GLN SA 152 -31.64 -87.89 -65.16
C GLN SA 152 -32.94 -87.09 -65.18
N LYS SA 153 -34.09 -87.67 -65.53
CA LYS SA 153 -35.32 -86.88 -65.67
C LYS SA 153 -35.11 -85.63 -66.54
N ASN SA 154 -34.44 -85.80 -67.69
CA ASN SA 154 -34.03 -84.69 -68.54
C ASN SA 154 -35.15 -83.69 -68.76
N LEU SA 155 -34.92 -82.43 -68.38
CA LEU SA 155 -35.96 -81.42 -68.46
C LEU SA 155 -36.12 -81.02 -69.92
N VAL SA 156 -36.75 -81.92 -70.67
CA VAL SA 156 -36.97 -81.73 -72.09
C VAL SA 156 -38.06 -80.69 -72.27
N PHE SA 157 -37.92 -79.84 -73.32
CA PHE SA 157 -39.00 -78.97 -73.80
C PHE SA 157 -39.14 -79.17 -75.32
N GLN SA 158 -40.17 -79.94 -75.72
CA GLN SA 158 -40.57 -80.05 -77.12
C GLN SA 158 -41.27 -78.76 -77.50
N ILE SA 159 -40.64 -78.01 -78.40
CA ILE SA 159 -41.21 -76.78 -78.90
C ILE SA 159 -41.54 -76.87 -80.38
N GLY SA 160 -40.59 -77.31 -81.21
CA GLY SA 160 -40.79 -77.24 -82.64
C GLY SA 160 -41.94 -78.12 -83.08
N ALA SA 161 -42.71 -77.60 -84.04
CA ALA SA 161 -43.81 -78.37 -84.61
C ALA SA 161 -43.31 -79.63 -85.29
N ASN SA 162 -42.04 -79.67 -85.68
CA ASN SA 162 -41.41 -80.83 -86.27
C ASN SA 162 -40.81 -81.72 -85.19
N ALA SA 163 -40.67 -83.00 -85.52
CA ALA SA 163 -40.21 -83.98 -84.55
C ALA SA 163 -38.76 -83.72 -84.14
N THR SA 164 -38.44 -84.12 -82.91
CA THR SA 164 -37.13 -84.05 -82.28
C THR SA 164 -36.74 -82.62 -81.90
N GLN SA 165 -37.54 -81.61 -82.22
CA GLN SA 165 -37.18 -80.24 -81.96
C GLN SA 165 -37.34 -79.92 -80.48
N GLN SA 166 -36.42 -80.44 -79.67
CA GLN SA 166 -36.55 -80.39 -78.23
C GLN SA 166 -35.38 -79.66 -77.61
N ILE SA 167 -35.64 -79.12 -76.42
CA ILE SA 167 -34.64 -78.43 -75.62
C ILE SA 167 -34.34 -79.24 -74.37
N SER SA 168 -33.05 -79.43 -74.08
CA SER SA 168 -32.61 -80.21 -72.93
C SER SA 168 -32.09 -79.25 -71.85
N VAL SA 169 -32.71 -79.30 -70.67
CA VAL SA 169 -32.38 -78.40 -69.57
C VAL SA 169 -32.02 -79.23 -68.35
N ASN SA 170 -31.22 -78.62 -67.46
CA ASN SA 170 -30.73 -79.30 -66.27
C ASN SA 170 -31.06 -78.53 -64.99
N ILE SA 171 -31.66 -79.26 -64.05
CA ILE SA 171 -31.88 -78.83 -62.67
C ILE SA 171 -30.92 -79.63 -61.81
N GLU SA 172 -30.13 -78.96 -60.93
CA GLU SA 172 -29.39 -79.70 -59.91
C GLU SA 172 -29.26 -79.00 -58.56
N ASP SA 173 -29.86 -77.84 -58.35
CA ASP SA 173 -29.59 -77.08 -57.14
C ASP SA 173 -30.57 -77.46 -56.03
N MET SA 174 -30.12 -77.24 -54.79
CA MET SA 174 -30.91 -77.46 -53.58
C MET SA 174 -30.08 -76.97 -52.41
N GLY SA 175 -30.70 -76.97 -51.22
CA GLY SA 175 -30.01 -76.52 -50.03
C GLY SA 175 -28.77 -77.33 -49.71
N ALA SA 176 -28.81 -78.64 -49.95
CA ALA SA 176 -27.64 -79.47 -49.70
C ALA SA 176 -26.61 -79.38 -50.81
N ASP SA 177 -26.84 -78.56 -51.84
CA ASP SA 177 -25.96 -78.44 -53.00
C ASP SA 177 -25.16 -77.15 -52.87
N ALA SA 178 -23.94 -77.23 -52.29
CA ALA SA 178 -23.17 -76.01 -52.01
C ALA SA 178 -21.80 -75.93 -52.67
N LEU SA 179 -20.83 -76.71 -52.19
CA LEU SA 179 -19.55 -76.85 -52.91
C LEU SA 179 -19.59 -78.22 -53.57
N GLY SA 180 -19.99 -78.20 -54.82
CA GLY SA 180 -20.05 -79.42 -55.59
C GLY SA 180 -18.65 -79.79 -56.03
N ILE SA 181 -17.83 -80.29 -55.10
CA ILE SA 181 -16.50 -80.75 -55.47
C ILE SA 181 -16.61 -81.76 -56.60
N LYS SA 182 -17.44 -82.78 -56.40
CA LYS SA 182 -17.93 -83.71 -57.41
C LYS SA 182 -19.38 -84.03 -57.11
N GLU SA 183 -19.60 -84.26 -55.82
CA GLU SA 183 -20.86 -84.47 -55.15
C GLU SA 183 -20.70 -83.82 -53.78
N ALA SA 184 -21.61 -84.12 -52.85
CA ALA SA 184 -21.41 -83.67 -51.48
C ALA SA 184 -20.21 -84.41 -50.88
N ASP SA 185 -19.24 -83.66 -50.37
CA ASP SA 185 -18.07 -84.30 -49.78
C ASP SA 185 -18.45 -84.96 -48.46
N GLY SA 186 -18.92 -84.15 -47.52
CA GLY SA 186 -19.27 -84.64 -46.21
C GLY SA 186 -19.64 -83.50 -45.30
N SER SA 187 -19.05 -83.46 -44.10
CA SER SA 187 -19.25 -82.33 -43.21
C SER SA 187 -18.87 -81.02 -43.89
N ILE SA 188 -17.88 -81.07 -44.78
CA ILE SA 188 -17.51 -79.95 -45.59
C ILE SA 188 -18.19 -80.08 -46.95
N ALA SA 189 -18.15 -79.00 -47.70
CA ALA SA 189 -18.51 -78.88 -49.11
C ALA SA 189 -20.00 -78.96 -49.43
N ALA SA 190 -20.79 -79.60 -48.56
CA ALA SA 190 -22.24 -79.53 -48.65
C ALA SA 190 -22.88 -79.23 -47.30
N LEU SA 191 -22.47 -79.98 -46.28
CA LEU SA 191 -23.16 -79.92 -45.00
C LEU SA 191 -22.81 -78.69 -44.18
N HIS SA 192 -21.82 -77.92 -44.59
CA HIS SA 192 -21.76 -76.60 -43.97
C HIS SA 192 -22.95 -75.78 -44.41
N SER SA 193 -23.45 -76.01 -45.63
CA SER SA 193 -24.67 -75.35 -46.03
C SER SA 193 -25.85 -75.91 -45.26
N VAL SA 194 -25.81 -77.20 -44.95
CA VAL SA 194 -26.91 -77.84 -44.24
C VAL SA 194 -26.69 -77.69 -42.74
N ASN SA 195 -25.60 -78.26 -42.23
CA ASN SA 195 -25.42 -78.37 -40.79
C ASN SA 195 -24.73 -77.16 -40.17
N ASP SA 196 -24.02 -76.35 -40.97
CA ASP SA 196 -23.39 -75.14 -40.44
C ASP SA 196 -22.34 -75.42 -39.38
N LEU SA 197 -21.17 -75.90 -39.82
CA LEU SA 197 -20.08 -76.30 -38.94
C LEU SA 197 -19.66 -75.28 -37.87
N ASP SA 198 -20.02 -74.00 -38.00
CA ASP SA 198 -19.60 -72.96 -37.05
C ASP SA 198 -20.50 -73.03 -35.82
N VAL SA 199 -20.14 -73.91 -34.89
CA VAL SA 199 -20.90 -74.10 -33.65
C VAL SA 199 -20.06 -73.68 -32.45
N THR SA 200 -19.12 -74.53 -32.10
CA THR SA 200 -18.02 -74.26 -31.20
C THR SA 200 -16.71 -74.80 -31.73
N LYS SA 201 -16.78 -75.77 -32.65
CA LYS SA 201 -15.61 -76.22 -33.39
C LYS SA 201 -14.87 -75.05 -34.00
N PHE SA 202 -15.60 -74.00 -34.41
CA PHE SA 202 -14.93 -72.82 -34.92
C PHE SA 202 -14.08 -72.16 -33.86
N ALA SA 203 -14.62 -71.99 -32.66
CA ALA SA 203 -13.85 -71.34 -31.61
C ALA SA 203 -12.60 -72.14 -31.28
N ASP SA 204 -12.67 -73.46 -31.43
CA ASP SA 204 -11.49 -74.30 -31.22
C ASP SA 204 -10.41 -73.99 -32.25
N ASN SA 205 -10.78 -73.98 -33.55
CA ASN SA 205 -9.84 -73.73 -34.64
C ASN SA 205 -10.47 -72.69 -35.56
N ALA SA 206 -10.27 -71.41 -35.23
CA ALA SA 206 -10.80 -70.37 -36.06
C ALA SA 206 -10.13 -70.32 -37.43
N ALA SA 207 -8.87 -70.73 -37.53
CA ALA SA 207 -8.14 -70.81 -38.80
C ALA SA 207 -7.32 -72.09 -38.96
N ASP SA 208 -6.91 -72.66 -37.83
CA ASP SA 208 -5.82 -73.62 -37.73
C ASP SA 208 -5.86 -74.87 -38.62
N CYS SA 209 -7.02 -75.28 -39.13
CA CYS SA 209 -7.10 -76.57 -39.80
C CYS SA 209 -7.89 -76.57 -41.10
N ALA SA 210 -8.40 -75.42 -41.54
CA ALA SA 210 -9.17 -75.21 -42.77
C ALA SA 210 -10.54 -75.86 -42.77
N ASP SA 211 -10.66 -77.06 -42.20
CA ASP SA 211 -11.91 -77.81 -42.11
C ASP SA 211 -12.96 -77.04 -41.33
N ILE SA 212 -12.55 -76.48 -40.20
CA ILE SA 212 -13.31 -75.41 -39.56
C ILE SA 212 -12.55 -74.09 -39.52
N GLY SA 213 -11.32 -74.04 -40.03
CA GLY SA 213 -10.57 -72.80 -39.87
C GLY SA 213 -11.04 -71.63 -40.72
N PHE SA 214 -12.35 -71.35 -40.78
CA PHE SA 214 -13.01 -70.24 -41.48
C PHE SA 214 -12.91 -70.29 -43.00
N ASP SA 215 -11.79 -70.83 -43.48
CA ASP SA 215 -11.48 -70.99 -44.87
C ASP SA 215 -12.47 -71.88 -45.57
N ALA SA 216 -12.56 -73.14 -45.13
CA ALA SA 216 -13.42 -74.09 -45.82
C ALA SA 216 -14.85 -73.61 -45.82
N GLN SA 217 -15.32 -73.07 -44.70
CA GLN SA 217 -16.71 -72.64 -44.59
C GLN SA 217 -17.00 -71.55 -45.59
N LEU SA 218 -16.14 -70.53 -45.61
CA LEU SA 218 -16.34 -69.45 -46.55
C LEU SA 218 -16.27 -69.97 -47.98
N LYS SA 219 -15.45 -70.98 -48.22
CA LYS SA 219 -15.39 -71.56 -49.55
C LYS SA 219 -16.66 -72.31 -49.89
N VAL SA 220 -17.28 -72.96 -48.91
CA VAL SA 220 -18.56 -73.62 -49.17
C VAL SA 220 -19.57 -72.57 -49.59
N VAL SA 221 -19.62 -71.47 -48.85
CA VAL SA 221 -20.59 -70.44 -49.17
C VAL SA 221 -20.30 -69.86 -50.53
N ASP SA 222 -19.04 -69.55 -50.79
CA ASP SA 222 -18.67 -68.95 -52.06
C ASP SA 222 -19.02 -69.86 -53.23
N GLU SA 223 -18.73 -71.14 -53.09
CA GLU SA 223 -19.03 -72.05 -54.18
C GLU SA 223 -20.53 -72.28 -54.29
N ALA SA 224 -21.22 -72.39 -53.18
CA ALA SA 224 -22.68 -72.48 -53.20
C ALA SA 224 -23.26 -71.35 -54.01
N ILE SA 225 -22.79 -70.15 -53.74
CA ILE SA 225 -23.21 -68.99 -54.51
C ILE SA 225 -22.84 -69.16 -55.97
N ASN SA 226 -21.62 -69.63 -56.23
CA ASN SA 226 -21.17 -69.77 -57.61
C ASN SA 226 -22.01 -70.80 -58.36
N GLN SA 227 -22.48 -71.81 -57.66
CA GLN SA 227 -23.35 -72.81 -58.24
C GLN SA 227 -24.73 -72.25 -58.50
N VAL SA 228 -25.21 -71.37 -57.61
CA VAL SA 228 -26.44 -70.65 -57.90
C VAL SA 228 -26.25 -69.77 -59.12
N SER SA 229 -25.12 -69.08 -59.18
CA SER SA 229 -24.80 -68.19 -60.29
C SER SA 229 -24.84 -68.94 -61.61
N SER SA 230 -24.19 -70.09 -61.64
CA SER SA 230 -24.12 -70.86 -62.88
C SER SA 230 -25.45 -71.54 -63.17
N GLN SA 231 -26.18 -71.94 -62.14
CA GLN SA 231 -27.50 -72.50 -62.36
C GLN SA 231 -28.43 -71.46 -62.97
N ARG SA 232 -28.40 -70.25 -62.43
CA ARG SA 232 -29.17 -69.16 -62.98
C ARG SA 232 -28.62 -68.76 -64.34
N ALA SA 233 -27.34 -68.99 -64.58
CA ALA SA 233 -26.76 -68.69 -65.88
C ALA SA 233 -27.33 -69.60 -66.95
N LYS SA 234 -27.35 -70.90 -66.67
CA LYS SA 234 -28.00 -71.84 -67.58
C LYS SA 234 -29.45 -71.47 -67.76
N LEU SA 235 -30.11 -71.22 -66.63
CA LEU SA 235 -31.54 -70.93 -66.60
C LEU SA 235 -31.86 -69.75 -67.49
N GLY SA 236 -31.09 -68.68 -67.36
CA GLY SA 236 -31.32 -67.49 -68.17
C GLY SA 236 -30.87 -67.66 -69.60
N ALA SA 237 -29.88 -68.52 -69.82
CA ALA SA 237 -29.52 -68.86 -71.19
C ALA SA 237 -30.72 -69.43 -71.90
N VAL SA 238 -31.39 -70.39 -71.25
CA VAL SA 238 -32.59 -70.98 -71.84
C VAL SA 238 -33.68 -69.92 -71.95
N GLN SA 239 -33.76 -69.01 -70.98
CA GLN SA 239 -34.73 -67.94 -71.09
C GLN SA 239 -34.53 -67.17 -72.39
N ASN SA 240 -33.30 -66.79 -72.67
CA ASN SA 240 -33.02 -66.07 -73.90
C ASN SA 240 -33.36 -66.92 -75.11
N ARG SA 241 -33.06 -68.22 -75.03
CA ARG SA 241 -33.40 -69.12 -76.12
C ARG SA 241 -34.87 -69.07 -76.42
N LEU SA 242 -35.69 -69.15 -75.39
CA LEU SA 242 -37.12 -69.18 -75.62
C LEU SA 242 -37.63 -67.81 -76.06
N GLU SA 243 -36.95 -66.74 -75.66
CA GLU SA 243 -37.29 -65.44 -76.21
C GLU SA 243 -37.13 -65.45 -77.72
N HIS SA 244 -35.95 -65.84 -78.18
CA HIS SA 244 -35.69 -65.81 -79.62
C HIS SA 244 -36.48 -66.87 -80.35
N THR SA 245 -36.73 -68.00 -79.68
CA THR SA 245 -37.61 -69.00 -80.22
C THR SA 245 -38.98 -68.40 -80.51
N ILE SA 246 -39.58 -67.77 -79.50
CA ILE SA 246 -40.92 -67.22 -79.67
C ILE SA 246 -40.92 -66.17 -80.76
N ASN SA 247 -39.87 -65.37 -80.83
CA ASN SA 247 -39.83 -64.38 -81.90
C ASN SA 247 -39.82 -65.07 -83.27
N ASN SA 248 -39.09 -66.18 -83.38
CA ASN SA 248 -39.13 -66.97 -84.59
C ASN SA 248 -40.51 -67.58 -84.82
N LEU SA 249 -41.09 -68.14 -83.77
CA LEU SA 249 -42.39 -68.79 -83.88
C LEU SA 249 -43.45 -67.80 -84.33
N SER SA 250 -43.33 -66.56 -83.86
CA SER SA 250 -44.26 -65.52 -84.22
C SER SA 250 -44.10 -65.12 -85.66
N ALA SA 251 -42.87 -64.79 -86.05
CA ALA SA 251 -42.62 -64.34 -87.43
C ALA SA 251 -42.91 -65.46 -88.41
N SER SA 252 -42.36 -66.63 -88.13
CA SER SA 252 -42.53 -67.79 -88.99
C SER SA 252 -44.00 -68.20 -89.05
N GLY SA 253 -44.67 -68.16 -87.91
CA GLY SA 253 -46.08 -68.47 -87.89
C GLY SA 253 -46.86 -67.52 -88.76
N GLU SA 254 -46.57 -66.23 -88.66
CA GLU SA 254 -47.21 -65.25 -89.52
C GLU SA 254 -46.99 -65.56 -90.98
N ASN SA 255 -45.73 -65.70 -91.37
CA ASN SA 255 -45.40 -65.99 -92.76
C ASN SA 255 -46.09 -67.26 -93.23
N LEU SA 256 -46.28 -68.20 -92.32
CA LEU SA 256 -46.89 -69.47 -92.67
C LEU SA 256 -48.38 -69.34 -92.87
N THR SA 257 -49.05 -68.61 -91.99
CA THR SA 257 -50.48 -68.37 -92.19
C THR SA 257 -50.70 -67.54 -93.44
N ALA SA 258 -49.75 -66.69 -93.78
CA ALA SA 258 -49.83 -65.98 -95.03
C ALA SA 258 -49.66 -66.93 -96.20
N ALA SA 259 -48.75 -67.89 -96.08
CA ALA SA 259 -48.57 -68.89 -97.13
C ALA SA 259 -49.85 -69.66 -97.37
N GLU SA 260 -50.44 -70.16 -96.30
CA GLU SA 260 -51.73 -70.81 -96.38
C GLU SA 260 -52.74 -69.89 -97.06
N SER SA 261 -52.77 -68.64 -96.60
CA SER SA 261 -53.72 -67.67 -97.13
C SER SA 261 -53.55 -67.51 -98.63
N ARG SA 262 -52.31 -67.61 -99.11
CA ARG SA 262 -52.09 -67.60 -100.54
C ARG SA 262 -52.69 -68.82 -101.19
N ILE SA 263 -52.58 -69.98 -100.54
CA ILE SA 263 -53.24 -71.15 -101.12
C ILE SA 263 -54.74 -70.95 -101.13
N ARG SA 264 -55.32 -70.53 -100.01
CA ARG SA 264 -56.74 -70.29 -99.90
C ARG SA 264 -57.13 -68.86 -100.27
N ASP SA 265 -56.25 -68.11 -100.91
CA ASP SA 265 -56.54 -66.73 -101.31
C ASP SA 265 -57.81 -66.67 -102.12
N VAL SA 266 -58.86 -66.10 -101.55
CA VAL SA 266 -60.04 -65.74 -102.30
C VAL SA 266 -59.89 -64.29 -102.73
N ASP SA 267 -59.85 -64.07 -104.04
CA ASP SA 267 -60.05 -62.74 -104.58
C ASP SA 267 -61.55 -62.50 -104.50
N MET SA 268 -61.98 -62.04 -103.32
CA MET SA 268 -63.40 -61.91 -103.04
C MET SA 268 -64.07 -61.00 -104.05
N ALA SA 269 -63.36 -59.98 -104.52
CA ALA SA 269 -63.92 -59.13 -105.54
C ALA SA 269 -64.10 -59.88 -106.84
N LYS SA 270 -63.08 -60.64 -107.25
CA LYS SA 270 -63.21 -61.49 -108.42
C LYS SA 270 -64.39 -62.41 -108.30
N GLU SA 271 -64.50 -63.07 -107.15
CA GLU SA 271 -65.48 -64.14 -107.02
C GLU SA 271 -66.90 -63.59 -106.92
N MET SA 272 -67.07 -62.42 -106.32
CA MET SA 272 -68.36 -61.76 -106.40
C MET SA 272 -68.68 -61.36 -107.83
N SER SA 273 -67.68 -60.86 -108.54
CA SER SA 273 -67.88 -60.45 -109.93
C SER SA 273 -68.27 -61.65 -110.79
N GLU SA 274 -67.50 -62.72 -110.69
CA GLU SA 274 -67.77 -63.92 -111.45
C GLU SA 274 -69.10 -64.51 -111.06
N PHE SA 275 -69.43 -64.44 -109.78
CA PHE SA 275 -70.74 -64.86 -109.32
C PHE SA 275 -71.83 -64.11 -110.06
N THR SA 276 -71.73 -62.79 -110.04
CA THR SA 276 -72.65 -61.92 -110.75
C THR SA 276 -72.81 -62.36 -112.18
N LYS SA 277 -71.68 -62.50 -112.87
CA LYS SA 277 -71.70 -62.89 -114.26
C LYS SA 277 -72.46 -64.19 -114.45
N ASN SA 278 -72.16 -65.19 -113.63
CA ASN SA 278 -72.78 -66.49 -113.83
C ASN SA 278 -74.28 -66.44 -113.56
N ASN SA 279 -74.72 -65.56 -112.65
CA ASN SA 279 -76.16 -65.33 -112.50
C ASN SA 279 -76.74 -64.82 -113.79
N ILE SA 280 -76.14 -63.75 -114.31
CA ILE SA 280 -76.58 -63.13 -115.55
C ILE SA 280 -76.69 -64.18 -116.64
N LEU SA 281 -75.64 -64.98 -116.77
CA LEU SA 281 -75.55 -65.95 -117.85
C LEU SA 281 -76.61 -67.03 -117.70
N SER SA 282 -76.84 -67.49 -116.48
CA SER SA 282 -77.89 -68.45 -116.25
C SER SA 282 -79.24 -67.88 -116.68
N GLN SA 283 -79.54 -66.67 -116.21
CA GLN SA 283 -80.84 -66.06 -116.50
C GLN SA 283 -81.04 -65.86 -117.99
N ALA SA 284 -80.00 -65.37 -118.67
CA ALA SA 284 -80.06 -65.16 -120.10
C ALA SA 284 -80.34 -66.46 -120.81
N SER SA 285 -79.60 -67.51 -120.45
CA SER SA 285 -79.78 -68.79 -121.10
C SER SA 285 -81.19 -69.33 -120.89
N GLN SA 286 -81.75 -69.12 -119.71
CA GLN SA 286 -83.11 -69.58 -119.48
C GLN SA 286 -84.11 -68.81 -120.33
N ALA SA 287 -83.91 -67.49 -120.46
CA ALA SA 287 -84.75 -66.72 -121.35
C ALA SA 287 -84.71 -67.29 -122.76
N MET SA 288 -83.52 -67.67 -123.20
CA MET SA 288 -83.41 -68.27 -124.51
C MET SA 288 -84.09 -69.64 -124.55
N LEU SA 289 -84.10 -70.38 -123.46
CA LEU SA 289 -84.81 -71.66 -123.46
C LEU SA 289 -86.30 -71.43 -123.60
N ALA SA 290 -86.80 -70.39 -122.95
CA ALA SA 290 -88.20 -70.01 -123.16
C ALA SA 290 -88.43 -69.74 -124.63
N GLN SA 291 -87.57 -68.94 -125.25
CA GLN SA 291 -87.72 -68.63 -126.67
C GLN SA 291 -87.67 -69.89 -127.53
N ALA SA 292 -86.81 -70.84 -127.16
CA ALA SA 292 -86.76 -72.12 -127.85
C ALA SA 292 -88.08 -72.83 -127.74
N ASN SA 293 -88.79 -72.63 -126.64
CA ASN SA 293 -90.13 -73.19 -126.53
C ASN SA 293 -91.19 -72.33 -127.21
N GLN SA 294 -90.88 -71.06 -127.49
CA GLN SA 294 -91.87 -70.19 -128.13
C GLN SA 294 -91.90 -70.40 -129.63
N GLN SA 295 -90.73 -70.47 -130.27
CA GLN SA 295 -90.66 -70.66 -131.71
C GLN SA 295 -91.52 -71.79 -132.24
N PRO SA 296 -91.43 -73.02 -131.74
CA PRO SA 296 -92.27 -74.08 -132.30
C PRO SA 296 -93.76 -73.88 -132.08
N GLN SA 297 -94.16 -73.01 -131.15
CA GLN SA 297 -95.58 -72.69 -131.02
C GLN SA 297 -96.04 -71.79 -132.15
N ASN SA 298 -95.22 -70.79 -132.45
CA ASN SA 298 -95.43 -69.98 -133.64
C ASN SA 298 -95.55 -70.87 -134.84
N VAL SA 299 -94.65 -71.86 -134.94
CA VAL SA 299 -94.71 -72.83 -136.02
C VAL SA 299 -96.05 -73.55 -136.03
N LEU SA 300 -96.49 -73.98 -134.85
CA LEU SA 300 -97.73 -74.73 -134.75
C LEU SA 300 -98.88 -73.94 -135.36
N GLN SA 301 -99.03 -72.69 -134.94
CA GLN SA 301 -100.11 -71.88 -135.49
C GLN SA 301 -99.92 -71.69 -136.99
N LEU SA 302 -98.72 -71.30 -137.39
CA LEU SA 302 -98.46 -70.91 -138.77
C LEU SA 302 -98.66 -72.07 -139.72
N LEU SA 303 -98.40 -73.30 -139.27
CA LEU SA 303 -98.59 -74.50 -140.06
C LEU SA 303 -99.81 -75.29 -139.62
N ARG SA 304 -100.81 -74.61 -139.10
CA ARG SA 304 -102.07 -75.26 -138.79
C ARG SA 304 -103.02 -75.12 -139.98
N ILE TA 3 35.05 17.71 6.41
CA ILE TA 3 36.49 17.36 6.62
C ILE TA 3 36.79 17.04 8.08
N ASN TA 4 35.83 16.40 8.74
CA ASN TA 4 35.89 16.19 10.18
C ASN TA 4 37.19 15.52 10.60
N HIS TA 5 37.62 14.50 9.86
CA HIS TA 5 38.81 13.75 10.19
C HIS TA 5 40.11 14.53 10.03
N ASN TA 6 40.06 15.74 9.48
CA ASN TA 6 41.25 16.54 9.26
C ASN TA 6 41.40 17.68 10.25
N ILE TA 7 40.40 17.93 11.09
CA ILE TA 7 40.41 19.08 12.00
C ILE TA 7 40.75 18.59 13.38
N ALA TA 8 41.80 19.16 13.94
CA ALA TA 8 42.15 18.93 15.33
C ALA TA 8 42.65 20.20 16.00
N ALA TA 9 42.53 21.36 15.34
CA ALA TA 9 43.11 22.59 15.82
C ALA TA 9 44.60 22.39 16.10
N LEU TA 10 45.29 21.86 15.10
CA LEU TA 10 46.66 21.44 15.31
C LEU TA 10 47.56 22.60 15.71
N ASN TA 11 47.19 23.83 15.34
CA ASN TA 11 47.93 24.97 15.86
C ASN TA 11 47.76 25.07 17.36
N THR TA 12 46.55 24.77 17.84
CA THR TA 12 46.35 24.71 19.29
C THR TA 12 47.23 23.62 19.89
N LEU TA 13 47.37 22.50 19.20
CA LEU TA 13 48.18 21.41 19.71
C LEU TA 13 49.63 21.82 19.80
N ASN TA 14 50.09 22.56 18.79
CA ASN TA 14 51.44 23.07 18.79
C ASN TA 14 51.64 24.04 19.94
N ARG TA 15 50.65 24.91 20.17
CA ARG TA 15 50.71 25.78 21.34
C ARG TA 15 50.75 24.97 22.60
N LEU TA 16 50.10 23.82 22.59
CA LEU TA 16 50.06 23.02 23.80
C LEU TA 16 51.44 22.50 24.13
N SER TA 17 52.09 21.89 23.14
CA SER TA 17 53.45 21.41 23.34
C SER TA 17 54.35 22.54 23.82
N SER TA 18 54.23 23.71 23.17
CA SER TA 18 55.02 24.86 23.56
C SER TA 18 54.78 25.24 25.01
N ASN TA 19 53.51 25.32 25.41
CA ASN TA 19 53.17 25.78 26.74
C ASN TA 19 53.63 24.80 27.80
N ASN TA 20 53.52 23.50 27.50
CA ASN TA 20 53.97 22.50 28.47
C ASN TA 20 55.46 22.60 28.68
N SER TA 21 56.21 22.74 27.60
CA SER TA 21 57.64 22.92 27.78
C SER TA 21 57.94 24.22 28.49
N ALA TA 22 57.16 25.26 28.22
CA ALA TA 22 57.39 26.56 28.85
C ALA TA 22 57.26 26.47 30.36
N SER TA 23 56.10 25.98 30.82
CA SER TA 23 55.89 25.84 32.26
C SER TA 23 56.93 24.91 32.87
N GLN TA 24 57.30 23.86 32.14
CA GLN TA 24 58.37 22.97 32.60
C GLN TA 24 59.64 23.74 32.87
N LYS TA 25 60.05 24.57 31.91
CA LYS TA 25 61.27 25.34 32.07
C LYS TA 25 61.19 26.26 33.27
N ASN TA 26 60.03 26.91 33.43
CA ASN TA 26 59.82 27.75 34.59
C ASN TA 26 60.07 26.99 35.87
N MET TA 27 59.47 25.80 36.02
CA MET TA 27 59.69 24.99 37.21
C MET TA 27 61.15 24.71 37.43
N GLU TA 28 61.79 24.19 36.39
CA GLU TA 28 63.16 23.75 36.48
C GLU TA 28 64.05 24.85 37.00
N LYS TA 29 63.81 26.06 36.53
CA LYS TA 29 64.57 27.19 37.04
C LYS TA 29 64.14 27.52 38.47
N LEU TA 30 62.84 27.47 38.73
CA LEU TA 30 62.32 27.75 40.07
C LEU TA 30 62.85 26.73 41.08
N SER TA 31 62.72 25.46 40.74
CA SER TA 31 63.15 24.40 41.63
C SER TA 31 64.63 24.48 41.90
N SER TA 32 65.42 24.64 40.85
CA SER TA 32 66.86 24.69 41.00
C SER TA 32 67.33 26.04 41.50
N GLY TA 33 66.51 27.07 41.37
CA GLY TA 33 66.96 28.40 41.72
C GLY TA 33 67.98 28.92 40.72
N LEU TA 34 67.89 28.48 39.48
CA LEU TA 34 68.88 28.75 38.44
C LEU TA 34 68.18 29.43 37.29
N ARG TA 35 68.53 30.69 37.02
CA ARG TA 35 68.13 31.26 35.75
C ARG TA 35 69.00 30.71 34.64
N ILE TA 36 70.24 30.33 34.98
CA ILE TA 36 71.10 29.70 34.01
C ILE TA 36 70.45 28.43 33.49
N ASN TA 37 70.83 28.05 32.29
CA ASN TA 37 70.38 26.81 31.70
C ASN TA 37 71.34 25.69 32.03
N ARG TA 38 70.82 24.49 32.07
CA ARG TA 38 71.69 23.32 31.99
C ARG TA 38 72.30 23.24 30.61
N ALA TA 39 71.49 23.52 29.58
CA ALA TA 39 71.94 23.52 28.22
C ALA TA 39 72.85 24.71 27.95
N GLY TA 40 73.64 24.59 26.89
CA GLY TA 40 74.58 25.62 26.48
C GLY TA 40 73.97 26.89 25.98
N ASP TA 41 72.64 27.01 25.99
CA ASP TA 41 71.99 28.26 25.65
C ASP TA 41 72.50 29.37 26.57
N ASP TA 42 73.17 30.36 25.97
CA ASP TA 42 73.98 31.34 26.68
C ASP TA 42 75.18 30.68 27.36
N ALA TA 43 75.90 29.86 26.59
CA ALA TA 43 77.14 29.28 27.10
C ALA TA 43 78.16 30.35 27.45
N ALA TA 44 78.03 31.55 26.90
CA ALA TA 44 78.86 32.66 27.35
C ALA TA 44 78.66 32.90 28.83
N GLY TA 45 77.45 33.29 29.23
CA GLY TA 45 77.17 33.55 30.62
C GLY TA 45 77.44 32.34 31.51
N LEU TA 46 77.16 31.15 30.98
CA LEU TA 46 77.44 29.94 31.74
C LEU TA 46 78.93 29.83 32.02
N ALA TA 47 79.73 29.78 30.97
CA ALA TA 47 81.18 29.63 31.10
C ALA TA 47 81.76 30.72 31.99
N ILE TA 48 81.18 31.91 31.93
CA ILE TA 48 81.59 32.94 32.87
C ILE TA 48 81.33 32.47 34.29
N SER TA 49 80.08 32.12 34.61
CA SER TA 49 79.75 31.75 35.99
C SER TA 49 80.53 30.55 36.44
N GLU TA 50 80.87 29.66 35.52
CA GLU TA 50 81.77 28.56 35.80
C GLU TA 50 83.11 29.10 36.27
N LYS TA 51 83.67 30.03 35.51
CA LYS TA 51 84.94 30.63 35.89
C LYS TA 51 84.81 31.38 37.20
N MET TA 52 83.69 32.06 37.38
CA MET TA 52 83.42 32.77 38.62
C MET TA 52 83.52 31.80 39.78
N ARG TA 53 82.73 30.73 39.75
CA ARG TA 53 82.71 29.76 40.83
C ARG TA 53 84.07 29.15 41.06
N GLY TA 54 84.81 28.92 39.98
CA GLY TA 54 86.18 28.46 40.15
C GLY TA 54 86.97 29.44 41.00
N GLN TA 55 86.83 30.73 40.70
CA GLN TA 55 87.53 31.72 41.51
C GLN TA 55 86.93 31.86 42.90
N ILE TA 56 85.59 31.83 43.02
CA ILE TA 56 84.94 31.92 44.34
C ILE TA 56 85.48 30.85 45.26
N ARG TA 57 85.34 29.60 44.83
CA ARG TA 57 85.82 28.48 45.61
C ARG TA 57 87.30 28.62 45.90
N GLY TA 58 88.06 29.11 44.92
CA GLY TA 58 89.47 29.37 45.15
C GLY TA 58 89.71 30.46 46.18
N LEU TA 59 88.75 31.39 46.31
CA LEU TA 59 88.88 32.44 47.31
C LEU TA 59 88.50 31.93 48.68
N GLU TA 60 87.57 30.98 48.75
CA GLU TA 60 87.23 30.35 50.00
C GLU TA 60 88.44 29.58 50.53
N MET TA 61 89.05 28.77 49.66
CA MET TA 61 90.27 28.08 50.05
C MET TA 61 91.43 29.04 50.22
N ALA TA 62 91.36 30.21 49.58
CA ALA TA 62 92.38 31.23 49.78
C ALA TA 62 92.29 31.78 51.20
N SER TA 63 91.07 32.11 51.62
CA SER TA 63 90.86 32.58 52.98
C SER TA 63 91.32 31.52 53.96
N LYS TA 64 90.96 30.28 53.70
CA LYS TA 64 91.44 29.17 54.49
C LYS TA 64 92.96 29.17 54.59
N ASN TA 65 93.63 29.22 53.44
CA ASN TA 65 95.09 29.14 53.44
C ASN TA 65 95.71 30.32 54.16
N SER TA 66 95.10 31.50 54.04
CA SER TA 66 95.66 32.68 54.66
C SER TA 66 95.48 32.65 56.16
N GLN TA 67 94.32 32.19 56.61
CA GLN TA 67 94.09 32.01 58.03
C GLN TA 67 95.09 31.01 58.59
N ASP TA 68 95.36 29.95 57.83
CA ASP TA 68 96.36 28.98 58.23
C ASP TA 68 97.73 29.64 58.31
N GLY TA 69 98.04 30.50 57.33
CA GLY TA 69 99.21 31.35 57.42
C GLY TA 69 99.28 32.06 58.75
N ILE TA 70 98.17 32.68 59.13
CA ILE TA 70 98.12 33.43 60.38
C ILE TA 70 98.40 32.52 61.56
N SER TA 71 97.84 31.32 61.52
CA SER TA 71 98.06 30.39 62.63
C SER TA 71 99.54 30.08 62.79
N LEU TA 72 100.21 29.83 61.67
CA LEU TA 72 101.65 29.64 61.69
C LEU TA 72 102.34 30.85 62.27
N ILE TA 73 101.96 32.03 61.77
CA ILE TA 73 102.59 33.27 62.20
C ILE TA 73 102.50 33.41 63.70
N GLN TA 74 101.28 33.39 64.23
CA GLN TA 74 101.07 33.64 65.65
C GLN TA 74 101.73 32.58 66.51
N THR TA 75 101.82 31.35 66.01
CA THR TA 75 102.59 30.35 66.71
C THR TA 75 104.03 30.82 66.90
N ALA TA 76 104.70 31.08 65.77
CA ALA TA 76 106.09 31.49 65.84
C ALA TA 76 106.23 32.80 66.60
N GLU TA 77 105.26 33.68 66.43
CA GLU TA 77 105.22 34.98 67.09
C GLU TA 77 105.28 34.82 68.59
N GLY TA 78 104.34 34.08 69.16
CA GLY TA 78 104.31 33.90 70.60
C GLY TA 78 105.57 33.23 71.09
N ALA TA 79 106.08 32.29 70.30
CA ALA TA 79 107.32 31.63 70.67
C ALA TA 79 108.47 32.62 70.75
N LEU TA 80 108.55 33.53 69.76
CA LEU TA 80 109.62 34.52 69.75
C LEU TA 80 109.43 35.56 70.83
N THR TA 81 108.18 35.83 71.21
CA THR TA 81 107.92 36.70 72.33
C THR TA 81 108.49 36.10 73.60
N GLU TA 82 108.26 34.80 73.80
CA GLU TA 82 108.83 34.16 74.98
C GLU TA 82 110.35 34.13 74.91
N THR TA 83 110.89 33.83 73.74
CA THR TA 83 112.34 33.87 73.54
C THR TA 83 112.86 35.22 73.98
N HIS TA 84 112.20 36.26 73.51
CA HIS TA 84 112.60 37.61 73.83
C HIS TA 84 112.58 37.86 75.33
N ALA TA 85 111.51 37.42 76.00
CA ALA TA 85 111.42 37.58 77.44
C ALA TA 85 112.60 36.90 78.12
N ILE TA 86 112.97 35.71 77.65
CA ILE TA 86 114.16 35.07 78.17
C ILE TA 86 115.35 35.99 77.98
N LEU TA 87 115.51 36.52 76.77
CA LEU TA 87 116.67 37.35 76.48
C LEU TA 87 116.74 38.58 77.39
N GLN TA 88 115.58 39.09 77.80
CA GLN TA 88 115.58 40.12 78.83
C GLN TA 88 116.20 39.58 80.11
N ARG TA 89 115.77 38.38 80.52
CA ARG TA 89 116.38 37.80 81.70
C ARG TA 89 117.88 37.59 81.49
N VAL TA 90 118.25 37.20 80.29
CA VAL TA 90 119.65 36.98 80.00
C VAL TA 90 120.42 38.26 80.27
N ARG TA 91 119.96 39.37 79.71
CA ARG TA 91 120.69 40.61 79.90
C ARG TA 91 120.74 41.01 81.36
N GLU TA 92 119.67 40.73 82.11
CA GLU TA 92 119.77 40.89 83.56
C GLU TA 92 120.96 40.12 84.09
N LEU TA 93 121.10 38.88 83.62
CA LEU TA 93 122.20 38.05 84.07
C LEU TA 93 123.52 38.46 83.44
N VAL TA 94 123.50 39.25 82.37
CA VAL TA 94 124.74 39.79 81.83
C VAL TA 94 125.22 40.91 82.72
N VAL TA 95 124.30 41.78 83.11
CA VAL TA 95 124.69 42.91 83.95
C VAL TA 95 125.14 42.40 85.31
N GLN TA 96 124.46 41.38 85.83
CA GLN TA 96 125.01 40.71 87.01
C GLN TA 96 126.32 40.03 86.66
N ALA TA 97 126.43 39.49 85.44
CA ALA TA 97 127.66 38.87 84.96
C ALA TA 97 128.64 39.88 84.44
N GLY TA 98 128.42 41.14 84.80
CA GLY TA 98 129.53 42.01 85.07
C GLY TA 98 130.26 41.69 86.35
N ASN TA 99 129.91 40.57 87.02
CA ASN TA 99 130.64 40.06 88.18
C ASN TA 99 130.38 40.96 89.38
N THR TA 100 129.36 41.82 89.26
CA THR TA 100 129.28 43.03 90.06
C THR TA 100 130.67 43.65 90.13
N GLY TA 101 131.26 43.81 88.95
CA GLY TA 101 132.62 44.27 88.90
C GLY TA 101 133.63 43.16 89.11
N THR TA 102 134.09 43.04 90.35
CA THR TA 102 134.86 41.88 90.80
C THR TA 102 134.23 41.21 92.01
N GLN TA 103 133.12 41.75 92.51
CA GLN TA 103 132.62 41.32 93.81
C GLN TA 103 132.13 39.89 93.79
N ASP TA 104 131.49 39.48 92.73
CA ASP TA 104 131.10 38.08 92.63
C ASP TA 104 132.38 37.26 92.48
N LYS TA 105 132.33 36.02 92.94
CA LYS TA 105 133.46 35.11 92.81
C LYS TA 105 133.21 34.16 91.65
N ALA TA 106 134.19 33.29 91.40
CA ALA TA 106 134.09 32.36 90.28
C ALA TA 106 132.88 31.45 90.43
N THR TA 107 132.62 30.98 91.64
CA THR TA 107 131.44 30.16 91.89
C THR TA 107 130.17 30.93 91.62
N ASP TA 108 130.14 32.20 91.99
CA ASP TA 108 128.95 33.00 91.72
C ASP TA 108 128.71 33.10 90.23
N LEU TA 109 129.77 33.37 89.46
CA LEU TA 109 129.65 33.39 88.02
C LEU TA 109 129.23 32.03 87.46
N GLN TA 110 129.62 30.95 88.15
CA GLN TA 110 129.20 29.63 87.70
C GLN TA 110 127.74 29.38 88.04
N SER TA 111 127.28 29.89 89.17
CA SER TA 111 125.86 29.81 89.50
C SER TA 111 125.04 30.54 88.44
N ILE TA 112 125.47 31.75 88.12
CA ILE TA 112 124.83 32.52 87.06
C ILE TA 112 124.87 31.73 85.77
N GLN TA 113 126.04 31.21 85.42
CA GLN TA 113 126.22 30.51 84.16
C GLN TA 113 125.37 29.26 84.09
N ASP TA 114 125.18 28.59 85.23
CA ASP TA 114 124.23 27.48 85.28
C ASP TA 114 122.85 27.97 84.92
N GLY TA 115 122.45 29.10 85.50
CA GLY TA 115 121.17 29.68 85.14
C GLY TA 115 121.09 30.03 83.66
N ILE TA 116 122.17 30.57 83.10
CA ILE TA 116 122.11 31.00 81.71
C ILE TA 116 122.09 29.82 80.78
N SER TA 117 122.92 28.81 81.05
CA SER TA 117 122.92 27.62 80.21
C SER TA 117 121.57 26.93 80.28
N ALA TA 118 120.94 26.99 81.44
CA ALA TA 118 119.57 26.55 81.58
C ALA TA 118 118.66 27.36 80.65
N LEU TA 119 118.85 28.68 80.62
CA LEU TA 119 118.06 29.51 79.72
C LEU TA 119 118.33 29.19 78.27
N THR TA 120 119.59 28.94 77.93
CA THR TA 120 119.93 28.48 76.59
C THR TA 120 119.14 27.26 76.24
N ASP TA 121 119.14 26.28 77.14
CA ASP TA 121 118.41 25.05 76.89
C ASP TA 121 116.94 25.32 76.68
N GLU TA 122 116.42 26.37 77.34
CA GLU TA 122 115.04 26.75 77.11
C GLU TA 122 114.85 27.43 75.76
N ILE TA 123 115.79 28.28 75.36
CA ILE TA 123 115.68 28.93 74.06
C ILE TA 123 115.75 27.88 72.97
N ASP TA 124 116.73 26.99 73.06
CA ASP TA 124 116.81 25.86 72.15
C ASP TA 124 115.55 25.04 72.20
N GLY TA 125 114.95 24.91 73.39
CA GLY TA 125 113.69 24.22 73.48
C GLY TA 125 112.59 24.92 72.73
N ILE TA 126 112.55 26.25 72.81
CA ILE TA 126 111.60 27.01 72.00
C ILE TA 126 111.83 26.70 70.53
N SER TA 127 113.05 26.93 70.07
CA SER TA 127 113.34 26.84 68.65
C SER TA 127 113.25 25.41 68.13
N ASN TA 128 113.27 24.41 69.03
CA ASN TA 128 113.20 23.01 68.65
C ASN TA 128 111.92 22.34 69.15
N ARG TA 129 110.94 23.11 69.61
CA ARG TA 129 109.62 22.59 69.95
C ARG TA 129 108.54 23.34 69.18
N THR TA 130 108.83 24.56 68.77
CA THR TA 130 107.86 25.32 67.99
C THR TA 130 107.74 24.68 66.63
N GLU TA 131 106.76 23.79 66.50
CA GLU TA 131 106.43 23.12 65.25
C GLU TA 131 105.05 23.55 64.79
N PHE TA 132 104.86 23.57 63.47
CA PHE TA 132 103.53 23.60 62.89
C PHE TA 132 103.41 22.45 61.92
N ASN TA 133 102.55 21.50 62.25
CA ASN TA 133 102.35 20.34 61.43
C ASN TA 133 103.68 19.62 61.25
N GLY TA 134 104.43 19.55 62.34
CA GLY TA 134 105.75 18.96 62.37
C GLY TA 134 106.86 19.88 61.90
N LYS TA 135 106.52 20.88 61.09
CA LYS TA 135 107.51 21.79 60.57
C LYS TA 135 108.04 22.64 61.70
N LYS TA 136 109.29 22.40 62.06
CA LYS TA 136 109.89 23.15 63.16
C LYS TA 136 110.01 24.60 62.71
N LEU TA 137 109.01 25.39 63.09
CA LEU TA 137 108.87 26.75 62.58
C LEU TA 137 110.01 27.66 63.01
N LEU TA 138 110.67 27.33 64.11
CA LEU TA 138 111.85 28.06 64.54
C LEU TA 138 113.11 27.22 64.36
N ASP TA 139 113.10 26.36 63.35
CA ASP TA 139 114.33 25.76 62.88
C ASP TA 139 115.15 26.88 62.26
N GLY TA 140 116.21 27.30 62.94
CA GLY TA 140 117.02 28.38 62.41
C GLY TA 140 117.66 28.07 61.08
N THR TA 141 117.73 26.79 60.71
CA THR TA 141 118.22 26.37 59.41
C THR TA 141 117.09 26.10 58.41
N TYR TA 142 115.86 26.49 58.74
CA TYR TA 142 114.76 26.27 57.81
C TYR TA 142 115.00 27.01 56.50
N LYS TA 143 115.04 28.34 56.55
CA LYS TA 143 115.24 29.18 55.37
C LYS TA 143 116.40 30.14 55.60
N VAL TA 144 117.57 29.58 55.86
CA VAL TA 144 118.78 30.38 55.70
C VAL TA 144 118.97 30.56 54.20
N ASP TA 145 118.78 31.80 53.73
CA ASP TA 145 118.91 32.12 52.31
C ASP TA 145 120.22 31.62 51.72
N THR TA 146 121.32 31.86 52.44
CA THR TA 146 122.64 31.29 52.18
C THR TA 146 123.33 31.88 50.95
N ALA TA 147 122.60 32.65 50.14
CA ALA TA 147 122.96 32.85 48.73
C ALA TA 147 122.97 31.52 47.98
N THR TA 148 122.13 30.57 48.39
CA THR TA 148 121.99 29.28 47.73
C THR TA 148 120.52 28.98 47.60
N PRO TA 149 119.92 29.22 46.43
CA PRO TA 149 118.51 28.86 46.23
C PRO TA 149 118.21 27.41 46.51
N ALA TA 150 119.15 26.52 46.23
CA ALA TA 150 118.91 25.09 46.41
C ALA TA 150 118.61 24.75 47.86
N ASN TA 151 119.12 25.52 48.80
CA ASN TA 151 118.95 25.25 50.23
C ASN TA 151 118.22 26.43 50.87
N GLN TA 152 116.88 26.47 50.71
CA GLN TA 152 116.09 27.50 51.36
C GLN TA 152 114.77 27.04 51.97
N LYS TA 153 114.09 26.02 51.44
CA LYS TA 153 112.76 25.65 51.95
C LYS TA 153 111.84 26.86 52.03
N ASN TA 154 111.79 27.67 50.97
CA ASN TA 154 111.07 28.95 50.97
C ASN TA 154 109.67 28.80 51.54
N LEU TA 155 109.38 29.55 52.59
CA LEU TA 155 108.09 29.43 53.27
C LEU TA 155 107.03 30.10 52.40
N VAL TA 156 106.69 29.41 51.32
CA VAL TA 156 105.71 29.90 50.36
C VAL TA 156 104.33 29.80 50.97
N PHE TA 157 103.45 30.78 50.69
CA PHE TA 157 102.02 30.71 50.97
C PHE TA 157 101.26 31.05 49.68
N GLN TA 158 100.75 30.02 48.99
CA GLN TA 158 99.81 30.21 47.88
C GLN TA 158 98.48 30.61 48.45
N ILE TA 159 98.06 31.83 48.17
CA ILE TA 159 96.78 32.34 48.60
C ILE TA 159 95.85 32.60 47.43
N GLY TA 160 96.31 33.34 46.42
CA GLY TA 160 95.41 33.78 45.38
C GLY TA 160 94.85 32.62 44.59
N ALA TA 161 93.57 32.73 44.25
CA ALA TA 161 92.92 31.72 43.44
C ALA TA 161 93.58 31.59 42.07
N ASN TA 162 94.27 32.63 41.64
CA ASN TA 162 95.01 32.62 40.38
C ASN TA 162 96.43 32.13 40.60
N ALA TA 163 97.02 31.60 39.54
CA ALA TA 163 98.34 31.01 39.63
C ALA TA 163 99.42 32.03 39.96
N THR TA 164 100.46 31.57 40.63
CA THR TA 164 101.65 32.31 41.05
C THR TA 164 101.37 33.27 42.19
N GLN TA 165 100.14 33.41 42.65
CA GLN TA 165 99.80 34.38 43.67
C GLN TA 165 100.27 33.88 45.03
N GLN TA 166 101.58 33.93 45.25
CA GLN TA 166 102.20 33.33 46.41
C GLN TA 166 102.95 34.35 47.23
N ILE TA 167 103.08 34.03 48.51
CA ILE TA 167 103.83 34.84 49.46
C ILE TA 167 105.08 34.10 49.89
N SER TA 168 106.21 34.81 49.88
CA SER TA 168 107.50 34.25 50.23
C SER TA 168 107.91 34.76 51.61
N VAL TA 169 108.11 33.84 52.56
CA VAL TA 169 108.42 34.18 53.95
C VAL TA 169 109.73 33.50 54.33
N ASN TA 170 110.41 34.09 55.33
CA ASN TA 170 111.70 33.59 55.77
C ASN TA 170 111.73 33.31 57.27
N ILE TA 171 112.17 32.10 57.61
CA ILE TA 171 112.49 31.67 58.96
C ILE TA 171 114.01 31.56 59.04
N GLU TA 172 114.63 32.18 60.06
CA GLU TA 172 116.05 31.89 60.31
C GLU TA 172 116.46 31.88 61.78
N ASP TA 173 115.55 32.06 62.74
CA ASP TA 173 115.96 32.22 64.12
C ASP TA 173 116.04 30.88 64.84
N MET TA 174 116.87 30.86 65.89
CA MET TA 174 117.04 29.71 66.76
C MET TA 174 117.96 30.14 67.90
N GLY TA 175 118.14 29.24 68.87
CA GLY TA 175 118.98 29.55 70.01
C GLY TA 175 120.41 29.85 69.63
N ALA TA 176 120.95 29.15 68.63
CA ALA TA 176 122.30 29.41 68.19
C ALA TA 176 122.41 30.64 67.28
N ASP TA 177 121.31 31.32 67.01
CA ASP TA 177 121.27 32.47 66.11
C ASP TA 177 121.21 33.75 66.94
N ALA TA 178 122.38 34.36 67.22
CA ALA TA 178 122.43 35.51 68.12
C ALA TA 178 123.00 36.79 67.53
N LEU TA 179 124.31 36.87 67.32
CA LEU TA 179 124.90 37.97 66.55
C LEU TA 179 125.24 37.40 65.19
N GLY TA 180 124.33 37.59 64.27
CA GLY TA 180 124.53 37.13 62.92
C GLY TA 180 125.46 38.08 62.20
N ILE TA 181 126.76 38.03 62.53
CA ILE TA 181 127.73 38.86 61.83
C ILE TA 181 127.59 38.62 60.34
N LYS TA 182 127.66 37.36 59.93
CA LYS TA 182 127.29 36.85 58.62
C LYS TA 182 126.61 35.50 58.80
N GLU TA 183 127.23 34.71 59.66
CA GLU TA 183 126.81 33.43 60.18
C GLU TA 183 127.28 33.41 61.64
N ALA TA 184 127.29 32.23 62.24
CA ALA TA 184 127.88 32.12 63.57
C ALA TA 184 129.39 32.32 63.45
N ASP TA 185 129.93 33.25 64.22
CA ASP TA 185 131.36 33.50 64.17
C ASP TA 185 132.11 32.35 64.81
N GLY TA 186 131.85 32.12 66.09
CA GLY TA 186 132.53 31.08 66.83
C GLY TA 186 132.13 31.13 68.30
N SER TA 187 133.13 31.14 69.18
CA SER TA 187 132.86 31.30 70.60
C SER TA 187 132.10 32.59 70.85
N ILE TA 188 132.36 33.61 70.03
CA ILE TA 188 131.61 34.84 70.08
C ILE TA 188 130.54 34.80 69.00
N ALA TA 189 129.61 35.75 69.11
CA ALA TA 189 128.59 36.08 68.11
C ALA TA 189 127.45 35.09 67.97
N ALA TA 190 127.67 33.83 68.32
CA ALA TA 190 126.60 32.85 68.43
C ALA TA 190 126.68 32.06 69.72
N LEU TA 191 127.87 31.53 70.01
CA LEU TA 191 128.01 30.58 71.11
C LEU TA 191 128.03 31.24 72.47
N HIS TA 192 128.11 32.55 72.54
CA HIS TA 192 127.78 33.13 73.84
C HIS TA 192 126.30 32.92 74.13
N SER TA 193 125.47 32.89 73.10
CA SER TA 193 124.08 32.55 73.32
C SER TA 193 123.95 31.08 73.67
N VAL TA 194 124.80 30.24 73.10
CA VAL TA 194 124.73 28.81 73.37
C VAL TA 194 125.56 28.48 74.60
N ASN TA 195 126.87 28.75 74.53
CA ASN TA 195 127.78 28.26 75.55
C ASN TA 195 127.94 29.23 76.73
N ASP TA 196 127.60 30.51 76.55
CA ASP TA 196 127.68 31.47 77.65
C ASP TA 196 129.09 31.66 78.19
N LEU TA 197 129.92 32.38 77.44
CA LEU TA 197 131.33 32.60 77.76
C LEU TA 197 131.62 33.09 79.19
N ASP TA 198 130.65 33.63 79.92
CA ASP TA 198 130.88 34.16 81.26
C ASP TA 198 130.92 33.01 82.26
N VAL TA 199 132.10 32.41 82.39
CA VAL TA 199 132.29 31.29 83.31
C VAL TA 199 133.26 31.67 84.41
N THR TA 200 134.54 31.72 84.06
CA THR TA 200 135.60 32.33 84.83
C THR TA 200 136.51 33.14 83.95
N LYS TA 201 136.51 32.88 82.63
CA LYS TA 201 137.17 33.75 81.67
C LYS TA 201 136.77 35.19 81.86
N PHE TA 202 135.51 35.43 82.26
CA PHE TA 202 135.10 36.80 82.54
C PHE TA 202 135.89 37.39 83.69
N ALA TA 203 136.03 36.64 84.78
CA ALA TA 203 136.76 37.17 85.92
C ALA TA 203 138.20 37.47 85.56
N ASP TA 204 138.76 36.72 84.62
CA ASP TA 204 140.11 37.00 84.14
C ASP TA 204 140.17 38.35 83.44
N ASN TA 205 139.25 38.58 82.48
CA ASN TA 205 139.22 39.82 81.69
C ASN TA 205 137.79 40.32 81.69
N ALA TA 206 137.44 41.07 82.73
CA ALA TA 206 136.09 41.63 82.79
C ALA TA 206 135.85 42.66 81.69
N ALA TA 207 136.87 43.37 81.24
CA ALA TA 207 136.78 44.32 80.13
C ALA TA 207 137.92 44.22 79.12
N ASP TA 208 139.08 43.76 79.60
CA ASP TA 208 140.37 43.95 78.96
C ASP TA 208 140.55 43.53 77.51
N CYS TA 209 139.70 42.64 76.97
CA CYS TA 209 139.97 42.08 75.64
C CYS TA 209 138.76 42.02 74.72
N ALA TA 210 137.59 42.49 75.15
CA ALA TA 210 136.33 42.53 74.40
C ALA TA 210 135.73 41.16 74.13
N ASP TA 211 136.56 40.16 73.84
CA ASP TA 211 136.13 38.79 73.56
C ASP TA 211 135.41 38.20 74.74
N ILE TA 212 135.96 38.38 75.94
CA ILE TA 212 135.22 38.21 77.18
C ILE TA 212 135.07 39.52 77.95
N GLY TA 213 135.64 40.63 77.47
CA GLY TA 213 135.59 41.82 78.29
C GLY TA 213 134.22 42.49 78.42
N PHE TA 214 133.15 41.73 78.67
CA PHE TA 214 131.76 42.17 78.89
C PHE TA 214 131.08 42.80 77.68
N ASP TA 215 131.90 43.46 76.85
CA ASP TA 215 131.49 44.13 75.65
C ASP TA 215 130.91 43.15 74.64
N ALA TA 216 131.73 42.20 74.20
CA ALA TA 216 131.28 41.29 73.16
C ALA TA 216 130.03 40.53 73.60
N GLN TA 217 130.01 40.09 74.86
CA GLN TA 217 128.89 39.29 75.34
C GLN TA 217 127.61 40.11 75.28
N LEU TA 218 127.67 41.33 75.83
CA LEU TA 218 126.49 42.17 75.79
C LEU TA 218 126.08 42.47 74.36
N LYS TA 219 127.05 42.55 73.45
CA LYS TA 219 126.73 42.77 72.05
C LYS TA 219 126.07 41.54 71.44
N VAL TA 220 126.48 40.34 71.86
CA VAL TA 220 125.80 39.14 71.37
C VAL TA 220 124.35 39.18 71.80
N VAL TA 221 124.12 39.51 73.07
CA VAL TA 221 122.75 39.53 73.56
C VAL TA 221 121.96 40.60 72.85
N ASP TA 222 122.54 41.78 72.70
CA ASP TA 222 121.84 42.89 72.06
C ASP TA 222 121.48 42.54 70.63
N GLU TA 223 122.41 41.95 69.90
CA GLU TA 223 122.12 41.62 68.52
C GLU TA 223 121.16 40.46 68.43
N ALA TA 224 121.29 39.47 69.31
CA ALA TA 224 120.33 38.37 69.37
C ALA TA 224 118.94 38.92 69.50
N ILE TA 225 118.76 39.87 70.42
CA ILE TA 225 117.49 40.53 70.58
C ILE TA 225 117.10 41.25 69.31
N ASN TA 226 118.04 41.95 68.70
CA ASN TA 226 117.73 42.71 67.50
C ASN TA 226 117.30 41.80 66.37
N GLN TA 227 117.86 40.60 66.32
CA GLN TA 227 117.49 39.62 65.32
C GLN TA 227 116.11 39.06 65.61
N VAL TA 228 115.78 38.89 66.89
CA VAL TA 228 114.41 38.53 67.24
C VAL TA 228 113.46 39.65 66.83
N SER TA 229 113.86 40.89 67.10
CA SER TA 229 113.05 42.04 66.77
C SER TA 229 112.75 42.09 65.28
N SER TA 230 113.78 41.89 64.46
CA SER TA 230 113.59 41.96 63.02
C SER TA 230 112.88 40.73 62.51
N GLN TA 231 113.10 39.57 63.14
CA GLN TA 231 112.38 38.38 62.74
C GLN TA 231 110.90 38.56 63.00
N ARG TA 232 110.56 39.07 64.18
CA ARG TA 232 109.18 39.37 64.51
C ARG TA 232 108.66 40.51 63.65
N ALA TA 233 109.55 41.39 63.19
CA ALA TA 233 109.13 42.48 62.33
C ALA TA 233 108.67 41.94 60.98
N LYS TA 234 109.47 41.07 60.38
CA LYS TA 234 109.06 40.39 59.16
C LYS TA 234 107.78 39.63 59.39
N LEU TA 235 107.76 38.88 60.49
CA LEU TA 235 106.64 38.02 60.83
C LEU TA 235 105.34 38.81 60.91
N GLY TA 236 105.39 39.94 61.61
CA GLY TA 236 104.22 40.78 61.75
C GLY TA 236 103.89 41.53 60.49
N ALA TA 237 104.90 41.83 59.69
CA ALA TA 237 104.63 42.41 58.38
C ALA TA 237 103.74 41.48 57.59
N VAL TA 238 104.09 40.20 57.56
CA VAL TA 238 103.28 39.23 56.85
C VAL TA 238 101.93 39.08 57.54
N GLN TA 239 101.90 39.20 58.86
CA GLN TA 239 100.61 39.17 59.54
C GLN TA 239 99.69 40.25 59.01
N ASN TA 240 100.20 41.48 58.90
CA ASN TA 240 99.40 42.56 58.36
C ASN TA 240 98.99 42.27 56.93
N ARG TA 241 99.92 41.70 56.15
CA ARG TA 241 99.60 41.34 54.78
C ARG TA 241 98.41 40.44 54.72
N LEU TA 242 98.40 39.41 55.56
CA LEU TA 242 97.31 38.45 55.49
C LEU TA 242 96.04 39.05 56.06
N GLU TA 243 96.15 40.00 56.97
CA GLU TA 243 94.96 40.74 57.39
C GLU TA 243 94.32 41.41 56.20
N HIS TA 244 95.09 42.22 55.49
CA HIS TA 244 94.53 42.96 54.36
C HIS TA 244 94.17 42.05 53.22
N THR TA 245 94.91 40.97 53.06
CA THR TA 245 94.55 39.94 52.10
C THR TA 245 93.16 39.43 52.38
N ILE TA 246 92.92 38.99 53.62
CA ILE TA 246 91.63 38.41 53.97
C ILE TA 246 90.54 39.43 53.76
N ASN TA 247 90.80 40.68 54.11
CA ASN TA 247 89.78 41.70 53.89
C ASN TA 247 89.45 41.81 52.41
N ASN TA 248 90.48 41.73 51.56
CA ASN TA 248 90.24 41.70 50.13
C ASN TA 248 89.50 40.45 49.71
N LEU TA 249 89.90 39.30 50.24
CA LEU TA 249 89.30 38.04 49.86
C LEU TA 249 87.83 38.03 50.23
N SER TA 250 87.51 38.65 51.36
CA SER TA 250 86.14 38.72 51.83
C SER TA 250 85.31 39.63 50.95
N ALA TA 251 85.79 40.85 50.73
CA ALA TA 251 85.03 41.81 49.93
C ALA TA 251 84.92 41.33 48.49
N SER TA 252 86.05 40.92 47.91
CA SER TA 252 86.09 40.45 46.53
C SER TA 252 85.27 39.19 46.38
N GLY TA 253 85.36 38.30 47.36
CA GLY TA 253 84.56 37.10 47.32
C GLY TA 253 83.09 37.42 47.31
N GLU TA 254 82.68 38.34 48.18
CA GLU TA 254 81.29 38.78 48.19
C GLU TA 254 80.86 39.31 46.84
N ASN TA 255 81.60 40.29 46.32
CA ASN TA 255 81.27 40.88 45.03
C ASN TA 255 81.22 39.83 43.95
N LEU TA 256 82.03 38.80 44.08
CA LEU TA 256 82.10 37.75 43.07
C LEU TA 256 80.90 36.83 43.15
N THR TA 257 80.50 36.43 44.35
CA THR TA 257 79.30 35.63 44.49
C THR TA 257 78.09 36.42 44.06
N ALA TA 258 78.12 37.73 44.24
CA ALA TA 258 77.07 38.58 43.72
C ALA TA 258 77.08 38.58 42.20
N ALA TA 259 78.28 38.63 41.61
CA ALA TA 259 78.38 38.58 40.15
C ALA TA 259 77.78 37.30 39.60
N GLU TA 260 78.18 36.17 40.19
CA GLU TA 260 77.57 34.90 39.84
C GLU TA 260 76.07 34.97 39.99
N SER TA 261 75.62 35.50 41.13
CA SER TA 261 74.21 35.58 41.42
C SER TA 261 73.48 36.37 40.34
N ARG TA 262 74.14 37.38 39.79
CA ARG TA 262 73.56 38.10 38.66
C ARG TA 262 73.45 37.19 37.46
N ILE TA 263 74.45 36.35 37.21
CA ILE TA 263 74.32 35.42 36.11
C ILE TA 263 73.17 34.46 36.37
N ARG TA 264 73.13 33.87 37.56
CA ARG TA 264 72.08 32.94 37.93
C ARG TA 264 70.88 33.63 38.58
N ASP TA 265 70.77 34.95 38.47
CA ASP TA 265 69.67 35.69 39.04
C ASP TA 265 68.35 35.13 38.59
N VAL TA 266 67.61 34.49 39.48
CA VAL TA 266 66.22 34.14 39.24
C VAL TA 266 65.36 35.26 39.80
N ASP TA 267 64.61 35.90 38.92
CA ASP TA 267 63.51 36.74 39.36
C ASP TA 267 62.40 35.78 39.72
N MET TA 268 62.46 35.28 40.96
CA MET TA 268 61.56 34.23 41.39
C MET TA 268 60.11 34.67 41.25
N ALA TA 269 59.84 35.95 41.46
CA ALA TA 269 58.48 36.44 41.26
C ALA TA 269 58.09 36.36 39.79
N LYS TA 270 58.98 36.81 38.90
CA LYS TA 270 58.74 36.67 37.47
C LYS TA 270 58.47 35.23 37.11
N GLU TA 271 59.31 34.33 37.60
CA GLU TA 271 59.27 32.96 37.13
C GLU TA 271 58.05 32.21 37.69
N MET TA 272 57.63 32.56 38.90
CA MET TA 272 56.35 32.04 39.39
C MET TA 272 55.20 32.59 38.55
N SER TA 273 55.27 33.88 38.21
CA SER TA 273 54.23 34.49 37.41
C SER TA 273 54.14 33.85 36.04
N GLU TA 274 55.27 33.74 35.37
CA GLU TA 274 55.33 33.12 34.05
C GLU TA 274 54.91 31.68 34.12
N PHE TA 275 55.30 30.99 35.19
CA PHE TA 275 54.84 29.63 35.41
C PHE TA 275 53.33 29.56 35.42
N THR TA 276 52.73 30.39 36.25
CA THR TA 276 51.28 30.51 36.33
C THR TA 276 50.67 30.69 34.96
N LYS TA 277 51.18 31.68 34.23
CA LYS TA 277 50.66 31.97 32.91
C LYS TA 277 50.72 30.74 32.03
N ASN TA 278 51.86 30.07 32.00
CA ASN TA 278 52.00 28.93 31.10
C ASN TA 278 51.07 27.78 31.50
N ASN TA 279 50.78 27.63 32.79
CA ASN TA 279 49.74 26.68 33.18
C ASN TA 279 48.42 27.05 32.56
N ILE TA 280 48.02 28.31 32.78
CA ILE TA 280 46.77 28.82 32.24
C ILE TA 280 46.70 28.54 30.75
N LEU TA 281 47.76 28.88 30.04
CA LEU TA 281 47.78 28.78 28.60
C LEU TA 281 47.68 27.34 28.14
N SER TA 282 48.38 26.44 28.82
CA SER TA 282 48.27 25.03 28.50
C SER TA 282 46.83 24.57 28.66
N GLN TA 283 46.23 24.88 29.81
CA GLN TA 283 44.87 24.41 30.09
C GLN TA 283 43.88 24.95 29.08
N ALA TA 284 44.00 26.24 28.76
CA ALA TA 284 43.13 26.86 27.79
C ALA TA 284 43.24 26.18 26.45
N SER TA 285 44.48 25.96 26.02
CA SER TA 285 44.70 25.33 24.72
C SER TA 285 44.11 23.93 24.69
N GLN TA 286 44.21 23.20 25.80
CA GLN TA 286 43.63 21.85 25.81
C GLN TA 286 42.11 21.92 25.74
N ALA TA 287 41.50 22.87 26.43
CA ALA TA 287 40.07 23.06 26.31
C ALA TA 287 39.69 23.30 24.86
N MET TA 288 40.48 24.09 24.17
CA MET TA 288 40.19 24.32 22.76
C MET TA 288 40.41 23.06 21.95
N LEU TA 289 41.35 22.20 22.32
CA LEU TA 289 41.52 20.94 21.60
C LEU TA 289 40.30 20.05 21.78
N ALA TA 290 39.74 20.05 22.98
CA ALA TA 290 38.48 19.37 23.19
C ALA TA 290 37.43 19.90 22.24
N GLN TA 291 37.31 21.23 22.18
CA GLN TA 291 36.32 21.84 21.29
C GLN TA 291 36.58 21.46 19.84
N ALA TA 292 37.84 21.39 19.44
CA ALA TA 292 38.19 20.94 18.10
C ALA TA 292 37.71 19.53 17.86
N ASN TA 293 37.66 18.73 18.91
CA ASN TA 293 37.10 17.39 18.78
C ASN TA 293 35.57 17.40 18.89
N GLN TA 294 34.98 18.46 19.44
CA GLN TA 294 33.54 18.51 19.59
C GLN TA 294 32.86 18.92 18.30
N GLN TA 295 33.38 19.96 17.64
CA GLN TA 295 32.78 20.46 16.41
C GLN TA 295 32.52 19.38 15.37
N PRO TA 296 33.47 18.54 14.98
CA PRO TA 296 33.16 17.53 13.96
C PRO TA 296 32.14 16.50 14.41
N GLN TA 297 31.88 16.36 15.72
CA GLN TA 297 30.80 15.47 16.15
C GLN TA 297 29.46 16.11 15.88
N ASN TA 298 29.35 17.39 16.21
CA ASN TA 298 28.18 18.16 15.81
C ASN TA 298 27.95 18.02 14.32
N VAL TA 299 29.03 18.12 13.55
CA VAL TA 299 28.95 17.92 12.10
C VAL TA 299 28.40 16.54 11.79
N LEU TA 300 28.90 15.53 12.47
CA LEU TA 300 28.48 14.16 12.20
C LEU TA 300 26.98 14.02 12.34
N GLN TA 301 26.44 14.49 13.46
CA GLN TA 301 25.00 14.40 13.64
C GLN TA 301 24.27 15.21 12.58
N LEU TA 302 24.70 16.46 12.41
CA LEU TA 302 23.97 17.39 11.55
C LEU TA 302 23.96 16.94 10.11
N LEU TA 303 24.99 16.23 9.67
CA LEU TA 303 25.09 15.69 8.32
C LEU TA 303 24.88 14.19 8.28
N ARG TA 304 24.10 13.67 9.21
CA ARG TA 304 23.73 12.28 9.17
C ARG TA 304 22.41 12.12 8.43
#